data_2Q3O
#
_entry.id   2Q3O
#
_cell.length_a   78.113
_cell.length_b   85.068
_cell.length_c   121.824
_cell.angle_alpha   90.000
_cell.angle_beta   90.000
_cell.angle_gamma   90.000
#
_symmetry.space_group_name_H-M   'P 21 21 21'
#
loop_
_entity.id
_entity.type
_entity.pdbx_description
1 polymer '12-oxophytodienoate reductase 3'
2 non-polymer 'FLAVIN MONONUCLEOTIDE'
3 water water
#
_entity_poly.entity_id   1
_entity_poly.type   'polypeptide(L)'
_entity_poly.pdbx_seq_one_letter_code
;MTAAQGNSNETLFSSYKMGRFDLSHRVVLAPMTRCRALNGVPNAALAEYYAQRTTPGGFLISEGTMVSPGSAGFPHVPGI
YSDEQVEAWKQVVEAVHAKGGFIFCQLWHVGRASHAVYQPNGGSPISSTNKPISENRWRVLLPDGSHVKYPKPRALEASE
IPRVVEDYCLSALNAIRAGFDGIEIHGAHGYLIDQFLKDGINDRTDQYGGSIANRCRFLKQVVEGVVSAIGASKVGVRVS
PAIDHLDATDSDPLSLGLAVVGMLNKLQGVNGSKLAYLHVTQPRYHAYGQTESGRQGSDEEEAKLMKSLRMAYNGTFMSS
GGFNKELGMQAVQQGDADLVSYGRLFIANPDLVSRFKIDGELNKYNRKTFYTQDPVVGYTDYPFLAPFSRL
;
_entity_poly.pdbx_strand_id   A,B
#
# COMPACT_ATOMS: atom_id res chain seq x y z
N SER A 8 11.15 -13.13 -24.22
CA SER A 8 12.26 -13.31 -23.24
C SER A 8 12.62 -11.98 -22.60
N ASN A 9 11.99 -10.91 -23.07
CA ASN A 9 12.24 -9.57 -22.55
C ASN A 9 11.47 -9.31 -21.26
N GLU A 10 10.86 -10.36 -20.71
CA GLU A 10 10.10 -10.25 -19.47
C GLU A 10 11.14 -10.11 -18.38
N THR A 11 10.72 -9.59 -17.23
CA THR A 11 11.62 -9.41 -16.11
C THR A 11 10.87 -9.57 -14.80
N LEU A 12 11.56 -9.26 -13.71
CA LEU A 12 10.98 -9.33 -12.38
C LEU A 12 9.85 -8.34 -12.25
N PHE A 13 9.71 -7.47 -13.25
CA PHE A 13 8.67 -6.46 -13.18
C PHE A 13 7.49 -6.75 -14.09
N SER A 14 7.59 -7.84 -14.84
CA SER A 14 6.51 -8.23 -15.72
C SER A 14 5.39 -8.76 -14.84
N SER A 15 4.17 -8.32 -15.12
CA SER A 15 3.02 -8.76 -14.36
C SER A 15 2.95 -10.27 -14.51
N TYR A 16 2.18 -10.91 -13.65
CA TYR A 16 2.06 -12.35 -13.72
C TYR A 16 0.72 -12.77 -13.14
N LYS A 17 0.15 -13.81 -13.76
CA LYS A 17 -1.12 -14.36 -13.32
C LYS A 17 -0.84 -15.67 -12.60
N MET A 18 -0.99 -15.64 -11.28
CA MET A 18 -0.76 -16.82 -10.46
C MET A 18 -2.15 -17.32 -10.11
N GLY A 19 -2.78 -17.97 -11.08
CA GLY A 19 -4.11 -18.49 -10.87
C GLY A 19 -5.05 -17.33 -10.61
N ARG A 20 -5.66 -17.34 -9.43
CA ARG A 20 -6.60 -16.30 -9.00
C ARG A 20 -5.96 -14.92 -8.90
N PHE A 21 -4.71 -14.89 -8.43
CA PHE A 21 -4.00 -13.66 -8.19
C PHE A 21 -3.21 -13.08 -9.34
N ASP A 22 -3.44 -11.78 -9.58
CA ASP A 22 -2.74 -11.04 -10.62
C ASP A 22 -1.58 -10.32 -9.96
N LEU A 23 -0.37 -10.81 -10.16
CA LEU A 23 0.79 -10.15 -9.57
C LEU A 23 1.27 -9.10 -10.54
N SER A 24 1.86 -8.03 -10.03
CA SER A 24 2.35 -6.96 -10.88
C SER A 24 3.83 -7.12 -11.13
N HIS A 25 4.44 -8.05 -10.40
CA HIS A 25 5.86 -8.29 -10.54
C HIS A 25 6.22 -9.64 -9.95
N ARG A 26 7.44 -10.08 -10.24
CA ARG A 26 7.93 -11.39 -9.82
C ARG A 26 8.70 -11.39 -8.52
N VAL A 27 8.70 -10.25 -7.83
CA VAL A 27 9.41 -10.11 -6.57
C VAL A 27 8.53 -10.59 -5.43
N VAL A 28 8.92 -11.72 -4.87
CA VAL A 28 8.17 -12.34 -3.79
C VAL A 28 8.89 -12.25 -2.46
N LEU A 29 8.15 -11.92 -1.42
CA LEU A 29 8.74 -11.88 -0.10
C LEU A 29 8.79 -13.33 0.36
N ALA A 30 9.99 -13.90 0.38
CA ALA A 30 10.19 -15.28 0.81
C ALA A 30 9.71 -15.43 2.25
N PRO A 31 9.26 -16.64 2.63
CA PRO A 31 8.79 -16.86 4.00
C PRO A 31 9.98 -16.79 4.93
N MET A 32 9.90 -15.93 5.95
CA MET A 32 11.02 -15.81 6.87
C MET A 32 10.64 -15.65 8.31
N THR A 33 11.04 -16.61 9.12
CA THR A 33 10.81 -16.61 10.57
C THR A 33 11.64 -15.45 11.09
N ARG A 34 11.05 -14.62 11.95
CA ARG A 34 11.77 -13.47 12.49
C ARG A 34 11.60 -13.42 14.01
N CYS A 35 10.72 -14.27 14.52
CA CYS A 35 10.51 -14.40 15.95
C CYS A 35 10.05 -13.12 16.65
N ARG A 36 9.25 -12.32 15.97
CA ARG A 36 8.74 -11.10 16.59
C ARG A 36 7.31 -11.35 17.05
N ALA A 37 6.84 -12.58 16.86
CA ALA A 37 5.49 -12.95 17.24
C ALA A 37 5.55 -13.59 18.63
N LEU A 38 5.70 -12.74 19.63
CA LEU A 38 5.82 -13.18 21.01
C LEU A 38 4.68 -14.08 21.41
N ASN A 39 5.02 -15.18 22.07
CA ASN A 39 4.03 -16.13 22.56
C ASN A 39 3.21 -16.81 21.47
N GLY A 40 3.75 -16.82 20.27
CA GLY A 40 3.07 -17.48 19.17
C GLY A 40 1.87 -16.81 18.51
N VAL A 41 1.57 -15.59 18.92
CA VAL A 41 0.43 -14.91 18.32
C VAL A 41 0.91 -13.67 17.57
N PRO A 42 0.42 -13.46 16.34
CA PRO A 42 0.80 -12.31 15.52
C PRO A 42 0.50 -11.02 16.31
N ASN A 43 0.99 -9.90 15.82
CA ASN A 43 0.77 -8.64 16.52
C ASN A 43 0.97 -7.49 15.53
N ALA A 44 1.04 -6.27 16.03
CA ALA A 44 1.19 -5.10 15.19
C ALA A 44 2.59 -5.01 14.61
N ALA A 45 3.56 -5.65 15.25
CA ALA A 45 4.92 -5.63 14.74
C ALA A 45 4.95 -6.39 13.42
N LEU A 46 4.37 -7.58 13.39
CA LEU A 46 4.30 -8.37 12.15
C LEU A 46 3.43 -7.61 11.15
N ALA A 47 2.44 -6.87 11.67
CA ALA A 47 1.58 -6.11 10.78
C ALA A 47 2.40 -5.05 10.07
N GLU A 48 3.16 -4.29 10.83
CA GLU A 48 3.99 -3.24 10.25
C GLU A 48 5.01 -3.84 9.30
N TYR A 49 5.67 -4.89 9.78
CA TYR A 49 6.71 -5.57 9.00
C TYR A 49 6.25 -5.94 7.61
N TYR A 50 5.13 -6.66 7.53
CA TYR A 50 4.62 -7.08 6.24
C TYR A 50 4.06 -5.91 5.44
N ALA A 51 3.23 -5.10 6.07
CA ALA A 51 2.67 -3.94 5.38
C ALA A 51 3.82 -3.18 4.75
N GLN A 52 4.91 -2.99 5.51
CA GLN A 52 6.06 -2.26 4.98
C GLN A 52 6.50 -2.80 3.64
N ARG A 53 6.78 -4.10 3.61
CA ARG A 53 7.25 -4.74 2.41
C ARG A 53 6.19 -5.00 1.36
N THR A 54 4.98 -4.46 1.59
CA THR A 54 3.92 -4.71 0.63
C THR A 54 3.96 -3.74 -0.53
N THR A 55 3.49 -4.23 -1.67
CA THR A 55 3.41 -3.47 -2.91
C THR A 55 2.15 -3.90 -3.67
N PRO A 56 1.64 -3.03 -4.54
CA PRO A 56 0.44 -3.42 -5.27
C PRO A 56 0.76 -4.63 -6.15
N GLY A 57 -0.14 -5.62 -6.16
CA GLY A 57 0.11 -6.81 -6.95
C GLY A 57 1.39 -7.54 -6.55
N GLY A 58 1.91 -7.25 -5.37
CA GLY A 58 3.12 -7.92 -4.89
C GLY A 58 2.78 -9.13 -4.06
N PHE A 59 3.51 -10.23 -4.25
CA PHE A 59 3.24 -11.46 -3.52
C PHE A 59 4.21 -11.66 -2.35
N LEU A 60 3.66 -11.90 -1.17
CA LEU A 60 4.50 -12.12 -0.02
C LEU A 60 4.09 -13.43 0.62
N ILE A 61 5.05 -14.08 1.25
CA ILE A 61 4.78 -15.33 1.94
C ILE A 61 5.17 -15.06 3.39
N SER A 62 4.32 -15.49 4.32
CA SER A 62 4.60 -15.25 5.71
C SER A 62 5.70 -16.12 6.24
N GLU A 63 6.25 -15.70 7.37
CA GLU A 63 7.26 -16.45 8.07
C GLU A 63 6.58 -17.78 8.35
N GLY A 64 7.36 -18.83 8.52
CA GLY A 64 6.77 -20.11 8.83
C GLY A 64 5.86 -19.97 10.03
N THR A 65 4.69 -20.59 9.96
CA THR A 65 3.70 -20.50 11.02
C THR A 65 3.30 -21.87 11.55
N MET A 66 3.28 -22.01 12.88
CA MET A 66 2.91 -23.27 13.50
C MET A 66 1.55 -23.79 13.04
N VAL A 67 1.46 -25.09 12.78
CA VAL A 67 0.19 -25.71 12.38
C VAL A 67 -0.41 -26.49 13.56
N SER A 68 0.29 -26.49 14.69
CA SER A 68 -0.19 -27.20 15.87
C SER A 68 0.76 -26.97 17.03
N PRO A 69 0.32 -27.33 18.25
CA PRO A 69 1.27 -27.11 19.35
C PRO A 69 2.41 -28.11 19.13
N GLY A 70 3.63 -27.70 19.44
CA GLY A 70 4.75 -28.62 19.26
C GLY A 70 5.36 -28.60 17.87
N SER A 71 4.75 -27.87 16.95
CA SER A 71 5.26 -27.79 15.59
C SER A 71 6.33 -26.69 15.39
N ALA A 72 6.69 -26.00 16.47
CA ALA A 72 7.69 -24.92 16.39
C ALA A 72 9.07 -25.38 16.83
N GLY A 73 10.09 -24.75 16.27
CA GLY A 73 11.46 -25.09 16.61
C GLY A 73 12.27 -23.82 16.80
N PHE A 74 11.56 -22.70 16.88
CA PHE A 74 12.17 -21.39 17.07
C PHE A 74 11.32 -20.63 18.06
N PRO A 75 11.89 -19.59 18.68
CA PRO A 75 11.14 -18.80 19.67
C PRO A 75 10.18 -17.85 18.99
N HIS A 76 9.11 -17.53 19.70
CA HIS A 76 8.12 -16.57 19.24
C HIS A 76 7.77 -16.63 17.75
N VAL A 77 7.49 -17.83 17.25
CA VAL A 77 7.08 -17.95 15.88
C VAL A 77 5.57 -17.84 15.99
N PRO A 78 4.91 -17.36 14.94
CA PRO A 78 3.46 -17.27 15.07
C PRO A 78 2.78 -18.61 14.86
N GLY A 79 1.62 -18.76 15.48
CA GLY A 79 0.83 -19.95 15.31
C GLY A 79 -0.42 -19.52 14.57
N ILE A 80 -1.22 -20.47 14.11
CA ILE A 80 -2.45 -20.14 13.41
C ILE A 80 -3.43 -21.30 13.52
N TYR A 81 -3.12 -22.23 14.41
CA TYR A 81 -3.98 -23.40 14.60
C TYR A 81 -5.19 -23.11 15.51
N SER A 82 -5.14 -21.96 16.20
CA SER A 82 -6.19 -21.57 17.14
C SER A 82 -6.92 -20.30 16.72
N ASP A 83 -7.96 -19.98 17.47
CA ASP A 83 -8.74 -18.77 17.23
C ASP A 83 -7.97 -17.50 17.57
N GLU A 84 -7.30 -17.50 18.72
CA GLU A 84 -6.54 -16.33 19.11
C GLU A 84 -5.55 -15.98 17.99
N GLN A 85 -4.74 -16.94 17.57
CA GLN A 85 -3.75 -16.71 16.52
C GLN A 85 -4.40 -16.15 15.28
N VAL A 86 -5.52 -16.76 14.89
CA VAL A 86 -6.27 -16.32 13.73
C VAL A 86 -6.69 -14.86 13.85
N GLU A 87 -7.32 -14.53 14.98
CA GLU A 87 -7.79 -13.17 15.20
C GLU A 87 -6.70 -12.14 15.02
N ALA A 88 -5.53 -12.37 15.61
CA ALA A 88 -4.43 -11.42 15.50
C ALA A 88 -3.73 -11.44 14.13
N TRP A 89 -3.95 -12.48 13.34
CA TRP A 89 -3.35 -12.56 12.01
C TRP A 89 -4.04 -11.57 11.07
N LYS A 90 -5.34 -11.38 11.31
CA LYS A 90 -6.16 -10.50 10.48
C LYS A 90 -5.59 -9.11 10.26
N GLN A 91 -5.02 -8.55 11.32
CA GLN A 91 -4.47 -7.21 11.25
C GLN A 91 -3.32 -7.22 10.26
N VAL A 92 -2.47 -8.24 10.33
CA VAL A 92 -1.33 -8.33 9.43
C VAL A 92 -1.80 -8.40 7.99
N VAL A 93 -2.64 -9.38 7.73
CA VAL A 93 -3.20 -9.60 6.41
C VAL A 93 -3.91 -8.35 5.88
N GLU A 94 -4.70 -7.69 6.74
CA GLU A 94 -5.40 -6.48 6.34
C GLU A 94 -4.40 -5.39 5.97
N ALA A 95 -3.31 -5.30 6.72
CA ALA A 95 -2.30 -4.30 6.49
C ALA A 95 -1.63 -4.55 5.15
N VAL A 96 -1.66 -5.81 4.71
CA VAL A 96 -1.08 -6.20 3.44
C VAL A 96 -2.09 -5.94 2.33
N HIS A 97 -3.33 -6.36 2.56
CA HIS A 97 -4.34 -6.16 1.54
C HIS A 97 -4.66 -4.69 1.33
N ALA A 98 -4.63 -3.91 2.42
CA ALA A 98 -4.92 -2.48 2.29
C ALA A 98 -3.93 -1.91 1.28
N LYS A 99 -2.71 -2.45 1.30
CA LYS A 99 -1.69 -1.98 0.39
C LYS A 99 -1.64 -2.80 -0.90
N GLY A 100 -2.69 -3.59 -1.11
CA GLY A 100 -2.82 -4.38 -2.33
C GLY A 100 -1.87 -5.54 -2.58
N GLY A 101 -1.29 -6.10 -1.53
CA GLY A 101 -0.41 -7.22 -1.75
C GLY A 101 -1.14 -8.53 -1.53
N PHE A 102 -0.51 -9.64 -1.90
CA PHE A 102 -1.08 -10.96 -1.66
C PHE A 102 -0.20 -11.61 -0.63
N ILE A 103 -0.80 -12.30 0.32
CA ILE A 103 -0.01 -12.95 1.33
C ILE A 103 -0.49 -14.37 1.61
N PHE A 104 0.46 -15.29 1.60
CA PHE A 104 0.17 -16.67 1.89
C PHE A 104 0.79 -16.98 3.23
N CYS A 105 0.13 -17.85 3.99
CA CYS A 105 0.65 -18.25 5.28
C CYS A 105 1.34 -19.60 5.07
N GLN A 106 2.64 -19.64 5.30
CA GLN A 106 3.37 -20.88 5.11
C GLN A 106 2.99 -21.92 6.16
N LEU A 107 2.83 -23.15 5.73
CA LEU A 107 2.49 -24.24 6.63
C LEU A 107 3.82 -24.82 7.06
N TRP A 108 4.11 -24.66 8.35
CA TRP A 108 5.37 -25.07 8.92
C TRP A 108 5.30 -25.94 10.15
N HIS A 109 5.93 -27.11 10.04
CA HIS A 109 6.03 -28.02 11.17
C HIS A 109 7.49 -28.42 11.15
N VAL A 110 8.18 -28.14 12.25
CA VAL A 110 9.61 -28.42 12.34
C VAL A 110 9.95 -29.87 12.59
N GLY A 111 8.95 -30.66 12.94
CA GLY A 111 9.21 -32.07 13.19
C GLY A 111 10.31 -32.17 14.22
N ARG A 112 11.29 -33.03 13.96
CA ARG A 112 12.40 -33.24 14.90
C ARG A 112 13.24 -32.00 15.18
N ALA A 113 13.19 -31.02 14.29
CA ALA A 113 13.98 -29.81 14.49
C ALA A 113 13.31 -28.92 15.52
N SER A 114 13.19 -29.43 16.73
CA SER A 114 12.57 -28.69 17.82
C SER A 114 13.27 -29.02 19.12
N HIS A 115 12.59 -28.77 20.23
CA HIS A 115 13.15 -29.03 21.54
C HIS A 115 12.01 -29.14 22.56
N ALA A 116 12.28 -29.83 23.66
CA ALA A 116 11.29 -29.99 24.72
C ALA A 116 10.70 -28.62 25.07
N VAL A 117 11.53 -27.59 25.00
CA VAL A 117 11.09 -26.24 25.31
C VAL A 117 9.92 -25.78 24.45
N TYR A 118 9.83 -26.30 23.23
CA TYR A 118 8.76 -25.92 22.32
C TYR A 118 7.67 -26.97 22.27
N GLN A 119 7.84 -28.03 23.05
CA GLN A 119 6.85 -29.09 23.04
C GLN A 119 5.90 -29.05 24.21
N PRO A 120 4.63 -29.39 23.96
CA PRO A 120 3.69 -29.38 25.08
C PRO A 120 4.22 -30.40 26.11
N ASN A 121 4.24 -29.99 27.38
CA ASN A 121 4.70 -30.84 28.47
C ASN A 121 6.20 -31.17 28.41
N GLY A 122 6.93 -30.33 27.67
CA GLY A 122 8.36 -30.51 27.54
C GLY A 122 8.68 -31.91 27.06
N GLY A 123 7.88 -32.38 26.10
CA GLY A 123 8.06 -33.70 25.56
C GLY A 123 8.95 -33.74 24.31
N SER A 124 9.06 -34.92 23.72
CA SER A 124 9.86 -35.13 22.54
C SER A 124 9.15 -34.68 21.27
N PRO A 125 9.80 -33.78 20.52
CA PRO A 125 9.18 -33.33 19.26
C PRO A 125 9.00 -34.59 18.41
N ILE A 126 8.07 -34.57 17.47
CA ILE A 126 7.89 -35.76 16.66
C ILE A 126 8.61 -35.66 15.32
N SER A 127 8.68 -36.79 14.63
CA SER A 127 9.36 -36.83 13.35
C SER A 127 9.01 -38.10 12.59
N SER A 128 9.73 -38.31 11.50
CA SER A 128 9.54 -39.50 10.69
C SER A 128 10.39 -40.59 11.33
N THR A 129 11.53 -40.15 11.87
CA THR A 129 12.51 -41.02 12.49
C THR A 129 12.70 -40.76 13.98
N ASN A 130 13.58 -41.55 14.60
CA ASN A 130 13.90 -41.41 16.01
C ASN A 130 15.30 -40.82 16.10
N LYS A 131 15.98 -40.79 14.95
CA LYS A 131 17.33 -40.24 14.89
C LYS A 131 17.25 -38.73 15.04
N PRO A 132 18.14 -38.14 15.87
CA PRO A 132 18.14 -36.69 16.07
C PRO A 132 19.01 -36.01 15.03
N ILE A 133 18.82 -34.71 14.87
CA ILE A 133 19.65 -33.94 13.95
C ILE A 133 21.02 -33.89 14.62
N SER A 134 22.05 -34.40 13.95
CA SER A 134 23.40 -34.42 14.53
C SER A 134 23.79 -33.10 15.22
N GLU A 135 24.38 -33.23 16.40
CA GLU A 135 24.78 -32.08 17.22
C GLU A 135 25.94 -31.22 16.73
N ASN A 136 27.00 -31.87 16.27
CA ASN A 136 28.18 -31.16 15.83
C ASN A 136 27.89 -30.09 14.76
N ARG A 137 26.93 -30.35 13.89
CA ARG A 137 26.60 -29.42 12.83
C ARG A 137 25.56 -28.33 13.14
N TRP A 138 24.46 -28.70 13.78
CA TRP A 138 23.40 -27.74 14.10
C TRP A 138 22.85 -27.89 15.51
N ARG A 139 22.16 -26.85 15.97
CA ARG A 139 21.54 -26.87 17.29
C ARG A 139 20.28 -26.01 17.22
N VAL A 140 19.30 -26.30 18.07
CA VAL A 140 18.10 -25.51 18.05
C VAL A 140 18.41 -24.26 18.85
N LEU A 141 17.75 -23.17 18.51
CA LEU A 141 17.92 -21.90 19.18
C LEU A 141 16.72 -21.71 20.11
N LEU A 142 16.99 -21.62 21.42
CA LEU A 142 15.95 -21.43 22.41
C LEU A 142 15.64 -19.94 22.62
N PRO A 143 14.42 -19.64 23.10
CA PRO A 143 13.93 -18.28 23.37
C PRO A 143 14.86 -17.40 24.19
N ASP A 144 15.67 -18.02 25.05
CA ASP A 144 16.60 -17.24 25.87
C ASP A 144 17.80 -16.84 25.02
N GLY A 145 17.90 -17.42 23.83
CA GLY A 145 19.00 -17.06 22.94
C GLY A 145 20.12 -18.08 22.86
N SER A 146 20.09 -19.07 23.74
CA SER A 146 21.13 -20.09 23.73
C SER A 146 20.85 -21.07 22.59
N HIS A 147 21.86 -21.88 22.29
CA HIS A 147 21.80 -22.91 21.26
C HIS A 147 22.13 -24.24 21.93
N VAL A 148 21.25 -25.22 21.75
CA VAL A 148 21.45 -26.52 22.35
C VAL A 148 21.20 -27.64 21.35
N LYS A 149 21.61 -28.84 21.73
CA LYS A 149 21.44 -30.02 20.90
C LYS A 149 19.98 -30.38 20.62
N TYR A 150 19.73 -30.79 19.38
CA TYR A 150 18.41 -31.22 18.98
C TYR A 150 18.21 -32.53 19.71
N PRO A 151 17.03 -32.74 20.28
CA PRO A 151 16.78 -33.99 21.00
C PRO A 151 16.38 -35.13 20.09
N LYS A 152 16.32 -36.31 20.68
CA LYS A 152 15.91 -37.51 19.98
C LYS A 152 14.41 -37.39 19.78
N PRO A 153 13.97 -37.40 18.52
CA PRO A 153 12.55 -37.29 18.20
C PRO A 153 11.87 -38.65 18.19
N ARG A 154 10.58 -38.65 18.51
CA ARG A 154 9.78 -39.86 18.50
C ARG A 154 9.15 -39.96 17.13
N ALA A 155 9.44 -41.04 16.42
CA ALA A 155 8.86 -41.22 15.09
C ALA A 155 7.35 -41.31 15.26
N LEU A 156 6.62 -40.70 14.32
CA LEU A 156 5.16 -40.72 14.36
C LEU A 156 4.67 -42.14 14.05
N GLU A 157 3.51 -42.49 14.60
CA GLU A 157 2.95 -43.78 14.30
C GLU A 157 2.21 -43.60 12.99
N ALA A 158 2.34 -44.55 12.09
CA ALA A 158 1.71 -44.46 10.78
C ALA A 158 0.30 -43.89 10.89
N SER A 159 -0.52 -44.50 11.75
CA SER A 159 -1.90 -44.04 11.91
C SER A 159 -1.94 -42.60 12.44
N GLU A 160 -0.97 -42.25 13.27
CA GLU A 160 -0.91 -40.93 13.88
C GLU A 160 -0.56 -39.81 12.90
N ILE A 161 -0.37 -40.16 11.64
CA ILE A 161 -0.03 -39.17 10.64
C ILE A 161 -1.22 -38.37 10.10
N PRO A 162 -2.31 -39.05 9.69
CA PRO A 162 -3.46 -38.30 9.17
C PRO A 162 -3.89 -37.21 10.14
N ARG A 163 -3.56 -37.39 11.42
CA ARG A 163 -3.90 -36.41 12.46
C ARG A 163 -3.11 -35.13 12.19
N VAL A 164 -1.80 -35.25 12.10
CA VAL A 164 -0.97 -34.08 11.83
C VAL A 164 -1.55 -33.38 10.60
N VAL A 165 -2.03 -34.16 9.63
CA VAL A 165 -2.64 -33.59 8.43
C VAL A 165 -3.79 -32.68 8.86
N GLU A 166 -4.64 -33.15 9.77
CA GLU A 166 -5.74 -32.35 10.27
C GLU A 166 -5.23 -30.96 10.71
N ASP A 167 -4.11 -30.95 11.43
CA ASP A 167 -3.51 -29.69 11.87
C ASP A 167 -3.19 -28.80 10.67
N TYR A 168 -2.67 -29.39 9.60
CA TYR A 168 -2.40 -28.56 8.43
C TYR A 168 -3.72 -28.04 7.84
N CYS A 169 -4.76 -28.87 7.90
CA CYS A 169 -6.06 -28.47 7.36
C CYS A 169 -6.74 -27.36 8.16
N LEU A 170 -6.78 -27.49 9.49
CA LEU A 170 -7.38 -26.48 10.36
C LEU A 170 -6.63 -25.17 10.17
N SER A 171 -5.33 -25.22 10.41
CA SER A 171 -4.45 -24.06 10.28
C SER A 171 -4.70 -23.43 8.92
N ALA A 172 -4.79 -24.27 7.89
CA ALA A 172 -5.03 -23.74 6.55
C ALA A 172 -6.39 -23.04 6.56
N LEU A 173 -7.44 -23.77 6.96
CA LEU A 173 -8.77 -23.18 7.01
C LEU A 173 -8.72 -21.92 7.86
N ASN A 174 -7.87 -21.92 8.90
CA ASN A 174 -7.76 -20.73 9.73
C ASN A 174 -7.09 -19.62 8.91
N ALA A 175 -6.01 -19.96 8.21
CA ALA A 175 -5.29 -18.99 7.40
C ALA A 175 -6.29 -18.19 6.59
N ILE A 176 -7.14 -18.89 5.84
CA ILE A 176 -8.15 -18.25 5.02
C ILE A 176 -9.08 -17.43 5.91
N ARG A 177 -9.41 -17.98 7.09
CA ARG A 177 -10.30 -17.30 8.01
C ARG A 177 -9.72 -15.96 8.45
N ALA A 178 -8.40 -15.91 8.61
CA ALA A 178 -7.72 -14.71 9.01
C ALA A 178 -7.56 -13.77 7.81
N GLY A 179 -7.94 -14.26 6.63
CA GLY A 179 -7.85 -13.44 5.42
C GLY A 179 -6.68 -13.73 4.50
N PHE A 180 -5.80 -14.65 4.87
CA PHE A 180 -4.68 -14.95 3.99
C PHE A 180 -5.23 -15.36 2.64
N ASP A 181 -4.52 -15.02 1.57
CA ASP A 181 -4.96 -15.39 0.24
C ASP A 181 -4.73 -16.88 0.01
N GLY A 182 -3.94 -17.48 0.89
CA GLY A 182 -3.67 -18.90 0.79
C GLY A 182 -2.56 -19.31 1.72
N ILE A 183 -2.03 -20.50 1.47
CA ILE A 183 -0.96 -21.00 2.30
C ILE A 183 0.09 -21.64 1.41
N GLU A 184 1.28 -21.83 1.97
CA GLU A 184 2.37 -22.47 1.26
C GLU A 184 2.72 -23.72 2.05
N ILE A 185 3.32 -24.69 1.38
CA ILE A 185 3.73 -25.90 2.06
C ILE A 185 5.25 -25.85 2.20
N HIS A 186 5.73 -25.75 3.44
CA HIS A 186 7.16 -25.72 3.70
C HIS A 186 7.55 -27.20 3.76
N GLY A 187 8.00 -27.74 2.63
CA GLY A 187 8.35 -29.14 2.59
C GLY A 187 9.84 -29.50 2.56
N ALA A 188 10.72 -28.62 3.06
CA ALA A 188 12.15 -28.91 3.04
C ALA A 188 12.86 -28.38 4.26
N HIS A 189 14.10 -27.94 4.03
CA HIS A 189 14.92 -27.35 5.07
C HIS A 189 15.05 -28.21 6.32
N GLY A 190 14.82 -29.51 6.16
CA GLY A 190 14.96 -30.43 7.26
C GLY A 190 13.81 -30.47 8.23
N TYR A 191 12.69 -29.85 7.89
CA TYR A 191 11.55 -29.84 8.77
C TYR A 191 10.65 -31.08 8.61
N LEU A 192 9.59 -31.16 9.40
CA LEU A 192 8.74 -32.36 9.38
C LEU A 192 8.49 -33.02 8.03
N ILE A 193 7.73 -32.36 7.17
CA ILE A 193 7.43 -32.91 5.85
C ILE A 193 8.69 -33.41 5.17
N ASP A 194 9.75 -32.60 5.23
CA ASP A 194 11.01 -32.98 4.61
C ASP A 194 11.59 -34.24 5.28
N GLN A 195 11.53 -34.30 6.60
CA GLN A 195 12.02 -35.47 7.34
C GLN A 195 11.34 -36.75 6.82
N PHE A 196 10.25 -36.59 6.08
CA PHE A 196 9.58 -37.75 5.50
C PHE A 196 10.01 -37.87 4.03
N LEU A 197 10.40 -36.76 3.43
CA LEU A 197 10.84 -36.75 2.04
C LEU A 197 12.26 -37.22 1.81
N LYS A 198 13.19 -36.71 2.62
CA LYS A 198 14.63 -37.00 2.49
C LYS A 198 15.08 -38.38 2.96
N ASP A 199 15.77 -39.09 2.07
CA ASP A 199 16.27 -40.41 2.44
C ASP A 199 17.42 -40.21 3.44
N GLY A 200 17.96 -39.00 3.47
CA GLY A 200 19.04 -38.73 4.40
C GLY A 200 18.51 -38.69 5.82
N ILE A 201 17.21 -38.43 5.96
CA ILE A 201 16.56 -38.35 7.27
C ILE A 201 15.60 -39.50 7.49
N ASN A 202 14.83 -39.78 6.44
CA ASN A 202 13.84 -40.81 6.51
C ASN A 202 14.42 -42.21 6.56
N ASP A 203 14.76 -42.66 7.77
CA ASP A 203 15.32 -43.99 7.94
C ASP A 203 14.20 -44.99 8.24
N ARG A 204 12.98 -44.64 7.79
CA ARG A 204 11.80 -45.49 7.98
C ARG A 204 11.78 -46.72 7.08
N THR A 205 10.86 -47.63 7.37
CA THR A 205 10.68 -48.86 6.60
C THR A 205 9.19 -49.19 6.42
N ASP A 206 8.32 -48.47 7.13
CA ASP A 206 6.89 -48.71 7.04
C ASP A 206 6.26 -48.03 5.82
N GLN A 207 4.96 -47.80 5.86
CA GLN A 207 4.26 -47.17 4.74
C GLN A 207 4.69 -45.74 4.44
N TYR A 208 5.61 -45.19 5.24
CA TYR A 208 6.08 -43.84 5.00
C TYR A 208 7.59 -43.76 4.96
N GLY A 209 8.18 -44.38 3.93
CA GLY A 209 9.61 -44.38 3.79
C GLY A 209 10.08 -45.39 2.76
N GLY A 210 11.40 -45.49 2.60
CA GLY A 210 11.95 -46.44 1.63
C GLY A 210 11.89 -45.89 0.22
N SER A 211 10.82 -46.21 -0.50
CA SER A 211 10.67 -45.75 -1.86
C SER A 211 10.42 -44.23 -1.90
N ILE A 212 10.93 -43.60 -2.95
CA ILE A 212 10.76 -42.16 -3.11
C ILE A 212 9.27 -41.85 -3.02
N ALA A 213 8.48 -42.73 -3.62
CA ALA A 213 7.02 -42.56 -3.60
C ALA A 213 6.51 -42.47 -2.18
N ASN A 214 6.82 -43.47 -1.36
CA ASN A 214 6.39 -43.48 0.03
C ASN A 214 6.95 -42.28 0.80
N ARG A 215 8.14 -41.85 0.44
CA ARG A 215 8.75 -40.71 1.11
C ARG A 215 7.92 -39.45 0.86
N CYS A 216 7.11 -39.48 -0.20
CA CYS A 216 6.24 -38.35 -0.57
C CYS A 216 4.85 -38.48 0.00
N ARG A 217 4.53 -39.67 0.50
CA ARG A 217 3.21 -39.94 1.04
C ARG A 217 2.73 -38.90 2.05
N PHE A 218 3.58 -38.52 2.99
CA PHE A 218 3.16 -37.55 4.00
C PHE A 218 2.85 -36.21 3.36
N LEU A 219 3.73 -35.76 2.46
CA LEU A 219 3.53 -34.49 1.78
C LEU A 219 2.26 -34.53 0.95
N LYS A 220 2.04 -35.65 0.27
CA LYS A 220 0.83 -35.81 -0.54
C LYS A 220 -0.42 -35.73 0.32
N GLN A 221 -0.38 -36.34 1.51
CA GLN A 221 -1.55 -36.32 2.39
C GLN A 221 -1.80 -34.93 2.93
N VAL A 222 -0.72 -34.19 3.18
CA VAL A 222 -0.84 -32.83 3.67
C VAL A 222 -1.37 -31.92 2.57
N VAL A 223 -0.77 -31.99 1.40
CA VAL A 223 -1.18 -31.16 0.28
C VAL A 223 -2.60 -31.48 -0.14
N GLU A 224 -2.90 -32.77 -0.30
CA GLU A 224 -4.25 -33.15 -0.68
C GLU A 224 -5.21 -32.79 0.45
N GLY A 225 -4.72 -32.88 1.69
CA GLY A 225 -5.55 -32.57 2.83
C GLY A 225 -5.88 -31.09 2.92
N VAL A 226 -4.88 -30.24 2.66
CA VAL A 226 -5.12 -28.81 2.73
C VAL A 226 -5.85 -28.34 1.48
N VAL A 227 -5.52 -28.92 0.33
CA VAL A 227 -6.16 -28.54 -0.92
C VAL A 227 -7.68 -28.73 -0.76
N SER A 228 -8.10 -29.93 -0.39
CA SER A 228 -9.53 -30.18 -0.19
C SER A 228 -10.12 -29.13 0.73
N ALA A 229 -9.35 -28.72 1.73
CA ALA A 229 -9.85 -27.74 2.68
C ALA A 229 -9.98 -26.35 2.09
N ILE A 230 -9.04 -25.93 1.25
CA ILE A 230 -9.14 -24.58 0.73
C ILE A 230 -9.00 -24.34 -0.77
N GLY A 231 -8.69 -25.37 -1.55
CA GLY A 231 -8.55 -25.17 -2.99
C GLY A 231 -7.11 -25.07 -3.46
N ALA A 232 -6.80 -25.76 -4.54
CA ALA A 232 -5.46 -25.78 -5.10
C ALA A 232 -4.76 -24.43 -5.17
N SER A 233 -5.18 -23.59 -6.12
CA SER A 233 -4.61 -22.26 -6.37
C SER A 233 -4.41 -21.38 -5.14
N LYS A 234 -4.71 -21.93 -3.98
CA LYS A 234 -4.54 -21.19 -2.73
C LYS A 234 -3.48 -21.94 -1.94
N VAL A 235 -2.64 -22.67 -2.66
CA VAL A 235 -1.59 -23.45 -2.00
C VAL A 235 -0.30 -23.57 -2.76
N GLY A 236 0.78 -23.28 -2.07
CA GLY A 236 2.11 -23.40 -2.63
C GLY A 236 2.71 -24.55 -1.83
N VAL A 237 3.83 -25.11 -2.29
CA VAL A 237 4.45 -26.22 -1.58
C VAL A 237 5.96 -26.21 -1.73
N ARG A 238 6.60 -25.25 -1.07
CA ARG A 238 8.05 -25.11 -1.15
C ARG A 238 8.77 -26.43 -0.91
N VAL A 239 9.69 -26.76 -1.81
CA VAL A 239 10.46 -27.98 -1.64
C VAL A 239 11.85 -27.83 -2.23
N SER A 240 12.83 -27.61 -1.36
CA SER A 240 14.21 -27.46 -1.80
C SER A 240 14.93 -28.75 -1.46
N PRO A 241 14.59 -29.84 -2.19
CA PRO A 241 15.16 -31.17 -2.01
C PRO A 241 16.66 -31.29 -2.16
N ALA A 242 17.32 -30.20 -2.53
CA ALA A 242 18.78 -30.23 -2.69
C ALA A 242 19.46 -29.47 -1.54
N ILE A 243 18.67 -29.05 -0.56
CA ILE A 243 19.23 -28.33 0.57
C ILE A 243 19.41 -29.32 1.70
N ASP A 244 20.65 -29.43 2.20
CA ASP A 244 20.97 -30.36 3.28
C ASP A 244 20.84 -29.74 4.67
N HIS A 245 19.94 -28.78 4.82
CA HIS A 245 19.73 -28.11 6.11
C HIS A 245 19.24 -29.12 7.15
N LEU A 246 19.77 -29.00 8.36
CA LEU A 246 19.41 -29.88 9.45
C LEU A 246 19.56 -31.35 9.07
N ASP A 247 20.64 -31.66 8.36
CA ASP A 247 20.92 -33.03 7.94
C ASP A 247 19.78 -33.60 7.09
N ALA A 248 19.25 -32.78 6.19
CA ALA A 248 18.13 -33.20 5.34
C ALA A 248 18.64 -33.52 3.94
N THR A 249 19.73 -34.28 3.88
CA THR A 249 20.32 -34.65 2.59
C THR A 249 19.50 -35.73 1.89
N ASP A 250 19.84 -35.95 0.64
CA ASP A 250 19.19 -37.00 -0.13
C ASP A 250 20.18 -37.48 -1.21
N SER A 251 20.29 -38.79 -1.36
CA SER A 251 21.20 -39.40 -2.32
C SER A 251 20.99 -38.90 -3.74
N ASP A 252 19.75 -38.58 -4.06
CA ASP A 252 19.44 -38.10 -5.41
C ASP A 252 18.36 -37.01 -5.40
N PRO A 253 18.76 -35.78 -5.02
CA PRO A 253 17.87 -34.62 -4.96
C PRO A 253 17.03 -34.40 -6.22
N LEU A 254 17.70 -34.40 -7.38
CA LEU A 254 16.99 -34.19 -8.64
C LEU A 254 15.88 -35.18 -8.85
N SER A 255 16.12 -36.45 -8.55
CA SER A 255 15.10 -37.46 -8.74
C SER A 255 14.07 -37.42 -7.62
N LEU A 256 14.45 -36.85 -6.47
CA LEU A 256 13.52 -36.72 -5.34
C LEU A 256 12.52 -35.64 -5.69
N GLY A 257 13.03 -34.53 -6.23
CA GLY A 257 12.16 -33.43 -6.60
C GLY A 257 11.19 -33.78 -7.72
N LEU A 258 11.61 -34.64 -8.63
CA LEU A 258 10.74 -35.00 -9.74
C LEU A 258 9.57 -35.79 -9.22
N ALA A 259 9.79 -36.56 -8.16
CA ALA A 259 8.72 -37.35 -7.55
C ALA A 259 7.74 -36.38 -6.93
N VAL A 260 8.26 -35.37 -6.22
CA VAL A 260 7.40 -34.36 -5.61
C VAL A 260 6.59 -33.70 -6.71
N VAL A 261 7.28 -33.25 -7.75
CA VAL A 261 6.65 -32.59 -8.89
C VAL A 261 5.58 -33.50 -9.49
N GLY A 262 5.94 -34.77 -9.66
CA GLY A 262 5.01 -35.73 -10.23
C GLY A 262 3.76 -35.81 -9.39
N MET A 263 3.95 -35.92 -8.09
CA MET A 263 2.81 -36.00 -7.18
C MET A 263 1.95 -34.75 -7.30
N LEU A 264 2.60 -33.60 -7.46
CA LEU A 264 1.87 -32.34 -7.58
C LEU A 264 1.17 -32.25 -8.94
N ASN A 265 1.74 -32.91 -9.95
CA ASN A 265 1.11 -32.88 -11.26
C ASN A 265 -0.06 -33.83 -11.27
N LYS A 266 0.07 -34.94 -10.54
CA LYS A 266 -1.00 -35.92 -10.47
C LYS A 266 -2.17 -35.25 -9.76
N LEU A 267 -1.88 -34.55 -8.67
CA LEU A 267 -2.90 -33.85 -7.92
C LEU A 267 -3.65 -32.84 -8.78
N GLN A 268 -2.92 -32.06 -9.58
CA GLN A 268 -3.56 -31.06 -10.44
C GLN A 268 -4.41 -31.69 -11.54
N GLY A 269 -4.09 -32.92 -11.93
CA GLY A 269 -4.87 -33.59 -12.96
C GLY A 269 -6.26 -33.99 -12.46
N VAL A 270 -6.30 -34.65 -11.30
CA VAL A 270 -7.56 -35.09 -10.70
C VAL A 270 -8.28 -33.89 -10.10
N ASN A 271 -7.65 -33.27 -9.10
CA ASN A 271 -8.23 -32.10 -8.46
C ASN A 271 -8.58 -31.08 -9.53
N GLY A 272 -7.83 -31.09 -10.63
CA GLY A 272 -8.07 -30.16 -11.72
C GLY A 272 -7.25 -28.88 -11.66
N SER A 273 -7.73 -27.92 -10.86
CA SER A 273 -7.03 -26.65 -10.72
C SER A 273 -5.58 -26.79 -10.30
N LYS A 274 -4.76 -25.85 -10.76
CA LYS A 274 -3.36 -25.87 -10.41
C LYS A 274 -3.11 -25.26 -9.04
N LEU A 275 -2.07 -25.74 -8.38
CA LEU A 275 -1.69 -25.23 -7.08
C LEU A 275 -1.28 -23.77 -7.36
N ALA A 276 -1.14 -22.99 -6.31
CA ALA A 276 -0.72 -21.61 -6.50
C ALA A 276 0.66 -21.61 -7.16
N TYR A 277 1.56 -22.46 -6.69
CA TYR A 277 2.90 -22.53 -7.24
C TYR A 277 3.75 -23.61 -6.61
N LEU A 278 4.94 -23.79 -7.19
CA LEU A 278 5.94 -24.71 -6.68
C LEU A 278 7.06 -23.76 -6.34
N HIS A 279 7.55 -23.84 -5.11
CA HIS A 279 8.62 -22.97 -4.61
C HIS A 279 9.84 -23.85 -4.35
N VAL A 280 10.97 -23.54 -4.97
CA VAL A 280 12.14 -24.37 -4.77
C VAL A 280 13.40 -23.58 -4.51
N THR A 281 13.93 -23.71 -3.30
CA THR A 281 15.16 -23.03 -2.95
C THR A 281 16.32 -23.68 -3.70
N GLN A 282 17.18 -22.85 -4.29
CA GLN A 282 18.33 -23.32 -5.02
C GLN A 282 19.05 -24.35 -4.18
N PRO A 283 19.72 -25.33 -4.81
CA PRO A 283 20.41 -26.30 -3.95
C PRO A 283 21.40 -25.56 -3.06
N ARG A 284 21.66 -24.32 -3.43
CA ARG A 284 22.55 -23.41 -2.71
C ARG A 284 22.65 -23.83 -1.24
N GLU A 300 30.59 -21.77 -12.33
CA GLU A 300 30.86 -23.20 -12.34
C GLU A 300 29.57 -23.99 -12.21
N GLU A 301 29.15 -24.28 -10.98
CA GLU A 301 27.91 -25.02 -10.78
C GLU A 301 27.17 -24.62 -9.52
N GLU A 302 26.22 -23.69 -9.66
CA GLU A 302 25.44 -23.26 -8.52
C GLU A 302 24.08 -22.75 -8.97
N ALA A 303 23.52 -23.44 -9.96
CA ALA A 303 22.20 -23.08 -10.49
C ALA A 303 21.77 -23.91 -11.71
N LYS A 304 22.34 -25.10 -11.87
CA LYS A 304 21.98 -26.01 -12.98
C LYS A 304 21.32 -27.27 -12.44
N LEU A 305 20.05 -27.14 -12.04
CA LEU A 305 19.29 -28.24 -11.45
C LEU A 305 17.86 -27.77 -11.11
N MET A 306 17.61 -26.48 -11.25
CA MET A 306 16.28 -25.95 -10.96
C MET A 306 15.41 -26.06 -12.21
N LYS A 307 16.02 -25.98 -13.38
CA LYS A 307 15.30 -26.06 -14.65
C LYS A 307 14.52 -27.36 -14.73
N SER A 308 15.19 -28.46 -14.43
CA SER A 308 14.56 -29.77 -14.48
C SER A 308 13.20 -29.77 -13.82
N LEU A 309 13.11 -29.27 -12.59
CA LEU A 309 11.83 -29.21 -11.88
C LEU A 309 11.03 -28.07 -12.49
N ARG A 310 11.74 -26.99 -12.80
CA ARG A 310 11.10 -25.82 -13.38
C ARG A 310 10.49 -26.17 -14.74
N MET A 311 10.62 -27.42 -15.15
CA MET A 311 10.06 -27.88 -16.44
C MET A 311 9.23 -29.13 -16.23
N ALA A 312 9.63 -29.93 -15.24
CA ALA A 312 8.92 -31.16 -14.93
C ALA A 312 7.57 -30.83 -14.33
N TYR A 313 7.47 -29.63 -13.77
CA TYR A 313 6.23 -29.22 -13.14
C TYR A 313 5.33 -28.44 -14.07
N ASN A 314 4.03 -28.73 -14.03
CA ASN A 314 3.09 -27.99 -14.86
C ASN A 314 2.49 -26.88 -14.02
N GLY A 315 3.21 -25.77 -13.97
CA GLY A 315 2.74 -24.64 -13.19
C GLY A 315 3.85 -23.66 -12.88
N THR A 316 3.45 -22.58 -12.21
CA THR A 316 4.35 -21.52 -11.82
C THR A 316 5.41 -22.06 -10.89
N PHE A 317 6.67 -21.71 -11.20
CA PHE A 317 7.80 -22.16 -10.43
C PHE A 317 8.50 -20.98 -9.80
N MET A 318 8.52 -20.98 -8.47
CA MET A 318 9.14 -19.92 -7.71
C MET A 318 10.56 -20.28 -7.32
N SER A 319 11.49 -19.38 -7.60
CA SER A 319 12.87 -19.64 -7.28
C SER A 319 13.20 -18.95 -5.97
N SER A 320 14.15 -19.51 -5.24
CA SER A 320 14.53 -18.97 -3.95
C SER A 320 15.94 -19.43 -3.58
N GLY A 321 16.66 -18.60 -2.82
CA GLY A 321 18.00 -18.96 -2.40
C GLY A 321 19.11 -18.29 -3.20
N GLY A 322 19.87 -17.43 -2.53
CA GLY A 322 20.99 -16.72 -3.13
C GLY A 322 20.69 -15.66 -4.17
N PHE A 323 19.43 -15.53 -4.57
CA PHE A 323 19.06 -14.55 -5.58
C PHE A 323 19.33 -13.10 -5.24
N ASN A 324 19.41 -12.30 -6.30
CA ASN A 324 19.64 -10.87 -6.24
C ASN A 324 18.91 -10.42 -7.49
N LYS A 325 18.89 -9.12 -7.78
CA LYS A 325 18.20 -8.67 -8.99
C LYS A 325 18.80 -9.40 -10.18
N GLU A 326 20.13 -9.37 -10.27
CA GLU A 326 20.82 -10.02 -11.36
C GLU A 326 20.15 -11.34 -11.73
N LEU A 327 20.27 -12.36 -10.89
CA LEU A 327 19.67 -13.66 -11.20
C LEU A 327 18.15 -13.63 -11.31
N GLY A 328 17.50 -12.78 -10.52
CA GLY A 328 16.05 -12.68 -10.60
C GLY A 328 15.63 -12.39 -12.02
N MET A 329 16.24 -11.37 -12.61
CA MET A 329 15.95 -10.98 -13.97
C MET A 329 16.24 -12.16 -14.89
N GLN A 330 17.43 -12.72 -14.81
CA GLN A 330 17.76 -13.85 -15.67
C GLN A 330 16.83 -15.01 -15.42
N ALA A 331 16.39 -15.17 -14.17
CA ALA A 331 15.47 -16.24 -13.82
C ALA A 331 14.20 -16.02 -14.61
N VAL A 332 13.74 -14.78 -14.65
CA VAL A 332 12.54 -14.48 -15.41
C VAL A 332 12.89 -14.31 -16.89
N GLN A 333 13.64 -13.26 -17.21
CA GLN A 333 14.04 -12.95 -18.59
C GLN A 333 14.35 -14.20 -19.39
N GLN A 334 15.48 -14.82 -19.09
CA GLN A 334 15.91 -16.04 -19.77
C GLN A 334 15.01 -17.18 -19.35
N GLY A 335 13.76 -16.84 -19.05
CA GLY A 335 12.76 -17.81 -18.64
C GLY A 335 13.25 -19.00 -17.81
N ASP A 336 14.28 -18.80 -17.02
CA ASP A 336 14.80 -19.87 -16.18
C ASP A 336 13.74 -20.28 -15.16
N ALA A 337 13.03 -19.30 -14.61
CA ALA A 337 11.97 -19.59 -13.63
C ALA A 337 11.00 -18.42 -13.49
N ASP A 338 9.78 -18.73 -13.08
CA ASP A 338 8.74 -17.71 -12.87
C ASP A 338 8.97 -16.99 -11.54
N LEU A 339 7.93 -16.34 -11.04
CA LEU A 339 7.94 -15.61 -9.76
C LEU A 339 9.11 -16.05 -8.91
N VAL A 340 9.89 -15.08 -8.42
CA VAL A 340 11.06 -15.36 -7.60
C VAL A 340 10.91 -14.77 -6.21
N SER A 341 11.19 -15.58 -5.18
CA SER A 341 11.10 -15.10 -3.81
C SER A 341 12.49 -14.67 -3.36
N TYR A 342 12.54 -13.67 -2.48
CA TYR A 342 13.79 -13.15 -1.95
C TYR A 342 13.70 -13.15 -0.42
N GLY A 343 14.80 -13.53 0.22
CA GLY A 343 14.84 -13.56 1.67
C GLY A 343 15.61 -12.42 2.32
N ARG A 344 16.90 -12.64 2.55
CA ARG A 344 17.71 -11.65 3.22
C ARG A 344 17.64 -10.26 2.65
N LEU A 345 17.59 -10.13 1.32
CA LEU A 345 17.50 -8.80 0.74
C LEU A 345 16.19 -8.13 1.13
N PHE A 346 15.14 -8.92 1.30
CA PHE A 346 13.85 -8.36 1.66
C PHE A 346 13.86 -7.99 3.12
N ILE A 347 14.70 -8.69 3.87
CA ILE A 347 14.83 -8.41 5.29
C ILE A 347 15.40 -6.99 5.41
N ALA A 348 16.41 -6.71 4.58
CA ALA A 348 17.07 -5.40 4.60
C ALA A 348 16.44 -4.34 3.71
N ASN A 349 15.56 -4.74 2.79
CA ASN A 349 14.95 -3.76 1.90
C ASN A 349 13.43 -3.84 1.85
N PRO A 350 12.78 -3.09 2.75
CA PRO A 350 11.32 -3.10 2.79
C PRO A 350 10.78 -2.83 1.39
N ASP A 351 11.41 -1.90 0.70
CA ASP A 351 11.03 -1.56 -0.67
C ASP A 351 11.97 -2.23 -1.66
N LEU A 352 12.22 -3.52 -1.45
CA LEU A 352 13.09 -4.26 -2.34
C LEU A 352 12.65 -4.14 -3.80
N VAL A 353 11.34 -4.22 -4.02
CA VAL A 353 10.82 -4.15 -5.38
C VAL A 353 11.19 -2.84 -6.05
N SER A 354 10.95 -1.73 -5.37
CA SER A 354 11.29 -0.43 -5.92
C SER A 354 12.79 -0.36 -6.18
N ARG A 355 13.56 -0.57 -5.12
CA ARG A 355 15.00 -0.54 -5.22
C ARG A 355 15.46 -1.36 -6.41
N PHE A 356 14.91 -2.55 -6.56
CA PHE A 356 15.29 -3.40 -7.67
C PHE A 356 14.86 -2.78 -8.99
N LYS A 357 13.62 -2.32 -9.03
CA LYS A 357 13.06 -1.74 -10.24
C LYS A 357 13.80 -0.52 -10.74
N ILE A 358 14.56 0.13 -9.87
CA ILE A 358 15.30 1.31 -10.29
C ILE A 358 16.80 1.12 -10.10
N ASP A 359 17.22 -0.10 -9.79
CA ASP A 359 18.63 -0.40 -9.56
C ASP A 359 19.20 0.56 -8.52
N GLY A 360 18.43 0.84 -7.47
CA GLY A 360 18.90 1.74 -6.45
C GLY A 360 19.70 1.05 -5.35
N GLU A 361 20.09 1.81 -4.33
CA GLU A 361 20.84 1.29 -3.20
C GLU A 361 20.05 0.21 -2.47
N LEU A 362 20.78 -0.69 -1.81
CA LEU A 362 20.19 -1.78 -1.04
C LEU A 362 20.75 -1.76 0.38
N ASN A 363 19.87 -1.70 1.37
CA ASN A 363 20.32 -1.70 2.75
C ASN A 363 21.03 -3.02 2.98
N LYS A 364 21.97 -3.04 3.91
CA LYS A 364 22.67 -4.27 4.22
C LYS A 364 21.85 -4.92 5.32
N TYR A 365 21.72 -6.24 5.29
CA TYR A 365 20.96 -6.91 6.33
C TYR A 365 21.90 -7.30 7.47
N ASN A 366 21.35 -7.44 8.66
CA ASN A 366 22.15 -7.81 9.81
C ASN A 366 21.60 -9.05 10.50
N ARG A 367 22.37 -10.12 10.41
CA ARG A 367 22.04 -11.41 11.01
C ARG A 367 21.67 -11.32 12.49
N LYS A 368 22.42 -10.52 13.25
CA LYS A 368 22.17 -10.39 14.68
C LYS A 368 20.72 -10.17 15.06
N THR A 369 19.97 -9.48 14.20
CA THR A 369 18.58 -9.23 14.51
C THR A 369 17.61 -9.99 13.62
N PHE A 370 18.10 -11.05 13.00
CA PHE A 370 17.25 -11.88 12.15
C PHE A 370 16.18 -12.54 13.01
N TYR A 371 16.64 -13.09 14.13
CA TYR A 371 15.80 -13.84 15.07
C TYR A 371 15.54 -13.24 16.44
N THR A 372 15.90 -11.98 16.63
CA THR A 372 15.66 -11.32 17.92
C THR A 372 14.18 -10.95 18.05
N GLN A 373 13.78 -10.45 19.22
CA GLN A 373 12.37 -10.13 19.46
C GLN A 373 11.98 -8.66 19.39
N ASP A 374 12.94 -7.78 19.12
CA ASP A 374 12.60 -6.38 19.07
C ASP A 374 11.60 -6.16 17.96
N PRO A 375 10.45 -5.54 18.29
CA PRO A 375 9.44 -5.30 17.25
C PRO A 375 9.95 -4.28 16.27
N VAL A 376 11.01 -3.58 16.66
CA VAL A 376 11.57 -2.56 15.81
C VAL A 376 12.93 -2.93 15.27
N VAL A 377 13.97 -2.78 16.09
CA VAL A 377 15.35 -3.08 15.68
C VAL A 377 15.56 -4.41 14.95
N GLY A 378 16.09 -4.30 13.74
CA GLY A 378 16.35 -5.46 12.91
C GLY A 378 15.06 -5.98 12.26
N TYR A 379 13.95 -5.30 12.53
CA TYR A 379 12.68 -5.74 11.99
C TYR A 379 12.03 -4.71 11.06
N THR A 380 11.76 -3.52 11.58
CA THR A 380 11.14 -2.48 10.79
C THR A 380 12.09 -1.30 10.57
N ASP A 381 13.35 -1.47 10.95
CA ASP A 381 14.35 -0.41 10.83
C ASP A 381 14.93 -0.17 9.45
N TYR A 382 15.28 -1.22 8.72
CA TYR A 382 15.82 -1.02 7.39
C TYR A 382 14.90 0.00 6.72
N PRO A 383 15.43 1.17 6.38
CA PRO A 383 14.70 2.27 5.74
C PRO A 383 14.46 2.17 4.25
N PHE A 384 13.37 2.79 3.82
CA PHE A 384 13.02 2.82 2.41
C PHE A 384 14.01 3.79 1.79
N LEU A 385 14.16 3.76 0.47
CA LEU A 385 15.06 4.68 -0.20
C LEU A 385 14.66 6.10 0.15
N ALA A 386 15.62 7.02 0.12
CA ALA A 386 15.33 8.42 0.39
C ALA A 386 14.39 8.86 -0.74
N PRO A 387 13.18 9.32 -0.40
CA PRO A 387 12.21 9.76 -1.40
C PRO A 387 12.81 10.77 -2.37
N ASN B 9 -4.99 43.42 16.51
CA ASN B 9 -4.52 43.82 15.15
C ASN B 9 -4.58 42.67 14.13
N GLU B 10 -4.19 41.48 14.59
CA GLU B 10 -4.20 40.23 13.82
C GLU B 10 -5.24 40.22 12.68
N THR B 11 -4.80 40.22 11.43
CA THR B 11 -5.73 40.19 10.31
C THR B 11 -5.17 39.37 9.16
N LEU B 12 -5.74 39.57 7.97
CA LEU B 12 -5.30 38.88 6.76
C LEU B 12 -3.89 39.34 6.42
N PHE B 13 -3.42 40.40 7.08
CA PHE B 13 -2.11 40.94 6.79
C PHE B 13 -0.98 40.47 7.68
N SER B 14 -1.32 39.87 8.83
CA SER B 14 -0.29 39.36 9.72
C SER B 14 0.43 38.22 8.99
N SER B 15 1.73 38.13 9.18
CA SER B 15 2.50 37.09 8.55
C SER B 15 2.22 35.79 9.28
N TYR B 16 2.53 34.68 8.63
CA TYR B 16 2.29 33.38 9.23
C TYR B 16 3.37 32.37 8.91
N LYS B 17 4.00 31.86 9.95
CA LYS B 17 5.07 30.88 9.81
C LYS B 17 4.47 29.48 9.78
N MET B 18 3.59 29.24 8.81
CA MET B 18 2.93 27.94 8.64
C MET B 18 3.96 26.82 8.75
N GLY B 19 4.11 26.25 9.94
CA GLY B 19 5.09 25.20 10.11
C GLY B 19 6.43 25.71 9.61
N ARG B 20 6.99 25.02 8.62
CA ARG B 20 8.27 25.40 8.06
C ARG B 20 8.17 26.45 6.95
N PHE B 21 7.02 27.11 6.84
CA PHE B 21 6.88 28.14 5.81
C PHE B 21 6.56 29.51 6.38
N ASP B 22 7.33 30.52 5.95
CA ASP B 22 7.13 31.89 6.39
C ASP B 22 6.20 32.63 5.44
N LEU B 23 4.98 32.90 5.90
CA LEU B 23 4.04 33.61 5.06
C LEU B 23 3.99 35.07 5.42
N SER B 24 3.76 35.91 4.43
CA SER B 24 3.66 37.35 4.62
C SER B 24 2.30 37.71 5.17
N HIS B 25 1.28 36.96 4.75
CA HIS B 25 -0.07 37.23 5.20
C HIS B 25 -0.93 35.97 5.21
N ARG B 26 -2.21 36.13 5.48
CA ARG B 26 -3.12 35.00 5.59
C ARG B 26 -3.98 34.81 4.36
N VAL B 27 -3.72 35.62 3.34
CA VAL B 27 -4.52 35.55 2.13
C VAL B 27 -3.94 34.49 1.20
N VAL B 28 -4.77 33.52 0.86
CA VAL B 28 -4.32 32.44 0.00
C VAL B 28 -5.17 32.40 -1.25
N LEU B 29 -4.56 31.91 -2.33
CA LEU B 29 -5.25 31.75 -3.59
C LEU B 29 -5.89 30.38 -3.51
N ALA B 30 -7.18 30.30 -3.75
CA ALA B 30 -7.88 29.03 -3.65
C ALA B 30 -7.64 28.19 -4.88
N PRO B 31 -7.44 26.88 -4.69
CA PRO B 31 -7.21 26.04 -5.87
C PRO B 31 -8.34 26.23 -6.89
N MET B 32 -7.97 26.55 -8.12
CA MET B 32 -8.97 26.74 -9.16
C MET B 32 -8.53 26.25 -10.52
N THR B 33 -9.05 25.09 -10.91
CA THR B 33 -8.77 24.54 -12.23
C THR B 33 -9.03 25.69 -13.18
N ARG B 34 -8.10 25.97 -14.08
CA ARG B 34 -8.34 27.07 -15.00
C ARG B 34 -8.24 26.58 -16.42
N CYS B 35 -8.04 25.27 -16.57
CA CYS B 35 -7.96 24.62 -17.86
C CYS B 35 -7.21 25.38 -18.94
N ARG B 36 -6.06 25.97 -18.59
CA ARG B 36 -5.23 26.66 -19.57
C ARG B 36 -4.00 25.81 -19.88
N ALA B 37 -3.83 24.76 -19.08
CA ALA B 37 -2.71 23.83 -19.23
C ALA B 37 -3.01 22.89 -20.38
N LEU B 38 -3.24 23.48 -21.55
CA LEU B 38 -3.57 22.74 -22.76
C LEU B 38 -2.99 21.34 -22.84
N ASN B 39 -3.86 20.37 -23.06
CA ASN B 39 -3.42 18.98 -23.19
C ASN B 39 -2.71 18.47 -21.95
N GLY B 40 -3.11 19.01 -20.80
CA GLY B 40 -2.56 18.56 -19.53
C GLY B 40 -1.15 18.97 -19.18
N VAL B 41 -0.57 19.88 -19.94
CA VAL B 41 0.80 20.30 -19.66
C VAL B 41 0.84 21.77 -19.21
N PRO B 42 1.53 22.05 -18.09
CA PRO B 42 1.63 23.44 -17.59
C PRO B 42 2.35 24.23 -18.67
N ASN B 43 2.35 25.55 -18.56
CA ASN B 43 3.01 26.36 -19.58
C ASN B 43 3.25 27.80 -19.14
N ALA B 44 3.75 28.62 -20.07
CA ALA B 44 4.05 30.02 -19.76
C ALA B 44 2.80 30.71 -19.23
N ALA B 45 1.62 30.21 -19.63
CA ALA B 45 0.35 30.78 -19.18
C ALA B 45 0.15 30.61 -17.68
N LEU B 46 0.43 29.42 -17.17
CA LEU B 46 0.28 29.19 -15.73
C LEU B 46 1.39 29.89 -14.97
N ALA B 47 2.52 30.11 -15.64
CA ALA B 47 3.65 30.77 -15.00
C ALA B 47 3.29 32.23 -14.80
N GLU B 48 2.78 32.88 -15.84
CA GLU B 48 2.40 34.28 -15.73
C GLU B 48 1.21 34.43 -14.80
N TYR B 49 0.40 33.37 -14.73
CA TYR B 49 -0.78 33.36 -13.88
C TYR B 49 -0.44 33.36 -12.39
N TYR B 50 0.34 32.37 -11.96
CA TYR B 50 0.69 32.30 -10.56
C TYR B 50 1.67 33.44 -10.27
N ALA B 51 1.89 34.24 -11.31
CA ALA B 51 2.77 35.41 -11.24
C ALA B 51 1.91 36.66 -11.04
N GLN B 52 0.82 36.77 -11.78
CA GLN B 52 -0.03 37.95 -11.66
C GLN B 52 -0.60 38.09 -10.26
N ARG B 53 -0.85 36.95 -9.61
CA ARG B 53 -1.42 36.97 -8.27
C ARG B 53 -0.43 36.61 -7.17
N THR B 54 0.81 36.37 -7.54
CA THR B 54 1.81 36.01 -6.54
C THR B 54 2.37 37.24 -5.80
N THR B 55 2.58 37.06 -4.50
CA THR B 55 3.13 38.09 -3.61
C THR B 55 4.27 37.51 -2.78
N PRO B 56 5.17 38.37 -2.29
CA PRO B 56 6.30 37.90 -1.48
C PRO B 56 5.81 37.12 -0.28
N GLY B 57 6.44 35.98 -0.01
CA GLY B 57 6.03 35.17 1.13
C GLY B 57 4.68 34.49 0.96
N GLY B 58 3.62 35.29 0.77
CA GLY B 58 2.28 34.75 0.60
C GLY B 58 2.21 33.35 -0.02
N PHE B 59 1.20 32.58 0.40
CA PHE B 59 1.02 31.22 -0.09
C PHE B 59 0.11 31.12 -1.33
N LEU B 60 0.37 30.10 -2.14
CA LEU B 60 -0.40 29.82 -3.34
C LEU B 60 -0.63 28.32 -3.43
N ILE B 61 -1.83 27.94 -3.85
CA ILE B 61 -2.16 26.55 -4.04
C ILE B 61 -2.57 26.47 -5.49
N SER B 62 -1.97 25.53 -6.22
CA SER B 62 -2.26 25.38 -7.61
C SER B 62 -3.64 24.82 -7.85
N GLU B 63 -4.07 24.96 -9.10
CA GLU B 63 -5.32 24.43 -9.59
C GLU B 63 -5.19 22.91 -9.43
N GLY B 64 -6.30 22.20 -9.30
CA GLY B 64 -6.24 20.76 -9.16
C GLY B 64 -5.34 20.16 -10.22
N THR B 65 -4.44 19.28 -9.81
CA THR B 65 -3.47 18.68 -10.72
C THR B 65 -3.59 17.17 -10.76
N MET B 66 -3.57 16.61 -11.98
CA MET B 66 -3.70 15.16 -12.14
C MET B 66 -2.60 14.36 -11.45
N VAL B 67 -3.02 13.30 -10.76
CA VAL B 67 -2.09 12.42 -10.08
C VAL B 67 -1.85 11.18 -10.95
N SER B 68 -2.58 11.07 -12.05
CA SER B 68 -2.45 9.93 -12.93
C SER B 68 -3.44 10.02 -14.07
N PRO B 69 -3.36 9.09 -15.04
CA PRO B 69 -4.34 9.17 -16.12
C PRO B 69 -5.68 8.74 -15.53
N GLY B 70 -6.76 9.35 -15.99
CA GLY B 70 -8.05 8.97 -15.48
C GLY B 70 -8.47 9.89 -14.33
N SER B 71 -7.53 10.66 -13.78
CA SER B 71 -7.85 11.56 -12.67
C SER B 71 -8.50 12.89 -13.07
N ALA B 72 -8.56 13.18 -14.37
CA ALA B 72 -9.12 14.45 -14.79
C ALA B 72 -10.64 14.40 -14.98
N GLY B 73 -11.28 15.54 -14.71
CA GLY B 73 -12.72 15.64 -14.85
C GLY B 73 -12.99 16.92 -15.60
N PHE B 74 -11.91 17.54 -16.09
CA PHE B 74 -11.94 18.80 -16.82
C PHE B 74 -10.87 18.72 -17.90
N PRO B 75 -11.00 19.53 -18.95
CA PRO B 75 -10.00 19.51 -20.02
C PRO B 75 -8.81 20.40 -19.71
N HIS B 76 -7.66 20.03 -20.25
CA HIS B 76 -6.46 20.83 -20.10
C HIS B 76 -6.05 21.11 -18.67
N VAL B 77 -6.29 20.14 -17.79
CA VAL B 77 -5.90 20.29 -16.42
C VAL B 77 -4.48 19.80 -16.38
N PRO B 78 -3.61 20.55 -15.71
CA PRO B 78 -2.21 20.14 -15.64
C PRO B 78 -2.00 18.88 -14.82
N GLY B 79 -1.14 18.01 -15.31
CA GLY B 79 -0.85 16.80 -14.58
C GLY B 79 0.50 17.01 -13.93
N ILE B 80 0.91 16.06 -13.11
CA ILE B 80 2.19 16.17 -12.46
C ILE B 80 2.66 14.73 -12.22
N TYR B 81 1.99 13.79 -12.90
CA TYR B 81 2.33 12.39 -12.73
C TYR B 81 3.37 11.90 -13.73
N SER B 82 3.78 12.78 -14.64
CA SER B 82 4.79 12.41 -15.65
C SER B 82 5.98 13.36 -15.57
N ASP B 83 7.08 12.97 -16.21
CA ASP B 83 8.27 13.81 -16.21
C ASP B 83 8.05 15.05 -17.06
N GLU B 84 7.28 14.88 -18.12
CA GLU B 84 7.00 16.00 -19.01
C GLU B 84 6.24 17.13 -18.32
N GLN B 85 5.27 16.77 -17.50
CA GLN B 85 4.48 17.77 -16.78
C GLN B 85 5.35 18.47 -15.78
N VAL B 86 6.19 17.69 -15.10
CA VAL B 86 7.11 18.20 -14.11
C VAL B 86 7.95 19.33 -14.71
N GLU B 87 8.55 19.06 -15.87
CA GLU B 87 9.37 20.07 -16.51
C GLU B 87 8.58 21.33 -16.85
N ALA B 88 7.37 21.16 -17.36
CA ALA B 88 6.55 22.31 -17.71
C ALA B 88 6.16 23.14 -16.48
N TRP B 89 5.92 22.48 -15.35
CA TRP B 89 5.54 23.18 -14.11
C TRP B 89 6.65 24.06 -13.56
N LYS B 90 7.88 23.55 -13.63
CA LYS B 90 9.03 24.28 -13.10
C LYS B 90 8.99 25.77 -13.37
N GLN B 91 8.69 26.14 -14.62
CA GLN B 91 8.64 27.55 -14.99
C GLN B 91 7.59 28.24 -14.15
N VAL B 92 6.48 27.55 -13.92
CA VAL B 92 5.42 28.14 -13.13
C VAL B 92 5.90 28.39 -11.72
N VAL B 93 6.43 27.34 -11.10
CA VAL B 93 6.92 27.44 -9.74
C VAL B 93 8.03 28.47 -9.67
N GLU B 94 8.91 28.46 -10.66
CA GLU B 94 10.00 29.44 -10.68
C GLU B 94 9.42 30.84 -10.66
N ALA B 95 8.40 31.07 -11.48
CA ALA B 95 7.74 32.37 -11.55
C ALA B 95 7.18 32.79 -10.19
N VAL B 96 6.66 31.83 -9.44
CA VAL B 96 6.11 32.11 -8.11
C VAL B 96 7.25 32.35 -7.15
N HIS B 97 8.20 31.42 -7.13
CA HIS B 97 9.32 31.57 -6.22
C HIS B 97 10.11 32.85 -6.47
N ALA B 98 10.12 33.32 -7.72
CA ALA B 98 10.85 34.54 -8.02
C ALA B 98 10.31 35.68 -7.17
N LYS B 99 9.03 35.59 -6.81
CA LYS B 99 8.42 36.63 -5.98
C LYS B 99 8.33 36.20 -4.51
N GLY B 100 9.24 35.33 -4.10
CA GLY B 100 9.28 34.90 -2.72
C GLY B 100 8.10 34.09 -2.19
N GLY B 101 6.94 34.26 -2.81
CA GLY B 101 5.77 33.52 -2.37
C GLY B 101 5.99 32.03 -2.46
N PHE B 102 5.07 31.25 -1.91
CA PHE B 102 5.17 29.79 -1.97
C PHE B 102 3.99 29.22 -2.74
N ILE B 103 4.07 27.93 -3.04
CA ILE B 103 3.01 27.28 -3.76
C ILE B 103 3.07 25.78 -3.61
N PHE B 104 1.92 25.20 -3.29
CA PHE B 104 1.77 23.77 -3.13
C PHE B 104 1.09 23.29 -4.39
N CYS B 105 1.21 22.00 -4.67
CA CYS B 105 0.55 21.45 -5.83
C CYS B 105 -0.61 20.64 -5.26
N GLN B 106 -1.82 20.93 -5.71
CA GLN B 106 -2.97 20.18 -5.22
C GLN B 106 -3.10 18.85 -5.99
N LEU B 107 -2.86 17.73 -5.30
CA LEU B 107 -2.96 16.43 -5.94
C LEU B 107 -4.46 16.18 -6.05
N TRP B 108 -4.91 16.08 -7.29
CA TRP B 108 -6.33 15.96 -7.56
C TRP B 108 -6.80 14.75 -8.36
N HIS B 109 -7.80 14.07 -7.82
CA HIS B 109 -8.37 12.97 -8.54
C HIS B 109 -9.88 13.18 -8.41
N VAL B 110 -10.55 13.31 -9.55
CA VAL B 110 -11.99 13.55 -9.57
C VAL B 110 -12.88 12.33 -9.35
N GLY B 111 -12.30 11.15 -9.40
CA GLY B 111 -13.09 9.96 -9.20
C GLY B 111 -14.20 9.87 -10.23
N ARG B 112 -15.43 9.71 -9.75
CA ARG B 112 -16.56 9.56 -10.64
C ARG B 112 -16.98 10.86 -11.31
N ALA B 113 -16.36 11.97 -10.90
CA ALA B 113 -16.69 13.26 -11.50
C ALA B 113 -15.85 13.44 -12.75
N SER B 114 -16.00 12.50 -13.68
CA SER B 114 -15.24 12.56 -14.90
C SER B 114 -16.11 12.05 -16.04
N HIS B 115 -15.47 11.58 -17.10
CA HIS B 115 -16.22 11.09 -18.24
C HIS B 115 -15.26 10.30 -19.11
N ALA B 116 -15.81 9.38 -19.90
CA ALA B 116 -15.00 8.55 -20.80
C ALA B 116 -13.96 9.39 -21.52
N VAL B 117 -14.36 10.61 -21.87
CA VAL B 117 -13.47 11.53 -22.56
C VAL B 117 -12.12 11.70 -21.84
N TYR B 118 -12.14 11.71 -20.51
CA TYR B 118 -10.91 11.89 -19.73
C TYR B 118 -10.33 10.60 -19.19
N GLN B 119 -10.78 9.48 -19.73
CA GLN B 119 -10.29 8.20 -19.25
C GLN B 119 -9.44 7.43 -20.21
N PRO B 120 -8.33 6.83 -19.72
CA PRO B 120 -7.47 6.04 -20.61
C PRO B 120 -8.38 4.98 -21.18
N ASN B 121 -8.33 4.78 -22.50
CA ASN B 121 -9.14 3.77 -23.16
C ASN B 121 -10.62 4.06 -23.20
N GLY B 122 -10.99 5.29 -22.86
CA GLY B 122 -12.39 5.67 -22.84
C GLY B 122 -13.17 4.83 -21.84
N GLY B 123 -12.48 4.38 -20.78
CA GLY B 123 -13.14 3.57 -19.79
C GLY B 123 -13.96 4.40 -18.82
N SER B 124 -14.60 3.71 -17.89
CA SER B 124 -15.42 4.37 -16.90
C SER B 124 -14.58 4.98 -15.80
N PRO B 125 -14.95 6.18 -15.35
CA PRO B 125 -14.21 6.85 -14.27
C PRO B 125 -14.26 5.92 -13.06
N ILE B 126 -13.24 5.98 -12.22
CA ILE B 126 -13.21 5.13 -11.04
C ILE B 126 -13.76 5.87 -9.83
N SER B 127 -14.30 5.11 -8.89
CA SER B 127 -14.87 5.70 -7.70
C SER B 127 -14.98 4.66 -6.60
N SER B 128 -15.40 5.11 -5.43
CA SER B 128 -15.56 4.20 -4.30
C SER B 128 -16.81 3.38 -4.60
N THR B 129 -17.68 3.95 -5.42
CA THR B 129 -18.97 3.32 -5.73
C THR B 129 -19.28 3.20 -7.22
N ASN B 130 -20.43 2.58 -7.52
CA ASN B 130 -20.89 2.40 -8.88
C ASN B 130 -22.01 3.39 -9.18
N LYS B 131 -22.38 4.19 -8.19
CA LYS B 131 -23.43 5.18 -8.38
C LYS B 131 -22.86 6.42 -9.06
N PRO B 132 -23.55 6.92 -10.10
CA PRO B 132 -23.13 8.11 -10.83
C PRO B 132 -23.62 9.37 -10.16
N ILE B 133 -22.96 10.48 -10.47
CA ILE B 133 -23.37 11.78 -9.96
C ILE B 133 -24.69 12.01 -10.71
N SER B 134 -25.73 12.42 -10.00
CA SER B 134 -27.02 12.64 -10.62
C SER B 134 -27.00 13.64 -11.77
N GLU B 135 -27.67 13.25 -12.86
CA GLU B 135 -27.78 14.09 -14.06
C GLU B 135 -28.73 15.24 -13.76
N ASN B 136 -29.51 15.06 -12.69
CA ASN B 136 -30.44 16.09 -12.26
C ASN B 136 -29.75 17.36 -11.89
N ARG B 137 -28.55 17.27 -11.37
CA ARG B 137 -27.91 18.49 -10.89
C ARG B 137 -26.48 18.79 -11.30
N TRP B 138 -25.84 17.87 -12.01
CA TRP B 138 -24.46 18.14 -12.39
C TRP B 138 -24.15 17.67 -13.79
N ARG B 139 -23.30 18.42 -14.45
CA ARG B 139 -22.87 18.10 -15.80
C ARG B 139 -21.38 18.05 -15.82
N VAL B 140 -20.84 17.23 -16.72
CA VAL B 140 -19.41 17.11 -16.86
C VAL B 140 -19.09 17.80 -18.19
N LEU B 141 -18.30 18.88 -18.11
CA LEU B 141 -17.92 19.64 -19.29
C LEU B 141 -16.78 18.96 -20.02
N LEU B 142 -16.97 18.71 -21.32
CA LEU B 142 -15.94 18.06 -22.13
C LEU B 142 -15.10 19.13 -22.84
N PRO B 143 -13.97 18.72 -23.45
CA PRO B 143 -13.05 19.62 -24.15
C PRO B 143 -13.68 20.46 -25.26
N ASP B 144 -14.63 19.89 -25.99
CA ASP B 144 -15.28 20.62 -27.07
C ASP B 144 -16.13 21.72 -26.47
N GLY B 145 -16.24 21.72 -25.15
CA GLY B 145 -17.02 22.75 -24.48
C GLY B 145 -18.46 22.35 -24.24
N SER B 146 -18.78 21.07 -24.39
CA SER B 146 -20.15 20.62 -24.16
C SER B 146 -20.34 20.04 -22.74
N HIS B 147 -21.53 20.21 -22.17
CA HIS B 147 -21.81 19.70 -20.84
C HIS B 147 -22.73 18.49 -20.96
N VAL B 148 -22.26 17.34 -20.47
CA VAL B 148 -23.05 16.12 -20.53
C VAL B 148 -23.19 15.45 -19.15
N LYS B 149 -24.09 14.46 -19.08
CA LYS B 149 -24.32 13.74 -17.85
C LYS B 149 -23.06 13.03 -17.39
N TYR B 150 -22.94 12.82 -16.09
CA TYR B 150 -21.79 12.09 -15.54
C TYR B 150 -22.04 10.61 -15.82
N PRO B 151 -20.99 9.87 -16.22
CA PRO B 151 -21.25 8.46 -16.49
C PRO B 151 -21.27 7.60 -15.24
N LYS B 152 -21.67 6.35 -15.43
CA LYS B 152 -21.69 5.39 -14.36
C LYS B 152 -20.22 5.07 -14.04
N PRO B 153 -19.79 5.36 -12.81
CA PRO B 153 -18.40 5.06 -12.47
C PRO B 153 -18.25 3.59 -12.13
N ARG B 154 -17.00 3.11 -12.11
CA ARG B 154 -16.74 1.73 -11.74
C ARG B 154 -16.13 1.79 -10.36
N ALA B 155 -16.78 1.17 -9.39
CA ALA B 155 -16.24 1.18 -8.03
C ALA B 155 -14.89 0.47 -8.02
N LEU B 156 -13.91 1.13 -7.42
CA LEU B 156 -12.59 0.58 -7.33
C LEU B 156 -12.61 -0.73 -6.55
N GLU B 157 -11.80 -1.68 -7.00
CA GLU B 157 -11.66 -2.94 -6.31
C GLU B 157 -10.66 -2.64 -5.20
N ALA B 158 -10.82 -3.29 -4.05
CA ALA B 158 -9.92 -3.05 -2.93
C ALA B 158 -8.45 -3.02 -3.35
N SER B 159 -8.06 -3.88 -4.29
CA SER B 159 -6.67 -3.96 -4.73
C SER B 159 -6.23 -2.76 -5.57
N GLU B 160 -7.17 -2.06 -6.19
CA GLU B 160 -6.82 -0.90 -6.99
C GLU B 160 -6.54 0.32 -6.12
N ILE B 161 -7.24 0.43 -5.00
CA ILE B 161 -7.06 1.59 -4.14
C ILE B 161 -5.60 1.91 -3.84
N PRO B 162 -4.80 0.90 -3.44
CA PRO B 162 -3.39 1.23 -3.16
C PRO B 162 -2.65 1.75 -4.39
N ARG B 163 -3.04 1.30 -5.58
CA ARG B 163 -2.38 1.80 -6.77
C ARG B 163 -2.67 3.29 -6.94
N VAL B 164 -3.88 3.72 -6.60
CA VAL B 164 -4.23 5.12 -6.72
C VAL B 164 -3.38 5.88 -5.73
N VAL B 165 -3.27 5.37 -4.52
CA VAL B 165 -2.46 6.00 -3.49
C VAL B 165 -1.07 6.26 -4.03
N GLU B 166 -0.47 5.24 -4.66
CA GLU B 166 0.87 5.39 -5.23
C GLU B 166 0.93 6.56 -6.20
N ASP B 167 -0.13 6.76 -6.98
CA ASP B 167 -0.17 7.87 -7.93
C ASP B 167 -0.06 9.18 -7.17
N TYR B 168 -0.69 9.23 -6.00
CA TYR B 168 -0.62 10.43 -5.17
C TYR B 168 0.82 10.60 -4.68
N CYS B 169 1.40 9.51 -4.19
CA CYS B 169 2.77 9.54 -3.68
C CYS B 169 3.72 9.95 -4.80
N LEU B 170 3.51 9.37 -5.97
CA LEU B 170 4.33 9.65 -7.14
C LEU B 170 4.21 11.11 -7.55
N SER B 171 2.98 11.54 -7.77
CA SER B 171 2.72 12.91 -8.19
C SER B 171 3.28 13.90 -7.17
N ALA B 172 3.22 13.52 -5.90
CA ALA B 172 3.72 14.38 -4.83
C ALA B 172 5.20 14.60 -5.05
N LEU B 173 5.90 13.48 -5.27
CA LEU B 173 7.33 13.53 -5.50
C LEU B 173 7.65 14.40 -6.69
N ASN B 174 6.87 14.28 -7.75
CA ASN B 174 7.08 15.08 -8.95
C ASN B 174 6.80 16.55 -8.69
N ALA B 175 5.85 16.81 -7.81
CA ALA B 175 5.49 18.18 -7.48
C ALA B 175 6.70 18.87 -6.84
N ILE B 176 7.46 18.12 -6.08
CA ILE B 176 8.64 18.64 -5.41
C ILE B 176 9.69 18.87 -6.51
N ARG B 177 9.88 17.87 -7.35
CA ARG B 177 10.83 17.96 -8.45
C ARG B 177 10.47 19.16 -9.32
N ALA B 178 9.23 19.62 -9.18
CA ALA B 178 8.78 20.77 -9.95
C ALA B 178 9.07 22.09 -9.22
N GLY B 179 9.53 21.98 -7.98
CA GLY B 179 9.84 23.16 -7.19
C GLY B 179 8.73 23.53 -6.22
N PHE B 180 7.58 22.89 -6.37
CA PHE B 180 6.46 23.18 -5.47
C PHE B 180 6.91 23.05 -4.02
N ASP B 181 6.51 24.01 -3.19
CA ASP B 181 6.88 23.98 -1.79
C ASP B 181 6.23 22.80 -1.06
N GLY B 182 5.20 22.23 -1.67
CA GLY B 182 4.50 21.11 -1.07
C GLY B 182 3.32 20.74 -1.95
N ILE B 183 2.45 19.90 -1.40
CA ILE B 183 1.28 19.49 -2.16
C ILE B 183 0.05 19.60 -1.28
N GLU B 184 -1.11 19.69 -1.91
CA GLU B 184 -2.34 19.72 -1.15
C GLU B 184 -3.10 18.51 -1.63
N ILE B 185 -3.67 17.77 -0.70
CA ILE B 185 -4.46 16.61 -1.08
C ILE B 185 -5.87 17.14 -1.23
N HIS B 186 -6.36 17.12 -2.46
CA HIS B 186 -7.69 17.58 -2.72
C HIS B 186 -8.63 16.46 -2.29
N GLY B 187 -9.20 16.56 -1.09
CA GLY B 187 -10.12 15.53 -0.62
C GLY B 187 -11.50 16.12 -0.40
N ALA B 188 -11.82 17.12 -1.22
CA ALA B 188 -13.08 17.81 -1.05
C ALA B 188 -13.95 17.87 -2.31
N HIS B 189 -15.06 18.59 -2.18
CA HIS B 189 -15.94 18.86 -3.30
C HIS B 189 -16.55 17.69 -4.09
N GLY B 190 -16.66 16.53 -3.47
CA GLY B 190 -17.26 15.40 -4.16
C GLY B 190 -16.37 14.64 -5.12
N TYR B 191 -15.06 14.85 -5.03
CA TYR B 191 -14.17 14.12 -5.92
C TYR B 191 -13.74 12.78 -5.31
N LEU B 192 -12.87 12.05 -5.99
CA LEU B 192 -12.48 10.72 -5.53
C LEU B 192 -12.41 10.50 -4.02
N ILE B 193 -11.49 11.18 -3.36
CA ILE B 193 -11.36 11.02 -1.93
C ILE B 193 -12.69 11.28 -1.22
N ASP B 194 -13.35 12.36 -1.59
CA ASP B 194 -14.63 12.70 -0.98
C ASP B 194 -15.66 11.61 -1.27
N GLN B 195 -15.52 10.94 -2.42
CA GLN B 195 -16.42 9.87 -2.80
C GLN B 195 -16.29 8.70 -1.82
N PHE B 196 -15.23 8.69 -1.02
CA PHE B 196 -15.06 7.64 0.00
C PHE B 196 -15.53 8.18 1.33
N LEU B 197 -15.19 9.45 1.58
CA LEU B 197 -15.54 10.12 2.83
C LEU B 197 -17.03 10.31 3.07
N LYS B 198 -17.76 10.76 2.05
CA LYS B 198 -19.19 11.02 2.20
C LYS B 198 -20.01 9.74 2.35
N ASP B 199 -20.77 9.67 3.44
CA ASP B 199 -21.59 8.50 3.71
C ASP B 199 -22.82 8.51 2.82
N GLY B 200 -22.89 9.50 1.93
CA GLY B 200 -24.00 9.59 1.00
C GLY B 200 -23.60 8.99 -0.35
N ILE B 201 -22.30 8.90 -0.58
CA ILE B 201 -21.77 8.37 -1.82
C ILE B 201 -21.18 6.99 -1.61
N ASN B 202 -20.47 6.82 -0.49
CA ASN B 202 -19.81 5.55 -0.18
C ASN B 202 -20.77 4.48 0.29
N ASP B 203 -21.32 3.73 -0.65
CA ASP B 203 -22.23 2.65 -0.31
C ASP B 203 -21.43 1.35 -0.27
N ARG B 204 -20.11 1.46 -0.11
CA ARG B 204 -19.25 0.27 -0.06
C ARG B 204 -19.48 -0.46 1.24
N THR B 205 -19.22 -1.77 1.21
CA THR B 205 -19.39 -2.62 2.37
C THR B 205 -18.08 -3.30 2.78
N ASP B 206 -16.99 -2.94 2.14
CA ASP B 206 -15.71 -3.54 2.51
C ASP B 206 -15.02 -2.64 3.54
N GLN B 207 -13.70 -2.73 3.67
CA GLN B 207 -12.98 -1.93 4.67
C GLN B 207 -12.89 -0.46 4.34
N TYR B 208 -13.28 -0.06 3.14
CA TYR B 208 -13.23 1.35 2.79
C TYR B 208 -14.60 1.99 2.91
N GLY B 209 -15.56 1.25 3.44
CA GLY B 209 -16.91 1.79 3.56
C GLY B 209 -17.58 1.49 4.89
N GLY B 210 -18.80 2.00 5.07
CA GLY B 210 -19.53 1.78 6.30
C GLY B 210 -19.29 2.84 7.35
N SER B 211 -18.59 2.46 8.42
CA SER B 211 -18.27 3.36 9.51
C SER B 211 -17.51 4.59 9.00
N ILE B 212 -17.57 5.69 9.74
CA ILE B 212 -16.87 6.89 9.33
C ILE B 212 -15.39 6.62 9.28
N ALA B 213 -14.90 5.88 10.27
CA ALA B 213 -13.48 5.54 10.31
C ALA B 213 -13.10 4.94 8.96
N ASN B 214 -13.84 3.91 8.53
CA ASN B 214 -13.56 3.26 7.26
C ASN B 214 -13.67 4.17 6.06
N ARG B 215 -14.59 5.13 6.12
CA ARG B 215 -14.76 6.05 5.02
C ARG B 215 -13.56 6.99 4.95
N CYS B 216 -12.73 6.97 6.00
CA CYS B 216 -11.55 7.83 6.03
C CYS B 216 -10.27 7.08 5.65
N ARG B 217 -10.36 5.75 5.59
CA ARG B 217 -9.18 4.95 5.28
C ARG B 217 -8.44 5.42 4.04
N PHE B 218 -9.16 5.63 2.95
CA PHE B 218 -8.52 6.05 1.72
C PHE B 218 -7.73 7.35 1.90
N LEU B 219 -8.42 8.39 2.38
CA LEU B 219 -7.77 9.68 2.61
C LEU B 219 -6.51 9.48 3.46
N LYS B 220 -6.65 8.66 4.49
CA LYS B 220 -5.55 8.38 5.40
C LYS B 220 -4.37 7.78 4.65
N GLN B 221 -4.62 6.74 3.86
CA GLN B 221 -3.57 6.09 3.09
C GLN B 221 -2.92 7.14 2.18
N VAL B 222 -3.74 7.97 1.54
CA VAL B 222 -3.20 9.01 0.68
C VAL B 222 -2.35 9.99 1.50
N VAL B 223 -2.88 10.48 2.62
CA VAL B 223 -2.11 11.42 3.43
C VAL B 223 -0.83 10.77 3.93
N GLU B 224 -0.95 9.60 4.56
CA GLU B 224 0.26 8.94 5.05
C GLU B 224 1.18 8.66 3.88
N GLY B 225 0.60 8.31 2.73
CA GLY B 225 1.41 8.00 1.57
C GLY B 225 2.32 9.15 1.16
N VAL B 226 1.72 10.22 0.67
CA VAL B 226 2.48 11.38 0.24
C VAL B 226 3.38 11.93 1.36
N VAL B 227 2.92 11.80 2.60
CA VAL B 227 3.68 12.25 3.75
C VAL B 227 5.04 11.54 3.80
N SER B 228 5.02 10.22 3.66
CA SER B 228 6.27 9.44 3.67
C SER B 228 7.17 9.91 2.54
N ALA B 229 6.56 10.45 1.49
CA ALA B 229 7.29 10.91 0.33
C ALA B 229 7.87 12.31 0.44
N ILE B 230 7.26 13.16 1.24
CA ILE B 230 7.74 14.54 1.33
C ILE B 230 7.65 15.20 2.70
N GLY B 231 7.20 14.46 3.70
CA GLY B 231 7.09 15.04 5.03
C GLY B 231 5.80 15.83 5.18
N ALA B 232 5.13 15.64 6.30
CA ALA B 232 3.87 16.33 6.58
C ALA B 232 3.99 17.85 6.44
N SER B 233 5.18 18.36 6.67
CA SER B 233 5.41 19.79 6.61
C SER B 233 5.12 20.36 5.23
N LYS B 234 5.18 19.51 4.20
CA LYS B 234 4.91 19.96 2.84
C LYS B 234 3.54 19.46 2.40
N VAL B 235 2.77 18.92 3.33
CA VAL B 235 1.47 18.38 3.00
C VAL B 235 0.27 19.13 3.53
N GLY B 236 -0.57 19.57 2.60
CA GLY B 236 -1.81 20.23 2.95
C GLY B 236 -2.86 19.22 2.49
N VAL B 237 -3.99 19.15 3.18
CA VAL B 237 -5.06 18.21 2.84
C VAL B 237 -6.43 18.89 2.88
N ARG B 238 -7.00 19.17 1.72
CA ARG B 238 -8.29 19.82 1.65
C ARG B 238 -9.49 18.87 1.77
N VAL B 239 -10.53 19.32 2.47
CA VAL B 239 -11.77 18.55 2.65
C VAL B 239 -12.91 19.58 2.74
N SER B 240 -14.15 19.10 2.70
CA SER B 240 -15.34 19.95 2.79
C SER B 240 -16.55 19.08 3.16
N PRO B 241 -16.61 18.65 4.43
CA PRO B 241 -17.67 17.79 4.96
C PRO B 241 -19.08 18.32 4.73
N ALA B 242 -19.23 19.64 4.69
CA ALA B 242 -20.53 20.27 4.52
C ALA B 242 -20.80 20.84 3.15
N ILE B 243 -19.96 20.46 2.19
CA ILE B 243 -20.18 20.90 0.83
C ILE B 243 -20.74 19.65 0.16
N ASP B 244 -21.93 19.75 -0.42
CA ASP B 244 -22.55 18.60 -1.06
C ASP B 244 -22.37 18.61 -2.58
N HIS B 245 -21.48 19.49 -3.02
CA HIS B 245 -21.09 19.63 -4.42
C HIS B 245 -21.03 18.23 -5.03
N LEU B 246 -21.47 18.12 -6.29
CA LEU B 246 -21.44 16.84 -7.00
C LEU B 246 -22.07 15.68 -6.22
N ASP B 247 -23.20 15.95 -5.57
CA ASP B 247 -23.91 14.93 -4.80
C ASP B 247 -23.03 14.28 -3.76
N ALA B 248 -22.26 15.09 -3.06
CA ALA B 248 -21.38 14.58 -2.02
C ALA B 248 -21.85 15.06 -0.66
N THR B 249 -22.85 14.41 -0.11
CA THR B 249 -23.34 14.81 1.21
C THR B 249 -23.18 13.72 2.23
N ASP B 250 -23.01 14.14 3.48
CA ASP B 250 -22.87 13.21 4.58
C ASP B 250 -23.99 13.53 5.57
N SER B 251 -24.61 12.50 6.11
CA SER B 251 -25.71 12.68 7.06
C SER B 251 -25.29 13.46 8.31
N ASP B 252 -23.99 13.57 8.53
CA ASP B 252 -23.48 14.28 9.70
C ASP B 252 -22.09 14.84 9.39
N PRO B 253 -22.04 15.97 8.69
CA PRO B 253 -20.77 16.60 8.33
C PRO B 253 -19.80 16.81 9.50
N LEU B 254 -20.34 17.08 10.68
CA LEU B 254 -19.48 17.30 11.84
C LEU B 254 -18.67 16.08 12.22
N SER B 255 -19.35 14.96 12.45
CA SER B 255 -18.64 13.75 12.84
C SER B 255 -17.67 13.30 11.75
N LEU B 256 -18.04 13.47 10.49
CA LEU B 256 -17.14 13.09 9.41
C LEU B 256 -15.89 13.95 9.48
N GLY B 257 -16.09 15.24 9.73
CA GLY B 257 -14.97 16.16 9.80
C GLY B 257 -14.06 15.90 10.98
N LEU B 258 -14.62 15.47 12.10
CA LEU B 258 -13.84 15.22 13.29
C LEU B 258 -13.02 13.95 13.13
N ALA B 259 -13.61 12.95 12.46
CA ALA B 259 -12.92 11.70 12.22
C ALA B 259 -11.76 12.05 11.31
N VAL B 260 -11.96 13.03 10.44
CA VAL B 260 -10.88 13.44 9.54
C VAL B 260 -9.85 14.19 10.35
N VAL B 261 -10.30 15.17 11.12
CA VAL B 261 -9.38 15.94 11.93
C VAL B 261 -8.66 14.99 12.89
N GLY B 262 -9.42 14.08 13.47
CA GLY B 262 -8.84 13.13 14.42
C GLY B 262 -7.82 12.28 13.73
N MET B 263 -8.16 11.77 12.55
CA MET B 263 -7.25 10.93 11.80
C MET B 263 -5.99 11.75 11.53
N LEU B 264 -6.16 13.03 11.22
CA LEU B 264 -4.99 13.88 10.96
C LEU B 264 -4.27 14.22 12.27
N ASN B 265 -5.03 14.42 13.34
CA ASN B 265 -4.39 14.74 14.61
C ASN B 265 -3.52 13.55 14.99
N LYS B 266 -4.07 12.34 14.86
CA LYS B 266 -3.34 11.12 15.23
C LYS B 266 -2.14 10.91 14.31
N LEU B 267 -2.34 11.15 13.02
CA LEU B 267 -1.27 10.98 12.05
C LEU B 267 -0.12 11.92 12.36
N GLN B 268 -0.45 13.09 12.91
CA GLN B 268 0.57 14.06 13.25
C GLN B 268 1.26 13.68 14.55
N GLY B 269 0.46 13.38 15.58
CA GLY B 269 1.02 13.00 16.87
C GLY B 269 2.11 11.93 16.83
N VAL B 270 2.02 11.05 15.84
CA VAL B 270 2.98 9.96 15.67
C VAL B 270 4.06 10.30 14.64
N ASN B 271 3.74 11.20 13.70
CA ASN B 271 4.68 11.57 12.66
C ASN B 271 5.74 12.58 13.15
N GLY B 272 5.55 13.10 14.37
CA GLY B 272 6.50 14.05 14.91
C GLY B 272 6.58 15.34 14.10
N SER B 273 5.50 15.64 13.39
CA SER B 273 5.42 16.84 12.57
C SER B 273 4.01 17.05 12.03
N LYS B 274 3.54 18.28 12.10
CA LYS B 274 2.22 18.63 11.64
C LYS B 274 2.21 18.88 10.15
N LEU B 275 1.00 18.88 9.60
CA LEU B 275 0.79 19.17 8.21
C LEU B 275 0.92 20.69 8.14
N ALA B 276 0.75 21.26 6.96
CA ALA B 276 0.80 22.70 6.81
C ALA B 276 -0.58 23.21 7.19
N TYR B 277 -1.60 22.62 6.62
CA TYR B 277 -2.95 23.06 6.93
C TYR B 277 -3.99 21.94 6.72
N LEU B 278 -5.24 22.34 6.84
CA LEU B 278 -6.39 21.45 6.65
C LEU B 278 -7.13 22.08 5.48
N HIS B 279 -7.21 23.42 5.51
CA HIS B 279 -7.84 24.16 4.43
C HIS B 279 -9.30 23.73 4.26
N VAL B 280 -10.16 24.13 5.19
CA VAL B 280 -11.55 23.73 5.12
C VAL B 280 -12.41 24.69 4.36
N THR B 281 -13.00 24.17 3.28
CA THR B 281 -13.87 24.91 2.41
C THR B 281 -15.26 24.68 2.95
N GLN B 282 -15.93 25.76 3.30
CA GLN B 282 -17.26 25.70 3.83
C GLN B 282 -18.29 26.22 2.86
N PRO B 283 -19.55 25.85 3.10
CA PRO B 283 -20.69 26.26 2.27
C PRO B 283 -21.12 27.67 2.73
N ARG B 284 -21.90 28.34 1.88
CA ARG B 284 -22.42 29.67 2.16
C ARG B 284 -23.85 29.66 1.64
N TYR B 285 -24.81 29.42 2.53
CA TYR B 285 -26.20 29.35 2.12
C TYR B 285 -26.66 30.64 1.47
N HIS B 286 -27.80 30.57 0.79
CA HIS B 286 -28.38 31.73 0.13
C HIS B 286 -29.35 32.39 1.10
N ALA B 287 -29.08 33.65 1.42
CA ALA B 287 -29.93 34.40 2.32
C ALA B 287 -30.91 35.24 1.51
N TYR B 288 -32.19 35.17 1.85
CA TYR B 288 -33.20 35.96 1.16
C TYR B 288 -33.09 37.40 1.63
N ASP B 299 -23.44 31.60 8.16
CA ASP B 299 -23.31 32.44 9.35
C ASP B 299 -22.96 31.60 10.60
N GLU B 300 -23.71 31.79 11.67
CA GLU B 300 -23.50 31.08 12.92
C GLU B 300 -23.26 29.57 12.77
N GLU B 301 -24.30 28.84 12.38
CA GLU B 301 -24.21 27.39 12.20
C GLU B 301 -23.06 26.94 11.29
N GLU B 302 -22.82 27.69 10.22
CA GLU B 302 -21.76 27.36 9.29
C GLU B 302 -20.41 27.56 9.98
N ALA B 303 -20.33 28.59 10.79
CA ALA B 303 -19.11 28.89 11.51
C ALA B 303 -18.91 27.86 12.60
N LYS B 304 -20.00 27.21 13.00
CA LYS B 304 -19.95 26.21 14.06
C LYS B 304 -19.13 24.97 13.68
N LEU B 305 -19.47 24.36 12.55
CA LEU B 305 -18.71 23.18 12.13
C LEU B 305 -17.25 23.59 11.98
N MET B 306 -17.02 24.70 11.30
CA MET B 306 -15.67 25.21 11.07
C MET B 306 -14.86 25.29 12.33
N LYS B 307 -15.43 25.90 13.37
CA LYS B 307 -14.73 26.05 14.63
C LYS B 307 -14.41 24.69 15.27
N SER B 308 -15.35 23.76 15.18
CA SER B 308 -15.13 22.42 15.75
C SER B 308 -13.83 21.84 15.19
N LEU B 309 -13.85 21.49 13.91
CA LEU B 309 -12.69 20.91 13.26
C LEU B 309 -11.50 21.80 13.57
N ARG B 310 -11.74 23.11 13.48
CA ARG B 310 -10.71 24.10 13.72
C ARG B 310 -10.07 23.94 15.09
N MET B 311 -10.88 24.05 16.14
CA MET B 311 -10.36 23.91 17.50
C MET B 311 -9.79 22.52 17.73
N ALA B 312 -10.40 21.51 17.12
CA ALA B 312 -9.94 20.13 17.28
C ALA B 312 -8.63 19.88 16.57
N TYR B 313 -8.57 20.28 15.30
CA TYR B 313 -7.37 20.06 14.51
C TYR B 313 -6.11 20.63 15.14
N ASN B 314 -5.06 19.82 15.18
CA ASN B 314 -3.80 20.29 15.75
C ASN B 314 -2.96 20.92 14.64
N GLY B 315 -3.22 22.18 14.34
CA GLY B 315 -2.45 22.83 13.31
C GLY B 315 -3.10 24.04 12.69
N THR B 316 -2.58 24.41 11.54
CA THR B 316 -3.03 25.58 10.79
C THR B 316 -4.38 25.37 10.13
N PHE B 317 -5.24 26.37 10.23
CA PHE B 317 -6.56 26.27 9.64
C PHE B 317 -6.73 27.30 8.55
N MET B 318 -6.82 26.82 7.31
CA MET B 318 -7.02 27.71 6.21
C MET B 318 -8.49 27.65 5.86
N SER B 319 -9.20 28.77 6.01
CA SER B 319 -10.61 28.82 5.71
C SER B 319 -10.83 29.14 4.25
N SER B 320 -11.93 28.61 3.70
CA SER B 320 -12.27 28.84 2.31
C SER B 320 -13.77 28.73 2.05
N GLY B 321 -14.26 29.47 1.07
CA GLY B 321 -15.67 29.38 0.73
C GLY B 321 -16.38 30.71 0.70
N GLY B 322 -16.38 31.35 -0.46
CA GLY B 322 -17.04 32.63 -0.58
C GLY B 322 -16.62 33.66 0.46
N PHE B 323 -15.34 33.72 0.78
CA PHE B 323 -14.90 34.70 1.76
C PHE B 323 -14.85 36.09 1.17
N ASN B 324 -14.92 37.08 2.05
CA ASN B 324 -14.85 38.48 1.66
C ASN B 324 -13.67 39.05 2.42
N LYS B 325 -13.63 40.36 2.59
CA LYS B 325 -12.55 40.97 3.34
C LYS B 325 -12.84 40.76 4.81
N GLU B 326 -13.97 41.32 5.24
CA GLU B 326 -14.43 41.25 6.62
C GLU B 326 -14.31 39.87 7.29
N LEU B 327 -14.83 38.83 6.64
CA LEU B 327 -14.79 37.47 7.20
C LEU B 327 -13.36 36.97 7.36
N GLY B 328 -12.51 37.25 6.37
CA GLY B 328 -11.14 36.81 6.43
C GLY B 328 -10.44 37.41 7.63
N MET B 329 -10.65 38.72 7.81
CA MET B 329 -10.09 39.47 8.93
C MET B 329 -10.67 38.91 10.21
N GLN B 330 -11.98 38.68 10.20
CA GLN B 330 -12.68 38.13 11.34
C GLN B 330 -12.22 36.71 11.64
N ALA B 331 -11.99 35.92 10.59
CA ALA B 331 -11.52 34.53 10.75
C ALA B 331 -10.14 34.55 11.44
N VAL B 332 -9.24 35.40 10.98
CA VAL B 332 -7.93 35.46 11.61
C VAL B 332 -8.01 36.13 12.99
N GLN B 333 -8.63 37.30 13.06
CA GLN B 333 -8.77 38.04 14.31
C GLN B 333 -9.47 37.20 15.39
N GLN B 334 -10.67 36.73 15.09
CA GLN B 334 -11.48 35.92 16.00
C GLN B 334 -10.90 34.53 16.29
N GLY B 335 -9.76 34.22 15.68
CA GLY B 335 -9.13 32.92 15.89
C GLY B 335 -9.85 31.80 15.15
N ASP B 336 -10.62 32.14 14.14
CA ASP B 336 -11.36 31.14 13.35
C ASP B 336 -10.51 30.43 12.30
N ALA B 337 -9.40 31.03 11.91
CA ALA B 337 -8.55 30.44 10.89
C ALA B 337 -7.20 31.12 10.97
N ASP B 338 -6.16 30.46 10.48
CA ASP B 338 -4.84 31.06 10.49
C ASP B 338 -4.57 31.60 9.10
N LEU B 339 -5.31 31.06 8.14
CA LEU B 339 -5.19 31.44 6.74
C LEU B 339 -6.59 31.38 6.16
N VAL B 340 -6.77 32.10 5.06
CA VAL B 340 -8.05 32.14 4.38
C VAL B 340 -7.77 32.15 2.89
N SER B 341 -8.33 31.18 2.16
CA SER B 341 -8.11 31.11 0.72
C SER B 341 -9.27 31.72 -0.05
N TYR B 342 -8.92 32.47 -1.09
CA TYR B 342 -9.88 33.14 -1.94
C TYR B 342 -9.70 32.61 -3.34
N GLY B 343 -10.81 32.41 -4.05
CA GLY B 343 -10.71 31.90 -5.40
C GLY B 343 -11.06 32.90 -6.48
N ARG B 344 -12.36 33.07 -6.74
CA ARG B 344 -12.85 33.98 -7.78
C ARG B 344 -12.33 35.40 -7.62
N LEU B 345 -12.35 35.92 -6.39
CA LEU B 345 -11.86 37.27 -6.18
C LEU B 345 -10.42 37.35 -6.65
N PHE B 346 -9.73 36.22 -6.58
CA PHE B 346 -8.33 36.15 -7.01
C PHE B 346 -8.27 36.01 -8.51
N ILE B 347 -9.14 35.18 -9.08
CA ILE B 347 -9.13 35.02 -10.53
C ILE B 347 -9.27 36.42 -11.13
N ALA B 348 -10.23 37.16 -10.59
CA ALA B 348 -10.58 38.50 -11.06
C ALA B 348 -9.60 39.59 -10.65
N ASN B 349 -8.92 39.37 -9.53
CA ASN B 349 -8.00 40.36 -9.00
C ASN B 349 -6.66 39.76 -8.68
N PRO B 350 -5.71 39.87 -9.60
CA PRO B 350 -4.38 39.28 -9.35
C PRO B 350 -3.78 39.83 -8.08
N ASP B 351 -3.75 41.15 -7.98
CA ASP B 351 -3.19 41.83 -6.80
C ASP B 351 -4.29 41.85 -5.75
N LEU B 352 -4.93 40.70 -5.58
CA LEU B 352 -6.02 40.59 -4.63
C LEU B 352 -5.60 41.02 -3.24
N VAL B 353 -4.35 40.74 -2.88
CA VAL B 353 -3.88 41.09 -1.56
C VAL B 353 -3.60 42.57 -1.43
N SER B 354 -2.98 43.15 -2.45
CA SER B 354 -2.68 44.57 -2.43
C SER B 354 -3.99 45.35 -2.46
N ARG B 355 -5.01 44.82 -3.13
CA ARG B 355 -6.29 45.52 -3.16
C ARG B 355 -6.86 45.52 -1.75
N PHE B 356 -6.75 44.37 -1.09
CA PHE B 356 -7.22 44.24 0.28
C PHE B 356 -6.49 45.21 1.22
N LYS B 357 -5.18 45.28 1.11
CA LYS B 357 -4.43 46.18 1.98
C LYS B 357 -4.88 47.65 1.84
N ILE B 358 -5.14 48.10 0.62
CA ILE B 358 -5.56 49.48 0.38
C ILE B 358 -7.08 49.60 0.48
N ASP B 359 -7.75 48.46 0.61
CA ASP B 359 -9.21 48.42 0.68
C ASP B 359 -9.75 48.99 -0.63
N GLY B 360 -9.08 48.65 -1.72
CA GLY B 360 -9.47 49.14 -3.02
C GLY B 360 -10.61 48.37 -3.64
N GLU B 361 -11.16 48.91 -4.72
CA GLU B 361 -12.25 48.25 -5.41
C GLU B 361 -11.69 46.96 -6.01
N LEU B 362 -12.58 45.99 -6.25
CA LEU B 362 -12.17 44.71 -6.80
C LEU B 362 -12.77 44.48 -8.18
N ASN B 363 -11.98 43.90 -9.09
CA ASN B 363 -12.48 43.61 -10.42
C ASN B 363 -13.58 42.56 -10.29
N LYS B 364 -14.48 42.52 -11.26
CA LYS B 364 -15.55 41.53 -11.23
C LYS B 364 -15.07 40.33 -12.02
N TYR B 365 -15.26 39.13 -11.47
CA TYR B 365 -14.85 37.92 -12.18
C TYR B 365 -15.89 37.58 -13.23
N ASN B 366 -15.45 36.94 -14.31
CA ASN B 366 -16.36 36.54 -15.38
C ASN B 366 -16.46 35.02 -15.44
N ARG B 367 -17.63 34.50 -15.05
CA ARG B 367 -17.90 33.06 -15.04
C ARG B 367 -17.56 32.35 -16.35
N LYS B 368 -18.03 32.90 -17.45
CA LYS B 368 -17.83 32.29 -18.76
C LYS B 368 -16.37 32.04 -19.10
N THR B 369 -15.46 32.74 -18.43
CA THR B 369 -14.05 32.52 -18.73
C THR B 369 -13.26 31.79 -17.66
N PHE B 370 -13.94 30.93 -16.89
CA PHE B 370 -13.23 30.17 -15.88
C PHE B 370 -12.55 28.94 -16.49
N TYR B 371 -13.25 28.30 -17.41
CA TYR B 371 -12.77 27.06 -18.02
C TYR B 371 -12.06 27.25 -19.36
N THR B 372 -12.54 28.20 -20.16
CA THR B 372 -11.94 28.49 -21.45
C THR B 372 -10.42 28.33 -21.39
N GLN B 373 -9.79 28.09 -22.54
CA GLN B 373 -8.34 27.89 -22.53
C GLN B 373 -7.46 29.03 -23.05
N ASP B 374 -8.06 30.19 -23.32
CA ASP B 374 -7.24 31.29 -23.82
C ASP B 374 -6.19 31.61 -22.77
N PRO B 375 -4.90 31.58 -23.15
CA PRO B 375 -3.83 31.87 -22.19
C PRO B 375 -3.82 33.29 -21.64
N VAL B 376 -4.67 34.16 -22.17
CA VAL B 376 -4.73 35.54 -21.72
C VAL B 376 -6.13 35.98 -21.27
N VAL B 377 -7.09 35.84 -22.19
CA VAL B 377 -8.47 36.23 -22.00
C VAL B 377 -9.13 35.59 -20.79
N GLY B 378 -9.58 36.45 -19.87
CA GLY B 378 -10.23 35.95 -18.67
C GLY B 378 -9.30 35.15 -17.79
N TYR B 379 -8.00 35.15 -18.12
CA TYR B 379 -7.02 34.41 -17.34
C TYR B 379 -5.95 35.32 -16.78
N THR B 380 -5.31 36.07 -17.68
CA THR B 380 -4.26 36.99 -17.27
C THR B 380 -4.60 38.44 -17.60
N ASP B 381 -5.74 38.68 -18.25
CA ASP B 381 -6.07 40.05 -18.60
C ASP B 381 -6.85 40.82 -17.55
N TYR B 382 -6.84 40.32 -16.31
CA TYR B 382 -7.48 41.05 -15.21
C TYR B 382 -6.36 42.00 -14.77
N PRO B 383 -6.66 43.30 -14.70
CA PRO B 383 -5.65 44.29 -14.30
C PRO B 383 -5.43 44.47 -12.81
N PHE B 384 -4.26 45.02 -12.49
CA PHE B 384 -3.89 45.33 -11.11
C PHE B 384 -4.15 46.81 -10.97
N LEU B 385 -4.31 47.28 -9.74
CA LEU B 385 -4.52 48.71 -9.51
C LEU B 385 -3.28 49.45 -10.03
N SER A 8 11.65 -5.45 -26.90
CA SER A 8 10.78 -5.35 -25.69
C SER A 8 11.55 -4.87 -24.46
N ASN A 9 10.80 -4.28 -23.52
CA ASN A 9 11.39 -3.78 -22.28
C ASN A 9 11.32 -4.83 -21.18
N GLU A 10 10.47 -5.84 -21.38
CA GLU A 10 10.29 -6.92 -20.41
C GLU A 10 11.60 -7.65 -20.11
N THR A 11 11.72 -8.13 -18.87
CA THR A 11 12.89 -8.85 -18.39
C THR A 11 12.61 -9.55 -17.06
N LEU A 12 11.78 -8.93 -16.23
CA LEU A 12 11.44 -9.52 -14.93
C LEU A 12 10.04 -9.05 -14.55
N PHE A 13 9.93 -7.76 -14.26
CA PHE A 13 8.69 -7.14 -13.85
C PHE A 13 7.48 -7.30 -14.77
N SER A 14 6.90 -8.49 -14.79
CA SER A 14 5.73 -8.73 -15.64
C SER A 14 4.45 -8.61 -14.82
N SER A 15 3.81 -9.76 -14.61
CA SER A 15 2.58 -9.88 -13.85
C SER A 15 2.02 -11.30 -14.03
N TYR A 16 2.84 -12.18 -14.58
CA TYR A 16 2.42 -13.57 -14.81
C TYR A 16 1.44 -14.04 -13.74
N LYS A 17 0.15 -13.94 -14.06
CA LYS A 17 -0.90 -14.32 -13.14
C LYS A 17 -0.60 -15.67 -12.52
N MET A 18 -1.00 -15.78 -11.25
CA MET A 18 -0.83 -16.99 -10.47
C MET A 18 -2.26 -17.36 -10.11
N GLY A 19 -2.95 -17.98 -11.05
CA GLY A 19 -4.33 -18.35 -10.84
C GLY A 19 -5.16 -17.07 -10.81
N ARG A 20 -6.07 -16.98 -9.84
CA ARG A 20 -6.94 -15.82 -9.68
C ARG A 20 -6.19 -14.57 -9.18
N PHE A 21 -4.92 -14.73 -8.86
CA PHE A 21 -4.13 -13.62 -8.34
C PHE A 21 -3.24 -12.96 -9.36
N ASP A 22 -3.56 -11.72 -9.69
CA ASP A 22 -2.78 -10.95 -10.64
C ASP A 22 -1.66 -10.26 -9.88
N LEU A 23 -0.43 -10.68 -10.11
CA LEU A 23 0.72 -10.06 -9.45
C LEU A 23 1.21 -8.99 -10.40
N SER A 24 1.97 -8.04 -9.90
CA SER A 24 2.47 -6.97 -10.76
C SER A 24 3.95 -7.13 -11.03
N HIS A 25 4.57 -8.06 -10.31
CA HIS A 25 6.00 -8.29 -10.49
C HIS A 25 6.35 -9.66 -9.96
N ARG A 26 7.58 -10.08 -10.24
CA ARG A 26 8.04 -11.44 -9.89
C ARG A 26 8.81 -11.62 -8.59
N VAL A 27 8.99 -10.54 -7.83
CA VAL A 27 9.71 -10.63 -6.58
C VAL A 27 8.77 -10.98 -5.45
N VAL A 28 9.15 -11.99 -4.70
CA VAL A 28 8.32 -12.46 -3.62
C VAL A 28 9.07 -12.39 -2.30
N LEU A 29 8.32 -12.23 -1.23
CA LEU A 29 8.92 -12.20 0.09
C LEU A 29 9.07 -13.68 0.48
N ALA A 30 10.32 -14.16 0.54
CA ALA A 30 10.56 -15.54 0.93
C ALA A 30 10.17 -15.75 2.38
N PRO A 31 9.60 -16.92 2.71
CA PRO A 31 9.21 -17.17 4.11
C PRO A 31 10.42 -17.16 5.03
N MET A 32 10.41 -16.21 5.97
CA MET A 32 11.54 -16.06 6.86
C MET A 32 11.16 -16.09 8.33
N THR A 33 11.88 -16.90 9.10
CA THR A 33 11.64 -16.98 10.52
C THR A 33 12.29 -15.71 11.06
N ARG A 34 11.54 -14.94 11.84
CA ARG A 34 12.07 -13.69 12.40
C ARG A 34 11.83 -13.66 13.90
N CYS A 35 10.76 -14.31 14.34
CA CYS A 35 10.47 -14.43 15.77
C CYS A 35 10.11 -13.12 16.47
N ARG A 36 9.14 -12.40 15.93
CA ARG A 36 8.69 -11.16 16.55
C ARG A 36 7.25 -11.35 16.98
N ALA A 37 6.73 -12.56 16.79
CA ALA A 37 5.34 -12.87 17.13
C ALA A 37 5.31 -13.46 18.53
N LEU A 38 5.41 -12.57 19.52
CA LEU A 38 5.43 -12.94 20.92
C LEU A 38 4.47 -14.04 21.27
N ASN A 39 4.98 -15.04 21.99
CA ASN A 39 4.17 -16.15 22.45
C ASN A 39 3.24 -16.69 21.38
N GLY A 40 3.75 -16.70 20.15
CA GLY A 40 2.98 -17.23 19.04
C GLY A 40 1.87 -16.31 18.54
N VAL A 41 1.98 -15.03 18.86
CA VAL A 41 0.96 -14.11 18.42
C VAL A 41 1.47 -13.01 17.48
N PRO A 42 0.89 -12.93 16.28
CA PRO A 42 1.25 -11.94 15.26
C PRO A 42 1.01 -10.55 15.87
N ASN A 43 2.01 -9.69 15.87
CA ASN A 43 1.82 -8.39 16.47
C ASN A 43 2.09 -7.18 15.60
N ALA A 44 1.98 -6.02 16.23
CA ALA A 44 2.20 -4.75 15.57
C ALA A 44 3.52 -4.64 14.83
N ALA A 45 4.50 -5.45 15.19
CA ALA A 45 5.77 -5.40 14.48
C ALA A 45 5.64 -6.23 13.20
N LEU A 46 4.79 -7.26 13.23
CA LEU A 46 4.56 -8.08 12.04
C LEU A 46 3.61 -7.29 11.12
N ALA A 47 2.78 -6.44 11.72
CA ALA A 47 1.87 -5.64 10.91
C ALA A 47 2.72 -4.67 10.08
N GLU A 48 3.51 -3.86 10.76
CA GLU A 48 4.36 -2.89 10.08
C GLU A 48 5.35 -3.63 9.19
N TYR A 49 5.79 -4.80 9.66
CA TYR A 49 6.74 -5.60 8.91
C TYR A 49 6.22 -5.88 7.51
N TYR A 50 5.12 -6.60 7.43
CA TYR A 50 4.53 -6.91 6.14
C TYR A 50 3.87 -5.68 5.55
N ALA A 51 4.14 -4.53 6.17
CA ALA A 51 3.62 -3.28 5.67
C ALA A 51 4.75 -2.66 4.87
N GLN A 52 5.96 -2.71 5.40
CA GLN A 52 7.11 -2.12 4.71
C GLN A 52 7.54 -2.86 3.45
N ARG A 53 7.26 -4.15 3.40
CA ARG A 53 7.65 -4.95 2.26
C ARG A 53 6.47 -5.24 1.34
N THR A 54 5.33 -4.62 1.65
CA THR A 54 4.11 -4.84 0.87
C THR A 54 3.98 -3.80 -0.24
N THR A 55 3.53 -4.27 -1.41
CA THR A 55 3.34 -3.43 -2.59
C THR A 55 2.09 -3.85 -3.36
N PRO A 56 1.56 -2.96 -4.22
CA PRO A 56 0.37 -3.39 -4.96
C PRO A 56 0.75 -4.55 -5.86
N GLY A 57 -0.15 -5.52 -6.01
CA GLY A 57 0.16 -6.67 -6.84
C GLY A 57 1.41 -7.42 -6.43
N GLY A 58 1.85 -7.24 -5.19
CA GLY A 58 3.03 -7.95 -4.69
C GLY A 58 2.66 -9.20 -3.89
N PHE A 59 3.44 -10.27 -4.07
CA PHE A 59 3.17 -11.52 -3.37
C PHE A 59 4.16 -11.70 -2.20
N LEU A 60 3.65 -12.11 -1.05
CA LEU A 60 4.51 -12.29 0.10
C LEU A 60 4.38 -13.68 0.70
N ILE A 61 5.47 -14.19 1.26
CA ILE A 61 5.40 -15.49 1.89
C ILE A 61 5.73 -15.33 3.36
N SER A 62 4.73 -15.58 4.21
CA SER A 62 4.91 -15.43 5.65
C SER A 62 5.93 -16.31 6.26
N GLU A 63 6.54 -15.78 7.31
CA GLU A 63 7.49 -16.52 8.11
C GLU A 63 6.76 -17.83 8.39
N GLY A 64 7.52 -18.91 8.58
CA GLY A 64 6.88 -20.18 8.88
C GLY A 64 5.92 -19.99 10.04
N THR A 65 4.77 -20.65 9.97
CA THR A 65 3.76 -20.50 11.00
C THR A 65 3.26 -21.86 11.52
N MET A 66 3.29 -22.03 12.83
CA MET A 66 2.84 -23.28 13.44
C MET A 66 1.50 -23.78 12.95
N VAL A 67 1.35 -25.11 12.89
CA VAL A 67 0.10 -25.74 12.48
C VAL A 67 -0.52 -26.50 13.66
N SER A 68 0.24 -26.62 14.73
CA SER A 68 -0.24 -27.33 15.93
C SER A 68 0.72 -27.06 17.06
N PRO A 69 0.31 -27.38 18.30
CA PRO A 69 1.28 -27.12 19.37
C PRO A 69 2.44 -28.10 19.15
N GLY A 70 3.65 -27.68 19.47
CA GLY A 70 4.80 -28.57 19.29
C GLY A 70 5.40 -28.52 17.90
N SER A 71 4.86 -27.66 17.04
CA SER A 71 5.35 -27.52 15.67
C SER A 71 6.44 -26.46 15.51
N ALA A 72 6.82 -25.81 16.60
CA ALA A 72 7.85 -24.75 16.55
C ALA A 72 9.25 -25.20 16.92
N GLY A 73 10.24 -24.54 16.32
CA GLY A 73 11.62 -24.86 16.61
C GLY A 73 12.42 -23.57 16.72
N PHE A 74 11.70 -22.50 17.04
CA PHE A 74 12.26 -21.16 17.19
C PHE A 74 11.34 -20.39 18.13
N PRO A 75 11.82 -19.25 18.65
CA PRO A 75 11.06 -18.41 19.57
C PRO A 75 10.06 -17.53 18.85
N HIS A 76 9.30 -16.76 19.62
CA HIS A 76 8.30 -15.85 19.07
C HIS A 76 7.87 -16.12 17.62
N VAL A 77 7.51 -17.37 17.32
CA VAL A 77 7.02 -17.66 15.99
C VAL A 77 5.53 -17.80 16.16
N PRO A 78 4.76 -17.34 15.17
CA PRO A 78 3.31 -17.42 15.24
C PRO A 78 2.73 -18.77 14.87
N GLY A 79 1.44 -18.94 15.21
CA GLY A 79 0.73 -20.15 14.86
C GLY A 79 -0.42 -19.73 13.97
N ILE A 80 -1.40 -20.62 13.80
CA ILE A 80 -2.58 -20.32 12.99
C ILE A 80 -3.51 -21.50 13.17
N TYR A 81 -3.33 -22.20 14.28
CA TYR A 81 -4.16 -23.37 14.60
C TYR A 81 -5.25 -23.04 15.63
N SER A 82 -5.10 -21.89 16.31
CA SER A 82 -6.04 -21.47 17.33
C SER A 82 -6.74 -20.17 16.97
N ASP A 83 -7.74 -19.81 17.77
CA ASP A 83 -8.48 -18.58 17.55
C ASP A 83 -7.66 -17.34 17.88
N GLU A 84 -7.04 -17.32 19.06
CA GLU A 84 -6.21 -16.18 19.45
C GLU A 84 -5.31 -15.78 18.28
N GLN A 85 -4.42 -16.69 17.88
CA GLN A 85 -3.51 -16.44 16.76
C GLN A 85 -4.27 -15.86 15.57
N VAL A 86 -5.24 -16.62 15.08
CA VAL A 86 -6.06 -16.18 13.95
C VAL A 86 -6.60 -14.80 14.25
N GLU A 87 -7.38 -14.70 15.33
CA GLU A 87 -7.97 -13.44 15.77
C GLU A 87 -6.94 -12.32 15.72
N ALA A 88 -5.66 -12.67 15.82
CA ALA A 88 -4.60 -11.66 15.83
C ALA A 88 -3.82 -11.46 14.52
N TRP A 89 -3.96 -12.39 13.58
CA TRP A 89 -3.25 -12.28 12.29
C TRP A 89 -3.89 -11.22 11.41
N LYS A 90 -5.13 -10.82 11.74
CA LYS A 90 -5.83 -9.83 10.96
C LYS A 90 -5.08 -8.52 10.76
N GLN A 91 -4.71 -7.85 11.84
CA GLN A 91 -4.04 -6.57 11.69
C GLN A 91 -2.88 -6.68 10.69
N VAL A 92 -2.44 -7.91 10.44
CA VAL A 92 -1.34 -8.13 9.50
C VAL A 92 -1.84 -8.29 8.06
N VAL A 93 -2.68 -9.30 7.87
CA VAL A 93 -3.26 -9.59 6.56
C VAL A 93 -4.03 -8.41 5.98
N GLU A 94 -4.86 -7.77 6.79
CA GLU A 94 -5.64 -6.62 6.33
C GLU A 94 -4.73 -5.44 6.02
N ALA A 95 -3.55 -5.43 6.63
CA ALA A 95 -2.61 -4.35 6.40
C ALA A 95 -1.98 -4.56 5.04
N VAL A 96 -1.50 -5.77 4.79
CA VAL A 96 -0.87 -6.08 3.51
C VAL A 96 -1.90 -5.86 2.43
N HIS A 97 -3.14 -6.28 2.69
CA HIS A 97 -4.17 -6.10 1.69
C HIS A 97 -4.48 -4.63 1.41
N ALA A 98 -4.54 -3.83 2.46
CA ALA A 98 -4.82 -2.41 2.29
C ALA A 98 -3.78 -1.82 1.36
N LYS A 99 -2.64 -2.49 1.23
CA LYS A 99 -1.59 -1.98 0.37
C LYS A 99 -1.46 -2.72 -0.96
N GLY A 100 -2.46 -3.55 -1.26
CA GLY A 100 -2.47 -4.26 -2.53
C GLY A 100 -1.68 -5.55 -2.63
N GLY A 101 -0.83 -5.82 -1.66
CA GLY A 101 -0.07 -7.05 -1.71
C GLY A 101 -0.82 -8.21 -1.08
N PHE A 102 -0.95 -9.32 -1.80
CA PHE A 102 -1.60 -10.49 -1.23
C PHE A 102 -0.56 -11.22 -0.41
N ILE A 103 -0.99 -12.10 0.46
CA ILE A 103 -0.04 -12.82 1.26
C ILE A 103 -0.44 -14.27 1.53
N PHE A 104 0.55 -15.13 1.55
CA PHE A 104 0.33 -16.53 1.83
C PHE A 104 0.94 -16.86 3.18
N CYS A 105 0.22 -17.65 3.97
CA CYS A 105 0.72 -18.06 5.27
C CYS A 105 1.44 -19.39 5.10
N GLN A 106 2.71 -19.42 5.46
CA GLN A 106 3.44 -20.66 5.34
C GLN A 106 3.12 -21.53 6.55
N LEU A 107 2.59 -22.72 6.30
CA LEU A 107 2.24 -23.66 7.35
C LEU A 107 3.55 -24.40 7.64
N TRP A 108 4.02 -24.26 8.86
CA TRP A 108 5.29 -24.82 9.24
C TRP A 108 5.31 -25.68 10.47
N HIS A 109 5.73 -26.91 10.29
CA HIS A 109 5.88 -27.84 11.40
C HIS A 109 7.31 -28.32 11.27
N VAL A 110 8.13 -27.99 12.26
CA VAL A 110 9.54 -28.34 12.25
C VAL A 110 9.86 -29.79 12.45
N GLY A 111 9.10 -30.45 13.31
CA GLY A 111 9.34 -31.84 13.58
C GLY A 111 10.53 -32.00 14.51
N ARG A 112 11.36 -33.00 14.23
CA ARG A 112 12.52 -33.30 15.06
C ARG A 112 13.48 -32.14 15.34
N ALA A 113 13.40 -31.08 14.54
CA ALA A 113 14.27 -29.94 14.71
C ALA A 113 13.68 -28.99 15.75
N SER A 114 13.07 -29.59 16.77
CA SER A 114 12.45 -28.82 17.83
C SER A 114 13.21 -29.10 19.12
N HIS A 115 12.48 -29.18 20.22
CA HIS A 115 13.08 -29.41 21.52
C HIS A 115 11.94 -29.55 22.53
N ALA A 116 12.31 -29.92 23.75
CA ALA A 116 11.31 -30.06 24.81
C ALA A 116 10.71 -28.68 25.10
N VAL A 117 11.54 -27.65 25.04
CA VAL A 117 11.08 -26.29 25.30
C VAL A 117 9.92 -25.89 24.39
N TYR A 118 9.85 -26.49 23.20
CA TYR A 118 8.80 -26.17 22.25
C TYR A 118 7.70 -27.22 22.25
N GLN A 119 7.67 -28.05 23.27
CA GLN A 119 6.65 -29.06 23.33
C GLN A 119 5.74 -28.87 24.54
N PRO A 120 4.43 -28.84 24.30
CA PRO A 120 3.50 -28.68 25.41
C PRO A 120 3.67 -29.90 26.34
N ASN A 121 4.37 -29.70 27.46
CA ASN A 121 4.65 -30.72 28.47
C ASN A 121 6.07 -31.30 28.35
N GLY A 122 6.95 -30.58 27.67
CA GLY A 122 8.30 -31.06 27.51
C GLY A 122 8.26 -32.33 26.70
N GLY A 123 7.15 -32.52 25.99
CA GLY A 123 6.99 -33.70 25.16
C GLY A 123 8.18 -33.82 24.22
N SER A 124 8.27 -34.97 23.57
CA SER A 124 9.38 -35.22 22.67
C SER A 124 9.02 -34.84 21.24
N PRO A 125 9.84 -33.99 20.60
CA PRO A 125 9.58 -33.59 19.22
C PRO A 125 9.26 -34.83 18.39
N ILE A 126 8.39 -34.67 17.41
CA ILE A 126 8.02 -35.78 16.56
C ILE A 126 8.61 -35.62 15.17
N SER A 127 8.58 -36.70 14.40
CA SER A 127 9.11 -36.69 13.05
C SER A 127 8.86 -38.01 12.32
N SER A 128 9.57 -38.18 11.21
CA SER A 128 9.45 -39.40 10.42
C SER A 128 10.37 -40.43 11.07
N THR A 129 11.56 -39.97 11.43
CA THR A 129 12.60 -40.78 12.01
C THR A 129 12.58 -40.73 13.53
N ASN A 130 13.42 -41.57 14.14
CA ASN A 130 13.54 -41.64 15.58
C ASN A 130 14.92 -41.14 15.92
N LYS A 131 15.69 -40.81 14.89
CA LYS A 131 17.06 -40.32 15.02
C LYS A 131 17.04 -38.81 15.17
N PRO A 132 17.96 -38.26 15.98
CA PRO A 132 18.01 -36.82 16.17
C PRO A 132 18.92 -36.16 15.14
N ILE A 133 18.73 -34.86 14.95
CA ILE A 133 19.57 -34.10 14.04
C ILE A 133 20.94 -34.11 14.70
N SER A 134 21.97 -34.60 14.00
CA SER A 134 23.31 -34.68 14.57
C SER A 134 23.73 -33.38 15.29
N GLU A 135 24.65 -33.51 16.24
CA GLU A 135 25.08 -32.35 17.03
C GLU A 135 26.28 -31.55 16.55
N ASN A 136 27.23 -32.23 15.92
CA ASN A 136 28.45 -31.58 15.45
C ASN A 136 28.25 -30.15 14.91
N ARG A 137 27.10 -29.86 14.31
CA ARG A 137 26.84 -28.52 13.79
C ARG A 137 25.51 -27.90 14.26
N TRP A 138 24.43 -28.36 13.64
CA TRP A 138 23.08 -27.89 13.88
C TRP A 138 22.74 -27.63 15.34
N ARG A 139 22.01 -26.55 15.56
CA ARG A 139 21.58 -26.16 16.89
C ARG A 139 20.16 -25.60 16.86
N VAL A 140 19.38 -25.90 17.89
CA VAL A 140 18.04 -25.37 17.95
C VAL A 140 18.18 -24.13 18.81
N LEU A 141 17.58 -23.04 18.36
CA LEU A 141 17.63 -21.78 19.09
C LEU A 141 16.48 -21.75 20.09
N LEU A 142 16.81 -21.53 21.36
CA LEU A 142 15.81 -21.46 22.43
C LEU A 142 15.44 -20.00 22.72
N PRO A 143 14.25 -19.78 23.33
CA PRO A 143 13.77 -18.43 23.67
C PRO A 143 14.56 -17.70 24.74
N ASP A 144 15.72 -18.24 25.13
CA ASP A 144 16.53 -17.55 26.11
C ASP A 144 17.77 -17.07 25.38
N GLY A 145 17.80 -17.33 24.07
CA GLY A 145 18.92 -16.88 23.26
C GLY A 145 20.00 -17.90 23.02
N SER A 146 20.00 -18.98 23.79
CA SER A 146 21.02 -20.01 23.62
C SER A 146 20.66 -20.93 22.45
N HIS A 147 21.67 -21.67 22.00
CA HIS A 147 21.53 -22.64 20.93
C HIS A 147 21.94 -23.97 21.56
N VAL A 148 21.00 -24.90 21.67
CA VAL A 148 21.29 -26.19 22.27
C VAL A 148 21.09 -27.30 21.26
N LYS A 149 21.33 -28.53 21.69
CA LYS A 149 21.20 -29.70 20.83
C LYS A 149 19.76 -30.17 20.64
N TYR A 150 19.42 -30.43 19.39
CA TYR A 150 18.10 -30.91 19.04
C TYR A 150 17.86 -32.19 19.83
N PRO A 151 16.61 -32.55 20.07
CA PRO A 151 16.54 -33.79 20.82
C PRO A 151 16.18 -34.99 19.96
N LYS A 152 16.07 -36.11 20.66
CA LYS A 152 15.69 -37.37 20.09
C LYS A 152 14.19 -37.28 19.85
N PRO A 153 13.78 -37.23 18.58
CA PRO A 153 12.35 -37.14 18.27
C PRO A 153 11.68 -38.48 18.50
N ARG A 154 10.44 -38.59 18.04
CA ARG A 154 9.67 -39.81 18.14
C ARG A 154 9.14 -40.05 16.75
N ALA A 155 9.62 -41.09 16.09
CA ALA A 155 9.16 -41.40 14.74
C ALA A 155 7.68 -41.75 14.79
N LEU A 156 6.83 -40.73 14.63
CA LEU A 156 5.39 -40.93 14.66
C LEU A 156 5.05 -42.27 14.02
N GLU A 157 4.14 -43.02 14.63
CA GLU A 157 3.75 -44.28 14.03
C GLU A 157 2.73 -43.87 12.97
N ALA A 158 2.55 -44.70 11.95
CA ALA A 158 1.63 -44.40 10.85
C ALA A 158 0.30 -43.80 11.29
N SER A 159 -0.32 -44.37 12.32
CA SER A 159 -1.60 -43.89 12.82
C SER A 159 -1.52 -42.42 13.25
N GLU A 160 -0.35 -42.00 13.69
CA GLU A 160 -0.12 -40.63 14.15
C GLU A 160 -0.12 -39.60 13.03
N ILE A 161 0.03 -40.07 11.79
CA ILE A 161 0.08 -39.17 10.65
C ILE A 161 -1.22 -38.45 10.26
N PRO A 162 -2.32 -39.21 10.10
CA PRO A 162 -3.58 -38.55 9.72
C PRO A 162 -3.87 -37.37 10.63
N ARG A 163 -3.37 -37.45 11.85
CA ARG A 163 -3.57 -36.40 12.84
C ARG A 163 -2.76 -35.15 12.44
N VAL A 164 -1.53 -35.36 12.01
CA VAL A 164 -0.70 -34.25 11.60
C VAL A 164 -1.42 -33.53 10.45
N VAL A 165 -2.03 -34.29 9.56
CA VAL A 165 -2.78 -33.69 8.45
C VAL A 165 -3.88 -32.77 8.99
N GLU A 166 -4.64 -33.26 9.97
CA GLU A 166 -5.69 -32.44 10.56
C GLU A 166 -5.17 -31.08 11.02
N ASP A 167 -3.95 -31.05 11.57
CA ASP A 167 -3.38 -29.78 11.99
C ASP A 167 -3.09 -28.91 10.76
N TYR A 168 -2.59 -29.52 9.68
CA TYR A 168 -2.36 -28.72 8.49
C TYR A 168 -3.72 -28.18 8.02
N CYS A 169 -4.78 -28.93 8.30
CA CYS A 169 -6.13 -28.52 7.91
C CYS A 169 -6.76 -27.54 8.90
N LEU A 170 -6.50 -27.68 10.19
CA LEU A 170 -7.07 -26.74 11.13
C LEU A 170 -6.41 -25.39 10.86
N SER A 171 -5.19 -25.45 10.35
CA SER A 171 -4.42 -24.24 10.07
C SER A 171 -4.73 -23.70 8.68
N ALA A 172 -4.72 -24.57 7.66
CA ALA A 172 -5.00 -24.10 6.31
C ALA A 172 -6.37 -23.42 6.27
N LEU A 173 -7.34 -23.99 6.97
CA LEU A 173 -8.67 -23.38 7.00
C LEU A 173 -8.59 -22.07 7.76
N ASN A 174 -7.92 -22.08 8.92
CA ASN A 174 -7.80 -20.84 9.70
C ASN A 174 -7.15 -19.74 8.86
N ALA A 175 -6.04 -20.06 8.21
CA ALA A 175 -5.33 -19.08 7.41
C ALA A 175 -6.34 -18.39 6.49
N ILE A 176 -7.17 -19.19 5.83
CA ILE A 176 -8.19 -18.68 4.93
C ILE A 176 -9.18 -17.84 5.73
N ARG A 177 -9.37 -18.20 6.99
CA ARG A 177 -10.29 -17.49 7.87
C ARG A 177 -9.74 -16.15 8.31
N ALA A 178 -8.41 -16.08 8.43
CA ALA A 178 -7.74 -14.88 8.84
C ALA A 178 -7.57 -13.91 7.66
N GLY A 179 -8.01 -14.34 6.48
CA GLY A 179 -7.92 -13.51 5.30
C GLY A 179 -6.76 -13.86 4.38
N PHE A 180 -6.06 -14.94 4.69
CA PHE A 180 -4.92 -15.33 3.87
C PHE A 180 -5.36 -15.79 2.49
N ASP A 181 -4.81 -15.18 1.47
CA ASP A 181 -5.12 -15.54 0.10
C ASP A 181 -4.81 -17.02 -0.12
N GLY A 182 -4.04 -17.58 0.79
CA GLY A 182 -3.69 -18.98 0.70
C GLY A 182 -2.60 -19.32 1.69
N ILE A 183 -2.04 -20.51 1.54
CA ILE A 183 -0.99 -20.94 2.44
C ILE A 183 0.11 -21.58 1.62
N GLU A 184 1.28 -21.68 2.24
CA GLU A 184 2.40 -22.32 1.61
C GLU A 184 2.85 -23.42 2.58
N ILE A 185 2.46 -24.66 2.30
CA ILE A 185 2.85 -25.77 3.13
C ILE A 185 4.37 -25.80 3.11
N HIS A 186 4.97 -25.55 4.27
CA HIS A 186 6.41 -25.57 4.37
C HIS A 186 6.84 -27.04 4.42
N GLY A 187 7.11 -27.61 3.25
CA GLY A 187 7.54 -28.99 3.20
C GLY A 187 8.99 -28.99 2.77
N ALA A 188 9.72 -27.95 3.17
CA ALA A 188 11.12 -27.77 2.83
C ALA A 188 12.09 -27.79 4.00
N HIS A 189 13.33 -27.44 3.65
CA HIS A 189 14.46 -27.28 4.57
C HIS A 189 14.70 -28.23 5.73
N GLY A 190 14.52 -29.52 5.49
CA GLY A 190 14.77 -30.49 6.53
C GLY A 190 13.85 -30.47 7.72
N TYR A 191 12.64 -29.93 7.56
CA TYR A 191 11.69 -29.90 8.65
C TYR A 191 10.77 -31.12 8.63
N LEU A 192 9.63 -31.06 9.32
CA LEU A 192 8.78 -32.24 9.41
C LEU A 192 8.47 -32.98 8.11
N ILE A 193 7.70 -32.35 7.23
CA ILE A 193 7.35 -33.00 5.97
C ILE A 193 8.60 -33.38 5.19
N ASP A 194 9.56 -32.47 5.13
CA ASP A 194 10.79 -32.77 4.40
C ASP A 194 11.46 -34.04 4.91
N GLN A 195 11.65 -34.14 6.24
CA GLN A 195 12.26 -35.33 6.83
C GLN A 195 11.75 -36.62 6.16
N PHE A 196 10.43 -36.70 5.96
CA PHE A 196 9.88 -37.89 5.31
C PHE A 196 10.41 -37.98 3.88
N LEU A 197 10.49 -36.83 3.22
CA LEU A 197 10.98 -36.75 1.85
C LEU A 197 12.40 -37.30 1.65
N LYS A 198 13.35 -36.77 2.41
CA LYS A 198 14.76 -37.14 2.30
C LYS A 198 15.11 -38.53 2.84
N ASP A 199 15.73 -39.37 2.02
CA ASP A 199 16.09 -40.70 2.50
C ASP A 199 17.25 -40.61 3.49
N GLY A 200 17.71 -39.39 3.73
CA GLY A 200 18.79 -39.19 4.68
C GLY A 200 18.22 -39.10 6.08
N ILE A 201 16.88 -39.06 6.16
CA ILE A 201 16.20 -38.95 7.45
C ILE A 201 15.15 -40.03 7.66
N ASN A 202 14.26 -40.15 6.69
CA ASN A 202 13.16 -41.10 6.76
C ASN A 202 13.66 -42.51 7.08
N ASP A 203 13.66 -42.88 8.35
CA ASP A 203 14.14 -44.21 8.72
C ASP A 203 13.00 -45.20 8.58
N ARG A 204 11.87 -44.73 8.10
CA ARG A 204 10.74 -45.62 7.96
C ARG A 204 11.02 -46.67 6.90
N THR A 205 10.31 -47.78 7.01
CA THR A 205 10.43 -48.90 6.09
C THR A 205 9.04 -49.14 5.50
N ASP A 206 8.09 -48.28 5.89
CA ASP A 206 6.71 -48.39 5.44
C ASP A 206 6.44 -47.65 4.15
N GLN A 207 5.17 -47.57 3.79
CA GLN A 207 4.77 -46.88 2.57
C GLN A 207 5.06 -45.38 2.69
N TYR A 208 5.53 -44.95 3.86
CA TYR A 208 5.85 -43.54 4.08
C TYR A 208 7.35 -43.29 3.96
N GLY A 209 8.06 -44.21 3.31
CA GLY A 209 9.49 -44.06 3.16
C GLY A 209 10.10 -45.07 2.22
N GLY A 210 11.42 -45.21 2.32
CA GLY A 210 12.13 -46.15 1.46
C GLY A 210 12.19 -45.66 0.03
N SER A 211 11.14 -45.93 -0.74
CA SER A 211 11.10 -45.51 -2.12
C SER A 211 11.06 -43.98 -2.22
N ILE A 212 11.39 -43.46 -3.40
CA ILE A 212 11.40 -42.03 -3.62
C ILE A 212 9.96 -41.61 -3.92
N ALA A 213 9.07 -42.59 -3.92
CA ALA A 213 7.67 -42.32 -4.15
C ALA A 213 6.98 -42.32 -2.79
N ASN A 214 7.31 -43.29 -1.96
CA ASN A 214 6.70 -43.38 -0.65
C ASN A 214 7.23 -42.35 0.34
N ARG A 215 8.38 -41.76 0.02
CA ARG A 215 8.94 -40.74 0.90
C ARG A 215 8.09 -39.47 0.72
N CYS A 216 7.26 -39.48 -0.34
CA CYS A 216 6.39 -38.36 -0.66
C CYS A 216 5.00 -38.46 -0.06
N ARG A 217 4.60 -39.67 0.30
CA ARG A 217 3.28 -39.91 0.87
C ARG A 217 2.92 -38.96 2.00
N PHE A 218 3.91 -38.58 2.81
CA PHE A 218 3.62 -37.69 3.92
C PHE A 218 3.12 -36.37 3.36
N LEU A 219 3.89 -35.80 2.43
CA LEU A 219 3.53 -34.54 1.80
C LEU A 219 2.32 -34.72 0.90
N LYS A 220 2.03 -35.96 0.54
CA LYS A 220 0.88 -36.25 -0.32
C LYS A 220 -0.41 -35.95 0.44
N GLN A 221 -0.56 -36.53 1.63
CA GLN A 221 -1.77 -36.34 2.41
C GLN A 221 -1.87 -34.94 2.96
N VAL A 222 -0.72 -34.28 3.05
CA VAL A 222 -0.65 -32.90 3.53
C VAL A 222 -1.27 -31.98 2.47
N VAL A 223 -0.76 -32.06 1.26
CA VAL A 223 -1.26 -31.21 0.19
C VAL A 223 -2.69 -31.59 -0.17
N GLU A 224 -2.97 -32.89 -0.21
CA GLU A 224 -4.32 -33.34 -0.53
C GLU A 224 -5.30 -32.78 0.49
N GLY A 225 -4.93 -32.85 1.77
CA GLY A 225 -5.78 -32.35 2.82
C GLY A 225 -6.01 -30.85 2.73
N VAL A 226 -4.92 -30.10 2.58
CA VAL A 226 -5.03 -28.66 2.51
C VAL A 226 -5.77 -28.25 1.24
N VAL A 227 -5.34 -28.78 0.10
CA VAL A 227 -5.99 -28.47 -1.16
C VAL A 227 -7.47 -28.73 -1.00
N SER A 228 -7.81 -29.84 -0.34
CA SER A 228 -9.20 -30.14 -0.10
C SER A 228 -9.82 -29.01 0.70
N ALA A 229 -9.34 -28.83 1.93
CA ALA A 229 -9.87 -27.82 2.82
C ALA A 229 -9.97 -26.43 2.23
N ILE A 230 -9.06 -26.04 1.33
CA ILE A 230 -9.14 -24.69 0.82
C ILE A 230 -9.03 -24.43 -0.67
N GLY A 231 -8.60 -25.41 -1.47
CA GLY A 231 -8.51 -25.18 -2.90
C GLY A 231 -7.08 -25.08 -3.40
N ALA A 232 -6.74 -25.92 -4.37
CA ALA A 232 -5.40 -25.95 -4.94
C ALA A 232 -4.80 -24.60 -5.32
N SER A 233 -5.62 -23.67 -5.80
CA SER A 233 -5.14 -22.36 -6.23
C SER A 233 -4.70 -21.49 -5.07
N LYS A 234 -4.99 -21.94 -3.86
CA LYS A 234 -4.60 -21.20 -2.67
C LYS A 234 -3.41 -21.89 -2.02
N VAL A 235 -3.14 -23.12 -2.44
CA VAL A 235 -2.04 -23.88 -1.84
C VAL A 235 -0.75 -23.79 -2.65
N GLY A 236 0.25 -23.17 -2.05
CA GLY A 236 1.55 -23.09 -2.70
C GLY A 236 2.28 -24.26 -2.10
N VAL A 237 3.13 -24.94 -2.87
CA VAL A 237 3.87 -26.06 -2.31
C VAL A 237 5.29 -25.63 -2.04
N ARG A 238 5.73 -25.80 -0.80
CA ARG A 238 7.09 -25.44 -0.50
C ARG A 238 7.92 -26.68 -0.16
N VAL A 239 8.97 -26.89 -0.94
CA VAL A 239 9.85 -28.05 -0.75
C VAL A 239 11.25 -27.65 -1.19
N SER A 240 12.24 -28.43 -0.78
CA SER A 240 13.64 -28.18 -1.11
C SER A 240 14.33 -29.53 -1.15
N PRO A 241 14.32 -30.17 -2.33
CA PRO A 241 14.95 -31.48 -2.45
C PRO A 241 16.47 -31.50 -2.40
N ALA A 242 17.11 -30.37 -2.71
CA ALA A 242 18.58 -30.33 -2.70
C ALA A 242 19.22 -29.54 -1.56
N ILE A 243 18.51 -29.37 -0.45
CA ILE A 243 19.08 -28.65 0.67
C ILE A 243 19.45 -29.65 1.75
N ASP A 244 20.68 -29.51 2.28
CA ASP A 244 21.18 -30.41 3.31
C ASP A 244 20.95 -29.90 4.73
N HIS A 245 20.19 -28.82 4.86
CA HIS A 245 19.87 -28.21 6.15
C HIS A 245 19.34 -29.22 7.16
N LEU A 246 19.86 -29.14 8.39
CA LEU A 246 19.46 -30.04 9.46
C LEU A 246 19.56 -31.49 9.04
N ASP A 247 20.64 -31.83 8.33
CA ASP A 247 20.87 -33.18 7.86
C ASP A 247 19.69 -33.70 7.05
N ALA A 248 19.23 -32.90 6.10
CA ALA A 248 18.09 -33.28 5.27
C ALA A 248 18.58 -33.61 3.86
N THR A 249 19.64 -34.41 3.80
CA THR A 249 20.20 -34.81 2.52
C THR A 249 19.39 -35.92 1.87
N ASP A 250 19.68 -36.17 0.60
CA ASP A 250 19.03 -37.23 -0.13
C ASP A 250 20.00 -37.73 -1.23
N SER A 251 20.15 -39.04 -1.33
CA SER A 251 21.05 -39.63 -2.30
C SER A 251 20.83 -39.08 -3.69
N ASP A 252 19.58 -38.81 -4.03
CA ASP A 252 19.27 -38.27 -5.35
C ASP A 252 18.15 -37.23 -5.32
N PRO A 253 18.51 -35.95 -5.14
CA PRO A 253 17.57 -34.83 -5.10
C PRO A 253 16.65 -34.73 -6.31
N LEU A 254 17.01 -35.41 -7.40
CA LEU A 254 16.21 -35.36 -8.62
C LEU A 254 14.87 -36.06 -8.52
N SER A 255 14.91 -37.39 -8.41
CA SER A 255 13.70 -38.19 -8.31
C SER A 255 12.76 -37.62 -7.26
N LEU A 256 13.31 -37.29 -6.09
CA LEU A 256 12.51 -36.73 -5.00
C LEU A 256 11.72 -35.54 -5.53
N GLY A 257 12.42 -34.55 -6.08
CA GLY A 257 11.75 -33.39 -6.63
C GLY A 257 10.75 -33.77 -7.69
N LEU A 258 11.09 -34.75 -8.53
CA LEU A 258 10.19 -35.18 -9.59
C LEU A 258 9.03 -35.92 -8.95
N ALA A 259 9.32 -36.78 -7.98
CA ALA A 259 8.27 -37.51 -7.27
C ALA A 259 7.33 -36.48 -6.64
N VAL A 260 7.90 -35.39 -6.14
CA VAL A 260 7.09 -34.33 -5.54
C VAL A 260 6.29 -33.68 -6.67
N VAL A 261 7.00 -33.24 -7.71
CA VAL A 261 6.39 -32.63 -8.88
C VAL A 261 5.27 -33.52 -9.44
N GLY A 262 5.61 -34.80 -9.64
CA GLY A 262 4.67 -35.75 -10.17
C GLY A 262 3.46 -35.88 -9.27
N MET A 263 3.70 -35.86 -7.97
CA MET A 263 2.60 -35.97 -7.03
C MET A 263 1.73 -34.71 -7.19
N LEU A 264 2.38 -33.57 -7.36
CA LEU A 264 1.68 -32.30 -7.53
C LEU A 264 1.00 -32.22 -8.89
N ASN A 265 1.66 -32.72 -9.92
CA ASN A 265 1.07 -32.69 -11.24
C ASN A 265 -0.12 -33.63 -11.23
N LYS A 266 0.09 -34.80 -10.66
CA LYS A 266 -0.95 -35.81 -10.57
C LYS A 266 -2.14 -35.19 -9.84
N LEU A 267 -1.86 -34.45 -8.77
CA LEU A 267 -2.90 -33.80 -8.00
C LEU A 267 -3.66 -32.77 -8.84
N GLN A 268 -2.94 -31.96 -9.62
CA GLN A 268 -3.58 -30.95 -10.45
C GLN A 268 -4.45 -31.54 -11.56
N GLY A 269 -4.24 -32.80 -11.90
CA GLY A 269 -5.04 -33.45 -12.93
C GLY A 269 -6.43 -33.86 -12.44
N VAL A 270 -6.47 -34.59 -11.32
CA VAL A 270 -7.72 -35.05 -10.72
C VAL A 270 -8.46 -33.86 -10.12
N ASN A 271 -7.71 -33.06 -9.37
CA ASN A 271 -8.27 -31.88 -8.73
C ASN A 271 -8.95 -30.98 -9.75
N GLY A 272 -8.63 -31.19 -11.03
CA GLY A 272 -9.22 -30.38 -12.10
C GLY A 272 -9.00 -28.90 -11.90
N SER A 273 -7.78 -28.53 -11.49
CA SER A 273 -7.42 -27.15 -11.24
C SER A 273 -5.90 -27.01 -11.20
N LYS A 274 -5.41 -26.01 -10.47
CA LYS A 274 -3.97 -25.78 -10.37
C LYS A 274 -3.55 -25.28 -8.98
N LEU A 275 -2.35 -25.70 -8.59
CA LEU A 275 -1.79 -25.29 -7.31
C LEU A 275 -1.36 -23.83 -7.46
N ALA A 276 -1.25 -23.13 -6.34
CA ALA A 276 -0.81 -21.76 -6.38
C ALA A 276 0.54 -21.74 -7.11
N TYR A 277 1.47 -22.57 -6.63
CA TYR A 277 2.79 -22.63 -7.25
C TYR A 277 3.66 -23.68 -6.56
N LEU A 278 4.80 -23.95 -7.17
CA LEU A 278 5.80 -24.84 -6.60
C LEU A 278 6.95 -23.89 -6.30
N HIS A 279 7.31 -23.81 -5.03
CA HIS A 279 8.38 -22.93 -4.59
C HIS A 279 9.58 -23.82 -4.24
N VAL A 280 10.67 -23.64 -4.97
CA VAL A 280 11.86 -24.42 -4.74
C VAL A 280 13.03 -23.51 -4.54
N THR A 281 13.75 -23.71 -3.43
CA THR A 281 14.93 -22.93 -3.13
C THR A 281 16.12 -23.53 -3.87
N GLN A 282 17.30 -23.10 -3.46
CA GLN A 282 18.53 -23.58 -4.05
C GLN A 282 19.59 -23.48 -2.96
N PRO A 283 20.34 -24.57 -2.73
CA PRO A 283 21.37 -24.51 -1.70
C PRO A 283 22.32 -23.47 -2.23
N ARG A 284 22.52 -22.38 -1.50
CA ARG A 284 23.39 -21.33 -1.98
C ARG A 284 23.84 -20.42 -0.85
N GLU A 300 25.63 -24.01 -10.47
CA GLU A 300 26.36 -24.88 -11.38
C GLU A 300 25.50 -26.06 -11.79
N GLU A 301 25.72 -27.18 -11.09
CA GLU A 301 24.97 -28.41 -11.32
C GLU A 301 23.57 -28.25 -10.73
N GLU A 302 23.51 -27.62 -9.57
CA GLU A 302 22.25 -27.39 -8.87
C GLU A 302 21.30 -26.63 -9.79
N ALA A 303 21.89 -25.94 -10.77
CA ALA A 303 21.13 -25.18 -11.75
C ALA A 303 20.32 -26.15 -12.64
N LYS A 304 20.91 -27.29 -12.96
CA LYS A 304 20.23 -28.30 -13.76
C LYS A 304 18.99 -28.82 -13.03
N LEU A 305 19.16 -29.18 -11.75
CA LEU A 305 18.03 -29.70 -10.98
C LEU A 305 16.86 -28.71 -10.98
N MET A 306 17.17 -27.44 -10.75
CA MET A 306 16.17 -26.39 -10.71
C MET A 306 15.48 -26.20 -12.04
N LYS A 307 16.23 -26.33 -13.13
CA LYS A 307 15.66 -26.17 -14.45
C LYS A 307 14.80 -27.38 -14.72
N SER A 308 15.29 -28.55 -14.30
CA SER A 308 14.57 -29.79 -14.49
C SER A 308 13.21 -29.78 -13.82
N LEU A 309 13.17 -29.44 -12.53
CA LEU A 309 11.89 -29.41 -11.80
C LEU A 309 10.96 -28.40 -12.43
N ARG A 310 11.52 -27.27 -12.83
CA ARG A 310 10.70 -26.25 -13.44
C ARG A 310 10.09 -26.80 -14.73
N MET A 311 10.88 -27.58 -15.47
CA MET A 311 10.37 -28.14 -16.73
C MET A 311 9.31 -29.20 -16.45
N ALA A 312 9.60 -30.07 -15.49
CA ALA A 312 8.67 -31.15 -15.13
C ALA A 312 7.39 -30.66 -14.50
N TYR A 313 7.52 -29.67 -13.62
CA TYR A 313 6.34 -29.16 -12.95
C TYR A 313 5.41 -28.43 -13.90
N ASN A 314 4.13 -28.81 -13.86
CA ASN A 314 3.16 -28.14 -14.72
C ASN A 314 2.57 -26.95 -14.00
N GLY A 315 3.31 -25.84 -13.99
CA GLY A 315 2.84 -24.66 -13.31
C GLY A 315 3.93 -23.68 -12.93
N THR A 316 3.48 -22.61 -12.27
CA THR A 316 4.33 -21.55 -11.80
C THR A 316 5.40 -22.10 -10.87
N PHE A 317 6.64 -21.74 -11.18
CA PHE A 317 7.79 -22.20 -10.41
C PHE A 317 8.49 -21.04 -9.74
N MET A 318 8.47 -21.07 -8.41
CA MET A 318 9.08 -20.04 -7.61
C MET A 318 10.39 -20.51 -7.02
N SER A 319 11.48 -19.87 -7.43
CA SER A 319 12.79 -20.24 -6.92
C SER A 319 13.27 -19.11 -6.01
N SER A 320 14.07 -19.47 -5.02
CA SER A 320 14.61 -18.52 -4.05
C SER A 320 15.96 -19.03 -3.59
N GLY A 321 16.63 -18.24 -2.74
CA GLY A 321 17.92 -18.66 -2.23
C GLY A 321 19.09 -18.01 -2.97
N GLY A 322 19.77 -17.11 -2.29
CA GLY A 322 20.93 -16.44 -2.86
C GLY A 322 20.68 -15.49 -4.01
N PHE A 323 19.44 -15.42 -4.49
CA PHE A 323 19.08 -14.55 -5.60
C PHE A 323 19.34 -13.07 -5.36
N ASN A 324 19.48 -12.35 -6.46
CA ASN A 324 19.66 -10.92 -6.46
C ASN A 324 18.82 -10.50 -7.66
N LYS A 325 18.89 -9.23 -8.05
CA LYS A 325 18.10 -8.80 -9.19
C LYS A 325 18.44 -9.53 -10.49
N GLU A 326 19.70 -9.47 -10.89
CA GLU A 326 20.13 -10.11 -12.13
C GLU A 326 19.67 -11.56 -12.23
N LEU A 327 20.05 -12.38 -11.26
CA LEU A 327 19.66 -13.79 -11.31
C LEU A 327 18.14 -13.85 -11.38
N GLY A 328 17.48 -12.89 -10.75
CA GLY A 328 16.03 -12.85 -10.77
C GLY A 328 15.48 -12.44 -12.12
N MET A 329 16.03 -11.37 -12.68
CA MET A 329 15.61 -10.86 -13.98
C MET A 329 15.72 -11.95 -15.03
N GLN A 330 16.84 -12.67 -15.03
CA GLN A 330 17.03 -13.72 -16.01
C GLN A 330 16.22 -14.97 -15.74
N ALA A 331 16.05 -15.31 -14.47
CA ALA A 331 15.27 -16.51 -14.12
C ALA A 331 13.90 -16.35 -14.76
N VAL A 332 13.47 -15.10 -14.92
CA VAL A 332 12.19 -14.82 -15.53
C VAL A 332 12.27 -14.98 -17.07
N GLN A 333 13.05 -14.14 -17.75
CA GLN A 333 13.16 -14.23 -19.21
C GLN A 333 13.71 -15.56 -19.75
N GLN A 334 14.51 -16.24 -18.95
CA GLN A 334 15.12 -17.51 -19.36
C GLN A 334 14.34 -18.76 -18.97
N GLY A 335 13.10 -18.57 -18.56
CA GLY A 335 12.25 -19.71 -18.19
C GLY A 335 12.65 -20.47 -16.94
N ASP A 336 13.68 -20.00 -16.24
CA ASP A 336 14.13 -20.68 -15.03
C ASP A 336 13.06 -20.68 -13.95
N ALA A 337 12.13 -19.74 -14.03
CA ALA A 337 11.09 -19.69 -13.02
C ALA A 337 10.12 -18.57 -13.32
N ASP A 338 8.93 -18.68 -12.75
CA ASP A 338 7.94 -17.63 -12.90
C ASP A 338 8.16 -16.69 -11.72
N LEU A 339 7.74 -17.15 -10.55
CA LEU A 339 7.89 -16.37 -9.32
C LEU A 339 9.29 -16.51 -8.79
N VAL A 340 9.77 -15.45 -8.15
CA VAL A 340 11.11 -15.42 -7.57
C VAL A 340 11.01 -14.75 -6.20
N SER A 341 11.27 -15.53 -5.15
CA SER A 341 11.23 -14.96 -3.81
C SER A 341 12.67 -14.75 -3.34
N TYR A 342 12.86 -13.72 -2.51
CA TYR A 342 14.15 -13.40 -1.96
C TYR A 342 14.00 -13.34 -0.45
N GLY A 343 15.11 -13.45 0.26
CA GLY A 343 15.10 -13.39 1.71
C GLY A 343 15.79 -12.16 2.29
N ARG A 344 17.09 -12.23 2.53
CA ARG A 344 17.82 -11.11 3.13
C ARG A 344 17.76 -9.87 2.25
N LEU A 345 17.82 -10.04 0.94
CA LEU A 345 17.75 -8.88 0.08
C LEU A 345 16.45 -8.14 0.32
N PHE A 346 15.57 -8.76 1.10
CA PHE A 346 14.27 -8.19 1.42
C PHE A 346 14.21 -7.66 2.84
N ILE A 347 14.50 -8.53 3.80
CA ILE A 347 14.49 -8.13 5.20
C ILE A 347 15.14 -6.77 5.35
N ALA A 348 16.24 -6.57 4.64
CA ALA A 348 16.99 -5.32 4.70
C ALA A 348 16.41 -4.22 3.82
N ASN A 349 15.60 -4.61 2.83
CA ASN A 349 15.02 -3.63 1.92
C ASN A 349 13.52 -3.76 1.76
N PRO A 350 12.78 -3.10 2.64
CA PRO A 350 11.32 -3.16 2.58
C PRO A 350 10.86 -2.84 1.16
N ASP A 351 11.57 -1.94 0.50
CA ASP A 351 11.26 -1.55 -0.88
C ASP A 351 12.14 -2.30 -1.86
N LEU A 352 12.33 -3.59 -1.63
CA LEU A 352 13.16 -4.40 -2.52
C LEU A 352 12.72 -4.21 -3.98
N VAL A 353 11.43 -4.35 -4.23
CA VAL A 353 10.89 -4.21 -5.57
C VAL A 353 11.21 -2.85 -6.15
N SER A 354 10.87 -1.80 -5.41
CA SER A 354 11.13 -0.44 -5.86
C SER A 354 12.62 -0.22 -6.08
N ARG A 355 13.44 -0.86 -5.25
CA ARG A 355 14.89 -0.73 -5.37
C ARG A 355 15.36 -1.44 -6.63
N PHE A 356 14.88 -2.66 -6.84
CA PHE A 356 15.28 -3.42 -8.02
C PHE A 356 14.89 -2.67 -9.29
N LYS A 357 13.74 -2.02 -9.25
CA LYS A 357 13.24 -1.29 -10.42
C LYS A 357 14.21 -0.20 -10.89
N ILE A 358 14.57 0.69 -9.98
CA ILE A 358 15.47 1.77 -10.34
C ILE A 358 16.93 1.42 -10.07
N ASP A 359 17.22 0.12 -9.93
CA ASP A 359 18.57 -0.34 -9.63
C ASP A 359 19.15 0.55 -8.53
N GLY A 360 18.34 0.84 -7.52
CA GLY A 360 18.81 1.68 -6.43
C GLY A 360 19.67 0.93 -5.43
N GLU A 361 20.15 1.66 -4.42
CA GLU A 361 20.97 1.08 -3.36
C GLU A 361 20.21 -0.01 -2.61
N LEU A 362 20.81 -0.49 -1.52
CA LEU A 362 20.22 -1.52 -0.69
C LEU A 362 20.74 -1.38 0.74
N ASN A 363 19.87 -1.57 1.72
CA ASN A 363 20.27 -1.48 3.10
C ASN A 363 21.07 -2.75 3.37
N LYS A 364 21.85 -2.76 4.44
CA LYS A 364 22.59 -3.96 4.78
C LYS A 364 21.74 -4.60 5.87
N TYR A 365 21.57 -5.92 5.81
CA TYR A 365 20.79 -6.60 6.80
C TYR A 365 21.63 -7.09 7.97
N ASN A 366 21.21 -6.75 9.18
CA ASN A 366 21.93 -7.16 10.39
C ASN A 366 21.55 -8.60 10.71
N ARG A 367 22.51 -9.50 10.58
CA ARG A 367 22.30 -10.92 10.86
C ARG A 367 21.90 -11.17 12.31
N LYS A 368 22.50 -10.44 13.24
CA LYS A 368 22.20 -10.64 14.65
C LYS A 368 20.80 -10.20 15.05
N THR A 369 20.00 -9.75 14.11
CA THR A 369 18.67 -9.30 14.46
C THR A 369 17.52 -9.93 13.67
N PHE A 370 17.83 -10.93 12.85
CA PHE A 370 16.79 -11.57 12.07
C PHE A 370 15.89 -12.45 12.94
N TYR A 371 16.49 -13.00 14.00
CA TYR A 371 15.80 -13.92 14.90
C TYR A 371 15.68 -13.41 16.33
N THR A 372 16.08 -12.16 16.52
CA THR A 372 16.00 -11.53 17.82
C THR A 372 14.58 -10.98 17.99
N GLN A 373 14.31 -10.34 19.12
CA GLN A 373 12.97 -9.84 19.39
C GLN A 373 12.70 -8.34 19.34
N ASP A 374 13.75 -7.53 19.21
CA ASP A 374 13.53 -6.09 19.18
C ASP A 374 12.47 -5.85 18.10
N PRO A 375 11.22 -5.58 18.52
CA PRO A 375 10.12 -5.33 17.58
C PRO A 375 10.49 -4.37 16.48
N VAL A 376 11.44 -3.50 16.76
CA VAL A 376 11.85 -2.54 15.76
C VAL A 376 13.23 -2.83 15.20
N VAL A 377 14.25 -2.86 16.05
CA VAL A 377 15.62 -3.10 15.60
C VAL A 377 15.81 -4.40 14.82
N GLY A 378 16.30 -4.26 13.59
CA GLY A 378 16.52 -5.42 12.75
C GLY A 378 15.22 -5.94 12.15
N TYR A 379 14.11 -5.30 12.48
CA TYR A 379 12.83 -5.75 11.97
C TYR A 379 12.14 -4.74 11.07
N THR A 380 11.91 -3.55 11.59
CA THR A 380 11.24 -2.51 10.82
C THR A 380 12.12 -1.27 10.58
N ASP A 381 13.35 -1.28 11.06
CA ASP A 381 14.18 -0.09 10.88
C ASP A 381 14.97 0.00 9.59
N TYR A 382 15.01 -1.07 8.81
CA TYR A 382 15.71 -0.96 7.54
C TYR A 382 14.87 0.09 6.82
N PRO A 383 15.49 1.24 6.49
CA PRO A 383 14.87 2.38 5.82
C PRO A 383 14.48 2.26 4.36
N PHE A 384 13.37 2.89 4.03
CA PHE A 384 12.89 2.93 2.66
C PHE A 384 13.92 3.82 1.95
N LEU A 385 14.00 3.70 0.63
CA LEU A 385 14.94 4.49 -0.14
C LEU A 385 14.64 5.99 0.00
N ALA A 386 15.65 6.81 -0.29
CA ALA A 386 15.50 8.26 -0.25
C ALA A 386 15.21 8.73 -1.68
N PRO A 387 14.19 9.58 -1.86
CA PRO A 387 13.78 10.12 -3.17
C PRO A 387 14.92 10.63 -4.08
N ASN B 9 -6.50 41.50 17.19
CA ASN B 9 -5.52 42.40 16.49
C ASN B 9 -4.94 41.80 15.21
N GLU B 10 -4.94 40.47 15.09
CA GLU B 10 -4.40 39.83 13.88
C GLU B 10 -5.35 40.05 12.71
N THR B 11 -4.83 40.03 11.49
CA THR B 11 -5.69 40.25 10.33
C THR B 11 -5.20 39.45 9.13
N LEU B 12 -5.78 39.69 7.97
CA LEU B 12 -5.39 39.02 6.74
C LEU B 12 -3.96 39.42 6.39
N PHE B 13 -3.49 40.49 7.01
CA PHE B 13 -2.16 40.98 6.74
C PHE B 13 -1.13 40.57 7.78
N SER B 14 -1.60 39.99 8.88
CA SER B 14 -0.67 39.54 9.91
C SER B 14 0.16 38.41 9.34
N SER B 15 1.42 38.35 9.76
CA SER B 15 2.32 37.32 9.35
C SER B 15 1.86 36.04 10.04
N TYR B 16 2.34 34.91 9.56
CA TYR B 16 1.97 33.64 10.15
C TYR B 16 2.93 32.57 9.69
N LYS B 17 3.50 31.87 10.65
CA LYS B 17 4.43 30.80 10.33
C LYS B 17 3.64 29.52 10.11
N MET B 18 3.74 28.97 8.91
CA MET B 18 3.05 27.72 8.58
C MET B 18 4.14 26.65 8.45
N GLY B 19 4.50 26.05 9.57
CA GLY B 19 5.54 25.04 9.55
C GLY B 19 6.83 25.66 9.05
N ARG B 20 7.16 25.39 7.79
CA ARG B 20 8.39 25.90 7.20
C ARG B 20 8.15 27.00 6.19
N PHE B 21 6.91 27.46 6.06
CA PHE B 21 6.65 28.50 5.07
C PHE B 21 6.27 29.82 5.73
N ASP B 22 7.28 30.60 6.10
CA ASP B 22 7.04 31.89 6.73
C ASP B 22 6.16 32.72 5.83
N LEU B 23 4.89 32.85 6.18
CA LEU B 23 3.97 33.62 5.38
C LEU B 23 3.92 35.05 5.87
N SER B 24 3.75 35.97 4.94
CA SER B 24 3.65 37.39 5.26
C SER B 24 2.21 37.72 5.62
N HIS B 25 1.27 37.19 4.86
CA HIS B 25 -0.14 37.45 5.11
C HIS B 25 -0.95 36.18 5.06
N ARG B 26 -2.23 36.29 5.40
CA ARG B 26 -3.12 35.13 5.48
C ARG B 26 -3.95 34.89 4.24
N VAL B 27 -3.77 35.73 3.22
CA VAL B 27 -4.56 35.57 2.02
C VAL B 27 -3.94 34.47 1.16
N VAL B 28 -4.74 33.45 0.87
CA VAL B 28 -4.27 32.32 0.09
C VAL B 28 -5.00 32.22 -1.22
N LEU B 29 -4.25 31.91 -2.27
CA LEU B 29 -4.87 31.73 -3.58
C LEU B 29 -5.45 30.32 -3.49
N ALA B 30 -6.77 30.24 -3.49
CA ALA B 30 -7.46 28.96 -3.42
C ALA B 30 -7.15 28.17 -4.68
N PRO B 31 -7.06 26.84 -4.56
CA PRO B 31 -6.77 26.03 -5.75
C PRO B 31 -7.91 26.25 -6.74
N MET B 32 -7.56 26.64 -7.97
CA MET B 32 -8.60 26.86 -8.97
C MET B 32 -8.36 26.31 -10.35
N THR B 33 -9.13 25.28 -10.71
CA THR B 33 -9.07 24.69 -12.03
C THR B 33 -9.42 25.78 -13.03
N ARG B 34 -8.56 26.00 -14.01
CA ARG B 34 -8.84 27.04 -15.00
C ARG B 34 -8.79 26.54 -16.43
N CYS B 35 -8.22 25.34 -16.61
CA CYS B 35 -8.15 24.72 -17.93
C CYS B 35 -7.30 25.43 -18.97
N ARG B 36 -6.14 25.96 -18.55
CA ARG B 36 -5.23 26.62 -19.47
C ARG B 36 -4.00 25.75 -19.73
N ALA B 37 -3.90 24.65 -18.99
CA ALA B 37 -2.80 23.71 -19.11
C ALA B 37 -3.08 22.78 -20.28
N LEU B 38 -2.99 23.32 -21.49
CA LEU B 38 -3.25 22.58 -22.71
C LEU B 38 -2.68 21.17 -22.74
N ASN B 39 -3.56 20.20 -22.97
CA ASN B 39 -3.14 18.82 -23.06
C ASN B 39 -2.42 18.37 -21.79
N GLY B 40 -2.83 18.92 -20.66
CA GLY B 40 -2.28 18.55 -19.37
C GLY B 40 -0.90 19.06 -19.04
N VAL B 41 -0.31 19.82 -19.95
CA VAL B 41 1.04 20.32 -19.74
C VAL B 41 1.03 21.76 -19.23
N PRO B 42 1.65 22.01 -18.06
CA PRO B 42 1.69 23.39 -17.53
C PRO B 42 2.45 24.19 -18.58
N ASN B 43 2.23 25.51 -18.62
CA ASN B 43 2.90 26.32 -19.63
C ASN B 43 3.18 27.75 -19.19
N ALA B 44 3.61 28.59 -20.13
CA ALA B 44 3.94 29.98 -19.81
C ALA B 44 2.72 30.72 -19.29
N ALA B 45 1.54 30.31 -19.75
CA ALA B 45 0.29 30.94 -19.31
C ALA B 45 0.12 30.79 -17.80
N LEU B 46 0.19 29.57 -17.30
CA LEU B 46 0.05 29.35 -15.88
C LEU B 46 1.11 30.13 -15.14
N ALA B 47 2.33 30.15 -15.69
CA ALA B 47 3.42 30.88 -15.04
C ALA B 47 3.01 32.33 -14.85
N GLU B 48 2.44 32.92 -15.89
CA GLU B 48 2.02 34.30 -15.84
C GLU B 48 0.89 34.51 -14.83
N TYR B 49 -0.12 33.65 -14.90
CA TYR B 49 -1.27 33.71 -14.01
C TYR B 49 -0.88 33.62 -12.53
N TYR B 50 -0.04 32.64 -12.19
CA TYR B 50 0.37 32.48 -10.81
C TYR B 50 1.31 33.57 -10.38
N ALA B 51 2.27 33.90 -11.24
CA ALA B 51 3.21 34.96 -10.95
C ALA B 51 2.41 36.18 -10.55
N GLN B 52 1.51 36.59 -11.42
CA GLN B 52 0.66 37.75 -11.17
C GLN B 52 0.04 37.73 -9.79
N ARG B 53 -0.27 36.53 -9.31
CA ARG B 53 -0.92 36.42 -8.01
C ARG B 53 0.05 36.18 -6.87
N THR B 54 1.34 36.20 -7.17
CA THR B 54 2.28 35.99 -6.10
C THR B 54 2.62 37.29 -5.37
N THR B 55 2.93 37.12 -4.10
CA THR B 55 3.29 38.21 -3.20
C THR B 55 4.38 37.66 -2.30
N PRO B 56 5.29 38.54 -1.86
CA PRO B 56 6.38 38.11 -0.98
C PRO B 56 5.80 37.41 0.24
N GLY B 57 6.04 36.13 0.36
CA GLY B 57 5.52 35.38 1.49
C GLY B 57 4.05 35.04 1.39
N GLY B 58 3.46 35.21 0.19
CA GLY B 58 2.06 34.87 0.01
C GLY B 58 1.93 33.40 -0.34
N PHE B 59 0.85 32.76 0.10
CA PHE B 59 0.64 31.34 -0.18
C PHE B 59 -0.49 31.10 -1.21
N LEU B 60 -0.14 30.44 -2.31
CA LEU B 60 -1.09 30.15 -3.38
C LEU B 60 -1.34 28.66 -3.51
N ILE B 61 -2.53 28.30 -3.98
CA ILE B 61 -2.81 26.90 -4.18
C ILE B 61 -3.12 26.70 -5.66
N SER B 62 -2.30 25.89 -6.31
CA SER B 62 -2.46 25.62 -7.71
C SER B 62 -3.79 24.96 -7.97
N GLU B 63 -4.18 25.04 -9.24
CA GLU B 63 -5.39 24.43 -9.73
C GLU B 63 -5.25 22.92 -9.50
N GLY B 64 -6.36 22.20 -9.37
CA GLY B 64 -6.30 20.77 -9.18
C GLY B 64 -5.42 20.17 -10.26
N THR B 65 -4.47 19.34 -9.86
CA THR B 65 -3.54 18.73 -10.80
C THR B 65 -3.64 17.22 -10.81
N MET B 66 -3.67 16.66 -12.02
CA MET B 66 -3.81 15.21 -12.18
C MET B 66 -2.69 14.39 -11.55
N VAL B 67 -3.09 13.33 -10.84
CA VAL B 67 -2.14 12.44 -10.22
C VAL B 67 -1.98 11.23 -11.14
N SER B 68 -2.83 11.14 -12.16
CA SER B 68 -2.78 10.03 -13.11
C SER B 68 -3.73 10.25 -14.26
N PRO B 69 -3.61 9.41 -15.30
CA PRO B 69 -4.53 9.58 -16.44
C PRO B 69 -5.86 9.14 -15.86
N GLY B 70 -6.94 9.79 -16.23
CA GLY B 70 -8.22 9.37 -15.70
C GLY B 70 -8.57 10.13 -14.44
N SER B 71 -7.58 10.81 -13.84
CA SER B 71 -7.84 11.57 -12.63
C SER B 71 -8.53 12.90 -12.95
N ALA B 72 -8.55 13.26 -14.23
CA ALA B 72 -9.16 14.52 -14.62
C ALA B 72 -10.65 14.40 -14.93
N GLY B 73 -11.37 15.49 -14.69
CA GLY B 73 -12.80 15.50 -14.95
C GLY B 73 -13.11 16.83 -15.59
N PHE B 74 -12.06 17.52 -16.02
CA PHE B 74 -12.13 18.83 -16.65
C PHE B 74 -11.18 18.86 -17.85
N PRO B 75 -11.46 19.75 -18.80
CA PRO B 75 -10.59 19.85 -19.97
C PRO B 75 -9.32 20.63 -19.70
N HIS B 76 -8.23 20.19 -20.31
CA HIS B 76 -6.95 20.85 -20.18
C HIS B 76 -6.49 21.27 -18.80
N VAL B 77 -6.37 20.29 -17.93
CA VAL B 77 -5.91 20.55 -16.59
C VAL B 77 -4.54 19.92 -16.54
N PRO B 78 -3.64 20.49 -15.74
CA PRO B 78 -2.29 19.96 -15.64
C PRO B 78 -2.20 18.69 -14.80
N GLY B 79 -1.22 17.87 -15.13
CA GLY B 79 -1.01 16.66 -14.37
C GLY B 79 0.35 16.81 -13.73
N ILE B 80 0.65 15.95 -12.78
CA ILE B 80 1.94 16.01 -12.14
C ILE B 80 2.43 14.56 -12.05
N TYR B 81 2.03 13.76 -13.04
CA TYR B 81 2.43 12.35 -13.04
C TYR B 81 3.45 11.98 -14.10
N SER B 82 3.76 12.89 -15.02
CA SER B 82 4.74 12.59 -16.06
C SER B 82 5.92 13.56 -16.00
N ASP B 83 6.95 13.29 -16.81
CA ASP B 83 8.12 14.16 -16.83
C ASP B 83 7.84 15.45 -17.57
N GLU B 84 7.14 15.35 -18.69
CA GLU B 84 6.81 16.52 -19.46
C GLU B 84 6.08 17.56 -18.60
N GLN B 85 5.24 17.08 -17.69
CA GLN B 85 4.48 17.96 -16.82
C GLN B 85 5.40 18.59 -15.79
N VAL B 86 6.13 17.74 -15.09
CA VAL B 86 7.06 18.20 -14.06
C VAL B 86 7.95 19.29 -14.62
N GLU B 87 8.54 19.04 -15.80
CA GLU B 87 9.41 20.03 -16.42
C GLU B 87 8.65 21.30 -16.77
N ALA B 88 7.48 21.14 -17.38
CA ALA B 88 6.68 22.32 -17.76
C ALA B 88 6.22 23.13 -16.54
N TRP B 89 5.97 22.45 -15.42
CA TRP B 89 5.53 23.12 -14.19
C TRP B 89 6.55 24.13 -13.70
N LYS B 90 7.82 23.70 -13.72
CA LYS B 90 8.90 24.53 -13.24
C LYS B 90 8.78 26.02 -13.58
N GLN B 91 8.40 26.33 -14.82
CA GLN B 91 8.29 27.73 -15.25
C GLN B 91 7.18 28.46 -14.52
N VAL B 92 6.07 27.77 -14.32
CA VAL B 92 4.93 28.36 -13.65
C VAL B 92 5.32 28.59 -12.20
N VAL B 93 6.15 27.67 -11.72
CA VAL B 93 6.62 27.70 -10.35
C VAL B 93 7.70 28.76 -10.24
N GLU B 94 8.61 28.77 -11.19
CA GLU B 94 9.68 29.77 -11.19
C GLU B 94 9.04 31.15 -11.05
N ALA B 95 8.01 31.43 -11.83
CA ALA B 95 7.35 32.72 -11.75
C ALA B 95 6.97 33.03 -10.30
N VAL B 96 6.42 32.04 -9.60
CA VAL B 96 6.04 32.21 -8.20
C VAL B 96 7.29 32.21 -7.33
N HIS B 97 8.16 31.23 -7.54
CA HIS B 97 9.36 31.16 -6.74
C HIS B 97 10.21 32.42 -6.79
N ALA B 98 10.39 32.97 -7.99
CA ALA B 98 11.20 34.16 -8.16
C ALA B 98 10.62 35.33 -7.36
N LYS B 99 9.29 35.40 -7.28
CA LYS B 99 8.64 36.48 -6.54
C LYS B 99 8.39 36.12 -5.09
N GLY B 100 9.32 35.38 -4.50
CA GLY B 100 9.23 35.02 -3.10
C GLY B 100 7.92 34.41 -2.65
N GLY B 101 7.18 33.85 -3.59
CA GLY B 101 5.91 33.24 -3.23
C GLY B 101 6.11 31.86 -2.63
N PHE B 102 5.04 31.35 -2.04
CA PHE B 102 4.99 30.03 -1.42
C PHE B 102 3.73 29.38 -1.98
N ILE B 103 3.87 28.69 -3.11
CA ILE B 103 2.78 28.01 -3.79
C ILE B 103 2.81 26.51 -3.57
N PHE B 104 1.62 25.91 -3.56
CA PHE B 104 1.43 24.49 -3.38
C PHE B 104 0.71 23.87 -4.58
N CYS B 105 1.04 22.62 -4.86
CA CYS B 105 0.43 21.89 -5.94
C CYS B 105 -0.70 21.05 -5.37
N GLN B 106 -1.91 21.23 -5.88
CA GLN B 106 -3.00 20.41 -5.37
C GLN B 106 -3.11 19.12 -6.18
N LEU B 107 -2.99 17.98 -5.51
CA LEU B 107 -3.08 16.69 -6.16
C LEU B 107 -4.55 16.35 -6.23
N TRP B 108 -5.03 16.22 -7.45
CA TRP B 108 -6.44 16.01 -7.68
C TRP B 108 -6.92 14.81 -8.49
N HIS B 109 -7.75 14.00 -7.88
CA HIS B 109 -8.32 12.90 -8.61
C HIS B 109 -9.81 13.12 -8.47
N VAL B 110 -10.49 13.23 -9.62
CA VAL B 110 -11.93 13.48 -9.63
C VAL B 110 -12.82 12.27 -9.38
N GLY B 111 -12.24 11.08 -9.44
CA GLY B 111 -13.03 9.91 -9.22
C GLY B 111 -14.16 9.81 -10.23
N ARG B 112 -15.34 9.45 -9.75
CA ARG B 112 -16.50 9.28 -10.62
C ARG B 112 -16.90 10.58 -11.32
N ALA B 113 -16.35 11.70 -10.87
CA ALA B 113 -16.70 12.98 -11.48
C ALA B 113 -15.94 13.13 -12.77
N SER B 114 -16.11 12.15 -13.65
CA SER B 114 -15.40 12.19 -14.91
C SER B 114 -16.19 11.58 -16.06
N HIS B 115 -15.58 11.63 -17.23
CA HIS B 115 -16.21 11.11 -18.43
C HIS B 115 -15.17 10.22 -19.10
N ALA B 116 -15.62 9.23 -19.85
CA ALA B 116 -14.71 8.31 -20.54
C ALA B 116 -13.75 9.08 -21.45
N VAL B 117 -14.14 10.30 -21.82
CA VAL B 117 -13.29 11.12 -22.67
C VAL B 117 -11.99 11.48 -21.95
N TYR B 118 -12.04 11.51 -20.62
CA TYR B 118 -10.88 11.84 -19.80
C TYR B 118 -10.14 10.63 -19.29
N GLN B 119 -10.86 9.50 -19.23
CA GLN B 119 -10.28 8.27 -18.71
C GLN B 119 -9.35 7.61 -19.71
N PRO B 120 -8.42 6.78 -19.22
CA PRO B 120 -7.50 6.09 -20.13
C PRO B 120 -8.35 5.12 -20.93
N ASN B 121 -8.09 5.01 -22.22
CA ASN B 121 -8.83 4.08 -23.06
C ASN B 121 -10.33 4.30 -23.12
N GLY B 122 -10.74 5.54 -22.94
CA GLY B 122 -12.15 5.89 -22.98
C GLY B 122 -13.02 4.98 -22.13
N GLY B 123 -12.50 4.59 -20.96
CA GLY B 123 -13.25 3.72 -20.08
C GLY B 123 -14.03 4.49 -19.02
N SER B 124 -14.45 3.78 -17.99
CA SER B 124 -15.23 4.39 -16.92
C SER B 124 -14.40 5.03 -15.83
N PRO B 125 -14.86 6.18 -15.33
CA PRO B 125 -14.15 6.86 -14.24
C PRO B 125 -14.20 5.92 -13.04
N ILE B 126 -13.19 5.99 -12.19
CA ILE B 126 -13.17 5.13 -11.01
C ILE B 126 -13.73 5.86 -9.80
N SER B 127 -14.23 5.09 -8.84
CA SER B 127 -14.81 5.66 -7.64
C SER B 127 -14.96 4.62 -6.55
N SER B 128 -15.43 5.08 -5.40
CA SER B 128 -15.66 4.18 -4.29
C SER B 128 -16.93 3.42 -4.60
N THR B 129 -17.75 4.01 -5.48
CA THR B 129 -19.06 3.44 -5.83
C THR B 129 -19.29 3.23 -7.32
N ASN B 130 -20.39 2.54 -7.64
CA ASN B 130 -20.79 2.28 -9.01
C ASN B 130 -21.93 3.24 -9.33
N LYS B 131 -22.32 4.05 -8.34
CA LYS B 131 -23.40 5.01 -8.52
C LYS B 131 -22.85 6.30 -9.11
N PRO B 132 -23.51 6.82 -10.15
CA PRO B 132 -23.14 8.06 -10.83
C PRO B 132 -23.65 9.30 -10.13
N ILE B 133 -23.11 10.44 -10.55
CA ILE B 133 -23.52 11.74 -10.07
C ILE B 133 -24.78 12.04 -10.87
N SER B 134 -25.88 12.32 -10.18
CA SER B 134 -27.15 12.59 -10.86
C SER B 134 -27.07 13.64 -11.96
N GLU B 135 -27.73 13.35 -13.08
CA GLU B 135 -27.77 14.27 -14.22
C GLU B 135 -28.68 15.42 -13.85
N ASN B 136 -29.50 15.19 -12.83
CA ASN B 136 -30.40 16.20 -12.34
C ASN B 136 -29.70 17.46 -11.92
N ARG B 137 -28.50 17.33 -11.38
CA ARG B 137 -27.85 18.53 -10.88
C ARG B 137 -26.43 18.83 -11.29
N TRP B 138 -25.79 17.94 -12.02
CA TRP B 138 -24.42 18.20 -12.42
C TRP B 138 -24.10 17.72 -13.81
N ARG B 139 -23.26 18.48 -14.48
CA ARG B 139 -22.83 18.16 -15.83
C ARG B 139 -21.33 18.16 -15.85
N VAL B 140 -20.76 17.29 -16.67
CA VAL B 140 -19.32 17.21 -16.79
C VAL B 140 -18.96 18.01 -18.06
N LEU B 141 -18.01 18.92 -17.93
CA LEU B 141 -17.56 19.76 -19.04
C LEU B 141 -16.61 18.96 -19.92
N LEU B 142 -16.89 18.92 -21.22
CA LEU B 142 -16.03 18.19 -22.13
C LEU B 142 -15.17 19.16 -22.93
N PRO B 143 -14.05 18.69 -23.48
CA PRO B 143 -13.13 19.51 -24.27
C PRO B 143 -13.79 20.37 -25.35
N ASP B 144 -14.68 19.78 -26.15
CA ASP B 144 -15.34 20.53 -27.20
C ASP B 144 -16.21 21.63 -26.59
N GLY B 145 -16.17 21.72 -25.27
CA GLY B 145 -16.94 22.75 -24.59
C GLY B 145 -18.37 22.37 -24.26
N SER B 146 -18.72 21.10 -24.44
CA SER B 146 -20.09 20.68 -24.13
C SER B 146 -20.20 20.22 -22.67
N HIS B 147 -21.43 20.12 -22.18
CA HIS B 147 -21.70 19.67 -20.81
C HIS B 147 -22.63 18.48 -20.88
N VAL B 148 -22.15 17.30 -20.48
CA VAL B 148 -22.98 16.10 -20.52
C VAL B 148 -23.17 15.44 -19.15
N LYS B 149 -24.03 14.42 -19.13
CA LYS B 149 -24.32 13.67 -17.92
C LYS B 149 -23.07 12.97 -17.42
N TYR B 150 -23.02 12.68 -16.13
CA TYR B 150 -21.89 11.94 -15.54
C TYR B 150 -22.15 10.45 -15.76
N PRO B 151 -21.18 9.74 -16.33
CA PRO B 151 -21.39 8.33 -16.56
C PRO B 151 -21.34 7.50 -15.29
N LYS B 152 -21.72 6.23 -15.43
CA LYS B 152 -21.68 5.30 -14.34
C LYS B 152 -20.21 5.02 -14.05
N PRO B 153 -19.76 5.30 -12.81
CA PRO B 153 -18.36 5.03 -12.49
C PRO B 153 -18.19 3.56 -12.15
N ARG B 154 -16.95 3.11 -12.11
CA ARG B 154 -16.67 1.73 -11.73
C ARG B 154 -16.07 1.82 -10.34
N ALA B 155 -16.65 1.09 -9.39
CA ALA B 155 -16.14 1.11 -8.03
C ALA B 155 -14.82 0.32 -7.97
N LEU B 156 -13.81 0.95 -7.41
CA LEU B 156 -12.51 0.33 -7.26
C LEU B 156 -12.60 -0.85 -6.31
N GLU B 157 -11.88 -1.93 -6.62
CA GLU B 157 -11.84 -3.07 -5.73
C GLU B 157 -10.98 -2.53 -4.60
N ALA B 158 -11.23 -2.96 -3.37
CA ALA B 158 -10.43 -2.48 -2.24
C ALA B 158 -8.95 -2.61 -2.59
N SER B 159 -8.62 -3.70 -3.27
CA SER B 159 -7.25 -3.99 -3.68
C SER B 159 -6.70 -2.96 -4.65
N GLU B 160 -7.58 -2.20 -5.30
CA GLU B 160 -7.15 -1.19 -6.26
C GLU B 160 -6.77 0.14 -5.61
N ILE B 161 -7.41 0.47 -4.50
CA ILE B 161 -7.11 1.72 -3.83
C ILE B 161 -5.60 1.96 -3.66
N PRO B 162 -4.85 0.97 -3.14
CA PRO B 162 -3.41 1.20 -3.00
C PRO B 162 -2.74 1.56 -4.30
N ARG B 163 -3.34 1.15 -5.41
CA ARG B 163 -2.76 1.48 -6.70
C ARG B 163 -2.93 2.98 -6.94
N VAL B 164 -4.05 3.54 -6.51
CA VAL B 164 -4.28 4.96 -6.69
C VAL B 164 -3.39 5.76 -5.75
N VAL B 165 -3.32 5.32 -4.50
CA VAL B 165 -2.47 5.99 -3.52
C VAL B 165 -1.10 6.20 -4.16
N GLU B 166 -0.54 5.14 -4.73
CA GLU B 166 0.76 5.23 -5.37
C GLU B 166 0.80 6.37 -6.38
N ASP B 167 -0.30 6.63 -7.07
CA ASP B 167 -0.34 7.74 -8.02
C ASP B 167 -0.17 9.04 -7.26
N TYR B 168 -0.77 9.11 -6.07
CA TYR B 168 -0.64 10.30 -5.25
C TYR B 168 0.81 10.41 -4.79
N CYS B 169 1.46 9.26 -4.58
CA CYS B 169 2.84 9.22 -4.14
C CYS B 169 3.79 9.75 -5.21
N LEU B 170 3.76 9.15 -6.39
CA LEU B 170 4.62 9.60 -7.46
C LEU B 170 4.37 11.06 -7.78
N SER B 171 3.14 11.49 -7.55
CA SER B 171 2.76 12.86 -7.84
C SER B 171 3.30 13.82 -6.81
N ALA B 172 3.25 13.42 -5.55
CA ALA B 172 3.74 14.28 -4.46
C ALA B 172 5.22 14.50 -4.72
N LEU B 173 5.87 13.45 -5.21
CA LEU B 173 7.29 13.51 -5.51
C LEU B 173 7.54 14.35 -6.74
N ASN B 174 6.70 14.17 -7.75
CA ASN B 174 6.79 14.91 -8.99
C ASN B 174 6.59 16.39 -8.73
N ALA B 175 5.90 16.68 -7.64
CA ALA B 175 5.63 18.04 -7.26
C ALA B 175 6.90 18.63 -6.63
N ILE B 176 7.52 17.87 -5.74
CA ILE B 176 8.73 18.31 -5.07
C ILE B 176 9.89 18.23 -6.06
N ARG B 177 9.56 17.82 -7.28
CA ARG B 177 10.56 17.68 -8.32
C ARG B 177 10.42 18.85 -9.29
N ALA B 178 9.26 19.48 -9.30
CA ALA B 178 9.04 20.61 -10.19
C ALA B 178 9.28 21.93 -9.46
N GLY B 179 9.65 21.85 -8.18
CA GLY B 179 9.91 23.03 -7.39
C GLY B 179 8.85 23.43 -6.36
N PHE B 180 7.69 22.78 -6.41
CA PHE B 180 6.63 23.10 -5.45
C PHE B 180 7.15 22.95 -4.02
N ASP B 181 6.67 23.81 -3.13
CA ASP B 181 7.09 23.75 -1.75
C ASP B 181 6.34 22.67 -0.98
N GLY B 182 5.27 22.16 -1.58
CA GLY B 182 4.47 21.14 -0.94
C GLY B 182 3.28 20.84 -1.82
N ILE B 183 2.41 19.94 -1.36
CA ILE B 183 1.23 19.61 -2.12
C ILE B 183 0.00 19.68 -1.24
N GLU B 184 -1.16 19.75 -1.87
CA GLU B 184 -2.38 19.75 -1.10
C GLU B 184 -3.13 18.53 -1.58
N ILE B 185 -3.68 17.77 -0.65
CA ILE B 185 -4.45 16.61 -1.02
C ILE B 185 -5.86 17.12 -1.19
N HIS B 186 -6.35 17.07 -2.42
CA HIS B 186 -7.68 17.53 -2.71
C HIS B 186 -8.64 16.42 -2.27
N GLY B 187 -9.13 16.49 -1.03
CA GLY B 187 -10.06 15.46 -0.57
C GLY B 187 -11.43 16.08 -0.35
N ALA B 188 -11.80 17.03 -1.21
CA ALA B 188 -13.07 17.73 -1.05
C ALA B 188 -13.92 17.78 -2.30
N HIS B 189 -15.08 18.44 -2.15
CA HIS B 189 -15.98 18.71 -3.27
C HIS B 189 -16.57 17.55 -4.08
N GLY B 190 -16.76 16.41 -3.43
CA GLY B 190 -17.36 15.28 -4.11
C GLY B 190 -16.44 14.52 -5.07
N TYR B 191 -15.14 14.78 -4.98
CA TYR B 191 -14.22 14.07 -5.85
C TYR B 191 -13.80 12.74 -5.23
N LEU B 192 -12.88 12.02 -5.90
CA LEU B 192 -12.49 10.68 -5.45
C LEU B 192 -12.40 10.45 -3.95
N ILE B 193 -11.61 11.25 -3.26
CA ILE B 193 -11.47 11.09 -1.84
C ILE B 193 -12.77 11.36 -1.10
N ASP B 194 -13.48 12.41 -1.51
CA ASP B 194 -14.75 12.74 -0.88
C ASP B 194 -15.78 11.65 -1.17
N GLN B 195 -15.64 10.99 -2.31
CA GLN B 195 -16.54 9.91 -2.69
C GLN B 195 -16.39 8.73 -1.73
N PHE B 196 -15.26 8.66 -1.02
CA PHE B 196 -15.07 7.59 -0.02
C PHE B 196 -15.50 8.12 1.34
N LEU B 197 -15.22 9.39 1.58
CA LEU B 197 -15.55 10.03 2.85
C LEU B 197 -17.04 10.19 3.16
N LYS B 198 -17.79 10.70 2.19
CA LYS B 198 -19.22 10.95 2.36
C LYS B 198 -20.09 9.69 2.40
N ASP B 199 -21.09 9.65 3.29
CA ASP B 199 -21.94 8.48 3.34
C ASP B 199 -23.07 8.61 2.34
N GLY B 200 -23.15 9.77 1.70
CA GLY B 200 -24.16 9.98 0.68
C GLY B 200 -23.67 9.37 -0.62
N ILE B 201 -22.41 8.94 -0.63
CA ILE B 201 -21.82 8.35 -1.82
C ILE B 201 -21.27 6.95 -1.57
N ASN B 202 -20.41 6.84 -0.57
CA ASN B 202 -19.77 5.56 -0.23
C ASN B 202 -20.73 4.46 0.18
N ASP B 203 -21.12 3.63 -0.78
CA ASP B 203 -21.99 2.50 -0.49
C ASP B 203 -21.17 1.22 -0.53
N ARG B 204 -19.98 1.26 0.08
CA ARG B 204 -19.11 0.09 0.12
C ARG B 204 -19.29 -0.65 1.43
N THR B 205 -18.96 -1.94 1.41
CA THR B 205 -19.07 -2.79 2.58
C THR B 205 -17.75 -3.50 2.85
N ASP B 206 -16.70 -3.07 2.17
CA ASP B 206 -15.38 -3.67 2.40
C ASP B 206 -14.59 -2.80 3.38
N GLN B 207 -13.26 -2.86 3.35
CA GLN B 207 -12.47 -2.08 4.29
C GLN B 207 -12.52 -0.57 4.05
N TYR B 208 -12.96 -0.14 2.88
CA TYR B 208 -13.02 1.29 2.62
C TYR B 208 -14.41 1.85 2.77
N GLY B 209 -15.28 1.10 3.42
CA GLY B 209 -16.64 1.57 3.62
C GLY B 209 -17.25 1.06 4.90
N GLY B 210 -18.51 1.45 5.14
CA GLY B 210 -19.20 1.01 6.34
C GLY B 210 -19.15 2.06 7.42
N SER B 211 -18.11 2.00 8.25
CA SER B 211 -17.93 2.95 9.35
C SER B 211 -17.18 4.20 8.87
N ILE B 212 -17.26 5.26 9.67
CA ILE B 212 -16.57 6.48 9.31
C ILE B 212 -15.08 6.22 9.21
N ALA B 213 -14.60 5.32 10.06
CA ALA B 213 -13.18 4.98 10.05
C ALA B 213 -12.82 4.42 8.68
N ASN B 214 -13.61 3.47 8.19
CA ASN B 214 -13.35 2.86 6.89
C ASN B 214 -13.50 3.86 5.76
N ARG B 215 -14.41 4.81 5.93
CA ARG B 215 -14.62 5.81 4.91
C ARG B 215 -13.43 6.77 4.87
N CYS B 216 -12.72 6.89 5.99
CA CYS B 216 -11.56 7.78 6.04
C CYS B 216 -10.27 7.05 5.65
N ARG B 217 -10.34 5.72 5.61
CA ARG B 217 -9.17 4.93 5.28
C ARG B 217 -8.44 5.42 4.04
N PHE B 218 -9.18 5.63 2.96
CA PHE B 218 -8.55 6.06 1.73
C PHE B 218 -7.76 7.35 1.91
N LEU B 219 -8.44 8.40 2.39
CA LEU B 219 -7.79 9.69 2.62
C LEU B 219 -6.53 9.48 3.47
N LYS B 220 -6.68 8.68 4.52
CA LYS B 220 -5.58 8.40 5.41
C LYS B 220 -4.39 7.80 4.67
N GLN B 221 -4.66 6.77 3.88
CA GLN B 221 -3.59 6.13 3.11
C GLN B 221 -2.96 7.16 2.19
N VAL B 222 -3.78 7.98 1.54
CA VAL B 222 -3.25 9.01 0.67
C VAL B 222 -2.35 9.97 1.44
N VAL B 223 -2.79 10.41 2.61
CA VAL B 223 -1.97 11.33 3.41
C VAL B 223 -0.72 10.59 3.88
N GLU B 224 -0.90 9.36 4.37
CA GLU B 224 0.24 8.59 4.83
C GLU B 224 1.26 8.42 3.72
N GLY B 225 0.79 8.06 2.53
CA GLY B 225 1.73 7.86 1.42
C GLY B 225 2.45 9.16 1.09
N VAL B 226 1.67 10.18 0.76
CA VAL B 226 2.22 11.48 0.43
C VAL B 226 3.18 12.00 1.51
N VAL B 227 2.78 11.82 2.78
CA VAL B 227 3.60 12.25 3.91
C VAL B 227 4.92 11.47 3.95
N SER B 228 4.82 10.15 3.89
CA SER B 228 6.01 9.30 3.93
C SER B 228 6.89 9.61 2.73
N ALA B 229 6.26 10.15 1.69
CA ALA B 229 6.97 10.48 0.47
C ALA B 229 7.69 11.81 0.52
N ILE B 230 7.02 12.85 1.01
CA ILE B 230 7.65 14.17 1.05
C ILE B 230 7.67 14.85 2.40
N GLY B 231 7.13 14.19 3.42
CA GLY B 231 7.11 14.78 4.74
C GLY B 231 5.84 15.59 4.96
N ALA B 232 5.18 15.35 6.10
CA ALA B 232 3.95 16.05 6.44
C ALA B 232 4.08 17.57 6.39
N SER B 233 5.31 18.05 6.52
CA SER B 233 5.57 19.47 6.51
C SER B 233 5.17 20.14 5.21
N LYS B 234 5.23 19.39 4.12
CA LYS B 234 4.87 19.92 2.81
C LYS B 234 3.49 19.43 2.40
N VAL B 235 2.75 18.89 3.36
CA VAL B 235 1.43 18.34 3.05
C VAL B 235 0.24 19.07 3.64
N GLY B 236 -0.54 19.66 2.76
CA GLY B 236 -1.76 20.33 3.17
C GLY B 236 -2.88 19.39 2.75
N VAL B 237 -4.01 19.45 3.44
CA VAL B 237 -5.15 18.59 3.14
C VAL B 237 -6.41 19.44 2.97
N ARG B 238 -7.18 19.16 1.93
CA ARG B 238 -8.41 19.90 1.73
C ARG B 238 -9.63 18.97 1.78
N VAL B 239 -10.60 19.33 2.61
CA VAL B 239 -11.83 18.55 2.74
C VAL B 239 -12.96 19.57 2.82
N SER B 240 -14.20 19.10 2.73
CA SER B 240 -15.39 19.95 2.80
C SER B 240 -16.60 19.07 3.17
N PRO B 241 -16.63 18.61 4.43
CA PRO B 241 -17.68 17.75 4.96
C PRO B 241 -19.10 18.27 4.75
N ALA B 242 -19.23 19.59 4.62
CA ALA B 242 -20.54 20.19 4.46
C ALA B 242 -20.78 20.84 3.11
N ILE B 243 -19.98 20.45 2.13
CA ILE B 243 -20.17 20.96 0.79
C ILE B 243 -20.78 19.78 0.04
N ASP B 244 -21.88 20.01 -0.66
CA ASP B 244 -22.54 18.96 -1.41
C ASP B 244 -22.27 19.07 -2.90
N HIS B 245 -21.07 19.47 -3.25
CA HIS B 245 -20.67 19.59 -4.64
C HIS B 245 -20.65 18.18 -5.23
N LEU B 246 -21.36 18.01 -6.34
CA LEU B 246 -21.41 16.72 -7.04
C LEU B 246 -22.08 15.61 -6.24
N ASP B 247 -23.22 15.92 -5.62
CA ASP B 247 -23.98 14.96 -4.85
C ASP B 247 -23.11 14.24 -3.83
N ALA B 248 -22.40 15.01 -3.03
CA ALA B 248 -21.53 14.46 -2.01
C ALA B 248 -21.91 15.00 -0.65
N THR B 249 -22.89 14.39 -0.01
CA THR B 249 -23.28 14.86 1.30
C THR B 249 -23.14 13.74 2.31
N ASP B 250 -22.98 14.11 3.58
CA ASP B 250 -22.88 13.15 4.64
C ASP B 250 -24.07 13.40 5.55
N SER B 251 -24.53 12.37 6.24
CA SER B 251 -25.67 12.51 7.14
C SER B 251 -25.29 13.31 8.39
N ASP B 252 -23.99 13.58 8.55
CA ASP B 252 -23.52 14.32 9.71
C ASP B 252 -22.15 14.90 9.39
N PRO B 253 -22.12 16.03 8.67
CA PRO B 253 -20.85 16.65 8.32
C PRO B 253 -19.90 16.88 9.50
N LEU B 254 -20.44 17.24 10.66
CA LEU B 254 -19.59 17.48 11.82
C LEU B 254 -18.80 16.25 12.20
N SER B 255 -19.48 15.14 12.42
CA SER B 255 -18.78 13.93 12.82
C SER B 255 -17.80 13.48 11.74
N LEU B 256 -18.15 13.69 10.48
CA LEU B 256 -17.25 13.32 9.41
C LEU B 256 -16.02 14.22 9.49
N GLY B 257 -16.28 15.53 9.62
CA GLY B 257 -15.20 16.49 9.71
C GLY B 257 -14.28 16.19 10.88
N LEU B 258 -14.87 15.91 12.04
CA LEU B 258 -14.09 15.62 13.23
C LEU B 258 -13.35 14.33 13.07
N ALA B 259 -13.94 13.42 12.31
CA ALA B 259 -13.33 12.12 12.04
C ALA B 259 -12.05 12.40 11.29
N VAL B 260 -12.15 13.27 10.29
CA VAL B 260 -10.96 13.62 9.52
C VAL B 260 -9.94 14.33 10.39
N VAL B 261 -10.39 15.34 11.12
CA VAL B 261 -9.47 16.06 11.98
C VAL B 261 -8.78 15.09 12.94
N GLY B 262 -9.54 14.14 13.46
CA GLY B 262 -8.98 13.19 14.40
C GLY B 262 -7.93 12.34 13.75
N MET B 263 -8.25 11.83 12.56
CA MET B 263 -7.31 10.99 11.83
C MET B 263 -6.04 11.77 11.53
N LEU B 264 -6.17 13.05 11.19
CA LEU B 264 -5.00 13.87 10.90
C LEU B 264 -4.17 14.16 12.16
N ASN B 265 -4.84 14.44 13.28
CA ASN B 265 -4.10 14.71 14.51
C ASN B 265 -3.38 13.45 14.92
N LYS B 266 -4.08 12.32 14.87
CA LYS B 266 -3.52 11.04 15.26
C LYS B 266 -2.33 10.70 14.36
N LEU B 267 -2.42 11.12 13.11
CA LEU B 267 -1.35 10.88 12.15
C LEU B 267 -0.14 11.74 12.44
N GLN B 268 -0.38 13.04 12.63
CA GLN B 268 0.70 13.97 12.91
C GLN B 268 1.54 13.45 14.07
N GLY B 269 0.89 12.85 15.06
CA GLY B 269 1.62 12.30 16.19
C GLY B 269 2.59 11.22 15.74
N VAL B 270 2.04 10.14 15.19
CA VAL B 270 2.81 9.01 14.69
C VAL B 270 3.95 9.46 13.77
N ASN B 271 3.70 10.48 12.95
CA ASN B 271 4.71 11.01 12.05
C ASN B 271 5.73 11.91 12.76
N GLY B 272 5.30 12.49 13.88
CA GLY B 272 6.17 13.37 14.65
C GLY B 272 6.38 14.72 14.00
N SER B 273 5.37 15.19 13.26
CA SER B 273 5.47 16.48 12.59
C SER B 273 4.10 16.95 12.10
N LYS B 274 3.89 18.26 12.15
CA LYS B 274 2.63 18.85 11.72
C LYS B 274 2.48 18.88 10.20
N LEU B 275 1.26 18.59 9.76
CA LEU B 275 0.95 18.64 8.36
C LEU B 275 1.11 20.12 8.02
N ALA B 276 1.30 20.41 6.74
CA ALA B 276 1.44 21.81 6.34
C ALA B 276 0.21 22.56 6.83
N TYR B 277 -0.96 21.96 6.63
CA TYR B 277 -2.20 22.59 7.07
C TYR B 277 -3.43 21.76 6.76
N LEU B 278 -4.54 22.14 7.39
CA LEU B 278 -5.84 21.54 7.16
C LEU B 278 -6.65 22.70 6.55
N HIS B 279 -7.17 22.46 5.36
CA HIS B 279 -7.93 23.44 4.61
C HIS B 279 -9.30 22.86 4.33
N VAL B 280 -10.34 23.60 4.74
CA VAL B 280 -11.71 23.15 4.57
C VAL B 280 -12.54 24.19 3.88
N THR B 281 -13.43 23.71 3.00
CA THR B 281 -14.32 24.59 2.27
C THR B 281 -15.61 24.60 3.06
N GLN B 282 -16.18 25.79 3.21
CA GLN B 282 -17.43 25.88 3.93
C GLN B 282 -18.52 26.34 2.99
N PRO B 283 -19.74 25.85 3.23
CA PRO B 283 -20.86 26.25 2.40
C PRO B 283 -21.25 27.66 2.82
N ARG B 284 -21.98 28.36 1.97
CA ARG B 284 -22.46 29.71 2.25
C ARG B 284 -23.92 29.69 1.89
N TYR B 285 -24.79 29.75 2.89
CA TYR B 285 -26.22 29.70 2.65
C TYR B 285 -26.70 30.91 1.90
N HIS B 286 -27.98 30.88 1.52
CA HIS B 286 -28.60 31.98 0.78
C HIS B 286 -29.42 32.87 1.72
N ALA B 287 -29.11 34.16 1.73
CA ALA B 287 -29.83 35.11 2.57
C ALA B 287 -31.07 35.62 1.85
N TYR B 288 -31.59 36.75 2.30
CA TYR B 288 -32.77 37.37 1.70
C TYR B 288 -32.92 38.84 2.09
N ASP B 299 -23.75 32.07 8.17
CA ASP B 299 -24.20 32.37 9.52
C ASP B 299 -23.28 31.75 10.58
N GLU B 300 -23.86 31.46 11.75
CA GLU B 300 -23.09 30.87 12.84
C GLU B 300 -23.09 29.34 12.72
N GLU B 301 -24.25 28.77 12.39
CA GLU B 301 -24.41 27.33 12.25
C GLU B 301 -23.32 26.76 11.33
N GLU B 302 -22.90 27.57 10.36
CA GLU B 302 -21.86 27.17 9.42
C GLU B 302 -20.49 27.52 9.98
N ALA B 303 -20.47 28.57 10.79
CA ALA B 303 -19.23 29.05 11.38
C ALA B 303 -18.80 28.18 12.54
N LYS B 304 -19.77 27.59 13.23
CA LYS B 304 -19.48 26.74 14.37
C LYS B 304 -18.98 25.40 13.89
N LEU B 305 -19.48 24.93 12.75
CA LEU B 305 -19.01 23.67 12.21
C LEU B 305 -17.53 23.88 11.89
N MET B 306 -17.23 25.03 11.29
CA MET B 306 -15.87 25.38 10.91
C MET B 306 -14.95 25.51 12.10
N LYS B 307 -15.42 26.16 13.15
CA LYS B 307 -14.57 26.37 14.32
C LYS B 307 -14.47 25.10 15.16
N SER B 308 -15.41 24.19 14.95
CA SER B 308 -15.43 22.92 15.67
C SER B 308 -14.30 22.01 15.23
N LEU B 309 -13.99 22.03 13.93
CA LEU B 309 -12.93 21.19 13.40
C LEU B 309 -11.63 21.95 13.61
N ARG B 310 -11.74 23.26 13.54
CA ARG B 310 -10.59 24.14 13.69
C ARG B 310 -9.98 24.03 15.07
N MET B 311 -10.73 24.40 16.11
CA MET B 311 -10.20 24.34 17.46
C MET B 311 -9.86 22.90 17.83
N ALA B 312 -10.38 21.95 17.04
CA ALA B 312 -10.13 20.52 17.28
C ALA B 312 -8.94 19.98 16.50
N TYR B 313 -8.50 20.71 15.48
CA TYR B 313 -7.37 20.29 14.67
C TYR B 313 -6.03 20.86 15.11
N ASN B 314 -5.11 19.99 15.48
CA ASN B 314 -3.80 20.42 15.92
C ASN B 314 -2.96 20.87 14.74
N GLY B 315 -3.09 22.15 14.36
CA GLY B 315 -2.31 22.63 13.26
C GLY B 315 -2.89 23.86 12.61
N THR B 316 -2.36 24.18 11.44
CA THR B 316 -2.80 25.36 10.72
C THR B 316 -4.11 25.06 10.03
N PHE B 317 -5.08 25.92 10.25
CA PHE B 317 -6.38 25.71 9.66
C PHE B 317 -6.61 26.76 8.61
N MET B 318 -7.11 26.33 7.46
CA MET B 318 -7.38 27.26 6.37
C MET B 318 -8.84 27.20 6.00
N SER B 319 -9.49 28.36 6.04
CA SER B 319 -10.90 28.45 5.71
C SER B 319 -11.03 28.90 4.27
N SER B 320 -12.14 28.50 3.66
CA SER B 320 -12.45 28.88 2.29
C SER B 320 -13.94 28.79 2.02
N GLY B 321 -14.40 29.50 1.02
CA GLY B 321 -15.81 29.43 0.66
C GLY B 321 -16.48 30.78 0.70
N GLY B 322 -16.57 31.44 -0.44
CA GLY B 322 -17.21 32.74 -0.50
C GLY B 322 -16.69 33.75 0.50
N PHE B 323 -15.40 33.75 0.76
CA PHE B 323 -14.85 34.73 1.70
C PHE B 323 -14.56 36.04 0.99
N ASN B 324 -14.69 37.14 1.72
CA ASN B 324 -14.35 38.44 1.17
C ASN B 324 -13.32 38.97 2.15
N LYS B 325 -12.71 40.10 1.86
CA LYS B 325 -11.70 40.62 2.77
C LYS B 325 -12.15 40.65 4.23
N GLU B 326 -13.31 41.27 4.50
CA GLU B 326 -13.83 41.40 5.86
C GLU B 326 -14.12 40.07 6.58
N LEU B 327 -14.65 39.10 5.85
CA LEU B 327 -14.95 37.81 6.45
C LEU B 327 -13.63 37.14 6.82
N GLY B 328 -12.61 37.37 5.98
CA GLY B 328 -11.31 36.79 6.23
C GLY B 328 -10.67 37.42 7.45
N MET B 329 -10.80 38.74 7.53
CA MET B 329 -10.27 39.51 8.65
C MET B 329 -10.96 39.06 9.92
N GLN B 330 -12.27 38.81 9.81
CA GLN B 330 -13.04 38.34 10.95
C GLN B 330 -12.56 36.95 11.39
N ALA B 331 -12.34 36.06 10.43
CA ALA B 331 -11.86 34.71 10.72
C ALA B 331 -10.51 34.73 11.44
N VAL B 332 -9.52 35.41 10.87
CA VAL B 332 -8.22 35.46 11.52
C VAL B 332 -8.27 36.21 12.86
N GLN B 333 -8.86 37.40 12.85
CA GLN B 333 -8.96 38.22 14.06
C GLN B 333 -9.62 37.44 15.20
N GLN B 334 -10.71 36.73 14.89
CA GLN B 334 -11.46 35.96 15.89
C GLN B 334 -10.89 34.56 16.19
N GLY B 335 -9.75 34.23 15.60
CA GLY B 335 -9.15 32.93 15.83
C GLY B 335 -9.85 31.79 15.11
N ASP B 336 -10.69 32.12 14.13
CA ASP B 336 -11.42 31.11 13.38
C ASP B 336 -10.57 30.38 12.34
N ALA B 337 -9.52 31.03 11.87
CA ALA B 337 -8.66 30.44 10.86
C ALA B 337 -7.31 31.14 10.93
N ASP B 338 -6.27 30.46 10.47
CA ASP B 338 -4.96 31.07 10.45
C ASP B 338 -4.73 31.63 9.06
N LEU B 339 -5.40 31.00 8.09
CA LEU B 339 -5.31 31.36 6.69
C LEU B 339 -6.68 31.25 6.07
N VAL B 340 -6.91 32.08 5.06
CA VAL B 340 -8.18 32.10 4.37
C VAL B 340 -7.87 32.12 2.87
N SER B 341 -8.35 31.11 2.14
CA SER B 341 -8.10 31.05 0.71
C SER B 341 -9.25 31.71 -0.04
N TYR B 342 -8.91 32.39 -1.11
CA TYR B 342 -9.87 33.10 -1.93
C TYR B 342 -9.79 32.57 -3.35
N GLY B 343 -10.94 32.20 -3.89
CA GLY B 343 -10.98 31.67 -5.23
C GLY B 343 -11.41 32.72 -6.23
N ARG B 344 -12.72 32.85 -6.44
CA ARG B 344 -13.24 33.80 -7.42
C ARG B 344 -12.59 35.19 -7.41
N LEU B 345 -12.41 35.77 -6.22
CA LEU B 345 -11.81 37.09 -6.15
C LEU B 345 -10.39 37.10 -6.66
N PHE B 346 -9.66 36.02 -6.42
CA PHE B 346 -8.28 35.96 -6.88
C PHE B 346 -8.27 35.78 -8.38
N ILE B 347 -9.38 35.28 -8.92
CA ILE B 347 -9.46 35.10 -10.37
C ILE B 347 -9.40 36.46 -11.07
N ALA B 348 -10.30 37.35 -10.67
CA ALA B 348 -10.45 38.68 -11.25
C ALA B 348 -9.51 39.74 -10.72
N ASN B 349 -8.94 39.48 -9.54
CA ASN B 349 -8.06 40.44 -8.90
C ASN B 349 -6.70 39.83 -8.60
N PRO B 350 -5.76 40.00 -9.53
CA PRO B 350 -4.43 39.43 -9.30
C PRO B 350 -3.84 39.88 -7.97
N ASP B 351 -3.53 41.18 -7.89
CA ASP B 351 -2.95 41.74 -6.68
C ASP B 351 -4.04 41.79 -5.60
N LEU B 352 -4.73 40.66 -5.42
CA LEU B 352 -5.81 40.61 -4.45
C LEU B 352 -5.40 41.16 -3.10
N VAL B 353 -4.19 40.87 -2.67
CA VAL B 353 -3.73 41.33 -1.38
C VAL B 353 -3.74 42.85 -1.25
N SER B 354 -3.28 43.54 -2.28
CA SER B 354 -3.26 45.00 -2.26
C SER B 354 -4.67 45.59 -2.22
N ARG B 355 -5.58 44.98 -2.97
CA ARG B 355 -6.96 45.47 -3.00
C ARG B 355 -7.58 45.20 -1.65
N PHE B 356 -6.84 44.49 -0.81
CA PHE B 356 -7.28 44.18 0.55
C PHE B 356 -6.57 45.12 1.52
N LYS B 357 -5.26 45.26 1.36
CA LYS B 357 -4.51 46.14 2.25
C LYS B 357 -5.01 47.58 2.24
N ILE B 358 -5.57 48.03 1.11
CA ILE B 358 -6.06 49.40 0.99
C ILE B 358 -7.55 49.51 0.71
N ASP B 359 -8.27 48.40 0.83
CA ASP B 359 -9.71 48.36 0.55
C ASP B 359 -9.94 48.97 -0.83
N GLY B 360 -9.11 48.58 -1.77
CA GLY B 360 -9.24 49.08 -3.11
C GLY B 360 -10.38 48.36 -3.81
N GLU B 361 -10.80 48.92 -4.92
CA GLU B 361 -11.87 48.31 -5.70
C GLU B 361 -11.46 46.90 -6.11
N LEU B 362 -12.44 46.06 -6.39
CA LEU B 362 -12.19 44.69 -6.80
C LEU B 362 -12.85 44.40 -8.12
N ASN B 363 -12.08 43.89 -9.09
CA ASN B 363 -12.64 43.56 -10.39
C ASN B 363 -13.70 42.45 -10.18
N LYS B 364 -14.65 42.36 -11.10
CA LYS B 364 -15.67 41.34 -10.99
C LYS B 364 -15.16 40.11 -11.75
N TYR B 365 -15.37 38.92 -11.19
CA TYR B 365 -14.93 37.70 -11.85
C TYR B 365 -15.92 37.16 -12.88
N ASN B 366 -15.62 37.40 -14.16
CA ASN B 366 -16.47 36.93 -15.24
C ASN B 366 -16.47 35.40 -15.27
N ARG B 367 -17.51 34.81 -14.68
CA ARG B 367 -17.67 33.38 -14.60
C ARG B 367 -17.58 32.68 -15.95
N LYS B 368 -17.47 33.46 -17.02
CA LYS B 368 -17.42 32.92 -18.36
C LYS B 368 -16.10 32.33 -18.81
N THR B 369 -14.99 33.02 -18.58
CA THR B 369 -13.72 32.46 -19.01
C THR B 369 -13.02 31.68 -17.89
N PHE B 370 -13.82 31.16 -16.96
CA PHE B 370 -13.25 30.38 -15.87
C PHE B 370 -12.56 29.12 -16.37
N TYR B 371 -13.20 28.43 -17.31
CA TYR B 371 -12.70 27.17 -17.84
C TYR B 371 -12.34 27.14 -19.31
N THR B 372 -12.12 28.32 -19.88
CA THR B 372 -11.75 28.43 -21.28
C THR B 372 -10.24 28.19 -21.38
N GLN B 373 -9.75 28.00 -22.61
CA GLN B 373 -8.35 27.70 -22.83
C GLN B 373 -7.42 28.85 -23.18
N ASP B 374 -7.97 30.05 -23.37
CA ASP B 374 -7.12 31.18 -23.74
C ASP B 374 -6.07 31.43 -22.67
N PRO B 375 -4.79 31.48 -23.06
CA PRO B 375 -3.71 31.70 -22.10
C PRO B 375 -3.63 33.11 -21.52
N VAL B 376 -4.30 34.07 -22.18
CA VAL B 376 -4.28 35.45 -21.71
C VAL B 376 -5.68 35.93 -21.28
N VAL B 377 -6.63 35.80 -22.21
CA VAL B 377 -8.01 36.24 -22.02
C VAL B 377 -8.70 35.60 -20.82
N GLY B 378 -9.23 36.47 -19.97
CA GLY B 378 -9.92 36.00 -18.78
C GLY B 378 -9.01 35.15 -17.90
N TYR B 379 -7.70 35.16 -18.19
CA TYR B 379 -6.78 34.37 -17.40
C TYR B 379 -5.79 35.26 -16.68
N THR B 380 -4.97 35.98 -17.43
CA THR B 380 -4.03 36.88 -16.79
C THR B 380 -4.21 38.29 -17.35
N ASP B 381 -5.37 38.53 -17.97
CA ASP B 381 -5.64 39.85 -18.53
C ASP B 381 -6.54 40.67 -17.61
N TYR B 382 -6.69 40.22 -16.37
CA TYR B 382 -7.44 40.99 -15.38
C TYR B 382 -6.42 42.05 -14.95
N PRO B 383 -6.83 43.32 -14.96
CA PRO B 383 -5.92 44.41 -14.58
C PRO B 383 -5.57 44.56 -13.12
N PHE B 384 -4.33 44.97 -12.88
CA PHE B 384 -3.84 45.24 -11.55
C PHE B 384 -4.30 46.66 -11.28
N LEU B 385 -3.74 47.27 -10.23
CA LEU B 385 -4.05 48.65 -9.89
C LEU B 385 -2.74 49.42 -9.91
N SER A 8 13.18 -14.47 -22.85
CA SER A 8 12.05 -13.50 -22.93
C SER A 8 12.47 -12.13 -22.42
N ASN A 9 11.88 -11.08 -22.99
CA ASN A 9 12.20 -9.72 -22.57
C ASN A 9 11.46 -9.39 -21.28
N GLU A 10 10.82 -10.41 -20.70
CA GLU A 10 10.09 -10.25 -19.46
C GLU A 10 11.12 -10.10 -18.37
N THR A 11 10.70 -9.58 -17.22
CA THR A 11 11.60 -9.38 -16.10
C THR A 11 10.84 -9.54 -14.80
N LEU A 12 11.51 -9.20 -13.71
CA LEU A 12 10.94 -9.29 -12.38
C LEU A 12 9.77 -8.33 -12.23
N PHE A 13 9.65 -7.39 -13.17
CA PHE A 13 8.56 -6.42 -13.07
C PHE A 13 7.39 -6.73 -13.97
N SER A 14 7.52 -7.78 -14.76
CA SER A 14 6.45 -8.19 -15.65
C SER A 14 5.34 -8.77 -14.78
N SER A 15 4.10 -8.41 -15.09
CA SER A 15 2.96 -8.90 -14.35
C SER A 15 2.91 -10.41 -14.51
N TYR A 16 2.05 -11.05 -13.75
CA TYR A 16 1.92 -12.49 -13.82
C TYR A 16 0.58 -12.93 -13.27
N LYS A 17 0.12 -14.09 -13.73
CA LYS A 17 -1.15 -14.64 -13.28
C LYS A 17 -0.89 -15.90 -12.46
N MET A 18 -0.89 -15.76 -11.14
CA MET A 18 -0.69 -16.88 -10.25
C MET A 18 -2.11 -17.33 -9.96
N GLY A 19 -2.72 -17.95 -10.95
CA GLY A 19 -4.09 -18.41 -10.81
C GLY A 19 -4.98 -17.18 -10.83
N ARG A 20 -5.82 -17.05 -9.81
CA ARG A 20 -6.72 -15.90 -9.71
C ARG A 20 -6.01 -14.67 -9.15
N PHE A 21 -4.77 -14.86 -8.69
CA PHE A 21 -4.00 -13.76 -8.12
C PHE A 21 -3.26 -12.99 -9.19
N ASP A 22 -3.71 -11.76 -9.40
CA ASP A 22 -3.11 -10.87 -10.38
C ASP A 22 -1.88 -10.23 -9.76
N LEU A 23 -0.72 -10.83 -10.00
CA LEU A 23 0.53 -10.28 -9.46
C LEU A 23 0.94 -9.11 -10.33
N SER A 24 1.28 -7.99 -9.71
CA SER A 24 1.68 -6.82 -10.45
C SER A 24 3.16 -6.87 -10.76
N HIS A 25 3.80 -7.98 -10.37
CA HIS A 25 5.21 -8.18 -10.60
C HIS A 25 5.62 -9.51 -10.01
N ARG A 26 6.84 -9.93 -10.32
CA ARG A 26 7.32 -11.23 -9.88
C ARG A 26 8.10 -11.23 -8.59
N VAL A 27 8.32 -10.04 -8.02
CA VAL A 27 9.08 -9.90 -6.79
C VAL A 27 8.32 -10.43 -5.58
N VAL A 28 8.79 -11.58 -5.08
CA VAL A 28 8.17 -12.27 -3.96
C VAL A 28 8.98 -12.24 -2.69
N LEU A 29 8.31 -11.95 -1.57
CA LEU A 29 8.98 -11.96 -0.28
C LEU A 29 9.04 -13.43 0.10
N ALA A 30 10.23 -13.93 0.45
CA ALA A 30 10.39 -15.31 0.86
C ALA A 30 9.84 -15.46 2.28
N PRO A 31 9.34 -16.66 2.62
CA PRO A 31 8.81 -16.87 3.97
C PRO A 31 9.98 -16.77 4.95
N MET A 32 9.85 -15.94 5.98
CA MET A 32 10.93 -15.81 6.92
C MET A 32 10.56 -15.66 8.37
N THR A 33 11.02 -16.62 9.17
CA THR A 33 10.80 -16.62 10.61
C THR A 33 11.65 -15.47 11.11
N ARG A 34 11.06 -14.61 11.94
CA ARG A 34 11.78 -13.44 12.47
C ARG A 34 11.63 -13.41 13.99
N CYS A 35 10.80 -14.31 14.50
CA CYS A 35 10.61 -14.44 15.94
C CYS A 35 10.12 -13.17 16.63
N ARG A 36 9.20 -12.45 16.00
CA ARG A 36 8.65 -11.25 16.62
C ARG A 36 7.23 -11.52 17.09
N ALA A 37 6.72 -12.71 16.79
CA ALA A 37 5.36 -13.07 17.17
C ALA A 37 5.44 -13.65 18.57
N LEU A 38 5.70 -12.75 19.53
CA LEU A 38 5.85 -13.12 20.93
C LEU A 38 4.74 -14.04 21.40
N ASN A 39 5.12 -15.15 22.01
CA ASN A 39 4.16 -16.11 22.54
C ASN A 39 3.26 -16.69 21.46
N GLY A 40 3.81 -16.77 20.25
CA GLY A 40 3.09 -17.35 19.14
C GLY A 40 1.91 -16.56 18.60
N VAL A 41 1.81 -15.29 18.98
CA VAL A 41 0.69 -14.50 18.49
C VAL A 41 1.14 -13.37 17.57
N PRO A 42 0.56 -13.29 16.36
CA PRO A 42 0.89 -12.25 15.39
C PRO A 42 0.59 -10.89 16.03
N ASN A 43 1.33 -9.86 15.67
CA ASN A 43 1.10 -8.58 16.30
C ASN A 43 1.32 -7.41 15.33
N ALA A 44 1.16 -6.21 15.85
CA ALA A 44 1.30 -5.00 15.05
C ALA A 44 2.72 -4.82 14.54
N ALA A 45 3.66 -5.56 15.10
CA ALA A 45 5.04 -5.46 14.66
C ALA A 45 5.18 -6.23 13.34
N LEU A 46 4.47 -7.35 13.24
CA LEU A 46 4.47 -8.16 12.02
C LEU A 46 3.63 -7.41 10.96
N ALA A 47 2.52 -6.83 11.40
CA ALA A 47 1.66 -6.08 10.49
C ALA A 47 2.48 -5.00 9.81
N GLU A 48 3.20 -4.22 10.62
CA GLU A 48 4.02 -3.15 10.08
C GLU A 48 5.06 -3.75 9.15
N TYR A 49 5.72 -4.79 9.65
CA TYR A 49 6.78 -5.47 8.90
C TYR A 49 6.30 -5.92 7.53
N TYR A 50 5.19 -6.64 7.49
CA TYR A 50 4.68 -7.13 6.23
C TYR A 50 4.16 -6.00 5.36
N ALA A 51 3.57 -4.99 5.99
CA ALA A 51 3.06 -3.84 5.25
C ALA A 51 4.25 -3.17 4.55
N GLN A 52 5.33 -2.92 5.28
CA GLN A 52 6.51 -2.27 4.70
C GLN A 52 7.04 -3.02 3.48
N ARG A 53 6.70 -4.29 3.37
CA ARG A 53 7.20 -5.07 2.27
C ARG A 53 6.22 -5.36 1.15
N THR A 54 4.97 -4.93 1.32
CA THR A 54 4.00 -5.21 0.26
C THR A 54 3.88 -4.07 -0.73
N THR A 55 3.66 -4.47 -1.97
CA THR A 55 3.48 -3.56 -3.09
C THR A 55 2.19 -3.98 -3.78
N PRO A 56 1.61 -3.08 -4.58
CA PRO A 56 0.37 -3.47 -5.26
C PRO A 56 0.67 -4.66 -6.17
N GLY A 57 -0.19 -5.68 -6.12
CA GLY A 57 0.04 -6.85 -6.94
C GLY A 57 1.27 -7.64 -6.53
N GLY A 58 1.87 -7.29 -5.39
CA GLY A 58 3.05 -8.00 -4.90
C GLY A 58 2.67 -9.19 -4.01
N PHE A 59 3.40 -10.30 -4.15
CA PHE A 59 3.11 -11.49 -3.36
C PHE A 59 3.92 -11.54 -2.05
N LEU A 60 3.34 -12.16 -1.04
CA LEU A 60 4.03 -12.28 0.23
C LEU A 60 3.83 -13.65 0.84
N ILE A 61 4.92 -14.25 1.29
CA ILE A 61 4.84 -15.53 1.95
C ILE A 61 5.25 -15.24 3.39
N SER A 62 4.37 -15.59 4.33
CA SER A 62 4.64 -15.31 5.72
C SER A 62 5.74 -16.18 6.26
N GLU A 63 6.25 -15.78 7.40
CA GLU A 63 7.26 -16.53 8.12
C GLU A 63 6.59 -17.86 8.39
N GLY A 64 7.39 -18.91 8.58
CA GLY A 64 6.81 -20.21 8.88
C GLY A 64 5.85 -20.02 10.04
N THR A 65 4.69 -20.65 9.95
CA THR A 65 3.67 -20.52 10.98
C THR A 65 3.22 -21.86 11.56
N MET A 66 3.21 -21.95 12.89
CA MET A 66 2.81 -23.18 13.56
C MET A 66 1.43 -23.67 13.12
N VAL A 67 1.30 -24.98 12.95
CA VAL A 67 0.02 -25.59 12.58
C VAL A 67 -0.60 -26.32 13.78
N SER A 68 0.18 -26.49 14.84
CA SER A 68 -0.32 -27.18 16.03
C SER A 68 0.69 -27.01 17.15
N PRO A 69 0.31 -27.36 18.38
CA PRO A 69 1.31 -27.21 19.43
C PRO A 69 2.43 -28.22 19.13
N GLY A 70 3.66 -27.84 19.44
CA GLY A 70 4.76 -28.75 19.19
C GLY A 70 5.34 -28.60 17.78
N SER A 71 4.66 -27.81 16.96
CA SER A 71 5.09 -27.56 15.58
C SER A 71 6.28 -26.60 15.45
N ALA A 72 6.56 -25.81 16.49
CA ALA A 72 7.65 -24.84 16.45
C ALA A 72 9.00 -25.38 16.85
N GLY A 73 10.04 -24.71 16.35
CA GLY A 73 11.41 -25.09 16.66
C GLY A 73 12.21 -23.82 16.89
N PHE A 74 11.53 -22.69 16.88
CA PHE A 74 12.14 -21.38 17.09
C PHE A 74 11.33 -20.63 18.11
N PRO A 75 11.96 -19.66 18.78
CA PRO A 75 11.25 -18.87 19.79
C PRO A 75 10.44 -17.73 19.19
N HIS A 76 9.17 -17.65 19.59
CA HIS A 76 8.29 -16.59 19.15
C HIS A 76 7.88 -16.60 17.68
N VAL A 77 7.39 -17.76 17.23
CA VAL A 77 6.92 -17.87 15.87
C VAL A 77 5.42 -17.92 15.96
N PRO A 78 4.72 -17.33 14.97
CA PRO A 78 3.27 -17.34 15.00
C PRO A 78 2.66 -18.69 14.66
N GLY A 79 1.42 -18.87 15.10
CA GLY A 79 0.69 -20.09 14.81
C GLY A 79 -0.59 -19.68 14.09
N ILE A 80 -1.30 -20.66 13.54
CA ILE A 80 -2.56 -20.38 12.86
C ILE A 80 -3.49 -21.56 13.09
N TYR A 81 -3.31 -22.22 14.22
CA TYR A 81 -4.13 -23.38 14.57
C TYR A 81 -5.22 -23.03 15.57
N SER A 82 -5.09 -21.86 16.21
CA SER A 82 -6.05 -21.41 17.22
C SER A 82 -6.80 -20.14 16.84
N ASP A 83 -7.91 -19.92 17.51
CA ASP A 83 -8.73 -18.73 17.28
C ASP A 83 -8.00 -17.45 17.64
N GLU A 84 -7.31 -17.46 18.77
CA GLU A 84 -6.58 -16.28 19.20
C GLU A 84 -5.59 -15.82 18.10
N GLN A 85 -4.97 -16.78 17.42
CA GLN A 85 -4.02 -16.44 16.36
C GLN A 85 -4.72 -16.00 15.10
N VAL A 86 -5.79 -16.71 14.75
CA VAL A 86 -6.54 -16.35 13.58
C VAL A 86 -6.96 -14.89 13.61
N GLU A 87 -7.41 -14.41 14.78
CA GLU A 87 -7.83 -13.04 14.91
C GLU A 87 -6.65 -12.08 14.92
N ALA A 88 -5.56 -12.48 15.56
CA ALA A 88 -4.39 -11.62 15.62
C ALA A 88 -3.69 -11.50 14.27
N TRP A 89 -3.91 -12.49 13.40
CA TRP A 89 -3.30 -12.48 12.05
C TRP A 89 -4.00 -11.49 11.14
N LYS A 90 -5.30 -11.31 11.36
CA LYS A 90 -6.12 -10.43 10.54
C LYS A 90 -5.54 -9.05 10.30
N GLN A 91 -4.98 -8.47 11.36
CA GLN A 91 -4.42 -7.14 11.27
C GLN A 91 -3.26 -7.16 10.29
N VAL A 92 -2.47 -8.23 10.32
CA VAL A 92 -1.32 -8.34 9.41
C VAL A 92 -1.81 -8.41 7.98
N VAL A 93 -2.68 -9.37 7.72
CA VAL A 93 -3.25 -9.59 6.41
C VAL A 93 -3.98 -8.34 5.89
N GLU A 94 -4.79 -7.73 6.75
CA GLU A 94 -5.52 -6.52 6.33
C GLU A 94 -4.54 -5.41 5.95
N ALA A 95 -3.41 -5.36 6.65
CA ALA A 95 -2.41 -4.35 6.38
C ALA A 95 -1.77 -4.61 5.03
N VAL A 96 -1.59 -5.90 4.70
CA VAL A 96 -0.99 -6.26 3.44
C VAL A 96 -1.96 -5.95 2.31
N HIS A 97 -3.23 -6.26 2.51
CA HIS A 97 -4.18 -5.99 1.46
C HIS A 97 -4.30 -4.49 1.21
N ALA A 98 -4.45 -3.72 2.27
CA ALA A 98 -4.56 -2.27 2.11
C ALA A 98 -3.32 -1.77 1.37
N LYS A 99 -2.30 -2.63 1.27
CA LYS A 99 -1.10 -2.25 0.57
C LYS A 99 -1.15 -2.71 -0.89
N GLY A 100 -2.12 -3.58 -1.20
CA GLY A 100 -2.26 -4.06 -2.57
C GLY A 100 -1.65 -5.40 -2.90
N GLY A 101 -1.01 -6.06 -1.94
CA GLY A 101 -0.43 -7.34 -2.23
C GLY A 101 -1.25 -8.53 -1.76
N PHE A 102 -0.73 -9.72 -2.02
CA PHE A 102 -1.36 -10.95 -1.55
C PHE A 102 -0.40 -11.55 -0.56
N ILE A 103 -0.93 -12.31 0.39
CA ILE A 103 -0.06 -12.92 1.35
C ILE A 103 -0.51 -14.34 1.69
N PHE A 104 0.43 -15.27 1.54
CA PHE A 104 0.17 -16.65 1.87
C PHE A 104 0.79 -16.92 3.22
N CYS A 105 0.11 -17.76 4.01
CA CYS A 105 0.63 -18.12 5.31
C CYS A 105 1.34 -19.45 5.17
N GLN A 106 2.63 -19.48 5.44
CA GLN A 106 3.36 -20.74 5.34
C GLN A 106 3.08 -21.58 6.58
N LEU A 107 2.49 -22.75 6.37
CA LEU A 107 2.18 -23.66 7.46
C LEU A 107 3.48 -24.41 7.69
N TRP A 108 3.97 -24.34 8.92
CA TRP A 108 5.25 -24.91 9.23
C TRP A 108 5.30 -25.77 10.48
N HIS A 109 5.76 -26.99 10.30
CA HIS A 109 5.95 -27.90 11.41
C HIS A 109 7.39 -28.34 11.29
N VAL A 110 8.17 -28.08 12.34
CA VAL A 110 9.59 -28.39 12.34
C VAL A 110 9.97 -29.84 12.50
N GLY A 111 8.99 -30.70 12.75
CA GLY A 111 9.28 -32.11 12.92
C GLY A 111 10.29 -32.23 14.04
N ARG A 112 11.40 -32.93 13.77
CA ARG A 112 12.42 -33.12 14.80
C ARG A 112 13.25 -31.89 15.13
N ALA A 113 13.23 -30.90 14.25
CA ALA A 113 14.03 -29.70 14.49
C ALA A 113 13.35 -28.83 15.54
N SER A 114 13.19 -29.40 16.74
CA SER A 114 12.56 -28.68 17.83
C SER A 114 13.26 -29.02 19.13
N HIS A 115 12.60 -28.70 20.24
CA HIS A 115 13.17 -28.96 21.56
C HIS A 115 12.04 -29.06 22.58
N ALA A 116 12.30 -29.79 23.66
CA ALA A 116 11.31 -29.95 24.72
C ALA A 116 10.75 -28.58 25.11
N VAL A 117 11.59 -27.55 25.00
CA VAL A 117 11.15 -26.20 25.35
C VAL A 117 9.96 -25.73 24.52
N TYR A 118 9.84 -26.22 23.30
CA TYR A 118 8.75 -25.82 22.42
C TYR A 118 7.70 -26.92 22.33
N GLN A 119 7.88 -27.97 23.12
CA GLN A 119 6.95 -29.07 23.07
C GLN A 119 5.93 -29.08 24.20
N PRO A 120 4.71 -29.55 23.89
CA PRO A 120 3.69 -29.60 24.94
C PRO A 120 4.19 -30.62 25.98
N ASN A 121 4.09 -30.24 27.26
CA ASN A 121 4.51 -31.10 28.36
C ASN A 121 6.00 -31.44 28.30
N GLY A 122 6.74 -30.58 27.62
CA GLY A 122 8.17 -30.77 27.50
C GLY A 122 8.49 -32.13 26.90
N GLY A 123 7.61 -32.57 26.02
CA GLY A 123 7.79 -33.86 25.38
C GLY A 123 8.77 -33.83 24.22
N SER A 124 8.97 -35.00 23.61
CA SER A 124 9.90 -35.14 22.51
C SER A 124 9.30 -34.66 21.20
N PRO A 125 10.11 -33.99 20.37
CA PRO A 125 9.60 -33.52 19.08
C PRO A 125 9.13 -34.72 18.28
N ILE A 126 8.18 -34.52 17.39
CA ILE A 126 7.71 -35.61 16.58
C ILE A 126 8.34 -35.50 15.21
N SER A 127 8.82 -36.62 14.71
CA SER A 127 9.47 -36.66 13.42
C SER A 127 9.04 -37.89 12.62
N SER A 128 9.65 -38.07 11.46
CA SER A 128 9.37 -39.22 10.63
C SER A 128 10.04 -40.42 11.28
N THR A 129 10.98 -40.14 12.17
CA THR A 129 11.76 -41.16 12.83
C THR A 129 12.14 -40.78 14.28
N ASN A 130 12.53 -41.76 15.08
CA ASN A 130 12.93 -41.52 16.47
C ASN A 130 14.41 -41.15 16.46
N LYS A 131 14.93 -40.81 15.28
CA LYS A 131 16.34 -40.42 15.14
C LYS A 131 16.55 -38.92 15.14
N PRO A 132 17.47 -38.42 15.97
CA PRO A 132 17.77 -36.98 16.07
C PRO A 132 18.66 -36.42 14.98
N ILE A 133 18.68 -35.09 14.90
CA ILE A 133 19.52 -34.36 13.96
C ILE A 133 20.95 -34.52 14.51
N SER A 134 21.96 -34.56 13.65
CA SER A 134 23.33 -34.72 14.12
C SER A 134 23.66 -33.61 15.14
N GLU A 135 24.20 -34.03 16.28
CA GLU A 135 24.50 -33.10 17.37
C GLU A 135 25.71 -32.16 17.29
N ASN A 136 26.53 -32.29 16.26
CA ASN A 136 27.71 -31.43 16.17
C ASN A 136 27.64 -30.29 15.14
N ARG A 137 26.83 -30.46 14.10
CA ARG A 137 26.76 -29.43 13.07
C ARG A 137 25.54 -28.51 13.08
N TRP A 138 24.56 -28.80 13.95
CA TRP A 138 23.35 -27.99 14.01
C TRP A 138 22.89 -27.75 15.44
N ARG A 139 22.17 -26.65 15.63
CA ARG A 139 21.67 -26.28 16.95
C ARG A 139 20.24 -25.76 16.85
N VAL A 140 19.52 -25.82 17.96
CA VAL A 140 18.17 -25.29 17.97
C VAL A 140 18.25 -24.06 18.84
N LEU A 141 17.76 -22.95 18.32
CA LEU A 141 17.75 -21.69 19.04
C LEU A 141 16.63 -21.78 20.07
N LEU A 142 16.92 -21.36 21.30
CA LEU A 142 15.96 -21.37 22.39
C LEU A 142 15.57 -19.94 22.78
N PRO A 143 14.49 -19.79 23.55
CA PRO A 143 14.00 -18.47 23.99
C PRO A 143 15.07 -17.57 24.58
N ASP A 144 15.88 -18.05 25.52
CA ASP A 144 16.90 -17.19 26.09
C ASP A 144 17.94 -16.86 25.02
N GLY A 145 17.84 -17.49 23.86
CA GLY A 145 18.78 -17.22 22.79
C GLY A 145 19.91 -18.21 22.77
N SER A 146 19.78 -19.27 23.57
CA SER A 146 20.81 -20.28 23.62
C SER A 146 20.65 -21.21 22.43
N HIS A 147 21.74 -21.87 22.07
CA HIS A 147 21.77 -22.82 20.98
C HIS A 147 22.22 -24.14 21.58
N VAL A 148 21.31 -25.09 21.69
CA VAL A 148 21.64 -26.39 22.23
C VAL A 148 21.43 -27.38 21.12
N LYS A 149 22.10 -28.54 21.23
CA LYS A 149 21.95 -29.58 20.23
C LYS A 149 20.49 -30.02 20.19
N TYR A 150 20.11 -30.66 19.08
CA TYR A 150 18.76 -31.16 18.90
C TYR A 150 18.54 -32.46 19.66
N PRO A 151 17.40 -32.59 20.32
CA PRO A 151 17.11 -33.81 21.09
C PRO A 151 16.65 -34.93 20.17
N LYS A 152 16.49 -36.10 20.76
CA LYS A 152 16.02 -37.29 20.07
C LYS A 152 14.51 -37.13 19.93
N PRO A 153 13.99 -37.20 18.70
CA PRO A 153 12.56 -37.06 18.46
C PRO A 153 11.85 -38.40 18.66
N ARG A 154 10.51 -38.38 18.56
CA ARG A 154 9.70 -39.56 18.68
C ARG A 154 9.14 -39.82 17.28
N ALA A 155 9.45 -40.98 16.72
CA ALA A 155 8.96 -41.32 15.40
C ALA A 155 7.44 -41.39 15.47
N LEU A 156 6.77 -40.80 14.47
CA LEU A 156 5.32 -40.82 14.41
C LEU A 156 4.86 -42.21 13.98
N GLU A 157 3.80 -42.70 14.59
CA GLU A 157 3.26 -43.98 14.19
C GLU A 157 2.31 -43.62 13.06
N ALA A 158 2.19 -44.48 12.07
CA ALA A 158 1.32 -44.23 10.93
C ALA A 158 -0.07 -43.79 11.38
N SER A 159 -0.52 -44.29 12.53
CA SER A 159 -1.83 -43.95 13.05
C SER A 159 -1.97 -42.50 13.51
N GLU A 160 -0.86 -41.80 13.69
CA GLU A 160 -0.92 -40.40 14.14
C GLU A 160 -0.81 -39.41 13.00
N ILE A 161 -0.20 -39.84 11.90
CA ILE A 161 -0.03 -38.97 10.77
C ILE A 161 -1.34 -38.31 10.31
N PRO A 162 -2.48 -39.02 10.43
CA PRO A 162 -3.72 -38.40 9.99
C PRO A 162 -4.06 -37.14 10.79
N ARG A 163 -3.74 -37.15 12.08
CA ARG A 163 -4.03 -35.99 12.92
C ARG A 163 -3.13 -34.83 12.49
N VAL A 164 -1.85 -35.13 12.23
CA VAL A 164 -0.93 -34.09 11.80
C VAL A 164 -1.40 -33.52 10.45
N VAL A 165 -1.77 -34.40 9.52
CA VAL A 165 -2.26 -33.94 8.21
C VAL A 165 -3.47 -33.03 8.46
N GLU A 166 -4.36 -33.48 9.34
CA GLU A 166 -5.55 -32.72 9.67
C GLU A 166 -5.25 -31.32 10.20
N ASP A 167 -4.23 -31.20 11.06
CA ASP A 167 -3.85 -29.90 11.61
C ASP A 167 -3.40 -28.98 10.49
N TYR A 168 -2.76 -29.54 9.46
CA TYR A 168 -2.36 -28.67 8.35
C TYR A 168 -3.64 -28.15 7.69
N CYS A 169 -4.64 -29.02 7.59
CA CYS A 169 -5.90 -28.63 6.97
C CYS A 169 -6.62 -27.55 7.78
N LEU A 170 -6.70 -27.75 9.09
CA LEU A 170 -7.32 -26.81 10.02
C LEU A 170 -6.58 -25.49 9.95
N SER A 171 -5.26 -25.57 10.04
CA SER A 171 -4.42 -24.37 10.00
C SER A 171 -4.64 -23.69 8.66
N ALA A 172 -4.80 -24.49 7.60
CA ALA A 172 -5.03 -23.91 6.28
C ALA A 172 -6.38 -23.20 6.28
N LEU A 173 -7.38 -23.82 6.91
CA LEU A 173 -8.71 -23.22 6.97
C LEU A 173 -8.65 -21.96 7.81
N ASN A 174 -7.88 -21.99 8.90
CA ASN A 174 -7.76 -20.79 9.73
C ASN A 174 -7.10 -19.67 8.92
N ALA A 175 -6.01 -20.01 8.24
CA ALA A 175 -5.30 -19.02 7.44
C ALA A 175 -6.29 -18.25 6.59
N ILE A 176 -7.11 -18.98 5.85
CA ILE A 176 -8.12 -18.38 5.00
C ILE A 176 -9.09 -17.57 5.86
N ARG A 177 -9.40 -18.09 7.04
CA ARG A 177 -10.31 -17.41 7.95
C ARG A 177 -9.76 -16.07 8.41
N ALA A 178 -8.44 -16.02 8.55
CA ALA A 178 -7.76 -14.80 8.97
C ALA A 178 -7.59 -13.85 7.79
N GLY A 179 -8.00 -14.30 6.61
CA GLY A 179 -7.90 -13.46 5.43
C GLY A 179 -6.73 -13.77 4.50
N PHE A 180 -5.91 -14.74 4.87
CA PHE A 180 -4.78 -15.07 4.02
C PHE A 180 -5.28 -15.47 2.65
N ASP A 181 -4.57 -15.02 1.62
CA ASP A 181 -4.96 -15.35 0.25
C ASP A 181 -4.71 -16.82 -0.01
N GLY A 182 -3.90 -17.43 0.85
CA GLY A 182 -3.59 -18.83 0.72
C GLY A 182 -2.54 -19.25 1.72
N ILE A 183 -2.00 -20.44 1.53
CA ILE A 183 -0.99 -20.93 2.42
C ILE A 183 0.08 -21.61 1.61
N GLU A 184 1.26 -21.74 2.23
CA GLU A 184 2.37 -22.43 1.61
C GLU A 184 2.70 -23.60 2.52
N ILE A 185 2.82 -24.79 1.94
CA ILE A 185 3.18 -25.95 2.72
C ILE A 185 4.70 -25.94 2.78
N HIS A 186 5.24 -25.78 3.98
CA HIS A 186 6.68 -25.76 4.14
C HIS A 186 7.14 -27.21 4.21
N GLY A 187 7.60 -27.74 3.08
CA GLY A 187 8.08 -29.11 3.05
C GLY A 187 9.55 -29.08 2.72
N ALA A 188 10.25 -28.07 3.21
CA ALA A 188 11.67 -27.88 2.93
C ALA A 188 12.55 -27.76 4.15
N HIS A 189 13.83 -27.62 3.87
CA HIS A 189 14.85 -27.37 4.87
C HIS A 189 15.01 -28.31 6.06
N GLY A 190 14.67 -29.58 5.88
CA GLY A 190 14.84 -30.54 6.95
C GLY A 190 13.79 -30.54 8.03
N TYR A 191 12.65 -29.90 7.78
CA TYR A 191 11.58 -29.89 8.77
C TYR A 191 10.70 -31.12 8.61
N LEU A 192 9.62 -31.21 9.38
CA LEU A 192 8.77 -32.40 9.36
C LEU A 192 8.66 -33.13 8.02
N ILE A 193 8.03 -32.48 7.05
CA ILE A 193 7.84 -33.06 5.73
C ILE A 193 9.16 -33.50 5.10
N ASP A 194 10.16 -32.64 5.14
CA ASP A 194 11.46 -32.99 4.57
C ASP A 194 12.06 -34.18 5.32
N GLN A 195 11.67 -34.36 6.58
CA GLN A 195 12.15 -35.49 7.37
C GLN A 195 11.54 -36.78 6.81
N PHE A 196 10.46 -36.64 6.05
CA PHE A 196 9.83 -37.80 5.42
C PHE A 196 10.37 -37.94 4.00
N LEU A 197 10.46 -36.80 3.30
CA LEU A 197 10.94 -36.76 1.93
C LEU A 197 12.34 -37.31 1.71
N LYS A 198 13.30 -36.82 2.48
CA LYS A 198 14.72 -37.19 2.36
C LYS A 198 15.06 -38.58 2.89
N ASP A 199 15.73 -39.40 2.07
CA ASP A 199 16.09 -40.74 2.55
C ASP A 199 17.27 -40.66 3.51
N GLY A 200 17.70 -39.44 3.81
CA GLY A 200 18.80 -39.27 4.74
C GLY A 200 18.26 -39.15 6.15
N ILE A 201 16.94 -39.13 6.26
CA ILE A 201 16.26 -39.01 7.54
C ILE A 201 15.20 -40.09 7.72
N ASN A 202 14.42 -40.28 6.68
CA ASN A 202 13.32 -41.23 6.70
C ASN A 202 13.79 -42.67 6.63
N ASP A 203 13.87 -43.33 7.79
CA ASP A 203 14.29 -44.73 7.84
C ASP A 203 13.10 -45.59 8.19
N ARG A 204 11.93 -45.15 7.74
CA ARG A 204 10.70 -45.88 8.01
C ARG A 204 10.60 -47.16 7.24
N THR A 205 9.88 -48.11 7.82
CA THR A 205 9.65 -49.41 7.20
C THR A 205 8.16 -49.63 6.95
N ASP A 206 7.36 -48.57 7.06
CA ASP A 206 5.93 -48.66 6.79
C ASP A 206 5.63 -47.99 5.45
N GLN A 207 4.39 -47.57 5.23
CA GLN A 207 4.06 -46.94 3.94
C GLN A 207 4.67 -45.56 3.74
N TYR A 208 5.11 -44.92 4.83
CA TYR A 208 5.67 -43.57 4.72
C TYR A 208 7.17 -43.56 4.60
N GLY A 209 7.77 -44.72 4.41
CA GLY A 209 9.22 -44.80 4.28
C GLY A 209 9.59 -45.86 3.27
N GLY A 210 10.83 -45.86 2.82
CA GLY A 210 11.26 -46.82 1.83
C GLY A 210 11.35 -46.16 0.47
N SER A 211 10.39 -46.47 -0.41
CA SER A 211 10.39 -45.90 -1.75
C SER A 211 10.16 -44.39 -1.75
N ILE A 212 10.64 -43.73 -2.80
CA ILE A 212 10.48 -42.30 -2.93
C ILE A 212 9.00 -41.95 -2.75
N ALA A 213 8.12 -42.76 -3.35
CA ALA A 213 6.68 -42.54 -3.25
C ALA A 213 6.21 -42.63 -1.81
N ASN A 214 6.76 -43.60 -1.07
CA ASN A 214 6.41 -43.77 0.32
C ASN A 214 6.81 -42.52 1.10
N ARG A 215 8.02 -42.04 0.83
CA ARG A 215 8.53 -40.87 1.53
C ARG A 215 7.73 -39.61 1.16
N CYS A 216 7.15 -39.59 -0.03
CA CYS A 216 6.35 -38.45 -0.48
C CYS A 216 4.92 -38.54 -0.01
N ARG A 217 4.56 -39.71 0.51
CA ARG A 217 3.21 -39.96 0.99
C ARG A 217 2.74 -38.88 1.98
N PHE A 218 3.63 -38.44 2.87
CA PHE A 218 3.24 -37.43 3.84
C PHE A 218 2.99 -36.11 3.14
N LEU A 219 3.93 -35.67 2.31
CA LEU A 219 3.75 -34.42 1.59
C LEU A 219 2.53 -34.53 0.69
N LYS A 220 2.48 -35.58 -0.12
CA LYS A 220 1.35 -35.81 -1.03
C LYS A 220 0.03 -35.70 -0.28
N GLN A 221 -0.04 -36.30 0.90
CA GLN A 221 -1.26 -36.28 1.70
C GLN A 221 -1.52 -34.91 2.31
N VAL A 222 -0.48 -34.31 2.88
CA VAL A 222 -0.60 -32.99 3.45
C VAL A 222 -1.22 -32.04 2.41
N VAL A 223 -0.72 -32.13 1.19
CA VAL A 223 -1.21 -31.27 0.12
C VAL A 223 -2.64 -31.62 -0.23
N GLU A 224 -2.94 -32.93 -0.26
CA GLU A 224 -4.29 -33.37 -0.57
C GLU A 224 -5.28 -32.78 0.42
N GLY A 225 -4.93 -32.86 1.71
CA GLY A 225 -5.80 -32.34 2.74
C GLY A 225 -6.03 -30.86 2.61
N VAL A 226 -4.94 -30.11 2.57
CA VAL A 226 -5.03 -28.67 2.47
C VAL A 226 -5.76 -28.28 1.19
N VAL A 227 -5.37 -28.88 0.07
CA VAL A 227 -6.00 -28.59 -1.21
C VAL A 227 -7.49 -28.90 -1.13
N SER A 228 -7.82 -30.05 -0.53
CA SER A 228 -9.22 -30.41 -0.39
C SER A 228 -9.93 -29.36 0.46
N ALA A 229 -9.25 -28.90 1.50
CA ALA A 229 -9.85 -27.93 2.40
C ALA A 229 -10.03 -26.56 1.80
N ILE A 230 -8.97 -25.98 1.23
CA ILE A 230 -9.10 -24.64 0.70
C ILE A 230 -8.95 -24.43 -0.80
N GLY A 231 -8.65 -25.48 -1.57
CA GLY A 231 -8.52 -25.31 -3.00
C GLY A 231 -7.09 -25.14 -3.45
N ALA A 232 -6.69 -25.96 -4.42
CA ALA A 232 -5.33 -25.94 -4.95
C ALA A 232 -4.81 -24.54 -5.26
N SER A 233 -5.68 -23.67 -5.74
CA SER A 233 -5.29 -22.29 -6.11
C SER A 233 -4.82 -21.47 -4.92
N LYS A 234 -5.22 -21.87 -3.73
CA LYS A 234 -4.82 -21.17 -2.53
C LYS A 234 -3.74 -21.97 -1.84
N VAL A 235 -3.07 -22.84 -2.59
CA VAL A 235 -2.03 -23.67 -1.99
C VAL A 235 -0.72 -23.64 -2.72
N GLY A 236 0.31 -23.21 -2.00
CA GLY A 236 1.66 -23.20 -2.55
C GLY A 236 2.37 -24.29 -1.80
N VAL A 237 3.37 -24.89 -2.43
CA VAL A 237 4.13 -25.96 -1.78
C VAL A 237 5.60 -25.66 -1.92
N ARG A 238 6.33 -25.67 -0.80
CA ARG A 238 7.75 -25.39 -0.88
C ARG A 238 8.59 -26.60 -0.56
N VAL A 239 9.58 -26.87 -1.39
CA VAL A 239 10.48 -27.98 -1.14
C VAL A 239 11.90 -27.55 -1.46
N SER A 240 12.86 -28.34 -0.99
CA SER A 240 14.28 -28.06 -1.21
C SER A 240 14.91 -29.45 -1.25
N PRO A 241 14.60 -30.23 -2.29
CA PRO A 241 15.15 -31.58 -2.40
C PRO A 241 16.67 -31.61 -2.35
N ALA A 242 17.30 -30.46 -2.59
CA ALA A 242 18.76 -30.40 -2.58
C ALA A 242 19.35 -29.79 -1.32
N ILE A 243 18.65 -28.86 -0.69
CA ILE A 243 19.17 -28.23 0.51
C ILE A 243 19.36 -29.28 1.61
N ASP A 244 20.59 -29.39 2.11
CA ASP A 244 20.91 -30.37 3.15
C ASP A 244 20.86 -29.79 4.58
N HIS A 245 19.92 -28.87 4.80
CA HIS A 245 19.76 -28.24 6.10
C HIS A 245 19.31 -29.27 7.14
N LEU A 246 19.92 -29.22 8.32
CA LEU A 246 19.58 -30.15 9.40
C LEU A 246 19.67 -31.61 8.97
N ASP A 247 20.75 -31.96 8.26
CA ASP A 247 20.97 -33.32 7.78
C ASP A 247 20.04 -33.71 6.65
N ALA A 248 18.94 -32.98 6.49
CA ALA A 248 17.98 -33.29 5.44
C ALA A 248 18.71 -33.57 4.13
N THR A 249 18.97 -34.85 3.85
CA THR A 249 19.64 -35.21 2.61
C THR A 249 18.94 -36.35 1.90
N ASP A 250 19.18 -36.43 0.60
CA ASP A 250 18.62 -37.50 -0.20
C ASP A 250 19.64 -37.88 -1.28
N SER A 251 20.04 -39.14 -1.26
CA SER A 251 21.03 -39.69 -2.20
C SER A 251 20.85 -39.19 -3.62
N ASP A 252 19.63 -38.81 -3.97
CA ASP A 252 19.37 -38.32 -5.31
C ASP A 252 18.32 -37.21 -5.32
N PRO A 253 18.74 -35.97 -5.02
CA PRO A 253 17.85 -34.80 -4.97
C PRO A 253 17.01 -34.63 -6.24
N LEU A 254 17.60 -34.93 -7.40
CA LEU A 254 16.88 -34.78 -8.65
C LEU A 254 15.65 -35.64 -8.68
N SER A 255 15.84 -36.92 -8.37
CA SER A 255 14.74 -37.88 -8.36
C SER A 255 13.65 -37.40 -7.43
N LEU A 256 13.98 -37.29 -6.13
CA LEU A 256 13.02 -36.82 -5.13
C LEU A 256 12.39 -35.54 -5.63
N GLY A 257 13.23 -34.66 -6.18
CA GLY A 257 12.73 -33.40 -6.68
C GLY A 257 11.72 -33.64 -7.79
N LEU A 258 12.07 -34.52 -8.73
CA LEU A 258 11.16 -34.80 -9.84
C LEU A 258 9.99 -35.62 -9.36
N ALA A 259 10.20 -36.35 -8.26
CA ALA A 259 9.15 -37.18 -7.69
C ALA A 259 8.12 -36.25 -7.09
N VAL A 260 8.59 -35.28 -6.31
CA VAL A 260 7.68 -34.31 -5.69
C VAL A 260 6.94 -33.58 -6.80
N VAL A 261 7.70 -33.06 -7.77
CA VAL A 261 7.12 -32.34 -8.90
C VAL A 261 6.16 -33.26 -9.64
N GLY A 262 6.61 -34.49 -9.81
CA GLY A 262 5.81 -35.49 -10.49
C GLY A 262 4.49 -35.66 -9.77
N MET A 263 4.58 -35.81 -8.45
CA MET A 263 3.40 -35.99 -7.62
C MET A 263 2.48 -34.77 -7.67
N LEU A 264 3.07 -33.60 -7.89
CA LEU A 264 2.26 -32.40 -7.96
C LEU A 264 1.61 -32.29 -9.34
N ASN A 265 2.30 -32.79 -10.36
CA ASN A 265 1.74 -32.75 -11.71
C ASN A 265 0.64 -33.78 -11.79
N LYS A 266 0.46 -34.55 -10.71
CA LYS A 266 -0.57 -35.59 -10.67
C LYS A 266 -1.79 -35.11 -9.90
N LEU A 267 -1.58 -34.69 -8.66
CA LEU A 267 -2.67 -34.23 -7.81
C LEU A 267 -3.49 -33.11 -8.46
N GLN A 268 -2.83 -32.18 -9.14
CA GLN A 268 -3.56 -31.08 -9.79
C GLN A 268 -4.66 -31.66 -10.67
N GLY A 269 -4.28 -32.59 -11.55
CA GLY A 269 -5.27 -33.21 -12.42
C GLY A 269 -6.37 -33.83 -11.58
N VAL A 270 -5.99 -34.69 -10.63
CA VAL A 270 -6.92 -35.38 -9.73
C VAL A 270 -7.82 -34.38 -9.02
N ASN A 271 -7.39 -33.12 -8.99
CA ASN A 271 -8.14 -32.06 -8.35
C ASN A 271 -8.84 -31.13 -9.34
N GLY A 272 -8.31 -31.05 -10.56
CA GLY A 272 -8.89 -30.20 -11.59
C GLY A 272 -8.45 -28.74 -11.55
N SER A 273 -7.39 -28.46 -10.81
CA SER A 273 -6.86 -27.10 -10.70
C SER A 273 -5.39 -27.07 -10.31
N LYS A 274 -4.71 -26.01 -10.74
CA LYS A 274 -3.31 -25.86 -10.41
C LYS A 274 -3.08 -25.24 -9.04
N LEU A 275 -2.03 -25.71 -8.38
CA LEU A 275 -1.65 -25.17 -7.08
C LEU A 275 -1.25 -23.72 -7.39
N ALA A 276 -1.12 -22.91 -6.35
CA ALA A 276 -0.72 -21.54 -6.56
C ALA A 276 0.68 -21.54 -7.20
N TYR A 277 1.54 -22.43 -6.70
CA TYR A 277 2.90 -22.51 -7.22
C TYR A 277 3.70 -23.62 -6.55
N LEU A 278 4.89 -23.85 -7.09
CA LEU A 278 5.84 -24.80 -6.55
C LEU A 278 7.02 -23.90 -6.18
N HIS A 279 7.42 -23.97 -4.92
CA HIS A 279 8.51 -23.14 -4.40
C HIS A 279 9.68 -24.07 -4.03
N VAL A 280 10.80 -23.91 -4.74
CA VAL A 280 11.96 -24.75 -4.49
C VAL A 280 13.15 -23.89 -4.12
N THR A 281 13.87 -24.33 -3.09
CA THR A 281 15.06 -23.61 -2.64
C THR A 281 16.23 -23.91 -3.58
N GLN A 282 16.78 -22.85 -4.14
CA GLN A 282 17.90 -22.99 -5.05
C GLN A 282 19.08 -23.61 -4.36
N PRO A 283 19.52 -24.79 -4.82
CA PRO A 283 20.68 -25.39 -4.15
C PRO A 283 21.82 -24.41 -4.45
N ARG A 284 21.92 -23.39 -3.61
CA ARG A 284 22.92 -22.33 -3.77
C ARG A 284 24.23 -22.59 -3.03
N GLU A 300 28.95 -27.22 -9.50
CA GLU A 300 29.34 -28.62 -9.60
C GLU A 300 28.52 -29.34 -10.65
N GLU A 301 27.23 -29.47 -10.36
CA GLU A 301 26.30 -30.13 -11.27
C GLU A 301 24.91 -29.74 -10.79
N GLU A 302 24.87 -29.02 -9.68
CA GLU A 302 23.62 -28.57 -9.08
C GLU A 302 22.97 -27.44 -9.86
N ALA A 303 23.05 -27.53 -11.19
CA ALA A 303 22.45 -26.53 -12.07
C ALA A 303 21.46 -27.22 -13.00
N LYS A 304 21.30 -28.53 -12.81
CA LYS A 304 20.36 -29.28 -13.65
C LYS A 304 19.04 -29.50 -12.88
N LEU A 305 19.12 -29.71 -11.57
CA LEU A 305 17.92 -29.94 -10.77
C LEU A 305 16.88 -28.82 -10.90
N MET A 306 17.28 -27.60 -10.58
CA MET A 306 16.38 -26.47 -10.67
C MET A 306 15.88 -26.31 -12.08
N LYS A 307 16.77 -26.54 -13.05
CA LYS A 307 16.35 -26.42 -14.43
C LYS A 307 15.38 -27.55 -14.70
N SER A 308 15.78 -28.77 -14.32
CA SER A 308 14.93 -29.92 -14.50
C SER A 308 13.55 -29.67 -13.90
N LEU A 309 13.53 -29.55 -12.57
CA LEU A 309 12.29 -29.34 -11.82
C LEU A 309 11.39 -28.29 -12.45
N ARG A 310 11.97 -27.18 -12.84
CA ARG A 310 11.20 -26.12 -13.45
C ARG A 310 10.78 -26.47 -14.87
N MET A 311 11.72 -27.01 -15.66
CA MET A 311 11.46 -27.38 -17.06
C MET A 311 10.60 -28.65 -17.08
N ALA A 312 10.16 -29.06 -15.88
CA ALA A 312 9.36 -30.25 -15.73
C ALA A 312 8.13 -30.13 -14.83
N TYR A 313 7.94 -29.00 -14.17
CA TYR A 313 6.75 -28.88 -13.33
C TYR A 313 5.63 -28.21 -14.12
N ASN A 314 4.41 -28.73 -13.99
CA ASN A 314 3.31 -28.15 -14.72
C ASN A 314 2.68 -26.99 -13.97
N GLY A 315 3.32 -25.83 -14.04
CA GLY A 315 2.82 -24.67 -13.34
C GLY A 315 3.88 -23.67 -12.93
N THR A 316 3.40 -22.63 -12.26
CA THR A 316 4.24 -21.55 -11.78
C THR A 316 5.33 -22.10 -10.87
N PHE A 317 6.56 -21.71 -11.17
CA PHE A 317 7.72 -22.16 -10.43
C PHE A 317 8.40 -21.01 -9.74
N MET A 318 8.35 -21.02 -8.41
CA MET A 318 8.95 -19.99 -7.59
C MET A 318 10.31 -20.43 -7.09
N SER A 319 11.34 -19.70 -7.48
CA SER A 319 12.69 -20.03 -7.07
C SER A 319 13.15 -19.09 -5.96
N SER A 320 14.05 -19.59 -5.11
CA SER A 320 14.56 -18.82 -3.98
C SER A 320 15.95 -19.33 -3.58
N GLY A 321 16.69 -18.51 -2.85
CA GLY A 321 18.01 -18.91 -2.40
C GLY A 321 19.14 -18.23 -3.16
N GLY A 322 19.85 -17.35 -2.46
CA GLY A 322 20.99 -16.64 -3.04
C GLY A 322 20.71 -15.62 -4.13
N PHE A 323 19.46 -15.54 -4.58
CA PHE A 323 19.10 -14.60 -5.64
C PHE A 323 19.30 -13.12 -5.30
N ASN A 324 19.52 -12.35 -6.35
CA ASN A 324 19.68 -10.91 -6.27
C ASN A 324 18.90 -10.45 -7.49
N LYS A 325 18.92 -9.16 -7.80
CA LYS A 325 18.16 -8.72 -8.97
C LYS A 325 18.65 -9.40 -10.23
N GLU A 326 19.93 -9.21 -10.55
CA GLU A 326 20.49 -9.81 -11.75
C GLU A 326 20.03 -11.25 -11.95
N LEU A 327 20.32 -12.12 -10.98
CA LEU A 327 19.94 -13.52 -11.11
C LEU A 327 18.42 -13.68 -11.23
N GLY A 328 17.67 -12.79 -10.59
CA GLY A 328 16.23 -12.86 -10.65
C GLY A 328 15.72 -12.51 -12.03
N MET A 329 16.26 -11.43 -12.59
CA MET A 329 15.88 -10.99 -13.93
C MET A 329 16.15 -12.10 -14.93
N GLN A 330 17.37 -12.63 -14.93
CA GLN A 330 17.70 -13.70 -15.87
C GLN A 330 16.88 -14.93 -15.55
N ALA A 331 16.51 -15.08 -14.28
CA ALA A 331 15.72 -16.21 -13.85
C ALA A 331 14.40 -16.16 -14.61
N VAL A 332 13.77 -14.99 -14.60
CA VAL A 332 12.51 -14.82 -15.32
C VAL A 332 12.74 -14.78 -16.84
N GLN A 333 13.64 -13.91 -17.29
CA GLN A 333 13.93 -13.76 -18.72
C GLN A 333 14.10 -15.13 -19.40
N GLN A 334 15.05 -15.91 -18.88
CA GLN A 334 15.33 -17.24 -19.43
C GLN A 334 14.18 -18.20 -19.17
N GLY A 335 13.05 -17.68 -18.72
CA GLY A 335 11.90 -18.53 -18.47
C GLY A 335 12.17 -19.74 -17.59
N ASP A 336 13.09 -19.60 -16.64
CA ASP A 336 13.42 -20.68 -15.71
C ASP A 336 12.78 -20.34 -14.36
N ALA A 337 12.55 -19.04 -14.16
CA ALA A 337 11.93 -18.59 -12.93
C ALA A 337 10.78 -17.66 -13.21
N ASP A 338 9.58 -18.14 -12.92
CA ASP A 338 8.39 -17.33 -13.07
C ASP A 338 8.35 -16.35 -11.90
N LEU A 339 8.74 -16.84 -10.74
CA LEU A 339 8.74 -16.04 -9.51
C LEU A 339 9.95 -16.32 -8.66
N VAL A 340 10.68 -15.26 -8.35
CA VAL A 340 11.87 -15.34 -7.53
C VAL A 340 11.55 -14.71 -6.18
N SER A 341 11.86 -15.43 -5.10
CA SER A 341 11.61 -14.89 -3.78
C SER A 341 12.93 -14.53 -3.12
N TYR A 342 12.91 -13.44 -2.38
CA TYR A 342 14.09 -12.96 -1.69
C TYR A 342 13.86 -12.96 -0.19
N GLY A 343 14.86 -13.44 0.54
CA GLY A 343 14.75 -13.49 1.99
C GLY A 343 15.50 -12.37 2.68
N ARG A 344 16.84 -12.49 2.70
CA ARG A 344 17.65 -11.51 3.40
C ARG A 344 17.53 -10.09 2.88
N LEU A 345 17.54 -9.93 1.56
CA LEU A 345 17.42 -8.59 0.98
C LEU A 345 16.08 -7.94 1.33
N PHE A 346 15.07 -8.75 1.59
CA PHE A 346 13.76 -8.20 1.92
C PHE A 346 13.71 -7.87 3.38
N ILE A 347 14.52 -8.58 4.15
CA ILE A 347 14.60 -8.35 5.58
C ILE A 347 15.07 -6.92 5.79
N ALA A 348 16.13 -6.55 5.07
CA ALA A 348 16.71 -5.22 5.20
C ALA A 348 16.12 -4.18 4.25
N ASN A 349 15.40 -4.62 3.23
CA ASN A 349 14.83 -3.69 2.25
C ASN A 349 13.33 -3.78 2.11
N PRO A 350 12.61 -3.03 2.94
CA PRO A 350 11.14 -3.05 2.88
C PRO A 350 10.70 -2.79 1.44
N ASP A 351 11.36 -1.84 0.79
CA ASP A 351 11.04 -1.48 -0.59
C ASP A 351 11.97 -2.18 -1.57
N LEU A 352 12.20 -3.48 -1.36
CA LEU A 352 13.07 -4.22 -2.26
C LEU A 352 12.62 -4.12 -3.71
N VAL A 353 11.31 -4.10 -3.93
CA VAL A 353 10.79 -4.03 -5.29
C VAL A 353 11.20 -2.75 -5.98
N SER A 354 10.93 -1.61 -5.36
CA SER A 354 11.30 -0.33 -5.93
C SER A 354 12.80 -0.22 -6.16
N ARG A 355 13.57 -0.75 -5.21
CA ARG A 355 15.01 -0.72 -5.31
C ARG A 355 15.47 -1.47 -6.55
N PHE A 356 14.85 -2.62 -6.80
CA PHE A 356 15.23 -3.40 -7.98
C PHE A 356 14.82 -2.65 -9.25
N LYS A 357 13.69 -1.95 -9.19
CA LYS A 357 13.19 -1.22 -10.34
C LYS A 357 14.16 -0.13 -10.79
N ILE A 358 14.56 0.73 -9.87
CA ILE A 358 15.47 1.81 -10.22
C ILE A 358 16.93 1.43 -9.99
N ASP A 359 17.22 0.14 -9.89
CA ASP A 359 18.58 -0.33 -9.64
C ASP A 359 19.20 0.55 -8.56
N GLY A 360 18.39 0.89 -7.55
CA GLY A 360 18.90 1.72 -6.48
C GLY A 360 19.72 0.95 -5.47
N GLU A 361 20.27 1.66 -4.48
CA GLU A 361 21.08 1.04 -3.44
C GLU A 361 20.28 -0.04 -2.72
N LEU A 362 20.99 -0.87 -1.94
CA LEU A 362 20.36 -1.94 -1.17
C LEU A 362 20.86 -1.91 0.27
N ASN A 363 19.93 -1.75 1.21
CA ASN A 363 20.30 -1.73 2.61
C ASN A 363 21.01 -3.03 2.89
N LYS A 364 21.84 -3.03 3.92
CA LYS A 364 22.55 -4.24 4.30
C LYS A 364 21.74 -4.84 5.44
N TYR A 365 21.61 -6.16 5.45
CA TYR A 365 20.88 -6.82 6.51
C TYR A 365 21.80 -7.17 7.67
N ASN A 366 21.29 -7.05 8.89
CA ASN A 366 22.05 -7.38 10.07
C ASN A 366 21.56 -8.74 10.56
N ARG A 367 22.37 -9.76 10.32
CA ARG A 367 22.04 -11.12 10.71
C ARG A 367 21.76 -11.27 12.22
N LYS A 368 22.47 -10.51 13.04
CA LYS A 368 22.26 -10.63 14.48
C LYS A 368 20.84 -10.32 14.92
N THR A 369 20.09 -9.62 14.08
CA THR A 369 18.72 -9.29 14.44
C THR A 369 17.69 -10.02 13.59
N PHE A 370 18.13 -11.08 12.92
CA PHE A 370 17.21 -11.87 12.09
C PHE A 370 16.15 -12.52 12.97
N TYR A 371 16.63 -13.07 14.09
CA TYR A 371 15.80 -13.82 15.03
C TYR A 371 15.59 -13.21 16.41
N THR A 372 15.90 -11.92 16.56
CA THR A 372 15.72 -11.24 17.83
C THR A 372 14.24 -10.91 18.02
N GLN A 373 13.86 -10.39 19.19
CA GLN A 373 12.46 -10.10 19.46
C GLN A 373 12.00 -8.66 19.40
N ASP A 374 12.90 -7.73 19.09
CA ASP A 374 12.46 -6.36 19.07
C ASP A 374 11.45 -6.17 17.96
N PRO A 375 10.31 -5.53 18.27
CA PRO A 375 9.27 -5.30 17.26
C PRO A 375 9.72 -4.27 16.25
N VAL A 376 10.78 -3.55 16.56
CA VAL A 376 11.26 -2.52 15.67
C VAL A 376 12.67 -2.79 15.19
N VAL A 377 13.60 -2.90 16.12
CA VAL A 377 15.01 -3.09 15.81
C VAL A 377 15.37 -4.34 14.99
N GLY A 378 15.92 -4.09 13.80
CA GLY A 378 16.30 -5.16 12.91
C GLY A 378 15.07 -5.76 12.26
N TYR A 379 13.92 -5.15 12.53
CA TYR A 379 12.66 -5.64 12.00
C TYR A 379 11.94 -4.65 11.08
N THR A 380 11.36 -3.61 11.67
CA THR A 380 10.65 -2.61 10.87
C THR A 380 11.42 -1.30 10.79
N ASP A 381 12.67 -1.29 11.24
CA ASP A 381 13.44 -0.05 11.21
C ASP A 381 14.46 0.06 10.08
N TYR A 382 14.45 -0.88 9.15
CA TYR A 382 15.35 -0.77 8.01
C TYR A 382 14.66 0.29 7.16
N PRO A 383 15.40 1.35 6.76
CA PRO A 383 14.86 2.45 5.96
C PRO A 383 14.47 2.16 4.53
N PHE A 384 13.53 2.95 4.04
CA PHE A 384 13.07 2.87 2.65
C PHE A 384 14.04 3.78 1.92
N LEU A 385 14.09 3.70 0.60
CA LEU A 385 14.98 4.57 -0.16
C LEU A 385 14.61 6.02 0.10
N ALA A 386 15.58 6.90 -0.01
CA ALA A 386 15.34 8.32 0.16
C ALA A 386 14.95 8.79 -1.24
N PRO A 387 14.35 10.00 -1.35
CA PRO A 387 13.95 10.53 -2.66
C PRO A 387 15.05 10.35 -3.71
N ASN B 9 -4.71 43.23 17.01
CA ASN B 9 -4.68 41.74 17.06
C ASN B 9 -4.22 41.18 15.70
N GLU B 10 -4.53 39.92 15.44
CA GLU B 10 -4.14 39.29 14.18
C GLU B 10 -5.00 39.77 13.03
N THR B 11 -4.46 39.69 11.81
CA THR B 11 -5.19 40.15 10.65
C THR B 11 -4.87 39.29 9.43
N LEU B 12 -5.59 39.52 8.34
CA LEU B 12 -5.36 38.80 7.09
C LEU B 12 -3.97 39.18 6.58
N PHE B 13 -3.46 40.31 7.06
CA PHE B 13 -2.17 40.80 6.63
C PHE B 13 -1.02 40.44 7.57
N SER B 14 -1.33 39.79 8.67
CA SER B 14 -0.28 39.38 9.60
C SER B 14 0.54 38.23 9.04
N SER B 15 1.84 38.27 9.30
CA SER B 15 2.73 37.22 8.86
C SER B 15 2.25 35.96 9.52
N TYR B 16 2.70 34.81 9.01
CA TYR B 16 2.30 33.55 9.60
C TYR B 16 3.36 32.47 9.51
N LYS B 17 3.42 31.63 10.53
CA LYS B 17 4.37 30.55 10.55
C LYS B 17 3.63 29.28 10.14
N MET B 18 3.54 29.04 8.84
CA MET B 18 2.87 27.83 8.34
C MET B 18 3.90 26.71 8.43
N GLY B 19 4.12 26.20 9.63
CA GLY B 19 5.10 25.14 9.82
C GLY B 19 6.42 25.64 9.26
N ARG B 20 7.15 24.74 8.61
CA ARG B 20 8.44 25.10 8.03
C ARG B 20 8.29 26.21 6.99
N PHE B 21 7.09 26.80 6.88
CA PHE B 21 6.86 27.85 5.91
C PHE B 21 6.57 29.20 6.56
N ASP B 22 7.32 30.22 6.16
CA ASP B 22 7.17 31.57 6.68
C ASP B 22 6.31 32.40 5.74
N LEU B 23 5.09 32.70 6.17
CA LEU B 23 4.18 33.48 5.36
C LEU B 23 4.16 34.92 5.82
N SER B 24 3.92 35.83 4.88
CA SER B 24 3.86 37.26 5.15
C SER B 24 2.43 37.66 5.51
N HIS B 25 1.47 36.91 4.98
CA HIS B 25 0.07 37.22 5.26
C HIS B 25 -0.79 35.98 5.17
N ARG B 26 -2.07 36.13 5.50
CA ARG B 26 -3.00 35.02 5.55
C ARG B 26 -3.82 34.82 4.29
N VAL B 27 -3.66 35.71 3.32
CA VAL B 27 -4.43 35.61 2.10
C VAL B 27 -3.80 34.54 1.22
N VAL B 28 -4.59 33.53 0.89
CA VAL B 28 -4.10 32.43 0.09
C VAL B 28 -4.85 32.33 -1.22
N LEU B 29 -4.13 31.91 -2.26
CA LEU B 29 -4.75 31.71 -3.55
C LEU B 29 -5.26 30.28 -3.46
N ALA B 30 -6.59 30.17 -3.39
CA ALA B 30 -7.27 28.89 -3.30
C ALA B 30 -7.06 28.15 -4.62
N PRO B 31 -7.07 26.81 -4.58
CA PRO B 31 -6.88 26.02 -5.80
C PRO B 31 -8.06 26.26 -6.73
N MET B 32 -7.78 26.62 -7.98
CA MET B 32 -8.86 26.86 -8.93
C MET B 32 -8.62 26.34 -10.32
N THR B 33 -9.46 25.39 -10.74
CA THR B 33 -9.37 24.85 -12.09
C THR B 33 -9.69 25.97 -13.06
N ARG B 34 -8.87 26.11 -14.09
CA ARG B 34 -9.08 27.16 -15.07
C ARG B 34 -8.97 26.58 -16.47
N CYS B 35 -8.44 25.36 -16.57
CA CYS B 35 -8.31 24.68 -17.84
C CYS B 35 -7.50 25.45 -18.88
N ARG B 36 -6.50 26.19 -18.43
CA ARG B 36 -5.64 26.91 -19.36
C ARG B 36 -4.41 26.06 -19.68
N ALA B 37 -4.28 24.93 -18.99
CA ALA B 37 -3.18 24.00 -19.19
C ALA B 37 -3.58 23.07 -20.33
N LEU B 38 -3.65 23.65 -21.54
CA LEU B 38 -4.03 22.89 -22.71
C LEU B 38 -3.30 21.57 -22.83
N ASN B 39 -4.07 20.50 -22.99
CA ASN B 39 -3.50 19.17 -23.15
C ASN B 39 -2.73 18.66 -21.94
N GLY B 40 -3.07 19.18 -20.77
CA GLY B 40 -2.45 18.73 -19.54
C GLY B 40 -1.10 19.34 -19.28
N VAL B 41 -0.62 20.15 -20.21
CA VAL B 41 0.68 20.75 -20.05
C VAL B 41 0.60 22.16 -19.49
N PRO B 42 1.23 22.42 -18.33
CA PRO B 42 1.20 23.77 -17.75
C PRO B 42 2.00 24.63 -18.72
N ASN B 43 1.44 25.76 -19.15
CA ASN B 43 2.14 26.59 -20.12
C ASN B 43 2.43 28.02 -19.67
N ALA B 44 2.61 28.91 -20.63
CA ALA B 44 2.94 30.29 -20.32
C ALA B 44 1.81 31.08 -19.66
N ALA B 45 0.59 30.95 -20.16
CA ALA B 45 -0.52 31.68 -19.57
C ALA B 45 -0.66 31.32 -18.09
N LEU B 46 -0.24 30.11 -17.74
CA LEU B 46 -0.31 29.68 -16.36
C LEU B 46 0.76 30.41 -15.57
N ALA B 47 2.00 30.22 -16.00
CA ALA B 47 3.13 30.86 -15.34
C ALA B 47 2.81 32.32 -15.02
N GLU B 48 2.29 33.04 -16.01
CA GLU B 48 1.95 34.45 -15.82
C GLU B 48 0.73 34.64 -14.90
N TYR B 49 -0.25 33.75 -15.02
CA TYR B 49 -1.46 33.82 -14.20
C TYR B 49 -1.12 33.74 -12.70
N TYR B 50 -0.30 32.76 -12.34
CA TYR B 50 0.07 32.59 -10.94
C TYR B 50 1.02 33.68 -10.53
N ALA B 51 2.01 33.94 -11.39
CA ALA B 51 2.99 34.99 -11.13
C ALA B 51 2.28 36.23 -10.64
N GLN B 52 1.32 36.70 -11.43
CA GLN B 52 0.55 37.89 -11.09
C GLN B 52 -0.09 37.79 -9.72
N ARG B 53 -0.32 36.57 -9.27
CA ARG B 53 -0.99 36.38 -7.99
C ARG B 53 -0.07 36.09 -6.82
N THR B 54 1.23 36.01 -7.09
CA THR B 54 2.13 35.74 -5.99
C THR B 54 2.73 37.02 -5.42
N THR B 55 2.66 37.11 -4.10
CA THR B 55 3.19 38.23 -3.35
C THR B 55 4.30 37.68 -2.46
N PRO B 56 5.26 38.52 -2.12
CA PRO B 56 6.36 38.05 -1.27
C PRO B 56 5.76 37.52 0.02
N GLY B 57 6.08 36.27 0.35
CA GLY B 57 5.56 35.67 1.57
C GLY B 57 4.12 35.21 1.50
N GLY B 58 3.54 35.21 0.31
CA GLY B 58 2.16 34.76 0.14
C GLY B 58 2.12 33.30 -0.27
N PHE B 59 1.04 32.61 0.08
CA PHE B 59 0.89 31.20 -0.26
C PHE B 59 -0.04 30.99 -1.46
N LEU B 60 0.34 30.07 -2.33
CA LEU B 60 -0.46 29.75 -3.50
C LEU B 60 -0.75 28.27 -3.54
N ILE B 61 -1.90 27.93 -4.11
CA ILE B 61 -2.29 26.56 -4.28
C ILE B 61 -2.87 26.48 -5.69
N SER B 62 -2.28 25.61 -6.50
CA SER B 62 -2.69 25.43 -7.86
C SER B 62 -3.99 24.67 -7.98
N GLU B 63 -4.54 24.70 -9.20
CA GLU B 63 -5.76 23.99 -9.54
C GLU B 63 -5.54 22.50 -9.28
N GLY B 64 -6.61 21.75 -9.02
CA GLY B 64 -6.45 20.32 -8.81
C GLY B 64 -5.60 19.80 -9.96
N THR B 65 -4.52 19.11 -9.63
CA THR B 65 -3.61 18.60 -10.64
C THR B 65 -3.64 17.09 -10.75
N MET B 66 -3.66 16.59 -11.98
CA MET B 66 -3.73 15.15 -12.21
C MET B 66 -2.63 14.33 -11.54
N VAL B 67 -3.06 13.36 -10.73
CA VAL B 67 -2.13 12.48 -10.08
C VAL B 67 -1.97 11.28 -11.00
N SER B 68 -2.84 11.19 -12.00
CA SER B 68 -2.79 10.11 -12.95
C SER B 68 -3.60 10.41 -14.18
N PRO B 69 -3.20 9.86 -15.32
CA PRO B 69 -3.99 10.12 -16.52
C PRO B 69 -5.34 9.54 -16.12
N GLY B 70 -6.39 10.33 -16.14
CA GLY B 70 -7.67 9.77 -15.74
C GLY B 70 -8.16 10.28 -14.40
N SER B 71 -7.25 10.83 -13.58
CA SER B 71 -7.65 11.35 -12.26
C SER B 71 -8.13 12.79 -12.34
N ALA B 72 -8.61 13.19 -13.53
CA ALA B 72 -9.10 14.53 -13.79
C ALA B 72 -10.46 14.47 -14.49
N GLY B 73 -11.28 15.50 -14.29
CA GLY B 73 -12.59 15.51 -14.92
C GLY B 73 -12.86 16.83 -15.60
N PHE B 74 -11.81 17.46 -16.11
CA PHE B 74 -11.89 18.74 -16.80
C PHE B 74 -10.88 18.70 -17.94
N PRO B 75 -11.07 19.55 -18.95
CA PRO B 75 -10.10 19.53 -20.05
C PRO B 75 -8.97 20.50 -19.79
N HIS B 76 -7.92 20.35 -20.58
CA HIS B 76 -6.76 21.24 -20.50
C HIS B 76 -6.34 21.49 -19.07
N VAL B 77 -6.53 20.48 -18.25
CA VAL B 77 -6.15 20.58 -16.87
C VAL B 77 -4.78 19.96 -16.81
N PRO B 78 -3.92 20.46 -15.92
CA PRO B 78 -2.58 19.89 -15.84
C PRO B 78 -2.49 18.63 -15.02
N GLY B 79 -1.34 17.98 -15.11
CA GLY B 79 -1.10 16.79 -14.34
C GLY B 79 0.30 16.94 -13.80
N ILE B 80 0.69 16.04 -12.92
CA ILE B 80 2.03 16.09 -12.37
C ILE B 80 2.47 14.64 -12.23
N TYR B 81 1.80 13.76 -12.96
CA TYR B 81 2.13 12.34 -12.88
C TYR B 81 3.22 11.89 -13.83
N SER B 82 3.56 12.74 -14.80
CA SER B 82 4.62 12.39 -15.75
C SER B 82 5.75 13.38 -15.56
N ASP B 83 6.89 13.12 -16.20
CA ASP B 83 8.02 14.02 -16.08
C ASP B 83 7.89 15.20 -17.02
N GLU B 84 7.20 14.97 -18.12
CA GLU B 84 6.99 16.04 -19.07
C GLU B 84 6.23 17.16 -18.36
N GLN B 85 5.39 16.77 -17.40
CA GLN B 85 4.61 17.74 -16.65
C GLN B 85 5.48 18.35 -15.58
N VAL B 86 6.33 17.54 -14.99
CA VAL B 86 7.23 18.00 -13.94
C VAL B 86 8.09 19.13 -14.52
N GLU B 87 8.75 18.86 -15.65
CA GLU B 87 9.58 19.89 -16.26
C GLU B 87 8.69 21.05 -16.72
N ALA B 88 7.49 20.72 -17.20
CA ALA B 88 6.56 21.75 -17.66
C ALA B 88 6.14 22.71 -16.54
N TRP B 89 5.97 22.18 -15.34
CA TRP B 89 5.57 23.03 -14.21
C TRP B 89 6.67 23.97 -13.75
N LYS B 90 7.80 23.96 -14.44
CA LYS B 90 8.87 24.84 -14.01
C LYS B 90 8.67 26.31 -14.40
N GLN B 91 8.04 26.56 -15.54
CA GLN B 91 7.84 27.94 -15.97
C GLN B 91 6.76 28.62 -15.15
N VAL B 92 5.83 27.83 -14.64
CA VAL B 92 4.75 28.38 -13.84
C VAL B 92 5.23 28.63 -12.43
N VAL B 93 5.85 27.60 -11.86
CA VAL B 93 6.36 27.65 -10.51
C VAL B 93 7.41 28.73 -10.41
N GLU B 94 8.30 28.79 -11.39
CA GLU B 94 9.34 29.80 -11.39
C GLU B 94 8.80 31.22 -11.26
N ALA B 95 7.77 31.58 -12.04
CA ALA B 95 7.25 32.92 -11.92
C ALA B 95 6.84 33.17 -10.46
N VAL B 96 6.23 32.16 -9.84
CA VAL B 96 5.81 32.26 -8.44
C VAL B 96 7.01 32.25 -7.51
N HIS B 97 7.90 31.29 -7.71
CA HIS B 97 9.06 31.19 -6.86
C HIS B 97 9.87 32.48 -6.86
N ALA B 98 10.33 32.90 -8.04
CA ALA B 98 11.14 34.10 -8.16
C ALA B 98 10.46 35.26 -7.43
N LYS B 99 9.13 35.34 -7.53
CA LYS B 99 8.40 36.41 -6.87
C LYS B 99 8.30 36.21 -5.36
N GLY B 100 9.10 35.28 -4.83
CA GLY B 100 9.11 35.05 -3.40
C GLY B 100 7.85 34.43 -2.83
N GLY B 101 7.08 33.76 -3.67
CA GLY B 101 5.85 33.14 -3.21
C GLY B 101 5.89 31.64 -3.12
N PHE B 102 5.41 31.10 -2.00
CA PHE B 102 5.33 29.65 -1.79
C PHE B 102 4.11 29.13 -2.53
N ILE B 103 4.23 27.94 -3.10
CA ILE B 103 3.09 27.38 -3.80
C ILE B 103 3.04 25.87 -3.69
N PHE B 104 1.82 25.38 -3.48
CA PHE B 104 1.57 23.97 -3.38
C PHE B 104 0.78 23.55 -4.62
N CYS B 105 1.06 22.36 -5.12
CA CYS B 105 0.32 21.88 -6.26
C CYS B 105 -0.79 21.05 -5.67
N GLN B 106 -2.04 21.37 -5.98
CA GLN B 106 -3.10 20.54 -5.42
C GLN B 106 -3.19 19.21 -6.19
N LEU B 107 -3.15 18.10 -5.44
CA LEU B 107 -3.23 16.77 -6.01
C LEU B 107 -4.70 16.39 -6.06
N TRP B 108 -5.19 16.38 -7.30
CA TRP B 108 -6.59 16.16 -7.62
C TRP B 108 -7.08 14.79 -8.08
N HIS B 109 -8.15 14.33 -7.46
CA HIS B 109 -8.75 13.06 -7.85
C HIS B 109 -10.25 13.29 -7.90
N VAL B 110 -10.78 13.47 -9.11
CA VAL B 110 -12.20 13.73 -9.31
C VAL B 110 -13.08 12.49 -9.22
N GLY B 111 -12.47 11.33 -9.12
CA GLY B 111 -13.23 10.11 -9.04
C GLY B 111 -14.25 10.04 -10.16
N ARG B 112 -15.53 10.06 -9.82
CA ARG B 112 -16.56 9.96 -10.84
C ARG B 112 -16.82 11.26 -11.61
N ALA B 113 -16.34 12.37 -11.07
CA ALA B 113 -16.57 13.65 -11.74
C ALA B 113 -15.61 13.74 -12.91
N SER B 114 -15.78 12.81 -13.85
CA SER B 114 -14.92 12.78 -15.01
C SER B 114 -15.83 12.29 -16.12
N HIS B 115 -15.25 11.68 -17.14
CA HIS B 115 -16.04 11.18 -18.26
C HIS B 115 -15.14 10.28 -19.08
N ALA B 116 -15.75 9.41 -19.88
CA ALA B 116 -14.99 8.49 -20.74
C ALA B 116 -13.91 9.24 -21.49
N VAL B 117 -14.21 10.48 -21.86
CA VAL B 117 -13.27 11.30 -22.59
C VAL B 117 -11.96 11.54 -21.82
N TYR B 118 -12.05 11.56 -20.50
CA TYR B 118 -10.86 11.80 -19.66
C TYR B 118 -10.26 10.54 -19.10
N GLN B 119 -10.67 9.39 -19.64
CA GLN B 119 -10.15 8.14 -19.13
C GLN B 119 -9.33 7.35 -20.14
N PRO B 120 -8.22 6.75 -19.67
CA PRO B 120 -7.39 5.97 -20.59
C PRO B 120 -8.33 4.90 -21.15
N ASN B 121 -8.29 4.71 -22.47
CA ASN B 121 -9.13 3.70 -23.12
C ASN B 121 -10.60 4.05 -23.17
N GLY B 122 -10.95 5.24 -22.71
CA GLY B 122 -12.35 5.65 -22.70
C GLY B 122 -13.14 4.85 -21.68
N GLY B 123 -12.43 4.28 -20.71
CA GLY B 123 -13.10 3.49 -19.70
C GLY B 123 -13.90 4.35 -18.75
N SER B 124 -14.59 3.69 -17.84
CA SER B 124 -15.39 4.40 -16.86
C SER B 124 -14.54 4.98 -15.75
N PRO B 125 -14.90 6.20 -15.30
CA PRO B 125 -14.16 6.86 -14.23
C PRO B 125 -14.21 5.92 -13.02
N ILE B 126 -13.21 6.01 -12.16
CA ILE B 126 -13.18 5.16 -10.98
C ILE B 126 -13.77 5.91 -9.79
N SER B 127 -14.28 5.15 -8.82
CA SER B 127 -14.89 5.74 -7.65
C SER B 127 -15.00 4.71 -6.56
N SER B 128 -15.44 5.16 -5.39
CA SER B 128 -15.62 4.25 -4.28
C SER B 128 -16.86 3.44 -4.59
N THR B 129 -17.73 4.02 -5.40
CA THR B 129 -19.02 3.42 -5.74
C THR B 129 -19.27 3.23 -7.24
N ASN B 130 -20.38 2.56 -7.55
CA ASN B 130 -20.78 2.34 -8.94
C ASN B 130 -21.90 3.32 -9.25
N LYS B 131 -22.34 4.07 -8.26
CA LYS B 131 -23.41 5.05 -8.48
C LYS B 131 -22.84 6.32 -9.12
N PRO B 132 -23.49 6.79 -10.20
CA PRO B 132 -23.07 7.99 -10.91
C PRO B 132 -23.56 9.24 -10.20
N ILE B 133 -22.88 10.36 -10.48
CA ILE B 133 -23.29 11.64 -9.94
C ILE B 133 -24.66 11.84 -10.58
N SER B 134 -25.63 12.30 -9.80
CA SER B 134 -26.97 12.50 -10.33
C SER B 134 -27.02 13.33 -11.61
N GLU B 135 -27.77 12.84 -12.58
CA GLU B 135 -27.95 13.52 -13.87
C GLU B 135 -28.88 14.69 -13.61
N ASN B 136 -29.60 14.59 -12.50
CA ASN B 136 -30.53 15.63 -12.10
C ASN B 136 -29.90 16.94 -11.77
N ARG B 137 -28.66 16.94 -11.32
CA ARG B 137 -28.08 18.22 -10.90
C ARG B 137 -26.65 18.52 -11.23
N TRP B 138 -26.00 17.70 -12.03
CA TRP B 138 -24.61 17.97 -12.36
C TRP B 138 -24.26 17.55 -13.78
N ARG B 139 -23.36 18.31 -14.38
CA ARG B 139 -22.91 18.04 -15.74
C ARG B 139 -21.41 18.10 -15.77
N VAL B 140 -20.82 17.30 -16.66
CA VAL B 140 -19.37 17.29 -16.80
C VAL B 140 -19.02 18.10 -18.05
N LEU B 141 -18.07 19.02 -17.91
CA LEU B 141 -17.61 19.86 -19.01
C LEU B 141 -16.70 19.05 -19.91
N LEU B 142 -16.96 19.10 -21.21
CA LEU B 142 -16.13 18.36 -22.16
C LEU B 142 -15.22 19.31 -22.94
N PRO B 143 -14.11 18.78 -23.48
CA PRO B 143 -13.12 19.54 -24.26
C PRO B 143 -13.69 20.51 -25.29
N ASP B 144 -14.81 20.17 -25.92
CA ASP B 144 -15.39 21.07 -26.91
C ASP B 144 -16.27 22.14 -26.28
N GLY B 145 -16.39 22.11 -24.96
CA GLY B 145 -17.18 23.12 -24.30
C GLY B 145 -18.58 22.65 -23.96
N SER B 146 -18.98 21.48 -24.47
CA SER B 146 -20.32 20.99 -24.17
C SER B 146 -20.32 20.36 -22.76
N HIS B 147 -21.52 20.24 -22.17
CA HIS B 147 -21.67 19.64 -20.85
C HIS B 147 -22.59 18.44 -21.02
N VAL B 148 -22.23 17.32 -20.41
CA VAL B 148 -23.05 16.11 -20.51
C VAL B 148 -23.21 15.44 -19.14
N LYS B 149 -24.12 14.47 -19.07
CA LYS B 149 -24.37 13.73 -17.84
C LYS B 149 -23.13 12.95 -17.42
N TYR B 150 -22.88 12.92 -16.12
CA TYR B 150 -21.73 12.14 -15.61
C TYR B 150 -22.04 10.67 -15.84
N PRO B 151 -21.04 9.88 -16.26
CA PRO B 151 -21.34 8.47 -16.49
C PRO B 151 -21.27 7.68 -15.20
N LYS B 152 -21.63 6.41 -15.29
CA LYS B 152 -21.56 5.53 -14.15
C LYS B 152 -20.08 5.26 -13.90
N PRO B 153 -19.63 5.41 -12.65
CA PRO B 153 -18.22 5.14 -12.37
C PRO B 153 -18.09 3.65 -12.10
N ARG B 154 -16.86 3.16 -12.10
CA ARG B 154 -16.63 1.77 -11.78
C ARG B 154 -16.05 1.80 -10.38
N ALA B 155 -16.74 1.17 -9.44
CA ALA B 155 -16.25 1.15 -8.07
C ALA B 155 -14.89 0.46 -8.03
N LEU B 156 -13.93 1.12 -7.43
CA LEU B 156 -12.59 0.57 -7.30
C LEU B 156 -12.62 -0.73 -6.54
N GLU B 157 -11.82 -1.68 -6.99
CA GLU B 157 -11.68 -2.95 -6.30
C GLU B 157 -10.69 -2.65 -5.19
N ALA B 158 -10.84 -3.30 -4.04
CA ALA B 158 -9.93 -3.06 -2.92
C ALA B 158 -8.47 -3.03 -3.35
N SER B 159 -8.09 -3.90 -4.28
CA SER B 159 -6.69 -3.97 -4.74
C SER B 159 -6.27 -2.80 -5.62
N GLU B 160 -7.23 -2.03 -6.11
CA GLU B 160 -6.90 -0.90 -6.96
C GLU B 160 -6.60 0.33 -6.11
N ILE B 161 -7.27 0.45 -4.97
CA ILE B 161 -7.09 1.59 -4.11
C ILE B 161 -5.62 1.91 -3.82
N PRO B 162 -4.83 0.89 -3.41
CA PRO B 162 -3.41 1.19 -3.14
C PRO B 162 -2.68 1.72 -4.36
N ARG B 163 -3.06 1.27 -5.55
CA ARG B 163 -2.39 1.78 -6.74
C ARG B 163 -2.74 3.26 -6.87
N VAL B 164 -3.92 3.64 -6.39
CA VAL B 164 -4.32 5.04 -6.46
C VAL B 164 -3.51 5.81 -5.44
N VAL B 165 -3.20 5.19 -4.32
CA VAL B 165 -2.42 5.85 -3.30
C VAL B 165 -1.03 6.12 -3.86
N GLU B 166 -0.48 5.15 -4.59
CA GLU B 166 0.84 5.30 -5.17
C GLU B 166 0.90 6.48 -6.13
N ASP B 167 -0.18 6.67 -6.89
CA ASP B 167 -0.24 7.79 -7.83
C ASP B 167 -0.12 9.09 -7.06
N TYR B 168 -0.75 9.13 -5.89
CA TYR B 168 -0.69 10.32 -5.05
C TYR B 168 0.76 10.54 -4.60
N CYS B 169 1.35 9.53 -3.99
CA CYS B 169 2.73 9.62 -3.52
C CYS B 169 3.67 9.97 -4.65
N LEU B 170 3.43 9.34 -5.80
CA LEU B 170 4.21 9.55 -6.99
C LEU B 170 4.11 11.00 -7.41
N SER B 171 2.88 11.47 -7.58
CA SER B 171 2.65 12.84 -8.01
C SER B 171 3.23 13.82 -7.02
N ALA B 172 3.23 13.45 -5.75
CA ALA B 172 3.75 14.32 -4.69
C ALA B 172 5.23 14.55 -4.96
N LEU B 173 5.94 13.44 -5.14
CA LEU B 173 7.37 13.49 -5.42
C LEU B 173 7.62 14.34 -6.64
N ASN B 174 6.82 14.15 -7.66
CA ASN B 174 6.93 14.91 -8.90
C ASN B 174 6.74 16.39 -8.59
N ALA B 175 5.79 16.68 -7.74
CA ALA B 175 5.52 18.06 -7.38
C ALA B 175 6.77 18.66 -6.74
N ILE B 176 7.40 17.90 -5.85
CA ILE B 176 8.60 18.38 -5.19
C ILE B 176 9.69 18.58 -6.24
N ARG B 177 9.87 17.58 -7.09
CA ARG B 177 10.86 17.66 -8.14
C ARG B 177 10.71 18.96 -8.91
N ALA B 178 9.49 19.23 -9.37
CA ALA B 178 9.20 20.44 -10.14
C ALA B 178 9.46 21.73 -9.36
N GLY B 179 9.75 21.62 -8.06
CA GLY B 179 10.01 22.81 -7.26
C GLY B 179 8.90 23.22 -6.29
N PHE B 180 7.68 22.73 -6.49
CA PHE B 180 6.59 23.08 -5.60
C PHE B 180 7.05 22.94 -4.15
N ASP B 181 6.66 23.87 -3.30
CA ASP B 181 7.07 23.79 -1.91
C ASP B 181 6.30 22.69 -1.19
N GLY B 182 5.27 22.17 -1.84
CA GLY B 182 4.47 21.12 -1.25
C GLY B 182 3.23 20.92 -2.11
N ILE B 183 2.26 20.19 -1.56
CA ILE B 183 1.03 19.97 -2.29
C ILE B 183 -0.16 19.93 -1.35
N GLU B 184 -1.34 19.88 -1.92
CA GLU B 184 -2.54 19.78 -1.10
C GLU B 184 -3.18 18.49 -1.56
N ILE B 185 -3.57 17.65 -0.61
CA ILE B 185 -4.24 16.42 -0.96
C ILE B 185 -5.68 16.88 -1.06
N HIS B 186 -6.15 17.01 -2.30
CA HIS B 186 -7.50 17.46 -2.53
C HIS B 186 -8.47 16.35 -2.13
N GLY B 187 -9.21 16.56 -1.05
CA GLY B 187 -10.15 15.54 -0.60
C GLY B 187 -11.54 16.11 -0.34
N ALA B 188 -12.00 17.01 -1.21
CA ALA B 188 -13.30 17.63 -0.98
C ALA B 188 -14.11 17.83 -2.25
N HIS B 189 -15.27 18.46 -2.11
CA HIS B 189 -16.10 18.80 -3.26
C HIS B 189 -16.66 17.66 -4.12
N GLY B 190 -16.89 16.50 -3.51
CA GLY B 190 -17.43 15.39 -4.26
C GLY B 190 -16.41 14.69 -5.14
N TYR B 191 -15.15 15.04 -4.97
CA TYR B 191 -14.11 14.40 -5.75
C TYR B 191 -13.82 13.00 -5.19
N LEU B 192 -12.83 12.29 -5.74
CA LEU B 192 -12.57 10.89 -5.33
C LEU B 192 -12.40 10.59 -3.85
N ILE B 193 -11.86 11.53 -3.09
CA ILE B 193 -11.67 11.30 -1.68
C ILE B 193 -12.94 11.63 -0.90
N ASP B 194 -13.77 12.53 -1.42
CA ASP B 194 -15.00 12.86 -0.73
C ASP B 194 -16.02 11.77 -1.04
N GLN B 195 -15.83 11.10 -2.17
CA GLN B 195 -16.71 10.01 -2.59
C GLN B 195 -16.57 8.84 -1.60
N PHE B 196 -15.38 8.70 -0.99
CA PHE B 196 -15.19 7.65 0.02
C PHE B 196 -15.64 8.20 1.37
N LEU B 197 -15.27 9.45 1.62
CA LEU B 197 -15.62 10.11 2.89
C LEU B 197 -17.12 10.34 3.12
N LYS B 198 -17.84 10.74 2.09
CA LYS B 198 -19.27 11.01 2.22
C LYS B 198 -20.10 9.74 2.14
N ASP B 199 -20.80 9.41 3.22
CA ASP B 199 -21.61 8.19 3.19
C ASP B 199 -22.77 8.35 2.22
N GLY B 200 -23.07 9.59 1.83
CA GLY B 200 -24.14 9.80 0.88
C GLY B 200 -23.72 9.21 -0.46
N ILE B 201 -22.41 9.03 -0.61
CA ILE B 201 -21.85 8.47 -1.83
C ILE B 201 -21.32 7.07 -1.61
N ASN B 202 -20.50 6.91 -0.59
CA ASN B 202 -19.87 5.64 -0.28
C ASN B 202 -20.85 4.58 0.19
N ASP B 203 -21.30 3.74 -0.76
CA ASP B 203 -22.20 2.66 -0.42
C ASP B 203 -21.40 1.36 -0.38
N ARG B 204 -20.09 1.46 -0.15
CA ARG B 204 -19.24 0.27 -0.09
C ARG B 204 -19.47 -0.45 1.22
N THR B 205 -19.24 -1.76 1.19
CA THR B 205 -19.41 -2.60 2.36
C THR B 205 -18.12 -3.28 2.78
N ASP B 206 -17.00 -2.93 2.15
CA ASP B 206 -15.74 -3.52 2.54
C ASP B 206 -15.05 -2.62 3.57
N GLN B 207 -13.73 -2.72 3.70
CA GLN B 207 -13.00 -1.93 4.69
C GLN B 207 -12.91 -0.44 4.37
N TYR B 208 -13.28 -0.06 3.16
CA TYR B 208 -13.22 1.35 2.81
C TYR B 208 -14.58 2.00 2.94
N GLY B 209 -15.56 1.22 3.37
CA GLY B 209 -16.90 1.77 3.52
C GLY B 209 -17.56 1.42 4.83
N GLY B 210 -18.76 1.95 5.06
CA GLY B 210 -19.48 1.67 6.30
C GLY B 210 -19.15 2.68 7.39
N SER B 211 -18.35 2.22 8.36
CA SER B 211 -17.95 3.07 9.48
C SER B 211 -17.23 4.32 8.99
N ILE B 212 -17.24 5.37 9.80
CA ILE B 212 -16.58 6.60 9.43
C ILE B 212 -15.09 6.33 9.28
N ALA B 213 -14.56 5.50 10.16
CA ALA B 213 -13.15 5.16 10.10
C ALA B 213 -12.87 4.57 8.73
N ASN B 214 -13.73 3.65 8.28
CA ASN B 214 -13.56 3.02 6.97
C ASN B 214 -13.60 4.04 5.85
N ARG B 215 -14.57 4.95 5.93
CA ARG B 215 -14.70 5.97 4.91
C ARG B 215 -13.46 6.87 4.88
N CYS B 216 -12.76 6.95 6.00
CA CYS B 216 -11.57 7.80 6.06
C CYS B 216 -10.29 7.06 5.65
N ARG B 217 -10.37 5.73 5.63
CA ARG B 217 -9.21 4.92 5.30
C ARG B 217 -8.49 5.40 4.05
N PHE B 218 -9.23 5.60 2.97
CA PHE B 218 -8.60 6.02 1.74
C PHE B 218 -7.82 7.33 1.91
N LEU B 219 -8.50 8.35 2.42
CA LEU B 219 -7.86 9.65 2.66
C LEU B 219 -6.62 9.45 3.53
N LYS B 220 -6.76 8.60 4.54
CA LYS B 220 -5.66 8.33 5.46
C LYS B 220 -4.47 7.71 4.74
N GLN B 221 -4.73 6.70 3.91
CA GLN B 221 -3.66 6.04 3.16
C GLN B 221 -3.00 7.07 2.26
N VAL B 222 -3.80 7.93 1.63
CA VAL B 222 -3.24 8.96 0.78
C VAL B 222 -2.45 9.96 1.63
N VAL B 223 -3.04 10.44 2.72
CA VAL B 223 -2.34 11.40 3.56
C VAL B 223 -1.05 10.83 4.11
N GLU B 224 -1.13 9.69 4.80
CA GLU B 224 0.10 9.12 5.34
C GLU B 224 1.02 8.75 4.18
N GLY B 225 0.41 8.45 3.03
CA GLY B 225 1.19 8.08 1.86
C GLY B 225 2.11 9.17 1.36
N VAL B 226 1.54 10.30 0.98
CA VAL B 226 2.35 11.40 0.47
C VAL B 226 3.25 11.97 1.56
N VAL B 227 2.83 11.81 2.81
CA VAL B 227 3.60 12.27 3.96
C VAL B 227 4.93 11.51 4.02
N SER B 228 4.85 10.19 3.96
CA SER B 228 6.06 9.35 4.01
C SER B 228 6.93 9.67 2.82
N ALA B 229 6.31 10.16 1.75
CA ALA B 229 7.01 10.48 0.53
C ALA B 229 7.70 11.84 0.57
N ILE B 230 7.05 12.84 1.14
CA ILE B 230 7.65 14.18 1.16
C ILE B 230 7.65 14.88 2.50
N GLY B 231 7.14 14.22 3.53
CA GLY B 231 7.10 14.83 4.85
C GLY B 231 5.84 15.66 5.02
N ALA B 232 5.20 15.52 6.17
CA ALA B 232 3.97 16.27 6.47
C ALA B 232 4.16 17.77 6.34
N SER B 233 5.39 18.22 6.48
CA SER B 233 5.70 19.64 6.42
C SER B 233 5.33 20.26 5.07
N LYS B 234 5.24 19.42 4.04
CA LYS B 234 4.90 19.93 2.71
C LYS B 234 3.51 19.45 2.29
N VAL B 235 2.74 18.93 3.24
CA VAL B 235 1.43 18.41 2.92
C VAL B 235 0.26 19.15 3.53
N GLY B 236 -0.62 19.61 2.66
CA GLY B 236 -1.83 20.27 3.10
C GLY B 236 -2.94 19.30 2.74
N VAL B 237 -4.08 19.40 3.41
CA VAL B 237 -5.20 18.50 3.15
C VAL B 237 -6.48 19.33 3.04
N ARG B 238 -7.19 19.20 1.92
CA ARG B 238 -8.42 19.93 1.75
C ARG B 238 -9.64 19.01 1.84
N VAL B 239 -10.65 19.44 2.58
CA VAL B 239 -11.88 18.68 2.73
C VAL B 239 -13.01 19.69 2.93
N SER B 240 -14.26 19.29 2.68
CA SER B 240 -15.43 20.14 2.85
C SER B 240 -16.65 19.25 3.11
N PRO B 241 -16.74 18.69 4.33
CA PRO B 241 -17.80 17.80 4.78
C PRO B 241 -19.20 18.35 4.57
N ALA B 242 -19.34 19.67 4.56
CA ALA B 242 -20.62 20.32 4.42
C ALA B 242 -20.85 20.93 3.06
N ILE B 243 -20.09 20.49 2.07
CA ILE B 243 -20.26 20.96 0.72
C ILE B 243 -20.84 19.75 0.01
N ASP B 244 -22.01 19.88 -0.60
CA ASP B 244 -22.64 18.78 -1.28
C ASP B 244 -22.43 18.85 -2.79
N HIS B 245 -21.32 19.45 -3.19
CA HIS B 245 -20.93 19.56 -4.58
C HIS B 245 -20.90 18.15 -5.14
N LEU B 246 -21.56 17.95 -6.29
CA LEU B 246 -21.57 16.64 -6.95
C LEU B 246 -22.11 15.50 -6.09
N ASP B 247 -23.22 15.75 -5.37
CA ASP B 247 -23.86 14.76 -4.52
C ASP B 247 -23.06 14.40 -3.29
N ALA B 248 -21.92 15.06 -3.08
CA ALA B 248 -21.10 14.78 -1.92
C ALA B 248 -21.89 15.08 -0.65
N THR B 249 -22.74 14.16 -0.24
CA THR B 249 -23.53 14.40 0.96
C THR B 249 -23.16 13.45 2.07
N ASP B 250 -23.19 13.95 3.30
CA ASP B 250 -22.89 13.11 4.42
C ASP B 250 -23.98 13.28 5.46
N SER B 251 -24.36 12.18 6.09
CA SER B 251 -25.37 12.21 7.12
C SER B 251 -24.87 13.02 8.31
N ASP B 252 -23.61 12.82 8.67
CA ASP B 252 -23.06 13.55 9.81
C ASP B 252 -21.80 14.32 9.43
N PRO B 253 -21.97 15.52 8.87
CA PRO B 253 -20.82 16.34 8.46
C PRO B 253 -19.83 16.66 9.58
N LEU B 254 -20.29 16.66 10.82
CA LEU B 254 -19.40 16.95 11.93
C LEU B 254 -18.55 15.74 12.29
N SER B 255 -19.20 14.61 12.52
CA SER B 255 -18.45 13.42 12.90
C SER B 255 -17.45 13.08 11.79
N LEU B 256 -17.86 13.26 10.54
CA LEU B 256 -16.97 12.99 9.42
C LEU B 256 -15.80 13.98 9.46
N GLY B 257 -16.13 15.24 9.71
CA GLY B 257 -15.10 16.26 9.77
C GLY B 257 -14.15 16.02 10.94
N LEU B 258 -14.71 15.61 12.07
CA LEU B 258 -13.93 15.37 13.27
C LEU B 258 -13.10 14.11 13.13
N ALA B 259 -13.67 13.11 12.46
CA ALA B 259 -12.98 11.85 12.24
C ALA B 259 -11.78 12.20 11.38
N VAL B 260 -12.00 13.05 10.39
CA VAL B 260 -10.89 13.45 9.52
C VAL B 260 -9.84 14.18 10.33
N VAL B 261 -10.27 15.16 11.10
CA VAL B 261 -9.33 15.91 11.91
C VAL B 261 -8.63 14.96 12.86
N GLY B 262 -9.40 14.07 13.48
CA GLY B 262 -8.83 13.13 14.42
C GLY B 262 -7.80 12.26 13.74
N MET B 263 -8.15 11.79 12.55
CA MET B 263 -7.24 10.94 11.80
C MET B 263 -5.96 11.74 11.51
N LEU B 264 -6.13 13.01 11.15
CA LEU B 264 -4.96 13.86 10.86
C LEU B 264 -4.17 14.15 12.14
N ASN B 265 -4.87 14.39 13.24
CA ASN B 265 -4.16 14.68 14.48
C ASN B 265 -3.31 13.46 14.83
N LYS B 266 -3.86 12.27 14.58
CA LYS B 266 -3.13 11.04 14.86
C LYS B 266 -1.80 11.10 14.11
N LEU B 267 -1.86 11.47 12.83
CA LEU B 267 -0.65 11.58 12.04
C LEU B 267 0.17 12.80 12.46
N GLN B 268 -0.32 13.51 13.48
CA GLN B 268 0.36 14.71 13.95
C GLN B 268 0.73 14.72 15.44
N GLY B 269 0.41 13.65 16.16
CA GLY B 269 0.74 13.60 17.56
C GLY B 269 2.07 12.94 17.88
N VAL B 270 2.10 11.62 17.68
CA VAL B 270 3.30 10.83 17.93
C VAL B 270 4.38 11.25 16.95
N ASN B 271 4.00 11.34 15.67
CA ASN B 271 4.92 11.74 14.62
C ASN B 271 5.55 13.11 14.95
N GLY B 272 4.95 13.80 15.91
CA GLY B 272 5.44 15.09 16.33
C GLY B 272 5.48 16.15 15.23
N SER B 273 5.39 15.71 13.98
CA SER B 273 5.43 16.62 12.84
C SER B 273 4.04 17.02 12.36
N LYS B 274 3.88 18.32 12.12
CA LYS B 274 2.61 18.86 11.68
C LYS B 274 2.49 19.00 10.17
N LEU B 275 1.28 18.74 9.69
CA LEU B 275 1.00 18.89 8.28
C LEU B 275 1.14 20.39 8.04
N ALA B 276 1.29 20.77 6.78
CA ALA B 276 1.40 22.19 6.46
C ALA B 276 0.11 22.84 6.94
N TYR B 277 -1.00 22.13 6.74
CA TYR B 277 -2.29 22.66 7.17
C TYR B 277 -3.43 21.76 6.76
N LEU B 278 -4.61 22.12 7.25
CA LEU B 278 -5.87 21.48 6.94
C LEU B 278 -6.65 22.63 6.31
N HIS B 279 -7.26 22.35 5.16
CA HIS B 279 -7.99 23.35 4.41
C HIS B 279 -9.45 22.90 4.39
N VAL B 280 -10.35 23.80 4.80
CA VAL B 280 -11.76 23.46 4.85
C VAL B 280 -12.59 24.47 4.12
N THR B 281 -13.22 24.01 3.04
CA THR B 281 -14.08 24.87 2.25
C THR B 281 -15.42 24.73 2.89
N GLN B 282 -15.95 25.83 3.38
CA GLN B 282 -17.24 25.81 4.01
C GLN B 282 -18.27 26.22 2.97
N PRO B 283 -19.49 25.74 3.16
CA PRO B 283 -20.57 26.08 2.23
C PRO B 283 -21.14 27.42 2.71
N ARG B 284 -21.82 28.14 1.83
CA ARG B 284 -22.44 29.41 2.18
C ARG B 284 -23.92 29.16 1.90
N TYR B 285 -24.79 29.67 2.77
CA TYR B 285 -26.21 29.45 2.58
C TYR B 285 -26.79 30.51 1.68
N HIS B 286 -27.95 30.20 1.11
CA HIS B 286 -28.66 31.12 0.22
C HIS B 286 -29.56 31.99 1.10
N ALA B 287 -29.24 33.29 1.14
CA ALA B 287 -29.99 34.24 1.94
C ALA B 287 -31.01 34.97 1.08
N TYR B 288 -32.15 35.31 1.68
CA TYR B 288 -33.21 36.04 1.00
C TYR B 288 -33.10 37.50 1.43
N ASP B 299 -23.59 31.51 8.21
CA ASP B 299 -24.53 31.63 9.32
C ASP B 299 -23.90 31.21 10.65
N GLU B 300 -24.74 30.69 11.54
CA GLU B 300 -24.31 30.25 12.86
C GLU B 300 -23.85 28.79 12.78
N GLU B 301 -24.67 27.92 12.20
CA GLU B 301 -24.31 26.50 12.07
C GLU B 301 -23.13 26.24 11.14
N GLU B 302 -22.83 27.22 10.27
CA GLU B 302 -21.71 27.11 9.35
C GLU B 302 -20.42 27.42 10.08
N ALA B 303 -20.47 28.45 10.91
CA ALA B 303 -19.32 28.89 11.67
C ALA B 303 -18.97 27.89 12.75
N LYS B 304 -19.99 27.36 13.41
CA LYS B 304 -19.80 26.39 14.48
C LYS B 304 -19.14 25.13 13.95
N LEU B 305 -19.56 24.68 12.78
CA LEU B 305 -18.96 23.48 12.20
C LEU B 305 -17.48 23.78 11.97
N MET B 306 -17.20 24.96 11.38
CA MET B 306 -15.83 25.35 11.09
C MET B 306 -14.96 25.42 12.31
N LYS B 307 -15.50 26.00 13.38
CA LYS B 307 -14.73 26.13 14.61
C LYS B 307 -14.42 24.77 15.25
N SER B 308 -15.38 23.86 15.18
CA SER B 308 -15.19 22.52 15.74
C SER B 308 -13.93 21.91 15.12
N LEU B 309 -13.94 21.74 13.81
CA LEU B 309 -12.81 21.16 13.10
C LEU B 309 -11.55 21.91 13.47
N ARG B 310 -11.61 23.23 13.37
CA ARG B 310 -10.47 24.07 13.67
C ARG B 310 -9.93 23.83 15.06
N MET B 311 -10.79 23.91 16.08
CA MET B 311 -10.35 23.67 17.45
C MET B 311 -9.83 22.25 17.60
N ALA B 312 -10.57 21.29 17.05
CA ALA B 312 -10.18 19.87 17.14
C ALA B 312 -8.89 19.61 16.41
N TYR B 313 -8.60 20.44 15.41
CA TYR B 313 -7.40 20.25 14.62
C TYR B 313 -6.15 20.90 15.15
N ASN B 314 -5.16 20.08 15.49
CA ASN B 314 -3.89 20.57 16.00
C ASN B 314 -3.05 21.03 14.81
N GLY B 315 -3.24 22.27 14.39
CA GLY B 315 -2.47 22.74 13.26
C GLY B 315 -3.03 23.98 12.62
N THR B 316 -2.50 24.30 11.45
CA THR B 316 -2.91 25.48 10.73
C THR B 316 -4.25 25.24 10.05
N PHE B 317 -5.17 26.17 10.24
CA PHE B 317 -6.48 26.02 9.66
C PHE B 317 -6.67 27.02 8.54
N MET B 318 -6.97 26.51 7.36
CA MET B 318 -7.19 27.38 6.23
C MET B 318 -8.65 27.28 5.88
N SER B 319 -9.36 28.41 5.98
CA SER B 319 -10.77 28.43 5.67
C SER B 319 -10.96 28.92 4.26
N SER B 320 -12.05 28.46 3.64
CA SER B 320 -12.37 28.85 2.28
C SER B 320 -13.86 28.77 2.02
N GLY B 321 -14.34 29.49 1.01
CA GLY B 321 -15.74 29.42 0.66
C GLY B 321 -16.43 30.76 0.71
N GLY B 322 -16.53 31.43 -0.43
CA GLY B 322 -17.19 32.72 -0.48
C GLY B 322 -16.68 33.76 0.51
N PHE B 323 -15.39 33.76 0.77
CA PHE B 323 -14.84 34.74 1.70
C PHE B 323 -14.52 36.04 0.99
N ASN B 324 -14.67 37.15 1.72
CA ASN B 324 -14.30 38.44 1.17
C ASN B 324 -13.30 38.98 2.17
N LYS B 325 -12.75 40.16 1.94
CA LYS B 325 -11.78 40.69 2.87
C LYS B 325 -12.25 40.68 4.33
N GLU B 326 -13.39 41.31 4.59
CA GLU B 326 -13.94 41.41 5.94
C GLU B 326 -14.14 40.07 6.66
N LEU B 327 -14.71 39.10 5.95
CA LEU B 327 -14.94 37.78 6.53
C LEU B 327 -13.60 37.14 6.86
N GLY B 328 -12.61 37.38 6.00
CA GLY B 328 -11.29 36.82 6.23
C GLY B 328 -10.67 37.45 7.46
N MET B 329 -10.83 38.76 7.56
CA MET B 329 -10.30 39.53 8.69
C MET B 329 -10.98 39.05 9.96
N GLN B 330 -12.27 38.77 9.86
CA GLN B 330 -13.03 38.28 11.01
C GLN B 330 -12.53 36.88 11.40
N ALA B 331 -12.33 36.01 10.41
CA ALA B 331 -11.84 34.66 10.65
C ALA B 331 -10.47 34.70 11.35
N VAL B 332 -9.55 35.51 10.82
CA VAL B 332 -8.24 35.60 11.45
C VAL B 332 -8.35 36.30 12.81
N GLN B 333 -8.97 37.47 12.83
CA GLN B 333 -9.14 38.23 14.07
C GLN B 333 -9.81 37.37 15.16
N GLN B 334 -10.90 36.69 14.80
CA GLN B 334 -11.60 35.85 15.76
C GLN B 334 -10.78 34.64 16.15
N GLY B 335 -9.92 34.18 15.23
CA GLY B 335 -9.10 33.03 15.53
C GLY B 335 -9.68 31.72 15.02
N ASP B 336 -10.68 31.83 14.15
CA ASP B 336 -11.33 30.64 13.57
C ASP B 336 -10.47 30.04 12.44
N ALA B 337 -9.50 30.81 11.96
CA ALA B 337 -8.65 30.34 10.88
C ALA B 337 -7.33 31.08 10.94
N ASP B 338 -6.27 30.45 10.47
CA ASP B 338 -4.96 31.11 10.44
C ASP B 338 -4.76 31.66 9.04
N LEU B 339 -5.40 31.00 8.08
CA LEU B 339 -5.31 31.37 6.68
C LEU B 339 -6.70 31.25 6.06
N VAL B 340 -6.92 32.07 5.04
CA VAL B 340 -8.18 32.09 4.34
C VAL B 340 -7.85 32.11 2.85
N SER B 341 -8.30 31.10 2.12
CA SER B 341 -8.03 31.05 0.68
C SER B 341 -9.13 31.73 -0.09
N TYR B 342 -8.74 32.42 -1.15
CA TYR B 342 -9.67 33.16 -1.98
C TYR B 342 -9.61 32.66 -3.41
N GLY B 343 -10.76 32.25 -3.92
CA GLY B 343 -10.85 31.74 -5.27
C GLY B 343 -11.36 32.77 -6.25
N ARG B 344 -12.68 32.86 -6.40
CA ARG B 344 -13.26 33.80 -7.36
C ARG B 344 -12.62 35.18 -7.38
N LEU B 345 -12.37 35.76 -6.22
CA LEU B 345 -11.76 37.08 -6.17
C LEU B 345 -10.33 37.05 -6.68
N PHE B 346 -9.60 35.98 -6.40
CA PHE B 346 -8.23 35.91 -6.86
C PHE B 346 -8.21 35.69 -8.36
N ILE B 347 -9.36 35.32 -8.92
CA ILE B 347 -9.44 35.11 -10.36
C ILE B 347 -9.21 36.43 -11.12
N ALA B 348 -9.96 37.46 -10.74
CA ALA B 348 -9.92 38.77 -11.41
C ALA B 348 -9.04 39.81 -10.75
N ASN B 349 -8.53 39.49 -9.57
CA ASN B 349 -7.71 40.42 -8.81
C ASN B 349 -6.37 39.79 -8.52
N PRO B 350 -5.44 39.90 -9.48
CA PRO B 350 -4.11 39.33 -9.33
C PRO B 350 -3.42 39.79 -8.07
N ASP B 351 -3.36 41.10 -7.87
CA ASP B 351 -2.75 41.69 -6.69
C ASP B 351 -3.83 41.67 -5.60
N LEU B 352 -4.63 40.61 -5.59
CA LEU B 352 -5.72 40.51 -4.64
C LEU B 352 -5.39 40.99 -3.23
N VAL B 353 -4.20 40.68 -2.76
CA VAL B 353 -3.83 41.10 -1.41
C VAL B 353 -3.59 42.59 -1.34
N SER B 354 -2.93 43.13 -2.35
CA SER B 354 -2.66 44.56 -2.38
C SER B 354 -3.98 45.33 -2.48
N ARG B 355 -5.01 44.72 -3.07
CA ARG B 355 -6.29 45.41 -3.15
C ARG B 355 -6.92 45.47 -1.78
N PHE B 356 -7.00 44.33 -1.10
CA PHE B 356 -7.57 44.30 0.25
C PHE B 356 -6.87 45.33 1.13
N LYS B 357 -5.55 45.36 1.10
CA LYS B 357 -4.82 46.32 1.91
C LYS B 357 -5.30 47.77 1.72
N ILE B 358 -5.31 48.25 0.48
CA ILE B 358 -5.73 49.62 0.22
C ILE B 358 -7.25 49.73 0.26
N ASP B 359 -7.91 48.60 0.52
CA ASP B 359 -9.38 48.57 0.57
C ASP B 359 -9.90 49.12 -0.76
N GLY B 360 -9.20 48.76 -1.83
CA GLY B 360 -9.59 49.24 -3.15
C GLY B 360 -10.72 48.42 -3.73
N GLU B 361 -11.32 48.94 -4.80
CA GLU B 361 -12.40 48.22 -5.44
C GLU B 361 -11.78 46.98 -6.08
N LEU B 362 -12.59 45.93 -6.25
CA LEU B 362 -12.13 44.69 -6.82
C LEU B 362 -12.64 44.48 -8.24
N ASN B 363 -11.84 43.83 -9.08
CA ASN B 363 -12.27 43.55 -10.45
C ASN B 363 -13.42 42.54 -10.35
N LYS B 364 -14.30 42.53 -11.35
CA LYS B 364 -15.39 41.58 -11.35
C LYS B 364 -14.95 40.36 -12.14
N TYR B 365 -15.14 39.16 -11.58
CA TYR B 365 -14.77 37.95 -12.30
C TYR B 365 -15.86 37.56 -13.30
N ASN B 366 -15.44 36.93 -14.38
CA ASN B 366 -16.38 36.50 -15.41
C ASN B 366 -16.62 35.00 -15.27
N ARG B 367 -17.78 34.64 -14.72
CA ARG B 367 -18.15 33.25 -14.51
C ARG B 367 -17.99 32.41 -15.78
N LYS B 368 -18.11 33.05 -16.93
CA LYS B 368 -18.01 32.36 -18.21
C LYS B 368 -16.60 32.03 -18.64
N THR B 369 -15.63 32.84 -18.25
CA THR B 369 -14.26 32.55 -18.65
C THR B 369 -13.46 31.83 -17.57
N PHE B 370 -14.13 31.01 -16.78
CA PHE B 370 -13.43 30.26 -15.74
C PHE B 370 -12.73 29.04 -16.33
N TYR B 371 -13.46 28.33 -17.19
CA TYR B 371 -12.97 27.10 -17.79
C TYR B 371 -12.71 27.16 -19.28
N THR B 372 -12.83 28.36 -19.84
CA THR B 372 -12.57 28.56 -21.25
C THR B 372 -11.07 28.40 -21.41
N GLN B 373 -10.61 28.27 -22.66
CA GLN B 373 -9.20 28.07 -22.92
C GLN B 373 -8.32 29.28 -23.22
N ASP B 374 -8.90 30.42 -23.56
CA ASP B 374 -8.07 31.56 -23.91
C ASP B 374 -6.96 31.91 -22.93
N PRO B 375 -5.69 31.81 -23.37
CA PRO B 375 -4.53 32.11 -22.53
C PRO B 375 -4.46 33.58 -22.08
N VAL B 376 -5.57 34.30 -22.20
CA VAL B 376 -5.60 35.71 -21.79
C VAL B 376 -6.98 36.15 -21.28
N VAL B 377 -7.95 36.19 -22.18
CA VAL B 377 -9.32 36.60 -21.83
C VAL B 377 -9.87 35.86 -20.63
N GLY B 378 -9.86 36.53 -19.49
CA GLY B 378 -10.35 35.91 -18.26
C GLY B 378 -9.30 35.10 -17.53
N TYR B 379 -8.03 35.39 -17.79
CA TYR B 379 -6.97 34.63 -17.13
C TYR B 379 -5.85 35.52 -16.63
N THR B 380 -5.14 36.13 -17.56
CA THR B 380 -4.03 37.00 -17.19
C THR B 380 -4.31 38.45 -17.58
N ASP B 381 -5.44 38.67 -18.26
CA ASP B 381 -5.78 40.02 -18.68
C ASP B 381 -6.59 40.80 -17.66
N TYR B 382 -6.60 40.32 -16.42
CA TYR B 382 -7.27 41.06 -15.35
C TYR B 382 -6.19 42.06 -14.93
N PRO B 383 -6.54 43.34 -14.88
CA PRO B 383 -5.59 44.39 -14.51
C PRO B 383 -5.24 44.54 -13.03
N PHE B 384 -3.99 44.90 -12.81
CA PHE B 384 -3.49 45.17 -11.47
C PHE B 384 -3.98 46.56 -11.14
N LEU B 385 -3.62 47.07 -9.97
CA LEU B 385 -4.03 48.40 -9.55
C LEU B 385 -3.24 49.49 -10.30
N SER A 8 12.42 -13.63 -25.33
CA SER A 8 12.05 -13.48 -23.88
C SER A 8 12.11 -12.02 -23.45
N ASN A 9 10.95 -11.39 -23.27
CA ASN A 9 10.91 -10.00 -22.87
C ASN A 9 10.30 -9.79 -21.49
N GLU A 10 10.02 -10.87 -20.80
CA GLU A 10 9.44 -10.78 -19.47
C GLU A 10 10.53 -10.77 -18.42
N THR A 11 10.38 -9.91 -17.43
CA THR A 11 11.37 -9.80 -16.36
C THR A 11 10.68 -9.85 -15.00
N LEU A 12 11.43 -9.46 -13.97
CA LEU A 12 10.93 -9.44 -12.61
C LEU A 12 9.84 -8.40 -12.46
N PHE A 13 9.76 -7.49 -13.42
CA PHE A 13 8.76 -6.45 -13.33
C PHE A 13 7.55 -6.67 -14.22
N SER A 14 7.43 -7.88 -14.73
CA SER A 14 6.30 -8.23 -15.57
C SER A 14 5.22 -8.80 -14.65
N SER A 15 3.97 -8.42 -14.89
CA SER A 15 2.88 -8.93 -14.07
C SER A 15 2.74 -10.42 -14.33
N TYR A 16 1.95 -11.08 -13.51
CA TYR A 16 1.73 -12.50 -13.64
C TYR A 16 0.50 -12.89 -12.83
N LYS A 17 -0.32 -13.79 -13.37
CA LYS A 17 -1.53 -14.23 -12.67
C LYS A 17 -1.37 -15.58 -11.96
N MET A 18 -1.41 -15.55 -10.63
CA MET A 18 -1.30 -16.76 -9.83
C MET A 18 -2.71 -17.28 -9.57
N GLY A 19 -3.18 -18.17 -10.44
CA GLY A 19 -4.51 -18.71 -10.28
C GLY A 19 -5.50 -17.58 -10.14
N ARG A 20 -6.13 -17.47 -8.98
CA ARG A 20 -7.11 -16.41 -8.73
C ARG A 20 -6.49 -15.07 -8.37
N PHE A 21 -5.17 -14.96 -8.49
CA PHE A 21 -4.48 -13.72 -8.15
C PHE A 21 -3.83 -13.08 -9.38
N ASP A 22 -3.57 -11.79 -9.27
CA ASP A 22 -2.92 -11.03 -10.32
C ASP A 22 -1.75 -10.28 -9.73
N LEU A 23 -0.54 -10.72 -10.07
CA LEU A 23 0.66 -10.07 -9.56
C LEU A 23 1.16 -9.04 -10.55
N SER A 24 1.75 -7.96 -10.02
CA SER A 24 2.27 -6.90 -10.88
C SER A 24 3.71 -7.13 -11.22
N HIS A 25 4.37 -7.98 -10.42
CA HIS A 25 5.77 -8.28 -10.65
C HIS A 25 6.07 -9.63 -10.06
N ARG A 26 7.25 -10.15 -10.36
CA ARG A 26 7.66 -11.48 -9.94
C ARG A 26 8.51 -11.57 -8.69
N VAL A 27 8.70 -10.45 -8.00
CA VAL A 27 9.51 -10.44 -6.80
C VAL A 27 8.66 -10.81 -5.60
N VAL A 28 9.05 -11.89 -4.94
CA VAL A 28 8.32 -12.41 -3.81
C VAL A 28 9.08 -12.34 -2.50
N LEU A 29 8.37 -12.02 -1.43
CA LEU A 29 8.97 -12.00 -0.13
C LEU A 29 9.03 -13.45 0.31
N ALA A 30 10.23 -14.02 0.42
CA ALA A 30 10.38 -15.39 0.86
C ALA A 30 9.85 -15.52 2.27
N PRO A 31 9.29 -16.68 2.62
CA PRO A 31 8.77 -16.86 3.99
C PRO A 31 9.95 -16.77 4.95
N MET A 32 9.84 -15.92 5.96
CA MET A 32 10.95 -15.78 6.90
C MET A 32 10.57 -15.63 8.35
N THR A 33 11.01 -16.59 9.15
CA THR A 33 10.79 -16.60 10.60
C THR A 33 11.63 -15.44 11.11
N ARG A 34 11.05 -14.59 11.94
CA ARG A 34 11.78 -13.44 12.47
C ARG A 34 11.64 -13.39 13.99
N CYS A 35 10.82 -14.29 14.51
CA CYS A 35 10.65 -14.42 15.96
C CYS A 35 10.16 -13.16 16.65
N ARG A 36 9.26 -12.41 15.99
CA ARG A 36 8.72 -11.21 16.59
C ARG A 36 7.26 -11.41 16.98
N ALA A 37 6.72 -12.60 16.69
CA ALA A 37 5.31 -12.88 16.99
C ALA A 37 5.18 -13.20 18.47
N LEU A 38 5.64 -12.26 19.30
CA LEU A 38 5.62 -12.36 20.75
C LEU A 38 4.77 -13.49 21.31
N ASN A 39 5.44 -14.44 21.98
CA ASN A 39 4.77 -15.57 22.60
C ASN A 39 3.87 -16.34 21.65
N GLY A 40 4.24 -16.34 20.38
CA GLY A 40 3.46 -17.06 19.39
C GLY A 40 2.27 -16.33 18.82
N VAL A 41 2.15 -15.03 19.10
CA VAL A 41 1.01 -14.29 18.59
C VAL A 41 1.38 -13.19 17.57
N PRO A 42 0.68 -13.18 16.42
CA PRO A 42 0.92 -12.18 15.37
C PRO A 42 0.57 -10.82 15.98
N ASN A 43 1.48 -9.86 15.87
CA ASN A 43 1.22 -8.56 16.47
C ASN A 43 1.32 -7.46 15.42
N ALA A 44 1.03 -6.24 15.83
CA ALA A 44 1.06 -5.11 14.93
C ALA A 44 2.45 -4.95 14.33
N ALA A 45 3.48 -5.40 15.03
CA ALA A 45 4.83 -5.29 14.52
C ALA A 45 4.94 -6.07 13.21
N LEU A 46 4.54 -7.34 13.23
CA LEU A 46 4.56 -8.16 12.01
C LEU A 46 3.64 -7.48 11.00
N ALA A 47 2.38 -7.29 11.39
CA ALA A 47 1.39 -6.68 10.53
C ALA A 47 2.02 -5.50 9.80
N GLU A 48 2.72 -4.66 10.56
CA GLU A 48 3.37 -3.50 9.98
C GLU A 48 4.58 -3.90 9.17
N TYR A 49 5.31 -4.88 9.69
CA TYR A 49 6.52 -5.37 9.03
C TYR A 49 6.22 -5.88 7.62
N TYR A 50 5.08 -6.57 7.49
CA TYR A 50 4.70 -7.11 6.20
C TYR A 50 4.15 -6.03 5.28
N ALA A 51 3.28 -5.18 5.79
CA ALA A 51 2.71 -4.10 4.99
C ALA A 51 3.87 -3.31 4.39
N GLN A 52 4.92 -3.07 5.19
CA GLN A 52 6.08 -2.31 4.71
C GLN A 52 6.68 -2.96 3.47
N ARG A 53 6.59 -4.28 3.40
CA ARG A 53 7.18 -4.99 2.29
C ARG A 53 6.27 -5.31 1.13
N THR A 54 5.02 -4.83 1.15
CA THR A 54 4.13 -5.16 0.06
C THR A 54 4.05 -4.12 -1.04
N THR A 55 3.83 -4.62 -2.25
CA THR A 55 3.69 -3.80 -3.45
C THR A 55 2.37 -4.20 -4.08
N PRO A 56 1.69 -3.24 -4.73
CA PRO A 56 0.41 -3.56 -5.38
C PRO A 56 0.63 -4.67 -6.40
N GLY A 57 0.11 -5.85 -6.09
CA GLY A 57 0.28 -6.98 -6.99
C GLY A 57 1.50 -7.80 -6.62
N GLY A 58 2.12 -7.51 -5.48
CA GLY A 58 3.29 -8.26 -5.03
C GLY A 58 2.91 -9.43 -4.13
N PHE A 59 3.55 -10.58 -4.34
CA PHE A 59 3.23 -11.76 -3.54
C PHE A 59 4.05 -11.84 -2.25
N LEU A 60 3.36 -12.09 -1.15
CA LEU A 60 4.03 -12.21 0.13
C LEU A 60 3.78 -13.59 0.72
N ILE A 61 4.83 -14.16 1.29
CA ILE A 61 4.72 -15.44 1.95
C ILE A 61 5.16 -15.15 3.38
N SER A 62 4.33 -15.55 4.35
CA SER A 62 4.64 -15.28 5.73
C SER A 62 5.72 -16.18 6.26
N GLU A 63 6.26 -15.77 7.40
CA GLU A 63 7.26 -16.54 8.12
C GLU A 63 6.57 -17.87 8.39
N GLY A 64 7.35 -18.93 8.59
CA GLY A 64 6.76 -20.21 8.90
C GLY A 64 5.84 -20.03 10.09
N THR A 65 4.68 -20.67 10.03
CA THR A 65 3.68 -20.54 11.09
C THR A 65 3.30 -21.89 11.69
N MET A 66 3.24 -21.95 13.02
CA MET A 66 2.90 -23.20 13.69
C MET A 66 1.51 -23.67 13.35
N VAL A 67 1.40 -24.90 12.86
CA VAL A 67 0.10 -25.51 12.54
C VAL A 67 -0.45 -26.22 13.79
N SER A 68 0.35 -26.24 14.86
CA SER A 68 -0.08 -26.91 16.08
C SER A 68 1.01 -26.80 17.12
N PRO A 69 0.63 -26.82 18.40
CA PRO A 69 1.68 -26.73 19.41
C PRO A 69 2.62 -27.91 19.20
N GLY A 70 3.91 -27.72 19.45
CA GLY A 70 4.85 -28.82 19.26
C GLY A 70 5.52 -28.83 17.90
N SER A 71 4.83 -28.31 16.89
CA SER A 71 5.37 -28.25 15.53
C SER A 71 6.37 -27.12 15.29
N ALA A 72 6.75 -26.41 16.36
CA ALA A 72 7.68 -25.29 16.22
C ALA A 72 9.04 -25.58 16.85
N GLY A 73 10.08 -24.93 16.30
CA GLY A 73 11.41 -25.11 16.82
C GLY A 73 12.17 -23.79 16.86
N PHE A 74 11.42 -22.72 17.10
CA PHE A 74 11.99 -21.37 17.16
C PHE A 74 11.26 -20.57 18.21
N PRO A 75 11.96 -19.61 18.82
CA PRO A 75 11.34 -18.76 19.85
C PRO A 75 10.53 -17.61 19.28
N HIS A 76 9.23 -17.63 19.56
CA HIS A 76 8.32 -16.57 19.13
C HIS A 76 7.90 -16.59 17.66
N VAL A 77 7.44 -17.75 17.22
CA VAL A 77 6.96 -17.86 15.86
C VAL A 77 5.45 -17.91 15.97
N PRO A 78 4.75 -17.33 14.98
CA PRO A 78 3.30 -17.33 15.03
C PRO A 78 2.67 -18.68 14.69
N GLY A 79 1.43 -18.84 15.14
CA GLY A 79 0.68 -20.05 14.84
C GLY A 79 -0.59 -19.63 14.14
N ILE A 80 -1.29 -20.58 13.53
CA ILE A 80 -2.55 -20.28 12.87
C ILE A 80 -3.51 -21.41 13.21
N TYR A 81 -3.36 -21.96 14.42
CA TYR A 81 -4.23 -23.04 14.86
C TYR A 81 -5.20 -22.65 15.99
N SER A 82 -5.06 -21.43 16.51
CA SER A 82 -5.95 -21.01 17.59
C SER A 82 -6.69 -19.72 17.32
N ASP A 83 -7.73 -19.47 18.11
CA ASP A 83 -8.51 -18.25 17.97
C ASP A 83 -7.58 -17.04 18.04
N GLU A 84 -6.99 -16.77 19.20
CA GLU A 84 -6.07 -15.65 19.33
C GLU A 84 -5.21 -15.49 18.08
N GLN A 85 -4.35 -16.48 17.80
CA GLN A 85 -3.49 -16.44 16.64
C GLN A 85 -4.27 -16.14 15.38
N VAL A 86 -5.08 -17.10 14.94
CA VAL A 86 -5.88 -16.93 13.73
C VAL A 86 -6.69 -15.64 13.76
N GLU A 87 -6.90 -15.11 14.97
CA GLU A 87 -7.67 -13.88 15.13
C GLU A 87 -6.77 -12.69 14.86
N ALA A 88 -5.68 -12.61 15.61
CA ALA A 88 -4.71 -11.53 15.50
C ALA A 88 -3.99 -11.50 14.16
N TRP A 89 -4.04 -12.60 13.40
CA TRP A 89 -3.39 -12.63 12.09
C TRP A 89 -4.11 -11.67 11.16
N LYS A 90 -5.40 -11.48 11.43
CA LYS A 90 -6.21 -10.61 10.60
C LYS A 90 -5.63 -9.22 10.41
N GLN A 91 -4.95 -8.71 11.44
CA GLN A 91 -4.37 -7.40 11.33
C GLN A 91 -3.37 -7.41 10.20
N VAL A 92 -2.37 -8.28 10.31
CA VAL A 92 -1.31 -8.39 9.30
C VAL A 92 -1.90 -8.59 7.92
N VAL A 93 -2.86 -9.49 7.85
CA VAL A 93 -3.55 -9.85 6.61
C VAL A 93 -4.32 -8.69 6.01
N GLU A 94 -5.24 -8.12 6.79
CA GLU A 94 -6.03 -7.01 6.29
C GLU A 94 -5.16 -5.75 6.10
N ALA A 95 -3.93 -5.81 6.59
CA ALA A 95 -3.02 -4.68 6.43
C ALA A 95 -2.38 -4.82 5.07
N VAL A 96 -1.76 -5.99 4.84
CA VAL A 96 -1.10 -6.24 3.57
C VAL A 96 -2.02 -5.92 2.40
N HIS A 97 -3.28 -6.34 2.49
CA HIS A 97 -4.17 -6.07 1.40
C HIS A 97 -4.31 -4.57 1.16
N ALA A 98 -4.45 -3.80 2.23
CA ALA A 98 -4.56 -2.35 2.10
C ALA A 98 -3.32 -1.85 1.37
N LYS A 99 -2.26 -2.65 1.38
CA LYS A 99 -1.04 -2.25 0.70
C LYS A 99 -1.09 -2.66 -0.78
N GLY A 100 -2.03 -3.52 -1.12
CA GLY A 100 -2.18 -3.95 -2.51
C GLY A 100 -1.58 -5.29 -2.90
N GLY A 101 -1.14 -6.07 -1.93
CA GLY A 101 -0.56 -7.35 -2.27
C GLY A 101 -1.34 -8.55 -1.75
N PHE A 102 -0.83 -9.74 -2.03
CA PHE A 102 -1.44 -10.97 -1.53
C PHE A 102 -0.45 -11.56 -0.55
N ILE A 103 -0.95 -12.33 0.39
CA ILE A 103 -0.06 -12.96 1.34
C ILE A 103 -0.46 -14.39 1.61
N PHE A 104 0.53 -15.26 1.58
CA PHE A 104 0.31 -16.65 1.87
C PHE A 104 0.95 -16.96 3.22
N CYS A 105 0.21 -17.68 4.05
CA CYS A 105 0.73 -18.06 5.35
C CYS A 105 1.45 -19.39 5.17
N GLN A 106 2.73 -19.43 5.51
CA GLN A 106 3.44 -20.69 5.37
C GLN A 106 3.16 -21.57 6.59
N LEU A 107 2.56 -22.73 6.34
CA LEU A 107 2.24 -23.69 7.37
C LEU A 107 3.54 -24.44 7.63
N TRP A 108 4.01 -24.37 8.86
CA TRP A 108 5.29 -24.95 9.20
C TRP A 108 5.28 -25.97 10.33
N HIS A 109 5.81 -27.13 10.03
CA HIS A 109 5.96 -28.17 11.04
C HIS A 109 7.45 -28.44 11.04
N VAL A 110 8.08 -28.25 12.20
CA VAL A 110 9.51 -28.44 12.32
C VAL A 110 9.93 -29.86 12.58
N GLY A 111 8.98 -30.69 12.98
CA GLY A 111 9.30 -32.07 13.25
C GLY A 111 10.39 -32.10 14.30
N ARG A 112 11.40 -32.93 14.08
CA ARG A 112 12.49 -33.06 15.03
C ARG A 112 13.32 -31.79 15.20
N ALA A 113 12.97 -30.74 14.46
CA ALA A 113 13.71 -29.50 14.57
C ALA A 113 13.14 -28.61 15.68
N SER A 114 13.10 -29.14 16.90
CA SER A 114 12.58 -28.41 18.04
C SER A 114 13.26 -28.86 19.32
N HIS A 115 12.91 -28.19 20.41
CA HIS A 115 13.46 -28.51 21.71
C HIS A 115 12.28 -28.84 22.64
N ALA A 116 12.53 -29.68 23.64
CA ALA A 116 11.49 -30.05 24.59
C ALA A 116 10.69 -28.80 24.98
N VAL A 117 11.36 -27.65 25.02
CA VAL A 117 10.73 -26.39 25.36
C VAL A 117 9.58 -26.02 24.41
N TYR A 118 9.71 -26.43 23.15
CA TYR A 118 8.69 -26.13 22.15
C TYR A 118 7.65 -27.24 22.04
N GLN A 119 7.72 -28.21 22.95
CA GLN A 119 6.78 -29.30 22.89
C GLN A 119 5.75 -29.27 24.01
N PRO A 120 4.55 -29.78 23.73
CA PRO A 120 3.53 -29.78 24.78
C PRO A 120 4.04 -30.74 25.87
N ASN A 121 3.90 -30.31 27.13
CA ASN A 121 4.32 -31.11 28.26
C ASN A 121 5.81 -31.49 28.20
N GLY A 122 6.58 -30.64 27.53
CA GLY A 122 8.01 -30.87 27.41
C GLY A 122 8.33 -32.20 26.79
N GLY A 123 7.41 -32.67 25.94
CA GLY A 123 7.60 -33.94 25.26
C GLY A 123 8.66 -33.89 24.18
N SER A 124 8.90 -35.03 23.57
CA SER A 124 9.90 -35.14 22.51
C SER A 124 9.35 -34.66 21.18
N PRO A 125 10.20 -34.05 20.35
CA PRO A 125 9.73 -33.58 19.05
C PRO A 125 9.20 -34.77 18.28
N ILE A 126 8.24 -34.53 17.41
CA ILE A 126 7.71 -35.60 16.61
C ILE A 126 8.30 -35.48 15.22
N SER A 127 8.87 -36.58 14.74
CA SER A 127 9.49 -36.61 13.44
C SER A 127 9.01 -37.83 12.65
N SER A 128 9.71 -38.12 11.56
CA SER A 128 9.40 -39.26 10.72
C SER A 128 10.12 -40.46 11.31
N THR A 129 11.17 -40.16 12.07
CA THR A 129 12.03 -41.17 12.66
C THR A 129 12.34 -40.85 14.14
N ASN A 130 12.81 -41.86 14.88
CA ASN A 130 13.16 -41.64 16.27
C ASN A 130 14.61 -41.15 16.30
N LYS A 131 15.16 -40.81 15.14
CA LYS A 131 16.55 -40.34 15.04
C LYS A 131 16.68 -38.82 15.14
N PRO A 132 17.63 -38.34 15.96
CA PRO A 132 17.85 -36.90 16.13
C PRO A 132 18.76 -36.28 15.06
N ILE A 133 18.70 -34.96 14.99
CA ILE A 133 19.52 -34.19 14.06
C ILE A 133 20.98 -34.26 14.56
N SER A 134 21.94 -33.99 13.69
CA SER A 134 23.35 -34.02 14.05
C SER A 134 23.65 -33.08 15.22
N GLU A 135 24.32 -33.59 16.25
CA GLU A 135 24.60 -32.77 17.43
C GLU A 135 25.80 -31.83 17.35
N ASN A 136 26.52 -31.83 16.23
CA ASN A 136 27.71 -30.99 16.11
C ASN A 136 27.61 -29.87 15.06
N ARG A 137 26.80 -30.08 14.03
CA ARG A 137 26.66 -29.07 12.98
C ARG A 137 25.43 -28.18 13.09
N TRP A 138 24.43 -28.62 13.86
CA TRP A 138 23.20 -27.82 14.01
C TRP A 138 22.77 -27.69 15.45
N ARG A 139 22.06 -26.60 15.72
CA ARG A 139 21.55 -26.34 17.06
C ARG A 139 20.14 -25.78 16.95
N VAL A 140 19.38 -25.87 18.03
CA VAL A 140 18.05 -25.32 18.02
C VAL A 140 18.17 -24.05 18.84
N LEU A 141 17.58 -22.97 18.35
CA LEU A 141 17.61 -21.69 19.04
C LEU A 141 16.49 -21.68 20.06
N LEU A 142 16.84 -21.46 21.33
CA LEU A 142 15.87 -21.40 22.41
C LEU A 142 15.45 -19.96 22.68
N PRO A 143 14.30 -19.77 23.35
CA PRO A 143 13.73 -18.46 23.68
C PRO A 143 14.67 -17.51 24.39
N ASP A 144 15.55 -18.05 25.23
CA ASP A 144 16.49 -17.20 25.95
C ASP A 144 17.65 -16.84 25.03
N GLY A 145 17.58 -17.29 23.78
CA GLY A 145 18.62 -16.98 22.83
C GLY A 145 19.79 -17.94 22.77
N SER A 146 19.75 -18.99 23.57
CA SER A 146 20.85 -19.95 23.55
C SER A 146 20.60 -20.94 22.43
N HIS A 147 21.67 -21.64 22.05
CA HIS A 147 21.64 -22.66 21.03
C HIS A 147 22.12 -23.94 21.71
N VAL A 148 21.32 -25.00 21.60
CA VAL A 148 21.66 -26.28 22.19
C VAL A 148 21.39 -27.37 21.16
N LYS A 149 21.83 -28.59 21.46
CA LYS A 149 21.64 -29.72 20.58
C LYS A 149 20.19 -30.17 20.41
N TYR A 150 19.92 -30.74 19.24
CA TYR A 150 18.59 -31.25 18.93
C TYR A 150 18.42 -32.60 19.63
N PRO A 151 17.32 -32.76 20.37
CA PRO A 151 17.04 -34.00 21.08
C PRO A 151 16.58 -35.09 20.14
N LYS A 152 16.45 -36.29 20.68
CA LYS A 152 15.97 -37.43 19.91
C LYS A 152 14.47 -37.25 19.81
N PRO A 153 13.92 -37.31 18.59
CA PRO A 153 12.49 -37.15 18.38
C PRO A 153 11.78 -38.50 18.55
N ARG A 154 10.45 -38.47 18.48
CA ARG A 154 9.65 -39.67 18.58
C ARG A 154 9.05 -39.87 17.20
N ALA A 155 9.43 -40.96 16.54
CA ALA A 155 8.91 -41.24 15.22
C ALA A 155 7.40 -41.30 15.32
N LEU A 156 6.71 -40.64 14.39
CA LEU A 156 5.26 -40.63 14.36
C LEU A 156 4.75 -42.03 14.06
N GLU A 157 3.63 -42.40 14.67
CA GLU A 157 3.04 -43.68 14.39
C GLU A 157 2.31 -43.43 13.08
N ALA A 158 2.23 -44.43 12.22
CA ALA A 158 1.56 -44.27 10.94
C ALA A 158 0.13 -43.81 11.21
N SER A 159 -0.46 -44.33 12.30
CA SER A 159 -1.82 -43.99 12.67
C SER A 159 -1.97 -42.50 12.98
N GLU A 160 -0.96 -41.89 13.56
CA GLU A 160 -1.03 -40.48 13.91
C GLU A 160 -0.95 -39.54 12.71
N ILE A 161 -0.10 -39.89 11.74
CA ILE A 161 0.05 -39.05 10.57
C ILE A 161 -1.21 -38.33 10.07
N PRO A 162 -2.36 -39.04 10.02
CA PRO A 162 -3.58 -38.37 9.56
C PRO A 162 -3.96 -37.21 10.48
N ARG A 163 -3.62 -37.34 11.76
CA ARG A 163 -3.92 -36.32 12.76
C ARG A 163 -3.06 -35.07 12.47
N VAL A 164 -1.80 -35.29 12.12
CA VAL A 164 -0.93 -34.18 11.80
C VAL A 164 -1.43 -33.54 10.51
N VAL A 165 -1.84 -34.37 9.54
CA VAL A 165 -2.36 -33.85 8.28
C VAL A 165 -3.56 -32.95 8.60
N GLU A 166 -4.43 -33.40 9.48
CA GLU A 166 -5.59 -32.63 9.87
C GLU A 166 -5.16 -31.27 10.44
N ASP A 167 -4.06 -31.24 11.17
CA ASP A 167 -3.55 -30.00 11.73
C ASP A 167 -3.24 -28.99 10.61
N TYR A 168 -2.65 -29.45 9.52
CA TYR A 168 -2.39 -28.53 8.43
C TYR A 168 -3.72 -28.03 7.86
N CYS A 169 -4.65 -28.96 7.65
CA CYS A 169 -5.95 -28.61 7.09
C CYS A 169 -6.65 -27.51 7.89
N LEU A 170 -6.73 -27.70 9.21
CA LEU A 170 -7.35 -26.74 10.11
C LEU A 170 -6.60 -25.42 10.01
N SER A 171 -5.27 -25.51 10.10
CA SER A 171 -4.43 -24.32 10.02
C SER A 171 -4.64 -23.67 8.67
N ALA A 172 -4.77 -24.49 7.63
CA ALA A 172 -5.00 -23.95 6.29
C ALA A 172 -6.37 -23.28 6.26
N LEU A 173 -7.39 -23.96 6.79
CA LEU A 173 -8.72 -23.38 6.81
C LEU A 173 -8.66 -22.10 7.62
N ASN A 174 -7.96 -22.13 8.76
CA ASN A 174 -7.85 -20.92 9.58
C ASN A 174 -7.17 -19.79 8.82
N ALA A 175 -6.05 -20.09 8.18
CA ALA A 175 -5.32 -19.08 7.42
C ALA A 175 -6.31 -18.32 6.55
N ILE A 176 -7.15 -19.06 5.84
CA ILE A 176 -8.16 -18.47 4.97
C ILE A 176 -9.12 -17.64 5.83
N ARG A 177 -9.42 -18.14 7.03
CA ARG A 177 -10.33 -17.47 7.93
C ARG A 177 -9.80 -16.11 8.35
N ALA A 178 -8.48 -16.01 8.47
CA ALA A 178 -7.84 -14.77 8.84
C ALA A 178 -7.73 -13.83 7.63
N GLY A 179 -7.98 -14.38 6.45
CA GLY A 179 -7.93 -13.57 5.25
C GLY A 179 -6.74 -13.89 4.34
N PHE A 180 -5.94 -14.87 4.71
CA PHE A 180 -4.79 -15.20 3.89
C PHE A 180 -5.27 -15.69 2.53
N ASP A 181 -4.72 -15.13 1.47
CA ASP A 181 -5.10 -15.52 0.12
C ASP A 181 -4.80 -16.99 -0.10
N GLY A 182 -4.08 -17.58 0.85
CA GLY A 182 -3.75 -18.98 0.77
C GLY A 182 -2.65 -19.32 1.75
N ILE A 183 -2.07 -20.50 1.58
CA ILE A 183 -1.02 -20.92 2.46
C ILE A 183 0.08 -21.58 1.67
N GLU A 184 1.23 -21.74 2.31
CA GLU A 184 2.35 -22.41 1.70
C GLU A 184 2.73 -23.52 2.67
N ILE A 185 2.61 -24.77 2.21
CA ILE A 185 2.98 -25.90 3.04
C ILE A 185 4.49 -25.93 3.02
N HIS A 186 5.10 -25.67 4.18
CA HIS A 186 6.54 -25.68 4.26
C HIS A 186 6.98 -27.15 4.30
N GLY A 187 7.43 -27.65 3.16
CA GLY A 187 7.89 -29.03 3.09
C GLY A 187 9.36 -29.01 2.74
N ALA A 188 10.05 -27.96 3.18
CA ALA A 188 11.46 -27.77 2.88
C ALA A 188 12.37 -27.72 4.08
N HIS A 189 13.66 -27.57 3.79
CA HIS A 189 14.72 -27.38 4.77
C HIS A 189 14.89 -28.31 5.97
N GLY A 190 14.55 -29.59 5.79
CA GLY A 190 14.74 -30.53 6.86
C GLY A 190 13.72 -30.51 7.99
N TYR A 191 12.55 -29.95 7.74
CA TYR A 191 11.53 -29.94 8.76
C TYR A 191 10.64 -31.17 8.66
N LEU A 192 9.50 -31.18 9.34
CA LEU A 192 8.67 -32.39 9.33
C LEU A 192 8.61 -33.14 8.01
N ILE A 193 7.74 -32.67 7.12
CA ILE A 193 7.54 -33.29 5.82
C ILE A 193 8.86 -33.72 5.19
N ASP A 194 9.86 -32.84 5.22
CA ASP A 194 11.16 -33.17 4.65
C ASP A 194 11.71 -34.41 5.38
N GLN A 195 11.64 -34.41 6.71
CA GLN A 195 12.11 -35.56 7.49
C GLN A 195 11.45 -36.83 6.98
N PHE A 196 10.28 -36.70 6.33
CA PHE A 196 9.62 -37.86 5.75
C PHE A 196 10.09 -38.02 4.30
N LEU A 197 10.36 -36.89 3.64
CA LEU A 197 10.79 -36.88 2.25
C LEU A 197 12.21 -37.37 1.94
N LYS A 198 13.19 -36.87 2.69
CA LYS A 198 14.61 -37.18 2.48
C LYS A 198 15.10 -38.56 2.95
N ASP A 199 15.75 -39.31 2.05
CA ASP A 199 16.27 -40.61 2.45
C ASP A 199 17.45 -40.36 3.38
N GLY A 200 17.99 -39.15 3.33
CA GLY A 200 19.11 -38.83 4.21
C GLY A 200 18.57 -38.74 5.61
N ILE A 201 17.24 -38.71 5.74
CA ILE A 201 16.58 -38.59 7.05
C ILE A 201 15.58 -39.68 7.33
N ASN A 202 14.79 -40.02 6.32
CA ASN A 202 13.75 -41.01 6.48
C ASN A 202 14.12 -42.40 5.97
N ASP A 203 13.88 -43.39 6.83
CA ASP A 203 14.17 -44.79 6.50
C ASP A 203 12.98 -45.70 6.81
N ARG A 204 11.87 -45.11 7.25
CA ARG A 204 10.69 -45.87 7.59
C ARG A 204 10.47 -47.14 6.76
N THR A 205 9.93 -48.15 7.42
CA THR A 205 9.63 -49.42 6.78
C THR A 205 8.15 -49.51 6.39
N ASP A 206 7.33 -48.63 6.94
CA ASP A 206 5.91 -48.63 6.60
C ASP A 206 5.66 -47.93 5.26
N GLN A 207 4.42 -47.54 4.99
CA GLN A 207 4.13 -46.90 3.70
C GLN A 207 4.61 -45.45 3.62
N TYR A 208 5.40 -45.00 4.59
CA TYR A 208 5.88 -43.62 4.56
C TYR A 208 7.38 -43.50 4.42
N GLY A 209 8.03 -44.60 4.04
CA GLY A 209 9.47 -44.58 3.89
C GLY A 209 9.92 -45.57 2.85
N GLY A 210 11.25 -45.69 2.70
CA GLY A 210 11.78 -46.60 1.71
C GLY A 210 11.75 -46.01 0.32
N SER A 211 10.70 -46.33 -0.44
CA SER A 211 10.56 -45.82 -1.79
C SER A 211 10.33 -44.32 -1.81
N ILE A 212 10.84 -43.67 -2.85
CA ILE A 212 10.68 -42.24 -2.99
C ILE A 212 9.19 -41.93 -2.92
N ALA A 213 8.38 -42.84 -3.42
CA ALA A 213 6.93 -42.69 -3.43
C ALA A 213 6.41 -42.58 -2.00
N ASN A 214 6.72 -43.58 -1.17
CA ASN A 214 6.27 -43.56 0.20
C ASN A 214 6.78 -42.33 0.94
N ARG A 215 8.06 -42.00 0.71
CA ARG A 215 8.64 -40.85 1.37
C ARG A 215 7.84 -39.61 0.99
N CYS A 216 7.38 -39.56 -0.25
CA CYS A 216 6.59 -38.43 -0.73
C CYS A 216 5.16 -38.47 -0.24
N ARG A 217 4.71 -39.65 0.15
CA ARG A 217 3.35 -39.85 0.62
C ARG A 217 2.96 -38.88 1.73
N PHE A 218 3.91 -38.57 2.62
CA PHE A 218 3.60 -37.66 3.72
C PHE A 218 3.18 -36.32 3.16
N LEU A 219 3.98 -35.75 2.28
CA LEU A 219 3.67 -34.46 1.69
C LEU A 219 2.34 -34.54 0.93
N LYS A 220 2.13 -35.64 0.22
CA LYS A 220 0.88 -35.80 -0.53
C LYS A 220 -0.34 -35.73 0.38
N GLN A 221 -0.25 -36.30 1.58
CA GLN A 221 -1.39 -36.26 2.49
C GLN A 221 -1.73 -34.84 2.85
N VAL A 222 -0.73 -34.11 3.32
CA VAL A 222 -0.91 -32.72 3.71
C VAL A 222 -1.39 -31.87 2.53
N VAL A 223 -0.73 -32.01 1.39
CA VAL A 223 -1.10 -31.22 0.22
C VAL A 223 -2.52 -31.53 -0.22
N GLU A 224 -2.87 -32.82 -0.28
CA GLU A 224 -4.22 -33.19 -0.68
C GLU A 224 -5.19 -32.80 0.42
N GLY A 225 -4.74 -32.87 1.66
CA GLY A 225 -5.59 -32.54 2.79
C GLY A 225 -5.91 -31.05 2.81
N VAL A 226 -4.88 -30.24 2.58
CA VAL A 226 -5.06 -28.80 2.59
C VAL A 226 -5.78 -28.35 1.33
N VAL A 227 -5.41 -28.93 0.18
CA VAL A 227 -6.04 -28.59 -1.08
C VAL A 227 -7.54 -28.85 -0.99
N SER A 228 -7.90 -30.03 -0.48
CA SER A 228 -9.31 -30.37 -0.35
C SER A 228 -9.98 -29.37 0.59
N ALA A 229 -9.25 -28.91 1.60
CA ALA A 229 -9.81 -27.99 2.55
C ALA A 229 -10.01 -26.59 2.01
N ILE A 230 -9.01 -26.05 1.31
CA ILE A 230 -9.16 -24.68 0.82
C ILE A 230 -9.05 -24.44 -0.68
N GLY A 231 -8.75 -25.47 -1.46
CA GLY A 231 -8.65 -25.27 -2.90
C GLY A 231 -7.21 -25.15 -3.34
N ALA A 232 -6.85 -25.90 -4.38
CA ALA A 232 -5.50 -25.90 -4.91
C ALA A 232 -4.91 -24.51 -5.11
N SER A 233 -5.60 -23.66 -5.86
CA SER A 233 -5.14 -22.29 -6.17
C SER A 233 -4.73 -21.48 -4.96
N LYS A 234 -5.16 -21.91 -3.78
CA LYS A 234 -4.79 -21.20 -2.56
C LYS A 234 -3.70 -22.00 -1.86
N VAL A 235 -3.01 -22.84 -2.61
CA VAL A 235 -1.96 -23.65 -2.00
C VAL A 235 -0.64 -23.63 -2.73
N GLY A 236 0.38 -23.25 -1.99
CA GLY A 236 1.73 -23.23 -2.52
C GLY A 236 2.44 -24.33 -1.76
N VAL A 237 3.47 -24.90 -2.36
CA VAL A 237 4.24 -25.96 -1.70
C VAL A 237 5.71 -25.70 -1.90
N ARG A 238 6.45 -25.56 -0.81
CA ARG A 238 7.87 -25.30 -0.92
C ARG A 238 8.70 -26.51 -0.60
N VAL A 239 9.66 -26.82 -1.47
CA VAL A 239 10.54 -27.94 -1.20
C VAL A 239 11.98 -27.51 -1.48
N SER A 240 12.92 -28.30 -0.99
CA SER A 240 14.34 -28.03 -1.17
C SER A 240 14.98 -29.40 -1.24
N PRO A 241 14.78 -30.10 -2.36
CA PRO A 241 15.35 -31.43 -2.52
C PRO A 241 16.87 -31.44 -2.39
N ALA A 242 17.49 -30.31 -2.69
CA ALA A 242 18.94 -30.22 -2.61
C ALA A 242 19.44 -29.73 -1.26
N ILE A 243 18.85 -28.65 -0.76
CA ILE A 243 19.27 -28.08 0.52
C ILE A 243 19.40 -29.16 1.60
N ASP A 244 20.61 -29.33 2.12
CA ASP A 244 20.89 -30.32 3.15
C ASP A 244 20.81 -29.77 4.57
N HIS A 245 19.98 -28.75 4.77
CA HIS A 245 19.80 -28.13 6.08
C HIS A 245 19.32 -29.15 7.11
N LEU A 246 19.95 -29.14 8.28
CA LEU A 246 19.59 -30.07 9.35
C LEU A 246 19.69 -31.53 8.92
N ASP A 247 20.75 -31.88 8.21
CA ASP A 247 20.98 -33.24 7.73
C ASP A 247 19.99 -33.63 6.63
N ALA A 248 19.14 -32.70 6.24
CA ALA A 248 18.14 -32.96 5.22
C ALA A 248 18.76 -33.31 3.88
N THR A 249 19.39 -34.48 3.80
CA THR A 249 20.00 -34.90 2.54
C THR A 249 19.21 -36.02 1.90
N ASP A 250 19.48 -36.27 0.62
CA ASP A 250 18.83 -37.35 -0.07
C ASP A 250 19.89 -37.99 -0.98
N SER A 251 19.79 -39.29 -1.22
CA SER A 251 20.76 -39.97 -2.04
C SER A 251 20.62 -39.60 -3.49
N ASP A 252 19.66 -38.71 -3.79
CA ASP A 252 19.44 -38.28 -5.16
C ASP A 252 18.39 -37.16 -5.24
N PRO A 253 18.81 -35.92 -4.93
CA PRO A 253 17.95 -34.74 -4.94
C PRO A 253 17.14 -34.56 -6.23
N LEU A 254 17.81 -34.70 -7.37
CA LEU A 254 17.14 -34.54 -8.66
C LEU A 254 15.96 -35.48 -8.79
N SER A 255 16.19 -36.75 -8.50
CA SER A 255 15.12 -37.73 -8.60
C SER A 255 14.05 -37.46 -7.56
N LEU A 256 14.46 -37.08 -6.34
CA LEU A 256 13.50 -36.79 -5.28
C LEU A 256 12.68 -35.59 -5.71
N GLY A 257 13.36 -34.58 -6.24
CA GLY A 257 12.69 -33.38 -6.68
C GLY A 257 11.70 -33.68 -7.80
N LEU A 258 12.11 -34.49 -8.76
CA LEU A 258 11.21 -34.80 -9.88
C LEU A 258 10.07 -35.64 -9.36
N ALA A 259 10.30 -36.36 -8.27
CA ALA A 259 9.27 -37.19 -7.69
C ALA A 259 8.22 -36.27 -7.09
N VAL A 260 8.67 -35.29 -6.30
CA VAL A 260 7.75 -34.34 -5.69
C VAL A 260 7.02 -33.60 -6.80
N VAL A 261 7.79 -33.08 -7.76
CA VAL A 261 7.24 -32.33 -8.89
C VAL A 261 6.27 -33.22 -9.65
N GLY A 262 6.69 -34.46 -9.85
CA GLY A 262 5.88 -35.42 -10.55
C GLY A 262 4.58 -35.65 -9.83
N MET A 263 4.66 -35.70 -8.51
CA MET A 263 3.49 -35.93 -7.67
C MET A 263 2.55 -34.73 -7.65
N LEU A 264 3.10 -33.54 -7.76
CA LEU A 264 2.25 -32.35 -7.75
C LEU A 264 1.49 -32.23 -9.07
N ASN A 265 2.09 -32.71 -10.16
CA ASN A 265 1.39 -32.64 -11.43
C ASN A 265 0.20 -33.59 -11.36
N LYS A 266 0.40 -34.73 -10.71
CA LYS A 266 -0.66 -35.71 -10.58
C LYS A 266 -1.84 -35.08 -9.86
N LEU A 267 -1.57 -34.46 -8.71
CA LEU A 267 -2.60 -33.79 -7.93
C LEU A 267 -3.43 -32.84 -8.80
N GLN A 268 -2.75 -31.96 -9.53
CA GLN A 268 -3.45 -31.01 -10.39
C GLN A 268 -4.22 -31.75 -11.48
N GLY A 269 -3.86 -33.00 -11.73
CA GLY A 269 -4.54 -33.79 -12.73
C GLY A 269 -5.57 -34.73 -12.10
N VAL A 270 -5.49 -34.88 -10.77
CA VAL A 270 -6.41 -35.74 -10.02
C VAL A 270 -7.37 -34.89 -9.20
N ASN A 271 -7.03 -33.61 -9.08
CA ASN A 271 -7.83 -32.63 -8.35
C ASN A 271 -8.37 -31.62 -9.36
N GLY A 272 -7.61 -31.42 -10.45
CA GLY A 272 -8.04 -30.50 -11.49
C GLY A 272 -7.27 -29.17 -11.50
N SER A 273 -7.71 -28.23 -10.69
CA SER A 273 -7.06 -26.93 -10.62
C SER A 273 -5.61 -27.01 -10.18
N LYS A 274 -4.82 -26.06 -10.65
CA LYS A 274 -3.42 -26.00 -10.30
C LYS A 274 -3.19 -25.36 -8.94
N LEU A 275 -2.10 -25.76 -8.30
CA LEU A 275 -1.71 -25.19 -7.02
C LEU A 275 -1.32 -23.75 -7.35
N ALA A 276 -1.18 -22.91 -6.34
CA ALA A 276 -0.78 -21.54 -6.57
C ALA A 276 0.62 -21.57 -7.20
N TYR A 277 1.48 -22.46 -6.70
CA TYR A 277 2.84 -22.56 -7.21
C TYR A 277 3.64 -23.65 -6.51
N LEU A 278 4.82 -23.91 -7.08
CA LEU A 278 5.77 -24.84 -6.51
C LEU A 278 6.94 -23.93 -6.18
N HIS A 279 7.37 -23.95 -4.93
CA HIS A 279 8.45 -23.10 -4.46
C HIS A 279 9.63 -24.01 -4.08
N VAL A 280 10.75 -23.87 -4.78
CA VAL A 280 11.91 -24.70 -4.50
C VAL A 280 13.10 -23.84 -4.16
N THR A 281 13.81 -24.23 -3.10
CA THR A 281 14.99 -23.53 -2.66
C THR A 281 16.21 -24.00 -3.47
N GLN A 282 17.09 -23.06 -3.77
CA GLN A 282 18.28 -23.36 -4.55
C GLN A 282 19.55 -23.28 -3.73
N PRO A 283 20.25 -24.42 -3.56
CA PRO A 283 21.47 -24.28 -2.78
C PRO A 283 22.37 -23.40 -3.64
N ARG A 284 23.15 -22.53 -3.01
CA ARG A 284 24.02 -21.61 -3.72
C ARG A 284 25.44 -21.67 -3.20
N GLU A 300 25.79 -23.90 -13.07
CA GLU A 300 25.78 -25.20 -13.72
C GLU A 300 24.77 -26.17 -13.09
N GLU A 301 25.26 -27.36 -12.72
CA GLU A 301 24.43 -28.40 -12.11
C GLU A 301 23.30 -27.84 -11.26
N GLU A 302 23.62 -26.79 -10.51
CA GLU A 302 22.65 -26.13 -9.64
C GLU A 302 21.36 -25.82 -10.39
N ALA A 303 21.47 -24.95 -11.39
CA ALA A 303 20.31 -24.57 -12.18
C ALA A 303 19.76 -25.78 -12.95
N LYS A 304 20.64 -26.75 -13.23
CA LYS A 304 20.21 -27.96 -13.91
C LYS A 304 19.09 -28.59 -13.10
N LEU A 305 19.34 -28.79 -11.82
CA LEU A 305 18.32 -29.39 -10.94
C LEU A 305 17.05 -28.54 -10.97
N MET A 306 17.24 -27.22 -10.85
CA MET A 306 16.12 -26.28 -10.83
C MET A 306 15.38 -26.20 -12.17
N LYS A 307 16.12 -26.08 -13.26
CA LYS A 307 15.51 -26.00 -14.58
C LYS A 307 14.71 -27.28 -14.79
N SER A 308 15.33 -28.41 -14.48
CA SER A 308 14.68 -29.70 -14.63
C SER A 308 13.37 -29.75 -13.87
N LEU A 309 13.39 -29.33 -12.61
CA LEU A 309 12.17 -29.35 -11.79
C LEU A 309 11.16 -28.39 -12.40
N ARG A 310 11.63 -27.23 -12.78
CA ARG A 310 10.74 -26.25 -13.37
C ARG A 310 10.15 -26.82 -14.66
N MET A 311 10.98 -27.52 -15.44
CA MET A 311 10.50 -28.08 -16.70
C MET A 311 9.42 -29.12 -16.43
N ALA A 312 9.66 -29.99 -15.46
CA ALA A 312 8.71 -31.06 -15.13
C ALA A 312 7.40 -30.56 -14.54
N TYR A 313 7.50 -29.58 -13.64
CA TYR A 313 6.30 -29.09 -13.00
C TYR A 313 5.42 -28.27 -13.93
N ASN A 314 4.15 -28.67 -14.04
CA ASN A 314 3.24 -27.93 -14.89
C ASN A 314 2.54 -26.89 -14.04
N GLY A 315 3.15 -25.72 -13.97
CA GLY A 315 2.57 -24.65 -13.17
C GLY A 315 3.55 -23.57 -12.81
N THR A 316 3.11 -22.70 -11.92
CA THR A 316 3.90 -21.59 -11.44
C THR A 316 5.08 -22.11 -10.65
N PHE A 317 6.28 -21.67 -11.04
CA PHE A 317 7.50 -22.09 -10.37
C PHE A 317 8.22 -20.89 -9.80
N MET A 318 8.38 -20.91 -8.49
CA MET A 318 9.04 -19.84 -7.77
C MET A 318 10.48 -20.22 -7.46
N SER A 319 11.40 -19.31 -7.74
CA SER A 319 12.79 -19.58 -7.48
C SER A 319 13.15 -18.95 -6.15
N SER A 320 14.11 -19.56 -5.46
CA SER A 320 14.52 -19.06 -4.16
C SER A 320 15.91 -19.52 -3.79
N GLY A 321 16.70 -18.61 -3.22
CA GLY A 321 18.05 -18.95 -2.79
C GLY A 321 19.15 -18.39 -3.68
N GLY A 322 19.86 -17.38 -3.17
CA GLY A 322 20.96 -16.76 -3.88
C GLY A 322 20.57 -15.81 -4.99
N PHE A 323 19.38 -15.23 -4.88
CA PHE A 323 18.94 -14.29 -5.90
C PHE A 323 19.12 -12.84 -5.54
N ASN A 324 19.54 -12.10 -6.54
CA ASN A 324 19.70 -10.65 -6.44
C ASN A 324 18.84 -10.26 -7.63
N LYS A 325 18.88 -9.02 -8.06
CA LYS A 325 18.04 -8.64 -9.19
C LYS A 325 18.36 -9.37 -10.49
N GLU A 326 19.59 -9.26 -10.95
CA GLU A 326 20.00 -9.90 -12.19
C GLU A 326 19.66 -11.39 -12.24
N LEU A 327 20.08 -12.12 -11.22
CA LEU A 327 19.81 -13.56 -11.21
C LEU A 327 18.30 -13.77 -11.29
N GLY A 328 17.54 -12.86 -10.69
CA GLY A 328 16.10 -12.97 -10.72
C GLY A 328 15.54 -12.63 -12.08
N MET A 329 16.02 -11.53 -12.65
CA MET A 329 15.59 -11.07 -13.96
C MET A 329 15.83 -12.14 -15.02
N GLN A 330 17.00 -12.77 -14.98
CA GLN A 330 17.29 -13.80 -15.97
C GLN A 330 16.48 -15.07 -15.69
N ALA A 331 16.23 -15.36 -14.41
CA ALA A 331 15.45 -16.54 -14.07
C ALA A 331 14.07 -16.40 -14.71
N VAL A 332 13.55 -15.18 -14.74
CA VAL A 332 12.26 -14.95 -15.35
C VAL A 332 12.36 -15.15 -16.88
N GLN A 333 13.34 -14.52 -17.53
CA GLN A 333 13.47 -14.68 -18.97
C GLN A 333 13.86 -16.11 -19.36
N GLN A 334 15.02 -16.56 -18.89
CA GLN A 334 15.52 -17.90 -19.20
C GLN A 334 14.52 -19.03 -18.94
N GLY A 335 13.33 -18.69 -18.44
CA GLY A 335 12.32 -19.69 -18.18
C GLY A 335 12.57 -20.54 -16.94
N ASP A 336 13.49 -20.09 -16.10
CA ASP A 336 13.86 -20.81 -14.88
C ASP A 336 12.77 -20.74 -13.82
N ALA A 337 11.87 -19.76 -13.94
CA ALA A 337 10.82 -19.63 -12.95
C ALA A 337 9.87 -18.52 -13.33
N ASP A 338 8.67 -18.55 -12.76
CA ASP A 338 7.68 -17.50 -13.01
C ASP A 338 7.92 -16.39 -11.98
N LEU A 339 8.42 -16.80 -10.83
CA LEU A 339 8.65 -15.88 -9.71
C LEU A 339 9.95 -16.21 -9.02
N VAL A 340 10.42 -15.25 -8.25
CA VAL A 340 11.67 -15.37 -7.51
C VAL A 340 11.47 -14.80 -6.11
N SER A 341 11.56 -15.65 -5.10
CA SER A 341 11.39 -15.17 -3.74
C SER A 341 12.76 -14.75 -3.21
N TYR A 342 12.79 -13.66 -2.46
CA TYR A 342 14.00 -13.14 -1.87
C TYR A 342 13.81 -13.11 -0.36
N GLY A 343 14.86 -13.52 0.36
CA GLY A 343 14.78 -13.52 1.80
C GLY A 343 15.57 -12.41 2.45
N ARG A 344 16.88 -12.60 2.57
CA ARG A 344 17.72 -11.62 3.24
C ARG A 344 17.65 -10.23 2.65
N LEU A 345 17.60 -10.12 1.33
CA LEU A 345 17.51 -8.80 0.74
C LEU A 345 16.20 -8.11 1.12
N PHE A 346 15.16 -8.91 1.35
CA PHE A 346 13.87 -8.33 1.70
C PHE A 346 13.87 -7.97 3.17
N ILE A 347 14.72 -8.65 3.92
CA ILE A 347 14.83 -8.37 5.33
C ILE A 347 15.36 -6.94 5.47
N ALA A 348 16.34 -6.62 4.62
CA ALA A 348 16.97 -5.29 4.63
C ALA A 348 16.19 -4.20 3.90
N ASN A 349 15.63 -4.53 2.73
CA ASN A 349 14.89 -3.53 1.95
C ASN A 349 13.40 -3.81 1.89
N PRO A 350 12.66 -3.31 2.87
CA PRO A 350 11.22 -3.52 2.91
C PRO A 350 10.58 -3.11 1.59
N ASP A 351 11.22 -2.16 0.91
CA ASP A 351 10.76 -1.67 -0.38
C ASP A 351 11.71 -2.21 -1.44
N LEU A 352 12.07 -3.49 -1.30
CA LEU A 352 12.98 -4.13 -2.25
C LEU A 352 12.58 -3.98 -3.71
N VAL A 353 11.29 -4.13 -3.99
CA VAL A 353 10.82 -4.05 -5.37
C VAL A 353 11.17 -2.73 -6.03
N SER A 354 10.81 -1.62 -5.39
CA SER A 354 11.12 -0.31 -5.93
C SER A 354 12.61 -0.12 -6.13
N ARG A 355 13.40 -0.75 -5.27
CA ARG A 355 14.85 -0.65 -5.36
C ARG A 355 15.35 -1.43 -6.55
N PHE A 356 14.84 -2.64 -6.71
CA PHE A 356 15.26 -3.47 -7.84
C PHE A 356 14.90 -2.78 -9.16
N LYS A 357 13.66 -2.31 -9.25
CA LYS A 357 13.17 -1.66 -10.47
C LYS A 357 14.03 -0.48 -10.91
N ILE A 358 14.39 0.38 -9.97
CA ILE A 358 15.20 1.53 -10.34
C ILE A 358 16.68 1.18 -10.30
N ASP A 359 16.98 -0.11 -10.28
CA ASP A 359 18.37 -0.58 -10.22
C ASP A 359 19.13 0.24 -9.17
N GLY A 360 18.46 0.53 -8.05
CA GLY A 360 19.07 1.29 -6.98
C GLY A 360 19.93 0.41 -6.09
N GLU A 361 20.37 0.94 -4.95
CA GLU A 361 21.22 0.18 -4.03
C GLU A 361 20.41 -0.76 -3.14
N LEU A 362 21.10 -1.73 -2.55
CA LEU A 362 20.48 -2.69 -1.66
C LEU A 362 21.03 -2.53 -0.25
N ASN A 363 20.16 -2.16 0.69
CA ASN A 363 20.57 -1.96 2.08
C ASN A 363 21.16 -3.25 2.59
N LYS A 364 22.05 -3.13 3.57
CA LYS A 364 22.68 -4.29 4.16
C LYS A 364 21.79 -4.74 5.30
N TYR A 365 21.64 -6.06 5.47
CA TYR A 365 20.82 -6.58 6.55
C TYR A 365 21.70 -6.87 7.77
N ASN A 366 21.14 -6.63 8.96
CA ASN A 366 21.86 -6.90 10.20
C ASN A 366 21.48 -8.31 10.60
N ARG A 367 22.37 -9.25 10.28
CA ARG A 367 22.16 -10.66 10.57
C ARG A 367 21.96 -10.91 12.07
N LYS A 368 22.51 -10.03 12.90
CA LYS A 368 22.36 -10.20 14.34
C LYS A 368 20.92 -10.18 14.82
N THR A 369 20.07 -9.40 14.15
CA THR A 369 18.68 -9.32 14.57
C THR A 369 17.70 -10.07 13.66
N PHE A 370 18.17 -11.13 13.04
CA PHE A 370 17.32 -11.93 12.18
C PHE A 370 16.21 -12.55 13.03
N TYR A 371 16.64 -13.10 14.17
CA TYR A 371 15.78 -13.83 15.09
C TYR A 371 15.51 -13.23 16.47
N THR A 372 15.84 -11.95 16.65
CA THR A 372 15.60 -11.29 17.92
C THR A 372 14.11 -10.93 18.06
N GLN A 373 13.72 -10.41 19.22
CA GLN A 373 12.32 -10.10 19.45
C GLN A 373 11.87 -8.65 19.37
N ASP A 374 12.78 -7.74 19.08
CA ASP A 374 12.36 -6.35 19.03
C ASP A 374 11.37 -6.15 17.91
N PRO A 375 10.22 -5.52 18.21
CA PRO A 375 9.21 -5.27 17.19
C PRO A 375 9.63 -4.19 16.23
N VAL A 376 10.78 -3.60 16.49
CA VAL A 376 11.28 -2.54 15.64
C VAL A 376 12.70 -2.77 15.17
N VAL A 377 13.60 -2.96 16.13
CA VAL A 377 15.02 -3.15 15.84
C VAL A 377 15.39 -4.35 14.98
N GLY A 378 15.92 -4.06 13.80
CA GLY A 378 16.30 -5.11 12.87
C GLY A 378 15.06 -5.73 12.24
N TYR A 379 13.91 -5.14 12.55
CA TYR A 379 12.65 -5.64 12.03
C TYR A 379 11.92 -4.66 11.11
N THR A 380 11.37 -3.61 11.68
CA THR A 380 10.66 -2.61 10.89
C THR A 380 11.44 -1.30 10.77
N ASP A 381 12.74 -1.32 11.11
CA ASP A 381 13.51 -0.09 11.03
C ASP A 381 14.56 -0.02 9.95
N TYR A 382 14.50 -0.92 8.97
CA TYR A 382 15.44 -0.84 7.85
C TYR A 382 14.85 0.27 7.00
N PRO A 383 15.71 1.15 6.45
CA PRO A 383 15.29 2.29 5.64
C PRO A 383 14.81 2.05 4.21
N PHE A 384 13.71 2.70 3.88
CA PHE A 384 13.15 2.65 2.55
C PHE A 384 14.10 3.54 1.74
N LEU A 385 13.89 3.66 0.44
CA LEU A 385 14.74 4.52 -0.35
C LEU A 385 14.49 5.96 0.07
N ALA A 386 15.52 6.80 0.05
CA ALA A 386 15.37 8.19 0.43
C ALA A 386 15.67 9.05 -0.79
N PRO A 387 14.62 9.42 -1.55
CA PRO A 387 14.73 10.24 -2.76
C PRO A 387 15.72 11.41 -2.61
N ASN B 9 -5.77 42.51 16.62
CA ASN B 9 -4.43 41.90 16.81
C ASN B 9 -3.91 41.32 15.49
N GLU B 10 -4.48 40.20 15.08
CA GLU B 10 -4.08 39.54 13.84
C GLU B 10 -5.10 39.80 12.75
N THR B 11 -4.66 39.94 11.51
CA THR B 11 -5.57 40.20 10.41
C THR B 11 -5.13 39.39 9.19
N LEU B 12 -5.76 39.64 8.05
CA LEU B 12 -5.40 38.96 6.81
C LEU B 12 -3.98 39.34 6.43
N PHE B 13 -3.48 40.41 7.03
CA PHE B 13 -2.14 40.89 6.70
C PHE B 13 -1.07 40.50 7.71
N SER B 14 -1.46 39.83 8.78
CA SER B 14 -0.48 39.41 9.76
C SER B 14 0.38 38.28 9.20
N SER B 15 1.65 38.32 9.56
CA SER B 15 2.59 37.31 9.14
C SER B 15 2.15 36.00 9.75
N TYR B 16 2.58 34.90 9.16
CA TYR B 16 2.22 33.60 9.69
C TYR B 16 3.30 32.57 9.41
N LYS B 17 3.52 31.70 10.38
CA LYS B 17 4.51 30.67 10.21
C LYS B 17 3.78 29.37 9.88
N MET B 18 3.70 29.06 8.60
CA MET B 18 3.05 27.83 8.15
C MET B 18 4.00 26.67 8.46
N GLY B 19 4.02 26.25 9.72
CA GLY B 19 4.90 25.17 10.13
C GLY B 19 6.32 25.58 9.82
N ARG B 20 6.80 25.16 8.67
CA ARG B 20 8.16 25.47 8.25
C ARG B 20 8.19 26.49 7.09
N PHE B 21 7.12 27.26 6.94
CA PHE B 21 7.07 28.28 5.89
C PHE B 21 6.76 29.65 6.47
N ASP B 22 7.56 30.65 6.10
CA ASP B 22 7.36 32.01 6.57
C ASP B 22 6.34 32.69 5.67
N LEU B 23 5.13 32.86 6.19
CA LEU B 23 4.07 33.49 5.41
C LEU B 23 4.00 34.98 5.72
N SER B 24 3.74 35.77 4.68
CA SER B 24 3.62 37.21 4.82
C SER B 24 2.23 37.54 5.37
N HIS B 25 1.20 37.15 4.63
CA HIS B 25 -0.16 37.41 5.05
C HIS B 25 -0.99 36.14 5.05
N ARG B 26 -2.28 36.28 5.33
CA ARG B 26 -3.16 35.13 5.44
C ARG B 26 -4.01 34.86 4.21
N VAL B 27 -3.84 35.67 3.18
CA VAL B 27 -4.63 35.50 1.98
C VAL B 27 -3.98 34.41 1.14
N VAL B 28 -4.73 33.35 0.88
CA VAL B 28 -4.20 32.22 0.15
C VAL B 28 -4.84 32.08 -1.22
N LEU B 29 -4.02 31.87 -2.23
CA LEU B 29 -4.56 31.64 -3.55
C LEU B 29 -5.06 30.21 -3.50
N ALA B 30 -6.38 30.09 -3.33
CA ALA B 30 -7.08 28.82 -3.26
C ALA B 30 -6.80 28.10 -4.58
N PRO B 31 -6.79 26.76 -4.56
CA PRO B 31 -6.55 25.95 -5.77
C PRO B 31 -7.71 26.18 -6.72
N MET B 32 -7.42 26.62 -7.95
CA MET B 32 -8.50 26.85 -8.91
C MET B 32 -8.31 26.29 -10.29
N THR B 33 -9.18 25.35 -10.65
CA THR B 33 -9.17 24.76 -11.98
C THR B 33 -9.49 25.86 -12.98
N ARG B 34 -8.65 26.03 -13.99
CA ARG B 34 -8.90 27.07 -14.98
C ARG B 34 -8.82 26.55 -16.40
N CYS B 35 -8.26 25.36 -16.57
CA CYS B 35 -8.17 24.73 -17.88
C CYS B 35 -7.30 25.45 -18.92
N ARG B 36 -6.16 25.97 -18.49
CA ARG B 36 -5.24 26.64 -19.42
C ARG B 36 -4.02 25.76 -19.69
N ALA B 37 -3.92 24.65 -18.96
CA ALA B 37 -2.81 23.71 -19.11
C ALA B 37 -3.12 22.78 -20.27
N LEU B 38 -3.01 23.32 -21.48
CA LEU B 38 -3.30 22.58 -22.70
C LEU B 38 -2.71 21.17 -22.74
N ASN B 39 -3.58 20.19 -22.98
CA ASN B 39 -3.14 18.82 -23.08
C ASN B 39 -2.43 18.33 -21.82
N GLY B 40 -2.88 18.85 -20.68
CA GLY B 40 -2.34 18.44 -19.39
C GLY B 40 -0.98 18.96 -19.01
N VAL B 41 -0.38 19.77 -19.87
CA VAL B 41 0.95 20.28 -19.58
C VAL B 41 0.89 21.76 -19.23
N PRO B 42 1.52 22.16 -18.10
CA PRO B 42 1.53 23.57 -17.69
C PRO B 42 2.20 24.35 -18.81
N ASN B 43 2.14 25.68 -18.76
CA ASN B 43 2.74 26.49 -19.80
C ASN B 43 3.04 27.91 -19.35
N ALA B 44 3.42 28.76 -20.29
CA ALA B 44 3.75 30.14 -19.94
C ALA B 44 2.54 30.84 -19.34
N ALA B 45 1.35 30.38 -19.69
CA ALA B 45 0.12 30.95 -19.17
C ALA B 45 0.03 30.75 -17.66
N LEU B 46 0.25 29.52 -17.21
CA LEU B 46 0.19 29.24 -15.79
C LEU B 46 1.32 29.92 -15.05
N ALA B 47 2.45 30.10 -15.73
CA ALA B 47 3.60 30.74 -15.12
C ALA B 47 3.27 32.20 -14.85
N GLU B 48 2.74 32.89 -15.86
CA GLU B 48 2.39 34.29 -15.69
C GLU B 48 1.18 34.43 -14.77
N TYR B 49 0.33 33.40 -14.77
CA TYR B 49 -0.86 33.39 -13.94
C TYR B 49 -0.53 33.40 -12.44
N TYR B 50 0.20 32.39 -11.99
CA TYR B 50 0.55 32.32 -10.59
C TYR B 50 1.49 33.46 -10.28
N ALA B 51 1.86 34.19 -11.34
CA ALA B 51 2.74 35.34 -11.24
C ALA B 51 1.90 36.62 -11.04
N GLN B 52 0.83 36.75 -11.81
CA GLN B 52 0.00 37.95 -11.69
C GLN B 52 -0.56 38.09 -10.29
N ARG B 53 -0.80 36.96 -9.63
CA ARG B 53 -1.36 36.97 -8.29
C ARG B 53 -0.37 36.62 -7.19
N THR B 54 0.86 36.30 -7.55
CA THR B 54 1.84 35.96 -6.53
C THR B 54 2.41 37.21 -5.83
N THR B 55 2.63 37.05 -4.53
CA THR B 55 3.17 38.11 -3.68
C THR B 55 4.25 37.57 -2.75
N PRO B 56 5.16 38.44 -2.28
CA PRO B 56 6.22 38.00 -1.38
C PRO B 56 5.62 37.41 -0.13
N GLY B 57 6.03 36.19 0.20
CA GLY B 57 5.53 35.52 1.39
C GLY B 57 4.06 35.12 1.38
N GLY B 58 3.37 35.34 0.27
CA GLY B 58 1.97 34.96 0.20
C GLY B 58 1.82 33.53 -0.29
N PHE B 59 0.86 32.79 0.27
CA PHE B 59 0.67 31.39 -0.13
C PHE B 59 -0.38 31.18 -1.22
N LEU B 60 -0.01 30.38 -2.22
CA LEU B 60 -0.88 30.05 -3.33
C LEU B 60 -0.85 28.55 -3.57
N ILE B 61 -2.03 27.97 -3.73
CA ILE B 61 -2.16 26.56 -3.99
C ILE B 61 -2.52 26.49 -5.46
N SER B 62 -1.97 25.50 -6.15
CA SER B 62 -2.24 25.35 -7.56
C SER B 62 -3.62 24.78 -7.82
N GLU B 63 -4.04 24.96 -9.07
CA GLU B 63 -5.29 24.44 -9.57
C GLU B 63 -5.21 22.92 -9.42
N GLY B 64 -6.35 22.25 -9.31
CA GLY B 64 -6.34 20.80 -9.18
C GLY B 64 -5.46 20.21 -10.27
N THR B 65 -4.55 19.33 -9.88
CA THR B 65 -3.61 18.74 -10.82
C THR B 65 -3.65 17.21 -10.80
N MET B 66 -3.62 16.62 -11.99
CA MET B 66 -3.67 15.17 -12.12
C MET B 66 -2.57 14.40 -11.40
N VAL B 67 -2.96 13.32 -10.74
CA VAL B 67 -2.03 12.46 -10.03
C VAL B 67 -1.78 11.20 -10.84
N SER B 68 -2.46 11.07 -11.97
CA SER B 68 -2.31 9.91 -12.83
C SER B 68 -3.31 9.96 -13.96
N PRO B 69 -3.23 9.02 -14.92
CA PRO B 69 -4.21 9.06 -15.99
C PRO B 69 -5.58 8.67 -15.43
N GLY B 70 -6.63 9.26 -15.96
CA GLY B 70 -7.96 8.93 -15.49
C GLY B 70 -8.38 9.82 -14.33
N SER B 71 -7.44 10.60 -13.78
CA SER B 71 -7.76 11.48 -12.65
C SER B 71 -8.49 12.77 -13.04
N ALA B 72 -8.41 13.17 -14.30
CA ALA B 72 -9.04 14.42 -14.71
C ALA B 72 -10.54 14.30 -15.00
N GLY B 73 -11.25 15.39 -14.76
CA GLY B 73 -12.68 15.42 -14.98
C GLY B 73 -13.04 16.76 -15.57
N PHE B 74 -12.01 17.47 -16.05
CA PHE B 74 -12.15 18.80 -16.65
C PHE B 74 -11.27 18.89 -17.89
N PRO B 75 -11.64 19.78 -18.83
CA PRO B 75 -10.83 19.90 -20.03
C PRO B 75 -9.56 20.72 -19.81
N HIS B 76 -8.46 20.18 -20.30
CA HIS B 76 -7.17 20.85 -20.20
C HIS B 76 -6.70 21.28 -18.83
N VAL B 77 -6.66 20.32 -17.92
CA VAL B 77 -6.16 20.59 -16.60
C VAL B 77 -4.75 20.04 -16.62
N PRO B 78 -3.87 20.59 -15.80
CA PRO B 78 -2.49 20.12 -15.77
C PRO B 78 -2.30 18.80 -15.03
N GLY B 79 -1.14 18.21 -15.23
CA GLY B 79 -0.80 16.98 -14.55
C GLY B 79 0.56 17.16 -13.89
N ILE B 80 0.88 16.30 -12.94
CA ILE B 80 2.16 16.37 -12.28
C ILE B 80 2.70 14.94 -12.23
N TYR B 81 2.00 14.03 -12.88
CA TYR B 81 2.45 12.64 -12.88
C TYR B 81 3.45 12.31 -13.97
N SER B 82 3.52 13.14 -15.02
CA SER B 82 4.46 12.87 -16.11
C SER B 82 5.76 13.66 -15.94
N ASP B 83 6.87 13.01 -16.27
CA ASP B 83 8.16 13.67 -16.15
C ASP B 83 8.13 14.96 -16.94
N GLU B 84 7.37 14.95 -18.03
CA GLU B 84 7.25 16.14 -18.86
C GLU B 84 6.53 17.24 -18.08
N GLN B 85 5.27 16.99 -17.69
CA GLN B 85 4.49 17.97 -16.95
C GLN B 85 5.31 18.58 -15.84
N VAL B 86 6.12 17.75 -15.18
CA VAL B 86 6.98 18.21 -14.11
C VAL B 86 7.88 19.32 -14.65
N GLU B 87 8.51 19.06 -15.80
CA GLU B 87 9.39 20.04 -16.40
C GLU B 87 8.63 21.32 -16.75
N ALA B 88 7.44 21.18 -17.31
CA ALA B 88 6.65 22.35 -17.68
C ALA B 88 6.21 23.18 -16.46
N TRP B 89 5.95 22.52 -15.33
CA TRP B 89 5.52 23.23 -14.12
C TRP B 89 6.62 24.11 -13.56
N LYS B 90 7.86 23.66 -13.69
CA LYS B 90 9.00 24.39 -13.16
C LYS B 90 8.96 25.88 -13.43
N GLN B 91 8.62 26.27 -14.66
CA GLN B 91 8.56 27.68 -15.04
C GLN B 91 7.53 28.37 -14.19
N VAL B 92 6.51 27.62 -13.80
CA VAL B 92 5.47 28.20 -12.98
C VAL B 92 5.98 28.38 -11.56
N VAL B 93 6.50 27.30 -10.99
CA VAL B 93 7.01 27.34 -9.63
C VAL B 93 8.17 28.34 -9.53
N GLU B 94 9.01 28.39 -10.54
CA GLU B 94 10.12 29.34 -10.51
C GLU B 94 9.58 30.77 -10.42
N ALA B 95 8.63 31.09 -11.30
CA ALA B 95 8.02 32.40 -11.34
C ALA B 95 7.48 32.81 -9.97
N VAL B 96 6.65 31.96 -9.39
CA VAL B 96 6.06 32.22 -8.08
C VAL B 96 7.17 32.55 -7.09
N HIS B 97 8.16 31.66 -7.04
CA HIS B 97 9.27 31.87 -6.12
C HIS B 97 10.00 33.18 -6.39
N ALA B 98 9.92 33.68 -7.62
CA ALA B 98 10.60 34.93 -7.92
C ALA B 98 9.96 36.04 -7.08
N LYS B 99 8.65 35.94 -6.84
CA LYS B 99 7.97 36.95 -6.05
C LYS B 99 7.94 36.67 -4.55
N GLY B 100 8.66 35.65 -4.09
CA GLY B 100 8.71 35.39 -2.67
C GLY B 100 7.79 34.33 -2.10
N GLY B 101 6.51 34.39 -2.47
CA GLY B 101 5.54 33.44 -1.98
C GLY B 101 5.90 31.98 -2.18
N PHE B 102 5.04 31.09 -1.71
CA PHE B 102 5.22 29.65 -1.83
C PHE B 102 4.03 29.08 -2.61
N ILE B 103 4.25 27.96 -3.31
CA ILE B 103 3.17 27.37 -4.06
C ILE B 103 3.09 25.88 -3.81
N PHE B 104 1.86 25.44 -3.57
CA PHE B 104 1.59 24.04 -3.34
C PHE B 104 0.83 23.52 -4.55
N CYS B 105 1.08 22.28 -4.91
CA CYS B 105 0.38 21.69 -6.03
C CYS B 105 -0.77 20.91 -5.44
N GLN B 106 -1.99 21.20 -5.86
CA GLN B 106 -3.10 20.42 -5.34
C GLN B 106 -3.19 19.10 -6.10
N LEU B 107 -3.02 18.00 -5.38
CA LEU B 107 -3.07 16.67 -5.97
C LEU B 107 -4.55 16.33 -6.05
N TRP B 108 -5.00 16.24 -7.29
CA TRP B 108 -6.42 16.03 -7.57
C TRP B 108 -6.83 14.80 -8.36
N HIS B 109 -7.84 14.12 -7.85
CA HIS B 109 -8.37 12.99 -8.58
C HIS B 109 -9.87 13.18 -8.45
N VAL B 110 -10.55 13.31 -9.59
CA VAL B 110 -11.99 13.55 -9.61
C VAL B 110 -12.87 12.33 -9.36
N GLY B 111 -12.26 11.15 -9.38
CA GLY B 111 -13.04 9.95 -9.17
C GLY B 111 -14.16 9.87 -10.19
N ARG B 112 -15.35 9.52 -9.73
CA ARG B 112 -16.49 9.36 -10.62
C ARG B 112 -16.94 10.67 -11.25
N ALA B 113 -16.27 11.78 -10.88
CA ALA B 113 -16.64 13.07 -11.43
C ALA B 113 -15.85 13.29 -12.70
N SER B 114 -16.01 12.38 -13.65
CA SER B 114 -15.29 12.49 -14.90
C SER B 114 -16.12 11.97 -16.05
N HIS B 115 -15.44 11.62 -17.13
CA HIS B 115 -16.16 11.13 -18.30
C HIS B 115 -15.19 10.29 -19.12
N ALA B 116 -15.75 9.40 -19.95
CA ALA B 116 -14.96 8.53 -20.82
C ALA B 116 -13.85 9.30 -21.52
N VAL B 117 -14.17 10.53 -21.93
CA VAL B 117 -13.21 11.37 -22.62
C VAL B 117 -11.91 11.57 -21.83
N TYR B 118 -12.02 11.60 -20.50
CA TYR B 118 -10.85 11.82 -19.65
C TYR B 118 -10.26 10.54 -19.09
N GLN B 119 -10.66 9.41 -19.67
CA GLN B 119 -10.17 8.15 -19.16
C GLN B 119 -9.35 7.36 -20.17
N PRO B 120 -8.22 6.78 -19.72
CA PRO B 120 -7.40 5.99 -20.65
C PRO B 120 -8.32 4.90 -21.18
N ASN B 121 -8.28 4.66 -22.48
CA ASN B 121 -9.11 3.64 -23.12
C ASN B 121 -10.59 3.96 -23.11
N GLY B 122 -10.94 5.14 -22.62
CA GLY B 122 -12.33 5.52 -22.57
C GLY B 122 -13.05 4.72 -21.48
N GLY B 123 -12.28 4.29 -20.48
CA GLY B 123 -12.87 3.52 -19.42
C GLY B 123 -13.82 4.37 -18.61
N SER B 124 -14.68 3.71 -17.86
CA SER B 124 -15.63 4.40 -17.02
C SER B 124 -14.85 5.07 -15.91
N PRO B 125 -15.34 6.19 -15.40
CA PRO B 125 -14.64 6.87 -14.30
C PRO B 125 -14.66 5.92 -13.10
N ILE B 126 -13.64 6.01 -12.27
CA ILE B 126 -13.53 5.15 -11.10
C ILE B 126 -13.85 5.93 -9.82
N SER B 127 -14.41 5.25 -8.82
CA SER B 127 -14.75 5.91 -7.56
C SER B 127 -14.96 4.91 -6.42
N SER B 128 -15.70 5.34 -5.42
CA SER B 128 -15.99 4.48 -4.29
C SER B 128 -17.32 3.82 -4.60
N THR B 129 -17.86 4.11 -5.77
CA THR B 129 -19.16 3.54 -6.15
C THR B 129 -19.30 3.18 -7.62
N ASN B 130 -20.28 2.34 -7.90
CA ASN B 130 -20.54 1.94 -9.28
C ASN B 130 -21.67 2.83 -9.80
N LYS B 131 -22.17 3.71 -8.93
CA LYS B 131 -23.23 4.65 -9.27
C LYS B 131 -22.73 6.07 -9.54
N PRO B 132 -23.34 6.75 -10.52
CA PRO B 132 -23.03 8.11 -10.96
C PRO B 132 -23.63 9.21 -10.11
N ILE B 133 -23.19 10.42 -10.43
CA ILE B 133 -23.68 11.64 -9.81
C ILE B 133 -24.95 11.90 -10.61
N SER B 134 -26.01 12.36 -9.95
CA SER B 134 -27.27 12.61 -10.63
C SER B 134 -27.18 13.43 -11.91
N GLU B 135 -28.09 13.13 -12.82
CA GLU B 135 -28.21 13.79 -14.13
C GLU B 135 -28.70 15.22 -13.91
N ASN B 136 -29.50 15.38 -12.87
CA ASN B 136 -30.07 16.65 -12.52
C ASN B 136 -29.13 17.87 -12.48
N ARG B 137 -28.82 18.29 -11.27
CA ARG B 137 -27.99 19.45 -11.02
C ARG B 137 -26.51 19.32 -11.36
N TRP B 138 -26.12 18.22 -11.96
CA TRP B 138 -24.71 18.04 -12.27
C TRP B 138 -24.43 17.52 -13.67
N ARG B 139 -23.43 18.13 -14.29
CA ARG B 139 -23.00 17.77 -15.63
C ARG B 139 -21.49 17.95 -15.69
N VAL B 140 -20.86 17.26 -16.62
CA VAL B 140 -19.41 17.35 -16.77
C VAL B 140 -19.07 18.15 -18.04
N LEU B 141 -18.07 19.03 -17.93
CA LEU B 141 -17.63 19.85 -19.05
C LEU B 141 -16.71 19.04 -19.95
N LEU B 142 -16.96 19.08 -21.25
CA LEU B 142 -16.12 18.34 -22.19
C LEU B 142 -15.19 19.30 -22.94
N PRO B 143 -14.09 18.78 -23.48
CA PRO B 143 -13.08 19.56 -24.22
C PRO B 143 -13.64 20.52 -25.28
N ASP B 144 -14.80 20.20 -25.86
CA ASP B 144 -15.38 21.08 -26.86
C ASP B 144 -16.27 22.16 -26.26
N GLY B 145 -16.41 22.15 -24.94
CA GLY B 145 -17.23 23.15 -24.31
C GLY B 145 -18.62 22.67 -23.96
N SER B 146 -19.01 21.52 -24.49
CA SER B 146 -20.35 21.00 -24.19
C SER B 146 -20.34 20.38 -22.78
N HIS B 147 -21.52 20.26 -22.19
CA HIS B 147 -21.67 19.67 -20.86
C HIS B 147 -22.58 18.47 -20.99
N VAL B 148 -22.21 17.36 -20.39
CA VAL B 148 -23.01 16.14 -20.44
C VAL B 148 -23.12 15.50 -19.04
N LYS B 149 -24.12 14.64 -18.87
CA LYS B 149 -24.33 13.96 -17.60
C LYS B 149 -23.08 13.16 -17.22
N TYR B 150 -22.95 12.87 -15.93
CA TYR B 150 -21.82 12.05 -15.46
C TYR B 150 -22.12 10.60 -15.80
N PRO B 151 -21.08 9.82 -16.14
CA PRO B 151 -21.35 8.43 -16.47
C PRO B 151 -21.37 7.48 -15.29
N LYS B 152 -21.78 6.25 -15.57
CA LYS B 152 -21.83 5.20 -14.58
C LYS B 152 -20.38 4.90 -14.21
N PRO B 153 -19.96 5.26 -12.98
CA PRO B 153 -18.58 5.00 -12.59
C PRO B 153 -18.41 3.55 -12.17
N ARG B 154 -17.16 3.11 -12.09
CA ARG B 154 -16.87 1.75 -11.64
C ARG B 154 -16.19 1.86 -10.29
N ALA B 155 -16.79 1.23 -9.28
CA ALA B 155 -16.19 1.27 -7.94
C ALA B 155 -14.86 0.53 -7.97
N LEU B 156 -13.87 1.12 -7.34
CA LEU B 156 -12.55 0.51 -7.27
C LEU B 156 -12.62 -0.76 -6.45
N GLU B 157 -11.89 -1.78 -6.90
CA GLU B 157 -11.81 -3.03 -6.17
C GLU B 157 -10.81 -2.68 -5.05
N ALA B 158 -10.94 -3.33 -3.90
CA ALA B 158 -10.03 -3.05 -2.79
C ALA B 158 -8.56 -3.05 -3.21
N SER B 159 -8.19 -3.94 -4.13
CA SER B 159 -6.80 -4.04 -4.58
C SER B 159 -6.34 -2.86 -5.43
N GLU B 160 -7.29 -2.16 -6.05
CA GLU B 160 -6.95 -1.03 -6.87
C GLU B 160 -6.64 0.22 -6.05
N ILE B 161 -7.34 0.38 -4.92
CA ILE B 161 -7.15 1.54 -4.08
C ILE B 161 -5.68 1.84 -3.79
N PRO B 162 -4.91 0.84 -3.31
CA PRO B 162 -3.50 1.13 -3.03
C PRO B 162 -2.75 1.62 -4.25
N ARG B 163 -3.22 1.28 -5.45
CA ARG B 163 -2.55 1.76 -6.64
C ARG B 163 -2.85 3.25 -6.81
N VAL B 164 -4.02 3.69 -6.33
CA VAL B 164 -4.37 5.09 -6.44
C VAL B 164 -3.56 5.84 -5.39
N VAL B 165 -3.63 5.38 -4.14
CA VAL B 165 -2.86 6.00 -3.07
C VAL B 165 -1.45 6.07 -3.63
N GLU B 166 -1.05 4.96 -4.25
CA GLU B 166 0.26 4.82 -4.85
C GLU B 166 0.54 5.97 -5.81
N ASP B 167 -0.45 6.30 -6.65
CA ASP B 167 -0.31 7.39 -7.60
C ASP B 167 -0.19 8.72 -6.89
N TYR B 168 -0.88 8.85 -5.76
CA TYR B 168 -0.82 10.07 -4.98
C TYR B 168 0.60 10.38 -4.50
N CYS B 169 1.23 9.44 -3.81
CA CYS B 169 2.59 9.65 -3.30
C CYS B 169 3.57 9.90 -4.43
N LEU B 170 3.37 9.17 -5.52
CA LEU B 170 4.20 9.31 -6.70
C LEU B 170 4.10 10.75 -7.14
N SER B 171 2.89 11.20 -7.38
CA SER B 171 2.68 12.57 -7.84
C SER B 171 3.18 13.57 -6.81
N ALA B 172 3.20 13.18 -5.55
CA ALA B 172 3.65 14.07 -4.48
C ALA B 172 5.15 14.24 -4.66
N LEU B 173 5.83 13.12 -4.89
CA LEU B 173 7.27 13.15 -5.08
C LEU B 173 7.61 14.04 -6.28
N ASN B 174 6.85 13.88 -7.36
CA ASN B 174 7.09 14.68 -8.56
C ASN B 174 6.91 16.16 -8.29
N ALA B 175 5.80 16.52 -7.67
CA ALA B 175 5.55 17.90 -7.34
C ALA B 175 6.82 18.50 -6.72
N ILE B 176 7.46 17.74 -5.83
CA ILE B 176 8.67 18.23 -5.19
C ILE B 176 9.73 18.43 -6.27
N ARG B 177 9.87 17.45 -7.15
CA ARG B 177 10.84 17.55 -8.23
C ARG B 177 10.54 18.81 -9.04
N ALA B 178 9.27 19.16 -9.13
CA ALA B 178 8.85 20.33 -9.87
C ALA B 178 9.37 21.62 -9.23
N GLY B 179 9.71 21.53 -7.94
CA GLY B 179 10.20 22.69 -7.22
C GLY B 179 9.17 23.18 -6.20
N PHE B 180 8.00 22.57 -6.18
CA PHE B 180 6.95 22.96 -5.23
C PHE B 180 7.44 22.82 -3.80
N ASP B 181 6.82 23.61 -2.94
CA ASP B 181 7.13 23.64 -1.52
C ASP B 181 6.36 22.54 -0.78
N GLY B 182 5.28 22.06 -1.39
CA GLY B 182 4.47 21.03 -0.81
C GLY B 182 3.29 20.77 -1.72
N ILE B 183 2.40 19.88 -1.30
CA ILE B 183 1.23 19.58 -2.11
C ILE B 183 -0.01 19.66 -1.24
N GLU B 184 -1.17 19.67 -1.89
CA GLU B 184 -2.41 19.68 -1.15
C GLU B 184 -3.20 18.51 -1.70
N ILE B 185 -3.85 17.77 -0.82
CA ILE B 185 -4.67 16.67 -1.27
C ILE B 185 -6.05 17.24 -1.51
N HIS B 186 -6.67 16.85 -2.61
CA HIS B 186 -7.98 17.36 -2.89
C HIS B 186 -9.06 16.39 -2.40
N GLY B 187 -9.07 16.08 -1.10
CA GLY B 187 -10.09 15.19 -0.57
C GLY B 187 -11.41 15.94 -0.38
N ALA B 188 -11.67 16.93 -1.23
CA ALA B 188 -12.88 17.73 -1.10
C ALA B 188 -13.78 17.76 -2.32
N HIS B 189 -14.89 18.49 -2.17
CA HIS B 189 -15.85 18.76 -3.23
C HIS B 189 -16.47 17.62 -4.04
N GLY B 190 -16.67 16.47 -3.40
CA GLY B 190 -17.29 15.35 -4.09
C GLY B 190 -16.42 14.62 -5.07
N TYR B 191 -15.10 14.80 -4.98
CA TYR B 191 -14.22 14.08 -5.88
C TYR B 191 -13.79 12.74 -5.29
N LEU B 192 -12.92 12.01 -5.97
CA LEU B 192 -12.53 10.67 -5.54
C LEU B 192 -12.46 10.41 -4.04
N ILE B 193 -11.64 11.16 -3.33
CA ILE B 193 -11.51 10.98 -1.90
C ILE B 193 -12.81 11.27 -1.16
N ASP B 194 -13.45 12.38 -1.51
CA ASP B 194 -14.71 12.74 -0.86
C ASP B 194 -15.78 11.67 -1.08
N GLN B 195 -15.75 11.02 -2.25
CA GLN B 195 -16.71 9.97 -2.56
C GLN B 195 -16.56 8.81 -1.58
N PHE B 196 -15.37 8.64 -1.01
CA PHE B 196 -15.16 7.60 0.01
C PHE B 196 -15.60 8.16 1.35
N LEU B 197 -15.24 9.41 1.58
CA LEU B 197 -15.57 10.09 2.83
C LEU B 197 -17.05 10.30 3.11
N LYS B 198 -17.79 10.73 2.09
CA LYS B 198 -19.22 11.00 2.26
C LYS B 198 -20.07 9.74 2.38
N ASP B 199 -20.95 9.72 3.37
CA ASP B 199 -21.80 8.55 3.58
C ASP B 199 -23.02 8.64 2.68
N GLY B 200 -23.02 9.65 1.82
CA GLY B 200 -24.11 9.83 0.88
C GLY B 200 -23.70 9.18 -0.44
N ILE B 201 -22.39 8.99 -0.61
CA ILE B 201 -21.84 8.39 -1.82
C ILE B 201 -21.35 6.99 -1.57
N ASN B 202 -20.41 6.88 -0.64
CA ASN B 202 -19.79 5.60 -0.28
C ASN B 202 -20.78 4.52 0.14
N ASP B 203 -21.33 3.80 -0.84
CA ASP B 203 -22.24 2.73 -0.53
C ASP B 203 -21.46 1.42 -0.43
N ARG B 204 -20.14 1.53 -0.30
CA ARG B 204 -19.28 0.35 -0.18
C ARG B 204 -19.56 -0.33 1.13
N THR B 205 -19.42 -1.66 1.13
CA THR B 205 -19.65 -2.46 2.31
C THR B 205 -18.38 -3.17 2.76
N ASP B 206 -17.25 -2.83 2.15
CA ASP B 206 -15.99 -3.44 2.56
C ASP B 206 -15.30 -2.53 3.59
N GLN B 207 -13.98 -2.66 3.71
CA GLN B 207 -13.24 -1.87 4.69
C GLN B 207 -13.11 -0.40 4.34
N TYR B 208 -13.45 -0.03 3.11
CA TYR B 208 -13.36 1.38 2.73
C TYR B 208 -14.72 2.03 2.78
N GLY B 209 -15.65 1.38 3.47
CA GLY B 209 -17.00 1.93 3.56
C GLY B 209 -17.68 1.54 4.85
N GLY B 210 -18.86 2.12 5.09
CA GLY B 210 -19.59 1.82 6.32
C GLY B 210 -19.25 2.81 7.42
N SER B 211 -18.50 2.34 8.41
CA SER B 211 -18.08 3.17 9.54
C SER B 211 -17.36 4.43 9.05
N ILE B 212 -17.29 5.43 9.91
CA ILE B 212 -16.63 6.67 9.57
C ILE B 212 -15.15 6.38 9.35
N ALA B 213 -14.59 5.57 10.23
CA ALA B 213 -13.19 5.22 10.12
C ALA B 213 -12.96 4.58 8.75
N ASN B 214 -13.92 3.77 8.31
CA ASN B 214 -13.83 3.10 7.02
C ASN B 214 -13.88 4.11 5.88
N ARG B 215 -14.78 5.08 5.97
CA ARG B 215 -14.90 6.08 4.93
C ARG B 215 -13.62 6.92 4.86
N CYS B 216 -13.11 7.34 6.01
CA CYS B 216 -11.90 8.14 6.03
C CYS B 216 -10.63 7.29 6.00
N ARG B 217 -10.76 6.05 5.52
CA ARG B 217 -9.63 5.15 5.44
C ARG B 217 -8.80 5.48 4.21
N PHE B 218 -9.48 5.77 3.09
CA PHE B 218 -8.75 6.08 1.87
C PHE B 218 -7.93 7.34 2.00
N LEU B 219 -8.54 8.41 2.52
CA LEU B 219 -7.84 9.68 2.71
C LEU B 219 -6.61 9.44 3.59
N LYS B 220 -6.79 8.63 4.62
CA LYS B 220 -5.70 8.34 5.53
C LYS B 220 -4.51 7.70 4.83
N GLN B 221 -4.79 6.75 3.95
CA GLN B 221 -3.73 6.08 3.21
C GLN B 221 -3.04 7.08 2.30
N VAL B 222 -3.82 7.92 1.63
CA VAL B 222 -3.23 8.94 0.77
C VAL B 222 -2.45 9.94 1.61
N VAL B 223 -3.04 10.42 2.70
CA VAL B 223 -2.35 11.40 3.52
C VAL B 223 -1.11 10.83 4.20
N GLU B 224 -1.27 9.76 4.98
CA GLU B 224 -0.08 9.20 5.63
C GLU B 224 0.87 8.77 4.52
N GLY B 225 0.29 8.50 3.35
CA GLY B 225 1.09 8.07 2.23
C GLY B 225 1.97 9.19 1.70
N VAL B 226 1.37 10.33 1.39
CA VAL B 226 2.13 11.44 0.87
C VAL B 226 3.02 12.07 1.94
N VAL B 227 2.58 11.95 3.20
CA VAL B 227 3.34 12.49 4.32
C VAL B 227 4.65 11.73 4.43
N SER B 228 4.58 10.42 4.19
CA SER B 228 5.75 9.56 4.24
C SER B 228 6.64 9.98 3.10
N ALA B 229 6.03 10.01 1.92
CA ALA B 229 6.72 10.35 0.69
C ALA B 229 7.53 11.62 0.75
N ILE B 230 6.85 12.76 0.73
CA ILE B 230 7.55 14.05 0.71
C ILE B 230 7.75 14.76 2.03
N GLY B 231 7.04 14.33 3.07
CA GLY B 231 7.16 14.97 4.36
C GLY B 231 5.86 15.65 4.80
N ALA B 232 5.45 15.35 6.02
CA ALA B 232 4.22 15.90 6.60
C ALA B 232 4.04 17.40 6.53
N SER B 233 5.09 18.14 6.88
CA SER B 233 5.01 19.59 6.90
C SER B 233 4.99 20.16 5.49
N LYS B 234 4.97 19.27 4.50
CA LYS B 234 4.92 19.70 3.11
C LYS B 234 3.56 19.29 2.54
N VAL B 235 2.66 18.90 3.42
CA VAL B 235 1.36 18.45 2.97
C VAL B 235 0.17 19.15 3.58
N GLY B 236 -0.68 19.68 2.71
CA GLY B 236 -1.90 20.31 3.13
C GLY B 236 -2.99 19.30 2.78
N VAL B 237 -4.11 19.35 3.48
CA VAL B 237 -5.21 18.43 3.23
C VAL B 237 -6.52 19.23 3.18
N ARG B 238 -7.10 19.33 1.99
CA ARG B 238 -8.36 20.04 1.83
C ARG B 238 -9.56 19.09 1.85
N VAL B 239 -10.52 19.35 2.72
CA VAL B 239 -11.74 18.56 2.79
C VAL B 239 -12.93 19.53 2.78
N SER B 240 -14.14 19.01 2.77
CA SER B 240 -15.36 19.83 2.76
C SER B 240 -16.54 18.98 3.20
N PRO B 241 -16.64 18.71 4.51
CA PRO B 241 -17.71 17.89 5.09
C PRO B 241 -19.12 18.37 4.77
N ALA B 242 -19.30 19.69 4.77
CA ALA B 242 -20.61 20.28 4.54
C ALA B 242 -20.82 20.83 3.15
N ILE B 243 -19.97 20.41 2.22
CA ILE B 243 -20.13 20.83 0.85
C ILE B 243 -20.61 19.56 0.15
N ASP B 244 -21.82 19.58 -0.41
CA ASP B 244 -22.36 18.40 -1.06
C ASP B 244 -22.29 18.49 -2.58
N HIS B 245 -21.43 19.37 -3.05
CA HIS B 245 -21.16 19.56 -4.46
C HIS B 245 -21.05 18.17 -5.08
N LEU B 246 -21.59 18.01 -6.29
CA LEU B 246 -21.54 16.73 -6.98
C LEU B 246 -22.15 15.58 -6.19
N ASP B 247 -23.27 15.83 -5.53
CA ASP B 247 -23.97 14.83 -4.74
C ASP B 247 -23.02 14.14 -3.77
N ALA B 248 -22.34 14.93 -2.96
CA ALA B 248 -21.39 14.41 -1.99
C ALA B 248 -21.74 14.92 -0.61
N THR B 249 -22.92 14.56 -0.12
CA THR B 249 -23.31 15.01 1.21
C THR B 249 -23.21 13.88 2.22
N ASP B 250 -23.00 14.26 3.47
CA ASP B 250 -22.92 13.31 4.56
C ASP B 250 -24.04 13.65 5.54
N SER B 251 -24.68 12.62 6.08
CA SER B 251 -25.78 12.83 7.02
C SER B 251 -25.38 13.59 8.29
N ASP B 252 -24.07 13.79 8.48
CA ASP B 252 -23.59 14.49 9.66
C ASP B 252 -22.18 15.01 9.38
N PRO B 253 -22.10 16.12 8.63
CA PRO B 253 -20.80 16.70 8.30
C PRO B 253 -19.86 16.90 9.48
N LEU B 254 -20.40 17.23 10.64
CA LEU B 254 -19.56 17.44 11.82
C LEU B 254 -18.77 16.20 12.20
N SER B 255 -19.47 15.09 12.41
CA SER B 255 -18.78 13.87 12.81
C SER B 255 -17.79 13.43 11.73
N LEU B 256 -18.15 13.61 10.47
CA LEU B 256 -17.22 13.24 9.41
C LEU B 256 -16.00 14.14 9.48
N GLY B 257 -16.26 15.44 9.63
CA GLY B 257 -15.16 16.39 9.72
C GLY B 257 -14.25 16.12 10.90
N LEU B 258 -14.84 15.78 12.03
CA LEU B 258 -14.06 15.52 13.23
C LEU B 258 -13.26 14.25 13.12
N ALA B 259 -13.81 13.27 12.40
CA ALA B 259 -13.14 12.00 12.19
C ALA B 259 -11.92 12.32 11.37
N VAL B 260 -12.11 13.11 10.32
CA VAL B 260 -10.97 13.50 9.48
C VAL B 260 -9.94 14.21 10.32
N VAL B 261 -10.38 15.20 11.08
CA VAL B 261 -9.45 15.95 11.91
C VAL B 261 -8.73 14.97 12.84
N GLY B 262 -9.50 14.12 13.50
CA GLY B 262 -8.93 13.17 14.43
C GLY B 262 -7.89 12.31 13.76
N MET B 263 -8.23 11.83 12.56
CA MET B 263 -7.30 10.99 11.82
C MET B 263 -6.02 11.76 11.51
N LEU B 264 -6.17 13.05 11.16
CA LEU B 264 -4.99 13.85 10.85
C LEU B 264 -4.13 14.12 12.11
N ASN B 265 -4.79 14.41 13.23
CA ASN B 265 -4.03 14.65 14.45
C ASN B 265 -3.31 13.36 14.83
N LYS B 266 -4.01 12.24 14.65
CA LYS B 266 -3.44 10.93 14.98
C LYS B 266 -2.16 10.79 14.16
N LEU B 267 -2.25 11.04 12.87
CA LEU B 267 -1.09 10.95 11.99
C LEU B 267 0.03 11.84 12.51
N GLN B 268 -0.30 13.11 12.72
CA GLN B 268 0.66 14.07 13.21
C GLN B 268 1.29 13.63 14.52
N GLY B 269 0.45 13.29 15.50
CA GLY B 269 0.95 12.84 16.80
C GLY B 269 2.04 11.78 16.73
N VAL B 270 1.86 10.81 15.84
CA VAL B 270 2.82 9.72 15.65
C VAL B 270 3.94 10.10 14.68
N ASN B 271 3.59 10.82 13.62
CA ASN B 271 4.57 11.23 12.63
C ASN B 271 5.55 12.28 13.19
N GLY B 272 5.24 12.80 14.37
CA GLY B 272 6.10 13.81 15.00
C GLY B 272 6.36 15.00 14.10
N SER B 273 5.36 15.36 13.29
CA SER B 273 5.47 16.48 12.38
C SER B 273 4.08 16.96 11.97
N LYS B 274 3.89 18.27 12.04
CA LYS B 274 2.61 18.86 11.68
C LYS B 274 2.45 19.01 10.18
N LEU B 275 1.25 18.73 9.72
CA LEU B 275 0.93 18.90 8.32
C LEU B 275 1.10 20.39 8.07
N ALA B 276 1.27 20.77 6.81
CA ALA B 276 1.40 22.18 6.48
C ALA B 276 0.12 22.86 6.91
N TYR B 277 -1.00 22.17 6.69
CA TYR B 277 -2.29 22.73 7.08
C TYR B 277 -3.44 21.81 6.70
N LEU B 278 -4.60 22.14 7.26
CA LEU B 278 -5.85 21.46 6.97
C LEU B 278 -6.63 22.58 6.29
N HIS B 279 -7.21 22.25 5.13
CA HIS B 279 -7.94 23.22 4.34
C HIS B 279 -9.39 22.73 4.28
N VAL B 280 -10.32 23.60 4.67
CA VAL B 280 -11.73 23.24 4.70
C VAL B 280 -12.55 24.27 3.97
N THR B 281 -13.35 23.79 3.01
CA THR B 281 -14.22 24.66 2.25
C THR B 281 -15.53 24.62 2.98
N GLN B 282 -16.03 25.79 3.35
CA GLN B 282 -17.28 25.84 4.04
C GLN B 282 -18.35 26.23 3.04
N PRO B 283 -19.57 25.74 3.27
CA PRO B 283 -20.67 26.07 2.37
C PRO B 283 -21.17 27.45 2.80
N ARG B 284 -21.91 28.10 1.92
CA ARG B 284 -22.51 29.41 2.19
C ARG B 284 -23.96 29.21 1.80
N TYR B 285 -24.87 29.58 2.67
CA TYR B 285 -26.28 29.37 2.37
C TYR B 285 -26.83 30.51 1.55
N HIS B 286 -27.98 30.26 0.92
CA HIS B 286 -28.68 31.24 0.10
C HIS B 286 -29.54 32.08 1.03
N ALA B 287 -29.18 33.36 1.16
CA ALA B 287 -29.92 34.27 2.01
C ALA B 287 -30.91 35.07 1.18
N TYR B 288 -32.12 35.24 1.69
CA TYR B 288 -33.15 36.00 1.00
C TYR B 288 -33.02 37.45 1.43
N ASP B 299 -23.11 31.65 8.27
CA ASP B 299 -23.78 32.17 9.47
C ASP B 299 -23.16 31.59 10.74
N GLU B 300 -23.89 31.68 11.83
CA GLU B 300 -23.45 31.15 13.12
C GLU B 300 -23.15 29.66 13.04
N GLU B 301 -24.11 28.88 12.54
CA GLU B 301 -23.96 27.44 12.41
C GLU B 301 -22.76 27.07 11.53
N GLU B 302 -22.75 27.57 10.30
CA GLU B 302 -21.66 27.30 9.37
C GLU B 302 -20.33 27.57 10.04
N ALA B 303 -20.32 28.55 10.93
CA ALA B 303 -19.12 28.92 11.65
C ALA B 303 -18.82 27.94 12.76
N LYS B 304 -19.87 27.45 13.41
CA LYS B 304 -19.72 26.50 14.50
C LYS B 304 -19.12 25.21 13.98
N LEU B 305 -19.56 24.79 12.80
CA LEU B 305 -19.01 23.57 12.21
C LEU B 305 -17.53 23.83 11.93
N MET B 306 -17.25 24.98 11.30
CA MET B 306 -15.90 25.36 10.97
C MET B 306 -15.01 25.47 12.18
N LYS B 307 -15.57 25.94 13.29
CA LYS B 307 -14.78 26.09 14.50
C LYS B 307 -14.50 24.76 15.18
N SER B 308 -15.44 23.84 15.11
CA SER B 308 -15.26 22.52 15.72
C SER B 308 -13.97 21.89 15.16
N LEU B 309 -13.95 21.71 13.84
CA LEU B 309 -12.80 21.11 13.17
C LEU B 309 -11.54 21.88 13.53
N ARG B 310 -11.64 23.20 13.43
CA ARG B 310 -10.52 24.08 13.71
C ARG B 310 -9.98 23.93 15.12
N MET B 311 -10.87 23.91 16.11
CA MET B 311 -10.44 23.75 17.50
C MET B 311 -9.75 22.41 17.73
N ALA B 312 -10.35 21.34 17.20
CA ALA B 312 -9.81 19.99 17.37
C ALA B 312 -8.49 19.82 16.66
N TYR B 313 -8.46 20.19 15.38
CA TYR B 313 -7.26 20.03 14.58
C TYR B 313 -6.05 20.76 15.10
N ASN B 314 -5.05 20.00 15.51
CA ASN B 314 -3.81 20.58 16.02
C ASN B 314 -2.99 21.04 14.83
N GLY B 315 -3.18 22.27 14.40
CA GLY B 315 -2.43 22.75 13.27
C GLY B 315 -3.01 23.97 12.62
N THR B 316 -2.45 24.33 11.48
CA THR B 316 -2.87 25.50 10.74
C THR B 316 -4.21 25.26 10.08
N PHE B 317 -5.12 26.20 10.24
CA PHE B 317 -6.43 26.05 9.65
C PHE B 317 -6.64 27.08 8.58
N MET B 318 -6.86 26.62 7.36
CA MET B 318 -7.10 27.53 6.26
C MET B 318 -8.57 27.42 5.90
N SER B 319 -9.29 28.52 6.06
CA SER B 319 -10.71 28.53 5.73
C SER B 319 -10.86 28.93 4.28
N SER B 320 -11.92 28.39 3.66
CA SER B 320 -12.19 28.70 2.26
C SER B 320 -13.69 28.62 1.99
N GLY B 321 -14.15 29.32 0.95
CA GLY B 321 -15.55 29.25 0.61
C GLY B 321 -16.40 30.32 1.22
N GLY B 322 -16.86 31.24 0.37
CA GLY B 322 -17.71 32.32 0.81
C GLY B 322 -17.01 33.50 1.46
N PHE B 323 -15.69 33.58 1.32
CA PHE B 323 -14.97 34.69 1.92
C PHE B 323 -14.75 35.90 1.04
N ASN B 324 -14.59 37.03 1.72
CA ASN B 324 -14.30 38.30 1.06
C ASN B 324 -13.39 38.99 2.04
N LYS B 325 -13.03 40.24 1.80
CA LYS B 325 -12.14 40.91 2.73
C LYS B 325 -12.64 40.89 4.17
N GLU B 326 -13.85 41.38 4.41
CA GLU B 326 -14.41 41.43 5.75
C GLU B 326 -14.55 40.07 6.45
N LEU B 327 -15.10 39.09 5.73
CA LEU B 327 -15.26 37.76 6.32
C LEU B 327 -13.87 37.22 6.62
N GLY B 328 -12.94 37.47 5.71
CA GLY B 328 -11.58 36.99 5.91
C GLY B 328 -10.98 37.66 7.12
N MET B 329 -11.08 38.97 7.16
CA MET B 329 -10.56 39.76 8.28
C MET B 329 -11.25 39.24 9.53
N GLN B 330 -12.57 39.20 9.51
CA GLN B 330 -13.33 38.70 10.65
C GLN B 330 -12.81 37.33 11.09
N ALA B 331 -12.78 36.38 10.14
CA ALA B 331 -12.30 35.04 10.40
C ALA B 331 -10.98 35.05 11.15
N VAL B 332 -9.97 35.76 10.61
CA VAL B 332 -8.67 35.80 11.26
C VAL B 332 -8.77 36.53 12.61
N GLN B 333 -9.40 37.70 12.59
CA GLN B 333 -9.56 38.48 13.80
C GLN B 333 -10.45 37.80 14.85
N GLN B 334 -10.71 36.50 14.68
CA GLN B 334 -11.52 35.75 15.65
C GLN B 334 -10.91 34.42 16.08
N GLY B 335 -9.74 34.10 15.53
CA GLY B 335 -9.06 32.87 15.90
C GLY B 335 -9.63 31.61 15.25
N ASP B 336 -10.64 31.76 14.39
CA ASP B 336 -11.26 30.62 13.73
C ASP B 336 -10.47 30.09 12.52
N ALA B 337 -9.48 30.84 12.07
CA ALA B 337 -8.68 30.41 10.92
C ALA B 337 -7.36 31.15 10.95
N ASP B 338 -6.30 30.49 10.52
CA ASP B 338 -4.99 31.13 10.47
C ASP B 338 -4.79 31.68 9.06
N LEU B 339 -5.41 31.00 8.10
CA LEU B 339 -5.31 31.37 6.70
C LEU B 339 -6.70 31.27 6.09
N VAL B 340 -6.91 32.07 5.05
CA VAL B 340 -8.18 32.09 4.36
C VAL B 340 -7.86 32.12 2.86
N SER B 341 -8.37 31.12 2.13
CA SER B 341 -8.13 31.05 0.70
C SER B 341 -9.27 31.68 -0.08
N TYR B 342 -8.91 32.47 -1.07
CA TYR B 342 -9.87 33.17 -1.91
C TYR B 342 -9.82 32.59 -3.30
N GLY B 343 -10.98 32.17 -3.79
CA GLY B 343 -11.04 31.60 -5.11
C GLY B 343 -11.44 32.61 -6.15
N ARG B 344 -12.75 32.77 -6.36
CA ARG B 344 -13.23 33.69 -7.38
C ARG B 344 -12.62 35.08 -7.37
N LEU B 345 -12.26 35.60 -6.20
CA LEU B 345 -11.66 36.92 -6.15
C LEU B 345 -10.23 36.87 -6.67
N PHE B 346 -9.49 35.83 -6.31
CA PHE B 346 -8.12 35.76 -6.79
C PHE B 346 -8.12 35.53 -8.28
N ILE B 347 -9.30 35.33 -8.85
CA ILE B 347 -9.41 35.12 -10.29
C ILE B 347 -9.26 36.45 -11.06
N ALA B 348 -10.10 37.42 -10.70
CA ALA B 348 -10.16 38.73 -11.36
C ALA B 348 -9.28 39.79 -10.73
N ASN B 349 -8.75 39.49 -9.56
CA ASN B 349 -7.91 40.43 -8.84
C ASN B 349 -6.61 39.76 -8.50
N PRO B 350 -5.66 39.79 -9.45
CA PRO B 350 -4.37 39.15 -9.21
C PRO B 350 -3.69 39.74 -7.99
N ASP B 351 -3.89 41.04 -7.79
CA ASP B 351 -3.32 41.75 -6.67
C ASP B 351 -4.39 41.89 -5.60
N LEU B 352 -5.02 40.77 -5.28
CA LEU B 352 -6.08 40.77 -4.29
C LEU B 352 -5.57 41.34 -2.98
N VAL B 353 -4.38 40.91 -2.58
CA VAL B 353 -3.80 41.37 -1.33
C VAL B 353 -3.81 42.88 -1.21
N SER B 354 -3.34 43.57 -2.24
CA SER B 354 -3.31 45.03 -2.22
C SER B 354 -4.72 45.63 -2.22
N ARG B 355 -5.63 45.01 -2.98
CA ARG B 355 -7.00 45.51 -3.02
C ARG B 355 -7.64 45.25 -1.67
N PHE B 356 -6.94 44.47 -0.85
CA PHE B 356 -7.39 44.17 0.51
C PHE B 356 -6.66 45.12 1.46
N LYS B 357 -5.36 45.26 1.23
CA LYS B 357 -4.56 46.15 2.08
C LYS B 357 -5.10 47.58 2.13
N ILE B 358 -5.56 48.10 0.99
CA ILE B 358 -6.08 49.47 0.93
C ILE B 358 -7.58 49.55 0.67
N ASP B 359 -8.26 48.42 0.82
CA ASP B 359 -9.70 48.35 0.55
C ASP B 359 -9.95 48.93 -0.84
N GLY B 360 -9.09 48.51 -1.77
CA GLY B 360 -9.22 48.98 -3.13
C GLY B 360 -10.40 48.29 -3.77
N GLU B 361 -10.94 48.92 -4.82
CA GLU B 361 -12.07 48.34 -5.53
C GLU B 361 -11.62 46.99 -6.09
N LEU B 362 -12.56 46.05 -6.15
CA LEU B 362 -12.28 44.71 -6.64
C LEU B 362 -12.87 44.46 -8.01
N ASN B 363 -12.05 43.98 -8.94
CA ASN B 363 -12.53 43.66 -10.28
C ASN B 363 -13.63 42.58 -10.18
N LYS B 364 -14.49 42.52 -11.19
CA LYS B 364 -15.53 41.51 -11.21
C LYS B 364 -15.02 40.36 -12.05
N TYR B 365 -15.18 39.13 -11.55
CA TYR B 365 -14.73 37.97 -12.31
C TYR B 365 -15.74 37.61 -13.40
N ASN B 366 -15.22 37.18 -14.54
CA ASN B 366 -16.08 36.78 -15.65
C ASN B 366 -16.11 35.26 -15.67
N ARG B 367 -17.24 34.70 -15.24
CA ARG B 367 -17.46 33.28 -15.15
C ARG B 367 -17.21 32.51 -16.45
N LYS B 368 -17.62 33.09 -17.57
CA LYS B 368 -17.48 32.44 -18.86
C LYS B 368 -16.06 32.11 -19.26
N THR B 369 -15.07 32.72 -18.62
CA THR B 369 -13.70 32.43 -18.97
C THR B 369 -12.95 31.71 -17.86
N PHE B 370 -13.68 31.18 -16.89
CA PHE B 370 -13.06 30.45 -15.79
C PHE B 370 -12.49 29.13 -16.30
N TYR B 371 -13.18 28.54 -17.28
CA TYR B 371 -12.79 27.23 -17.81
C TYR B 371 -12.42 27.16 -19.29
N THR B 372 -12.15 28.32 -19.87
CA THR B 372 -11.76 28.40 -21.28
C THR B 372 -10.25 28.18 -21.36
N GLN B 373 -9.74 28.01 -22.58
CA GLN B 373 -8.33 27.74 -22.77
C GLN B 373 -7.46 28.94 -23.15
N ASP B 374 -8.08 30.09 -23.42
CA ASP B 374 -7.31 31.26 -23.81
C ASP B 374 -6.30 31.62 -22.73
N PRO B 375 -5.01 31.56 -23.04
CA PRO B 375 -3.95 31.87 -22.07
C PRO B 375 -3.93 33.31 -21.57
N VAL B 376 -4.75 34.17 -22.16
CA VAL B 376 -4.80 35.58 -21.78
C VAL B 376 -6.17 36.03 -21.28
N VAL B 377 -7.15 35.97 -22.18
CA VAL B 377 -8.50 36.39 -21.93
C VAL B 377 -9.18 35.69 -20.75
N GLY B 378 -9.66 36.51 -19.82
CA GLY B 378 -10.31 35.97 -18.64
C GLY B 378 -9.35 35.17 -17.77
N TYR B 379 -8.06 35.23 -18.09
CA TYR B 379 -7.08 34.48 -17.33
C TYR B 379 -5.99 35.38 -16.78
N THR B 380 -5.31 36.09 -17.67
CA THR B 380 -4.24 36.99 -17.27
C THR B 380 -4.57 38.44 -17.61
N ASP B 381 -5.70 38.67 -18.27
CA ASP B 381 -6.04 40.04 -18.63
C ASP B 381 -6.86 40.80 -17.61
N TYR B 382 -6.87 40.31 -16.36
CA TYR B 382 -7.55 41.02 -15.28
C TYR B 382 -6.48 42.02 -14.83
N PRO B 383 -6.82 43.32 -14.81
CA PRO B 383 -5.87 44.35 -14.41
C PRO B 383 -5.58 44.48 -12.93
N PHE B 384 -4.37 44.94 -12.64
CA PHE B 384 -3.93 45.18 -11.28
C PHE B 384 -4.54 46.53 -10.91
N LEU B 385 -4.77 46.76 -9.62
CA LEU B 385 -5.35 48.01 -9.15
C LEU B 385 -4.29 49.11 -9.13
N SER A 8 12.67 -15.03 -23.31
CA SER A 8 11.52 -14.09 -23.46
C SER A 8 11.96 -12.68 -23.10
N ASN A 9 11.01 -11.76 -23.11
CA ASN A 9 11.28 -10.37 -22.75
C ASN A 9 10.64 -10.10 -21.39
N GLU A 10 10.46 -11.16 -20.61
CA GLU A 10 9.87 -11.04 -19.29
C GLU A 10 10.95 -10.61 -18.33
N THR A 11 10.56 -10.00 -17.22
CA THR A 11 11.51 -9.58 -16.21
C THR A 11 10.83 -9.66 -14.84
N LEU A 12 11.59 -9.30 -13.81
CA LEU A 12 11.08 -9.31 -12.45
C LEU A 12 9.94 -8.32 -12.30
N PHE A 13 9.79 -7.45 -13.29
CA PHE A 13 8.74 -6.45 -13.20
C PHE A 13 7.56 -6.73 -14.13
N SER A 14 7.65 -7.84 -14.84
CA SER A 14 6.58 -8.23 -15.73
C SER A 14 5.45 -8.76 -14.86
N SER A 15 4.23 -8.33 -15.16
CA SER A 15 3.06 -8.77 -14.44
C SER A 15 3.00 -10.28 -14.58
N TYR A 16 2.21 -10.91 -13.72
CA TYR A 16 2.08 -12.35 -13.78
C TYR A 16 0.76 -12.77 -13.16
N LYS A 17 0.14 -13.77 -13.77
CA LYS A 17 -1.12 -14.31 -13.31
C LYS A 17 -0.81 -15.63 -12.61
N MET A 18 -1.06 -15.65 -11.30
CA MET A 18 -0.82 -16.84 -10.50
C MET A 18 -2.20 -17.35 -10.11
N GLY A 19 -2.84 -18.00 -11.07
CA GLY A 19 -4.19 -18.51 -10.83
C GLY A 19 -5.11 -17.34 -10.55
N ARG A 20 -5.71 -17.35 -9.38
CA ARG A 20 -6.64 -16.31 -8.94
C ARG A 20 -5.99 -14.92 -8.87
N PHE A 21 -4.76 -14.90 -8.37
CA PHE A 21 -4.03 -13.66 -8.15
C PHE A 21 -3.23 -13.14 -9.33
N ASP A 22 -3.38 -11.85 -9.58
CA ASP A 22 -2.67 -11.18 -10.66
C ASP A 22 -1.55 -10.37 -10.01
N LEU A 23 -0.32 -10.84 -10.15
CA LEU A 23 0.82 -10.13 -9.57
C LEU A 23 1.31 -9.09 -10.55
N SER A 24 2.04 -8.10 -10.05
CA SER A 24 2.54 -7.05 -10.90
C SER A 24 4.04 -7.18 -11.12
N HIS A 25 4.64 -8.13 -10.41
CA HIS A 25 6.07 -8.35 -10.52
C HIS A 25 6.46 -9.71 -9.94
N ARG A 26 7.70 -10.12 -10.21
CA ARG A 26 8.20 -11.43 -9.80
C ARG A 26 8.94 -11.47 -8.46
N VAL A 27 8.99 -10.35 -7.76
CA VAL A 27 9.66 -10.28 -6.48
C VAL A 27 8.71 -10.75 -5.40
N VAL A 28 9.11 -11.85 -4.77
CA VAL A 28 8.30 -12.45 -3.74
C VAL A 28 8.97 -12.31 -2.38
N LEU A 29 8.19 -11.95 -1.38
CA LEU A 29 8.73 -11.87 -0.05
C LEU A 29 8.77 -13.32 0.43
N ALA A 30 9.95 -13.93 0.40
CA ALA A 30 10.14 -15.31 0.85
C ALA A 30 9.66 -15.44 2.29
N PRO A 31 9.20 -16.64 2.66
CA PRO A 31 8.72 -16.86 4.04
C PRO A 31 9.92 -16.77 4.98
N MET A 32 9.82 -15.94 6.01
CA MET A 32 10.93 -15.81 6.92
C MET A 32 10.56 -15.64 8.38
N THR A 33 11.00 -16.60 9.18
CA THR A 33 10.77 -16.60 10.63
C THR A 33 11.62 -15.44 11.14
N ARG A 34 11.02 -14.57 11.95
CA ARG A 34 11.76 -13.41 12.47
C ARG A 34 11.61 -13.37 13.99
N CYS A 35 10.81 -14.30 14.52
CA CYS A 35 10.63 -14.43 15.95
C CYS A 35 10.12 -13.18 16.65
N ARG A 36 9.26 -12.42 15.97
CA ARG A 36 8.70 -11.22 16.58
C ARG A 36 7.29 -11.51 17.06
N ALA A 37 6.80 -12.71 16.77
CA ALA A 37 5.45 -13.09 17.16
C ALA A 37 5.57 -13.60 18.59
N LEU A 38 5.76 -12.65 19.50
CA LEU A 38 5.94 -12.93 20.91
C LEU A 38 4.87 -13.85 21.44
N ASN A 39 5.30 -15.00 21.95
CA ASN A 39 4.38 -15.98 22.52
C ASN A 39 3.44 -16.56 21.48
N GLY A 40 3.94 -16.65 20.25
CA GLY A 40 3.16 -17.21 19.17
C GLY A 40 1.99 -16.38 18.70
N VAL A 41 1.99 -15.10 19.02
CA VAL A 41 0.89 -14.25 18.59
C VAL A 41 1.31 -13.17 17.61
N PRO A 42 0.65 -13.14 16.44
CA PRO A 42 0.95 -12.14 15.41
C PRO A 42 0.57 -10.78 16.02
N ASN A 43 1.51 -9.85 16.04
CA ASN A 43 1.21 -8.55 16.63
C ASN A 43 1.31 -7.46 15.55
N ALA A 44 1.26 -6.21 15.99
CA ALA A 44 1.32 -5.09 15.07
C ALA A 44 2.68 -4.95 14.41
N ALA A 45 3.73 -5.42 15.08
CA ALA A 45 5.07 -5.33 14.52
C ALA A 45 5.13 -6.14 13.22
N LEU A 46 4.50 -7.31 13.22
CA LEU A 46 4.47 -8.14 12.01
C LEU A 46 3.63 -7.41 10.95
N ALA A 47 2.52 -6.81 11.38
CA ALA A 47 1.66 -6.07 10.46
C ALA A 47 2.49 -4.98 9.79
N GLU A 48 3.21 -4.21 10.60
CA GLU A 48 4.03 -3.14 10.07
C GLU A 48 5.07 -3.74 9.14
N TYR A 49 5.73 -4.78 9.64
CA TYR A 49 6.78 -5.47 8.89
C TYR A 49 6.30 -5.91 7.52
N TYR A 50 5.20 -6.64 7.48
CA TYR A 50 4.69 -7.11 6.21
C TYR A 50 4.16 -5.97 5.37
N ALA A 51 3.60 -4.96 6.01
CA ALA A 51 3.10 -3.80 5.29
C ALA A 51 4.28 -3.14 4.57
N GLN A 52 5.37 -2.89 5.30
CA GLN A 52 6.55 -2.26 4.71
C GLN A 52 7.07 -3.01 3.48
N ARG A 53 6.69 -4.27 3.38
CA ARG A 53 7.18 -5.05 2.26
C ARG A 53 6.18 -5.33 1.16
N THR A 54 4.93 -4.91 1.33
CA THR A 54 3.96 -5.17 0.28
C THR A 54 3.85 -4.05 -0.72
N THR A 55 3.63 -4.45 -1.97
CA THR A 55 3.48 -3.56 -3.09
C THR A 55 2.18 -3.95 -3.78
N PRO A 56 1.63 -3.06 -4.61
CA PRO A 56 0.39 -3.43 -5.28
C PRO A 56 0.68 -4.63 -6.18
N GLY A 57 -0.17 -5.66 -6.13
CA GLY A 57 0.07 -6.83 -6.95
C GLY A 57 1.34 -7.56 -6.55
N GLY A 58 1.87 -7.27 -5.37
CA GLY A 58 3.08 -7.95 -4.89
C GLY A 58 2.73 -9.17 -4.05
N PHE A 59 3.47 -10.26 -4.23
CA PHE A 59 3.20 -11.48 -3.48
C PHE A 59 4.13 -11.66 -2.29
N LEU A 60 3.55 -11.99 -1.14
CA LEU A 60 4.35 -12.19 0.05
C LEU A 60 3.99 -13.53 0.65
N ILE A 61 4.98 -14.14 1.27
CA ILE A 61 4.78 -15.41 1.95
C ILE A 61 5.18 -15.14 3.40
N SER A 62 4.33 -15.54 4.34
CA SER A 62 4.60 -15.29 5.73
C SER A 62 5.69 -16.17 6.27
N GLU A 63 6.24 -15.73 7.39
CA GLU A 63 7.25 -16.49 8.10
C GLU A 63 6.58 -17.83 8.38
N GLY A 64 7.37 -18.87 8.56
CA GLY A 64 6.80 -20.16 8.87
C GLY A 64 5.86 -20.00 10.03
N THR A 65 4.69 -20.63 9.94
CA THR A 65 3.68 -20.49 10.99
C THR A 65 3.23 -21.83 11.57
N MET A 66 3.20 -21.92 12.89
CA MET A 66 2.79 -23.15 13.56
C MET A 66 1.42 -23.65 13.12
N VAL A 67 1.30 -24.97 12.95
CA VAL A 67 0.03 -25.59 12.57
C VAL A 67 -0.60 -26.32 13.77
N SER A 68 0.17 -26.48 14.84
CA SER A 68 -0.34 -27.16 16.02
C SER A 68 0.67 -27.01 17.14
N PRO A 69 0.29 -27.37 18.37
CA PRO A 69 1.29 -27.24 19.43
C PRO A 69 2.41 -28.24 19.12
N GLY A 70 3.65 -27.86 19.43
CA GLY A 70 4.75 -28.75 19.17
C GLY A 70 5.32 -28.57 17.78
N SER A 71 4.65 -27.75 16.97
CA SER A 71 5.08 -27.50 15.59
C SER A 71 6.29 -26.56 15.46
N ALA A 72 6.55 -25.76 16.50
CA ALA A 72 7.65 -24.79 16.47
C ALA A 72 9.02 -25.33 16.85
N GLY A 73 10.04 -24.67 16.34
CA GLY A 73 11.41 -25.05 16.63
C GLY A 73 12.22 -23.81 16.93
N PHE A 74 11.57 -22.65 16.81
CA PHE A 74 12.21 -21.37 17.07
C PHE A 74 11.38 -20.62 18.09
N PRO A 75 12.02 -19.65 18.78
CA PRO A 75 11.32 -18.87 19.80
C PRO A 75 10.53 -17.69 19.23
N HIS A 76 9.24 -17.66 19.55
CA HIS A 76 8.35 -16.59 19.12
C HIS A 76 7.93 -16.60 17.66
N VAL A 77 7.44 -17.75 17.21
CA VAL A 77 6.96 -17.86 15.85
C VAL A 77 5.45 -17.90 15.96
N PRO A 78 4.76 -17.32 14.99
CA PRO A 78 3.30 -17.32 15.04
C PRO A 78 2.68 -18.67 14.72
N GLY A 79 1.45 -18.84 15.19
CA GLY A 79 0.70 -20.05 14.92
C GLY A 79 -0.57 -19.65 14.20
N ILE A 80 -1.24 -20.62 13.56
CA ILE A 80 -2.49 -20.33 12.88
C ILE A 80 -3.44 -21.49 13.16
N TYR A 81 -3.25 -22.14 14.31
CA TYR A 81 -4.09 -23.26 14.69
C TYR A 81 -5.15 -22.88 15.73
N SER A 82 -4.96 -21.72 16.37
CA SER A 82 -5.89 -21.27 17.39
C SER A 82 -6.68 -20.04 16.98
N ASP A 83 -7.89 -19.93 17.51
CA ASP A 83 -8.75 -18.79 17.24
C ASP A 83 -8.07 -17.48 17.60
N GLU A 84 -7.35 -17.49 18.72
CA GLU A 84 -6.67 -16.28 19.14
C GLU A 84 -5.67 -15.82 18.06
N GLN A 85 -5.06 -16.77 17.35
CA GLN A 85 -4.10 -16.42 16.32
C GLN A 85 -4.80 -16.00 15.06
N VAL A 86 -5.86 -16.72 14.70
CA VAL A 86 -6.61 -16.36 13.52
C VAL A 86 -7.01 -14.89 13.56
N GLU A 87 -7.43 -14.42 14.73
CA GLU A 87 -7.83 -13.03 14.87
C GLU A 87 -6.65 -12.09 14.93
N ALA A 88 -5.58 -12.52 15.59
CA ALA A 88 -4.39 -11.68 15.70
C ALA A 88 -3.68 -11.51 14.34
N TRP A 89 -3.89 -12.47 13.44
CA TRP A 89 -3.27 -12.44 12.11
C TRP A 89 -3.97 -11.45 11.17
N LYS A 90 -5.28 -11.29 11.38
CA LYS A 90 -6.09 -10.41 10.55
C LYS A 90 -5.52 -9.02 10.32
N GLN A 91 -4.95 -8.45 11.37
CA GLN A 91 -4.40 -7.12 11.28
C GLN A 91 -3.24 -7.13 10.30
N VAL A 92 -2.46 -8.20 10.32
CA VAL A 92 -1.31 -8.31 9.43
C VAL A 92 -1.79 -8.38 7.98
N VAL A 93 -2.64 -9.36 7.73
CA VAL A 93 -3.21 -9.59 6.41
C VAL A 93 -3.93 -8.35 5.88
N GLU A 94 -4.73 -7.71 6.74
CA GLU A 94 -5.44 -6.50 6.33
C GLU A 94 -4.45 -5.40 5.95
N ALA A 95 -3.34 -5.33 6.69
CA ALA A 95 -2.34 -4.31 6.44
C ALA A 95 -1.67 -4.57 5.10
N VAL A 96 -1.64 -5.84 4.70
CA VAL A 96 -1.05 -6.22 3.43
C VAL A 96 -2.04 -5.96 2.32
N HIS A 97 -3.28 -6.37 2.52
CA HIS A 97 -4.27 -6.17 1.49
C HIS A 97 -4.56 -4.69 1.28
N ALA A 98 -4.56 -3.92 2.37
CA ALA A 98 -4.82 -2.49 2.26
C ALA A 98 -3.81 -1.89 1.29
N LYS A 99 -2.61 -2.46 1.27
CA LYS A 99 -1.58 -1.94 0.39
C LYS A 99 -1.49 -2.70 -0.94
N GLY A 100 -2.50 -3.53 -1.20
CA GLY A 100 -2.57 -4.26 -2.46
C GLY A 100 -1.73 -5.50 -2.67
N GLY A 101 -1.16 -6.05 -1.61
CA GLY A 101 -0.36 -7.24 -1.79
C GLY A 101 -1.14 -8.53 -1.53
N PHE A 102 -0.55 -9.65 -1.89
CA PHE A 102 -1.15 -10.95 -1.63
C PHE A 102 -0.24 -11.60 -0.61
N ILE A 103 -0.84 -12.28 0.35
CA ILE A 103 -0.01 -12.92 1.34
C ILE A 103 -0.47 -14.34 1.64
N PHE A 104 0.47 -15.27 1.56
CA PHE A 104 0.20 -16.64 1.87
C PHE A 104 0.82 -16.93 3.21
N CYS A 105 0.13 -17.74 4.01
CA CYS A 105 0.65 -18.11 5.31
C CYS A 105 1.35 -19.44 5.17
N GLN A 106 2.66 -19.47 5.43
CA GLN A 106 3.37 -20.73 5.32
C GLN A 106 3.07 -21.57 6.56
N LEU A 107 2.51 -22.76 6.33
CA LEU A 107 2.20 -23.68 7.40
C LEU A 107 3.50 -24.42 7.66
N TRP A 108 3.98 -24.33 8.89
CA TRP A 108 5.25 -24.89 9.24
C TRP A 108 5.29 -25.74 10.49
N HIS A 109 5.76 -26.97 10.31
CA HIS A 109 5.93 -27.87 11.43
C HIS A 109 7.36 -28.34 11.30
N VAL A 110 8.16 -28.07 12.33
CA VAL A 110 9.58 -28.41 12.32
C VAL A 110 9.90 -29.85 12.60
N GLY A 111 8.90 -30.62 13.03
CA GLY A 111 9.15 -32.02 13.30
C GLY A 111 10.29 -32.12 14.30
N ARG A 112 11.24 -32.99 14.03
CA ARG A 112 12.37 -33.21 14.93
C ARG A 112 13.24 -31.98 15.21
N ALA A 113 13.19 -30.99 14.32
CA ALA A 113 14.00 -29.79 14.50
C ALA A 113 13.35 -28.90 15.55
N SER A 114 13.17 -29.44 16.75
CA SER A 114 12.55 -28.70 17.83
C SER A 114 13.26 -29.03 19.14
N HIS A 115 12.58 -28.78 20.24
CA HIS A 115 13.15 -29.03 21.55
C HIS A 115 12.02 -29.13 22.57
N ALA A 116 12.28 -29.82 23.67
CA ALA A 116 11.29 -29.97 24.73
C ALA A 116 10.73 -28.60 25.10
N VAL A 117 11.58 -27.58 25.02
CA VAL A 117 11.14 -26.23 25.35
C VAL A 117 9.97 -25.76 24.50
N TYR A 118 9.85 -26.30 23.29
CA TYR A 118 8.79 -25.91 22.37
C TYR A 118 7.68 -26.94 22.32
N GLN A 119 7.85 -28.03 23.07
CA GLN A 119 6.85 -29.06 23.06
C GLN A 119 5.90 -29.02 24.25
N PRO A 120 4.62 -29.27 24.01
CA PRO A 120 3.71 -29.24 25.15
C PRO A 120 4.21 -30.31 26.16
N ASN A 121 4.27 -29.92 27.43
CA ASN A 121 4.71 -30.80 28.50
C ASN A 121 6.20 -31.14 28.43
N GLY A 122 6.94 -30.32 27.67
CA GLY A 122 8.36 -30.51 27.53
C GLY A 122 8.66 -31.91 27.04
N GLY A 123 7.86 -32.37 26.09
CA GLY A 123 8.03 -33.70 25.53
C GLY A 123 8.92 -33.74 24.31
N SER A 124 9.03 -34.92 23.72
CA SER A 124 9.84 -35.13 22.54
C SER A 124 9.15 -34.69 21.26
N PRO A 125 9.80 -33.80 20.50
CA PRO A 125 9.20 -33.35 19.25
C PRO A 125 9.01 -34.61 18.41
N ILE A 126 8.09 -34.59 17.45
CA ILE A 126 7.89 -35.77 16.63
C ILE A 126 8.61 -35.68 15.30
N SER A 127 8.70 -36.81 14.61
CA SER A 127 9.36 -36.85 13.33
C SER A 127 9.00 -38.12 12.55
N SER A 128 9.66 -38.27 11.41
CA SER A 128 9.43 -39.45 10.60
C SER A 128 10.26 -40.56 11.22
N THR A 129 11.32 -40.16 11.90
CA THR A 129 12.27 -41.06 12.52
C THR A 129 12.51 -40.77 14.01
N ASN A 130 13.24 -41.66 14.67
CA ASN A 130 13.57 -41.52 16.09
C ASN A 130 15.01 -41.00 16.14
N LYS A 131 15.64 -40.84 14.99
CA LYS A 131 17.01 -40.35 14.91
C LYS A 131 17.02 -38.84 15.02
N PRO A 132 17.88 -38.29 15.89
CA PRO A 132 17.97 -36.85 16.08
C PRO A 132 18.88 -36.18 15.05
N ILE A 133 18.68 -34.88 14.85
CA ILE A 133 19.53 -34.12 13.95
C ILE A 133 20.90 -34.20 14.64
N SER A 134 21.93 -34.62 13.92
CA SER A 134 23.26 -34.74 14.51
C SER A 134 23.68 -33.45 15.25
N GLU A 135 24.55 -33.61 16.25
CA GLU A 135 24.97 -32.46 17.05
C GLU A 135 26.20 -31.69 16.58
N ASN A 136 27.17 -32.41 16.06
CA ASN A 136 28.42 -31.80 15.61
C ASN A 136 28.24 -30.94 14.34
N ARG A 137 27.04 -30.41 14.14
CA ARG A 137 26.78 -29.57 12.97
C ARG A 137 25.62 -28.57 13.10
N TRP A 138 24.61 -28.89 13.91
CA TRP A 138 23.45 -28.02 14.04
C TRP A 138 22.99 -27.75 15.46
N ARG A 139 22.22 -26.67 15.62
CA ARG A 139 21.71 -26.28 16.92
C ARG A 139 20.27 -25.80 16.81
N VAL A 140 19.60 -25.71 17.95
CA VAL A 140 18.25 -25.22 17.99
C VAL A 140 18.29 -24.02 18.91
N LEU A 141 17.78 -22.90 18.43
CA LEU A 141 17.74 -21.67 19.20
C LEU A 141 16.58 -21.81 20.19
N LEU A 142 16.78 -21.32 21.41
CA LEU A 142 15.76 -21.36 22.45
C LEU A 142 15.36 -19.92 22.82
N PRO A 143 14.25 -19.76 23.54
CA PRO A 143 13.77 -18.43 23.94
C PRO A 143 14.60 -17.73 25.00
N ASP A 144 15.78 -18.26 25.31
CA ASP A 144 16.65 -17.62 26.28
C ASP A 144 17.92 -17.18 25.56
N GLY A 145 17.88 -17.25 24.23
CA GLY A 145 19.01 -16.83 23.44
C GLY A 145 20.08 -17.89 23.19
N SER A 146 20.04 -18.96 23.97
CA SER A 146 21.03 -20.02 23.78
C SER A 146 20.69 -20.87 22.57
N HIS A 147 21.68 -21.63 22.13
CA HIS A 147 21.59 -22.54 21.00
C HIS A 147 22.06 -23.88 21.57
N VAL A 148 21.18 -24.86 21.64
CA VAL A 148 21.55 -26.16 22.16
C VAL A 148 21.35 -27.19 21.07
N LYS A 149 21.96 -28.36 21.25
CA LYS A 149 21.85 -29.45 20.29
C LYS A 149 20.41 -29.96 20.25
N TYR A 150 20.02 -30.54 19.12
CA TYR A 150 18.68 -31.08 18.94
C TYR A 150 18.49 -32.37 19.73
N PRO A 151 17.31 -32.56 20.32
CA PRO A 151 17.07 -33.79 21.08
C PRO A 151 16.65 -34.93 20.19
N LYS A 152 16.53 -36.10 20.81
CA LYS A 152 16.10 -37.32 20.15
C LYS A 152 14.60 -37.18 19.96
N PRO A 153 14.13 -37.30 18.71
CA PRO A 153 12.69 -37.19 18.43
C PRO A 153 11.98 -38.53 18.54
N ARG A 154 10.65 -38.48 18.58
CA ARG A 154 9.81 -39.67 18.63
C ARG A 154 9.22 -39.83 17.23
N ALA A 155 9.48 -40.96 16.59
CA ALA A 155 8.94 -41.20 15.27
C ALA A 155 7.43 -41.31 15.38
N LEU A 156 6.72 -40.75 14.41
CA LEU A 156 5.27 -40.80 14.38
C LEU A 156 4.82 -42.20 13.96
N GLU A 157 3.77 -42.70 14.60
CA GLU A 157 3.25 -44.00 14.22
C GLU A 157 2.31 -43.66 13.07
N ALA A 158 2.24 -44.52 12.07
CA ALA A 158 1.38 -44.29 10.90
C ALA A 158 -0.01 -43.84 11.32
N SER A 159 -0.52 -44.39 12.43
CA SER A 159 -1.84 -44.06 12.92
C SER A 159 -2.02 -42.58 13.25
N GLU A 160 -0.92 -41.88 13.51
CA GLU A 160 -1.03 -40.47 13.87
C GLU A 160 -0.96 -39.56 12.64
N ILE A 161 -0.03 -39.86 11.74
CA ILE A 161 0.14 -39.05 10.55
C ILE A 161 -1.12 -38.38 9.98
N PRO A 162 -2.26 -39.08 9.95
CA PRO A 162 -3.47 -38.45 9.43
C PRO A 162 -3.89 -37.24 10.25
N ARG A 163 -3.67 -37.31 11.56
CA ARG A 163 -4.03 -36.22 12.46
C ARG A 163 -3.08 -35.03 12.27
N VAL A 164 -1.82 -35.32 11.95
CA VAL A 164 -0.88 -34.24 11.72
C VAL A 164 -1.32 -33.60 10.40
N VAL A 165 -1.86 -34.41 9.50
CA VAL A 165 -2.35 -33.88 8.22
C VAL A 165 -3.53 -32.97 8.54
N GLU A 166 -4.42 -33.42 9.42
CA GLU A 166 -5.57 -32.64 9.81
C GLU A 166 -5.14 -31.26 10.37
N ASP A 167 -4.04 -31.23 11.11
CA ASP A 167 -3.53 -29.97 11.65
C ASP A 167 -3.21 -28.99 10.51
N TYR A 168 -2.63 -29.49 9.43
CA TYR A 168 -2.34 -28.59 8.32
C TYR A 168 -3.66 -28.10 7.71
N CYS A 169 -4.65 -29.00 7.61
CA CYS A 169 -5.93 -28.62 7.04
C CYS A 169 -6.63 -27.52 7.84
N LEU A 170 -6.71 -27.72 9.16
CA LEU A 170 -7.34 -26.76 10.07
C LEU A 170 -6.59 -25.43 9.96
N SER A 171 -5.26 -25.53 10.05
CA SER A 171 -4.42 -24.33 9.98
C SER A 171 -4.66 -23.67 8.64
N ALA A 172 -4.79 -24.46 7.59
CA ALA A 172 -5.03 -23.89 6.26
C ALA A 172 -6.40 -23.19 6.26
N LEU A 173 -7.39 -23.82 6.91
CA LEU A 173 -8.71 -23.22 6.97
C LEU A 173 -8.65 -21.96 7.82
N ASN A 174 -7.87 -21.98 8.90
CA ASN A 174 -7.76 -20.79 9.73
C ASN A 174 -7.10 -19.67 8.92
N ALA A 175 -6.01 -19.99 8.24
CA ALA A 175 -5.30 -19.01 7.45
C ALA A 175 -6.29 -18.25 6.59
N ILE A 176 -7.14 -19.00 5.87
CA ILE A 176 -8.16 -18.39 5.03
C ILE A 176 -9.11 -17.56 5.89
N ARG A 177 -9.40 -18.05 7.08
CA ARG A 177 -10.30 -17.35 7.99
C ARG A 177 -9.74 -15.99 8.40
N ALA A 178 -8.42 -15.92 8.53
CA ALA A 178 -7.76 -14.68 8.90
C ALA A 178 -7.62 -13.76 7.69
N GLY A 179 -7.97 -14.28 6.51
CA GLY A 179 -7.88 -13.48 5.30
C GLY A 179 -6.70 -13.78 4.40
N PHE A 180 -5.86 -14.73 4.77
CA PHE A 180 -4.72 -15.04 3.92
C PHE A 180 -5.22 -15.46 2.56
N ASP A 181 -4.55 -15.01 1.50
CA ASP A 181 -4.95 -15.37 0.16
C ASP A 181 -4.72 -16.85 -0.05
N GLY A 182 -3.89 -17.43 0.80
CA GLY A 182 -3.60 -18.85 0.71
C GLY A 182 -2.56 -19.25 1.72
N ILE A 183 -2.02 -20.44 1.53
CA ILE A 183 -1.00 -20.94 2.42
C ILE A 183 0.07 -21.61 1.60
N GLU A 184 1.25 -21.72 2.19
CA GLU A 184 2.35 -22.40 1.56
C GLU A 184 2.70 -23.59 2.44
N ILE A 185 2.93 -24.73 1.82
CA ILE A 185 3.30 -25.92 2.56
C ILE A 185 4.82 -25.88 2.64
N HIS A 186 5.35 -25.66 3.83
CA HIS A 186 6.80 -25.64 4.03
C HIS A 186 7.21 -27.11 4.05
N GLY A 187 7.82 -27.57 2.97
CA GLY A 187 8.22 -28.97 2.91
C GLY A 187 9.70 -29.23 2.70
N ALA A 188 10.56 -28.37 3.26
CA ALA A 188 12.00 -28.55 3.10
C ALA A 188 12.78 -28.05 4.29
N HIS A 189 14.07 -27.83 4.05
CA HIS A 189 14.96 -27.30 5.07
C HIS A 189 15.10 -28.22 6.28
N GLY A 190 14.82 -29.50 6.08
CA GLY A 190 14.96 -30.47 7.16
C GLY A 190 13.84 -30.50 8.16
N TYR A 191 12.75 -29.81 7.87
CA TYR A 191 11.63 -29.80 8.79
C TYR A 191 10.72 -31.03 8.60
N LEU A 192 9.66 -31.14 9.41
CA LEU A 192 8.82 -32.33 9.39
C LEU A 192 8.57 -32.99 8.03
N ILE A 193 8.06 -32.24 7.08
CA ILE A 193 7.78 -32.77 5.75
C ILE A 193 9.06 -33.23 5.05
N ASP A 194 10.14 -32.48 5.24
CA ASP A 194 11.40 -32.85 4.61
C ASP A 194 12.02 -34.06 5.31
N GLN A 195 11.62 -34.31 6.56
CA GLN A 195 12.12 -35.46 7.31
C GLN A 195 11.49 -36.75 6.78
N PHE A 196 10.35 -36.63 6.08
CA PHE A 196 9.72 -37.79 5.48
C PHE A 196 10.23 -37.93 4.05
N LEU A 197 10.41 -36.79 3.38
CA LEU A 197 10.88 -36.75 2.00
C LEU A 197 12.26 -37.33 1.76
N LYS A 198 13.24 -36.85 2.52
CA LYS A 198 14.65 -37.28 2.37
C LYS A 198 14.93 -38.66 2.94
N ASP A 199 15.60 -39.53 2.17
CA ASP A 199 15.87 -40.86 2.69
C ASP A 199 17.00 -40.83 3.72
N GLY A 200 17.67 -39.68 3.82
CA GLY A 200 18.74 -39.53 4.79
C GLY A 200 18.17 -39.32 6.18
N ILE A 201 16.86 -39.28 6.28
CA ILE A 201 16.17 -39.08 7.55
C ILE A 201 15.11 -40.15 7.75
N ASN A 202 14.32 -40.34 6.71
CA ASN A 202 13.21 -41.28 6.73
C ASN A 202 13.70 -42.73 6.71
N ASP A 203 13.79 -43.36 7.88
CA ASP A 203 14.23 -44.75 7.97
C ASP A 203 13.01 -45.62 8.26
N ARG A 204 11.86 -45.14 7.82
CA ARG A 204 10.63 -45.88 8.05
C ARG A 204 10.53 -47.16 7.25
N THR A 205 9.81 -48.12 7.83
CA THR A 205 9.60 -49.42 7.21
C THR A 205 8.11 -49.63 6.92
N ASP A 206 7.31 -48.57 7.08
CA ASP A 206 5.88 -48.66 6.78
C ASP A 206 5.61 -47.98 5.43
N GLN A 207 4.37 -47.57 5.18
CA GLN A 207 4.08 -46.96 3.88
C GLN A 207 4.72 -45.58 3.67
N TYR A 208 5.06 -44.90 4.76
CA TYR A 208 5.65 -43.57 4.64
C TYR A 208 7.16 -43.58 4.50
N GLY A 209 7.75 -44.76 4.41
CA GLY A 209 9.19 -44.85 4.27
C GLY A 209 9.54 -45.92 3.26
N GLY A 210 10.76 -45.86 2.72
CA GLY A 210 11.17 -46.83 1.72
C GLY A 210 11.37 -46.12 0.39
N SER A 211 10.50 -46.40 -0.57
CA SER A 211 10.62 -45.79 -1.90
C SER A 211 10.35 -44.30 -1.86
N ILE A 212 10.72 -43.61 -2.94
CA ILE A 212 10.52 -42.19 -3.04
C ILE A 212 9.03 -41.89 -2.81
N ALA A 213 8.16 -42.73 -3.39
CA ALA A 213 6.71 -42.56 -3.27
C ALA A 213 6.29 -42.68 -1.81
N ASN A 214 6.89 -43.63 -1.11
CA ASN A 214 6.60 -43.84 0.29
C ASN A 214 6.95 -42.57 1.05
N ARG A 215 8.16 -42.08 0.80
CA ARG A 215 8.65 -40.88 1.47
C ARG A 215 7.80 -39.66 1.10
N CYS A 216 7.33 -39.61 -0.14
CA CYS A 216 6.51 -38.49 -0.60
C CYS A 216 5.09 -38.57 -0.11
N ARG A 217 4.73 -39.72 0.46
CA ARG A 217 3.38 -39.94 0.94
C ARG A 217 2.88 -38.87 1.90
N PHE A 218 3.72 -38.47 2.87
CA PHE A 218 3.30 -37.47 3.83
C PHE A 218 3.03 -36.14 3.14
N LEU A 219 3.95 -35.69 2.30
CA LEU A 219 3.75 -34.43 1.60
C LEU A 219 2.51 -34.54 0.72
N LYS A 220 2.43 -35.62 -0.06
CA LYS A 220 1.28 -35.84 -0.94
C LYS A 220 -0.03 -35.73 -0.17
N GLN A 221 -0.05 -36.31 1.03
CA GLN A 221 -1.25 -36.29 1.85
C GLN A 221 -1.54 -34.91 2.41
N VAL A 222 -0.50 -34.27 2.93
CA VAL A 222 -0.64 -32.92 3.46
C VAL A 222 -1.24 -32.01 2.38
N VAL A 223 -0.70 -32.11 1.18
CA VAL A 223 -1.17 -31.28 0.07
C VAL A 223 -2.60 -31.65 -0.29
N GLU A 224 -2.90 -32.94 -0.23
CA GLU A 224 -4.26 -33.40 -0.54
C GLU A 224 -5.25 -32.80 0.43
N GLY A 225 -4.93 -32.87 1.72
CA GLY A 225 -5.81 -32.35 2.74
C GLY A 225 -6.00 -30.85 2.59
N VAL A 226 -4.88 -30.14 2.50
CA VAL A 226 -4.93 -28.69 2.36
C VAL A 226 -5.70 -28.30 1.12
N VAL A 227 -5.32 -28.88 -0.02
CA VAL A 227 -5.97 -28.58 -1.28
C VAL A 227 -7.45 -28.92 -1.22
N SER A 228 -7.78 -30.05 -0.60
CA SER A 228 -9.18 -30.44 -0.48
C SER A 228 -9.89 -29.43 0.41
N ALA A 229 -9.20 -28.96 1.45
CA ALA A 229 -9.80 -28.02 2.37
C ALA A 229 -9.99 -26.63 1.82
N ILE A 230 -8.96 -26.07 1.18
CA ILE A 230 -9.10 -24.72 0.68
C ILE A 230 -8.95 -24.43 -0.80
N GLY A 231 -8.59 -25.43 -1.61
CA GLY A 231 -8.47 -25.19 -3.04
C GLY A 231 -7.02 -25.06 -3.52
N ALA A 232 -6.67 -25.87 -4.51
CA ALA A 232 -5.32 -25.89 -5.06
C ALA A 232 -4.70 -24.53 -5.35
N SER A 233 -5.47 -23.61 -5.93
CA SER A 233 -4.94 -22.28 -6.28
C SER A 233 -4.61 -21.42 -5.08
N LYS A 234 -4.97 -21.92 -3.89
CA LYS A 234 -4.67 -21.21 -2.67
C LYS A 234 -3.60 -22.00 -1.94
N VAL A 235 -2.89 -22.84 -2.68
CA VAL A 235 -1.85 -23.65 -2.06
C VAL A 235 -0.53 -23.66 -2.80
N GLY A 236 0.51 -23.31 -2.07
CA GLY A 236 1.86 -23.33 -2.61
C GLY A 236 2.58 -24.43 -1.85
N VAL A 237 3.63 -24.98 -2.44
CA VAL A 237 4.40 -26.04 -1.80
C VAL A 237 5.88 -25.74 -1.97
N ARG A 238 6.61 -25.67 -0.86
CA ARG A 238 8.04 -25.39 -0.95
C ARG A 238 8.88 -26.61 -0.61
N VAL A 239 9.90 -26.87 -1.40
CA VAL A 239 10.79 -27.99 -1.11
C VAL A 239 12.24 -27.63 -1.38
N SER A 240 13.14 -28.45 -0.86
CA SER A 240 14.58 -28.24 -1.03
C SER A 240 15.18 -29.64 -1.18
N PRO A 241 15.24 -30.14 -2.42
CA PRO A 241 15.79 -31.47 -2.64
C PRO A 241 17.28 -31.57 -2.40
N ALA A 242 18.00 -30.49 -2.65
CA ALA A 242 19.44 -30.50 -2.49
C ALA A 242 19.94 -29.56 -1.40
N ILE A 243 20.03 -30.07 -0.18
CA ILE A 243 20.49 -29.31 0.97
C ILE A 243 21.17 -30.28 1.95
N ASP A 244 21.67 -29.75 3.07
CA ASP A 244 22.32 -30.55 4.10
C ASP A 244 21.88 -29.99 5.45
N HIS A 245 21.09 -28.92 5.37
CA HIS A 245 20.53 -28.21 6.53
C HIS A 245 19.70 -29.15 7.40
N LEU A 246 20.15 -29.30 8.64
CA LEU A 246 19.49 -30.18 9.61
C LEU A 246 19.55 -31.62 9.15
N ASP A 247 20.63 -31.96 8.45
CA ASP A 247 20.86 -33.31 7.93
C ASP A 247 19.65 -33.81 7.16
N ALA A 248 19.19 -33.03 6.20
CA ALA A 248 18.02 -33.41 5.40
C ALA A 248 18.42 -33.74 3.96
N THR A 249 19.14 -34.83 3.79
CA THR A 249 19.59 -35.23 2.46
C THR A 249 18.91 -36.49 1.96
N ASP A 250 19.01 -36.70 0.65
CA ASP A 250 18.45 -37.91 0.07
C ASP A 250 19.53 -38.55 -0.82
N SER A 251 19.32 -39.80 -1.17
CA SER A 251 20.32 -40.47 -2.00
C SER A 251 20.36 -39.88 -3.40
N ASP A 252 19.38 -39.05 -3.74
CA ASP A 252 19.33 -38.46 -5.08
C ASP A 252 18.25 -37.36 -5.15
N PRO A 253 18.64 -36.10 -4.89
CA PRO A 253 17.75 -34.94 -4.92
C PRO A 253 16.93 -34.76 -6.19
N LEU A 254 17.55 -35.05 -7.34
CA LEU A 254 16.85 -34.89 -8.61
C LEU A 254 15.59 -35.70 -8.67
N SER A 255 15.72 -36.99 -8.42
CA SER A 255 14.60 -37.91 -8.46
C SER A 255 13.57 -37.59 -7.39
N LEU A 256 14.04 -37.19 -6.20
CA LEU A 256 13.14 -36.84 -5.12
C LEU A 256 12.27 -35.67 -5.56
N GLY A 257 12.91 -34.64 -6.11
CA GLY A 257 12.18 -33.48 -6.58
C GLY A 257 11.23 -33.81 -7.71
N LEU A 258 11.69 -34.60 -8.67
CA LEU A 258 10.84 -34.95 -9.80
C LEU A 258 9.65 -35.75 -9.31
N ALA A 259 9.84 -36.49 -8.22
CA ALA A 259 8.76 -37.29 -7.65
C ALA A 259 7.76 -36.33 -7.01
N VAL A 260 8.28 -35.34 -6.29
CA VAL A 260 7.43 -34.34 -5.65
C VAL A 260 6.62 -33.65 -6.75
N VAL A 261 7.33 -33.16 -7.76
CA VAL A 261 6.71 -32.49 -8.90
C VAL A 261 5.68 -33.42 -9.54
N GLY A 262 6.10 -34.66 -9.73
CA GLY A 262 5.25 -35.66 -10.34
C GLY A 262 3.99 -35.78 -9.53
N MET A 263 4.15 -35.97 -8.23
CA MET A 263 3.01 -36.10 -7.34
C MET A 263 2.10 -34.88 -7.39
N LEU A 264 2.71 -33.70 -7.46
CA LEU A 264 1.92 -32.48 -7.53
C LEU A 264 1.15 -32.43 -8.84
N ASN A 265 1.83 -32.66 -9.96
CA ASN A 265 1.15 -32.64 -11.24
C ASN A 265 -0.03 -33.59 -11.17
N LYS A 266 0.25 -34.82 -10.78
CA LYS A 266 -0.78 -35.85 -10.67
C LYS A 266 -1.94 -35.32 -9.84
N LEU A 267 -1.62 -34.83 -8.65
CA LEU A 267 -2.64 -34.30 -7.75
C LEU A 267 -3.47 -33.18 -8.37
N GLN A 268 -2.83 -32.22 -9.03
CA GLN A 268 -3.56 -31.12 -9.63
C GLN A 268 -4.74 -31.65 -10.43
N GLY A 269 -4.46 -32.60 -11.31
CA GLY A 269 -5.53 -33.19 -12.10
C GLY A 269 -6.59 -33.79 -11.19
N VAL A 270 -6.15 -34.49 -10.15
CA VAL A 270 -7.05 -35.12 -9.19
C VAL A 270 -8.11 -34.15 -8.68
N ASN A 271 -7.71 -32.89 -8.47
CA ASN A 271 -8.64 -31.87 -7.99
C ASN A 271 -9.15 -30.98 -9.13
N GLY A 272 -8.53 -31.10 -10.30
CA GLY A 272 -8.94 -30.30 -11.46
C GLY A 272 -8.53 -28.82 -11.42
N SER A 273 -7.40 -28.53 -10.78
CA SER A 273 -6.93 -27.15 -10.70
C SER A 273 -5.44 -27.04 -10.37
N LYS A 274 -4.85 -25.93 -10.76
CA LYS A 274 -3.44 -25.70 -10.49
C LYS A 274 -3.18 -25.17 -9.09
N LEU A 275 -2.12 -25.69 -8.49
CA LEU A 275 -1.71 -25.24 -7.17
C LEU A 275 -1.27 -23.79 -7.40
N ALA A 276 -1.15 -23.03 -6.31
CA ALA A 276 -0.72 -21.66 -6.45
C ALA A 276 0.67 -21.67 -7.10
N TYR A 277 1.55 -22.53 -6.60
CA TYR A 277 2.90 -22.63 -7.13
C TYR A 277 3.71 -23.71 -6.43
N LEU A 278 4.89 -23.98 -7.00
CA LEU A 278 5.84 -24.93 -6.42
C LEU A 278 7.02 -24.03 -6.06
N HIS A 279 7.45 -24.10 -4.81
CA HIS A 279 8.55 -23.29 -4.31
C HIS A 279 9.74 -24.20 -4.00
N VAL A 280 10.86 -23.97 -4.69
CA VAL A 280 12.02 -24.81 -4.50
C VAL A 280 13.21 -23.97 -4.08
N THR A 281 13.97 -24.49 -3.12
CA THR A 281 15.16 -23.80 -2.64
C THR A 281 16.36 -24.07 -3.55
N GLN A 282 16.90 -23.00 -4.12
CA GLN A 282 18.06 -23.13 -4.99
C GLN A 282 19.13 -23.86 -4.23
N PRO A 283 19.63 -24.96 -4.78
CA PRO A 283 20.68 -25.68 -4.04
C PRO A 283 21.93 -24.81 -4.24
N ARG A 284 21.83 -23.56 -3.80
CA ARG A 284 22.88 -22.56 -3.91
C ARG A 284 24.14 -22.88 -3.11
N GLU A 300 25.85 -24.39 -10.71
CA GLU A 300 26.24 -25.26 -11.81
C GLU A 300 25.11 -26.23 -12.11
N GLU A 301 25.31 -27.48 -11.69
CA GLU A 301 24.34 -28.54 -11.86
C GLU A 301 23.08 -28.22 -11.06
N GLU A 302 23.21 -27.26 -10.14
CA GLU A 302 22.11 -26.84 -9.28
C GLU A 302 20.97 -26.30 -10.14
N ALA A 303 21.34 -25.50 -11.14
CA ALA A 303 20.36 -24.92 -12.05
C ALA A 303 19.71 -26.06 -12.86
N LYS A 304 20.49 -27.09 -13.18
CA LYS A 304 19.94 -28.23 -13.91
C LYS A 304 18.78 -28.77 -13.09
N LEU A 305 19.01 -28.97 -11.79
CA LEU A 305 17.96 -29.48 -10.91
C LEU A 305 16.72 -28.58 -10.98
N MET A 306 16.94 -27.29 -10.74
CA MET A 306 15.86 -26.29 -10.75
C MET A 306 15.11 -26.20 -12.07
N LYS A 307 15.86 -26.23 -13.17
CA LYS A 307 15.25 -26.14 -14.49
C LYS A 307 14.41 -27.40 -14.72
N SER A 308 14.91 -28.53 -14.25
CA SER A 308 14.22 -29.80 -14.41
C SER A 308 12.84 -29.83 -13.76
N LEU A 309 12.75 -29.47 -12.48
CA LEU A 309 11.44 -29.49 -11.81
C LEU A 309 10.56 -28.45 -12.46
N ARG A 310 11.17 -27.37 -12.92
CA ARG A 310 10.41 -26.31 -13.56
C ARG A 310 9.79 -26.81 -14.86
N MET A 311 10.46 -27.72 -15.56
CA MET A 311 9.92 -28.24 -16.81
C MET A 311 8.94 -29.36 -16.50
N ALA A 312 9.21 -30.09 -15.44
CA ALA A 312 8.34 -31.20 -15.04
C ALA A 312 7.04 -30.67 -14.47
N TYR A 313 7.14 -29.62 -13.67
CA TYR A 313 5.97 -29.07 -13.03
C TYR A 313 5.20 -28.08 -13.89
N ASN A 314 4.09 -28.53 -14.46
CA ASN A 314 3.29 -27.64 -15.27
C ASN A 314 2.69 -26.63 -14.30
N GLY A 315 3.36 -25.51 -14.17
CA GLY A 315 2.90 -24.47 -13.26
C GLY A 315 4.02 -23.50 -12.91
N THR A 316 3.63 -22.47 -12.17
CA THR A 316 4.53 -21.44 -11.72
C THR A 316 5.59 -22.05 -10.83
N PHE A 317 6.85 -21.75 -11.14
CA PHE A 317 7.98 -22.29 -10.40
C PHE A 317 8.70 -21.24 -9.57
N MET A 318 8.06 -20.85 -8.48
CA MET A 318 8.60 -19.86 -7.58
C MET A 318 9.98 -20.34 -7.11
N SER A 319 11.03 -19.69 -7.63
CA SER A 319 12.39 -20.05 -7.28
C SER A 319 12.91 -19.18 -6.15
N SER A 320 13.81 -19.74 -5.35
CA SER A 320 14.36 -19.03 -4.20
C SER A 320 15.78 -19.45 -3.83
N GLY A 321 16.51 -18.55 -3.17
CA GLY A 321 17.86 -18.86 -2.73
C GLY A 321 18.99 -18.33 -3.60
N GLY A 322 19.66 -17.28 -3.11
CA GLY A 322 20.79 -16.70 -3.81
C GLY A 322 20.45 -15.73 -4.92
N PHE A 323 19.30 -15.07 -4.81
CA PHE A 323 18.92 -14.12 -5.84
C PHE A 323 19.10 -12.68 -5.40
N ASN A 324 19.74 -11.91 -6.27
CA ASN A 324 19.92 -10.48 -6.05
C ASN A 324 19.11 -10.00 -7.25
N LYS A 325 19.03 -8.69 -7.50
CA LYS A 325 18.24 -8.29 -8.64
C LYS A 325 18.72 -8.99 -9.91
N GLU A 326 19.96 -8.68 -10.29
CA GLU A 326 20.53 -9.27 -11.49
C GLU A 326 20.16 -10.72 -11.70
N LEU A 327 20.44 -11.58 -10.72
CA LEU A 327 20.16 -13.00 -10.84
C LEU A 327 18.69 -13.38 -11.01
N GLY A 328 17.80 -12.60 -10.42
CA GLY A 328 16.37 -12.89 -10.53
C GLY A 328 15.88 -12.53 -11.92
N MET A 329 16.44 -11.45 -12.45
CA MET A 329 16.09 -11.00 -13.78
C MET A 329 16.49 -12.05 -14.81
N GLN A 330 17.75 -12.48 -14.76
CA GLN A 330 18.19 -13.47 -15.72
C GLN A 330 17.59 -14.83 -15.41
N ALA A 331 16.77 -14.87 -14.36
CA ALA A 331 16.12 -16.11 -13.94
C ALA A 331 14.79 -16.21 -14.67
N VAL A 332 13.99 -15.15 -14.58
CA VAL A 332 12.70 -15.11 -15.25
C VAL A 332 12.87 -15.01 -16.78
N GLN A 333 13.74 -14.12 -17.23
CA GLN A 333 13.97 -13.95 -18.67
C GLN A 333 14.16 -15.30 -19.36
N GLN A 334 15.05 -16.12 -18.79
CA GLN A 334 15.37 -17.43 -19.34
C GLN A 334 14.34 -18.51 -19.01
N GLY A 335 13.18 -18.11 -18.50
CA GLY A 335 12.15 -19.09 -18.18
C GLY A 335 12.51 -20.10 -17.10
N ASP A 336 13.51 -19.77 -16.29
CA ASP A 336 13.93 -20.67 -15.21
C ASP A 336 12.96 -20.54 -14.04
N ALA A 337 12.26 -19.42 -13.99
CA ALA A 337 11.31 -19.19 -12.92
C ALA A 337 10.27 -18.17 -13.33
N ASP A 338 9.09 -18.30 -12.78
CA ASP A 338 8.02 -17.36 -13.05
C ASP A 338 8.05 -16.31 -11.96
N LEU A 339 8.57 -16.72 -10.81
CA LEU A 339 8.65 -15.85 -9.64
C LEU A 339 9.90 -16.17 -8.86
N VAL A 340 10.48 -15.15 -8.26
CA VAL A 340 11.69 -15.29 -7.48
C VAL A 340 11.45 -14.68 -6.11
N SER A 341 11.68 -15.47 -5.06
CA SER A 341 11.49 -14.97 -3.72
C SER A 341 12.83 -14.57 -3.13
N TYR A 342 12.83 -13.49 -2.37
CA TYR A 342 14.02 -12.99 -1.73
C TYR A 342 13.80 -12.98 -0.23
N GLY A 343 14.84 -13.37 0.52
CA GLY A 343 14.72 -13.39 1.95
C GLY A 343 15.52 -12.30 2.66
N ARG A 344 16.84 -12.49 2.71
CA ARG A 344 17.68 -11.54 3.42
C ARG A 344 17.58 -10.13 2.89
N LEU A 345 17.54 -9.98 1.58
CA LEU A 345 17.42 -8.64 1.00
C LEU A 345 16.08 -7.99 1.37
N PHE A 346 15.05 -8.80 1.55
CA PHE A 346 13.75 -8.25 1.89
C PHE A 346 13.71 -7.92 3.36
N ILE A 347 14.54 -8.61 4.11
CA ILE A 347 14.64 -8.38 5.53
C ILE A 347 15.11 -6.94 5.76
N ALA A 348 16.17 -6.57 5.06
CA ALA A 348 16.74 -5.23 5.21
C ALA A 348 16.22 -4.19 4.21
N ASN A 349 15.33 -4.61 3.31
CA ASN A 349 14.81 -3.69 2.30
C ASN A 349 13.29 -3.75 2.16
N PRO A 350 12.59 -2.97 2.98
CA PRO A 350 11.13 -2.96 2.91
C PRO A 350 10.69 -2.70 1.47
N ASP A 351 11.28 -1.67 0.86
CA ASP A 351 10.96 -1.31 -0.51
C ASP A 351 11.89 -2.02 -1.48
N LEU A 352 12.10 -3.31 -1.26
CA LEU A 352 12.98 -4.08 -2.12
C LEU A 352 12.56 -4.03 -3.59
N VAL A 353 11.26 -4.07 -3.84
CA VAL A 353 10.78 -4.06 -5.23
C VAL A 353 11.18 -2.79 -5.94
N SER A 354 10.88 -1.64 -5.34
CA SER A 354 11.23 -0.36 -5.95
C SER A 354 12.72 -0.26 -6.17
N ARG A 355 13.49 -0.55 -5.13
CA ARG A 355 14.94 -0.48 -5.21
C ARG A 355 15.41 -1.29 -6.41
N PHE A 356 14.93 -2.53 -6.52
CA PHE A 356 15.33 -3.36 -7.65
C PHE A 356 14.88 -2.73 -8.96
N LYS A 357 13.65 -2.26 -8.99
CA LYS A 357 13.06 -1.68 -10.19
C LYS A 357 13.81 -0.44 -10.68
N ILE A 358 14.64 0.14 -9.82
CA ILE A 358 15.38 1.33 -10.22
C ILE A 358 16.88 1.18 -9.99
N ASP A 359 17.29 0.00 -9.56
CA ASP A 359 18.72 -0.26 -9.29
C ASP A 359 19.27 0.75 -8.29
N GLY A 360 18.63 0.87 -7.14
CA GLY A 360 19.11 1.82 -6.15
C GLY A 360 19.89 1.21 -5.00
N GLU A 361 20.03 1.96 -3.91
CA GLU A 361 20.74 1.48 -2.74
C GLU A 361 20.03 0.22 -2.22
N LEU A 362 20.76 -0.58 -1.45
CA LEU A 362 20.25 -1.80 -0.84
C LEU A 362 20.84 -1.93 0.56
N ASN A 363 19.98 -1.77 1.57
CA ASN A 363 20.43 -1.87 2.94
C ASN A 363 20.92 -3.28 3.18
N LYS A 364 22.16 -3.43 3.62
CA LYS A 364 22.66 -4.77 3.88
C LYS A 364 21.86 -5.30 5.06
N TYR A 365 21.76 -6.61 5.16
CA TYR A 365 21.02 -7.20 6.26
C TYR A 365 21.89 -7.43 7.48
N ASN A 366 21.30 -7.25 8.65
CA ASN A 366 22.01 -7.46 9.91
C ASN A 366 21.55 -8.80 10.46
N ARG A 367 22.31 -9.84 10.13
CA ARG A 367 21.99 -11.20 10.55
C ARG A 367 21.80 -11.30 12.06
N LYS A 368 22.54 -10.50 12.82
CA LYS A 368 22.43 -10.56 14.27
C LYS A 368 21.02 -10.35 14.77
N THR A 369 20.20 -9.62 14.03
CA THR A 369 18.83 -9.39 14.45
C THR A 369 17.78 -10.09 13.59
N PHE A 370 18.18 -11.15 12.92
CA PHE A 370 17.24 -11.90 12.10
C PHE A 370 16.17 -12.53 12.99
N TYR A 371 16.65 -13.11 14.09
CA TYR A 371 15.83 -13.85 15.04
C TYR A 371 15.60 -13.21 16.41
N THR A 372 15.97 -11.95 16.55
CA THR A 372 15.77 -11.23 17.80
C THR A 372 14.29 -10.91 17.99
N GLN A 373 13.93 -10.40 19.17
CA GLN A 373 12.53 -10.10 19.46
C GLN A 373 12.08 -8.65 19.40
N ASP A 374 12.98 -7.74 19.09
CA ASP A 374 12.55 -6.36 19.06
C ASP A 374 11.54 -6.17 17.96
N PRO A 375 10.40 -5.54 18.29
CA PRO A 375 9.36 -5.32 17.28
C PRO A 375 9.81 -4.29 16.28
N VAL A 376 10.85 -3.54 16.64
CA VAL A 376 11.34 -2.51 15.75
C VAL A 376 12.72 -2.81 15.22
N VAL A 377 13.72 -2.78 16.10
CA VAL A 377 15.11 -3.01 15.74
C VAL A 377 15.42 -4.29 14.96
N GLY A 378 15.97 -4.10 13.77
CA GLY A 378 16.33 -5.22 12.90
C GLY A 378 15.07 -5.80 12.27
N TYR A 379 13.93 -5.18 12.54
CA TYR A 379 12.67 -5.65 12.00
C TYR A 379 11.96 -4.66 11.08
N THR A 380 11.42 -3.59 11.65
CA THR A 380 10.73 -2.59 10.86
C THR A 380 11.52 -1.28 10.77
N ASP A 381 12.75 -1.26 11.26
CA ASP A 381 13.51 -0.02 11.21
C ASP A 381 14.51 0.10 10.07
N TYR A 382 14.47 -0.85 9.13
CA TYR A 382 15.36 -0.74 7.97
C TYR A 382 14.64 0.31 7.12
N PRO A 383 15.34 1.40 6.77
CA PRO A 383 14.78 2.48 5.97
C PRO A 383 14.48 2.19 4.52
N PHE A 384 13.52 2.94 3.98
CA PHE A 384 13.13 2.85 2.58
C PHE A 384 14.12 3.78 1.89
N LEU A 385 14.19 3.74 0.57
CA LEU A 385 15.09 4.63 -0.16
C LEU A 385 14.68 6.07 0.13
N ALA A 386 15.66 6.97 0.09
CA ALA A 386 15.37 8.38 0.29
C ALA A 386 14.57 8.75 -0.97
N PRO A 387 13.47 9.50 -0.81
CA PRO A 387 12.68 9.88 -1.99
C PRO A 387 13.52 10.57 -3.07
N ASN B 9 -6.23 41.68 16.98
CA ASN B 9 -5.02 42.37 16.44
C ASN B 9 -4.53 41.76 15.12
N GLU B 10 -4.37 40.45 15.08
CA GLU B 10 -3.91 39.77 13.87
C GLU B 10 -5.02 39.77 12.82
N THR B 11 -4.69 40.16 11.60
CA THR B 11 -5.65 40.23 10.52
C THR B 11 -5.18 39.42 9.31
N LEU B 12 -5.80 39.67 8.16
CA LEU B 12 -5.42 38.98 6.92
C LEU B 12 -4.00 39.38 6.55
N PHE B 13 -3.54 40.49 7.12
CA PHE B 13 -2.21 40.98 6.82
C PHE B 13 -1.24 40.77 7.96
N SER B 14 -1.38 39.65 8.66
CA SER B 14 -0.46 39.33 9.73
C SER B 14 0.44 38.20 9.28
N SER B 15 1.70 38.29 9.67
CA SER B 15 2.65 37.27 9.37
C SER B 15 2.12 35.99 9.99
N TYR B 16 2.57 34.84 9.48
CA TYR B 16 2.11 33.58 10.01
C TYR B 16 3.14 32.50 9.77
N LYS B 17 3.37 31.68 10.79
CA LYS B 17 4.32 30.59 10.65
C LYS B 17 3.57 29.33 10.26
N MET B 18 3.53 29.03 8.97
CA MET B 18 2.85 27.81 8.49
C MET B 18 3.92 26.72 8.49
N GLY B 19 4.21 26.18 9.68
CA GLY B 19 5.23 25.16 9.78
C GLY B 19 6.51 25.74 9.21
N ARG B 20 7.16 24.98 8.33
CA ARG B 20 8.40 25.42 7.71
C ARG B 20 8.23 26.60 6.76
N PHE B 21 7.01 27.09 6.60
CA PHE B 21 6.82 28.22 5.71
C PHE B 21 6.38 29.46 6.47
N ASP B 22 7.11 30.55 6.27
CA ASP B 22 6.82 31.82 6.92
C ASP B 22 6.05 32.71 5.96
N LEU B 23 4.75 32.84 6.18
CA LEU B 23 3.95 33.68 5.31
C LEU B 23 3.93 35.10 5.82
N SER B 24 3.80 36.05 4.91
CA SER B 24 3.75 37.47 5.24
C SER B 24 2.30 37.89 5.45
N HIS B 25 1.38 37.00 5.13
CA HIS B 25 -0.04 37.30 5.29
C HIS B 25 -0.89 36.04 5.17
N ARG B 26 -2.16 36.17 5.52
CA ARG B 26 -3.09 35.04 5.54
C ARG B 26 -3.92 34.86 4.28
N VAL B 27 -3.68 35.69 3.28
CA VAL B 27 -4.47 35.61 2.06
C VAL B 27 -3.86 34.55 1.15
N VAL B 28 -4.63 33.51 0.91
CA VAL B 28 -4.18 32.41 0.08
C VAL B 28 -4.96 32.35 -1.21
N LEU B 29 -4.29 31.91 -2.26
CA LEU B 29 -4.93 31.74 -3.55
C LEU B 29 -5.50 30.32 -3.49
N ALA B 30 -6.83 30.24 -3.53
CA ALA B 30 -7.51 28.96 -3.47
C ALA B 30 -7.20 28.16 -4.73
N PRO B 31 -7.08 26.84 -4.59
CA PRO B 31 -6.78 26.02 -5.78
C PRO B 31 -7.93 26.21 -6.77
N MET B 32 -7.60 26.60 -8.00
CA MET B 32 -8.65 26.80 -8.99
C MET B 32 -8.38 26.25 -10.37
N THR B 33 -9.15 25.25 -10.76
CA THR B 33 -9.06 24.65 -12.09
C THR B 33 -9.40 25.76 -13.08
N ARG B 34 -8.51 26.02 -14.03
CA ARG B 34 -8.78 27.07 -15.00
C ARG B 34 -8.76 26.59 -16.43
N CYS B 35 -8.29 25.37 -16.63
CA CYS B 35 -8.26 24.77 -17.96
C CYS B 35 -7.43 25.49 -19.01
N ARG B 36 -6.32 26.11 -18.60
CA ARG B 36 -5.43 26.79 -19.54
C ARG B 36 -4.22 25.92 -19.84
N ALA B 37 -4.05 24.84 -19.07
CA ALA B 37 -2.94 23.91 -19.23
C ALA B 37 -3.28 22.96 -20.36
N LEU B 38 -3.54 23.51 -21.55
CA LEU B 38 -3.90 22.73 -22.70
C LEU B 38 -3.15 21.42 -22.81
N ASN B 39 -3.90 20.34 -22.98
CA ASN B 39 -3.31 19.02 -23.14
C ASN B 39 -2.58 18.50 -21.90
N GLY B 40 -2.97 19.05 -20.74
CA GLY B 40 -2.41 18.60 -19.49
C GLY B 40 -1.04 19.11 -19.11
N VAL B 41 -0.43 19.89 -20.00
CA VAL B 41 0.90 20.39 -19.74
C VAL B 41 0.84 21.86 -19.31
N PRO B 42 1.48 22.22 -18.18
CA PRO B 42 1.46 23.61 -17.73
C PRO B 42 2.10 24.44 -18.84
N ASN B 43 1.99 25.76 -18.77
CA ASN B 43 2.57 26.61 -19.80
C ASN B 43 2.89 28.02 -19.34
N ALA B 44 3.18 28.90 -20.30
CA ALA B 44 3.55 30.27 -19.94
C ALA B 44 2.36 31.06 -19.41
N ALA B 45 1.15 30.72 -19.86
CA ALA B 45 -0.04 31.40 -19.40
C ALA B 45 -0.24 31.12 -17.92
N LEU B 46 0.07 29.90 -17.51
CA LEU B 46 -0.08 29.53 -16.12
C LEU B 46 0.98 30.27 -15.31
N ALA B 47 2.23 30.12 -15.71
CA ALA B 47 3.32 30.78 -15.01
C ALA B 47 2.99 32.25 -14.83
N GLU B 48 2.39 32.86 -15.86
CA GLU B 48 2.03 34.27 -15.80
C GLU B 48 0.86 34.50 -14.83
N TYR B 49 -0.17 33.66 -14.96
CA TYR B 49 -1.34 33.76 -14.10
C TYR B 49 -0.98 33.66 -12.62
N TYR B 50 -0.10 32.70 -12.29
CA TYR B 50 0.31 32.52 -10.91
C TYR B 50 1.26 33.60 -10.48
N ALA B 51 2.29 33.84 -11.30
CA ALA B 51 3.28 34.87 -11.01
C ALA B 51 2.54 36.11 -10.53
N GLN B 52 1.58 36.54 -11.33
CA GLN B 52 0.79 37.72 -11.02
C GLN B 52 0.13 37.66 -9.66
N ARG B 53 -0.22 36.47 -9.22
CA ARG B 53 -0.92 36.32 -7.96
C ARG B 53 0.00 36.04 -6.77
N THR B 54 1.30 36.00 -7.02
CA THR B 54 2.19 35.76 -5.91
C THR B 54 2.77 37.04 -5.33
N THR B 55 2.87 37.04 -4.00
CA THR B 55 3.39 38.16 -3.24
C THR B 55 4.45 37.58 -2.33
N PRO B 56 5.39 38.42 -1.90
CA PRO B 56 6.46 37.97 -1.01
C PRO B 56 5.84 37.38 0.25
N GLY B 57 6.09 36.11 0.49
CA GLY B 57 5.54 35.47 1.68
C GLY B 57 4.09 35.05 1.57
N GLY B 58 3.51 35.15 0.37
CA GLY B 58 2.14 34.73 0.17
C GLY B 58 2.07 33.28 -0.22
N PHE B 59 1.00 32.58 0.21
CA PHE B 59 0.85 31.17 -0.10
C PHE B 59 -0.16 30.94 -1.24
N LEU B 60 0.26 30.17 -2.23
CA LEU B 60 -0.58 29.86 -3.38
C LEU B 60 -0.85 28.36 -3.42
N ILE B 61 -2.02 28.00 -3.93
CA ILE B 61 -2.37 26.60 -4.09
C ILE B 61 -2.75 26.49 -5.55
N SER B 62 -2.06 25.59 -6.25
CA SER B 62 -2.32 25.41 -7.66
C SER B 62 -3.68 24.83 -7.91
N GLU B 63 -4.09 24.96 -9.17
CA GLU B 63 -5.34 24.43 -9.67
C GLU B 63 -5.24 22.90 -9.46
N GLY B 64 -6.38 22.23 -9.34
CA GLY B 64 -6.34 20.79 -9.16
C GLY B 64 -5.47 20.18 -10.24
N THR B 65 -4.53 19.32 -9.82
CA THR B 65 -3.59 18.71 -10.75
C THR B 65 -3.69 17.19 -10.75
N MET B 66 -3.79 16.62 -11.94
CA MET B 66 -3.91 15.17 -12.10
C MET B 66 -2.78 14.38 -11.47
N VAL B 67 -3.15 13.31 -10.77
CA VAL B 67 -2.17 12.43 -10.16
C VAL B 67 -1.99 11.24 -11.11
N SER B 68 -2.85 11.17 -12.13
CA SER B 68 -2.77 10.07 -13.08
C SER B 68 -3.71 10.30 -14.24
N PRO B 69 -3.54 9.52 -15.32
CA PRO B 69 -4.43 9.70 -16.46
C PRO B 69 -5.77 9.22 -15.92
N GLY B 70 -6.86 9.87 -16.28
CA GLY B 70 -8.12 9.41 -15.77
C GLY B 70 -8.51 10.11 -14.49
N SER B 71 -7.56 10.82 -13.87
CA SER B 71 -7.86 11.53 -12.63
C SER B 71 -8.55 12.86 -12.93
N ALA B 72 -8.56 13.27 -14.19
CA ALA B 72 -9.14 14.54 -14.56
C ALA B 72 -10.63 14.41 -14.90
N GLY B 73 -11.37 15.49 -14.66
CA GLY B 73 -12.79 15.49 -14.94
C GLY B 73 -13.13 16.81 -15.60
N PHE B 74 -12.08 17.52 -16.02
CA PHE B 74 -12.19 18.83 -16.66
C PHE B 74 -11.27 18.87 -17.88
N PRO B 75 -11.66 19.64 -18.89
CA PRO B 75 -10.83 19.72 -20.09
C PRO B 75 -9.68 20.72 -19.97
N HIS B 76 -8.48 20.23 -20.25
CA HIS B 76 -7.29 21.06 -20.21
C HIS B 76 -6.77 21.45 -18.84
N VAL B 77 -6.74 20.46 -17.96
CA VAL B 77 -6.22 20.68 -16.63
C VAL B 77 -4.83 20.10 -16.69
N PRO B 78 -3.93 20.58 -15.84
CA PRO B 78 -2.55 20.07 -15.83
C PRO B 78 -2.36 18.79 -15.05
N GLY B 79 -1.17 18.22 -15.18
CA GLY B 79 -0.84 17.01 -14.46
C GLY B 79 0.53 17.20 -13.83
N ILE B 80 0.88 16.34 -12.89
CA ILE B 80 2.17 16.42 -12.26
C ILE B 80 2.74 14.99 -12.22
N TYR B 81 2.04 14.06 -12.87
CA TYR B 81 2.50 12.68 -12.88
C TYR B 81 3.52 12.39 -13.98
N SER B 82 3.46 13.15 -15.07
CA SER B 82 4.42 12.90 -16.17
C SER B 82 5.63 13.81 -16.05
N ASP B 83 6.77 13.28 -16.45
CA ASP B 83 8.00 14.06 -16.37
C ASP B 83 7.92 15.29 -17.24
N GLU B 84 7.17 15.20 -18.32
CA GLU B 84 7.02 16.37 -19.18
C GLU B 84 6.24 17.45 -18.43
N GLN B 85 5.29 17.03 -17.60
CA GLN B 85 4.50 17.97 -16.83
C GLN B 85 5.33 18.56 -15.72
N VAL B 86 6.18 17.73 -15.12
CA VAL B 86 7.06 18.16 -14.06
C VAL B 86 7.96 19.27 -14.60
N GLU B 87 8.55 19.03 -15.77
CA GLU B 87 9.42 20.03 -16.37
C GLU B 87 8.66 21.30 -16.73
N ALA B 88 7.46 21.13 -17.30
CA ALA B 88 6.65 22.28 -17.69
C ALA B 88 6.21 23.13 -16.49
N TRP B 89 5.93 22.50 -15.36
CA TRP B 89 5.51 23.23 -14.16
C TRP B 89 6.61 24.12 -13.60
N LYS B 90 7.84 23.65 -13.70
CA LYS B 90 8.98 24.39 -13.17
C LYS B 90 8.95 25.88 -13.44
N GLN B 91 8.60 26.26 -14.67
CA GLN B 91 8.55 27.68 -15.04
C GLN B 91 7.52 28.38 -14.20
N VAL B 92 6.48 27.64 -13.82
CA VAL B 92 5.44 28.22 -13.00
C VAL B 92 5.95 28.40 -11.59
N VAL B 93 6.47 27.33 -11.02
CA VAL B 93 6.99 27.36 -9.67
C VAL B 93 8.15 28.34 -9.56
N GLU B 94 9.01 28.36 -10.55
CA GLU B 94 10.14 29.30 -10.51
C GLU B 94 9.62 30.73 -10.43
N ALA B 95 8.65 31.05 -11.28
CA ALA B 95 8.04 32.36 -11.33
C ALA B 95 7.50 32.79 -9.97
N VAL B 96 6.74 31.90 -9.33
CA VAL B 96 6.18 32.18 -8.01
C VAL B 96 7.30 32.48 -7.04
N HIS B 97 8.29 31.58 -7.00
CA HIS B 97 9.39 31.78 -6.09
C HIS B 97 10.18 33.05 -6.40
N ALA B 98 10.27 33.40 -7.67
CA ALA B 98 11.02 34.60 -8.05
C ALA B 98 10.36 35.82 -7.40
N LYS B 99 9.05 35.75 -7.20
CA LYS B 99 8.33 36.87 -6.57
C LYS B 99 8.12 36.69 -5.08
N GLY B 100 8.87 35.77 -4.48
CA GLY B 100 8.79 35.56 -3.04
C GLY B 100 7.59 34.79 -2.54
N GLY B 101 6.85 34.17 -3.46
CA GLY B 101 5.67 33.43 -3.04
C GLY B 101 5.95 31.96 -2.85
N PHE B 102 5.02 31.28 -2.17
CA PHE B 102 5.11 29.84 -1.95
C PHE B 102 3.93 29.22 -2.68
N ILE B 103 4.08 27.97 -3.10
CA ILE B 103 2.99 27.33 -3.80
C ILE B 103 3.01 25.83 -3.67
N PHE B 104 1.83 25.29 -3.40
CA PHE B 104 1.64 23.86 -3.28
C PHE B 104 0.92 23.41 -4.53
N CYS B 105 1.14 22.17 -4.93
CA CYS B 105 0.48 21.64 -6.10
C CYS B 105 -0.69 20.84 -5.53
N GLN B 106 -1.92 21.21 -5.86
CA GLN B 106 -3.03 20.44 -5.34
C GLN B 106 -3.14 19.09 -6.08
N LEU B 107 -3.02 18.00 -5.33
CA LEU B 107 -3.10 16.66 -5.90
C LEU B 107 -4.57 16.33 -5.96
N TRP B 108 -5.04 16.23 -7.20
CA TRP B 108 -6.45 16.03 -7.48
C TRP B 108 -6.88 14.80 -8.24
N HIS B 109 -7.94 14.17 -7.75
CA HIS B 109 -8.50 13.04 -8.46
C HIS B 109 -10.00 13.21 -8.33
N VAL B 110 -10.65 13.38 -9.48
CA VAL B 110 -12.10 13.59 -9.54
C VAL B 110 -12.96 12.36 -9.33
N GLY B 111 -12.34 11.19 -9.34
CA GLY B 111 -13.10 9.98 -9.15
C GLY B 111 -14.21 9.88 -10.20
N ARG B 112 -15.44 9.72 -9.73
CA ARG B 112 -16.57 9.57 -10.64
C ARG B 112 -16.97 10.87 -11.31
N ALA B 113 -16.33 11.97 -10.91
CA ALA B 113 -16.64 13.27 -11.50
C ALA B 113 -15.82 13.44 -12.76
N SER B 114 -15.99 12.51 -13.69
CA SER B 114 -15.23 12.56 -14.91
C SER B 114 -16.10 12.06 -16.05
N HIS B 115 -15.47 11.59 -17.11
CA HIS B 115 -16.21 11.10 -18.26
C HIS B 115 -15.24 10.29 -19.10
N ALA B 116 -15.79 9.35 -19.89
CA ALA B 116 -14.97 8.51 -20.76
C ALA B 116 -13.95 9.35 -21.50
N VAL B 117 -14.34 10.58 -21.84
CA VAL B 117 -13.46 11.48 -22.55
C VAL B 117 -12.12 11.67 -21.84
N TYR B 118 -12.13 11.65 -20.51
CA TYR B 118 -10.90 11.85 -19.73
C TYR B 118 -10.32 10.57 -19.17
N GLN B 119 -10.77 9.44 -19.69
CA GLN B 119 -10.28 8.18 -19.17
C GLN B 119 -9.37 7.42 -20.12
N PRO B 120 -8.30 6.80 -19.59
CA PRO B 120 -7.40 6.04 -20.46
C PRO B 120 -8.27 4.96 -21.11
N ASN B 121 -8.29 4.91 -22.43
CA ASN B 121 -9.06 3.90 -23.15
C ASN B 121 -10.57 4.11 -23.15
N GLY B 122 -10.98 5.34 -22.89
CA GLY B 122 -12.40 5.66 -22.85
C GLY B 122 -13.12 4.81 -21.81
N GLY B 123 -12.41 4.44 -20.76
CA GLY B 123 -13.02 3.62 -19.73
C GLY B 123 -13.89 4.42 -18.80
N SER B 124 -14.50 3.73 -17.86
CA SER B 124 -15.37 4.37 -16.89
C SER B 124 -14.55 4.99 -15.79
N PRO B 125 -14.96 6.19 -15.35
CA PRO B 125 -14.23 6.86 -14.27
C PRO B 125 -14.27 5.92 -13.06
N ILE B 126 -13.25 5.99 -12.22
CA ILE B 126 -13.21 5.14 -11.05
C ILE B 126 -13.75 5.88 -9.82
N SER B 127 -14.27 5.12 -8.87
CA SER B 127 -14.84 5.71 -7.68
C SER B 127 -14.97 4.68 -6.58
N SER B 128 -15.44 5.13 -5.43
CA SER B 128 -15.64 4.22 -4.31
C SER B 128 -16.90 3.43 -4.64
N THR B 129 -17.75 4.03 -5.47
CA THR B 129 -19.05 3.45 -5.82
C THR B 129 -19.28 3.23 -7.32
N ASN B 130 -20.36 2.53 -7.64
CA ASN B 130 -20.74 2.27 -9.02
C ASN B 130 -21.90 3.20 -9.34
N LYS B 131 -22.29 4.01 -8.37
CA LYS B 131 -23.38 4.96 -8.55
C LYS B 131 -22.85 6.27 -9.15
N PRO B 132 -23.52 6.77 -10.20
CA PRO B 132 -23.14 8.00 -10.88
C PRO B 132 -23.58 9.23 -10.12
N ILE B 133 -22.92 10.34 -10.41
CA ILE B 133 -23.26 11.63 -9.81
C ILE B 133 -24.66 11.89 -10.36
N SER B 134 -25.56 12.36 -9.51
CA SER B 134 -26.91 12.63 -9.94
C SER B 134 -26.97 13.39 -11.26
N GLU B 135 -27.61 12.74 -12.24
CA GLU B 135 -27.78 13.32 -13.56
C GLU B 135 -28.81 14.42 -13.44
N ASN B 136 -29.45 14.47 -12.28
CA ASN B 136 -30.46 15.45 -12.00
C ASN B 136 -29.90 16.81 -11.65
N ARG B 137 -28.62 16.89 -11.33
CA ARG B 137 -28.11 18.19 -10.92
C ARG B 137 -26.67 18.53 -11.24
N TRP B 138 -26.00 17.70 -12.02
CA TRP B 138 -24.62 18.00 -12.35
C TRP B 138 -24.26 17.58 -13.75
N ARG B 139 -23.32 18.30 -14.34
CA ARG B 139 -22.87 18.02 -15.69
C ARG B 139 -21.37 18.13 -15.76
N VAL B 140 -20.78 17.31 -16.63
CA VAL B 140 -19.34 17.32 -16.79
C VAL B 140 -19.01 18.12 -18.06
N LEU B 141 -18.07 19.05 -17.94
CA LEU B 141 -17.64 19.90 -19.05
C LEU B 141 -16.72 19.09 -19.95
N LEU B 142 -16.95 19.17 -21.26
CA LEU B 142 -16.11 18.43 -22.21
C LEU B 142 -15.18 19.38 -22.95
N PRO B 143 -14.06 18.85 -23.48
CA PRO B 143 -13.06 19.62 -24.22
C PRO B 143 -13.60 20.54 -25.31
N ASP B 144 -14.86 20.36 -25.71
CA ASP B 144 -15.44 21.20 -26.74
C ASP B 144 -16.39 22.25 -26.20
N GLY B 145 -16.43 22.41 -24.89
CA GLY B 145 -17.29 23.41 -24.30
C GLY B 145 -18.65 22.88 -23.87
N SER B 146 -19.12 21.80 -24.50
CA SER B 146 -20.40 21.22 -24.15
C SER B 146 -20.30 20.47 -22.82
N HIS B 147 -21.43 20.30 -22.14
CA HIS B 147 -21.49 19.56 -20.89
C HIS B 147 -22.40 18.39 -21.18
N VAL B 148 -22.30 17.34 -20.36
CA VAL B 148 -23.12 16.14 -20.49
C VAL B 148 -23.29 15.46 -19.12
N LYS B 149 -24.21 14.49 -19.05
CA LYS B 149 -24.47 13.76 -17.83
C LYS B 149 -23.27 12.92 -17.41
N TYR B 150 -22.83 13.07 -16.17
CA TYR B 150 -21.71 12.26 -15.66
C TYR B 150 -22.03 10.79 -15.90
N PRO B 151 -21.00 9.98 -16.21
CA PRO B 151 -21.31 8.56 -16.45
C PRO B 151 -21.32 7.73 -15.18
N LYS B 152 -21.80 6.51 -15.32
CA LYS B 152 -21.82 5.57 -14.23
C LYS B 152 -20.37 5.17 -13.99
N PRO B 153 -19.85 5.42 -12.78
CA PRO B 153 -18.46 5.05 -12.50
C PRO B 153 -18.35 3.58 -12.14
N ARG B 154 -17.11 3.10 -12.03
CA ARG B 154 -16.85 1.72 -11.63
C ARG B 154 -16.17 1.82 -10.29
N ALA B 155 -16.73 1.17 -9.26
CA ALA B 155 -16.12 1.21 -7.95
C ALA B 155 -14.82 0.43 -7.97
N LEU B 156 -13.76 1.08 -7.47
CA LEU B 156 -12.45 0.46 -7.41
C LEU B 156 -12.53 -0.84 -6.62
N GLU B 157 -11.68 -1.79 -6.98
CA GLU B 157 -11.61 -3.05 -6.25
C GLU B 157 -10.74 -2.67 -5.05
N ALA B 158 -10.74 -3.49 -4.02
CA ALA B 158 -9.91 -3.19 -2.85
C ALA B 158 -8.43 -3.21 -3.22
N SER B 159 -8.09 -3.83 -4.35
CA SER B 159 -6.69 -3.92 -4.77
C SER B 159 -6.21 -2.71 -5.58
N GLU B 160 -7.14 -2.02 -6.23
CA GLU B 160 -6.75 -0.85 -7.01
C GLU B 160 -6.51 0.36 -6.12
N ILE B 161 -7.21 0.44 -5.00
CA ILE B 161 -7.08 1.58 -4.12
C ILE B 161 -5.60 1.92 -3.83
N PRO B 162 -4.79 0.91 -3.43
CA PRO B 162 -3.39 1.23 -3.15
C PRO B 162 -2.66 1.76 -4.39
N ARG B 163 -3.05 1.30 -5.57
CA ARG B 163 -2.38 1.80 -6.77
C ARG B 163 -2.67 3.29 -6.93
N VAL B 164 -3.89 3.71 -6.59
CA VAL B 164 -4.24 5.12 -6.71
C VAL B 164 -3.38 5.89 -5.72
N VAL B 165 -3.27 5.36 -4.52
CA VAL B 165 -2.46 5.98 -3.49
C VAL B 165 -1.07 6.25 -4.04
N GLU B 166 -0.48 5.24 -4.66
CA GLU B 166 0.85 5.37 -5.24
C GLU B 166 0.92 6.54 -6.22
N ASP B 167 -0.15 6.74 -6.98
CA ASP B 167 -0.20 7.84 -7.94
C ASP B 167 -0.08 9.15 -7.18
N TYR B 168 -0.71 9.20 -6.00
CA TYR B 168 -0.63 10.39 -5.16
C TYR B 168 0.80 10.54 -4.67
N CYS B 169 1.40 9.44 -4.21
CA CYS B 169 2.77 9.46 -3.72
C CYS B 169 3.71 9.90 -4.83
N LEU B 170 3.53 9.30 -6.00
CA LEU B 170 4.34 9.62 -7.17
C LEU B 170 4.17 11.08 -7.51
N SER B 171 2.93 11.54 -7.53
CA SER B 171 2.66 12.92 -7.87
C SER B 171 3.24 13.85 -6.83
N ALA B 172 3.15 13.44 -5.57
CA ALA B 172 3.67 14.25 -4.47
C ALA B 172 5.18 14.38 -4.65
N LEU B 173 5.82 13.26 -4.94
CA LEU B 173 7.26 13.24 -5.13
C LEU B 173 7.69 14.13 -6.30
N ASN B 174 7.01 14.02 -7.44
CA ASN B 174 7.37 14.83 -8.59
C ASN B 174 7.06 16.30 -8.37
N ALA B 175 5.91 16.59 -7.78
CA ALA B 175 5.55 17.96 -7.51
C ALA B 175 6.74 18.64 -6.82
N ILE B 176 7.41 17.91 -5.93
CA ILE B 176 8.56 18.44 -5.23
C ILE B 176 9.66 18.63 -6.27
N ARG B 177 9.87 17.61 -7.09
CA ARG B 177 10.90 17.68 -8.12
C ARG B 177 10.75 18.98 -8.89
N ALA B 178 9.53 19.25 -9.37
CA ALA B 178 9.26 20.45 -10.14
C ALA B 178 9.49 21.75 -9.35
N GLY B 179 9.79 21.62 -8.05
CA GLY B 179 10.04 22.80 -7.23
C GLY B 179 8.92 23.22 -6.29
N PHE B 180 7.70 22.69 -6.48
CA PHE B 180 6.60 23.06 -5.59
C PHE B 180 7.04 22.95 -4.14
N ASP B 181 6.59 23.90 -3.32
CA ASP B 181 6.95 23.88 -1.92
C ASP B 181 6.23 22.76 -1.18
N GLY B 182 5.19 22.22 -1.81
CA GLY B 182 4.44 21.14 -1.19
C GLY B 182 3.23 20.86 -2.06
N ILE B 183 2.28 20.10 -1.51
CA ILE B 183 1.08 19.79 -2.25
C ILE B 183 -0.11 19.80 -1.31
N GLU B 184 -1.30 19.83 -1.90
CA GLU B 184 -2.50 19.78 -1.09
C GLU B 184 -3.16 18.50 -1.56
N ILE B 185 -3.63 17.69 -0.60
CA ILE B 185 -4.33 16.48 -0.96
C ILE B 185 -5.76 16.95 -1.09
N HIS B 186 -6.21 17.09 -2.33
CA HIS B 186 -7.56 17.54 -2.57
C HIS B 186 -8.51 16.42 -2.18
N GLY B 187 -9.18 16.58 -1.04
CA GLY B 187 -10.11 15.54 -0.59
C GLY B 187 -11.50 16.11 -0.35
N ALA B 188 -11.92 17.04 -1.20
CA ALA B 188 -13.21 17.68 -1.00
C ALA B 188 -14.02 17.82 -2.28
N HIS B 189 -15.17 18.48 -2.15
CA HIS B 189 -16.02 18.79 -3.30
C HIS B 189 -16.60 17.64 -4.12
N GLY B 190 -16.73 16.46 -3.52
CA GLY B 190 -17.30 15.33 -4.24
C GLY B 190 -16.36 14.60 -5.17
N TYR B 191 -15.08 14.89 -5.07
CA TYR B 191 -14.12 14.21 -5.91
C TYR B 191 -13.73 12.85 -5.32
N LEU B 192 -12.83 12.12 -5.98
CA LEU B 192 -12.48 10.77 -5.53
C LEU B 192 -12.41 10.55 -4.02
N ILE B 193 -11.51 11.24 -3.34
CA ILE B 193 -11.38 11.07 -1.91
C ILE B 193 -12.71 11.34 -1.20
N ASP B 194 -13.39 12.41 -1.58
CA ASP B 194 -14.66 12.74 -0.96
C ASP B 194 -15.71 11.65 -1.25
N GLN B 195 -15.55 10.97 -2.38
CA GLN B 195 -16.47 9.91 -2.76
C GLN B 195 -16.34 8.74 -1.79
N PHE B 196 -15.25 8.71 -1.00
CA PHE B 196 -15.10 7.66 0.01
C PHE B 196 -15.57 8.22 1.35
N LEU B 197 -15.23 9.48 1.59
CA LEU B 197 -15.59 10.16 2.84
C LEU B 197 -17.09 10.39 3.04
N LYS B 198 -17.80 10.80 2.00
CA LYS B 198 -19.23 11.08 2.13
C LYS B 198 -20.05 9.81 2.27
N ASP B 199 -20.84 9.73 3.33
CA ASP B 199 -21.66 8.56 3.57
C ASP B 199 -22.89 8.59 2.67
N GLY B 200 -22.99 9.65 1.88
CA GLY B 200 -24.10 9.77 0.94
C GLY B 200 -23.69 9.15 -0.39
N ILE B 201 -22.37 9.03 -0.59
CA ILE B 201 -21.83 8.46 -1.82
C ILE B 201 -21.28 7.08 -1.60
N ASN B 202 -20.50 6.92 -0.54
CA ASN B 202 -19.86 5.64 -0.23
C ASN B 202 -20.83 4.56 0.20
N ASP B 203 -21.32 3.78 -0.75
CA ASP B 203 -22.22 2.70 -0.45
C ASP B 203 -21.44 1.40 -0.35
N ARG B 204 -20.11 1.51 -0.26
CA ARG B 204 -19.25 0.33 -0.16
C ARG B 204 -19.53 -0.38 1.14
N THR B 205 -19.33 -1.70 1.12
CA THR B 205 -19.56 -2.54 2.29
C THR B 205 -18.28 -3.19 2.80
N ASP B 206 -17.15 -2.87 2.18
CA ASP B 206 -15.89 -3.44 2.65
C ASP B 206 -15.27 -2.52 3.71
N GLN B 207 -13.97 -2.65 3.91
CA GLN B 207 -13.27 -1.83 4.92
C GLN B 207 -13.12 -0.37 4.55
N TYR B 208 -13.65 0.03 3.41
CA TYR B 208 -13.57 1.44 3.02
C TYR B 208 -14.93 2.10 3.13
N GLY B 209 -15.94 1.32 3.50
CA GLY B 209 -17.28 1.89 3.60
C GLY B 209 -17.97 1.73 4.93
N GLY B 210 -19.12 2.38 5.07
CA GLY B 210 -19.88 2.30 6.31
C GLY B 210 -19.50 3.36 7.34
N SER B 211 -18.83 2.91 8.40
CA SER B 211 -18.39 3.77 9.47
C SER B 211 -17.38 4.82 8.95
N ILE B 212 -17.29 5.94 9.65
CA ILE B 212 -16.37 6.99 9.24
C ILE B 212 -14.95 6.48 9.15
N ALA B 213 -14.56 5.66 10.12
CA ALA B 213 -13.22 5.09 10.11
C ALA B 213 -12.95 4.49 8.74
N ASN B 214 -13.86 3.66 8.25
CA ASN B 214 -13.70 3.01 6.95
C ASN B 214 -13.73 4.04 5.83
N ARG B 215 -14.62 5.02 5.95
CA ARG B 215 -14.73 6.04 4.91
C ARG B 215 -13.48 6.92 4.88
N CYS B 216 -12.75 6.98 5.98
CA CYS B 216 -11.55 7.80 6.04
C CYS B 216 -10.28 7.05 5.64
N ARG B 217 -10.36 5.73 5.61
CA ARG B 217 -9.20 4.92 5.28
C ARG B 217 -8.46 5.40 4.04
N PHE B 218 -9.19 5.61 2.96
CA PHE B 218 -8.55 6.03 1.73
C PHE B 218 -7.77 7.33 1.90
N LEU B 219 -8.46 8.36 2.39
CA LEU B 219 -7.83 9.65 2.63
C LEU B 219 -6.57 9.46 3.48
N LYS B 220 -6.71 8.64 4.51
CA LYS B 220 -5.61 8.37 5.42
C LYS B 220 -4.42 7.75 4.68
N GLN B 221 -4.68 6.73 3.88
CA GLN B 221 -3.62 6.08 3.13
C GLN B 221 -2.98 7.11 2.21
N VAL B 222 -3.79 7.96 1.58
CA VAL B 222 -3.24 8.98 0.71
C VAL B 222 -2.38 9.95 1.51
N VAL B 223 -2.87 10.42 2.65
CA VAL B 223 -2.08 11.35 3.45
C VAL B 223 -0.82 10.66 3.96
N GLU B 224 -0.98 9.45 4.50
CA GLU B 224 0.19 8.72 4.99
C GLU B 224 1.22 8.54 3.88
N GLY B 225 0.75 8.12 2.72
CA GLY B 225 1.67 7.90 1.60
C GLY B 225 2.36 9.19 1.21
N VAL B 226 1.59 10.25 1.10
CA VAL B 226 2.14 11.55 0.73
C VAL B 226 3.05 12.10 1.83
N VAL B 227 2.60 11.98 3.08
CA VAL B 227 3.38 12.47 4.21
C VAL B 227 4.69 11.69 4.30
N SER B 228 4.59 10.37 4.12
CA SER B 228 5.76 9.51 4.16
C SER B 228 6.66 9.95 3.02
N ALA B 229 6.03 10.04 1.86
CA ALA B 229 6.72 10.39 0.63
C ALA B 229 7.55 11.66 0.72
N ILE B 230 6.89 12.81 0.67
CA ILE B 230 7.60 14.09 0.69
C ILE B 230 7.77 14.77 2.03
N GLY B 231 7.09 14.27 3.05
CA GLY B 231 7.18 14.90 4.37
C GLY B 231 5.90 15.60 4.76
N ALA B 232 5.48 15.40 6.00
CA ALA B 232 4.26 16.00 6.54
C ALA B 232 4.15 17.52 6.45
N SER B 233 5.23 18.21 6.79
CA SER B 233 5.21 19.66 6.80
C SER B 233 5.08 20.23 5.40
N LYS B 234 5.10 19.37 4.38
CA LYS B 234 4.96 19.82 3.01
C LYS B 234 3.62 19.33 2.45
N VAL B 235 2.71 18.99 3.35
CA VAL B 235 1.43 18.49 2.91
C VAL B 235 0.23 19.19 3.53
N GLY B 236 -0.65 19.67 2.65
CA GLY B 236 -1.87 20.29 3.09
C GLY B 236 -2.96 19.28 2.75
N VAL B 237 -4.11 19.38 3.40
CA VAL B 237 -5.21 18.46 3.16
C VAL B 237 -6.50 19.26 3.08
N ARG B 238 -7.16 19.23 1.92
CA ARG B 238 -8.41 19.95 1.76
C ARG B 238 -9.61 19.01 1.85
N VAL B 239 -10.64 19.44 2.58
CA VAL B 239 -11.87 18.67 2.72
C VAL B 239 -13.00 19.69 2.90
N SER B 240 -14.24 19.26 2.68
CA SER B 240 -15.42 20.12 2.85
C SER B 240 -16.63 19.22 3.13
N PRO B 241 -16.69 18.66 4.34
CA PRO B 241 -17.74 17.76 4.82
C PRO B 241 -19.16 18.29 4.61
N ALA B 242 -19.29 19.61 4.53
CA ALA B 242 -20.60 20.23 4.39
C ALA B 242 -20.81 20.89 3.04
N ILE B 243 -20.06 20.45 2.05
CA ILE B 243 -20.20 20.97 0.70
C ILE B 243 -20.83 19.80 -0.06
N ASP B 244 -21.95 20.03 -0.72
CA ASP B 244 -22.62 18.98 -1.45
C ASP B 244 -22.36 19.08 -2.96
N HIS B 245 -21.12 19.40 -3.29
CA HIS B 245 -20.72 19.49 -4.69
C HIS B 245 -20.68 18.08 -5.26
N LEU B 246 -21.50 17.85 -6.28
CA LEU B 246 -21.57 16.55 -6.95
C LEU B 246 -22.11 15.43 -6.06
N ASP B 247 -23.21 15.70 -5.35
CA ASP B 247 -23.86 14.74 -4.46
C ASP B 247 -23.03 14.42 -3.23
N ALA B 248 -21.89 15.08 -3.07
CA ALA B 248 -21.05 14.84 -1.92
C ALA B 248 -21.82 15.22 -0.67
N THR B 249 -22.55 14.28 -0.09
CA THR B 249 -23.32 14.56 1.11
C THR B 249 -23.01 13.57 2.22
N ASP B 250 -23.07 14.06 3.44
CA ASP B 250 -22.86 13.21 4.59
C ASP B 250 -23.96 13.51 5.59
N SER B 251 -24.58 12.46 6.10
CA SER B 251 -25.66 12.60 7.07
C SER B 251 -25.24 13.38 8.32
N ASP B 252 -23.93 13.49 8.55
CA ASP B 252 -23.43 14.20 9.70
C ASP B 252 -22.07 14.80 9.40
N PRO B 253 -22.06 15.94 8.70
CA PRO B 253 -20.80 16.60 8.34
C PRO B 253 -19.84 16.83 9.51
N LEU B 254 -20.37 17.08 10.69
CA LEU B 254 -19.50 17.31 11.85
C LEU B 254 -18.70 16.08 12.23
N SER B 255 -19.38 14.96 12.44
CA SER B 255 -18.67 13.76 12.83
C SER B 255 -17.68 13.33 11.75
N LEU B 256 -18.06 13.53 10.49
CA LEU B 256 -17.14 13.17 9.41
C LEU B 256 -15.91 14.06 9.47
N GLY B 257 -16.13 15.35 9.71
CA GLY B 257 -15.03 16.28 9.80
C GLY B 257 -14.08 15.96 10.95
N LEU B 258 -14.63 15.47 12.05
CA LEU B 258 -13.82 15.16 13.22
C LEU B 258 -13.07 13.86 13.01
N ALA B 259 -13.70 12.91 12.34
CA ALA B 259 -13.07 11.64 12.05
C ALA B 259 -11.87 11.99 11.19
N VAL B 260 -11.97 13.08 10.45
CA VAL B 260 -10.87 13.51 9.61
C VAL B 260 -9.85 14.28 10.43
N VAL B 261 -10.32 15.27 11.18
CA VAL B 261 -9.42 16.06 11.99
C VAL B 261 -8.70 15.12 12.96
N GLY B 262 -9.43 14.13 13.46
CA GLY B 262 -8.85 13.18 14.41
C GLY B 262 -7.83 12.31 13.73
N MET B 263 -8.18 11.82 12.55
CA MET B 263 -7.26 10.96 11.80
C MET B 263 -5.99 11.75 11.51
N LEU B 264 -6.14 13.03 11.16
CA LEU B 264 -4.97 13.85 10.86
C LEU B 264 -4.14 14.13 12.11
N ASN B 265 -4.82 14.42 13.23
CA ASN B 265 -4.08 14.69 14.46
C ASN B 265 -3.33 13.42 14.87
N LYS B 266 -4.02 12.28 14.75
CA LYS B 266 -3.42 11.00 15.13
C LYS B 266 -2.19 10.76 14.26
N LEU B 267 -2.31 11.10 12.97
CA LEU B 267 -1.22 10.92 12.03
C LEU B 267 -0.08 11.87 12.38
N GLN B 268 -0.41 13.06 12.85
CA GLN B 268 0.60 14.03 13.22
C GLN B 268 1.27 13.61 14.51
N GLY B 269 0.48 13.26 15.51
CA GLY B 269 1.03 12.85 16.80
C GLY B 269 2.09 11.77 16.71
N VAL B 270 1.89 10.82 15.82
CA VAL B 270 2.82 9.70 15.61
C VAL B 270 3.93 10.07 14.62
N ASN B 271 3.60 10.91 13.65
CA ASN B 271 4.59 11.31 12.64
C ASN B 271 5.56 12.35 13.21
N GLY B 272 5.27 12.84 14.41
CA GLY B 272 6.13 13.83 15.04
C GLY B 272 6.39 15.04 14.16
N SER B 273 5.37 15.42 13.40
CA SER B 273 5.49 16.56 12.50
C SER B 273 4.10 16.97 12.00
N LYS B 274 3.82 18.27 12.09
CA LYS B 274 2.54 18.79 11.65
C LYS B 274 2.42 18.92 10.15
N LEU B 275 1.22 18.67 9.66
CA LEU B 275 0.95 18.81 8.25
C LEU B 275 1.11 20.31 8.02
N ALA B 276 1.27 20.71 6.76
CA ALA B 276 1.41 22.12 6.46
C ALA B 276 0.13 22.79 6.92
N TYR B 277 -1.00 22.13 6.71
CA TYR B 277 -2.29 22.66 7.13
C TYR B 277 -3.43 21.77 6.72
N LEU B 278 -4.60 22.12 7.25
CA LEU B 278 -5.87 21.48 6.95
C LEU B 278 -6.65 22.62 6.31
N HIS B 279 -7.23 22.35 5.15
CA HIS B 279 -7.96 23.34 4.40
C HIS B 279 -9.43 22.91 4.37
N VAL B 280 -10.32 23.80 4.80
CA VAL B 280 -11.73 23.47 4.84
C VAL B 280 -12.56 24.51 4.13
N THR B 281 -13.15 24.08 3.02
CA THR B 281 -14.00 24.94 2.24
C THR B 281 -15.36 24.77 2.85
N GLN B 282 -15.91 25.84 3.37
CA GLN B 282 -17.21 25.81 3.98
C GLN B 282 -18.24 26.21 2.95
N PRO B 283 -19.47 25.72 3.12
CA PRO B 283 -20.53 26.06 2.19
C PRO B 283 -21.12 27.39 2.69
N ARG B 284 -21.83 28.08 1.81
CA ARG B 284 -22.46 29.35 2.15
C ARG B 284 -23.94 29.09 1.89
N TYR B 285 -24.80 29.71 2.69
CA TYR B 285 -26.23 29.50 2.52
C TYR B 285 -26.82 30.61 1.66
N HIS B 286 -28.03 30.35 1.17
CA HIS B 286 -28.76 31.30 0.33
C HIS B 286 -29.66 32.14 1.24
N ALA B 287 -29.35 33.42 1.34
CA ALA B 287 -30.11 34.34 2.19
C ALA B 287 -31.28 34.96 1.41
N TYR B 288 -32.04 35.81 2.09
CA TYR B 288 -33.18 36.48 1.48
C TYR B 288 -33.15 37.97 1.83
N ASP B 299 -23.96 31.94 8.80
CA ASP B 299 -25.00 31.81 9.82
C ASP B 299 -24.44 31.42 11.18
N GLU B 300 -24.95 30.34 11.75
CA GLU B 300 -24.49 29.87 13.05
C GLU B 300 -23.96 28.45 12.94
N GLU B 301 -24.69 27.59 12.21
CA GLU B 301 -24.27 26.20 12.04
C GLU B 301 -23.07 26.05 11.10
N GLU B 302 -22.85 27.05 10.26
CA GLU B 302 -21.73 27.04 9.33
C GLU B 302 -20.44 27.39 10.07
N ALA B 303 -20.52 28.43 10.89
CA ALA B 303 -19.38 28.88 11.66
C ALA B 303 -19.02 27.88 12.73
N LYS B 304 -20.03 27.32 13.39
CA LYS B 304 -19.81 26.36 14.46
C LYS B 304 -19.13 25.10 13.93
N LEU B 305 -19.55 24.64 12.76
CA LEU B 305 -18.94 23.46 12.18
C LEU B 305 -17.46 23.76 11.94
N MET B 306 -17.20 24.90 11.29
CA MET B 306 -15.84 25.31 10.99
C MET B 306 -14.99 25.46 12.23
N LYS B 307 -15.57 26.05 13.27
CA LYS B 307 -14.85 26.27 14.51
C LYS B 307 -14.53 24.94 15.19
N SER B 308 -15.47 24.00 15.11
CA SER B 308 -15.26 22.68 15.71
C SER B 308 -14.02 22.05 15.10
N LEU B 309 -14.04 21.89 13.79
CA LEU B 309 -12.92 21.28 13.08
C LEU B 309 -11.64 22.05 13.43
N ARG B 310 -11.74 23.37 13.38
CA ARG B 310 -10.60 24.22 13.66
C ARG B 310 -10.02 23.96 15.04
N MET B 311 -10.83 24.12 16.08
CA MET B 311 -10.33 23.89 17.44
C MET B 311 -9.88 22.43 17.62
N ALA B 312 -10.59 21.51 16.97
CA ALA B 312 -10.26 20.08 17.09
C ALA B 312 -8.97 19.74 16.39
N TYR B 313 -8.64 20.49 15.34
CA TYR B 313 -7.44 20.23 14.57
C TYR B 313 -6.18 20.83 15.15
N ASN B 314 -5.17 19.98 15.36
CA ASN B 314 -3.90 20.44 15.89
C ASN B 314 -3.02 20.94 14.76
N GLY B 315 -3.16 22.22 14.40
CA GLY B 315 -2.35 22.74 13.33
C GLY B 315 -2.94 23.95 12.66
N THR B 316 -2.43 24.26 11.48
CA THR B 316 -2.87 25.41 10.73
C THR B 316 -4.18 25.12 10.04
N PHE B 317 -5.16 25.98 10.28
CA PHE B 317 -6.46 25.80 9.70
C PHE B 317 -6.63 26.79 8.58
N MET B 318 -7.13 26.32 7.45
CA MET B 318 -7.34 27.21 6.32
C MET B 318 -8.81 27.14 5.95
N SER B 319 -9.48 28.30 6.02
CA SER B 319 -10.88 28.37 5.68
C SER B 319 -11.03 28.86 4.27
N SER B 320 -12.12 28.46 3.63
CA SER B 320 -12.41 28.87 2.28
C SER B 320 -13.89 28.79 1.99
N GLY B 321 -14.32 29.44 0.91
CA GLY B 321 -15.71 29.38 0.53
C GLY B 321 -16.46 30.65 0.85
N GLY B 322 -16.78 31.40 -0.19
CA GLY B 322 -17.53 32.64 -0.01
C GLY B 322 -16.88 33.73 0.82
N PHE B 323 -15.56 33.73 0.94
CA PHE B 323 -14.92 34.76 1.74
C PHE B 323 -14.62 36.02 0.96
N ASN B 324 -14.63 37.15 1.67
CA ASN B 324 -14.26 38.43 1.08
C ASN B 324 -13.29 38.99 2.11
N LYS B 325 -12.77 40.19 1.89
CA LYS B 325 -11.82 40.73 2.85
C LYS B 325 -12.36 40.73 4.29
N GLU B 326 -13.54 41.31 4.49
CA GLU B 326 -14.14 41.40 5.82
C GLU B 326 -14.32 40.04 6.54
N LEU B 327 -14.85 39.06 5.84
CA LEU B 327 -15.05 37.75 6.43
C LEU B 327 -13.69 37.15 6.77
N GLY B 328 -12.71 37.41 5.90
CA GLY B 328 -11.38 36.89 6.13
C GLY B 328 -10.75 37.52 7.35
N MET B 329 -10.86 38.84 7.43
CA MET B 329 -10.32 39.61 8.55
C MET B 329 -11.03 39.13 9.82
N GLN B 330 -12.33 38.92 9.71
CA GLN B 330 -13.12 38.44 10.83
C GLN B 330 -12.63 37.07 11.28
N ALA B 331 -12.47 36.15 10.32
CA ALA B 331 -11.98 34.80 10.60
C ALA B 331 -10.64 34.83 11.34
N VAL B 332 -9.65 35.54 10.79
CA VAL B 332 -8.35 35.57 11.44
C VAL B 332 -8.40 36.30 12.79
N GLN B 333 -8.98 37.50 12.79
CA GLN B 333 -9.09 38.29 14.02
C GLN B 333 -9.78 37.51 15.15
N GLN B 334 -10.80 36.73 14.81
CA GLN B 334 -11.55 35.96 15.79
C GLN B 334 -11.00 34.56 16.09
N GLY B 335 -9.85 34.22 15.51
CA GLY B 335 -9.26 32.92 15.75
C GLY B 335 -10.02 31.83 15.02
N ASP B 336 -10.85 32.21 14.06
CA ASP B 336 -11.63 31.25 13.29
C ASP B 336 -10.74 30.46 12.32
N ALA B 337 -9.75 31.12 11.75
CA ALA B 337 -8.86 30.47 10.81
C ALA B 337 -7.51 31.15 10.88
N ASP B 338 -6.47 30.43 10.48
CA ASP B 338 -5.14 31.02 10.47
C ASP B 338 -4.91 31.59 9.07
N LEU B 339 -5.51 30.93 8.09
CA LEU B 339 -5.41 31.30 6.69
C LEU B 339 -6.78 31.19 6.04
N VAL B 340 -7.02 32.07 5.08
CA VAL B 340 -8.28 32.08 4.36
C VAL B 340 -7.92 32.07 2.87
N SER B 341 -8.50 31.14 2.12
CA SER B 341 -8.23 31.06 0.69
C SER B 341 -9.34 31.66 -0.14
N TYR B 342 -8.95 32.52 -1.08
CA TYR B 342 -9.87 33.19 -1.96
C TYR B 342 -9.68 32.64 -3.36
N GLY B 343 -10.79 32.33 -4.02
CA GLY B 343 -10.71 31.82 -5.35
C GLY B 343 -11.15 32.81 -6.41
N ARG B 344 -12.46 32.97 -6.55
CA ARG B 344 -13.03 33.87 -7.54
C ARG B 344 -12.50 35.29 -7.48
N LEU B 345 -12.41 35.86 -6.27
CA LEU B 345 -11.90 37.22 -6.14
C LEU B 345 -10.48 37.28 -6.64
N PHE B 346 -9.76 36.17 -6.50
CA PHE B 346 -8.38 36.11 -6.95
C PHE B 346 -8.35 35.94 -8.45
N ILE B 347 -9.37 35.26 -8.98
CA ILE B 347 -9.43 35.07 -10.43
C ILE B 347 -9.40 36.45 -11.10
N ALA B 348 -10.30 37.31 -10.64
CA ALA B 348 -10.48 38.65 -11.20
C ALA B 348 -9.50 39.69 -10.70
N ASN B 349 -8.87 39.41 -9.57
CA ASN B 349 -7.93 40.35 -8.96
C ASN B 349 -6.62 39.67 -8.63
N PRO B 350 -5.70 39.67 -9.59
CA PRO B 350 -4.41 39.02 -9.36
C PRO B 350 -3.72 39.63 -8.17
N ASP B 351 -4.06 40.89 -7.90
CA ASP B 351 -3.47 41.64 -6.80
C ASP B 351 -4.50 41.80 -5.69
N LEU B 352 -5.15 40.70 -5.34
CA LEU B 352 -6.16 40.74 -4.31
C LEU B 352 -5.58 41.27 -3.01
N VAL B 353 -4.48 40.70 -2.58
CA VAL B 353 -3.86 41.13 -1.33
C VAL B 353 -3.60 42.63 -1.32
N SER B 354 -2.95 43.13 -2.35
CA SER B 354 -2.67 44.56 -2.42
C SER B 354 -3.99 45.33 -2.49
N ARG B 355 -5.02 44.75 -3.09
CA ARG B 355 -6.30 45.45 -3.15
C ARG B 355 -6.89 45.49 -1.75
N PHE B 356 -6.86 44.35 -1.07
CA PHE B 356 -7.37 44.28 0.30
C PHE B 356 -6.64 45.26 1.22
N LYS B 357 -5.33 45.32 1.11
CA LYS B 357 -4.58 46.24 1.95
C LYS B 357 -5.03 47.70 1.81
N ILE B 358 -5.22 48.17 0.56
CA ILE B 358 -5.64 49.54 0.33
C ILE B 358 -7.16 49.64 0.39
N ASP B 359 -7.82 48.51 0.60
CA ASP B 359 -9.28 48.47 0.66
C ASP B 359 -9.79 49.03 -0.67
N GLY B 360 -9.11 48.67 -1.75
CA GLY B 360 -9.47 49.15 -3.06
C GLY B 360 -10.61 48.38 -3.66
N GLU B 361 -11.17 48.91 -4.74
CA GLU B 361 -12.26 48.25 -5.42
C GLU B 361 -11.70 46.95 -6.02
N LEU B 362 -12.58 45.98 -6.25
CA LEU B 362 -12.17 44.69 -6.80
C LEU B 362 -12.76 44.46 -8.18
N ASN B 363 -11.97 43.88 -9.07
CA ASN B 363 -12.47 43.57 -10.40
C ASN B 363 -13.57 42.51 -10.26
N LYS B 364 -14.50 42.47 -11.21
CA LYS B 364 -15.55 41.48 -11.17
C LYS B 364 -15.08 40.29 -11.97
N TYR B 365 -15.26 39.08 -11.43
CA TYR B 365 -14.85 37.88 -12.14
C TYR B 365 -15.89 37.53 -13.21
N ASN B 366 -15.45 36.79 -14.23
CA ASN B 366 -16.36 36.41 -15.30
C ASN B 366 -16.57 34.87 -15.29
N ARG B 367 -17.78 34.45 -14.95
CA ARG B 367 -18.12 33.03 -14.91
C ARG B 367 -17.76 32.30 -16.20
N LYS B 368 -18.13 32.90 -17.32
CA LYS B 368 -17.89 32.30 -18.63
C LYS B 368 -16.43 32.01 -18.94
N THR B 369 -15.53 32.84 -18.45
CA THR B 369 -14.12 32.58 -18.73
C THR B 369 -13.42 31.81 -17.61
N PHE B 370 -14.18 31.02 -16.87
CA PHE B 370 -13.58 30.22 -15.81
C PHE B 370 -12.80 29.04 -16.37
N TYR B 371 -13.43 28.29 -17.25
CA TYR B 371 -12.84 27.09 -17.82
C TYR B 371 -12.54 27.16 -19.30
N THR B 372 -12.57 28.36 -19.86
CA THR B 372 -12.26 28.55 -21.26
C THR B 372 -10.77 28.34 -21.42
N GLN B 373 -10.33 28.20 -22.67
CA GLN B 373 -8.92 27.93 -22.95
C GLN B 373 -8.00 29.10 -23.22
N ASP B 374 -8.54 30.29 -23.49
CA ASP B 374 -7.67 31.41 -23.82
C ASP B 374 -6.59 31.68 -22.77
N PRO B 375 -5.31 31.67 -23.18
CA PRO B 375 -4.18 31.91 -22.28
C PRO B 375 -4.04 33.37 -21.83
N VAL B 376 -5.01 34.19 -22.17
CA VAL B 376 -4.99 35.60 -21.81
C VAL B 376 -6.34 36.09 -21.28
N VAL B 377 -7.33 36.02 -22.16
CA VAL B 377 -8.69 36.46 -21.86
C VAL B 377 -9.28 35.70 -20.68
N GLY B 378 -9.64 36.44 -19.63
CA GLY B 378 -10.21 35.82 -18.45
C GLY B 378 -9.18 35.02 -17.67
N TYR B 379 -7.89 35.22 -17.97
CA TYR B 379 -6.87 34.47 -17.25
C TYR B 379 -5.81 35.37 -16.65
N THR B 380 -5.02 36.00 -17.51
CA THR B 380 -3.97 36.88 -17.02
C THR B 380 -4.21 38.31 -17.49
N ASP B 381 -5.36 38.54 -18.13
CA ASP B 381 -5.66 39.89 -18.62
C ASP B 381 -6.52 40.70 -17.66
N TYR B 382 -6.57 40.26 -16.40
CA TYR B 382 -7.29 41.02 -15.39
C TYR B 382 -6.27 42.08 -14.97
N PRO B 383 -6.69 43.34 -14.90
CA PRO B 383 -5.78 44.43 -14.53
C PRO B 383 -5.34 44.54 -13.09
N PHE B 384 -4.07 44.85 -12.92
CA PHE B 384 -3.48 45.07 -11.62
C PHE B 384 -3.86 46.51 -11.29
N LEU B 385 -3.26 47.06 -10.25
CA LEU B 385 -3.51 48.45 -9.87
C LEU B 385 -2.20 49.21 -9.81
N SER A 8 12.71 -14.78 -23.31
CA SER A 8 11.55 -13.85 -23.39
C SER A 8 12.01 -12.43 -23.05
N ASN A 9 11.09 -11.48 -23.11
CA ASN A 9 11.38 -10.10 -22.77
C ASN A 9 10.75 -9.79 -21.42
N GLU A 10 10.37 -10.85 -20.72
CA GLU A 10 9.75 -10.73 -19.40
C GLU A 10 10.85 -10.61 -18.36
N THR A 11 10.56 -9.85 -17.31
CA THR A 11 11.51 -9.65 -16.24
C THR A 11 10.80 -9.75 -14.90
N LEU A 12 11.52 -9.40 -13.84
CA LEU A 12 10.98 -9.41 -12.50
C LEU A 12 9.87 -8.39 -12.37
N PHE A 13 9.78 -7.49 -13.35
CA PHE A 13 8.76 -6.46 -13.28
C PHE A 13 7.58 -6.72 -14.18
N SER A 14 7.58 -7.88 -14.81
CA SER A 14 6.48 -8.25 -15.69
C SER A 14 5.37 -8.79 -14.80
N SER A 15 4.14 -8.42 -15.12
CA SER A 15 2.99 -8.89 -14.36
C SER A 15 2.91 -10.39 -14.53
N TYR A 16 2.09 -11.03 -13.72
CA TYR A 16 1.94 -12.46 -13.79
C TYR A 16 0.62 -12.88 -13.16
N LYS A 17 0.05 -13.95 -13.68
CA LYS A 17 -1.21 -14.47 -13.17
C LYS A 17 -0.99 -15.80 -12.44
N MET A 18 -1.23 -15.77 -11.14
CA MET A 18 -1.09 -16.95 -10.30
C MET A 18 -2.50 -17.38 -9.96
N GLY A 19 -3.08 -18.17 -10.85
CA GLY A 19 -4.44 -18.62 -10.65
C GLY A 19 -5.31 -17.39 -10.52
N ARG A 20 -6.00 -17.28 -9.39
CA ARG A 20 -6.88 -16.15 -9.11
C ARG A 20 -6.17 -14.84 -8.79
N PHE A 21 -4.87 -14.91 -8.49
CA PHE A 21 -4.12 -13.71 -8.13
C PHE A 21 -3.31 -13.13 -9.28
N ASP A 22 -3.51 -11.84 -9.53
CA ASP A 22 -2.78 -11.14 -10.57
C ASP A 22 -1.65 -10.37 -9.92
N LEU A 23 -0.41 -10.75 -10.21
CA LEU A 23 0.75 -10.07 -9.64
C LEU A 23 1.25 -9.04 -10.63
N SER A 24 1.84 -7.97 -10.11
CA SER A 24 2.35 -6.90 -10.96
C SER A 24 3.83 -7.10 -11.23
N HIS A 25 4.46 -7.91 -10.40
CA HIS A 25 5.88 -8.17 -10.55
C HIS A 25 6.15 -9.55 -10.01
N ARG A 26 7.34 -10.06 -10.31
CA ARG A 26 7.72 -11.43 -9.94
C ARG A 26 8.54 -11.57 -8.67
N VAL A 27 8.81 -10.46 -7.99
CA VAL A 27 9.61 -10.50 -6.77
C VAL A 27 8.75 -10.89 -5.59
N VAL A 28 9.19 -11.94 -4.91
CA VAL A 28 8.44 -12.46 -3.78
C VAL A 28 9.19 -12.38 -2.46
N LEU A 29 8.45 -12.10 -1.39
CA LEU A 29 9.04 -12.07 -0.08
C LEU A 29 9.14 -13.53 0.35
N ALA A 30 10.37 -14.05 0.45
CA ALA A 30 10.55 -15.43 0.87
C ALA A 30 10.05 -15.58 2.30
N PRO A 31 9.45 -16.72 2.63
CA PRO A 31 8.96 -16.91 4.00
C PRO A 31 10.12 -16.81 4.97
N MET A 32 9.99 -15.98 5.99
CA MET A 32 11.07 -15.84 6.96
C MET A 32 10.63 -15.65 8.39
N THR A 33 11.03 -16.59 9.22
CA THR A 33 10.74 -16.56 10.66
C THR A 33 11.58 -15.40 11.17
N ARG A 34 10.98 -14.55 12.00
CA ARG A 34 11.71 -13.39 12.53
C ARG A 34 11.56 -13.35 14.05
N CYS A 35 10.72 -14.24 14.56
CA CYS A 35 10.53 -14.37 15.99
C CYS A 35 10.05 -13.11 16.70
N ARG A 36 9.29 -12.27 16.00
CA ARG A 36 8.76 -11.06 16.60
C ARG A 36 7.34 -11.32 17.05
N ALA A 37 6.88 -12.56 16.87
CA ALA A 37 5.52 -12.93 17.26
C ALA A 37 5.57 -13.59 18.63
N LEU A 38 5.70 -12.76 19.66
CA LEU A 38 5.79 -13.22 21.03
C LEU A 38 4.65 -14.13 21.38
N ASN A 39 4.96 -15.23 22.07
CA ASN A 39 3.96 -16.18 22.52
C ASN A 39 3.20 -16.86 21.39
N GLY A 40 3.76 -16.78 20.19
CA GLY A 40 3.14 -17.43 19.05
C GLY A 40 1.98 -16.76 18.35
N VAL A 41 1.47 -15.67 18.93
CA VAL A 41 0.35 -14.98 18.33
C VAL A 41 0.86 -13.74 17.61
N PRO A 42 0.39 -13.51 16.38
CA PRO A 42 0.79 -12.35 15.59
C PRO A 42 0.49 -11.07 16.38
N ASN A 43 0.93 -9.93 15.86
CA ASN A 43 0.72 -8.67 16.56
C ASN A 43 0.88 -7.56 15.51
N ALA A 44 0.93 -6.31 15.95
CA ALA A 44 1.05 -5.19 15.03
C ALA A 44 2.49 -4.99 14.58
N ALA A 45 3.41 -5.74 15.16
CA ALA A 45 4.81 -5.61 14.77
C ALA A 45 4.96 -6.34 13.43
N LEU A 46 4.33 -7.51 13.31
CA LEU A 46 4.36 -8.28 12.06
C LEU A 46 3.54 -7.52 11.01
N ALA A 47 2.40 -6.97 11.43
CA ALA A 47 1.57 -6.21 10.51
C ALA A 47 2.42 -5.11 9.91
N GLU A 48 3.15 -4.39 10.76
CA GLU A 48 4.00 -3.32 10.30
C GLU A 48 5.07 -3.89 9.38
N TYR A 49 5.70 -4.99 9.81
CA TYR A 49 6.76 -5.59 9.02
C TYR A 49 6.29 -5.94 7.62
N TYR A 50 5.20 -6.68 7.53
CA TYR A 50 4.70 -7.07 6.23
C TYR A 50 4.19 -5.87 5.46
N ALA A 51 3.64 -4.88 6.16
CA ALA A 51 3.15 -3.68 5.51
C ALA A 51 4.31 -3.05 4.73
N GLN A 52 5.44 -2.84 5.40
CA GLN A 52 6.60 -2.23 4.74
C GLN A 52 7.04 -2.99 3.50
N ARG A 53 6.52 -4.20 3.33
CA ARG A 53 6.91 -4.98 2.20
C ARG A 53 5.80 -5.27 1.21
N THR A 54 4.55 -4.96 1.55
CA THR A 54 3.45 -5.24 0.63
C THR A 54 3.15 -4.08 -0.31
N THR A 55 3.81 -4.10 -1.46
CA THR A 55 3.62 -3.09 -2.50
C THR A 55 2.26 -3.41 -3.13
N PRO A 56 1.87 -2.70 -4.19
CA PRO A 56 0.56 -3.12 -4.70
C PRO A 56 0.83 -4.31 -5.61
N GLY A 57 -0.13 -5.21 -5.75
CA GLY A 57 0.07 -6.35 -6.63
C GLY A 57 1.27 -7.25 -6.31
N GLY A 58 1.84 -7.10 -5.10
CA GLY A 58 2.98 -7.92 -4.72
C GLY A 58 2.54 -9.09 -3.84
N PHE A 59 3.24 -10.21 -3.93
CA PHE A 59 2.94 -11.41 -3.16
C PHE A 59 3.69 -11.34 -1.81
N LEU A 60 3.49 -12.33 -0.96
CA LEU A 60 4.17 -12.37 0.32
C LEU A 60 4.08 -13.75 0.96
N ILE A 61 5.23 -14.32 1.27
CA ILE A 61 5.22 -15.61 1.94
C ILE A 61 5.58 -15.36 3.40
N SER A 62 4.58 -15.52 4.27
CA SER A 62 4.79 -15.27 5.68
C SER A 62 5.83 -16.17 6.27
N GLU A 63 6.39 -15.72 7.37
CA GLU A 63 7.35 -16.50 8.13
C GLU A 63 6.64 -17.83 8.40
N GLY A 64 7.40 -18.89 8.59
CA GLY A 64 6.79 -20.17 8.87
C GLY A 64 5.83 -20.00 10.02
N THR A 65 4.67 -20.65 9.94
CA THR A 65 3.66 -20.50 10.97
C THR A 65 3.19 -21.84 11.56
N MET A 66 3.18 -21.92 12.89
CA MET A 66 2.76 -23.13 13.57
C MET A 66 1.39 -23.63 13.13
N VAL A 67 1.26 -24.94 12.98
CA VAL A 67 -0.01 -25.56 12.60
C VAL A 67 -0.67 -26.27 13.80
N SER A 68 0.10 -26.43 14.88
CA SER A 68 -0.43 -27.09 16.07
C SER A 68 0.62 -27.01 17.16
N PRO A 69 0.25 -27.38 18.39
CA PRO A 69 1.28 -27.32 19.43
C PRO A 69 2.39 -28.32 19.09
N GLY A 70 3.63 -27.94 19.39
CA GLY A 70 4.75 -28.83 19.10
C GLY A 70 5.31 -28.59 17.72
N SER A 71 4.65 -27.75 16.93
CA SER A 71 5.08 -27.43 15.57
C SER A 71 6.31 -26.52 15.48
N ALA A 72 6.55 -25.70 16.50
CA ALA A 72 7.67 -24.75 16.49
C ALA A 72 9.04 -25.32 16.84
N GLY A 73 10.06 -24.66 16.31
CA GLY A 73 11.43 -25.06 16.57
C GLY A 73 12.26 -23.83 16.93
N PHE A 74 11.67 -22.66 16.72
CA PHE A 74 12.31 -21.39 17.03
C PHE A 74 11.40 -20.66 18.01
N PRO A 75 11.94 -19.67 18.70
CA PRO A 75 11.13 -18.92 19.67
C PRO A 75 10.26 -17.85 19.01
N HIS A 76 9.12 -17.57 19.64
CA HIS A 76 8.21 -16.55 19.17
C HIS A 76 7.83 -16.58 17.68
N VAL A 77 7.36 -17.74 17.23
CA VAL A 77 6.91 -17.86 15.85
C VAL A 77 5.41 -17.92 15.90
N PRO A 78 4.75 -17.26 14.95
CA PRO A 78 3.29 -17.29 14.96
C PRO A 78 2.70 -18.65 14.63
N GLY A 79 1.47 -18.86 15.09
CA GLY A 79 0.76 -20.08 14.80
C GLY A 79 -0.53 -19.69 14.10
N ILE A 80 -1.19 -20.66 13.49
CA ILE A 80 -2.46 -20.40 12.84
C ILE A 80 -3.40 -21.55 13.14
N TYR A 81 -3.26 -22.12 14.33
CA TYR A 81 -4.10 -23.24 14.74
C TYR A 81 -5.13 -22.84 15.79
N SER A 82 -4.91 -21.69 16.43
CA SER A 82 -5.83 -21.23 17.47
C SER A 82 -6.64 -20.03 17.03
N ASP A 83 -7.88 -19.98 17.50
CA ASP A 83 -8.79 -18.88 17.19
C ASP A 83 -8.13 -17.55 17.53
N GLU A 84 -7.39 -17.53 18.63
CA GLU A 84 -6.73 -16.30 19.03
C GLU A 84 -5.70 -15.91 17.96
N GLN A 85 -5.02 -16.88 17.38
CA GLN A 85 -4.03 -16.58 16.36
C GLN A 85 -4.68 -16.05 15.11
N VAL A 86 -5.83 -16.61 14.75
CA VAL A 86 -6.55 -16.16 13.58
C VAL A 86 -6.88 -14.68 13.68
N GLU A 87 -7.41 -14.27 14.84
CA GLU A 87 -7.78 -12.87 15.03
C GLU A 87 -6.59 -11.92 14.94
N ALA A 88 -5.49 -12.27 15.60
CA ALA A 88 -4.32 -11.40 15.57
C ALA A 88 -3.64 -11.37 14.20
N TRP A 89 -3.90 -12.38 13.37
CA TRP A 89 -3.32 -12.44 12.02
C TRP A 89 -4.04 -11.46 11.11
N LYS A 90 -5.34 -11.26 11.37
CA LYS A 90 -6.16 -10.37 10.59
C LYS A 90 -5.54 -9.00 10.31
N GLN A 91 -4.98 -8.42 11.36
CA GLN A 91 -4.38 -7.09 11.26
C GLN A 91 -3.23 -7.13 10.29
N VAL A 92 -2.47 -8.22 10.31
CA VAL A 92 -1.32 -8.34 9.40
C VAL A 92 -1.82 -8.44 7.97
N VAL A 93 -2.70 -9.39 7.75
CA VAL A 93 -3.30 -9.63 6.44
C VAL A 93 -3.99 -8.37 5.90
N GLU A 94 -4.75 -7.69 6.76
CA GLU A 94 -5.45 -6.47 6.34
C GLU A 94 -4.44 -5.40 5.95
N ALA A 95 -3.34 -5.32 6.71
CA ALA A 95 -2.32 -4.33 6.45
C ALA A 95 -1.67 -4.60 5.11
N VAL A 96 -1.62 -5.87 4.72
CA VAL A 96 -1.03 -6.24 3.45
C VAL A 96 -2.03 -5.96 2.35
N HIS A 97 -3.28 -6.37 2.55
CA HIS A 97 -4.27 -6.14 1.53
C HIS A 97 -4.50 -4.64 1.35
N ALA A 98 -4.33 -3.89 2.44
CA ALA A 98 -4.49 -2.44 2.37
C ALA A 98 -3.55 -1.95 1.29
N LYS A 99 -2.32 -2.45 1.31
CA LYS A 99 -1.35 -2.05 0.30
C LYS A 99 -1.54 -2.89 -0.96
N GLY A 100 -2.67 -3.59 -1.02
CA GLY A 100 -2.99 -4.40 -2.18
C GLY A 100 -2.07 -5.55 -2.55
N GLY A 101 -1.41 -6.15 -1.57
CA GLY A 101 -0.55 -7.26 -1.87
C GLY A 101 -1.27 -8.56 -1.54
N PHE A 102 -0.68 -9.69 -1.94
CA PHE A 102 -1.26 -10.98 -1.60
C PHE A 102 -0.31 -11.60 -0.60
N ILE A 103 -0.87 -12.29 0.38
CA ILE A 103 -0.03 -12.92 1.35
C ILE A 103 -0.47 -14.34 1.66
N PHE A 104 0.47 -15.26 1.54
CA PHE A 104 0.19 -16.65 1.86
C PHE A 104 0.81 -16.93 3.21
N CYS A 105 0.12 -17.74 4.00
CA CYS A 105 0.63 -18.11 5.30
C CYS A 105 1.33 -19.45 5.17
N GLN A 106 2.63 -19.48 5.44
CA GLN A 106 3.34 -20.74 5.34
C GLN A 106 3.07 -21.57 6.60
N LEU A 107 2.47 -22.74 6.40
CA LEU A 107 2.16 -23.64 7.49
C LEU A 107 3.47 -24.39 7.74
N TRP A 108 3.94 -24.31 8.97
CA TRP A 108 5.23 -24.88 9.29
C TRP A 108 5.28 -25.72 10.54
N HIS A 109 5.73 -26.95 10.37
CA HIS A 109 5.90 -27.85 11.50
C HIS A 109 7.33 -28.33 11.34
N VAL A 110 8.15 -28.05 12.36
CA VAL A 110 9.56 -28.40 12.34
C VAL A 110 9.88 -29.85 12.61
N GLY A 111 8.89 -30.61 13.05
CA GLY A 111 9.13 -32.01 13.32
C GLY A 111 10.27 -32.12 14.31
N ARG A 112 11.23 -33.01 14.03
CA ARG A 112 12.35 -33.22 14.92
C ARG A 112 13.23 -32.01 15.20
N ALA A 113 13.19 -31.02 14.31
CA ALA A 113 14.00 -29.83 14.49
C ALA A 113 13.36 -28.92 15.54
N SER A 114 13.18 -29.48 16.73
CA SER A 114 12.57 -28.73 17.83
C SER A 114 13.30 -29.07 19.11
N HIS A 115 12.59 -28.92 20.23
CA HIS A 115 13.16 -29.18 21.53
C HIS A 115 12.02 -29.36 22.54
N ALA A 116 12.36 -29.90 23.70
CA ALA A 116 11.36 -30.09 24.75
C ALA A 116 10.67 -28.76 25.02
N VAL A 117 11.44 -27.68 24.99
CA VAL A 117 10.92 -26.35 25.23
C VAL A 117 9.76 -26.01 24.28
N TYR A 118 9.80 -26.57 23.08
CA TYR A 118 8.77 -26.29 22.09
C TYR A 118 7.76 -27.43 21.99
N GLN A 119 7.59 -28.18 23.06
CA GLN A 119 6.63 -29.26 23.02
C GLN A 119 5.66 -29.22 24.18
N PRO A 120 4.37 -29.44 23.89
CA PRO A 120 3.44 -29.44 25.00
C PRO A 120 3.88 -30.54 25.99
N ASN A 121 3.87 -30.22 27.28
CA ASN A 121 4.27 -31.15 28.32
C ASN A 121 5.76 -31.51 28.21
N GLY A 122 6.51 -30.65 27.53
CA GLY A 122 7.94 -30.87 27.37
C GLY A 122 8.24 -32.21 26.75
N GLY A 123 7.29 -32.70 25.95
CA GLY A 123 7.46 -33.99 25.30
C GLY A 123 8.49 -33.95 24.20
N SER A 124 8.72 -35.10 23.57
CA SER A 124 9.69 -35.21 22.51
C SER A 124 9.10 -34.78 21.18
N PRO A 125 9.77 -33.85 20.49
CA PRO A 125 9.25 -33.41 19.20
C PRO A 125 9.03 -34.67 18.36
N ILE A 126 8.11 -34.64 17.41
CA ILE A 126 7.89 -35.82 16.60
C ILE A 126 8.60 -35.71 15.26
N SER A 127 8.71 -36.84 14.58
CA SER A 127 9.37 -36.87 13.29
C SER A 127 9.03 -38.12 12.51
N SER A 128 9.68 -38.28 11.36
CA SER A 128 9.46 -39.45 10.55
C SER A 128 10.27 -40.57 11.19
N THR A 129 11.31 -40.17 11.90
CA THR A 129 12.25 -41.07 12.54
C THR A 129 12.46 -40.79 14.04
N ASN A 130 13.08 -41.74 14.74
CA ASN A 130 13.37 -41.59 16.15
C ASN A 130 14.81 -41.09 16.24
N LYS A 131 15.44 -40.89 15.08
CA LYS A 131 16.82 -40.43 15.02
C LYS A 131 16.89 -38.90 15.10
N PRO A 132 17.80 -38.37 15.91
CA PRO A 132 17.93 -36.91 16.05
C PRO A 132 18.84 -36.29 15.00
N ILE A 133 18.72 -34.97 14.86
CA ILE A 133 19.57 -34.22 13.94
C ILE A 133 20.97 -34.36 14.56
N SER A 134 22.01 -34.50 13.74
CA SER A 134 23.37 -34.65 14.29
C SER A 134 23.72 -33.47 15.21
N GLU A 135 24.56 -33.72 16.21
CA GLU A 135 24.88 -32.67 17.18
C GLU A 135 26.06 -31.72 16.96
N ASN A 136 26.67 -31.75 15.78
CA ASN A 136 27.84 -30.89 15.57
C ASN A 136 27.67 -29.56 14.83
N ARG A 137 26.85 -29.53 13.79
CA ARG A 137 26.66 -28.28 13.05
C ARG A 137 25.31 -27.64 13.34
N TRP A 138 24.35 -28.46 13.78
CA TRP A 138 23.01 -27.95 14.03
C TRP A 138 22.65 -27.74 15.48
N ARG A 139 21.98 -26.62 15.73
CA ARG A 139 21.54 -26.27 17.08
C ARG A 139 20.13 -25.70 16.99
N VAL A 140 19.31 -25.96 18.00
CA VAL A 140 17.99 -25.40 18.00
C VAL A 140 18.15 -24.13 18.81
N LEU A 141 17.56 -23.05 18.31
CA LEU A 141 17.62 -21.75 18.99
C LEU A 141 16.52 -21.68 20.04
N LEU A 142 16.92 -21.52 21.30
CA LEU A 142 15.97 -21.42 22.41
C LEU A 142 15.61 -19.96 22.69
N PRO A 143 14.43 -19.73 23.28
CA PRO A 143 13.92 -18.40 23.62
C PRO A 143 14.87 -17.54 24.43
N ASP A 144 15.71 -18.17 25.26
CA ASP A 144 16.64 -17.39 26.06
C ASP A 144 17.86 -17.03 25.23
N GLY A 145 17.78 -17.26 23.93
CA GLY A 145 18.88 -16.92 23.04
C GLY A 145 19.98 -17.95 22.96
N SER A 146 19.96 -18.93 23.84
CA SER A 146 20.99 -19.96 23.82
C SER A 146 20.74 -20.88 22.63
N HIS A 147 21.78 -21.64 22.29
CA HIS A 147 21.75 -22.61 21.22
C HIS A 147 22.16 -23.94 21.84
N VAL A 148 21.33 -24.96 21.68
CA VAL A 148 21.63 -26.27 22.22
C VAL A 148 21.40 -27.28 21.12
N LYS A 149 22.03 -28.46 21.26
CA LYS A 149 21.87 -29.51 20.28
C LYS A 149 20.42 -30.01 20.25
N TYR A 150 20.02 -30.61 19.14
CA TYR A 150 18.67 -31.13 18.96
C TYR A 150 18.47 -32.42 19.73
N PRO A 151 17.28 -32.62 20.30
CA PRO A 151 17.03 -33.85 21.06
C PRO A 151 16.59 -34.99 20.16
N LYS A 152 16.46 -36.15 20.78
CA LYS A 152 16.01 -37.36 20.11
C LYS A 152 14.51 -37.22 19.92
N PRO A 153 14.04 -37.32 18.66
CA PRO A 153 12.61 -37.19 18.39
C PRO A 153 11.89 -38.54 18.51
N ARG A 154 10.56 -38.49 18.55
CA ARG A 154 9.73 -39.68 18.62
C ARG A 154 9.12 -39.83 17.23
N ALA A 155 9.46 -40.92 16.56
CA ALA A 155 8.94 -41.17 15.22
C ALA A 155 7.42 -41.31 15.33
N LEU A 156 6.71 -40.73 14.37
CA LEU A 156 5.26 -40.80 14.34
C LEU A 156 4.83 -42.21 13.92
N GLU A 157 3.79 -42.73 14.53
CA GLU A 157 3.28 -44.02 14.15
C GLU A 157 2.32 -43.66 13.03
N ALA A 158 2.23 -44.53 12.02
CA ALA A 158 1.35 -44.28 10.88
C ALA A 158 -0.04 -43.81 11.32
N SER A 159 -0.49 -44.31 12.47
CA SER A 159 -1.80 -43.96 13.00
C SER A 159 -1.94 -42.50 13.43
N GLU A 160 -0.82 -41.84 13.68
CA GLU A 160 -0.88 -40.44 14.13
C GLU A 160 -0.78 -39.44 12.99
N ILE A 161 -0.18 -39.87 11.89
CA ILE A 161 -0.02 -38.99 10.75
C ILE A 161 -1.32 -38.33 10.30
N PRO A 162 -2.46 -39.03 10.44
CA PRO A 162 -3.71 -38.41 10.01
C PRO A 162 -4.03 -37.16 10.80
N ARG A 163 -3.70 -37.17 12.09
CA ARG A 163 -3.96 -36.02 12.94
C ARG A 163 -3.03 -34.87 12.54
N VAL A 164 -1.81 -35.19 12.16
CA VAL A 164 -0.87 -34.16 11.74
C VAL A 164 -1.34 -33.59 10.41
N VAL A 165 -1.78 -34.46 9.49
CA VAL A 165 -2.28 -34.00 8.21
C VAL A 165 -3.47 -33.07 8.49
N GLU A 166 -4.35 -33.52 9.37
CA GLU A 166 -5.51 -32.74 9.74
C GLU A 166 -5.10 -31.38 10.34
N ASP A 167 -3.98 -31.37 11.07
CA ASP A 167 -3.48 -30.13 11.66
C ASP A 167 -3.17 -29.10 10.56
N TYR A 168 -2.58 -29.55 9.45
CA TYR A 168 -2.32 -28.61 8.38
C TYR A 168 -3.65 -28.14 7.79
N CYS A 169 -4.56 -29.08 7.56
CA CYS A 169 -5.87 -28.74 7.00
C CYS A 169 -6.55 -27.64 7.82
N LEU A 170 -6.64 -27.85 9.13
CA LEU A 170 -7.25 -26.89 10.05
C LEU A 170 -6.48 -25.58 9.93
N SER A 171 -5.20 -25.68 9.60
CA SER A 171 -4.38 -24.48 9.47
C SER A 171 -4.76 -23.75 8.21
N ALA A 172 -4.86 -24.48 7.11
CA ALA A 172 -5.23 -23.85 5.86
C ALA A 172 -6.56 -23.13 6.00
N LEU A 173 -7.48 -23.70 6.79
CA LEU A 173 -8.79 -23.08 7.00
C LEU A 173 -8.69 -21.91 7.97
N ASN A 174 -7.80 -22.03 8.96
CA ASN A 174 -7.61 -20.96 9.93
C ASN A 174 -6.96 -19.78 9.20
N ALA A 175 -6.10 -20.09 8.25
CA ALA A 175 -5.39 -19.06 7.49
C ALA A 175 -6.38 -18.34 6.59
N ILE A 176 -7.17 -19.11 5.85
CA ILE A 176 -8.18 -18.54 4.96
C ILE A 176 -9.15 -17.72 5.78
N ARG A 177 -9.39 -18.16 7.02
CA ARG A 177 -10.30 -17.47 7.91
C ARG A 177 -9.72 -16.14 8.39
N ALA A 178 -8.40 -16.12 8.53
CA ALA A 178 -7.69 -14.93 8.96
C ALA A 178 -7.55 -13.94 7.81
N GLY A 179 -7.95 -14.35 6.62
CA GLY A 179 -7.87 -13.48 5.46
C GLY A 179 -6.71 -13.77 4.52
N PHE A 180 -5.86 -14.72 4.86
CA PHE A 180 -4.74 -15.02 3.97
C PHE A 180 -5.27 -15.44 2.62
N ASP A 181 -4.59 -15.04 1.56
CA ASP A 181 -5.00 -15.39 0.22
C ASP A 181 -4.76 -16.87 -0.01
N GLY A 182 -3.97 -17.47 0.87
CA GLY A 182 -3.67 -18.87 0.77
C GLY A 182 -2.59 -19.26 1.76
N ILE A 183 -2.05 -20.45 1.57
CA ILE A 183 -1.02 -20.92 2.45
C ILE A 183 0.05 -21.60 1.63
N GLU A 184 1.22 -21.73 2.23
CA GLU A 184 2.33 -22.41 1.60
C GLU A 184 2.67 -23.59 2.50
N ILE A 185 2.79 -24.77 1.92
CA ILE A 185 3.16 -25.94 2.69
C ILE A 185 4.67 -25.92 2.76
N HIS A 186 5.20 -25.78 3.97
CA HIS A 186 6.64 -25.75 4.15
C HIS A 186 7.12 -27.20 4.22
N GLY A 187 7.50 -27.75 3.08
CA GLY A 187 7.99 -29.12 3.04
C GLY A 187 9.46 -29.06 2.71
N ALA A 188 10.12 -27.99 3.16
CA ALA A 188 11.52 -27.77 2.88
C ALA A 188 12.42 -27.70 4.09
N HIS A 189 13.71 -27.56 3.79
CA HIS A 189 14.76 -27.35 4.77
C HIS A 189 14.94 -28.31 5.96
N GLY A 190 14.69 -29.59 5.72
CA GLY A 190 14.89 -30.56 6.78
C GLY A 190 13.87 -30.56 7.90
N TYR A 191 12.74 -29.88 7.69
CA TYR A 191 11.71 -29.86 8.71
C TYR A 191 10.80 -31.09 8.60
N LEU A 192 9.72 -31.13 9.37
CA LEU A 192 8.86 -32.32 9.40
C LEU A 192 8.63 -33.03 8.06
N ILE A 193 8.06 -32.33 7.09
CA ILE A 193 7.79 -32.91 5.79
C ILE A 193 9.07 -33.36 5.10
N ASP A 194 10.12 -32.54 5.18
CA ASP A 194 11.38 -32.89 4.55
C ASP A 194 12.04 -34.08 5.27
N GLN A 195 11.68 -34.30 6.53
CA GLN A 195 12.21 -35.44 7.27
C GLN A 195 11.66 -36.73 6.68
N PHE A 196 10.49 -36.64 6.04
CA PHE A 196 9.92 -37.81 5.38
C PHE A 196 10.49 -37.92 3.97
N LEU A 197 10.48 -36.80 3.25
CA LEU A 197 10.98 -36.76 1.88
C LEU A 197 12.39 -37.30 1.68
N LYS A 198 13.35 -36.80 2.45
CA LYS A 198 14.76 -37.17 2.32
C LYS A 198 15.09 -38.56 2.87
N ASP A 199 15.73 -39.41 2.06
CA ASP A 199 16.07 -40.73 2.57
C ASP A 199 17.26 -40.65 3.53
N GLY A 200 17.71 -39.43 3.78
CA GLY A 200 18.82 -39.23 4.70
C GLY A 200 18.26 -39.14 6.11
N ILE A 201 16.94 -39.11 6.20
CA ILE A 201 16.25 -39.00 7.50
C ILE A 201 15.20 -40.08 7.67
N ASN A 202 14.40 -40.27 6.63
CA ASN A 202 13.32 -41.23 6.65
C ASN A 202 13.81 -42.67 6.65
N ASP A 203 13.84 -43.30 7.82
CA ASP A 203 14.28 -44.69 7.93
C ASP A 203 13.06 -45.56 8.22
N ARG A 204 11.91 -45.10 7.75
CA ARG A 204 10.69 -45.84 7.97
C ARG A 204 10.58 -47.11 7.17
N THR A 205 9.91 -48.10 7.76
CA THR A 205 9.70 -49.39 7.14
C THR A 205 8.21 -49.61 6.87
N ASP A 206 7.41 -48.56 7.01
CA ASP A 206 5.98 -48.65 6.74
C ASP A 206 5.67 -47.97 5.41
N GLN A 207 4.43 -47.57 5.18
CA GLN A 207 4.09 -46.95 3.90
C GLN A 207 4.71 -45.56 3.69
N TYR A 208 5.13 -44.91 4.78
CA TYR A 208 5.70 -43.57 4.66
C TYR A 208 7.21 -43.56 4.54
N GLY A 209 7.80 -44.72 4.35
CA GLY A 209 9.25 -44.79 4.21
C GLY A 209 9.61 -45.86 3.19
N GLY A 210 10.85 -45.83 2.71
CA GLY A 210 11.28 -46.79 1.73
C GLY A 210 11.42 -46.12 0.37
N SER A 211 10.49 -46.39 -0.53
CA SER A 211 10.54 -45.81 -1.86
C SER A 211 10.27 -44.31 -1.83
N ILE A 212 10.68 -43.63 -2.90
CA ILE A 212 10.49 -42.19 -3.00
C ILE A 212 9.01 -41.89 -2.78
N ALA A 213 8.14 -42.70 -3.39
CA ALA A 213 6.70 -42.53 -3.26
C ALA A 213 6.24 -42.65 -1.81
N ASN A 214 6.81 -43.61 -1.10
CA ASN A 214 6.48 -43.81 0.29
C ASN A 214 6.83 -42.55 1.08
N ARG A 215 8.02 -42.04 0.82
CA ARG A 215 8.51 -40.85 1.51
C ARG A 215 7.71 -39.59 1.16
N CYS A 216 7.10 -39.58 -0.01
CA CYS A 216 6.29 -38.44 -0.45
C CYS A 216 4.86 -38.53 0.03
N ARG A 217 4.52 -39.70 0.56
CA ARG A 217 3.17 -39.95 1.04
C ARG A 217 2.69 -38.92 2.06
N PHE A 218 3.57 -38.52 2.98
CA PHE A 218 3.18 -37.55 3.99
C PHE A 218 2.87 -36.20 3.34
N LEU A 219 3.76 -35.77 2.46
CA LEU A 219 3.57 -34.50 1.76
C LEU A 219 2.33 -34.59 0.89
N LYS A 220 2.11 -35.77 0.31
CA LYS A 220 0.94 -35.98 -0.53
C LYS A 220 -0.35 -35.81 0.25
N GLN A 221 -0.41 -36.38 1.46
CA GLN A 221 -1.61 -36.30 2.27
C GLN A 221 -1.83 -34.91 2.85
N VAL A 222 -0.73 -34.22 3.15
CA VAL A 222 -0.81 -32.88 3.69
C VAL A 222 -1.40 -31.94 2.61
N VAL A 223 -0.84 -32.03 1.41
CA VAL A 223 -1.30 -31.19 0.32
C VAL A 223 -2.71 -31.55 -0.10
N GLU A 224 -2.98 -32.86 -0.21
CA GLU A 224 -4.33 -33.29 -0.58
C GLU A 224 -5.31 -32.74 0.44
N GLY A 225 -4.94 -32.83 1.71
CA GLY A 225 -5.82 -32.35 2.77
C GLY A 225 -6.06 -30.86 2.67
N VAL A 226 -4.96 -30.11 2.57
CA VAL A 226 -5.06 -28.67 2.48
C VAL A 226 -5.78 -28.27 1.20
N VAL A 227 -5.37 -28.87 0.08
CA VAL A 227 -5.99 -28.58 -1.20
C VAL A 227 -7.49 -28.87 -1.15
N SER A 228 -7.85 -30.01 -0.58
CA SER A 228 -9.25 -30.36 -0.46
C SER A 228 -9.94 -29.37 0.47
N ALA A 229 -9.23 -28.95 1.50
CA ALA A 229 -9.80 -28.03 2.47
C ALA A 229 -10.00 -26.63 1.95
N ILE A 230 -9.00 -26.07 1.27
CA ILE A 230 -9.15 -24.70 0.80
C ILE A 230 -9.03 -24.43 -0.69
N GLY A 231 -8.72 -25.44 -1.50
CA GLY A 231 -8.60 -25.22 -2.93
C GLY A 231 -7.17 -25.12 -3.38
N ALA A 232 -6.79 -25.95 -4.34
CA ALA A 232 -5.42 -25.97 -4.84
C ALA A 232 -4.86 -24.61 -5.21
N SER A 233 -5.70 -23.71 -5.71
CA SER A 233 -5.26 -22.37 -6.13
C SER A 233 -4.79 -21.52 -4.96
N LYS A 234 -5.19 -21.92 -3.76
CA LYS A 234 -4.78 -21.18 -2.57
C LYS A 234 -3.69 -21.99 -1.87
N VAL A 235 -3.04 -22.88 -2.62
CA VAL A 235 -2.00 -23.69 -2.02
C VAL A 235 -0.69 -23.66 -2.76
N GLY A 236 0.34 -23.25 -2.04
CA GLY A 236 1.68 -23.23 -2.59
C GLY A 236 2.41 -24.34 -1.85
N VAL A 237 3.39 -24.95 -2.51
CA VAL A 237 4.16 -26.01 -1.86
C VAL A 237 5.62 -25.66 -1.96
N ARG A 238 6.33 -25.73 -0.83
CA ARG A 238 7.74 -25.41 -0.87
C ARG A 238 8.61 -26.62 -0.56
N VAL A 239 9.59 -26.87 -1.42
CA VAL A 239 10.51 -27.98 -1.17
C VAL A 239 11.93 -27.54 -1.45
N SER A 240 12.89 -28.32 -0.97
CA SER A 240 14.31 -28.02 -1.18
C SER A 240 15.01 -29.37 -1.23
N PRO A 241 14.95 -30.03 -2.38
CA PRO A 241 15.59 -31.35 -2.52
C PRO A 241 17.11 -31.28 -2.46
N ALA A 242 17.68 -30.15 -2.85
CA ALA A 242 19.12 -30.02 -2.85
C ALA A 242 19.68 -29.28 -1.65
N ILE A 243 18.97 -29.31 -0.54
CA ILE A 243 19.40 -28.62 0.67
C ILE A 243 19.60 -29.65 1.76
N ASP A 244 20.81 -29.67 2.34
CA ASP A 244 21.13 -30.61 3.40
C ASP A 244 20.96 -30.05 4.82
N HIS A 245 20.17 -28.98 4.93
CA HIS A 245 19.91 -28.32 6.22
C HIS A 245 19.37 -29.33 7.24
N LEU A 246 19.92 -29.28 8.45
CA LEU A 246 19.50 -30.17 9.53
C LEU A 246 19.57 -31.64 9.09
N ASP A 247 20.67 -32.00 8.42
CA ASP A 247 20.88 -33.36 7.95
C ASP A 247 19.75 -33.83 7.06
N ALA A 248 19.23 -32.92 6.23
CA ALA A 248 18.14 -33.27 5.33
C ALA A 248 18.69 -33.60 3.95
N THR A 249 19.22 -34.81 3.82
CA THR A 249 19.78 -35.20 2.53
C THR A 249 19.02 -36.36 1.89
N ASP A 250 19.19 -36.49 0.59
CA ASP A 250 18.58 -37.57 -0.15
C ASP A 250 19.62 -38.06 -1.17
N SER A 251 19.81 -39.37 -1.25
CA SER A 251 20.79 -39.94 -2.15
C SER A 251 20.64 -39.42 -3.57
N ASP A 252 19.44 -38.94 -3.91
CA ASP A 252 19.22 -38.42 -5.24
C ASP A 252 18.09 -37.38 -5.27
N PRO A 253 18.46 -36.11 -5.03
CA PRO A 253 17.51 -34.99 -5.01
C PRO A 253 16.60 -34.86 -6.24
N LEU A 254 17.09 -35.30 -7.39
CA LEU A 254 16.31 -35.18 -8.62
C LEU A 254 14.98 -35.93 -8.55
N SER A 255 15.08 -37.24 -8.42
CA SER A 255 13.90 -38.10 -8.35
C SER A 255 12.92 -37.59 -7.31
N LEU A 256 13.42 -37.27 -6.11
CA LEU A 256 12.59 -36.76 -5.04
C LEU A 256 11.77 -35.57 -5.53
N GLY A 257 12.45 -34.55 -6.06
CA GLY A 257 11.76 -33.39 -6.57
C GLY A 257 10.80 -33.74 -7.70
N LEU A 258 11.18 -34.68 -8.54
CA LEU A 258 10.32 -35.07 -9.66
C LEU A 258 9.10 -35.80 -9.11
N ALA A 259 9.32 -36.70 -8.17
CA ALA A 259 8.23 -37.44 -7.55
C ALA A 259 7.27 -36.44 -6.91
N VAL A 260 7.84 -35.41 -6.26
CA VAL A 260 7.02 -34.37 -5.63
C VAL A 260 6.22 -33.69 -6.72
N VAL A 261 6.91 -33.19 -7.74
CA VAL A 261 6.26 -32.54 -8.88
C VAL A 261 5.17 -33.45 -9.44
N GLY A 262 5.53 -34.72 -9.63
CA GLY A 262 4.61 -35.70 -10.18
C GLY A 262 3.41 -35.85 -9.28
N MET A 263 3.65 -35.87 -7.98
CA MET A 263 2.56 -36.02 -7.05
C MET A 263 1.67 -34.78 -7.15
N LEU A 264 2.30 -33.60 -7.25
CA LEU A 264 1.58 -32.35 -7.38
C LEU A 264 0.86 -32.26 -8.71
N ASN A 265 1.41 -32.92 -9.74
CA ASN A 265 0.76 -32.89 -11.04
C ASN A 265 -0.53 -33.67 -11.02
N LYS A 266 -0.46 -34.93 -10.56
CA LYS A 266 -1.65 -35.75 -10.50
C LYS A 266 -2.72 -34.99 -9.74
N LEU A 267 -2.28 -34.29 -8.69
CA LEU A 267 -3.18 -33.48 -7.87
C LEU A 267 -3.91 -32.46 -8.74
N GLN A 268 -3.15 -31.67 -9.49
CA GLN A 268 -3.73 -30.64 -10.34
C GLN A 268 -4.66 -31.19 -11.43
N GLY A 269 -4.58 -32.50 -11.66
CA GLY A 269 -5.44 -33.11 -12.67
C GLY A 269 -6.78 -33.57 -12.08
N VAL A 270 -6.77 -33.97 -10.81
CA VAL A 270 -7.95 -34.46 -10.12
C VAL A 270 -8.80 -33.30 -9.54
N ASN A 271 -8.35 -32.74 -8.42
CA ASN A 271 -9.05 -31.63 -7.78
C ASN A 271 -9.43 -30.58 -8.82
N GLY A 272 -8.56 -30.38 -9.80
CA GLY A 272 -8.84 -29.42 -10.87
C GLY A 272 -7.91 -28.23 -10.96
N SER A 273 -8.22 -27.19 -10.20
CA SER A 273 -7.42 -25.98 -10.21
C SER A 273 -5.98 -26.25 -9.82
N LYS A 274 -5.05 -25.73 -10.60
CA LYS A 274 -3.63 -25.90 -10.31
C LYS A 274 -3.31 -25.32 -8.94
N LEU A 275 -2.16 -25.74 -8.41
CA LEU A 275 -1.69 -25.22 -7.13
C LEU A 275 -1.31 -23.77 -7.42
N ALA A 276 -1.24 -22.96 -6.37
CA ALA A 276 -0.85 -21.58 -6.57
C ALA A 276 0.56 -21.59 -7.19
N TYR A 277 1.42 -22.47 -6.67
CA TYR A 277 2.78 -22.55 -7.17
C TYR A 277 3.59 -23.65 -6.48
N LEU A 278 4.77 -23.89 -7.04
CA LEU A 278 5.73 -24.83 -6.51
C LEU A 278 6.92 -23.93 -6.19
N HIS A 279 7.24 -23.82 -4.91
CA HIS A 279 8.33 -22.99 -4.45
C HIS A 279 9.49 -23.92 -4.05
N VAL A 280 10.58 -23.85 -4.80
CA VAL A 280 11.73 -24.71 -4.53
C VAL A 280 12.93 -23.90 -4.08
N THR A 281 13.48 -24.29 -2.94
CA THR A 281 14.66 -23.64 -2.39
C THR A 281 15.86 -24.16 -3.15
N GLN A 282 16.70 -23.24 -3.60
CA GLN A 282 17.89 -23.61 -4.34
C GLN A 282 19.10 -23.61 -3.42
N PRO A 283 19.90 -24.68 -3.46
CA PRO A 283 21.07 -24.67 -2.59
C PRO A 283 21.95 -23.55 -3.10
N ARG A 284 22.32 -22.66 -2.19
CA ARG A 284 23.16 -21.52 -2.54
C ARG A 284 23.96 -21.13 -1.30
N GLU A 300 28.68 -27.17 -8.81
CA GLU A 300 27.68 -26.37 -9.51
C GLU A 300 26.94 -27.16 -10.58
N GLU A 301 25.63 -27.25 -10.43
CA GLU A 301 24.75 -27.98 -11.34
C GLU A 301 23.32 -27.83 -10.82
N GLU A 302 23.21 -27.04 -9.75
CA GLU A 302 21.94 -26.77 -9.07
C GLU A 302 20.91 -26.16 -10.00
N ALA A 303 21.38 -25.27 -10.88
CA ALA A 303 20.52 -24.59 -11.83
C ALA A 303 19.90 -25.64 -12.76
N LYS A 304 20.66 -26.68 -13.09
CA LYS A 304 20.15 -27.74 -13.94
C LYS A 304 19.06 -28.47 -13.17
N LEU A 305 19.29 -28.69 -11.88
CA LEU A 305 18.29 -29.37 -11.05
C LEU A 305 17.01 -28.53 -10.99
N MET A 306 17.19 -27.22 -10.83
CA MET A 306 16.07 -26.29 -10.76
C MET A 306 15.30 -26.20 -12.08
N LYS A 307 16.03 -26.08 -13.19
CA LYS A 307 15.40 -25.99 -14.50
C LYS A 307 14.60 -27.25 -14.76
N SER A 308 15.17 -28.39 -14.39
CA SER A 308 14.52 -29.67 -14.59
C SER A 308 13.20 -29.79 -13.84
N LEU A 309 13.17 -29.32 -12.59
CA LEU A 309 11.95 -29.41 -11.79
C LEU A 309 10.84 -28.56 -12.35
N ARG A 310 11.17 -27.31 -12.69
CA ARG A 310 10.16 -26.42 -13.24
C ARG A 310 9.79 -26.88 -14.64
N MET A 311 10.67 -27.63 -15.28
CA MET A 311 10.39 -28.12 -16.63
C MET A 311 9.34 -29.20 -16.52
N ALA A 312 9.56 -30.13 -15.60
CA ALA A 312 8.61 -31.23 -15.40
C ALA A 312 7.39 -30.82 -14.62
N TYR A 313 7.34 -29.55 -14.19
CA TYR A 313 6.20 -29.11 -13.41
C TYR A 313 5.18 -28.27 -14.17
N ASN A 314 3.92 -28.69 -14.13
CA ASN A 314 2.86 -27.95 -14.81
C ASN A 314 2.14 -27.06 -13.81
N GLY A 315 2.70 -25.88 -13.59
CA GLY A 315 2.11 -24.96 -12.64
C GLY A 315 2.99 -23.75 -12.52
N THR A 316 2.77 -22.97 -11.47
CA THR A 316 3.59 -21.78 -11.26
C THR A 316 4.81 -22.17 -10.43
N PHE A 317 5.97 -21.69 -10.86
CA PHE A 317 7.23 -22.00 -10.18
C PHE A 317 7.90 -20.74 -9.66
N MET A 318 8.43 -20.86 -8.44
CA MET A 318 9.10 -19.78 -7.76
C MET A 318 10.53 -20.18 -7.43
N SER A 319 11.47 -19.28 -7.70
CA SER A 319 12.85 -19.57 -7.42
C SER A 319 13.19 -18.95 -6.08
N SER A 320 14.17 -19.54 -5.40
CA SER A 320 14.55 -19.04 -4.08
C SER A 320 15.94 -19.49 -3.65
N GLY A 321 16.64 -18.61 -2.94
CA GLY A 321 17.97 -18.93 -2.46
C GLY A 321 19.09 -18.23 -3.21
N GLY A 322 19.72 -17.26 -2.57
CA GLY A 322 20.84 -16.54 -3.16
C GLY A 322 20.53 -15.73 -4.42
N PHE A 323 19.27 -15.39 -4.63
CA PHE A 323 18.90 -14.62 -5.79
C PHE A 323 19.07 -13.14 -5.52
N ASN A 324 19.54 -12.44 -6.54
CA ASN A 324 19.69 -11.00 -6.47
C ASN A 324 18.86 -10.57 -7.66
N LYS A 325 18.91 -9.29 -8.03
CA LYS A 325 18.11 -8.85 -9.17
C LYS A 325 18.48 -9.56 -10.46
N GLU A 326 19.76 -9.56 -10.80
CA GLU A 326 20.21 -10.19 -12.04
C GLU A 326 19.70 -11.61 -12.18
N LEU A 327 19.99 -12.47 -11.20
CA LEU A 327 19.53 -13.85 -11.32
C LEU A 327 18.00 -13.85 -11.40
N GLY A 328 17.36 -12.95 -10.67
CA GLY A 328 15.92 -12.87 -10.70
C GLY A 328 15.43 -12.58 -12.10
N MET A 329 16.00 -11.54 -12.69
CA MET A 329 15.66 -11.13 -14.05
C MET A 329 15.90 -12.26 -15.04
N GLN A 330 17.11 -12.83 -15.02
CA GLN A 330 17.40 -13.91 -15.94
C GLN A 330 16.56 -15.15 -15.68
N ALA A 331 16.35 -15.49 -14.40
CA ALA A 331 15.55 -16.66 -14.08
C ALA A 331 14.18 -16.49 -14.73
N VAL A 332 13.68 -15.27 -14.73
CA VAL A 332 12.40 -15.00 -15.36
C VAL A 332 12.60 -14.93 -16.89
N GLN A 333 13.50 -14.06 -17.34
CA GLN A 333 13.75 -13.90 -18.77
C GLN A 333 13.93 -15.25 -19.48
N GLN A 334 14.79 -16.10 -18.92
CA GLN A 334 15.10 -17.42 -19.48
C GLN A 334 13.96 -18.43 -19.34
N GLY A 335 13.29 -18.44 -18.20
CA GLY A 335 12.21 -19.38 -18.00
C GLY A 335 12.44 -20.40 -16.90
N ASP A 336 13.37 -20.11 -16.00
CA ASP A 336 13.66 -21.03 -14.90
C ASP A 336 12.44 -21.05 -13.98
N ALA A 337 11.92 -19.87 -13.69
CA ALA A 337 10.77 -19.74 -12.81
C ALA A 337 9.86 -18.62 -13.25
N ASP A 338 8.67 -18.57 -12.65
CA ASP A 338 7.72 -17.52 -12.95
C ASP A 338 7.95 -16.40 -11.94
N LEU A 339 8.42 -16.78 -10.77
CA LEU A 339 8.65 -15.86 -9.68
C LEU A 339 9.93 -16.19 -8.97
N VAL A 340 10.45 -15.21 -8.23
CA VAL A 340 11.69 -15.35 -7.49
C VAL A 340 11.47 -14.76 -6.10
N SER A 341 11.66 -15.59 -5.08
CA SER A 341 11.49 -15.10 -3.72
C SER A 341 12.84 -14.66 -3.17
N TYR A 342 12.82 -13.56 -2.42
CA TYR A 342 14.01 -13.00 -1.82
C TYR A 342 13.78 -12.94 -0.31
N GLY A 343 14.83 -13.19 0.46
CA GLY A 343 14.67 -13.14 1.88
C GLY A 343 15.53 -12.12 2.62
N ARG A 344 16.84 -12.38 2.68
CA ARG A 344 17.70 -11.48 3.40
C ARG A 344 17.63 -10.08 2.85
N LEU A 345 17.58 -9.96 1.52
CA LEU A 345 17.47 -8.64 0.92
C LEU A 345 16.14 -7.98 1.26
N PHE A 346 15.13 -8.80 1.52
CA PHE A 346 13.81 -8.25 1.84
C PHE A 346 13.76 -7.92 3.30
N ILE A 347 14.58 -8.63 4.06
CA ILE A 347 14.66 -8.40 5.49
C ILE A 347 15.14 -6.96 5.70
N ALA A 348 16.19 -6.60 4.95
CA ALA A 348 16.78 -5.28 5.06
C ALA A 348 16.16 -4.23 4.15
N ASN A 349 15.48 -4.67 3.08
CA ASN A 349 14.88 -3.74 2.13
C ASN A 349 13.37 -3.84 1.99
N PRO A 350 12.65 -3.11 2.85
CA PRO A 350 11.20 -3.13 2.81
C PRO A 350 10.72 -2.85 1.39
N ASP A 351 11.37 -1.89 0.73
CA ASP A 351 11.04 -1.53 -0.64
C ASP A 351 11.97 -2.22 -1.62
N LEU A 352 12.23 -3.50 -1.37
CA LEU A 352 13.12 -4.25 -2.25
C LEU A 352 12.71 -4.13 -3.72
N VAL A 353 11.42 -4.34 -4.00
CA VAL A 353 10.94 -4.25 -5.37
C VAL A 353 11.11 -2.84 -5.89
N SER A 354 10.65 -1.87 -5.11
CA SER A 354 10.77 -0.47 -5.49
C SER A 354 12.21 -0.09 -5.83
N ARG A 355 13.14 -0.66 -5.08
CA ARG A 355 14.55 -0.39 -5.28
C ARG A 355 15.09 -1.17 -6.46
N PHE A 356 14.79 -2.47 -6.48
CA PHE A 356 15.25 -3.31 -7.57
C PHE A 356 14.83 -2.74 -8.91
N LYS A 357 13.57 -2.33 -8.99
CA LYS A 357 13.00 -1.81 -10.23
C LYS A 357 13.72 -0.57 -10.74
N ILE A 358 14.54 0.05 -9.89
CA ILE A 358 15.25 1.24 -10.31
C ILE A 358 16.75 1.09 -10.12
N ASP A 359 17.19 -0.13 -9.76
CA ASP A 359 18.60 -0.40 -9.53
C ASP A 359 19.16 0.58 -8.49
N GLY A 360 18.40 0.81 -7.44
CA GLY A 360 18.85 1.74 -6.41
C GLY A 360 19.67 1.09 -5.31
N GLU A 361 20.00 1.87 -4.29
CA GLU A 361 20.78 1.38 -3.15
C GLU A 361 19.99 0.32 -2.38
N LEU A 362 20.72 -0.64 -1.81
CA LEU A 362 20.12 -1.71 -1.02
C LEU A 362 20.66 -1.64 0.40
N ASN A 363 19.77 -1.67 1.38
CA ASN A 363 20.20 -1.64 2.77
C ASN A 363 20.96 -2.94 2.97
N LYS A 364 21.83 -2.96 3.96
CA LYS A 364 22.57 -4.17 4.27
C LYS A 364 21.78 -4.84 5.39
N TYR A 365 21.66 -6.16 5.34
CA TYR A 365 20.94 -6.85 6.38
C TYR A 365 21.88 -7.26 7.49
N ASN A 366 21.34 -7.44 8.69
CA ASN A 366 22.15 -7.83 9.82
C ASN A 366 21.60 -9.07 10.50
N ARG A 367 22.34 -10.16 10.35
CA ARG A 367 22.01 -11.46 10.94
C ARG A 367 21.64 -11.40 12.41
N LYS A 368 22.41 -10.64 13.19
CA LYS A 368 22.18 -10.54 14.62
C LYS A 368 20.75 -10.17 14.98
N THR A 369 20.03 -9.55 14.06
CA THR A 369 18.66 -9.17 14.34
C THR A 369 17.66 -9.95 13.50
N PHE A 370 18.12 -11.06 12.92
CA PHE A 370 17.24 -11.91 12.12
C PHE A 370 16.17 -12.54 13.01
N TYR A 371 16.65 -13.14 14.10
CA TYR A 371 15.83 -13.88 15.07
C TYR A 371 15.57 -13.20 16.40
N THR A 372 16.02 -11.97 16.55
CA THR A 372 15.80 -11.24 17.79
C THR A 372 14.31 -10.91 17.98
N GLN A 373 13.95 -10.38 19.15
CA GLN A 373 12.54 -10.11 19.45
C GLN A 373 12.08 -8.65 19.39
N ASP A 374 12.98 -7.73 19.07
CA ASP A 374 12.53 -6.36 19.05
C ASP A 374 11.52 -6.17 17.94
N PRO A 375 10.38 -5.54 18.27
CA PRO A 375 9.34 -5.33 17.25
C PRO A 375 9.79 -4.29 16.26
N VAL A 376 10.84 -3.55 16.61
CA VAL A 376 11.33 -2.51 15.73
C VAL A 376 12.72 -2.80 15.20
N VAL A 377 13.70 -2.79 16.10
CA VAL A 377 15.10 -3.01 15.74
C VAL A 377 15.42 -4.28 14.96
N GLY A 378 15.97 -4.09 13.76
CA GLY A 378 16.33 -5.20 12.90
C GLY A 378 15.10 -5.78 12.24
N TYR A 379 13.95 -5.18 12.54
CA TYR A 379 12.69 -5.67 12.00
C TYR A 379 11.99 -4.67 11.07
N THR A 380 11.47 -3.58 11.65
CA THR A 380 10.78 -2.58 10.86
C THR A 380 11.57 -1.28 10.76
N ASP A 381 12.80 -1.26 11.26
CA ASP A 381 13.58 -0.03 11.21
C ASP A 381 14.56 0.08 10.05
N TYR A 382 14.57 -0.90 9.15
CA TYR A 382 15.44 -0.78 7.98
C TYR A 382 14.69 0.26 7.16
N PRO A 383 15.33 1.40 6.85
CA PRO A 383 14.74 2.49 6.08
C PRO A 383 14.37 2.17 4.64
N PHE A 384 13.58 3.05 4.05
CA PHE A 384 13.17 2.94 2.66
C PHE A 384 14.13 3.86 1.93
N LEU A 385 14.18 3.77 0.60
CA LEU A 385 15.06 4.64 -0.16
C LEU A 385 14.67 6.09 0.07
N ALA A 386 15.64 6.98 -0.09
CA ALA A 386 15.38 8.40 0.04
C ALA A 386 14.75 8.76 -1.32
N PRO A 387 13.98 9.86 -1.39
CA PRO A 387 13.33 10.27 -2.64
C PRO A 387 14.28 10.40 -3.85
N ASN B 9 -6.86 41.03 17.37
CA ASN B 9 -5.87 41.99 16.81
C ASN B 9 -5.34 41.60 15.43
N GLU B 10 -4.98 40.33 15.25
CA GLU B 10 -4.42 39.84 13.98
C GLU B 10 -5.35 40.11 12.80
N THR B 11 -4.82 40.01 11.59
CA THR B 11 -5.64 40.27 10.41
C THR B 11 -5.16 39.41 9.23
N LEU B 12 -5.76 39.64 8.06
CA LEU B 12 -5.39 38.92 6.84
C LEU B 12 -3.97 39.32 6.46
N PHE B 13 -3.49 40.41 7.05
CA PHE B 13 -2.16 40.90 6.72
C PHE B 13 -1.10 40.55 7.76
N SER B 14 -1.47 39.78 8.77
CA SER B 14 -0.50 39.40 9.78
C SER B 14 0.37 38.26 9.24
N SER B 15 1.64 38.29 9.62
CA SER B 15 2.57 37.27 9.23
C SER B 15 2.09 35.97 9.86
N TYR B 16 2.58 34.85 9.36
CA TYR B 16 2.17 33.58 9.89
C TYR B 16 3.22 32.50 9.68
N LYS B 17 3.36 31.64 10.69
CA LYS B 17 4.32 30.55 10.60
C LYS B 17 3.59 29.29 10.17
N MET B 18 3.57 29.02 8.86
CA MET B 18 2.91 27.81 8.35
C MET B 18 3.98 26.72 8.31
N GLY B 19 4.29 26.15 9.47
CA GLY B 19 5.32 25.14 9.56
C GLY B 19 6.61 25.75 9.04
N ARG B 20 7.22 25.09 8.07
CA ARG B 20 8.47 25.56 7.48
C ARG B 20 8.27 26.76 6.58
N PHE B 21 7.04 27.22 6.43
CA PHE B 21 6.82 28.37 5.56
C PHE B 21 6.39 29.59 6.34
N ASP B 22 7.15 30.67 6.19
CA ASP B 22 6.86 31.93 6.86
C ASP B 22 6.04 32.81 5.94
N LEU B 23 4.74 32.89 6.19
CA LEU B 23 3.89 33.71 5.36
C LEU B 23 3.87 35.13 5.91
N SER B 24 3.77 36.09 5.00
CA SER B 24 3.72 37.50 5.37
C SER B 24 2.28 37.96 5.45
N HIS B 25 1.35 37.04 5.22
CA HIS B 25 -0.07 37.36 5.28
C HIS B 25 -0.89 36.10 5.15
N ARG B 26 -2.17 36.20 5.49
CA ARG B 26 -3.08 35.05 5.50
C ARG B 26 -3.91 34.89 4.25
N VAL B 27 -3.68 35.74 3.25
CA VAL B 27 -4.46 35.67 2.04
C VAL B 27 -3.85 34.64 1.09
N VAL B 28 -4.55 33.53 0.94
CA VAL B 28 -4.10 32.43 0.11
C VAL B 28 -4.88 32.38 -1.19
N LEU B 29 -4.21 31.91 -2.23
CA LEU B 29 -4.84 31.75 -3.53
C LEU B 29 -5.41 30.33 -3.47
N ALA B 30 -6.73 30.25 -3.46
CA ALA B 30 -7.42 28.96 -3.42
C ALA B 30 -7.08 28.20 -4.67
N PRO B 31 -6.98 26.86 -4.57
CA PRO B 31 -6.66 26.06 -5.75
C PRO B 31 -7.79 26.23 -6.74
N MET B 32 -7.49 26.67 -7.96
CA MET B 32 -8.53 26.86 -8.96
C MET B 32 -8.26 26.28 -10.34
N THR B 33 -9.08 25.30 -10.71
CA THR B 33 -9.02 24.68 -12.02
C THR B 33 -9.37 25.77 -13.03
N ARG B 34 -8.50 26.00 -14.01
CA ARG B 34 -8.79 27.05 -14.99
C ARG B 34 -8.75 26.54 -16.42
N CYS B 35 -8.19 25.35 -16.62
CA CYS B 35 -8.14 24.74 -17.94
C CYS B 35 -7.27 25.45 -18.99
N ARG B 36 -6.10 25.94 -18.57
CA ARG B 36 -5.18 26.59 -19.50
C ARG B 36 -3.95 25.72 -19.75
N ALA B 37 -3.85 24.63 -19.00
CA ALA B 37 -2.73 23.70 -19.11
C ALA B 37 -3.01 22.75 -20.27
N LEU B 38 -3.00 23.30 -21.48
CA LEU B 38 -3.28 22.54 -22.69
C LEU B 38 -2.67 21.15 -22.73
N ASN B 39 -3.52 20.17 -23.01
CA ASN B 39 -3.07 18.79 -23.11
C ASN B 39 -2.41 18.29 -21.84
N GLY B 40 -2.88 18.80 -20.71
CA GLY B 40 -2.41 18.37 -19.42
C GLY B 40 -1.06 18.85 -18.96
N VAL B 41 -0.44 19.77 -19.69
CA VAL B 41 0.88 20.23 -19.29
C VAL B 41 0.89 21.73 -19.00
N PRO B 42 1.58 22.13 -17.92
CA PRO B 42 1.68 23.54 -17.51
C PRO B 42 2.30 24.33 -18.66
N ASN B 43 2.48 25.62 -18.47
CA ASN B 43 3.04 26.44 -19.54
C ASN B 43 3.27 27.89 -19.12
N ALA B 44 3.80 28.69 -20.03
CA ALA B 44 4.09 30.10 -19.73
C ALA B 44 2.82 30.79 -19.23
N ALA B 45 1.66 30.30 -19.67
CA ALA B 45 0.37 30.87 -19.26
C ALA B 45 0.15 30.70 -17.75
N LEU B 46 0.37 29.51 -17.24
CA LEU B 46 0.19 29.28 -15.82
C LEU B 46 1.25 30.04 -15.03
N ALA B 47 2.45 30.16 -15.61
CA ALA B 47 3.53 30.86 -14.95
C ALA B 47 3.14 32.32 -14.77
N GLU B 48 2.63 32.94 -15.84
CA GLU B 48 2.23 34.33 -15.79
C GLU B 48 1.07 34.52 -14.81
N TYR B 49 0.13 33.57 -14.84
CA TYR B 49 -1.03 33.61 -13.97
C TYR B 49 -0.66 33.50 -12.49
N TYR B 50 0.18 32.53 -12.15
CA TYR B 50 0.56 32.35 -10.77
C TYR B 50 1.46 33.47 -10.31
N ALA B 51 2.37 33.87 -11.20
CA ALA B 51 3.29 34.96 -10.90
C ALA B 51 2.46 36.15 -10.49
N GLN B 52 1.55 36.56 -11.36
CA GLN B 52 0.68 37.69 -11.11
C GLN B 52 0.06 37.68 -9.72
N ARG B 53 -0.24 36.48 -9.21
CA ARG B 53 -0.87 36.40 -7.90
C ARG B 53 0.11 36.18 -6.76
N THR B 54 1.39 36.22 -7.07
CA THR B 54 2.36 36.03 -6.01
C THR B 54 2.63 37.34 -5.27
N THR B 55 3.07 37.19 -4.03
CA THR B 55 3.37 38.30 -3.14
C THR B 55 4.52 37.86 -2.23
N PRO B 56 5.17 38.82 -1.57
CA PRO B 56 6.28 38.47 -0.69
C PRO B 56 5.77 37.49 0.36
N GLY B 57 6.14 36.22 0.21
CA GLY B 57 5.66 35.24 1.17
C GLY B 57 4.18 35.04 0.88
N GLY B 58 3.81 35.26 -0.37
CA GLY B 58 2.43 35.08 -0.78
C GLY B 58 2.13 33.67 -1.26
N PHE B 59 1.93 32.77 -0.30
CA PHE B 59 1.60 31.37 -0.54
C PHE B 59 0.53 31.26 -1.61
N LEU B 60 0.53 30.14 -2.33
CA LEU B 60 -0.44 29.90 -3.38
C LEU B 60 -0.67 28.40 -3.46
N ILE B 61 -1.91 27.97 -3.33
CA ILE B 61 -2.22 26.57 -3.46
C ILE B 61 -2.46 26.48 -4.94
N SER B 62 -1.93 25.44 -5.58
CA SER B 62 -2.11 25.28 -7.00
C SER B 62 -3.45 24.70 -7.41
N GLU B 63 -3.83 25.03 -8.64
CA GLU B 63 -5.04 24.54 -9.28
C GLU B 63 -4.98 23.00 -9.24
N GLY B 64 -6.13 22.34 -9.15
CA GLY B 64 -6.16 20.90 -9.12
C GLY B 64 -5.32 20.32 -10.25
N THR B 65 -4.42 19.41 -9.90
CA THR B 65 -3.52 18.81 -10.87
C THR B 65 -3.63 17.29 -10.89
N MET B 66 -3.59 16.71 -12.08
CA MET B 66 -3.70 15.27 -12.24
C MET B 66 -2.61 14.47 -11.55
N VAL B 67 -3.02 13.38 -10.88
CA VAL B 67 -2.11 12.49 -10.21
C VAL B 67 -1.92 11.25 -11.08
N SER B 68 -2.74 11.14 -12.13
CA SER B 68 -2.66 9.99 -13.03
C SER B 68 -3.62 10.15 -14.19
N PRO B 69 -3.51 9.25 -15.20
CA PRO B 69 -4.44 9.38 -16.31
C PRO B 69 -5.77 8.92 -15.73
N GLY B 70 -6.86 9.57 -16.10
CA GLY B 70 -8.14 9.15 -15.57
C GLY B 70 -8.51 10.02 -14.38
N SER B 71 -7.54 10.71 -13.80
CA SER B 71 -7.81 11.57 -12.64
C SER B 71 -8.53 12.87 -13.01
N ALA B 72 -8.51 13.23 -14.28
CA ALA B 72 -9.13 14.49 -14.70
C ALA B 72 -10.63 14.35 -14.97
N GLY B 73 -11.34 15.46 -14.75
CA GLY B 73 -12.77 15.48 -14.98
C GLY B 73 -13.12 16.81 -15.61
N PHE B 74 -12.08 17.52 -16.04
CA PHE B 74 -12.20 18.84 -16.66
C PHE B 74 -11.29 18.90 -17.89
N PRO B 75 -11.63 19.78 -18.84
CA PRO B 75 -10.80 19.88 -20.04
C PRO B 75 -9.54 20.71 -19.82
N HIS B 76 -8.43 20.16 -20.29
CA HIS B 76 -7.15 20.84 -20.19
C HIS B 76 -6.68 21.27 -18.81
N VAL B 77 -6.65 20.32 -17.89
CA VAL B 77 -6.16 20.60 -16.58
C VAL B 77 -4.76 20.06 -16.60
N PRO B 78 -3.87 20.62 -15.79
CA PRO B 78 -2.49 20.15 -15.75
C PRO B 78 -2.31 18.82 -15.04
N GLY B 79 -1.19 18.17 -15.31
CA GLY B 79 -0.89 16.93 -14.66
C GLY B 79 0.45 17.08 -13.98
N ILE B 80 0.77 16.15 -13.09
CA ILE B 80 2.05 16.20 -12.42
C ILE B 80 2.54 14.76 -12.31
N TYR B 81 1.89 13.86 -13.05
CA TYR B 81 2.28 12.46 -13.01
C TYR B 81 3.32 12.07 -14.04
N SER B 82 3.58 12.95 -15.00
CA SER B 82 4.58 12.66 -16.03
C SER B 82 5.82 13.51 -15.86
N ASP B 83 6.93 13.08 -16.44
CA ASP B 83 8.17 13.84 -16.34
C ASP B 83 8.03 15.13 -17.12
N GLU B 84 7.35 15.07 -18.25
CA GLU B 84 7.14 16.26 -19.05
C GLU B 84 6.40 17.32 -18.24
N GLN B 85 5.41 16.88 -17.47
CA GLN B 85 4.63 17.83 -16.67
C GLN B 85 5.46 18.35 -15.52
N VAL B 86 6.37 17.53 -15.01
CA VAL B 86 7.22 17.94 -13.92
C VAL B 86 8.15 19.06 -14.40
N GLU B 87 8.76 18.86 -15.56
CA GLU B 87 9.65 19.88 -16.11
C GLU B 87 8.87 21.13 -16.49
N ALA B 88 7.72 20.96 -17.14
CA ALA B 88 6.91 22.09 -17.56
C ALA B 88 6.29 22.90 -16.39
N TRP B 89 6.33 22.35 -15.19
CA TRP B 89 5.79 23.05 -14.01
C TRP B 89 6.81 24.00 -13.41
N LYS B 90 8.07 23.60 -13.47
CA LYS B 90 9.15 24.37 -12.89
C LYS B 90 9.09 25.86 -13.24
N GLN B 91 8.74 26.16 -14.49
CA GLN B 91 8.66 27.54 -14.93
C GLN B 91 7.60 28.25 -14.14
N VAL B 92 6.51 27.56 -13.88
CA VAL B 92 5.43 28.17 -13.11
C VAL B 92 5.90 28.40 -11.68
N VAL B 93 6.53 27.39 -11.12
CA VAL B 93 7.02 27.46 -9.75
C VAL B 93 8.14 28.47 -9.63
N GLU B 94 9.20 28.31 -10.41
CA GLU B 94 10.32 29.26 -10.36
C GLU B 94 9.81 30.68 -10.49
N ALA B 95 8.65 30.81 -11.13
CA ALA B 95 8.02 32.11 -11.33
C ALA B 95 7.33 32.58 -10.05
N VAL B 96 7.07 31.66 -9.14
CA VAL B 96 6.42 32.00 -7.88
C VAL B 96 7.46 32.44 -6.86
N HIS B 97 8.43 31.56 -6.62
CA HIS B 97 9.48 31.86 -5.66
C HIS B 97 10.22 33.13 -6.05
N ALA B 98 10.49 33.30 -7.34
CA ALA B 98 11.21 34.48 -7.80
C ALA B 98 10.51 35.75 -7.34
N LYS B 99 9.25 35.62 -6.92
CA LYS B 99 8.48 36.75 -6.44
C LYS B 99 8.17 36.62 -4.96
N GLY B 100 8.88 35.72 -4.28
CA GLY B 100 8.70 35.56 -2.85
C GLY B 100 7.53 34.70 -2.41
N GLY B 101 6.74 34.23 -3.36
CA GLY B 101 5.59 33.43 -3.01
C GLY B 101 5.89 31.95 -2.84
N PHE B 102 5.01 31.27 -2.12
CA PHE B 102 5.12 29.82 -1.92
C PHE B 102 3.99 29.19 -2.73
N ILE B 103 4.15 27.94 -3.10
CA ILE B 103 3.10 27.29 -3.85
C ILE B 103 3.12 25.79 -3.66
N PHE B 104 1.93 25.27 -3.35
CA PHE B 104 1.73 23.86 -3.16
C PHE B 104 1.05 23.35 -4.41
N CYS B 105 1.23 22.08 -4.72
CA CYS B 105 0.57 21.52 -5.88
C CYS B 105 -0.59 20.71 -5.33
N GLN B 106 -1.81 21.04 -5.75
CA GLN B 106 -2.94 20.26 -5.26
C GLN B 106 -3.06 18.95 -6.04
N LEU B 107 -2.92 17.83 -5.34
CA LEU B 107 -3.02 16.53 -5.96
C LEU B 107 -4.51 16.25 -6.07
N TRP B 108 -4.96 16.13 -7.30
CA TRP B 108 -6.37 15.97 -7.58
C TRP B 108 -6.82 14.77 -8.39
N HIS B 109 -7.81 14.06 -7.85
CA HIS B 109 -8.37 12.96 -8.58
C HIS B 109 -9.87 13.17 -8.44
N VAL B 110 -10.55 13.28 -9.59
CA VAL B 110 -11.99 13.53 -9.60
C VAL B 110 -12.87 12.31 -9.37
N GLY B 111 -12.28 11.13 -9.44
CA GLY B 111 -13.07 9.93 -9.23
C GLY B 111 -14.21 9.84 -10.24
N ARG B 112 -15.42 9.67 -9.75
CA ARG B 112 -16.57 9.52 -10.63
C ARG B 112 -16.98 10.82 -11.31
N ALA B 113 -16.38 11.94 -10.90
CA ALA B 113 -16.72 13.23 -11.51
C ALA B 113 -15.87 13.40 -12.75
N SER B 114 -16.03 12.46 -13.68
CA SER B 114 -15.25 12.53 -14.90
C SER B 114 -16.09 12.00 -16.06
N HIS B 115 -15.42 11.63 -17.14
CA HIS B 115 -16.13 11.14 -18.30
C HIS B 115 -15.17 10.29 -19.10
N ALA B 116 -15.72 9.37 -19.90
CA ALA B 116 -14.91 8.49 -20.75
C ALA B 116 -13.84 9.27 -21.50
N VAL B 117 -14.19 10.49 -21.91
CA VAL B 117 -13.26 11.33 -22.65
C VAL B 117 -11.95 11.56 -21.87
N TYR B 118 -12.05 11.61 -20.54
CA TYR B 118 -10.87 11.86 -19.70
C TYR B 118 -10.26 10.60 -19.14
N GLN B 119 -10.80 9.46 -19.52
CA GLN B 119 -10.30 8.20 -18.99
C GLN B 119 -9.36 7.48 -19.93
N PRO B 120 -8.37 6.77 -19.37
CA PRO B 120 -7.44 6.05 -20.24
C PRO B 120 -8.29 5.03 -20.99
N ASN B 121 -8.15 4.98 -22.30
CA ASN B 121 -8.89 4.02 -23.11
C ASN B 121 -10.39 4.25 -23.16
N GLY B 122 -10.80 5.49 -22.85
CA GLY B 122 -12.22 5.83 -22.86
C GLY B 122 -13.03 4.93 -21.95
N GLY B 123 -12.45 4.53 -20.82
CA GLY B 123 -13.14 3.66 -19.91
C GLY B 123 -13.97 4.44 -18.90
N SER B 124 -14.49 3.73 -17.92
CA SER B 124 -15.29 4.34 -16.89
C SER B 124 -14.47 4.97 -15.79
N PRO B 125 -14.87 6.17 -15.34
CA PRO B 125 -14.15 6.84 -14.26
C PRO B 125 -14.21 5.92 -13.04
N ILE B 126 -13.19 5.98 -12.20
CA ILE B 126 -13.19 5.13 -11.02
C ILE B 126 -13.75 5.87 -9.81
N SER B 127 -14.28 5.11 -8.87
CA SER B 127 -14.87 5.70 -7.69
C SER B 127 -14.99 4.67 -6.58
N SER B 128 -15.43 5.12 -5.42
CA SER B 128 -15.61 4.22 -4.31
C SER B 128 -16.87 3.41 -4.62
N THR B 129 -17.72 4.00 -5.46
CA THR B 129 -19.02 3.40 -5.80
C THR B 129 -19.27 3.22 -7.30
N ASN B 130 -20.37 2.54 -7.61
CA ASN B 130 -20.78 2.31 -8.98
C ASN B 130 -21.93 3.28 -9.29
N LYS B 131 -22.31 4.07 -8.30
CA LYS B 131 -23.39 5.03 -8.45
C LYS B 131 -22.85 6.33 -9.06
N PRO B 132 -23.52 6.83 -10.11
CA PRO B 132 -23.14 8.06 -10.80
C PRO B 132 -23.64 9.31 -10.10
N ILE B 133 -23.10 10.44 -10.53
CA ILE B 133 -23.50 11.75 -10.05
C ILE B 133 -24.78 12.04 -10.86
N SER B 134 -25.88 12.33 -10.17
CA SER B 134 -27.14 12.59 -10.85
C SER B 134 -27.06 13.64 -11.95
N GLU B 135 -27.74 13.35 -13.06
CA GLU B 135 -27.79 14.26 -14.21
C GLU B 135 -28.70 15.41 -13.84
N ASN B 136 -29.50 15.18 -12.82
CA ASN B 136 -30.42 16.19 -12.32
C ASN B 136 -29.72 17.46 -11.92
N ARG B 137 -28.51 17.33 -11.38
CA ARG B 137 -27.86 18.53 -10.89
C ARG B 137 -26.43 18.83 -11.30
N TRP B 138 -25.80 17.93 -12.02
CA TRP B 138 -24.43 18.18 -12.41
C TRP B 138 -24.11 17.71 -13.81
N ARG B 139 -23.26 18.47 -14.48
CA ARG B 139 -22.84 18.16 -15.82
C ARG B 139 -21.33 18.16 -15.85
N VAL B 140 -20.77 17.31 -16.68
CA VAL B 140 -19.33 17.23 -16.81
C VAL B 140 -18.97 18.02 -18.07
N LEU B 141 -18.03 18.95 -17.94
CA LEU B 141 -17.58 19.78 -19.05
C LEU B 141 -16.63 18.97 -19.92
N LEU B 142 -16.89 18.94 -21.22
CA LEU B 142 -16.02 18.20 -22.13
C LEU B 142 -15.16 19.18 -22.93
N PRO B 143 -14.04 18.70 -23.48
CA PRO B 143 -13.11 19.52 -24.26
C PRO B 143 -13.77 20.38 -25.33
N ASP B 144 -14.67 19.80 -26.13
CA ASP B 144 -15.33 20.55 -27.18
C ASP B 144 -16.20 21.64 -26.57
N GLY B 145 -16.17 21.74 -25.25
CA GLY B 145 -16.94 22.76 -24.58
C GLY B 145 -18.37 22.38 -24.25
N SER B 146 -18.73 21.11 -24.45
CA SER B 146 -20.10 20.69 -24.14
C SER B 146 -20.21 20.22 -22.68
N HIS B 147 -21.44 20.13 -22.18
CA HIS B 147 -21.71 19.68 -20.82
C HIS B 147 -22.63 18.48 -20.91
N VAL B 148 -22.15 17.32 -20.48
CA VAL B 148 -22.98 16.10 -20.52
C VAL B 148 -23.16 15.45 -19.16
N LYS B 149 -24.03 14.43 -19.13
CA LYS B 149 -24.31 13.68 -17.92
C LYS B 149 -23.04 12.97 -17.43
N TYR B 150 -22.94 12.78 -16.12
CA TYR B 150 -21.81 12.05 -15.56
C TYR B 150 -22.06 10.58 -15.82
N PRO B 151 -21.04 9.83 -16.26
CA PRO B 151 -21.28 8.42 -16.51
C PRO B 151 -21.29 7.58 -15.26
N LYS B 152 -21.68 6.33 -15.43
CA LYS B 152 -21.69 5.37 -14.35
C LYS B 152 -20.23 5.07 -14.04
N PRO B 153 -19.79 5.36 -12.81
CA PRO B 153 -18.40 5.08 -12.47
C PRO B 153 -18.24 3.60 -12.13
N ARG B 154 -17.00 3.13 -12.10
CA ARG B 154 -16.73 1.75 -11.75
C ARG B 154 -16.12 1.81 -10.37
N ALA B 155 -16.76 1.17 -9.39
CA ALA B 155 -16.23 1.18 -8.04
C ALA B 155 -14.89 0.47 -8.02
N LEU B 156 -13.91 1.13 -7.42
CA LEU B 156 -12.58 0.57 -7.31
C LEU B 156 -12.61 -0.73 -6.54
N GLU B 157 -11.80 -1.68 -6.98
CA GLU B 157 -11.67 -2.95 -6.29
C GLU B 157 -10.68 -2.64 -5.18
N ALA B 158 -10.84 -3.28 -4.02
CA ALA B 158 -9.94 -3.04 -2.90
C ALA B 158 -8.47 -3.00 -3.32
N SER B 159 -8.07 -3.90 -4.22
CA SER B 159 -6.69 -3.98 -4.67
C SER B 159 -6.25 -2.79 -5.52
N GLU B 160 -7.20 -2.11 -6.14
CA GLU B 160 -6.87 -0.96 -6.96
C GLU B 160 -6.57 0.27 -6.12
N ILE B 161 -7.26 0.42 -4.99
CA ILE B 161 -7.08 1.57 -4.14
C ILE B 161 -5.61 1.89 -3.85
N PRO B 162 -4.81 0.89 -3.43
CA PRO B 162 -3.40 1.20 -3.16
C PRO B 162 -2.66 1.72 -4.39
N ARG B 163 -3.08 1.30 -5.57
CA ARG B 163 -2.41 1.79 -6.76
C ARG B 163 -2.69 3.28 -6.93
N VAL B 164 -3.90 3.71 -6.60
CA VAL B 164 -4.24 5.11 -6.72
C VAL B 164 -3.38 5.88 -5.74
N VAL B 165 -3.27 5.37 -4.52
CA VAL B 165 -2.46 6.00 -3.50
C VAL B 165 -1.07 6.27 -4.08
N GLU B 166 -0.48 5.25 -4.69
CA GLU B 166 0.85 5.39 -5.28
C GLU B 166 0.88 6.53 -6.28
N ASP B 167 -0.22 6.74 -7.01
CA ASP B 167 -0.27 7.83 -7.98
C ASP B 167 -0.13 9.15 -7.25
N TYR B 168 -0.76 9.26 -6.08
CA TYR B 168 -0.65 10.49 -5.30
C TYR B 168 0.80 10.59 -4.84
N CYS B 169 1.45 9.43 -4.70
CA CYS B 169 2.84 9.41 -4.26
C CYS B 169 3.82 9.85 -5.32
N LEU B 170 3.77 9.25 -6.49
CA LEU B 170 4.69 9.63 -7.56
C LEU B 170 4.46 11.08 -7.93
N SER B 171 3.21 11.53 -7.77
CA SER B 171 2.85 12.88 -8.11
C SER B 171 3.35 13.87 -7.06
N ALA B 172 3.27 13.47 -5.80
CA ALA B 172 3.71 14.33 -4.71
C ALA B 172 5.20 14.57 -4.92
N LEU B 173 5.91 13.46 -5.15
CA LEU B 173 7.35 13.51 -5.37
C LEU B 173 7.62 14.36 -6.59
N ASN B 174 6.80 14.18 -7.62
CA ASN B 174 6.92 14.94 -8.84
C ASN B 174 6.75 16.43 -8.57
N ALA B 175 5.74 16.75 -7.77
CA ALA B 175 5.48 18.13 -7.43
C ALA B 175 6.72 18.78 -6.81
N ILE B 176 7.42 18.01 -5.96
CA ILE B 176 8.60 18.51 -5.32
C ILE B 176 9.67 18.73 -6.39
N ARG B 177 9.86 17.71 -7.22
CA ARG B 177 10.84 17.80 -8.30
C ARG B 177 10.62 19.05 -9.13
N ALA B 178 9.35 19.39 -9.34
CA ALA B 178 9.02 20.57 -10.14
C ALA B 178 9.30 21.88 -9.38
N GLY B 179 9.66 21.76 -8.10
CA GLY B 179 9.93 22.94 -7.29
C GLY B 179 8.83 23.37 -6.33
N PHE B 180 7.65 22.75 -6.47
CA PHE B 180 6.54 23.11 -5.57
C PHE B 180 7.00 23.00 -4.12
N ASP B 181 6.56 23.94 -3.30
CA ASP B 181 6.93 23.93 -1.90
C ASP B 181 6.23 22.83 -1.12
N GLY B 182 5.20 22.24 -1.74
CA GLY B 182 4.45 21.17 -1.08
C GLY B 182 3.28 20.79 -1.96
N ILE B 183 2.42 19.94 -1.42
CA ILE B 183 1.25 19.52 -2.17
C ILE B 183 0.04 19.60 -1.27
N GLU B 184 -1.13 19.72 -1.89
CA GLU B 184 -2.36 19.74 -1.11
C GLU B 184 -3.10 18.51 -1.58
N ILE B 185 -3.65 17.76 -0.63
CA ILE B 185 -4.42 16.60 -1.01
C ILE B 185 -5.83 17.11 -1.17
N HIS B 186 -6.32 17.09 -2.40
CA HIS B 186 -7.65 17.55 -2.68
C HIS B 186 -8.59 16.43 -2.24
N GLY B 187 -9.17 16.56 -1.05
CA GLY B 187 -10.09 15.52 -0.58
C GLY B 187 -11.47 16.12 -0.35
N ALA B 188 -11.85 17.06 -1.20
CA ALA B 188 -13.12 17.73 -1.03
C ALA B 188 -13.97 17.82 -2.29
N HIS B 189 -15.12 18.49 -2.15
CA HIS B 189 -16.00 18.76 -3.28
C HIS B 189 -16.59 17.61 -4.10
N GLY B 190 -16.73 16.43 -3.48
CA GLY B 190 -17.31 15.31 -4.18
C GLY B 190 -16.41 14.55 -5.13
N TYR B 191 -15.11 14.81 -5.06
CA TYR B 191 -14.19 14.10 -5.92
C TYR B 191 -13.75 12.76 -5.31
N LEU B 192 -12.88 12.02 -5.98
CA LEU B 192 -12.49 10.69 -5.52
C LEU B 192 -12.41 10.49 -4.01
N ILE B 193 -11.48 11.16 -3.35
CA ILE B 193 -11.34 11.01 -1.93
C ILE B 193 -12.66 11.27 -1.22
N ASP B 194 -13.34 12.36 -1.60
CA ASP B 194 -14.61 12.68 -0.99
C ASP B 194 -15.65 11.60 -1.27
N GLN B 195 -15.52 10.94 -2.42
CA GLN B 195 -16.42 9.87 -2.80
C GLN B 195 -16.31 8.70 -1.82
N PHE B 196 -15.24 8.69 -1.02
CA PHE B 196 -15.09 7.64 0.01
C PHE B 196 -15.55 8.21 1.34
N LEU B 197 -15.21 9.47 1.58
CA LEU B 197 -15.58 10.14 2.83
C LEU B 197 -17.07 10.37 3.06
N LYS B 198 -17.77 10.81 2.02
CA LYS B 198 -19.21 11.09 2.15
C LYS B 198 -20.04 9.82 2.27
N ASP B 199 -20.84 9.75 3.33
CA ASP B 199 -21.66 8.58 3.55
C ASP B 199 -22.88 8.63 2.65
N GLY B 200 -22.96 9.66 1.82
CA GLY B 200 -24.05 9.79 0.88
C GLY B 200 -23.63 9.17 -0.46
N ILE B 201 -22.33 8.91 -0.59
CA ILE B 201 -21.78 8.33 -1.80
C ILE B 201 -21.23 6.94 -1.55
N ASN B 202 -20.39 6.82 -0.53
CA ASN B 202 -19.75 5.55 -0.19
C ASN B 202 -20.73 4.48 0.25
N ASP B 203 -21.26 3.73 -0.71
CA ASP B 203 -22.18 2.66 -0.40
C ASP B 203 -21.40 1.35 -0.32
N ARG B 204 -20.07 1.45 -0.17
CA ARG B 204 -19.23 0.27 -0.09
C ARG B 204 -19.47 -0.45 1.22
N THR B 205 -19.23 -1.75 1.20
CA THR B 205 -19.43 -2.60 2.36
C THR B 205 -18.13 -3.28 2.80
N ASP B 206 -17.02 -2.92 2.15
CA ASP B 206 -15.74 -3.52 2.55
C ASP B 206 -15.07 -2.60 3.59
N GLN B 207 -13.75 -2.70 3.72
CA GLN B 207 -13.03 -1.90 4.70
C GLN B 207 -12.92 -0.42 4.36
N TYR B 208 -13.23 -0.06 3.13
CA TYR B 208 -13.17 1.35 2.76
C TYR B 208 -14.52 2.00 2.86
N GLY B 209 -15.50 1.26 3.39
CA GLY B 209 -16.84 1.80 3.51
C GLY B 209 -17.50 1.41 4.82
N GLY B 210 -18.70 1.95 5.05
CA GLY B 210 -19.42 1.64 6.28
C GLY B 210 -19.13 2.65 7.37
N SER B 211 -18.34 2.22 8.35
CA SER B 211 -17.98 3.07 9.48
C SER B 211 -17.26 4.35 8.99
N ILE B 212 -17.28 5.38 9.83
CA ILE B 212 -16.64 6.62 9.45
C ILE B 212 -15.15 6.38 9.30
N ALA B 213 -14.58 5.60 10.21
CA ALA B 213 -13.17 5.28 10.15
C ALA B 213 -12.90 4.67 8.77
N ASN B 214 -13.77 3.76 8.35
CA ASN B 214 -13.62 3.09 7.06
C ASN B 214 -13.65 4.10 5.92
N ARG B 215 -14.60 5.02 5.97
CA ARG B 215 -14.71 6.01 4.92
C ARG B 215 -13.48 6.91 4.88
N CYS B 216 -12.75 6.99 6.00
CA CYS B 216 -11.56 7.82 6.05
C CYS B 216 -10.29 7.06 5.65
N ARG B 217 -10.40 5.73 5.62
CA ARG B 217 -9.25 4.90 5.31
C ARG B 217 -8.50 5.38 4.07
N PHE B 218 -9.24 5.61 2.98
CA PHE B 218 -8.58 6.04 1.75
C PHE B 218 -7.79 7.33 1.92
N LEU B 219 -8.47 8.37 2.41
CA LEU B 219 -7.82 9.66 2.63
C LEU B 219 -6.56 9.46 3.47
N LYS B 220 -6.70 8.64 4.50
CA LYS B 220 -5.58 8.36 5.40
C LYS B 220 -4.39 7.78 4.66
N GLN B 221 -4.65 6.74 3.86
CA GLN B 221 -3.59 6.11 3.08
C GLN B 221 -2.96 7.15 2.18
N VAL B 222 -3.77 7.97 1.53
CA VAL B 222 -3.24 9.01 0.67
C VAL B 222 -2.35 9.97 1.46
N VAL B 223 -2.82 10.43 2.62
CA VAL B 223 -2.01 11.34 3.43
C VAL B 223 -0.75 10.62 3.89
N GLU B 224 -0.91 9.40 4.40
CA GLU B 224 0.25 8.64 4.84
C GLU B 224 1.22 8.44 3.70
N GLY B 225 0.70 8.12 2.52
CA GLY B 225 1.57 7.89 1.38
C GLY B 225 2.42 9.11 1.06
N VAL B 226 1.77 10.16 0.58
CA VAL B 226 2.45 11.40 0.23
C VAL B 226 3.34 11.92 1.37
N VAL B 227 2.88 11.76 2.60
CA VAL B 227 3.64 12.21 3.77
C VAL B 227 4.97 11.46 3.84
N SER B 228 4.90 10.14 3.81
CA SER B 228 6.10 9.31 3.88
C SER B 228 6.99 9.62 2.67
N ALA B 229 6.39 10.27 1.68
CA ALA B 229 7.11 10.60 0.46
C ALA B 229 7.75 11.97 0.49
N ILE B 230 7.14 12.94 1.16
CA ILE B 230 7.70 14.28 1.17
C ILE B 230 7.70 15.00 2.51
N GLY B 231 7.20 14.35 3.55
CA GLY B 231 7.15 14.98 4.85
C GLY B 231 5.86 15.76 5.05
N ALA B 232 5.29 15.66 6.25
CA ALA B 232 4.05 16.33 6.57
C ALA B 232 4.11 17.85 6.38
N SER B 233 5.23 18.43 6.78
CA SER B 233 5.38 19.88 6.69
C SER B 233 5.17 20.39 5.27
N LYS B 234 5.16 19.49 4.29
CA LYS B 234 4.95 19.89 2.90
C LYS B 234 3.61 19.38 2.39
N VAL B 235 2.75 18.98 3.32
CA VAL B 235 1.45 18.45 2.93
C VAL B 235 0.25 19.16 3.54
N GLY B 236 -0.61 19.66 2.66
CA GLY B 236 -1.83 20.29 3.10
C GLY B 236 -2.93 19.30 2.74
N VAL B 237 -4.06 19.39 3.42
CA VAL B 237 -5.17 18.49 3.17
C VAL B 237 -6.46 19.31 3.05
N ARG B 238 -7.14 19.20 1.92
CA ARG B 238 -8.38 19.93 1.74
C ARG B 238 -9.59 18.99 1.82
N VAL B 239 -10.57 19.38 2.63
CA VAL B 239 -11.81 18.61 2.76
C VAL B 239 -12.96 19.62 2.82
N SER B 240 -14.20 19.13 2.77
CA SER B 240 -15.39 19.97 2.82
C SER B 240 -16.59 19.09 3.20
N PRO B 241 -16.67 18.71 4.48
CA PRO B 241 -17.74 17.86 5.01
C PRO B 241 -19.15 18.36 4.73
N ALA B 242 -19.31 19.68 4.72
CA ALA B 242 -20.61 20.29 4.52
C ALA B 242 -20.82 20.84 3.12
N ILE B 243 -19.97 20.46 2.19
CA ILE B 243 -20.13 20.88 0.82
C ILE B 243 -20.66 19.61 0.15
N ASP B 244 -21.84 19.69 -0.44
CA ASP B 244 -22.44 18.53 -1.08
C ASP B 244 -22.35 18.57 -2.60
N HIS B 245 -21.44 19.41 -3.08
CA HIS B 245 -21.14 19.56 -4.49
C HIS B 245 -21.05 18.16 -5.09
N LEU B 246 -21.56 18.00 -6.31
CA LEU B 246 -21.53 16.71 -6.99
C LEU B 246 -22.13 15.55 -6.20
N ASP B 247 -23.26 15.82 -5.54
CA ASP B 247 -23.95 14.81 -4.75
C ASP B 247 -23.01 14.14 -3.77
N ALA B 248 -22.32 14.96 -2.98
CA ALA B 248 -21.38 14.45 -2.00
C ALA B 248 -21.76 14.96 -0.61
N THR B 249 -22.92 14.54 -0.12
CA THR B 249 -23.34 14.98 1.19
C THR B 249 -23.23 13.85 2.20
N ASP B 250 -23.02 14.24 3.46
CA ASP B 250 -22.92 13.28 4.55
C ASP B 250 -24.06 13.58 5.50
N SER B 251 -24.61 12.54 6.12
CA SER B 251 -25.71 12.69 7.05
C SER B 251 -25.34 13.48 8.31
N ASP B 252 -24.05 13.75 8.49
CA ASP B 252 -23.59 14.48 9.66
C ASP B 252 -22.20 15.01 9.39
N PRO B 253 -22.12 16.11 8.65
CA PRO B 253 -20.83 16.72 8.30
C PRO B 253 -19.91 17.04 9.48
N LEU B 254 -20.45 17.66 10.52
CA LEU B 254 -19.64 18.01 11.69
C LEU B 254 -18.83 16.82 12.21
N SER B 255 -19.47 15.66 12.29
CA SER B 255 -18.79 14.49 12.80
C SER B 255 -17.84 13.94 11.75
N LEU B 256 -18.23 14.07 10.48
CA LEU B 256 -17.36 13.60 9.42
C LEU B 256 -16.06 14.40 9.50
N GLY B 257 -16.21 15.72 9.62
CA GLY B 257 -15.06 16.60 9.70
C GLY B 257 -14.18 16.24 10.89
N LEU B 258 -14.81 15.98 12.02
CA LEU B 258 -14.06 15.64 13.23
C LEU B 258 -13.35 14.33 13.04
N ALA B 259 -13.95 13.46 12.24
CA ALA B 259 -13.38 12.16 11.94
C ALA B 259 -12.08 12.44 11.22
N VAL B 260 -12.14 13.31 10.22
CA VAL B 260 -10.94 13.67 9.47
C VAL B 260 -9.93 14.34 10.37
N VAL B 261 -10.38 15.35 11.11
CA VAL B 261 -9.48 16.06 11.99
C VAL B 261 -8.78 15.08 12.93
N GLY B 262 -9.56 14.16 13.48
CA GLY B 262 -9.00 13.19 14.41
C GLY B 262 -7.95 12.35 13.75
N MET B 263 -8.27 11.83 12.57
CA MET B 263 -7.34 11.00 11.83
C MET B 263 -6.06 11.78 11.54
N LEU B 264 -6.19 13.07 11.22
CA LEU B 264 -5.01 13.88 10.94
C LEU B 264 -4.21 14.19 12.19
N ASN B 265 -4.88 14.45 13.30
CA ASN B 265 -4.16 14.72 14.55
C ASN B 265 -3.43 13.45 14.97
N LYS B 266 -4.15 12.33 14.92
CA LYS B 266 -3.59 11.04 15.32
C LYS B 266 -2.42 10.69 14.42
N LEU B 267 -2.49 11.14 13.17
CA LEU B 267 -1.43 10.86 12.21
C LEU B 267 -0.20 11.72 12.51
N GLN B 268 -0.42 13.02 12.69
CA GLN B 268 0.67 13.92 12.97
C GLN B 268 1.46 13.42 14.17
N GLY B 269 0.77 12.82 15.14
CA GLY B 269 1.44 12.28 16.31
C GLY B 269 2.40 11.16 15.91
N VAL B 270 1.82 10.07 15.40
CA VAL B 270 2.58 8.91 14.95
C VAL B 270 3.70 9.29 13.99
N ASN B 271 3.48 10.32 13.17
CA ASN B 271 4.51 10.78 12.24
C ASN B 271 5.47 11.74 12.93
N GLY B 272 5.03 12.31 14.06
CA GLY B 272 5.86 13.24 14.81
C GLY B 272 6.17 14.51 14.06
N SER B 273 5.21 15.02 13.29
CA SER B 273 5.39 16.25 12.53
C SER B 273 4.05 16.77 12.01
N LYS B 274 3.86 18.08 12.12
CA LYS B 274 2.63 18.72 11.68
C LYS B 274 2.49 18.85 10.17
N LEU B 275 1.27 18.64 9.71
CA LEU B 275 0.96 18.79 8.31
C LEU B 275 1.12 20.29 8.07
N ALA B 276 1.29 20.67 6.81
CA ALA B 276 1.43 22.09 6.49
C ALA B 276 0.15 22.78 6.92
N TYR B 277 -0.99 22.13 6.68
CA TYR B 277 -2.26 22.70 7.07
C TYR B 277 -3.43 21.80 6.69
N LEU B 278 -4.58 22.13 7.29
CA LEU B 278 -5.84 21.48 7.03
C LEU B 278 -6.62 22.62 6.38
N HIS B 279 -7.17 22.36 5.20
CA HIS B 279 -7.90 23.34 4.44
C HIS B 279 -9.32 22.84 4.28
N VAL B 280 -10.28 23.64 4.74
CA VAL B 280 -11.68 23.26 4.68
C VAL B 280 -12.50 24.33 4.01
N THR B 281 -13.24 23.92 2.98
CA THR B 281 -14.11 24.82 2.26
C THR B 281 -15.44 24.69 2.93
N GLN B 282 -16.01 25.82 3.33
CA GLN B 282 -17.29 25.80 3.97
C GLN B 282 -18.34 26.21 2.97
N PRO B 283 -19.57 25.74 3.18
CA PRO B 283 -20.66 26.09 2.28
C PRO B 283 -21.17 27.46 2.74
N ARG B 284 -21.88 28.15 1.86
CA ARG B 284 -22.47 29.45 2.17
C ARG B 284 -23.94 29.26 1.84
N TYR B 285 -24.82 29.76 2.70
CA TYR B 285 -26.24 29.59 2.45
C TYR B 285 -26.77 30.75 1.63
N HIS B 286 -27.98 30.57 1.10
CA HIS B 286 -28.66 31.58 0.30
C HIS B 286 -29.56 32.39 1.22
N ALA B 287 -29.22 33.65 1.42
CA ALA B 287 -30.01 34.53 2.28
C ALA B 287 -31.19 35.13 1.51
N TYR B 288 -31.98 35.94 2.20
CA TYR B 288 -33.14 36.58 1.59
C TYR B 288 -33.19 38.05 1.97
N ASP B 299 -23.41 31.50 8.16
CA ASP B 299 -24.31 31.71 9.29
C ASP B 299 -23.68 31.30 10.62
N GLU B 300 -24.55 30.96 11.57
CA GLU B 300 -24.13 30.55 12.90
C GLU B 300 -23.66 29.09 12.83
N GLU B 301 -24.49 28.23 12.24
CA GLU B 301 -24.16 26.81 12.10
C GLU B 301 -22.85 26.60 11.34
N GLU B 302 -22.79 27.16 10.12
CA GLU B 302 -21.61 27.06 9.28
C GLU B 302 -20.37 27.42 10.08
N ALA B 303 -20.50 28.48 10.87
CA ALA B 303 -19.40 28.95 11.68
C ALA B 303 -19.02 27.94 12.75
N LYS B 304 -20.04 27.39 13.42
CA LYS B 304 -19.83 26.42 14.49
C LYS B 304 -19.15 25.17 13.94
N LEU B 305 -19.58 24.72 12.77
CA LEU B 305 -18.99 23.55 12.17
C LEU B 305 -17.49 23.84 11.91
N MET B 306 -17.22 24.96 11.25
CA MET B 306 -15.87 25.34 10.93
C MET B 306 -15.03 25.54 12.18
N LYS B 307 -15.62 26.20 13.18
CA LYS B 307 -14.91 26.48 14.42
C LYS B 307 -14.60 25.19 15.16
N SER B 308 -15.54 24.24 15.08
CA SER B 308 -15.37 22.96 15.72
C SER B 308 -14.20 22.26 15.08
N LEU B 309 -14.18 22.26 13.75
CA LEU B 309 -13.11 21.60 13.01
C LEU B 309 -11.80 22.29 13.34
N ARG B 310 -11.83 23.60 13.37
CA ARG B 310 -10.61 24.36 13.64
C ARG B 310 -10.05 24.07 15.02
N MET B 311 -10.84 24.27 16.07
CA MET B 311 -10.36 24.01 17.43
C MET B 311 -9.94 22.55 17.60
N ALA B 312 -10.64 21.64 16.92
CA ALA B 312 -10.34 20.22 17.04
C ALA B 312 -9.03 19.84 16.36
N TYR B 313 -8.72 20.53 15.26
CA TYR B 313 -7.51 20.25 14.52
C TYR B 313 -6.25 20.82 15.15
N ASN B 314 -5.23 19.98 15.29
CA ASN B 314 -3.96 20.43 15.85
C ASN B 314 -3.05 20.95 14.74
N GLY B 315 -3.18 22.23 14.42
CA GLY B 315 -2.34 22.76 13.37
C GLY B 315 -2.94 23.95 12.67
N THR B 316 -2.39 24.27 11.51
CA THR B 316 -2.83 25.41 10.74
C THR B 316 -4.13 25.10 10.05
N PHE B 317 -5.12 25.96 10.28
CA PHE B 317 -6.42 25.75 9.69
C PHE B 317 -6.60 26.76 8.59
N MET B 318 -7.12 26.31 7.46
CA MET B 318 -7.36 27.22 6.35
C MET B 318 -8.83 27.16 5.98
N SER B 319 -9.48 28.31 6.03
CA SER B 319 -10.89 28.39 5.70
C SER B 319 -11.03 28.88 4.27
N SER B 320 -12.13 28.47 3.64
CA SER B 320 -12.43 28.87 2.29
C SER B 320 -13.91 28.78 2.02
N GLY B 321 -14.37 29.49 1.00
CA GLY B 321 -15.78 29.42 0.64
C GLY B 321 -16.46 30.77 0.70
N GLY B 322 -16.57 31.44 -0.44
CA GLY B 322 -17.22 32.73 -0.48
C GLY B 322 -16.70 33.76 0.51
N PHE B 323 -15.40 33.77 0.76
CA PHE B 323 -14.85 34.75 1.67
C PHE B 323 -14.53 36.06 0.96
N ASN B 324 -14.66 37.17 1.67
CA ASN B 324 -14.28 38.45 1.11
C ASN B 324 -13.31 39.00 2.13
N LYS B 325 -12.76 40.19 1.91
CA LYS B 325 -11.81 40.73 2.87
C LYS B 325 -12.35 40.73 4.30
N GLU B 326 -13.53 41.30 4.51
CA GLU B 326 -14.14 41.40 5.84
C GLU B 326 -14.32 40.05 6.55
N LEU B 327 -14.84 39.07 5.84
CA LEU B 327 -15.05 37.75 6.44
C LEU B 327 -13.69 37.15 6.77
N GLY B 328 -12.71 37.42 5.91
CA GLY B 328 -11.37 36.89 6.13
C GLY B 328 -10.74 37.52 7.35
N MET B 329 -10.85 38.84 7.43
CA MET B 329 -10.31 39.61 8.56
C MET B 329 -11.02 39.13 9.82
N GLN B 330 -12.32 38.93 9.71
CA GLN B 330 -13.12 38.45 10.83
C GLN B 330 -12.63 37.07 11.28
N ALA B 331 -12.47 36.16 10.32
CA ALA B 331 -11.99 34.81 10.60
C ALA B 331 -10.65 34.83 11.34
N VAL B 332 -9.66 35.53 10.79
CA VAL B 332 -8.35 35.57 11.45
C VAL B 332 -8.42 36.30 12.79
N GLN B 333 -8.98 37.49 12.80
CA GLN B 333 -9.10 38.29 14.02
C GLN B 333 -9.80 37.52 15.15
N GLN B 334 -10.80 36.71 14.79
CA GLN B 334 -11.55 35.94 15.78
C GLN B 334 -11.00 34.54 16.09
N GLY B 335 -9.84 34.22 15.52
CA GLY B 335 -9.26 32.91 15.76
C GLY B 335 -10.02 31.82 15.02
N ASP B 336 -10.82 32.21 14.05
CA ASP B 336 -11.60 31.24 13.26
C ASP B 336 -10.71 30.45 12.30
N ALA B 337 -9.67 31.09 11.80
CA ALA B 337 -8.79 30.44 10.85
C ALA B 337 -7.43 31.12 10.91
N ASP B 338 -6.40 30.43 10.47
CA ASP B 338 -5.06 31.02 10.44
C ASP B 338 -4.86 31.60 9.05
N LEU B 339 -5.44 30.92 8.07
CA LEU B 339 -5.34 31.31 6.67
C LEU B 339 -6.72 31.21 6.04
N VAL B 340 -6.94 32.07 5.05
CA VAL B 340 -8.21 32.11 4.34
C VAL B 340 -7.88 32.12 2.86
N SER B 341 -8.36 31.11 2.13
CA SER B 341 -8.11 31.05 0.70
C SER B 341 -9.26 31.69 -0.06
N TYR B 342 -8.91 32.42 -1.11
CA TYR B 342 -9.87 33.12 -1.94
C TYR B 342 -9.81 32.59 -3.35
N GLY B 343 -10.96 32.19 -3.88
CA GLY B 343 -11.01 31.66 -5.21
C GLY B 343 -11.44 32.71 -6.22
N ARG B 344 -12.74 32.84 -6.42
CA ARG B 344 -13.26 33.79 -7.40
C ARG B 344 -12.63 35.17 -7.40
N LEU B 345 -12.43 35.75 -6.22
CA LEU B 345 -11.84 37.08 -6.15
C LEU B 345 -10.41 37.09 -6.67
N PHE B 346 -9.68 36.01 -6.43
CA PHE B 346 -8.30 35.96 -6.89
C PHE B 346 -8.28 35.75 -8.38
N ILE B 347 -9.39 35.31 -8.94
CA ILE B 347 -9.47 35.11 -10.39
C ILE B 347 -9.27 36.43 -11.15
N ALA B 348 -10.06 37.42 -10.77
CA ALA B 348 -10.06 38.74 -11.43
C ALA B 348 -9.14 39.76 -10.78
N ASN B 349 -8.71 39.47 -9.57
CA ASN B 349 -7.85 40.38 -8.82
C ASN B 349 -6.53 39.68 -8.52
N PRO B 350 -5.65 39.67 -9.51
CA PRO B 350 -4.35 39.02 -9.32
C PRO B 350 -3.63 39.63 -8.14
N ASP B 351 -4.02 40.88 -7.85
CA ASP B 351 -3.42 41.64 -6.76
C ASP B 351 -4.45 41.82 -5.65
N LEU B 352 -5.12 40.72 -5.31
CA LEU B 352 -6.13 40.77 -4.27
C LEU B 352 -5.54 41.29 -2.98
N VAL B 353 -4.39 40.76 -2.60
CA VAL B 353 -3.75 41.19 -1.36
C VAL B 353 -3.57 42.68 -1.28
N SER B 354 -2.95 43.27 -2.29
CA SER B 354 -2.74 44.71 -2.29
C SER B 354 -4.10 45.43 -2.35
N ARG B 355 -5.06 44.87 -3.07
CA ARG B 355 -6.36 45.52 -3.13
C ARG B 355 -6.98 45.50 -1.75
N PHE B 356 -6.90 44.36 -1.08
CA PHE B 356 -7.44 44.25 0.28
C PHE B 356 -6.73 45.24 1.21
N LYS B 357 -5.42 45.34 1.09
CA LYS B 357 -4.69 46.29 1.94
C LYS B 357 -5.16 47.74 1.77
N ILE B 358 -5.27 48.20 0.53
CA ILE B 358 -5.69 49.58 0.29
C ILE B 358 -7.21 49.70 0.36
N ASP B 359 -7.88 48.57 0.53
CA ASP B 359 -9.34 48.54 0.60
C ASP B 359 -9.87 49.12 -0.72
N GLY B 360 -9.20 48.77 -1.80
CA GLY B 360 -9.60 49.27 -3.10
C GLY B 360 -10.71 48.45 -3.72
N GLU B 361 -11.30 48.97 -4.79
CA GLU B 361 -12.36 48.25 -5.46
C GLU B 361 -11.70 47.06 -6.15
N LEU B 362 -12.45 45.98 -6.30
CA LEU B 362 -11.95 44.76 -6.93
C LEU B 362 -12.39 44.66 -8.39
N ASN B 363 -11.78 43.74 -9.13
CA ASN B 363 -12.16 43.51 -10.52
C ASN B 363 -13.36 42.56 -10.46
N LYS B 364 -14.21 42.59 -11.47
CA LYS B 364 -15.36 41.69 -11.48
C LYS B 364 -14.93 40.46 -12.27
N TYR B 365 -15.15 39.27 -11.71
CA TYR B 365 -14.80 38.05 -12.42
C TYR B 365 -15.90 37.63 -13.39
N ASN B 366 -15.48 37.15 -14.55
CA ASN B 366 -16.42 36.68 -15.55
C ASN B 366 -16.45 35.16 -15.46
N ARG B 367 -17.51 34.63 -14.85
CA ARG B 367 -17.68 33.20 -14.65
C ARG B 367 -17.66 32.42 -15.98
N LYS B 368 -18.05 33.10 -17.04
CA LYS B 368 -18.10 32.49 -18.36
C LYS B 368 -16.72 32.10 -18.84
N THR B 369 -15.70 32.77 -18.33
CA THR B 369 -14.34 32.44 -18.73
C THR B 369 -13.52 31.75 -17.65
N PHE B 370 -14.17 30.96 -16.82
CA PHE B 370 -13.43 30.24 -15.79
C PHE B 370 -12.69 29.04 -16.35
N TYR B 371 -13.36 28.34 -17.27
CA TYR B 371 -12.82 27.11 -17.84
C TYR B 371 -12.48 27.13 -19.31
N THR B 372 -12.25 28.33 -19.84
CA THR B 372 -11.90 28.50 -21.24
C THR B 372 -10.42 28.22 -21.40
N GLN B 373 -9.98 28.05 -22.64
CA GLN B 373 -8.60 27.71 -22.92
C GLN B 373 -7.62 28.85 -23.26
N ASP B 374 -8.11 30.08 -23.34
CA ASP B 374 -7.22 31.17 -23.69
C ASP B 374 -6.15 31.39 -22.62
N PRO B 375 -4.88 31.48 -23.03
CA PRO B 375 -3.77 31.68 -22.09
C PRO B 375 -3.67 33.09 -21.51
N VAL B 376 -4.33 34.06 -22.16
CA VAL B 376 -4.29 35.44 -21.70
C VAL B 376 -5.68 35.93 -21.27
N VAL B 377 -6.64 35.80 -22.19
CA VAL B 377 -8.01 36.24 -22.01
C VAL B 377 -8.71 35.61 -20.82
N GLY B 378 -9.26 36.46 -19.97
CA GLY B 378 -9.95 35.97 -18.78
C GLY B 378 -9.04 35.15 -17.90
N TYR B 379 -7.74 35.18 -18.18
CA TYR B 379 -6.80 34.40 -17.39
C TYR B 379 -5.78 35.29 -16.69
N THR B 380 -4.98 35.99 -17.48
CA THR B 380 -4.00 36.89 -16.87
C THR B 380 -4.18 38.31 -17.41
N ASP B 381 -5.32 38.54 -18.08
CA ASP B 381 -5.59 39.86 -18.61
C ASP B 381 -6.45 40.69 -17.67
N TYR B 382 -6.48 40.29 -16.40
CA TYR B 382 -7.19 41.06 -15.39
C TYR B 382 -6.16 42.08 -14.94
N PRO B 383 -6.57 43.35 -14.77
CA PRO B 383 -5.63 44.39 -14.35
C PRO B 383 -5.41 44.53 -12.86
N PHE B 384 -4.23 45.08 -12.53
CA PHE B 384 -3.86 45.33 -11.16
C PHE B 384 -4.07 46.83 -10.99
N LEU B 385 -4.27 47.27 -9.75
CA LEU B 385 -4.45 48.70 -9.50
C LEU B 385 -3.17 49.41 -9.94
N SER A 8 13.12 -14.58 -22.89
CA SER A 8 11.95 -13.64 -22.95
C SER A 8 12.37 -12.25 -22.50
N ASN A 9 11.69 -11.22 -23.02
CA ASN A 9 11.98 -9.85 -22.65
C ASN A 9 11.30 -9.51 -21.33
N GLU A 10 10.72 -10.54 -20.71
CA GLU A 10 10.04 -10.37 -19.44
C GLU A 10 11.11 -10.20 -18.37
N THR A 11 10.69 -9.65 -17.23
CA THR A 11 11.63 -9.44 -16.13
C THR A 11 10.89 -9.58 -14.81
N LEU A 12 11.60 -9.25 -13.73
CA LEU A 12 11.04 -9.32 -12.39
C LEU A 12 9.89 -8.33 -12.26
N PHE A 13 9.73 -7.47 -13.26
CA PHE A 13 8.67 -6.47 -13.18
C PHE A 13 7.50 -6.76 -14.09
N SER A 14 7.61 -7.85 -14.83
CA SER A 14 6.53 -8.25 -15.72
C SER A 14 5.41 -8.79 -14.84
N SER A 15 4.18 -8.40 -15.16
CA SER A 15 3.03 -8.87 -14.43
C SER A 15 2.97 -10.38 -14.57
N TYR A 16 2.12 -11.01 -13.75
CA TYR A 16 1.99 -12.45 -13.80
C TYR A 16 0.67 -12.86 -13.17
N LYS A 17 0.08 -13.92 -13.70
CA LYS A 17 -1.17 -14.45 -13.21
C LYS A 17 -0.91 -15.77 -12.49
N MET A 18 -1.18 -15.77 -11.19
CA MET A 18 -1.00 -16.96 -10.36
C MET A 18 -2.43 -17.33 -9.99
N GLY A 19 -3.11 -17.95 -10.94
CA GLY A 19 -4.49 -18.31 -10.72
C GLY A 19 -5.27 -17.02 -10.60
N ARG A 20 -6.07 -16.90 -9.56
CA ARG A 20 -6.87 -15.72 -9.29
C ARG A 20 -6.03 -14.47 -8.98
N PHE A 21 -4.79 -14.68 -8.57
CA PHE A 21 -3.92 -13.58 -8.19
C PHE A 21 -3.12 -12.94 -9.31
N ASP A 22 -3.44 -11.69 -9.60
CA ASP A 22 -2.74 -10.92 -10.62
C ASP A 22 -1.57 -10.23 -9.98
N LEU A 23 -0.37 -10.77 -10.17
CA LEU A 23 0.81 -10.16 -9.59
C LEU A 23 1.30 -9.10 -10.56
N SER A 24 1.94 -8.06 -10.04
CA SER A 24 2.44 -6.99 -10.90
C SER A 24 3.93 -7.14 -11.13
N HIS A 25 4.54 -8.07 -10.40
CA HIS A 25 5.96 -8.30 -10.54
C HIS A 25 6.34 -9.65 -9.94
N ARG A 26 7.56 -10.08 -10.22
CA ARG A 26 8.06 -11.39 -9.80
C ARG A 26 8.81 -11.40 -8.48
N VAL A 27 8.81 -10.26 -7.79
CA VAL A 27 9.51 -10.13 -6.51
C VAL A 27 8.60 -10.62 -5.41
N VAL A 28 8.99 -11.75 -4.83
CA VAL A 28 8.22 -12.38 -3.78
C VAL A 28 8.93 -12.27 -2.44
N LEU A 29 8.15 -11.93 -1.42
CA LEU A 29 8.73 -11.86 -0.09
C LEU A 29 8.76 -13.31 0.39
N ALA A 30 9.95 -13.91 0.38
CA ALA A 30 10.13 -15.28 0.83
C ALA A 30 9.64 -15.41 2.26
N PRO A 31 9.15 -16.60 2.64
CA PRO A 31 8.67 -16.82 4.01
C PRO A 31 9.87 -16.74 4.94
N MET A 32 9.78 -15.92 5.99
CA MET A 32 10.91 -15.81 6.88
C MET A 32 10.60 -15.69 8.35
N THR A 33 11.09 -16.65 9.11
CA THR A 33 10.93 -16.67 10.56
C THR A 33 11.76 -15.51 11.05
N ARG A 34 11.16 -14.65 11.89
CA ARG A 34 11.88 -13.48 12.41
C ARG A 34 11.74 -13.43 13.92
N CYS A 35 10.92 -14.31 14.45
CA CYS A 35 10.76 -14.44 15.89
C CYS A 35 10.24 -13.19 16.60
N ARG A 36 9.26 -12.51 16.00
CA ARG A 36 8.68 -11.33 16.62
C ARG A 36 7.29 -11.62 17.12
N ALA A 37 6.76 -12.79 16.75
CA ALA A 37 5.41 -13.17 17.17
C ALA A 37 5.51 -13.70 18.59
N LEU A 38 5.69 -12.77 19.53
CA LEU A 38 5.84 -13.10 20.93
C LEU A 38 4.74 -14.00 21.41
N ASN A 39 5.13 -15.13 22.01
CA ASN A 39 4.18 -16.08 22.57
C ASN A 39 3.29 -16.72 21.51
N GLY A 40 3.81 -16.78 20.29
CA GLY A 40 3.09 -17.41 19.20
C GLY A 40 1.93 -16.65 18.60
N VAL A 41 1.77 -15.39 18.96
CA VAL A 41 0.66 -14.62 18.41
C VAL A 41 1.16 -13.45 17.56
N PRO A 42 0.60 -13.30 16.35
CA PRO A 42 0.96 -12.23 15.42
C PRO A 42 0.70 -10.89 16.10
N ASN A 43 1.27 -9.81 15.58
CA ASN A 43 1.06 -8.53 16.25
C ASN A 43 1.38 -7.32 15.39
N ALA A 44 1.35 -6.15 16.02
CA ALA A 44 1.61 -4.88 15.34
C ALA A 44 2.98 -4.86 14.69
N ALA A 45 3.94 -5.58 15.26
CA ALA A 45 5.27 -5.61 14.70
C ALA A 45 5.21 -6.39 13.37
N LEU A 46 4.47 -7.50 13.36
CA LEU A 46 4.33 -8.29 12.13
C LEU A 46 3.43 -7.51 11.17
N ALA A 47 2.51 -6.70 11.72
CA ALA A 47 1.64 -5.92 10.84
C ALA A 47 2.49 -4.91 10.08
N GLU A 48 3.26 -4.11 10.82
CA GLU A 48 4.11 -3.13 10.19
C GLU A 48 5.11 -3.78 9.25
N TYR A 49 5.74 -4.85 9.75
CA TYR A 49 6.76 -5.56 8.97
C TYR A 49 6.28 -5.94 7.59
N TYR A 50 5.15 -6.66 7.53
CA TYR A 50 4.63 -7.07 6.24
C TYR A 50 4.07 -5.92 5.43
N ALA A 51 3.23 -5.09 6.06
CA ALA A 51 2.67 -3.95 5.36
C ALA A 51 3.83 -3.17 4.74
N GLN A 52 4.92 -2.99 5.50
CA GLN A 52 6.06 -2.25 4.97
C GLN A 52 6.52 -2.77 3.63
N ARG A 53 6.80 -4.07 3.58
CA ARG A 53 7.29 -4.70 2.38
C ARG A 53 6.22 -4.97 1.35
N THR A 54 5.01 -4.46 1.57
CA THR A 54 3.95 -4.71 0.62
C THR A 54 3.98 -3.75 -0.56
N THR A 55 3.52 -4.25 -1.70
CA THR A 55 3.44 -3.50 -2.93
C THR A 55 2.17 -3.94 -3.68
N PRO A 56 1.64 -3.06 -4.54
CA PRO A 56 0.44 -3.45 -5.28
C PRO A 56 0.75 -4.66 -6.17
N GLY A 57 -0.14 -5.65 -6.16
CA GLY A 57 0.10 -6.83 -6.97
C GLY A 57 1.37 -7.58 -6.58
N GLY A 58 1.92 -7.30 -5.40
CA GLY A 58 3.13 -7.99 -4.95
C GLY A 58 2.78 -9.19 -4.07
N PHE A 59 3.49 -10.30 -4.27
CA PHE A 59 3.22 -11.51 -3.51
C PHE A 59 4.19 -11.68 -2.32
N LEU A 60 3.62 -11.96 -1.15
CA LEU A 60 4.45 -12.15 0.01
C LEU A 60 4.08 -13.49 0.64
N ILE A 61 5.05 -14.12 1.26
CA ILE A 61 4.81 -15.37 1.95
C ILE A 61 5.21 -15.10 3.39
N SER A 62 4.36 -15.53 4.32
CA SER A 62 4.62 -15.29 5.72
C SER A 62 5.71 -16.16 6.26
N GLU A 63 6.26 -15.74 7.39
CA GLU A 63 7.26 -16.50 8.10
C GLU A 63 6.59 -17.84 8.38
N GLY A 64 7.39 -18.88 8.55
CA GLY A 64 6.80 -20.18 8.85
C GLY A 64 5.86 -20.00 10.03
N THR A 65 4.70 -20.63 9.94
CA THR A 65 3.70 -20.48 11.00
C THR A 65 3.21 -21.81 11.56
N MET A 66 3.14 -21.88 12.89
CA MET A 66 2.70 -23.10 13.57
C MET A 66 1.32 -23.58 13.10
N VAL A 67 1.16 -24.90 13.01
CA VAL A 67 -0.11 -25.51 12.62
C VAL A 67 -0.81 -26.17 13.81
N SER A 68 -0.07 -26.40 14.89
CA SER A 68 -0.63 -26.99 16.10
C SER A 68 0.48 -27.14 17.11
N PRO A 69 0.13 -27.41 18.38
CA PRO A 69 1.18 -27.57 19.38
C PRO A 69 2.29 -28.54 18.96
N GLY A 70 3.53 -28.17 19.26
CA GLY A 70 4.65 -29.01 18.92
C GLY A 70 5.27 -28.65 17.59
N SER A 71 4.59 -27.79 16.83
CA SER A 71 5.06 -27.36 15.51
C SER A 71 6.29 -26.44 15.47
N ALA A 72 6.51 -25.65 16.51
CA ALA A 72 7.63 -24.70 16.53
C ALA A 72 8.98 -25.25 16.94
N GLY A 73 10.03 -24.59 16.45
CA GLY A 73 11.38 -24.96 16.77
C GLY A 73 12.20 -23.69 16.83
N PHE A 74 11.52 -22.58 17.13
CA PHE A 74 12.14 -21.27 17.22
C PHE A 74 11.55 -20.47 18.35
N PRO A 75 12.37 -19.58 18.93
CA PRO A 75 11.94 -18.73 20.03
C PRO A 75 11.11 -17.56 19.52
N HIS A 76 9.79 -17.75 19.58
CA HIS A 76 8.81 -16.75 19.19
C HIS A 76 8.32 -16.66 17.73
N VAL A 77 7.80 -17.78 17.23
CA VAL A 77 7.23 -17.78 15.91
C VAL A 77 5.74 -17.75 16.16
N PRO A 78 4.94 -17.47 15.12
CA PRO A 78 3.50 -17.44 15.32
C PRO A 78 2.83 -18.77 14.99
N GLY A 79 1.54 -18.84 15.34
CA GLY A 79 0.76 -20.02 15.03
C GLY A 79 -0.50 -19.61 14.29
N ILE A 80 -1.15 -20.57 13.65
CA ILE A 80 -2.40 -20.30 12.94
C ILE A 80 -3.36 -21.45 13.24
N TYR A 81 -3.20 -22.06 14.41
CA TYR A 81 -4.06 -23.17 14.80
C TYR A 81 -5.10 -22.77 15.84
N SER A 82 -4.88 -21.63 16.50
CA SER A 82 -5.81 -21.19 17.53
C SER A 82 -6.63 -19.99 17.08
N ASP A 83 -7.87 -19.95 17.52
CA ASP A 83 -8.77 -18.84 17.20
C ASP A 83 -8.12 -17.50 17.54
N GLU A 84 -7.37 -17.49 18.65
CA GLU A 84 -6.72 -16.27 19.06
C GLU A 84 -5.69 -15.82 18.02
N GLN A 85 -5.05 -16.78 17.33
CA GLN A 85 -4.05 -16.42 16.34
C GLN A 85 -4.70 -15.95 15.06
N VAL A 86 -5.83 -16.53 14.73
CA VAL A 86 -6.57 -16.13 13.54
C VAL A 86 -6.92 -14.65 13.61
N GLU A 87 -7.42 -14.23 14.78
CA GLU A 87 -7.81 -12.84 14.94
C GLU A 87 -6.61 -11.90 14.93
N ALA A 88 -5.51 -12.30 15.56
CA ALA A 88 -4.33 -11.44 15.59
C ALA A 88 -3.63 -11.38 14.23
N TRP A 89 -3.87 -12.39 13.37
CA TRP A 89 -3.26 -12.43 12.04
C TRP A 89 -3.96 -11.44 11.11
N LYS A 90 -5.26 -11.28 11.33
CA LYS A 90 -6.08 -10.40 10.50
C LYS A 90 -5.51 -9.01 10.28
N GLN A 91 -4.95 -8.44 11.34
CA GLN A 91 -4.40 -7.11 11.27
C GLN A 91 -3.23 -7.13 10.29
N VAL A 92 -2.46 -8.20 10.31
CA VAL A 92 -1.30 -8.30 9.42
C VAL A 92 -1.77 -8.38 7.97
N VAL A 93 -2.63 -9.37 7.72
CA VAL A 93 -3.20 -9.60 6.40
C VAL A 93 -3.92 -8.34 5.88
N GLU A 94 -4.70 -7.69 6.73
CA GLU A 94 -5.42 -6.48 6.33
C GLU A 94 -4.42 -5.39 5.95
N ALA A 95 -3.33 -5.31 6.70
CA ALA A 95 -2.32 -4.30 6.45
C ALA A 95 -1.65 -4.56 5.12
N VAL A 96 -1.68 -5.82 4.69
CA VAL A 96 -1.08 -6.21 3.43
C VAL A 96 -2.08 -5.96 2.31
N HIS A 97 -3.31 -6.41 2.50
CA HIS A 97 -4.30 -6.22 1.46
C HIS A 97 -4.62 -4.73 1.27
N ALA A 98 -4.61 -3.97 2.36
CA ALA A 98 -4.90 -2.54 2.25
C ALA A 98 -3.90 -1.94 1.28
N LYS A 99 -2.70 -2.50 1.25
CA LYS A 99 -1.67 -2.00 0.36
C LYS A 99 -1.58 -2.78 -0.95
N GLY A 100 -2.61 -3.58 -1.21
CA GLY A 100 -2.68 -4.33 -2.45
C GLY A 100 -1.78 -5.53 -2.67
N GLY A 101 -1.24 -6.10 -1.60
CA GLY A 101 -0.39 -7.26 -1.78
C GLY A 101 -1.14 -8.55 -1.53
N PHE A 102 -0.53 -9.67 -1.93
CA PHE A 102 -1.12 -10.97 -1.67
C PHE A 102 -0.22 -11.60 -0.64
N ILE A 103 -0.80 -12.28 0.33
CA ILE A 103 0.02 -12.91 1.33
C ILE A 103 -0.42 -14.34 1.60
N PHE A 104 0.54 -15.24 1.56
CA PHE A 104 0.29 -16.62 1.84
C PHE A 104 0.91 -16.93 3.20
N CYS A 105 0.18 -17.69 4.01
CA CYS A 105 0.68 -18.07 5.32
C CYS A 105 1.38 -19.41 5.16
N GLN A 106 2.66 -19.47 5.49
CA GLN A 106 3.36 -20.73 5.37
C GLN A 106 3.09 -21.57 6.62
N LEU A 107 2.47 -22.73 6.41
CA LEU A 107 2.17 -23.65 7.49
C LEU A 107 3.47 -24.39 7.74
N TRP A 108 3.96 -24.31 8.97
CA TRP A 108 5.24 -24.87 9.29
C TRP A 108 5.28 -25.70 10.55
N HIS A 109 5.71 -26.95 10.39
CA HIS A 109 5.88 -27.84 11.52
C HIS A 109 7.30 -28.36 11.36
N VAL A 110 8.12 -28.12 12.37
CA VAL A 110 9.52 -28.50 12.35
C VAL A 110 9.84 -29.90 12.79
N GLY A 111 8.87 -30.59 13.37
CA GLY A 111 9.14 -31.94 13.82
C GLY A 111 10.37 -31.94 14.70
N ARG A 112 11.31 -32.83 14.41
CA ARG A 112 12.53 -32.95 15.21
C ARG A 112 13.39 -31.70 15.30
N ALA A 113 12.92 -30.61 14.69
CA ALA A 113 13.67 -29.37 14.74
C ALA A 113 13.18 -28.46 15.87
N SER A 114 13.08 -29.03 17.08
CA SER A 114 12.61 -28.25 18.22
C SER A 114 13.05 -28.79 19.57
N HIS A 115 13.14 -27.88 20.54
CA HIS A 115 13.54 -28.23 21.89
C HIS A 115 12.31 -28.70 22.66
N ALA A 116 12.51 -29.59 23.63
CA ALA A 116 11.42 -30.09 24.46
C ALA A 116 10.45 -28.97 24.83
N VAL A 117 11.00 -27.78 25.09
CA VAL A 117 10.20 -26.61 25.46
C VAL A 117 9.15 -26.28 24.40
N TYR A 118 9.50 -26.45 23.13
CA TYR A 118 8.59 -26.17 22.04
C TYR A 118 7.52 -27.25 21.90
N GLN A 119 7.55 -28.25 22.78
CA GLN A 119 6.57 -29.31 22.69
C GLN A 119 5.57 -29.28 23.84
N PRO A 120 4.31 -29.64 23.55
CA PRO A 120 3.32 -29.64 24.62
C PRO A 120 3.76 -30.63 25.71
N ASN A 121 3.54 -30.25 26.96
CA ASN A 121 3.91 -31.09 28.10
C ASN A 121 5.37 -31.53 28.01
N GLY A 122 6.20 -30.67 27.42
CA GLY A 122 7.61 -30.95 27.28
C GLY A 122 7.95 -32.28 26.63
N GLY A 123 7.01 -32.81 25.86
CA GLY A 123 7.22 -34.07 25.20
C GLY A 123 8.33 -34.00 24.16
N SER A 124 8.61 -35.14 23.53
CA SER A 124 9.64 -35.20 22.53
C SER A 124 9.10 -34.78 21.17
N PRO A 125 9.82 -33.88 20.49
CA PRO A 125 9.36 -33.45 19.16
C PRO A 125 9.10 -34.72 18.34
N ILE A 126 8.15 -34.67 17.41
CA ILE A 126 7.89 -35.84 16.61
C ILE A 126 8.60 -35.75 15.28
N SER A 127 8.67 -36.86 14.58
CA SER A 127 9.34 -36.91 13.30
C SER A 127 8.99 -38.15 12.50
N SER A 128 9.59 -38.27 11.34
CA SER A 128 9.36 -39.43 10.51
C SER A 128 10.17 -40.56 11.15
N THR A 129 11.17 -40.15 11.92
CA THR A 129 12.11 -41.05 12.58
C THR A 129 12.31 -40.77 14.08
N ASN A 130 12.87 -41.75 14.78
CA ASN A 130 13.16 -41.60 16.21
C ASN A 130 14.61 -41.12 16.31
N LYS A 131 15.22 -40.81 15.17
CA LYS A 131 16.61 -40.35 15.15
C LYS A 131 16.72 -38.83 15.16
N PRO A 132 17.66 -38.29 15.94
CA PRO A 132 17.86 -36.84 16.04
C PRO A 132 18.81 -36.26 14.99
N ILE A 133 18.72 -34.95 14.79
CA ILE A 133 19.62 -34.27 13.88
C ILE A 133 20.99 -34.44 14.55
N SER A 134 22.06 -34.63 13.78
CA SER A 134 23.38 -34.82 14.39
C SER A 134 23.70 -33.67 15.36
N GLU A 135 24.29 -34.02 16.49
CA GLU A 135 24.58 -33.06 17.55
C GLU A 135 25.76 -32.09 17.42
N ASN A 136 26.60 -32.27 16.40
CA ASN A 136 27.75 -31.39 16.26
C ASN A 136 27.63 -30.35 15.14
N ARG A 137 26.80 -30.64 14.15
CA ARG A 137 26.65 -29.72 13.03
C ARG A 137 25.50 -28.71 13.07
N TRP A 138 24.53 -28.90 13.96
CA TRP A 138 23.39 -28.00 14.06
C TRP A 138 22.88 -27.83 15.48
N ARG A 139 22.16 -26.73 15.71
CA ARG A 139 21.60 -26.45 17.03
C ARG A 139 20.19 -25.89 16.88
N VAL A 140 19.46 -25.86 17.98
CA VAL A 140 18.13 -25.32 17.99
C VAL A 140 18.24 -24.06 18.83
N LEU A 141 17.66 -22.97 18.33
CA LEU A 141 17.67 -21.69 19.04
C LEU A 141 16.55 -21.70 20.07
N LEU A 142 16.91 -21.40 21.32
CA LEU A 142 15.96 -21.35 22.42
C LEU A 142 15.54 -19.92 22.77
N PRO A 143 14.46 -19.79 23.57
CA PRO A 143 13.94 -18.49 23.99
C PRO A 143 14.99 -17.57 24.60
N ASP A 144 15.83 -18.08 25.50
CA ASP A 144 16.85 -17.22 26.09
C ASP A 144 17.91 -16.88 25.05
N GLY A 145 17.78 -17.46 23.86
CA GLY A 145 18.73 -17.17 22.79
C GLY A 145 19.91 -18.11 22.77
N SER A 146 19.86 -19.15 23.59
CA SER A 146 20.95 -20.12 23.63
C SER A 146 20.74 -21.11 22.49
N HIS A 147 21.82 -21.84 22.21
CA HIS A 147 21.82 -22.87 21.18
C HIS A 147 22.22 -24.18 21.85
N VAL A 148 21.39 -25.20 21.69
CA VAL A 148 21.65 -26.50 22.28
C VAL A 148 21.38 -27.57 21.25
N LYS A 149 21.76 -28.80 21.59
CA LYS A 149 21.56 -29.95 20.71
C LYS A 149 20.10 -30.33 20.48
N TYR A 150 19.86 -30.83 19.28
CA TYR A 150 18.53 -31.29 18.90
C TYR A 150 18.35 -32.62 19.60
N PRO A 151 17.22 -32.78 20.33
CA PRO A 151 16.94 -34.01 21.05
C PRO A 151 16.49 -35.12 20.12
N LYS A 152 16.35 -36.30 20.69
CA LYS A 152 15.90 -37.47 19.98
C LYS A 152 14.39 -37.33 19.84
N PRO A 153 13.90 -37.32 18.58
CA PRO A 153 12.47 -37.19 18.32
C PRO A 153 11.79 -38.54 18.44
N ARG A 154 10.47 -38.52 18.45
CA ARG A 154 9.67 -39.73 18.51
C ARG A 154 9.05 -39.90 17.13
N ALA A 155 9.37 -41.00 16.47
CA ALA A 155 8.80 -41.25 15.15
C ALA A 155 7.30 -41.34 15.31
N LEU A 156 6.56 -40.79 14.36
CA LEU A 156 5.11 -40.82 14.38
C LEU A 156 4.58 -42.22 14.03
N GLU A 157 3.51 -42.64 14.67
CA GLU A 157 2.95 -43.93 14.32
C GLU A 157 2.28 -43.66 12.98
N ALA A 158 2.34 -44.64 12.08
CA ALA A 158 1.74 -44.47 10.77
C ALA A 158 0.35 -43.90 10.87
N SER A 159 -0.48 -44.49 11.74
CA SER A 159 -1.85 -44.02 11.91
C SER A 159 -1.91 -42.60 12.46
N GLU A 160 -0.92 -42.24 13.28
CA GLU A 160 -0.89 -40.92 13.90
C GLU A 160 -0.54 -39.79 12.93
N ILE A 161 -0.39 -40.13 11.66
CA ILE A 161 -0.06 -39.16 10.65
C ILE A 161 -1.26 -38.36 10.11
N PRO A 162 -2.34 -39.04 9.71
CA PRO A 162 -3.50 -38.31 9.18
C PRO A 162 -3.93 -37.18 10.10
N ARG A 163 -3.63 -37.33 11.39
CA ARG A 163 -3.98 -36.30 12.37
C ARG A 163 -3.11 -35.06 12.20
N VAL A 164 -1.81 -35.28 11.98
CA VAL A 164 -0.93 -34.16 11.76
C VAL A 164 -1.39 -33.50 10.45
N VAL A 165 -1.79 -34.33 9.49
CA VAL A 165 -2.28 -33.83 8.21
C VAL A 165 -3.50 -32.93 8.48
N GLU A 166 -4.39 -33.41 9.33
CA GLU A 166 -5.59 -32.68 9.68
C GLU A 166 -5.30 -31.25 10.19
N ASP A 167 -4.28 -31.10 11.03
CA ASP A 167 -3.93 -29.79 11.55
C ASP A 167 -3.48 -28.88 10.41
N TYR A 168 -2.79 -29.44 9.42
CA TYR A 168 -2.39 -28.61 8.30
C TYR A 168 -3.67 -28.11 7.64
N CYS A 169 -4.67 -28.98 7.57
CA CYS A 169 -5.94 -28.59 6.96
C CYS A 169 -6.65 -27.51 7.76
N LEU A 170 -6.72 -27.69 9.08
CA LEU A 170 -7.34 -26.74 9.99
C LEU A 170 -6.59 -25.42 9.91
N SER A 171 -5.27 -25.50 9.99
CA SER A 171 -4.44 -24.31 9.93
C SER A 171 -4.71 -23.58 8.63
N ALA A 172 -4.85 -24.33 7.54
CA ALA A 172 -5.14 -23.71 6.25
C ALA A 172 -6.47 -22.94 6.33
N LEU A 173 -7.48 -23.56 6.94
CA LEU A 173 -8.79 -22.93 7.07
C LEU A 173 -8.70 -21.77 8.06
N ASN A 174 -7.77 -21.88 9.00
CA ASN A 174 -7.58 -20.82 9.99
C ASN A 174 -6.89 -19.65 9.28
N ALA A 175 -6.07 -19.97 8.29
CA ALA A 175 -5.36 -18.96 7.53
C ALA A 175 -6.34 -18.16 6.69
N ILE A 176 -7.16 -18.87 5.92
CA ILE A 176 -8.17 -18.22 5.10
C ILE A 176 -9.12 -17.42 5.99
N ARG A 177 -9.42 -17.96 7.17
CA ARG A 177 -10.31 -17.28 8.10
C ARG A 177 -9.84 -15.87 8.42
N ALA A 178 -8.53 -15.72 8.58
CA ALA A 178 -7.96 -14.42 8.86
C ALA A 178 -7.95 -13.57 7.58
N GLY A 179 -7.88 -14.24 6.44
CA GLY A 179 -7.87 -13.51 5.18
C GLY A 179 -6.67 -13.80 4.27
N PHE A 180 -5.81 -14.72 4.66
CA PHE A 180 -4.66 -15.01 3.82
C PHE A 180 -5.16 -15.45 2.46
N ASP A 181 -4.51 -14.99 1.40
CA ASP A 181 -4.94 -15.37 0.07
C ASP A 181 -4.72 -16.86 -0.11
N GLY A 182 -3.93 -17.45 0.79
CA GLY A 182 -3.66 -18.86 0.74
C GLY A 182 -2.60 -19.24 1.73
N ILE A 183 -2.06 -20.44 1.57
CA ILE A 183 -1.03 -20.92 2.46
C ILE A 183 0.04 -21.58 1.63
N GLU A 184 1.22 -21.71 2.22
CA GLU A 184 2.33 -22.38 1.57
C GLU A 184 2.68 -23.57 2.45
N ILE A 185 2.87 -24.73 1.83
CA ILE A 185 3.25 -25.91 2.58
C ILE A 185 4.76 -25.88 2.65
N HIS A 186 5.30 -25.73 3.86
CA HIS A 186 6.74 -25.71 4.05
C HIS A 186 7.18 -27.17 4.13
N GLY A 187 7.72 -27.67 3.03
CA GLY A 187 8.18 -29.05 3.00
C GLY A 187 9.66 -29.12 2.70
N ALA A 188 10.44 -28.18 3.21
CA ALA A 188 11.86 -28.14 2.96
C ALA A 188 12.69 -27.88 4.19
N HIS A 189 13.99 -27.69 3.95
CA HIS A 189 14.93 -27.33 4.99
C HIS A 189 15.03 -28.29 6.17
N GLY A 190 14.86 -29.58 5.90
CA GLY A 190 14.99 -30.58 6.93
C GLY A 190 13.92 -30.57 7.99
N TYR A 191 12.83 -29.86 7.75
CA TYR A 191 11.74 -29.82 8.72
C TYR A 191 10.82 -31.03 8.61
N LEU A 192 9.74 -31.06 9.38
CA LEU A 192 8.87 -32.23 9.39
C LEU A 192 8.55 -32.90 8.06
N ILE A 193 7.92 -32.17 7.15
CA ILE A 193 7.57 -32.72 5.83
C ILE A 193 8.82 -33.16 5.09
N ASP A 194 9.94 -32.50 5.34
CA ASP A 194 11.20 -32.86 4.67
C ASP A 194 11.82 -34.09 5.32
N GLN A 195 11.59 -34.30 6.61
CA GLN A 195 12.13 -35.46 7.31
C GLN A 195 11.52 -36.74 6.71
N PHE A 196 10.27 -36.67 6.26
CA PHE A 196 9.65 -37.82 5.63
C PHE A 196 10.19 -37.95 4.21
N LEU A 197 10.31 -36.81 3.52
CA LEU A 197 10.79 -36.77 2.14
C LEU A 197 12.16 -37.37 1.88
N LYS A 198 13.17 -36.92 2.62
CA LYS A 198 14.55 -37.38 2.44
C LYS A 198 14.77 -38.78 3.01
N ASP A 199 15.47 -39.65 2.27
CA ASP A 199 15.68 -41.00 2.80
C ASP A 199 16.80 -41.04 3.84
N GLY A 200 17.60 -39.99 3.86
CA GLY A 200 18.68 -39.91 4.84
C GLY A 200 18.14 -39.51 6.20
N ILE A 201 16.82 -39.45 6.29
CA ILE A 201 16.15 -39.09 7.54
C ILE A 201 15.06 -40.12 7.80
N ASN A 202 14.29 -40.39 6.75
CA ASN A 202 13.18 -41.30 6.81
C ASN A 202 13.63 -42.76 6.77
N ASP A 203 13.82 -43.37 7.93
CA ASP A 203 14.25 -44.76 8.00
C ASP A 203 13.04 -45.62 8.33
N ARG A 204 11.88 -45.19 7.84
CA ARG A 204 10.65 -45.91 8.09
C ARG A 204 10.55 -47.21 7.33
N THR A 205 9.79 -48.14 7.89
CA THR A 205 9.57 -49.43 7.28
C THR A 205 8.08 -49.64 7.00
N ASP A 206 7.28 -48.58 7.15
CA ASP A 206 5.85 -48.67 6.85
C ASP A 206 5.57 -48.00 5.50
N GLN A 207 4.34 -47.57 5.26
CA GLN A 207 4.04 -46.96 3.97
C GLN A 207 4.70 -45.59 3.75
N TYR A 208 5.01 -44.88 4.83
CA TYR A 208 5.62 -43.57 4.70
C TYR A 208 7.13 -43.59 4.54
N GLY A 209 7.70 -44.78 4.46
CA GLY A 209 9.13 -44.88 4.31
C GLY A 209 9.48 -45.96 3.29
N GLY A 210 10.69 -45.90 2.74
CA GLY A 210 11.10 -46.87 1.75
C GLY A 210 11.32 -46.17 0.42
N SER A 211 10.45 -46.43 -0.55
CA SER A 211 10.58 -45.81 -1.86
C SER A 211 10.28 -44.32 -1.83
N ILE A 212 10.62 -43.64 -2.93
CA ILE A 212 10.37 -42.21 -3.03
C ILE A 212 8.90 -41.94 -2.75
N ALA A 213 8.01 -42.74 -3.35
CA ALA A 213 6.57 -42.58 -3.17
C ALA A 213 6.17 -42.73 -1.70
N ASN A 214 6.82 -43.66 -1.03
CA ASN A 214 6.55 -43.88 0.39
C ASN A 214 6.90 -42.60 1.14
N ARG A 215 8.09 -42.08 0.86
CA ARG A 215 8.57 -40.88 1.52
C ARG A 215 7.75 -39.64 1.16
N CYS A 216 7.21 -39.61 -0.06
CA CYS A 216 6.39 -38.48 -0.50
C CYS A 216 4.96 -38.58 -0.03
N ARG A 217 4.62 -39.72 0.53
CA ARG A 217 3.26 -39.97 1.01
C ARG A 217 2.78 -38.90 2.01
N PHE A 218 3.64 -38.51 2.94
CA PHE A 218 3.23 -37.52 3.93
C PHE A 218 2.94 -36.18 3.26
N LEU A 219 3.84 -35.74 2.40
CA LEU A 219 3.64 -34.48 1.70
C LEU A 219 2.39 -34.58 0.82
N LYS A 220 2.21 -35.73 0.20
CA LYS A 220 1.05 -35.94 -0.66
C LYS A 220 -0.26 -35.79 0.12
N GLN A 221 -0.31 -36.37 1.31
CA GLN A 221 -1.52 -36.30 2.12
C GLN A 221 -1.74 -34.91 2.70
N VAL A 222 -0.64 -34.25 3.04
CA VAL A 222 -0.70 -32.89 3.56
C VAL A 222 -1.30 -31.96 2.49
N VAL A 223 -0.76 -32.05 1.29
CA VAL A 223 -1.23 -31.20 0.20
C VAL A 223 -2.66 -31.56 -0.18
N GLU A 224 -2.94 -32.86 -0.26
CA GLU A 224 -4.29 -33.30 -0.59
C GLU A 224 -5.28 -32.75 0.43
N GLY A 225 -4.90 -32.85 1.71
CA GLY A 225 -5.77 -32.37 2.77
C GLY A 225 -6.02 -30.88 2.67
N VAL A 226 -4.94 -30.12 2.59
CA VAL A 226 -5.06 -28.68 2.50
C VAL A 226 -5.78 -28.28 1.22
N VAL A 227 -5.38 -28.88 0.11
CA VAL A 227 -6.00 -28.60 -1.18
C VAL A 227 -7.49 -28.91 -1.09
N SER A 228 -7.84 -30.04 -0.48
CA SER A 228 -9.24 -30.40 -0.33
C SER A 228 -9.95 -29.33 0.48
N ALA A 229 -9.27 -28.82 1.52
CA ALA A 229 -9.88 -27.83 2.37
C ALA A 229 -10.06 -26.47 1.72
N ILE A 230 -8.98 -25.90 1.18
CA ILE A 230 -9.09 -24.58 0.60
C ILE A 230 -8.87 -24.43 -0.90
N GLY A 231 -8.73 -25.54 -1.62
CA GLY A 231 -8.55 -25.44 -3.05
C GLY A 231 -7.10 -25.24 -3.45
N ALA A 232 -6.66 -26.05 -4.40
CA ALA A 232 -5.28 -25.99 -4.90
C ALA A 232 -4.87 -24.58 -5.27
N SER A 233 -5.85 -23.70 -5.50
CA SER A 233 -5.58 -22.31 -5.88
C SER A 233 -5.02 -21.46 -4.76
N LYS A 234 -5.35 -21.84 -3.52
CA LYS A 234 -4.87 -21.12 -2.37
C LYS A 234 -3.77 -21.94 -1.70
N VAL A 235 -3.05 -22.73 -2.50
CA VAL A 235 -2.00 -23.57 -1.93
C VAL A 235 -0.71 -23.54 -2.70
N GLY A 236 0.36 -23.24 -1.98
CA GLY A 236 1.69 -23.24 -2.56
C GLY A 236 2.45 -24.33 -1.83
N VAL A 237 3.48 -24.86 -2.46
CA VAL A 237 4.28 -25.91 -1.82
C VAL A 237 5.76 -25.62 -1.99
N ARG A 238 6.52 -25.77 -0.92
CA ARG A 238 7.95 -25.52 -0.99
C ARG A 238 8.76 -26.74 -0.61
N VAL A 239 9.82 -27.00 -1.38
CA VAL A 239 10.70 -28.12 -1.06
C VAL A 239 12.15 -27.77 -1.30
N SER A 240 13.05 -28.58 -0.78
CA SER A 240 14.50 -28.36 -0.95
C SER A 240 15.14 -29.74 -1.13
N PRO A 241 15.23 -30.18 -2.38
CA PRO A 241 15.81 -31.49 -2.66
C PRO A 241 17.31 -31.56 -2.41
N ALA A 242 18.01 -30.48 -2.68
CA ALA A 242 19.46 -30.46 -2.51
C ALA A 242 19.93 -29.53 -1.41
N ILE A 243 19.98 -30.04 -0.19
CA ILE A 243 20.42 -29.27 0.99
C ILE A 243 21.14 -30.22 1.95
N ASP A 244 21.56 -29.69 3.10
CA ASP A 244 22.25 -30.47 4.11
C ASP A 244 21.76 -29.98 5.49
N HIS A 245 20.86 -29.00 5.47
CA HIS A 245 20.27 -28.39 6.65
C HIS A 245 19.60 -29.44 7.55
N LEU A 246 19.96 -29.41 8.83
CA LEU A 246 19.42 -30.35 9.81
C LEU A 246 19.57 -31.77 9.30
N ASP A 247 20.71 -32.02 8.66
CA ASP A 247 21.03 -33.32 8.11
C ASP A 247 19.88 -33.86 7.28
N ALA A 248 19.46 -33.10 6.28
CA ALA A 248 18.35 -33.52 5.44
C ALA A 248 18.86 -33.84 4.04
N THR A 249 18.83 -35.11 3.69
CA THR A 249 19.28 -35.53 2.36
C THR A 249 18.63 -36.82 1.91
N ASP A 250 18.56 -37.04 0.60
CA ASP A 250 18.01 -38.28 0.06
C ASP A 250 19.09 -38.89 -0.83
N SER A 251 18.96 -40.17 -1.13
CA SER A 251 19.94 -40.84 -1.96
C SER A 251 20.26 -40.07 -3.24
N ASP A 252 19.40 -39.14 -3.65
CA ASP A 252 19.64 -38.38 -4.89
C ASP A 252 18.65 -37.21 -5.04
N PRO A 253 19.14 -35.97 -4.88
CA PRO A 253 18.32 -34.76 -5.00
C PRO A 253 17.37 -34.77 -6.20
N LEU A 254 17.93 -34.65 -7.40
CA LEU A 254 17.12 -34.63 -8.61
C LEU A 254 16.11 -35.75 -8.62
N SER A 255 16.50 -36.90 -8.09
CA SER A 255 15.58 -38.03 -8.03
C SER A 255 14.31 -37.60 -7.35
N LEU A 256 14.38 -37.43 -6.02
CA LEU A 256 13.25 -37.00 -5.19
C LEU A 256 12.79 -35.65 -5.70
N GLY A 257 13.73 -34.87 -6.22
CA GLY A 257 13.41 -33.57 -6.74
C GLY A 257 12.34 -33.69 -7.82
N LEU A 258 12.66 -34.40 -8.90
CA LEU A 258 11.70 -34.56 -9.98
C LEU A 258 10.52 -35.36 -9.49
N ALA A 259 10.77 -36.18 -8.47
CA ALA A 259 9.74 -37.02 -7.90
C ALA A 259 8.62 -36.15 -7.36
N VAL A 260 8.99 -35.18 -6.53
CA VAL A 260 7.99 -34.28 -5.95
C VAL A 260 7.33 -33.43 -7.04
N VAL A 261 8.15 -32.86 -7.92
CA VAL A 261 7.64 -32.01 -8.98
C VAL A 261 6.73 -32.81 -9.90
N GLY A 262 6.99 -34.12 -9.95
CA GLY A 262 6.19 -35.00 -10.77
C GLY A 262 5.00 -35.52 -10.00
N MET A 263 5.02 -35.30 -8.68
CA MET A 263 3.95 -35.76 -7.82
C MET A 263 2.87 -34.68 -7.72
N LEU A 264 3.29 -33.43 -7.82
CA LEU A 264 2.33 -32.34 -7.72
C LEU A 264 1.53 -32.22 -9.02
N ASN A 265 2.15 -32.54 -10.14
CA ASN A 265 1.43 -32.44 -11.41
C ASN A 265 0.20 -33.34 -11.33
N LYS A 266 0.39 -34.56 -10.83
CA LYS A 266 -0.69 -35.52 -10.73
C LYS A 266 -1.85 -35.01 -9.89
N LEU A 267 -1.56 -34.62 -8.66
CA LEU A 267 -2.58 -34.12 -7.75
C LEU A 267 -3.43 -33.04 -8.41
N GLN A 268 -2.80 -32.09 -9.08
CA GLN A 268 -3.55 -31.01 -9.73
C GLN A 268 -4.69 -31.60 -10.53
N GLY A 269 -4.37 -32.59 -11.37
CA GLY A 269 -5.40 -33.25 -12.15
C GLY A 269 -6.43 -33.87 -11.21
N VAL A 270 -5.96 -34.55 -10.17
CA VAL A 270 -6.82 -35.20 -9.19
C VAL A 270 -7.90 -34.26 -8.65
N ASN A 271 -7.56 -32.99 -8.50
CA ASN A 271 -8.51 -31.99 -8.00
C ASN A 271 -9.06 -31.08 -9.11
N GLY A 272 -8.43 -31.12 -10.29
CA GLY A 272 -8.87 -30.31 -11.41
C GLY A 272 -8.46 -28.83 -11.37
N SER A 273 -7.38 -28.54 -10.66
CA SER A 273 -6.90 -27.18 -10.56
C SER A 273 -5.41 -27.09 -10.23
N LYS A 274 -4.78 -26.02 -10.70
CA LYS A 274 -3.37 -25.81 -10.43
C LYS A 274 -3.10 -25.24 -9.05
N LEU A 275 -1.99 -25.68 -8.47
CA LEU A 275 -1.58 -25.18 -7.18
C LEU A 275 -1.21 -23.72 -7.44
N ALA A 276 -1.15 -22.91 -6.39
CA ALA A 276 -0.78 -21.53 -6.58
C ALA A 276 0.61 -21.51 -7.20
N TYR A 277 1.50 -22.36 -6.72
CA TYR A 277 2.86 -22.41 -7.24
C TYR A 277 3.69 -23.53 -6.64
N LEU A 278 4.89 -23.66 -7.19
CA LEU A 278 5.87 -24.61 -6.72
C LEU A 278 7.06 -23.74 -6.34
N HIS A 279 7.39 -23.75 -5.06
CA HIS A 279 8.48 -22.95 -4.52
C HIS A 279 9.59 -23.92 -4.15
N VAL A 280 10.74 -23.81 -4.81
CA VAL A 280 11.85 -24.71 -4.54
C VAL A 280 13.06 -23.99 -4.02
N THR A 281 13.62 -24.51 -2.94
CA THR A 281 14.81 -23.93 -2.34
C THR A 281 16.02 -24.28 -3.18
N GLN A 282 16.77 -23.27 -3.60
CA GLN A 282 17.95 -23.50 -4.41
C GLN A 282 19.18 -23.47 -3.54
N PRO A 283 19.96 -24.57 -3.54
CA PRO A 283 21.16 -24.55 -2.72
C PRO A 283 22.12 -23.60 -3.39
N ARG A 284 22.78 -22.75 -2.60
CA ARG A 284 23.72 -21.78 -3.11
C ARG A 284 24.22 -20.88 -1.97
N GLU A 300 25.95 -24.08 -10.09
CA GLU A 300 26.69 -25.11 -10.80
C GLU A 300 25.67 -26.06 -11.40
N GLU A 301 25.36 -27.13 -10.66
CA GLU A 301 24.39 -28.13 -11.09
C GLU A 301 23.02 -27.79 -10.51
N GLU A 302 22.96 -26.73 -9.72
CA GLU A 302 21.71 -26.30 -9.09
C GLU A 302 20.66 -25.95 -10.12
N ALA A 303 21.05 -25.12 -11.10
CA ALA A 303 20.16 -24.68 -12.16
C ALA A 303 19.64 -25.90 -12.93
N LYS A 304 20.52 -26.87 -13.18
CA LYS A 304 20.09 -28.08 -13.87
C LYS A 304 18.95 -28.69 -13.06
N LEU A 305 19.15 -28.79 -11.74
CA LEU A 305 18.11 -29.34 -10.87
C LEU A 305 16.84 -28.47 -10.96
N MET A 306 17.02 -27.17 -10.77
CA MET A 306 15.93 -26.21 -10.80
C MET A 306 15.19 -26.16 -12.14
N LYS A 307 15.94 -26.10 -13.23
CA LYS A 307 15.36 -26.05 -14.57
C LYS A 307 14.55 -27.34 -14.77
N SER A 308 15.16 -28.46 -14.44
CA SER A 308 14.52 -29.75 -14.59
C SER A 308 13.20 -29.80 -13.86
N LEU A 309 13.20 -29.34 -12.60
CA LEU A 309 11.98 -29.34 -11.80
C LEU A 309 10.98 -28.38 -12.41
N ARG A 310 11.47 -27.24 -12.84
CA ARG A 310 10.59 -26.25 -13.43
C ARG A 310 10.00 -26.79 -14.74
N MET A 311 10.77 -27.57 -15.48
CA MET A 311 10.27 -28.12 -16.74
C MET A 311 9.22 -29.20 -16.48
N ALA A 312 9.46 -30.00 -15.45
CA ALA A 312 8.53 -31.08 -15.10
C ALA A 312 7.22 -30.57 -14.54
N TYR A 313 7.30 -29.57 -13.68
CA TYR A 313 6.11 -29.05 -13.05
C TYR A 313 5.23 -28.20 -13.96
N ASN A 314 3.98 -28.60 -14.11
CA ASN A 314 3.08 -27.81 -14.93
C ASN A 314 2.39 -26.82 -14.02
N GLY A 315 3.03 -25.66 -13.85
CA GLY A 315 2.47 -24.64 -12.99
C GLY A 315 3.48 -23.55 -12.73
N THR A 316 3.11 -22.66 -11.82
CA THR A 316 3.95 -21.56 -11.45
C THR A 316 5.12 -22.08 -10.63
N PHE A 317 6.32 -21.67 -11.02
CA PHE A 317 7.54 -22.09 -10.35
C PHE A 317 8.26 -20.88 -9.78
N MET A 318 8.50 -20.93 -8.48
CA MET A 318 9.16 -19.87 -7.76
C MET A 318 10.60 -20.24 -7.41
N SER A 319 11.51 -19.32 -7.67
CA SER A 319 12.90 -19.59 -7.37
C SER A 319 13.23 -18.96 -6.02
N SER A 320 14.19 -19.55 -5.33
CA SER A 320 14.56 -19.04 -4.02
C SER A 320 15.94 -19.53 -3.60
N GLY A 321 16.72 -18.64 -3.00
CA GLY A 321 18.05 -19.00 -2.55
C GLY A 321 19.18 -18.32 -3.30
N GLY A 322 19.82 -17.35 -2.66
CA GLY A 322 20.94 -16.63 -3.24
C GLY A 322 20.69 -15.58 -4.31
N PHE A 323 19.43 -15.38 -4.69
CA PHE A 323 19.11 -14.38 -5.72
C PHE A 323 19.32 -12.94 -5.27
N ASN A 324 19.58 -12.09 -6.25
CA ASN A 324 19.76 -10.66 -6.02
C ASN A 324 19.00 -10.03 -7.19
N LYS A 325 19.04 -8.71 -7.33
CA LYS A 325 18.30 -8.07 -8.41
C LYS A 325 18.69 -8.70 -9.74
N GLU A 326 19.95 -8.54 -10.12
CA GLU A 326 20.45 -9.07 -11.38
C GLU A 326 20.10 -10.54 -11.62
N LEU A 327 20.37 -11.39 -10.63
CA LEU A 327 20.12 -12.82 -10.74
C LEU A 327 18.67 -13.24 -10.97
N GLY A 328 17.73 -12.48 -10.41
CA GLY A 328 16.33 -12.79 -10.58
C GLY A 328 15.87 -12.37 -11.95
N MET A 329 16.48 -11.31 -12.46
CA MET A 329 16.17 -10.81 -13.79
C MET A 329 16.52 -11.89 -14.80
N GLN A 330 17.78 -12.33 -14.78
CA GLN A 330 18.20 -13.35 -15.73
C GLN A 330 17.67 -14.72 -15.37
N ALA A 331 16.79 -14.76 -14.37
CA ALA A 331 16.19 -16.00 -13.91
C ALA A 331 14.87 -16.17 -14.62
N VAL A 332 14.05 -15.14 -14.58
CA VAL A 332 12.75 -15.14 -15.24
C VAL A 332 12.90 -15.06 -16.77
N GLN A 333 13.81 -14.20 -17.23
CA GLN A 333 14.02 -14.04 -18.67
C GLN A 333 14.23 -15.41 -19.33
N GLN A 334 15.11 -16.22 -18.74
CA GLN A 334 15.41 -17.54 -19.27
C GLN A 334 14.33 -18.58 -19.02
N GLY A 335 13.22 -18.17 -18.42
CA GLY A 335 12.14 -19.11 -18.15
C GLY A 335 12.44 -20.16 -17.11
N ASP A 336 13.37 -19.85 -16.20
CA ASP A 336 13.74 -20.78 -15.14
C ASP A 336 12.76 -20.69 -13.98
N ALA A 337 11.95 -19.64 -13.98
CA ALA A 337 10.98 -19.46 -12.92
C ALA A 337 9.99 -18.40 -13.31
N ASP A 338 8.81 -18.44 -12.71
CA ASP A 338 7.80 -17.45 -12.97
C ASP A 338 7.95 -16.34 -11.94
N LEU A 339 8.51 -16.72 -10.79
CA LEU A 339 8.69 -15.79 -9.68
C LEU A 339 9.95 -16.16 -8.92
N VAL A 340 10.49 -15.16 -8.23
CA VAL A 340 11.71 -15.32 -7.46
C VAL A 340 11.47 -14.72 -6.09
N SER A 341 11.71 -15.50 -5.04
CA SER A 341 11.51 -15.01 -3.69
C SER A 341 12.84 -14.55 -3.09
N TYR A 342 12.77 -13.48 -2.32
CA TYR A 342 13.95 -12.92 -1.69
C TYR A 342 13.76 -12.91 -0.17
N GLY A 343 14.79 -13.37 0.53
CA GLY A 343 14.72 -13.41 1.97
C GLY A 343 15.51 -12.31 2.67
N ARG A 344 16.83 -12.47 2.71
CA ARG A 344 17.68 -11.51 3.40
C ARG A 344 17.56 -10.09 2.88
N LEU A 345 17.52 -9.93 1.56
CA LEU A 345 17.40 -8.59 1.00
C LEU A 345 16.05 -7.95 1.36
N PHE A 346 15.03 -8.77 1.56
CA PHE A 346 13.72 -8.22 1.90
C PHE A 346 13.68 -7.89 3.36
N ILE A 347 14.52 -8.58 4.11
CA ILE A 347 14.63 -8.34 5.54
C ILE A 347 15.15 -6.92 5.73
N ALA A 348 16.21 -6.60 4.99
CA ALA A 348 16.85 -5.29 5.10
C ALA A 348 16.30 -4.24 4.13
N ASN A 349 15.42 -4.64 3.22
CA ASN A 349 14.86 -3.70 2.25
C ASN A 349 13.35 -3.76 2.12
N PRO A 350 12.66 -2.98 2.95
CA PRO A 350 11.20 -2.97 2.90
C PRO A 350 10.75 -2.66 1.47
N ASP A 351 11.26 -1.57 0.93
CA ASP A 351 10.94 -1.15 -0.43
C ASP A 351 11.85 -1.88 -1.40
N LEU A 352 12.06 -3.17 -1.16
CA LEU A 352 12.93 -3.96 -2.03
C LEU A 352 12.51 -3.94 -3.50
N VAL A 353 11.19 -3.99 -3.75
CA VAL A 353 10.73 -4.00 -5.13
C VAL A 353 11.18 -2.78 -5.91
N SER A 354 10.97 -1.60 -5.33
CA SER A 354 11.39 -0.38 -6.00
C SER A 354 12.90 -0.41 -6.20
N ARG A 355 13.63 -0.50 -5.09
CA ARG A 355 15.07 -0.53 -5.11
C ARG A 355 15.56 -1.42 -6.23
N PHE A 356 14.84 -2.50 -6.50
CA PHE A 356 15.23 -3.38 -7.58
C PHE A 356 14.78 -2.79 -8.91
N LYS A 357 13.54 -2.34 -8.95
CA LYS A 357 12.95 -1.79 -10.16
C LYS A 357 13.69 -0.59 -10.72
N ILE A 358 14.53 0.05 -9.91
CA ILE A 358 15.26 1.21 -10.38
C ILE A 358 16.76 1.05 -10.18
N ASP A 359 17.20 -0.17 -9.86
CA ASP A 359 18.61 -0.44 -9.61
C ASP A 359 19.15 0.53 -8.56
N GLY A 360 18.38 0.77 -7.51
CA GLY A 360 18.82 1.67 -6.48
C GLY A 360 19.66 1.00 -5.41
N GLU A 361 20.06 1.76 -4.40
CA GLU A 361 20.85 1.25 -3.29
C GLU A 361 20.11 0.15 -2.52
N LEU A 362 20.86 -0.84 -2.04
CA LEU A 362 20.30 -1.95 -1.26
C LEU A 362 20.93 -2.02 0.12
N ASN A 363 20.12 -1.76 1.14
CA ASN A 363 20.60 -1.80 2.52
C ASN A 363 21.14 -3.20 2.77
N LYS A 364 22.11 -3.30 3.64
CA LYS A 364 22.65 -4.60 3.97
C LYS A 364 21.84 -5.13 5.12
N TYR A 365 21.75 -6.45 5.23
CA TYR A 365 21.02 -7.06 6.30
C TYR A 365 21.95 -7.40 7.46
N ASN A 366 21.39 -7.43 8.66
CA ASN A 366 22.17 -7.77 9.84
C ASN A 366 21.60 -9.04 10.44
N ARG A 367 22.23 -10.17 10.14
CA ARG A 367 21.81 -11.47 10.62
C ARG A 367 21.63 -11.49 12.14
N LYS A 368 22.43 -10.68 12.82
CA LYS A 368 22.37 -10.65 14.27
C LYS A 368 20.97 -10.37 14.82
N THR A 369 20.13 -9.71 14.03
CA THR A 369 18.78 -9.42 14.50
C THR A 369 17.68 -10.07 13.67
N PHE A 370 18.04 -11.09 12.90
CA PHE A 370 17.05 -11.80 12.09
C PHE A 370 16.03 -12.47 13.00
N TYR A 371 16.54 -13.00 14.11
CA TYR A 371 15.76 -13.78 15.07
C TYR A 371 15.52 -13.20 16.45
N THR A 372 15.80 -11.92 16.64
CA THR A 372 15.57 -11.28 17.93
C THR A 372 14.08 -10.93 18.06
N GLN A 373 13.67 -10.43 19.22
CA GLN A 373 12.27 -10.14 19.45
C GLN A 373 11.81 -8.68 19.38
N ASP A 374 12.73 -7.76 19.09
CA ASP A 374 12.30 -6.37 19.06
C ASP A 374 11.33 -6.15 17.93
N PRO A 375 10.18 -5.51 18.23
CA PRO A 375 9.15 -5.24 17.23
C PRO A 375 9.61 -4.18 16.25
N VAL A 376 10.77 -3.60 16.51
CA VAL A 376 11.29 -2.56 15.65
C VAL A 376 12.71 -2.81 15.22
N VAL A 377 13.60 -3.02 16.19
CA VAL A 377 15.02 -3.22 15.91
C VAL A 377 15.37 -4.40 15.02
N GLY A 378 15.89 -4.08 13.84
CA GLY A 378 16.28 -5.10 12.88
C GLY A 378 15.05 -5.71 12.25
N TYR A 379 13.89 -5.12 12.54
CA TYR A 379 12.64 -5.63 12.02
C TYR A 379 11.89 -4.65 11.10
N THR A 380 11.28 -3.64 11.69
CA THR A 380 10.55 -2.64 10.91
C THR A 380 11.31 -1.32 10.83
N ASP A 381 12.58 -1.33 11.22
CA ASP A 381 13.34 -0.09 11.19
C ASP A 381 14.42 0.01 10.11
N TYR A 382 14.43 -0.93 9.17
CA TYR A 382 15.39 -0.83 8.07
C TYR A 382 14.80 0.30 7.21
N PRO A 383 15.65 1.21 6.72
CA PRO A 383 15.20 2.35 5.91
C PRO A 383 14.60 2.08 4.54
N PHE A 384 13.64 2.92 4.19
CA PHE A 384 12.99 2.88 2.88
C PHE A 384 13.93 3.75 2.07
N LEU A 385 13.93 3.58 0.75
CA LEU A 385 14.81 4.37 -0.10
C LEU A 385 14.49 5.84 0.11
N ALA A 386 15.50 6.70 -0.02
CA ALA A 386 15.29 8.13 0.11
C ALA A 386 14.93 8.61 -1.30
N PRO A 387 14.22 9.76 -1.41
CA PRO A 387 13.84 10.30 -2.70
C PRO A 387 14.95 10.16 -3.77
N ASN B 9 -6.86 38.81 17.21
CA ASN B 9 -6.80 40.29 17.08
C ASN B 9 -6.14 40.68 15.76
N GLU B 10 -5.42 39.73 15.17
CA GLU B 10 -4.69 39.90 13.91
C GLU B 10 -5.58 40.21 12.71
N THR B 11 -5.02 40.09 11.50
CA THR B 11 -5.78 40.37 10.30
C THR B 11 -5.27 39.50 9.14
N LEU B 12 -5.83 39.73 7.96
CA LEU B 12 -5.42 39.00 6.76
C LEU B 12 -4.00 39.38 6.41
N PHE B 13 -3.50 40.45 7.03
CA PHE B 13 -2.16 40.92 6.74
C PHE B 13 -1.13 40.56 7.79
N SER B 14 -1.55 39.86 8.83
CA SER B 14 -0.61 39.46 9.86
C SER B 14 0.27 38.33 9.35
N SER B 15 1.53 38.35 9.79
CA SER B 15 2.47 37.33 9.42
C SER B 15 1.98 36.03 10.04
N TYR B 16 2.37 34.91 9.44
CA TYR B 16 1.95 33.63 9.97
C TYR B 16 2.87 32.52 9.49
N LYS B 17 3.62 31.98 10.43
CA LYS B 17 4.55 30.90 10.13
C LYS B 17 3.73 29.63 9.93
N MET B 18 3.75 29.12 8.71
CA MET B 18 3.03 27.89 8.39
C MET B 18 4.00 26.74 8.61
N GLY B 19 4.09 26.26 9.84
CA GLY B 19 5.02 25.18 10.13
C GLY B 19 6.42 25.62 9.76
N ARG B 20 6.96 25.05 8.69
CA ARG B 20 8.31 25.36 8.23
C ARG B 20 8.43 26.60 7.35
N PHE B 21 7.35 26.93 6.63
CA PHE B 21 7.37 28.10 5.74
C PHE B 21 6.92 29.33 6.51
N ASP B 22 7.49 30.48 6.15
CA ASP B 22 7.16 31.75 6.78
C ASP B 22 6.28 32.54 5.80
N LEU B 23 5.03 32.75 6.16
CA LEU B 23 4.13 33.50 5.30
C LEU B 23 4.05 34.94 5.76
N SER B 24 3.77 35.84 4.81
CA SER B 24 3.63 37.26 5.10
C SER B 24 2.21 37.55 5.56
N HIS B 25 1.23 37.19 4.73
CA HIS B 25 -0.15 37.44 5.07
C HIS B 25 -0.98 36.17 5.03
N ARG B 26 -2.28 36.30 5.28
CA ARG B 26 -3.17 35.15 5.35
C ARG B 26 -4.00 34.91 4.11
N VAL B 27 -3.87 35.78 3.12
CA VAL B 27 -4.65 35.63 1.91
C VAL B 27 -4.04 34.56 1.01
N VAL B 28 -4.72 33.44 0.91
CA VAL B 28 -4.23 32.32 0.12
C VAL B 28 -4.96 32.22 -1.21
N LEU B 29 -4.21 31.89 -2.26
CA LEU B 29 -4.80 31.71 -3.56
C LEU B 29 -5.39 30.31 -3.50
N ALA B 30 -6.71 30.23 -3.47
CA ALA B 30 -7.42 28.97 -3.41
C ALA B 30 -7.13 28.18 -4.68
N PRO B 31 -7.05 26.85 -4.58
CA PRO B 31 -6.78 26.04 -5.77
C PRO B 31 -7.96 26.21 -6.72
N MET B 32 -7.69 26.59 -7.96
CA MET B 32 -8.78 26.78 -8.92
C MET B 32 -8.52 26.25 -10.31
N THR B 33 -9.31 25.25 -10.70
CA THR B 33 -9.21 24.70 -12.05
C THR B 33 -9.55 25.81 -13.02
N ARG B 34 -8.69 26.01 -14.03
CA ARG B 34 -8.95 27.05 -15.01
C ARG B 34 -8.86 26.52 -16.43
N CYS B 35 -8.34 25.31 -16.57
CA CYS B 35 -8.25 24.66 -17.88
C CYS B 35 -7.43 25.44 -18.91
N ARG B 36 -6.38 26.12 -18.47
CA ARG B 36 -5.51 26.84 -19.39
C ARG B 36 -4.29 25.98 -19.73
N ALA B 37 -4.13 24.89 -19.01
CA ALA B 37 -3.02 23.95 -19.22
C ALA B 37 -3.41 23.02 -20.36
N LEU B 38 -3.53 23.58 -21.55
CA LEU B 38 -3.91 22.81 -22.72
C LEU B 38 -3.21 21.47 -22.81
N ASN B 39 -4.00 20.41 -22.99
CA ASN B 39 -3.46 19.07 -23.13
C ASN B 39 -2.69 18.60 -21.89
N GLY B 40 -3.08 19.13 -20.74
CA GLY B 40 -2.48 18.71 -19.49
C GLY B 40 -1.10 19.28 -19.24
N VAL B 41 -0.61 20.07 -20.18
CA VAL B 41 0.73 20.62 -20.04
C VAL B 41 0.68 22.04 -19.49
N PRO B 42 1.33 22.28 -18.32
CA PRO B 42 1.33 23.64 -17.74
C PRO B 42 2.16 24.46 -18.72
N ASN B 43 1.65 25.61 -19.14
CA ASN B 43 2.36 26.44 -20.10
C ASN B 43 2.74 27.83 -19.60
N ALA B 44 2.97 28.76 -20.52
CA ALA B 44 3.38 30.09 -20.14
C ALA B 44 2.28 30.88 -19.46
N ALA B 45 1.03 30.64 -19.84
CA ALA B 45 -0.09 31.34 -19.24
C ALA B 45 -0.17 31.02 -17.74
N LEU B 46 0.10 29.79 -17.37
CA LEU B 46 0.05 29.41 -15.97
C LEU B 46 1.13 30.13 -15.19
N ALA B 47 2.34 30.16 -15.75
CA ALA B 47 3.45 30.82 -15.08
C ALA B 47 3.11 32.29 -14.84
N GLU B 48 2.59 32.95 -15.87
CA GLU B 48 2.23 34.36 -15.75
C GLU B 48 1.02 34.55 -14.83
N TYR B 49 0.05 33.65 -14.95
CA TYR B 49 -1.15 33.70 -14.13
C TYR B 49 -0.84 33.67 -12.63
N TYR B 50 -0.12 32.65 -12.19
CA TYR B 50 0.22 32.53 -10.78
C TYR B 50 1.07 33.71 -10.37
N ALA B 51 2.09 34.01 -11.18
CA ALA B 51 2.98 35.13 -10.92
C ALA B 51 2.14 36.38 -10.71
N GLN B 52 1.19 36.61 -11.61
CA GLN B 52 0.35 37.80 -11.49
C GLN B 52 -0.23 37.92 -10.09
N ARG B 53 -0.64 36.79 -9.53
CA ARG B 53 -1.26 36.80 -8.21
C ARG B 53 -0.32 36.55 -7.04
N THR B 54 0.97 36.36 -7.31
CA THR B 54 1.88 36.13 -6.19
C THR B 54 2.22 37.42 -5.46
N THR B 55 2.63 37.25 -4.20
CA THR B 55 3.02 38.33 -3.32
C THR B 55 4.17 37.81 -2.45
N PRO B 56 4.96 38.72 -1.87
CA PRO B 56 6.07 38.30 -1.03
C PRO B 56 5.54 37.46 0.11
N GLY B 57 6.09 36.25 0.28
CA GLY B 57 5.62 35.39 1.35
C GLY B 57 4.15 35.05 1.23
N GLY B 58 3.59 35.21 0.03
CA GLY B 58 2.19 34.87 -0.17
C GLY B 58 2.09 33.37 -0.42
N PHE B 59 0.99 32.76 0.02
CA PHE B 59 0.81 31.32 -0.16
C PHE B 59 -0.30 31.03 -1.19
N LEU B 60 0.08 30.35 -2.26
CA LEU B 60 -0.85 30.02 -3.32
C LEU B 60 -1.01 28.50 -3.44
N ILE B 61 -2.18 28.08 -3.91
CA ILE B 61 -2.43 26.67 -4.11
C ILE B 61 -2.79 26.53 -5.58
N SER B 62 -2.09 25.62 -6.25
CA SER B 62 -2.33 25.41 -7.65
C SER B 62 -3.70 24.82 -7.90
N GLU B 63 -4.12 24.96 -9.16
CA GLU B 63 -5.35 24.42 -9.65
C GLU B 63 -5.26 22.89 -9.48
N GLY B 64 -6.41 22.22 -9.42
CA GLY B 64 -6.38 20.77 -9.26
C GLY B 64 -5.46 20.17 -10.31
N THR B 65 -4.56 19.29 -9.88
CA THR B 65 -3.57 18.69 -10.76
C THR B 65 -3.65 17.17 -10.74
N MET B 66 -3.67 16.57 -11.93
CA MET B 66 -3.77 15.12 -12.05
C MET B 66 -2.65 14.35 -11.36
N VAL B 67 -3.02 13.27 -10.69
CA VAL B 67 -2.06 12.42 -10.02
C VAL B 67 -1.80 11.19 -10.89
N SER B 68 -2.53 11.09 -12.00
CA SER B 68 -2.38 9.95 -12.90
C SER B 68 -3.34 10.07 -14.06
N PRO B 69 -3.18 9.21 -15.07
CA PRO B 69 -4.11 9.31 -16.21
C PRO B 69 -5.45 8.82 -15.67
N GLY B 70 -6.53 9.51 -16.00
CA GLY B 70 -7.82 9.07 -15.51
C GLY B 70 -8.31 9.90 -14.34
N SER B 71 -7.43 10.70 -13.73
CA SER B 71 -7.84 11.51 -12.59
C SER B 71 -8.40 12.89 -12.97
N ALA B 72 -8.57 13.15 -14.26
CA ALA B 72 -9.08 14.45 -14.68
C ALA B 72 -10.58 14.41 -14.94
N GLY B 73 -11.24 15.53 -14.62
CA GLY B 73 -12.68 15.61 -14.84
C GLY B 73 -12.95 16.92 -15.54
N PHE B 74 -11.87 17.53 -16.01
CA PHE B 74 -11.90 18.82 -16.72
C PHE B 74 -10.85 18.76 -17.82
N PRO B 75 -11.00 19.58 -18.86
CA PRO B 75 -10.04 19.58 -19.95
C PRO B 75 -8.82 20.42 -19.64
N HIS B 76 -7.71 20.07 -20.26
CA HIS B 76 -6.48 20.82 -20.12
C HIS B 76 -6.05 21.09 -18.68
N VAL B 77 -6.37 20.17 -17.80
CA VAL B 77 -5.97 20.32 -16.43
C VAL B 77 -4.57 19.77 -16.41
N PRO B 78 -3.66 20.47 -15.75
CA PRO B 78 -2.26 20.03 -15.67
C PRO B 78 -2.05 18.81 -14.79
N GLY B 79 -1.08 17.99 -15.20
CA GLY B 79 -0.76 16.83 -14.40
C GLY B 79 0.59 17.11 -13.77
N ILE B 80 0.95 16.33 -12.78
CA ILE B 80 2.24 16.50 -12.15
C ILE B 80 2.85 15.11 -12.15
N TYR B 81 2.17 14.16 -12.81
CA TYR B 81 2.66 12.80 -12.86
C TYR B 81 3.65 12.54 -13.99
N SER B 82 3.47 13.19 -15.14
CA SER B 82 4.39 12.96 -16.26
C SER B 82 5.64 13.82 -16.15
N ASP B 83 6.79 13.17 -16.29
CA ASP B 83 8.06 13.87 -16.20
C ASP B 83 8.02 15.13 -17.03
N GLU B 84 7.30 15.08 -18.14
CA GLU B 84 7.17 16.25 -18.99
C GLU B 84 6.44 17.33 -18.19
N GLN B 85 5.33 16.95 -17.56
CA GLN B 85 4.56 17.90 -16.77
C GLN B 85 5.37 18.45 -15.61
N VAL B 86 6.29 17.62 -15.11
CA VAL B 86 7.14 18.05 -14.01
C VAL B 86 8.05 19.16 -14.51
N GLU B 87 8.64 18.95 -15.69
CA GLU B 87 9.51 19.97 -16.27
C GLU B 87 8.71 21.20 -16.68
N ALA B 88 7.51 20.96 -17.22
CA ALA B 88 6.66 22.07 -17.65
C ALA B 88 6.19 22.97 -16.50
N TRP B 89 5.96 22.39 -15.33
CA TRP B 89 5.52 23.18 -14.17
C TRP B 89 6.59 24.09 -13.61
N LYS B 90 7.84 23.66 -13.73
CA LYS B 90 8.96 24.41 -13.20
C LYS B 90 8.91 25.91 -13.50
N GLN B 91 8.55 26.28 -14.73
CA GLN B 91 8.50 27.69 -15.11
C GLN B 91 7.47 28.39 -14.28
N VAL B 92 6.47 27.63 -13.83
CA VAL B 92 5.42 28.22 -13.03
C VAL B 92 5.93 28.40 -11.60
N VAL B 93 6.47 27.33 -11.04
CA VAL B 93 6.98 27.36 -9.68
C VAL B 93 8.13 28.33 -9.57
N GLU B 94 9.01 28.36 -10.57
CA GLU B 94 10.14 29.28 -10.53
C GLU B 94 9.64 30.72 -10.45
N ALA B 95 8.65 31.04 -11.28
CA ALA B 95 8.05 32.36 -11.32
C ALA B 95 7.53 32.78 -9.94
N VAL B 96 6.73 31.92 -9.33
CA VAL B 96 6.17 32.19 -8.01
C VAL B 96 7.31 32.49 -7.05
N HIS B 97 8.31 31.60 -7.05
CA HIS B 97 9.43 31.81 -6.16
C HIS B 97 10.22 33.06 -6.51
N ALA B 98 10.21 33.44 -7.78
CA ALA B 98 10.94 34.64 -8.20
C ALA B 98 10.33 35.86 -7.55
N LYS B 99 9.01 35.84 -7.35
CA LYS B 99 8.34 36.98 -6.74
C LYS B 99 8.11 36.81 -5.24
N GLY B 100 8.83 35.88 -4.63
CA GLY B 100 8.72 35.68 -3.18
C GLY B 100 7.59 34.81 -2.68
N GLY B 101 6.82 34.24 -3.59
CA GLY B 101 5.71 33.40 -3.18
C GLY B 101 6.07 31.95 -2.95
N PHE B 102 5.15 31.23 -2.30
CA PHE B 102 5.28 29.80 -2.04
C PHE B 102 4.03 29.14 -2.58
N ILE B 103 4.18 27.97 -3.20
CA ILE B 103 3.02 27.31 -3.75
C ILE B 103 3.08 25.80 -3.62
N PHE B 104 1.89 25.23 -3.41
CA PHE B 104 1.72 23.80 -3.28
C PHE B 104 1.08 23.25 -4.55
N CYS B 105 1.34 21.99 -4.84
CA CYS B 105 0.72 21.38 -6.01
C CYS B 105 -0.46 20.62 -5.44
N GLN B 106 -1.67 20.97 -5.87
CA GLN B 106 -2.83 20.23 -5.37
C GLN B 106 -2.99 18.96 -6.21
N LEU B 107 -2.93 17.81 -5.54
CA LEU B 107 -3.07 16.53 -6.21
C LEU B 107 -4.55 16.24 -6.29
N TRP B 108 -5.03 16.08 -7.51
CA TRP B 108 -6.46 15.92 -7.73
C TRP B 108 -6.98 14.75 -8.55
N HIS B 109 -7.68 13.85 -7.88
CA HIS B 109 -8.29 12.77 -8.62
C HIS B 109 -9.77 13.07 -8.49
N VAL B 110 -10.46 13.18 -9.63
CA VAL B 110 -11.88 13.49 -9.64
C VAL B 110 -12.82 12.32 -9.38
N GLY B 111 -12.28 11.12 -9.38
CA GLY B 111 -13.11 9.96 -9.15
C GLY B 111 -14.21 9.87 -10.19
N ARG B 112 -15.41 9.52 -9.75
CA ARG B 112 -16.53 9.34 -10.65
C ARG B 112 -16.88 10.61 -11.43
N ALA B 113 -16.37 11.75 -10.99
CA ALA B 113 -16.67 13.00 -11.69
C ALA B 113 -15.82 13.05 -12.93
N SER B 114 -15.92 12.01 -13.74
CA SER B 114 -15.14 11.96 -14.94
C SER B 114 -15.92 11.27 -16.06
N HIS B 115 -15.59 11.68 -17.27
CA HIS B 115 -16.23 11.16 -18.46
C HIS B 115 -15.18 10.33 -19.18
N ALA B 116 -15.65 9.40 -20.02
CA ALA B 116 -14.76 8.53 -20.79
C ALA B 116 -13.67 9.31 -21.50
N VAL B 117 -14.01 10.49 -22.02
CA VAL B 117 -13.05 11.31 -22.74
C VAL B 117 -11.77 11.50 -21.92
N TYR B 118 -11.92 11.77 -20.64
CA TYR B 118 -10.78 12.00 -19.75
C TYR B 118 -10.25 10.72 -19.17
N GLN B 119 -10.64 9.59 -19.76
CA GLN B 119 -10.19 8.31 -19.26
C GLN B 119 -9.38 7.50 -20.26
N PRO B 120 -8.19 7.02 -19.84
CA PRO B 120 -7.36 6.22 -20.73
C PRO B 120 -8.27 5.09 -21.20
N ASN B 121 -8.18 4.75 -22.48
CA ASN B 121 -9.01 3.69 -23.04
C ASN B 121 -10.48 4.08 -23.08
N GLY B 122 -10.87 5.02 -22.22
CA GLY B 122 -12.26 5.45 -22.20
C GLY B 122 -13.13 4.72 -21.18
N GLY B 123 -12.52 3.78 -20.48
CA GLY B 123 -13.26 3.01 -19.49
C GLY B 123 -13.81 3.85 -18.38
N SER B 124 -15.02 3.51 -17.95
CA SER B 124 -15.70 4.21 -16.88
C SER B 124 -14.76 4.54 -15.74
N PRO B 125 -14.63 5.84 -15.42
CA PRO B 125 -13.78 6.34 -14.34
C PRO B 125 -14.11 5.61 -13.04
N ILE B 126 -13.19 5.68 -12.07
CA ILE B 126 -13.42 5.02 -10.80
C ILE B 126 -14.11 5.95 -9.82
N SER B 127 -14.59 5.37 -8.73
CA SER B 127 -15.27 6.12 -7.69
C SER B 127 -15.16 5.22 -6.48
N SER B 128 -15.96 5.49 -5.47
CA SER B 128 -15.91 4.62 -4.31
C SER B 128 -16.87 3.47 -4.58
N THR B 129 -17.85 3.74 -5.45
CA THR B 129 -18.89 2.76 -5.78
C THR B 129 -19.37 2.91 -7.24
N ASN B 130 -20.50 2.28 -7.55
CA ASN B 130 -21.09 2.34 -8.88
C ASN B 130 -22.07 3.51 -9.01
N LYS B 131 -22.34 4.21 -7.93
CA LYS B 131 -23.28 5.31 -8.03
C LYS B 131 -22.78 6.46 -8.88
N PRO B 132 -23.46 6.72 -10.00
CA PRO B 132 -23.08 7.82 -10.88
C PRO B 132 -23.57 9.10 -10.27
N ILE B 133 -22.85 10.17 -10.56
CA ILE B 133 -23.24 11.50 -10.09
C ILE B 133 -24.61 11.71 -10.75
N SER B 134 -25.56 12.23 -9.99
CA SER B 134 -26.90 12.45 -10.52
C SER B 134 -26.95 13.34 -11.75
N GLU B 135 -27.77 12.91 -12.72
CA GLU B 135 -27.97 13.65 -13.97
C GLU B 135 -28.89 14.82 -13.66
N ASN B 136 -29.65 14.67 -12.58
CA ASN B 136 -30.57 15.71 -12.16
C ASN B 136 -29.93 17.02 -11.83
N ARG B 137 -28.67 17.01 -11.41
CA ARG B 137 -28.08 18.27 -11.01
C ARG B 137 -26.62 18.53 -11.30
N TRP B 138 -26.01 17.69 -12.11
CA TRP B 138 -24.60 17.90 -12.40
C TRP B 138 -24.25 17.59 -13.85
N ARG B 139 -23.22 18.25 -14.35
CA ARG B 139 -22.77 18.06 -15.72
C ARG B 139 -21.27 18.21 -15.81
N VAL B 140 -20.63 17.30 -16.53
CA VAL B 140 -19.20 17.35 -16.71
C VAL B 140 -18.90 18.27 -17.91
N LEU B 141 -17.73 18.89 -17.91
CA LEU B 141 -17.33 19.76 -18.99
C LEU B 141 -16.43 18.97 -19.94
N LEU B 142 -16.80 18.95 -21.21
CA LEU B 142 -16.00 18.22 -22.19
C LEU B 142 -15.16 19.21 -23.00
N PRO B 143 -14.06 18.73 -23.58
CA PRO B 143 -13.13 19.53 -24.39
C PRO B 143 -13.78 20.52 -25.35
N ASP B 144 -14.74 20.09 -26.17
CA ASP B 144 -15.38 21.00 -27.10
C ASP B 144 -16.21 22.05 -26.38
N GLY B 145 -16.25 21.96 -25.06
CA GLY B 145 -17.01 22.95 -24.30
C GLY B 145 -18.43 22.52 -24.03
N SER B 146 -18.79 21.30 -24.41
CA SER B 146 -20.15 20.84 -24.17
C SER B 146 -20.25 20.30 -22.73
N HIS B 147 -21.47 20.23 -22.20
CA HIS B 147 -21.70 19.73 -20.85
C HIS B 147 -22.62 18.53 -20.96
N VAL B 148 -22.18 17.38 -20.44
CA VAL B 148 -23.00 16.17 -20.47
C VAL B 148 -23.14 15.52 -19.09
N LYS B 149 -24.13 14.65 -18.96
CA LYS B 149 -24.37 13.95 -17.71
C LYS B 149 -23.16 13.09 -17.35
N TYR B 150 -22.83 13.06 -16.07
CA TYR B 150 -21.71 12.24 -15.60
C TYR B 150 -22.06 10.78 -15.83
N PRO B 151 -21.08 9.96 -16.23
CA PRO B 151 -21.40 8.56 -16.46
C PRO B 151 -21.32 7.75 -15.19
N LYS B 152 -21.70 6.48 -15.30
CA LYS B 152 -21.63 5.57 -14.18
C LYS B 152 -20.16 5.24 -13.97
N PRO B 153 -19.66 5.43 -12.73
CA PRO B 153 -18.26 5.11 -12.47
C PRO B 153 -18.13 3.62 -12.20
N ARG B 154 -16.90 3.14 -12.14
CA ARG B 154 -16.66 1.74 -11.83
C ARG B 154 -16.11 1.76 -10.43
N ALA B 155 -16.77 1.07 -9.51
CA ALA B 155 -16.32 1.03 -8.13
C ALA B 155 -14.93 0.39 -8.09
N LEU B 156 -14.02 1.04 -7.37
CA LEU B 156 -12.67 0.54 -7.25
C LEU B 156 -12.65 -0.75 -6.46
N GLU B 157 -11.88 -1.71 -6.95
CA GLU B 157 -11.71 -2.97 -6.26
C GLU B 157 -10.72 -2.64 -5.14
N ALA B 158 -10.89 -3.26 -3.98
CA ALA B 158 -10.00 -3.00 -2.85
C ALA B 158 -8.52 -2.98 -3.27
N SER B 159 -8.14 -3.91 -4.15
CA SER B 159 -6.75 -4.01 -4.60
C SER B 159 -6.30 -2.84 -5.46
N GLU B 160 -7.26 -2.15 -6.08
CA GLU B 160 -6.92 -1.01 -6.91
C GLU B 160 -6.60 0.23 -6.10
N ILE B 161 -7.30 0.40 -4.98
CA ILE B 161 -7.11 1.57 -4.14
C ILE B 161 -5.64 1.88 -3.83
N PRO B 162 -4.86 0.88 -3.38
CA PRO B 162 -3.46 1.18 -3.09
C PRO B 162 -2.71 1.66 -4.31
N ARG B 163 -3.15 1.27 -5.50
CA ARG B 163 -2.47 1.73 -6.70
C ARG B 163 -2.76 3.23 -6.88
N VAL B 164 -3.95 3.67 -6.50
CA VAL B 164 -4.30 5.07 -6.63
C VAL B 164 -3.40 5.86 -5.69
N VAL B 165 -3.29 5.38 -4.46
CA VAL B 165 -2.44 6.03 -3.48
C VAL B 165 -1.07 6.22 -4.12
N GLU B 166 -0.54 5.14 -4.69
CA GLU B 166 0.75 5.19 -5.35
C GLU B 166 0.82 6.34 -6.32
N ASP B 167 -0.27 6.61 -7.05
CA ASP B 167 -0.29 7.71 -7.99
C ASP B 167 -0.13 9.01 -7.23
N TYR B 168 -0.76 9.09 -6.06
CA TYR B 168 -0.65 10.29 -5.22
C TYR B 168 0.79 10.43 -4.75
N CYS B 169 1.41 9.30 -4.41
CA CYS B 169 2.79 9.32 -3.93
C CYS B 169 3.73 9.76 -5.04
N LEU B 170 3.65 9.11 -6.19
CA LEU B 170 4.50 9.45 -7.32
C LEU B 170 4.29 10.92 -7.66
N SER B 171 3.07 11.40 -7.42
CA SER B 171 2.75 12.77 -7.74
C SER B 171 3.28 13.69 -6.66
N ALA B 172 3.25 13.22 -5.42
CA ALA B 172 3.73 14.01 -4.28
C ALA B 172 5.25 14.07 -4.40
N LEU B 173 5.83 13.02 -4.98
CA LEU B 173 7.27 12.99 -5.18
C LEU B 173 7.64 13.97 -6.27
N ASN B 174 6.94 13.91 -7.41
CA ASN B 174 7.23 14.83 -8.49
C ASN B 174 6.77 16.24 -8.12
N ALA B 175 6.20 16.36 -6.94
CA ALA B 175 5.78 17.66 -6.46
C ALA B 175 7.09 18.38 -6.15
N ILE B 176 7.85 17.78 -5.23
CA ILE B 176 9.12 18.33 -4.83
C ILE B 176 9.99 18.58 -6.06
N ARG B 177 10.16 17.53 -6.88
CA ARG B 177 10.96 17.64 -8.09
C ARG B 177 10.65 18.92 -8.85
N ALA B 178 9.37 19.15 -9.13
CA ALA B 178 8.95 20.33 -9.86
C ALA B 178 9.41 21.63 -9.20
N GLY B 179 9.72 21.56 -7.91
CA GLY B 179 10.15 22.74 -7.18
C GLY B 179 9.08 23.24 -6.23
N PHE B 180 7.90 22.62 -6.27
CA PHE B 180 6.81 23.02 -5.38
C PHE B 180 7.23 22.97 -3.92
N ASP B 181 6.64 23.85 -3.14
CA ASP B 181 6.93 23.91 -1.71
C ASP B 181 6.23 22.79 -0.94
N GLY B 182 5.09 22.35 -1.46
CA GLY B 182 4.35 21.29 -0.80
C GLY B 182 3.23 20.82 -1.71
N ILE B 183 2.43 19.89 -1.20
CA ILE B 183 1.32 19.37 -1.96
C ILE B 183 0.05 19.53 -1.15
N GLU B 184 -1.07 19.65 -1.86
CA GLU B 184 -2.33 19.75 -1.17
C GLU B 184 -3.12 18.54 -1.63
N ILE B 185 -3.66 17.78 -0.69
CA ILE B 185 -4.46 16.63 -1.05
C ILE B 185 -5.87 17.15 -1.21
N HIS B 186 -6.37 17.08 -2.43
CA HIS B 186 -7.70 17.53 -2.71
C HIS B 186 -8.66 16.43 -2.29
N GLY B 187 -9.23 16.54 -1.09
CA GLY B 187 -10.17 15.51 -0.63
C GLY B 187 -11.53 16.17 -0.43
N ALA B 188 -11.77 17.21 -1.22
CA ALA B 188 -12.98 18.00 -1.09
C ALA B 188 -14.07 17.83 -2.15
N HIS B 189 -15.03 18.74 -2.08
CA HIS B 189 -16.14 18.89 -3.02
C HIS B 189 -16.62 17.72 -3.88
N GLY B 190 -16.84 16.57 -3.24
CA GLY B 190 -17.35 15.41 -3.96
C GLY B 190 -16.42 14.70 -4.93
N TYR B 191 -15.11 14.85 -4.77
CA TYR B 191 -14.22 14.14 -5.66
C TYR B 191 -13.82 12.77 -5.11
N LEU B 192 -12.83 12.10 -5.70
CA LEU B 192 -12.47 10.74 -5.28
C LEU B 192 -12.35 10.48 -3.78
N ILE B 193 -11.87 11.47 -3.04
CA ILE B 193 -11.72 11.29 -1.62
C ILE B 193 -13.00 11.61 -0.87
N ASP B 194 -13.79 12.55 -1.36
CA ASP B 194 -15.04 12.87 -0.68
C ASP B 194 -16.05 11.78 -0.99
N GLN B 195 -15.88 11.12 -2.13
CA GLN B 195 -16.76 10.02 -2.53
C GLN B 195 -16.63 8.86 -1.55
N PHE B 196 -15.44 8.69 -0.96
CA PHE B 196 -15.26 7.63 0.05
C PHE B 196 -15.69 8.17 1.41
N LEU B 197 -15.37 9.44 1.65
CA LEU B 197 -15.69 10.11 2.93
C LEU B 197 -17.17 10.40 3.14
N LYS B 198 -17.89 10.70 2.07
CA LYS B 198 -19.30 11.04 2.18
C LYS B 198 -20.23 9.84 2.09
N ASP B 199 -20.96 9.53 3.15
CA ASP B 199 -21.85 8.38 3.06
C ASP B 199 -22.96 8.76 2.09
N GLY B 200 -23.10 10.06 1.84
CA GLY B 200 -24.08 10.54 0.90
C GLY B 200 -23.49 10.41 -0.50
N ILE B 201 -22.77 9.30 -0.67
CA ILE B 201 -22.09 8.89 -1.90
C ILE B 201 -21.48 7.51 -1.75
N ASN B 202 -20.98 7.19 -0.55
CA ASN B 202 -20.30 5.91 -0.30
C ASN B 202 -21.11 4.86 0.44
N ASP B 203 -21.43 3.78 -0.28
CA ASP B 203 -22.21 2.69 0.28
C ASP B 203 -21.42 1.37 0.32
N ARG B 204 -20.09 1.45 0.27
CA ARG B 204 -19.24 0.25 0.28
C ARG B 204 -19.35 -0.55 1.58
N THR B 205 -18.95 -1.82 1.50
CA THR B 205 -18.98 -2.73 2.64
C THR B 205 -17.68 -3.51 2.83
N ASP B 206 -16.56 -2.98 2.33
CA ASP B 206 -15.28 -3.65 2.50
C ASP B 206 -14.43 -2.81 3.46
N GLN B 207 -13.11 -2.98 3.49
CA GLN B 207 -12.28 -2.21 4.43
C GLN B 207 -12.34 -0.70 4.18
N TYR B 208 -12.89 -0.29 3.03
CA TYR B 208 -12.96 1.14 2.76
C TYR B 208 -14.35 1.70 2.94
N GLY B 209 -15.20 0.97 3.64
CA GLY B 209 -16.56 1.44 3.87
C GLY B 209 -17.30 0.65 4.91
N GLY B 210 -18.34 1.27 5.48
CA GLY B 210 -19.15 0.62 6.48
C GLY B 210 -18.95 1.22 7.87
N SER B 211 -18.01 2.14 7.96
CA SER B 211 -17.70 2.85 9.19
C SER B 211 -16.95 4.14 8.84
N ILE B 212 -17.06 5.14 9.70
CA ILE B 212 -16.37 6.39 9.45
C ILE B 212 -14.88 6.07 9.28
N ALA B 213 -14.44 5.05 10.00
CA ALA B 213 -13.05 4.63 9.94
C ALA B 213 -12.73 4.09 8.55
N ASN B 214 -13.62 3.23 8.02
CA ASN B 214 -13.41 2.66 6.70
C ASN B 214 -13.56 3.73 5.63
N ARG B 215 -14.46 4.68 5.87
CA ARG B 215 -14.68 5.76 4.92
C ARG B 215 -13.46 6.68 4.88
N CYS B 216 -12.81 6.87 6.03
CA CYS B 216 -11.64 7.73 6.08
C CYS B 216 -10.37 7.01 5.65
N ARG B 217 -10.41 5.68 5.68
CA ARG B 217 -9.25 4.89 5.33
C ARG B 217 -8.59 5.39 4.06
N PHE B 218 -9.38 5.56 3.01
CA PHE B 218 -8.82 6.02 1.75
C PHE B 218 -8.02 7.29 1.93
N LEU B 219 -8.65 8.32 2.50
CA LEU B 219 -7.99 9.60 2.75
C LEU B 219 -6.77 9.38 3.66
N LYS B 220 -6.94 8.53 4.65
CA LYS B 220 -5.85 8.27 5.58
C LYS B 220 -4.64 7.68 4.88
N GLN B 221 -4.88 6.75 3.96
CA GLN B 221 -3.80 6.12 3.22
C GLN B 221 -3.12 7.13 2.32
N VAL B 222 -3.91 7.96 1.64
CA VAL B 222 -3.33 8.97 0.79
C VAL B 222 -2.46 9.93 1.62
N VAL B 223 -2.96 10.36 2.77
CA VAL B 223 -2.14 11.26 3.59
C VAL B 223 -0.87 10.52 3.99
N GLU B 224 -1.03 9.27 4.38
CA GLU B 224 0.13 8.47 4.76
C GLU B 224 1.11 8.34 3.60
N GLY B 225 0.59 8.06 2.41
CA GLY B 225 1.49 7.93 1.28
C GLY B 225 2.20 9.24 0.99
N VAL B 226 1.40 10.26 0.71
CA VAL B 226 1.93 11.59 0.44
C VAL B 226 2.99 11.97 1.48
N VAL B 227 2.67 11.75 2.75
CA VAL B 227 3.58 12.05 3.83
C VAL B 227 4.79 11.10 3.73
N SER B 228 4.52 9.81 3.56
CA SER B 228 5.57 8.81 3.43
C SER B 228 6.33 8.99 2.13
N ALA B 229 6.31 10.20 1.61
CA ALA B 229 7.00 10.49 0.36
C ALA B 229 7.68 11.85 0.33
N ILE B 230 7.07 12.86 0.94
CA ILE B 230 7.65 14.20 0.87
C ILE B 230 7.84 14.98 2.15
N GLY B 231 7.14 14.58 3.21
CA GLY B 231 7.26 15.31 4.47
C GLY B 231 5.96 15.96 4.90
N ALA B 232 5.47 15.54 6.06
CA ALA B 232 4.22 16.04 6.63
C ALA B 232 4.04 17.55 6.56
N SER B 233 5.09 18.30 6.91
CA SER B 233 4.99 19.74 6.92
C SER B 233 4.92 20.29 5.51
N LYS B 234 5.00 19.39 4.53
CA LYS B 234 4.92 19.79 3.13
C LYS B 234 3.56 19.35 2.60
N VAL B 235 2.69 18.94 3.52
CA VAL B 235 1.39 18.44 3.11
C VAL B 235 0.18 19.15 3.70
N GLY B 236 -0.60 19.76 2.82
CA GLY B 236 -1.82 20.40 3.22
C GLY B 236 -2.94 19.43 2.83
N VAL B 237 -4.06 19.49 3.54
CA VAL B 237 -5.18 18.62 3.25
C VAL B 237 -6.45 19.48 3.10
N ARG B 238 -7.17 19.25 2.01
CA ARG B 238 -8.41 19.99 1.80
C ARG B 238 -9.62 19.04 1.85
N VAL B 239 -10.58 19.39 2.69
CA VAL B 239 -11.82 18.62 2.80
C VAL B 239 -12.97 19.61 2.84
N SER B 240 -14.20 19.13 2.77
CA SER B 240 -15.40 19.97 2.81
C SER B 240 -16.60 19.10 3.16
N PRO B 241 -16.66 18.65 4.43
CA PRO B 241 -17.72 17.79 4.95
C PRO B 241 -19.13 18.33 4.72
N ALA B 242 -19.25 19.65 4.67
CA ALA B 242 -20.55 20.30 4.51
C ALA B 242 -20.80 20.85 3.12
N ILE B 243 -19.97 20.47 2.17
CA ILE B 243 -20.17 20.90 0.80
C ILE B 243 -20.73 19.64 0.14
N ASP B 244 -21.90 19.73 -0.47
CA ASP B 244 -22.51 18.57 -1.10
C ASP B 244 -22.37 18.56 -2.62
N HIS B 245 -21.48 19.42 -3.10
CA HIS B 245 -21.15 19.51 -4.52
C HIS B 245 -21.05 18.10 -5.09
N LEU B 246 -21.63 17.90 -6.27
CA LEU B 246 -21.58 16.59 -6.93
C LEU B 246 -22.13 15.45 -6.07
N ASP B 247 -23.23 15.71 -5.37
CA ASP B 247 -23.88 14.74 -4.49
C ASP B 247 -23.06 14.39 -3.26
N ALA B 248 -21.96 15.10 -3.05
CA ALA B 248 -21.12 14.83 -1.89
C ALA B 248 -21.85 15.14 -0.59
N THR B 249 -22.86 14.35 -0.27
CA THR B 249 -23.58 14.60 0.97
C THR B 249 -23.08 13.67 2.04
N ASP B 250 -23.17 14.10 3.29
CA ASP B 250 -22.76 13.26 4.38
C ASP B 250 -23.69 13.49 5.55
N SER B 251 -24.14 12.40 6.15
CA SER B 251 -25.01 12.47 7.30
C SER B 251 -24.45 13.48 8.29
N ASP B 252 -23.57 13.01 9.17
CA ASP B 252 -22.97 13.88 10.17
C ASP B 252 -21.69 14.49 9.63
N PRO B 253 -21.78 15.68 9.03
CA PRO B 253 -20.59 16.32 8.49
C PRO B 253 -19.59 16.65 9.59
N LEU B 254 -20.02 16.54 10.84
CA LEU B 254 -19.15 16.84 11.95
C LEU B 254 -18.33 15.63 12.31
N SER B 255 -18.99 14.49 12.50
CA SER B 255 -18.27 13.28 12.86
C SER B 255 -17.26 12.95 11.77
N LEU B 256 -17.67 13.04 10.52
CA LEU B 256 -16.77 12.76 9.40
C LEU B 256 -15.55 13.68 9.44
N GLY B 257 -15.77 14.94 9.80
CA GLY B 257 -14.68 15.89 9.86
C GLY B 257 -13.77 15.69 11.06
N LEU B 258 -14.35 15.28 12.18
CA LEU B 258 -13.57 15.07 13.38
C LEU B 258 -12.73 13.81 13.20
N ALA B 259 -13.30 12.82 12.52
CA ALA B 259 -12.62 11.57 12.24
C ALA B 259 -11.51 11.87 11.24
N VAL B 260 -11.63 13.00 10.57
CA VAL B 260 -10.61 13.41 9.60
C VAL B 260 -9.55 14.20 10.35
N VAL B 261 -10.01 15.18 11.11
CA VAL B 261 -9.09 16.00 11.88
C VAL B 261 -8.43 15.08 12.90
N GLY B 262 -9.20 14.10 13.37
CA GLY B 262 -8.68 13.16 14.34
C GLY B 262 -7.65 12.27 13.70
N MET B 263 -7.95 11.82 12.49
CA MET B 263 -7.04 10.95 11.77
C MET B 263 -5.75 11.72 11.47
N LEU B 264 -5.89 12.91 10.89
CA LEU B 264 -4.73 13.74 10.55
C LEU B 264 -3.82 13.98 11.76
N ASN B 265 -4.38 14.56 12.83
CA ASN B 265 -3.59 14.83 14.02
C ASN B 265 -3.11 13.55 14.66
N LYS B 266 -3.95 12.50 14.61
CA LYS B 266 -3.58 11.21 15.19
C LYS B 266 -2.43 10.66 14.38
N LEU B 267 -2.24 11.26 13.21
CA LEU B 267 -1.18 10.85 12.29
C LEU B 267 0.06 11.74 12.43
N GLN B 268 -0.15 13.04 12.43
CA GLN B 268 0.94 13.99 12.55
C GLN B 268 1.89 13.55 13.65
N GLY B 269 1.32 13.05 14.74
CA GLY B 269 2.14 12.57 15.85
C GLY B 269 3.08 11.48 15.37
N VAL B 270 2.51 10.46 14.74
CA VAL B 270 3.27 9.32 14.22
C VAL B 270 4.53 9.77 13.49
N ASN B 271 4.43 10.84 12.71
CA ASN B 271 5.56 11.35 11.93
C ASN B 271 6.36 12.48 12.61
N GLY B 272 5.97 12.83 13.84
CA GLY B 272 6.67 13.87 14.57
C GLY B 272 6.63 15.25 13.93
N SER B 273 5.53 15.54 13.22
CA SER B 273 5.36 16.83 12.58
C SER B 273 3.94 17.00 12.04
N LYS B 274 3.43 18.22 12.17
CA LYS B 274 2.10 18.53 11.70
C LYS B 274 2.09 18.71 10.20
N LEU B 275 0.89 18.62 9.64
CA LEU B 275 0.71 18.84 8.22
C LEU B 275 0.94 20.34 8.06
N ALA B 276 0.94 20.81 6.82
CA ALA B 276 1.12 22.22 6.55
C ALA B 276 -0.13 22.95 6.99
N TYR B 277 -1.29 22.34 6.75
CA TYR B 277 -2.54 22.97 7.15
C TYR B 277 -3.78 22.11 6.90
N LEU B 278 -4.88 22.61 7.42
CA LEU B 278 -6.20 22.04 7.22
C LEU B 278 -6.91 23.19 6.52
N HIS B 279 -7.32 22.93 5.29
CA HIS B 279 -7.96 23.92 4.44
C HIS B 279 -9.43 23.52 4.22
N VAL B 280 -10.29 23.88 5.17
CA VAL B 280 -11.68 23.51 5.06
C VAL B 280 -12.49 24.55 4.32
N THR B 281 -13.13 24.08 3.26
CA THR B 281 -13.97 24.92 2.44
C THR B 281 -15.37 24.70 2.96
N GLN B 282 -16.02 25.78 3.34
CA GLN B 282 -17.35 25.71 3.88
C GLN B 282 -18.38 26.18 2.88
N PRO B 283 -19.63 25.81 3.11
CA PRO B 283 -20.75 26.18 2.24
C PRO B 283 -21.15 27.62 2.65
N ARG B 284 -21.90 28.29 1.78
CA ARG B 284 -22.39 29.64 2.02
C ARG B 284 -23.80 29.67 1.48
N TYR B 285 -24.77 29.40 2.35
CA TYR B 285 -26.15 29.38 1.91
C TYR B 285 -26.60 30.71 1.35
N HIS B 286 -27.74 30.69 0.66
CA HIS B 286 -28.32 31.89 0.07
C HIS B 286 -29.33 32.44 1.07
N ALA B 287 -29.12 33.68 1.49
CA ALA B 287 -30.02 34.31 2.44
C ALA B 287 -30.94 35.28 1.71
N TYR B 288 -32.25 35.04 1.81
CA TYR B 288 -33.23 35.92 1.16
C TYR B 288 -33.07 37.33 1.70
N ASP B 299 -23.19 31.62 8.20
CA ASP B 299 -23.87 32.15 9.37
C ASP B 299 -23.28 31.54 10.64
N GLU B 300 -24.10 31.46 11.68
CA GLU B 300 -23.70 30.89 12.96
C GLU B 300 -23.47 29.37 12.82
N GLU B 301 -24.45 28.67 12.24
CA GLU B 301 -24.35 27.23 12.05
C GLU B 301 -23.16 26.80 11.20
N GLU B 302 -22.91 27.55 10.12
CA GLU B 302 -21.79 27.24 9.24
C GLU B 302 -20.48 27.47 9.96
N ALA B 303 -20.43 28.56 10.71
CA ALA B 303 -19.25 28.91 11.46
C ALA B 303 -19.08 27.92 12.58
N LYS B 304 -20.19 27.35 13.04
CA LYS B 304 -20.16 26.39 14.14
C LYS B 304 -19.38 25.13 13.73
N LEU B 305 -19.67 24.59 12.56
CA LEU B 305 -18.96 23.40 12.11
C LEU B 305 -17.49 23.76 11.90
N MET B 306 -17.25 24.86 11.21
CA MET B 306 -15.90 25.32 10.93
C MET B 306 -15.13 25.55 12.20
N LYS B 307 -15.77 26.20 13.16
CA LYS B 307 -15.13 26.49 14.44
C LYS B 307 -14.77 25.20 15.13
N SER B 308 -15.69 24.24 15.06
CA SER B 308 -15.49 22.95 15.66
C SER B 308 -14.29 22.30 14.99
N LEU B 309 -14.25 22.38 13.67
CA LEU B 309 -13.16 21.76 12.92
C LEU B 309 -11.81 22.34 13.31
N ARG B 310 -11.71 23.66 13.32
CA ARG B 310 -10.44 24.28 13.65
C ARG B 310 -10.01 23.94 15.06
N MET B 311 -10.95 23.90 16.00
CA MET B 311 -10.61 23.56 17.38
C MET B 311 -10.08 22.14 17.48
N ALA B 312 -10.79 21.18 16.90
CA ALA B 312 -10.36 19.77 16.97
C ALA B 312 -9.00 19.60 16.35
N TYR B 313 -8.69 20.46 15.37
CA TYR B 313 -7.43 20.39 14.68
C TYR B 313 -6.31 21.15 15.36
N ASN B 314 -5.23 20.43 15.66
CA ASN B 314 -4.03 20.98 16.31
C ASN B 314 -3.08 21.30 15.17
N GLY B 315 -3.42 22.30 14.38
CA GLY B 315 -2.57 22.66 13.26
C GLY B 315 -3.02 23.95 12.64
N THR B 316 -2.50 24.25 11.46
CA THR B 316 -2.84 25.48 10.78
C THR B 316 -4.18 25.32 10.09
N PHE B 317 -5.06 26.29 10.27
CA PHE B 317 -6.35 26.19 9.65
C PHE B 317 -6.52 27.21 8.57
N MET B 318 -6.88 26.72 7.38
CA MET B 318 -7.09 27.60 6.26
C MET B 318 -8.54 27.48 5.88
N SER B 319 -9.29 28.58 6.00
CA SER B 319 -10.69 28.56 5.67
C SER B 319 -10.88 29.01 4.23
N SER B 320 -11.95 28.51 3.62
CA SER B 320 -12.28 28.87 2.25
C SER B 320 -13.78 28.77 2.01
N GLY B 321 -14.26 29.46 0.99
CA GLY B 321 -15.67 29.37 0.67
C GLY B 321 -16.40 30.66 0.96
N GLY B 322 -16.79 31.35 -0.12
CA GLY B 322 -17.53 32.60 0.00
C GLY B 322 -16.88 33.71 0.80
N PHE B 323 -15.58 33.65 1.02
CA PHE B 323 -14.94 34.70 1.78
C PHE B 323 -14.67 35.96 0.97
N ASN B 324 -14.81 37.11 1.63
CA ASN B 324 -14.49 38.37 0.99
C ASN B 324 -13.49 39.00 1.96
N LYS B 325 -12.98 40.17 1.63
CA LYS B 325 -12.01 40.80 2.52
C LYS B 325 -12.53 40.88 3.95
N GLU B 326 -13.81 41.24 4.12
CA GLU B 326 -14.42 41.37 5.44
C GLU B 326 -14.42 40.07 6.26
N LEU B 327 -15.06 39.04 5.72
CA LEU B 327 -15.13 37.76 6.41
C LEU B 327 -13.73 37.24 6.71
N GLY B 328 -12.80 37.52 5.81
CA GLY B 328 -11.44 37.07 6.00
C GLY B 328 -10.85 37.66 7.25
N MET B 329 -10.96 38.99 7.37
CA MET B 329 -10.46 39.72 8.52
C MET B 329 -11.16 39.19 9.77
N GLN B 330 -12.47 38.97 9.64
CA GLN B 330 -13.25 38.45 10.76
C GLN B 330 -12.72 37.07 11.20
N ALA B 331 -12.64 36.15 10.25
CA ALA B 331 -12.14 34.80 10.52
C ALA B 331 -10.75 34.91 11.18
N VAL B 332 -9.94 35.86 10.69
CA VAL B 332 -8.61 36.02 11.25
C VAL B 332 -8.66 36.61 12.67
N GLN B 333 -9.22 37.80 12.81
CA GLN B 333 -9.34 38.45 14.11
C GLN B 333 -9.93 37.48 15.14
N GLN B 334 -10.96 36.74 14.74
CA GLN B 334 -11.60 35.77 15.62
C GLN B 334 -10.63 34.70 16.10
N GLY B 335 -9.77 34.23 15.20
CA GLY B 335 -8.82 33.21 15.60
C GLY B 335 -9.25 31.82 15.21
N ASP B 336 -10.44 31.72 14.60
CA ASP B 336 -10.99 30.43 14.19
C ASP B 336 -10.41 29.91 12.87
N ALA B 337 -9.51 30.69 12.26
CA ALA B 337 -8.90 30.28 11.01
C ALA B 337 -7.58 31.00 10.89
N ASP B 338 -6.52 30.26 10.53
CA ASP B 338 -5.23 30.89 10.35
C ASP B 338 -5.19 31.49 8.95
N LEU B 339 -5.16 30.62 7.94
CA LEU B 339 -5.14 31.07 6.57
C LEU B 339 -6.55 31.12 6.02
N VAL B 340 -6.72 31.95 5.00
CA VAL B 340 -8.01 32.11 4.37
C VAL B 340 -7.76 32.19 2.87
N SER B 341 -8.00 31.09 2.17
CA SER B 341 -7.80 31.08 0.74
C SER B 341 -8.97 31.82 0.15
N TYR B 342 -8.84 32.22 -1.11
CA TYR B 342 -9.87 32.94 -1.83
C TYR B 342 -9.77 32.48 -3.26
N GLY B 343 -10.91 32.20 -3.88
CA GLY B 343 -10.90 31.73 -5.24
C GLY B 343 -11.27 32.77 -6.28
N ARG B 344 -12.57 32.91 -6.53
CA ARG B 344 -13.05 33.85 -7.54
C ARG B 344 -12.47 35.25 -7.48
N LEU B 345 -12.28 35.77 -6.27
CA LEU B 345 -11.71 37.11 -6.15
C LEU B 345 -10.29 37.10 -6.66
N PHE B 346 -9.57 36.01 -6.39
CA PHE B 346 -8.19 35.92 -6.84
C PHE B 346 -8.17 35.69 -8.34
N ILE B 347 -9.34 35.36 -8.90
CA ILE B 347 -9.41 35.14 -10.34
C ILE B 347 -9.20 36.46 -11.12
N ALA B 348 -9.99 37.47 -10.74
CA ALA B 348 -9.98 38.78 -11.41
C ALA B 348 -9.13 39.83 -10.76
N ASN B 349 -8.62 39.52 -9.57
CA ASN B 349 -7.80 40.46 -8.81
C ASN B 349 -6.47 39.82 -8.51
N PRO B 350 -5.53 39.93 -9.45
CA PRO B 350 -4.20 39.35 -9.28
C PRO B 350 -3.53 39.80 -8.00
N ASP B 351 -3.40 41.11 -7.84
CA ASP B 351 -2.79 41.68 -6.64
C ASP B 351 -3.87 41.72 -5.56
N LEU B 352 -4.65 40.64 -5.47
CA LEU B 352 -5.74 40.59 -4.51
C LEU B 352 -5.38 41.13 -3.14
N VAL B 353 -4.16 40.90 -2.70
CA VAL B 353 -3.74 41.35 -1.38
C VAL B 353 -3.80 42.86 -1.23
N SER B 354 -3.34 43.58 -2.24
CA SER B 354 -3.34 45.04 -2.20
C SER B 354 -4.76 45.63 -2.20
N ARG B 355 -5.67 44.99 -2.93
CA ARG B 355 -7.04 45.48 -2.99
C ARG B 355 -7.71 45.19 -1.64
N PHE B 356 -7.02 44.41 -0.83
CA PHE B 356 -7.50 44.07 0.51
C PHE B 356 -6.91 45.07 1.50
N LYS B 357 -5.63 45.34 1.36
CA LYS B 357 -4.95 46.29 2.23
C LYS B 357 -5.59 47.68 2.25
N ILE B 358 -5.87 48.22 1.06
CA ILE B 358 -6.44 49.57 0.98
C ILE B 358 -7.92 49.61 0.63
N ASP B 359 -8.60 48.48 0.77
CA ASP B 359 -10.03 48.40 0.41
C ASP B 359 -10.17 49.01 -0.96
N GLY B 360 -9.32 48.57 -1.87
CA GLY B 360 -9.36 49.07 -3.22
C GLY B 360 -10.52 48.44 -3.97
N GLU B 361 -10.78 48.99 -5.15
CA GLU B 361 -11.83 48.49 -6.01
C GLU B 361 -11.46 47.07 -6.42
N LEU B 362 -12.42 46.15 -6.32
CA LEU B 362 -12.20 44.75 -6.68
C LEU B 362 -12.79 44.42 -8.02
N ASN B 363 -11.96 43.97 -8.96
CA ASN B 363 -12.46 43.58 -10.27
C ASN B 363 -13.50 42.48 -10.11
N LYS B 364 -14.56 42.53 -10.91
CA LYS B 364 -15.58 41.50 -10.84
C LYS B 364 -15.14 40.38 -11.77
N TYR B 365 -15.29 39.13 -11.32
CA TYR B 365 -14.92 38.00 -12.14
C TYR B 365 -16.00 37.66 -13.17
N ASN B 366 -15.58 37.04 -14.26
CA ASN B 366 -16.49 36.63 -15.32
C ASN B 366 -16.59 35.11 -15.29
N ARG B 367 -17.66 34.61 -14.67
CA ARG B 367 -17.92 33.19 -14.54
C ARG B 367 -17.80 32.44 -15.86
N LYS B 368 -17.99 33.18 -16.95
CA LYS B 368 -17.94 32.60 -18.29
C LYS B 368 -16.56 32.13 -18.69
N THR B 369 -15.53 32.90 -18.37
CA THR B 369 -14.19 32.48 -18.75
C THR B 369 -13.43 31.76 -17.65
N PHE B 370 -14.14 31.00 -16.84
CA PHE B 370 -13.47 30.25 -15.78
C PHE B 370 -12.73 29.04 -16.33
N TYR B 371 -13.38 28.34 -17.25
CA TYR B 371 -12.85 27.11 -17.82
C TYR B 371 -12.53 27.14 -19.30
N THR B 372 -12.40 28.34 -19.85
CA THR B 372 -12.06 28.51 -21.25
C THR B 372 -10.56 28.28 -21.40
N GLN B 373 -10.12 28.11 -22.64
CA GLN B 373 -8.72 27.82 -22.92
C GLN B 373 -7.79 28.99 -23.23
N ASP B 374 -8.35 30.17 -23.44
CA ASP B 374 -7.50 31.31 -23.79
C ASP B 374 -6.46 31.59 -22.72
N PRO B 375 -5.17 31.61 -23.09
CA PRO B 375 -4.08 31.86 -22.15
C PRO B 375 -4.00 33.30 -21.61
N VAL B 376 -4.81 34.18 -22.19
CA VAL B 376 -4.82 35.58 -21.77
C VAL B 376 -6.19 36.04 -21.27
N VAL B 377 -7.16 35.98 -22.17
CA VAL B 377 -8.53 36.40 -21.91
C VAL B 377 -9.18 35.68 -20.73
N GLY B 378 -9.60 36.48 -19.75
CA GLY B 378 -10.23 35.91 -18.57
C GLY B 378 -9.24 35.11 -17.74
N TYR B 379 -7.95 35.23 -18.04
CA TYR B 379 -6.95 34.49 -17.29
C TYR B 379 -5.88 35.38 -16.69
N THR B 380 -5.12 36.04 -17.56
CA THR B 380 -4.07 36.93 -17.09
C THR B 380 -4.33 38.36 -17.53
N ASP B 381 -5.47 38.59 -18.18
CA ASP B 381 -5.78 39.93 -18.64
C ASP B 381 -6.62 40.74 -17.66
N TYR B 382 -6.65 40.31 -16.41
CA TYR B 382 -7.34 41.06 -15.37
C TYR B 382 -6.30 42.08 -14.93
N PRO B 383 -6.67 43.37 -14.91
CA PRO B 383 -5.74 44.43 -14.53
C PRO B 383 -5.38 44.57 -13.06
N PHE B 384 -4.14 44.97 -12.83
CA PHE B 384 -3.63 45.22 -11.50
C PHE B 384 -4.10 46.62 -11.14
N LEU B 385 -3.77 47.07 -9.94
CA LEU B 385 -4.14 48.41 -9.48
C LEU B 385 -3.32 49.48 -10.23
N SER A 8 8.87 -15.82 -23.34
CA SER A 8 9.82 -16.02 -22.21
C SER A 8 10.58 -14.73 -21.94
N ASN A 9 10.61 -13.88 -22.96
CA ASN A 9 11.27 -12.60 -22.88
C ASN A 9 10.51 -11.70 -21.91
N GLU A 10 10.47 -12.10 -20.64
CA GLU A 10 9.78 -11.31 -19.61
C GLU A 10 10.80 -10.94 -18.54
N THR A 11 10.33 -10.28 -17.49
CA THR A 11 11.23 -9.90 -16.40
C THR A 11 10.56 -9.97 -15.03
N LEU A 12 11.31 -9.55 -14.01
CA LEU A 12 10.81 -9.53 -12.64
C LEU A 12 9.72 -8.51 -12.51
N PHE A 13 9.78 -7.48 -13.35
CA PHE A 13 8.78 -6.43 -13.27
C PHE A 13 7.60 -6.67 -14.18
N SER A 14 7.58 -7.84 -14.79
CA SER A 14 6.47 -8.21 -15.67
C SER A 14 5.36 -8.74 -14.77
N SER A 15 4.12 -8.42 -15.13
CA SER A 15 2.98 -8.88 -14.38
C SER A 15 2.89 -10.39 -14.53
N TYR A 16 2.08 -11.01 -13.70
CA TYR A 16 1.92 -12.45 -13.76
C TYR A 16 0.59 -12.85 -13.15
N LYS A 17 0.02 -13.91 -13.71
CA LYS A 17 -1.25 -14.44 -13.23
C LYS A 17 -0.96 -15.75 -12.52
N MET A 18 -1.12 -15.73 -11.20
CA MET A 18 -0.90 -16.93 -10.40
C MET A 18 -2.31 -17.38 -10.04
N GLY A 19 -2.94 -18.08 -10.99
CA GLY A 19 -4.30 -18.53 -10.77
C GLY A 19 -5.16 -17.28 -10.77
N ARG A 20 -6.06 -17.18 -9.80
CA ARG A 20 -6.94 -16.04 -9.70
C ARG A 20 -6.22 -14.79 -9.17
N PHE A 21 -5.00 -14.99 -8.69
CA PHE A 21 -4.21 -13.89 -8.14
C PHE A 21 -3.47 -13.15 -9.23
N ASP A 22 -3.82 -11.88 -9.38
CA ASP A 22 -3.20 -11.01 -10.36
C ASP A 22 -1.99 -10.36 -9.73
N LEU A 23 -0.81 -10.91 -9.98
CA LEU A 23 0.41 -10.36 -9.41
C LEU A 23 0.84 -9.19 -10.24
N SER A 24 1.16 -8.08 -9.59
CA SER A 24 1.59 -6.91 -10.33
C SER A 24 2.90 -7.31 -10.97
N HIS A 25 3.75 -7.94 -10.16
CA HIS A 25 5.05 -8.37 -10.64
C HIS A 25 5.43 -9.73 -10.10
N ARG A 26 6.68 -10.11 -10.36
CA ARG A 26 7.15 -11.43 -9.98
C ARG A 26 7.85 -11.56 -8.66
N VAL A 27 8.33 -10.45 -8.11
CA VAL A 27 9.06 -10.49 -6.84
C VAL A 27 8.14 -10.55 -5.63
N VAL A 28 8.27 -11.68 -4.94
CA VAL A 28 7.46 -12.00 -3.77
C VAL A 28 8.30 -12.02 -2.52
N LEU A 29 7.68 -11.67 -1.40
CA LEU A 29 8.41 -11.72 -0.13
C LEU A 29 8.36 -13.16 0.33
N ALA A 30 9.54 -13.78 0.38
CA ALA A 30 9.71 -15.15 0.83
C ALA A 30 9.30 -15.25 2.29
N PRO A 31 8.83 -16.44 2.70
CA PRO A 31 8.40 -16.68 4.09
C PRO A 31 9.66 -16.66 4.94
N MET A 32 9.65 -15.91 6.05
CA MET A 32 10.86 -15.85 6.86
C MET A 32 10.68 -15.88 8.36
N THR A 33 11.40 -16.78 9.01
CA THR A 33 11.38 -16.90 10.46
C THR A 33 12.11 -15.67 10.97
N ARG A 34 11.43 -14.88 11.82
CA ARG A 34 12.02 -13.67 12.38
C ARG A 34 11.81 -13.65 13.88
N CYS A 35 10.79 -14.36 14.33
CA CYS A 35 10.51 -14.48 15.77
C CYS A 35 10.07 -13.20 16.46
N ARG A 36 9.08 -12.51 15.91
CA ARG A 36 8.58 -11.29 16.53
C ARG A 36 7.17 -11.52 17.04
N ALA A 37 6.61 -12.69 16.71
CA ALA A 37 5.25 -13.01 17.11
C ALA A 37 5.34 -13.54 18.54
N LEU A 38 5.73 -12.64 19.44
CA LEU A 38 5.90 -12.95 20.84
C LEU A 38 4.74 -13.72 21.41
N ASN A 39 5.06 -14.72 22.24
CA ASN A 39 4.06 -15.56 22.89
C ASN A 39 3.47 -16.52 21.87
N GLY A 40 3.83 -16.35 20.61
CA GLY A 40 3.33 -17.25 19.59
C GLY A 40 2.16 -16.74 18.77
N VAL A 41 1.77 -15.48 18.98
CA VAL A 41 0.66 -14.92 18.21
C VAL A 41 1.09 -13.68 17.45
N PRO A 42 0.50 -13.47 16.27
CA PRO A 42 0.81 -12.30 15.44
C PRO A 42 0.49 -11.04 16.26
N ASN A 43 0.93 -9.89 15.77
CA ASN A 43 0.71 -8.66 16.51
C ASN A 43 0.88 -7.51 15.50
N ALA A 44 0.58 -6.30 15.94
CA ALA A 44 0.70 -5.14 15.07
C ALA A 44 2.11 -5.03 14.54
N ALA A 45 3.08 -5.63 15.24
CA ALA A 45 4.46 -5.57 14.80
C ALA A 45 4.52 -6.27 13.44
N LEU A 46 4.33 -7.59 13.42
CA LEU A 46 4.33 -8.33 12.15
C LEU A 46 3.48 -7.55 11.13
N ALA A 47 2.38 -6.96 11.59
CA ALA A 47 1.55 -6.19 10.68
C ALA A 47 2.43 -5.06 10.14
N GLU A 48 3.11 -4.36 11.04
CA GLU A 48 3.98 -3.29 10.63
C GLU A 48 5.02 -3.85 9.67
N TYR A 49 5.52 -5.04 9.97
CA TYR A 49 6.56 -5.65 9.14
C TYR A 49 6.11 -5.95 7.70
N TYR A 50 5.03 -6.71 7.57
CA TYR A 50 4.55 -7.06 6.24
C TYR A 50 3.95 -5.87 5.49
N ALA A 51 3.26 -4.99 6.20
CA ALA A 51 2.69 -3.82 5.55
C ALA A 51 3.86 -3.07 4.90
N GLN A 52 4.99 -3.00 5.61
CA GLN A 52 6.15 -2.29 5.06
C GLN A 52 6.63 -2.85 3.74
N ARG A 53 7.12 -4.08 3.79
CA ARG A 53 7.68 -4.73 2.61
C ARG A 53 6.68 -5.19 1.57
N THR A 54 5.55 -4.50 1.46
CA THR A 54 4.57 -4.88 0.45
C THR A 54 4.33 -3.84 -0.61
N THR A 55 3.96 -4.33 -1.79
CA THR A 55 3.67 -3.50 -2.95
C THR A 55 2.34 -3.98 -3.51
N PRO A 56 1.48 -3.04 -3.94
CA PRO A 56 0.20 -3.48 -4.49
C PRO A 56 0.54 -4.49 -5.57
N GLY A 57 -0.31 -5.50 -5.74
CA GLY A 57 -0.01 -6.51 -6.74
C GLY A 57 1.14 -7.42 -6.31
N GLY A 58 1.87 -7.00 -5.28
CA GLY A 58 2.98 -7.79 -4.77
C GLY A 58 2.51 -8.98 -3.94
N PHE A 59 3.23 -10.10 -4.06
CA PHE A 59 2.88 -11.32 -3.36
C PHE A 59 3.78 -11.53 -2.14
N LEU A 60 3.20 -12.03 -1.06
CA LEU A 60 3.98 -12.25 0.14
C LEU A 60 3.64 -13.60 0.71
N ILE A 61 4.62 -14.19 1.36
CA ILE A 61 4.46 -15.47 2.02
C ILE A 61 4.98 -15.18 3.43
N SER A 62 4.16 -15.51 4.42
CA SER A 62 4.54 -15.25 5.79
C SER A 62 5.53 -16.21 6.36
N GLU A 63 6.18 -15.78 7.44
CA GLU A 63 7.13 -16.61 8.16
C GLU A 63 6.41 -17.92 8.42
N GLY A 64 7.17 -19.00 8.56
CA GLY A 64 6.54 -20.28 8.84
C GLY A 64 5.64 -20.10 10.05
N THR A 65 4.47 -20.71 9.99
CA THR A 65 3.51 -20.56 11.08
C THR A 65 3.07 -21.90 11.67
N MET A 66 3.14 -21.98 13.00
CA MET A 66 2.76 -23.19 13.71
C MET A 66 1.39 -23.71 13.33
N VAL A 67 1.32 -24.97 12.90
CA VAL A 67 0.06 -25.61 12.54
C VAL A 67 -0.56 -26.36 13.74
N SER A 68 0.22 -26.53 14.80
CA SER A 68 -0.27 -27.24 15.98
C SER A 68 0.71 -27.04 17.11
N PRO A 69 0.31 -27.39 18.34
CA PRO A 69 1.29 -27.20 19.41
C PRO A 69 2.41 -28.21 19.13
N GLY A 70 3.65 -27.81 19.44
CA GLY A 70 4.76 -28.71 19.20
C GLY A 70 5.33 -28.55 17.80
N SER A 71 4.69 -27.73 16.98
CA SER A 71 5.11 -27.49 15.61
C SER A 71 6.31 -26.54 15.48
N ALA A 72 6.59 -25.77 16.54
CA ALA A 72 7.69 -24.80 16.50
C ALA A 72 9.05 -25.34 16.88
N GLY A 73 10.08 -24.69 16.33
CA GLY A 73 11.45 -25.07 16.61
C GLY A 73 12.26 -23.82 16.90
N PHE A 74 11.58 -22.68 16.79
CA PHE A 74 12.20 -21.38 17.04
C PHE A 74 11.34 -20.64 18.05
N PRO A 75 11.91 -19.60 18.68
CA PRO A 75 11.16 -18.83 19.66
C PRO A 75 10.16 -17.89 19.01
N HIS A 76 9.12 -17.56 19.75
CA HIS A 76 8.11 -16.62 19.31
C HIS A 76 7.74 -16.64 17.83
N VAL A 77 7.51 -17.84 17.30
CA VAL A 77 7.08 -17.92 15.92
C VAL A 77 5.57 -17.83 16.04
N PRO A 78 4.90 -17.39 14.98
CA PRO A 78 3.45 -17.31 15.12
C PRO A 78 2.78 -18.64 14.85
N GLY A 79 1.58 -18.80 15.41
CA GLY A 79 0.81 -19.99 15.18
C GLY A 79 -0.44 -19.58 14.44
N ILE A 80 -1.26 -20.54 14.06
CA ILE A 80 -2.50 -20.23 13.36
C ILE A 80 -3.44 -21.42 13.42
N TYR A 81 -3.22 -22.27 14.41
CA TYR A 81 -4.04 -23.47 14.58
C TYR A 81 -5.26 -23.22 15.47
N SER A 82 -5.27 -22.06 16.15
CA SER A 82 -6.35 -21.69 17.06
C SER A 82 -7.01 -20.38 16.66
N ASP A 83 -8.04 -20.00 17.43
CA ASP A 83 -8.76 -18.76 17.18
C ASP A 83 -7.94 -17.52 17.50
N GLU A 84 -7.34 -17.51 18.69
CA GLU A 84 -6.53 -16.36 19.08
C GLU A 84 -5.57 -16.04 17.92
N GLN A 85 -4.87 -17.06 17.42
CA GLN A 85 -3.92 -16.85 16.33
C GLN A 85 -4.62 -16.22 15.14
N VAL A 86 -5.73 -16.83 14.73
CA VAL A 86 -6.49 -16.31 13.61
C VAL A 86 -6.81 -14.83 13.75
N GLU A 87 -7.49 -14.47 14.84
CA GLU A 87 -7.84 -13.07 15.06
C GLU A 87 -6.63 -12.16 15.02
N ALA A 88 -5.54 -12.60 15.64
CA ALA A 88 -4.32 -11.80 15.66
C ALA A 88 -3.72 -11.63 14.27
N TRP A 89 -3.93 -12.63 13.40
CA TRP A 89 -3.40 -12.57 12.03
C TRP A 89 -4.17 -11.58 11.17
N LYS A 90 -5.45 -11.39 11.48
CA LYS A 90 -6.30 -10.48 10.71
C LYS A 90 -5.67 -9.14 10.40
N GLN A 91 -5.06 -8.53 11.43
CA GLN A 91 -4.46 -7.23 11.28
C GLN A 91 -3.33 -7.27 10.27
N VAL A 92 -2.46 -8.27 10.37
CA VAL A 92 -1.33 -8.37 9.45
C VAL A 92 -1.84 -8.48 8.02
N VAL A 93 -2.76 -9.40 7.81
CA VAL A 93 -3.36 -9.65 6.52
C VAL A 93 -4.05 -8.39 5.97
N GLU A 94 -4.76 -7.68 6.85
CA GLU A 94 -5.44 -6.45 6.43
C GLU A 94 -4.43 -5.40 5.96
N ALA A 95 -3.32 -5.31 6.67
CA ALA A 95 -2.30 -4.34 6.33
C ALA A 95 -1.79 -4.63 4.93
N VAL A 96 -1.45 -5.89 4.69
CA VAL A 96 -0.96 -6.29 3.39
C VAL A 96 -2.04 -5.97 2.37
N HIS A 97 -3.27 -6.33 2.71
CA HIS A 97 -4.36 -6.07 1.79
C HIS A 97 -4.66 -4.58 1.71
N ALA A 98 -4.05 -3.82 2.60
CA ALA A 98 -4.23 -2.37 2.60
C ALA A 98 -3.31 -1.83 1.52
N LYS A 99 -2.17 -2.50 1.32
CA LYS A 99 -1.26 -2.08 0.28
C LYS A 99 -1.49 -2.94 -0.96
N GLY A 100 -2.66 -3.59 -0.99
CA GLY A 100 -3.03 -4.40 -2.13
C GLY A 100 -2.13 -5.55 -2.51
N GLY A 101 -1.43 -6.14 -1.56
CA GLY A 101 -0.59 -7.26 -1.88
C GLY A 101 -1.29 -8.54 -1.53
N PHE A 102 -0.73 -9.68 -1.94
CA PHE A 102 -1.31 -10.96 -1.58
C PHE A 102 -0.37 -11.58 -0.57
N ILE A 103 -0.92 -12.31 0.38
CA ILE A 103 -0.07 -12.95 1.36
C ILE A 103 -0.53 -14.35 1.68
N PHE A 104 0.39 -15.30 1.54
CA PHE A 104 0.11 -16.67 1.86
C PHE A 104 0.74 -16.94 3.22
N CYS A 105 0.09 -17.79 4.00
CA CYS A 105 0.62 -18.15 5.29
C CYS A 105 1.39 -19.46 5.14
N GLN A 106 2.68 -19.43 5.45
CA GLN A 106 3.47 -20.64 5.35
C GLN A 106 3.18 -21.51 6.58
N LEU A 107 2.53 -22.65 6.35
CA LEU A 107 2.19 -23.57 7.43
C LEU A 107 3.48 -24.31 7.74
N TRP A 108 3.88 -24.27 9.01
CA TRP A 108 5.14 -24.84 9.39
C TRP A 108 5.15 -25.72 10.62
N HIS A 109 5.74 -26.90 10.44
CA HIS A 109 5.91 -27.84 11.54
C HIS A 109 7.34 -28.32 11.37
N VAL A 110 8.17 -28.02 12.37
CA VAL A 110 9.58 -28.38 12.33
C VAL A 110 9.90 -29.83 12.58
N GLY A 111 8.92 -30.57 13.08
CA GLY A 111 9.17 -31.97 13.36
C GLY A 111 10.31 -32.08 14.34
N ARG A 112 11.26 -32.98 14.06
CA ARG A 112 12.40 -33.20 14.95
C ARG A 112 13.29 -32.00 15.23
N ALA A 113 13.24 -30.99 14.37
CA ALA A 113 14.07 -29.81 14.56
C ALA A 113 13.44 -28.90 15.60
N SER A 114 13.15 -29.47 16.76
CA SER A 114 12.53 -28.72 17.84
C SER A 114 13.25 -29.04 19.14
N HIS A 115 12.56 -28.84 20.25
CA HIS A 115 13.14 -29.09 21.55
C HIS A 115 12.00 -29.18 22.58
N ALA A 116 12.28 -29.85 23.70
CA ALA A 116 11.28 -29.99 24.76
C ALA A 116 10.71 -28.61 25.10
N VAL A 117 11.56 -27.59 25.02
CA VAL A 117 11.13 -26.24 25.33
C VAL A 117 9.96 -25.78 24.47
N TYR A 118 9.85 -26.34 23.27
CA TYR A 118 8.78 -25.96 22.35
C TYR A 118 7.68 -27.00 22.29
N GLN A 119 7.83 -28.06 23.07
CA GLN A 119 6.83 -29.11 23.05
C GLN A 119 5.88 -29.07 24.23
N PRO A 120 4.61 -29.37 23.97
CA PRO A 120 3.69 -29.36 25.11
C PRO A 120 4.17 -30.42 26.11
N ASN A 121 4.20 -30.06 27.38
CA ASN A 121 4.63 -30.96 28.45
C ASN A 121 6.13 -31.32 28.37
N GLY A 122 6.88 -30.48 27.67
CA GLY A 122 8.30 -30.70 27.53
C GLY A 122 8.58 -32.07 26.97
N GLY A 123 7.71 -32.50 26.04
CA GLY A 123 7.86 -33.80 25.43
C GLY A 123 8.81 -33.80 24.25
N SER A 124 8.97 -34.98 23.65
CA SER A 124 9.85 -35.16 22.52
C SER A 124 9.22 -34.70 21.22
N PRO A 125 9.97 -33.95 20.41
CA PRO A 125 9.46 -33.48 19.13
C PRO A 125 9.06 -34.70 18.31
N ILE A 126 8.13 -34.54 17.40
CA ILE A 126 7.72 -35.66 16.58
C ILE A 126 8.43 -35.58 15.24
N SER A 127 8.67 -36.75 14.65
CA SER A 127 9.36 -36.81 13.37
C SER A 127 8.98 -38.06 12.60
N SER A 128 9.64 -38.25 11.46
CA SER A 128 9.40 -39.42 10.64
C SER A 128 10.23 -40.55 11.26
N THR A 129 11.28 -40.13 11.96
CA THR A 129 12.24 -41.02 12.58
C THR A 129 12.40 -40.76 14.09
N ASN A 130 12.95 -41.74 14.80
CA ASN A 130 13.19 -41.59 16.23
C ASN A 130 14.65 -41.12 16.36
N LYS A 131 15.28 -40.83 15.23
CA LYS A 131 16.67 -40.39 15.21
C LYS A 131 16.77 -38.86 15.22
N PRO A 132 17.72 -38.32 15.99
CA PRO A 132 17.91 -36.87 16.08
C PRO A 132 18.79 -36.30 14.97
N ILE A 133 18.73 -34.99 14.81
CA ILE A 133 19.55 -34.29 13.83
C ILE A 133 20.98 -34.45 14.37
N SER A 134 21.99 -34.42 13.48
CA SER A 134 23.37 -34.57 13.93
C SER A 134 23.69 -33.52 15.01
N GLU A 135 24.28 -33.97 16.11
CA GLU A 135 24.57 -33.08 17.23
C GLU A 135 25.75 -32.11 17.14
N ASN A 136 26.50 -32.13 16.06
CA ASN A 136 27.65 -31.24 15.95
C ASN A 136 27.54 -30.08 14.95
N ARG A 137 26.77 -30.26 13.89
CA ARG A 137 26.63 -29.20 12.89
C ARG A 137 25.45 -28.25 13.05
N TRP A 138 24.46 -28.63 13.84
CA TRP A 138 23.28 -27.79 14.02
C TRP A 138 22.77 -27.73 15.44
N ARG A 139 22.10 -26.63 15.77
CA ARG A 139 21.53 -26.44 17.10
C ARG A 139 20.12 -25.89 16.95
N VAL A 140 19.37 -25.91 18.03
CA VAL A 140 18.04 -25.35 18.01
C VAL A 140 18.18 -24.08 18.83
N LEU A 141 17.66 -22.98 18.31
CA LEU A 141 17.71 -21.70 19.00
C LEU A 141 16.61 -21.67 20.04
N LEU A 142 16.99 -21.47 21.29
CA LEU A 142 16.02 -21.40 22.39
C LEU A 142 15.63 -19.94 22.66
N PRO A 143 14.42 -19.73 23.20
CA PRO A 143 13.90 -18.39 23.51
C PRO A 143 14.79 -17.56 24.43
N ASP A 144 15.66 -18.22 25.19
CA ASP A 144 16.54 -17.47 26.10
C ASP A 144 17.78 -17.06 25.33
N GLY A 145 17.77 -17.27 24.01
CA GLY A 145 18.90 -16.90 23.19
C GLY A 145 19.99 -17.95 23.07
N SER A 146 19.90 -19.01 23.87
CA SER A 146 20.91 -20.05 23.80
C SER A 146 20.67 -20.93 22.58
N HIS A 147 21.70 -21.67 22.22
CA HIS A 147 21.68 -22.61 21.10
C HIS A 147 22.12 -23.95 21.68
N VAL A 148 21.22 -24.93 21.69
CA VAL A 148 21.54 -26.23 22.21
C VAL A 148 21.32 -27.26 21.10
N LYS A 149 21.88 -28.45 21.29
CA LYS A 149 21.73 -29.51 20.32
C LYS A 149 20.30 -30.03 20.30
N TYR A 150 19.86 -30.51 19.14
CA TYR A 150 18.51 -31.05 18.98
C TYR A 150 18.34 -32.33 19.77
N PRO A 151 17.14 -32.57 20.28
CA PRO A 151 16.94 -33.80 21.06
C PRO A 151 16.56 -34.96 20.16
N LYS A 152 16.45 -36.12 20.79
CA LYS A 152 16.05 -37.35 20.15
C LYS A 152 14.55 -37.24 19.95
N PRO A 153 14.09 -37.29 18.69
CA PRO A 153 12.66 -37.20 18.41
C PRO A 153 11.98 -38.56 18.46
N ARG A 154 10.65 -38.55 18.45
CA ARG A 154 9.85 -39.76 18.44
C ARG A 154 9.22 -39.85 17.05
N ALA A 155 9.51 -40.92 16.34
CA ALA A 155 8.96 -41.10 15.01
C ALA A 155 7.46 -41.25 15.14
N LEU A 156 6.73 -40.74 14.15
CA LEU A 156 5.28 -40.84 14.13
C LEU A 156 4.86 -42.24 13.67
N GLU A 157 3.90 -42.83 14.37
CA GLU A 157 3.39 -44.12 13.98
C GLU A 157 2.39 -43.73 12.90
N ALA A 158 2.24 -44.58 11.88
CA ALA A 158 1.32 -44.30 10.79
C ALA A 158 -0.04 -43.81 11.28
N SER A 159 -0.47 -44.31 12.43
CA SER A 159 -1.77 -43.93 13.00
C SER A 159 -1.81 -42.51 13.57
N GLU A 160 -0.65 -41.89 13.74
CA GLU A 160 -0.60 -40.54 14.31
C GLU A 160 -0.49 -39.44 13.26
N ILE A 161 -0.26 -39.86 12.03
CA ILE A 161 -0.13 -38.92 10.94
C ILE A 161 -1.45 -38.22 10.60
N PRO A 162 -2.57 -38.95 10.63
CA PRO A 162 -3.85 -38.32 10.31
C PRO A 162 -4.12 -37.09 11.16
N ARG A 163 -3.67 -37.12 12.41
CA ARG A 163 -3.86 -36.00 13.32
C ARG A 163 -2.95 -34.85 12.87
N VAL A 164 -1.82 -35.18 12.26
CA VAL A 164 -0.89 -34.16 11.79
C VAL A 164 -1.39 -33.59 10.47
N VAL A 165 -1.77 -34.46 9.53
CA VAL A 165 -2.29 -33.99 8.25
C VAL A 165 -3.48 -33.07 8.52
N GLU A 166 -4.35 -33.51 9.42
CA GLU A 166 -5.52 -32.72 9.78
C GLU A 166 -5.10 -31.35 10.36
N ASP A 167 -4.00 -31.33 11.09
CA ASP A 167 -3.50 -30.08 11.66
C ASP A 167 -3.18 -29.09 10.53
N TYR A 168 -2.61 -29.57 9.44
CA TYR A 168 -2.31 -28.67 8.35
C TYR A 168 -3.62 -28.14 7.75
N CYS A 169 -4.59 -29.03 7.55
CA CYS A 169 -5.87 -28.60 6.98
C CYS A 169 -6.57 -27.56 7.83
N LEU A 170 -6.63 -27.80 9.14
CA LEU A 170 -7.26 -26.88 10.08
C LEU A 170 -6.53 -25.54 10.03
N SER A 171 -5.20 -25.61 9.99
CA SER A 171 -4.41 -24.40 9.93
C SER A 171 -4.64 -23.73 8.59
N ALA A 172 -4.79 -24.53 7.54
CA ALA A 172 -5.03 -23.96 6.22
C ALA A 172 -6.40 -23.27 6.23
N LEU A 173 -7.38 -23.89 6.89
CA LEU A 173 -8.71 -23.29 6.98
C LEU A 173 -8.63 -22.04 7.84
N ASN A 174 -7.91 -22.08 8.95
CA ASN A 174 -7.80 -20.89 9.78
C ASN A 174 -7.17 -19.75 8.98
N ALA A 175 -6.12 -20.07 8.23
CA ALA A 175 -5.43 -19.07 7.44
C ALA A 175 -6.47 -18.32 6.62
N ILE A 176 -7.46 -19.06 6.10
CA ILE A 176 -8.53 -18.48 5.31
C ILE A 176 -9.24 -17.43 6.17
N ARG A 177 -9.57 -17.79 7.41
CA ARG A 177 -10.25 -16.87 8.32
C ARG A 177 -9.41 -15.63 8.61
N ALA A 178 -8.11 -15.82 8.73
CA ALA A 178 -7.21 -14.72 8.99
C ALA A 178 -7.23 -13.78 7.80
N GLY A 179 -7.79 -14.26 6.69
CA GLY A 179 -7.86 -13.44 5.49
C GLY A 179 -6.70 -13.70 4.53
N PHE A 180 -5.79 -14.60 4.92
CA PHE A 180 -4.66 -14.89 4.03
C PHE A 180 -5.23 -15.29 2.70
N ASP A 181 -4.48 -15.03 1.63
CA ASP A 181 -4.92 -15.38 0.30
C ASP A 181 -4.69 -16.86 0.04
N GLY A 182 -3.89 -17.47 0.91
CA GLY A 182 -3.61 -18.88 0.78
C GLY A 182 -2.53 -19.30 1.75
N ILE A 183 -1.99 -20.50 1.53
CA ILE A 183 -0.94 -20.99 2.39
C ILE A 183 0.13 -21.64 1.53
N GLU A 184 1.28 -21.85 2.15
CA GLU A 184 2.40 -22.52 1.49
C GLU A 184 2.76 -23.72 2.35
N ILE A 185 3.25 -24.78 1.71
CA ILE A 185 3.67 -25.96 2.43
C ILE A 185 5.13 -25.76 2.79
N HIS A 186 5.42 -25.49 4.07
CA HIS A 186 6.79 -25.29 4.50
C HIS A 186 7.47 -26.65 4.58
N GLY A 187 6.84 -27.64 3.95
CA GLY A 187 7.41 -28.97 3.90
C GLY A 187 8.67 -28.91 3.07
N ALA A 188 9.67 -28.19 3.59
CA ALA A 188 10.96 -28.01 2.96
C ALA A 188 12.06 -27.93 4.02
N HIS A 189 13.25 -27.57 3.57
CA HIS A 189 14.43 -27.34 4.42
C HIS A 189 14.74 -28.28 5.57
N GLY A 190 14.57 -29.58 5.34
CA GLY A 190 14.89 -30.54 6.38
C GLY A 190 13.98 -30.53 7.60
N TYR A 191 12.79 -29.96 7.47
CA TYR A 191 11.84 -29.94 8.57
C TYR A 191 10.91 -31.15 8.57
N LEU A 192 9.79 -31.07 9.28
CA LEU A 192 8.92 -32.24 9.39
C LEU A 192 8.61 -33.00 8.10
N ILE A 193 7.79 -32.42 7.24
CA ILE A 193 7.42 -33.07 5.98
C ILE A 193 8.67 -33.51 5.23
N ASP A 194 9.71 -32.68 5.28
CA ASP A 194 10.96 -33.00 4.59
C ASP A 194 11.63 -34.21 5.25
N GLN A 195 11.62 -34.28 6.57
CA GLN A 195 12.20 -35.41 7.28
C GLN A 195 11.64 -36.73 6.72
N PHE A 196 10.46 -36.64 6.11
CA PHE A 196 9.87 -37.83 5.50
C PHE A 196 10.42 -37.97 4.08
N LEU A 197 10.39 -36.85 3.34
CA LEU A 197 10.87 -36.82 1.97
C LEU A 197 12.31 -37.29 1.75
N LYS A 198 13.21 -36.81 2.60
CA LYS A 198 14.65 -37.10 2.48
C LYS A 198 15.16 -38.47 2.92
N ASP A 199 15.85 -39.16 2.01
CA ASP A 199 16.41 -40.46 2.32
C ASP A 199 17.61 -40.23 3.24
N GLY A 200 18.13 -39.00 3.23
CA GLY A 200 19.25 -38.67 4.08
C GLY A 200 18.77 -38.44 5.49
N ILE A 201 17.50 -38.80 5.75
CA ILE A 201 16.89 -38.61 7.08
C ILE A 201 15.78 -39.61 7.40
N ASN A 202 15.04 -40.01 6.36
CA ASN A 202 13.92 -40.91 6.55
C ASN A 202 14.32 -42.38 6.54
N ASP A 203 14.28 -43.01 7.71
CA ASP A 203 14.62 -44.43 7.84
C ASP A 203 13.38 -45.26 8.18
N ARG A 204 12.23 -44.81 7.69
CA ARG A 204 10.98 -45.51 7.92
C ARG A 204 10.85 -46.72 7.00
N THR A 205 10.11 -47.73 7.45
CA THR A 205 9.90 -48.95 6.68
C THR A 205 8.42 -49.21 6.32
N ASP A 206 7.49 -48.42 6.88
CA ASP A 206 6.08 -48.62 6.56
C ASP A 206 5.75 -47.94 5.23
N GLN A 207 4.50 -47.57 5.02
CA GLN A 207 4.14 -46.94 3.74
C GLN A 207 4.78 -45.56 3.56
N TYR A 208 4.98 -44.84 4.67
CA TYR A 208 5.58 -43.50 4.59
C TYR A 208 7.09 -43.52 4.51
N GLY A 209 7.66 -44.70 4.33
CA GLY A 209 9.10 -44.82 4.24
C GLY A 209 9.50 -45.96 3.34
N GLY A 210 10.58 -45.78 2.59
CA GLY A 210 11.05 -46.80 1.68
C GLY A 210 11.39 -46.14 0.35
N SER A 211 10.57 -46.38 -0.66
CA SER A 211 10.82 -45.81 -1.98
C SER A 211 10.47 -44.32 -2.04
N ILE A 212 10.42 -43.80 -3.26
CA ILE A 212 10.07 -42.40 -3.44
C ILE A 212 8.67 -42.15 -2.91
N ALA A 213 7.70 -42.90 -3.44
CA ALA A 213 6.29 -42.78 -3.05
C ALA A 213 6.08 -42.94 -1.55
N ASN A 214 6.90 -43.79 -0.94
CA ASN A 214 6.81 -44.01 0.50
C ASN A 214 7.11 -42.70 1.21
N ARG A 215 8.32 -42.20 1.00
CA ARG A 215 8.78 -40.97 1.61
C ARG A 215 7.97 -39.78 1.10
N CYS A 216 7.75 -39.72 -0.21
CA CYS A 216 6.98 -38.63 -0.79
C CYS A 216 5.54 -38.63 -0.29
N ARG A 217 5.11 -39.77 0.24
CA ARG A 217 3.75 -39.93 0.72
C ARG A 217 3.31 -38.91 1.75
N PHE A 218 4.19 -38.57 2.70
CA PHE A 218 3.84 -37.61 3.72
C PHE A 218 3.42 -36.32 3.05
N LEU A 219 4.31 -35.76 2.23
CA LEU A 219 3.96 -34.53 1.53
C LEU A 219 2.75 -34.78 0.65
N LYS A 220 2.54 -36.04 0.28
CA LYS A 220 1.38 -36.39 -0.56
C LYS A 220 0.07 -36.08 0.14
N GLN A 221 -0.13 -36.68 1.32
CA GLN A 221 -1.37 -36.46 2.06
C GLN A 221 -1.46 -35.04 2.54
N VAL A 222 -0.31 -34.36 2.54
CA VAL A 222 -0.25 -32.97 2.94
C VAL A 222 -0.82 -32.14 1.79
N VAL A 223 -0.09 -32.10 0.67
CA VAL A 223 -0.58 -31.34 -0.47
C VAL A 223 -2.03 -31.72 -0.67
N GLU A 224 -2.32 -33.01 -0.48
CA GLU A 224 -3.69 -33.52 -0.65
C GLU A 224 -4.66 -32.82 0.29
N GLY A 225 -4.41 -32.91 1.58
CA GLY A 225 -5.30 -32.27 2.53
C GLY A 225 -5.28 -30.77 2.34
N VAL A 226 -4.34 -30.28 1.55
CA VAL A 226 -4.23 -28.84 1.33
C VAL A 226 -5.02 -28.32 0.14
N VAL A 227 -4.90 -29.01 -0.98
CA VAL A 227 -5.58 -28.62 -2.20
C VAL A 227 -6.96 -29.24 -2.16
N SER A 228 -7.08 -30.30 -1.36
CA SER A 228 -8.32 -31.03 -1.21
C SER A 228 -9.02 -30.58 0.09
N ALA A 229 -8.79 -29.33 0.47
CA ALA A 229 -9.40 -28.78 1.68
C ALA A 229 -9.73 -27.30 1.63
N ILE A 230 -8.86 -26.49 1.03
CA ILE A 230 -9.15 -25.06 0.99
C ILE A 230 -9.18 -24.41 -0.39
N GLY A 231 -8.70 -25.14 -1.41
CA GLY A 231 -8.71 -24.57 -2.76
C GLY A 231 -7.36 -24.69 -3.43
N ALA A 232 -7.29 -25.52 -4.45
CA ALA A 232 -6.07 -25.74 -5.22
C ALA A 232 -5.18 -24.52 -5.30
N SER A 233 -5.52 -23.60 -6.20
CA SER A 233 -4.76 -22.37 -6.45
C SER A 233 -4.47 -21.51 -5.24
N LYS A 234 -4.93 -21.95 -4.08
CA LYS A 234 -4.66 -21.21 -2.87
C LYS A 234 -3.59 -21.99 -2.13
N VAL A 235 -2.89 -22.85 -2.89
CA VAL A 235 -1.87 -23.66 -2.28
C VAL A 235 -0.54 -23.65 -2.98
N GLY A 236 0.48 -23.29 -2.22
CA GLY A 236 1.84 -23.29 -2.72
C GLY A 236 2.57 -24.39 -2.00
N VAL A 237 3.52 -25.01 -2.67
CA VAL A 237 4.30 -26.07 -2.05
C VAL A 237 5.75 -25.68 -2.11
N ARG A 238 6.47 -25.82 -1.00
CA ARG A 238 7.87 -25.47 -1.02
C ARG A 238 8.74 -26.66 -0.64
N VAL A 239 9.74 -26.96 -1.47
CA VAL A 239 10.64 -28.06 -1.16
C VAL A 239 12.08 -27.68 -1.41
N SER A 240 13.00 -28.52 -0.93
CA SER A 240 14.43 -28.28 -1.10
C SER A 240 15.08 -29.66 -1.20
N PRO A 241 15.22 -30.16 -2.43
CA PRO A 241 15.81 -31.48 -2.65
C PRO A 241 17.30 -31.58 -2.35
N ALA A 242 18.05 -30.54 -2.65
CA ALA A 242 19.48 -30.56 -2.41
C ALA A 242 19.89 -29.46 -1.44
N ILE A 243 20.02 -29.83 -0.17
CA ILE A 243 20.38 -28.90 0.89
C ILE A 243 21.22 -29.60 1.95
N ASP A 244 21.79 -28.81 2.86
CA ASP A 244 22.59 -29.36 3.94
C ASP A 244 22.15 -28.81 5.29
N HIS A 245 20.86 -28.49 5.38
CA HIS A 245 20.24 -27.97 6.59
C HIS A 245 19.62 -29.08 7.42
N LEU A 246 20.16 -29.28 8.62
CA LEU A 246 19.67 -30.31 9.54
C LEU A 246 19.72 -31.73 8.96
N ASP A 247 20.77 -32.04 8.21
CA ASP A 247 20.94 -33.35 7.60
C ASP A 247 19.97 -33.59 6.44
N ALA A 248 19.31 -32.51 6.02
CA ALA A 248 18.33 -32.56 4.93
C ALA A 248 18.88 -33.08 3.61
N THR A 249 19.96 -33.85 3.69
CA THR A 249 20.59 -34.41 2.48
C THR A 249 19.72 -35.49 1.84
N ASP A 250 20.06 -35.80 0.59
CA ASP A 250 19.39 -36.86 -0.13
C ASP A 250 20.37 -37.40 -1.18
N SER A 251 20.36 -38.72 -1.37
CA SER A 251 21.25 -39.37 -2.32
C SER A 251 21.05 -38.85 -3.72
N ASP A 252 19.82 -38.53 -4.07
CA ASP A 252 19.54 -38.05 -5.40
C ASP A 252 18.49 -36.92 -5.43
N PRO A 253 18.92 -35.69 -5.09
CA PRO A 253 18.07 -34.50 -5.06
C PRO A 253 17.25 -34.33 -6.33
N LEU A 254 17.88 -34.57 -7.48
CA LEU A 254 17.18 -34.43 -8.75
C LEU A 254 16.06 -35.41 -8.85
N SER A 255 16.33 -36.68 -8.58
CA SER A 255 15.30 -37.69 -8.65
C SER A 255 14.21 -37.38 -7.65
N LEU A 256 14.60 -37.00 -6.43
CA LEU A 256 13.63 -36.64 -5.39
C LEU A 256 12.87 -35.40 -5.82
N GLY A 257 13.61 -34.43 -6.33
CA GLY A 257 12.99 -33.21 -6.78
C GLY A 257 11.99 -33.50 -7.87
N LEU A 258 12.41 -34.22 -8.91
CA LEU A 258 11.52 -34.53 -10.02
C LEU A 258 10.38 -35.40 -9.49
N ALA A 259 10.68 -36.16 -8.45
CA ALA A 259 9.69 -37.03 -7.85
C ALA A 259 8.58 -36.17 -7.28
N VAL A 260 8.96 -35.23 -6.40
CA VAL A 260 7.98 -34.34 -5.80
C VAL A 260 7.25 -33.56 -6.89
N VAL A 261 8.03 -33.02 -7.82
CA VAL A 261 7.49 -32.24 -8.93
C VAL A 261 6.52 -33.07 -9.75
N GLY A 262 6.86 -34.35 -9.89
CA GLY A 262 6.03 -35.26 -10.64
C GLY A 262 4.75 -35.58 -9.90
N MET A 263 4.82 -35.57 -8.57
CA MET A 263 3.67 -35.87 -7.74
C MET A 263 2.68 -34.71 -7.69
N LEU A 264 3.18 -33.49 -7.83
CA LEU A 264 2.28 -32.34 -7.80
C LEU A 264 1.51 -32.24 -9.11
N ASN A 265 2.09 -32.75 -10.19
CA ASN A 265 1.40 -32.70 -11.47
C ASN A 265 0.23 -33.67 -11.41
N LYS A 266 0.45 -34.80 -10.74
CA LYS A 266 -0.59 -35.82 -10.62
C LYS A 266 -1.80 -35.23 -9.93
N LEU A 267 -1.61 -34.71 -8.72
CA LEU A 267 -2.71 -34.13 -7.96
C LEU A 267 -3.40 -33.02 -8.75
N GLN A 268 -2.65 -32.25 -9.53
CA GLN A 268 -3.25 -31.19 -10.33
C GLN A 268 -3.99 -31.75 -11.55
N GLY A 269 -3.64 -32.96 -11.96
CA GLY A 269 -4.29 -33.58 -13.09
C GLY A 269 -5.66 -34.12 -12.69
N VAL A 270 -5.76 -34.62 -11.47
CA VAL A 270 -7.00 -35.16 -10.92
C VAL A 270 -7.83 -34.01 -10.35
N ASN A 271 -7.33 -33.43 -9.27
CA ASN A 271 -8.01 -32.31 -8.62
C ASN A 271 -8.38 -31.27 -9.68
N GLY A 272 -7.58 -31.21 -10.74
CA GLY A 272 -7.84 -30.27 -11.82
C GLY A 272 -7.05 -28.97 -11.70
N SER A 273 -7.58 -28.02 -10.92
CA SER A 273 -6.93 -26.74 -10.74
C SER A 273 -5.46 -26.84 -10.33
N LYS A 274 -4.67 -25.87 -10.79
CA LYS A 274 -3.26 -25.86 -10.46
C LYS A 274 -2.96 -25.23 -9.10
N LEU A 275 -1.81 -25.60 -8.56
CA LEU A 275 -1.34 -25.06 -7.29
C LEU A 275 -1.06 -23.59 -7.56
N ALA A 276 -0.98 -22.79 -6.51
CA ALA A 276 -0.67 -21.39 -6.70
C ALA A 276 0.74 -21.36 -7.28
N TYR A 277 1.59 -22.26 -6.81
CA TYR A 277 2.97 -22.32 -7.27
C TYR A 277 3.76 -23.45 -6.65
N LEU A 278 4.95 -23.65 -7.20
CA LEU A 278 5.89 -24.64 -6.68
C LEU A 278 7.08 -23.78 -6.29
N HIS A 279 7.34 -23.73 -5.00
CA HIS A 279 8.43 -22.94 -4.44
C HIS A 279 9.58 -23.92 -4.13
N VAL A 280 10.69 -23.81 -4.85
CA VAL A 280 11.81 -24.69 -4.63
C VAL A 280 13.01 -23.92 -4.15
N THR A 281 13.57 -24.38 -3.04
CA THR A 281 14.74 -23.77 -2.44
C THR A 281 15.99 -24.23 -3.17
N GLN A 282 16.84 -23.27 -3.52
CA GLN A 282 18.07 -23.59 -4.21
C GLN A 282 19.22 -23.49 -3.23
N PRO A 283 20.04 -24.55 -3.12
CA PRO A 283 21.16 -24.48 -2.18
C PRO A 283 22.12 -23.47 -2.79
N ARG A 284 22.63 -22.56 -1.96
CA ARG A 284 23.56 -21.55 -2.44
C ARG A 284 24.03 -20.65 -1.32
N GLU A 300 26.58 -25.35 -10.08
CA GLU A 300 26.76 -25.87 -11.43
C GLU A 300 25.61 -26.78 -11.86
N GLU A 301 25.60 -28.01 -11.36
CA GLU A 301 24.55 -28.97 -11.69
C GLU A 301 23.24 -28.49 -11.06
N GLU A 302 23.38 -27.78 -9.95
CA GLU A 302 22.26 -27.23 -9.18
C GLU A 302 21.28 -26.49 -10.07
N ALA A 303 21.82 -25.69 -10.98
CA ALA A 303 21.00 -24.91 -11.91
C ALA A 303 20.21 -25.88 -12.81
N LYS A 304 20.85 -26.97 -13.21
CA LYS A 304 20.17 -27.97 -14.03
C LYS A 304 19.06 -28.58 -13.19
N LEU A 305 19.35 -28.76 -11.90
CA LEU A 305 18.36 -29.33 -10.98
C LEU A 305 17.10 -28.46 -10.96
N MET A 306 17.29 -27.16 -10.78
CA MET A 306 16.18 -26.21 -10.74
C MET A 306 15.45 -26.13 -12.08
N LYS A 307 16.20 -26.22 -13.17
CA LYS A 307 15.61 -26.16 -14.50
C LYS A 307 14.77 -27.41 -14.72
N SER A 308 15.36 -28.57 -14.42
CA SER A 308 14.67 -29.83 -14.58
C SER A 308 13.35 -29.81 -13.84
N LEU A 309 13.39 -29.39 -12.58
CA LEU A 309 12.19 -29.35 -11.76
C LEU A 309 11.18 -28.41 -12.37
N ARG A 310 11.65 -27.22 -12.73
CA ARG A 310 10.76 -26.25 -13.34
C ARG A 310 10.20 -26.83 -14.63
N MET A 311 11.05 -27.54 -15.37
CA MET A 311 10.61 -28.11 -16.65
C MET A 311 9.48 -29.11 -16.42
N ALA A 312 9.70 -30.06 -15.51
CA ALA A 312 8.70 -31.10 -15.22
C ALA A 312 7.43 -30.58 -14.58
N TYR A 313 7.56 -29.60 -13.71
CA TYR A 313 6.38 -29.10 -13.03
C TYR A 313 5.44 -28.33 -13.94
N ASN A 314 4.17 -28.71 -13.91
CA ASN A 314 3.19 -28.02 -14.74
C ASN A 314 2.47 -26.97 -13.91
N GLY A 315 3.08 -25.79 -13.82
CA GLY A 315 2.48 -24.73 -13.05
C GLY A 315 3.44 -23.60 -12.76
N THR A 316 3.00 -22.72 -11.86
CA THR A 316 3.80 -21.58 -11.48
C THR A 316 5.00 -22.06 -10.68
N PHE A 317 6.18 -21.64 -11.10
CA PHE A 317 7.41 -22.03 -10.44
C PHE A 317 8.05 -20.82 -9.77
N MET A 318 8.30 -20.98 -8.47
CA MET A 318 8.89 -19.94 -7.66
C MET A 318 10.24 -20.41 -7.14
N SER A 319 11.30 -19.75 -7.60
CA SER A 319 12.65 -20.12 -7.18
C SER A 319 13.12 -19.22 -6.06
N SER A 320 14.02 -19.75 -5.22
CA SER A 320 14.51 -18.99 -4.07
C SER A 320 15.91 -19.40 -3.62
N GLY A 321 16.62 -18.46 -2.99
CA GLY A 321 17.96 -18.73 -2.50
C GLY A 321 19.11 -18.17 -3.32
N GLY A 322 19.80 -17.16 -2.77
CA GLY A 322 20.94 -16.56 -3.43
C GLY A 322 20.68 -15.70 -4.66
N PHE A 323 19.45 -15.72 -5.16
CA PHE A 323 19.08 -14.93 -6.33
C PHE A 323 19.07 -13.46 -6.03
N ASN A 324 19.80 -12.67 -6.80
CA ASN A 324 19.76 -11.22 -6.61
C ASN A 324 18.87 -10.74 -7.75
N LYS A 325 18.95 -9.47 -8.12
CA LYS A 325 18.10 -8.98 -9.19
C LYS A 325 18.42 -9.64 -10.53
N GLU A 326 19.69 -9.62 -10.91
CA GLU A 326 20.10 -10.21 -12.18
C GLU A 326 19.64 -11.65 -12.29
N LEU A 327 19.96 -12.46 -11.28
CA LEU A 327 19.55 -13.86 -11.32
C LEU A 327 18.03 -13.88 -11.39
N GLY A 328 17.40 -12.93 -10.70
CA GLY A 328 15.95 -12.86 -10.71
C GLY A 328 15.42 -12.62 -12.11
N MET A 329 15.91 -11.56 -12.74
CA MET A 329 15.49 -11.21 -14.09
C MET A 329 15.88 -12.29 -15.09
N GLN A 330 17.09 -12.84 -14.97
CA GLN A 330 17.50 -13.88 -15.90
C GLN A 330 16.72 -15.18 -15.67
N ALA A 331 16.51 -15.54 -14.41
CA ALA A 331 15.76 -16.76 -14.12
C ALA A 331 14.44 -16.64 -14.88
N VAL A 332 13.69 -15.58 -14.59
CA VAL A 332 12.43 -15.33 -15.26
C VAL A 332 12.64 -15.31 -16.78
N GLN A 333 13.66 -14.59 -17.23
CA GLN A 333 13.95 -14.52 -18.66
C GLN A 333 14.17 -15.92 -19.23
N GLN A 334 15.20 -16.62 -18.73
CA GLN A 334 15.54 -17.95 -19.19
C GLN A 334 14.46 -19.01 -18.94
N GLY A 335 13.31 -18.60 -18.43
CA GLY A 335 12.24 -19.55 -18.17
C GLY A 335 12.51 -20.47 -16.99
N ASP A 336 13.42 -20.07 -16.12
CA ASP A 336 13.79 -20.86 -14.95
C ASP A 336 12.76 -20.75 -13.84
N ALA A 337 11.89 -19.76 -13.93
CA ALA A 337 10.87 -19.56 -12.91
C ALA A 337 9.92 -18.48 -13.32
N ASP A 338 8.75 -18.46 -12.68
CA ASP A 338 7.76 -17.43 -12.95
C ASP A 338 7.92 -16.34 -11.92
N LEU A 339 8.42 -16.72 -10.75
CA LEU A 339 8.59 -15.82 -9.62
C LEU A 339 9.86 -16.16 -8.88
N VAL A 340 10.38 -15.18 -8.16
CA VAL A 340 11.60 -15.33 -7.39
C VAL A 340 11.32 -14.68 -6.03
N SER A 341 11.57 -15.41 -4.95
CA SER A 341 11.33 -14.86 -3.63
C SER A 341 12.58 -14.28 -3.01
N TYR A 342 12.41 -13.26 -2.18
CA TYR A 342 13.55 -12.63 -1.55
C TYR A 342 13.44 -12.60 -0.04
N GLY A 343 14.56 -12.86 0.62
CA GLY A 343 14.58 -12.89 2.06
C GLY A 343 15.61 -11.95 2.66
N ARG A 344 16.89 -12.35 2.58
CA ARG A 344 17.96 -11.56 3.15
C ARG A 344 17.73 -10.09 2.81
N LEU A 345 17.51 -9.80 1.53
CA LEU A 345 17.27 -8.42 1.12
C LEU A 345 15.93 -7.87 1.60
N PHE A 346 14.90 -8.71 1.64
CA PHE A 346 13.59 -8.23 2.06
C PHE A 346 13.59 -7.92 3.54
N ILE A 347 14.50 -8.57 4.26
CA ILE A 347 14.62 -8.34 5.68
C ILE A 347 15.03 -6.88 5.91
N ALA A 348 16.11 -6.47 5.25
CA ALA A 348 16.62 -5.10 5.42
C ALA A 348 16.16 -4.12 4.34
N ASN A 349 15.28 -4.56 3.44
CA ASN A 349 14.82 -3.69 2.37
C ASN A 349 13.31 -3.70 2.17
N PRO A 350 12.61 -2.82 2.88
CA PRO A 350 11.16 -2.79 2.73
C PRO A 350 10.80 -2.57 1.26
N ASP A 351 11.39 -1.55 0.65
CA ASP A 351 11.14 -1.24 -0.75
C ASP A 351 12.05 -2.03 -1.68
N LEU A 352 12.25 -3.30 -1.36
CA LEU A 352 13.11 -4.14 -2.19
C LEU A 352 12.64 -4.12 -3.65
N VAL A 353 11.33 -4.09 -3.87
CA VAL A 353 10.81 -4.09 -5.23
C VAL A 353 11.23 -2.85 -5.98
N SER A 354 11.03 -1.68 -5.38
CA SER A 354 11.41 -0.44 -6.02
C SER A 354 12.92 -0.43 -6.24
N ARG A 355 13.66 -0.61 -5.15
CA ARG A 355 15.11 -0.63 -5.20
C ARG A 355 15.60 -1.49 -6.35
N PHE A 356 14.86 -2.56 -6.64
CA PHE A 356 15.27 -3.43 -7.75
C PHE A 356 14.89 -2.78 -9.06
N LYS A 357 13.67 -2.25 -9.14
CA LYS A 357 13.17 -1.64 -10.36
C LYS A 357 13.95 -0.40 -10.78
N ILE A 358 14.63 0.25 -9.84
CA ILE A 358 15.38 1.44 -10.19
C ILE A 358 16.88 1.25 -9.94
N ASP A 359 17.28 0.02 -9.65
CA ASP A 359 18.68 -0.29 -9.38
C ASP A 359 19.24 0.69 -8.35
N GLY A 360 18.51 0.89 -7.26
CA GLY A 360 18.99 1.80 -6.24
C GLY A 360 19.79 1.15 -5.14
N GLU A 361 20.04 1.90 -4.06
CA GLU A 361 20.78 1.39 -2.91
C GLU A 361 20.01 0.23 -2.28
N LEU A 362 20.75 -0.65 -1.61
CA LEU A 362 20.18 -1.81 -0.93
C LEU A 362 20.90 -2.03 0.41
N ASN A 363 20.16 -1.82 1.50
CA ASN A 363 20.69 -2.00 2.83
C ASN A 363 21.19 -3.43 2.95
N LYS A 364 22.16 -3.67 3.82
CA LYS A 364 22.69 -5.01 4.00
C LYS A 364 21.91 -5.81 5.05
N TYR A 365 22.02 -7.12 5.00
CA TYR A 365 21.32 -7.92 5.98
C TYR A 365 22.24 -8.47 7.07
N ASN A 366 21.96 -8.06 8.32
CA ASN A 366 22.74 -8.51 9.48
C ASN A 366 21.90 -9.48 10.29
N ARG A 367 22.29 -10.75 10.28
CA ARG A 367 21.60 -11.81 11.00
C ARG A 367 21.38 -11.57 12.49
N LYS A 368 22.22 -10.73 13.09
CA LYS A 368 22.12 -10.46 14.51
C LYS A 368 20.71 -10.22 15.00
N THR A 369 19.89 -9.57 14.18
CA THR A 369 18.51 -9.31 14.60
C THR A 369 17.50 -10.00 13.70
N PHE A 370 17.96 -10.99 12.96
CA PHE A 370 17.06 -11.75 12.09
C PHE A 370 16.03 -12.47 12.96
N TYR A 371 16.52 -12.98 14.08
CA TYR A 371 15.73 -13.78 15.01
C TYR A 371 15.52 -13.22 16.41
N THR A 372 15.74 -11.92 16.59
CA THR A 372 15.54 -11.30 17.90
C THR A 372 14.06 -10.94 18.06
N GLN A 373 13.68 -10.45 19.23
CA GLN A 373 12.27 -10.16 19.50
C GLN A 373 11.81 -8.71 19.43
N ASP A 374 12.74 -7.78 19.18
CA ASP A 374 12.31 -6.40 19.12
C ASP A 374 11.35 -6.20 17.97
N PRO A 375 10.20 -5.56 18.23
CA PRO A 375 9.21 -5.32 17.19
C PRO A 375 9.68 -4.27 16.22
N VAL A 376 10.76 -3.59 16.57
CA VAL A 376 11.28 -2.55 15.71
C VAL A 376 12.70 -2.82 15.27
N VAL A 377 13.60 -3.02 16.23
CA VAL A 377 15.02 -3.24 15.95
C VAL A 377 15.35 -4.42 15.05
N GLY A 378 15.89 -4.11 13.87
CA GLY A 378 16.25 -5.14 12.90
C GLY A 378 15.00 -5.75 12.30
N TYR A 379 13.86 -5.10 12.53
CA TYR A 379 12.60 -5.60 12.01
C TYR A 379 11.86 -4.63 11.11
N THR A 380 11.25 -3.61 11.70
CA THR A 380 10.52 -2.62 10.92
C THR A 380 11.26 -1.29 10.87
N ASP A 381 12.51 -1.28 11.34
CA ASP A 381 13.27 -0.03 11.34
C ASP A 381 14.29 0.12 10.23
N TYR A 382 14.31 -0.80 9.26
CA TYR A 382 15.22 -0.65 8.13
C TYR A 382 14.54 0.40 7.25
N PRO A 383 15.27 1.48 6.90
CA PRO A 383 14.74 2.56 6.08
C PRO A 383 14.40 2.21 4.66
N PHE A 384 13.51 3.03 4.09
CA PHE A 384 13.07 2.89 2.70
C PHE A 384 14.06 3.80 1.98
N LEU A 385 14.11 3.72 0.65
CA LEU A 385 15.01 4.58 -0.11
C LEU A 385 14.63 6.03 0.13
N ALA A 386 15.60 6.91 0.02
CA ALA A 386 15.36 8.34 0.17
C ALA A 386 14.95 8.80 -1.23
N PRO A 387 14.34 9.98 -1.35
CA PRO A 387 13.93 10.50 -2.66
C PRO A 387 15.03 10.32 -3.72
N ASN B 9 -6.84 41.12 17.19
CA ASN B 9 -5.66 41.92 16.76
C ASN B 9 -5.18 41.59 15.35
N GLU B 10 -4.70 40.35 15.16
CA GLU B 10 -4.19 39.90 13.86
C GLU B 10 -5.23 39.95 12.76
N THR B 11 -4.79 40.17 11.52
CA THR B 11 -5.70 40.26 10.40
C THR B 11 -5.19 39.44 9.21
N LEU B 12 -5.78 39.69 8.04
CA LEU B 12 -5.38 38.99 6.80
C LEU B 12 -3.96 39.40 6.44
N PHE B 13 -3.49 40.49 7.02
CA PHE B 13 -2.17 41.00 6.71
C PHE B 13 -1.09 40.54 7.68
N SER B 14 -1.50 39.97 8.80
CA SER B 14 -0.51 39.49 9.76
C SER B 14 0.27 38.34 9.12
N SER B 15 1.55 38.27 9.42
CA SER B 15 2.40 37.23 8.93
C SER B 15 1.97 35.97 9.65
N TYR B 16 2.50 34.84 9.24
CA TYR B 16 2.14 33.59 9.87
C TYR B 16 3.19 32.51 9.67
N LYS B 17 3.35 31.67 10.69
CA LYS B 17 4.31 30.59 10.61
C LYS B 17 3.57 29.32 10.19
N MET B 18 3.51 29.07 8.88
CA MET B 18 2.85 27.86 8.38
C MET B 18 3.91 26.75 8.44
N GLY B 19 4.15 26.24 9.65
CA GLY B 19 5.15 25.21 9.80
C GLY B 19 6.46 25.76 9.25
N ARG B 20 7.12 24.96 8.41
CA ARG B 20 8.39 25.36 7.82
C ARG B 20 8.25 26.54 6.86
N PHE B 21 7.03 27.02 6.64
CA PHE B 21 6.84 28.15 5.74
C PHE B 21 6.42 29.39 6.50
N ASP B 22 7.13 30.49 6.27
CA ASP B 22 6.84 31.75 6.91
C ASP B 22 6.08 32.66 5.97
N LEU B 23 4.79 32.83 6.22
CA LEU B 23 3.98 33.69 5.38
C LEU B 23 3.98 35.10 5.94
N SER B 24 3.85 36.07 5.05
CA SER B 24 3.82 37.48 5.41
C SER B 24 2.38 37.98 5.46
N HIS B 25 1.43 37.07 5.23
CA HIS B 25 0.03 37.43 5.26
C HIS B 25 -0.81 36.17 5.11
N ARG B 26 -2.09 36.29 5.45
CA ARG B 26 -2.99 35.14 5.45
C ARG B 26 -3.75 34.90 4.16
N VAL B 27 -3.70 35.86 3.24
CA VAL B 27 -4.43 35.70 1.99
C VAL B 27 -3.76 34.64 1.13
N VAL B 28 -4.46 33.54 0.92
CA VAL B 28 -3.96 32.42 0.16
C VAL B 28 -4.66 32.32 -1.18
N LEU B 29 -3.94 31.83 -2.18
CA LEU B 29 -4.53 31.63 -3.49
C LEU B 29 -5.04 30.20 -3.44
N ALA B 30 -6.35 30.07 -3.28
CA ALA B 30 -7.04 28.80 -3.23
C ALA B 30 -6.76 28.11 -4.55
N PRO B 31 -6.74 26.76 -4.55
CA PRO B 31 -6.48 25.96 -5.76
C PRO B 31 -7.67 26.14 -6.69
N MET B 32 -7.42 26.64 -7.90
CA MET B 32 -8.53 26.85 -8.85
C MET B 32 -8.34 26.29 -10.24
N THR B 33 -9.22 25.37 -10.61
CA THR B 33 -9.21 24.79 -11.95
C THR B 33 -9.55 25.89 -12.96
N ARG B 34 -8.72 26.04 -13.99
CA ARG B 34 -8.97 27.08 -14.98
C ARG B 34 -8.84 26.52 -16.39
N CYS B 35 -8.18 25.38 -16.51
CA CYS B 35 -8.02 24.72 -17.80
C CYS B 35 -7.21 25.51 -18.84
N ARG B 36 -5.95 25.82 -18.50
CA ARG B 36 -5.05 26.52 -19.41
C ARG B 36 -3.82 25.66 -19.69
N ALA B 37 -3.71 24.56 -18.96
CA ALA B 37 -2.60 23.63 -19.10
C ALA B 37 -2.88 22.69 -20.26
N LEU B 38 -2.93 23.27 -21.46
CA LEU B 38 -3.21 22.52 -22.67
C LEU B 38 -2.63 21.12 -22.72
N ASN B 39 -3.50 20.15 -23.00
CA ASN B 39 -3.06 18.77 -23.12
C ASN B 39 -2.39 18.26 -21.86
N GLY B 40 -2.88 18.75 -20.72
CA GLY B 40 -2.39 18.31 -19.43
C GLY B 40 -1.06 18.83 -18.94
N VAL B 41 -0.47 19.78 -19.65
CA VAL B 41 0.82 20.27 -19.22
C VAL B 41 0.83 21.78 -19.01
N PRO B 42 1.49 22.23 -17.93
CA PRO B 42 1.58 23.66 -17.60
C PRO B 42 2.21 24.39 -18.77
N ASN B 43 2.29 25.72 -18.67
CA ASN B 43 2.85 26.51 -19.75
C ASN B 43 3.11 27.95 -19.30
N ALA B 44 3.53 28.79 -20.23
CA ALA B 44 3.83 30.18 -19.91
C ALA B 44 2.61 30.87 -19.34
N ALA B 45 1.42 30.40 -19.73
CA ALA B 45 0.17 30.98 -19.24
C ALA B 45 0.03 30.79 -17.73
N LEU B 46 0.25 29.57 -17.26
CA LEU B 46 0.15 29.30 -15.83
C LEU B 46 1.24 30.05 -15.08
N ALA B 47 2.42 30.16 -15.69
CA ALA B 47 3.51 30.85 -15.03
C ALA B 47 3.15 32.32 -14.81
N GLU B 48 2.65 32.98 -15.86
CA GLU B 48 2.27 34.38 -15.76
C GLU B 48 1.07 34.54 -14.82
N TYR B 49 0.12 33.60 -14.93
CA TYR B 49 -1.07 33.63 -14.10
C TYR B 49 -0.74 33.58 -12.60
N TYR B 50 0.04 32.58 -12.20
CA TYR B 50 0.38 32.44 -10.79
C TYR B 50 1.21 33.62 -10.34
N ALA B 51 2.24 33.95 -11.13
CA ALA B 51 3.12 35.06 -10.83
C ALA B 51 2.27 36.29 -10.57
N GLN B 52 1.40 36.61 -11.52
CA GLN B 52 0.54 37.78 -11.39
C GLN B 52 -0.10 37.85 -10.02
N ARG B 53 -0.47 36.68 -9.50
CA ARG B 53 -1.16 36.62 -8.22
C ARG B 53 -0.27 36.36 -7.02
N THR B 54 1.03 36.30 -7.24
CA THR B 54 1.92 36.04 -6.13
C THR B 54 2.23 37.31 -5.33
N THR B 55 2.83 37.10 -4.17
CA THR B 55 3.21 38.16 -3.25
C THR B 55 4.31 37.60 -2.35
N PRO B 56 5.25 38.46 -1.94
CA PRO B 56 6.34 38.02 -1.08
C PRO B 56 5.75 37.43 0.19
N GLY B 57 6.13 36.20 0.50
CA GLY B 57 5.65 35.54 1.70
C GLY B 57 4.19 35.12 1.63
N GLY B 58 3.63 35.11 0.43
CA GLY B 58 2.25 34.68 0.25
C GLY B 58 2.19 33.24 -0.20
N PHE B 59 1.12 32.54 0.18
CA PHE B 59 0.95 31.15 -0.19
C PHE B 59 0.00 30.97 -1.37
N LEU B 60 0.35 30.06 -2.28
CA LEU B 60 -0.47 29.78 -3.43
C LEU B 60 -0.70 28.28 -3.48
N ILE B 61 -1.90 27.89 -3.90
CA ILE B 61 -2.21 26.50 -4.06
C ILE B 61 -2.62 26.39 -5.52
N SER B 62 -1.98 25.47 -6.24
CA SER B 62 -2.26 25.29 -7.64
C SER B 62 -3.63 24.74 -7.88
N GLU B 63 -4.06 24.92 -9.13
CA GLU B 63 -5.32 24.40 -9.62
C GLU B 63 -5.25 22.88 -9.45
N GLY B 64 -6.40 22.22 -9.33
CA GLY B 64 -6.39 20.78 -9.18
C GLY B 64 -5.51 20.17 -10.26
N THR B 65 -4.56 19.34 -9.85
CA THR B 65 -3.61 18.75 -10.78
C THR B 65 -3.70 17.22 -10.78
N MET B 66 -3.77 16.65 -11.97
CA MET B 66 -3.88 15.20 -12.13
C MET B 66 -2.75 14.40 -11.51
N VAL B 67 -3.13 13.33 -10.81
CA VAL B 67 -2.16 12.45 -10.20
C VAL B 67 -1.99 11.24 -11.14
N SER B 68 -2.85 11.17 -12.16
CA SER B 68 -2.79 10.07 -13.12
C SER B 68 -3.75 10.30 -14.27
N PRO B 69 -3.59 9.51 -15.34
CA PRO B 69 -4.50 9.69 -16.48
C PRO B 69 -5.84 9.23 -15.92
N GLY B 70 -6.92 9.89 -16.29
CA GLY B 70 -8.19 9.45 -15.77
C GLY B 70 -8.54 10.16 -14.48
N SER B 71 -7.57 10.82 -13.87
CA SER B 71 -7.84 11.54 -12.62
C SER B 71 -8.55 12.86 -12.92
N ALA B 72 -8.53 13.28 -14.18
CA ALA B 72 -9.14 14.54 -14.54
C ALA B 72 -10.63 14.40 -14.91
N GLY B 73 -11.37 15.47 -14.69
CA GLY B 73 -12.79 15.47 -14.99
C GLY B 73 -13.14 16.80 -15.61
N PHE B 74 -12.10 17.51 -16.04
CA PHE B 74 -12.20 18.83 -16.66
C PHE B 74 -11.29 18.90 -17.88
N PRO B 75 -11.61 19.78 -18.82
CA PRO B 75 -10.77 19.89 -20.02
C PRO B 75 -9.49 20.65 -19.74
N HIS B 76 -8.42 20.18 -20.37
CA HIS B 76 -7.12 20.81 -20.23
C HIS B 76 -6.67 21.26 -18.86
N VAL B 77 -6.61 20.31 -17.94
CA VAL B 77 -6.13 20.61 -16.62
C VAL B 77 -4.72 20.06 -16.63
N PRO B 78 -3.85 20.62 -15.79
CA PRO B 78 -2.47 20.14 -15.74
C PRO B 78 -2.30 18.80 -15.04
N GLY B 79 -1.14 18.20 -15.25
CA GLY B 79 -0.83 16.95 -14.61
C GLY B 79 0.52 17.10 -13.94
N ILE B 80 0.86 16.15 -13.09
CA ILE B 80 2.14 16.19 -12.42
C ILE B 80 2.62 14.75 -12.27
N TYR B 81 1.98 13.83 -12.99
CA TYR B 81 2.35 12.43 -12.90
C TYR B 81 3.37 11.99 -13.94
N SER B 82 3.71 12.89 -14.87
CA SER B 82 4.68 12.57 -15.92
C SER B 82 5.97 13.36 -15.76
N ASP B 83 7.08 12.78 -16.21
CA ASP B 83 8.37 13.46 -16.11
C ASP B 83 8.28 14.78 -16.85
N GLU B 84 7.55 14.78 -17.95
CA GLU B 84 7.38 15.99 -18.75
C GLU B 84 6.73 17.08 -17.88
N GLN B 85 5.75 16.70 -17.08
CA GLN B 85 5.05 17.66 -16.24
C GLN B 85 5.90 18.07 -15.05
N VAL B 86 6.98 17.33 -14.78
CA VAL B 86 7.86 17.66 -13.67
C VAL B 86 8.64 18.92 -14.05
N GLU B 87 9.29 18.88 -15.21
CA GLU B 87 10.03 20.04 -15.73
C GLU B 87 9.03 21.08 -16.18
N ALA B 88 7.92 20.59 -16.77
CA ALA B 88 6.85 21.45 -17.28
C ALA B 88 6.28 22.43 -16.27
N TRP B 89 6.29 22.07 -14.99
CA TRP B 89 5.76 22.96 -13.95
C TRP B 89 6.83 23.87 -13.41
N LYS B 90 8.02 23.82 -14.00
CA LYS B 90 9.09 24.67 -13.50
C LYS B 90 8.93 26.16 -13.79
N GLN B 91 8.54 26.51 -15.01
CA GLN B 91 8.38 27.92 -15.37
C GLN B 91 7.33 28.54 -14.48
N VAL B 92 6.47 27.70 -13.91
CA VAL B 92 5.43 28.22 -13.04
C VAL B 92 5.95 28.40 -11.63
N VAL B 93 6.46 27.34 -11.05
CA VAL B 93 6.97 27.39 -9.69
C VAL B 93 8.13 28.37 -9.61
N GLU B 94 9.01 28.34 -10.59
CA GLU B 94 10.15 29.26 -10.59
C GLU B 94 9.68 30.71 -10.52
N ALA B 95 8.63 31.01 -11.27
CA ALA B 95 8.05 32.34 -11.33
C ALA B 95 7.54 32.77 -9.96
N VAL B 96 6.71 31.92 -9.35
CA VAL B 96 6.15 32.20 -8.03
C VAL B 96 7.30 32.48 -7.08
N HIS B 97 8.31 31.62 -7.12
CA HIS B 97 9.44 31.82 -6.24
C HIS B 97 10.23 33.06 -6.60
N ALA B 98 10.17 33.49 -7.87
CA ALA B 98 10.91 34.67 -8.27
C ALA B 98 10.30 35.89 -7.59
N LYS B 99 8.99 35.87 -7.38
CA LYS B 99 8.32 37.00 -6.74
C LYS B 99 8.11 36.81 -5.24
N GLY B 100 8.84 35.86 -4.65
CA GLY B 100 8.76 35.64 -3.21
C GLY B 100 7.58 34.87 -2.66
N GLY B 101 6.86 34.18 -3.53
CA GLY B 101 5.71 33.43 -3.07
C GLY B 101 5.96 31.95 -2.93
N PHE B 102 5.10 31.28 -2.17
CA PHE B 102 5.18 29.84 -1.99
C PHE B 102 3.99 29.21 -2.71
N ILE B 103 4.11 27.94 -3.06
CA ILE B 103 3.03 27.29 -3.74
C ILE B 103 3.06 25.79 -3.62
N PHE B 104 1.88 25.23 -3.34
CA PHE B 104 1.71 23.81 -3.22
C PHE B 104 0.98 23.38 -4.49
N CYS B 105 1.12 22.13 -4.87
CA CYS B 105 0.41 21.65 -6.03
C CYS B 105 -0.76 20.86 -5.47
N GLN B 106 -1.98 21.20 -5.84
CA GLN B 106 -3.10 20.42 -5.34
C GLN B 106 -3.19 19.10 -6.11
N LEU B 107 -3.03 17.99 -5.39
CA LEU B 107 -3.10 16.67 -5.97
C LEU B 107 -4.57 16.33 -6.05
N TRP B 108 -5.04 16.23 -7.27
CA TRP B 108 -6.46 16.04 -7.54
C TRP B 108 -6.89 14.81 -8.32
N HIS B 109 -7.89 14.13 -7.80
CA HIS B 109 -8.44 13.00 -8.51
C HIS B 109 -9.93 13.18 -8.39
N VAL B 110 -10.60 13.32 -9.53
CA VAL B 110 -12.05 13.55 -9.58
C VAL B 110 -12.93 12.32 -9.36
N GLY B 111 -12.33 11.14 -9.42
CA GLY B 111 -13.11 9.94 -9.23
C GLY B 111 -14.23 9.86 -10.27
N ARG B 112 -15.46 9.78 -9.79
CA ARG B 112 -16.59 9.65 -10.70
C ARG B 112 -16.98 10.96 -11.39
N ALA B 113 -16.38 12.07 -10.94
CA ALA B 113 -16.68 13.36 -11.56
C ALA B 113 -15.82 13.50 -12.79
N SER B 114 -15.99 12.56 -13.72
CA SER B 114 -15.20 12.59 -14.93
C SER B 114 -16.07 12.07 -16.06
N HIS B 115 -15.42 11.62 -17.13
CA HIS B 115 -16.16 11.12 -18.28
C HIS B 115 -15.20 10.29 -19.09
N ALA B 116 -15.74 9.32 -19.84
CA ALA B 116 -14.91 8.45 -20.69
C ALA B 116 -13.92 9.27 -21.49
N VAL B 117 -14.31 10.48 -21.84
CA VAL B 117 -13.46 11.37 -22.61
C VAL B 117 -12.13 11.64 -21.90
N TYR B 118 -12.14 11.59 -20.57
CA TYR B 118 -10.93 11.85 -19.79
C TYR B 118 -10.26 10.62 -19.24
N GLN B 119 -10.88 9.46 -19.46
CA GLN B 119 -10.33 8.23 -18.93
C GLN B 119 -9.39 7.52 -19.89
N PRO B 120 -8.42 6.77 -19.34
CA PRO B 120 -7.48 6.07 -20.22
C PRO B 120 -8.34 5.06 -20.97
N ASN B 121 -8.15 4.98 -22.29
CA ASN B 121 -8.90 4.02 -23.09
C ASN B 121 -10.40 4.22 -23.13
N GLY B 122 -10.82 5.47 -22.95
CA GLY B 122 -12.23 5.80 -22.96
C GLY B 122 -13.05 4.92 -22.04
N GLY B 123 -12.48 4.55 -20.90
CA GLY B 123 -13.19 3.70 -19.96
C GLY B 123 -13.98 4.50 -18.95
N SER B 124 -14.39 3.84 -17.88
CA SER B 124 -15.16 4.49 -16.85
C SER B 124 -14.34 5.12 -15.74
N PRO B 125 -14.83 6.24 -15.20
CA PRO B 125 -14.12 6.91 -14.11
C PRO B 125 -14.16 5.95 -12.91
N ILE B 126 -13.18 6.04 -12.04
CA ILE B 126 -13.14 5.17 -10.88
C ILE B 126 -13.81 5.85 -9.68
N SER B 127 -14.14 5.05 -8.67
CA SER B 127 -14.78 5.58 -7.49
C SER B 127 -14.95 4.50 -6.43
N SER B 128 -15.47 4.89 -5.28
CA SER B 128 -15.71 3.95 -4.21
C SER B 128 -17.07 3.33 -4.50
N THR B 129 -17.76 3.89 -5.51
CA THR B 129 -19.11 3.43 -5.85
C THR B 129 -19.34 3.22 -7.34
N ASN B 130 -20.44 2.54 -7.66
CA ASN B 130 -20.85 2.29 -9.03
C ASN B 130 -22.00 3.25 -9.33
N LYS B 131 -22.34 4.06 -8.33
CA LYS B 131 -23.41 5.04 -8.46
C LYS B 131 -22.86 6.33 -9.06
N PRO B 132 -23.52 6.84 -10.11
CA PRO B 132 -23.13 8.07 -10.80
C PRO B 132 -23.63 9.32 -10.11
N ILE B 133 -23.05 10.45 -10.49
CA ILE B 133 -23.45 11.75 -9.99
C ILE B 133 -24.74 12.01 -10.77
N SER B 134 -25.79 12.42 -10.08
CA SER B 134 -27.06 12.67 -10.74
C SER B 134 -27.01 13.73 -11.83
N GLU B 135 -27.64 13.41 -12.97
CA GLU B 135 -27.71 14.31 -14.12
C GLU B 135 -28.67 15.44 -13.79
N ASN B 136 -29.48 15.21 -12.76
CA ASN B 136 -30.43 16.21 -12.33
C ASN B 136 -29.74 17.47 -11.90
N ARG B 137 -28.52 17.35 -11.38
CA ARG B 137 -27.87 18.56 -10.89
C ARG B 137 -26.45 18.86 -11.29
N TRP B 138 -25.81 17.96 -12.02
CA TRP B 138 -24.44 18.21 -12.41
C TRP B 138 -24.13 17.74 -13.81
N ARG B 139 -23.25 18.48 -14.47
CA ARG B 139 -22.83 18.16 -15.82
C ARG B 139 -21.32 18.16 -15.85
N VAL B 140 -20.76 17.30 -16.68
CA VAL B 140 -19.32 17.23 -16.80
C VAL B 140 -18.97 18.03 -18.07
N LEU B 141 -18.03 18.95 -17.94
CA LEU B 141 -17.58 19.79 -19.04
C LEU B 141 -16.62 19.00 -19.92
N LEU B 142 -16.88 18.95 -21.21
CA LEU B 142 -16.03 18.21 -22.13
C LEU B 142 -15.16 19.19 -22.91
N PRO B 143 -14.03 18.71 -23.47
CA PRO B 143 -13.10 19.55 -24.24
C PRO B 143 -13.76 20.40 -25.33
N ASP B 144 -14.66 19.82 -26.10
CA ASP B 144 -15.33 20.58 -27.16
C ASP B 144 -16.18 21.67 -26.54
N GLY B 145 -16.15 21.75 -25.21
CA GLY B 145 -16.91 22.77 -24.53
C GLY B 145 -18.35 22.39 -24.23
N SER B 146 -18.70 21.12 -24.41
CA SER B 146 -20.07 20.70 -24.13
C SER B 146 -20.19 20.20 -22.69
N HIS B 147 -21.43 20.11 -22.20
CA HIS B 147 -21.71 19.64 -20.84
C HIS B 147 -22.64 18.44 -20.98
N VAL B 148 -22.23 17.29 -20.45
CA VAL B 148 -23.05 16.09 -20.52
C VAL B 148 -23.23 15.41 -19.15
N LYS B 149 -24.08 14.39 -19.12
CA LYS B 149 -24.34 13.65 -17.91
C LYS B 149 -23.06 12.98 -17.42
N TYR B 150 -22.96 12.75 -16.12
CA TYR B 150 -21.80 12.05 -15.56
C TYR B 150 -22.03 10.56 -15.81
N PRO B 151 -21.00 9.84 -16.25
CA PRO B 151 -21.24 8.42 -16.50
C PRO B 151 -21.24 7.61 -15.22
N LYS B 152 -21.61 6.35 -15.36
CA LYS B 152 -21.60 5.42 -14.25
C LYS B 152 -20.13 5.11 -13.96
N PRO B 153 -19.69 5.32 -12.72
CA PRO B 153 -18.30 5.01 -12.41
C PRO B 153 -18.16 3.53 -12.08
N ARG B 154 -16.94 3.03 -12.15
CA ARG B 154 -16.69 1.64 -11.80
C ARG B 154 -16.06 1.71 -10.43
N ALA B 155 -16.69 1.08 -9.44
CA ALA B 155 -16.16 1.10 -8.09
C ALA B 155 -14.82 0.36 -8.06
N LEU B 156 -13.80 1.02 -7.52
CA LEU B 156 -12.49 0.44 -7.41
C LEU B 156 -12.56 -0.83 -6.59
N GLU B 157 -11.73 -1.81 -6.94
CA GLU B 157 -11.66 -3.06 -6.19
C GLU B 157 -10.76 -2.65 -5.03
N ALA B 158 -10.79 -3.41 -3.93
CA ALA B 158 -9.93 -3.09 -2.80
C ALA B 158 -8.45 -3.11 -3.20
N SER B 159 -8.10 -3.84 -4.26
CA SER B 159 -6.71 -3.93 -4.69
C SER B 159 -6.22 -2.72 -5.49
N GLU B 160 -7.12 -2.09 -6.23
CA GLU B 160 -6.72 -0.92 -7.01
C GLU B 160 -6.46 0.30 -6.14
N ILE B 161 -7.19 0.43 -5.04
CA ILE B 161 -7.04 1.57 -4.17
C ILE B 161 -5.58 1.91 -3.87
N PRO B 162 -4.77 0.91 -3.46
CA PRO B 162 -3.37 1.24 -3.18
C PRO B 162 -2.64 1.77 -4.40
N ARG B 163 -3.03 1.31 -5.59
CA ARG B 163 -2.36 1.81 -6.79
C ARG B 163 -2.66 3.30 -6.96
N VAL B 164 -3.87 3.72 -6.63
CA VAL B 164 -4.22 5.13 -6.74
C VAL B 164 -3.35 5.90 -5.77
N VAL B 165 -3.27 5.40 -4.55
CA VAL B 165 -2.43 6.03 -3.53
C VAL B 165 -1.05 6.31 -4.11
N GLU B 166 -0.45 5.27 -4.70
CA GLU B 166 0.88 5.43 -5.30
C GLU B 166 0.91 6.57 -6.29
N ASP B 167 -0.20 6.77 -7.03
CA ASP B 167 -0.25 7.86 -8.00
C ASP B 167 -0.11 9.18 -7.26
N TYR B 168 -0.75 9.28 -6.10
CA TYR B 168 -0.65 10.50 -5.30
C TYR B 168 0.80 10.60 -4.85
N CYS B 169 1.45 9.45 -4.69
CA CYS B 169 2.83 9.43 -4.25
C CYS B 169 3.82 9.87 -5.32
N LEU B 170 3.77 9.27 -6.50
CA LEU B 170 4.68 9.64 -7.56
C LEU B 170 4.46 11.10 -7.93
N SER B 171 3.22 11.54 -7.79
CA SER B 171 2.85 12.90 -8.13
C SER B 171 3.35 13.88 -7.09
N ALA B 172 3.26 13.49 -5.82
CA ALA B 172 3.71 14.35 -4.72
C ALA B 172 5.19 14.58 -4.94
N LEU B 173 5.88 13.50 -5.26
CA LEU B 173 7.31 13.55 -5.48
C LEU B 173 7.63 14.41 -6.69
N ASN B 174 6.85 14.26 -7.74
CA ASN B 174 7.05 15.06 -8.95
C ASN B 174 6.80 16.53 -8.67
N ALA B 175 5.83 16.80 -7.83
CA ALA B 175 5.50 18.17 -7.49
C ALA B 175 6.72 18.84 -6.84
N ILE B 176 7.45 18.08 -6.04
CA ILE B 176 8.62 18.60 -5.37
C ILE B 176 9.68 18.82 -6.45
N ARG B 177 9.88 17.80 -7.28
CA ARG B 177 10.86 17.89 -8.35
C ARG B 177 10.56 19.10 -9.22
N ALA B 178 9.30 19.51 -9.27
CA ALA B 178 8.91 20.67 -10.06
C ALA B 178 9.19 21.98 -9.32
N GLY B 179 9.64 21.86 -8.06
CA GLY B 179 9.95 23.02 -7.25
C GLY B 179 8.83 23.41 -6.28
N PHE B 180 7.68 22.78 -6.40
CA PHE B 180 6.57 23.10 -5.50
C PHE B 180 7.02 22.97 -4.05
N ASP B 181 6.58 23.91 -3.22
CA ASP B 181 6.94 23.90 -1.82
C ASP B 181 6.24 22.74 -1.09
N GLY B 182 5.22 22.19 -1.73
CA GLY B 182 4.48 21.09 -1.14
C GLY B 182 3.30 20.77 -2.02
N ILE B 183 2.39 19.94 -1.51
CA ILE B 183 1.20 19.59 -2.28
C ILE B 183 0.00 19.67 -1.39
N GLU B 184 -1.18 19.67 -1.98
CA GLU B 184 -2.39 19.67 -1.20
C GLU B 184 -3.15 18.47 -1.67
N ILE B 185 -3.79 17.77 -0.74
CA ILE B 185 -4.59 16.62 -1.12
C ILE B 185 -5.98 17.18 -1.32
N HIS B 186 -6.52 16.98 -2.51
CA HIS B 186 -7.84 17.48 -2.79
C HIS B 186 -8.87 16.43 -2.34
N GLY B 187 -9.04 16.27 -1.03
CA GLY B 187 -10.02 15.31 -0.53
C GLY B 187 -11.37 16.00 -0.35
N ALA B 188 -11.69 16.95 -1.23
CA ALA B 188 -12.92 17.70 -1.10
C ALA B 188 -13.82 17.74 -2.33
N HIS B 189 -14.96 18.42 -2.16
CA HIS B 189 -15.90 18.68 -3.24
C HIS B 189 -16.51 17.54 -4.08
N GLY B 190 -16.73 16.38 -3.45
CA GLY B 190 -17.34 15.28 -4.18
C GLY B 190 -16.45 14.52 -5.14
N TYR B 191 -15.16 14.83 -5.14
CA TYR B 191 -14.26 14.12 -6.02
C TYR B 191 -13.81 12.80 -5.39
N LEU B 192 -12.95 12.05 -6.08
CA LEU B 192 -12.55 10.73 -5.61
C LEU B 192 -12.50 10.53 -4.10
N ILE B 193 -11.48 11.05 -3.45
CA ILE B 193 -11.33 10.90 -2.02
C ILE B 193 -12.65 11.14 -1.29
N ASP B 194 -13.29 12.26 -1.59
CA ASP B 194 -14.56 12.60 -0.97
C ASP B 194 -15.59 11.51 -1.27
N GLN B 195 -15.49 10.91 -2.44
CA GLN B 195 -16.39 9.83 -2.84
C GLN B 195 -16.18 8.63 -1.93
N PHE B 196 -15.08 8.60 -1.20
CA PHE B 196 -14.83 7.49 -0.25
C PHE B 196 -15.24 7.95 1.13
N LEU B 197 -15.05 9.24 1.38
CA LEU B 197 -15.40 9.82 2.67
C LEU B 197 -16.89 9.69 2.92
N LYS B 198 -17.64 10.69 2.43
CA LYS B 198 -19.10 10.84 2.54
C LYS B 198 -19.98 9.58 2.59
N ASP B 199 -21.01 9.60 3.44
CA ASP B 199 -21.90 8.45 3.53
C ASP B 199 -23.05 8.56 2.55
N GLY B 200 -23.02 9.61 1.72
CA GLY B 200 -24.04 9.79 0.71
C GLY B 200 -23.54 9.24 -0.62
N ILE B 201 -22.32 8.71 -0.61
CA ILE B 201 -21.71 8.17 -1.82
C ILE B 201 -21.04 6.84 -1.59
N ASN B 202 -20.44 6.68 -0.40
CA ASN B 202 -19.70 5.46 -0.07
C ASN B 202 -20.58 4.25 0.23
N ASP B 203 -20.71 3.36 -0.74
CA ASP B 203 -21.50 2.14 -0.58
C ASP B 203 -20.61 0.92 -0.79
N ARG B 204 -19.69 0.70 0.14
CA ARG B 204 -18.79 -0.44 0.07
C ARG B 204 -19.03 -1.38 1.25
N THR B 205 -18.43 -2.57 1.21
CA THR B 205 -18.59 -3.51 2.30
C THR B 205 -17.21 -3.93 2.81
N ASP B 206 -16.17 -3.55 2.08
CA ASP B 206 -14.83 -3.89 2.51
C ASP B 206 -14.34 -2.87 3.54
N GLN B 207 -13.04 -2.84 3.75
CA GLN B 207 -12.43 -1.94 4.73
C GLN B 207 -12.50 -0.46 4.40
N TYR B 208 -12.85 -0.13 3.17
CA TYR B 208 -12.93 1.28 2.79
C TYR B 208 -14.33 1.85 2.90
N GLY B 209 -15.26 1.04 3.41
CA GLY B 209 -16.62 1.52 3.54
C GLY B 209 -17.28 1.09 4.84
N GLY B 210 -18.49 1.58 5.08
CA GLY B 210 -19.21 1.22 6.30
C GLY B 210 -19.06 2.26 7.39
N SER B 211 -18.08 2.03 8.27
CA SER B 211 -17.82 2.93 9.38
C SER B 211 -17.11 4.21 8.91
N ILE B 212 -17.13 5.23 9.77
CA ILE B 212 -16.47 6.49 9.45
C ILE B 212 -14.98 6.23 9.27
N ALA B 213 -14.44 5.38 10.11
CA ALA B 213 -13.02 5.04 10.03
C ALA B 213 -12.73 4.46 8.65
N ASN B 214 -13.60 3.55 8.19
CA ASN B 214 -13.42 2.92 6.90
C ASN B 214 -13.51 3.94 5.78
N ARG B 215 -14.49 4.83 5.87
CA ARG B 215 -14.67 5.85 4.86
C ARG B 215 -13.47 6.81 4.84
N CYS B 216 -12.75 6.89 5.96
CA CYS B 216 -11.59 7.77 6.02
C CYS B 216 -10.30 7.05 5.64
N ARG B 217 -10.37 5.72 5.60
CA ARG B 217 -9.19 4.92 5.28
C ARG B 217 -8.45 5.41 4.05
N PHE B 218 -9.19 5.61 2.96
CA PHE B 218 -8.55 6.03 1.72
C PHE B 218 -7.78 7.33 1.91
N LEU B 219 -8.45 8.36 2.43
CA LEU B 219 -7.82 9.65 2.67
C LEU B 219 -6.59 9.44 3.56
N LYS B 220 -6.74 8.58 4.56
CA LYS B 220 -5.65 8.30 5.48
C LYS B 220 -4.45 7.71 4.76
N GLN B 221 -4.71 6.73 3.89
CA GLN B 221 -3.64 6.10 3.13
C GLN B 221 -2.99 7.15 2.24
N VAL B 222 -3.80 7.96 1.57
CA VAL B 222 -3.25 9.00 0.71
C VAL B 222 -2.37 9.96 1.52
N VAL B 223 -2.85 10.42 2.67
CA VAL B 223 -2.05 11.34 3.46
C VAL B 223 -0.77 10.61 3.93
N GLU B 224 -0.93 9.40 4.43
CA GLU B 224 0.24 8.64 4.87
C GLU B 224 1.22 8.45 3.73
N GLY B 225 0.69 8.11 2.54
CA GLY B 225 1.58 7.88 1.41
C GLY B 225 2.40 9.11 1.07
N VAL B 226 1.72 10.16 0.65
CA VAL B 226 2.39 11.40 0.28
C VAL B 226 3.28 11.95 1.41
N VAL B 227 2.84 11.77 2.64
CA VAL B 227 3.61 12.22 3.80
C VAL B 227 4.94 11.46 3.88
N SER B 228 4.86 10.14 3.86
CA SER B 228 6.05 9.30 3.93
C SER B 228 6.92 9.58 2.71
N ALA B 229 6.32 10.20 1.71
CA ALA B 229 7.01 10.51 0.48
C ALA B 229 7.71 11.85 0.50
N ILE B 230 7.07 12.88 1.05
CA ILE B 230 7.68 14.20 1.05
C ILE B 230 7.71 14.92 2.39
N GLY B 231 7.17 14.30 3.43
CA GLY B 231 7.16 14.93 4.73
C GLY B 231 5.87 15.67 4.97
N ALA B 232 5.32 15.53 6.17
CA ALA B 232 4.07 16.18 6.55
C ALA B 232 4.08 17.70 6.41
N SER B 233 5.19 18.31 6.79
CA SER B 233 5.30 19.75 6.74
C SER B 233 5.14 20.30 5.34
N LYS B 234 5.11 19.42 4.34
CA LYS B 234 4.94 19.85 2.95
C LYS B 234 3.60 19.36 2.42
N VAL B 235 2.71 18.98 3.33
CA VAL B 235 1.41 18.48 2.91
C VAL B 235 0.23 19.18 3.54
N GLY B 236 -0.66 19.65 2.68
CA GLY B 236 -1.88 20.28 3.13
C GLY B 236 -2.98 19.29 2.80
N VAL B 237 -4.12 19.41 3.45
CA VAL B 237 -5.23 18.51 3.21
C VAL B 237 -6.53 19.33 3.13
N ARG B 238 -7.14 19.35 1.95
CA ARG B 238 -8.39 20.09 1.76
C ARG B 238 -9.59 19.13 1.79
N VAL B 239 -10.53 19.42 2.68
CA VAL B 239 -11.76 18.63 2.78
C VAL B 239 -12.93 19.62 2.81
N SER B 240 -14.16 19.11 2.76
CA SER B 240 -15.35 19.94 2.78
C SER B 240 -16.55 19.06 3.18
N PRO B 241 -16.57 18.61 4.44
CA PRO B 241 -17.62 17.75 4.99
C PRO B 241 -19.04 18.27 4.79
N ALA B 242 -19.18 19.58 4.61
CA ALA B 242 -20.49 20.19 4.46
C ALA B 242 -20.74 20.82 3.11
N ILE B 243 -19.94 20.46 2.12
CA ILE B 243 -20.14 20.96 0.79
C ILE B 243 -20.78 19.80 0.05
N ASP B 244 -21.88 20.06 -0.66
CA ASP B 244 -22.57 19.02 -1.39
C ASP B 244 -22.29 19.10 -2.89
N HIS B 245 -21.08 19.50 -3.23
CA HIS B 245 -20.68 19.60 -4.63
C HIS B 245 -20.67 18.19 -5.22
N LEU B 246 -21.33 18.03 -6.36
CA LEU B 246 -21.36 16.74 -7.04
C LEU B 246 -22.05 15.64 -6.27
N ASP B 247 -23.19 15.97 -5.65
CA ASP B 247 -23.97 15.00 -4.89
C ASP B 247 -23.15 14.28 -3.85
N ALA B 248 -22.39 15.05 -3.08
CA ALA B 248 -21.55 14.49 -2.04
C ALA B 248 -21.94 15.04 -0.69
N THR B 249 -22.82 14.35 0.01
CA THR B 249 -23.21 14.83 1.32
C THR B 249 -23.07 13.71 2.34
N ASP B 250 -22.92 14.11 3.60
CA ASP B 250 -22.81 13.16 4.69
C ASP B 250 -23.93 13.51 5.64
N SER B 251 -24.67 12.49 6.08
CA SER B 251 -25.78 12.71 7.01
C SER B 251 -25.31 13.38 8.30
N ASP B 252 -23.99 13.45 8.48
CA ASP B 252 -23.44 14.07 9.69
C ASP B 252 -22.05 14.64 9.39
N PRO B 253 -22.02 15.80 8.73
CA PRO B 253 -20.75 16.46 8.37
C PRO B 253 -19.75 16.61 9.52
N LEU B 254 -20.22 17.14 10.65
CA LEU B 254 -19.35 17.35 11.80
C LEU B 254 -18.56 16.11 12.18
N SER B 255 -19.27 15.00 12.37
CA SER B 255 -18.59 13.77 12.76
C SER B 255 -17.57 13.33 11.72
N LEU B 256 -17.92 13.44 10.45
CA LEU B 256 -16.99 13.07 9.39
C LEU B 256 -15.79 14.00 9.44
N GLY B 257 -16.06 15.28 9.71
CA GLY B 257 -14.98 16.26 9.78
C GLY B 257 -14.07 16.00 10.96
N LEU B 258 -14.65 15.60 12.09
CA LEU B 258 -13.87 15.34 13.29
C LEU B 258 -13.06 14.08 13.14
N ALA B 259 -13.64 13.08 12.47
CA ALA B 259 -12.96 11.83 12.22
C ALA B 259 -11.77 12.18 11.36
N VAL B 260 -11.97 13.06 10.40
CA VAL B 260 -10.88 13.47 9.52
C VAL B 260 -9.83 14.20 10.34
N VAL B 261 -10.26 15.18 11.11
CA VAL B 261 -9.33 15.94 11.93
C VAL B 261 -8.62 14.98 12.88
N GLY B 262 -9.39 14.08 13.48
CA GLY B 262 -8.83 13.14 14.43
C GLY B 262 -7.80 12.27 13.75
N MET B 263 -8.14 11.80 12.56
CA MET B 263 -7.24 10.95 11.81
C MET B 263 -5.96 11.73 11.51
N LEU B 264 -6.11 13.01 11.15
CA LEU B 264 -4.95 13.84 10.85
C LEU B 264 -4.13 14.13 12.11
N ASN B 265 -4.79 14.42 13.23
CA ASN B 265 -4.05 14.70 14.46
C ASN B 265 -3.31 13.43 14.88
N LYS B 266 -4.00 12.30 14.80
CA LYS B 266 -3.42 11.02 15.18
C LYS B 266 -2.22 10.74 14.29
N LEU B 267 -2.36 11.06 13.01
CA LEU B 267 -1.29 10.85 12.04
C LEU B 267 -0.08 11.72 12.38
N GLN B 268 -0.34 13.00 12.61
CA GLN B 268 0.74 13.92 12.95
C GLN B 268 1.46 13.39 14.17
N GLY B 269 0.71 12.73 15.06
CA GLY B 269 1.32 12.16 16.25
C GLY B 269 2.07 10.87 15.95
N VAL B 270 2.51 10.73 14.69
CA VAL B 270 3.24 9.55 14.25
C VAL B 270 4.51 9.91 13.49
N ASN B 271 4.47 11.02 12.76
CA ASN B 271 5.64 11.46 11.96
C ASN B 271 6.47 12.59 12.58
N GLY B 272 6.15 12.97 13.82
CA GLY B 272 6.90 14.02 14.48
C GLY B 272 6.75 15.41 13.88
N SER B 273 5.64 15.62 13.18
CA SER B 273 5.37 16.92 12.57
C SER B 273 3.95 16.99 12.02
N LYS B 274 3.36 18.17 12.14
CA LYS B 274 2.01 18.40 11.67
C LYS B 274 2.06 18.64 10.16
N LEU B 275 0.90 18.49 9.53
CA LEU B 275 0.79 18.76 8.12
C LEU B 275 1.01 20.27 8.01
N ALA B 276 1.16 20.76 6.79
CA ALA B 276 1.36 22.19 6.59
C ALA B 276 0.07 22.87 7.02
N TYR B 277 -1.06 22.19 6.80
CA TYR B 277 -2.34 22.75 7.19
C TYR B 277 -3.50 21.84 6.81
N LEU B 278 -4.66 22.17 7.36
CA LEU B 278 -5.91 21.52 7.07
C LEU B 278 -6.68 22.64 6.38
N HIS B 279 -7.25 22.31 5.22
CA HIS B 279 -7.97 23.27 4.41
C HIS B 279 -9.40 22.75 4.30
N VAL B 280 -10.37 23.60 4.67
CA VAL B 280 -11.77 23.20 4.65
C VAL B 280 -12.60 24.22 3.92
N THR B 281 -13.47 23.70 3.04
CA THR B 281 -14.37 24.54 2.28
C THR B 281 -15.66 24.54 3.04
N GLN B 282 -16.17 25.72 3.34
CA GLN B 282 -17.41 25.78 4.04
C GLN B 282 -18.50 26.17 3.08
N PRO B 283 -19.72 25.70 3.33
CA PRO B 283 -20.85 26.04 2.47
C PRO B 283 -21.25 27.47 2.84
N ARG B 284 -22.09 28.07 2.00
CA ARG B 284 -22.59 29.42 2.23
C ARG B 284 -24.00 29.43 1.70
N TYR B 285 -24.96 29.34 2.60
CA TYR B 285 -26.36 29.29 2.19
C TYR B 285 -26.73 30.54 1.42
N HIS B 286 -27.84 30.43 0.69
CA HIS B 286 -28.36 31.54 -0.10
C HIS B 286 -29.32 32.31 0.80
N ALA B 287 -29.02 33.58 1.04
CA ALA B 287 -29.88 34.41 1.88
C ALA B 287 -30.96 35.08 1.04
N TYR B 288 -32.03 35.50 1.70
CA TYR B 288 -33.13 36.18 1.01
C TYR B 288 -33.05 37.68 1.27
N ASP B 299 -23.58 31.50 8.22
CA ASP B 299 -24.51 31.63 9.33
C ASP B 299 -23.89 31.21 10.66
N GLU B 300 -24.73 30.68 11.54
CA GLU B 300 -24.31 30.22 12.86
C GLU B 300 -23.85 28.76 12.79
N GLU B 301 -24.66 27.91 12.17
CA GLU B 301 -24.32 26.49 12.04
C GLU B 301 -23.13 26.23 11.11
N GLU B 302 -22.86 27.18 10.23
CA GLU B 302 -21.73 27.06 9.30
C GLU B 302 -20.44 27.38 10.02
N ALA B 303 -20.45 28.50 10.72
CA ALA B 303 -19.29 28.94 11.47
C ALA B 303 -18.99 27.96 12.58
N LYS B 304 -20.04 27.36 13.13
CA LYS B 304 -19.90 26.41 14.23
C LYS B 304 -19.16 25.15 13.79
N LEU B 305 -19.55 24.61 12.63
CA LEU B 305 -18.89 23.41 12.14
C LEU B 305 -17.41 23.74 11.92
N MET B 306 -17.16 24.85 11.24
CA MET B 306 -15.80 25.28 10.95
C MET B 306 -14.98 25.48 12.20
N LYS B 307 -15.56 26.17 13.17
CA LYS B 307 -14.85 26.45 14.41
C LYS B 307 -14.58 25.15 15.16
N SER B 308 -15.53 24.23 15.07
CA SER B 308 -15.40 22.93 15.71
C SER B 308 -14.22 22.21 15.08
N LEU B 309 -14.16 22.23 13.75
CA LEU B 309 -13.10 21.55 13.04
C LEU B 309 -11.77 22.23 13.37
N ARG B 310 -11.80 23.56 13.37
CA ARG B 310 -10.60 24.32 13.64
C ARG B 310 -10.00 24.00 15.01
N MET B 311 -10.80 24.12 16.06
CA MET B 311 -10.31 23.83 17.40
C MET B 311 -9.88 22.37 17.55
N ALA B 312 -10.64 21.47 16.94
CA ALA B 312 -10.32 20.04 17.03
C ALA B 312 -9.02 19.71 16.35
N TYR B 313 -8.70 20.44 15.29
CA TYR B 313 -7.48 20.21 14.55
C TYR B 313 -6.23 20.82 15.18
N ASN B 314 -5.21 20.00 15.33
CA ASN B 314 -3.95 20.47 15.90
C ASN B 314 -3.06 20.97 14.76
N GLY B 315 -3.23 22.23 14.37
CA GLY B 315 -2.41 22.74 13.30
C GLY B 315 -2.98 23.99 12.65
N THR B 316 -2.49 24.26 11.46
CA THR B 316 -2.90 25.44 10.73
C THR B 316 -4.26 25.22 10.07
N PHE B 317 -5.13 26.20 10.21
CA PHE B 317 -6.45 26.07 9.62
C PHE B 317 -6.67 27.12 8.56
N MET B 318 -6.90 26.67 7.34
CA MET B 318 -7.14 27.58 6.25
C MET B 318 -8.61 27.51 5.92
N SER B 319 -9.31 28.64 6.06
CA SER B 319 -10.72 28.70 5.75
C SER B 319 -10.90 28.93 4.28
N SER B 320 -12.01 28.42 3.73
CA SER B 320 -12.28 28.60 2.32
C SER B 320 -13.78 28.50 2.02
N GLY B 321 -14.27 29.34 1.11
CA GLY B 321 -15.67 29.27 0.75
C GLY B 321 -16.56 30.26 1.48
N GLY B 322 -17.07 31.22 0.73
CA GLY B 322 -17.93 32.25 1.26
C GLY B 322 -17.26 33.44 1.91
N PHE B 323 -16.03 33.77 1.49
CA PHE B 323 -15.31 34.90 2.08
C PHE B 323 -15.04 36.06 1.16
N ASN B 324 -14.76 37.19 1.78
CA ASN B 324 -14.37 38.42 1.10
C ASN B 324 -13.34 38.99 2.06
N LYS B 325 -12.83 40.18 1.81
CA LYS B 325 -11.84 40.73 2.73
C LYS B 325 -12.31 40.76 4.17
N GLU B 326 -13.49 41.36 4.42
CA GLU B 326 -14.03 41.49 5.76
C GLU B 326 -14.21 40.17 6.52
N LEU B 327 -14.80 39.19 5.85
CA LEU B 327 -15.01 37.88 6.47
C LEU B 327 -13.69 37.22 6.82
N GLY B 328 -12.66 37.47 6.00
CA GLY B 328 -11.37 36.88 6.24
C GLY B 328 -10.71 37.47 7.48
N MET B 329 -10.87 38.78 7.65
CA MET B 329 -10.32 39.52 8.78
C MET B 329 -10.93 39.01 10.08
N GLN B 330 -12.20 38.65 10.03
CA GLN B 330 -12.90 38.14 11.20
C GLN B 330 -12.39 36.72 11.52
N ALA B 331 -12.20 35.90 10.47
CA ALA B 331 -11.70 34.55 10.64
C ALA B 331 -10.30 34.61 11.28
N VAL B 332 -9.48 35.58 10.85
CA VAL B 332 -8.16 35.70 11.43
C VAL B 332 -8.23 36.30 12.85
N GLN B 333 -8.78 37.50 12.95
CA GLN B 333 -8.92 38.20 14.23
C GLN B 333 -9.60 37.34 15.30
N GLN B 334 -10.77 36.79 14.98
CA GLN B 334 -11.55 35.97 15.89
C GLN B 334 -10.93 34.59 16.19
N GLY B 335 -9.82 34.27 15.53
CA GLY B 335 -9.18 32.99 15.75
C GLY B 335 -9.91 31.85 15.05
N ASP B 336 -10.67 32.18 14.02
CA ASP B 336 -11.41 31.18 13.26
C ASP B 336 -10.55 30.43 12.23
N ALA B 337 -9.36 30.94 11.95
CA ALA B 337 -8.49 30.30 10.97
C ALA B 337 -7.16 31.03 10.99
N ASP B 338 -6.13 30.40 10.44
CA ASP B 338 -4.83 31.07 10.37
C ASP B 338 -4.70 31.67 8.99
N LEU B 339 -5.26 30.96 8.01
CA LEU B 339 -5.22 31.36 6.63
C LEU B 339 -6.63 31.30 6.07
N VAL B 340 -6.84 32.07 5.00
CA VAL B 340 -8.12 32.12 4.34
C VAL B 340 -7.86 32.17 2.85
N SER B 341 -8.19 31.08 2.15
CA SER B 341 -7.98 31.04 0.71
C SER B 341 -9.16 31.72 0.03
N TYR B 342 -8.89 32.32 -1.11
CA TYR B 342 -9.90 33.04 -1.87
C TYR B 342 -9.92 32.53 -3.29
N GLY B 343 -11.11 32.11 -3.74
CA GLY B 343 -11.24 31.60 -5.08
C GLY B 343 -11.87 32.61 -6.01
N ARG B 344 -13.19 32.71 -6.00
CA ARG B 344 -13.83 33.65 -6.90
C ARG B 344 -13.08 34.97 -7.11
N LEU B 345 -12.52 35.54 -6.04
CA LEU B 345 -11.79 36.80 -6.13
C LEU B 345 -10.38 36.69 -6.68
N PHE B 346 -9.61 35.70 -6.24
CA PHE B 346 -8.25 35.58 -6.74
C PHE B 346 -8.24 35.28 -8.23
N ILE B 347 -9.40 35.35 -8.87
CA ILE B 347 -9.47 35.11 -10.30
C ILE B 347 -9.24 36.41 -11.09
N ALA B 348 -10.02 37.44 -10.75
CA ALA B 348 -9.99 38.74 -11.43
C ALA B 348 -9.10 39.77 -10.77
N ASN B 349 -8.64 39.47 -9.57
CA ASN B 349 -7.81 40.38 -8.82
C ASN B 349 -6.50 39.69 -8.51
N PRO B 350 -5.61 39.66 -9.48
CA PRO B 350 -4.31 39.01 -9.29
C PRO B 350 -3.61 39.64 -8.11
N ASP B 351 -3.99 40.88 -7.84
CA ASP B 351 -3.41 41.66 -6.75
C ASP B 351 -4.44 41.82 -5.65
N LEU B 352 -5.09 40.72 -5.30
CA LEU B 352 -6.12 40.76 -4.27
C LEU B 352 -5.53 41.29 -2.98
N VAL B 353 -4.40 40.74 -2.56
CA VAL B 353 -3.78 41.16 -1.32
C VAL B 353 -3.58 42.66 -1.28
N SER B 354 -2.91 43.20 -2.28
CA SER B 354 -2.67 44.63 -2.34
C SER B 354 -4.01 45.38 -2.42
N ARG B 355 -5.01 44.80 -3.06
CA ARG B 355 -6.30 45.48 -3.14
C ARG B 355 -6.93 45.50 -1.76
N PHE B 356 -6.97 44.35 -1.10
CA PHE B 356 -7.54 44.29 0.25
C PHE B 356 -6.87 45.30 1.16
N LYS B 357 -5.55 45.35 1.12
CA LYS B 357 -4.83 46.31 1.95
C LYS B 357 -5.33 47.75 1.78
N ILE B 358 -5.31 48.24 0.54
CA ILE B 358 -5.76 49.61 0.28
C ILE B 358 -7.28 49.69 0.30
N ASP B 359 -7.92 48.56 0.58
CA ASP B 359 -9.38 48.50 0.61
C ASP B 359 -9.86 49.06 -0.73
N GLY B 360 -9.12 48.71 -1.78
CA GLY B 360 -9.45 49.18 -3.10
C GLY B 360 -10.59 48.42 -3.72
N GLU B 361 -11.14 48.96 -4.81
CA GLU B 361 -12.22 48.29 -5.50
C GLU B 361 -11.64 47.01 -6.10
N LEU B 362 -12.50 46.03 -6.31
CA LEU B 362 -12.06 44.74 -6.85
C LEU B 362 -12.58 44.50 -8.27
N ASN B 363 -11.78 43.84 -9.09
CA ASN B 363 -12.22 43.51 -10.45
C ASN B 363 -13.36 42.50 -10.30
N LYS B 364 -14.32 42.55 -11.22
CA LYS B 364 -15.42 41.60 -11.17
C LYS B 364 -15.03 40.38 -11.98
N TYR B 365 -15.17 39.18 -11.41
CA TYR B 365 -14.84 37.97 -12.15
C TYR B 365 -15.97 37.60 -13.09
N ASN B 366 -15.65 36.80 -14.10
CA ASN B 366 -16.64 36.38 -15.07
C ASN B 366 -16.49 34.88 -15.31
N ARG B 367 -17.50 34.11 -14.92
CA ARG B 367 -17.49 32.66 -15.08
C ARG B 367 -17.26 32.19 -16.50
N LYS B 368 -17.38 33.11 -17.45
CA LYS B 368 -17.23 32.77 -18.85
C LYS B 368 -15.86 32.23 -19.22
N THR B 369 -14.80 32.89 -18.78
CA THR B 369 -13.48 32.40 -19.13
C THR B 369 -12.83 31.61 -17.98
N PHE B 370 -13.65 31.18 -17.03
CA PHE B 370 -13.15 30.39 -15.92
C PHE B 370 -12.48 29.10 -16.40
N TYR B 371 -13.12 28.44 -17.36
CA TYR B 371 -12.65 27.16 -17.86
C TYR B 371 -12.30 27.10 -19.34
N THR B 372 -12.03 28.25 -19.93
CA THR B 372 -11.66 28.33 -21.33
C THR B 372 -10.15 28.16 -21.43
N GLN B 373 -9.63 27.98 -22.64
CA GLN B 373 -8.20 27.79 -22.83
C GLN B 373 -7.38 29.02 -23.16
N ASP B 374 -8.04 30.12 -23.50
CA ASP B 374 -7.30 31.33 -23.86
C ASP B 374 -6.31 31.70 -22.77
N PRO B 375 -5.00 31.61 -23.08
CA PRO B 375 -3.95 31.93 -22.12
C PRO B 375 -3.90 33.40 -21.71
N VAL B 376 -4.89 34.18 -22.12
CA VAL B 376 -4.92 35.61 -21.79
C VAL B 376 -6.28 36.08 -21.28
N VAL B 377 -7.27 36.04 -22.18
CA VAL B 377 -8.62 36.48 -21.89
C VAL B 377 -9.24 35.78 -20.68
N GLY B 378 -9.58 36.58 -19.69
CA GLY B 378 -10.17 36.05 -18.47
C GLY B 378 -9.20 35.20 -17.68
N TYR B 379 -7.90 35.35 -17.94
CA TYR B 379 -6.92 34.56 -17.23
C TYR B 379 -5.81 35.43 -16.66
N THR B 380 -5.08 36.10 -17.55
CA THR B 380 -3.99 36.98 -17.13
C THR B 380 -4.27 38.41 -17.54
N ASP B 381 -5.42 38.64 -18.21
CA ASP B 381 -5.74 39.98 -18.65
C ASP B 381 -6.57 40.77 -17.65
N TYR B 382 -6.56 40.33 -16.40
CA TYR B 382 -7.25 41.07 -15.34
C TYR B 382 -6.19 42.07 -14.88
N PRO B 383 -6.58 43.34 -14.77
CA PRO B 383 -5.63 44.37 -14.35
C PRO B 383 -5.40 44.51 -12.85
N PHE B 384 -4.22 45.02 -12.52
CA PHE B 384 -3.85 45.27 -11.13
C PHE B 384 -4.08 46.77 -10.95
N LEU B 385 -4.26 47.21 -9.71
CA LEU B 385 -4.44 48.63 -9.46
C LEU B 385 -3.13 49.32 -9.84
N SER A 8 12.84 -14.68 -23.32
CA SER A 8 11.64 -13.79 -23.45
C SER A 8 12.03 -12.37 -23.09
N ASN A 9 11.06 -11.46 -23.15
CA ASN A 9 11.29 -10.06 -22.79
C ASN A 9 10.63 -9.80 -21.44
N GLU A 10 10.39 -10.89 -20.72
CA GLU A 10 9.77 -10.83 -19.40
C GLU A 10 10.85 -10.63 -18.36
N THR A 11 10.53 -9.89 -17.32
CA THR A 11 11.49 -9.65 -16.25
C THR A 11 10.80 -9.72 -14.89
N LEU A 12 11.54 -9.34 -13.85
CA LEU A 12 11.03 -9.33 -12.50
C LEU A 12 9.90 -8.33 -12.36
N PHE A 13 9.76 -7.46 -13.35
CA PHE A 13 8.72 -6.44 -13.26
C PHE A 13 7.54 -6.69 -14.17
N SER A 14 7.53 -7.86 -14.80
CA SER A 14 6.44 -8.23 -15.66
C SER A 14 5.33 -8.77 -14.78
N SER A 15 4.08 -8.44 -15.12
CA SER A 15 2.95 -8.91 -14.36
C SER A 15 2.89 -10.41 -14.52
N TYR A 16 2.07 -11.06 -13.72
CA TYR A 16 1.94 -12.50 -13.79
C TYR A 16 0.61 -12.91 -13.19
N LYS A 17 0.06 -14.01 -13.70
CA LYS A 17 -1.20 -14.53 -13.20
C LYS A 17 -0.99 -15.85 -12.47
N MET A 18 -1.34 -15.85 -11.20
CA MET A 18 -1.23 -17.03 -10.34
C MET A 18 -2.65 -17.38 -9.93
N GLY A 19 -3.30 -18.19 -10.77
CA GLY A 19 -4.67 -18.57 -10.49
C GLY A 19 -5.48 -17.30 -10.37
N ARG A 20 -6.16 -17.15 -9.24
CA ARG A 20 -7.01 -15.97 -8.98
C ARG A 20 -6.22 -14.68 -8.79
N PHE A 21 -4.97 -14.80 -8.38
CA PHE A 21 -4.13 -13.64 -8.12
C PHE A 21 -3.34 -13.14 -9.31
N ASP A 22 -3.36 -11.83 -9.51
CA ASP A 22 -2.63 -11.17 -10.57
C ASP A 22 -1.50 -10.39 -9.93
N LEU A 23 -0.27 -10.83 -10.13
CA LEU A 23 0.88 -10.13 -9.57
C LEU A 23 1.37 -9.10 -10.57
N SER A 24 2.11 -8.12 -10.08
CA SER A 24 2.62 -7.07 -10.96
C SER A 24 4.11 -7.18 -11.14
N HIS A 25 4.72 -8.13 -10.43
CA HIS A 25 6.15 -8.32 -10.53
C HIS A 25 6.53 -9.67 -9.92
N ARG A 26 7.77 -10.10 -10.19
CA ARG A 26 8.26 -11.41 -9.75
C ARG A 26 8.98 -11.42 -8.41
N VAL A 27 8.94 -10.28 -7.71
CA VAL A 27 9.58 -10.14 -6.42
C VAL A 27 8.62 -10.61 -5.35
N VAL A 28 8.96 -11.74 -4.75
CA VAL A 28 8.13 -12.35 -3.73
C VAL A 28 8.78 -12.20 -2.36
N LEU A 29 7.96 -11.86 -1.36
CA LEU A 29 8.50 -11.77 -0.03
C LEU A 29 8.50 -13.20 0.49
N ALA A 30 9.65 -13.86 0.39
CA ALA A 30 9.83 -15.23 0.86
C ALA A 30 9.42 -15.34 2.32
N PRO A 31 8.97 -16.54 2.74
CA PRO A 31 8.54 -16.78 4.12
C PRO A 31 9.78 -16.70 4.98
N MET A 32 9.74 -15.95 6.08
CA MET A 32 10.93 -15.85 6.90
C MET A 32 10.75 -15.86 8.40
N THR A 33 11.40 -16.82 9.04
CA THR A 33 11.36 -16.91 10.49
C THR A 33 12.09 -15.67 10.99
N ARG A 34 11.41 -14.87 11.82
CA ARG A 34 12.01 -13.64 12.35
C ARG A 34 11.82 -13.62 13.87
N CYS A 35 10.92 -14.46 14.35
CA CYS A 35 10.68 -14.58 15.79
C CYS A 35 10.16 -13.33 16.48
N ARG A 36 9.11 -12.72 15.93
CA ARG A 36 8.54 -11.54 16.57
C ARG A 36 7.16 -11.84 17.13
N ALA A 37 6.53 -12.89 16.63
CA ALA A 37 5.20 -13.25 17.11
C ALA A 37 5.37 -13.72 18.55
N LEU A 38 5.58 -12.74 19.42
CA LEU A 38 5.80 -12.99 20.84
C LEU A 38 4.76 -13.91 21.42
N ASN A 39 5.22 -15.00 22.01
CA ASN A 39 4.33 -15.98 22.62
C ASN A 39 3.45 -16.66 21.59
N GLY A 40 3.93 -16.69 20.36
CA GLY A 40 3.20 -17.35 19.29
C GLY A 40 2.00 -16.64 18.70
N VAL A 41 1.80 -15.38 19.04
CA VAL A 41 0.66 -14.66 18.49
C VAL A 41 1.12 -13.50 17.61
N PRO A 42 0.54 -13.37 16.41
CA PRO A 42 0.87 -12.29 15.48
C PRO A 42 0.57 -10.96 16.19
N ASN A 43 1.16 -9.88 15.72
CA ASN A 43 0.94 -8.61 16.38
C ASN A 43 1.15 -7.45 15.39
N ALA A 44 1.03 -6.23 15.90
CA ALA A 44 1.20 -5.05 15.07
C ALA A 44 2.62 -4.90 14.56
N ALA A 45 3.56 -5.58 15.17
CA ALA A 45 4.94 -5.50 14.73
C ALA A 45 5.04 -6.28 13.41
N LEU A 46 4.34 -7.41 13.33
CA LEU A 46 4.31 -8.21 12.11
C LEU A 46 3.46 -7.46 11.08
N ALA A 47 2.53 -6.64 11.56
CA ALA A 47 1.67 -5.87 10.65
C ALA A 47 2.55 -4.86 9.91
N GLU A 48 3.28 -4.05 10.66
CA GLU A 48 4.16 -3.06 10.07
C GLU A 48 5.16 -3.72 9.14
N TYR A 49 5.75 -4.81 9.63
CA TYR A 49 6.76 -5.54 8.88
C TYR A 49 6.28 -5.91 7.49
N TYR A 50 5.16 -6.64 7.42
CA TYR A 50 4.63 -7.05 6.13
C TYR A 50 4.06 -5.88 5.37
N ALA A 51 3.79 -4.78 6.08
CA ALA A 51 3.28 -3.58 5.44
C ALA A 51 4.44 -2.93 4.69
N GLN A 52 5.59 -2.79 5.35
CA GLN A 52 6.75 -2.18 4.69
C GLN A 52 7.22 -2.94 3.47
N ARG A 53 6.81 -4.20 3.36
CA ARG A 53 7.25 -5.00 2.24
C ARG A 53 6.19 -5.27 1.21
N THR A 54 4.96 -4.80 1.45
CA THR A 54 3.89 -5.06 0.50
C THR A 54 3.82 -3.98 -0.56
N THR A 55 3.55 -4.43 -1.78
CA THR A 55 3.42 -3.58 -2.95
C THR A 55 2.15 -4.00 -3.68
N PRO A 56 1.58 -3.10 -4.49
CA PRO A 56 0.36 -3.48 -5.20
C PRO A 56 0.67 -4.66 -6.14
N GLY A 57 -0.17 -5.68 -6.12
CA GLY A 57 0.06 -6.82 -6.97
C GLY A 57 1.34 -7.59 -6.61
N GLY A 58 1.87 -7.35 -5.41
CA GLY A 58 3.08 -8.05 -4.96
C GLY A 58 2.74 -9.24 -4.07
N PHE A 59 3.45 -10.35 -4.24
CA PHE A 59 3.19 -11.54 -3.45
C PHE A 59 4.08 -11.63 -2.20
N LEU A 60 3.50 -12.09 -1.10
CA LEU A 60 4.25 -12.23 0.12
C LEU A 60 3.97 -13.58 0.74
N ILE A 61 5.01 -14.20 1.26
CA ILE A 61 4.84 -15.48 1.94
C ILE A 61 5.25 -15.18 3.39
N SER A 62 4.36 -15.54 4.32
CA SER A 62 4.62 -15.27 5.72
C SER A 62 5.67 -16.18 6.29
N GLU A 63 6.31 -15.67 7.34
CA GLU A 63 7.29 -16.44 8.09
C GLU A 63 6.61 -17.77 8.38
N GLY A 64 7.39 -18.82 8.57
CA GLY A 64 6.80 -20.11 8.90
C GLY A 64 5.86 -19.94 10.07
N THR A 65 4.72 -20.60 10.01
CA THR A 65 3.71 -20.48 11.05
C THR A 65 3.28 -21.84 11.60
N MET A 66 3.23 -21.95 12.93
CA MET A 66 2.86 -23.21 13.56
C MET A 66 1.48 -23.69 13.14
N VAL A 67 1.35 -25.00 12.91
CA VAL A 67 0.06 -25.60 12.55
C VAL A 67 -0.54 -26.34 13.76
N SER A 68 0.24 -26.51 14.80
CA SER A 68 -0.24 -27.20 15.99
C SER A 68 0.75 -26.99 17.12
N PRO A 69 0.35 -27.30 18.36
CA PRO A 69 1.33 -27.10 19.42
C PRO A 69 2.44 -28.13 19.16
N GLY A 70 3.68 -27.75 19.46
CA GLY A 70 4.78 -28.68 19.24
C GLY A 70 5.36 -28.61 17.85
N SER A 71 4.71 -27.87 16.95
CA SER A 71 5.18 -27.73 15.58
C SER A 71 6.30 -26.68 15.41
N ALA A 72 6.61 -25.95 16.47
CA ALA A 72 7.65 -24.91 16.40
C ALA A 72 9.03 -25.39 16.84
N GLY A 73 10.05 -24.75 16.30
CA GLY A 73 11.41 -25.09 16.64
C GLY A 73 12.21 -23.82 16.87
N PHE A 74 11.51 -22.69 16.87
CA PHE A 74 12.11 -21.39 17.08
C PHE A 74 11.27 -20.63 18.08
N PRO A 75 11.87 -19.62 18.72
CA PRO A 75 11.12 -18.84 19.71
C PRO A 75 10.24 -17.80 19.05
N HIS A 76 9.09 -17.55 19.65
CA HIS A 76 8.17 -16.52 19.16
C HIS A 76 7.80 -16.57 17.68
N VAL A 77 7.34 -17.74 17.24
CA VAL A 77 6.91 -17.87 15.87
C VAL A 77 5.40 -17.92 15.93
N PRO A 78 4.73 -17.31 14.95
CA PRO A 78 3.26 -17.33 14.97
C PRO A 78 2.65 -18.69 14.65
N GLY A 79 1.43 -18.86 15.11
CA GLY A 79 0.69 -20.08 14.83
C GLY A 79 -0.59 -19.68 14.13
N ILE A 80 -1.29 -20.64 13.56
CA ILE A 80 -2.55 -20.37 12.89
C ILE A 80 -3.50 -21.54 13.14
N TYR A 81 -3.29 -22.21 14.28
CA TYR A 81 -4.12 -23.34 14.63
C TYR A 81 -5.20 -22.97 15.66
N SER A 82 -5.05 -21.80 16.28
CA SER A 82 -5.99 -21.35 17.29
C SER A 82 -6.76 -20.10 16.89
N ASP A 83 -7.91 -19.91 17.53
CA ASP A 83 -8.74 -18.74 17.28
C ASP A 83 -8.02 -17.44 17.64
N GLU A 84 -7.31 -17.45 18.75
CA GLU A 84 -6.60 -16.26 19.18
C GLU A 84 -5.61 -15.82 18.09
N GLN A 85 -4.97 -16.77 17.41
CA GLN A 85 -4.01 -16.43 16.37
C GLN A 85 -4.71 -15.99 15.11
N VAL A 86 -5.78 -16.67 14.76
CA VAL A 86 -6.54 -16.31 13.58
C VAL A 86 -6.94 -14.85 13.62
N GLU A 87 -7.38 -14.38 14.79
CA GLU A 87 -7.80 -13.00 14.94
C GLU A 87 -6.62 -12.04 14.93
N ALA A 88 -5.54 -12.41 15.58
CA ALA A 88 -4.38 -11.55 15.63
C ALA A 88 -3.67 -11.45 14.27
N TRP A 89 -3.90 -12.43 13.40
CA TRP A 89 -3.30 -12.45 12.06
C TRP A 89 -4.01 -11.46 11.14
N LYS A 90 -5.31 -11.27 11.38
CA LYS A 90 -6.13 -10.38 10.57
C LYS A 90 -5.53 -9.00 10.32
N GLN A 91 -4.96 -8.42 11.38
CA GLN A 91 -4.38 -7.10 11.28
C GLN A 91 -3.23 -7.13 10.30
N VAL A 92 -2.46 -8.21 10.31
CA VAL A 92 -1.32 -8.33 9.41
C VAL A 92 -1.82 -8.43 7.98
N VAL A 93 -2.72 -9.38 7.77
CA VAL A 93 -3.31 -9.62 6.46
C VAL A 93 -4.02 -8.38 5.92
N GLU A 94 -4.79 -7.70 6.78
CA GLU A 94 -5.50 -6.49 6.36
C GLU A 94 -4.50 -5.40 5.95
N ALA A 95 -3.38 -5.34 6.67
CA ALA A 95 -2.38 -4.34 6.40
C ALA A 95 -1.76 -4.60 5.03
N VAL A 96 -1.62 -5.88 4.70
CA VAL A 96 -1.04 -6.25 3.42
C VAL A 96 -2.05 -5.98 2.32
N HIS A 97 -3.29 -6.40 2.54
CA HIS A 97 -4.30 -6.18 1.52
C HIS A 97 -4.60 -4.69 1.35
N ALA A 98 -4.47 -3.93 2.44
CA ALA A 98 -4.72 -2.50 2.36
C ALA A 98 -3.74 -1.89 1.38
N LYS A 99 -2.56 -2.48 1.29
CA LYS A 99 -1.55 -1.96 0.38
C LYS A 99 -1.48 -2.70 -0.94
N GLY A 100 -2.50 -3.53 -1.19
CA GLY A 100 -2.57 -4.26 -2.46
C GLY A 100 -1.74 -5.49 -2.68
N GLY A 101 -1.25 -6.11 -1.62
CA GLY A 101 -0.45 -7.30 -1.81
C GLY A 101 -1.22 -8.58 -1.51
N PHE A 102 -0.65 -9.71 -1.93
CA PHE A 102 -1.24 -11.00 -1.62
C PHE A 102 -0.30 -11.62 -0.61
N ILE A 103 -0.86 -12.35 0.34
CA ILE A 103 -0.02 -12.97 1.32
C ILE A 103 -0.46 -14.39 1.63
N PHE A 104 0.50 -15.31 1.57
CA PHE A 104 0.23 -16.68 1.89
C PHE A 104 0.87 -16.96 3.23
N CYS A 105 0.18 -17.75 4.04
CA CYS A 105 0.70 -18.12 5.34
C CYS A 105 1.45 -19.43 5.16
N GLN A 106 2.71 -19.46 5.55
CA GLN A 106 3.44 -20.71 5.42
C GLN A 106 3.19 -21.59 6.65
N LEU A 107 2.50 -22.70 6.42
CA LEU A 107 2.20 -23.65 7.47
C LEU A 107 3.51 -24.40 7.69
N TRP A 108 4.03 -24.28 8.91
CA TRP A 108 5.32 -24.84 9.21
C TRP A 108 5.37 -25.72 10.43
N HIS A 109 5.78 -26.97 10.21
CA HIS A 109 5.96 -27.90 11.31
C HIS A 109 7.41 -28.33 11.21
N VAL A 110 8.16 -28.06 12.27
CA VAL A 110 9.59 -28.37 12.31
C VAL A 110 9.93 -29.83 12.51
N GLY A 111 8.94 -30.63 12.87
CA GLY A 111 9.21 -32.04 13.09
C GLY A 111 10.28 -32.17 14.15
N ARG A 112 11.27 -33.01 13.89
CA ARG A 112 12.34 -33.24 14.85
C ARG A 112 13.18 -32.00 15.17
N ALA A 113 13.17 -31.02 14.27
CA ALA A 113 13.95 -29.81 14.49
C ALA A 113 13.27 -28.92 15.51
N SER A 114 13.18 -29.42 16.74
CA SER A 114 12.55 -28.67 17.83
C SER A 114 13.26 -29.00 19.13
N HIS A 115 12.58 -28.72 20.24
CA HIS A 115 13.14 -28.97 21.55
C HIS A 115 12.03 -29.05 22.58
N ALA A 116 12.27 -29.79 23.65
CA ALA A 116 11.30 -29.93 24.74
C ALA A 116 10.84 -28.53 25.17
N VAL A 117 11.70 -27.54 24.99
CA VAL A 117 11.33 -26.19 25.39
C VAL A 117 10.05 -25.71 24.74
N TYR A 118 9.83 -26.06 23.47
CA TYR A 118 8.64 -25.64 22.75
C TYR A 118 7.68 -26.80 22.58
N GLN A 119 7.94 -27.87 23.30
CA GLN A 119 7.10 -29.05 23.18
C GLN A 119 5.97 -29.13 24.19
N PRO A 120 4.85 -29.73 23.79
CA PRO A 120 3.76 -29.83 24.77
C PRO A 120 4.26 -30.76 25.88
N ASN A 121 4.07 -30.33 27.13
CA ASN A 121 4.47 -31.10 28.30
C ASN A 121 5.99 -31.35 28.28
N GLY A 122 6.71 -30.46 27.61
CA GLY A 122 8.16 -30.56 27.53
C GLY A 122 8.58 -31.92 27.04
N GLY A 123 7.86 -32.43 26.06
CA GLY A 123 8.15 -33.74 25.50
C GLY A 123 9.06 -33.73 24.29
N SER A 124 9.21 -34.90 23.69
CA SER A 124 10.05 -35.08 22.53
C SER A 124 9.42 -34.57 21.24
N PRO A 125 10.22 -33.98 20.36
CA PRO A 125 9.69 -33.48 19.08
C PRO A 125 9.16 -34.68 18.31
N ILE A 126 8.23 -34.42 17.43
CA ILE A 126 7.68 -35.50 16.63
C ILE A 126 8.25 -35.38 15.22
N SER A 127 8.86 -36.47 14.78
CA SER A 127 9.46 -36.55 13.46
C SER A 127 8.89 -37.78 12.75
N SER A 128 9.66 -38.31 11.81
CA SER A 128 9.26 -39.50 11.07
C SER A 128 10.25 -40.59 11.47
N THR A 129 11.41 -40.14 11.94
CA THR A 129 12.51 -40.98 12.33
C THR A 129 12.72 -40.96 13.84
N ASN A 130 13.58 -41.85 14.32
CA ASN A 130 13.91 -41.94 15.73
C ASN A 130 15.22 -41.21 15.95
N LYS A 131 16.10 -41.26 14.94
CA LYS A 131 17.38 -40.60 15.02
C LYS A 131 17.16 -39.10 15.20
N PRO A 132 18.14 -38.38 15.76
CA PRO A 132 18.02 -36.94 15.96
C PRO A 132 18.91 -36.20 14.97
N ILE A 133 18.72 -34.88 14.89
CA ILE A 133 19.55 -34.07 14.02
C ILE A 133 20.91 -34.09 14.72
N SER A 134 21.94 -34.62 14.04
CA SER A 134 23.27 -34.71 14.64
C SER A 134 23.70 -33.40 15.34
N GLU A 135 24.55 -33.54 16.35
CA GLU A 135 24.99 -32.37 17.12
C GLU A 135 26.20 -31.62 16.61
N ASN A 136 27.17 -32.35 16.08
CA ASN A 136 28.40 -31.74 15.58
C ASN A 136 28.21 -30.91 14.31
N ARG A 137 27.04 -30.28 14.17
CA ARG A 137 26.75 -29.47 13.01
C ARG A 137 25.60 -28.45 13.13
N TRP A 138 24.56 -28.80 13.89
CA TRP A 138 23.40 -27.92 14.02
C TRP A 138 22.94 -27.70 15.45
N ARG A 139 22.16 -26.65 15.64
CA ARG A 139 21.63 -26.31 16.95
C ARG A 139 20.19 -25.80 16.82
N VAL A 140 19.49 -25.77 17.94
CA VAL A 140 18.14 -25.27 17.95
C VAL A 140 18.21 -24.02 18.81
N LEU A 141 17.66 -22.94 18.29
CA LEU A 141 17.64 -21.66 19.00
C LEU A 141 16.53 -21.75 20.06
N LEU A 142 16.87 -21.40 21.29
CA LEU A 142 15.93 -21.40 22.40
C LEU A 142 15.50 -19.98 22.78
N PRO A 143 14.45 -19.86 23.61
CA PRO A 143 13.95 -18.56 24.05
C PRO A 143 15.00 -17.63 24.63
N ASP A 144 15.85 -18.12 25.54
CA ASP A 144 16.86 -17.23 26.10
C ASP A 144 17.88 -16.88 25.02
N GLY A 145 17.74 -17.51 23.85
CA GLY A 145 18.66 -17.23 22.76
C GLY A 145 19.84 -18.16 22.73
N SER A 146 19.75 -19.26 23.46
CA SER A 146 20.84 -20.21 23.49
C SER A 146 20.64 -21.20 22.36
N HIS A 147 21.73 -21.88 22.00
CA HIS A 147 21.72 -22.89 20.96
C HIS A 147 22.12 -24.21 21.62
N VAL A 148 21.18 -25.14 21.71
CA VAL A 148 21.46 -26.42 22.31
C VAL A 148 21.22 -27.50 21.26
N LYS A 149 21.64 -28.72 21.59
CA LYS A 149 21.47 -29.85 20.70
C LYS A 149 20.01 -30.25 20.52
N TYR A 150 19.69 -30.65 19.30
CA TYR A 150 18.35 -31.11 18.99
C TYR A 150 18.14 -32.39 19.78
N PRO A 151 16.91 -32.66 20.20
CA PRO A 151 16.74 -33.88 20.97
C PRO A 151 16.37 -35.08 20.11
N LYS A 152 16.31 -36.22 20.78
CA LYS A 152 15.93 -37.48 20.17
C LYS A 152 14.44 -37.36 19.91
N PRO A 153 14.04 -37.40 18.63
CA PRO A 153 12.62 -37.30 18.28
C PRO A 153 11.93 -38.65 18.32
N ARG A 154 10.61 -38.62 18.48
CA ARG A 154 9.78 -39.81 18.49
C ARG A 154 9.14 -39.90 17.11
N ALA A 155 9.45 -40.96 16.39
CA ALA A 155 8.86 -41.14 15.06
C ALA A 155 7.36 -41.25 15.20
N LEU A 156 6.63 -40.70 14.24
CA LEU A 156 5.17 -40.76 14.24
C LEU A 156 4.70 -42.18 13.96
N GLU A 157 3.42 -42.42 14.18
CA GLU A 157 2.83 -43.71 13.92
C GLU A 157 1.56 -43.48 13.12
N ALA A 158 1.17 -44.48 12.35
CA ALA A 158 -0.03 -44.39 11.53
C ALA A 158 -1.20 -43.75 12.27
N SER A 159 -1.33 -44.07 13.54
CA SER A 159 -2.43 -43.55 14.36
C SER A 159 -2.16 -42.17 14.97
N GLU A 160 -1.48 -41.29 14.23
CA GLU A 160 -1.19 -39.95 14.71
C GLU A 160 -1.04 -38.99 13.54
N ILE A 161 -0.47 -39.49 12.46
CA ILE A 161 -0.25 -38.70 11.26
C ILE A 161 -1.54 -38.03 10.80
N PRO A 162 -2.65 -38.78 10.77
CA PRO A 162 -3.92 -38.20 10.32
C PRO A 162 -4.26 -36.90 11.03
N ARG A 163 -3.97 -36.81 12.33
CA ARG A 163 -4.26 -35.59 13.06
C ARG A 163 -3.32 -34.50 12.55
N VAL A 164 -2.04 -34.83 12.41
CA VAL A 164 -1.06 -33.87 11.92
C VAL A 164 -1.54 -33.33 10.57
N VAL A 165 -1.77 -34.22 9.61
CA VAL A 165 -2.26 -33.81 8.29
C VAL A 165 -3.50 -32.94 8.50
N GLU A 166 -4.38 -33.39 9.37
CA GLU A 166 -5.60 -32.66 9.67
C GLU A 166 -5.33 -31.23 10.16
N ASP A 167 -4.31 -31.06 11.01
CA ASP A 167 -3.96 -29.73 11.51
C ASP A 167 -3.52 -28.83 10.37
N TYR A 168 -2.79 -29.38 9.41
CA TYR A 168 -2.40 -28.54 8.28
C TYR A 168 -3.69 -28.06 7.61
N CYS A 169 -4.70 -28.93 7.57
CA CYS A 169 -5.97 -28.56 6.96
C CYS A 169 -6.68 -27.47 7.77
N LEU A 170 -6.73 -27.67 9.09
CA LEU A 170 -7.36 -26.73 10.01
C LEU A 170 -6.62 -25.41 9.94
N SER A 171 -5.30 -25.49 10.12
CA SER A 171 -4.45 -24.29 10.09
C SER A 171 -4.66 -23.60 8.75
N ALA A 172 -4.82 -24.39 7.69
CA ALA A 172 -5.04 -23.81 6.37
C ALA A 172 -6.39 -23.09 6.38
N LEU A 173 -7.41 -23.75 6.94
CA LEU A 173 -8.74 -23.15 7.01
C LEU A 173 -8.68 -21.89 7.87
N ASN A 174 -7.86 -21.92 8.92
CA ASN A 174 -7.75 -20.73 9.76
C ASN A 174 -7.07 -19.62 8.95
N ALA A 175 -6.00 -19.97 8.25
CA ALA A 175 -5.28 -18.99 7.44
C ALA A 175 -6.29 -18.23 6.61
N ILE A 176 -7.12 -18.95 5.87
CA ILE A 176 -8.14 -18.35 5.03
C ILE A 176 -9.10 -17.54 5.90
N ARG A 177 -9.39 -18.04 7.10
CA ARG A 177 -10.29 -17.35 8.00
C ARG A 177 -9.80 -15.96 8.38
N ALA A 178 -8.48 -15.83 8.51
CA ALA A 178 -7.89 -14.56 8.84
C ALA A 178 -7.81 -13.67 7.59
N GLY A 179 -7.94 -14.29 6.42
CA GLY A 179 -7.89 -13.54 5.18
C GLY A 179 -6.69 -13.84 4.29
N PHE A 180 -5.88 -14.81 4.67
CA PHE A 180 -4.72 -15.13 3.85
C PHE A 180 -5.21 -15.59 2.49
N ASP A 181 -4.58 -15.10 1.43
CA ASP A 181 -4.98 -15.50 0.09
C ASP A 181 -4.69 -16.97 -0.13
N GLY A 182 -3.80 -17.52 0.69
CA GLY A 182 -3.45 -18.91 0.58
C GLY A 182 -2.42 -19.32 1.60
N ILE A 183 -1.81 -20.48 1.40
CA ILE A 183 -0.81 -20.95 2.33
C ILE A 183 0.32 -21.65 1.60
N GLU A 184 1.40 -21.89 2.33
CA GLU A 184 2.54 -22.61 1.80
C GLU A 184 2.78 -23.76 2.80
N ILE A 185 2.94 -24.97 2.27
CA ILE A 185 3.19 -26.13 3.11
C ILE A 185 4.70 -26.34 3.20
N HIS A 186 5.36 -25.49 3.99
CA HIS A 186 6.79 -25.59 4.16
C HIS A 186 7.15 -27.07 4.24
N GLY A 187 7.67 -27.62 3.15
CA GLY A 187 8.05 -29.01 3.13
C GLY A 187 9.52 -29.08 2.76
N ALA A 188 10.26 -28.08 3.22
CA ALA A 188 11.68 -27.97 2.91
C ALA A 188 12.56 -27.81 4.13
N HIS A 189 13.84 -27.61 3.84
CA HIS A 189 14.84 -27.32 4.85
C HIS A 189 15.00 -28.26 6.04
N GLY A 190 14.70 -29.54 5.83
CA GLY A 190 14.87 -30.50 6.91
C GLY A 190 13.81 -30.51 7.99
N TYR A 191 12.69 -29.85 7.76
CA TYR A 191 11.63 -29.83 8.74
C TYR A 191 10.75 -31.07 8.60
N LEU A 192 9.69 -31.16 9.40
CA LEU A 192 8.84 -32.37 9.41
C LEU A 192 8.65 -33.08 8.08
N ILE A 193 8.13 -32.39 7.08
CA ILE A 193 7.90 -32.97 5.76
C ILE A 193 9.19 -33.43 5.10
N ASP A 194 10.22 -32.58 5.15
CA ASP A 194 11.50 -32.96 4.54
C ASP A 194 12.09 -34.16 5.28
N GLN A 195 11.65 -34.37 6.53
CA GLN A 195 12.13 -35.50 7.33
C GLN A 195 11.49 -36.79 6.78
N PHE A 196 10.43 -36.64 5.99
CA PHE A 196 9.79 -37.80 5.37
C PHE A 196 10.33 -37.94 3.94
N LEU A 197 10.50 -36.80 3.28
CA LEU A 197 10.99 -36.76 1.90
C LEU A 197 12.40 -37.31 1.70
N LYS A 198 13.35 -36.79 2.47
CA LYS A 198 14.77 -37.15 2.34
C LYS A 198 15.14 -38.52 2.91
N ASP A 199 15.75 -39.38 2.08
CA ASP A 199 16.13 -40.69 2.57
C ASP A 199 17.29 -40.57 3.55
N GLY A 200 17.82 -39.36 3.68
CA GLY A 200 18.91 -39.14 4.62
C GLY A 200 18.36 -39.05 6.02
N ILE A 201 17.03 -39.03 6.12
CA ILE A 201 16.36 -38.93 7.42
C ILE A 201 15.30 -40.01 7.60
N ASN A 202 14.50 -40.21 6.56
CA ASN A 202 13.42 -41.17 6.61
C ASN A 202 13.90 -42.61 6.62
N ASP A 203 14.10 -43.17 7.81
CA ASP A 203 14.55 -44.56 7.92
C ASP A 203 13.34 -45.42 8.29
N ARG A 204 12.18 -45.02 7.77
CA ARG A 204 10.96 -45.76 8.03
C ARG A 204 10.85 -47.05 7.24
N THR A 205 10.22 -48.03 7.85
CA THR A 205 10.00 -49.34 7.24
C THR A 205 8.51 -49.64 7.15
N ASP A 206 7.68 -48.59 7.21
CA ASP A 206 6.23 -48.75 7.09
C ASP A 206 5.75 -48.09 5.79
N GLN A 207 4.50 -47.65 5.74
CA GLN A 207 3.99 -47.03 4.51
C GLN A 207 4.54 -45.63 4.22
N TYR A 208 5.16 -44.98 5.21
CA TYR A 208 5.68 -43.64 4.99
C TYR A 208 7.19 -43.59 4.84
N GLY A 209 7.77 -44.69 4.42
CA GLY A 209 9.22 -44.73 4.25
C GLY A 209 9.58 -45.81 3.25
N GLY A 210 10.81 -45.78 2.76
CA GLY A 210 11.25 -46.76 1.79
C GLY A 210 11.40 -46.10 0.43
N SER A 211 10.46 -46.40 -0.48
CA SER A 211 10.52 -45.84 -1.83
C SER A 211 10.37 -44.32 -1.85
N ILE A 212 10.90 -43.71 -2.90
CA ILE A 212 10.82 -42.26 -3.06
C ILE A 212 9.35 -41.90 -3.03
N ALA A 213 8.53 -42.75 -3.64
CA ALA A 213 7.09 -42.54 -3.67
C ALA A 213 6.59 -42.44 -2.23
N ASN A 214 6.93 -43.44 -1.41
CA ASN A 214 6.52 -43.44 -0.03
C ASN A 214 7.11 -42.26 0.74
N ARG A 215 8.28 -41.78 0.31
CA ARG A 215 8.91 -40.66 0.98
C ARG A 215 8.07 -39.41 0.76
N CYS A 216 7.15 -39.48 -0.20
CA CYS A 216 6.25 -38.36 -0.53
C CYS A 216 4.86 -38.50 0.04
N ARG A 217 4.57 -39.68 0.57
CA ARG A 217 3.24 -39.96 1.11
C ARG A 217 2.74 -38.91 2.10
N PHE A 218 3.57 -38.49 3.04
CA PHE A 218 3.13 -37.51 4.02
C PHE A 218 2.84 -36.18 3.36
N LEU A 219 3.73 -35.75 2.47
CA LEU A 219 3.55 -34.48 1.77
C LEU A 219 2.29 -34.56 0.92
N LYS A 220 2.10 -35.70 0.26
CA LYS A 220 0.92 -35.90 -0.58
C LYS A 220 -0.36 -35.77 0.25
N GLN A 221 -0.36 -36.34 1.45
CA GLN A 221 -1.54 -36.30 2.32
C GLN A 221 -1.80 -34.89 2.84
N VAL A 222 -0.73 -34.21 3.22
CA VAL A 222 -0.85 -32.84 3.71
C VAL A 222 -1.43 -31.93 2.62
N VAL A 223 -0.87 -32.03 1.43
CA VAL A 223 -1.32 -31.21 0.32
C VAL A 223 -2.76 -31.56 -0.05
N GLU A 224 -3.01 -32.83 -0.27
CA GLU A 224 -4.37 -33.27 -0.61
C GLU A 224 -5.35 -32.74 0.42
N GLY A 225 -4.95 -32.83 1.69
CA GLY A 225 -5.81 -32.36 2.76
C GLY A 225 -6.07 -30.87 2.67
N VAL A 226 -5.00 -30.09 2.63
CA VAL A 226 -5.13 -28.65 2.56
C VAL A 226 -5.83 -28.25 1.27
N VAL A 227 -5.42 -28.86 0.16
CA VAL A 227 -6.02 -28.57 -1.13
C VAL A 227 -7.52 -28.83 -1.05
N SER A 228 -7.89 -30.01 -0.56
CA SER A 228 -9.30 -30.34 -0.43
C SER A 228 -9.97 -29.32 0.48
N ALA A 229 -9.25 -28.88 1.50
CA ALA A 229 -9.82 -27.93 2.42
C ALA A 229 -9.99 -26.53 1.84
N ILE A 230 -8.97 -26.01 1.18
CA ILE A 230 -9.10 -24.66 0.67
C ILE A 230 -8.94 -24.40 -0.83
N GLY A 231 -8.56 -25.40 -1.61
CA GLY A 231 -8.43 -25.17 -3.06
C GLY A 231 -7.00 -25.05 -3.53
N ALA A 232 -6.64 -25.88 -4.51
CA ALA A 232 -5.29 -25.90 -5.06
C ALA A 232 -4.69 -24.54 -5.40
N SER A 233 -5.49 -23.62 -5.92
CA SER A 233 -5.00 -22.30 -6.31
C SER A 233 -4.62 -21.45 -5.11
N LYS A 234 -4.89 -21.98 -3.92
CA LYS A 234 -4.56 -21.27 -2.71
C LYS A 234 -3.39 -21.95 -2.00
N VAL A 235 -3.29 -23.27 -2.16
CA VAL A 235 -2.23 -24.04 -1.52
C VAL A 235 -0.91 -23.98 -2.27
N GLY A 236 0.02 -23.18 -1.77
CA GLY A 236 1.33 -23.14 -2.40
C GLY A 236 2.14 -24.20 -1.69
N VAL A 237 3.17 -24.74 -2.34
CA VAL A 237 3.99 -25.78 -1.71
C VAL A 237 5.47 -25.50 -1.94
N ARG A 238 6.27 -25.63 -0.89
CA ARG A 238 7.70 -25.38 -1.03
C ARG A 238 8.56 -26.57 -0.68
N VAL A 239 9.54 -26.85 -1.53
CA VAL A 239 10.46 -27.94 -1.24
C VAL A 239 11.89 -27.51 -1.50
N SER A 240 12.84 -28.29 -1.01
CA SER A 240 14.26 -28.00 -1.19
C SER A 240 14.92 -29.37 -1.25
N PRO A 241 14.70 -30.09 -2.36
CA PRO A 241 15.28 -31.42 -2.51
C PRO A 241 16.80 -31.41 -2.39
N ALA A 242 17.42 -30.27 -2.65
CA ALA A 242 18.87 -30.17 -2.58
C ALA A 242 19.40 -29.53 -1.30
N ILE A 243 18.58 -28.76 -0.61
CA ILE A 243 19.04 -28.12 0.62
C ILE A 243 19.30 -29.18 1.67
N ASP A 244 20.54 -29.25 2.15
CA ASP A 244 20.94 -30.23 3.16
C ASP A 244 20.83 -29.68 4.58
N HIS A 245 20.01 -28.64 4.75
CA HIS A 245 19.80 -28.02 6.06
C HIS A 245 19.30 -29.02 7.09
N LEU A 246 19.78 -28.88 8.32
CA LEU A 246 19.40 -29.77 9.41
C LEU A 246 19.57 -31.24 9.04
N ASP A 247 20.64 -31.54 8.30
CA ASP A 247 20.94 -32.91 7.89
C ASP A 247 19.76 -33.57 7.20
N ALA A 248 19.22 -32.90 6.18
CA ALA A 248 18.08 -33.42 5.43
C ALA A 248 18.46 -33.72 3.99
N THR A 249 19.38 -34.66 3.82
CA THR A 249 19.83 -35.04 2.49
C THR A 249 19.07 -36.22 1.92
N ASP A 250 19.18 -36.39 0.61
CA ASP A 250 18.55 -37.51 -0.05
C ASP A 250 19.64 -38.16 -0.89
N SER A 251 19.52 -39.45 -1.16
CA SER A 251 20.54 -40.11 -1.94
C SER A 251 20.34 -39.80 -3.41
N ASP A 252 19.27 -39.07 -3.71
CA ASP A 252 18.96 -38.74 -5.11
C ASP A 252 18.03 -37.52 -5.19
N PRO A 253 18.56 -36.32 -4.91
CA PRO A 253 17.78 -35.07 -4.95
C PRO A 253 16.95 -34.83 -6.22
N LEU A 254 17.56 -35.03 -7.39
CA LEU A 254 16.84 -34.80 -8.64
C LEU A 254 15.57 -35.60 -8.72
N SER A 255 15.68 -36.88 -8.43
CA SER A 255 14.53 -37.78 -8.49
C SER A 255 13.49 -37.37 -7.47
N LEU A 256 13.92 -37.21 -6.21
CA LEU A 256 13.01 -36.81 -5.14
C LEU A 256 12.15 -35.64 -5.58
N GLY A 257 12.80 -34.62 -6.16
CA GLY A 257 12.08 -33.46 -6.62
C GLY A 257 11.04 -33.83 -7.68
N LEU A 258 11.38 -34.76 -8.56
CA LEU A 258 10.44 -35.14 -9.61
C LEU A 258 9.29 -35.93 -8.99
N ALA A 259 9.58 -36.71 -7.96
CA ALA A 259 8.53 -37.47 -7.28
C ALA A 259 7.55 -36.46 -6.68
N VAL A 260 8.09 -35.38 -6.11
CA VAL A 260 7.25 -34.34 -5.54
C VAL A 260 6.44 -33.71 -6.66
N VAL A 261 7.14 -33.28 -7.72
CA VAL A 261 6.51 -32.68 -8.89
C VAL A 261 5.40 -33.56 -9.45
N GLY A 262 5.74 -34.83 -9.66
CA GLY A 262 4.79 -35.78 -10.19
C GLY A 262 3.58 -35.89 -9.31
N MET A 263 3.82 -35.99 -8.01
CA MET A 263 2.71 -36.09 -7.08
C MET A 263 1.82 -34.86 -7.21
N LEU A 264 2.44 -33.68 -7.31
CA LEU A 264 1.68 -32.46 -7.45
C LEU A 264 0.95 -32.45 -8.79
N ASN A 265 1.68 -32.67 -9.88
CA ASN A 265 1.03 -32.69 -11.19
C ASN A 265 -0.14 -33.64 -11.14
N LYS A 266 0.14 -34.86 -10.68
CA LYS A 266 -0.88 -35.89 -10.58
C LYS A 266 -2.05 -35.34 -9.78
N LEU A 267 -1.75 -34.81 -8.59
CA LEU A 267 -2.77 -34.25 -7.73
C LEU A 267 -3.58 -33.14 -8.41
N GLN A 268 -2.89 -32.22 -9.10
CA GLN A 268 -3.59 -31.13 -9.76
C GLN A 268 -4.70 -31.72 -10.63
N GLY A 269 -4.35 -32.72 -11.43
CA GLY A 269 -5.34 -33.37 -12.26
C GLY A 269 -6.45 -33.95 -11.40
N VAL A 270 -6.06 -34.80 -10.44
CA VAL A 270 -7.00 -35.44 -9.52
C VAL A 270 -7.92 -34.41 -8.87
N ASN A 271 -7.44 -33.17 -8.81
CA ASN A 271 -8.18 -32.08 -8.21
C ASN A 271 -8.88 -31.18 -9.25
N GLY A 272 -8.31 -31.10 -10.45
CA GLY A 272 -8.89 -30.27 -11.50
C GLY A 272 -8.47 -28.81 -11.45
N SER A 273 -7.41 -28.51 -10.70
CA SER A 273 -6.92 -27.14 -10.60
C SER A 273 -5.44 -27.06 -10.26
N LYS A 274 -4.81 -25.97 -10.69
CA LYS A 274 -3.41 -25.76 -10.41
C LYS A 274 -3.14 -25.21 -9.03
N LEU A 275 -1.99 -25.62 -8.48
CA LEU A 275 -1.55 -25.14 -7.19
C LEU A 275 -1.11 -23.69 -7.43
N ALA A 276 -0.89 -22.96 -6.36
CA ALA A 276 -0.44 -21.59 -6.50
C ALA A 276 1.00 -21.64 -7.00
N TYR A 277 1.75 -22.62 -6.52
CA TYR A 277 3.14 -22.78 -6.91
C TYR A 277 3.79 -23.95 -6.17
N LEU A 278 4.95 -24.38 -6.66
CA LEU A 278 5.72 -25.47 -6.06
C LEU A 278 7.04 -24.89 -5.54
N HIS A 279 7.03 -23.58 -5.31
CA HIS A 279 8.17 -22.80 -4.81
C HIS A 279 9.28 -23.73 -4.34
N VAL A 280 10.40 -23.70 -5.05
CA VAL A 280 11.54 -24.53 -4.72
C VAL A 280 12.70 -23.61 -4.39
N THR A 281 13.49 -24.02 -3.40
CA THR A 281 14.66 -23.27 -2.96
C THR A 281 15.92 -24.00 -3.42
N GLN A 282 16.91 -23.23 -3.86
CA GLN A 282 18.16 -23.77 -4.34
C GLN A 282 19.21 -23.89 -3.26
N PRO A 283 20.02 -24.97 -3.31
CA PRO A 283 21.08 -25.21 -2.33
C PRO A 283 22.12 -24.13 -2.55
N ARG A 284 21.77 -22.91 -2.14
CA ARG A 284 22.63 -21.76 -2.30
C ARG A 284 22.59 -20.92 -1.03
N GLU A 300 27.96 -26.86 -10.50
CA GLU A 300 28.07 -27.31 -11.87
C GLU A 300 26.89 -28.14 -12.36
N GLU A 301 25.77 -28.05 -11.64
CA GLU A 301 24.56 -28.76 -11.99
C GLU A 301 23.42 -28.15 -11.17
N GLU A 302 23.73 -27.04 -10.52
CA GLU A 302 22.79 -26.32 -9.68
C GLU A 302 21.48 -25.95 -10.38
N ALA A 303 21.56 -25.08 -11.37
CA ALA A 303 20.37 -24.66 -12.10
C ALA A 303 19.75 -25.83 -12.88
N LYS A 304 20.57 -26.86 -13.15
CA LYS A 304 20.09 -28.04 -13.85
C LYS A 304 18.95 -28.67 -13.07
N LEU A 305 19.20 -29.01 -11.81
CA LEU A 305 18.18 -29.63 -10.97
C LEU A 305 16.90 -28.81 -10.98
N MET A 306 17.03 -27.49 -10.78
CA MET A 306 15.87 -26.61 -10.75
C MET A 306 15.01 -26.75 -12.01
N LYS A 307 15.40 -26.08 -13.09
CA LYS A 307 14.67 -26.11 -14.35
C LYS A 307 13.93 -27.44 -14.60
N SER A 308 14.56 -28.54 -14.22
CA SER A 308 13.98 -29.86 -14.39
C SER A 308 12.66 -30.05 -13.66
N LEU A 309 12.51 -29.45 -12.47
CA LEU A 309 11.26 -29.60 -11.75
C LEU A 309 10.26 -28.61 -12.36
N ARG A 310 10.77 -27.47 -12.77
CA ARG A 310 9.94 -26.45 -13.37
C ARG A 310 9.36 -26.96 -14.68
N MET A 311 10.16 -27.69 -15.45
CA MET A 311 9.69 -28.23 -16.73
C MET A 311 8.77 -29.39 -16.47
N ALA A 312 9.04 -30.12 -15.39
CA ALA A 312 8.22 -31.26 -15.03
C ALA A 312 6.90 -30.76 -14.46
N TYR A 313 7.00 -29.73 -13.63
CA TYR A 313 5.83 -29.18 -12.99
C TYR A 313 5.05 -28.18 -13.82
N ASN A 314 3.91 -28.63 -14.33
CA ASN A 314 3.10 -27.72 -15.11
C ASN A 314 2.41 -26.79 -14.13
N GLY A 315 3.02 -25.64 -13.90
CA GLY A 315 2.47 -24.69 -12.96
C GLY A 315 3.46 -23.58 -12.69
N THR A 316 3.08 -22.71 -11.75
CA THR A 316 3.92 -21.60 -11.39
C THR A 316 5.09 -22.11 -10.56
N PHE A 317 6.29 -21.69 -10.94
CA PHE A 317 7.51 -22.11 -10.27
C PHE A 317 8.21 -20.92 -9.65
N MET A 318 8.54 -21.06 -8.37
CA MET A 318 9.21 -20.02 -7.61
C MET A 318 10.52 -20.54 -7.04
N SER A 319 11.63 -19.97 -7.48
CA SER A 319 12.93 -20.38 -6.98
C SER A 319 13.38 -19.36 -5.95
N SER A 320 14.25 -19.79 -5.03
CA SER A 320 14.75 -18.91 -3.98
C SER A 320 16.12 -19.36 -3.49
N GLY A 321 16.84 -18.44 -2.85
CA GLY A 321 18.16 -18.76 -2.33
C GLY A 321 19.27 -18.20 -3.18
N GLY A 322 20.04 -17.25 -2.62
CA GLY A 322 21.15 -16.66 -3.33
C GLY A 322 20.84 -15.56 -4.33
N PHE A 323 19.72 -15.68 -5.02
CA PHE A 323 19.28 -14.71 -6.02
C PHE A 323 19.47 -13.26 -5.65
N ASN A 324 19.60 -12.45 -6.69
CA ASN A 324 19.70 -11.00 -6.57
C ASN A 324 18.85 -10.55 -7.73
N LYS A 325 18.91 -9.28 -8.11
CA LYS A 325 18.08 -8.83 -9.22
C LYS A 325 18.44 -9.56 -10.53
N GLU A 326 19.70 -9.52 -10.90
CA GLU A 326 20.15 -10.16 -12.15
C GLU A 326 19.68 -11.60 -12.24
N LEU A 327 20.02 -12.41 -11.25
CA LEU A 327 19.62 -13.81 -11.28
C LEU A 327 18.09 -13.87 -11.36
N GLY A 328 17.43 -12.95 -10.66
CA GLY A 328 15.99 -12.92 -10.67
C GLY A 328 15.48 -12.64 -12.07
N MET A 329 16.01 -11.58 -12.67
CA MET A 329 15.64 -11.17 -14.02
C MET A 329 15.92 -12.29 -15.03
N GLN A 330 17.13 -12.85 -14.98
CA GLN A 330 17.45 -13.91 -15.93
C GLN A 330 16.63 -15.17 -15.68
N ALA A 331 16.43 -15.53 -14.41
CA ALA A 331 15.64 -16.72 -14.09
C ALA A 331 14.28 -16.54 -14.75
N VAL A 332 13.75 -15.32 -14.70
CA VAL A 332 12.47 -15.03 -15.33
C VAL A 332 12.65 -14.97 -16.87
N GLN A 333 13.57 -14.13 -17.33
CA GLN A 333 13.81 -13.99 -18.77
C GLN A 333 13.98 -15.36 -19.44
N GLN A 334 14.86 -16.18 -18.87
CA GLN A 334 15.16 -17.50 -19.40
C GLN A 334 14.05 -18.52 -19.17
N GLY A 335 13.04 -18.15 -18.39
CA GLY A 335 11.94 -19.08 -18.15
C GLY A 335 12.23 -20.18 -17.15
N ASP A 336 13.20 -19.96 -16.28
CA ASP A 336 13.56 -20.94 -15.26
C ASP A 336 12.52 -20.88 -14.15
N ALA A 337 12.01 -19.69 -13.90
CA ALA A 337 11.01 -19.51 -12.86
C ALA A 337 10.02 -18.45 -13.27
N ASP A 338 8.85 -18.48 -12.65
CA ASP A 338 7.84 -17.48 -12.93
C ASP A 338 8.01 -16.37 -11.91
N LEU A 339 8.57 -16.74 -10.76
CA LEU A 339 8.76 -15.81 -9.65
C LEU A 339 9.99 -16.20 -8.87
N VAL A 340 10.57 -15.20 -8.20
CA VAL A 340 11.77 -15.38 -7.39
C VAL A 340 11.46 -14.73 -6.05
N SER A 341 11.61 -15.48 -4.97
CA SER A 341 11.35 -14.93 -3.65
C SER A 341 12.62 -14.38 -3.03
N TYR A 342 12.46 -13.36 -2.20
CA TYR A 342 13.60 -12.74 -1.57
C TYR A 342 13.46 -12.70 -0.05
N GLY A 343 14.54 -13.08 0.62
CA GLY A 343 14.55 -13.10 2.07
C GLY A 343 15.59 -12.16 2.61
N ARG A 344 16.87 -12.54 2.47
CA ARG A 344 17.95 -11.74 2.97
C ARG A 344 17.78 -10.28 2.63
N LEU A 345 17.50 -9.97 1.36
CA LEU A 345 17.31 -8.58 0.98
C LEU A 345 15.99 -7.99 1.48
N PHE A 346 14.95 -8.81 1.57
CA PHE A 346 13.66 -8.31 2.01
C PHE A 346 13.68 -7.96 3.48
N ILE A 347 14.57 -8.64 4.21
CA ILE A 347 14.71 -8.39 5.62
C ILE A 347 15.12 -6.94 5.85
N ALA A 348 16.17 -6.52 5.16
CA ALA A 348 16.69 -5.16 5.32
C ALA A 348 16.22 -4.17 4.25
N ASN A 349 15.33 -4.61 3.36
CA ASN A 349 14.86 -3.73 2.30
C ASN A 349 13.35 -3.77 2.09
N PRO A 350 12.62 -2.95 2.86
CA PRO A 350 11.17 -2.93 2.73
C PRO A 350 10.78 -2.69 1.27
N ASP A 351 11.44 -1.70 0.65
CA ASP A 351 11.18 -1.37 -0.74
C ASP A 351 12.08 -2.14 -1.69
N LEU A 352 12.27 -3.42 -1.42
CA LEU A 352 13.12 -4.23 -2.27
C LEU A 352 12.67 -4.18 -3.74
N VAL A 353 11.35 -4.16 -3.95
CA VAL A 353 10.84 -4.13 -5.31
C VAL A 353 11.21 -2.84 -6.01
N SER A 354 11.02 -1.71 -5.34
CA SER A 354 11.36 -0.42 -5.93
C SER A 354 12.86 -0.34 -6.16
N ARG A 355 13.63 -0.85 -5.21
CA ARG A 355 15.08 -0.83 -5.32
C ARG A 355 15.52 -1.53 -6.58
N PHE A 356 15.00 -2.75 -6.79
CA PHE A 356 15.36 -3.51 -7.97
C PHE A 356 14.94 -2.78 -9.24
N LYS A 357 13.74 -2.22 -9.21
CA LYS A 357 13.20 -1.53 -10.37
C LYS A 357 14.07 -0.36 -10.83
N ILE A 358 14.50 0.47 -9.90
CA ILE A 358 15.32 1.60 -10.27
C ILE A 358 16.80 1.32 -10.05
N ASP A 359 17.14 0.04 -9.89
CA ASP A 359 18.52 -0.36 -9.65
C ASP A 359 19.10 0.52 -8.54
N GLY A 360 18.28 0.82 -7.55
CA GLY A 360 18.74 1.63 -6.44
C GLY A 360 19.62 0.86 -5.49
N GLU A 361 20.11 1.51 -4.45
CA GLU A 361 20.96 0.87 -3.45
C GLU A 361 20.26 -0.33 -2.80
N LEU A 362 20.94 -0.95 -1.86
CA LEU A 362 20.41 -2.09 -1.13
C LEU A 362 21.00 -2.14 0.28
N ASN A 363 20.16 -1.86 1.28
CA ASN A 363 20.60 -1.87 2.66
C ASN A 363 21.11 -3.27 2.94
N LYS A 364 22.22 -3.37 3.64
CA LYS A 364 22.73 -4.68 3.97
C LYS A 364 21.88 -5.19 5.13
N TYR A 365 21.76 -6.50 5.24
CA TYR A 365 20.99 -7.08 6.31
C TYR A 365 21.88 -7.37 7.52
N ASN A 366 21.31 -7.25 8.71
CA ASN A 366 22.05 -7.52 9.94
C ASN A 366 21.55 -8.85 10.47
N ARG A 367 22.29 -9.91 10.15
CA ARG A 367 21.94 -11.26 10.57
C ARG A 367 21.76 -11.36 12.08
N LYS A 368 22.52 -10.56 12.82
CA LYS A 368 22.43 -10.61 14.27
C LYS A 368 21.02 -10.38 14.78
N THR A 369 20.20 -9.68 14.01
CA THR A 369 18.83 -9.42 14.44
C THR A 369 17.77 -10.09 13.57
N PHE A 370 18.16 -11.12 12.84
CA PHE A 370 17.20 -11.84 12.02
C PHE A 370 16.15 -12.49 12.90
N TYR A 371 16.64 -13.05 14.01
CA TYR A 371 15.82 -13.80 14.97
C TYR A 371 15.68 -13.21 16.37
N THR A 372 15.86 -11.91 16.49
CA THR A 372 15.72 -11.25 17.77
C THR A 372 14.25 -10.90 18.00
N GLN A 373 13.91 -10.38 19.18
CA GLN A 373 12.53 -10.10 19.50
C GLN A 373 12.06 -8.65 19.43
N ASP A 374 12.95 -7.73 19.11
CA ASP A 374 12.51 -6.35 19.08
C ASP A 374 11.50 -6.18 17.97
N PRO A 375 10.36 -5.54 18.28
CA PRO A 375 9.32 -5.33 17.27
C PRO A 375 9.76 -4.31 16.25
N VAL A 376 10.79 -3.54 16.60
CA VAL A 376 11.27 -2.52 15.69
C VAL A 376 12.67 -2.80 15.19
N VAL A 377 13.62 -2.85 16.12
CA VAL A 377 15.02 -3.05 15.79
C VAL A 377 15.37 -4.32 15.00
N GLY A 378 15.94 -4.10 13.80
CA GLY A 378 16.31 -5.20 12.93
C GLY A 378 15.07 -5.80 12.30
N TYR A 379 13.93 -5.15 12.54
CA TYR A 379 12.67 -5.65 12.01
C TYR A 379 11.95 -4.67 11.09
N THR A 380 11.44 -3.59 11.66
CA THR A 380 10.73 -2.59 10.86
C THR A 380 11.50 -1.26 10.79
N ASP A 381 12.72 -1.24 11.32
CA ASP A 381 13.48 0.01 11.29
C ASP A 381 14.46 0.15 10.13
N TYR A 382 14.43 -0.77 9.18
CA TYR A 382 15.30 -0.63 8.01
C TYR A 382 14.55 0.37 7.14
N PRO A 383 15.15 1.56 6.92
CA PRO A 383 14.52 2.61 6.11
C PRO A 383 14.34 2.26 4.64
N PHE A 384 13.46 3.01 3.99
CA PHE A 384 13.17 2.85 2.58
C PHE A 384 14.17 3.78 1.89
N LEU A 385 14.19 3.77 0.55
CA LEU A 385 15.08 4.65 -0.17
C LEU A 385 14.68 6.08 0.14
N ALA A 386 15.64 6.99 0.11
CA ALA A 386 15.35 8.39 0.36
C ALA A 386 14.42 8.82 -0.80
N PRO A 387 13.23 9.33 -0.48
CA PRO A 387 12.27 9.76 -1.51
C PRO A 387 12.93 10.68 -2.53
N ASN B 9 -5.33 43.52 16.41
CA ASN B 9 -4.97 42.09 16.62
C ASN B 9 -4.42 41.51 15.32
N GLU B 10 -4.75 40.25 15.03
CA GLU B 10 -4.28 39.61 13.80
C GLU B 10 -5.28 39.84 12.68
N THR B 11 -4.79 39.98 11.45
CA THR B 11 -5.68 40.21 10.32
C THR B 11 -5.18 39.43 9.10
N LEU B 12 -5.78 39.69 7.95
CA LEU B 12 -5.37 39.02 6.71
C LEU B 12 -3.95 39.42 6.37
N PHE B 13 -3.45 40.47 7.03
CA PHE B 13 -2.11 40.95 6.77
C PHE B 13 -1.10 40.62 7.85
N SER B 14 -1.52 39.82 8.82
CA SER B 14 -0.59 39.45 9.89
C SER B 14 0.34 38.33 9.42
N SER B 15 1.56 38.38 9.90
CA SER B 15 2.54 37.37 9.60
C SER B 15 1.99 36.07 10.21
N TYR B 16 2.41 34.94 9.66
CA TYR B 16 1.96 33.66 10.17
C TYR B 16 2.93 32.59 9.75
N LYS B 17 3.43 31.85 10.73
CA LYS B 17 4.37 30.78 10.45
C LYS B 17 3.59 29.50 10.19
N MET B 18 3.69 28.99 8.97
CA MET B 18 3.02 27.74 8.59
C MET B 18 4.08 26.66 8.48
N GLY B 19 4.41 26.04 9.60
CA GLY B 19 5.44 25.02 9.60
C GLY B 19 6.73 25.63 9.08
N ARG B 20 7.25 25.09 7.99
CA ARG B 20 8.50 25.57 7.41
C ARG B 20 8.29 26.79 6.52
N PHE B 21 7.05 27.20 6.32
CA PHE B 21 6.80 28.35 5.46
C PHE B 21 6.35 29.55 6.27
N ASP B 22 7.12 30.63 6.19
CA ASP B 22 6.81 31.85 6.90
C ASP B 22 6.02 32.77 6.00
N LEU B 23 4.72 32.87 6.24
CA LEU B 23 3.89 33.72 5.42
C LEU B 23 3.88 35.14 5.98
N SER B 24 3.79 36.09 5.07
CA SER B 24 3.76 37.51 5.42
C SER B 24 2.31 37.99 5.47
N HIS B 25 1.39 37.06 5.25
CA HIS B 25 -0.03 37.40 5.29
C HIS B 25 -0.87 36.13 5.14
N ARG B 26 -2.15 36.26 5.48
CA ARG B 26 -3.07 35.11 5.48
C ARG B 26 -3.87 34.91 4.21
N VAL B 27 -3.70 35.80 3.25
CA VAL B 27 -4.46 35.70 2.02
C VAL B 27 -3.84 34.64 1.11
N VAL B 28 -4.58 33.56 0.91
CA VAL B 28 -4.12 32.45 0.10
C VAL B 28 -4.90 32.38 -1.20
N LEU B 29 -4.22 31.90 -2.24
CA LEU B 29 -4.85 31.71 -3.53
C LEU B 29 -5.43 30.31 -3.47
N ALA B 30 -6.75 30.22 -3.48
CA ALA B 30 -7.45 28.95 -3.42
C ALA B 30 -7.13 28.16 -4.68
N PRO B 31 -7.05 26.84 -4.58
CA PRO B 31 -6.76 26.02 -5.78
C PRO B 31 -7.89 26.23 -6.78
N MET B 32 -7.55 26.61 -8.00
CA MET B 32 -8.58 26.82 -9.02
C MET B 32 -8.32 26.27 -10.40
N THR B 33 -9.08 25.25 -10.75
CA THR B 33 -9.01 24.64 -12.07
C THR B 33 -9.36 25.74 -13.08
N ARG B 34 -8.47 26.00 -14.02
CA ARG B 34 -8.76 27.05 -15.00
C ARG B 34 -8.72 26.56 -16.43
N CYS B 35 -8.17 25.36 -16.63
CA CYS B 35 -8.13 24.75 -17.95
C CYS B 35 -7.26 25.44 -19.01
N ARG B 36 -6.09 25.92 -18.60
CA ARG B 36 -5.15 26.57 -19.54
C ARG B 36 -3.93 25.70 -19.79
N ALA B 37 -3.82 24.61 -19.03
CA ALA B 37 -2.71 23.68 -19.16
C ALA B 37 -2.99 22.72 -20.31
N LEU B 38 -2.91 23.24 -21.52
CA LEU B 38 -3.19 22.46 -22.72
C LEU B 38 -2.51 21.09 -22.77
N ASN B 39 -3.24 20.12 -23.29
CA ASN B 39 -2.75 18.75 -23.42
C ASN B 39 -2.30 18.24 -22.05
N GLY B 40 -2.89 18.81 -21.01
CA GLY B 40 -2.63 18.39 -19.66
C GLY B 40 -1.24 18.62 -19.14
N VAL B 41 -0.67 19.79 -19.43
CA VAL B 41 0.69 20.12 -18.97
C VAL B 41 0.84 21.62 -18.71
N PRO B 42 1.65 21.99 -17.70
CA PRO B 42 1.90 23.40 -17.34
C PRO B 42 2.56 24.11 -18.52
N ASN B 43 2.60 25.44 -18.45
CA ASN B 43 3.20 26.20 -19.54
C ASN B 43 3.48 27.64 -19.13
N ALA B 44 4.10 28.41 -20.03
CA ALA B 44 4.42 29.80 -19.76
C ALA B 44 3.22 30.52 -19.19
N ALA B 45 2.04 30.27 -19.75
CA ALA B 45 0.80 30.92 -19.30
C ALA B 45 0.55 30.74 -17.80
N LEU B 46 0.35 29.51 -17.36
CA LEU B 46 0.12 29.26 -15.95
C LEU B 46 1.17 29.99 -15.12
N ALA B 47 2.40 30.02 -15.64
CA ALA B 47 3.48 30.68 -14.91
C ALA B 47 3.11 32.15 -14.75
N GLU B 48 2.50 32.72 -15.80
CA GLU B 48 2.08 34.10 -15.77
C GLU B 48 1.00 34.30 -14.71
N TYR B 49 -0.07 33.51 -14.82
CA TYR B 49 -1.19 33.57 -13.90
C TYR B 49 -0.75 33.45 -12.43
N TYR B 50 0.12 32.49 -12.12
CA TYR B 50 0.56 32.32 -10.76
C TYR B 50 1.40 33.49 -10.33
N ALA B 51 2.34 33.88 -11.19
CA ALA B 51 3.21 35.01 -10.93
C ALA B 51 2.36 36.20 -10.55
N GLN B 52 1.46 36.58 -11.45
CA GLN B 52 0.59 37.72 -11.21
C GLN B 52 -0.02 37.71 -9.83
N ARG B 53 -0.28 36.51 -9.30
CA ARG B 53 -0.92 36.40 -7.99
C ARG B 53 0.05 36.19 -6.85
N THR B 54 1.34 36.23 -7.16
CA THR B 54 2.29 36.03 -6.08
C THR B 54 2.59 37.34 -5.36
N THR B 55 2.92 37.19 -4.08
CA THR B 55 3.24 38.30 -3.18
C THR B 55 4.34 37.81 -2.25
N PRO B 56 5.02 38.75 -1.58
CA PRO B 56 6.09 38.37 -0.66
C PRO B 56 5.56 37.46 0.44
N GLY B 57 6.09 36.26 0.51
CA GLY B 57 5.64 35.33 1.54
C GLY B 57 4.17 34.96 1.39
N GLY B 58 3.65 35.07 0.17
CA GLY B 58 2.26 34.72 -0.07
C GLY B 58 2.16 33.24 -0.37
N PHE B 59 1.04 32.61 0.03
CA PHE B 59 0.84 31.19 -0.20
C PHE B 59 -0.24 30.97 -1.26
N LEU B 60 0.12 30.25 -2.32
CA LEU B 60 -0.80 29.97 -3.41
C LEU B 60 -1.08 28.48 -3.49
N ILE B 61 -2.27 28.13 -3.96
CA ILE B 61 -2.60 26.73 -4.13
C ILE B 61 -2.95 26.57 -5.60
N SER B 62 -2.19 25.72 -6.27
CA SER B 62 -2.40 25.48 -7.68
C SER B 62 -3.74 24.86 -7.93
N GLU B 63 -4.15 24.97 -9.18
CA GLU B 63 -5.38 24.40 -9.68
C GLU B 63 -5.27 22.87 -9.47
N GLY B 64 -6.41 22.20 -9.38
CA GLY B 64 -6.37 20.75 -9.21
C GLY B 64 -5.48 20.17 -10.29
N THR B 65 -4.56 19.29 -9.88
CA THR B 65 -3.60 18.71 -10.81
C THR B 65 -3.63 17.19 -10.81
N MET B 66 -3.62 16.61 -12.01
CA MET B 66 -3.68 15.15 -12.15
C MET B 66 -2.57 14.39 -11.42
N VAL B 67 -2.98 13.33 -10.74
CA VAL B 67 -2.05 12.47 -10.03
C VAL B 67 -1.79 11.21 -10.84
N SER B 68 -2.46 11.07 -11.97
CA SER B 68 -2.30 9.91 -12.83
C SER B 68 -3.31 9.96 -13.95
N PRO B 69 -3.23 9.00 -14.90
CA PRO B 69 -4.21 9.03 -15.99
C PRO B 69 -5.58 8.64 -15.42
N GLY B 70 -6.62 9.24 -15.96
CA GLY B 70 -7.95 8.92 -15.49
C GLY B 70 -8.36 9.79 -14.33
N SER B 71 -7.44 10.58 -13.78
CA SER B 71 -7.76 11.45 -12.65
C SER B 71 -8.48 12.75 -13.01
N ALA B 72 -8.38 13.17 -14.27
CA ALA B 72 -9.01 14.42 -14.68
C ALA B 72 -10.50 14.30 -14.97
N GLY B 73 -11.21 15.39 -14.73
CA GLY B 73 -12.64 15.42 -14.97
C GLY B 73 -12.99 16.76 -15.56
N PHE B 74 -11.96 17.45 -16.05
CA PHE B 74 -12.08 18.78 -16.65
C PHE B 74 -11.17 18.87 -17.87
N PRO B 75 -11.47 19.78 -18.78
CA PRO B 75 -10.64 19.92 -19.97
C PRO B 75 -9.34 20.66 -19.68
N HIS B 76 -8.27 20.21 -20.32
CA HIS B 76 -6.96 20.83 -20.18
C HIS B 76 -6.52 21.31 -18.81
N VAL B 77 -6.33 20.35 -17.93
CA VAL B 77 -5.86 20.64 -16.60
C VAL B 77 -4.49 20.00 -16.56
N PRO B 78 -3.60 20.57 -15.76
CA PRO B 78 -2.25 20.02 -15.66
C PRO B 78 -2.24 18.70 -14.90
N GLY B 79 -1.11 18.01 -15.00
CA GLY B 79 -0.94 16.76 -14.29
C GLY B 79 0.42 16.85 -13.61
N ILE B 80 0.63 16.01 -12.62
CA ILE B 80 1.90 16.00 -11.94
C ILE B 80 2.37 14.54 -11.92
N TYR B 81 2.03 13.79 -12.97
CA TYR B 81 2.41 12.39 -13.01
C TYR B 81 3.43 12.02 -14.08
N SER B 82 3.71 12.93 -15.01
CA SER B 82 4.68 12.64 -16.07
C SER B 82 5.88 13.59 -15.98
N ASP B 83 6.93 13.29 -16.74
CA ASP B 83 8.11 14.13 -16.74
C ASP B 83 7.87 15.41 -17.51
N GLU B 84 7.15 15.30 -18.62
CA GLU B 84 6.84 16.48 -19.41
C GLU B 84 6.10 17.53 -18.60
N GLN B 85 5.19 17.07 -17.73
CA GLN B 85 4.41 17.99 -16.91
C GLN B 85 5.33 18.63 -15.89
N VAL B 86 6.10 17.79 -15.21
CA VAL B 86 7.05 18.26 -14.20
C VAL B 86 7.96 19.33 -14.78
N GLU B 87 8.58 19.06 -15.92
CA GLU B 87 9.47 20.06 -16.51
C GLU B 87 8.74 21.38 -16.69
N ALA B 88 7.59 21.33 -17.38
CA ALA B 88 6.81 22.54 -17.63
C ALA B 88 6.29 23.14 -16.33
N TRP B 89 6.27 22.36 -15.25
CA TRP B 89 5.82 22.84 -13.94
C TRP B 89 6.83 23.79 -13.33
N LYS B 90 8.05 23.77 -13.86
CA LYS B 90 9.10 24.62 -13.31
C LYS B 90 8.93 26.12 -13.60
N GLN B 91 8.62 26.47 -14.85
CA GLN B 91 8.47 27.88 -15.21
C GLN B 91 7.42 28.51 -14.33
N VAL B 92 6.54 27.67 -13.80
CA VAL B 92 5.50 28.17 -12.93
C VAL B 92 6.05 28.37 -11.53
N VAL B 93 6.50 27.29 -10.92
CA VAL B 93 7.04 27.35 -9.58
C VAL B 93 8.19 28.33 -9.49
N GLU B 94 9.08 28.30 -10.49
CA GLU B 94 10.21 29.23 -10.49
C GLU B 94 9.72 30.67 -10.40
N ALA B 95 8.74 31.00 -11.22
CA ALA B 95 8.15 32.33 -11.26
C ALA B 95 7.65 32.76 -9.89
N VAL B 96 6.76 31.96 -9.31
CA VAL B 96 6.21 32.24 -7.98
C VAL B 96 7.36 32.56 -7.04
N HIS B 97 8.41 31.76 -7.12
CA HIS B 97 9.55 32.00 -6.24
C HIS B 97 10.35 33.21 -6.67
N ALA B 98 10.17 33.66 -7.91
CA ALA B 98 10.90 34.84 -8.37
C ALA B 98 10.27 36.07 -7.70
N LYS B 99 9.01 35.95 -7.31
CA LYS B 99 8.32 37.07 -6.66
C LYS B 99 8.11 36.86 -5.17
N GLY B 100 8.82 35.91 -4.58
CA GLY B 100 8.75 35.69 -3.15
C GLY B 100 7.55 34.97 -2.56
N GLY B 101 6.93 34.09 -3.33
CA GLY B 101 5.77 33.39 -2.81
C GLY B 101 6.00 31.90 -2.63
N PHE B 102 5.03 31.24 -2.01
CA PHE B 102 5.07 29.79 -1.81
C PHE B 102 3.93 29.20 -2.63
N ILE B 103 4.14 28.03 -3.21
CA ILE B 103 3.08 27.43 -4.00
C ILE B 103 3.02 25.93 -3.79
N PHE B 104 1.79 25.47 -3.57
CA PHE B 104 1.52 24.06 -3.39
C PHE B 104 0.76 23.57 -4.61
N CYS B 105 1.07 22.35 -5.04
CA CYS B 105 0.40 21.79 -6.18
C CYS B 105 -0.74 20.96 -5.60
N GLN B 106 -1.97 21.28 -5.94
CA GLN B 106 -3.06 20.47 -5.41
C GLN B 106 -3.15 19.16 -6.20
N LEU B 107 -3.01 18.04 -5.49
CA LEU B 107 -3.08 16.72 -6.11
C LEU B 107 -4.54 16.36 -6.19
N TRP B 108 -5.01 16.23 -7.43
CA TRP B 108 -6.42 16.02 -7.68
C TRP B 108 -6.87 14.80 -8.49
N HIS B 109 -7.76 14.03 -7.89
CA HIS B 109 -8.31 12.92 -8.63
C HIS B 109 -9.81 13.15 -8.49
N VAL B 110 -10.50 13.25 -9.62
CA VAL B 110 -11.94 13.51 -9.64
C VAL B 110 -12.83 12.31 -9.39
N GLY B 111 -12.25 11.11 -9.44
CA GLY B 111 -13.05 9.94 -9.22
C GLY B 111 -14.18 9.84 -10.24
N ARG B 112 -15.38 9.60 -9.76
CA ARG B 112 -16.53 9.43 -10.63
C ARG B 112 -16.96 10.73 -11.30
N ALA B 113 -16.39 11.85 -10.87
CA ALA B 113 -16.76 13.14 -11.46
C ALA B 113 -15.95 13.34 -12.71
N SER B 114 -16.08 12.40 -13.65
CA SER B 114 -15.33 12.49 -14.88
C SER B 114 -16.16 11.96 -16.04
N HIS B 115 -15.49 11.60 -17.12
CA HIS B 115 -16.19 11.12 -18.29
C HIS B 115 -15.21 10.29 -19.10
N ALA B 116 -15.75 9.36 -19.90
CA ALA B 116 -14.92 8.49 -20.75
C ALA B 116 -13.88 9.32 -21.49
N VAL B 117 -14.27 10.53 -21.87
CA VAL B 117 -13.38 11.41 -22.60
C VAL B 117 -12.05 11.62 -21.84
N TYR B 118 -12.10 11.64 -20.51
CA TYR B 118 -10.89 11.86 -19.71
C TYR B 118 -10.30 10.58 -19.17
N GLN B 119 -10.73 9.45 -19.70
CA GLN B 119 -10.23 8.19 -19.20
C GLN B 119 -9.39 7.41 -20.20
N PRO B 120 -8.27 6.84 -19.74
CA PRO B 120 -7.42 6.05 -20.64
C PRO B 120 -8.32 4.94 -21.19
N ASN B 121 -8.38 4.81 -22.52
CA ASN B 121 -9.17 3.78 -23.16
C ASN B 121 -10.67 4.01 -23.15
N GLY B 122 -11.08 5.22 -22.81
CA GLY B 122 -12.50 5.53 -22.75
C GLY B 122 -13.15 4.78 -21.60
N GLY B 123 -12.33 4.31 -20.66
CA GLY B 123 -12.86 3.58 -19.54
C GLY B 123 -13.77 4.46 -18.72
N SER B 124 -14.55 3.83 -17.85
CA SER B 124 -15.46 4.57 -17.01
C SER B 124 -14.67 5.29 -15.93
N PRO B 125 -15.31 6.25 -15.27
CA PRO B 125 -14.59 6.95 -14.19
C PRO B 125 -14.61 5.97 -13.00
N ILE B 126 -13.61 6.06 -12.14
CA ILE B 126 -13.53 5.17 -11.00
C ILE B 126 -13.88 5.89 -9.70
N SER B 127 -14.34 5.15 -8.69
CA SER B 127 -14.70 5.73 -7.40
C SER B 127 -14.91 4.67 -6.32
N SER B 128 -15.52 5.11 -5.22
CA SER B 128 -15.82 4.19 -4.14
C SER B 128 -17.16 3.55 -4.46
N THR B 129 -17.76 4.00 -5.54
CA THR B 129 -19.09 3.49 -5.91
C THR B 129 -19.28 3.26 -7.40
N ASN B 130 -20.38 2.57 -7.74
CA ASN B 130 -20.73 2.31 -9.11
C ASN B 130 -21.91 3.21 -9.44
N LYS B 131 -22.22 4.10 -8.51
CA LYS B 131 -23.33 5.04 -8.67
C LYS B 131 -22.84 6.37 -9.22
N PRO B 132 -23.58 6.95 -10.17
CA PRO B 132 -23.23 8.23 -10.80
C PRO B 132 -23.70 9.42 -9.96
N ILE B 133 -23.13 10.57 -10.25
CA ILE B 133 -23.52 11.80 -9.61
C ILE B 133 -24.92 12.05 -10.18
N SER B 134 -25.78 12.70 -9.42
CA SER B 134 -27.14 12.97 -9.87
C SER B 134 -27.16 13.19 -11.38
N GLU B 135 -28.06 12.49 -12.06
CA GLU B 135 -28.21 12.59 -13.50
C GLU B 135 -28.69 13.99 -13.87
N ASN B 136 -29.39 14.62 -12.93
CA ASN B 136 -29.96 15.95 -13.08
C ASN B 136 -29.04 17.12 -13.44
N ARG B 137 -29.05 18.10 -12.55
CA ARG B 137 -28.30 19.35 -12.64
C ARG B 137 -26.80 19.21 -12.92
N TRP B 138 -26.16 18.34 -12.15
CA TRP B 138 -24.74 18.10 -12.27
C TRP B 138 -24.42 17.54 -13.64
N ARG B 139 -23.44 18.13 -14.29
CA ARG B 139 -23.02 17.71 -15.62
C ARG B 139 -21.55 17.98 -15.77
N VAL B 140 -20.88 17.15 -16.57
CA VAL B 140 -19.45 17.30 -16.79
C VAL B 140 -19.19 18.03 -18.12
N LEU B 141 -18.29 19.00 -18.07
CA LEU B 141 -17.92 19.78 -19.25
C LEU B 141 -16.81 19.05 -20.01
N LEU B 142 -17.06 18.80 -21.30
CA LEU B 142 -16.08 18.11 -22.14
C LEU B 142 -15.18 19.16 -22.82
N PRO B 143 -14.07 18.70 -23.44
CA PRO B 143 -13.13 19.60 -24.11
C PRO B 143 -13.74 20.42 -25.26
N ASP B 144 -14.68 19.85 -26.00
CA ASP B 144 -15.30 20.59 -27.09
C ASP B 144 -16.24 21.65 -26.55
N GLY B 145 -16.27 21.79 -25.24
CA GLY B 145 -17.11 22.79 -24.63
C GLY B 145 -18.53 22.36 -24.36
N SER B 146 -18.88 21.12 -24.68
CA SER B 146 -20.24 20.64 -24.42
C SER B 146 -20.42 20.23 -22.95
N HIS B 147 -21.68 20.22 -22.50
CA HIS B 147 -22.01 19.84 -21.13
C HIS B 147 -22.81 18.56 -21.16
N VAL B 148 -22.31 17.51 -20.53
CA VAL B 148 -23.00 16.23 -20.50
C VAL B 148 -23.06 15.67 -19.07
N LYS B 149 -24.15 14.98 -18.75
CA LYS B 149 -24.31 14.38 -17.44
C LYS B 149 -23.15 13.41 -17.18
N TYR B 150 -22.86 13.18 -15.91
CA TYR B 150 -21.78 12.26 -15.53
C TYR B 150 -22.13 10.81 -15.84
N PRO B 151 -21.12 9.98 -16.16
CA PRO B 151 -21.43 8.59 -16.46
C PRO B 151 -21.43 7.75 -15.19
N LYS B 152 -21.96 6.55 -15.31
CA LYS B 152 -21.99 5.62 -14.20
C LYS B 152 -20.55 5.13 -14.02
N PRO B 153 -19.93 5.46 -12.87
CA PRO B 153 -18.56 5.04 -12.60
C PRO B 153 -18.43 3.57 -12.23
N ARG B 154 -17.20 3.13 -12.04
CA ARG B 154 -16.92 1.76 -11.62
C ARG B 154 -16.24 1.87 -10.27
N ALA B 155 -16.80 1.23 -9.25
CA ALA B 155 -16.20 1.28 -7.92
C ALA B 155 -14.88 0.52 -7.93
N LEU B 156 -13.86 1.16 -7.39
CA LEU B 156 -12.55 0.55 -7.30
C LEU B 156 -12.65 -0.71 -6.45
N GLU B 157 -11.99 -1.77 -6.90
CA GLU B 157 -11.97 -2.99 -6.12
C GLU B 157 -10.88 -2.69 -5.09
N ALA B 158 -10.99 -3.26 -3.89
CA ALA B 158 -10.00 -2.99 -2.84
C ALA B 158 -8.57 -2.94 -3.37
N SER B 159 -8.16 -3.98 -4.11
CA SER B 159 -6.80 -4.05 -4.63
C SER B 159 -6.34 -2.85 -5.47
N GLU B 160 -7.29 -2.11 -6.04
CA GLU B 160 -6.94 -0.96 -6.84
C GLU B 160 -6.64 0.27 -5.97
N ILE B 161 -7.18 0.29 -4.77
CA ILE B 161 -6.99 1.41 -3.88
C ILE B 161 -5.52 1.82 -3.77
N PRO B 162 -4.62 0.88 -3.41
CA PRO B 162 -3.20 1.23 -3.29
C PRO B 162 -2.61 1.79 -4.58
N ARG B 163 -3.08 1.33 -5.74
CA ARG B 163 -2.56 1.88 -6.98
C ARG B 163 -2.80 3.39 -7.00
N VAL B 164 -4.02 3.80 -6.68
CA VAL B 164 -4.35 5.22 -6.67
C VAL B 164 -3.45 5.93 -5.67
N VAL B 165 -3.37 5.38 -4.47
CA VAL B 165 -2.52 5.95 -3.43
C VAL B 165 -1.14 6.18 -4.01
N GLU B 166 -0.57 5.14 -4.62
CA GLU B 166 0.76 5.25 -5.20
C GLU B 166 0.81 6.37 -6.22
N ASP B 167 -0.28 6.59 -6.95
CA ASP B 167 -0.33 7.67 -7.93
C ASP B 167 -0.16 8.99 -7.19
N TYR B 168 -0.76 9.06 -6.00
CA TYR B 168 -0.63 10.27 -5.19
C TYR B 168 0.82 10.38 -4.73
N CYS B 169 1.45 9.22 -4.47
CA CYS B 169 2.83 9.18 -4.03
C CYS B 169 3.76 9.74 -5.10
N LEU B 170 3.68 9.17 -6.30
CA LEU B 170 4.52 9.64 -7.39
C LEU B 170 4.25 11.11 -7.65
N SER B 171 3.03 11.54 -7.34
CA SER B 171 2.65 12.92 -7.56
C SER B 171 3.35 13.82 -6.57
N ALA B 172 3.32 13.43 -5.31
CA ALA B 172 3.93 14.22 -4.24
C ALA B 172 5.41 14.37 -4.52
N LEU B 173 5.97 13.41 -5.24
CA LEU B 173 7.39 13.48 -5.57
C LEU B 173 7.59 14.38 -6.76
N ASN B 174 6.79 14.17 -7.79
CA ASN B 174 6.85 14.98 -8.99
C ASN B 174 6.58 16.44 -8.67
N ALA B 175 5.85 16.67 -7.59
CA ALA B 175 5.54 18.02 -7.17
C ALA B 175 6.82 18.68 -6.66
N ILE B 176 7.52 17.97 -5.78
CA ILE B 176 8.76 18.49 -5.22
C ILE B 176 9.76 18.70 -6.34
N ARG B 177 9.95 17.67 -7.16
CA ARG B 177 10.90 17.75 -8.27
C ARG B 177 10.51 18.92 -9.17
N ALA B 178 9.25 19.31 -9.11
CA ALA B 178 8.78 20.43 -9.92
C ALA B 178 9.22 21.75 -9.30
N GLY B 179 9.43 21.74 -7.98
CA GLY B 179 9.83 22.93 -7.27
C GLY B 179 8.75 23.37 -6.30
N PHE B 180 7.54 22.85 -6.47
CA PHE B 180 6.44 23.19 -5.58
C PHE B 180 6.88 23.03 -4.14
N ASP B 181 6.44 23.93 -3.27
CA ASP B 181 6.81 23.83 -1.87
C ASP B 181 6.13 22.63 -1.22
N GLY B 182 4.96 22.27 -1.74
CA GLY B 182 4.22 21.14 -1.19
C GLY B 182 3.00 20.85 -2.06
N ILE B 183 2.06 20.10 -1.49
CA ILE B 183 0.86 19.78 -2.23
C ILE B 183 -0.36 19.88 -1.33
N GLU B 184 -1.55 19.92 -1.92
CA GLU B 184 -2.76 19.96 -1.14
C GLU B 184 -3.63 18.85 -1.67
N ILE B 185 -3.66 17.74 -0.94
CA ILE B 185 -4.48 16.61 -1.36
C ILE B 185 -5.87 17.18 -1.49
N HIS B 186 -6.47 16.97 -2.65
CA HIS B 186 -7.79 17.47 -2.87
C HIS B 186 -8.77 16.41 -2.35
N GLY B 187 -9.04 16.43 -1.04
CA GLY B 187 -9.98 15.45 -0.49
C GLY B 187 -11.36 16.09 -0.33
N ALA B 188 -11.67 17.05 -1.19
CA ALA B 188 -12.92 17.77 -1.08
C ALA B 188 -13.80 17.75 -2.33
N HIS B 189 -14.95 18.42 -2.21
CA HIS B 189 -15.87 18.63 -3.32
C HIS B 189 -16.48 17.44 -4.07
N GLY B 190 -16.77 16.37 -3.35
CA GLY B 190 -17.37 15.21 -3.98
C GLY B 190 -16.48 14.50 -4.97
N TYR B 191 -15.19 14.74 -4.90
CA TYR B 191 -14.27 14.06 -5.80
C TYR B 191 -13.85 12.72 -5.22
N LEU B 192 -12.91 12.03 -5.86
CA LEU B 192 -12.53 10.68 -5.43
C LEU B 192 -12.42 10.43 -3.93
N ILE B 193 -11.81 11.34 -3.19
CA ILE B 193 -11.66 11.16 -1.77
C ILE B 193 -12.94 11.47 -1.01
N ASP B 194 -13.67 12.50 -1.43
CA ASP B 194 -14.91 12.84 -0.75
C ASP B 194 -15.95 11.76 -1.02
N GLN B 195 -15.83 11.10 -2.17
CA GLN B 195 -16.74 10.02 -2.54
C GLN B 195 -16.58 8.85 -1.57
N PHE B 196 -15.37 8.69 -1.00
CA PHE B 196 -15.16 7.63 0.00
C PHE B 196 -15.60 8.17 1.36
N LEU B 197 -15.29 9.44 1.60
CA LEU B 197 -15.63 10.09 2.87
C LEU B 197 -17.12 10.34 3.10
N LYS B 198 -17.82 10.77 2.06
CA LYS B 198 -19.24 11.07 2.17
C LYS B 198 -20.09 9.81 2.02
N ASP B 199 -20.72 9.35 3.10
CA ASP B 199 -21.52 8.14 2.98
C ASP B 199 -22.71 8.39 2.07
N GLY B 200 -23.05 9.65 1.84
CA GLY B 200 -24.14 9.95 0.93
C GLY B 200 -23.77 9.31 -0.40
N ILE B 201 -22.48 9.33 -0.70
CA ILE B 201 -21.95 8.78 -1.93
C ILE B 201 -21.46 7.36 -1.73
N ASN B 202 -20.64 7.17 -0.71
CA ASN B 202 -20.04 5.87 -0.44
C ASN B 202 -21.00 4.77 0.00
N ASP B 203 -21.21 3.80 -0.88
CA ASP B 203 -22.06 2.66 -0.56
C ASP B 203 -21.23 1.39 -0.56
N ARG B 204 -19.94 1.51 -0.24
CA ARG B 204 -19.06 0.34 -0.19
C ARG B 204 -19.43 -0.47 1.03
N THR B 205 -19.22 -1.78 0.94
CA THR B 205 -19.53 -2.68 2.02
C THR B 205 -18.29 -3.22 2.71
N ASP B 206 -17.12 -2.95 2.14
CA ASP B 206 -15.90 -3.43 2.77
C ASP B 206 -15.40 -2.41 3.80
N GLN B 207 -14.12 -2.46 4.13
CA GLN B 207 -13.53 -1.58 5.13
C GLN B 207 -13.33 -0.14 4.63
N TYR B 208 -13.72 0.15 3.40
CA TYR B 208 -13.59 1.51 2.86
C TYR B 208 -14.96 2.18 2.84
N GLY B 209 -15.88 1.67 3.65
CA GLY B 209 -17.21 2.25 3.65
C GLY B 209 -18.01 2.00 4.92
N GLY B 210 -19.11 2.73 5.06
CA GLY B 210 -19.95 2.60 6.24
C GLY B 210 -19.56 3.59 7.32
N SER B 211 -18.91 3.07 8.37
CA SER B 211 -18.46 3.89 9.48
C SER B 211 -17.47 4.94 8.98
N ILE B 212 -17.34 6.03 9.72
CA ILE B 212 -16.44 7.11 9.33
C ILE B 212 -15.01 6.60 9.22
N ALA B 213 -14.54 5.91 10.24
CA ALA B 213 -13.19 5.36 10.20
C ALA B 213 -12.99 4.71 8.83
N ASN B 214 -13.96 3.88 8.42
CA ASN B 214 -13.88 3.21 7.13
C ASN B 214 -13.93 4.18 5.97
N ARG B 215 -14.75 5.22 6.08
CA ARG B 215 -14.83 6.20 5.01
C ARG B 215 -13.55 7.02 4.94
N CYS B 216 -12.84 7.10 6.06
CA CYS B 216 -11.60 7.88 6.09
C CYS B 216 -10.38 7.06 5.67
N ARG B 217 -10.52 5.73 5.69
CA ARG B 217 -9.41 4.86 5.35
C ARG B 217 -8.67 5.31 4.11
N PHE B 218 -9.38 5.52 3.00
CA PHE B 218 -8.71 5.92 1.77
C PHE B 218 -7.92 7.20 1.97
N LEU B 219 -8.59 8.21 2.53
CA LEU B 219 -7.93 9.49 2.80
C LEU B 219 -6.74 9.28 3.73
N LYS B 220 -6.84 8.30 4.61
CA LYS B 220 -5.75 8.04 5.54
C LYS B 220 -4.51 7.57 4.81
N GLN B 221 -4.68 6.62 3.89
CA GLN B 221 -3.57 6.08 3.12
C GLN B 221 -2.96 7.17 2.25
N VAL B 222 -3.79 7.92 1.54
CA VAL B 222 -3.27 8.99 0.70
C VAL B 222 -2.43 9.95 1.54
N VAL B 223 -2.95 10.41 2.67
CA VAL B 223 -2.17 11.33 3.49
C VAL B 223 -0.92 10.60 4.02
N GLU B 224 -1.08 9.37 4.48
CA GLU B 224 0.08 8.64 4.97
C GLU B 224 1.14 8.52 3.88
N GLY B 225 0.72 8.11 2.70
CA GLY B 225 1.67 7.96 1.61
C GLY B 225 2.27 9.30 1.26
N VAL B 226 1.45 10.34 1.38
CA VAL B 226 1.92 11.68 1.07
C VAL B 226 2.81 12.22 2.18
N VAL B 227 2.38 12.06 3.43
CA VAL B 227 3.16 12.54 4.57
C VAL B 227 4.49 11.79 4.66
N SER B 228 4.47 10.51 4.31
CA SER B 228 5.70 9.72 4.33
C SER B 228 6.57 10.19 3.19
N ALA B 229 6.02 10.08 1.98
CA ALA B 229 6.72 10.43 0.76
C ALA B 229 7.54 11.70 0.85
N ILE B 230 6.89 12.84 1.13
CA ILE B 230 7.60 14.11 1.16
C ILE B 230 7.61 14.85 2.48
N GLY B 231 7.10 14.23 3.53
CA GLY B 231 7.07 14.89 4.82
C GLY B 231 5.79 15.71 4.98
N ALA B 232 5.30 15.82 6.21
CA ALA B 232 4.07 16.56 6.49
C ALA B 232 4.15 18.03 6.11
N SER B 233 5.26 18.68 6.44
CA SER B 233 5.45 20.10 6.15
C SER B 233 5.12 20.50 4.72
N LYS B 234 5.19 19.55 3.79
CA LYS B 234 4.88 19.85 2.40
C LYS B 234 3.57 19.20 2.02
N VAL B 235 2.67 19.13 3.00
CA VAL B 235 1.38 18.50 2.78
C VAL B 235 0.23 19.26 3.41
N GLY B 236 -0.70 19.69 2.56
CA GLY B 236 -1.88 20.37 3.03
C GLY B 236 -3.01 19.40 2.73
N VAL B 237 -4.08 19.45 3.51
CA VAL B 237 -5.21 18.57 3.29
C VAL B 237 -6.48 19.43 3.18
N ARG B 238 -7.18 19.28 2.06
CA ARG B 238 -8.40 20.03 1.86
C ARG B 238 -9.62 19.09 1.87
N VAL B 239 -10.50 19.26 2.84
CA VAL B 239 -11.71 18.45 2.90
C VAL B 239 -12.91 19.40 2.80
N SER B 240 -14.12 18.85 2.80
CA SER B 240 -15.34 19.64 2.67
C SER B 240 -16.53 18.83 3.20
N PRO B 241 -16.53 18.54 4.50
CA PRO B 241 -17.60 17.76 5.14
C PRO B 241 -19.02 18.27 4.91
N ALA B 242 -19.17 19.58 4.67
CA ALA B 242 -20.49 20.15 4.50
C ALA B 242 -20.75 20.80 3.16
N ILE B 243 -19.98 20.41 2.15
CA ILE B 243 -20.20 20.92 0.82
C ILE B 243 -20.81 19.74 0.07
N ASP B 244 -21.94 19.95 -0.60
CA ASP B 244 -22.58 18.88 -1.32
C ASP B 244 -22.35 18.97 -2.83
N HIS B 245 -21.15 19.40 -3.19
CA HIS B 245 -20.73 19.52 -4.58
C HIS B 245 -20.75 18.10 -5.17
N LEU B 246 -21.54 17.91 -6.24
CA LEU B 246 -21.62 16.62 -6.90
C LEU B 246 -22.13 15.47 -6.04
N ASP B 247 -23.24 15.71 -5.33
CA ASP B 247 -23.86 14.72 -4.45
C ASP B 247 -23.04 14.41 -3.21
N ALA B 248 -21.93 15.12 -3.02
CA ALA B 248 -21.09 14.89 -1.86
C ALA B 248 -21.87 15.22 -0.60
N THR B 249 -22.71 14.29 -0.16
CA THR B 249 -23.49 14.53 1.05
C THR B 249 -23.13 13.55 2.13
N ASP B 250 -23.25 13.99 3.37
CA ASP B 250 -22.96 13.10 4.47
C ASP B 250 -24.13 13.10 5.45
N SER B 251 -24.26 12.00 6.16
CA SER B 251 -25.29 11.83 7.15
C SER B 251 -24.94 12.59 8.43
N ASP B 252 -23.77 13.21 8.45
CA ASP B 252 -23.35 13.97 9.62
C ASP B 252 -22.04 14.69 9.34
N PRO B 253 -22.11 15.85 8.68
CA PRO B 253 -20.91 16.62 8.35
C PRO B 253 -19.95 16.86 9.53
N LEU B 254 -20.50 17.28 10.67
CA LEU B 254 -19.64 17.54 11.83
C LEU B 254 -18.85 16.30 12.22
N SER B 255 -19.55 15.19 12.41
CA SER B 255 -18.85 13.97 12.82
C SER B 255 -17.86 13.56 11.73
N LEU B 256 -18.22 13.80 10.48
CA LEU B 256 -17.31 13.46 9.40
C LEU B 256 -16.09 14.37 9.51
N GLY B 257 -16.35 15.68 9.62
CA GLY B 257 -15.28 16.64 9.74
C GLY B 257 -14.34 16.28 10.87
N LEU B 258 -14.91 15.94 12.03
CA LEU B 258 -14.12 15.58 13.18
C LEU B 258 -13.47 14.25 12.91
N ALA B 259 -14.16 13.42 12.14
CA ALA B 259 -13.64 12.11 11.78
C ALA B 259 -12.31 12.39 11.10
N VAL B 260 -12.32 13.30 10.13
CA VAL B 260 -11.09 13.65 9.42
C VAL B 260 -10.08 14.30 10.34
N VAL B 261 -10.49 15.34 11.06
CA VAL B 261 -9.56 16.02 11.94
C VAL B 261 -8.86 15.03 12.84
N GLY B 262 -9.64 14.18 13.49
CA GLY B 262 -9.07 13.20 14.42
C GLY B 262 -8.02 12.36 13.74
N MET B 263 -8.36 11.84 12.57
CA MET B 263 -7.44 11.00 11.82
C MET B 263 -6.16 11.78 11.54
N LEU B 264 -6.29 13.08 11.26
CA LEU B 264 -5.10 13.89 10.97
C LEU B 264 -4.33 14.19 12.26
N ASN B 265 -5.04 14.40 13.36
CA ASN B 265 -4.33 14.68 14.60
C ASN B 265 -3.46 13.47 14.94
N LYS B 266 -4.01 12.26 14.71
CA LYS B 266 -3.28 11.03 14.98
C LYS B 266 -2.03 10.93 14.11
N LEU B 267 -2.23 11.04 12.80
CA LEU B 267 -1.12 10.95 11.85
C LEU B 267 0.01 11.88 12.25
N GLN B 268 -0.35 13.07 12.71
CA GLN B 268 0.66 14.03 13.11
C GLN B 268 1.40 13.49 14.33
N GLY B 269 0.68 12.81 15.21
CA GLY B 269 1.31 12.23 16.39
C GLY B 269 2.26 11.09 16.01
N VAL B 270 1.68 10.02 15.46
CA VAL B 270 2.43 8.84 15.01
C VAL B 270 3.56 9.20 14.07
N ASN B 271 3.35 10.19 13.19
CA ASN B 271 4.39 10.60 12.27
C ASN B 271 5.34 11.60 12.94
N GLY B 272 4.86 12.20 14.03
CA GLY B 272 5.64 13.18 14.77
C GLY B 272 6.03 14.43 14.01
N SER B 273 5.07 14.99 13.26
CA SER B 273 5.32 16.21 12.49
C SER B 273 4.00 16.86 12.04
N LYS B 274 3.96 18.19 12.06
CA LYS B 274 2.77 18.93 11.67
C LYS B 274 2.56 18.99 10.17
N LEU B 275 1.33 18.73 9.76
CA LEU B 275 0.98 18.81 8.38
C LEU B 275 1.12 20.29 8.06
N ALA B 276 1.27 20.62 6.78
CA ALA B 276 1.38 22.02 6.38
C ALA B 276 0.13 22.72 6.88
N TYR B 277 -1.03 22.08 6.68
CA TYR B 277 -2.28 22.67 7.11
C TYR B 277 -3.50 21.82 6.80
N LEU B 278 -4.61 22.18 7.44
CA LEU B 278 -5.90 21.56 7.20
C LEU B 278 -6.71 22.72 6.61
N HIS B 279 -7.18 22.51 5.40
CA HIS B 279 -7.94 23.51 4.66
C HIS B 279 -9.34 22.95 4.40
N VAL B 280 -10.36 23.69 4.83
CA VAL B 280 -11.72 23.23 4.67
C VAL B 280 -12.58 24.26 3.98
N THR B 281 -13.37 23.78 3.01
CA THR B 281 -14.27 24.63 2.26
C THR B 281 -15.56 24.63 3.02
N GLN B 282 -16.11 25.81 3.23
CA GLN B 282 -17.37 25.87 3.93
C GLN B 282 -18.43 26.31 2.95
N PRO B 283 -19.64 25.82 3.16
CA PRO B 283 -20.75 26.20 2.27
C PRO B 283 -21.21 27.59 2.74
N ARG B 284 -21.94 28.28 1.87
CA ARG B 284 -22.49 29.61 2.18
C ARG B 284 -23.95 29.47 1.79
N TYR B 285 -24.83 29.52 2.79
CA TYR B 285 -26.25 29.34 2.52
C TYR B 285 -26.81 30.47 1.67
N HIS B 286 -27.97 30.18 1.06
CA HIS B 286 -28.68 31.13 0.21
C HIS B 286 -29.56 31.98 1.11
N ALA B 287 -29.26 33.27 1.17
CA ALA B 287 -30.02 34.19 2.00
C ALA B 287 -31.04 34.96 1.15
N TYR B 288 -32.18 35.27 1.75
CA TYR B 288 -33.23 36.03 1.08
C TYR B 288 -33.13 37.47 1.53
N ASP B 299 -25.56 32.92 10.48
CA ASP B 299 -25.40 33.62 11.76
C ASP B 299 -24.42 32.94 12.72
N GLU B 300 -24.74 33.02 14.00
CA GLU B 300 -23.93 32.45 15.07
C GLU B 300 -23.58 30.99 14.82
N GLU B 301 -24.58 30.12 14.91
CA GLU B 301 -24.35 28.70 14.69
C GLU B 301 -24.33 28.34 13.21
N GLU B 302 -24.29 29.37 12.37
CA GLU B 302 -24.26 29.17 10.93
C GLU B 302 -23.04 28.31 10.61
N ALA B 303 -21.97 28.53 11.37
CA ALA B 303 -20.74 27.81 11.17
C ALA B 303 -20.30 27.11 12.45
N LYS B 304 -20.85 25.93 12.73
CA LYS B 304 -20.44 25.18 13.92
C LYS B 304 -19.33 24.22 13.51
N LEU B 305 -19.52 23.55 12.38
CA LEU B 305 -18.52 22.62 11.90
C LEU B 305 -17.19 23.33 11.77
N MET B 306 -17.11 24.25 10.81
CA MET B 306 -15.88 25.00 10.56
C MET B 306 -15.27 25.51 11.86
N LYS B 307 -16.08 26.17 12.68
CA LYS B 307 -15.58 26.72 13.93
C LYS B 307 -15.03 25.62 14.80
N SER B 308 -15.79 24.54 14.90
CA SER B 308 -15.37 23.40 15.69
C SER B 308 -14.24 22.68 14.97
N LEU B 309 -14.19 22.79 13.64
CA LEU B 309 -13.14 22.12 12.89
C LEU B 309 -11.78 22.67 13.28
N ARG B 310 -11.62 23.99 13.13
CA ARG B 310 -10.33 24.59 13.47
C ARG B 310 -10.04 24.35 14.94
N MET B 311 -11.09 24.22 15.76
CA MET B 311 -10.89 24.00 17.18
C MET B 311 -10.23 22.67 17.51
N ALA B 312 -10.74 21.57 16.92
CA ALA B 312 -10.19 20.25 17.19
C ALA B 312 -8.85 20.03 16.53
N TYR B 313 -8.74 20.45 15.27
CA TYR B 313 -7.50 20.26 14.55
C TYR B 313 -6.32 20.98 15.17
N ASN B 314 -5.27 20.23 15.45
CA ASN B 314 -4.04 20.78 16.04
C ASN B 314 -3.12 21.14 14.88
N GLY B 315 -3.24 22.36 14.38
CA GLY B 315 -2.39 22.76 13.28
C GLY B 315 -2.90 23.99 12.56
N THR B 316 -2.30 24.28 11.42
CA THR B 316 -2.66 25.45 10.65
C THR B 316 -3.93 25.17 9.86
N PHE B 317 -5.02 25.71 10.35
CA PHE B 317 -6.30 25.50 9.71
C PHE B 317 -6.50 26.57 8.67
N MET B 318 -7.02 26.17 7.52
CA MET B 318 -7.27 27.11 6.43
C MET B 318 -8.74 27.01 6.05
N SER B 319 -9.47 28.10 6.24
CA SER B 319 -10.88 28.11 5.90
C SER B 319 -11.03 28.70 4.52
N SER B 320 -12.12 28.31 3.85
CA SER B 320 -12.42 28.81 2.51
C SER B 320 -13.89 28.74 2.17
N GLY B 321 -14.29 29.48 1.15
CA GLY B 321 -15.67 29.42 0.71
C GLY B 321 -16.38 30.75 0.78
N GLY B 322 -16.57 31.40 -0.36
CA GLY B 322 -17.25 32.67 -0.40
C GLY B 322 -16.72 33.74 0.55
N PHE B 323 -15.42 33.74 0.80
CA PHE B 323 -14.87 34.76 1.68
C PHE B 323 -14.57 36.04 0.92
N ASN B 324 -14.76 37.17 1.58
CA ASN B 324 -14.41 38.44 0.97
C ASN B 324 -13.42 39.05 1.95
N LYS B 325 -12.88 40.21 1.65
CA LYS B 325 -11.92 40.80 2.56
C LYS B 325 -12.49 40.84 3.98
N GLU B 326 -13.74 41.26 4.11
CA GLU B 326 -14.40 41.37 5.42
C GLU B 326 -14.41 40.08 6.24
N LEU B 327 -15.02 39.03 5.71
CA LEU B 327 -15.10 37.75 6.40
C LEU B 327 -13.72 37.20 6.71
N GLY B 328 -12.78 37.41 5.80
CA GLY B 328 -11.44 36.90 6.00
C GLY B 328 -10.79 37.46 7.24
N MET B 329 -10.81 38.79 7.35
CA MET B 329 -10.22 39.49 8.48
C MET B 329 -11.05 39.18 9.70
N GLN B 330 -12.36 39.24 9.55
CA GLN B 330 -13.25 38.94 10.67
C GLN B 330 -12.86 37.54 11.15
N ALA B 331 -12.79 36.61 10.21
CA ALA B 331 -12.41 35.24 10.50
C ALA B 331 -11.08 35.19 11.25
N VAL B 332 -10.05 35.84 10.71
CA VAL B 332 -8.74 35.81 11.38
C VAL B 332 -8.75 36.46 12.77
N GLN B 333 -9.30 37.66 12.85
CA GLN B 333 -9.37 38.38 14.12
C GLN B 333 -9.99 37.53 15.26
N GLN B 334 -11.04 36.77 14.94
CA GLN B 334 -11.71 35.94 15.95
C GLN B 334 -11.08 34.57 16.18
N GLY B 335 -9.88 34.35 15.64
CA GLY B 335 -9.23 33.07 15.80
C GLY B 335 -10.01 31.98 15.08
N ASP B 336 -10.95 32.38 14.24
CA ASP B 336 -11.77 31.43 13.49
C ASP B 336 -10.89 30.49 12.67
N ALA B 337 -10.23 31.07 11.67
CA ALA B 337 -9.35 30.32 10.78
C ALA B 337 -7.97 30.96 10.80
N ASP B 338 -6.94 30.15 10.56
CA ASP B 338 -5.59 30.69 10.53
C ASP B 338 -5.34 31.32 9.15
N LEU B 339 -5.65 30.57 8.11
CA LEU B 339 -5.48 31.03 6.74
C LEU B 339 -6.83 31.00 6.03
N VAL B 340 -7.00 31.96 5.13
CA VAL B 340 -8.22 32.08 4.37
C VAL B 340 -7.86 32.08 2.89
N SER B 341 -8.42 31.15 2.13
CA SER B 341 -8.13 31.09 0.70
C SER B 341 -9.28 31.71 -0.07
N TYR B 342 -8.91 32.48 -1.09
CA TYR B 342 -9.87 33.15 -1.94
C TYR B 342 -9.77 32.60 -3.33
N GLY B 343 -10.93 32.25 -3.91
CA GLY B 343 -10.95 31.71 -5.24
C GLY B 343 -11.29 32.73 -6.29
N ARG B 344 -12.57 32.90 -6.55
CA ARG B 344 -13.04 33.83 -7.57
C ARG B 344 -12.46 35.23 -7.50
N LEU B 345 -12.28 35.77 -6.30
CA LEU B 345 -11.72 37.10 -6.18
C LEU B 345 -10.29 37.11 -6.67
N PHE B 346 -9.57 36.02 -6.44
CA PHE B 346 -8.18 35.95 -6.87
C PHE B 346 -8.13 35.80 -8.38
N ILE B 347 -9.15 35.18 -8.96
CA ILE B 347 -9.17 35.02 -10.40
C ILE B 347 -9.25 36.41 -11.04
N ALA B 348 -10.15 37.21 -10.50
CA ALA B 348 -10.44 38.56 -10.98
C ALA B 348 -9.48 39.65 -10.53
N ASN B 349 -8.71 39.37 -9.49
CA ASN B 349 -7.79 40.36 -8.95
C ASN B 349 -6.45 39.76 -8.63
N PRO B 350 -5.49 39.91 -9.55
CA PRO B 350 -4.15 39.36 -9.36
C PRO B 350 -3.49 39.83 -8.08
N ASP B 351 -3.36 41.15 -7.93
CA ASP B 351 -2.76 41.73 -6.74
C ASP B 351 -3.82 41.70 -5.64
N LEU B 352 -4.60 40.62 -5.62
CA LEU B 352 -5.69 40.52 -4.65
C LEU B 352 -5.31 40.96 -3.25
N VAL B 353 -4.05 40.78 -2.87
CA VAL B 353 -3.66 41.17 -1.52
C VAL B 353 -3.52 42.67 -1.34
N SER B 354 -2.98 43.38 -2.32
CA SER B 354 -2.84 44.82 -2.20
C SER B 354 -4.22 45.48 -2.21
N ARG B 355 -5.11 45.01 -3.08
CA ARG B 355 -6.44 45.61 -3.12
C ARG B 355 -7.05 45.53 -1.73
N PHE B 356 -6.79 44.41 -1.06
CA PHE B 356 -7.28 44.21 0.30
C PHE B 356 -6.58 45.15 1.28
N LYS B 357 -5.27 45.28 1.15
CA LYS B 357 -4.53 46.16 2.05
C LYS B 357 -5.08 47.59 2.08
N ILE B 358 -5.53 48.09 0.93
CA ILE B 358 -6.04 49.46 0.84
C ILE B 358 -7.53 49.55 0.59
N ASP B 359 -8.24 48.44 0.79
CA ASP B 359 -9.69 48.38 0.54
C ASP B 359 -9.94 48.95 -0.84
N GLY B 360 -9.11 48.55 -1.79
CA GLY B 360 -9.24 49.01 -3.14
C GLY B 360 -10.42 48.33 -3.79
N GLU B 361 -10.94 48.94 -4.84
CA GLU B 361 -12.06 48.37 -5.57
C GLU B 361 -11.60 47.04 -6.16
N LEU B 362 -12.49 46.05 -6.18
CA LEU B 362 -12.17 44.73 -6.69
C LEU B 362 -12.81 44.48 -8.05
N ASN B 363 -12.04 43.95 -8.99
CA ASN B 363 -12.59 43.63 -10.30
C ASN B 363 -13.57 42.48 -10.11
N LYS B 364 -14.67 42.49 -10.87
CA LYS B 364 -15.64 41.41 -10.76
C LYS B 364 -15.14 40.28 -11.65
N TYR B 365 -15.17 39.05 -11.13
CA TYR B 365 -14.72 37.90 -11.91
C TYR B 365 -15.67 37.58 -13.05
N ASN B 366 -15.17 36.82 -14.03
CA ASN B 366 -15.99 36.45 -15.17
C ASN B 366 -16.32 34.96 -15.17
N ARG B 367 -17.45 34.62 -14.55
CA ARG B 367 -17.92 33.24 -14.46
C ARG B 367 -17.81 32.51 -15.80
N LYS B 368 -17.90 33.26 -16.89
CA LYS B 368 -17.85 32.70 -18.22
C LYS B 368 -16.49 32.19 -18.64
N THR B 369 -15.42 32.94 -18.38
CA THR B 369 -14.11 32.47 -18.78
C THR B 369 -13.38 31.75 -17.65
N PHE B 370 -14.12 31.02 -16.82
CA PHE B 370 -13.49 30.29 -15.73
C PHE B 370 -12.68 29.11 -16.26
N TYR B 371 -13.31 28.34 -17.15
CA TYR B 371 -12.71 27.12 -17.68
C TYR B 371 -12.41 27.20 -19.17
N THR B 372 -11.94 28.36 -19.61
CA THR B 372 -11.61 28.56 -21.00
C THR B 372 -10.14 28.21 -21.24
N GLN B 373 -9.79 28.06 -22.52
CA GLN B 373 -8.44 27.66 -22.90
C GLN B 373 -7.46 28.78 -23.25
N ASP B 374 -7.95 30.02 -23.34
CA ASP B 374 -7.07 31.12 -23.71
C ASP B 374 -6.06 31.39 -22.60
N PRO B 375 -4.78 31.52 -22.95
CA PRO B 375 -3.75 31.77 -21.95
C PRO B 375 -3.77 33.19 -21.39
N VAL B 376 -4.44 34.10 -22.10
CA VAL B 376 -4.53 35.49 -21.68
C VAL B 376 -5.94 35.92 -21.23
N VAL B 377 -6.89 35.82 -22.16
CA VAL B 377 -8.28 36.20 -21.97
C VAL B 377 -8.93 35.53 -20.78
N GLY B 378 -9.38 36.36 -19.84
CA GLY B 378 -10.02 35.84 -18.64
C GLY B 378 -9.05 35.03 -17.80
N TYR B 379 -7.76 35.17 -18.07
CA TYR B 379 -6.78 34.42 -17.31
C TYR B 379 -5.75 35.33 -16.67
N THR B 380 -5.06 36.11 -17.49
CA THR B 380 -4.05 37.02 -16.96
C THR B 380 -4.35 38.46 -17.39
N ASP B 381 -5.56 38.70 -17.90
CA ASP B 381 -5.93 40.03 -18.34
C ASP B 381 -6.52 40.88 -17.21
N TYR B 382 -7.18 40.25 -16.24
CA TYR B 382 -7.70 41.02 -15.11
C TYR B 382 -6.51 41.91 -14.68
N PRO B 383 -6.64 43.22 -14.81
CA PRO B 383 -5.59 44.19 -14.45
C PRO B 383 -5.30 44.42 -12.98
N PHE B 384 -4.07 44.85 -12.73
CA PHE B 384 -3.62 45.20 -11.40
C PHE B 384 -4.05 46.64 -11.19
N LEU B 385 -3.89 47.16 -9.98
CA LEU B 385 -4.24 48.54 -9.71
C LEU B 385 -2.95 49.35 -9.90
N SER A 8 11.96 -13.72 -23.40
CA SER A 8 12.87 -12.73 -24.03
C SER A 8 12.57 -11.33 -23.49
N ASN A 9 11.29 -11.01 -23.36
CA ASN A 9 10.87 -9.70 -22.87
C ASN A 9 10.34 -9.76 -21.43
N GLU A 10 10.41 -10.94 -20.81
CA GLU A 10 9.94 -11.10 -19.44
C GLU A 10 10.98 -10.64 -18.45
N THR A 11 10.52 -10.08 -17.33
CA THR A 11 11.42 -9.62 -16.28
C THR A 11 10.75 -9.73 -14.92
N LEU A 12 11.48 -9.35 -13.89
CA LEU A 12 10.98 -9.37 -12.53
C LEU A 12 9.83 -8.40 -12.39
N PHE A 13 9.71 -7.49 -13.35
CA PHE A 13 8.65 -6.50 -13.28
C PHE A 13 7.46 -6.79 -14.18
N SER A 14 7.51 -7.94 -14.83
CA SER A 14 6.40 -8.33 -15.69
C SER A 14 5.33 -8.88 -14.77
N SER A 15 4.07 -8.52 -15.03
CA SER A 15 2.98 -9.00 -14.21
C SER A 15 2.85 -10.50 -14.42
N TYR A 16 2.13 -11.16 -13.53
CA TYR A 16 1.97 -12.59 -13.64
C TYR A 16 0.55 -13.03 -13.29
N LYS A 17 0.23 -14.26 -13.68
CA LYS A 17 -1.08 -14.83 -13.43
C LYS A 17 -1.03 -16.18 -12.72
N MET A 18 -1.71 -16.25 -11.59
CA MET A 18 -1.81 -17.46 -10.80
C MET A 18 -3.26 -17.90 -10.91
N GLY A 19 -4.06 -17.05 -11.54
CA GLY A 19 -5.47 -17.32 -11.70
C GLY A 19 -6.19 -16.81 -10.48
N ARG A 20 -5.78 -17.32 -9.32
CA ARG A 20 -6.38 -16.91 -8.08
C ARG A 20 -5.88 -15.54 -7.64
N PHE A 21 -4.84 -15.04 -8.31
CA PHE A 21 -4.25 -13.75 -7.99
C PHE A 21 -3.58 -13.13 -9.20
N ASP A 22 -3.63 -11.80 -9.27
CA ASP A 22 -3.02 -11.04 -10.34
C ASP A 22 -1.79 -10.34 -9.78
N LEU A 23 -0.61 -10.78 -10.16
CA LEU A 23 0.62 -10.16 -9.66
C LEU A 23 1.11 -9.12 -10.64
N SER A 24 1.59 -7.99 -10.12
CA SER A 24 2.07 -6.91 -10.95
C SER A 24 3.53 -7.13 -11.28
N HIS A 25 4.21 -7.88 -10.43
CA HIS A 25 5.62 -8.16 -10.64
C HIS A 25 5.90 -9.53 -10.06
N ARG A 26 7.05 -10.08 -10.43
CA ARG A 26 7.43 -11.42 -10.02
C ARG A 26 8.20 -11.54 -8.73
N VAL A 27 8.70 -10.41 -8.24
CA VAL A 27 9.51 -10.40 -7.01
C VAL A 27 8.71 -10.85 -5.81
N VAL A 28 9.18 -11.92 -5.20
CA VAL A 28 8.51 -12.51 -4.05
C VAL A 28 9.23 -12.38 -2.73
N LEU A 29 8.48 -12.00 -1.70
CA LEU A 29 9.05 -11.90 -0.38
C LEU A 29 8.90 -13.28 0.24
N ALA A 30 10.00 -14.03 0.28
CA ALA A 30 10.03 -15.37 0.85
C ALA A 30 9.57 -15.38 2.30
N PRO A 31 9.13 -16.56 2.80
CA PRO A 31 8.68 -16.71 4.17
C PRO A 31 9.91 -16.62 5.05
N MET A 32 9.89 -15.74 6.05
CA MET A 32 11.08 -15.62 6.88
C MET A 32 10.87 -15.62 8.36
N THR A 33 11.37 -16.67 9.01
CA THR A 33 11.30 -16.81 10.45
C THR A 33 12.04 -15.60 11.02
N ARG A 34 11.35 -14.82 11.85
CA ARG A 34 11.96 -13.63 12.44
C ARG A 34 11.73 -13.64 13.95
N CYS A 35 10.64 -14.28 14.37
CA CYS A 35 10.34 -14.42 15.79
C CYS A 35 9.96 -13.13 16.52
N ARG A 36 9.00 -12.40 15.95
CA ARG A 36 8.53 -11.16 16.57
C ARG A 36 7.11 -11.35 17.04
N ALA A 37 6.57 -12.54 16.83
CA ALA A 37 5.19 -12.84 17.21
C ALA A 37 5.20 -13.39 18.63
N LEU A 38 5.73 -12.58 19.54
CA LEU A 38 5.89 -12.93 20.94
C LEU A 38 4.76 -13.78 21.49
N ASN A 39 5.14 -14.77 22.30
CA ASN A 39 4.20 -15.69 22.93
C ASN A 39 3.56 -16.57 21.88
N GLY A 40 4.06 -16.46 20.65
CA GLY A 40 3.54 -17.27 19.59
C GLY A 40 2.25 -16.80 18.95
N VAL A 41 1.94 -15.51 19.10
CA VAL A 41 0.72 -14.98 18.49
C VAL A 41 1.09 -13.74 17.67
N PRO A 42 0.47 -13.58 16.48
CA PRO A 42 0.76 -12.42 15.64
C PRO A 42 0.44 -11.14 16.42
N ASN A 43 0.89 -10.01 15.92
CA ASN A 43 0.66 -8.74 16.60
C ASN A 43 0.73 -7.64 15.54
N ALA A 44 0.61 -6.39 15.97
CA ALA A 44 0.64 -5.26 15.04
C ALA A 44 2.04 -5.03 14.50
N ALA A 45 3.05 -5.56 15.18
CA ALA A 45 4.42 -5.38 14.73
C ALA A 45 4.45 -5.99 13.32
N LEU A 46 4.59 -7.31 13.24
CA LEU A 46 4.60 -8.02 11.94
C LEU A 46 3.79 -7.25 10.87
N ALA A 47 2.53 -6.94 11.18
CA ALA A 47 1.68 -6.21 10.24
C ALA A 47 2.48 -5.07 9.63
N GLU A 48 3.14 -4.31 10.50
CA GLU A 48 3.96 -3.19 10.05
C GLU A 48 4.97 -3.76 9.05
N TYR A 49 5.64 -4.82 9.47
CA TYR A 49 6.66 -5.49 8.67
C TYR A 49 6.17 -5.93 7.31
N TYR A 50 5.10 -6.72 7.29
CA TYR A 50 4.57 -7.24 6.04
C TYR A 50 4.01 -6.15 5.13
N ALA A 51 3.33 -5.16 5.72
CA ALA A 51 2.78 -4.08 4.94
C ALA A 51 3.92 -3.30 4.28
N GLN A 52 4.98 -3.01 5.05
CA GLN A 52 6.11 -2.27 4.50
C GLN A 52 6.87 -3.08 3.48
N ARG A 53 6.87 -4.40 3.66
CA ARG A 53 7.61 -5.21 2.73
C ARG A 53 6.83 -5.71 1.55
N THR A 54 5.78 -4.98 1.19
CA THR A 54 4.97 -5.38 0.05
C THR A 54 4.55 -4.20 -0.82
N THR A 55 4.42 -4.49 -2.11
CA THR A 55 4.00 -3.51 -3.10
C THR A 55 2.68 -4.02 -3.67
N PRO A 56 1.71 -3.12 -3.89
CA PRO A 56 0.41 -3.56 -4.43
C PRO A 56 0.71 -4.52 -5.57
N GLY A 57 -0.14 -5.53 -5.75
CA GLY A 57 0.10 -6.49 -6.80
C GLY A 57 1.29 -7.37 -6.46
N GLY A 58 1.88 -7.14 -5.29
CA GLY A 58 3.02 -7.93 -4.83
C GLY A 58 2.59 -9.13 -4.00
N PHE A 59 3.32 -10.23 -4.13
CA PHE A 59 3.00 -11.47 -3.44
C PHE A 59 3.79 -11.66 -2.13
N LEU A 60 3.08 -12.03 -1.09
CA LEU A 60 3.73 -12.25 0.19
C LEU A 60 3.44 -13.65 0.69
N ILE A 61 4.40 -14.17 1.43
CA ILE A 61 4.31 -15.46 2.06
C ILE A 61 4.88 -15.18 3.45
N SER A 62 4.14 -15.55 4.48
CA SER A 62 4.57 -15.30 5.84
C SER A 62 5.58 -16.32 6.32
N GLU A 63 6.41 -15.90 7.27
CA GLU A 63 7.39 -16.79 7.87
C GLU A 63 6.66 -18.08 8.23
N GLY A 64 7.41 -19.15 8.50
CA GLY A 64 6.78 -20.40 8.85
C GLY A 64 5.83 -20.17 10.02
N THR A 65 4.66 -20.80 9.94
CA THR A 65 3.64 -20.62 10.97
C THR A 65 3.16 -21.97 11.51
N MET A 66 3.30 -22.15 12.83
CA MET A 66 2.89 -23.39 13.46
C MET A 66 1.53 -23.87 13.00
N VAL A 67 1.43 -25.17 12.70
CA VAL A 67 0.17 -25.78 12.29
C VAL A 67 -0.42 -26.50 13.51
N SER A 68 0.34 -26.53 14.60
CA SER A 68 -0.10 -27.19 15.81
C SER A 68 0.51 -26.58 17.06
N PRO A 69 -0.28 -26.46 18.14
CA PRO A 69 0.12 -25.90 19.43
C PRO A 69 1.27 -26.77 19.92
N GLY A 70 2.23 -26.97 19.02
CA GLY A 70 3.40 -27.80 19.27
C GLY A 70 4.20 -28.13 18.00
N SER A 71 4.27 -27.20 17.05
CA SER A 71 5.06 -27.48 15.85
C SER A 71 6.17 -26.46 15.54
N ALA A 72 6.67 -25.78 16.58
CA ALA A 72 7.73 -24.78 16.44
C ALA A 72 9.13 -25.26 16.83
N GLY A 73 10.14 -24.65 16.23
CA GLY A 73 11.51 -25.00 16.53
C GLY A 73 12.32 -23.72 16.67
N PHE A 74 11.60 -22.63 16.91
CA PHE A 74 12.18 -21.31 17.07
C PHE A 74 11.34 -20.58 18.11
N PRO A 75 11.90 -19.53 18.70
CA PRO A 75 11.18 -18.76 19.72
C PRO A 75 10.08 -17.89 19.15
N HIS A 76 9.05 -17.70 19.97
CA HIS A 76 7.93 -16.85 19.66
C HIS A 76 7.37 -16.85 18.25
N VAL A 77 7.77 -17.79 17.41
CA VAL A 77 7.23 -17.77 16.06
C VAL A 77 5.73 -17.75 16.20
N PRO A 78 5.04 -17.25 15.16
CA PRO A 78 3.59 -17.22 15.29
C PRO A 78 2.93 -18.57 15.02
N GLY A 79 1.70 -18.69 15.53
CA GLY A 79 0.92 -19.88 15.30
C GLY A 79 -0.33 -19.41 14.58
N ILE A 80 -1.11 -20.36 14.09
CA ILE A 80 -2.35 -20.03 13.40
C ILE A 80 -3.30 -21.21 13.63
N TYR A 81 -2.96 -22.01 14.63
CA TYR A 81 -3.74 -23.19 14.97
C TYR A 81 -4.97 -22.90 15.83
N SER A 82 -4.92 -21.81 16.61
CA SER A 82 -5.99 -21.43 17.50
C SER A 82 -6.73 -20.18 17.07
N ASP A 83 -7.73 -19.79 17.86
CA ASP A 83 -8.51 -18.58 17.60
C ASP A 83 -7.68 -17.33 17.85
N GLU A 84 -7.07 -17.26 19.03
CA GLU A 84 -6.24 -16.13 19.39
C GLU A 84 -5.36 -15.74 18.18
N GLN A 85 -4.69 -16.73 17.60
CA GLN A 85 -3.82 -16.48 16.45
C GLN A 85 -4.60 -16.04 15.23
N VAL A 86 -5.48 -16.90 14.75
CA VAL A 86 -6.28 -16.55 13.59
C VAL A 86 -6.82 -15.14 13.75
N GLU A 87 -7.54 -14.92 14.85
CA GLU A 87 -8.11 -13.62 15.16
C GLU A 87 -7.03 -12.54 15.18
N ALA A 88 -5.84 -12.89 15.67
CA ALA A 88 -4.75 -11.94 15.77
C ALA A 88 -3.96 -11.67 14.48
N TRP A 89 -4.01 -12.59 13.53
CA TRP A 89 -3.30 -12.42 12.25
C TRP A 89 -3.88 -11.27 11.44
N LYS A 90 -5.07 -10.82 11.81
CA LYS A 90 -5.74 -9.76 11.09
C LYS A 90 -4.94 -8.47 10.89
N GLN A 91 -4.66 -7.75 11.96
CA GLN A 91 -3.93 -6.50 11.81
C GLN A 91 -2.81 -6.67 10.77
N VAL A 92 -2.33 -7.90 10.61
CA VAL A 92 -1.29 -8.19 9.63
C VAL A 92 -1.92 -8.52 8.28
N VAL A 93 -2.99 -9.30 8.31
CA VAL A 93 -3.69 -9.70 7.09
C VAL A 93 -4.30 -8.49 6.39
N GLU A 94 -4.84 -7.57 7.16
CA GLU A 94 -5.45 -6.36 6.58
C GLU A 94 -4.37 -5.45 6.00
N ALA A 95 -3.26 -5.30 6.71
CA ALA A 95 -2.19 -4.44 6.28
C ALA A 95 -1.85 -4.72 4.83
N VAL A 96 -1.27 -5.89 4.59
CA VAL A 96 -0.88 -6.29 3.26
C VAL A 96 -2.06 -6.00 2.36
N HIS A 97 -3.26 -6.25 2.87
CA HIS A 97 -4.46 -6.01 2.11
C HIS A 97 -4.69 -4.56 1.77
N ALA A 98 -4.37 -3.68 2.71
CA ALA A 98 -4.50 -2.24 2.49
C ALA A 98 -3.34 -1.86 1.59
N LYS A 99 -2.21 -2.51 1.79
CA LYS A 99 -1.04 -2.24 0.98
C LYS A 99 -1.33 -2.69 -0.46
N GLY A 100 -2.40 -3.45 -0.63
CA GLY A 100 -2.77 -3.90 -1.96
C GLY A 100 -2.23 -5.22 -2.47
N GLY A 101 -1.30 -5.85 -1.75
CA GLY A 101 -0.77 -7.12 -2.22
C GLY A 101 -1.51 -8.34 -1.69
N PHE A 102 -0.93 -9.52 -1.89
CA PHE A 102 -1.51 -10.75 -1.37
C PHE A 102 -0.51 -11.41 -0.46
N ILE A 103 -0.99 -12.26 0.41
CA ILE A 103 -0.09 -12.93 1.31
C ILE A 103 -0.51 -14.37 1.60
N PHE A 104 0.48 -15.26 1.56
CA PHE A 104 0.25 -16.65 1.84
C PHE A 104 0.84 -16.94 3.20
N CYS A 105 0.16 -17.77 3.98
CA CYS A 105 0.66 -18.14 5.29
C CYS A 105 1.40 -19.46 5.13
N GLN A 106 2.70 -19.46 5.43
CA GLN A 106 3.44 -20.69 5.31
C GLN A 106 3.13 -21.57 6.52
N LEU A 107 2.59 -22.76 6.25
CA LEU A 107 2.25 -23.71 7.30
C LEU A 107 3.56 -24.45 7.59
N TRP A 108 4.01 -24.33 8.82
CA TRP A 108 5.28 -24.87 9.21
C TRP A 108 5.29 -25.83 10.37
N HIS A 109 5.84 -27.01 10.12
CA HIS A 109 6.01 -28.01 11.16
C HIS A 109 7.47 -28.35 11.12
N VAL A 110 8.15 -28.17 12.24
CA VAL A 110 9.57 -28.43 12.33
C VAL A 110 9.94 -29.87 12.57
N GLY A 111 8.95 -30.70 12.86
CA GLY A 111 9.23 -32.10 13.10
C GLY A 111 10.30 -32.20 14.16
N ARG A 112 11.29 -33.05 13.92
CA ARG A 112 12.36 -33.25 14.89
C ARG A 112 13.20 -32.02 15.18
N ALA A 113 13.17 -31.04 14.28
CA ALA A 113 13.95 -29.83 14.49
C ALA A 113 13.26 -28.93 15.51
N SER A 114 13.19 -29.42 16.74
CA SER A 114 12.56 -28.68 17.83
C SER A 114 13.27 -29.01 19.13
N HIS A 115 12.60 -28.71 20.24
CA HIS A 115 13.17 -28.97 21.55
C HIS A 115 12.04 -29.09 22.56
N ALA A 116 12.30 -29.82 23.65
CA ALA A 116 11.31 -29.98 24.71
C ALA A 116 10.74 -28.62 25.08
N VAL A 117 11.57 -27.60 25.03
CA VAL A 117 11.14 -26.25 25.37
C VAL A 117 9.97 -25.78 24.50
N TYR A 118 9.85 -26.37 23.31
CA TYR A 118 8.79 -25.98 22.38
C TYR A 118 7.65 -26.97 22.34
N GLN A 119 7.74 -28.05 23.12
CA GLN A 119 6.68 -29.03 23.12
C GLN A 119 5.73 -28.92 24.29
N PRO A 120 4.43 -29.06 24.03
CA PRO A 120 3.47 -28.98 25.13
C PRO A 120 3.76 -30.17 26.05
N ASN A 121 3.89 -29.90 27.35
CA ASN A 121 4.18 -30.93 28.35
C ASN A 121 5.61 -31.45 28.20
N GLY A 122 6.48 -30.63 27.61
CA GLY A 122 7.86 -31.02 27.42
C GLY A 122 7.98 -32.31 26.63
N GLY A 123 6.91 -32.63 25.91
CA GLY A 123 6.90 -33.85 25.12
C GLY A 123 8.04 -33.93 24.13
N SER A 124 8.07 -35.02 23.38
CA SER A 124 9.12 -35.24 22.42
C SER A 124 8.68 -35.00 20.97
N PRO A 125 9.39 -34.10 20.26
CA PRO A 125 9.10 -33.78 18.86
C PRO A 125 8.79 -35.02 18.00
N ILE A 126 7.96 -34.87 16.99
CA ILE A 126 7.64 -36.01 16.13
C ILE A 126 8.56 -35.99 14.92
N SER A 127 8.47 -37.02 14.10
CA SER A 127 9.28 -37.12 12.89
C SER A 127 8.97 -38.40 12.12
N SER A 128 9.55 -38.52 10.94
CA SER A 128 9.35 -39.74 10.20
C SER A 128 10.51 -40.61 10.64
N THR A 129 11.04 -40.30 11.83
CA THR A 129 12.19 -40.99 12.39
C THR A 129 12.35 -40.66 13.88
N ASN A 130 13.11 -41.49 14.59
CA ASN A 130 13.36 -41.26 16.02
C ASN A 130 14.83 -40.89 16.16
N LYS A 131 15.47 -40.59 15.03
CA LYS A 131 16.87 -40.19 15.03
C LYS A 131 16.97 -38.68 15.16
N PRO A 132 17.79 -38.20 16.10
CA PRO A 132 17.95 -36.76 16.30
C PRO A 132 18.88 -36.13 15.28
N ILE A 133 18.63 -34.86 14.98
CA ILE A 133 19.47 -34.11 14.07
C ILE A 133 20.86 -34.16 14.70
N SER A 134 21.91 -34.11 13.87
CA SER A 134 23.28 -34.17 14.39
C SER A 134 23.65 -33.01 15.33
N GLU A 135 24.29 -33.36 16.44
CA GLU A 135 24.65 -32.39 17.47
C GLU A 135 25.86 -31.49 17.28
N ASN A 136 26.56 -31.59 16.16
CA ASN A 136 27.74 -30.76 16.00
C ASN A 136 27.67 -29.67 14.92
N ARG A 137 26.76 -29.81 13.97
CA ARG A 137 26.63 -28.83 12.90
C ARG A 137 25.34 -28.02 13.07
N TRP A 138 24.41 -28.54 13.85
CA TRP A 138 23.14 -27.87 14.04
C TRP A 138 22.74 -27.75 15.51
N ARG A 139 22.12 -26.63 15.85
CA ARG A 139 21.67 -26.39 17.22
C ARG A 139 20.27 -25.81 17.11
N VAL A 140 19.49 -25.93 18.16
CA VAL A 140 18.17 -25.35 18.13
C VAL A 140 18.27 -24.09 18.98
N LEU A 141 17.73 -23.00 18.46
CA LEU A 141 17.74 -21.73 19.17
C LEU A 141 16.54 -21.72 20.12
N LEU A 142 16.81 -21.55 21.41
CA LEU A 142 15.76 -21.49 22.43
C LEU A 142 15.37 -20.04 22.69
N PRO A 143 14.22 -19.83 23.34
CA PRO A 143 13.71 -18.49 23.66
C PRO A 143 14.66 -17.59 24.41
N ASP A 144 15.56 -18.16 25.21
CA ASP A 144 16.50 -17.34 25.96
C ASP A 144 17.65 -17.02 25.01
N GLY A 145 17.37 -17.11 23.71
CA GLY A 145 18.35 -16.79 22.70
C GLY A 145 19.57 -17.69 22.67
N SER A 146 19.55 -18.74 23.48
CA SER A 146 20.68 -19.65 23.53
C SER A 146 20.49 -20.72 22.46
N HIS A 147 21.59 -21.39 22.14
CA HIS A 147 21.60 -22.46 21.16
C HIS A 147 22.06 -23.73 21.89
N VAL A 148 21.41 -24.85 21.60
CA VAL A 148 21.73 -26.14 22.21
C VAL A 148 21.48 -27.24 21.18
N LYS A 149 21.79 -28.49 21.55
CA LYS A 149 21.60 -29.64 20.68
C LYS A 149 20.15 -30.08 20.50
N TYR A 150 19.85 -30.61 19.33
CA TYR A 150 18.51 -31.10 19.01
C TYR A 150 18.32 -32.42 19.76
N PRO A 151 17.13 -32.66 20.31
CA PRO A 151 16.91 -33.90 21.03
C PRO A 151 16.46 -35.02 20.10
N LYS A 152 16.28 -36.19 20.69
CA LYS A 152 15.80 -37.35 19.98
C LYS A 152 14.31 -37.16 19.81
N PRO A 153 13.81 -37.34 18.58
CA PRO A 153 12.39 -37.18 18.29
C PRO A 153 11.65 -38.50 18.51
N ARG A 154 10.37 -38.43 18.82
CA ARG A 154 9.56 -39.62 18.99
C ARG A 154 8.99 -39.88 17.60
N ALA A 155 9.43 -40.96 16.97
CA ALA A 155 8.96 -41.31 15.64
C ALA A 155 7.44 -41.36 15.64
N LEU A 156 6.82 -40.85 14.57
CA LEU A 156 5.37 -40.86 14.44
C LEU A 156 4.89 -42.24 14.00
N GLU A 157 3.81 -42.70 14.62
CA GLU A 157 3.23 -43.97 14.25
C GLU A 157 2.38 -43.66 13.03
N ALA A 158 2.34 -44.58 12.07
CA ALA A 158 1.56 -44.37 10.84
C ALA A 158 0.20 -43.81 11.16
N SER A 159 -0.47 -44.41 12.15
CA SER A 159 -1.80 -43.98 12.56
C SER A 159 -1.81 -42.48 12.85
N GLU A 160 -0.69 -41.96 13.32
CA GLU A 160 -0.58 -40.55 13.67
C GLU A 160 -0.34 -39.57 12.53
N ILE A 161 -0.20 -40.08 11.31
CA ILE A 161 0.05 -39.19 10.18
C ILE A 161 -1.18 -38.38 9.73
N PRO A 162 -2.32 -39.06 9.51
CA PRO A 162 -3.53 -38.35 9.07
C PRO A 162 -3.90 -37.22 10.02
N ARG A 163 -3.57 -37.39 11.30
CA ARG A 163 -3.89 -36.37 12.30
C ARG A 163 -2.98 -35.15 12.12
N VAL A 164 -1.70 -35.40 11.87
CA VAL A 164 -0.80 -34.28 11.65
C VAL A 164 -1.26 -33.65 10.33
N VAL A 165 -1.88 -34.44 9.46
CA VAL A 165 -2.39 -33.91 8.19
C VAL A 165 -3.55 -32.97 8.51
N GLU A 166 -4.46 -33.41 9.38
CA GLU A 166 -5.59 -32.59 9.75
C GLU A 166 -5.13 -31.26 10.35
N ASP A 167 -4.02 -31.27 11.07
CA ASP A 167 -3.48 -30.04 11.65
C ASP A 167 -3.16 -29.07 10.52
N TYR A 168 -2.58 -29.57 9.44
CA TYR A 168 -2.29 -28.68 8.31
C TYR A 168 -3.61 -28.24 7.68
N CYS A 169 -4.47 -29.22 7.41
CA CYS A 169 -5.77 -28.93 6.79
C CYS A 169 -6.49 -27.78 7.49
N LEU A 170 -6.67 -27.93 8.80
CA LEU A 170 -7.33 -26.93 9.64
C LEU A 170 -6.52 -25.65 9.74
N SER A 171 -5.20 -25.79 9.88
CA SER A 171 -4.35 -24.61 9.98
C SER A 171 -4.53 -23.80 8.73
N ALA A 172 -4.87 -24.48 7.63
CA ALA A 172 -5.10 -23.78 6.38
C ALA A 172 -6.44 -23.06 6.48
N LEU A 173 -7.47 -23.77 6.93
CA LEU A 173 -8.80 -23.16 7.07
C LEU A 173 -8.71 -21.97 8.00
N ASN A 174 -7.89 -22.08 9.04
CA ASN A 174 -7.74 -20.96 9.96
C ASN A 174 -7.09 -19.79 9.22
N ALA A 175 -6.17 -20.10 8.32
CA ALA A 175 -5.48 -19.08 7.55
C ALA A 175 -6.52 -18.32 6.74
N ILE A 176 -7.51 -19.06 6.25
CA ILE A 176 -8.60 -18.48 5.47
C ILE A 176 -9.32 -17.44 6.33
N ARG A 177 -9.65 -17.81 7.57
CA ARG A 177 -10.32 -16.89 8.48
C ARG A 177 -9.48 -15.65 8.68
N ALA A 178 -8.18 -15.87 8.86
CA ALA A 178 -7.26 -14.78 9.07
C ALA A 178 -7.35 -13.83 7.88
N GLY A 179 -7.85 -14.35 6.77
CA GLY A 179 -7.98 -13.55 5.57
C GLY A 179 -6.78 -13.73 4.65
N PHE A 180 -5.87 -14.62 5.03
CA PHE A 180 -4.70 -14.86 4.21
C PHE A 180 -5.12 -15.10 2.78
N ASP A 181 -4.28 -14.67 1.85
CA ASP A 181 -4.56 -14.84 0.45
C ASP A 181 -4.24 -16.24 0.00
N GLY A 182 -3.75 -17.04 0.94
CA GLY A 182 -3.42 -18.42 0.67
C GLY A 182 -2.49 -18.95 1.75
N ILE A 183 -1.98 -20.15 1.53
CA ILE A 183 -1.07 -20.74 2.47
C ILE A 183 -0.01 -21.44 1.67
N GLU A 184 1.14 -21.66 2.30
CA GLU A 184 2.24 -22.36 1.67
C GLU A 184 2.60 -23.53 2.58
N ILE A 185 2.68 -24.72 2.01
CA ILE A 185 3.05 -25.89 2.78
C ILE A 185 4.55 -25.87 2.85
N HIS A 186 5.08 -25.66 4.06
CA HIS A 186 6.53 -25.63 4.24
C HIS A 186 7.00 -27.08 4.26
N GLY A 187 7.14 -27.66 3.07
CA GLY A 187 7.60 -29.03 2.99
C GLY A 187 9.09 -29.00 2.71
N ALA A 188 9.71 -27.86 3.01
CA ALA A 188 11.14 -27.66 2.81
C ALA A 188 12.01 -27.98 4.02
N HIS A 189 13.31 -27.96 3.78
CA HIS A 189 14.35 -28.17 4.80
C HIS A 189 14.04 -28.95 6.09
N GLY A 190 14.75 -30.06 6.28
CA GLY A 190 14.61 -30.89 7.46
C GLY A 190 13.52 -30.60 8.47
N TYR A 191 12.31 -30.32 8.00
CA TYR A 191 11.20 -30.07 8.89
C TYR A 191 10.25 -31.25 8.78
N LEU A 192 9.14 -31.26 9.49
CA LEU A 192 8.29 -32.44 9.47
C LEU A 192 8.19 -33.18 8.13
N ILE A 193 7.46 -32.58 7.19
CA ILE A 193 7.28 -33.18 5.88
C ILE A 193 8.60 -33.60 5.26
N ASP A 194 9.62 -32.75 5.39
CA ASP A 194 10.93 -33.09 4.83
C ASP A 194 11.53 -34.33 5.50
N GLN A 195 11.44 -34.39 6.82
CA GLN A 195 11.94 -35.55 7.57
C GLN A 195 11.28 -36.83 7.03
N PHE A 196 10.23 -36.66 6.24
CA PHE A 196 9.56 -37.79 5.60
C PHE A 196 10.15 -37.94 4.20
N LEU A 197 10.22 -36.81 3.48
CA LEU A 197 10.74 -36.77 2.12
C LEU A 197 12.15 -37.30 1.89
N LYS A 198 13.09 -36.81 2.69
CA LYS A 198 14.50 -37.17 2.56
C LYS A 198 14.86 -38.57 3.01
N ASP A 199 15.46 -39.33 2.10
CA ASP A 199 15.84 -40.71 2.42
C ASP A 199 16.91 -40.67 3.51
N GLY A 200 17.72 -39.62 3.49
CA GLY A 200 18.77 -39.47 4.48
C GLY A 200 18.24 -39.24 5.88
N ILE A 201 16.92 -39.24 6.04
CA ILE A 201 16.31 -39.03 7.34
C ILE A 201 15.21 -40.05 7.59
N ASN A 202 14.41 -40.28 6.56
CA ASN A 202 13.29 -41.18 6.66
C ASN A 202 13.64 -42.65 6.45
N ASP A 203 13.42 -43.47 7.48
CA ASP A 203 13.70 -44.90 7.40
C ASP A 203 12.62 -45.72 8.08
N ARG A 204 11.42 -45.15 8.13
CA ARG A 204 10.28 -45.82 8.75
C ARG A 204 10.18 -47.30 8.39
N THR A 205 9.30 -48.02 9.08
CA THR A 205 9.09 -49.44 8.80
C THR A 205 7.86 -49.57 7.92
N ASP A 206 6.92 -48.64 8.08
CA ASP A 206 5.69 -48.64 7.30
C ASP A 206 5.91 -47.98 5.95
N GLN A 207 4.84 -47.70 5.23
CA GLN A 207 4.94 -47.08 3.90
C GLN A 207 5.38 -45.61 3.94
N TYR A 208 6.11 -45.22 4.97
CA TYR A 208 6.57 -43.84 5.08
C TYR A 208 8.09 -43.77 5.18
N GLY A 209 8.81 -44.45 4.29
CA GLY A 209 10.26 -44.42 4.36
C GLY A 209 10.98 -45.42 3.48
N GLY A 210 11.92 -44.92 2.67
CA GLY A 210 12.66 -45.78 1.77
C GLY A 210 12.41 -45.49 0.30
N SER A 211 11.26 -45.90 -0.21
CA SER A 211 10.92 -45.69 -1.61
C SER A 211 10.52 -44.23 -1.86
N ILE A 212 10.64 -43.79 -3.11
CA ILE A 212 10.29 -42.44 -3.45
C ILE A 212 8.85 -42.15 -3.04
N ALA A 213 7.93 -43.05 -3.40
CA ALA A 213 6.51 -42.92 -3.08
C ALA A 213 6.28 -42.89 -1.58
N ASN A 214 7.16 -43.56 -0.84
CA ASN A 214 7.06 -43.58 0.61
C ASN A 214 7.86 -42.43 1.21
N ARG A 215 8.55 -41.67 0.35
CA ARG A 215 9.32 -40.54 0.83
C ARG A 215 8.47 -39.30 0.56
N CYS A 216 7.65 -39.38 -0.48
CA CYS A 216 6.77 -38.28 -0.86
C CYS A 216 5.37 -38.42 -0.29
N ARG A 217 5.09 -39.59 0.28
CA ARG A 217 3.76 -39.87 0.80
C ARG A 217 3.18 -38.82 1.74
N PHE A 218 3.84 -38.54 2.85
CA PHE A 218 3.32 -37.56 3.80
C PHE A 218 3.04 -36.22 3.14
N LEU A 219 3.94 -35.75 2.29
CA LEU A 219 3.73 -34.48 1.61
C LEU A 219 2.43 -34.55 0.80
N LYS A 220 2.23 -35.67 0.11
CA LYS A 220 1.01 -35.83 -0.69
C LYS A 220 -0.23 -35.77 0.19
N GLN A 221 -0.17 -36.43 1.35
CA GLN A 221 -1.30 -36.45 2.26
C GLN A 221 -1.53 -35.06 2.81
N VAL A 222 -0.47 -34.26 2.74
CA VAL A 222 -0.49 -32.88 3.19
C VAL A 222 -1.01 -31.99 2.06
N VAL A 223 -0.32 -31.98 0.95
CA VAL A 223 -0.75 -31.14 -0.16
C VAL A 223 -2.17 -31.46 -0.55
N GLU A 224 -2.59 -32.70 -0.34
CA GLU A 224 -3.97 -33.10 -0.69
C GLU A 224 -4.98 -32.77 0.40
N GLY A 225 -4.57 -32.88 1.66
CA GLY A 225 -5.47 -32.59 2.75
C GLY A 225 -5.81 -31.11 2.82
N VAL A 226 -4.81 -30.28 2.56
CA VAL A 226 -5.02 -28.83 2.62
C VAL A 226 -5.81 -28.35 1.41
N VAL A 227 -5.48 -28.86 0.23
CA VAL A 227 -6.18 -28.47 -0.98
C VAL A 227 -7.68 -28.72 -0.82
N SER A 228 -8.05 -29.94 -0.45
CA SER A 228 -9.46 -30.26 -0.27
C SER A 228 -10.09 -29.30 0.73
N ALA A 229 -9.29 -28.81 1.68
CA ALA A 229 -9.82 -27.92 2.68
C ALA A 229 -9.97 -26.50 2.20
N ILE A 230 -9.07 -26.04 1.32
CA ILE A 230 -9.17 -24.67 0.86
C ILE A 230 -9.08 -24.36 -0.64
N GLY A 231 -8.67 -25.33 -1.45
CA GLY A 231 -8.58 -25.08 -2.87
C GLY A 231 -7.15 -25.03 -3.37
N ALA A 232 -6.85 -25.87 -4.36
CA ALA A 232 -5.51 -25.94 -4.93
C ALA A 232 -4.86 -24.60 -5.25
N SER A 233 -5.61 -23.68 -5.84
CA SER A 233 -5.06 -22.36 -6.23
C SER A 233 -4.66 -21.50 -5.04
N LYS A 234 -5.01 -21.95 -3.85
CA LYS A 234 -4.65 -21.21 -2.65
C LYS A 234 -3.51 -21.93 -1.96
N VAL A 235 -3.07 -23.04 -2.54
CA VAL A 235 -1.99 -23.82 -1.94
C VAL A 235 -0.70 -23.77 -2.72
N GLY A 236 0.32 -23.23 -2.07
CA GLY A 236 1.64 -23.19 -2.68
C GLY A 236 2.39 -24.32 -2.03
N VAL A 237 3.29 -24.96 -2.75
CA VAL A 237 4.07 -26.05 -2.15
C VAL A 237 5.51 -25.64 -1.99
N ARG A 238 6.04 -25.79 -0.78
CA ARG A 238 7.44 -25.46 -0.60
C ARG A 238 8.21 -26.72 -0.25
N VAL A 239 9.30 -26.94 -0.97
CA VAL A 239 10.15 -28.12 -0.77
C VAL A 239 11.56 -27.73 -1.19
N SER A 240 12.55 -28.53 -0.79
CA SER A 240 13.94 -28.27 -1.13
C SER A 240 14.63 -29.64 -1.21
N PRO A 241 14.75 -30.17 -2.43
CA PRO A 241 15.36 -31.46 -2.70
C PRO A 241 16.83 -31.60 -2.33
N ALA A 242 17.62 -30.59 -2.64
CA ALA A 242 19.05 -30.63 -2.33
C ALA A 242 19.44 -29.31 -1.69
N ILE A 243 19.42 -29.28 -0.37
CA ILE A 243 19.75 -28.06 0.36
C ILE A 243 20.46 -28.33 1.67
N ASP A 244 21.75 -28.07 1.70
CA ASP A 244 22.50 -28.28 2.93
C ASP A 244 21.79 -27.45 4.00
N HIS A 245 21.46 -28.09 5.12
CA HIS A 245 20.78 -27.44 6.26
C HIS A 245 19.95 -28.43 7.06
N LEU A 246 20.37 -28.66 8.30
CA LEU A 246 19.70 -29.59 9.21
C LEU A 246 19.78 -31.07 8.87
N ASP A 247 20.80 -31.46 8.11
CA ASP A 247 20.99 -32.86 7.74
C ASP A 247 19.78 -33.45 7.03
N ALA A 248 19.26 -32.74 6.04
CA ALA A 248 18.08 -33.18 5.29
C ALA A 248 18.44 -33.51 3.84
N THR A 249 19.50 -34.29 3.68
CA THR A 249 19.96 -34.69 2.35
C THR A 249 19.20 -35.90 1.84
N ASP A 250 19.50 -36.28 0.60
CA ASP A 250 18.90 -37.45 0.01
C ASP A 250 19.93 -38.10 -0.94
N SER A 251 19.72 -39.36 -1.28
CA SER A 251 20.66 -40.04 -2.15
C SER A 251 20.50 -39.58 -3.58
N ASP A 252 19.36 -38.97 -3.88
CA ASP A 252 19.09 -38.48 -5.24
C ASP A 252 17.96 -37.44 -5.25
N PRO A 253 18.31 -36.16 -5.05
CA PRO A 253 17.34 -35.05 -5.03
C PRO A 253 16.40 -34.97 -6.23
N LEU A 254 16.78 -35.59 -7.34
CA LEU A 254 15.97 -35.55 -8.55
C LEU A 254 14.71 -36.40 -8.49
N SER A 255 14.89 -37.70 -8.29
CA SER A 255 13.78 -38.62 -8.19
C SER A 255 12.79 -38.20 -7.12
N LEU A 256 13.29 -37.51 -6.09
CA LEU A 256 12.44 -37.02 -5.01
C LEU A 256 11.63 -35.82 -5.49
N GLY A 257 12.33 -34.80 -6.00
CA GLY A 257 11.67 -33.62 -6.50
C GLY A 257 10.69 -33.92 -7.62
N LEU A 258 11.07 -34.83 -8.52
CA LEU A 258 10.19 -35.17 -9.63
C LEU A 258 8.95 -35.85 -9.06
N ALA A 259 9.14 -36.78 -8.13
CA ALA A 259 8.03 -37.48 -7.50
C ALA A 259 7.09 -36.46 -6.89
N VAL A 260 7.64 -35.48 -6.19
CA VAL A 260 6.84 -34.41 -5.58
C VAL A 260 6.09 -33.71 -6.72
N VAL A 261 6.86 -33.26 -7.72
CA VAL A 261 6.29 -32.61 -8.90
C VAL A 261 5.16 -33.48 -9.47
N GLY A 262 5.47 -34.75 -9.65
CA GLY A 262 4.52 -35.69 -10.20
C GLY A 262 3.34 -35.85 -9.29
N MET A 263 3.60 -35.88 -7.99
CA MET A 263 2.52 -36.02 -7.03
C MET A 263 1.65 -34.77 -7.13
N LEU A 264 2.29 -33.62 -7.21
CA LEU A 264 1.59 -32.34 -7.32
C LEU A 264 0.86 -32.27 -8.65
N ASN A 265 1.54 -32.67 -9.72
CA ASN A 265 0.90 -32.64 -11.03
C ASN A 265 -0.35 -33.46 -10.95
N LYS A 266 -0.20 -34.72 -10.58
CA LYS A 266 -1.33 -35.63 -10.47
C LYS A 266 -2.46 -34.95 -9.72
N LEU A 267 -2.14 -34.32 -8.59
CA LEU A 267 -3.14 -33.62 -7.81
C LEU A 267 -3.94 -32.68 -8.71
N GLN A 268 -3.25 -32.02 -9.63
CA GLN A 268 -3.91 -31.10 -10.55
C GLN A 268 -4.00 -31.64 -11.97
N GLY A 269 -3.71 -32.93 -12.14
CA GLY A 269 -3.75 -33.55 -13.46
C GLY A 269 -5.00 -33.22 -14.24
N VAL A 270 -5.93 -34.18 -14.31
CA VAL A 270 -7.17 -33.96 -15.03
C VAL A 270 -8.20 -33.51 -14.00
N ASN A 271 -8.38 -32.20 -13.89
CA ASN A 271 -9.32 -31.65 -12.93
C ASN A 271 -9.44 -30.15 -13.20
N GLY A 272 -8.70 -29.66 -14.18
CA GLY A 272 -8.72 -28.25 -14.51
C GLY A 272 -8.15 -27.42 -13.38
N SER A 273 -7.84 -28.10 -12.29
CA SER A 273 -7.30 -27.49 -11.09
C SER A 273 -5.78 -27.29 -11.14
N LYS A 274 -5.29 -26.41 -10.28
CA LYS A 274 -3.87 -26.13 -10.17
C LYS A 274 -3.51 -25.50 -8.83
N LEU A 275 -2.36 -25.90 -8.30
CA LEU A 275 -1.87 -25.37 -7.05
C LEU A 275 -1.46 -23.91 -7.29
N ALA A 276 -1.25 -23.18 -6.21
CA ALA A 276 -0.84 -21.81 -6.32
C ALA A 276 0.50 -21.80 -7.07
N TYR A 277 1.45 -22.60 -6.57
CA TYR A 277 2.77 -22.67 -7.18
C TYR A 277 3.64 -23.71 -6.51
N LEU A 278 4.79 -23.97 -7.13
CA LEU A 278 5.80 -24.86 -6.58
C LEU A 278 6.91 -23.90 -6.22
N HIS A 279 7.34 -23.94 -4.96
CA HIS A 279 8.38 -23.07 -4.46
C HIS A 279 9.61 -23.93 -4.13
N VAL A 280 10.69 -23.72 -4.87
CA VAL A 280 11.89 -24.50 -4.64
C VAL A 280 13.07 -23.58 -4.40
N THR A 281 13.81 -23.87 -3.33
CA THR A 281 14.99 -23.10 -2.97
C THR A 281 16.21 -23.63 -3.75
N GLN A 282 16.84 -22.74 -4.51
CA GLN A 282 18.00 -23.08 -5.32
C GLN A 282 18.94 -23.90 -4.46
N PRO A 283 19.45 -25.03 -4.99
CA PRO A 283 20.36 -25.82 -4.17
C PRO A 283 21.66 -25.02 -4.07
N ARG A 284 21.58 -23.87 -3.41
CA ARG A 284 22.69 -22.96 -3.24
C ARG A 284 22.43 -21.98 -2.08
N GLU A 300 26.65 -25.27 -13.09
CA GLU A 300 26.77 -26.72 -12.91
C GLU A 300 25.36 -27.32 -12.80
N GLU A 301 25.26 -28.62 -12.52
CA GLU A 301 23.95 -29.27 -12.41
C GLU A 301 23.01 -28.56 -11.46
N GLU A 302 23.55 -27.62 -10.69
CA GLU A 302 22.80 -26.85 -9.72
C GLU A 302 21.47 -26.37 -10.28
N ALA A 303 21.55 -25.55 -11.34
CA ALA A 303 20.34 -25.02 -11.98
C ALA A 303 19.65 -26.11 -12.82
N LYS A 304 20.39 -27.16 -13.18
CA LYS A 304 19.80 -28.25 -13.96
C LYS A 304 18.59 -28.79 -13.21
N LEU A 305 18.82 -29.24 -11.97
CA LEU A 305 17.74 -29.78 -11.14
C LEU A 305 16.55 -28.81 -11.09
N MET A 306 16.84 -27.54 -10.85
CA MET A 306 15.81 -26.50 -10.76
C MET A 306 14.94 -26.41 -12.01
N LYS A 307 15.58 -26.35 -13.17
CA LYS A 307 14.86 -26.26 -14.44
C LYS A 307 13.97 -27.49 -14.66
N SER A 308 14.43 -28.65 -14.20
CA SER A 308 13.71 -29.90 -14.35
C SER A 308 12.34 -29.93 -13.67
N LEU A 309 12.28 -29.53 -12.41
CA LEU A 309 10.99 -29.58 -11.70
C LEU A 309 10.02 -28.57 -12.33
N ARG A 310 10.54 -27.41 -12.71
CA ARG A 310 9.72 -26.38 -13.32
C ARG A 310 9.33 -26.84 -14.72
N MET A 311 9.94 -27.93 -15.17
CA MET A 311 9.64 -28.46 -16.49
C MET A 311 8.71 -29.64 -16.35
N ALA A 312 8.83 -30.32 -15.21
CA ALA A 312 8.01 -31.47 -14.92
C ALA A 312 6.67 -31.02 -14.35
N TYR A 313 6.71 -29.94 -13.59
CA TYR A 313 5.52 -29.42 -12.95
C TYR A 313 4.77 -28.39 -13.78
N ASN A 314 3.51 -28.69 -14.08
CA ASN A 314 2.73 -27.74 -14.85
C ASN A 314 1.99 -26.81 -13.91
N GLY A 315 2.69 -25.79 -13.43
CA GLY A 315 2.08 -24.85 -12.53
C GLY A 315 2.97 -23.63 -12.45
N THR A 316 2.79 -22.85 -11.40
CA THR A 316 3.61 -21.67 -11.23
C THR A 316 4.85 -22.09 -10.46
N PHE A 317 6.01 -21.64 -10.93
CA PHE A 317 7.27 -21.99 -10.30
C PHE A 317 7.92 -20.77 -9.68
N MET A 318 8.37 -20.94 -8.44
CA MET A 318 9.00 -19.89 -7.69
C MET A 318 10.35 -20.37 -7.17
N SER A 319 11.42 -19.76 -7.66
CA SER A 319 12.75 -20.15 -7.22
C SER A 319 13.13 -19.26 -6.06
N SER A 320 13.99 -19.78 -5.18
CA SER A 320 14.41 -19.04 -4.00
C SER A 320 15.86 -19.31 -3.65
N GLY A 321 16.47 -18.39 -2.91
CA GLY A 321 17.85 -18.57 -2.50
C GLY A 321 18.88 -18.41 -3.60
N GLY A 322 19.59 -17.29 -3.59
CA GLY A 322 20.62 -17.07 -4.59
C GLY A 322 20.27 -16.02 -5.62
N PHE A 323 19.35 -15.12 -5.28
CA PHE A 323 18.97 -14.11 -6.25
C PHE A 323 19.26 -12.67 -5.91
N ASN A 324 19.07 -11.85 -6.94
CA ASN A 324 19.23 -10.42 -6.91
C ASN A 324 18.45 -10.07 -8.15
N LYS A 325 18.67 -8.90 -8.73
CA LYS A 325 17.92 -8.54 -9.92
C LYS A 325 18.16 -9.47 -11.12
N GLU A 326 19.36 -9.41 -11.69
CA GLU A 326 19.70 -10.22 -12.85
C GLU A 326 19.38 -11.69 -12.68
N LEU A 327 19.88 -12.29 -11.60
CA LEU A 327 19.62 -13.70 -11.37
C LEU A 327 18.11 -13.87 -11.39
N GLY A 328 17.40 -12.96 -10.75
CA GLY A 328 15.95 -13.03 -10.73
C GLY A 328 15.41 -12.85 -12.13
N MET A 329 15.83 -11.76 -12.77
CA MET A 329 15.42 -11.43 -14.13
C MET A 329 15.74 -12.55 -15.12
N GLN A 330 16.96 -13.07 -15.11
CA GLN A 330 17.30 -14.13 -16.03
C GLN A 330 16.45 -15.38 -15.79
N ALA A 331 16.29 -15.77 -14.53
CA ALA A 331 15.48 -16.95 -14.21
C ALA A 331 14.08 -16.72 -14.77
N VAL A 332 13.69 -15.45 -14.85
CA VAL A 332 12.39 -15.11 -15.39
C VAL A 332 12.53 -15.02 -16.92
N GLN A 333 13.46 -14.20 -17.40
CA GLN A 333 13.68 -14.03 -18.84
C GLN A 333 13.82 -15.38 -19.55
N GLN A 334 14.59 -16.28 -18.95
CA GLN A 334 14.85 -17.60 -19.52
C GLN A 334 13.75 -18.64 -19.28
N GLY A 335 12.98 -18.48 -18.21
CA GLY A 335 11.93 -19.44 -17.94
C GLY A 335 12.28 -20.46 -16.88
N ASP A 336 13.18 -20.08 -15.98
CA ASP A 336 13.60 -20.97 -14.90
C ASP A 336 12.61 -20.85 -13.74
N ALA A 337 11.65 -19.95 -13.89
CA ALA A 337 10.65 -19.75 -12.86
C ALA A 337 9.73 -18.61 -13.28
N ASP A 338 8.52 -18.62 -12.73
CA ASP A 338 7.56 -17.55 -13.02
C ASP A 338 7.83 -16.44 -12.01
N LEU A 339 8.17 -16.85 -10.79
CA LEU A 339 8.43 -15.93 -9.70
C LEU A 339 9.74 -16.27 -9.05
N VAL A 340 10.26 -15.31 -8.30
CA VAL A 340 11.53 -15.46 -7.60
C VAL A 340 11.35 -14.90 -6.20
N SER A 341 11.37 -15.79 -5.21
CA SER A 341 11.25 -15.30 -3.84
C SER A 341 12.67 -15.01 -3.38
N TYR A 342 12.83 -13.87 -2.73
CA TYR A 342 14.13 -13.49 -2.21
C TYR A 342 13.95 -13.52 -0.69
N GLY A 343 15.03 -13.83 0.00
CA GLY A 343 14.98 -13.89 1.44
C GLY A 343 15.73 -12.70 2.03
N ARG A 344 16.97 -12.93 2.44
CA ARG A 344 17.77 -11.90 3.07
C ARG A 344 17.71 -10.53 2.44
N LEU A 345 17.78 -10.44 1.12
CA LEU A 345 17.73 -9.15 0.48
C LEU A 345 16.47 -8.43 0.90
N PHE A 346 15.35 -9.16 0.91
CA PHE A 346 14.10 -8.53 1.29
C PHE A 346 14.13 -8.14 2.75
N ILE A 347 14.95 -8.84 3.53
CA ILE A 347 15.06 -8.52 4.95
C ILE A 347 15.61 -7.09 5.11
N ALA A 348 16.55 -6.73 4.24
CA ALA A 348 17.18 -5.41 4.30
C ALA A 348 16.55 -4.32 3.43
N ASN A 349 15.52 -4.68 2.66
CA ASN A 349 14.89 -3.67 1.80
C ASN A 349 13.39 -3.85 1.75
N PRO A 350 12.68 -3.22 2.69
CA PRO A 350 11.22 -3.34 2.71
C PRO A 350 10.69 -3.00 1.32
N ASP A 351 11.39 -2.09 0.64
CA ASP A 351 11.03 -1.68 -0.71
C ASP A 351 11.97 -2.32 -1.72
N LEU A 352 12.25 -3.60 -1.53
CA LEU A 352 13.14 -4.32 -2.44
C LEU A 352 12.70 -4.17 -3.89
N VAL A 353 11.40 -4.31 -4.14
CA VAL A 353 10.88 -4.21 -5.49
C VAL A 353 11.24 -2.87 -6.11
N SER A 354 11.07 -1.80 -5.34
CA SER A 354 11.40 -0.46 -5.84
C SER A 354 12.89 -0.37 -6.12
N ARG A 355 13.69 -0.90 -5.20
CA ARG A 355 15.13 -0.88 -5.35
C ARG A 355 15.57 -1.58 -6.62
N PHE A 356 15.03 -2.77 -6.86
CA PHE A 356 15.40 -3.52 -8.05
C PHE A 356 14.97 -2.78 -9.31
N LYS A 357 13.80 -2.16 -9.24
CA LYS A 357 13.25 -1.44 -10.39
C LYS A 357 14.14 -0.28 -10.82
N ILE A 358 14.55 0.55 -9.89
CA ILE A 358 15.39 1.68 -10.23
C ILE A 358 16.87 1.37 -10.01
N ASP A 359 17.18 0.09 -9.85
CA ASP A 359 18.56 -0.35 -9.61
C ASP A 359 19.16 0.54 -8.54
N GLY A 360 18.37 0.86 -7.51
CA GLY A 360 18.87 1.69 -6.44
C GLY A 360 19.71 0.91 -5.45
N GLU A 361 20.23 1.60 -4.44
CA GLU A 361 21.05 0.99 -3.41
C GLU A 361 20.30 -0.17 -2.73
N LEU A 362 21.00 -0.88 -1.86
CA LEU A 362 20.43 -2.00 -1.13
C LEU A 362 21.02 -2.07 0.28
N ASN A 363 20.19 -1.80 1.29
CA ASN A 363 20.65 -1.85 2.67
C ASN A 363 21.16 -3.26 2.88
N LYS A 364 22.17 -3.41 3.71
CA LYS A 364 22.68 -4.74 3.98
C LYS A 364 21.85 -5.27 5.14
N TYR A 365 21.72 -6.59 5.21
CA TYR A 365 20.96 -7.18 6.30
C TYR A 365 21.85 -7.39 7.53
N ASN A 366 21.25 -7.31 8.71
CA ASN A 366 21.97 -7.50 9.95
C ASN A 366 21.49 -8.80 10.58
N ARG A 367 22.30 -9.84 10.46
CA ARG A 367 21.99 -11.16 11.01
C ARG A 367 21.68 -11.16 12.50
N LYS A 368 22.39 -10.33 13.26
CA LYS A 368 22.18 -10.29 14.70
C LYS A 368 20.72 -10.14 15.10
N THR A 369 19.92 -9.49 14.27
CA THR A 369 18.53 -9.32 14.60
C THR A 369 17.58 -10.04 13.66
N PHE A 370 18.09 -11.03 12.96
CA PHE A 370 17.25 -11.83 12.07
C PHE A 370 16.18 -12.49 12.91
N TYR A 371 16.61 -12.99 14.06
CA TYR A 371 15.77 -13.76 14.98
C TYR A 371 15.59 -13.21 16.39
N THR A 372 15.61 -11.88 16.55
CA THR A 372 15.41 -11.28 17.86
C THR A 372 13.93 -10.96 18.06
N GLN A 373 13.56 -10.48 19.25
CA GLN A 373 12.16 -10.22 19.54
C GLN A 373 11.68 -8.78 19.48
N ASP A 374 12.60 -7.83 19.33
CA ASP A 374 12.16 -6.45 19.30
C ASP A 374 11.26 -6.22 18.11
N PRO A 375 10.11 -5.58 18.35
CA PRO A 375 9.15 -5.30 17.28
C PRO A 375 9.74 -4.37 16.25
N VAL A 376 10.45 -3.36 16.73
CA VAL A 376 11.06 -2.40 15.82
C VAL A 376 12.46 -2.83 15.45
N VAL A 377 13.36 -2.81 16.43
CA VAL A 377 14.75 -3.18 16.21
C VAL A 377 14.98 -4.43 15.39
N GLY A 378 15.91 -4.33 14.42
CA GLY A 378 16.24 -5.44 13.55
C GLY A 378 14.98 -6.11 13.02
N TYR A 379 14.08 -5.31 12.46
CA TYR A 379 12.84 -5.87 11.94
C TYR A 379 12.01 -4.89 11.11
N THR A 380 12.20 -3.61 11.36
CA THR A 380 11.45 -2.59 10.65
C THR A 380 12.33 -1.36 10.46
N ASP A 381 13.60 -1.53 10.80
CA ASP A 381 14.56 -0.44 10.75
C ASP A 381 15.13 -0.17 9.36
N TYR A 382 15.32 -1.20 8.56
CA TYR A 382 15.83 -0.99 7.21
C TYR A 382 14.92 0.05 6.57
N PRO A 383 15.50 1.17 6.11
CA PRO A 383 14.82 2.31 5.47
C PRO A 383 14.24 2.11 4.07
N PHE A 384 14.27 3.18 3.28
CA PHE A 384 13.75 3.14 1.91
C PHE A 384 14.71 3.87 0.98
N LEU A 385 14.24 4.29 -0.18
CA LEU A 385 15.09 4.98 -1.13
C LEU A 385 15.14 6.51 -0.97
N ALA A 386 14.89 7.20 -2.08
CA ALA A 386 14.90 8.65 -2.15
C ALA A 386 14.98 9.06 -3.62
N PRO A 387 14.32 10.17 -3.98
CA PRO A 387 14.30 10.68 -5.34
C PRO A 387 15.72 10.84 -5.86
N ASN B 9 -5.75 42.23 16.70
CA ASN B 9 -4.31 42.41 16.34
C ASN B 9 -3.96 41.68 15.04
N GLU B 10 -4.31 40.41 14.96
CA GLU B 10 -4.03 39.61 13.77
C GLU B 10 -5.09 39.81 12.72
N THR B 11 -4.68 40.01 11.48
CA THR B 11 -5.62 40.22 10.39
C THR B 11 -5.15 39.41 9.18
N LEU B 12 -5.77 39.66 8.02
CA LEU B 12 -5.40 38.98 6.79
C LEU B 12 -3.97 39.37 6.41
N PHE B 13 -3.47 40.44 7.03
CA PHE B 13 -2.13 40.91 6.70
C PHE B 13 -1.05 40.52 7.68
N SER B 14 -1.43 39.83 8.76
CA SER B 14 -0.43 39.41 9.73
C SER B 14 0.40 38.26 9.16
N SER B 15 1.68 38.27 9.47
CA SER B 15 2.58 37.24 9.03
C SER B 15 2.09 35.95 9.70
N TYR B 16 2.59 34.82 9.24
CA TYR B 16 2.19 33.56 9.83
C TYR B 16 3.24 32.48 9.68
N LYS B 17 3.37 31.65 10.71
CA LYS B 17 4.33 30.56 10.67
C LYS B 17 3.59 29.29 10.27
N MET B 18 3.66 28.94 8.99
CA MET B 18 3.01 27.72 8.50
C MET B 18 4.10 26.65 8.36
N GLY B 19 4.46 26.05 9.49
CA GLY B 19 5.51 25.04 9.48
C GLY B 19 6.80 25.67 8.99
N ARG B 20 7.27 25.24 7.83
CA ARG B 20 8.50 25.77 7.27
C ARG B 20 8.25 26.94 6.34
N PHE B 21 7.00 27.34 6.20
CA PHE B 21 6.70 28.45 5.32
C PHE B 21 6.25 29.65 6.13
N ASP B 22 7.10 30.67 6.17
CA ASP B 22 6.79 31.89 6.90
C ASP B 22 6.03 32.83 6.00
N LEU B 23 4.71 32.83 6.13
CA LEU B 23 3.90 33.70 5.31
C LEU B 23 3.92 35.10 5.90
N SER B 24 3.77 36.08 5.02
CA SER B 24 3.74 37.49 5.40
C SER B 24 2.30 37.97 5.48
N HIS B 25 1.37 37.04 5.27
CA HIS B 25 -0.05 37.37 5.32
C HIS B 25 -0.88 36.10 5.18
N ARG B 26 -2.14 36.20 5.55
CA ARG B 26 -3.05 35.06 5.56
C ARG B 26 -3.89 34.90 4.31
N VAL B 27 -3.62 35.73 3.31
CA VAL B 27 -4.40 35.66 2.08
C VAL B 27 -3.80 34.62 1.15
N VAL B 28 -4.57 33.56 0.92
CA VAL B 28 -4.12 32.46 0.08
C VAL B 28 -4.92 32.40 -1.21
N LEU B 29 -4.27 31.92 -2.25
CA LEU B 29 -4.92 31.75 -3.55
C LEU B 29 -5.49 30.34 -3.48
N ALA B 30 -6.81 30.24 -3.52
CA ALA B 30 -7.49 28.96 -3.46
C ALA B 30 -7.17 28.17 -4.72
N PRO B 31 -7.07 26.84 -4.59
CA PRO B 31 -6.76 26.03 -5.78
C PRO B 31 -7.89 26.21 -6.79
N MET B 32 -7.56 26.61 -8.01
CA MET B 32 -8.60 26.80 -9.01
C MET B 32 -8.33 26.24 -10.39
N THR B 33 -9.05 25.17 -10.72
CA THR B 33 -8.97 24.55 -12.05
C THR B 33 -9.32 25.62 -13.07
N ARG B 34 -8.40 25.96 -13.96
CA ARG B 34 -8.69 26.99 -14.96
C ARG B 34 -8.65 26.48 -16.38
N CYS B 35 -8.10 25.30 -16.58
CA CYS B 35 -8.03 24.68 -17.91
C CYS B 35 -7.18 25.39 -18.97
N ARG B 36 -5.99 25.86 -18.58
CA ARG B 36 -5.07 26.50 -19.52
C ARG B 36 -3.85 25.63 -19.77
N ALA B 37 -3.72 24.56 -18.99
CA ALA B 37 -2.61 23.63 -19.11
C ALA B 37 -2.89 22.70 -20.28
N LEU B 38 -2.91 23.26 -21.48
CA LEU B 38 -3.19 22.52 -22.69
C LEU B 38 -2.63 21.11 -22.72
N ASN B 39 -3.52 20.15 -22.95
CA ASN B 39 -3.11 18.76 -23.03
C ASN B 39 -2.37 18.32 -21.78
N GLY B 40 -2.81 18.86 -20.63
CA GLY B 40 -2.23 18.51 -19.35
C GLY B 40 -0.89 19.10 -19.05
N VAL B 41 -0.36 19.86 -20.01
CA VAL B 41 0.96 20.44 -19.86
C VAL B 41 0.88 21.89 -19.37
N PRO B 42 1.49 22.19 -18.21
CA PRO B 42 1.45 23.58 -17.71
C PRO B 42 2.25 24.38 -18.71
N ASN B 43 1.83 25.60 -19.02
CA ASN B 43 2.53 26.42 -20.00
C ASN B 43 2.88 27.81 -19.51
N ALA B 44 3.14 28.73 -20.44
CA ALA B 44 3.54 30.08 -20.07
C ALA B 44 2.40 30.85 -19.42
N ALA B 45 1.17 30.57 -19.82
CA ALA B 45 0.01 31.25 -19.25
C ALA B 45 -0.05 30.97 -17.75
N LEU B 46 0.04 29.71 -17.37
CA LEU B 46 0.01 29.36 -15.96
C LEU B 46 1.11 30.08 -15.21
N ALA B 47 2.31 30.06 -15.77
CA ALA B 47 3.44 30.71 -15.12
C ALA B 47 3.09 32.17 -14.87
N GLU B 48 2.49 32.82 -15.87
CA GLU B 48 2.10 34.22 -15.73
C GLU B 48 1.00 34.37 -14.69
N TYR B 49 -0.14 33.70 -14.93
CA TYR B 49 -1.29 33.74 -14.05
C TYR B 49 -0.90 33.63 -12.56
N TYR B 50 -0.09 32.64 -12.23
CA TYR B 50 0.32 32.46 -10.85
C TYR B 50 1.28 33.56 -10.45
N ALA B 51 2.23 33.84 -11.34
CA ALA B 51 3.21 34.90 -11.10
C ALA B 51 2.46 36.12 -10.60
N GLN B 52 1.50 36.56 -11.41
CA GLN B 52 0.70 37.73 -11.09
C GLN B 52 0.08 37.67 -9.71
N ARG B 53 -0.19 36.46 -9.23
CA ARG B 53 -0.85 36.33 -7.94
C ARG B 53 0.09 36.05 -6.78
N THR B 54 1.37 35.91 -7.06
CA THR B 54 2.27 35.65 -5.96
C THR B 54 2.87 36.93 -5.39
N THR B 55 2.49 37.20 -4.14
CA THR B 55 2.99 38.36 -3.43
C THR B 55 4.12 37.84 -2.55
N PRO B 56 5.12 38.69 -2.30
CA PRO B 56 6.22 38.22 -1.47
C PRO B 56 5.62 37.71 -0.18
N GLY B 57 6.01 36.50 0.22
CA GLY B 57 5.48 35.93 1.45
C GLY B 57 4.03 35.50 1.32
N GLY B 58 3.62 35.18 0.10
CA GLY B 58 2.24 34.75 -0.12
C GLY B 58 2.20 33.25 -0.39
N PHE B 59 1.13 32.60 0.04
CA PHE B 59 0.98 31.17 -0.17
C PHE B 59 -0.03 30.90 -1.29
N LEU B 60 0.38 30.12 -2.28
CA LEU B 60 -0.49 29.80 -3.39
C LEU B 60 -0.73 28.30 -3.43
N ILE B 61 -1.92 27.92 -3.91
CA ILE B 61 -2.27 26.54 -4.07
C ILE B 61 -2.67 26.45 -5.53
N SER B 62 -2.02 25.54 -6.25
CA SER B 62 -2.29 25.37 -7.65
C SER B 62 -3.67 24.81 -7.90
N GLU B 63 -4.08 24.95 -9.15
CA GLU B 63 -5.33 24.42 -9.64
C GLU B 63 -5.25 22.89 -9.47
N GLY B 64 -6.39 22.23 -9.37
CA GLY B 64 -6.38 20.79 -9.22
C GLY B 64 -5.49 20.19 -10.29
N THR B 65 -4.54 19.34 -9.89
CA THR B 65 -3.60 18.74 -10.81
C THR B 65 -3.67 17.22 -10.81
N MET B 66 -3.69 16.64 -11.99
CA MET B 66 -3.79 15.18 -12.14
C MET B 66 -2.66 14.41 -11.48
N VAL B 67 -3.05 13.32 -10.80
CA VAL B 67 -2.10 12.46 -10.15
C VAL B 67 -1.89 11.22 -11.04
N SER B 68 -2.69 11.12 -12.09
CA SER B 68 -2.58 9.98 -13.01
C SER B 68 -3.55 10.12 -14.16
N PRO B 69 -3.43 9.23 -15.16
CA PRO B 69 -4.37 9.35 -16.27
C PRO B 69 -5.69 8.86 -15.68
N GLY B 70 -6.80 9.48 -16.06
CA GLY B 70 -8.07 9.05 -15.52
C GLY B 70 -8.47 9.92 -14.35
N SER B 71 -7.54 10.66 -13.77
CA SER B 71 -7.86 11.51 -12.63
C SER B 71 -8.53 12.84 -13.02
N ALA B 72 -8.55 13.15 -14.31
CA ALA B 72 -9.15 14.41 -14.74
C ALA B 72 -10.65 14.32 -14.97
N GLY B 73 -11.33 15.43 -14.73
CA GLY B 73 -12.77 15.49 -14.92
C GLY B 73 -13.09 16.82 -15.54
N PHE B 74 -12.04 17.51 -15.98
CA PHE B 74 -12.15 18.84 -16.60
C PHE B 74 -11.22 18.90 -17.81
N PRO B 75 -11.51 19.82 -18.73
CA PRO B 75 -10.66 19.94 -19.91
C PRO B 75 -9.33 20.59 -19.59
N HIS B 76 -8.34 20.25 -20.40
CA HIS B 76 -7.00 20.81 -20.25
C HIS B 76 -6.55 21.24 -18.86
N VAL B 77 -6.57 20.28 -17.95
CA VAL B 77 -6.12 20.56 -16.62
C VAL B 77 -4.72 20.01 -16.61
N PRO B 78 -3.84 20.60 -15.79
CA PRO B 78 -2.45 20.13 -15.74
C PRO B 78 -2.29 18.81 -15.02
N GLY B 79 -1.14 18.18 -15.24
CA GLY B 79 -0.83 16.94 -14.57
C GLY B 79 0.52 17.11 -13.91
N ILE B 80 0.87 16.17 -13.04
CA ILE B 80 2.14 16.23 -12.38
C ILE B 80 2.64 14.79 -12.28
N TYR B 81 2.00 13.89 -13.01
CA TYR B 81 2.40 12.50 -12.96
C TYR B 81 3.42 12.09 -14.00
N SER B 82 3.70 12.98 -14.96
CA SER B 82 4.68 12.67 -16.00
C SER B 82 5.89 13.60 -15.92
N ASP B 83 6.95 13.26 -16.65
CA ASP B 83 8.15 14.09 -16.64
C ASP B 83 7.90 15.39 -17.39
N GLU B 84 7.24 15.28 -18.53
CA GLU B 84 6.95 16.46 -19.32
C GLU B 84 6.17 17.50 -18.51
N GLN B 85 5.30 17.03 -17.62
CA GLN B 85 4.51 17.94 -16.80
C GLN B 85 5.36 18.53 -15.70
N VAL B 86 6.19 17.67 -15.09
CA VAL B 86 7.08 18.12 -14.03
C VAL B 86 7.98 19.22 -14.58
N GLU B 87 8.54 18.99 -15.76
CA GLU B 87 9.41 19.98 -16.37
C GLU B 87 8.62 21.24 -16.75
N ALA B 88 7.42 21.07 -17.28
CA ALA B 88 6.62 22.22 -17.67
C ALA B 88 6.18 23.08 -16.47
N TRP B 89 5.92 22.45 -15.33
CA TRP B 89 5.51 23.20 -14.13
C TRP B 89 6.61 24.08 -13.57
N LYS B 90 7.84 23.62 -13.72
CA LYS B 90 8.99 24.34 -13.19
C LYS B 90 8.94 25.85 -13.45
N GLN B 91 8.62 26.24 -14.68
CA GLN B 91 8.56 27.65 -15.04
C GLN B 91 7.54 28.34 -14.17
N VAL B 92 6.52 27.59 -13.77
CA VAL B 92 5.49 28.18 -12.93
C VAL B 92 6.04 28.34 -11.53
N VAL B 93 6.50 27.24 -10.95
CA VAL B 93 7.04 27.25 -9.60
C VAL B 93 8.23 28.19 -9.49
N GLU B 94 8.96 28.36 -10.59
CA GLU B 94 10.10 29.28 -10.56
C GLU B 94 9.61 30.71 -10.47
N ALA B 95 8.63 31.05 -11.30
CA ALA B 95 8.05 32.38 -11.34
C ALA B 95 7.54 32.80 -9.96
N VAL B 96 6.71 31.94 -9.36
CA VAL B 96 6.17 32.21 -8.03
C VAL B 96 7.31 32.46 -7.07
N HIS B 97 8.28 31.56 -7.07
CA HIS B 97 9.40 31.70 -6.17
C HIS B 97 10.21 32.96 -6.43
N ALA B 98 10.35 33.33 -7.70
CA ALA B 98 11.13 34.51 -8.04
C ALA B 98 10.49 35.75 -7.41
N LYS B 99 9.23 35.63 -7.01
CA LYS B 99 8.51 36.74 -6.40
C LYS B 99 8.22 36.49 -4.92
N GLY B 100 9.03 35.64 -4.30
CA GLY B 100 8.89 35.39 -2.88
C GLY B 100 7.62 34.68 -2.46
N GLY B 101 6.94 34.05 -3.41
CA GLY B 101 5.71 33.36 -3.08
C GLY B 101 5.91 31.86 -2.95
N PHE B 102 5.11 31.24 -2.09
CA PHE B 102 5.15 29.79 -1.93
C PHE B 102 3.98 29.21 -2.72
N ILE B 103 4.11 27.98 -3.16
CA ILE B 103 3.03 27.39 -3.92
C ILE B 103 3.00 25.88 -3.76
N PHE B 104 1.80 25.38 -3.50
CA PHE B 104 1.57 23.96 -3.35
C PHE B 104 0.82 23.50 -4.59
N CYS B 105 1.10 22.27 -5.00
CA CYS B 105 0.41 21.73 -6.15
C CYS B 105 -0.74 20.94 -5.55
N GLN B 106 -1.98 21.27 -5.91
CA GLN B 106 -3.07 20.49 -5.36
C GLN B 106 -3.21 19.17 -6.12
N LEU B 107 -3.12 18.06 -5.38
CA LEU B 107 -3.24 16.74 -5.96
C LEU B 107 -4.69 16.33 -5.88
N TRP B 108 -5.26 16.17 -7.05
CA TRP B 108 -6.68 15.90 -7.20
C TRP B 108 -7.05 14.74 -8.11
N HIS B 109 -8.02 13.97 -7.66
CA HIS B 109 -8.51 12.89 -8.49
C HIS B 109 -10.02 13.08 -8.46
N VAL B 110 -10.61 13.24 -9.65
CA VAL B 110 -12.05 13.46 -9.75
C VAL B 110 -12.91 12.26 -9.43
N GLY B 111 -12.33 11.08 -9.51
CA GLY B 111 -13.10 9.89 -9.23
C GLY B 111 -14.24 9.78 -10.23
N ARG B 112 -15.43 9.45 -9.73
CA ARG B 112 -16.58 9.26 -10.59
C ARG B 112 -17.01 10.56 -11.26
N ALA B 113 -16.44 11.68 -10.84
CA ALA B 113 -16.80 12.97 -11.43
C ALA B 113 -16.04 13.14 -12.72
N SER B 114 -16.17 12.16 -13.61
CA SER B 114 -15.46 12.25 -14.86
C SER B 114 -16.25 11.67 -16.05
N HIS B 115 -15.57 11.61 -17.19
CA HIS B 115 -16.18 11.12 -18.40
C HIS B 115 -15.13 10.38 -19.22
N ALA B 116 -15.60 9.49 -20.09
CA ALA B 116 -14.72 8.72 -20.97
C ALA B 116 -13.70 9.63 -21.66
N VAL B 117 -14.14 10.82 -22.02
CA VAL B 117 -13.28 11.78 -22.69
C VAL B 117 -11.98 11.99 -21.89
N TYR B 118 -12.01 11.70 -20.58
CA TYR B 118 -10.84 11.89 -19.72
C TYR B 118 -10.31 10.61 -19.14
N GLN B 119 -10.72 9.48 -19.70
CA GLN B 119 -10.26 8.21 -19.18
C GLN B 119 -9.40 7.43 -20.15
N PRO B 120 -8.32 6.80 -19.64
CA PRO B 120 -7.46 6.02 -20.53
C PRO B 120 -8.37 4.96 -21.15
N ASN B 121 -8.31 4.80 -22.46
CA ASN B 121 -9.12 3.80 -23.15
C ASN B 121 -10.61 4.08 -23.19
N GLY B 122 -10.98 5.30 -22.84
CA GLY B 122 -12.40 5.66 -22.82
C GLY B 122 -13.15 4.82 -21.80
N GLY B 123 -12.46 4.40 -20.76
CA GLY B 123 -13.10 3.59 -19.75
C GLY B 123 -13.94 4.41 -18.80
N SER B 124 -14.58 3.72 -17.87
CA SER B 124 -15.41 4.38 -16.89
C SER B 124 -14.58 5.00 -15.78
N PRO B 125 -14.96 6.19 -15.32
CA PRO B 125 -14.23 6.84 -14.24
C PRO B 125 -14.29 5.90 -13.03
N ILE B 126 -13.26 5.96 -12.19
CA ILE B 126 -13.24 5.11 -11.02
C ILE B 126 -13.77 5.84 -9.79
N SER B 127 -14.25 5.08 -8.82
CA SER B 127 -14.80 5.66 -7.62
C SER B 127 -14.95 4.64 -6.51
N SER B 128 -15.50 5.09 -5.38
CA SER B 128 -15.72 4.21 -4.26
C SER B 128 -17.01 3.46 -4.57
N THR B 129 -17.79 4.02 -5.50
CA THR B 129 -19.09 3.46 -5.85
C THR B 129 -19.32 3.22 -7.34
N ASN B 130 -20.42 2.54 -7.66
CA ASN B 130 -20.81 2.27 -9.03
C ASN B 130 -21.95 3.23 -9.35
N LYS B 131 -22.33 4.04 -8.35
CA LYS B 131 -23.41 5.00 -8.52
C LYS B 131 -22.85 6.30 -9.11
N PRO B 132 -23.51 6.82 -10.16
CA PRO B 132 -23.13 8.05 -10.84
C PRO B 132 -23.65 9.29 -10.14
N ILE B 133 -23.11 10.43 -10.56
CA ILE B 133 -23.52 11.73 -10.06
C ILE B 133 -24.79 12.01 -10.88
N SER B 134 -25.88 12.33 -10.21
CA SER B 134 -27.14 12.58 -10.89
C SER B 134 -27.07 13.58 -12.04
N GLU B 135 -27.76 13.26 -13.14
CA GLU B 135 -27.80 14.12 -14.34
C GLU B 135 -28.58 15.36 -13.97
N ASN B 136 -29.41 15.23 -12.95
CA ASN B 136 -30.20 16.34 -12.47
C ASN B 136 -29.32 17.49 -12.07
N ARG B 137 -28.36 17.22 -11.20
CA ARG B 137 -27.58 18.31 -10.67
C ARG B 137 -26.27 18.76 -11.27
N TRP B 138 -25.55 17.87 -11.93
CA TRP B 138 -24.27 18.28 -12.48
C TRP B 138 -24.01 17.66 -13.84
N ARG B 139 -23.10 18.28 -14.57
CA ARG B 139 -22.73 17.82 -15.89
C ARG B 139 -21.29 18.15 -16.14
N VAL B 140 -20.46 17.12 -16.35
CA VAL B 140 -19.05 17.29 -16.60
C VAL B 140 -18.85 18.29 -17.76
N LEU B 141 -17.62 18.70 -17.98
CA LEU B 141 -17.30 19.63 -19.05
C LEU B 141 -16.37 18.90 -20.00
N LEU B 142 -16.76 18.77 -21.26
CA LEU B 142 -15.93 18.09 -22.25
C LEU B 142 -15.09 19.14 -22.97
N PRO B 143 -13.94 18.72 -23.52
CA PRO B 143 -13.01 19.60 -24.23
C PRO B 143 -13.66 20.44 -25.33
N ASP B 144 -14.57 19.86 -26.11
CA ASP B 144 -15.22 20.60 -27.17
C ASP B 144 -16.14 21.65 -26.57
N GLY B 145 -16.05 21.82 -25.25
CA GLY B 145 -16.85 22.81 -24.58
C GLY B 145 -18.27 22.38 -24.29
N SER B 146 -18.58 21.09 -24.50
CA SER B 146 -19.95 20.63 -24.23
C SER B 146 -20.13 20.18 -22.76
N HIS B 147 -21.39 20.01 -22.37
CA HIS B 147 -21.75 19.59 -21.03
C HIS B 147 -22.61 18.35 -21.15
N VAL B 148 -22.23 17.27 -20.47
CA VAL B 148 -23.00 16.03 -20.54
C VAL B 148 -23.19 15.37 -19.16
N LYS B 149 -24.05 14.37 -19.13
CA LYS B 149 -24.34 13.63 -17.92
C LYS B 149 -23.09 12.92 -17.43
N TYR B 150 -23.03 12.65 -16.13
CA TYR B 150 -21.89 11.93 -15.56
C TYR B 150 -22.14 10.44 -15.77
N PRO B 151 -21.17 9.73 -16.37
CA PRO B 151 -21.38 8.31 -16.60
C PRO B 151 -21.37 7.52 -15.31
N LYS B 152 -21.82 6.28 -15.41
CA LYS B 152 -21.82 5.38 -14.29
C LYS B 152 -20.36 5.03 -14.03
N PRO B 153 -19.85 5.35 -12.84
CA PRO B 153 -18.45 5.03 -12.54
C PRO B 153 -18.30 3.56 -12.16
N ARG B 154 -17.06 3.12 -12.05
CA ARG B 154 -16.78 1.75 -11.64
C ARG B 154 -16.14 1.86 -10.28
N ALA B 155 -16.72 1.19 -9.28
CA ALA B 155 -16.16 1.24 -7.93
C ALA B 155 -14.83 0.49 -7.91
N LEU B 156 -13.85 1.08 -7.25
CA LEU B 156 -12.54 0.48 -7.13
C LEU B 156 -12.65 -0.79 -6.30
N GLU B 157 -12.02 -1.86 -6.78
CA GLU B 157 -12.01 -3.10 -6.03
C GLU B 157 -10.97 -2.87 -4.94
N ALA B 158 -10.91 -3.75 -3.95
CA ALA B 158 -9.95 -3.59 -2.86
C ALA B 158 -8.49 -3.89 -3.24
N SER B 159 -8.11 -3.61 -4.48
CA SER B 159 -6.74 -3.85 -4.93
C SER B 159 -6.30 -2.78 -5.93
N GLU B 160 -7.18 -1.84 -6.23
CA GLU B 160 -6.86 -0.78 -7.15
C GLU B 160 -6.51 0.47 -6.34
N ILE B 161 -7.16 0.58 -5.19
CA ILE B 161 -6.97 1.71 -4.31
C ILE B 161 -5.50 1.99 -3.96
N PRO B 162 -4.66 0.95 -3.87
CA PRO B 162 -3.25 1.19 -3.54
C PRO B 162 -2.55 1.84 -4.72
N ARG B 163 -2.91 1.41 -5.93
CA ARG B 163 -2.30 2.01 -7.11
C ARG B 163 -2.61 3.51 -7.12
N VAL B 164 -3.86 3.85 -6.77
CA VAL B 164 -4.26 5.26 -6.75
C VAL B 164 -3.28 5.98 -5.85
N VAL B 165 -3.23 5.56 -4.59
CA VAL B 165 -2.31 6.15 -3.63
C VAL B 165 -0.95 6.33 -4.32
N GLU B 166 -0.43 5.24 -4.89
CA GLU B 166 0.84 5.28 -5.59
C GLU B 166 0.95 6.52 -6.48
N ASP B 167 -0.10 6.78 -7.27
CA ASP B 167 -0.10 7.95 -8.14
C ASP B 167 -0.01 9.21 -7.29
N TYR B 168 -0.72 9.21 -6.17
CA TYR B 168 -0.69 10.36 -5.27
C TYR B 168 0.75 10.50 -4.80
N CYS B 169 1.43 9.37 -4.65
CA CYS B 169 2.80 9.38 -4.18
C CYS B 169 3.79 9.84 -5.26
N LEU B 170 3.72 9.25 -6.43
CA LEU B 170 4.63 9.63 -7.51
C LEU B 170 4.41 11.10 -7.85
N SER B 171 3.17 11.55 -7.70
CA SER B 171 2.82 12.92 -8.03
C SER B 171 3.33 13.87 -6.97
N ALA B 172 3.24 13.47 -5.71
CA ALA B 172 3.70 14.30 -4.61
C ALA B 172 5.20 14.51 -4.81
N LEU B 173 5.88 13.40 -5.02
CA LEU B 173 7.33 13.42 -5.24
C LEU B 173 7.61 14.27 -6.47
N ASN B 174 6.80 14.09 -7.50
CA ASN B 174 6.95 14.86 -8.72
C ASN B 174 6.82 16.34 -8.41
N ALA B 175 5.74 16.70 -7.74
CA ALA B 175 5.52 18.08 -7.38
C ALA B 175 6.76 18.67 -6.72
N ILE B 176 7.32 17.96 -5.76
CA ILE B 176 8.51 18.44 -5.08
C ILE B 176 9.67 18.44 -6.07
N ARG B 177 9.75 17.39 -6.86
CA ARG B 177 10.79 17.27 -7.85
C ARG B 177 10.74 18.55 -8.70
N ALA B 178 9.54 18.93 -9.09
CA ALA B 178 9.35 20.12 -9.92
C ALA B 178 9.63 21.44 -9.19
N GLY B 179 9.93 21.37 -7.89
CA GLY B 179 10.22 22.58 -7.14
C GLY B 179 9.11 23.06 -6.21
N PHE B 180 7.90 22.54 -6.37
CA PHE B 180 6.80 22.96 -5.48
C PHE B 180 7.24 22.88 -4.02
N ASP B 181 6.69 23.77 -3.21
CA ASP B 181 7.02 23.80 -1.80
C ASP B 181 6.26 22.71 -1.04
N GLY B 182 5.24 22.16 -1.68
CA GLY B 182 4.45 21.12 -1.05
C GLY B 182 3.28 20.80 -1.95
N ILE B 183 2.39 19.94 -1.46
CA ILE B 183 1.21 19.58 -2.23
C ILE B 183 0.00 19.66 -1.33
N GLU B 184 -1.18 19.69 -1.94
CA GLU B 184 -2.39 19.70 -1.16
C GLU B 184 -3.15 18.49 -1.64
N ILE B 185 -3.76 17.77 -0.70
CA ILE B 185 -4.55 16.62 -1.08
C ILE B 185 -5.94 17.16 -1.27
N HIS B 186 -6.45 17.00 -2.49
CA HIS B 186 -7.77 17.48 -2.79
C HIS B 186 -8.78 16.43 -2.34
N GLY B 187 -9.07 16.35 -1.05
CA GLY B 187 -10.04 15.38 -0.56
C GLY B 187 -11.40 16.04 -0.37
N ALA B 188 -11.70 17.03 -1.22
CA ALA B 188 -12.95 17.77 -1.08
C ALA B 188 -13.83 17.80 -2.32
N HIS B 189 -14.97 18.48 -2.17
CA HIS B 189 -15.89 18.74 -3.26
C HIS B 189 -16.52 17.58 -4.05
N GLY B 190 -16.74 16.45 -3.39
CA GLY B 190 -17.35 15.33 -4.06
C GLY B 190 -16.45 14.58 -5.02
N TYR B 191 -15.15 14.78 -4.91
CA TYR B 191 -14.24 14.06 -5.77
C TYR B 191 -13.83 12.72 -5.18
N LEU B 192 -12.88 12.02 -5.82
CA LEU B 192 -12.50 10.68 -5.38
C LEU B 192 -12.38 10.43 -3.87
N ILE B 193 -11.78 11.35 -3.16
CA ILE B 193 -11.63 11.18 -1.73
C ILE B 193 -12.92 11.49 -0.98
N ASP B 194 -13.66 12.49 -1.45
CA ASP B 194 -14.91 12.83 -0.79
C ASP B 194 -15.95 11.74 -1.09
N GLN B 195 -15.76 11.05 -2.22
CA GLN B 195 -16.64 9.97 -2.62
C GLN B 195 -16.49 8.79 -1.64
N PHE B 196 -15.33 8.70 -0.98
CA PHE B 196 -15.14 7.65 0.04
C PHE B 196 -15.61 8.20 1.38
N LEU B 197 -15.26 9.45 1.63
CA LEU B 197 -15.61 10.13 2.88
C LEU B 197 -17.10 10.34 3.12
N LYS B 198 -17.81 10.76 2.09
CA LYS B 198 -19.24 11.03 2.20
C LYS B 198 -20.08 9.77 2.09
N ASP B 199 -20.73 9.36 3.17
CA ASP B 199 -21.53 8.14 3.10
C ASP B 199 -22.70 8.33 2.14
N GLY B 200 -22.99 9.58 1.79
CA GLY B 200 -24.07 9.82 0.84
C GLY B 200 -23.64 9.24 -0.50
N ILE B 201 -22.37 8.89 -0.60
CA ILE B 201 -21.80 8.34 -1.81
C ILE B 201 -21.23 6.95 -1.59
N ASN B 202 -20.43 6.81 -0.55
CA ASN B 202 -19.77 5.54 -0.23
C ASN B 202 -20.69 4.40 0.16
N ASP B 203 -21.04 3.57 -0.81
CA ASP B 203 -21.89 2.41 -0.55
C ASP B 203 -21.00 1.17 -0.65
N ARG B 204 -19.97 1.11 0.19
CA ARG B 204 -19.05 -0.03 0.20
C ARG B 204 -19.18 -0.78 1.52
N THR B 205 -18.85 -2.07 1.48
CA THR B 205 -18.91 -2.92 2.66
C THR B 205 -17.56 -3.60 2.90
N ASP B 206 -16.53 -3.17 2.18
CA ASP B 206 -15.22 -3.75 2.36
C ASP B 206 -14.42 -2.86 3.34
N GLN B 207 -13.10 -2.94 3.35
CA GLN B 207 -12.33 -2.14 4.29
C GLN B 207 -12.40 -0.64 4.06
N TYR B 208 -12.87 -0.21 2.90
CA TYR B 208 -12.95 1.22 2.64
C TYR B 208 -14.35 1.78 2.83
N GLY B 209 -15.14 1.11 3.65
CA GLY B 209 -16.49 1.59 3.91
C GLY B 209 -17.19 0.79 4.98
N GLY B 210 -18.33 1.31 5.44
CA GLY B 210 -19.11 0.63 6.46
C GLY B 210 -18.92 1.23 7.84
N SER B 211 -17.95 2.14 7.94
CA SER B 211 -17.66 2.83 9.19
C SER B 211 -16.93 4.14 8.84
N ILE B 212 -17.06 5.14 9.70
CA ILE B 212 -16.40 6.41 9.45
C ILE B 212 -14.92 6.12 9.27
N ALA B 213 -14.41 5.16 10.03
CA ALA B 213 -13.01 4.78 9.96
C ALA B 213 -12.69 4.22 8.57
N ASN B 214 -13.55 3.33 8.07
CA ASN B 214 -13.34 2.74 6.76
C ASN B 214 -13.55 3.76 5.65
N ARG B 215 -14.46 4.70 5.87
CA ARG B 215 -14.74 5.72 4.87
C ARG B 215 -13.56 6.68 4.75
N CYS B 216 -12.95 7.05 5.87
CA CYS B 216 -11.82 7.98 5.80
C CYS B 216 -10.48 7.24 5.71
N ARG B 217 -10.56 5.95 5.41
CA ARG B 217 -9.35 5.13 5.31
C ARG B 217 -8.54 5.53 4.09
N PHE B 218 -9.23 5.78 2.98
CA PHE B 218 -8.53 6.14 1.77
C PHE B 218 -7.70 7.41 1.92
N LEU B 219 -8.33 8.48 2.40
CA LEU B 219 -7.63 9.75 2.60
C LEU B 219 -6.39 9.50 3.47
N LYS B 220 -6.59 8.72 4.52
CA LYS B 220 -5.51 8.39 5.44
C LYS B 220 -4.34 7.80 4.68
N GLN B 221 -4.62 6.78 3.86
CA GLN B 221 -3.56 6.14 3.09
C GLN B 221 -2.92 7.19 2.18
N VAL B 222 -3.75 7.97 1.50
CA VAL B 222 -3.23 9.01 0.63
C VAL B 222 -2.32 9.99 1.39
N VAL B 223 -2.74 10.43 2.56
CA VAL B 223 -1.93 11.35 3.35
C VAL B 223 -0.68 10.61 3.84
N GLU B 224 -0.87 9.41 4.36
CA GLU B 224 0.28 8.65 4.84
C GLU B 224 1.28 8.44 3.72
N GLY B 225 0.79 8.10 2.54
CA GLY B 225 1.69 7.87 1.42
C GLY B 225 2.49 9.11 1.08
N VAL B 226 1.80 10.13 0.59
CA VAL B 226 2.42 11.39 0.22
C VAL B 226 3.34 11.94 1.33
N VAL B 227 2.91 11.80 2.58
CA VAL B 227 3.68 12.26 3.71
C VAL B 227 5.04 11.54 3.76
N SER B 228 5.01 10.21 3.68
CA SER B 228 6.24 9.42 3.70
C SER B 228 7.13 9.83 2.54
N ALA B 229 6.50 10.40 1.51
CA ALA B 229 7.22 10.79 0.32
C ALA B 229 7.84 12.19 0.37
N ILE B 230 7.22 13.11 1.09
CA ILE B 230 7.74 14.46 1.11
C ILE B 230 7.77 15.18 2.45
N GLY B 231 7.22 14.54 3.48
CA GLY B 231 7.20 15.17 4.79
C GLY B 231 5.89 15.91 5.05
N ALA B 232 5.30 15.62 6.22
CA ALA B 232 4.04 16.24 6.60
C ALA B 232 4.04 17.76 6.48
N SER B 233 5.15 18.38 6.85
CA SER B 233 5.24 19.83 6.81
C SER B 233 5.08 20.35 5.40
N LYS B 234 5.08 19.44 4.43
CA LYS B 234 4.92 19.83 3.03
C LYS B 234 3.57 19.37 2.50
N VAL B 235 2.70 18.95 3.41
CA VAL B 235 1.40 18.46 2.99
C VAL B 235 0.20 19.15 3.60
N GLY B 236 -0.65 19.68 2.73
CA GLY B 236 -1.87 20.31 3.17
C GLY B 236 -2.97 19.31 2.82
N VAL B 237 -4.10 19.39 3.49
CA VAL B 237 -5.21 18.48 3.24
C VAL B 237 -6.50 19.31 3.14
N ARG B 238 -7.18 19.20 2.01
CA ARG B 238 -8.43 19.92 1.84
C ARG B 238 -9.63 18.98 1.84
N VAL B 239 -10.54 19.18 2.77
CA VAL B 239 -11.76 18.37 2.84
C VAL B 239 -12.94 19.35 2.86
N SER B 240 -14.16 18.82 2.78
CA SER B 240 -15.37 19.65 2.79
C SER B 240 -16.54 18.78 3.27
N PRO B 241 -16.65 18.62 4.60
CA PRO B 241 -17.69 17.81 5.25
C PRO B 241 -19.11 18.15 4.85
N ALA B 242 -19.42 19.45 4.83
CA ALA B 242 -20.76 19.91 4.52
C ALA B 242 -21.00 20.23 3.07
N ILE B 243 -19.99 20.76 2.38
CA ILE B 243 -20.19 21.08 0.98
C ILE B 243 -20.73 19.82 0.32
N ASP B 244 -21.80 19.94 -0.46
CA ASP B 244 -22.39 18.79 -1.11
C ASP B 244 -22.30 18.88 -2.64
N HIS B 245 -21.19 19.44 -3.10
CA HIS B 245 -20.90 19.58 -4.52
C HIS B 245 -20.87 18.17 -5.12
N LEU B 246 -21.43 18.03 -6.32
CA LEU B 246 -21.44 16.75 -7.01
C LEU B 246 -22.08 15.61 -6.21
N ASP B 247 -23.21 15.89 -5.56
CA ASP B 247 -23.92 14.91 -4.78
C ASP B 247 -23.04 14.23 -3.75
N ALA B 248 -22.34 15.03 -2.96
CA ALA B 248 -21.46 14.52 -1.93
C ALA B 248 -21.96 14.97 -0.57
N THR B 249 -23.02 14.35 -0.10
CA THR B 249 -23.54 14.75 1.20
C THR B 249 -23.21 13.66 2.21
N ASP B 250 -23.22 14.04 3.48
CA ASP B 250 -22.96 13.09 4.53
C ASP B 250 -24.12 13.13 5.51
N SER B 251 -24.29 12.04 6.25
CA SER B 251 -25.34 11.94 7.24
C SER B 251 -24.99 12.76 8.47
N ASP B 252 -23.73 13.17 8.58
CA ASP B 252 -23.29 13.98 9.71
C ASP B 252 -21.94 14.61 9.40
N PRO B 253 -21.96 15.78 8.75
CA PRO B 253 -20.73 16.48 8.39
C PRO B 253 -19.77 16.74 9.55
N LEU B 254 -20.30 17.07 10.71
CA LEU B 254 -19.45 17.34 11.86
C LEU B 254 -18.59 16.15 12.25
N SER B 255 -19.23 15.01 12.48
CA SER B 255 -18.46 13.83 12.89
C SER B 255 -17.53 13.34 11.78
N LEU B 256 -17.91 13.56 10.53
CA LEU B 256 -17.05 13.15 9.43
C LEU B 256 -15.79 14.00 9.45
N GLY B 257 -15.97 15.29 9.71
CA GLY B 257 -14.84 16.20 9.75
C GLY B 257 -13.95 15.96 10.96
N LEU B 258 -14.57 15.61 12.09
CA LEU B 258 -13.82 15.38 13.31
C LEU B 258 -13.01 14.11 13.17
N ALA B 259 -13.58 13.13 12.48
CA ALA B 259 -12.91 11.87 12.24
C ALA B 259 -11.71 12.19 11.37
N VAL B 260 -11.93 13.07 10.40
CA VAL B 260 -10.82 13.46 9.51
C VAL B 260 -9.75 14.17 10.33
N VAL B 261 -10.17 15.15 11.11
CA VAL B 261 -9.23 15.90 11.92
C VAL B 261 -8.54 14.95 12.88
N GLY B 262 -9.30 14.02 13.45
CA GLY B 262 -8.74 13.08 14.39
C GLY B 262 -7.71 12.20 13.71
N MET B 263 -8.04 11.74 12.51
CA MET B 263 -7.14 10.89 11.76
C MET B 263 -5.87 11.69 11.49
N LEU B 264 -6.03 12.95 11.07
CA LEU B 264 -4.87 13.80 10.78
C LEU B 264 -4.05 14.09 12.05
N ASN B 265 -4.74 14.36 13.16
CA ASN B 265 -4.02 14.63 14.40
C ASN B 265 -3.23 13.40 14.81
N LYS B 266 -3.85 12.23 14.72
CA LYS B 266 -3.19 11.00 15.10
C LYS B 266 -1.97 10.79 14.21
N LEU B 267 -2.14 11.08 12.92
CA LEU B 267 -1.06 10.93 11.95
C LEU B 267 0.09 11.88 12.26
N GLN B 268 -0.23 13.08 12.69
CA GLN B 268 0.78 14.06 13.01
C GLN B 268 1.58 13.62 14.23
N GLY B 269 0.88 13.16 15.27
CA GLY B 269 1.56 12.72 16.47
C GLY B 269 2.53 11.57 16.24
N VAL B 270 2.39 10.91 15.09
CA VAL B 270 3.23 9.77 14.73
C VAL B 270 4.47 10.14 13.90
N ASN B 271 4.30 11.05 12.94
CA ASN B 271 5.43 11.47 12.10
C ASN B 271 6.31 12.57 12.69
N GLY B 272 6.02 12.98 13.93
CA GLY B 272 6.80 14.00 14.59
C GLY B 272 6.70 15.37 13.94
N SER B 273 5.59 15.62 13.24
CA SER B 273 5.37 16.89 12.59
C SER B 273 3.95 17.00 12.03
N LYS B 274 3.38 18.19 12.15
CA LYS B 274 2.04 18.45 11.67
C LYS B 274 2.08 18.65 10.16
N LEU B 275 0.93 18.48 9.54
CA LEU B 275 0.82 18.71 8.12
C LEU B 275 1.02 20.22 7.98
N ALA B 276 1.20 20.69 6.75
CA ALA B 276 1.38 22.12 6.54
C ALA B 276 0.11 22.82 6.95
N TYR B 277 -1.03 22.16 6.69
CA TYR B 277 -2.31 22.74 7.07
C TYR B 277 -3.48 21.84 6.69
N LEU B 278 -4.64 22.19 7.22
CA LEU B 278 -5.90 21.54 6.95
C LEU B 278 -6.66 22.70 6.30
N HIS B 279 -7.22 22.42 5.13
CA HIS B 279 -7.94 23.41 4.34
C HIS B 279 -9.38 22.93 4.25
N VAL B 280 -10.33 23.77 4.66
CA VAL B 280 -11.73 23.40 4.63
C VAL B 280 -12.63 24.45 4.05
N THR B 281 -13.41 24.03 3.06
CA THR B 281 -14.37 24.88 2.41
C THR B 281 -15.71 24.52 3.01
N GLN B 282 -16.55 25.54 3.18
CA GLN B 282 -17.86 25.35 3.74
C GLN B 282 -18.87 26.01 2.82
N PRO B 283 -20.15 25.74 3.06
CA PRO B 283 -21.23 26.32 2.24
C PRO B 283 -21.42 27.79 2.63
N ARG B 284 -22.28 28.48 1.91
CA ARG B 284 -22.59 29.89 2.16
C ARG B 284 -23.98 30.17 1.64
N TYR B 285 -24.55 31.31 2.02
CA TYR B 285 -25.88 31.68 1.56
C TYR B 285 -25.87 32.73 0.45
N HIS B 286 -27.01 33.40 0.25
CA HIS B 286 -27.17 34.43 -0.78
C HIS B 286 -26.68 35.80 -0.30
N ALA B 287 -26.34 36.68 -1.23
CA ALA B 287 -25.83 38.01 -0.89
C ALA B 287 -26.89 39.12 -0.74
N TYR B 288 -27.35 39.35 0.50
CA TYR B 288 -28.33 40.39 0.76
C TYR B 288 -27.68 41.65 1.33
N ASP B 299 -23.28 31.77 8.34
CA ASP B 299 -23.64 32.76 9.34
C ASP B 299 -23.08 32.46 10.72
N GLU B 300 -23.78 31.60 11.46
CA GLU B 300 -23.41 31.18 12.80
C GLU B 300 -23.12 29.68 12.85
N GLU B 301 -24.13 28.87 12.54
CA GLU B 301 -24.00 27.42 12.54
C GLU B 301 -22.93 26.92 11.56
N GLU B 302 -22.90 27.54 10.37
CA GLU B 302 -21.92 27.18 9.35
C GLU B 302 -20.54 27.59 9.81
N ALA B 303 -20.50 28.59 10.68
CA ALA B 303 -19.25 29.09 11.20
C ALA B 303 -18.83 28.27 12.40
N LYS B 304 -19.81 27.71 13.10
CA LYS B 304 -19.54 26.92 14.28
C LYS B 304 -19.05 25.55 13.86
N LEU B 305 -19.51 25.08 12.70
CA LEU B 305 -19.05 23.80 12.20
C LEU B 305 -17.57 23.96 11.86
N MET B 306 -17.25 25.10 11.23
CA MET B 306 -15.88 25.40 10.84
C MET B 306 -14.98 25.54 12.04
N LYS B 307 -15.49 26.15 13.10
CA LYS B 307 -14.69 26.35 14.29
C LYS B 307 -14.56 25.07 15.10
N SER B 308 -15.56 24.21 14.96
CA SER B 308 -15.58 22.94 15.67
C SER B 308 -14.50 21.99 15.15
N LEU B 309 -14.04 22.23 13.92
CA LEU B 309 -13.02 21.38 13.31
C LEU B 309 -11.64 21.99 13.56
N ARG B 310 -11.59 23.31 13.49
CA ARG B 310 -10.34 24.03 13.67
C ARG B 310 -9.75 23.77 15.05
N MET B 311 -10.55 23.96 16.10
CA MET B 311 -10.09 23.71 17.46
C MET B 311 -9.68 22.26 17.62
N ALA B 312 -10.45 21.36 17.03
CA ALA B 312 -10.16 19.93 17.11
C ALA B 312 -8.88 19.59 16.39
N TYR B 313 -8.55 20.39 15.38
CA TYR B 313 -7.36 20.14 14.59
C TYR B 313 -6.08 20.72 15.16
N ASN B 314 -5.07 19.88 15.32
CA ASN B 314 -3.79 20.34 15.85
C ASN B 314 -2.93 20.85 14.71
N GLY B 315 -3.09 22.12 14.35
CA GLY B 315 -2.29 22.65 13.27
C GLY B 315 -2.87 23.87 12.62
N THR B 316 -2.36 24.18 11.44
CA THR B 316 -2.81 25.35 10.73
C THR B 316 -4.13 25.05 10.03
N PHE B 317 -5.10 25.95 10.24
CA PHE B 317 -6.39 25.75 9.65
C PHE B 317 -6.61 26.80 8.60
N MET B 318 -7.04 26.36 7.42
CA MET B 318 -7.28 27.29 6.34
C MET B 318 -8.75 27.22 5.97
N SER B 319 -9.41 28.38 6.03
CA SER B 319 -10.82 28.45 5.69
C SER B 319 -10.96 28.93 4.27
N SER B 320 -12.01 28.45 3.61
CA SER B 320 -12.29 28.84 2.24
C SER B 320 -13.79 28.74 1.97
N GLY B 321 -14.25 29.42 0.92
CA GLY B 321 -15.64 29.32 0.56
C GLY B 321 -16.40 30.60 0.79
N GLY B 322 -16.66 31.33 -0.29
CA GLY B 322 -17.41 32.57 -0.19
C GLY B 322 -16.76 33.66 0.65
N PHE B 323 -15.47 33.56 0.91
CA PHE B 323 -14.83 34.59 1.71
C PHE B 323 -14.61 35.88 0.94
N ASN B 324 -14.47 36.96 1.70
CA ASN B 324 -14.19 38.27 1.14
C ASN B 324 -13.31 38.91 2.20
N LYS B 325 -12.73 40.06 1.91
CA LYS B 325 -11.86 40.68 2.90
C LYS B 325 -12.50 40.73 4.29
N GLU B 326 -13.76 41.15 4.35
CA GLU B 326 -14.48 41.26 5.62
C GLU B 326 -14.46 39.97 6.46
N LEU B 327 -15.00 38.90 5.89
CA LEU B 327 -15.05 37.61 6.59
C LEU B 327 -13.65 37.09 6.89
N GLY B 328 -12.70 37.39 6.00
CA GLY B 328 -11.35 36.92 6.19
C GLY B 328 -10.71 37.50 7.43
N MET B 329 -10.86 38.81 7.59
CA MET B 329 -10.30 39.54 8.73
C MET B 329 -10.91 39.02 10.04
N GLN B 330 -12.19 38.67 9.99
CA GLN B 330 -12.88 38.14 11.16
C GLN B 330 -12.37 36.74 11.49
N ALA B 331 -12.18 35.91 10.46
CA ALA B 331 -11.69 34.55 10.66
C ALA B 331 -10.30 34.60 11.32
N VAL B 332 -9.43 35.48 10.82
CA VAL B 332 -8.09 35.58 11.40
C VAL B 332 -8.18 36.23 12.78
N GLN B 333 -8.77 37.41 12.84
CA GLN B 333 -8.92 38.15 14.09
C GLN B 333 -9.59 37.32 15.20
N GLN B 334 -10.76 36.76 14.89
CA GLN B 334 -11.52 35.96 15.84
C GLN B 334 -10.88 34.61 16.19
N GLY B 335 -9.80 34.26 15.49
CA GLY B 335 -9.12 33.00 15.75
C GLY B 335 -9.78 31.81 15.08
N ASP B 336 -10.70 32.07 14.16
CA ASP B 336 -11.41 31.02 13.44
C ASP B 336 -10.55 30.31 12.39
N ALA B 337 -9.55 31.01 11.87
CA ALA B 337 -8.69 30.42 10.86
C ALA B 337 -7.35 31.13 10.92
N ASP B 338 -6.30 30.45 10.47
CA ASP B 338 -4.98 31.07 10.44
C ASP B 338 -4.77 31.63 9.05
N LEU B 339 -5.40 30.97 8.08
CA LEU B 339 -5.31 31.34 6.68
C LEU B 339 -6.69 31.24 6.06
N VAL B 340 -6.91 32.07 5.04
CA VAL B 340 -8.17 32.10 4.34
C VAL B 340 -7.85 32.13 2.85
N SER B 341 -8.43 31.19 2.10
CA SER B 341 -8.17 31.14 0.66
C SER B 341 -9.31 31.73 -0.14
N TYR B 342 -8.95 32.55 -1.12
CA TYR B 342 -9.90 33.22 -1.98
C TYR B 342 -9.75 32.64 -3.36
N GLY B 343 -10.88 32.33 -3.99
CA GLY B 343 -10.83 31.79 -5.32
C GLY B 343 -11.25 32.79 -6.38
N ARG B 344 -12.56 32.94 -6.56
CA ARG B 344 -13.07 33.86 -7.57
C ARG B 344 -12.53 35.28 -7.49
N LEU B 345 -12.42 35.82 -6.28
CA LEU B 345 -11.89 37.17 -6.14
C LEU B 345 -10.46 37.23 -6.63
N PHE B 346 -9.74 36.13 -6.47
CA PHE B 346 -8.36 36.07 -6.90
C PHE B 346 -8.31 35.90 -8.41
N ILE B 347 -9.30 35.22 -8.96
CA ILE B 347 -9.34 35.05 -10.41
C ILE B 347 -9.38 36.44 -11.05
N ALA B 348 -10.33 37.24 -10.56
CA ALA B 348 -10.59 38.58 -11.06
C ALA B 348 -9.59 39.64 -10.64
N ASN B 349 -8.90 39.38 -9.52
CA ASN B 349 -7.95 40.33 -8.98
C ASN B 349 -6.64 39.65 -8.64
N PRO B 350 -5.70 39.66 -9.59
CA PRO B 350 -4.41 39.01 -9.35
C PRO B 350 -3.72 39.63 -8.16
N ASP B 351 -4.08 40.88 -7.88
CA ASP B 351 -3.49 41.64 -6.79
C ASP B 351 -4.51 41.82 -5.68
N LEU B 352 -5.17 40.73 -5.31
CA LEU B 352 -6.18 40.79 -4.26
C LEU B 352 -5.57 41.31 -2.98
N VAL B 353 -4.40 40.78 -2.61
CA VAL B 353 -3.77 41.20 -1.37
C VAL B 353 -3.59 42.70 -1.27
N SER B 354 -2.99 43.32 -2.28
CA SER B 354 -2.81 44.76 -2.25
C SER B 354 -4.17 45.45 -2.30
N ARG B 355 -5.11 44.89 -3.05
CA ARG B 355 -6.43 45.52 -3.12
C ARG B 355 -7.05 45.50 -1.73
N PHE B 356 -6.93 44.37 -1.05
CA PHE B 356 -7.47 44.26 0.31
C PHE B 356 -6.78 45.24 1.26
N LYS B 357 -5.47 45.34 1.16
CA LYS B 357 -4.74 46.25 2.03
C LYS B 357 -5.32 47.67 2.05
N ILE B 358 -5.59 48.23 0.87
CA ILE B 358 -6.12 49.58 0.80
C ILE B 358 -7.63 49.61 0.57
N ASP B 359 -8.28 48.47 0.78
CA ASP B 359 -9.72 48.36 0.55
C ASP B 359 -9.99 48.97 -0.82
N GLY B 360 -9.16 48.59 -1.78
CA GLY B 360 -9.30 49.08 -3.12
C GLY B 360 -10.45 48.38 -3.78
N GLU B 361 -10.88 48.93 -4.91
CA GLU B 361 -11.95 48.35 -5.68
C GLU B 361 -11.50 46.97 -6.16
N LEU B 362 -12.46 46.08 -6.39
CA LEU B 362 -12.16 44.73 -6.84
C LEU B 362 -12.75 44.46 -8.21
N ASN B 363 -11.95 43.90 -9.11
CA ASN B 363 -12.46 43.56 -10.44
C ASN B 363 -13.58 42.53 -10.28
N LYS B 364 -14.50 42.50 -11.24
CA LYS B 364 -15.58 41.53 -11.18
C LYS B 364 -15.13 40.32 -11.97
N TYR B 365 -15.31 39.13 -11.42
CA TYR B 365 -14.93 37.93 -12.14
C TYR B 365 -16.01 37.54 -13.14
N ASN B 366 -15.58 36.94 -14.24
CA ASN B 366 -16.48 36.50 -15.29
C ASN B 366 -16.28 34.99 -15.49
N ARG B 367 -17.25 34.20 -15.04
CA ARG B 367 -17.19 32.75 -15.15
C ARG B 367 -17.06 32.24 -16.56
N LYS B 368 -17.29 33.11 -17.53
CA LYS B 368 -17.22 32.71 -18.92
C LYS B 368 -15.85 32.29 -19.41
N THR B 369 -14.79 32.74 -18.73
CA THR B 369 -13.46 32.34 -19.15
C THR B 369 -12.69 31.63 -18.04
N PHE B 370 -13.41 31.26 -16.97
CA PHE B 370 -12.79 30.55 -15.86
C PHE B 370 -12.29 29.19 -16.32
N TYR B 371 -12.90 28.66 -17.37
CA TYR B 371 -12.56 27.33 -17.87
C TYR B 371 -12.07 27.25 -19.31
N THR B 372 -12.19 28.36 -20.04
CA THR B 372 -11.73 28.39 -21.42
C THR B 372 -10.22 28.16 -21.42
N GLN B 373 -9.63 27.96 -22.60
CA GLN B 373 -8.19 27.69 -22.68
C GLN B 373 -7.33 28.88 -23.10
N ASP B 374 -7.94 30.03 -23.33
CA ASP B 374 -7.14 31.18 -23.76
C ASP B 374 -6.12 31.51 -22.69
N PRO B 375 -4.84 31.59 -23.05
CA PRO B 375 -3.78 31.88 -22.09
C PRO B 375 -3.87 33.27 -21.45
N VAL B 376 -4.52 34.20 -22.12
CA VAL B 376 -4.65 35.57 -21.62
C VAL B 376 -6.07 35.97 -21.21
N VAL B 377 -6.97 35.89 -22.18
CA VAL B 377 -8.37 36.26 -22.00
C VAL B 377 -9.04 35.66 -20.79
N GLY B 378 -9.47 36.55 -19.89
CA GLY B 378 -10.12 36.10 -18.67
C GLY B 378 -9.22 35.24 -17.79
N TYR B 379 -7.92 35.26 -18.08
CA TYR B 379 -6.98 34.46 -17.30
C TYR B 379 -5.90 35.34 -16.71
N THR B 380 -5.21 36.07 -17.59
CA THR B 380 -4.14 36.97 -17.15
C THR B 380 -4.45 38.41 -17.52
N ASP B 381 -5.61 38.65 -18.13
CA ASP B 381 -5.95 40.01 -18.52
C ASP B 381 -6.80 40.78 -17.51
N TYR B 382 -6.92 40.26 -16.29
CA TYR B 382 -7.62 40.99 -15.25
C TYR B 382 -6.55 41.99 -14.79
N PRO B 383 -6.88 43.28 -14.82
CA PRO B 383 -5.92 44.33 -14.42
C PRO B 383 -5.62 44.47 -12.94
N PHE B 384 -4.40 44.91 -12.66
CA PHE B 384 -3.98 45.15 -11.29
C PHE B 384 -4.61 46.48 -10.92
N LEU B 385 -4.85 46.69 -9.63
CA LEU B 385 -5.47 47.91 -9.14
C LEU B 385 -4.45 49.04 -9.01
N SER A 8 12.80 -15.11 -23.24
CA SER A 8 11.60 -14.23 -23.46
C SER A 8 11.95 -12.80 -23.11
N ASN A 9 10.92 -11.95 -23.05
CA ASN A 9 11.08 -10.56 -22.68
C ASN A 9 10.45 -10.33 -21.30
N GLU A 10 10.12 -11.44 -20.64
CA GLU A 10 9.52 -11.34 -19.30
C GLU A 10 10.61 -11.03 -18.32
N THR A 11 10.36 -10.08 -17.41
CA THR A 11 11.35 -9.73 -16.40
C THR A 11 10.71 -9.84 -15.02
N LEU A 12 11.46 -9.41 -14.01
CA LEU A 12 10.97 -9.43 -12.63
C LEU A 12 9.84 -8.44 -12.49
N PHE A 13 9.72 -7.53 -13.45
CA PHE A 13 8.67 -6.54 -13.37
C PHE A 13 7.49 -6.79 -14.28
N SER A 14 7.40 -8.02 -14.79
CA SER A 14 6.29 -8.39 -15.64
C SER A 14 5.17 -8.85 -14.72
N SER A 15 3.93 -8.64 -15.13
CA SER A 15 2.80 -9.06 -14.32
C SER A 15 2.68 -10.57 -14.45
N TYR A 16 1.83 -11.14 -13.61
CA TYR A 16 1.64 -12.58 -13.61
C TYR A 16 0.37 -12.84 -12.84
N LYS A 17 -0.56 -13.59 -13.43
CA LYS A 17 -1.82 -13.91 -12.77
C LYS A 17 -1.69 -15.27 -12.11
N MET A 18 -0.85 -15.36 -11.09
CA MET A 18 -0.64 -16.61 -10.37
C MET A 18 -2.00 -17.19 -10.04
N GLY A 19 -2.55 -17.95 -10.99
CA GLY A 19 -3.85 -18.55 -10.80
C GLY A 19 -4.88 -17.47 -10.54
N ARG A 20 -5.41 -17.47 -9.32
CA ARG A 20 -6.42 -16.50 -8.91
C ARG A 20 -5.88 -15.08 -8.88
N PHE A 21 -4.70 -14.95 -8.29
CA PHE A 21 -4.05 -13.67 -8.07
C PHE A 21 -3.26 -13.09 -9.23
N ASP A 22 -3.50 -11.80 -9.49
CA ASP A 22 -2.80 -11.08 -10.53
C ASP A 22 -1.66 -10.33 -9.89
N LEU A 23 -0.42 -10.78 -10.12
CA LEU A 23 0.75 -10.13 -9.54
C LEU A 23 1.21 -9.07 -10.52
N SER A 24 1.79 -8.00 -10.01
CA SER A 24 2.28 -6.92 -10.87
C SER A 24 3.73 -7.13 -11.17
N HIS A 25 4.35 -8.05 -10.43
CA HIS A 25 5.75 -8.33 -10.63
C HIS A 25 6.08 -9.67 -10.00
N ARG A 26 7.29 -10.15 -10.28
CA ARG A 26 7.74 -11.45 -9.83
C ARG A 26 8.59 -11.42 -8.57
N VAL A 27 8.62 -10.26 -7.91
CA VAL A 27 9.41 -10.07 -6.70
C VAL A 27 8.65 -10.64 -5.51
N VAL A 28 9.18 -11.74 -4.99
CA VAL A 28 8.55 -12.43 -3.89
C VAL A 28 9.29 -12.35 -2.56
N LEU A 29 8.54 -12.04 -1.50
CA LEU A 29 9.12 -12.02 -0.18
C LEU A 29 9.18 -13.48 0.25
N ALA A 30 10.38 -14.03 0.43
CA ALA A 30 10.50 -15.41 0.86
C ALA A 30 9.96 -15.53 2.26
N PRO A 31 9.38 -16.69 2.61
CA PRO A 31 8.84 -16.87 3.97
C PRO A 31 10.02 -16.79 4.93
N MET A 32 9.90 -15.94 5.95
CA MET A 32 10.99 -15.82 6.91
C MET A 32 10.59 -15.65 8.34
N THR A 33 11.01 -16.59 9.17
CA THR A 33 10.76 -16.57 10.61
C THR A 33 11.60 -15.41 11.12
N ARG A 34 11.01 -14.57 11.97
CA ARG A 34 11.75 -13.41 12.50
C ARG A 34 11.59 -13.37 14.02
N CYS A 35 10.74 -14.23 14.54
CA CYS A 35 10.54 -14.36 15.98
C CYS A 35 10.08 -13.09 16.68
N ARG A 36 9.41 -12.21 15.95
CA ARG A 36 8.90 -10.99 16.55
C ARG A 36 7.48 -11.24 17.03
N ALA A 37 7.01 -12.49 16.88
CA ALA A 37 5.66 -12.85 17.29
C ALA A 37 5.73 -13.50 18.66
N LEU A 38 5.87 -12.64 19.68
CA LEU A 38 5.98 -13.06 21.06
C LEU A 38 4.86 -13.98 21.48
N ASN A 39 5.23 -15.14 22.04
CA ASN A 39 4.25 -16.09 22.53
C ASN A 39 3.33 -16.60 21.43
N GLY A 40 3.89 -16.71 20.24
CA GLY A 40 3.14 -17.22 19.10
C GLY A 40 1.97 -16.37 18.67
N VAL A 41 1.98 -15.09 19.03
CA VAL A 41 0.87 -14.24 18.64
C VAL A 41 1.28 -13.16 17.65
N PRO A 42 0.61 -13.14 16.48
CA PRO A 42 0.90 -12.14 15.46
C PRO A 42 0.49 -10.79 16.07
N ASN A 43 1.42 -9.86 16.16
CA ASN A 43 1.12 -8.57 16.74
C ASN A 43 1.13 -7.52 15.62
N ALA A 44 1.04 -6.26 15.99
CA ALA A 44 1.01 -5.19 15.00
C ALA A 44 2.38 -4.94 14.40
N ALA A 45 3.43 -5.45 15.05
CA ALA A 45 4.78 -5.26 14.54
C ALA A 45 4.89 -6.02 13.22
N LEU A 46 4.42 -7.27 13.20
CA LEU A 46 4.43 -8.07 11.97
C LEU A 46 3.62 -7.32 10.90
N ALA A 47 2.51 -6.72 11.32
CA ALA A 47 1.66 -5.97 10.40
C ALA A 47 2.52 -4.91 9.71
N GLU A 48 3.21 -4.11 10.53
CA GLU A 48 4.05 -3.06 9.98
C GLU A 48 5.06 -3.69 9.02
N TYR A 49 5.78 -4.68 9.55
CA TYR A 49 6.81 -5.40 8.80
C TYR A 49 6.33 -5.87 7.44
N TYR A 50 5.22 -6.61 7.44
CA TYR A 50 4.70 -7.13 6.19
C TYR A 50 4.17 -6.03 5.28
N ALA A 51 3.29 -5.18 5.81
CA ALA A 51 2.76 -4.08 5.03
C ALA A 51 3.90 -3.31 4.39
N GLN A 52 4.94 -3.01 5.18
CA GLN A 52 6.09 -2.26 4.65
C GLN A 52 6.66 -2.89 3.40
N ARG A 53 6.66 -4.21 3.36
CA ARG A 53 7.21 -4.92 2.24
C ARG A 53 6.21 -5.24 1.14
N THR A 54 5.01 -4.69 1.25
CA THR A 54 4.01 -5.00 0.24
C THR A 54 4.01 -4.04 -0.95
N THR A 55 3.70 -4.59 -2.12
CA THR A 55 3.60 -3.82 -3.36
C THR A 55 2.29 -4.22 -4.01
N PRO A 56 1.66 -3.27 -4.74
CA PRO A 56 0.39 -3.55 -5.41
C PRO A 56 0.54 -4.67 -6.45
N GLY A 57 0.34 -5.90 -6.01
CA GLY A 57 0.45 -7.05 -6.89
C GLY A 57 1.56 -7.99 -6.45
N GLY A 58 2.44 -7.51 -5.58
CA GLY A 58 3.54 -8.33 -5.10
C GLY A 58 3.08 -9.52 -4.27
N PHE A 59 3.55 -10.72 -4.62
CA PHE A 59 3.14 -11.90 -3.90
C PHE A 59 4.10 -12.35 -2.81
N LEU A 60 4.00 -11.70 -1.65
CA LEU A 60 4.85 -12.03 -0.51
C LEU A 60 4.19 -13.14 0.26
N ILE A 61 5.02 -13.89 0.99
CA ILE A 61 4.55 -15.00 1.79
C ILE A 61 4.94 -14.75 3.25
N SER A 62 4.27 -15.42 4.19
CA SER A 62 4.56 -15.20 5.59
C SER A 62 5.68 -16.07 6.11
N GLU A 63 6.16 -15.69 7.28
CA GLU A 63 7.20 -16.42 7.99
C GLU A 63 6.55 -17.76 8.33
N GLY A 64 7.36 -18.79 8.53
CA GLY A 64 6.81 -20.09 8.88
C GLY A 64 5.87 -19.92 10.07
N THR A 65 4.72 -20.59 10.00
CA THR A 65 3.72 -20.46 11.04
C THR A 65 3.29 -21.82 11.60
N MET A 66 3.21 -21.91 12.93
CA MET A 66 2.83 -23.16 13.57
C MET A 66 1.46 -23.66 13.14
N VAL A 67 1.34 -24.97 12.94
CA VAL A 67 0.06 -25.58 12.57
C VAL A 67 -0.55 -26.32 13.77
N SER A 68 0.22 -26.46 14.84
CA SER A 68 -0.27 -27.14 16.03
C SER A 68 0.73 -26.97 17.15
N PRO A 69 0.34 -27.32 18.38
CA PRO A 69 1.34 -27.15 19.44
C PRO A 69 2.46 -28.17 19.14
N GLY A 70 3.69 -27.81 19.45
CA GLY A 70 4.79 -28.72 19.20
C GLY A 70 5.37 -28.58 17.80
N SER A 71 4.70 -27.78 16.97
CA SER A 71 5.13 -27.56 15.59
C SER A 71 6.31 -26.57 15.46
N ALA A 72 6.60 -25.81 16.51
CA ALA A 72 7.68 -24.82 16.48
C ALA A 72 9.05 -25.35 16.85
N GLY A 73 10.07 -24.69 16.31
CA GLY A 73 11.44 -25.07 16.60
C GLY A 73 12.25 -23.83 16.91
N PHE A 74 11.60 -22.67 16.77
CA PHE A 74 12.22 -21.39 17.05
C PHE A 74 11.34 -20.66 18.04
N PRO A 75 11.91 -19.65 18.72
CA PRO A 75 11.12 -18.89 19.69
C PRO A 75 10.24 -17.83 19.02
N HIS A 76 9.12 -17.55 19.64
CA HIS A 76 8.21 -16.52 19.16
C HIS A 76 7.83 -16.57 17.68
N VAL A 77 7.42 -17.76 17.24
CA VAL A 77 6.97 -17.90 15.88
C VAL A 77 5.46 -17.95 15.96
N PRO A 78 4.77 -17.32 15.02
CA PRO A 78 3.32 -17.32 15.05
C PRO A 78 2.71 -18.66 14.70
N GLY A 79 1.47 -18.85 15.15
CA GLY A 79 0.74 -20.06 14.85
C GLY A 79 -0.53 -19.64 14.14
N ILE A 80 -1.20 -20.58 13.49
CA ILE A 80 -2.45 -20.29 12.81
C ILE A 80 -3.42 -21.42 13.14
N TYR A 81 -3.25 -21.98 14.34
CA TYR A 81 -4.12 -23.08 14.78
C TYR A 81 -5.08 -22.67 15.90
N SER A 82 -4.85 -21.49 16.50
CA SER A 82 -5.73 -21.07 17.58
C SER A 82 -6.64 -19.92 17.18
N ASP A 83 -7.84 -19.94 17.77
CA ASP A 83 -8.84 -18.90 17.55
C ASP A 83 -8.16 -17.55 17.70
N GLU A 84 -7.39 -17.43 18.76
CA GLU A 84 -6.69 -16.19 19.02
C GLU A 84 -5.72 -15.87 17.88
N GLN A 85 -5.01 -16.87 17.37
CA GLN A 85 -4.07 -16.62 16.30
C GLN A 85 -4.79 -16.14 15.06
N VAL A 86 -5.89 -16.80 14.72
CA VAL A 86 -6.66 -16.38 13.55
C VAL A 86 -6.97 -14.89 13.61
N GLU A 87 -7.50 -14.43 14.75
CA GLU A 87 -7.85 -13.03 14.89
C GLU A 87 -6.63 -12.13 14.94
N ALA A 88 -5.58 -12.58 15.62
CA ALA A 88 -4.38 -11.78 15.73
C ALA A 88 -3.69 -11.58 14.37
N TRP A 89 -3.89 -12.54 13.47
CA TRP A 89 -3.30 -12.47 12.12
C TRP A 89 -4.01 -11.50 11.19
N LYS A 90 -5.32 -11.35 11.40
CA LYS A 90 -6.13 -10.48 10.57
C LYS A 90 -5.57 -9.09 10.33
N GLN A 91 -4.99 -8.51 11.37
CA GLN A 91 -4.44 -7.18 11.27
C GLN A 91 -3.30 -7.19 10.28
N VAL A 92 -2.46 -8.22 10.35
CA VAL A 92 -1.32 -8.33 9.44
C VAL A 92 -1.80 -8.40 8.00
N VAL A 93 -2.66 -9.37 7.75
CA VAL A 93 -3.23 -9.61 6.43
C VAL A 93 -3.96 -8.35 5.91
N GLU A 94 -4.73 -7.71 6.77
CA GLU A 94 -5.45 -6.50 6.37
C GLU A 94 -4.46 -5.40 5.98
N ALA A 95 -3.36 -5.34 6.71
CA ALA A 95 -2.34 -4.33 6.45
C ALA A 95 -1.69 -4.58 5.10
N VAL A 96 -1.67 -5.85 4.70
CA VAL A 96 -1.08 -6.22 3.43
C VAL A 96 -2.08 -5.97 2.32
N HIS A 97 -3.31 -6.43 2.50
CA HIS A 97 -4.30 -6.23 1.47
C HIS A 97 -4.63 -4.75 1.30
N ALA A 98 -4.56 -3.99 2.38
CA ALA A 98 -4.85 -2.55 2.30
C ALA A 98 -3.87 -1.95 1.30
N LYS A 99 -2.66 -2.49 1.27
CA LYS A 99 -1.64 -1.98 0.37
C LYS A 99 -1.58 -2.79 -0.93
N GLY A 100 -2.60 -3.61 -1.15
CA GLY A 100 -2.70 -4.37 -2.37
C GLY A 100 -1.77 -5.55 -2.62
N GLY A 101 -1.15 -6.08 -1.56
CA GLY A 101 -0.27 -7.20 -1.76
C GLY A 101 -1.01 -8.52 -1.59
N PHE A 102 -0.35 -9.62 -1.91
CA PHE A 102 -0.92 -10.94 -1.72
C PHE A 102 -0.07 -11.62 -0.66
N ILE A 103 -0.69 -12.39 0.20
CA ILE A 103 0.07 -13.05 1.23
C ILE A 103 -0.44 -14.45 1.57
N PHE A 104 0.50 -15.37 1.67
CA PHE A 104 0.21 -16.73 2.02
C PHE A 104 0.87 -16.97 3.36
N CYS A 105 0.17 -17.69 4.23
CA CYS A 105 0.73 -18.00 5.51
C CYS A 105 1.42 -19.34 5.36
N GLN A 106 2.73 -19.39 5.58
CA GLN A 106 3.41 -20.66 5.43
C GLN A 106 3.16 -21.55 6.65
N LEU A 107 2.46 -22.67 6.42
CA LEU A 107 2.16 -23.61 7.48
C LEU A 107 3.48 -24.36 7.70
N TRP A 108 3.95 -24.33 8.93
CA TRP A 108 5.23 -24.92 9.23
C TRP A 108 5.29 -25.77 10.47
N HIS A 109 5.76 -26.99 10.29
CA HIS A 109 5.96 -27.91 11.40
C HIS A 109 7.40 -28.34 11.27
N VAL A 110 8.17 -28.08 12.33
CA VAL A 110 9.59 -28.39 12.33
C VAL A 110 9.97 -29.84 12.50
N GLY A 111 9.00 -30.71 12.75
CA GLY A 111 9.31 -32.11 12.91
C GLY A 111 10.31 -32.23 14.04
N ARG A 112 11.42 -32.92 13.78
CA ARG A 112 12.44 -33.11 14.81
C ARG A 112 13.27 -31.88 15.13
N ALA A 113 13.25 -30.88 14.26
CA ALA A 113 14.03 -29.68 14.49
C ALA A 113 13.36 -28.80 15.55
N SER A 114 13.19 -29.38 16.74
CA SER A 114 12.55 -28.66 17.83
C SER A 114 13.25 -29.00 19.14
N HIS A 115 12.60 -28.67 20.25
CA HIS A 115 13.16 -28.92 21.56
C HIS A 115 12.06 -29.00 22.60
N ALA A 116 12.29 -29.78 23.65
CA ALA A 116 11.30 -29.92 24.72
C ALA A 116 10.86 -28.52 25.18
N VAL A 117 11.73 -27.53 25.00
CA VAL A 117 11.38 -26.19 25.41
C VAL A 117 10.08 -25.70 24.79
N TYR A 118 9.84 -26.04 23.53
CA TYR A 118 8.63 -25.60 22.82
C TYR A 118 7.68 -26.77 22.64
N GLN A 119 7.95 -27.85 23.34
CA GLN A 119 7.12 -29.03 23.21
C GLN A 119 5.99 -29.12 24.23
N PRO A 120 4.85 -29.70 23.80
CA PRO A 120 3.77 -29.79 24.78
C PRO A 120 4.25 -30.74 25.89
N ASN A 121 4.07 -30.31 27.14
CA ASN A 121 4.47 -31.10 28.30
C ASN A 121 5.99 -31.37 28.28
N GLY A 122 6.71 -30.47 27.60
CA GLY A 122 8.15 -30.59 27.52
C GLY A 122 8.57 -31.95 27.03
N GLY A 123 7.83 -32.45 26.05
CA GLY A 123 8.11 -33.76 25.49
C GLY A 123 9.03 -33.74 24.28
N SER A 124 9.19 -34.91 23.68
CA SER A 124 10.05 -35.08 22.53
C SER A 124 9.42 -34.57 21.24
N PRO A 125 10.23 -33.97 20.36
CA PRO A 125 9.71 -33.47 19.10
C PRO A 125 9.16 -34.65 18.32
N ILE A 126 8.22 -34.39 17.44
CA ILE A 126 7.68 -35.47 16.64
C ILE A 126 8.23 -35.35 15.24
N SER A 127 8.89 -36.41 14.80
CA SER A 127 9.49 -36.48 13.48
C SER A 127 8.90 -37.67 12.74
N SER A 128 9.71 -38.25 11.85
CA SER A 128 9.31 -39.41 11.08
C SER A 128 10.25 -40.53 11.50
N THR A 129 11.43 -40.10 11.92
CA THR A 129 12.51 -40.98 12.33
C THR A 129 12.78 -40.91 13.82
N ASN A 130 13.85 -41.58 14.24
CA ASN A 130 14.27 -41.63 15.62
C ASN A 130 15.58 -40.86 15.73
N LYS A 131 16.50 -41.17 14.83
CA LYS A 131 17.79 -40.50 14.83
C LYS A 131 17.53 -39.01 14.96
N PRO A 132 18.38 -38.30 15.73
CA PRO A 132 18.19 -36.86 15.89
C PRO A 132 19.01 -36.17 14.81
N ILE A 133 18.80 -34.86 14.67
CA ILE A 133 19.57 -34.10 13.70
C ILE A 133 21.04 -34.24 14.15
N SER A 134 21.99 -33.93 13.28
CA SER A 134 23.40 -34.04 13.65
C SER A 134 23.77 -33.04 14.76
N GLU A 135 24.26 -33.58 15.88
CA GLU A 135 24.60 -32.75 17.04
C GLU A 135 25.85 -31.87 16.98
N ASN A 136 26.46 -31.72 15.81
CA ASN A 136 27.68 -30.92 15.71
C ASN A 136 27.61 -29.59 14.94
N ARG A 137 26.78 -29.51 13.90
CA ARG A 137 26.67 -28.28 13.14
C ARG A 137 25.35 -27.57 13.43
N TRP A 138 24.33 -28.36 13.74
CA TRP A 138 23.00 -27.80 13.98
C TRP A 138 22.63 -27.63 15.45
N ARG A 139 21.94 -26.55 15.73
CA ARG A 139 21.50 -26.24 17.08
C ARG A 139 20.08 -25.64 17.00
N VAL A 140 19.26 -25.93 17.98
CA VAL A 140 17.94 -25.36 17.99
C VAL A 140 18.10 -24.08 18.78
N LEU A 141 17.48 -23.01 18.29
CA LEU A 141 17.55 -21.71 18.96
C LEU A 141 16.48 -21.69 20.05
N LEU A 142 16.91 -21.44 21.28
CA LEU A 142 16.00 -21.37 22.43
C LEU A 142 15.62 -19.92 22.77
N PRO A 143 14.54 -19.74 23.55
CA PRO A 143 14.06 -18.42 23.96
C PRO A 143 15.13 -17.51 24.56
N ASP A 144 15.91 -18.01 25.53
CA ASP A 144 16.94 -17.15 26.11
C ASP A 144 17.97 -16.81 25.05
N GLY A 145 17.85 -17.45 23.88
CA GLY A 145 18.80 -17.16 22.80
C GLY A 145 19.90 -18.19 22.77
N SER A 146 19.73 -19.27 23.53
CA SER A 146 20.73 -20.31 23.54
C SER A 146 20.52 -21.20 22.33
N HIS A 147 21.62 -21.78 21.86
CA HIS A 147 21.59 -22.70 20.73
C HIS A 147 22.12 -23.99 21.33
N VAL A 148 21.22 -24.93 21.61
CA VAL A 148 21.62 -26.21 22.17
C VAL A 148 21.40 -27.23 21.08
N LYS A 149 22.01 -28.41 21.23
CA LYS A 149 21.85 -29.46 20.24
C LYS A 149 20.41 -29.95 20.23
N TYR A 150 19.98 -30.46 19.09
CA TYR A 150 18.61 -30.97 18.94
C TYR A 150 18.45 -32.27 19.72
N PRO A 151 17.30 -32.47 20.34
CA PRO A 151 17.09 -33.70 21.10
C PRO A 151 16.71 -34.86 20.21
N LYS A 152 16.63 -36.03 20.81
CA LYS A 152 16.22 -37.25 20.13
C LYS A 152 14.72 -37.15 19.95
N PRO A 153 14.22 -37.27 18.71
CA PRO A 153 12.79 -37.18 18.45
C PRO A 153 12.08 -38.54 18.54
N ARG A 154 10.77 -38.49 18.64
CA ARG A 154 9.93 -39.68 18.68
C ARG A 154 9.33 -39.83 17.29
N ALA A 155 9.52 -40.98 16.66
CA ALA A 155 8.98 -41.21 15.34
C ALA A 155 7.47 -41.31 15.45
N LEU A 156 6.77 -40.78 14.46
CA LEU A 156 5.31 -40.82 14.42
C LEU A 156 4.85 -42.22 13.99
N GLU A 157 3.79 -42.70 14.62
CA GLU A 157 3.26 -43.99 14.22
C GLU A 157 2.32 -43.62 13.09
N ALA A 158 2.20 -44.50 12.09
CA ALA A 158 1.33 -44.24 10.95
C ALA A 158 -0.06 -43.78 11.39
N SER A 159 -0.51 -44.28 12.54
CA SER A 159 -1.83 -43.93 13.06
C SER A 159 -1.98 -42.47 13.48
N GLU A 160 -0.86 -41.78 13.72
CA GLU A 160 -0.93 -40.39 14.16
C GLU A 160 -0.81 -39.40 13.02
N ILE A 161 -0.20 -39.84 11.92
CA ILE A 161 -0.03 -38.97 10.78
C ILE A 161 -1.33 -38.31 10.31
N PRO A 162 -2.48 -39.01 10.44
CA PRO A 162 -3.72 -38.39 10.00
C PRO A 162 -4.06 -37.14 10.79
N ARG A 163 -3.74 -37.15 12.08
CA ARG A 163 -4.03 -35.99 12.92
C ARG A 163 -3.13 -34.83 12.49
N VAL A 164 -1.86 -35.13 12.24
CA VAL A 164 -0.93 -34.09 11.81
C VAL A 164 -1.40 -33.51 10.47
N VAL A 165 -1.77 -34.39 9.53
CA VAL A 165 -2.26 -33.93 8.22
C VAL A 165 -3.47 -33.03 8.47
N GLU A 166 -4.37 -33.48 9.33
CA GLU A 166 -5.56 -32.72 9.67
C GLU A 166 -5.26 -31.33 10.22
N ASP A 167 -4.24 -31.22 11.06
CA ASP A 167 -3.86 -29.92 11.62
C ASP A 167 -3.41 -28.98 10.50
N TYR A 168 -2.76 -29.52 9.48
CA TYR A 168 -2.37 -28.65 8.37
C TYR A 168 -3.66 -28.13 7.72
N CYS A 169 -4.64 -29.02 7.60
CA CYS A 169 -5.91 -28.65 6.98
C CYS A 169 -6.62 -27.56 7.78
N LEU A 170 -6.70 -27.74 9.10
CA LEU A 170 -7.34 -26.80 10.01
C LEU A 170 -6.58 -25.47 9.97
N SER A 171 -5.27 -25.54 10.15
CA SER A 171 -4.43 -24.36 10.14
C SER A 171 -4.63 -23.64 8.82
N ALA A 172 -4.83 -24.40 7.75
CA ALA A 172 -5.05 -23.79 6.44
C ALA A 172 -6.40 -23.07 6.48
N LEU A 173 -7.44 -23.77 6.97
CA LEU A 173 -8.76 -23.16 7.05
C LEU A 173 -8.69 -21.92 7.91
N ASN A 174 -7.88 -21.96 8.97
CA ASN A 174 -7.76 -20.77 9.81
C ASN A 174 -7.09 -19.66 9.01
N ALA A 175 -6.05 -20.01 8.27
CA ALA A 175 -5.33 -19.03 7.47
C ALA A 175 -6.32 -18.25 6.63
N ILE A 176 -7.16 -18.98 5.89
CA ILE A 176 -8.16 -18.36 5.05
C ILE A 176 -9.11 -17.55 5.92
N ARG A 177 -9.42 -18.06 7.10
CA ARG A 177 -10.32 -17.36 8.02
C ARG A 177 -9.78 -16.01 8.41
N ALA A 178 -8.46 -15.93 8.54
CA ALA A 178 -7.80 -14.68 8.90
C ALA A 178 -7.76 -13.76 7.68
N GLY A 179 -7.84 -14.34 6.49
CA GLY A 179 -7.82 -13.55 5.27
C GLY A 179 -6.62 -13.71 4.35
N PHE A 180 -5.68 -14.58 4.71
CA PHE A 180 -4.53 -14.77 3.84
C PHE A 180 -5.04 -15.17 2.47
N ASP A 181 -4.32 -14.80 1.43
CA ASP A 181 -4.76 -15.18 0.09
C ASP A 181 -4.62 -16.69 -0.06
N GLY A 182 -3.80 -17.28 0.80
CA GLY A 182 -3.59 -18.72 0.76
C GLY A 182 -2.56 -19.16 1.77
N ILE A 183 -2.03 -20.34 1.57
CA ILE A 183 -1.04 -20.86 2.47
C ILE A 183 0.03 -21.55 1.66
N GLU A 184 1.20 -21.72 2.28
CA GLU A 184 2.31 -22.41 1.65
C GLU A 184 2.66 -23.57 2.57
N ILE A 185 2.75 -24.77 2.00
CA ILE A 185 3.12 -25.94 2.77
C ILE A 185 4.64 -25.92 2.82
N HIS A 186 5.19 -25.76 4.02
CA HIS A 186 6.63 -25.75 4.18
C HIS A 186 7.09 -27.19 4.24
N GLY A 187 7.47 -27.75 3.09
CA GLY A 187 7.95 -29.11 3.04
C GLY A 187 9.43 -29.07 2.71
N ALA A 188 10.08 -27.99 3.14
CA ALA A 188 11.50 -27.77 2.86
C ALA A 188 12.40 -27.71 4.07
N HIS A 189 13.69 -27.56 3.77
CA HIS A 189 14.74 -27.36 4.75
C HIS A 189 14.93 -28.31 5.94
N GLY A 190 14.69 -29.59 5.71
CA GLY A 190 14.89 -30.55 6.77
C GLY A 190 13.87 -30.57 7.88
N TYR A 191 12.75 -29.91 7.68
CA TYR A 191 11.71 -29.90 8.69
C TYR A 191 10.81 -31.13 8.57
N LEU A 192 9.72 -31.19 9.32
CA LEU A 192 8.87 -32.38 9.33
C LEU A 192 8.71 -33.12 8.00
N ILE A 193 8.15 -32.44 7.01
CA ILE A 193 7.94 -33.04 5.70
C ILE A 193 9.25 -33.51 5.07
N ASP A 194 10.27 -32.65 5.09
CA ASP A 194 11.56 -33.03 4.52
C ASP A 194 12.12 -34.24 5.28
N GLN A 195 11.69 -34.40 6.53
CA GLN A 195 12.13 -35.54 7.34
C GLN A 195 11.50 -36.82 6.79
N PHE A 196 10.49 -36.65 5.93
CA PHE A 196 9.85 -37.81 5.29
C PHE A 196 10.36 -37.92 3.86
N LEU A 197 10.58 -36.77 3.22
CA LEU A 197 11.05 -36.73 1.85
C LEU A 197 12.46 -37.26 1.64
N LYS A 198 13.40 -36.74 2.43
CA LYS A 198 14.83 -37.11 2.32
C LYS A 198 15.19 -38.49 2.87
N ASP A 199 15.81 -39.33 2.04
CA ASP A 199 16.19 -40.66 2.52
C ASP A 199 17.36 -40.53 3.48
N GLY A 200 17.90 -39.32 3.60
CA GLY A 200 19.00 -39.09 4.52
C GLY A 200 18.46 -38.98 5.93
N ILE A 201 17.14 -38.98 6.05
CA ILE A 201 16.48 -38.85 7.35
C ILE A 201 15.42 -39.91 7.57
N ASN A 202 14.64 -40.15 6.52
CA ASN A 202 13.55 -41.09 6.59
C ASN A 202 14.01 -42.54 6.60
N ASP A 203 14.13 -43.13 7.78
CA ASP A 203 14.54 -44.53 7.91
C ASP A 203 13.33 -45.39 8.21
N ARG A 204 12.19 -45.02 7.66
CA ARG A 204 10.97 -45.77 7.86
C ARG A 204 10.89 -47.00 6.99
N THR A 205 10.13 -47.98 7.46
CA THR A 205 9.92 -49.23 6.76
C THR A 205 8.43 -49.44 6.45
N ASP A 206 7.57 -48.55 6.97
CA ASP A 206 6.14 -48.66 6.71
C ASP A 206 5.80 -47.97 5.39
N GLN A 207 4.54 -47.59 5.19
CA GLN A 207 4.16 -46.96 3.93
C GLN A 207 4.74 -45.56 3.74
N TYR A 208 5.20 -44.94 4.83
CA TYR A 208 5.76 -43.59 4.73
C TYR A 208 7.26 -43.53 4.61
N GLY A 209 7.88 -44.65 4.25
CA GLY A 209 9.32 -44.67 4.11
C GLY A 209 9.72 -45.74 3.11
N GLY A 210 10.97 -45.69 2.66
CA GLY A 210 11.44 -46.65 1.68
C GLY A 210 11.61 -46.02 0.32
N SER A 211 10.67 -46.28 -0.58
CA SER A 211 10.72 -45.72 -1.93
C SER A 211 10.55 -44.21 -1.94
N ILE A 212 11.06 -43.57 -2.99
CA ILE A 212 10.95 -42.14 -3.15
C ILE A 212 9.48 -41.80 -3.14
N ALA A 213 8.68 -42.67 -3.76
CA ALA A 213 7.25 -42.47 -3.81
C ALA A 213 6.69 -42.39 -2.39
N ASN A 214 6.99 -43.41 -1.57
CA ASN A 214 6.51 -43.40 -0.20
C ASN A 214 7.11 -42.27 0.63
N ARG A 215 8.29 -41.78 0.20
CA ARG A 215 8.93 -40.69 0.93
C ARG A 215 8.09 -39.43 0.73
N CYS A 216 7.18 -39.47 -0.25
CA CYS A 216 6.30 -38.35 -0.58
C CYS A 216 4.91 -38.50 0.01
N ARG A 217 4.60 -39.68 0.50
CA ARG A 217 3.28 -39.96 1.04
C ARG A 217 2.78 -38.91 2.04
N PHE A 218 3.61 -38.53 3.00
CA PHE A 218 3.18 -37.55 4.00
C PHE A 218 2.88 -36.21 3.35
N LEU A 219 3.76 -35.76 2.47
CA LEU A 219 3.56 -34.50 1.78
C LEU A 219 2.29 -34.55 0.95
N LYS A 220 2.07 -35.67 0.26
CA LYS A 220 0.88 -35.83 -0.56
C LYS A 220 -0.39 -35.73 0.29
N GLN A 221 -0.36 -36.34 1.48
CA GLN A 221 -1.52 -36.32 2.36
C GLN A 221 -1.79 -34.92 2.90
N VAL A 222 -0.72 -34.19 3.16
CA VAL A 222 -0.83 -32.83 3.65
C VAL A 222 -1.37 -31.92 2.54
N VAL A 223 -0.74 -32.00 1.38
CA VAL A 223 -1.16 -31.17 0.26
C VAL A 223 -2.58 -31.49 -0.17
N GLU A 224 -2.88 -32.77 -0.32
CA GLU A 224 -4.24 -33.16 -0.71
C GLU A 224 -5.21 -32.79 0.40
N GLY A 225 -4.73 -32.87 1.64
CA GLY A 225 -5.58 -32.54 2.77
C GLY A 225 -5.91 -31.06 2.81
N VAL A 226 -4.89 -30.24 2.65
CA VAL A 226 -5.10 -28.79 2.69
C VAL A 226 -5.84 -28.34 1.45
N VAL A 227 -5.50 -28.91 0.30
CA VAL A 227 -6.16 -28.56 -0.95
C VAL A 227 -7.67 -28.75 -0.80
N SER A 228 -8.09 -29.95 -0.41
CA SER A 228 -9.51 -30.21 -0.22
C SER A 228 -10.10 -29.15 0.70
N ALA A 229 -9.34 -28.75 1.70
CA ALA A 229 -9.84 -27.76 2.65
C ALA A 229 -9.97 -26.37 2.06
N ILE A 230 -9.02 -25.96 1.23
CA ILE A 230 -9.12 -24.61 0.69
C ILE A 230 -8.97 -24.37 -0.80
N GLY A 231 -8.58 -25.38 -1.58
CA GLY A 231 -8.44 -25.18 -3.01
C GLY A 231 -7.01 -25.04 -3.49
N ALA A 232 -6.64 -25.88 -4.46
CA ALA A 232 -5.29 -25.89 -5.01
C ALA A 232 -4.70 -24.52 -5.33
N SER A 233 -5.49 -23.63 -5.91
CA SER A 233 -5.01 -22.29 -6.29
C SER A 233 -4.64 -21.43 -5.10
N LYS A 234 -4.92 -21.94 -3.91
CA LYS A 234 -4.59 -21.23 -2.70
C LYS A 234 -3.43 -21.91 -1.99
N VAL A 235 -3.24 -23.21 -2.26
CA VAL A 235 -2.18 -23.97 -1.62
C VAL A 235 -0.87 -23.90 -2.39
N GLY A 236 0.10 -23.20 -1.82
CA GLY A 236 1.41 -23.14 -2.43
C GLY A 236 2.20 -24.22 -1.72
N VAL A 237 3.21 -24.78 -2.37
CA VAL A 237 4.01 -25.82 -1.74
C VAL A 237 5.49 -25.53 -1.91
N ARG A 238 6.24 -25.64 -0.82
CA ARG A 238 7.67 -25.37 -0.91
C ARG A 238 8.52 -26.57 -0.58
N VAL A 239 9.50 -26.85 -1.43
CA VAL A 239 10.41 -27.96 -1.18
C VAL A 239 11.82 -27.51 -1.48
N SER A 240 12.80 -28.28 -1.03
CA SER A 240 14.21 -27.98 -1.25
C SER A 240 14.91 -29.33 -1.26
N PRO A 241 14.65 -30.13 -2.31
CA PRO A 241 15.26 -31.45 -2.41
C PRO A 241 16.78 -31.42 -2.37
N ALA A 242 17.39 -30.28 -2.65
CA ALA A 242 18.84 -30.18 -2.64
C ALA A 242 19.43 -29.51 -1.41
N ILE A 243 18.59 -29.00 -0.52
CA ILE A 243 19.10 -28.34 0.67
C ILE A 243 19.34 -29.40 1.72
N ASP A 244 20.58 -29.48 2.21
CA ASP A 244 20.96 -30.46 3.23
C ASP A 244 20.90 -29.92 4.65
N HIS A 245 19.97 -28.99 4.89
CA HIS A 245 19.79 -28.38 6.21
C HIS A 245 19.32 -29.41 7.22
N LEU A 246 19.95 -29.41 8.39
CA LEU A 246 19.61 -30.34 9.46
C LEU A 246 19.60 -31.79 8.99
N ASP A 247 20.67 -32.20 8.29
CA ASP A 247 20.79 -33.57 7.79
C ASP A 247 19.87 -33.88 6.62
N ALA A 248 18.95 -32.96 6.32
CA ALA A 248 18.01 -33.17 5.23
C ALA A 248 18.75 -33.50 3.95
N THR A 249 19.09 -34.76 3.77
CA THR A 249 19.80 -35.18 2.55
C THR A 249 19.09 -36.31 1.85
N ASP A 250 19.47 -36.51 0.59
CA ASP A 250 18.93 -37.59 -0.21
C ASP A 250 19.94 -37.91 -1.33
N SER A 251 19.91 -39.14 -1.81
CA SER A 251 20.82 -39.57 -2.86
C SER A 251 20.81 -38.68 -4.10
N ASP A 252 19.70 -38.70 -4.83
CA ASP A 252 19.58 -37.87 -6.02
C ASP A 252 18.52 -36.77 -5.85
N PRO A 253 18.93 -35.58 -5.39
CA PRO A 253 18.01 -34.46 -5.19
C PRO A 253 17.07 -34.29 -6.39
N LEU A 254 17.56 -34.64 -7.57
CA LEU A 254 16.76 -34.51 -8.77
C LEU A 254 15.58 -35.45 -8.78
N SER A 255 15.84 -36.73 -8.55
CA SER A 255 14.79 -37.74 -8.54
C SER A 255 13.76 -37.45 -7.47
N LEU A 256 14.21 -37.05 -6.29
CA LEU A 256 13.28 -36.73 -5.21
C LEU A 256 12.39 -35.59 -5.64
N GLY A 257 13.01 -34.53 -6.19
CA GLY A 257 12.24 -33.39 -6.63
C GLY A 257 11.24 -33.74 -7.73
N LEU A 258 11.59 -34.67 -8.60
CA LEU A 258 10.67 -35.03 -9.67
C LEU A 258 9.53 -35.85 -9.12
N ALA A 259 9.79 -36.60 -8.06
CA ALA A 259 8.74 -37.39 -7.43
C ALA A 259 7.74 -36.41 -6.84
N VAL A 260 8.26 -35.39 -6.16
CA VAL A 260 7.40 -34.36 -5.58
C VAL A 260 6.59 -33.71 -6.68
N VAL A 261 7.29 -33.27 -7.73
CA VAL A 261 6.68 -32.63 -8.88
C VAL A 261 5.59 -33.52 -9.49
N GLY A 262 5.93 -34.79 -9.67
CA GLY A 262 5.01 -35.74 -10.24
C GLY A 262 3.76 -35.81 -9.39
N MET A 263 3.94 -35.91 -8.09
CA MET A 263 2.81 -36.00 -7.19
C MET A 263 1.95 -34.73 -7.31
N LEU A 264 2.61 -33.59 -7.46
CA LEU A 264 1.88 -32.33 -7.59
C LEU A 264 1.19 -32.23 -8.94
N ASN A 265 1.80 -32.81 -9.97
CA ASN A 265 1.18 -32.78 -11.28
C ASN A 265 -0.03 -33.69 -11.28
N LYS A 266 0.11 -34.83 -10.60
CA LYS A 266 -1.00 -35.77 -10.52
C LYS A 266 -2.16 -35.06 -9.85
N LEU A 267 -1.89 -34.47 -8.70
CA LEU A 267 -2.90 -33.74 -7.95
C LEU A 267 -3.65 -32.76 -8.85
N GLN A 268 -2.93 -31.94 -9.60
CA GLN A 268 -3.56 -30.95 -10.47
C GLN A 268 -4.40 -31.58 -11.59
N GLY A 269 -4.07 -32.80 -11.99
CA GLY A 269 -4.83 -33.47 -13.03
C GLY A 269 -6.23 -33.86 -12.58
N VAL A 270 -6.31 -34.53 -11.43
CA VAL A 270 -7.59 -34.95 -10.85
C VAL A 270 -8.27 -33.73 -10.24
N ASN A 271 -7.49 -32.92 -9.56
CA ASN A 271 -8.00 -31.71 -8.92
C ASN A 271 -8.56 -30.75 -9.96
N GLY A 272 -8.02 -30.83 -11.19
CA GLY A 272 -8.46 -29.95 -12.26
C GLY A 272 -7.95 -28.51 -12.11
N SER A 273 -7.32 -28.22 -10.99
CA SER A 273 -6.79 -26.89 -10.75
C SER A 273 -5.31 -26.89 -10.37
N LYS A 274 -4.59 -25.87 -10.82
CA LYS A 274 -3.19 -25.78 -10.51
C LYS A 274 -2.97 -25.16 -9.13
N LEU A 275 -1.98 -25.70 -8.42
CA LEU A 275 -1.63 -25.17 -7.12
C LEU A 275 -1.24 -23.73 -7.40
N ALA A 276 -1.18 -22.91 -6.35
CA ALA A 276 -0.78 -21.52 -6.55
C ALA A 276 0.60 -21.53 -7.19
N TYR A 277 1.47 -22.41 -6.70
CA TYR A 277 2.83 -22.49 -7.21
C TYR A 277 3.63 -23.59 -6.56
N LEU A 278 4.81 -23.83 -7.13
CA LEU A 278 5.77 -24.78 -6.59
C LEU A 278 6.95 -23.89 -6.24
N HIS A 279 7.25 -23.80 -4.96
CA HIS A 279 8.34 -22.97 -4.46
C HIS A 279 9.51 -23.88 -4.10
N VAL A 280 10.60 -23.77 -4.84
CA VAL A 280 11.76 -24.61 -4.60
C VAL A 280 12.95 -23.74 -4.27
N THR A 281 13.60 -24.05 -3.15
CA THR A 281 14.78 -23.32 -2.72
C THR A 281 16.01 -23.97 -3.35
N GLN A 282 16.94 -23.14 -3.79
CA GLN A 282 18.15 -23.61 -4.42
C GLN A 282 19.28 -23.72 -3.41
N PRO A 283 20.00 -24.85 -3.43
CA PRO A 283 21.12 -24.98 -2.48
C PRO A 283 22.08 -23.91 -2.90
N ARG A 284 22.19 -22.85 -2.11
CA ARG A 284 23.06 -21.75 -2.42
C ARG A 284 23.12 -20.82 -1.22
N GLU A 300 26.27 -26.07 -13.48
CA GLU A 300 26.24 -26.69 -12.16
C GLU A 300 25.16 -27.77 -12.11
N GLU A 301 25.39 -28.83 -11.35
CA GLU A 301 24.40 -29.88 -11.23
C GLU A 301 23.15 -29.24 -10.62
N GLU A 302 23.37 -28.42 -9.60
CA GLU A 302 22.31 -27.71 -8.92
C GLU A 302 21.54 -26.90 -9.95
N ALA A 303 22.27 -26.50 -10.99
CA ALA A 303 21.71 -25.72 -12.09
C ALA A 303 20.71 -26.58 -12.88
N LYS A 304 21.11 -27.81 -13.22
CA LYS A 304 20.21 -28.70 -13.96
C LYS A 304 19.01 -29.03 -13.07
N LEU A 305 19.26 -29.23 -11.78
CA LEU A 305 18.18 -29.59 -10.85
C LEU A 305 17.00 -28.63 -10.94
N MET A 306 17.27 -27.35 -10.70
CA MET A 306 16.23 -26.33 -10.72
C MET A 306 15.59 -26.18 -12.10
N LYS A 307 16.38 -26.32 -13.14
CA LYS A 307 15.86 -26.19 -14.48
C LYS A 307 14.98 -27.40 -14.74
N SER A 308 15.51 -28.58 -14.38
CA SER A 308 14.77 -29.81 -14.57
C SER A 308 13.43 -29.74 -13.87
N LEU A 309 13.46 -29.40 -12.58
CA LEU A 309 12.24 -29.32 -11.79
C LEU A 309 11.27 -28.35 -12.39
N ARG A 310 11.77 -27.18 -12.75
CA ARG A 310 10.90 -26.18 -13.36
C ARG A 310 10.33 -26.78 -14.63
N MET A 311 11.15 -27.49 -15.39
CA MET A 311 10.67 -28.09 -16.64
C MET A 311 9.57 -29.10 -16.36
N ALA A 312 9.81 -29.98 -15.40
CA ALA A 312 8.85 -31.02 -15.03
C ALA A 312 7.52 -30.53 -14.49
N TYR A 313 7.60 -29.66 -13.49
CA TYR A 313 6.37 -29.16 -12.88
C TYR A 313 5.48 -28.47 -13.89
N ASN A 314 4.19 -28.76 -13.82
CA ASN A 314 3.26 -28.11 -14.74
C ASN A 314 2.61 -26.93 -14.04
N GLY A 315 3.29 -25.79 -14.08
CA GLY A 315 2.74 -24.61 -13.44
C GLY A 315 3.78 -23.61 -12.97
N THR A 316 3.26 -22.64 -12.20
CA THR A 316 4.03 -21.57 -11.62
C THR A 316 5.18 -22.11 -10.80
N PHE A 317 6.40 -21.70 -11.17
CA PHE A 317 7.58 -22.15 -10.49
C PHE A 317 8.28 -21.00 -9.78
N MET A 318 8.10 -20.98 -8.47
CA MET A 318 8.67 -19.96 -7.62
C MET A 318 10.05 -20.43 -7.18
N SER A 319 11.09 -19.82 -7.76
CA SER A 319 12.46 -20.19 -7.44
C SER A 319 12.97 -19.31 -6.32
N SER A 320 13.86 -19.87 -5.50
CA SER A 320 14.41 -19.16 -4.35
C SER A 320 15.83 -19.59 -3.96
N GLY A 321 16.55 -18.68 -3.32
CA GLY A 321 17.90 -19.00 -2.87
C GLY A 321 19.05 -18.37 -3.66
N GLY A 322 19.68 -17.35 -3.08
CA GLY A 322 20.81 -16.69 -3.71
C GLY A 322 20.46 -15.78 -4.88
N PHE A 323 19.28 -15.20 -4.84
CA PHE A 323 18.88 -14.31 -5.91
C PHE A 323 19.05 -12.85 -5.56
N ASN A 324 19.57 -12.12 -6.52
CA ASN A 324 19.73 -10.68 -6.42
C ASN A 324 18.88 -10.29 -7.60
N LYS A 325 18.93 -9.03 -8.02
CA LYS A 325 18.10 -8.65 -9.17
C LYS A 325 18.46 -9.39 -10.45
N GLU A 326 19.71 -9.26 -10.87
CA GLU A 326 20.16 -9.90 -12.11
C GLU A 326 19.76 -11.37 -12.18
N LEU A 327 20.15 -12.15 -11.18
CA LEU A 327 19.84 -13.57 -11.17
C LEU A 327 18.32 -13.76 -11.27
N GLY A 328 17.57 -12.86 -10.66
CA GLY A 328 16.12 -12.95 -10.70
C GLY A 328 15.58 -12.60 -12.08
N MET A 329 16.08 -11.51 -12.63
CA MET A 329 15.67 -11.04 -13.96
C MET A 329 15.89 -12.12 -15.01
N GLN A 330 17.06 -12.77 -14.96
CA GLN A 330 17.33 -13.81 -15.94
C GLN A 330 16.51 -15.06 -15.67
N ALA A 331 16.23 -15.33 -14.40
CA ALA A 331 15.43 -16.50 -14.04
C ALA A 331 14.07 -16.35 -14.73
N VAL A 332 13.59 -15.11 -14.79
CA VAL A 332 12.32 -14.85 -15.43
C VAL A 332 12.49 -14.89 -16.97
N GLN A 333 13.34 -14.00 -17.50
CA GLN A 333 13.56 -13.94 -18.95
C GLN A 333 13.79 -15.33 -19.56
N GLN A 334 14.70 -16.10 -18.93
CA GLN A 334 15.06 -17.44 -19.41
C GLN A 334 14.02 -18.52 -19.11
N GLY A 335 12.97 -18.18 -18.39
CA GLY A 335 11.94 -19.16 -18.09
C GLY A 335 12.34 -20.20 -17.05
N ASP A 336 13.30 -19.88 -16.21
CA ASP A 336 13.75 -20.79 -15.16
C ASP A 336 12.80 -20.66 -13.97
N ALA A 337 12.01 -19.60 -13.98
CA ALA A 337 11.07 -19.38 -12.89
C ALA A 337 10.06 -18.34 -13.30
N ASP A 338 8.88 -18.41 -12.71
CA ASP A 338 7.84 -17.44 -12.99
C ASP A 338 7.95 -16.35 -11.93
N LEU A 339 8.43 -16.74 -10.77
CA LEU A 339 8.58 -15.85 -9.63
C LEU A 339 9.85 -16.19 -8.91
N VAL A 340 10.43 -15.18 -8.25
CA VAL A 340 11.66 -15.33 -7.52
C VAL A 340 11.45 -14.75 -6.12
N SER A 341 11.64 -15.59 -5.11
CA SER A 341 11.48 -15.11 -3.75
C SER A 341 12.85 -14.73 -3.21
N TYR A 342 12.88 -13.64 -2.46
CA TYR A 342 14.10 -13.14 -1.86
C TYR A 342 13.87 -13.10 -0.35
N GLY A 343 14.90 -13.45 0.41
CA GLY A 343 14.77 -13.44 1.85
C GLY A 343 15.55 -12.34 2.54
N ARG A 344 16.87 -12.53 2.65
CA ARG A 344 17.69 -11.58 3.36
C ARG A 344 17.61 -10.16 2.81
N LEU A 345 17.57 -10.04 1.49
CA LEU A 345 17.47 -8.70 0.90
C LEU A 345 16.15 -8.03 1.26
N PHE A 346 15.12 -8.84 1.51
CA PHE A 346 13.82 -8.28 1.83
C PHE A 346 13.78 -7.93 3.30
N ILE A 347 14.60 -8.64 4.06
CA ILE A 347 14.70 -8.41 5.49
C ILE A 347 15.16 -6.98 5.71
N ALA A 348 16.21 -6.59 4.99
CA ALA A 348 16.79 -5.26 5.14
C ALA A 348 16.27 -4.22 4.14
N ASN A 349 15.36 -4.63 3.26
CA ASN A 349 14.83 -3.71 2.25
C ASN A 349 13.31 -3.80 2.09
N PRO A 350 12.57 -3.08 2.93
CA PRO A 350 11.12 -3.13 2.83
C PRO A 350 10.68 -2.82 1.41
N ASP A 351 11.33 -1.83 0.79
CA ASP A 351 11.02 -1.45 -0.59
C ASP A 351 11.95 -2.14 -1.56
N LEU A 352 12.18 -3.43 -1.36
CA LEU A 352 13.07 -4.19 -2.24
C LEU A 352 12.62 -4.11 -3.70
N VAL A 353 11.31 -4.16 -3.93
CA VAL A 353 10.81 -4.14 -5.30
C VAL A 353 11.23 -2.87 -6.03
N SER A 354 11.04 -1.73 -5.39
CA SER A 354 11.41 -0.46 -6.01
C SER A 354 12.93 -0.46 -6.23
N ARG A 355 13.67 -0.67 -5.14
CA ARG A 355 15.12 -0.69 -5.20
C ARG A 355 15.62 -1.54 -6.34
N PHE A 356 14.86 -2.59 -6.68
CA PHE A 356 15.27 -3.44 -7.78
C PHE A 356 14.95 -2.76 -9.12
N LYS A 357 13.74 -2.21 -9.21
CA LYS A 357 13.29 -1.55 -10.43
C LYS A 357 14.14 -0.35 -10.83
N ILE A 358 14.56 0.44 -9.86
CA ILE A 358 15.37 1.60 -10.16
C ILE A 358 16.85 1.32 -9.95
N ASP A 359 17.20 0.05 -9.77
CA ASP A 359 18.58 -0.33 -9.54
C ASP A 359 19.18 0.57 -8.47
N GLY A 360 18.38 0.88 -7.45
CA GLY A 360 18.87 1.75 -6.39
C GLY A 360 19.71 1.03 -5.36
N GLU A 361 20.16 1.76 -4.35
CA GLU A 361 20.96 1.20 -3.28
C GLU A 361 20.20 0.08 -2.55
N LEU A 362 20.95 -0.89 -2.02
CA LEU A 362 20.38 -2.00 -1.27
C LEU A 362 20.99 -2.07 0.12
N ASN A 363 20.17 -1.80 1.13
CA ASN A 363 20.63 -1.83 2.51
C ASN A 363 21.14 -3.23 2.79
N LYS A 364 22.15 -3.33 3.64
CA LYS A 364 22.67 -4.63 3.98
C LYS A 364 21.83 -5.14 5.15
N TYR A 365 21.74 -6.45 5.26
CA TYR A 365 20.97 -7.04 6.35
C TYR A 365 21.88 -7.33 7.54
N ASN A 366 21.30 -7.24 8.73
CA ASN A 366 22.06 -7.52 9.95
C ASN A 366 21.56 -8.86 10.47
N ARG A 367 22.30 -9.92 10.14
CA ARG A 367 21.96 -11.27 10.56
C ARG A 367 21.77 -11.37 12.06
N LYS A 368 22.54 -10.59 12.82
CA LYS A 368 22.44 -10.64 14.26
C LYS A 368 21.03 -10.38 14.77
N THR A 369 20.22 -9.68 14.00
CA THR A 369 18.86 -9.40 14.42
C THR A 369 17.80 -10.09 13.59
N PHE A 370 18.17 -11.16 12.90
CA PHE A 370 17.21 -11.89 12.09
C PHE A 370 16.15 -12.53 12.99
N TYR A 371 16.64 -13.11 14.09
CA TYR A 371 15.83 -13.85 15.04
C TYR A 371 15.59 -13.20 16.40
N THR A 372 15.99 -11.94 16.54
CA THR A 372 15.81 -11.21 17.79
C THR A 372 14.32 -10.90 17.99
N GLN A 373 13.96 -10.37 19.15
CA GLN A 373 12.57 -10.09 19.47
C GLN A 373 12.10 -8.65 19.40
N ASP A 374 12.98 -7.72 19.07
CA ASP A 374 12.53 -6.35 19.06
C ASP A 374 11.52 -6.17 17.95
N PRO A 375 10.38 -5.54 18.28
CA PRO A 375 9.34 -5.33 17.26
C PRO A 375 9.78 -4.29 16.26
N VAL A 376 10.82 -3.55 16.60
CA VAL A 376 11.31 -2.52 15.72
C VAL A 376 12.70 -2.80 15.20
N VAL A 377 13.68 -2.81 16.10
CA VAL A 377 15.08 -3.03 15.76
C VAL A 377 15.41 -4.30 14.97
N GLY A 378 15.96 -4.10 13.77
CA GLY A 378 16.32 -5.20 12.91
C GLY A 378 15.07 -5.78 12.27
N TYR A 379 13.93 -5.16 12.53
CA TYR A 379 12.67 -5.65 12.00
C TYR A 379 11.96 -4.65 11.07
N THR A 380 11.39 -3.61 11.66
CA THR A 380 10.67 -2.62 10.87
C THR A 380 11.44 -1.29 10.80
N ASP A 381 12.70 -1.29 11.25
CA ASP A 381 13.46 -0.04 11.22
C ASP A 381 14.46 0.08 10.10
N TYR A 382 14.48 -0.89 9.17
CA TYR A 382 15.38 -0.78 8.03
C TYR A 382 14.69 0.28 7.18
N PRO A 383 15.41 1.35 6.81
CA PRO A 383 14.86 2.45 6.02
C PRO A 383 14.51 2.15 4.58
N PHE A 384 13.58 2.94 4.05
CA PHE A 384 13.15 2.86 2.67
C PHE A 384 14.12 3.81 1.98
N LEU A 385 14.27 3.69 0.66
CA LEU A 385 15.16 4.58 -0.08
C LEU A 385 14.73 6.02 0.15
N ALA A 386 15.67 6.95 0.06
CA ALA A 386 15.33 8.35 0.18
C ALA A 386 14.28 8.50 -0.93
N PRO A 387 13.21 9.27 -0.68
CA PRO A 387 12.13 9.48 -1.66
C PRO A 387 12.53 9.51 -3.13
N ASN B 9 -3.70 43.08 17.19
CA ASN B 9 -4.82 42.48 16.42
C ASN B 9 -4.30 41.75 15.17
N GLU B 10 -4.68 40.49 15.00
CA GLU B 10 -4.25 39.72 13.82
C GLU B 10 -5.26 39.93 12.69
N THR B 11 -4.78 40.03 11.46
CA THR B 11 -5.68 40.24 10.33
C THR B 11 -5.20 39.45 9.12
N LEU B 12 -5.81 39.69 7.97
CA LEU B 12 -5.41 39.01 6.73
C LEU B 12 -3.97 39.39 6.39
N PHE B 13 -3.49 40.46 7.01
CA PHE B 13 -2.14 40.93 6.73
C PHE B 13 -1.12 40.55 7.79
N SER B 14 -1.56 39.90 8.85
CA SER B 14 -0.62 39.48 9.87
C SER B 14 0.25 38.34 9.35
N SER B 15 1.51 38.35 9.76
CA SER B 15 2.42 37.32 9.39
C SER B 15 1.93 36.03 10.04
N TYR B 16 2.39 34.90 9.52
CA TYR B 16 1.99 33.62 10.06
C TYR B 16 2.94 32.54 9.61
N LYS B 17 3.53 31.86 10.57
CA LYS B 17 4.45 30.80 10.27
C LYS B 17 3.66 29.53 10.02
N MET B 18 3.61 29.11 8.76
CA MET B 18 2.89 27.89 8.38
C MET B 18 3.91 26.75 8.55
N GLY B 19 4.07 26.29 9.79
CA GLY B 19 5.03 25.23 10.04
C GLY B 19 6.39 25.69 9.57
N ARG B 20 6.97 24.95 8.64
CA ARG B 20 8.28 25.27 8.10
C ARG B 20 8.24 26.41 7.07
N PHE B 21 7.06 26.94 6.78
CA PHE B 21 6.95 28.03 5.82
C PHE B 21 6.59 29.33 6.50
N ASP B 22 7.33 30.39 6.16
CA ASP B 22 7.12 31.71 6.75
C ASP B 22 6.26 32.52 5.79
N LEU B 23 5.00 32.74 6.17
CA LEU B 23 4.10 33.51 5.32
C LEU B 23 4.04 34.96 5.79
N SER B 24 3.78 35.85 4.84
CA SER B 24 3.66 37.27 5.12
C SER B 24 2.25 37.58 5.57
N HIS B 25 1.27 37.11 4.81
CA HIS B 25 -0.13 37.37 5.15
C HIS B 25 -0.94 36.08 5.11
N ARG B 26 -2.22 36.22 5.46
CA ARG B 26 -3.11 35.06 5.56
C ARG B 26 -3.96 34.84 4.34
N VAL B 27 -3.73 35.66 3.31
CA VAL B 27 -4.52 35.55 2.10
C VAL B 27 -3.93 34.47 1.21
N VAL B 28 -4.76 33.52 0.83
CA VAL B 28 -4.32 32.42 0.00
C VAL B 28 -5.16 32.37 -1.27
N LEU B 29 -4.53 31.92 -2.34
CA LEU B 29 -5.20 31.76 -3.62
C LEU B 29 -5.88 30.39 -3.51
N ALA B 30 -7.18 30.34 -3.70
CA ALA B 30 -7.88 29.08 -3.59
C ALA B 30 -7.64 28.25 -4.83
N PRO B 31 -7.42 26.94 -4.64
CA PRO B 31 -7.18 26.11 -5.83
C PRO B 31 -8.31 26.28 -6.83
N MET B 32 -7.95 26.61 -8.08
CA MET B 32 -8.96 26.79 -9.10
C MET B 32 -8.55 26.28 -10.47
N THR B 33 -8.99 25.08 -10.81
CA THR B 33 -8.75 24.51 -12.12
C THR B 33 -8.98 25.62 -13.12
N ARG B 34 -8.02 25.89 -14.00
CA ARG B 34 -8.25 26.96 -14.96
C ARG B 34 -8.22 26.53 -16.40
N CYS B 35 -8.05 25.23 -16.63
CA CYS B 35 -8.07 24.68 -17.98
C CYS B 35 -7.18 25.35 -19.03
N ARG B 36 -6.08 25.97 -18.59
CA ARG B 36 -5.15 26.60 -19.53
C ARG B 36 -3.93 25.71 -19.77
N ALA B 37 -3.83 24.63 -19.02
CA ALA B 37 -2.72 23.69 -19.13
C ALA B 37 -2.98 22.80 -20.34
N LEU B 38 -2.59 23.28 -21.51
CA LEU B 38 -2.81 22.57 -22.75
C LEU B 38 -2.43 21.10 -22.72
N ASN B 39 -3.39 20.26 -23.09
CA ASN B 39 -3.17 18.84 -23.14
C ASN B 39 -2.47 18.33 -21.88
N GLY B 40 -2.89 18.88 -20.74
CA GLY B 40 -2.38 18.46 -19.46
C GLY B 40 -1.02 18.97 -19.07
N VAL B 41 -0.43 19.80 -19.93
CA VAL B 41 0.91 20.31 -19.65
C VAL B 41 0.85 21.79 -19.26
N PRO B 42 1.51 22.15 -18.13
CA PRO B 42 1.52 23.55 -17.68
C PRO B 42 2.18 24.36 -18.79
N ASN B 43 2.16 25.67 -18.69
CA ASN B 43 2.77 26.50 -19.73
C ASN B 43 3.04 27.93 -19.28
N ALA B 44 3.44 28.78 -20.22
CA ALA B 44 3.76 30.17 -19.89
C ALA B 44 2.55 30.89 -19.34
N ALA B 45 1.35 30.47 -19.75
CA ALA B 45 0.12 31.08 -19.29
C ALA B 45 -0.04 30.87 -17.78
N LEU B 46 0.21 29.65 -17.32
CA LEU B 46 0.10 29.36 -15.91
C LEU B 46 1.16 30.12 -15.13
N ALA B 47 2.37 30.15 -15.67
CA ALA B 47 3.47 30.84 -15.01
C ALA B 47 3.10 32.31 -14.81
N GLU B 48 2.58 32.93 -15.86
CA GLU B 48 2.20 34.34 -15.79
C GLU B 48 1.01 34.54 -14.85
N TYR B 49 0.02 33.66 -14.96
CA TYR B 49 -1.17 33.72 -14.13
C TYR B 49 -0.85 33.69 -12.63
N TYR B 50 -0.13 32.67 -12.19
CA TYR B 50 0.21 32.55 -10.79
C TYR B 50 1.05 33.74 -10.37
N ALA B 51 2.07 34.04 -11.17
CA ALA B 51 2.95 35.17 -10.92
C ALA B 51 2.10 36.42 -10.72
N GLN B 52 1.15 36.64 -11.62
CA GLN B 52 0.30 37.80 -11.50
C GLN B 52 -0.28 37.92 -10.11
N ARG B 53 -0.65 36.79 -9.53
CA ARG B 53 -1.27 36.79 -8.21
C ARG B 53 -0.33 36.54 -7.05
N THR B 54 0.97 36.36 -7.32
CA THR B 54 1.88 36.12 -6.21
C THR B 54 2.23 37.41 -5.47
N THR B 55 2.66 37.23 -4.23
CA THR B 55 3.07 38.31 -3.36
C THR B 55 4.22 37.80 -2.49
N PRO B 56 5.04 38.71 -1.96
CA PRO B 56 6.16 38.31 -1.12
C PRO B 56 5.63 37.48 0.03
N GLY B 57 6.09 36.26 0.16
CA GLY B 57 5.58 35.41 1.23
C GLY B 57 4.11 35.16 1.02
N GLY B 58 3.66 35.29 -0.23
CA GLY B 58 2.27 35.05 -0.55
C GLY B 58 2.02 33.62 -0.97
N PHE B 59 1.73 32.76 0.01
CA PHE B 59 1.46 31.34 -0.21
C PHE B 59 0.37 31.15 -1.26
N LEU B 60 0.54 30.13 -2.10
CA LEU B 60 -0.43 29.82 -3.15
C LEU B 60 -0.62 28.32 -3.27
N ILE B 61 -1.78 27.92 -3.77
CA ILE B 61 -2.10 26.53 -4.00
C ILE B 61 -2.50 26.51 -5.46
N SER B 62 -1.91 25.58 -6.22
CA SER B 62 -2.21 25.50 -7.62
C SER B 62 -3.61 24.99 -7.86
N GLU B 63 -4.00 25.10 -9.13
CA GLU B 63 -5.27 24.61 -9.61
C GLU B 63 -5.11 23.08 -9.47
N GLY B 64 -6.23 22.37 -9.32
CA GLY B 64 -6.16 20.92 -9.19
C GLY B 64 -5.31 20.33 -10.30
N THR B 65 -4.43 19.39 -9.93
CA THR B 65 -3.53 18.77 -10.88
C THR B 65 -3.62 17.26 -10.87
N MET B 66 -3.59 16.67 -12.07
CA MET B 66 -3.70 15.21 -12.21
C MET B 66 -2.60 14.42 -11.50
N VAL B 67 -3.02 13.36 -10.81
CA VAL B 67 -2.10 12.48 -10.12
C VAL B 67 -1.88 11.23 -10.96
N SER B 68 -2.64 11.11 -12.05
CA SER B 68 -2.54 9.95 -12.91
C SER B 68 -3.46 10.09 -14.10
N PRO B 69 -3.30 9.21 -15.11
CA PRO B 69 -4.20 9.33 -16.25
C PRO B 69 -5.55 8.87 -15.72
N GLY B 70 -6.61 9.58 -16.03
CA GLY B 70 -7.91 9.17 -15.54
C GLY B 70 -8.41 10.02 -14.39
N SER B 71 -7.54 10.88 -13.85
CA SER B 71 -7.94 11.74 -12.73
C SER B 71 -8.49 13.10 -13.15
N ALA B 72 -8.76 13.29 -14.43
CA ALA B 72 -9.27 14.58 -14.87
C ALA B 72 -10.79 14.60 -15.03
N GLY B 73 -11.36 15.79 -14.96
CA GLY B 73 -12.79 15.94 -15.10
C GLY B 73 -13.04 17.19 -15.93
N PHE B 74 -11.98 17.74 -16.49
CA PHE B 74 -12.02 18.97 -17.29
C PHE B 74 -10.92 18.92 -18.35
N PRO B 75 -10.96 19.86 -19.29
CA PRO B 75 -9.93 19.86 -20.33
C PRO B 75 -8.71 20.61 -19.84
N HIS B 76 -7.67 20.58 -20.65
CA HIS B 76 -6.41 21.25 -20.36
C HIS B 76 -6.13 21.49 -18.89
N VAL B 77 -6.34 20.43 -18.14
CA VAL B 77 -6.10 20.45 -16.73
C VAL B 77 -4.71 19.87 -16.62
N PRO B 78 -3.85 20.54 -15.87
CA PRO B 78 -2.48 20.05 -15.71
C PRO B 78 -2.34 18.75 -14.96
N GLY B 79 -1.22 18.09 -15.20
CA GLY B 79 -0.94 16.86 -14.50
C GLY B 79 0.43 17.04 -13.88
N ILE B 80 0.80 16.15 -12.98
CA ILE B 80 2.09 16.23 -12.36
C ILE B 80 2.61 14.80 -12.28
N TYR B 81 1.95 13.89 -12.99
CA TYR B 81 2.35 12.49 -12.95
C TYR B 81 3.38 12.11 -13.99
N SER B 82 3.60 12.99 -14.98
CA SER B 82 4.59 12.69 -16.03
C SER B 82 5.83 13.56 -15.88
N ASP B 83 6.93 13.10 -16.45
CA ASP B 83 8.16 13.88 -16.37
C ASP B 83 8.01 15.17 -17.15
N GLU B 84 7.31 15.10 -18.27
CA GLU B 84 7.10 16.29 -19.08
C GLU B 84 6.35 17.35 -18.28
N GLN B 85 5.28 16.96 -17.60
CA GLN B 85 4.49 17.90 -16.82
C GLN B 85 5.34 18.50 -15.71
N VAL B 86 6.20 17.67 -15.12
CA VAL B 86 7.08 18.13 -14.06
C VAL B 86 7.98 19.24 -14.60
N GLU B 87 8.57 19.01 -15.76
CA GLU B 87 9.44 20.01 -16.36
C GLU B 87 8.67 21.28 -16.73
N ALA B 88 7.48 21.11 -17.30
CA ALA B 88 6.67 22.26 -17.68
C ALA B 88 6.22 23.11 -16.48
N TRP B 89 5.98 22.47 -15.33
CA TRP B 89 5.55 23.20 -14.13
C TRP B 89 6.64 24.10 -13.57
N LYS B 90 7.88 23.64 -13.66
CA LYS B 90 9.00 24.37 -13.12
C LYS B 90 8.97 25.87 -13.41
N GLN B 91 8.61 26.24 -14.64
CA GLN B 91 8.57 27.65 -15.01
C GLN B 91 7.54 28.35 -14.17
N VAL B 92 6.50 27.62 -13.81
CA VAL B 92 5.45 28.21 -12.99
C VAL B 92 5.96 28.39 -11.57
N VAL B 93 6.48 27.31 -11.01
CA VAL B 93 7.00 27.34 -9.65
C VAL B 93 8.14 28.33 -9.55
N GLU B 94 9.00 28.39 -10.55
CA GLU B 94 10.11 29.34 -10.52
C GLU B 94 9.56 30.76 -10.44
N ALA B 95 8.61 31.06 -11.32
CA ALA B 95 7.97 32.37 -11.38
C ALA B 95 7.41 32.79 -10.01
N VAL B 96 6.75 31.87 -9.33
CA VAL B 96 6.18 32.15 -8.02
C VAL B 96 7.30 32.45 -7.04
N HIS B 97 8.28 31.55 -6.98
CA HIS B 97 9.38 31.74 -6.06
C HIS B 97 10.16 33.01 -6.36
N ALA B 98 10.34 33.34 -7.64
CA ALA B 98 11.08 34.54 -7.99
C ALA B 98 10.41 35.76 -7.37
N LYS B 99 9.10 35.68 -7.14
CA LYS B 99 8.38 36.79 -6.54
C LYS B 99 8.16 36.61 -5.05
N GLY B 100 8.90 35.70 -4.45
CA GLY B 100 8.80 35.48 -3.02
C GLY B 100 7.61 34.70 -2.52
N GLY B 101 6.79 34.20 -3.45
CA GLY B 101 5.63 33.45 -3.04
C GLY B 101 5.91 31.97 -2.87
N PHE B 102 5.00 31.29 -2.18
CA PHE B 102 5.11 29.84 -1.97
C PHE B 102 3.95 29.20 -2.74
N ILE B 103 4.07 27.92 -3.03
CA ILE B 103 3.01 27.26 -3.73
C ILE B 103 3.07 25.75 -3.59
N PHE B 104 1.91 25.19 -3.28
CA PHE B 104 1.75 23.76 -3.14
C PHE B 104 1.03 23.33 -4.40
N CYS B 105 1.13 22.05 -4.75
CA CYS B 105 0.40 21.59 -5.91
C CYS B 105 -0.91 21.02 -5.41
N GLN B 106 -2.01 21.43 -6.01
CA GLN B 106 -3.31 20.90 -5.63
C GLN B 106 -3.42 19.54 -6.32
N LEU B 107 -3.18 18.47 -5.56
CA LEU B 107 -3.24 17.09 -6.05
C LEU B 107 -4.63 16.52 -5.88
N TRP B 108 -5.15 15.96 -6.96
CA TRP B 108 -6.50 15.48 -6.91
C TRP B 108 -6.96 14.52 -7.99
N HIS B 109 -7.88 13.67 -7.61
CA HIS B 109 -8.44 12.72 -8.55
C HIS B 109 -9.93 13.01 -8.52
N VAL B 110 -10.53 13.11 -9.72
CA VAL B 110 -11.96 13.39 -9.82
C VAL B 110 -12.87 12.24 -9.46
N GLY B 111 -12.37 11.02 -9.60
CA GLY B 111 -13.20 9.88 -9.29
C GLY B 111 -14.36 9.78 -10.27
N ARG B 112 -15.57 9.67 -9.74
CA ARG B 112 -16.73 9.51 -10.61
C ARG B 112 -17.14 10.82 -11.28
N ALA B 113 -16.53 11.93 -10.87
CA ALA B 113 -16.86 13.21 -11.48
C ALA B 113 -16.02 13.39 -12.72
N SER B 114 -16.14 12.43 -13.64
CA SER B 114 -15.37 12.49 -14.86
C SER B 114 -16.20 11.96 -16.03
N HIS B 115 -15.52 11.61 -17.10
CA HIS B 115 -16.21 11.12 -18.28
C HIS B 115 -15.22 10.28 -19.08
N ALA B 116 -15.75 9.36 -19.89
CA ALA B 116 -14.93 8.49 -20.73
C ALA B 116 -13.88 9.30 -21.47
N VAL B 117 -14.26 10.51 -21.87
CA VAL B 117 -13.35 11.39 -22.59
C VAL B 117 -12.04 11.61 -21.84
N TYR B 118 -12.10 11.60 -20.52
CA TYR B 118 -10.90 11.83 -19.69
C TYR B 118 -10.30 10.56 -19.13
N GLN B 119 -10.74 9.42 -19.66
CA GLN B 119 -10.24 8.16 -19.15
C GLN B 119 -9.37 7.40 -20.15
N PRO B 120 -8.26 6.81 -19.66
CA PRO B 120 -7.39 6.05 -20.56
C PRO B 120 -8.28 4.96 -21.15
N ASN B 121 -8.34 4.89 -22.48
CA ASN B 121 -9.13 3.87 -23.16
C ASN B 121 -10.64 4.08 -23.16
N GLY B 122 -11.05 5.31 -22.86
CA GLY B 122 -12.47 5.61 -22.82
C GLY B 122 -13.17 4.81 -21.73
N GLY B 123 -12.39 4.35 -20.75
CA GLY B 123 -12.97 3.58 -19.68
C GLY B 123 -13.84 4.39 -18.76
N SER B 124 -14.50 3.72 -17.85
CA SER B 124 -15.37 4.38 -16.90
C SER B 124 -14.55 5.01 -15.79
N PRO B 125 -14.96 6.20 -15.34
CA PRO B 125 -14.23 6.87 -14.26
C PRO B 125 -14.28 5.92 -13.05
N ILE B 126 -13.26 5.97 -12.21
CA ILE B 126 -13.23 5.12 -11.04
C ILE B 126 -13.77 5.85 -9.82
N SER B 127 -14.27 5.09 -8.85
CA SER B 127 -14.82 5.68 -7.66
C SER B 127 -14.97 4.66 -6.56
N SER B 128 -15.45 5.12 -5.41
CA SER B 128 -15.66 4.22 -4.29
C SER B 128 -16.92 3.44 -4.61
N THR B 129 -17.75 4.02 -5.47
CA THR B 129 -19.05 3.44 -5.81
C THR B 129 -19.28 3.23 -7.31
N ASN B 130 -20.36 2.51 -7.63
CA ASN B 130 -20.74 2.27 -9.02
C ASN B 130 -21.90 3.21 -9.34
N LYS B 131 -22.29 4.02 -8.35
CA LYS B 131 -23.37 4.98 -8.51
C LYS B 131 -22.84 6.28 -9.10
N PRO B 132 -23.49 6.79 -10.15
CA PRO B 132 -23.10 8.02 -10.82
C PRO B 132 -23.63 9.25 -10.12
N ILE B 133 -23.03 10.39 -10.45
CA ILE B 133 -23.47 11.68 -9.93
C ILE B 133 -24.78 11.89 -10.68
N SER B 134 -25.80 12.37 -10.01
CA SER B 134 -27.09 12.58 -10.65
C SER B 134 -27.05 13.48 -11.87
N GLU B 135 -27.84 13.10 -12.88
CA GLU B 135 -27.96 13.85 -14.14
C GLU B 135 -28.63 15.19 -13.91
N ASN B 136 -29.36 15.28 -12.80
CA ASN B 136 -30.06 16.51 -12.47
C ASN B 136 -29.16 17.75 -12.38
N ARG B 137 -28.67 18.01 -11.19
CA ARG B 137 -27.88 19.20 -10.92
C ARG B 137 -26.42 19.23 -11.33
N TRP B 138 -25.94 18.18 -11.99
CA TRP B 138 -24.54 18.18 -12.37
C TRP B 138 -24.29 17.59 -13.74
N ARG B 139 -23.31 18.16 -14.42
CA ARG B 139 -22.92 17.73 -15.75
C ARG B 139 -21.43 18.00 -15.85
N VAL B 140 -20.73 17.12 -16.55
CA VAL B 140 -19.29 17.27 -16.73
C VAL B 140 -19.01 18.11 -17.99
N LEU B 141 -17.94 18.89 -17.95
CA LEU B 141 -17.55 19.73 -19.08
C LEU B 141 -16.64 18.90 -19.99
N LEU B 142 -16.88 18.96 -21.28
CA LEU B 142 -16.04 18.22 -22.23
C LEU B 142 -15.15 19.22 -22.96
N PRO B 143 -14.01 18.74 -23.48
CA PRO B 143 -13.05 19.59 -24.20
C PRO B 143 -13.66 20.42 -25.34
N ASP B 144 -14.72 19.92 -25.97
CA ASP B 144 -15.34 20.65 -27.06
C ASP B 144 -16.26 21.72 -26.50
N GLY B 145 -16.27 21.86 -25.18
CA GLY B 145 -17.09 22.86 -24.55
C GLY B 145 -18.51 22.44 -24.22
N SER B 146 -18.87 21.18 -24.52
CA SER B 146 -20.21 20.72 -24.21
C SER B 146 -20.31 20.26 -22.75
N HIS B 147 -21.53 20.19 -22.23
CA HIS B 147 -21.78 19.75 -20.86
C HIS B 147 -22.68 18.53 -20.90
N VAL B 148 -22.16 17.37 -20.51
CA VAL B 148 -22.97 16.15 -20.51
C VAL B 148 -23.09 15.52 -19.12
N LYS B 149 -24.04 14.60 -18.99
CA LYS B 149 -24.27 13.91 -17.74
C LYS B 149 -23.02 13.13 -17.34
N TYR B 150 -22.91 12.83 -16.05
CA TYR B 150 -21.79 12.04 -15.54
C TYR B 150 -22.08 10.57 -15.82
N PRO B 151 -21.07 9.81 -16.24
CA PRO B 151 -21.34 8.39 -16.51
C PRO B 151 -21.32 7.54 -15.26
N LYS B 152 -21.70 6.29 -15.44
CA LYS B 152 -21.70 5.31 -14.37
C LYS B 152 -20.23 5.03 -14.06
N PRO B 153 -19.80 5.35 -12.83
CA PRO B 153 -18.40 5.07 -12.50
C PRO B 153 -18.22 3.60 -12.15
N ARG B 154 -16.98 3.15 -12.11
CA ARG B 154 -16.69 1.77 -11.73
C ARG B 154 -16.09 1.86 -10.35
N ALA B 155 -16.70 1.18 -9.38
CA ALA B 155 -16.18 1.20 -8.01
C ALA B 155 -14.87 0.44 -7.95
N LEU B 156 -13.83 1.12 -7.46
CA LEU B 156 -12.53 0.52 -7.32
C LEU B 156 -12.65 -0.72 -6.46
N GLU B 157 -11.99 -1.79 -6.87
CA GLU B 157 -11.97 -3.00 -6.07
C GLU B 157 -10.90 -2.68 -5.04
N ALA B 158 -11.04 -3.22 -3.83
CA ALA B 158 -10.08 -2.96 -2.76
C ALA B 158 -8.63 -2.93 -3.26
N SER B 159 -8.24 -3.98 -3.99
CA SER B 159 -6.87 -4.11 -4.50
C SER B 159 -6.40 -2.92 -5.34
N GLU B 160 -7.32 -2.25 -6.01
CA GLU B 160 -6.96 -1.11 -6.85
C GLU B 160 -6.63 0.14 -6.05
N ILE B 161 -7.32 0.35 -4.94
CA ILE B 161 -7.13 1.53 -4.12
C ILE B 161 -5.66 1.86 -3.83
N PRO B 162 -4.86 0.86 -3.38
CA PRO B 162 -3.46 1.17 -3.10
C PRO B 162 -2.71 1.67 -4.33
N ARG B 163 -3.14 1.25 -5.51
CA ARG B 163 -2.47 1.72 -6.71
C ARG B 163 -2.74 3.22 -6.90
N VAL B 164 -3.93 3.66 -6.51
CA VAL B 164 -4.26 5.08 -6.64
C VAL B 164 -3.44 5.85 -5.62
N VAL B 165 -3.27 5.26 -4.45
CA VAL B 165 -2.47 5.91 -3.41
C VAL B 165 -1.08 6.17 -3.94
N GLU B 166 -0.51 5.19 -4.62
CA GLU B 166 0.83 5.33 -5.19
C GLU B 166 0.89 6.49 -6.17
N ASP B 167 -0.19 6.69 -6.93
CA ASP B 167 -0.24 7.79 -7.90
C ASP B 167 -0.11 9.10 -7.14
N TYR B 168 -0.72 9.15 -5.96
CA TYR B 168 -0.63 10.36 -5.14
C TYR B 168 0.81 10.51 -4.65
N CYS B 169 1.39 9.40 -4.19
CA CYS B 169 2.77 9.42 -3.70
C CYS B 169 3.70 9.87 -4.81
N LEU B 170 3.51 9.28 -5.99
CA LEU B 170 4.31 9.59 -7.15
C LEU B 170 4.15 11.07 -7.49
N SER B 171 2.92 11.52 -7.52
CA SER B 171 2.64 12.91 -7.86
C SER B 171 3.22 13.84 -6.82
N ALA B 172 3.15 13.44 -5.55
CA ALA B 172 3.67 14.26 -4.46
C ALA B 172 5.16 14.42 -4.68
N LEU B 173 5.82 13.30 -4.98
CA LEU B 173 7.25 13.31 -5.22
C LEU B 173 7.59 14.17 -6.43
N ASN B 174 6.85 14.01 -7.51
CA ASN B 174 7.09 14.79 -8.71
C ASN B 174 6.92 16.28 -8.40
N ALA B 175 5.79 16.63 -7.81
CA ALA B 175 5.53 18.01 -7.46
C ALA B 175 6.77 18.61 -6.77
N ILE B 176 7.38 17.84 -5.88
CA ILE B 176 8.56 18.33 -5.19
C ILE B 176 9.67 18.52 -6.20
N ARG B 177 9.84 17.53 -7.08
CA ARG B 177 10.87 17.61 -8.10
C ARG B 177 10.73 18.93 -8.84
N ALA B 178 9.53 19.20 -9.35
CA ALA B 178 9.27 20.42 -10.10
C ALA B 178 9.51 21.71 -9.30
N GLY B 179 9.80 21.58 -8.01
CA GLY B 179 10.04 22.75 -7.19
C GLY B 179 8.91 23.18 -6.26
N PHE B 180 7.70 22.69 -6.48
CA PHE B 180 6.58 23.06 -5.61
C PHE B 180 7.01 22.97 -4.15
N ASP B 181 6.58 23.91 -3.34
CA ASP B 181 6.93 23.90 -1.94
C ASP B 181 6.23 22.77 -1.19
N GLY B 182 5.20 22.20 -1.83
CA GLY B 182 4.46 21.12 -1.22
C GLY B 182 3.27 20.78 -2.10
N ILE B 183 2.37 19.96 -1.57
CA ILE B 183 1.19 19.59 -2.31
C ILE B 183 -0.01 19.68 -1.39
N GLU B 184 -1.20 19.69 -1.97
CA GLU B 184 -2.39 19.70 -1.16
C GLU B 184 -3.15 18.47 -1.61
N ILE B 185 -3.73 17.75 -0.65
CA ILE B 185 -4.52 16.59 -1.00
C ILE B 185 -5.92 17.12 -1.15
N HIS B 186 -6.42 17.10 -2.39
CA HIS B 186 -7.75 17.56 -2.65
C HIS B 186 -8.69 16.45 -2.24
N GLY B 187 -9.23 16.52 -1.02
CA GLY B 187 -10.15 15.49 -0.56
C GLY B 187 -11.53 16.12 -0.37
N ALA B 188 -11.81 17.13 -1.18
CA ALA B 188 -13.06 17.86 -1.04
C ALA B 188 -13.95 17.88 -2.28
N HIS B 189 -15.02 18.66 -2.16
CA HIS B 189 -15.94 18.92 -3.27
C HIS B 189 -16.54 17.75 -4.04
N GLY B 190 -16.69 16.60 -3.38
CA GLY B 190 -17.27 15.45 -4.03
C GLY B 190 -16.38 14.71 -5.00
N TYR B 191 -15.08 14.81 -4.83
CA TYR B 191 -14.19 14.09 -5.71
C TYR B 191 -13.79 12.72 -5.15
N LEU B 192 -12.84 12.04 -5.78
CA LEU B 192 -12.47 10.69 -5.36
C LEU B 192 -12.36 10.43 -3.86
N ILE B 193 -11.77 11.37 -3.14
CA ILE B 193 -11.61 11.19 -1.71
C ILE B 193 -12.90 11.52 -0.97
N ASP B 194 -13.67 12.48 -1.46
CA ASP B 194 -14.91 12.82 -0.81
C ASP B 194 -15.94 11.73 -1.09
N GLN B 195 -15.78 11.04 -2.22
CA GLN B 195 -16.66 9.95 -2.61
C GLN B 195 -16.50 8.78 -1.65
N PHE B 196 -15.32 8.65 -1.02
CA PHE B 196 -15.11 7.60 -0.02
C PHE B 196 -15.54 8.11 1.34
N LEU B 197 -15.24 9.38 1.59
CA LEU B 197 -15.56 10.01 2.87
C LEU B 197 -17.04 10.17 3.19
N LYS B 198 -17.80 10.68 2.22
CA LYS B 198 -19.24 10.94 2.40
C LYS B 198 -20.12 9.70 2.42
N ASP B 199 -21.17 9.72 3.25
CA ASP B 199 -22.06 8.57 3.30
C ASP B 199 -23.18 8.74 2.29
N GLY B 200 -23.16 9.87 1.59
CA GLY B 200 -24.14 10.11 0.55
C GLY B 200 -23.61 9.49 -0.73
N ILE B 201 -22.45 8.85 -0.64
CA ILE B 201 -21.83 8.23 -1.80
C ILE B 201 -21.30 6.84 -1.48
N ASN B 202 -20.34 6.78 -0.56
CA ASN B 202 -19.71 5.52 -0.18
C ASN B 202 -20.69 4.43 0.25
N ASP B 203 -21.19 3.68 -0.71
CA ASP B 203 -22.11 2.60 -0.41
C ASP B 203 -21.32 1.30 -0.38
N ARG B 204 -20.02 1.39 -0.07
CA ARG B 204 -19.17 0.21 0.00
C ARG B 204 -19.40 -0.53 1.30
N THR B 205 -19.12 -1.83 1.27
CA THR B 205 -19.30 -2.68 2.44
C THR B 205 -17.98 -3.36 2.82
N ASP B 206 -16.89 -3.00 2.14
CA ASP B 206 -15.60 -3.58 2.48
C ASP B 206 -14.90 -2.68 3.51
N GLN B 207 -13.58 -2.78 3.61
CA GLN B 207 -12.85 -1.98 4.59
C GLN B 207 -12.78 -0.50 4.30
N TYR B 208 -13.18 -0.09 3.10
CA TYR B 208 -13.13 1.33 2.78
C TYR B 208 -14.51 1.97 2.90
N GLY B 209 -15.48 1.18 3.36
CA GLY B 209 -16.82 1.70 3.51
C GLY B 209 -17.47 1.33 4.82
N GLY B 210 -18.67 1.85 5.07
CA GLY B 210 -19.39 1.56 6.30
C GLY B 210 -19.08 2.57 7.39
N SER B 211 -18.24 2.16 8.34
CA SER B 211 -17.86 3.00 9.45
C SER B 211 -17.13 4.28 8.98
N ILE B 212 -17.10 5.28 9.85
CA ILE B 212 -16.43 6.53 9.50
C ILE B 212 -14.96 6.24 9.30
N ALA B 213 -14.41 5.35 10.14
CA ALA B 213 -13.00 4.99 10.03
C ALA B 213 -12.74 4.40 8.65
N ASN B 214 -13.63 3.53 8.19
CA ASN B 214 -13.46 2.90 6.88
C ASN B 214 -13.56 3.93 5.78
N ARG B 215 -14.50 4.86 5.91
CA ARG B 215 -14.68 5.88 4.89
C ARG B 215 -13.46 6.82 4.87
N CYS B 216 -12.74 6.91 5.98
CA CYS B 216 -11.57 7.78 6.04
C CYS B 216 -10.29 7.05 5.65
N ARG B 217 -10.35 5.72 5.61
CA ARG B 217 -9.18 4.93 5.28
C ARG B 217 -8.44 5.41 4.04
N PHE B 218 -9.19 5.63 2.96
CA PHE B 218 -8.55 6.06 1.73
C PHE B 218 -7.77 7.35 1.90
N LEU B 219 -8.45 8.39 2.39
CA LEU B 219 -7.80 9.68 2.61
C LEU B 219 -6.53 9.47 3.45
N LYS B 220 -6.67 8.67 4.50
CA LYS B 220 -5.56 8.39 5.40
C LYS B 220 -4.38 7.79 4.64
N GLN B 221 -4.64 6.75 3.85
CA GLN B 221 -3.57 6.11 3.08
C GLN B 221 -2.94 7.16 2.17
N VAL B 222 -3.77 7.96 1.51
CA VAL B 222 -3.24 9.00 0.62
C VAL B 222 -2.33 9.96 1.38
N VAL B 223 -2.76 10.43 2.54
CA VAL B 223 -1.95 11.36 3.32
C VAL B 223 -0.72 10.63 3.86
N GLU B 224 -0.91 9.43 4.38
CA GLU B 224 0.23 8.67 4.90
C GLU B 224 1.27 8.48 3.81
N GLY B 225 0.83 8.08 2.62
CA GLY B 225 1.77 7.86 1.53
C GLY B 225 2.48 9.14 1.15
N VAL B 226 1.71 10.15 0.78
CA VAL B 226 2.26 11.43 0.39
C VAL B 226 3.21 11.99 1.47
N VAL B 227 2.82 11.82 2.72
CA VAL B 227 3.63 12.28 3.85
C VAL B 227 4.95 11.51 3.91
N SER B 228 4.86 10.17 3.89
CA SER B 228 6.05 9.32 3.93
C SER B 228 6.93 9.59 2.73
N ALA B 229 6.33 10.23 1.72
CA ALA B 229 7.04 10.53 0.50
C ALA B 229 7.72 11.89 0.50
N ILE B 230 7.09 12.89 1.11
CA ILE B 230 7.67 14.23 1.09
C ILE B 230 7.73 14.96 2.41
N GLY B 231 7.17 14.37 3.45
CA GLY B 231 7.17 15.03 4.75
C GLY B 231 5.87 15.76 5.01
N ALA B 232 5.29 15.50 6.18
CA ALA B 232 4.02 16.12 6.57
C ALA B 232 4.00 17.63 6.46
N SER B 233 5.13 18.25 6.81
CA SER B 233 5.22 19.70 6.79
C SER B 233 5.11 20.26 5.38
N LYS B 234 5.07 19.38 4.38
CA LYS B 234 4.93 19.83 3.00
C LYS B 234 3.58 19.38 2.45
N VAL B 235 2.71 18.94 3.35
CA VAL B 235 1.40 18.46 2.93
C VAL B 235 0.22 19.17 3.53
N GLY B 236 -0.66 19.65 2.65
CA GLY B 236 -1.88 20.28 3.09
C GLY B 236 -2.96 19.26 2.75
N VAL B 237 -4.10 19.33 3.41
CA VAL B 237 -5.19 18.40 3.17
C VAL B 237 -6.50 19.19 3.10
N ARG B 238 -7.11 19.23 1.92
CA ARG B 238 -8.37 19.95 1.77
C ARG B 238 -9.56 19.00 1.83
N VAL B 239 -10.56 19.36 2.62
CA VAL B 239 -11.78 18.59 2.76
C VAL B 239 -12.95 19.58 2.79
N SER B 240 -14.18 19.08 2.76
CA SER B 240 -15.38 19.92 2.80
C SER B 240 -16.57 19.05 3.19
N PRO B 241 -16.65 18.68 4.47
CA PRO B 241 -17.71 17.84 5.03
C PRO B 241 -19.12 18.33 4.75
N ALA B 242 -19.30 19.65 4.76
CA ALA B 242 -20.60 20.26 4.55
C ALA B 242 -20.83 20.83 3.17
N ILE B 243 -19.95 20.46 2.24
CA ILE B 243 -20.13 20.91 0.87
C ILE B 243 -20.67 19.66 0.18
N ASP B 244 -21.87 19.76 -0.39
CA ASP B 244 -22.48 18.62 -1.05
C ASP B 244 -22.34 18.69 -2.57
N HIS B 245 -21.40 19.51 -3.00
CA HIS B 245 -21.04 19.70 -4.39
C HIS B 245 -21.00 18.32 -5.03
N LEU B 246 -21.35 18.23 -6.31
CA LEU B 246 -21.33 16.96 -7.03
C LEU B 246 -22.03 15.84 -6.25
N ASP B 247 -23.13 16.19 -5.59
CA ASP B 247 -23.93 15.26 -4.84
C ASP B 247 -23.14 14.39 -3.88
N ALA B 248 -22.25 15.03 -3.12
CA ALA B 248 -21.42 14.32 -2.16
C ALA B 248 -21.67 14.86 -0.77
N THR B 249 -22.85 14.58 -0.23
CA THR B 249 -23.19 15.06 1.10
C THR B 249 -23.14 13.92 2.10
N ASP B 250 -22.88 14.26 3.36
CA ASP B 250 -22.82 13.28 4.43
C ASP B 250 -23.98 13.53 5.38
N SER B 251 -24.46 12.49 6.04
CA SER B 251 -25.58 12.62 6.98
C SER B 251 -25.17 13.39 8.23
N ASP B 252 -23.86 13.49 8.47
CA ASP B 252 -23.37 14.20 9.64
C ASP B 252 -21.97 14.71 9.38
N PRO B 253 -21.87 15.84 8.67
CA PRO B 253 -20.58 16.44 8.33
C PRO B 253 -19.61 16.57 9.49
N LEU B 254 -20.07 17.11 10.62
CA LEU B 254 -19.25 17.29 11.80
C LEU B 254 -18.45 16.06 12.18
N SER B 255 -19.14 14.95 12.36
CA SER B 255 -18.47 13.72 12.77
C SER B 255 -17.43 13.27 11.73
N LEU B 256 -17.79 13.39 10.45
CA LEU B 256 -16.89 13.00 9.39
C LEU B 256 -15.61 13.84 9.42
N GLY B 257 -15.76 15.11 9.78
CA GLY B 257 -14.60 15.99 9.84
C GLY B 257 -13.72 15.75 11.04
N LEU B 258 -14.32 15.32 12.15
CA LEU B 258 -13.54 15.07 13.36
C LEU B 258 -12.73 13.80 13.17
N ALA B 259 -13.32 12.82 12.50
CA ALA B 259 -12.65 11.56 12.23
C ALA B 259 -11.54 11.84 11.22
N VAL B 260 -11.68 12.97 10.53
CA VAL B 260 -10.66 13.37 9.56
C VAL B 260 -9.57 14.11 10.30
N VAL B 261 -9.99 15.06 11.12
CA VAL B 261 -9.05 15.85 11.90
C VAL B 261 -8.37 14.91 12.88
N GLY B 262 -9.15 14.02 13.48
CA GLY B 262 -8.61 13.07 14.44
C GLY B 262 -7.62 12.18 13.75
N MET B 263 -7.96 11.75 12.54
CA MET B 263 -7.07 10.88 11.78
C MET B 263 -5.79 11.68 11.49
N LEU B 264 -5.96 12.93 11.06
CA LEU B 264 -4.82 13.77 10.76
C LEU B 264 -3.97 14.06 12.00
N ASN B 265 -4.62 14.33 13.13
CA ASN B 265 -3.87 14.61 14.35
C ASN B 265 -3.05 13.38 14.70
N LYS B 266 -3.65 12.20 14.58
CA LYS B 266 -2.94 10.96 14.87
C LYS B 266 -1.70 10.88 14.00
N LEU B 267 -1.89 11.04 12.69
CA LEU B 267 -0.82 10.98 11.71
C LEU B 267 0.33 11.95 12.02
N GLN B 268 -0.04 13.19 12.34
CA GLN B 268 0.97 14.20 12.64
C GLN B 268 1.86 13.70 13.76
N GLY B 269 1.24 13.09 14.76
CA GLY B 269 2.01 12.55 15.88
C GLY B 269 2.98 11.47 15.40
N VAL B 270 2.43 10.46 14.75
CA VAL B 270 3.21 9.34 14.22
C VAL B 270 4.49 9.77 13.52
N ASN B 271 4.39 10.82 12.70
CA ASN B 271 5.54 11.32 11.94
C ASN B 271 6.33 12.45 12.62
N GLY B 272 5.95 12.79 13.86
CA GLY B 272 6.65 13.84 14.59
C GLY B 272 6.61 15.21 13.95
N SER B 273 5.52 15.50 13.23
CA SER B 273 5.34 16.79 12.59
C SER B 273 3.94 16.94 12.02
N LYS B 274 3.41 18.15 12.15
CA LYS B 274 2.08 18.46 11.66
C LYS B 274 2.11 18.66 10.16
N LEU B 275 0.94 18.49 9.53
CA LEU B 275 0.83 18.72 8.13
C LEU B 275 1.04 20.23 8.00
N ALA B 276 1.24 20.72 6.78
CA ALA B 276 1.42 22.15 6.57
C ALA B 276 0.13 22.84 6.96
N TYR B 277 -1.00 22.18 6.69
CA TYR B 277 -2.30 22.75 7.04
C TYR B 277 -3.43 21.82 6.63
N LEU B 278 -4.59 22.13 7.17
CA LEU B 278 -5.84 21.46 6.89
C LEU B 278 -6.63 22.58 6.22
N HIS B 279 -7.21 22.27 5.07
CA HIS B 279 -7.95 23.23 4.28
C HIS B 279 -9.39 22.73 4.20
N VAL B 280 -10.33 23.58 4.61
CA VAL B 280 -11.74 23.20 4.63
C VAL B 280 -12.59 24.23 3.92
N THR B 281 -13.46 23.73 3.03
CA THR B 281 -14.36 24.58 2.29
C THR B 281 -15.64 24.64 3.08
N GLN B 282 -16.21 25.82 3.21
CA GLN B 282 -17.45 25.92 3.93
C GLN B 282 -18.55 26.39 3.01
N PRO B 283 -19.76 25.89 3.24
CA PRO B 283 -20.89 26.28 2.42
C PRO B 283 -21.26 27.72 2.84
N ARG B 284 -22.01 28.40 1.99
CA ARG B 284 -22.47 29.76 2.25
C ARG B 284 -23.92 29.75 1.83
N TYR B 285 -24.82 29.64 2.79
CA TYR B 285 -26.24 29.58 2.46
C TYR B 285 -26.69 30.82 1.73
N HIS B 286 -27.91 30.75 1.18
CA HIS B 286 -28.50 31.86 0.44
C HIS B 286 -29.44 32.62 1.35
N ALA B 287 -29.16 33.90 1.56
CA ALA B 287 -30.00 34.74 2.41
C ALA B 287 -31.25 35.22 1.67
N TYR B 288 -31.85 36.28 2.18
CA TYR B 288 -33.05 36.86 1.58
C TYR B 288 -33.18 38.33 1.95
N ASP B 299 -24.49 31.97 9.08
CA ASP B 299 -25.44 31.54 10.10
C ASP B 299 -24.73 31.10 11.39
N GLU B 300 -25.16 29.97 11.93
CA GLU B 300 -24.57 29.43 13.15
C GLU B 300 -23.93 28.08 12.88
N GLU B 301 -24.69 27.18 12.27
CA GLU B 301 -24.18 25.83 11.96
C GLU B 301 -23.00 25.81 11.00
N GLU B 302 -22.83 26.87 10.21
CA GLU B 302 -21.71 26.95 9.28
C GLU B 302 -20.45 27.31 10.06
N ALA B 303 -20.57 28.31 10.90
CA ALA B 303 -19.46 28.76 11.72
C ALA B 303 -19.15 27.68 12.74
N LYS B 304 -20.16 26.90 13.10
CA LYS B 304 -19.99 25.84 14.09
C LYS B 304 -19.06 24.71 13.66
N LEU B 305 -19.38 24.07 12.54
CA LEU B 305 -18.54 22.98 12.07
C LEU B 305 -17.09 23.45 11.99
N MET B 306 -16.87 24.55 11.27
CA MET B 306 -15.53 25.11 11.11
C MET B 306 -14.75 25.17 12.41
N LYS B 307 -15.36 25.77 13.43
CA LYS B 307 -14.69 25.90 14.71
C LYS B 307 -14.32 24.53 15.30
N SER B 308 -15.25 23.59 15.26
CA SER B 308 -14.99 22.24 15.78
C SER B 308 -13.68 21.69 15.22
N LEU B 309 -13.72 21.29 13.95
CA LEU B 309 -12.53 20.74 13.29
C LEU B 309 -11.32 21.61 13.62
N ARG B 310 -11.51 22.91 13.47
CA ARG B 310 -10.48 23.90 13.73
C ARG B 310 -9.87 23.72 15.10
N MET B 311 -10.68 23.82 16.15
CA MET B 311 -10.18 23.64 17.51
C MET B 311 -9.67 22.21 17.68
N ALA B 312 -10.40 21.25 17.12
CA ALA B 312 -10.04 19.83 17.24
C ALA B 312 -8.79 19.52 16.45
N TYR B 313 -8.46 20.39 15.49
CA TYR B 313 -7.28 20.16 14.67
C TYR B 313 -6.01 20.82 15.16
N ASN B 314 -5.05 19.99 15.52
CA ASN B 314 -3.77 20.50 16.00
C ASN B 314 -2.95 20.95 14.80
N GLY B 315 -3.15 22.19 14.36
CA GLY B 315 -2.40 22.65 13.22
C GLY B 315 -2.96 23.91 12.62
N THR B 316 -2.46 24.24 11.43
CA THR B 316 -2.88 25.44 10.74
C THR B 316 -4.21 25.21 10.06
N PHE B 317 -5.14 26.13 10.26
CA PHE B 317 -6.46 25.98 9.67
C PHE B 317 -6.65 26.98 8.57
N MET B 318 -6.98 26.50 7.39
CA MET B 318 -7.21 27.38 6.26
C MET B 318 -8.68 27.29 5.92
N SER B 319 -9.37 28.41 6.01
CA SER B 319 -10.78 28.46 5.71
C SER B 319 -10.97 28.91 4.27
N SER B 320 -12.08 28.46 3.68
CA SER B 320 -12.39 28.82 2.31
C SER B 320 -13.89 28.74 2.04
N GLY B 321 -14.34 29.46 1.03
CA GLY B 321 -15.74 29.40 0.66
C GLY B 321 -16.40 30.76 0.70
N GLY B 322 -16.36 31.48 -0.42
CA GLY B 322 -16.98 32.79 -0.46
C GLY B 322 -16.48 33.77 0.58
N PHE B 323 -15.16 33.89 0.73
CA PHE B 323 -14.62 34.83 1.71
C PHE B 323 -14.28 36.18 1.10
N ASN B 324 -14.87 37.24 1.64
CA ASN B 324 -14.55 38.58 1.17
C ASN B 324 -13.48 39.08 2.13
N LYS B 325 -13.20 40.36 2.13
CA LYS B 325 -12.18 40.88 3.03
C LYS B 325 -12.59 40.76 4.49
N GLU B 326 -13.73 41.35 4.84
CA GLU B 326 -14.23 41.34 6.22
C GLU B 326 -14.36 39.96 6.86
N LEU B 327 -14.85 38.98 6.10
CA LEU B 327 -15.00 37.63 6.63
C LEU B 327 -13.63 37.04 6.93
N GLY B 328 -12.67 37.28 6.03
CA GLY B 328 -11.34 36.76 6.22
C GLY B 328 -10.68 37.41 7.40
N MET B 329 -10.86 38.72 7.51
CA MET B 329 -10.30 39.51 8.61
C MET B 329 -10.89 39.07 9.93
N GLN B 330 -12.19 38.73 9.92
CA GLN B 330 -12.85 38.27 11.12
C GLN B 330 -12.37 36.87 11.51
N ALA B 331 -12.19 36.00 10.50
CA ALA B 331 -11.73 34.63 10.74
C ALA B 331 -10.35 34.68 11.42
N VAL B 332 -9.44 35.47 10.89
CA VAL B 332 -8.12 35.57 11.50
C VAL B 332 -8.22 36.27 12.86
N GLN B 333 -8.82 37.44 12.88
CA GLN B 333 -8.99 38.22 14.12
C GLN B 333 -9.59 37.34 15.22
N GLN B 334 -10.76 36.75 14.95
CA GLN B 334 -11.42 35.90 15.91
C GLN B 334 -10.60 34.66 16.27
N GLY B 335 -9.68 34.28 15.39
CA GLY B 335 -8.84 33.14 15.69
C GLY B 335 -9.34 31.78 15.23
N ASP B 336 -10.49 31.74 14.54
CA ASP B 336 -11.05 30.49 14.07
C ASP B 336 -10.42 30.02 12.73
N ALA B 337 -9.47 30.77 12.22
CA ALA B 337 -8.80 30.39 10.97
C ALA B 337 -7.49 31.13 10.92
N ASP B 338 -6.43 30.43 10.56
CA ASP B 338 -5.13 31.06 10.45
C ASP B 338 -4.95 31.62 9.05
N LEU B 339 -5.44 30.87 8.08
CA LEU B 339 -5.34 31.24 6.68
C LEU B 339 -6.73 31.18 6.06
N VAL B 340 -6.92 32.02 5.05
CA VAL B 340 -8.19 32.09 4.35
C VAL B 340 -7.88 32.11 2.85
N SER B 341 -8.36 31.11 2.12
CA SER B 341 -8.12 31.06 0.69
C SER B 341 -9.25 31.73 -0.05
N TYR B 342 -8.88 32.44 -1.11
CA TYR B 342 -9.82 33.19 -1.93
C TYR B 342 -9.71 32.67 -3.34
N GLY B 343 -10.85 32.38 -3.96
CA GLY B 343 -10.84 31.89 -5.31
C GLY B 343 -11.35 32.89 -6.33
N ARG B 344 -12.67 33.03 -6.44
CA ARG B 344 -13.25 33.95 -7.41
C ARG B 344 -12.57 35.32 -7.43
N LEU B 345 -12.38 35.92 -6.26
CA LEU B 345 -11.74 37.23 -6.21
C LEU B 345 -10.31 37.16 -6.71
N PHE B 346 -9.63 36.06 -6.43
CA PHE B 346 -8.26 35.94 -6.88
C PHE B 346 -8.24 35.71 -8.38
N ILE B 347 -9.38 35.31 -8.93
CA ILE B 347 -9.46 35.10 -10.38
C ILE B 347 -9.29 36.43 -11.13
N ALA B 348 -10.13 37.39 -10.76
CA ALA B 348 -10.18 38.71 -11.39
C ALA B 348 -9.25 39.74 -10.77
N ASN B 349 -8.83 39.47 -9.55
CA ASN B 349 -7.97 40.38 -8.81
C ASN B 349 -6.65 39.70 -8.51
N PRO B 350 -5.74 39.73 -9.49
CA PRO B 350 -4.44 39.08 -9.28
C PRO B 350 -3.76 39.69 -8.08
N ASP B 351 -4.03 40.97 -7.87
CA ASP B 351 -3.46 41.73 -6.78
C ASP B 351 -4.50 41.91 -5.67
N LEU B 352 -5.18 40.81 -5.37
CA LEU B 352 -6.21 40.83 -4.35
C LEU B 352 -5.62 41.33 -3.03
N VAL B 353 -4.49 40.76 -2.65
CA VAL B 353 -3.85 41.15 -1.39
C VAL B 353 -3.60 42.64 -1.32
N SER B 354 -2.90 43.17 -2.32
CA SER B 354 -2.62 44.59 -2.37
C SER B 354 -3.92 45.39 -2.48
N ARG B 355 -4.97 44.77 -3.01
CA ARG B 355 -6.24 45.48 -3.11
C ARG B 355 -6.90 45.53 -1.75
N PHE B 356 -7.02 44.38 -1.10
CA PHE B 356 -7.64 44.33 0.22
C PHE B 356 -6.93 45.28 1.19
N LYS B 357 -5.61 45.29 1.16
CA LYS B 357 -4.84 46.17 2.04
C LYS B 357 -5.39 47.60 2.10
N ILE B 358 -5.67 48.18 0.93
CA ILE B 358 -6.16 49.55 0.86
C ILE B 358 -7.65 49.62 0.61
N ASP B 359 -8.33 48.48 0.76
CA ASP B 359 -9.76 48.40 0.51
C ASP B 359 -10.00 48.98 -0.88
N GLY B 360 -9.13 48.58 -1.79
CA GLY B 360 -9.23 49.05 -3.16
C GLY B 360 -10.39 48.34 -3.83
N GLU B 361 -10.93 48.98 -4.86
CA GLU B 361 -12.03 48.39 -5.61
C GLU B 361 -11.48 47.14 -6.30
N LEU B 362 -12.29 46.09 -6.35
CA LEU B 362 -11.89 44.83 -6.97
C LEU B 362 -12.33 44.74 -8.42
N ASN B 363 -11.80 43.76 -9.15
CA ASN B 363 -12.18 43.54 -10.54
C ASN B 363 -13.41 42.61 -10.49
N LYS B 364 -14.17 42.56 -11.58
CA LYS B 364 -15.32 41.68 -11.61
C LYS B 364 -14.94 40.45 -12.41
N TYR B 365 -15.30 39.27 -11.89
CA TYR B 365 -15.01 38.02 -12.59
C TYR B 365 -16.20 37.56 -13.45
N ASN B 366 -15.89 36.79 -14.48
CA ASN B 366 -16.91 36.24 -15.37
C ASN B 366 -16.78 34.72 -15.37
N ARG B 367 -17.89 34.03 -15.16
CA ARG B 367 -17.88 32.58 -15.15
C ARG B 367 -17.54 31.98 -16.50
N LYS B 368 -18.02 32.61 -17.57
CA LYS B 368 -17.79 32.12 -18.91
C LYS B 368 -16.31 32.00 -19.27
N THR B 369 -15.45 32.68 -18.54
CA THR B 369 -14.04 32.56 -18.84
C THR B 369 -13.29 31.70 -17.83
N PHE B 370 -14.03 30.88 -17.09
CA PHE B 370 -13.36 29.99 -16.17
C PHE B 370 -12.76 28.81 -16.93
N TYR B 371 -13.60 27.87 -17.37
CA TYR B 371 -13.12 26.68 -18.07
C TYR B 371 -12.53 26.87 -19.46
N THR B 372 -12.68 28.07 -20.02
CA THR B 372 -12.13 28.36 -21.34
C THR B 372 -10.62 28.17 -21.28
N GLN B 373 -9.98 27.96 -22.42
CA GLN B 373 -8.53 27.72 -22.42
C GLN B 373 -7.65 28.87 -22.93
N ASP B 374 -8.22 30.04 -23.16
CA ASP B 374 -7.40 31.13 -23.67
C ASP B 374 -6.30 31.44 -22.66
N PRO B 375 -5.05 31.57 -23.12
CA PRO B 375 -3.92 31.87 -22.24
C PRO B 375 -3.93 33.26 -21.59
N VAL B 376 -4.67 34.19 -22.19
CA VAL B 376 -4.73 35.55 -21.69
C VAL B 376 -6.14 35.97 -21.24
N VAL B 377 -7.07 35.86 -22.19
CA VAL B 377 -8.46 36.24 -21.99
C VAL B 377 -9.12 35.61 -20.78
N GLY B 378 -9.54 36.45 -19.85
CA GLY B 378 -10.18 35.96 -18.63
C GLY B 378 -9.22 35.15 -17.78
N TYR B 379 -7.93 35.20 -18.08
CA TYR B 379 -6.96 34.44 -17.32
C TYR B 379 -5.88 35.33 -16.73
N THR B 380 -5.18 36.05 -17.61
CA THR B 380 -4.13 36.95 -17.16
C THR B 380 -4.42 38.39 -17.55
N ASP B 381 -5.56 38.61 -18.21
CA ASP B 381 -5.87 39.97 -18.62
C ASP B 381 -6.69 40.77 -17.62
N TYR B 382 -6.67 40.32 -16.36
CA TYR B 382 -7.34 41.06 -15.31
C TYR B 382 -6.26 42.05 -14.85
N PRO B 383 -6.61 43.33 -14.76
CA PRO B 383 -5.64 44.36 -14.35
C PRO B 383 -5.40 44.51 -12.86
N PHE B 384 -4.23 45.05 -12.54
CA PHE B 384 -3.85 45.31 -11.16
C PHE B 384 -4.06 46.81 -10.98
N LEU B 385 -4.26 47.26 -9.74
CA LEU B 385 -4.43 48.68 -9.50
C LEU B 385 -3.13 49.37 -9.91
N SER A 8 10.50 -13.46 -24.85
CA SER A 8 11.83 -13.54 -24.17
C SER A 8 12.14 -12.23 -23.47
N ASN A 9 11.15 -11.36 -23.35
CA ASN A 9 11.36 -10.07 -22.70
C ASN A 9 10.63 -9.96 -21.34
N GLU A 10 10.56 -11.08 -20.63
CA GLU A 10 9.92 -11.08 -19.33
C GLU A 10 10.96 -10.65 -18.32
N THR A 11 10.53 -10.01 -17.25
CA THR A 11 11.46 -9.59 -16.22
C THR A 11 10.77 -9.68 -14.86
N LEU A 12 11.50 -9.31 -13.82
CA LEU A 12 10.98 -9.33 -12.46
C LEU A 12 9.82 -8.36 -12.34
N PHE A 13 9.68 -7.48 -13.33
CA PHE A 13 8.61 -6.51 -13.26
C PHE A 13 7.44 -6.80 -14.18
N SER A 14 7.47 -7.96 -14.82
CA SER A 14 6.38 -8.35 -15.69
C SER A 14 5.26 -8.82 -14.78
N SER A 15 4.02 -8.56 -15.19
CA SER A 15 2.87 -8.97 -14.41
C SER A 15 2.77 -10.49 -14.50
N TYR A 16 1.89 -11.06 -13.72
CA TYR A 16 1.71 -12.50 -13.70
C TYR A 16 0.46 -12.82 -12.91
N LYS A 17 -0.44 -13.60 -13.50
CA LYS A 17 -1.66 -13.99 -12.81
C LYS A 17 -1.44 -15.34 -12.13
N MET A 18 -0.78 -15.30 -10.98
CA MET A 18 -0.53 -16.52 -10.24
C MET A 18 -1.92 -17.09 -9.98
N GLY A 19 -2.42 -17.84 -10.95
CA GLY A 19 -3.75 -18.40 -10.84
C GLY A 19 -4.75 -17.27 -10.98
N ARG A 20 -5.40 -16.93 -9.88
CA ARG A 20 -6.38 -15.85 -9.88
C ARG A 20 -5.77 -14.57 -9.31
N PHE A 21 -4.49 -14.62 -8.98
CA PHE A 21 -3.80 -13.47 -8.42
C PHE A 21 -2.99 -12.71 -9.44
N ASP A 22 -3.50 -11.53 -9.80
CA ASP A 22 -2.85 -10.67 -10.76
C ASP A 22 -1.61 -10.04 -10.15
N LEU A 23 -0.58 -10.84 -9.91
CA LEU A 23 0.64 -10.29 -9.35
C LEU A 23 1.05 -9.14 -10.24
N SER A 24 1.39 -8.01 -9.64
CA SER A 24 1.80 -6.86 -10.42
C SER A 24 3.24 -7.02 -10.83
N HIS A 25 3.89 -8.01 -10.24
CA HIS A 25 5.28 -8.26 -10.54
C HIS A 25 5.69 -9.62 -10.01
N ARG A 26 6.93 -10.00 -10.25
CA ARG A 26 7.40 -11.33 -9.88
C ARG A 26 8.14 -11.47 -8.58
N VAL A 27 8.57 -10.35 -8.01
CA VAL A 27 9.33 -10.35 -6.76
C VAL A 27 8.49 -10.74 -5.56
N VAL A 28 8.92 -11.82 -4.91
CA VAL A 28 8.21 -12.36 -3.78
C VAL A 28 8.98 -12.30 -2.46
N LEU A 29 8.24 -12.11 -1.38
CA LEU A 29 8.83 -12.10 -0.07
C LEU A 29 8.93 -13.57 0.34
N ALA A 30 10.14 -14.06 0.53
CA ALA A 30 10.35 -15.45 0.93
C ALA A 30 9.93 -15.64 2.38
N PRO A 31 9.49 -16.85 2.75
CA PRO A 31 9.07 -17.12 4.14
C PRO A 31 10.28 -17.02 5.06
N MET A 32 10.22 -16.09 6.00
CA MET A 32 11.34 -15.87 6.89
C MET A 32 11.02 -15.94 8.36
N THR A 33 11.70 -16.84 9.08
CA THR A 33 11.51 -16.95 10.50
C THR A 33 12.17 -15.70 11.06
N ARG A 34 11.42 -14.91 11.83
CA ARG A 34 11.97 -13.67 12.41
C ARG A 34 11.75 -13.68 13.92
N CYS A 35 10.83 -14.52 14.37
CA CYS A 35 10.56 -14.68 15.79
C CYS A 35 10.04 -13.44 16.49
N ARG A 36 8.98 -12.85 15.97
CA ARG A 36 8.40 -11.68 16.62
C ARG A 36 7.07 -12.01 17.25
N ALA A 37 6.30 -12.86 16.57
CA ALA A 37 4.98 -13.23 17.06
C ALA A 37 5.15 -13.75 18.49
N LEU A 38 5.35 -12.82 19.41
CA LEU A 38 5.58 -13.14 20.80
C LEU A 38 4.52 -14.07 21.31
N ASN A 39 4.95 -15.15 21.96
CA ASN A 39 4.02 -16.12 22.53
C ASN A 39 3.16 -16.83 21.49
N GLY A 40 3.68 -16.88 20.27
CA GLY A 40 2.97 -17.58 19.20
C GLY A 40 1.79 -16.90 18.53
N VAL A 41 1.49 -15.66 18.92
CA VAL A 41 0.36 -14.98 18.31
C VAL A 41 0.85 -13.74 17.59
N PRO A 42 0.37 -13.52 16.36
CA PRO A 42 0.78 -12.34 15.57
C PRO A 42 0.47 -11.07 16.36
N ASN A 43 0.92 -9.94 15.85
CA ASN A 43 0.70 -8.68 16.56
C ASN A 43 0.86 -7.56 15.52
N ALA A 44 0.79 -6.32 15.96
CA ALA A 44 0.90 -5.18 15.05
C ALA A 44 2.31 -5.03 14.52
N ALA A 45 3.28 -5.66 15.19
CA ALA A 45 4.65 -5.57 14.75
C ALA A 45 4.75 -6.28 13.40
N LEU A 46 4.32 -7.54 13.35
CA LEU A 46 4.33 -8.30 12.10
C LEU A 46 3.48 -7.54 11.06
N ALA A 47 2.48 -6.80 11.53
CA ALA A 47 1.62 -6.04 10.61
C ALA A 47 2.47 -4.98 9.91
N GLU A 48 3.21 -4.20 10.69
CA GLU A 48 4.04 -3.16 10.13
C GLU A 48 5.07 -3.77 9.19
N TYR A 49 5.67 -4.86 9.65
CA TYR A 49 6.71 -5.56 8.89
C TYR A 49 6.23 -5.91 7.49
N TYR A 50 5.14 -6.64 7.41
CA TYR A 50 4.62 -7.04 6.11
C TYR A 50 4.03 -5.85 5.37
N ALA A 51 3.82 -4.76 6.09
CA ALA A 51 3.31 -3.54 5.47
C ALA A 51 4.47 -2.88 4.72
N GLN A 52 5.63 -2.78 5.37
CA GLN A 52 6.79 -2.15 4.72
C GLN A 52 7.25 -2.90 3.48
N ARG A 53 6.86 -4.15 3.37
CA ARG A 53 7.28 -4.94 2.24
C ARG A 53 6.18 -5.22 1.25
N THR A 54 4.98 -4.73 1.54
CA THR A 54 3.84 -4.96 0.65
C THR A 54 3.78 -3.88 -0.41
N THR A 55 3.42 -4.31 -1.62
CA THR A 55 3.30 -3.45 -2.79
C THR A 55 2.04 -3.85 -3.56
N PRO A 56 1.57 -3.00 -4.46
CA PRO A 56 0.36 -3.39 -5.20
C PRO A 56 0.69 -4.61 -6.07
N GLY A 57 -0.19 -5.60 -6.07
CA GLY A 57 0.06 -6.79 -6.86
C GLY A 57 1.29 -7.57 -6.42
N GLY A 58 1.84 -7.23 -5.25
CA GLY A 58 3.01 -7.94 -4.74
C GLY A 58 2.63 -9.18 -3.93
N PHE A 59 3.40 -10.25 -4.10
CA PHE A 59 3.13 -11.49 -3.39
C PHE A 59 4.09 -11.68 -2.21
N LEU A 60 3.56 -12.08 -1.06
CA LEU A 60 4.40 -12.26 0.10
C LEU A 60 4.21 -13.64 0.71
N ILE A 61 5.29 -14.17 1.26
CA ILE A 61 5.21 -15.45 1.91
C ILE A 61 5.49 -15.18 3.39
N SER A 62 4.55 -15.53 4.25
CA SER A 62 4.73 -15.26 5.66
C SER A 62 5.81 -16.13 6.25
N GLU A 63 6.37 -15.64 7.35
CA GLU A 63 7.36 -16.39 8.09
C GLU A 63 6.66 -17.72 8.38
N GLY A 64 7.43 -18.78 8.57
CA GLY A 64 6.83 -20.06 8.88
C GLY A 64 5.90 -19.90 10.07
N THR A 65 4.74 -20.55 10.00
CA THR A 65 3.75 -20.45 11.05
C THR A 65 3.35 -21.82 11.59
N MET A 66 3.26 -21.94 12.92
CA MET A 66 2.90 -23.22 13.53
C MET A 66 1.53 -23.73 13.09
N VAL A 67 1.45 -25.03 12.82
CA VAL A 67 0.19 -25.66 12.44
C VAL A 67 -0.39 -26.44 13.64
N SER A 68 0.34 -26.45 14.74
CA SER A 68 -0.10 -27.16 15.94
C SER A 68 0.88 -26.90 17.07
N PRO A 69 0.44 -27.11 18.31
CA PRO A 69 1.42 -26.87 19.37
C PRO A 69 2.49 -27.95 19.19
N GLY A 70 3.73 -27.62 19.48
CA GLY A 70 4.79 -28.60 19.33
C GLY A 70 5.42 -28.64 17.95
N SER A 71 4.80 -27.98 16.98
CA SER A 71 5.33 -27.94 15.62
C SER A 71 6.36 -26.82 15.40
N ALA A 72 6.77 -26.15 16.47
CA ALA A 72 7.75 -25.06 16.37
C ALA A 72 9.13 -25.45 16.88
N GLY A 73 10.15 -24.83 16.30
CA GLY A 73 11.52 -25.09 16.72
C GLY A 73 12.29 -23.79 16.77
N PHE A 74 11.56 -22.71 17.03
CA PHE A 74 12.12 -21.37 17.12
C PHE A 74 11.31 -20.59 18.13
N PRO A 75 11.91 -19.54 18.70
CA PRO A 75 11.21 -18.74 19.68
C PRO A 75 10.14 -17.86 19.05
N HIS A 76 9.12 -17.57 19.83
CA HIS A 76 8.03 -16.70 19.43
C HIS A 76 7.64 -16.71 17.96
N VAL A 77 7.58 -17.88 17.34
CA VAL A 77 7.15 -17.89 15.96
C VAL A 77 5.64 -17.79 16.05
N PRO A 78 4.98 -17.40 14.96
CA PRO A 78 3.53 -17.32 15.08
C PRO A 78 2.84 -18.65 14.89
N GLY A 79 1.68 -18.75 15.52
CA GLY A 79 0.86 -19.94 15.37
C GLY A 79 -0.38 -19.47 14.64
N ILE A 80 -1.17 -20.41 14.13
CA ILE A 80 -2.40 -20.05 13.45
C ILE A 80 -3.37 -21.21 13.61
N TYR A 81 -3.01 -22.14 14.48
CA TYR A 81 -3.84 -23.31 14.74
C TYR A 81 -5.07 -23.01 15.61
N SER A 82 -5.03 -21.87 16.30
CA SER A 82 -6.10 -21.47 17.20
C SER A 82 -6.85 -20.21 16.77
N ASP A 83 -7.95 -19.95 17.47
CA ASP A 83 -8.76 -18.77 17.20
C ASP A 83 -8.02 -17.48 17.54
N GLU A 84 -7.36 -17.47 18.69
CA GLU A 84 -6.61 -16.30 19.11
C GLU A 84 -5.60 -15.90 18.04
N GLN A 85 -4.87 -16.88 17.51
CA GLN A 85 -3.85 -16.60 16.49
C GLN A 85 -4.47 -16.08 15.23
N VAL A 86 -5.65 -16.61 14.90
CA VAL A 86 -6.37 -16.20 13.71
C VAL A 86 -6.76 -14.73 13.79
N GLU A 87 -7.32 -14.31 14.92
CA GLU A 87 -7.74 -12.93 15.08
C GLU A 87 -6.59 -11.95 14.92
N ALA A 88 -5.45 -12.23 15.55
CA ALA A 88 -4.31 -11.33 15.46
C ALA A 88 -3.62 -11.37 14.09
N TRP A 89 -3.89 -12.42 13.32
CA TRP A 89 -3.30 -12.54 11.97
C TRP A 89 -3.99 -11.57 11.03
N LYS A 90 -5.31 -11.42 11.23
CA LYS A 90 -6.13 -10.55 10.40
C LYS A 90 -5.61 -9.14 10.22
N GLN A 91 -5.02 -8.59 11.28
CA GLN A 91 -4.51 -7.25 11.21
C GLN A 91 -3.35 -7.22 10.23
N VAL A 92 -2.49 -8.23 10.30
CA VAL A 92 -1.34 -8.30 9.41
C VAL A 92 -1.79 -8.37 7.96
N VAL A 93 -2.62 -9.37 7.69
CA VAL A 93 -3.17 -9.59 6.36
C VAL A 93 -3.93 -8.38 5.83
N GLU A 94 -4.82 -7.81 6.66
CA GLU A 94 -5.59 -6.64 6.25
C GLU A 94 -4.68 -5.44 5.98
N ALA A 95 -3.53 -5.43 6.63
CA ALA A 95 -2.57 -4.36 6.47
C ALA A 95 -1.87 -4.54 5.14
N VAL A 96 -1.59 -5.79 4.78
CA VAL A 96 -0.93 -6.08 3.53
C VAL A 96 -1.94 -5.86 2.42
N HIS A 97 -3.17 -6.31 2.64
CA HIS A 97 -4.18 -6.14 1.62
C HIS A 97 -4.48 -4.67 1.34
N ALA A 98 -4.55 -3.87 2.40
CA ALA A 98 -4.83 -2.45 2.23
C ALA A 98 -3.82 -1.86 1.27
N LYS A 99 -2.62 -2.42 1.24
CA LYS A 99 -1.59 -1.92 0.36
C LYS A 99 -1.46 -2.67 -0.96
N GLY A 100 -2.43 -3.52 -1.25
CA GLY A 100 -2.44 -4.24 -2.52
C GLY A 100 -1.64 -5.53 -2.62
N GLY A 101 -0.87 -5.85 -1.60
CA GLY A 101 -0.10 -7.08 -1.66
C GLY A 101 -0.82 -8.25 -1.05
N PHE A 102 -0.98 -9.35 -1.80
CA PHE A 102 -1.62 -10.54 -1.24
C PHE A 102 -0.56 -11.25 -0.42
N ILE A 103 -0.99 -12.10 0.47
CA ILE A 103 -0.02 -12.82 1.28
C ILE A 103 -0.40 -14.26 1.52
N PHE A 104 0.61 -15.12 1.57
CA PHE A 104 0.39 -16.51 1.83
C PHE A 104 1.01 -16.87 3.18
N CYS A 105 0.25 -17.61 3.99
CA CYS A 105 0.74 -18.04 5.28
C CYS A 105 1.45 -19.36 5.10
N GLN A 106 2.73 -19.40 5.45
CA GLN A 106 3.45 -20.65 5.31
C GLN A 106 3.10 -21.54 6.50
N LEU A 107 2.65 -22.76 6.20
CA LEU A 107 2.29 -23.72 7.23
C LEU A 107 3.59 -24.47 7.50
N TRP A 108 4.07 -24.32 8.73
CA TRP A 108 5.33 -24.86 9.12
C TRP A 108 5.33 -25.80 10.31
N HIS A 109 5.78 -27.02 10.06
CA HIS A 109 5.91 -28.00 11.12
C HIS A 109 7.36 -28.42 11.09
N VAL A 110 8.07 -28.15 12.18
CA VAL A 110 9.49 -28.45 12.28
C VAL A 110 9.81 -29.86 12.67
N GLY A 111 8.84 -30.56 13.25
CA GLY A 111 9.09 -31.93 13.67
C GLY A 111 10.30 -31.97 14.56
N ARG A 112 11.23 -32.87 14.29
CA ARG A 112 12.43 -33.03 15.10
C ARG A 112 13.28 -31.77 15.21
N ALA A 113 12.90 -30.73 14.48
CA ALA A 113 13.67 -29.49 14.53
C ALA A 113 13.15 -28.58 15.65
N SER A 114 13.12 -29.11 16.87
CA SER A 114 12.63 -28.34 18.02
C SER A 114 13.30 -28.81 19.28
N HIS A 115 12.89 -28.20 20.40
CA HIS A 115 13.43 -28.55 21.70
C HIS A 115 12.26 -28.85 22.63
N ALA A 116 12.49 -29.69 23.64
CA ALA A 116 11.45 -30.02 24.59
C ALA A 116 10.74 -28.72 25.00
N VAL A 117 11.51 -27.63 25.00
CA VAL A 117 10.98 -26.31 25.35
C VAL A 117 9.81 -25.87 24.47
N TYR A 118 9.77 -26.39 23.25
CA TYR A 118 8.72 -26.02 22.31
C TYR A 118 7.63 -27.07 22.24
N GLN A 119 7.72 -28.09 23.09
CA GLN A 119 6.73 -29.14 23.06
C GLN A 119 5.74 -29.09 24.22
N PRO A 120 4.46 -29.30 23.92
CA PRO A 120 3.51 -29.28 25.03
C PRO A 120 3.89 -30.41 25.99
N ASN A 121 3.95 -30.10 27.28
CA ASN A 121 4.30 -31.08 28.32
C ASN A 121 5.75 -31.54 28.20
N GLY A 122 6.57 -30.75 27.51
CA GLY A 122 7.97 -31.08 27.34
C GLY A 122 8.16 -32.40 26.63
N GLY A 123 7.14 -32.82 25.88
CA GLY A 123 7.22 -34.06 25.15
C GLY A 123 8.33 -34.01 24.13
N SER A 124 8.60 -35.16 23.51
CA SER A 124 9.65 -35.24 22.52
C SER A 124 9.13 -34.82 21.16
N PRO A 125 9.90 -33.98 20.45
CA PRO A 125 9.48 -33.54 19.12
C PRO A 125 9.15 -34.78 18.31
N ILE A 126 8.19 -34.68 17.40
CA ILE A 126 7.86 -35.84 16.60
C ILE A 126 8.57 -35.76 15.26
N SER A 127 8.66 -36.89 14.57
CA SER A 127 9.33 -36.91 13.30
C SER A 127 9.01 -38.18 12.51
N SER A 128 9.72 -38.33 11.40
CA SER A 128 9.55 -39.50 10.57
C SER A 128 10.37 -40.60 11.25
N THR A 129 11.46 -40.18 11.85
CA THR A 129 12.42 -41.04 12.50
C THR A 129 12.56 -40.77 14.01
N ASN A 130 13.21 -41.70 14.71
CA ASN A 130 13.46 -41.55 16.14
C ASN A 130 14.90 -41.06 16.23
N LYS A 131 15.54 -40.86 15.09
CA LYS A 131 16.92 -40.40 15.04
C LYS A 131 16.96 -38.87 15.11
N PRO A 132 17.87 -38.33 15.94
CA PRO A 132 17.98 -36.87 16.07
C PRO A 132 18.88 -36.25 15.02
N ILE A 133 18.73 -34.93 14.85
CA ILE A 133 19.57 -34.20 13.92
C ILE A 133 20.98 -34.32 14.51
N SER A 134 22.02 -34.43 13.68
CA SER A 134 23.38 -34.56 14.19
C SER A 134 23.71 -33.40 15.15
N GLU A 135 24.48 -33.71 16.20
CA GLU A 135 24.80 -32.71 17.22
C GLU A 135 25.99 -31.77 17.04
N ASN A 136 26.57 -31.71 15.85
CA ASN A 136 27.75 -30.87 15.66
C ASN A 136 27.62 -29.57 14.85
N ARG A 137 26.79 -29.56 13.81
CA ARG A 137 26.62 -28.36 13.00
C ARG A 137 25.28 -27.69 13.25
N TRP A 138 24.35 -28.43 13.83
CA TRP A 138 23.01 -27.90 14.06
C TRP A 138 22.64 -27.74 15.51
N ARG A 139 21.97 -26.65 15.82
CA ARG A 139 21.50 -26.37 17.17
C ARG A 139 20.10 -25.80 17.05
N VAL A 140 19.32 -25.92 18.12
CA VAL A 140 18.00 -25.36 18.10
C VAL A 140 18.15 -24.08 18.89
N LEU A 141 17.63 -22.99 18.34
CA LEU A 141 17.69 -21.69 19.01
C LEU A 141 16.58 -21.65 20.05
N LEU A 142 16.96 -21.49 21.31
CA LEU A 142 16.00 -21.40 22.40
C LEU A 142 15.62 -19.94 22.69
N PRO A 143 14.43 -19.72 23.25
CA PRO A 143 13.91 -18.39 23.57
C PRO A 143 14.86 -17.52 24.39
N ASP A 144 15.71 -18.14 25.22
CA ASP A 144 16.62 -17.36 26.03
C ASP A 144 17.84 -16.98 25.19
N GLY A 145 17.78 -17.30 23.89
CA GLY A 145 18.88 -16.95 23.01
C GLY A 145 19.99 -17.98 22.94
N SER A 146 19.94 -18.98 23.80
CA SER A 146 20.98 -20.00 23.78
C SER A 146 20.74 -20.94 22.61
N HIS A 147 21.78 -21.70 22.29
CA HIS A 147 21.75 -22.69 21.23
C HIS A 147 22.16 -24.01 21.87
N VAL A 148 21.33 -25.04 21.68
CA VAL A 148 21.61 -26.34 22.24
C VAL A 148 21.32 -27.39 21.19
N LYS A 149 21.71 -28.63 21.48
CA LYS A 149 21.50 -29.74 20.57
C LYS A 149 20.05 -30.18 20.46
N TYR A 150 19.71 -30.65 19.26
CA TYR A 150 18.37 -31.15 18.98
C TYR A 150 18.21 -32.45 19.74
N PRO A 151 17.01 -32.73 20.24
CA PRO A 151 16.80 -33.98 20.98
C PRO A 151 16.37 -35.11 20.06
N LYS A 152 16.23 -36.28 20.67
CA LYS A 152 15.78 -37.46 19.97
C LYS A 152 14.27 -37.31 19.82
N PRO A 153 13.79 -37.28 18.57
CA PRO A 153 12.36 -37.12 18.30
C PRO A 153 11.65 -38.45 18.58
N ARG A 154 10.44 -38.57 18.03
CA ARG A 154 9.65 -39.77 18.16
C ARG A 154 9.09 -40.00 16.78
N ALA A 155 9.56 -41.04 16.11
CA ALA A 155 9.08 -41.36 14.77
C ALA A 155 7.61 -41.68 14.81
N LEU A 156 6.77 -40.67 14.58
CA LEU A 156 5.33 -40.84 14.58
C LEU A 156 4.97 -42.17 13.93
N GLU A 157 3.92 -42.81 14.44
CA GLU A 157 3.49 -44.06 13.87
C GLU A 157 2.51 -43.68 12.77
N ALA A 158 2.39 -44.52 11.75
CA ALA A 158 1.50 -44.26 10.62
C ALA A 158 0.13 -43.79 11.11
N SER A 159 -0.34 -44.40 12.19
CA SER A 159 -1.64 -44.09 12.78
C SER A 159 -1.78 -42.63 13.23
N GLU A 160 -0.66 -41.93 13.39
CA GLU A 160 -0.73 -40.55 13.85
C GLU A 160 -0.56 -39.54 12.73
N ILE A 161 -0.16 -40.01 11.55
CA ILE A 161 0.04 -39.12 10.43
C ILE A 161 -1.22 -38.36 10.01
N PRO A 162 -2.39 -39.04 9.99
CA PRO A 162 -3.62 -38.35 9.60
C PRO A 162 -3.94 -37.20 10.55
N ARG A 163 -3.56 -37.37 11.81
CA ARG A 163 -3.81 -36.35 12.83
C ARG A 163 -2.95 -35.11 12.52
N VAL A 164 -1.73 -35.34 12.07
CA VAL A 164 -0.86 -34.24 11.73
C VAL A 164 -1.35 -33.61 10.42
N VAL A 165 -1.81 -34.44 9.49
CA VAL A 165 -2.33 -33.93 8.22
C VAL A 165 -3.52 -33.01 8.54
N GLU A 166 -4.39 -33.47 9.43
CA GLU A 166 -5.54 -32.69 9.82
C GLU A 166 -5.11 -31.34 10.41
N ASP A 167 -4.01 -31.33 11.14
CA ASP A 167 -3.49 -30.09 11.71
C ASP A 167 -3.19 -29.08 10.60
N TYR A 168 -2.61 -29.53 9.50
CA TYR A 168 -2.33 -28.60 8.42
C TYR A 168 -3.67 -28.07 7.87
N CYS A 169 -4.63 -28.97 7.65
CA CYS A 169 -5.92 -28.56 7.11
C CYS A 169 -6.61 -27.48 7.95
N LEU A 170 -6.66 -27.69 9.27
CA LEU A 170 -7.27 -26.75 10.19
C LEU A 170 -6.56 -25.40 10.08
N SER A 171 -5.24 -25.46 10.18
CA SER A 171 -4.42 -24.24 10.09
C SER A 171 -4.66 -23.60 8.73
N ALA A 172 -4.78 -24.43 7.69
CA ALA A 172 -5.02 -23.90 6.36
C ALA A 172 -6.37 -23.20 6.34
N LEU A 173 -7.37 -23.83 6.95
CA LEU A 173 -8.71 -23.23 7.01
C LEU A 173 -8.64 -21.96 7.83
N ASN A 174 -7.87 -21.98 8.92
CA ASN A 174 -7.77 -20.78 9.74
C ASN A 174 -7.11 -19.67 8.91
N ALA A 175 -6.03 -20.00 8.22
CA ALA A 175 -5.32 -19.02 7.41
C ALA A 175 -6.34 -18.27 6.55
N ILE A 176 -7.17 -19.02 5.84
CA ILE A 176 -8.20 -18.44 5.00
C ILE A 176 -9.13 -17.59 5.86
N ARG A 177 -9.43 -18.07 7.05
CA ARG A 177 -10.30 -17.36 7.97
C ARG A 177 -9.71 -16.03 8.40
N ALA A 178 -8.39 -16.00 8.56
CA ALA A 178 -7.69 -14.80 8.96
C ALA A 178 -7.54 -13.85 7.78
N GLY A 179 -7.95 -14.30 6.60
CA GLY A 179 -7.86 -13.46 5.41
C GLY A 179 -6.71 -13.77 4.47
N PHE A 180 -5.87 -14.74 4.81
CA PHE A 180 -4.75 -15.06 3.93
C PHE A 180 -5.32 -15.51 2.61
N ASP A 181 -4.65 -15.14 1.52
CA ASP A 181 -5.08 -15.53 0.20
C ASP A 181 -4.81 -17.01 -0.02
N GLY A 182 -4.12 -17.61 0.94
CA GLY A 182 -3.79 -19.01 0.87
C GLY A 182 -2.66 -19.35 1.79
N ILE A 183 -2.10 -20.53 1.62
CA ILE A 183 -1.01 -20.95 2.47
C ILE A 183 0.08 -21.53 1.60
N GLU A 184 1.28 -21.60 2.17
CA GLU A 184 2.39 -22.21 1.47
C GLU A 184 2.94 -23.28 2.42
N ILE A 185 2.45 -24.51 2.24
CA ILE A 185 2.89 -25.63 3.05
C ILE A 185 4.40 -25.68 3.01
N HIS A 186 5.01 -25.49 4.18
CA HIS A 186 6.46 -25.53 4.28
C HIS A 186 6.85 -27.00 4.33
N GLY A 187 7.18 -27.56 3.16
CA GLY A 187 7.58 -28.94 3.10
C GLY A 187 9.04 -28.95 2.73
N ALA A 188 9.75 -27.88 3.08
CA ALA A 188 11.15 -27.70 2.77
C ALA A 188 12.11 -27.75 3.95
N HIS A 189 13.37 -27.44 3.62
CA HIS A 189 14.49 -27.30 4.54
C HIS A 189 14.72 -28.26 5.70
N GLY A 190 14.60 -29.56 5.45
CA GLY A 190 14.85 -30.52 6.49
C GLY A 190 13.91 -30.53 7.68
N TYR A 191 12.76 -29.89 7.53
CA TYR A 191 11.78 -29.89 8.61
C TYR A 191 10.87 -31.12 8.56
N LEU A 192 9.77 -31.12 9.30
CA LEU A 192 8.92 -32.32 9.36
C LEU A 192 8.69 -33.05 8.04
N ILE A 193 8.05 -32.39 7.08
CA ILE A 193 7.78 -33.00 5.79
C ILE A 193 9.07 -33.41 5.09
N ASP A 194 10.07 -32.55 5.12
CA ASP A 194 11.34 -32.89 4.48
C ASP A 194 12.03 -34.05 5.19
N GLN A 195 11.69 -34.27 6.46
CA GLN A 195 12.27 -35.38 7.21
C GLN A 195 11.71 -36.69 6.65
N PHE A 196 10.89 -36.56 5.61
CA PHE A 196 10.31 -37.72 4.94
C PHE A 196 10.84 -37.80 3.51
N LEU A 197 11.04 -36.63 2.90
CA LEU A 197 11.53 -36.55 1.53
C LEU A 197 13.04 -36.83 1.41
N LYS A 198 13.76 -36.76 2.51
CA LYS A 198 15.21 -36.98 2.44
C LYS A 198 15.66 -38.32 2.99
N ASP A 199 16.05 -39.24 2.10
CA ASP A 199 16.51 -40.52 2.58
C ASP A 199 17.76 -40.28 3.44
N GLY A 200 18.28 -39.07 3.37
CA GLY A 200 19.44 -38.72 4.17
C GLY A 200 18.93 -38.35 5.55
N ILE A 201 17.71 -38.82 5.85
CA ILE A 201 17.04 -38.56 7.15
C ILE A 201 15.92 -39.55 7.42
N ASN A 202 15.21 -39.93 6.36
CA ASN A 202 14.08 -40.83 6.49
C ASN A 202 14.46 -42.30 6.50
N ASP A 203 14.42 -42.92 7.68
CA ASP A 203 14.75 -44.34 7.84
C ASP A 203 13.49 -45.17 8.10
N ARG A 204 12.37 -44.71 7.57
CA ARG A 204 11.10 -45.41 7.74
C ARG A 204 11.03 -46.69 6.91
N THR A 205 10.33 -47.69 7.45
CA THR A 205 10.15 -48.97 6.78
C THR A 205 8.67 -49.28 6.57
N ASP A 206 7.87 -48.27 6.25
CA ASP A 206 6.45 -48.46 6.01
C ASP A 206 6.03 -47.75 4.72
N GLN A 207 4.73 -47.54 4.53
CA GLN A 207 4.29 -46.87 3.32
C GLN A 207 4.67 -45.39 3.32
N TYR A 208 5.53 -44.98 4.26
CA TYR A 208 5.95 -43.58 4.32
C TYR A 208 7.45 -43.41 4.23
N GLY A 209 8.14 -44.49 3.86
CA GLY A 209 9.58 -44.43 3.76
C GLY A 209 10.13 -45.40 2.74
N GLY A 210 11.46 -45.47 2.66
CA GLY A 210 12.09 -46.36 1.70
C GLY A 210 11.99 -45.85 0.28
N SER A 211 10.88 -46.19 -0.39
CA SER A 211 10.68 -45.76 -1.76
C SER A 211 10.41 -44.26 -1.82
N ILE A 212 10.90 -43.63 -2.87
CA ILE A 212 10.71 -42.20 -3.05
C ILE A 212 9.22 -41.91 -2.98
N ALA A 213 8.41 -42.85 -3.46
CA ALA A 213 6.96 -42.70 -3.44
C ALA A 213 6.45 -42.60 -2.02
N ASN A 214 6.77 -43.58 -1.20
CA ASN A 214 6.34 -43.56 0.20
C ASN A 214 6.88 -42.34 0.90
N ARG A 215 8.13 -41.98 0.61
CA ARG A 215 8.73 -40.82 1.24
C ARG A 215 7.92 -39.60 0.82
N CYS A 216 7.70 -39.46 -0.48
CA CYS A 216 6.93 -38.33 -1.00
C CYS A 216 5.51 -38.35 -0.48
N ARG A 217 5.09 -39.50 0.03
CA ARG A 217 3.73 -39.70 0.52
C ARG A 217 3.29 -38.77 1.64
N PHE A 218 4.16 -38.53 2.61
CA PHE A 218 3.79 -37.66 3.73
C PHE A 218 3.28 -36.34 3.18
N LEU A 219 4.07 -35.73 2.29
CA LEU A 219 3.70 -34.46 1.70
C LEU A 219 2.48 -34.61 0.79
N LYS A 220 2.38 -35.73 0.10
CA LYS A 220 1.26 -35.98 -0.80
C LYS A 220 -0.07 -35.81 -0.08
N GLN A 221 -0.18 -36.37 1.13
CA GLN A 221 -1.40 -36.30 1.90
C GLN A 221 -1.64 -34.94 2.52
N VAL A 222 -0.57 -34.29 2.97
CA VAL A 222 -0.66 -32.97 3.54
C VAL A 222 -1.28 -32.01 2.50
N VAL A 223 -0.78 -32.08 1.28
CA VAL A 223 -1.26 -31.21 0.22
C VAL A 223 -2.68 -31.58 -0.15
N GLU A 224 -2.97 -32.87 -0.25
CA GLU A 224 -4.32 -33.31 -0.57
C GLU A 224 -5.32 -32.76 0.45
N GLY A 225 -4.93 -32.85 1.71
CA GLY A 225 -5.80 -32.37 2.77
C GLY A 225 -6.05 -30.88 2.69
N VAL A 226 -4.97 -30.11 2.62
CA VAL A 226 -5.09 -28.66 2.55
C VAL A 226 -5.81 -28.27 1.26
N VAL A 227 -5.41 -28.86 0.15
CA VAL A 227 -6.03 -28.56 -1.14
C VAL A 227 -7.53 -28.83 -1.05
N SER A 228 -7.90 -30.02 -0.56
CA SER A 228 -9.30 -30.34 -0.43
C SER A 228 -9.98 -29.35 0.51
N ALA A 229 -9.24 -28.90 1.52
CA ALA A 229 -9.80 -27.98 2.48
C ALA A 229 -9.98 -26.57 1.94
N ILE A 230 -9.00 -26.05 1.21
CA ILE A 230 -9.13 -24.70 0.73
C ILE A 230 -8.99 -24.41 -0.77
N GLY A 231 -8.61 -25.41 -1.56
CA GLY A 231 -8.49 -25.17 -3.00
C GLY A 231 -7.06 -25.06 -3.48
N ALA A 232 -6.70 -25.89 -4.44
CA ALA A 232 -5.35 -25.93 -4.99
C ALA A 232 -4.76 -24.57 -5.33
N SER A 233 -5.57 -23.65 -5.86
CA SER A 233 -5.09 -22.32 -6.24
C SER A 233 -4.67 -21.47 -5.05
N LYS A 234 -4.99 -21.95 -3.86
CA LYS A 234 -4.62 -21.24 -2.65
C LYS A 234 -3.47 -21.95 -1.96
N VAL A 235 -3.12 -23.13 -2.47
CA VAL A 235 -2.03 -23.90 -1.85
C VAL A 235 -0.76 -23.83 -2.65
N GLY A 236 0.25 -23.23 -2.05
CA GLY A 236 1.55 -23.17 -2.70
C GLY A 236 2.33 -24.29 -2.06
N VAL A 237 3.22 -24.95 -2.81
CA VAL A 237 4.00 -26.02 -2.22
C VAL A 237 5.42 -25.56 -2.06
N ARG A 238 6.00 -25.81 -0.89
CA ARG A 238 7.38 -25.41 -0.70
C ARG A 238 8.23 -26.63 -0.35
N VAL A 239 9.23 -26.90 -1.18
CA VAL A 239 10.12 -28.03 -0.95
C VAL A 239 11.52 -27.59 -1.34
N SER A 240 12.52 -28.36 -0.92
CA SER A 240 13.92 -28.06 -1.21
C SER A 240 14.61 -29.41 -1.25
N PRO A 241 14.43 -30.15 -2.35
CA PRO A 241 15.05 -31.47 -2.47
C PRO A 241 16.56 -31.46 -2.37
N ALA A 242 17.19 -30.32 -2.63
CA ALA A 242 18.65 -30.22 -2.56
C ALA A 242 19.19 -29.59 -1.28
N ILE A 243 18.40 -28.75 -0.62
CA ILE A 243 18.87 -28.12 0.60
C ILE A 243 19.06 -29.15 1.70
N ASP A 244 20.32 -29.40 2.05
CA ASP A 244 20.66 -30.38 3.09
C ASP A 244 20.74 -29.76 4.49
N HIS A 245 19.81 -28.85 4.78
CA HIS A 245 19.75 -28.19 6.10
C HIS A 245 19.31 -29.21 7.15
N LEU A 246 19.97 -29.19 8.30
CA LEU A 246 19.64 -30.11 9.39
C LEU A 246 19.71 -31.56 8.92
N ASP A 247 20.77 -31.90 8.18
CA ASP A 247 20.96 -33.25 7.68
C ASP A 247 19.98 -33.60 6.57
N ALA A 248 19.25 -32.59 6.10
CA ALA A 248 18.26 -32.78 5.05
C ALA A 248 18.86 -33.21 3.72
N THR A 249 19.68 -34.25 3.76
CA THR A 249 20.30 -34.75 2.53
C THR A 249 19.47 -35.84 1.88
N ASP A 250 19.73 -36.06 0.60
CA ASP A 250 19.06 -37.13 -0.12
C ASP A 250 20.04 -37.66 -1.16
N SER A 251 20.16 -38.99 -1.22
CA SER A 251 21.10 -39.63 -2.12
C SER A 251 20.79 -39.31 -3.58
N ASP A 252 19.58 -38.84 -3.83
CA ASP A 252 19.19 -38.50 -5.20
C ASP A 252 18.18 -37.34 -5.24
N PRO A 253 18.64 -36.13 -4.92
CA PRO A 253 17.80 -34.92 -4.91
C PRO A 253 17.02 -34.69 -6.21
N LEU A 254 17.68 -34.91 -7.35
CA LEU A 254 17.03 -34.70 -8.63
C LEU A 254 15.79 -35.54 -8.77
N SER A 255 15.92 -36.83 -8.48
CA SER A 255 14.80 -37.74 -8.59
C SER A 255 13.77 -37.48 -7.51
N LEU A 256 14.23 -37.07 -6.32
CA LEU A 256 13.32 -36.77 -5.23
C LEU A 256 12.43 -35.61 -5.64
N GLY A 257 13.05 -34.56 -6.19
CA GLY A 257 12.30 -33.41 -6.62
C GLY A 257 11.34 -33.73 -7.75
N LEU A 258 11.76 -34.60 -8.67
CA LEU A 258 10.88 -34.94 -9.79
C LEU A 258 9.72 -35.76 -9.29
N ALA A 259 9.94 -36.49 -8.20
CA ALA A 259 8.87 -37.29 -7.62
C ALA A 259 7.86 -36.34 -7.00
N VAL A 260 8.36 -35.35 -6.26
CA VAL A 260 7.48 -34.36 -5.64
C VAL A 260 6.71 -33.66 -6.74
N VAL A 261 7.43 -33.22 -7.76
CA VAL A 261 6.83 -32.54 -8.92
C VAL A 261 5.81 -33.46 -9.56
N GLY A 262 6.22 -34.70 -9.77
CA GLY A 262 5.35 -35.69 -10.37
C GLY A 262 4.07 -35.77 -9.59
N MET A 263 4.19 -35.92 -8.28
CA MET A 263 3.05 -36.03 -7.42
C MET A 263 2.18 -34.77 -7.47
N LEU A 264 2.81 -33.62 -7.59
CA LEU A 264 2.06 -32.37 -7.65
C LEU A 264 1.34 -32.24 -8.99
N ASN A 265 1.95 -32.72 -10.06
CA ASN A 265 1.29 -32.65 -11.35
C ASN A 265 0.09 -33.56 -11.30
N LYS A 266 0.22 -34.67 -10.58
CA LYS A 266 -0.87 -35.62 -10.47
C LYS A 266 -2.07 -34.92 -9.86
N LEU A 267 -1.90 -34.41 -8.64
CA LEU A 267 -2.95 -33.70 -7.93
C LEU A 267 -3.68 -32.71 -8.84
N GLN A 268 -2.93 -31.92 -9.60
CA GLN A 268 -3.53 -30.95 -10.49
C GLN A 268 -4.35 -31.59 -11.61
N GLY A 269 -4.05 -32.84 -11.94
CA GLY A 269 -4.80 -33.53 -12.97
C GLY A 269 -6.18 -33.96 -12.49
N VAL A 270 -6.23 -34.62 -11.33
CA VAL A 270 -7.48 -35.08 -10.74
C VAL A 270 -8.23 -33.89 -10.14
N ASN A 271 -7.62 -33.27 -9.14
CA ASN A 271 -8.22 -32.11 -8.50
C ASN A 271 -8.57 -31.08 -9.57
N GLY A 272 -7.82 -31.10 -10.67
CA GLY A 272 -8.06 -30.17 -11.76
C GLY A 272 -7.27 -28.87 -11.68
N SER A 273 -7.75 -27.94 -10.87
CA SER A 273 -7.09 -26.65 -10.72
C SER A 273 -5.63 -26.76 -10.32
N LYS A 274 -4.83 -25.81 -10.79
CA LYS A 274 -3.42 -25.80 -10.47
C LYS A 274 -3.16 -25.24 -9.07
N LEU A 275 -2.11 -25.74 -8.45
CA LEU A 275 -1.72 -25.26 -7.14
C LEU A 275 -1.28 -23.81 -7.34
N ALA A 276 -1.13 -23.09 -6.24
CA ALA A 276 -0.68 -21.71 -6.33
C ALA A 276 0.66 -21.72 -7.09
N TYR A 277 1.58 -22.56 -6.63
CA TYR A 277 2.90 -22.64 -7.26
C TYR A 277 3.76 -23.68 -6.55
N LEU A 278 4.91 -23.96 -7.17
CA LEU A 278 5.90 -24.85 -6.58
C LEU A 278 7.05 -23.88 -6.30
N HIS A 279 7.50 -23.85 -5.06
CA HIS A 279 8.57 -22.96 -4.65
C HIS A 279 9.76 -23.84 -4.27
N VAL A 280 10.89 -23.64 -4.94
CA VAL A 280 12.05 -24.47 -4.67
C VAL A 280 13.28 -23.63 -4.43
N THR A 281 13.88 -23.79 -3.25
CA THR A 281 15.08 -23.07 -2.91
C THR A 281 16.28 -23.82 -3.49
N GLN A 282 17.29 -23.07 -3.88
CA GLN A 282 18.51 -23.65 -4.42
C GLN A 282 19.52 -23.66 -3.27
N PRO A 283 20.35 -24.72 -3.19
CA PRO A 283 21.37 -24.82 -2.13
C PRO A 283 22.54 -23.93 -2.45
N ARG A 284 23.48 -23.82 -1.51
CA ARG A 284 24.67 -22.99 -1.70
C ARG A 284 25.94 -23.69 -1.21
N GLU A 300 26.01 -24.65 -13.43
CA GLU A 300 26.15 -25.50 -12.25
C GLU A 300 25.09 -26.59 -12.21
N GLU A 301 25.46 -27.74 -11.65
CA GLU A 301 24.57 -28.88 -11.52
C GLU A 301 23.29 -28.42 -10.82
N GLU A 302 23.49 -27.67 -9.73
CA GLU A 302 22.38 -27.14 -8.93
C GLU A 302 21.37 -26.50 -9.87
N ALA A 303 21.88 -25.75 -10.84
CA ALA A 303 21.07 -25.06 -11.83
C ALA A 303 20.30 -26.09 -12.68
N LYS A 304 20.94 -27.21 -12.99
CA LYS A 304 20.29 -28.26 -13.77
C LYS A 304 19.11 -28.81 -12.95
N LEU A 305 19.31 -29.00 -11.65
CA LEU A 305 18.25 -29.51 -10.80
C LEU A 305 17.04 -28.59 -10.89
N MET A 306 17.27 -27.31 -10.65
CA MET A 306 16.21 -26.31 -10.70
C MET A 306 15.68 -26.23 -12.11
N LYS A 307 16.50 -26.62 -13.08
CA LYS A 307 16.07 -26.57 -14.46
C LYS A 307 15.06 -27.69 -14.67
N SER A 308 15.49 -28.91 -14.37
CA SER A 308 14.65 -30.09 -14.52
C SER A 308 13.33 -29.92 -13.81
N LEU A 309 13.39 -29.58 -12.52
CA LEU A 309 12.18 -29.43 -11.70
C LEU A 309 11.14 -28.53 -12.33
N ARG A 310 11.54 -27.32 -12.70
CA ARG A 310 10.58 -26.41 -13.29
C ARG A 310 10.10 -26.96 -14.62
N MET A 311 10.98 -27.64 -15.35
CA MET A 311 10.58 -28.19 -16.64
C MET A 311 9.45 -29.19 -16.43
N ALA A 312 9.67 -30.10 -15.49
CA ALA A 312 8.69 -31.15 -15.18
C ALA A 312 7.41 -30.62 -14.54
N TYR A 313 7.56 -29.67 -13.63
CA TYR A 313 6.39 -29.16 -12.96
C TYR A 313 5.45 -28.44 -13.90
N ASN A 314 4.17 -28.79 -13.85
CA ASN A 314 3.21 -28.13 -14.71
C ASN A 314 2.56 -26.98 -13.97
N GLY A 315 3.25 -25.85 -13.96
CA GLY A 315 2.72 -24.68 -13.27
C GLY A 315 3.76 -23.66 -12.88
N THR A 316 3.29 -22.68 -12.11
CA THR A 316 4.09 -21.60 -11.61
C THR A 316 5.20 -22.12 -10.73
N PHE A 317 6.42 -21.72 -11.05
CA PHE A 317 7.60 -22.14 -10.33
C PHE A 317 8.29 -20.94 -9.72
N MET A 318 8.54 -21.04 -8.41
CA MET A 318 9.18 -19.99 -7.65
C MET A 318 10.52 -20.44 -7.10
N SER A 319 11.57 -19.72 -7.47
CA SER A 319 12.90 -20.05 -6.98
C SER A 319 13.28 -19.03 -5.93
N SER A 320 14.16 -19.43 -5.01
CA SER A 320 14.62 -18.56 -3.95
C SER A 320 15.97 -19.03 -3.47
N GLY A 321 16.67 -18.18 -2.72
CA GLY A 321 17.98 -18.55 -2.21
C GLY A 321 19.13 -17.96 -3.00
N GLY A 322 19.81 -17.00 -2.37
CA GLY A 322 20.97 -16.37 -3.00
C GLY A 322 20.72 -15.41 -4.15
N PHE A 323 19.47 -15.28 -4.58
CA PHE A 323 19.14 -14.38 -5.69
C PHE A 323 19.39 -12.92 -5.42
N ASN A 324 19.59 -12.17 -6.50
CA ASN A 324 19.76 -10.73 -6.45
C ASN A 324 18.90 -10.33 -7.64
N LYS A 325 18.92 -9.07 -8.04
CA LYS A 325 18.10 -8.64 -9.17
C LYS A 325 18.47 -9.39 -10.44
N GLU A 326 19.72 -9.27 -10.87
CA GLU A 326 20.18 -9.92 -12.09
C GLU A 326 19.78 -11.38 -12.15
N LEU A 327 20.17 -12.16 -11.14
CA LEU A 327 19.86 -13.58 -11.15
C LEU A 327 18.35 -13.77 -11.25
N GLY A 328 17.59 -12.90 -10.58
CA GLY A 328 16.15 -13.00 -10.63
C GLY A 328 15.65 -12.69 -12.03
N MET A 329 16.27 -11.67 -12.63
CA MET A 329 15.94 -11.25 -13.98
C MET A 329 16.21 -12.36 -15.00
N GLN A 330 17.37 -12.99 -14.92
CA GLN A 330 17.67 -14.05 -15.88
C GLN A 330 16.78 -15.26 -15.67
N ALA A 331 16.58 -15.67 -14.42
CA ALA A 331 15.72 -16.83 -14.14
C ALA A 331 14.40 -16.64 -14.87
N VAL A 332 13.73 -15.53 -14.60
CA VAL A 332 12.46 -15.24 -15.25
C VAL A 332 12.65 -15.11 -16.78
N GLN A 333 13.60 -14.29 -17.19
CA GLN A 333 13.86 -14.07 -18.61
C GLN A 333 13.99 -15.41 -19.34
N GLN A 334 14.84 -16.29 -18.83
CA GLN A 334 15.04 -17.60 -19.43
C GLN A 334 13.82 -18.49 -19.27
N GLY A 335 12.78 -17.96 -18.64
CA GLY A 335 11.56 -18.73 -18.46
C GLY A 335 11.68 -19.99 -17.61
N ASP A 336 12.69 -20.05 -16.75
CA ASP A 336 12.88 -21.20 -15.86
C ASP A 336 12.16 -20.90 -14.55
N ALA A 337 12.01 -19.62 -14.26
CA ALA A 337 11.35 -19.21 -13.03
C ALA A 337 10.26 -18.20 -13.31
N ASP A 338 9.09 -18.45 -12.74
CA ASP A 338 8.00 -17.51 -12.88
C ASP A 338 8.14 -16.52 -11.74
N LEU A 339 8.08 -17.05 -10.52
CA LEU A 339 8.19 -16.26 -9.30
C LEU A 339 9.58 -16.39 -8.73
N VAL A 340 10.03 -15.33 -8.06
CA VAL A 340 11.35 -15.30 -7.44
C VAL A 340 11.21 -14.60 -6.09
N SER A 341 11.67 -15.25 -5.03
CA SER A 341 11.57 -14.67 -3.71
C SER A 341 12.93 -14.40 -3.06
N TYR A 342 12.96 -13.38 -2.21
CA TYR A 342 14.17 -12.96 -1.54
C TYR A 342 13.95 -12.92 -0.02
N GLY A 343 15.02 -13.16 0.72
CA GLY A 343 14.95 -13.15 2.17
C GLY A 343 15.58 -11.97 2.91
N ARG A 344 16.88 -12.04 3.20
CA ARG A 344 17.52 -10.96 3.97
C ARG A 344 17.26 -9.61 3.35
N LEU A 345 17.37 -9.53 2.02
CA LEU A 345 17.14 -8.28 1.31
C LEU A 345 15.80 -7.66 1.63
N PHE A 346 14.77 -8.49 1.74
CA PHE A 346 13.43 -8.01 2.01
C PHE A 346 13.28 -7.59 3.45
N ILE A 347 14.06 -8.25 4.29
CA ILE A 347 14.08 -7.96 5.71
C ILE A 347 14.77 -6.62 5.89
N ALA A 348 15.87 -6.44 5.18
CA ALA A 348 16.64 -5.21 5.28
C ALA A 348 16.14 -4.12 4.33
N ASN A 349 15.26 -4.51 3.40
CA ASN A 349 14.73 -3.54 2.43
C ASN A 349 13.22 -3.63 2.28
N PRO A 350 12.51 -2.79 3.03
CA PRO A 350 11.05 -2.82 2.93
C PRO A 350 10.64 -2.67 1.47
N ASP A 351 11.27 -1.71 0.78
CA ASP A 351 10.97 -1.45 -0.62
C ASP A 351 11.93 -2.16 -1.56
N LEU A 352 12.12 -3.46 -1.34
CA LEU A 352 13.03 -4.23 -2.17
C LEU A 352 12.61 -4.18 -3.66
N VAL A 353 11.31 -4.23 -3.92
CA VAL A 353 10.84 -4.21 -5.30
C VAL A 353 11.21 -2.91 -5.99
N SER A 354 11.14 -1.81 -5.26
CA SER A 354 11.48 -0.51 -5.82
C SER A 354 12.97 -0.47 -6.13
N ARG A 355 13.76 -1.06 -5.25
CA ARG A 355 15.20 -1.09 -5.42
C ARG A 355 15.61 -1.73 -6.74
N PHE A 356 15.07 -2.90 -7.01
CA PHE A 356 15.41 -3.61 -8.24
C PHE A 356 14.97 -2.80 -9.47
N LYS A 357 13.84 -2.13 -9.34
CA LYS A 357 13.30 -1.35 -10.46
C LYS A 357 14.24 -0.19 -10.83
N ILE A 358 14.49 0.70 -9.89
CA ILE A 358 15.36 1.83 -10.17
C ILE A 358 16.82 1.39 -10.15
N ASP A 359 17.06 0.08 -10.18
CA ASP A 359 18.42 -0.47 -10.14
C ASP A 359 19.21 0.28 -9.07
N GLY A 360 18.57 0.58 -7.95
CA GLY A 360 19.21 1.29 -6.86
C GLY A 360 20.06 0.37 -5.98
N GLU A 361 20.49 0.87 -4.83
CA GLU A 361 21.33 0.09 -3.92
C GLU A 361 20.49 -0.87 -3.07
N LEU A 362 21.07 -1.31 -1.94
CA LEU A 362 20.39 -2.23 -1.03
C LEU A 362 20.96 -2.09 0.38
N ASN A 363 20.07 -1.93 1.36
CA ASN A 363 20.51 -1.81 2.75
C ASN A 363 21.21 -3.12 3.10
N LYS A 364 22.03 -3.10 4.13
CA LYS A 364 22.71 -4.30 4.55
C LYS A 364 21.82 -5.09 5.49
N TYR A 365 21.69 -6.39 5.26
CA TYR A 365 20.88 -7.20 6.15
C TYR A 365 21.67 -7.23 7.47
N ASN A 366 20.97 -7.29 8.59
CA ASN A 366 21.63 -7.33 9.89
C ASN A 366 21.28 -8.67 10.51
N ARG A 367 22.18 -9.64 10.32
CA ARG A 367 21.98 -11.00 10.82
C ARG A 367 21.69 -11.16 12.32
N LYS A 368 22.27 -10.32 13.16
CA LYS A 368 22.05 -10.46 14.59
C LYS A 368 20.66 -10.09 15.12
N THR A 369 19.76 -9.65 14.25
CA THR A 369 18.44 -9.28 14.72
C THR A 369 17.30 -9.87 13.91
N PHE A 370 17.62 -10.81 13.03
CA PHE A 370 16.59 -11.44 12.23
C PHE A 370 15.72 -12.34 13.10
N TYR A 371 16.31 -12.80 14.20
CA TYR A 371 15.64 -13.73 15.10
C TYR A 371 15.34 -13.23 16.51
N THR A 372 15.47 -11.93 16.74
CA THR A 372 15.18 -11.36 18.06
C THR A 372 13.69 -10.99 18.12
N GLN A 373 13.26 -10.44 19.25
CA GLN A 373 11.84 -10.12 19.41
C GLN A 373 11.36 -8.67 19.35
N ASP A 374 12.23 -7.72 19.03
CA ASP A 374 11.77 -6.36 19.00
C ASP A 374 10.87 -6.05 17.82
N PRO A 375 9.70 -5.45 18.09
CA PRO A 375 8.71 -5.09 17.08
C PRO A 375 9.19 -3.97 16.17
N VAL A 376 10.40 -3.50 16.44
CA VAL A 376 10.98 -2.42 15.66
C VAL A 376 12.38 -2.78 15.25
N VAL A 377 13.34 -2.49 16.11
CA VAL A 377 14.75 -2.74 15.85
C VAL A 377 15.04 -4.10 15.25
N GLY A 378 15.94 -4.11 14.28
CA GLY A 378 16.30 -5.34 13.60
C GLY A 378 15.02 -5.99 13.10
N TYR A 379 14.18 -5.21 12.43
CA TYR A 379 12.94 -5.73 11.90
C TYR A 379 12.22 -4.74 10.98
N THR A 380 11.53 -3.76 11.55
CA THR A 380 10.81 -2.76 10.77
C THR A 380 11.56 -1.43 10.67
N ASP A 381 12.78 -1.37 11.18
CA ASP A 381 13.51 -0.11 11.14
C ASP A 381 14.54 0.01 10.03
N TYR A 382 14.53 -0.90 9.06
CA TYR A 382 15.45 -0.79 7.96
C TYR A 382 14.84 0.33 7.10
N PRO A 383 15.68 1.24 6.59
CA PRO A 383 15.25 2.38 5.78
C PRO A 383 14.69 2.17 4.39
N PHE A 384 13.62 2.90 4.11
CA PHE A 384 12.99 2.89 2.79
C PHE A 384 13.95 3.76 2.00
N LEU A 385 13.92 3.63 0.67
CA LEU A 385 14.79 4.42 -0.19
C LEU A 385 14.51 5.90 0.03
N ALA A 386 15.53 6.74 -0.17
CA ALA A 386 15.35 8.18 -0.05
C ALA A 386 14.77 8.59 -1.42
N PRO A 387 13.98 9.67 -1.48
CA PRO A 387 13.39 10.15 -2.74
C PRO A 387 14.36 10.26 -3.93
N ASN B 9 -6.59 41.07 17.36
CA ASN B 9 -5.39 41.80 16.82
C ASN B 9 -4.93 41.27 15.47
N GLU B 10 -4.49 40.02 15.44
CA GLU B 10 -4.00 39.37 14.22
C GLU B 10 -4.98 39.64 13.11
N THR B 11 -4.47 39.89 11.91
CA THR B 11 -5.34 40.18 10.77
C THR B 11 -5.00 39.32 9.57
N LEU B 12 -5.70 39.57 8.45
CA LEU B 12 -5.45 38.85 7.21
C LEU B 12 -4.07 39.23 6.70
N PHE B 13 -3.58 40.39 7.15
CA PHE B 13 -2.28 40.86 6.72
C PHE B 13 -1.17 40.57 7.71
N SER B 14 -1.43 39.70 8.68
CA SER B 14 -0.40 39.36 9.64
C SER B 14 0.46 38.21 9.14
N SER B 15 1.73 38.26 9.50
CA SER B 15 2.66 37.22 9.13
C SER B 15 2.14 35.94 9.77
N TYR B 16 2.61 34.81 9.30
CA TYR B 16 2.16 33.55 9.86
C TYR B 16 3.21 32.46 9.74
N LYS B 17 3.31 31.66 10.80
CA LYS B 17 4.27 30.56 10.80
C LYS B 17 3.53 29.29 10.39
N MET B 18 3.46 29.02 9.10
CA MET B 18 2.82 27.80 8.61
C MET B 18 3.90 26.71 8.64
N GLY B 19 4.18 26.19 9.83
CA GLY B 19 5.21 25.18 9.96
C GLY B 19 6.49 25.74 9.36
N ARG B 20 7.13 24.94 8.52
CA ARG B 20 8.37 25.33 7.87
C ARG B 20 8.18 26.47 6.86
N PHE B 21 6.98 27.02 6.80
CA PHE B 21 6.73 28.11 5.87
C PHE B 21 6.29 29.36 6.60
N ASP B 22 7.04 30.44 6.39
CA ASP B 22 6.74 31.71 7.03
C ASP B 22 6.04 32.65 6.07
N LEU B 23 4.74 32.78 6.24
CA LEU B 23 3.97 33.68 5.39
C LEU B 23 4.02 35.07 5.97
N SER B 24 3.93 36.06 5.09
CA SER B 24 3.96 37.45 5.48
C SER B 24 2.55 38.05 5.44
N HIS B 25 1.57 37.19 5.23
CA HIS B 25 0.16 37.62 5.19
C HIS B 25 -0.68 36.39 4.95
N ARG B 26 -1.92 36.47 5.40
CA ARG B 26 -2.84 35.35 5.34
C ARG B 26 -3.38 35.02 3.96
N VAL B 27 -3.93 36.02 3.28
CA VAL B 27 -4.51 35.83 1.97
C VAL B 27 -3.77 34.75 1.18
N VAL B 28 -4.46 33.65 0.91
CA VAL B 28 -3.90 32.51 0.20
C VAL B 28 -4.54 32.39 -1.17
N LEU B 29 -3.80 31.80 -2.10
CA LEU B 29 -4.34 31.57 -3.44
C LEU B 29 -4.82 30.12 -3.41
N ALA B 30 -6.14 29.99 -3.20
CA ALA B 30 -6.84 28.73 -3.15
C ALA B 30 -6.61 28.04 -4.49
N PRO B 31 -6.65 26.71 -4.52
CA PRO B 31 -6.45 25.91 -5.74
C PRO B 31 -7.66 26.16 -6.64
N MET B 32 -7.43 26.51 -7.90
CA MET B 32 -8.53 26.79 -8.80
C MET B 32 -8.41 26.24 -10.21
N THR B 33 -9.34 25.38 -10.59
CA THR B 33 -9.35 24.84 -11.94
C THR B 33 -9.69 25.95 -12.93
N ARG B 34 -8.88 26.07 -13.99
CA ARG B 34 -9.12 27.10 -14.99
C ARG B 34 -8.99 26.50 -16.39
N CYS B 35 -8.33 25.36 -16.47
CA CYS B 35 -8.15 24.67 -17.75
C CYS B 35 -7.30 25.43 -18.77
N ARG B 36 -6.18 25.99 -18.32
CA ARG B 36 -5.27 26.69 -19.23
C ARG B 36 -4.05 25.83 -19.51
N ALA B 37 -4.00 24.66 -18.90
CA ALA B 37 -2.89 23.73 -19.09
C ALA B 37 -3.21 22.81 -20.26
N LEU B 38 -3.03 23.34 -21.46
CA LEU B 38 -3.31 22.60 -22.68
C LEU B 38 -2.71 21.20 -22.73
N ASN B 39 -3.56 20.22 -22.99
CA ASN B 39 -3.11 18.84 -23.10
C ASN B 39 -2.42 18.35 -21.83
N GLY B 40 -2.85 18.90 -20.70
CA GLY B 40 -2.35 18.49 -19.41
C GLY B 40 -0.96 18.93 -19.01
N VAL B 41 -0.32 19.74 -19.83
CA VAL B 41 1.04 20.17 -19.53
C VAL B 41 1.08 21.62 -19.08
N PRO B 42 1.74 21.90 -17.95
CA PRO B 42 1.85 23.28 -17.44
C PRO B 42 2.60 24.07 -18.51
N ASN B 43 2.47 25.39 -18.50
CA ASN B 43 3.15 26.18 -19.52
C ASN B 43 3.43 27.62 -19.09
N ALA B 44 4.07 28.38 -19.98
CA ALA B 44 4.42 29.78 -19.69
C ALA B 44 3.21 30.51 -19.12
N ALA B 45 2.03 30.26 -19.68
CA ALA B 45 0.80 30.91 -19.24
C ALA B 45 0.53 30.73 -17.74
N LEU B 46 0.37 29.48 -17.30
CA LEU B 46 0.15 29.23 -15.89
C LEU B 46 1.23 29.88 -15.05
N ALA B 47 2.44 29.95 -15.61
CA ALA B 47 3.55 30.55 -14.91
C ALA B 47 3.26 32.03 -14.72
N GLU B 48 2.64 32.64 -15.74
CA GLU B 48 2.30 34.06 -15.68
C GLU B 48 1.12 34.30 -14.73
N TYR B 49 0.09 33.47 -14.86
CA TYR B 49 -1.11 33.58 -14.04
C TYR B 49 -0.78 33.52 -12.54
N TYR B 50 0.01 32.51 -12.14
CA TYR B 50 0.35 32.38 -10.74
C TYR B 50 1.26 33.53 -10.36
N ALA B 51 2.12 33.91 -11.32
CA ALA B 51 3.05 35.02 -11.12
C ALA B 51 2.25 36.26 -10.76
N GLN B 52 1.30 36.61 -11.62
CA GLN B 52 0.48 37.79 -11.38
C GLN B 52 -0.09 37.79 -9.98
N ARG B 53 -0.30 36.60 -9.44
CA ARG B 53 -0.91 36.50 -8.11
C ARG B 53 0.04 36.26 -6.97
N THR B 54 1.31 35.98 -7.26
CA THR B 54 2.21 35.75 -6.14
C THR B 54 2.80 37.05 -5.59
N THR B 55 3.05 37.02 -4.29
CA THR B 55 3.60 38.13 -3.55
C THR B 55 4.57 37.55 -2.54
N PRO B 56 5.55 38.35 -2.13
CA PRO B 56 6.53 37.89 -1.14
C PRO B 56 5.82 37.40 0.09
N GLY B 57 6.18 36.21 0.55
CA GLY B 57 5.55 35.65 1.74
C GLY B 57 4.12 35.19 1.53
N GLY B 58 3.67 35.15 0.28
CA GLY B 58 2.32 34.70 0.00
C GLY B 58 2.29 33.21 -0.31
N PHE B 59 1.23 32.54 0.13
CA PHE B 59 1.09 31.10 -0.10
C PHE B 59 0.11 30.84 -1.24
N LEU B 60 0.54 30.02 -2.19
CA LEU B 60 -0.31 29.68 -3.32
C LEU B 60 -0.54 28.18 -3.35
N ILE B 61 -1.68 27.79 -3.89
CA ILE B 61 -2.03 26.41 -4.06
C ILE B 61 -2.42 26.31 -5.52
N SER B 62 -1.87 25.31 -6.20
CA SER B 62 -2.16 25.14 -7.60
C SER B 62 -3.55 24.63 -7.86
N GLU B 63 -3.98 24.82 -9.10
CA GLU B 63 -5.26 24.37 -9.59
C GLU B 63 -5.26 22.83 -9.44
N GLY B 64 -6.43 22.22 -9.36
CA GLY B 64 -6.47 20.79 -9.23
C GLY B 64 -5.56 20.16 -10.28
N THR B 65 -4.62 19.33 -9.83
CA THR B 65 -3.66 18.71 -10.72
C THR B 65 -3.76 17.20 -10.71
N MET B 66 -3.92 16.62 -11.90
CA MET B 66 -4.05 15.18 -12.06
C MET B 66 -2.90 14.39 -11.47
N VAL B 67 -3.25 13.31 -10.79
CA VAL B 67 -2.24 12.42 -10.22
C VAL B 67 -2.11 11.26 -11.20
N SER B 68 -2.99 11.21 -12.19
CA SER B 68 -2.95 10.15 -13.20
C SER B 68 -3.93 10.42 -14.33
N PRO B 69 -3.75 9.71 -15.46
CA PRO B 69 -4.65 9.91 -16.59
C PRO B 69 -6.01 9.50 -16.06
N GLY B 70 -7.06 10.19 -16.47
CA GLY B 70 -8.37 9.80 -15.98
C GLY B 70 -8.65 10.37 -14.60
N SER B 71 -7.63 10.91 -13.92
CA SER B 71 -7.87 11.48 -12.60
C SER B 71 -8.54 12.83 -12.76
N ALA B 72 -8.58 13.33 -14.00
CA ALA B 72 -9.17 14.62 -14.28
C ALA B 72 -10.61 14.48 -14.79
N GLY B 73 -11.41 15.51 -14.55
CA GLY B 73 -12.79 15.48 -15.00
C GLY B 73 -13.10 16.82 -15.63
N PHE B 74 -12.04 17.50 -16.04
CA PHE B 74 -12.13 18.82 -16.66
C PHE B 74 -11.17 18.87 -17.85
N PRO B 75 -11.43 19.78 -18.79
CA PRO B 75 -10.57 19.89 -19.96
C PRO B 75 -9.28 20.63 -19.64
N HIS B 76 -8.21 20.22 -20.33
CA HIS B 76 -6.91 20.85 -20.18
C HIS B 76 -6.45 21.29 -18.80
N VAL B 77 -6.26 20.31 -17.94
CA VAL B 77 -5.80 20.56 -16.61
C VAL B 77 -4.45 19.91 -16.56
N PRO B 78 -3.54 20.46 -15.74
CA PRO B 78 -2.20 19.89 -15.63
C PRO B 78 -2.16 18.62 -14.80
N GLY B 79 -1.06 17.90 -14.95
CA GLY B 79 -0.86 16.68 -14.19
C GLY B 79 0.50 16.80 -13.54
N ILE B 80 0.79 15.89 -12.62
CA ILE B 80 2.08 15.91 -11.95
C ILE B 80 2.47 14.46 -11.68
N TYR B 81 2.25 13.60 -12.67
CA TYR B 81 2.56 12.19 -12.52
C TYR B 81 3.53 11.66 -13.57
N SER B 82 4.08 12.55 -14.39
CA SER B 82 5.03 12.16 -15.43
C SER B 82 6.16 13.19 -15.51
N ASP B 83 7.26 12.81 -16.14
CA ASP B 83 8.41 13.70 -16.26
C ASP B 83 8.09 14.95 -17.07
N GLU B 84 7.35 14.78 -18.16
CA GLU B 84 7.00 15.92 -19.01
C GLU B 84 6.27 17.03 -18.24
N GLN B 85 5.30 16.65 -17.43
CA GLN B 85 4.54 17.62 -16.66
C GLN B 85 5.45 18.32 -15.69
N VAL B 86 6.34 17.55 -15.07
CA VAL B 86 7.28 18.09 -14.11
C VAL B 86 8.10 19.21 -14.74
N GLU B 87 8.76 18.93 -15.85
CA GLU B 87 9.57 19.95 -16.50
C GLU B 87 8.74 21.21 -16.71
N ALA B 88 7.56 21.06 -17.30
CA ALA B 88 6.68 22.20 -17.55
C ALA B 88 6.25 22.91 -16.27
N TRP B 89 6.40 22.24 -15.13
CA TRP B 89 6.02 22.84 -13.85
C TRP B 89 7.17 23.63 -13.25
N LYS B 90 8.39 23.22 -13.59
CA LYS B 90 9.58 23.87 -13.07
C LYS B 90 9.42 25.37 -13.27
N GLN B 91 9.07 25.74 -14.50
CA GLN B 91 8.89 27.13 -14.86
C GLN B 91 7.87 27.80 -13.98
N VAL B 92 6.64 27.28 -13.99
CA VAL B 92 5.59 27.88 -13.19
C VAL B 92 6.08 28.18 -11.77
N VAL B 93 6.50 27.15 -11.07
CA VAL B 93 6.98 27.29 -9.71
C VAL B 93 8.08 28.34 -9.64
N GLU B 94 8.89 28.44 -10.69
CA GLU B 94 9.94 29.46 -10.67
C GLU B 94 9.30 30.84 -10.72
N ALA B 95 8.32 31.01 -11.60
CA ALA B 95 7.64 32.28 -11.73
C ALA B 95 7.08 32.75 -10.38
N VAL B 96 6.54 31.82 -9.60
CA VAL B 96 6.00 32.12 -8.28
C VAL B 96 7.12 32.33 -7.29
N HIS B 97 8.09 31.43 -7.30
CA HIS B 97 9.18 31.54 -6.36
C HIS B 97 10.01 32.80 -6.56
N ALA B 98 10.19 33.23 -7.80
CA ALA B 98 10.99 34.43 -8.06
C ALA B 98 10.36 35.62 -7.35
N LYS B 99 9.03 35.65 -7.25
CA LYS B 99 8.36 36.75 -6.58
C LYS B 99 8.16 36.52 -5.08
N GLY B 100 8.95 35.61 -4.52
CA GLY B 100 8.86 35.35 -3.09
C GLY B 100 7.62 34.63 -2.61
N GLY B 101 6.89 34.03 -3.54
CA GLY B 101 5.68 33.33 -3.17
C GLY B 101 5.83 31.83 -3.14
N PHE B 102 5.25 31.20 -2.12
CA PHE B 102 5.29 29.75 -2.01
C PHE B 102 4.09 29.18 -2.75
N ILE B 103 4.15 27.90 -3.08
CA ILE B 103 3.05 27.29 -3.78
C ILE B 103 3.05 25.79 -3.65
N PHE B 104 1.87 25.25 -3.37
CA PHE B 104 1.69 23.83 -3.25
C PHE B 104 0.93 23.40 -4.49
N CYS B 105 1.10 22.16 -4.89
CA CYS B 105 0.38 21.68 -6.05
C CYS B 105 -0.79 20.89 -5.49
N GLN B 106 -2.01 21.22 -5.90
CA GLN B 106 -3.13 20.44 -5.40
C GLN B 106 -3.22 19.12 -6.17
N LEU B 107 -3.08 18.01 -5.45
CA LEU B 107 -3.15 16.68 -6.02
C LEU B 107 -4.62 16.34 -6.06
N TRP B 108 -5.12 16.25 -7.28
CA TRP B 108 -6.54 16.05 -7.52
C TRP B 108 -7.01 14.80 -8.25
N HIS B 109 -8.00 14.14 -7.69
CA HIS B 109 -8.56 13.01 -8.37
C HIS B 109 -10.07 13.18 -8.27
N VAL B 110 -10.71 13.38 -9.42
CA VAL B 110 -12.15 13.61 -9.50
C VAL B 110 -13.01 12.37 -9.31
N GLY B 111 -12.39 11.20 -9.31
CA GLY B 111 -13.15 9.99 -9.16
C GLY B 111 -14.25 9.90 -10.21
N ARG B 112 -15.49 9.80 -9.78
CA ARG B 112 -16.59 9.66 -10.72
C ARG B 112 -16.97 10.97 -11.41
N ALA B 113 -16.39 12.07 -10.96
CA ALA B 113 -16.70 13.36 -11.57
C ALA B 113 -15.84 13.51 -12.80
N SER B 114 -16.00 12.59 -13.72
CA SER B 114 -15.22 12.62 -14.93
C SER B 114 -16.05 12.07 -16.08
N HIS B 115 -15.39 11.67 -17.15
CA HIS B 115 -16.10 11.17 -18.31
C HIS B 115 -15.15 10.28 -19.09
N ALA B 116 -15.70 9.35 -19.86
CA ALA B 116 -14.89 8.44 -20.69
C ALA B 116 -13.86 9.21 -21.49
N VAL B 117 -14.22 10.43 -21.89
CA VAL B 117 -13.33 11.26 -22.68
C VAL B 117 -12.02 11.54 -21.93
N TYR B 118 -12.08 11.55 -20.60
CA TYR B 118 -10.90 11.84 -19.79
C TYR B 118 -10.16 10.62 -19.26
N GLN B 119 -10.87 9.50 -19.16
CA GLN B 119 -10.28 8.29 -18.62
C GLN B 119 -9.37 7.63 -19.63
N PRO B 120 -8.44 6.78 -19.15
CA PRO B 120 -7.53 6.10 -20.08
C PRO B 120 -8.37 5.12 -20.88
N ASN B 121 -8.07 4.97 -22.16
CA ASN B 121 -8.80 4.05 -23.01
C ASN B 121 -10.31 4.24 -23.03
N GLY B 122 -10.73 5.49 -22.88
CA GLY B 122 -12.14 5.82 -22.89
C GLY B 122 -12.96 4.92 -21.98
N GLY B 123 -12.41 4.56 -20.83
CA GLY B 123 -13.12 3.69 -19.92
C GLY B 123 -13.95 4.47 -18.91
N SER B 124 -14.45 3.74 -17.91
CA SER B 124 -15.26 4.34 -16.89
C SER B 124 -14.45 4.98 -15.78
N PRO B 125 -14.87 6.16 -15.33
CA PRO B 125 -14.16 6.85 -14.24
C PRO B 125 -14.22 5.92 -13.03
N ILE B 126 -13.21 5.98 -12.18
CA ILE B 126 -13.19 5.13 -11.00
C ILE B 126 -13.75 5.87 -9.79
N SER B 127 -14.24 5.10 -8.82
CA SER B 127 -14.82 5.68 -7.63
C SER B 127 -14.96 4.65 -6.53
N SER B 128 -15.43 5.10 -5.37
CA SER B 128 -15.65 4.21 -4.27
C SER B 128 -16.90 3.42 -4.59
N THR B 129 -17.73 4.01 -5.45
CA THR B 129 -19.04 3.44 -5.81
C THR B 129 -19.23 3.22 -7.32
N ASN B 130 -20.28 2.47 -7.66
CA ASN B 130 -20.64 2.21 -9.04
C ASN B 130 -21.82 3.13 -9.37
N LYS B 131 -22.16 3.99 -8.42
CA LYS B 131 -23.27 4.92 -8.59
C LYS B 131 -22.80 6.22 -9.22
N PRO B 132 -23.49 6.67 -10.26
CA PRO B 132 -23.15 7.92 -10.96
C PRO B 132 -23.61 9.13 -10.20
N ILE B 133 -22.99 10.25 -10.52
CA ILE B 133 -23.35 11.54 -9.95
C ILE B 133 -24.72 11.81 -10.60
N SER B 134 -25.66 12.34 -9.82
CA SER B 134 -26.99 12.60 -10.35
C SER B 134 -26.97 13.29 -11.71
N GLU B 135 -27.89 12.85 -12.58
CA GLU B 135 -28.04 13.39 -13.94
C GLU B 135 -28.60 14.80 -13.95
N ASN B 136 -29.58 15.04 -13.08
CA ASN B 136 -30.22 16.32 -12.96
C ASN B 136 -29.34 17.54 -13.24
N ARG B 137 -28.87 18.17 -12.17
CA ARG B 137 -28.06 19.38 -12.25
C ARG B 137 -26.63 19.26 -12.77
N TRP B 138 -25.85 18.42 -12.11
CA TRP B 138 -24.45 18.21 -12.46
C TRP B 138 -24.26 17.79 -13.91
N ARG B 139 -23.31 18.41 -14.59
CA ARG B 139 -23.02 18.10 -15.98
C ARG B 139 -21.59 18.41 -16.36
N VAL B 140 -20.75 17.38 -16.26
CA VAL B 140 -19.33 17.50 -16.57
C VAL B 140 -19.10 18.23 -17.91
N LEU B 141 -18.07 19.07 -17.94
CA LEU B 141 -17.73 19.83 -19.14
C LEU B 141 -16.69 19.08 -19.95
N LEU B 142 -16.97 18.88 -21.24
CA LEU B 142 -16.05 18.17 -22.13
C LEU B 142 -15.16 19.19 -22.82
N PRO B 143 -14.05 18.74 -23.43
CA PRO B 143 -13.11 19.61 -24.12
C PRO B 143 -13.72 20.44 -25.27
N ASP B 144 -14.77 19.93 -25.91
CA ASP B 144 -15.38 20.66 -27.02
C ASP B 144 -16.31 21.73 -26.48
N GLY B 145 -16.33 21.87 -25.16
CA GLY B 145 -17.16 22.89 -24.56
C GLY B 145 -18.57 22.45 -24.21
N SER B 146 -18.94 21.21 -24.55
CA SER B 146 -20.28 20.74 -24.23
C SER B 146 -20.37 20.27 -22.77
N HIS B 147 -21.59 20.21 -22.24
CA HIS B 147 -21.83 19.77 -20.87
C HIS B 147 -22.73 18.55 -20.88
N VAL B 148 -22.20 17.39 -20.51
CA VAL B 148 -22.99 16.16 -20.48
C VAL B 148 -23.09 15.56 -19.08
N LYS B 149 -24.09 14.71 -18.88
CA LYS B 149 -24.30 14.05 -17.61
C LYS B 149 -23.05 13.23 -17.25
N TYR B 150 -22.92 12.93 -15.96
CA TYR B 150 -21.79 12.12 -15.49
C TYR B 150 -22.08 10.66 -15.80
N PRO B 151 -21.05 9.89 -16.16
CA PRO B 151 -21.32 8.49 -16.46
C PRO B 151 -21.32 7.60 -15.23
N LYS B 152 -21.73 6.36 -15.44
CA LYS B 152 -21.73 5.37 -14.38
C LYS B 152 -20.26 5.07 -14.07
N PRO B 153 -19.82 5.37 -12.84
CA PRO B 153 -18.43 5.09 -12.51
C PRO B 153 -18.26 3.61 -12.16
N ARG B 154 -17.02 3.17 -12.07
CA ARG B 154 -16.74 1.79 -11.70
C ARG B 154 -16.09 1.87 -10.33
N ALA B 155 -16.69 1.18 -9.35
CA ALA B 155 -16.12 1.20 -8.01
C ALA B 155 -14.81 0.42 -7.99
N LEU B 156 -13.76 1.07 -7.49
CA LEU B 156 -12.45 0.45 -7.39
C LEU B 156 -12.55 -0.82 -6.57
N GLU B 157 -11.73 -1.80 -6.91
CA GLU B 157 -11.67 -3.05 -6.16
C GLU B 157 -10.78 -2.66 -4.99
N ALA B 158 -10.81 -3.44 -3.91
CA ALA B 158 -9.96 -3.13 -2.76
C ALA B 158 -8.48 -3.13 -3.17
N SER B 159 -8.13 -3.87 -4.21
CA SER B 159 -6.73 -3.96 -4.64
C SER B 159 -6.28 -2.77 -5.48
N GLU B 160 -7.22 -2.07 -6.10
CA GLU B 160 -6.86 -0.92 -6.92
C GLU B 160 -6.58 0.30 -6.07
N ILE B 161 -7.29 0.42 -4.95
CA ILE B 161 -7.12 1.58 -4.09
C ILE B 161 -5.65 1.89 -3.82
N PRO B 162 -4.84 0.89 -3.43
CA PRO B 162 -3.43 1.20 -3.17
C PRO B 162 -2.68 1.69 -4.41
N ARG B 163 -3.15 1.32 -5.60
CA ARG B 163 -2.48 1.81 -6.80
C ARG B 163 -2.68 3.32 -6.91
N VAL B 164 -3.90 3.77 -6.68
CA VAL B 164 -4.22 5.18 -6.77
C VAL B 164 -3.30 5.93 -5.82
N VAL B 165 -3.14 5.38 -4.62
CA VAL B 165 -2.26 5.99 -3.64
C VAL B 165 -0.87 6.25 -4.22
N GLU B 166 -0.29 5.24 -4.86
CA GLU B 166 1.04 5.38 -5.48
C GLU B 166 1.07 6.62 -6.34
N ASP B 167 0.03 6.77 -7.16
CA ASP B 167 -0.08 7.94 -8.05
C ASP B 167 -0.01 9.20 -7.22
N TYR B 168 -0.71 9.21 -6.10
CA TYR B 168 -0.67 10.39 -5.22
C TYR B 168 0.78 10.53 -4.75
N CYS B 169 1.44 9.38 -4.54
CA CYS B 169 2.82 9.38 -4.08
C CYS B 169 3.78 9.85 -5.17
N LEU B 170 3.71 9.24 -6.34
CA LEU B 170 4.59 9.63 -7.43
C LEU B 170 4.36 11.09 -7.79
N SER B 171 3.12 11.53 -7.61
CA SER B 171 2.76 12.90 -7.94
C SER B 171 3.34 13.86 -6.92
N ALA B 172 3.36 13.43 -5.66
CA ALA B 172 3.87 14.28 -4.59
C ALA B 172 5.35 14.52 -4.89
N LEU B 173 6.03 13.47 -5.30
CA LEU B 173 7.45 13.57 -5.63
C LEU B 173 7.63 14.48 -6.82
N ASN B 174 6.83 14.23 -7.84
CA ASN B 174 6.87 15.03 -9.06
C ASN B 174 6.60 16.50 -8.74
N ALA B 175 5.88 16.72 -7.65
CA ALA B 175 5.55 18.06 -7.24
C ALA B 175 6.82 18.72 -6.68
N ILE B 176 7.52 17.99 -5.83
CA ILE B 176 8.74 18.49 -5.24
C ILE B 176 9.74 18.73 -6.37
N ARG B 177 9.92 17.72 -7.20
CA ARG B 177 10.84 17.81 -8.33
C ARG B 177 10.45 19.03 -9.18
N ALA B 178 9.20 19.45 -9.06
CA ALA B 178 8.73 20.60 -9.81
C ALA B 178 9.14 21.92 -9.16
N GLY B 179 9.64 21.83 -7.93
CA GLY B 179 10.04 23.01 -7.19
C GLY B 179 9.00 23.40 -6.16
N PHE B 180 7.88 22.69 -6.14
CA PHE B 180 6.82 22.98 -5.18
C PHE B 180 7.34 22.81 -3.76
N ASP B 181 6.74 23.59 -2.87
CA ASP B 181 7.09 23.57 -1.45
C ASP B 181 6.45 22.40 -0.71
N GLY B 182 5.53 21.72 -1.40
CA GLY B 182 4.84 20.58 -0.82
C GLY B 182 3.74 20.12 -1.77
N ILE B 183 2.59 19.78 -1.21
CA ILE B 183 1.45 19.36 -2.00
C ILE B 183 0.18 19.59 -1.20
N GLU B 184 -0.92 19.88 -1.89
CA GLU B 184 -2.19 20.06 -1.21
C GLU B 184 -3.09 18.98 -1.78
N ILE B 185 -3.54 18.07 -0.93
CA ILE B 185 -4.41 16.99 -1.37
C ILE B 185 -5.82 17.49 -1.57
N HIS B 186 -6.44 17.08 -2.66
CA HIS B 186 -7.80 17.50 -2.90
C HIS B 186 -8.73 16.43 -2.37
N GLY B 187 -8.95 16.40 -1.06
CA GLY B 187 -9.85 15.40 -0.49
C GLY B 187 -11.23 16.02 -0.20
N ALA B 188 -11.75 16.79 -1.16
CA ALA B 188 -13.04 17.45 -0.96
C ALA B 188 -13.86 17.62 -2.23
N HIS B 189 -15.03 18.24 -2.07
CA HIS B 189 -15.92 18.57 -3.18
C HIS B 189 -16.52 17.47 -4.07
N GLY B 190 -16.79 16.31 -3.48
CA GLY B 190 -17.40 15.24 -4.25
C GLY B 190 -16.46 14.48 -5.17
N TYR B 191 -15.18 14.84 -5.15
CA TYR B 191 -14.21 14.14 -5.97
C TYR B 191 -13.81 12.81 -5.33
N LEU B 192 -12.90 12.07 -5.95
CA LEU B 192 -12.53 10.74 -5.46
C LEU B 192 -12.46 10.54 -3.96
N ILE B 193 -11.57 11.26 -3.28
CA ILE B 193 -11.44 11.10 -1.85
C ILE B 193 -12.76 11.36 -1.13
N ASP B 194 -13.46 12.42 -1.53
CA ASP B 194 -14.73 12.74 -0.89
C ASP B 194 -15.77 11.67 -1.18
N GLN B 195 -15.62 11.01 -2.34
CA GLN B 195 -16.55 9.94 -2.73
C GLN B 195 -16.43 8.77 -1.74
N PHE B 196 -15.32 8.71 -1.00
CA PHE B 196 -15.16 7.67 0.02
C PHE B 196 -15.64 8.23 1.36
N LEU B 197 -15.33 9.49 1.60
CA LEU B 197 -15.69 10.17 2.86
C LEU B 197 -17.18 10.44 3.07
N LYS B 198 -17.91 10.69 2.00
CA LYS B 198 -19.33 11.00 2.13
C LYS B 198 -20.19 9.75 1.99
N ASP B 199 -20.99 9.43 3.00
CA ASP B 199 -21.82 8.23 2.88
C ASP B 199 -22.94 8.46 1.89
N GLY B 200 -23.23 9.73 1.59
CA GLY B 200 -24.26 10.01 0.60
C GLY B 200 -23.73 9.45 -0.72
N ILE B 201 -22.48 8.99 -0.71
CA ILE B 201 -21.86 8.45 -1.90
C ILE B 201 -21.29 7.06 -1.68
N ASN B 202 -20.52 6.90 -0.60
CA ASN B 202 -19.87 5.64 -0.31
C ASN B 202 -20.82 4.51 0.09
N ASP B 203 -21.10 3.62 -0.85
CA ASP B 203 -21.95 2.47 -0.57
C ASP B 203 -21.11 1.21 -0.63
N ARG B 204 -19.87 1.29 -0.15
CA ARG B 204 -18.99 0.12 -0.14
C ARG B 204 -19.35 -0.70 1.08
N THR B 205 -19.10 -2.00 1.00
CA THR B 205 -19.40 -2.90 2.10
C THR B 205 -18.13 -3.35 2.79
N ASP B 206 -16.99 -3.10 2.18
CA ASP B 206 -15.74 -3.49 2.81
C ASP B 206 -15.37 -2.43 3.86
N GLN B 207 -14.12 -2.47 4.32
CA GLN B 207 -13.63 -1.55 5.33
C GLN B 207 -13.40 -0.12 4.82
N TYR B 208 -13.78 0.14 3.57
CA TYR B 208 -13.61 1.49 3.04
C TYR B 208 -14.96 2.20 3.06
N GLY B 209 -15.96 1.54 3.61
CA GLY B 209 -17.28 2.14 3.65
C GLY B 209 -18.04 1.91 4.93
N GLY B 210 -19.18 2.57 5.07
CA GLY B 210 -19.98 2.42 6.27
C GLY B 210 -19.64 3.44 7.34
N SER B 211 -19.05 2.95 8.44
CA SER B 211 -18.65 3.79 9.55
C SER B 211 -17.86 5.01 9.06
N ILE B 212 -18.04 6.14 9.76
CA ILE B 212 -17.35 7.35 9.36
C ILE B 212 -15.86 7.11 9.41
N ALA B 213 -15.44 6.31 10.39
CA ALA B 213 -14.04 5.97 10.52
C ALA B 213 -13.60 5.33 9.19
N ASN B 214 -14.36 4.32 8.78
CA ASN B 214 -14.10 3.60 7.53
C ASN B 214 -14.03 4.49 6.29
N ARG B 215 -14.97 5.42 6.15
CA ARG B 215 -14.97 6.28 4.99
C ARG B 215 -13.68 7.08 4.96
N CYS B 216 -13.11 7.31 6.14
CA CYS B 216 -11.88 8.07 6.23
C CYS B 216 -10.65 7.21 5.88
N ARG B 217 -10.84 5.90 5.80
CA ARG B 217 -9.73 5.01 5.48
C ARG B 217 -9.00 5.40 4.21
N PHE B 218 -9.74 5.59 3.13
CA PHE B 218 -9.08 5.96 1.88
C PHE B 218 -8.20 7.18 2.08
N LEU B 219 -8.75 8.19 2.76
CA LEU B 219 -7.99 9.40 3.05
C LEU B 219 -6.92 9.07 4.11
N LYS B 220 -7.31 8.35 5.15
CA LYS B 220 -6.38 7.99 6.23
C LYS B 220 -5.26 7.12 5.67
N GLN B 221 -5.24 6.99 4.34
CA GLN B 221 -4.24 6.21 3.65
C GLN B 221 -3.42 7.05 2.69
N VAL B 222 -4.08 7.92 1.91
CA VAL B 222 -3.36 8.79 1.00
C VAL B 222 -2.50 9.77 1.81
N VAL B 223 -3.13 10.42 2.79
CA VAL B 223 -2.38 11.38 3.59
C VAL B 223 -1.12 10.75 4.14
N GLU B 224 -1.26 9.57 4.76
CA GLU B 224 -0.08 8.91 5.30
C GLU B 224 0.88 8.57 4.17
N GLY B 225 0.34 8.32 2.99
CA GLY B 225 1.18 7.97 1.85
C GLY B 225 2.04 9.11 1.33
N VAL B 226 1.43 10.27 1.13
CA VAL B 226 2.17 11.41 0.60
C VAL B 226 3.09 11.99 1.69
N VAL B 227 2.70 11.78 2.94
CA VAL B 227 3.49 12.26 4.07
C VAL B 227 4.81 11.51 4.14
N SER B 228 4.74 10.18 4.15
CA SER B 228 5.94 9.36 4.22
C SER B 228 6.75 9.64 2.96
N ALA B 229 6.04 10.01 1.90
CA ALA B 229 6.66 10.31 0.64
C ALA B 229 7.52 11.55 0.71
N ILE B 230 6.88 12.72 0.65
CA ILE B 230 7.61 13.98 0.67
C ILE B 230 7.75 14.65 2.01
N GLY B 231 7.10 14.10 3.03
CA GLY B 231 7.16 14.70 4.36
C GLY B 231 5.86 15.40 4.73
N ALA B 232 5.42 15.18 5.95
CA ALA B 232 4.18 15.76 6.47
C ALA B 232 4.09 17.27 6.44
N SER B 233 5.22 17.94 6.62
CA SER B 233 5.23 19.40 6.65
C SER B 233 5.19 20.01 5.25
N LYS B 234 4.88 19.17 4.26
CA LYS B 234 4.77 19.64 2.89
C LYS B 234 3.42 19.23 2.29
N VAL B 235 2.44 18.97 3.15
CA VAL B 235 1.14 18.54 2.68
C VAL B 235 0.00 19.48 3.09
N GLY B 236 -0.93 19.66 2.16
CA GLY B 236 -2.09 20.51 2.41
C GLY B 236 -3.39 19.82 2.01
N VAL B 237 -3.80 18.86 2.82
CA VAL B 237 -5.01 18.11 2.58
C VAL B 237 -6.25 19.00 2.64
N ARG B 238 -7.11 18.89 1.63
CA ARG B 238 -8.34 19.68 1.59
C ARG B 238 -9.56 18.79 1.72
N VAL B 239 -10.54 19.22 2.52
CA VAL B 239 -11.79 18.48 2.71
C VAL B 239 -12.91 19.52 2.79
N SER B 240 -14.17 19.06 2.74
CA SER B 240 -15.33 19.94 2.81
C SER B 240 -16.55 19.08 3.18
N PRO B 241 -16.68 18.74 4.47
CA PRO B 241 -17.78 17.92 4.98
C PRO B 241 -19.17 18.43 4.64
N ALA B 242 -19.37 19.73 4.78
CA ALA B 242 -20.66 20.36 4.54
C ALA B 242 -20.84 20.88 3.13
N ILE B 243 -20.01 20.42 2.21
CA ILE B 243 -20.16 20.81 0.83
C ILE B 243 -20.63 19.52 0.17
N ASP B 244 -21.83 19.52 -0.42
CA ASP B 244 -22.37 18.33 -1.04
C ASP B 244 -22.27 18.34 -2.56
N HIS B 245 -21.50 19.30 -3.05
CA HIS B 245 -21.21 19.45 -4.47
C HIS B 245 -21.08 18.05 -5.06
N LEU B 246 -21.69 17.84 -6.22
CA LEU B 246 -21.63 16.54 -6.89
C LEU B 246 -22.16 15.38 -6.04
N ASP B 247 -23.26 15.62 -5.33
CA ASP B 247 -23.90 14.62 -4.48
C ASP B 247 -23.11 14.24 -3.23
N ALA B 248 -22.01 14.93 -2.97
CA ALA B 248 -21.19 14.64 -1.81
C ALA B 248 -21.96 14.98 -0.53
N THR B 249 -23.18 14.47 -0.40
CA THR B 249 -23.97 14.75 0.78
C THR B 249 -23.56 13.78 1.86
N ASP B 250 -23.61 14.24 3.10
CA ASP B 250 -23.25 13.38 4.21
C ASP B 250 -24.36 13.35 5.25
N SER B 251 -24.32 12.33 6.11
CA SER B 251 -25.33 12.18 7.16
C SER B 251 -25.01 13.02 8.40
N ASP B 252 -23.74 13.32 8.60
CA ASP B 252 -23.34 14.12 9.74
C ASP B 252 -22.01 14.79 9.42
N PRO B 253 -22.07 15.93 8.71
CA PRO B 253 -20.85 16.64 8.35
C PRO B 253 -19.91 16.93 9.52
N LEU B 254 -20.47 17.36 10.65
CA LEU B 254 -19.63 17.66 11.80
C LEU B 254 -18.82 16.46 12.24
N SER B 255 -19.50 15.32 12.40
CA SER B 255 -18.79 14.13 12.84
C SER B 255 -17.83 13.66 11.76
N LEU B 256 -18.19 13.85 10.50
CA LEU B 256 -17.30 13.47 9.42
C LEU B 256 -16.08 14.38 9.50
N GLY B 257 -16.35 15.68 9.57
CA GLY B 257 -15.29 16.65 9.65
C GLY B 257 -14.37 16.35 10.82
N LEU B 258 -14.97 16.06 11.97
CA LEU B 258 -14.19 15.76 13.17
C LEU B 258 -13.50 14.43 13.00
N ALA B 259 -14.12 13.56 12.21
CA ALA B 259 -13.56 12.24 11.96
C ALA B 259 -12.25 12.47 11.23
N VAL B 260 -12.29 13.29 10.20
CA VAL B 260 -11.08 13.59 9.45
C VAL B 260 -10.06 14.28 10.33
N VAL B 261 -10.50 15.30 11.05
CA VAL B 261 -9.57 16.01 11.93
C VAL B 261 -8.87 15.02 12.84
N GLY B 262 -9.67 14.20 13.53
CA GLY B 262 -9.11 13.23 14.45
C GLY B 262 -8.05 12.40 13.79
N MET B 263 -8.36 11.89 12.60
CA MET B 263 -7.43 11.06 11.87
C MET B 263 -6.14 11.83 11.58
N LEU B 264 -6.26 13.12 11.29
CA LEU B 264 -5.08 13.92 11.00
C LEU B 264 -4.28 14.24 12.26
N ASN B 265 -4.97 14.51 13.37
CA ASN B 265 -4.25 14.79 14.60
C ASN B 265 -3.49 13.53 15.00
N LYS B 266 -4.19 12.39 14.94
CA LYS B 266 -3.62 11.11 15.31
C LYS B 266 -2.45 10.75 14.41
N LEU B 267 -2.56 11.14 13.14
CA LEU B 267 -1.52 10.88 12.17
C LEU B 267 -0.27 11.69 12.52
N GLN B 268 -0.47 13.00 12.67
CA GLN B 268 0.63 13.88 13.00
C GLN B 268 1.38 13.36 14.22
N GLY B 269 0.67 12.71 15.13
CA GLY B 269 1.31 12.15 16.32
C GLY B 269 2.24 11.00 15.94
N VAL B 270 1.65 9.93 15.39
CA VAL B 270 2.38 8.74 14.95
C VAL B 270 3.52 9.09 14.00
N ASN B 271 3.29 10.05 13.11
CA ASN B 271 4.34 10.46 12.18
C ASN B 271 5.32 11.42 12.85
N GLY B 272 4.86 12.03 13.94
CA GLY B 272 5.69 12.97 14.69
C GLY B 272 6.02 14.27 13.98
N SER B 273 5.09 14.79 13.19
CA SER B 273 5.30 16.04 12.47
C SER B 273 3.97 16.64 11.99
N LYS B 274 3.85 17.95 12.09
CA LYS B 274 2.62 18.65 11.69
C LYS B 274 2.50 18.87 10.19
N LEU B 275 1.27 18.73 9.71
CA LEU B 275 0.96 18.95 8.33
C LEU B 275 1.11 20.47 8.14
N ALA B 276 1.25 20.90 6.90
CA ALA B 276 1.38 22.33 6.63
C ALA B 276 0.05 22.96 7.01
N TYR B 277 -1.03 22.26 6.69
CA TYR B 277 -2.36 22.75 7.03
C TYR B 277 -3.42 21.78 6.56
N LEU B 278 -4.63 22.04 7.02
CA LEU B 278 -5.83 21.31 6.67
C LEU B 278 -6.67 22.35 5.95
N HIS B 279 -7.18 21.97 4.78
CA HIS B 279 -7.98 22.87 3.95
C HIS B 279 -9.44 22.46 4.09
N VAL B 280 -10.29 23.41 4.46
CA VAL B 280 -11.72 23.14 4.64
C VAL B 280 -12.56 24.17 3.93
N THR B 281 -13.50 23.68 3.12
CA THR B 281 -14.40 24.53 2.37
C THR B 281 -15.72 24.47 3.08
N GLN B 282 -16.15 25.59 3.63
CA GLN B 282 -17.42 25.62 4.30
C GLN B 282 -18.50 25.91 3.28
N PRO B 283 -19.71 25.45 3.57
CA PRO B 283 -20.81 25.71 2.65
C PRO B 283 -21.22 27.17 2.84
N ARG B 284 -22.07 27.64 1.93
CA ARG B 284 -22.59 28.99 1.96
C ARG B 284 -23.98 28.84 1.35
N TYR B 285 -24.97 29.47 1.96
CA TYR B 285 -26.30 29.37 1.44
C TYR B 285 -26.72 30.69 0.80
N HIS B 286 -27.78 30.64 -0.01
CA HIS B 286 -28.30 31.82 -0.69
C HIS B 286 -29.26 32.54 0.25
N ALA B 287 -28.77 33.58 0.92
CA ALA B 287 -29.63 34.34 1.82
C ALA B 287 -30.61 35.16 0.97
N TYR B 288 -31.89 35.12 1.33
CA TYR B 288 -32.91 35.87 0.60
C TYR B 288 -32.66 37.36 0.81
N ASP B 299 -23.56 31.36 8.15
CA ASP B 299 -24.44 31.67 9.26
C ASP B 299 -23.83 31.26 10.60
N GLU B 300 -24.69 30.82 11.51
CA GLU B 300 -24.28 30.39 12.84
C GLU B 300 -23.84 28.92 12.78
N GLU B 301 -24.66 28.07 12.18
CA GLU B 301 -24.35 26.64 12.06
C GLU B 301 -23.16 26.35 11.14
N GLU B 302 -22.89 27.25 10.20
CA GLU B 302 -21.77 27.09 9.29
C GLU B 302 -20.49 27.41 10.04
N ALA B 303 -20.54 28.48 10.82
CA ALA B 303 -19.39 28.91 11.59
C ALA B 303 -19.09 27.91 12.67
N LYS B 304 -20.15 27.35 13.27
CA LYS B 304 -20.00 26.37 14.34
C LYS B 304 -19.25 25.15 13.85
N LEU B 305 -19.63 24.63 12.68
CA LEU B 305 -18.96 23.46 12.15
C LEU B 305 -17.48 23.81 11.91
N MET B 306 -17.25 24.92 11.21
CA MET B 306 -15.91 25.35 10.90
C MET B 306 -15.09 25.59 12.15
N LYS B 307 -15.69 26.32 13.09
CA LYS B 307 -15.02 26.66 14.33
C LYS B 307 -14.68 25.41 15.10
N SER B 308 -15.61 24.45 15.04
CA SER B 308 -15.43 23.19 15.73
C SER B 308 -14.32 22.41 15.05
N LEU B 309 -14.24 22.53 13.72
CA LEU B 309 -13.21 21.81 12.99
C LEU B 309 -11.84 22.36 13.33
N ARG B 310 -11.74 23.68 13.42
CA ARG B 310 -10.44 24.28 13.70
C ARG B 310 -10.00 24.04 15.13
N MET B 311 -10.93 23.96 16.07
CA MET B 311 -10.57 23.74 17.46
C MET B 311 -9.88 22.39 17.68
N ALA B 312 -10.48 21.32 17.15
CA ALA B 312 -9.93 19.98 17.32
C ALA B 312 -8.56 19.85 16.70
N TYR B 313 -8.46 20.24 15.43
CA TYR B 313 -7.22 20.14 14.69
C TYR B 313 -6.14 21.10 15.16
N ASN B 314 -5.04 20.53 15.63
CA ASN B 314 -3.89 21.30 16.10
C ASN B 314 -3.02 21.58 14.87
N GLY B 315 -3.13 22.79 14.34
CA GLY B 315 -2.35 23.16 13.19
C GLY B 315 -3.07 24.25 12.40
N THR B 316 -2.43 24.75 11.35
CA THR B 316 -2.99 25.78 10.52
C THR B 316 -4.32 25.30 9.98
N PHE B 317 -5.31 26.18 10.00
CA PHE B 317 -6.62 25.80 9.51
C PHE B 317 -7.04 26.83 8.50
N MET B 318 -6.63 26.64 7.25
CA MET B 318 -7.01 27.57 6.21
C MET B 318 -8.47 27.34 5.87
N SER B 319 -9.26 28.41 5.91
CA SER B 319 -10.68 28.29 5.62
C SER B 319 -10.97 28.46 4.13
N SER B 320 -12.20 28.14 3.74
CA SER B 320 -12.64 28.25 2.36
C SER B 320 -14.16 28.38 2.33
N GLY B 321 -14.63 29.57 1.96
CA GLY B 321 -16.06 29.78 1.92
C GLY B 321 -16.45 31.02 2.70
N GLY B 322 -17.46 31.73 2.23
CA GLY B 322 -17.89 32.94 2.92
C GLY B 322 -16.72 33.85 3.24
N PHE B 323 -16.23 34.58 2.25
CA PHE B 323 -15.13 35.52 2.42
C PHE B 323 -15.08 36.57 1.31
N ASN B 324 -14.77 37.79 1.71
CA ASN B 324 -14.58 38.91 0.80
C ASN B 324 -13.42 39.61 1.50
N LYS B 325 -13.72 40.57 2.35
CA LYS B 325 -12.68 41.26 3.09
C LYS B 325 -12.94 41.10 4.58
N GLU B 326 -14.06 41.62 5.03
CA GLU B 326 -14.43 41.54 6.42
C GLU B 326 -14.56 40.10 6.95
N LEU B 327 -15.06 39.21 6.11
CA LEU B 327 -15.22 37.83 6.51
C LEU B 327 -13.85 37.21 6.79
N GLY B 328 -12.89 37.48 5.90
CA GLY B 328 -11.57 36.93 6.08
C GLY B 328 -10.89 37.47 7.32
N MET B 329 -10.95 38.80 7.47
CA MET B 329 -10.36 39.49 8.61
C MET B 329 -10.87 38.87 9.90
N GLN B 330 -12.19 38.80 10.02
CA GLN B 330 -12.83 38.23 11.19
C GLN B 330 -12.37 36.80 11.50
N ALA B 331 -12.17 35.99 10.46
CA ALA B 331 -11.71 34.61 10.63
C ALA B 331 -10.34 34.60 11.34
N VAL B 332 -9.39 35.37 10.81
CA VAL B 332 -8.08 35.39 11.45
C VAL B 332 -8.15 36.18 12.75
N GLN B 333 -8.77 37.36 12.71
CA GLN B 333 -8.90 38.20 13.89
C GLN B 333 -9.58 37.51 15.06
N GLN B 334 -10.63 36.74 14.78
CA GLN B 334 -11.40 36.03 15.82
C GLN B 334 -10.85 34.64 16.16
N GLY B 335 -9.70 34.29 15.63
CA GLY B 335 -9.11 32.99 15.89
C GLY B 335 -9.85 31.88 15.16
N ASP B 336 -10.81 32.25 14.32
CA ASP B 336 -11.60 31.29 13.57
C ASP B 336 -10.73 30.35 12.72
N ALA B 337 -9.96 30.95 11.82
CA ALA B 337 -9.09 30.21 10.92
C ALA B 337 -7.73 30.91 10.84
N ASP B 338 -6.69 30.16 10.49
CA ASP B 338 -5.38 30.76 10.34
C ASP B 338 -5.34 31.37 8.95
N LEU B 339 -5.31 30.52 7.94
CA LEU B 339 -5.29 30.99 6.56
C LEU B 339 -6.70 30.97 6.01
N VAL B 340 -6.89 31.71 4.92
CA VAL B 340 -8.18 31.81 4.28
C VAL B 340 -7.92 31.65 2.79
N SER B 341 -8.83 31.02 2.07
CA SER B 341 -8.65 30.83 0.63
C SER B 341 -9.64 31.71 -0.12
N TYR B 342 -9.18 32.30 -1.21
CA TYR B 342 -10.01 33.19 -2.01
C TYR B 342 -10.21 32.61 -3.39
N GLY B 343 -11.38 32.05 -3.61
CA GLY B 343 -11.66 31.48 -4.90
C GLY B 343 -11.83 32.58 -5.93
N ARG B 344 -13.08 32.94 -6.20
CA ARG B 344 -13.36 33.96 -7.21
C ARG B 344 -12.67 35.32 -7.05
N LEU B 345 -12.65 35.86 -5.83
CA LEU B 345 -12.03 37.16 -5.59
C LEU B 345 -10.70 37.27 -6.31
N PHE B 346 -9.87 36.23 -6.17
CA PHE B 346 -8.55 36.21 -6.79
C PHE B 346 -8.67 36.17 -8.30
N ILE B 347 -9.54 35.30 -8.81
CA ILE B 347 -9.70 35.20 -10.24
C ILE B 347 -9.78 36.63 -10.77
N ALA B 348 -10.68 37.40 -10.17
CA ALA B 348 -10.92 38.76 -10.59
C ALA B 348 -10.05 39.78 -9.88
N ASN B 349 -8.86 39.39 -9.45
CA ASN B 349 -7.97 40.31 -8.73
C ASN B 349 -6.60 39.68 -8.53
N PRO B 350 -5.71 39.83 -9.50
CA PRO B 350 -4.38 39.21 -9.36
C PRO B 350 -3.64 39.77 -8.15
N ASP B 351 -3.85 41.06 -7.90
CA ASP B 351 -3.22 41.75 -6.79
C ASP B 351 -4.27 41.86 -5.69
N LEU B 352 -4.93 40.72 -5.43
CA LEU B 352 -5.97 40.69 -4.43
C LEU B 352 -5.48 41.17 -3.08
N VAL B 353 -4.26 40.81 -2.71
CA VAL B 353 -3.73 41.22 -1.42
C VAL B 353 -3.62 42.74 -1.31
N SER B 354 -3.08 43.37 -2.35
CA SER B 354 -2.95 44.82 -2.34
C SER B 354 -4.33 45.48 -2.31
N ARG B 355 -5.26 44.97 -3.13
CA ARG B 355 -6.60 45.55 -3.15
C ARG B 355 -7.21 45.54 -1.77
N PHE B 356 -7.16 44.40 -1.09
CA PHE B 356 -7.72 44.30 0.25
C PHE B 356 -7.01 45.22 1.24
N LYS B 357 -5.69 45.30 1.14
CA LYS B 357 -4.94 46.16 2.04
C LYS B 357 -5.52 47.58 2.13
N ILE B 358 -6.04 48.09 1.01
CA ILE B 358 -6.57 49.44 0.99
C ILE B 358 -8.04 49.57 0.60
N ASP B 359 -8.73 48.43 0.49
CA ASP B 359 -10.13 48.40 0.08
C ASP B 359 -10.25 49.09 -1.27
N GLY B 360 -9.47 48.62 -2.22
CA GLY B 360 -9.51 49.18 -3.55
C GLY B 360 -10.81 48.83 -4.25
N GLU B 361 -10.75 48.76 -5.59
CA GLU B 361 -11.91 48.45 -6.40
C GLU B 361 -11.89 47.03 -6.98
N LEU B 362 -12.18 46.04 -6.12
CA LEU B 362 -12.19 44.64 -6.54
C LEU B 362 -12.96 44.42 -7.84
N ASN B 363 -12.24 44.01 -8.87
CA ASN B 363 -12.87 43.73 -10.16
C ASN B 363 -13.81 42.55 -9.98
N LYS B 364 -14.83 42.47 -10.82
CA LYS B 364 -15.77 41.37 -10.72
C LYS B 364 -15.26 40.25 -11.60
N TYR B 365 -15.49 39.01 -11.19
CA TYR B 365 -15.04 37.88 -12.00
C TYR B 365 -16.07 37.59 -13.11
N ASN B 366 -15.61 36.88 -14.13
CA ASN B 366 -16.46 36.52 -15.26
C ASN B 366 -16.43 35.01 -15.48
N ARG B 367 -17.55 34.36 -15.17
CA ARG B 367 -17.72 32.92 -15.30
C ARG B 367 -17.30 32.31 -16.65
N LYS B 368 -17.82 32.85 -17.73
CA LYS B 368 -17.53 32.33 -19.07
C LYS B 368 -16.07 32.09 -19.36
N THR B 369 -15.19 32.72 -18.62
CA THR B 369 -13.77 32.52 -18.86
C THR B 369 -13.09 31.75 -17.74
N PHE B 370 -13.90 31.07 -16.93
CA PHE B 370 -13.36 30.26 -15.84
C PHE B 370 -12.60 29.05 -16.36
N TYR B 371 -13.21 28.35 -17.33
CA TYR B 371 -12.65 27.11 -17.86
C TYR B 371 -12.32 27.08 -19.33
N THR B 372 -11.92 28.23 -19.87
CA THR B 372 -11.55 28.34 -21.27
C THR B 372 -10.04 28.12 -21.40
N GLN B 373 -9.57 27.95 -22.63
CA GLN B 373 -8.15 27.67 -22.88
C GLN B 373 -7.27 28.89 -23.14
N ASP B 374 -7.85 30.03 -23.48
CA ASP B 374 -7.05 31.19 -23.78
C ASP B 374 -6.07 31.48 -22.65
N PRO B 375 -4.77 31.54 -22.95
CA PRO B 375 -3.76 31.80 -21.92
C PRO B 375 -3.81 33.22 -21.37
N VAL B 376 -4.49 34.12 -22.06
CA VAL B 376 -4.59 35.52 -21.65
C VAL B 376 -6.00 35.95 -21.21
N VAL B 377 -6.92 35.84 -22.17
CA VAL B 377 -8.31 36.23 -21.98
C VAL B 377 -9.02 35.63 -20.79
N GLY B 378 -9.52 36.50 -19.93
CA GLY B 378 -10.21 36.05 -18.73
C GLY B 378 -9.31 35.23 -17.82
N TYR B 379 -8.01 35.21 -18.12
CA TYR B 379 -7.07 34.45 -17.31
C TYR B 379 -6.00 35.33 -16.71
N THR B 380 -5.31 36.08 -17.56
CA THR B 380 -4.26 36.97 -17.09
C THR B 380 -4.58 38.43 -17.43
N ASP B 381 -5.75 38.68 -17.99
CA ASP B 381 -6.11 40.05 -18.35
C ASP B 381 -7.06 40.76 -17.40
N TYR B 382 -7.21 40.22 -16.19
CA TYR B 382 -8.04 40.89 -15.18
C TYR B 382 -7.15 42.03 -14.67
N PRO B 383 -7.65 43.27 -14.75
CA PRO B 383 -6.87 44.43 -14.32
C PRO B 383 -6.44 44.43 -12.85
N PHE B 384 -5.26 44.98 -12.64
CA PHE B 384 -4.72 45.12 -11.29
C PHE B 384 -5.41 46.36 -10.74
N LEU B 385 -4.94 46.87 -9.60
CA LEU B 385 -5.53 48.05 -8.98
C LEU B 385 -4.51 49.17 -8.90
N SER A 8 11.67 -14.25 -25.42
CA SER A 8 10.94 -13.79 -24.19
C SER A 8 11.59 -12.58 -23.54
N ASN A 9 10.81 -11.52 -23.39
CA ASN A 9 11.32 -10.30 -22.75
C ASN A 9 10.66 -10.09 -21.39
N GLU A 10 10.54 -11.17 -20.64
CA GLU A 10 9.94 -11.09 -19.30
C GLU A 10 11.03 -10.64 -18.34
N THR A 11 10.61 -10.05 -17.23
CA THR A 11 11.56 -9.60 -16.22
C THR A 11 10.89 -9.66 -14.86
N LEU A 12 11.66 -9.33 -13.82
CA LEU A 12 11.14 -9.31 -12.47
C LEU A 12 9.96 -8.36 -12.39
N PHE A 13 9.81 -7.50 -13.38
CA PHE A 13 8.72 -6.54 -13.33
C PHE A 13 7.57 -6.81 -14.27
N SER A 14 7.56 -7.99 -14.87
CA SER A 14 6.47 -8.36 -15.75
C SER A 14 5.37 -8.88 -14.83
N SER A 15 4.14 -8.46 -15.09
CA SER A 15 3.02 -8.91 -14.28
C SER A 15 2.91 -10.40 -14.46
N TYR A 16 2.15 -11.05 -13.59
CA TYR A 16 2.00 -12.48 -13.69
C TYR A 16 0.62 -12.90 -13.20
N LYS A 17 0.16 -14.05 -13.71
CA LYS A 17 -1.13 -14.59 -13.34
C LYS A 17 -0.95 -15.93 -12.62
N MET A 18 -1.39 -15.96 -11.36
CA MET A 18 -1.33 -17.13 -10.50
C MET A 18 -2.75 -17.38 -10.01
N GLY A 19 -3.48 -18.19 -10.77
CA GLY A 19 -4.86 -18.46 -10.41
C GLY A 19 -5.52 -17.10 -10.41
N ARG A 20 -6.29 -16.82 -9.36
CA ARG A 20 -7.00 -15.55 -9.23
C ARG A 20 -6.07 -14.34 -8.99
N PHE A 21 -4.86 -14.60 -8.53
CA PHE A 21 -3.92 -13.53 -8.21
C PHE A 21 -3.11 -12.98 -9.37
N ASP A 22 -3.31 -11.69 -9.64
CA ASP A 22 -2.57 -10.99 -10.69
C ASP A 22 -1.44 -10.25 -10.03
N LEU A 23 -0.23 -10.80 -10.09
CA LEU A 23 0.91 -10.12 -9.48
C LEU A 23 1.37 -9.07 -10.47
N SER A 24 2.08 -8.06 -9.98
CA SER A 24 2.55 -7.00 -10.85
C SER A 24 4.03 -7.17 -11.11
N HIS A 25 4.63 -8.12 -10.42
CA HIS A 25 6.05 -8.36 -10.58
C HIS A 25 6.42 -9.71 -9.97
N ARG A 26 7.64 -10.15 -10.26
CA ARG A 26 8.13 -11.47 -9.84
C ARG A 26 8.89 -11.54 -8.53
N VAL A 27 8.95 -10.40 -7.82
CA VAL A 27 9.65 -10.34 -6.55
C VAL A 27 8.73 -10.79 -5.44
N VAL A 28 9.14 -11.87 -4.79
CA VAL A 28 8.36 -12.45 -3.73
C VAL A 28 9.03 -12.31 -2.38
N LEU A 29 8.24 -11.98 -1.37
CA LEU A 29 8.81 -11.91 -0.05
C LEU A 29 8.85 -13.38 0.38
N ALA A 30 10.04 -13.96 0.44
CA ALA A 30 10.22 -15.34 0.86
C ALA A 30 9.75 -15.49 2.30
N PRO A 31 9.30 -16.69 2.68
CA PRO A 31 8.83 -16.93 4.05
C PRO A 31 10.02 -16.83 4.99
N MET A 32 9.91 -15.98 6.01
CA MET A 32 11.02 -15.84 6.92
C MET A 32 10.68 -15.73 8.38
N THR A 33 11.19 -16.68 9.15
CA THR A 33 11.01 -16.73 10.60
C THR A 33 11.81 -15.54 11.10
N ARG A 34 11.21 -14.72 11.97
CA ARG A 34 11.89 -13.55 12.50
C ARG A 34 11.66 -13.49 14.01
N CYS A 35 10.70 -14.28 14.47
CA CYS A 35 10.44 -14.40 15.89
C CYS A 35 10.09 -13.09 16.60
N ARG A 36 9.26 -12.27 15.95
CA ARG A 36 8.83 -11.01 16.55
C ARG A 36 7.40 -11.18 17.01
N ALA A 37 6.85 -12.40 16.87
CA ALA A 37 5.46 -12.65 17.25
C ALA A 37 5.45 -13.34 18.60
N LEU A 38 5.90 -12.58 19.61
CA LEU A 38 6.02 -13.04 20.98
C LEU A 38 4.89 -13.95 21.43
N ASN A 39 5.27 -15.11 21.93
CA ASN A 39 4.30 -16.07 22.45
C ASN A 39 3.32 -16.56 21.41
N GLY A 40 3.84 -16.74 20.19
CA GLY A 40 3.05 -17.24 19.10
C GLY A 40 1.92 -16.36 18.65
N VAL A 41 1.97 -15.09 19.02
CA VAL A 41 0.89 -14.20 18.61
C VAL A 41 1.33 -13.13 17.62
N PRO A 42 0.68 -13.11 16.44
CA PRO A 42 0.98 -12.13 15.40
C PRO A 42 0.60 -10.76 16.00
N ASN A 43 1.53 -9.83 16.02
CA ASN A 43 1.24 -8.54 16.61
C ASN A 43 1.31 -7.48 15.50
N ALA A 44 1.12 -6.22 15.88
CA ALA A 44 1.13 -5.14 14.92
C ALA A 44 2.50 -4.98 14.29
N ALA A 45 3.55 -5.38 15.02
CA ALA A 45 4.89 -5.26 14.48
C ALA A 45 5.00 -6.07 13.19
N LEU A 46 4.46 -7.28 13.19
CA LEU A 46 4.47 -8.12 11.98
C LEU A 46 3.64 -7.39 10.90
N ALA A 47 2.55 -6.74 11.31
CA ALA A 47 1.71 -6.02 10.36
C ALA A 47 2.54 -4.93 9.69
N GLU A 48 3.20 -4.11 10.49
CA GLU A 48 4.01 -3.03 9.96
C GLU A 48 5.00 -3.64 8.98
N TYR A 49 5.76 -4.60 9.51
CA TYR A 49 6.80 -5.32 8.78
C TYR A 49 6.32 -5.84 7.43
N TYR A 50 5.21 -6.57 7.45
CA TYR A 50 4.70 -7.12 6.22
C TYR A 50 4.16 -6.04 5.31
N ALA A 51 3.37 -5.13 5.86
CA ALA A 51 2.83 -4.04 5.07
C ALA A 51 4.01 -3.30 4.42
N GLN A 52 5.05 -2.98 5.21
CA GLN A 52 6.22 -2.27 4.67
C GLN A 52 6.77 -2.95 3.44
N ARG A 53 6.61 -4.27 3.37
CA ARG A 53 7.15 -4.99 2.26
C ARG A 53 6.18 -5.29 1.14
N THR A 54 4.94 -4.80 1.25
CA THR A 54 4.00 -5.12 0.17
C THR A 54 3.95 -4.09 -0.93
N THR A 55 3.61 -4.58 -2.12
CA THR A 55 3.46 -3.77 -3.32
C THR A 55 2.17 -4.20 -3.98
N PRO A 56 1.54 -3.29 -4.75
CA PRO A 56 0.30 -3.64 -5.44
C PRO A 56 0.56 -4.84 -6.35
N GLY A 57 0.16 -6.02 -5.89
CA GLY A 57 0.40 -7.24 -6.66
C GLY A 57 1.44 -8.10 -5.97
N GLY A 58 2.54 -7.48 -5.56
CA GLY A 58 3.62 -8.20 -4.90
C GLY A 58 3.16 -9.41 -4.08
N PHE A 59 3.74 -10.57 -4.35
CA PHE A 59 3.37 -11.75 -3.60
C PHE A 59 4.23 -11.89 -2.35
N LEU A 60 3.58 -11.97 -1.20
CA LEU A 60 4.32 -12.12 0.03
C LEU A 60 3.92 -13.45 0.63
N ILE A 61 4.88 -14.11 1.26
CA ILE A 61 4.63 -15.35 1.94
C ILE A 61 5.06 -15.09 3.39
N SER A 62 4.28 -15.59 4.33
CA SER A 62 4.60 -15.35 5.72
C SER A 62 5.75 -16.17 6.19
N GLU A 63 6.22 -15.80 7.37
CA GLU A 63 7.28 -16.50 8.06
C GLU A 63 6.61 -17.83 8.36
N GLY A 64 7.40 -18.88 8.54
CA GLY A 64 6.81 -20.16 8.87
C GLY A 64 5.90 -19.98 10.07
N THR A 65 4.76 -20.65 10.05
CA THR A 65 3.78 -20.50 11.13
C THR A 65 3.30 -21.86 11.64
N MET A 66 3.33 -22.06 12.95
CA MET A 66 2.89 -23.33 13.53
C MET A 66 1.54 -23.82 13.00
N VAL A 67 1.39 -25.14 12.90
CA VAL A 67 0.14 -25.75 12.49
C VAL A 67 -0.45 -26.51 13.70
N SER A 68 0.32 -26.55 14.78
CA SER A 68 -0.11 -27.23 16.00
C SER A 68 0.88 -26.92 17.11
N PRO A 69 0.44 -27.05 18.37
CA PRO A 69 1.44 -26.75 19.40
C PRO A 69 2.51 -27.84 19.21
N GLY A 70 3.77 -27.52 19.51
CA GLY A 70 4.81 -28.53 19.34
C GLY A 70 5.43 -28.56 17.95
N SER A 71 4.84 -27.84 17.00
CA SER A 71 5.40 -27.83 15.64
C SER A 71 6.39 -26.68 15.40
N ALA A 72 6.81 -26.00 16.47
CA ALA A 72 7.76 -24.88 16.38
C ALA A 72 9.19 -25.25 16.75
N GLY A 73 10.15 -24.57 16.14
CA GLY A 73 11.54 -24.84 16.44
C GLY A 73 12.26 -23.61 16.94
N PHE A 74 11.68 -22.45 16.68
CA PHE A 74 12.23 -21.17 17.10
C PHE A 74 11.22 -20.56 18.06
N PRO A 75 11.60 -19.47 18.73
CA PRO A 75 10.70 -18.80 19.67
C PRO A 75 9.85 -17.75 18.99
N HIS A 76 8.88 -17.22 19.72
CA HIS A 76 8.02 -16.16 19.21
C HIS A 76 7.51 -16.43 17.80
N VAL A 77 7.69 -17.64 17.28
CA VAL A 77 7.16 -17.87 15.96
C VAL A 77 5.68 -17.92 16.19
N PRO A 78 4.91 -17.41 15.23
CA PRO A 78 3.47 -17.42 15.41
C PRO A 78 2.86 -18.75 15.04
N GLY A 79 1.61 -18.91 15.43
CA GLY A 79 0.87 -20.10 15.07
C GLY A 79 -0.38 -19.57 14.40
N ILE A 80 -1.12 -20.43 13.72
CA ILE A 80 -2.34 -19.99 13.11
C ILE A 80 -3.42 -20.94 13.63
N TYR A 81 -3.01 -21.88 14.48
CA TYR A 81 -3.94 -22.85 15.04
C TYR A 81 -4.83 -22.36 16.17
N SER A 82 -4.45 -21.27 16.83
CA SER A 82 -5.31 -20.79 17.90
C SER A 82 -6.26 -19.76 17.35
N ASP A 83 -7.53 -19.93 17.63
CA ASP A 83 -8.53 -18.97 17.17
C ASP A 83 -8.07 -17.57 17.57
N GLU A 84 -7.28 -17.51 18.63
CA GLU A 84 -6.76 -16.23 19.05
C GLU A 84 -5.73 -15.78 18.00
N GLN A 85 -5.06 -16.75 17.37
CA GLN A 85 -4.06 -16.41 16.35
C GLN A 85 -4.75 -15.92 15.10
N VAL A 86 -5.79 -16.64 14.70
CA VAL A 86 -6.55 -16.24 13.52
C VAL A 86 -6.89 -14.75 13.59
N GLU A 87 -7.30 -14.28 14.76
CA GLU A 87 -7.65 -12.88 14.90
C GLU A 87 -6.43 -11.97 14.98
N ALA A 88 -5.47 -12.31 15.81
CA ALA A 88 -4.29 -11.47 15.94
C ALA A 88 -3.52 -11.28 14.63
N TRP A 89 -3.67 -12.23 13.70
CA TRP A 89 -2.99 -12.18 12.39
C TRP A 89 -3.57 -11.10 11.50
N LYS A 90 -4.81 -10.70 11.79
CA LYS A 90 -5.49 -9.72 10.98
C LYS A 90 -4.75 -8.39 10.89
N GLN A 91 -4.51 -7.72 12.00
CA GLN A 91 -3.84 -6.44 11.91
C GLN A 91 -2.73 -6.52 10.85
N VAL A 92 -2.24 -7.74 10.60
CA VAL A 92 -1.20 -7.96 9.60
C VAL A 92 -1.79 -8.24 8.21
N VAL A 93 -2.72 -9.20 8.16
CA VAL A 93 -3.39 -9.61 6.93
C VAL A 93 -4.12 -8.43 6.24
N GLU A 94 -4.84 -7.65 7.04
CA GLU A 94 -5.57 -6.50 6.49
C GLU A 94 -4.60 -5.40 6.01
N ALA A 95 -3.43 -5.35 6.63
CA ALA A 95 -2.45 -4.35 6.26
C ALA A 95 -1.94 -4.64 4.86
N VAL A 96 -1.46 -5.86 4.67
CA VAL A 96 -0.93 -6.26 3.37
C VAL A 96 -2.00 -5.99 2.33
N HIS A 97 -3.24 -6.34 2.64
CA HIS A 97 -4.29 -6.13 1.68
C HIS A 97 -4.58 -4.66 1.43
N ALA A 98 -4.55 -3.84 2.48
CA ALA A 98 -4.80 -2.42 2.31
C ALA A 98 -3.80 -1.90 1.29
N LYS A 99 -2.56 -2.36 1.40
CA LYS A 99 -1.53 -1.90 0.48
C LYS A 99 -1.48 -2.68 -0.83
N GLY A 100 -2.48 -3.54 -1.04
CA GLY A 100 -2.57 -4.28 -2.28
C GLY A 100 -1.75 -5.54 -2.52
N GLY A 101 -0.99 -5.99 -1.52
CA GLY A 101 -0.21 -7.19 -1.75
C GLY A 101 -1.05 -8.44 -1.58
N PHE A 102 -0.40 -9.60 -1.75
CA PHE A 102 -1.05 -10.89 -1.55
C PHE A 102 -0.20 -11.60 -0.53
N ILE A 103 -0.82 -12.42 0.30
CA ILE A 103 -0.04 -13.11 1.28
C ILE A 103 -0.52 -14.51 1.61
N PHE A 104 0.44 -15.42 1.72
CA PHE A 104 0.17 -16.78 2.11
C PHE A 104 0.87 -16.94 3.46
N CYS A 105 0.21 -17.56 4.43
CA CYS A 105 0.89 -17.79 5.70
C CYS A 105 1.45 -19.17 5.47
N GLN A 106 2.76 -19.31 5.62
CA GLN A 106 3.36 -20.61 5.43
C GLN A 106 3.07 -21.49 6.64
N LEU A 107 2.44 -22.65 6.40
CA LEU A 107 2.12 -23.59 7.45
C LEU A 107 3.43 -24.32 7.74
N TRP A 108 3.81 -24.34 9.00
CA TRP A 108 5.08 -24.90 9.36
C TRP A 108 5.11 -25.87 10.51
N HIS A 109 5.72 -27.02 10.24
CA HIS A 109 5.92 -28.02 11.27
C HIS A 109 7.37 -28.41 11.18
N VAL A 110 8.11 -28.13 12.25
CA VAL A 110 9.54 -28.40 12.29
C VAL A 110 9.93 -29.84 12.52
N GLY A 111 9.17 -30.52 13.38
CA GLY A 111 9.48 -31.90 13.67
C GLY A 111 10.69 -32.05 14.57
N ARG A 112 11.47 -33.10 14.31
CA ARG A 112 12.66 -33.41 15.10
C ARG A 112 13.61 -32.25 15.39
N ALA A 113 13.52 -31.18 14.62
CA ALA A 113 14.39 -30.04 14.79
C ALA A 113 13.82 -29.09 15.84
N SER A 114 13.05 -29.66 16.76
CA SER A 114 12.42 -28.87 17.81
C SER A 114 13.17 -29.17 19.09
N HIS A 115 12.47 -29.08 20.21
CA HIS A 115 13.08 -29.31 21.51
C HIS A 115 11.96 -29.41 22.53
N ALA A 116 12.30 -29.89 23.72
CA ALA A 116 11.32 -30.01 24.79
C ALA A 116 10.78 -28.62 25.14
N VAL A 117 11.64 -27.61 25.01
CA VAL A 117 11.22 -26.26 25.32
C VAL A 117 10.01 -25.78 24.51
N TYR A 118 9.90 -26.25 23.28
CA TYR A 118 8.81 -25.84 22.41
C TYR A 118 7.75 -26.91 22.37
N GLN A 119 7.90 -27.93 23.20
CA GLN A 119 6.96 -29.01 23.21
C GLN A 119 5.96 -28.99 24.36
N PRO A 120 4.69 -29.27 24.05
CA PRO A 120 3.75 -29.27 25.16
C PRO A 120 4.24 -30.34 26.15
N ASN A 121 4.32 -29.98 27.43
CA ASN A 121 4.75 -30.90 28.49
C ASN A 121 6.24 -31.26 28.42
N GLY A 122 6.99 -30.41 27.72
CA GLY A 122 8.42 -30.61 27.59
C GLY A 122 8.70 -32.00 27.06
N GLY A 123 7.87 -32.42 26.10
CA GLY A 123 8.02 -33.74 25.51
C GLY A 123 8.90 -33.76 24.28
N SER A 124 9.00 -34.94 23.68
CA SER A 124 9.81 -35.15 22.50
C SER A 124 9.14 -34.69 21.23
N PRO A 125 9.84 -33.87 20.43
CA PRO A 125 9.29 -33.39 19.17
C PRO A 125 8.96 -34.64 18.34
N ILE A 126 8.06 -34.52 17.38
CA ILE A 126 7.74 -35.67 16.56
C ILE A 126 8.53 -35.64 15.27
N SER A 127 8.55 -36.77 14.59
CA SER A 127 9.27 -36.86 13.33
C SER A 127 8.92 -38.12 12.55
N SER A 128 9.53 -38.23 11.38
CA SER A 128 9.32 -39.40 10.54
C SER A 128 10.11 -40.52 11.21
N THR A 129 11.17 -40.10 11.90
CA THR A 129 12.12 -40.97 12.58
C THR A 129 12.21 -40.68 14.09
N ASN A 130 12.71 -41.67 14.82
CA ASN A 130 12.90 -41.51 16.26
C ASN A 130 14.38 -41.14 16.40
N LYS A 131 15.03 -40.88 15.26
CA LYS A 131 16.44 -40.51 15.24
C LYS A 131 16.58 -39.00 15.24
N PRO A 132 17.55 -38.46 16.01
CA PRO A 132 17.77 -37.01 16.09
C PRO A 132 18.69 -36.41 15.03
N ILE A 133 18.70 -35.09 14.99
CA ILE A 133 19.58 -34.32 14.12
C ILE A 133 20.95 -34.45 14.81
N SER A 134 22.04 -34.53 14.05
CA SER A 134 23.36 -34.66 14.67
C SER A 134 23.75 -33.39 15.45
N GLU A 135 24.49 -33.57 16.55
CA GLU A 135 24.86 -32.43 17.40
C GLU A 135 25.94 -31.47 16.88
N ASN A 136 27.13 -32.00 16.65
CA ASN A 136 28.26 -31.20 16.21
C ASN A 136 27.97 -30.25 15.05
N ARG A 137 27.00 -30.61 14.21
CA ARG A 137 26.69 -29.78 13.05
C ARG A 137 25.58 -28.73 13.14
N TRP A 138 24.59 -28.92 13.99
CA TRP A 138 23.47 -27.97 14.12
C TRP A 138 22.94 -27.88 15.55
N ARG A 139 22.23 -26.79 15.84
CA ARG A 139 21.63 -26.59 17.16
C ARG A 139 20.24 -25.98 16.98
N VAL A 140 19.49 -25.94 18.07
CA VAL A 140 18.19 -25.33 18.02
C VAL A 140 18.32 -24.10 18.90
N LEU A 141 17.84 -22.98 18.40
CA LEU A 141 17.88 -21.72 19.12
C LEU A 141 16.70 -21.73 20.08
N LEU A 142 16.98 -21.47 21.35
CA LEU A 142 15.96 -21.42 22.39
C LEU A 142 15.57 -19.96 22.70
N PRO A 143 14.43 -19.75 23.36
CA PRO A 143 13.91 -18.43 23.72
C PRO A 143 14.91 -17.51 24.40
N ASP A 144 15.75 -18.06 25.29
CA ASP A 144 16.73 -17.21 25.96
C ASP A 144 17.83 -16.87 24.96
N GLY A 145 17.76 -17.48 23.78
CA GLY A 145 18.74 -17.19 22.75
C GLY A 145 19.91 -18.15 22.73
N SER A 146 19.73 -19.34 23.29
CA SER A 146 20.83 -20.29 23.30
C SER A 146 20.59 -21.37 22.24
N HIS A 147 21.68 -22.06 21.89
CA HIS A 147 21.64 -23.15 20.94
C HIS A 147 22.11 -24.39 21.69
N VAL A 148 21.20 -25.33 21.92
CA VAL A 148 21.55 -26.54 22.64
C VAL A 148 21.70 -27.67 21.63
N LYS A 149 21.27 -28.87 22.01
CA LYS A 149 21.33 -30.03 21.12
C LYS A 149 19.91 -30.47 20.74
N TYR A 150 19.77 -30.90 19.49
CA TYR A 150 18.50 -31.39 18.99
C TYR A 150 18.29 -32.73 19.65
N PRO A 151 17.12 -32.92 20.27
CA PRO A 151 16.80 -34.18 20.95
C PRO A 151 16.30 -35.27 20.02
N LYS A 152 16.25 -36.48 20.56
CA LYS A 152 15.75 -37.63 19.85
C LYS A 152 14.26 -37.42 19.76
N PRO A 153 13.73 -37.31 18.53
CA PRO A 153 12.31 -37.12 18.31
C PRO A 153 11.59 -38.45 18.52
N ARG A 154 10.27 -38.41 18.57
CA ARG A 154 9.49 -39.61 18.70
C ARG A 154 8.97 -39.85 17.29
N ALA A 155 9.36 -40.98 16.71
CA ALA A 155 8.90 -41.30 15.37
C ALA A 155 7.39 -41.35 15.42
N LEU A 156 6.74 -40.72 14.44
CA LEU A 156 5.29 -40.71 14.37
C LEU A 156 4.80 -42.10 13.97
N GLU A 157 3.68 -42.51 14.57
CA GLU A 157 3.09 -43.78 14.24
C GLU A 157 2.22 -43.45 13.04
N ALA A 158 2.10 -44.39 12.11
CA ALA A 158 1.29 -44.17 10.92
C ALA A 158 -0.11 -43.73 11.35
N SER A 159 -0.55 -44.22 12.50
CA SER A 159 -1.87 -43.89 13.01
C SER A 159 -2.02 -42.41 13.41
N GLU A 160 -0.91 -41.75 13.76
CA GLU A 160 -0.99 -40.35 14.18
C GLU A 160 -0.83 -39.38 13.03
N ILE A 161 -0.30 -39.85 11.91
CA ILE A 161 -0.10 -39.00 10.76
C ILE A 161 -1.38 -38.32 10.28
N PRO A 162 -2.53 -39.01 10.41
CA PRO A 162 -3.77 -38.37 9.94
C PRO A 162 -4.06 -37.11 10.73
N ARG A 163 -3.71 -37.12 12.01
CA ARG A 163 -3.93 -35.95 12.87
C ARG A 163 -2.98 -34.83 12.45
N VAL A 164 -1.75 -35.18 12.10
CA VAL A 164 -0.81 -34.17 11.67
C VAL A 164 -1.30 -33.60 10.35
N VAL A 165 -1.76 -34.45 9.44
CA VAL A 165 -2.29 -33.96 8.16
C VAL A 165 -3.48 -33.05 8.48
N GLU A 166 -4.35 -33.53 9.35
CA GLU A 166 -5.52 -32.76 9.74
C GLU A 166 -5.09 -31.44 10.40
N ASP A 167 -3.99 -31.46 11.14
CA ASP A 167 -3.50 -30.23 11.77
C ASP A 167 -3.24 -29.15 10.73
N TYR A 168 -2.61 -29.49 9.61
CA TYR A 168 -2.40 -28.49 8.59
C TYR A 168 -3.77 -27.96 8.12
N CYS A 169 -4.69 -28.88 7.86
CA CYS A 169 -6.03 -28.49 7.40
C CYS A 169 -6.68 -27.39 8.22
N LEU A 170 -6.75 -27.57 9.54
CA LEU A 170 -7.33 -26.56 10.41
C LEU A 170 -6.57 -25.27 10.14
N SER A 171 -5.27 -25.41 9.92
CA SER A 171 -4.43 -24.24 9.67
C SER A 171 -4.83 -23.64 8.33
N ALA A 172 -4.79 -24.43 7.27
CA ALA A 172 -5.15 -23.91 5.96
C ALA A 172 -6.53 -23.24 6.02
N LEU A 173 -7.42 -23.76 6.87
CA LEU A 173 -8.75 -23.17 7.02
C LEU A 173 -8.67 -21.95 7.93
N ASN A 174 -7.89 -22.04 9.01
CA ASN A 174 -7.77 -20.91 9.92
C ASN A 174 -7.01 -19.78 9.23
N ALA A 175 -6.22 -20.12 8.22
CA ALA A 175 -5.44 -19.12 7.50
C ALA A 175 -6.37 -18.25 6.68
N ILE A 176 -7.24 -18.91 5.90
CA ILE A 176 -8.20 -18.19 5.08
C ILE A 176 -9.09 -17.35 6.00
N ARG A 177 -9.44 -17.90 7.16
CA ARG A 177 -10.28 -17.18 8.10
C ARG A 177 -9.59 -15.92 8.61
N ALA A 178 -8.30 -16.06 8.90
CA ALA A 178 -7.52 -14.94 9.39
C ALA A 178 -7.42 -13.93 8.26
N GLY A 179 -7.85 -14.33 7.08
CA GLY A 179 -7.84 -13.44 5.93
C GLY A 179 -6.73 -13.65 4.92
N PHE A 180 -5.75 -14.50 5.23
CA PHE A 180 -4.66 -14.71 4.29
C PHE A 180 -5.22 -15.04 2.93
N ASP A 181 -4.44 -14.76 1.90
CA ASP A 181 -4.87 -15.05 0.54
C ASP A 181 -4.80 -16.55 0.31
N GLY A 182 -3.65 -17.13 0.58
CA GLY A 182 -3.52 -18.56 0.41
C GLY A 182 -2.60 -19.10 1.47
N ILE A 183 -2.15 -20.33 1.29
CA ILE A 183 -1.24 -20.92 2.22
C ILE A 183 -0.19 -21.67 1.46
N GLU A 184 1.00 -21.73 2.04
CA GLU A 184 2.13 -22.43 1.47
C GLU A 184 2.50 -23.60 2.38
N ILE A 185 2.85 -24.73 1.75
CA ILE A 185 3.27 -25.89 2.49
C ILE A 185 4.78 -25.83 2.60
N HIS A 186 5.29 -25.85 3.82
CA HIS A 186 6.72 -25.79 4.08
C HIS A 186 7.26 -27.23 4.06
N GLY A 187 7.94 -27.59 2.98
CA GLY A 187 8.52 -28.92 2.86
C GLY A 187 10.00 -28.82 2.54
N ALA A 188 10.75 -28.07 3.32
CA ALA A 188 12.17 -27.90 3.04
C ALA A 188 12.98 -27.79 4.30
N HIS A 189 14.25 -27.43 4.14
CA HIS A 189 15.13 -27.20 5.27
C HIS A 189 15.39 -28.40 6.17
N GLY A 190 14.64 -29.47 5.95
CA GLY A 190 14.82 -30.66 6.75
C GLY A 190 13.87 -30.70 7.91
N TYR A 191 12.70 -30.12 7.73
CA TYR A 191 11.68 -30.11 8.77
C TYR A 191 10.77 -31.34 8.71
N LEU A 192 9.61 -31.30 9.37
CA LEU A 192 8.77 -32.49 9.42
C LEU A 192 8.49 -33.13 8.06
N ILE A 193 8.07 -32.33 7.10
CA ILE A 193 7.76 -32.83 5.76
C ILE A 193 9.03 -33.33 5.08
N ASP A 194 10.11 -32.55 5.18
CA ASP A 194 11.37 -32.96 4.57
C ASP A 194 11.98 -34.16 5.31
N GLN A 195 11.67 -34.30 6.60
CA GLN A 195 12.18 -35.45 7.37
C GLN A 195 11.56 -36.74 6.85
N PHE A 196 10.55 -36.59 5.97
CA PHE A 196 9.94 -37.77 5.37
C PHE A 196 10.51 -37.91 3.96
N LEU A 197 10.54 -36.78 3.24
CA LEU A 197 11.04 -36.73 1.88
C LEU A 197 12.45 -37.28 1.67
N LYS A 198 13.40 -36.78 2.47
CA LYS A 198 14.82 -37.15 2.36
C LYS A 198 15.20 -38.54 2.90
N ASP A 199 15.83 -39.36 2.07
CA ASP A 199 16.23 -40.68 2.54
C ASP A 199 17.42 -40.56 3.50
N GLY A 200 17.83 -39.33 3.75
CA GLY A 200 18.95 -39.11 4.67
C GLY A 200 18.39 -39.03 6.08
N ILE A 201 17.07 -39.05 6.19
CA ILE A 201 16.39 -38.94 7.48
C ILE A 201 15.32 -40.00 7.66
N ASN A 202 14.55 -40.20 6.60
CA ASN A 202 13.44 -41.12 6.61
C ASN A 202 13.86 -42.59 6.60
N ASP A 203 13.69 -43.26 7.74
CA ASP A 203 14.04 -44.68 7.87
C ASP A 203 12.75 -45.50 7.94
N ARG A 204 11.64 -44.83 7.72
CA ARG A 204 10.35 -45.48 7.74
C ARG A 204 10.35 -46.79 6.97
N THR A 205 9.75 -47.82 7.56
CA THR A 205 9.65 -49.12 6.94
C THR A 205 8.18 -49.41 6.63
N ASP A 206 7.29 -48.50 7.02
CA ASP A 206 5.87 -48.66 6.73
C ASP A 206 5.59 -47.99 5.38
N GLN A 207 4.35 -47.54 5.15
CA GLN A 207 4.08 -46.93 3.85
C GLN A 207 4.71 -45.55 3.67
N TYR A 208 5.15 -44.92 4.76
CA TYR A 208 5.74 -43.60 4.66
C TYR A 208 7.24 -43.58 4.53
N GLY A 209 7.81 -44.69 4.08
CA GLY A 209 9.25 -44.79 3.90
C GLY A 209 9.55 -46.15 3.31
N GLY A 210 10.72 -46.28 2.68
CA GLY A 210 11.09 -47.53 2.04
C GLY A 210 10.67 -47.45 0.59
N SER A 211 10.40 -46.25 0.13
CA SER A 211 9.98 -46.02 -1.25
C SER A 211 9.87 -44.55 -1.63
N ILE A 212 10.16 -44.29 -2.90
CA ILE A 212 10.10 -42.95 -3.45
C ILE A 212 8.78 -42.29 -3.10
N ALA A 213 7.70 -43.05 -3.24
CA ALA A 213 6.33 -42.59 -2.96
C ALA A 213 5.98 -42.77 -1.50
N ASN A 214 6.70 -43.68 -0.84
CA ASN A 214 6.47 -43.90 0.57
C ASN A 214 6.89 -42.64 1.30
N ARG A 215 8.09 -42.17 0.98
CA ARG A 215 8.63 -40.98 1.60
C ARG A 215 7.86 -39.75 1.11
N CYS A 216 7.66 -39.67 -0.20
CA CYS A 216 6.92 -38.55 -0.76
C CYS A 216 5.49 -38.54 -0.28
N ARG A 217 5.07 -39.66 0.31
CA ARG A 217 3.70 -39.82 0.77
C ARG A 217 3.16 -38.77 1.73
N PHE A 218 3.89 -38.49 2.80
CA PHE A 218 3.42 -37.50 3.78
C PHE A 218 3.12 -36.17 3.10
N LEU A 219 4.04 -35.70 2.27
CA LEU A 219 3.81 -34.43 1.58
C LEU A 219 2.53 -34.56 0.76
N LYS A 220 2.34 -35.69 0.09
CA LYS A 220 1.14 -35.90 -0.70
C LYS A 220 -0.11 -35.80 0.18
N GLN A 221 -0.04 -36.33 1.40
CA GLN A 221 -1.20 -36.26 2.29
C GLN A 221 -1.52 -34.81 2.55
N VAL A 222 -0.65 -34.15 3.30
CA VAL A 222 -0.85 -32.73 3.61
C VAL A 222 -1.31 -31.92 2.39
N VAL A 223 -0.66 -32.11 1.25
CA VAL A 223 -1.05 -31.35 0.07
C VAL A 223 -2.45 -31.71 -0.35
N GLU A 224 -2.82 -32.97 -0.14
CA GLU A 224 -4.17 -33.42 -0.47
C GLU A 224 -5.18 -32.80 0.47
N GLY A 225 -4.91 -32.90 1.78
CA GLY A 225 -5.82 -32.35 2.76
C GLY A 225 -5.94 -30.85 2.56
N VAL A 226 -4.79 -30.22 2.41
CA VAL A 226 -4.74 -28.78 2.21
C VAL A 226 -5.58 -28.37 1.01
N VAL A 227 -5.23 -28.92 -0.15
CA VAL A 227 -5.94 -28.61 -1.39
C VAL A 227 -7.40 -29.02 -1.29
N SER A 228 -7.67 -30.10 -0.54
CA SER A 228 -9.03 -30.55 -0.37
C SER A 228 -9.79 -29.50 0.43
N ALA A 229 -9.17 -29.01 1.50
CA ALA A 229 -9.82 -28.03 2.36
C ALA A 229 -10.00 -26.66 1.77
N ILE A 230 -8.95 -26.07 1.22
CA ILE A 230 -9.11 -24.72 0.71
C ILE A 230 -8.95 -24.47 -0.78
N GLY A 231 -8.69 -25.50 -1.57
CA GLY A 231 -8.56 -25.30 -3.00
C GLY A 231 -7.12 -25.13 -3.43
N ALA A 232 -6.71 -25.96 -4.39
CA ALA A 232 -5.34 -25.92 -4.89
C ALA A 232 -4.84 -24.52 -5.19
N SER A 233 -5.71 -23.66 -5.69
CA SER A 233 -5.35 -22.27 -6.06
C SER A 233 -4.87 -21.44 -4.89
N LYS A 234 -5.25 -21.84 -3.68
CA LYS A 234 -4.82 -21.13 -2.50
C LYS A 234 -3.71 -21.95 -1.85
N VAL A 235 -3.03 -22.76 -2.64
CA VAL A 235 -1.97 -23.58 -2.09
C VAL A 235 -0.67 -23.57 -2.85
N GLY A 236 0.39 -23.26 -2.10
CA GLY A 236 1.73 -23.27 -2.68
C GLY A 236 2.46 -24.38 -1.96
N VAL A 237 3.42 -24.99 -2.63
CA VAL A 237 4.20 -26.05 -2.00
C VAL A 237 5.66 -25.66 -2.09
N ARG A 238 6.42 -25.92 -1.03
CA ARG A 238 7.83 -25.57 -1.07
C ARG A 238 8.72 -26.73 -0.67
N VAL A 239 9.76 -26.99 -1.46
CA VAL A 239 10.69 -28.07 -1.10
C VAL A 239 12.13 -27.67 -1.34
N SER A 240 13.05 -28.48 -0.82
CA SER A 240 14.48 -28.23 -0.99
C SER A 240 15.13 -29.60 -1.17
N PRO A 241 15.25 -30.06 -2.42
CA PRO A 241 15.85 -31.36 -2.65
C PRO A 241 17.35 -31.40 -2.43
N ALA A 242 18.03 -30.32 -2.76
CA ALA A 242 19.48 -30.30 -2.62
C ALA A 242 19.98 -29.45 -1.46
N ILE A 243 19.98 -30.04 -0.27
CA ILE A 243 20.43 -29.37 0.94
C ILE A 243 21.01 -30.44 1.89
N ASP A 244 21.27 -30.04 3.13
CA ASP A 244 21.77 -30.92 4.16
C ASP A 244 21.26 -30.38 5.51
N HIS A 245 20.70 -29.17 5.48
CA HIS A 245 20.15 -28.51 6.66
C HIS A 245 19.48 -29.54 7.58
N LEU A 246 19.96 -29.59 8.82
CA LEU A 246 19.43 -30.52 9.82
C LEU A 246 19.53 -31.95 9.32
N ASP A 247 20.67 -32.28 8.72
CA ASP A 247 20.94 -33.62 8.18
C ASP A 247 19.89 -34.02 7.15
N ALA A 248 19.29 -33.05 6.48
CA ALA A 248 18.27 -33.36 5.50
C ALA A 248 18.91 -33.64 4.15
N THR A 249 19.03 -34.93 3.82
CA THR A 249 19.62 -35.29 2.53
C THR A 249 18.87 -36.42 1.84
N ASP A 250 19.02 -36.48 0.53
CA ASP A 250 18.43 -37.54 -0.25
C ASP A 250 19.32 -37.83 -1.46
N SER A 251 20.14 -38.87 -1.30
CA SER A 251 21.09 -39.36 -2.27
C SER A 251 20.81 -38.93 -3.70
N ASP A 252 19.54 -38.82 -4.04
CA ASP A 252 19.17 -38.42 -5.38
C ASP A 252 18.13 -37.29 -5.37
N PRO A 253 18.57 -36.04 -5.16
CA PRO A 253 17.68 -34.88 -5.12
C PRO A 253 16.71 -34.78 -6.30
N LEU A 254 17.09 -35.38 -7.43
CA LEU A 254 16.26 -35.32 -8.62
C LEU A 254 15.02 -36.18 -8.52
N SER A 255 15.23 -37.48 -8.33
CA SER A 255 14.14 -38.43 -8.23
C SER A 255 13.14 -38.03 -7.16
N LEU A 256 13.62 -37.34 -6.11
CA LEU A 256 12.76 -36.88 -5.04
C LEU A 256 12.02 -35.64 -5.54
N GLY A 257 12.77 -34.69 -6.09
CA GLY A 257 12.17 -33.48 -6.61
C GLY A 257 11.16 -33.81 -7.69
N LEU A 258 11.48 -34.77 -8.55
CA LEU A 258 10.57 -35.13 -9.61
C LEU A 258 9.44 -35.96 -9.02
N ALA A 259 9.72 -36.67 -7.94
CA ALA A 259 8.68 -37.45 -7.28
C ALA A 259 7.71 -36.44 -6.67
N VAL A 260 8.26 -35.37 -6.11
CA VAL A 260 7.42 -34.32 -5.52
C VAL A 260 6.66 -33.65 -6.67
N VAL A 261 7.41 -33.21 -7.68
CA VAL A 261 6.83 -32.57 -8.85
C VAL A 261 5.80 -33.48 -9.50
N GLY A 262 6.21 -34.73 -9.70
CA GLY A 262 5.34 -35.72 -10.31
C GLY A 262 4.06 -35.77 -9.54
N MET A 263 4.18 -35.97 -8.24
CA MET A 263 3.02 -36.05 -7.38
C MET A 263 2.17 -34.78 -7.50
N LEU A 264 2.82 -33.65 -7.75
CA LEU A 264 2.08 -32.40 -7.89
C LEU A 264 1.54 -32.27 -9.31
N ASN A 265 2.30 -32.74 -10.29
CA ASN A 265 1.85 -32.67 -11.67
C ASN A 265 0.72 -33.67 -11.84
N LYS A 266 0.37 -34.36 -10.75
CA LYS A 266 -0.70 -35.34 -10.80
C LYS A 266 -1.88 -34.96 -9.96
N LEU A 267 -1.62 -34.65 -8.68
CA LEU A 267 -2.67 -34.28 -7.76
C LEU A 267 -3.55 -33.16 -8.30
N GLN A 268 -2.95 -32.19 -8.98
CA GLN A 268 -3.72 -31.08 -9.52
C GLN A 268 -4.90 -31.59 -10.33
N GLY A 269 -4.64 -32.54 -11.22
CA GLY A 269 -5.71 -33.11 -12.00
C GLY A 269 -6.73 -33.81 -11.12
N VAL A 270 -6.24 -34.51 -10.08
CA VAL A 270 -7.11 -35.24 -9.16
C VAL A 270 -8.24 -34.34 -8.65
N ASN A 271 -7.88 -33.19 -8.09
CA ASN A 271 -8.86 -32.25 -7.57
C ASN A 271 -9.40 -31.34 -8.69
N GLY A 272 -8.94 -31.59 -9.92
CA GLY A 272 -9.36 -30.77 -11.04
C GLY A 272 -8.98 -29.32 -10.77
N SER A 273 -8.01 -29.16 -9.87
CA SER A 273 -7.55 -27.84 -9.48
C SER A 273 -6.03 -27.81 -9.40
N LYS A 274 -5.45 -26.68 -9.82
CA LYS A 274 -4.02 -26.45 -9.82
C LYS A 274 -3.55 -25.62 -8.61
N LEU A 275 -2.34 -25.91 -8.15
CA LEU A 275 -1.74 -25.21 -7.03
C LEU A 275 -1.41 -23.77 -7.43
N ALA A 276 -1.26 -22.89 -6.46
CA ALA A 276 -0.90 -21.52 -6.76
C ALA A 276 0.53 -21.55 -7.29
N TYR A 277 1.34 -22.47 -6.76
CA TYR A 277 2.73 -22.56 -7.19
C TYR A 277 3.52 -23.65 -6.49
N LEU A 278 4.71 -23.91 -7.03
CA LEU A 278 5.67 -24.84 -6.45
C LEU A 278 6.83 -23.92 -6.13
N HIS A 279 7.30 -23.97 -4.89
CA HIS A 279 8.38 -23.14 -4.39
C HIS A 279 9.57 -24.07 -4.08
N VAL A 280 10.68 -23.89 -4.78
CA VAL A 280 11.82 -24.75 -4.55
C VAL A 280 13.02 -23.99 -4.04
N THR A 281 13.57 -24.48 -2.94
CA THR A 281 14.75 -23.90 -2.32
C THR A 281 15.98 -24.31 -3.10
N GLN A 282 16.80 -23.33 -3.47
CA GLN A 282 18.02 -23.61 -4.21
C GLN A 282 19.22 -23.44 -3.28
N PRO A 283 20.10 -24.46 -3.22
CA PRO A 283 21.25 -24.29 -2.34
C PRO A 283 22.12 -23.29 -3.09
N ARG A 284 22.76 -22.39 -2.35
CA ARG A 284 23.61 -21.39 -2.97
C ARG A 284 24.85 -21.10 -2.12
N GLU A 300 25.95 -24.33 -12.33
CA GLU A 300 26.21 -25.59 -13.02
C GLU A 300 25.09 -26.56 -12.67
N GLU A 301 25.48 -27.73 -12.13
CA GLU A 301 24.53 -28.76 -11.72
C GLU A 301 23.44 -28.12 -10.86
N GLU A 302 23.79 -26.98 -10.27
CA GLU A 302 22.87 -26.24 -9.43
C GLU A 302 21.58 -25.92 -10.15
N ALA A 303 21.65 -24.98 -11.09
CA ALA A 303 20.50 -24.57 -11.86
C ALA A 303 20.00 -25.76 -12.69
N LYS A 304 20.81 -26.80 -12.78
CA LYS A 304 20.45 -28.01 -13.51
C LYS A 304 19.23 -28.63 -12.83
N LEU A 305 19.35 -28.95 -11.54
CA LEU A 305 18.23 -29.55 -10.82
C LEU A 305 17.03 -28.60 -10.89
N MET A 306 17.30 -27.31 -10.69
CA MET A 306 16.23 -26.32 -10.74
C MET A 306 15.72 -26.19 -12.17
N LYS A 307 16.59 -26.45 -13.13
CA LYS A 307 16.19 -26.35 -14.54
C LYS A 307 15.19 -27.46 -14.73
N SER A 308 15.68 -28.67 -14.50
CA SER A 308 14.88 -29.87 -14.62
C SER A 308 13.57 -29.72 -13.90
N LEU A 309 13.65 -29.47 -12.59
CA LEU A 309 12.46 -29.34 -11.76
C LEU A 309 11.46 -28.39 -12.37
N ARG A 310 11.93 -27.20 -12.70
CA ARG A 310 11.05 -26.21 -13.28
C ARG A 310 10.49 -26.79 -14.58
N MET A 311 11.32 -27.48 -15.34
CA MET A 311 10.85 -28.04 -16.61
C MET A 311 9.67 -28.98 -16.39
N ALA A 312 9.85 -29.98 -15.54
CA ALA A 312 8.81 -30.97 -15.26
C ALA A 312 7.51 -30.41 -14.70
N TYR A 313 7.61 -29.73 -13.56
CA TYR A 313 6.43 -29.21 -12.92
C TYR A 313 5.53 -28.49 -13.89
N ASN A 314 4.24 -28.77 -13.82
CA ASN A 314 3.29 -28.10 -14.69
C ASN A 314 2.57 -27.00 -13.93
N GLY A 315 3.19 -25.83 -13.87
CA GLY A 315 2.59 -24.73 -13.15
C GLY A 315 3.59 -23.65 -12.81
N THR A 316 3.11 -22.71 -12.01
CA THR A 316 3.88 -21.59 -11.55
C THR A 316 5.04 -22.08 -10.70
N PHE A 317 6.24 -21.67 -11.10
CA PHE A 317 7.44 -22.07 -10.41
C PHE A 317 8.09 -20.86 -9.77
N MET A 318 8.31 -20.98 -8.46
CA MET A 318 8.94 -19.94 -7.68
C MET A 318 10.29 -20.44 -7.24
N SER A 319 11.34 -19.90 -7.85
CA SER A 319 12.68 -20.30 -7.51
C SER A 319 13.14 -19.44 -6.35
N SER A 320 13.97 -20.01 -5.48
CA SER A 320 14.43 -19.30 -4.30
C SER A 320 15.81 -19.74 -3.82
N GLY A 321 16.51 -18.85 -3.12
CA GLY A 321 17.83 -19.19 -2.60
C GLY A 321 18.97 -18.38 -3.19
N GLY A 322 19.45 -17.39 -2.43
CA GLY A 322 20.58 -16.57 -2.84
C GLY A 322 20.44 -15.61 -4.00
N PHE A 323 19.22 -15.41 -4.50
CA PHE A 323 19.02 -14.51 -5.62
C PHE A 323 19.17 -13.04 -5.29
N ASN A 324 19.63 -12.27 -6.27
CA ASN A 324 19.77 -10.84 -6.14
C ASN A 324 18.99 -10.36 -7.36
N LYS A 325 18.98 -9.06 -7.65
CA LYS A 325 18.21 -8.62 -8.81
C LYS A 325 18.74 -9.27 -10.07
N GLU A 326 20.00 -8.98 -10.40
CA GLU A 326 20.58 -9.54 -11.61
C GLU A 326 20.17 -10.99 -11.82
N LEU A 327 20.43 -11.85 -10.83
CA LEU A 327 20.10 -13.26 -10.96
C LEU A 327 18.61 -13.55 -11.11
N GLY A 328 17.77 -12.72 -10.50
CA GLY A 328 16.33 -12.92 -10.60
C GLY A 328 15.82 -12.55 -11.98
N MET A 329 16.33 -11.45 -12.49
CA MET A 329 15.97 -10.99 -13.82
C MET A 329 16.30 -12.07 -14.83
N GLN A 330 17.50 -12.60 -14.77
CA GLN A 330 17.87 -13.63 -15.72
C GLN A 330 17.15 -14.94 -15.42
N ALA A 331 16.56 -15.04 -14.24
CA ALA A 331 15.82 -16.24 -13.85
C ALA A 331 14.52 -16.24 -14.64
N VAL A 332 13.80 -15.14 -14.56
CA VAL A 332 12.54 -15.01 -15.28
C VAL A 332 12.77 -14.94 -16.81
N GLN A 333 13.66 -14.05 -17.24
CA GLN A 333 13.94 -13.89 -18.66
C GLN A 333 14.14 -15.25 -19.35
N GLN A 334 15.05 -16.05 -18.80
CA GLN A 334 15.37 -17.36 -19.34
C GLN A 334 14.37 -18.46 -18.99
N GLY A 335 13.19 -18.08 -18.53
CA GLY A 335 12.19 -19.07 -18.19
C GLY A 335 12.57 -20.06 -17.10
N ASP A 336 13.61 -19.73 -16.33
CA ASP A 336 14.04 -20.60 -15.24
C ASP A 336 13.06 -20.52 -14.08
N ALA A 337 12.33 -19.41 -14.02
CA ALA A 337 11.36 -19.25 -12.94
C ALA A 337 10.29 -18.27 -13.33
N ASP A 338 9.13 -18.40 -12.71
CA ASP A 338 8.04 -17.47 -12.95
C ASP A 338 8.17 -16.39 -11.88
N LEU A 339 8.66 -16.81 -10.72
CA LEU A 339 8.80 -15.92 -9.57
C LEU A 339 10.04 -16.27 -8.78
N VAL A 340 10.64 -15.25 -8.20
CA VAL A 340 11.84 -15.40 -7.41
C VAL A 340 11.57 -14.78 -6.04
N SER A 341 11.64 -15.59 -5.00
CA SER A 341 11.40 -15.07 -3.66
C SER A 341 12.71 -14.54 -3.08
N TYR A 342 12.60 -13.49 -2.27
CA TYR A 342 13.76 -12.89 -1.66
C TYR A 342 13.63 -12.90 -0.14
N GLY A 343 14.67 -13.41 0.51
CA GLY A 343 14.68 -13.50 1.96
C GLY A 343 15.47 -12.40 2.63
N ARG A 344 16.80 -12.54 2.63
CA ARG A 344 17.64 -11.57 3.31
C ARG A 344 17.52 -10.16 2.80
N LEU A 345 17.50 -9.98 1.47
CA LEU A 345 17.36 -8.62 0.95
C LEU A 345 16.04 -7.99 1.38
N PHE A 346 14.99 -8.79 1.49
CA PHE A 346 13.70 -8.24 1.87
C PHE A 346 13.69 -7.92 3.34
N ILE A 347 14.54 -8.62 4.07
CA ILE A 347 14.66 -8.39 5.50
C ILE A 347 15.15 -6.96 5.68
N ALA A 348 16.20 -6.62 4.92
CA ALA A 348 16.81 -5.29 5.03
C ALA A 348 16.20 -4.23 4.12
N ASN A 349 15.32 -4.64 3.19
CA ASN A 349 14.72 -3.66 2.27
C ASN A 349 13.20 -3.78 2.17
N PRO A 350 12.50 -3.05 3.03
CA PRO A 350 11.05 -3.11 2.98
C PRO A 350 10.58 -2.82 1.56
N ASP A 351 11.23 -1.84 0.93
CA ASP A 351 10.91 -1.45 -0.44
C ASP A 351 11.85 -2.12 -1.43
N LEU A 352 12.07 -3.41 -1.25
CA LEU A 352 12.98 -4.15 -2.13
C LEU A 352 12.57 -4.07 -3.61
N VAL A 353 11.28 -4.17 -3.88
CA VAL A 353 10.83 -4.15 -5.27
C VAL A 353 11.16 -2.83 -5.96
N SER A 354 10.83 -1.73 -5.30
CA SER A 354 11.10 -0.41 -5.87
C SER A 354 12.60 -0.21 -6.09
N ARG A 355 13.40 -0.72 -5.16
CA ARG A 355 14.85 -0.59 -5.27
C ARG A 355 15.32 -1.37 -6.46
N PHE A 356 14.87 -2.61 -6.58
CA PHE A 356 15.27 -3.43 -7.71
C PHE A 356 14.91 -2.74 -9.01
N LYS A 357 13.68 -2.23 -9.06
CA LYS A 357 13.15 -1.59 -10.26
C LYS A 357 14.03 -0.46 -10.78
N ILE A 358 14.42 0.45 -9.91
CA ILE A 358 15.24 1.56 -10.36
C ILE A 358 16.73 1.20 -10.32
N ASP A 359 17.02 -0.10 -10.34
CA ASP A 359 18.41 -0.57 -10.27
C ASP A 359 19.19 0.25 -9.23
N GLY A 360 18.54 0.54 -8.10
CA GLY A 360 19.17 1.30 -7.04
C GLY A 360 19.96 0.43 -6.08
N GLU A 361 20.39 0.99 -4.95
CA GLU A 361 21.18 0.23 -3.97
C GLU A 361 20.28 -0.60 -3.05
N LEU A 362 20.89 -1.55 -2.36
CA LEU A 362 20.16 -2.40 -1.42
C LEU A 362 20.76 -2.30 -0.03
N ASN A 363 19.91 -1.98 0.96
CA ASN A 363 20.35 -1.88 2.34
C ASN A 363 21.06 -3.16 2.68
N LYS A 364 21.85 -3.12 3.74
CA LYS A 364 22.54 -4.30 4.19
C LYS A 364 21.75 -4.84 5.36
N TYR A 365 21.57 -6.15 5.41
CA TYR A 365 20.84 -6.76 6.50
C TYR A 365 21.83 -7.05 7.63
N ASN A 366 21.31 -7.18 8.83
CA ASN A 366 22.15 -7.49 9.98
C ASN A 366 21.78 -8.86 10.50
N ARG A 367 22.72 -9.80 10.39
CA ARG A 367 22.52 -11.17 10.85
C ARG A 367 22.09 -11.25 12.31
N LYS A 368 22.82 -10.59 13.20
CA LYS A 368 22.46 -10.65 14.61
C LYS A 368 21.02 -10.23 14.81
N THR A 369 20.49 -9.55 13.80
CA THR A 369 19.11 -9.09 13.86
C THR A 369 18.16 -9.95 13.04
N PHE A 370 18.59 -11.14 12.64
CA PHE A 370 17.72 -12.02 11.87
C PHE A 370 16.62 -12.54 12.77
N TYR A 371 17.06 -13.18 13.86
CA TYR A 371 16.18 -13.80 14.83
C TYR A 371 16.17 -13.11 16.17
N THR A 372 16.40 -11.80 16.15
CA THR A 372 16.38 -11.02 17.37
C THR A 372 14.90 -10.91 17.75
N GLN A 373 14.62 -10.38 18.93
CA GLN A 373 13.24 -10.32 19.40
C GLN A 373 12.55 -8.97 19.45
N ASP A 374 13.25 -7.89 19.15
CA ASP A 374 12.55 -6.63 19.26
C ASP A 374 11.57 -6.46 18.13
N PRO A 375 10.47 -5.73 18.39
CA PRO A 375 9.47 -5.50 17.35
C PRO A 375 9.95 -4.54 16.30
N VAL A 376 10.76 -3.58 16.71
CA VAL A 376 11.27 -2.60 15.79
C VAL A 376 12.69 -2.88 15.37
N VAL A 377 13.56 -3.15 16.33
CA VAL A 377 14.98 -3.38 16.06
C VAL A 377 15.33 -4.49 15.06
N GLY A 378 15.88 -4.08 13.92
CA GLY A 378 16.27 -5.03 12.89
C GLY A 378 15.05 -5.66 12.24
N TYR A 379 13.89 -5.10 12.52
CA TYR A 379 12.64 -5.63 11.98
C TYR A 379 11.92 -4.64 11.05
N THR A 380 11.35 -3.59 11.64
CA THR A 380 10.64 -2.60 10.84
C THR A 380 11.45 -1.31 10.72
N ASP A 381 12.71 -1.32 11.14
CA ASP A 381 13.50 -0.10 11.08
C ASP A 381 14.55 -0.03 9.97
N TYR A 382 14.51 -0.95 9.02
CA TYR A 382 15.44 -0.86 7.90
C TYR A 382 14.75 0.22 7.04
N PRO A 383 15.53 1.18 6.53
CA PRO A 383 15.01 2.29 5.73
C PRO A 383 14.61 2.08 4.28
N PHE A 384 13.57 2.80 3.90
CA PHE A 384 13.07 2.80 2.52
C PHE A 384 14.06 3.75 1.85
N LEU A 385 14.14 3.71 0.52
CA LEU A 385 15.04 4.62 -0.18
C LEU A 385 14.65 6.05 0.15
N ALA A 386 15.62 6.95 0.12
CA ALA A 386 15.35 8.35 0.36
C ALA A 386 14.43 8.77 -0.79
N PRO A 387 13.25 9.32 -0.48
CA PRO A 387 12.32 9.74 -1.53
C PRO A 387 12.99 10.64 -2.55
N ASN B 9 -7.49 41.25 17.30
CA ASN B 9 -6.05 41.63 17.13
C ASN B 9 -5.54 41.43 15.71
N GLU B 10 -5.07 40.22 15.41
CA GLU B 10 -4.51 39.85 14.09
C GLU B 10 -5.40 40.17 12.88
N THR B 11 -4.86 39.99 11.69
CA THR B 11 -5.63 40.29 10.48
C THR B 11 -5.18 39.42 9.32
N LEU B 12 -5.76 39.67 8.15
CA LEU B 12 -5.41 38.96 6.92
C LEU B 12 -3.99 39.34 6.55
N PHE B 13 -3.53 40.47 7.08
CA PHE B 13 -2.21 40.96 6.75
C PHE B 13 -1.11 40.53 7.71
N SER B 14 -1.49 39.92 8.83
CA SER B 14 -0.48 39.45 9.77
C SER B 14 0.30 38.33 9.07
N SER B 15 1.60 38.30 9.30
CA SER B 15 2.44 37.30 8.73
C SER B 15 2.07 36.02 9.43
N TYR B 16 2.49 34.89 8.88
CA TYR B 16 2.17 33.63 9.51
C TYR B 16 3.26 32.60 9.44
N LYS B 17 3.38 31.83 10.51
CA LYS B 17 4.37 30.78 10.57
C LYS B 17 3.64 29.49 10.25
N MET B 18 3.67 29.10 8.99
CA MET B 18 3.02 27.85 8.55
C MET B 18 4.07 26.75 8.58
N GLY B 19 4.31 26.19 9.75
CA GLY B 19 5.33 25.15 9.87
C GLY B 19 6.63 25.74 9.32
N ARG B 20 7.09 25.20 8.20
CA ARG B 20 8.32 25.67 7.58
C ARG B 20 8.12 26.80 6.59
N PHE B 21 6.91 27.32 6.48
CA PHE B 21 6.68 28.40 5.56
C PHE B 21 6.15 29.63 6.27
N ASP B 22 6.99 30.65 6.39
CA ASP B 22 6.60 31.90 7.03
C ASP B 22 5.93 32.77 5.99
N LEU B 23 4.61 32.91 6.09
CA LEU B 23 3.88 33.71 5.14
C LEU B 23 3.87 35.17 5.55
N SER B 24 3.72 36.05 4.56
CA SER B 24 3.67 37.49 4.79
C SER B 24 2.26 37.85 5.23
N HIS B 25 1.29 37.02 4.86
CA HIS B 25 -0.09 37.30 5.23
C HIS B 25 -0.93 36.03 5.19
N ARG B 26 -2.21 36.17 5.52
CA ARG B 26 -3.12 35.04 5.61
C ARG B 26 -3.99 34.86 4.39
N VAL B 27 -3.71 35.63 3.35
CA VAL B 27 -4.52 35.55 2.14
C VAL B 27 -3.92 34.50 1.22
N VAL B 28 -4.72 33.49 0.90
CA VAL B 28 -4.25 32.41 0.07
C VAL B 28 -5.03 32.35 -1.22
N LEU B 29 -4.33 31.99 -2.29
CA LEU B 29 -4.97 31.83 -3.58
C LEU B 29 -5.53 30.41 -3.50
N ALA B 30 -6.84 30.28 -3.69
CA ALA B 30 -7.48 28.99 -3.64
C ALA B 30 -7.11 28.18 -4.86
N PRO B 31 -6.91 26.87 -4.69
CA PRO B 31 -6.55 26.03 -5.84
C PRO B 31 -7.71 26.20 -6.82
N MET B 32 -7.45 26.68 -8.04
CA MET B 32 -8.57 26.86 -8.97
C MET B 32 -8.43 26.29 -10.35
N THR B 33 -9.35 25.40 -10.72
CA THR B 33 -9.34 24.85 -12.08
C THR B 33 -9.65 25.98 -13.03
N ARG B 34 -8.84 26.09 -14.08
CA ARG B 34 -9.04 27.16 -15.06
C ARG B 34 -8.97 26.60 -16.47
N CYS B 35 -8.38 25.41 -16.60
CA CYS B 35 -8.31 24.75 -17.91
C CYS B 35 -7.51 25.50 -18.99
N ARG B 36 -6.44 26.17 -18.58
CA ARG B 36 -5.60 26.86 -19.55
C ARG B 36 -4.34 26.03 -19.82
N ALA B 37 -4.18 24.96 -19.04
CA ALA B 37 -3.04 24.04 -19.17
C ALA B 37 -3.29 23.13 -20.37
N LEU B 38 -3.79 23.73 -21.46
CA LEU B 38 -4.10 22.99 -22.66
C LEU B 38 -3.34 21.69 -22.80
N ASN B 39 -4.10 20.59 -22.95
CA ASN B 39 -3.52 19.28 -23.15
C ASN B 39 -2.74 18.73 -21.95
N GLY B 40 -3.06 19.25 -20.77
CA GLY B 40 -2.45 18.77 -19.55
C GLY B 40 -1.06 19.26 -19.24
N VAL B 41 -0.51 20.05 -20.16
CA VAL B 41 0.86 20.53 -19.97
C VAL B 41 0.88 21.93 -19.36
N PRO B 42 1.51 22.10 -18.17
CA PRO B 42 1.56 23.44 -17.56
C PRO B 42 2.37 24.26 -18.57
N ASN B 43 2.00 25.50 -18.79
CA ASN B 43 2.69 26.33 -19.78
C ASN B 43 3.04 27.74 -19.32
N ALA B 44 3.32 28.62 -20.28
CA ALA B 44 3.71 29.98 -19.92
C ALA B 44 2.56 30.81 -19.38
N ALA B 45 1.35 30.57 -19.88
CA ALA B 45 0.18 31.32 -19.42
C ALA B 45 -0.05 31.02 -17.94
N LEU B 46 0.10 29.76 -17.55
CA LEU B 46 -0.08 29.41 -16.17
C LEU B 46 0.94 30.19 -15.36
N ALA B 47 2.21 30.06 -15.73
CA ALA B 47 3.28 30.74 -15.02
C ALA B 47 2.95 32.22 -14.86
N GLU B 48 2.36 32.82 -15.89
CA GLU B 48 2.00 34.23 -15.85
C GLU B 48 0.83 34.47 -14.88
N TYR B 49 -0.21 33.65 -14.99
CA TYR B 49 -1.39 33.75 -14.13
C TYR B 49 -1.02 33.64 -12.65
N TYR B 50 -0.14 32.68 -12.33
CA TYR B 50 0.26 32.50 -10.94
C TYR B 50 1.22 33.57 -10.52
N ALA B 51 2.22 33.81 -11.34
CA ALA B 51 3.22 34.83 -11.06
C ALA B 51 2.48 36.07 -10.60
N GLN B 52 1.53 36.49 -11.42
CA GLN B 52 0.72 37.67 -11.13
C GLN B 52 0.09 37.64 -9.76
N ARG B 53 -0.26 36.45 -9.30
CA ARG B 53 -0.95 36.33 -8.02
C ARG B 53 -0.04 36.09 -6.84
N THR B 54 1.25 36.00 -7.09
CA THR B 54 2.13 35.77 -5.98
C THR B 54 2.71 37.07 -5.41
N THR B 55 2.49 37.24 -4.12
CA THR B 55 2.98 38.39 -3.38
C THR B 55 4.15 37.86 -2.58
N PRO B 56 5.14 38.70 -2.31
CA PRO B 56 6.26 38.20 -1.52
C PRO B 56 5.65 37.65 -0.25
N GLY B 57 6.02 36.42 0.08
CA GLY B 57 5.48 35.81 1.28
C GLY B 57 4.03 35.36 1.14
N GLY B 58 3.55 35.32 -0.09
CA GLY B 58 2.17 34.88 -0.33
C GLY B 58 2.15 33.38 -0.50
N PHE B 59 1.06 32.74 -0.07
CA PHE B 59 0.94 31.30 -0.20
C PHE B 59 -0.08 30.95 -1.31
N LEU B 60 0.36 30.12 -2.25
CA LEU B 60 -0.48 29.70 -3.36
C LEU B 60 -0.73 28.21 -3.34
N ILE B 61 -1.74 27.81 -4.09
CA ILE B 61 -2.12 26.44 -4.27
C ILE B 61 -2.70 26.41 -5.68
N SER B 62 -2.19 25.48 -6.48
CA SER B 62 -2.60 25.32 -7.85
C SER B 62 -3.92 24.61 -7.99
N GLU B 63 -4.45 24.65 -9.22
CA GLU B 63 -5.68 23.98 -9.58
C GLU B 63 -5.53 22.49 -9.29
N GLY B 64 -6.64 21.80 -9.02
CA GLY B 64 -6.54 20.37 -8.78
C GLY B 64 -5.69 19.78 -9.90
N THR B 65 -4.63 19.06 -9.54
CA THR B 65 -3.72 18.51 -10.51
C THR B 65 -3.78 16.98 -10.59
N MET B 66 -4.07 16.48 -11.78
CA MET B 66 -4.19 15.05 -12.02
C MET B 66 -3.03 14.26 -11.47
N VAL B 67 -3.35 13.25 -10.65
CA VAL B 67 -2.32 12.40 -10.12
C VAL B 67 -2.15 11.29 -11.14
N SER B 68 -3.05 11.25 -12.12
CA SER B 68 -2.98 10.24 -13.15
C SER B 68 -3.92 10.52 -14.30
N PRO B 69 -3.60 9.98 -15.49
CA PRO B 69 -4.47 10.20 -16.63
C PRO B 69 -5.77 9.65 -16.11
N GLY B 70 -6.88 10.34 -16.31
CA GLY B 70 -8.12 9.79 -15.79
C GLY B 70 -8.46 10.35 -14.41
N SER B 71 -7.47 10.74 -13.62
CA SER B 71 -7.78 11.27 -12.28
C SER B 71 -8.24 12.74 -12.36
N ALA B 72 -8.63 13.15 -13.57
CA ALA B 72 -9.10 14.50 -13.84
C ALA B 72 -10.44 14.44 -14.57
N GLY B 73 -11.30 15.43 -14.33
CA GLY B 73 -12.59 15.44 -14.96
C GLY B 73 -12.89 16.77 -15.59
N PHE B 74 -11.84 17.43 -16.08
CA PHE B 74 -11.94 18.75 -16.72
C PHE B 74 -11.00 18.77 -17.92
N PRO B 75 -11.34 19.57 -18.94
CA PRO B 75 -10.48 19.63 -20.10
C PRO B 75 -9.38 20.68 -19.95
N HIS B 76 -8.16 20.27 -20.27
CA HIS B 76 -7.02 21.18 -20.22
C HIS B 76 -6.57 21.57 -18.83
N VAL B 77 -6.53 20.55 -17.99
CA VAL B 77 -6.08 20.71 -16.64
C VAL B 77 -4.74 20.01 -16.67
N PRO B 78 -3.82 20.44 -15.83
CA PRO B 78 -2.50 19.80 -15.82
C PRO B 78 -2.45 18.58 -14.95
N GLY B 79 -1.29 17.94 -14.98
CA GLY B 79 -1.06 16.77 -14.15
C GLY B 79 0.35 16.94 -13.63
N ILE B 80 0.73 16.12 -12.68
CA ILE B 80 2.07 16.21 -12.17
C ILE B 80 2.62 14.78 -12.12
N TYR B 81 2.01 13.90 -12.91
CA TYR B 81 2.44 12.52 -12.91
C TYR B 81 3.46 12.17 -13.99
N SER B 82 3.66 13.07 -14.96
CA SER B 82 4.62 12.77 -16.02
C SER B 82 5.86 13.67 -15.99
N ASP B 83 6.98 13.14 -16.47
CA ASP B 83 8.20 13.91 -16.49
C ASP B 83 8.01 15.21 -17.25
N GLU B 84 7.29 15.13 -18.36
CA GLU B 84 7.04 16.33 -19.14
C GLU B 84 6.26 17.38 -18.35
N GLN B 85 5.25 16.94 -17.60
CA GLN B 85 4.44 17.87 -16.82
C GLN B 85 5.36 18.54 -15.81
N VAL B 86 6.17 17.73 -15.15
CA VAL B 86 7.11 18.24 -14.17
C VAL B 86 7.95 19.34 -14.80
N GLU B 87 8.59 19.04 -15.93
CA GLU B 87 9.40 20.06 -16.59
C GLU B 87 8.58 21.31 -16.84
N ALA B 88 7.38 21.11 -17.37
CA ALA B 88 6.50 22.24 -17.67
C ALA B 88 6.17 23.04 -16.40
N TRP B 89 6.06 22.36 -15.27
CA TRP B 89 5.77 23.05 -14.01
C TRP B 89 6.97 23.79 -13.47
N LYS B 90 8.13 23.49 -14.03
CA LYS B 90 9.32 24.16 -13.53
C LYS B 90 9.15 25.67 -13.60
N GLN B 91 8.82 26.19 -14.79
CA GLN B 91 8.65 27.62 -14.98
C GLN B 91 7.67 28.21 -14.01
N VAL B 92 6.65 27.44 -13.65
CA VAL B 92 5.68 27.97 -12.70
C VAL B 92 6.33 28.12 -11.34
N VAL B 93 6.75 26.99 -10.79
CA VAL B 93 7.39 26.95 -9.49
C VAL B 93 8.66 27.80 -9.51
N GLU B 94 8.85 28.50 -10.62
CA GLU B 94 9.98 29.41 -10.80
C GLU B 94 9.47 30.86 -10.77
N ALA B 95 8.39 31.11 -11.49
CA ALA B 95 7.80 32.44 -11.55
C ALA B 95 7.24 32.87 -10.18
N VAL B 96 6.47 31.99 -9.56
CA VAL B 96 5.90 32.27 -8.23
C VAL B 96 7.04 32.41 -7.27
N HIS B 97 7.96 31.45 -7.31
CA HIS B 97 9.08 31.48 -6.42
C HIS B 97 9.93 32.73 -6.53
N ALA B 98 10.37 33.03 -7.76
CA ALA B 98 11.21 34.20 -7.98
C ALA B 98 10.53 35.46 -7.47
N LYS B 99 9.21 35.41 -7.28
CA LYS B 99 8.47 36.57 -6.80
C LYS B 99 8.21 36.54 -5.30
N GLY B 100 8.89 35.64 -4.59
CA GLY B 100 8.74 35.60 -3.14
C GLY B 100 7.62 34.74 -2.59
N GLY B 101 6.81 34.18 -3.48
CA GLY B 101 5.70 33.38 -3.02
C GLY B 101 6.03 31.93 -2.74
N PHE B 102 5.04 31.23 -2.17
CA PHE B 102 5.12 29.80 -1.88
C PHE B 102 3.96 29.17 -2.63
N ILE B 103 4.20 28.02 -3.24
CA ILE B 103 3.13 27.38 -3.97
C ILE B 103 3.12 25.89 -3.72
N PHE B 104 1.92 25.40 -3.43
CA PHE B 104 1.70 24.00 -3.18
C PHE B 104 1.04 23.43 -4.42
N CYS B 105 1.38 22.20 -4.75
CA CYS B 105 0.77 21.58 -5.90
C CYS B 105 -0.38 20.76 -5.36
N GLN B 106 -1.60 21.08 -5.76
CA GLN B 106 -2.72 20.27 -5.29
C GLN B 106 -2.70 18.98 -6.09
N LEU B 107 -3.13 17.88 -5.47
CA LEU B 107 -3.17 16.59 -6.14
C LEU B 107 -4.64 16.25 -6.22
N TRP B 108 -5.09 16.14 -7.46
CA TRP B 108 -6.50 15.95 -7.75
C TRP B 108 -7.01 14.71 -8.46
N HIS B 109 -7.74 13.87 -7.74
CA HIS B 109 -8.33 12.75 -8.40
C HIS B 109 -9.82 13.05 -8.32
N VAL B 110 -10.47 13.15 -9.48
CA VAL B 110 -11.90 13.48 -9.53
C VAL B 110 -12.84 12.29 -9.32
N GLY B 111 -12.29 11.08 -9.36
CA GLY B 111 -13.13 9.92 -9.18
C GLY B 111 -14.22 9.87 -10.25
N ARG B 112 -15.46 9.77 -9.82
CA ARG B 112 -16.56 9.65 -10.77
C ARG B 112 -16.91 10.93 -11.50
N ALA B 113 -16.46 12.07 -10.99
CA ALA B 113 -16.77 13.35 -11.65
C ALA B 113 -15.86 13.48 -12.84
N SER B 114 -15.99 12.55 -13.77
CA SER B 114 -15.18 12.56 -14.95
C SER B 114 -16.05 12.05 -16.08
N HIS B 115 -15.42 11.60 -17.15
CA HIS B 115 -16.19 11.12 -18.28
C HIS B 115 -15.24 10.29 -19.12
N ALA B 116 -15.80 9.37 -19.90
CA ALA B 116 -14.99 8.50 -20.78
C ALA B 116 -13.97 9.34 -21.53
N VAL B 117 -14.36 10.56 -21.87
CA VAL B 117 -13.50 11.47 -22.59
C VAL B 117 -12.15 11.67 -21.87
N TYR B 118 -12.16 11.61 -20.54
CA TYR B 118 -10.94 11.82 -19.76
C TYR B 118 -10.33 10.56 -19.22
N GLN B 119 -10.81 9.41 -19.67
CA GLN B 119 -10.31 8.17 -19.16
C GLN B 119 -9.37 7.42 -20.08
N PRO B 120 -8.36 6.75 -19.50
CA PRO B 120 -7.43 6.01 -20.37
C PRO B 120 -8.30 4.96 -21.04
N ASN B 121 -8.28 4.93 -22.37
CA ASN B 121 -9.05 3.94 -23.12
C ASN B 121 -10.55 4.12 -23.13
N GLY B 122 -10.99 5.36 -23.00
CA GLY B 122 -12.43 5.66 -22.98
C GLY B 122 -13.16 4.84 -21.94
N GLY B 123 -12.45 4.46 -20.88
CA GLY B 123 -13.06 3.66 -19.85
C GLY B 123 -13.90 4.49 -18.90
N SER B 124 -14.36 3.84 -17.84
CA SER B 124 -15.18 4.50 -16.86
C SER B 124 -14.37 5.17 -15.77
N PRO B 125 -14.89 6.27 -15.24
CA PRO B 125 -14.16 6.96 -14.17
C PRO B 125 -14.20 5.99 -12.99
N ILE B 126 -13.19 6.05 -12.13
CA ILE B 126 -13.19 5.16 -10.98
C ILE B 126 -13.82 5.87 -9.79
N SER B 127 -14.31 5.09 -8.83
CA SER B 127 -14.94 5.65 -7.67
C SER B 127 -15.01 4.61 -6.57
N SER B 128 -15.38 5.06 -5.39
CA SER B 128 -15.51 4.14 -4.27
C SER B 128 -16.73 3.29 -4.58
N THR B 129 -17.63 3.86 -5.38
CA THR B 129 -18.90 3.22 -5.67
C THR B 129 -19.25 3.16 -7.17
N ASN B 130 -20.39 2.55 -7.48
CA ASN B 130 -20.89 2.44 -8.84
C ASN B 130 -21.99 3.46 -9.07
N LYS B 131 -22.37 4.20 -8.04
CA LYS B 131 -23.42 5.20 -8.20
C LYS B 131 -22.88 6.42 -8.94
N PRO B 132 -23.60 6.89 -9.96
CA PRO B 132 -23.20 8.05 -10.74
C PRO B 132 -23.65 9.32 -10.07
N ILE B 133 -23.00 10.41 -10.41
CA ILE B 133 -23.38 11.72 -9.92
C ILE B 133 -24.73 11.93 -10.63
N SER B 134 -25.72 12.45 -9.92
CA SER B 134 -27.03 12.65 -10.52
C SER B 134 -27.03 13.50 -11.78
N GLU B 135 -27.89 13.12 -12.71
CA GLU B 135 -28.05 13.79 -14.01
C GLU B 135 -28.67 15.16 -13.81
N ASN B 136 -29.41 15.29 -12.72
CA ASN B 136 -30.06 16.56 -12.43
C ASN B 136 -29.14 17.76 -12.36
N ARG B 137 -28.61 18.00 -11.17
CA ARG B 137 -27.79 19.17 -10.92
C ARG B 137 -26.35 19.15 -11.34
N TRP B 138 -25.91 18.09 -12.01
CA TRP B 138 -24.51 18.05 -12.39
C TRP B 138 -24.28 17.48 -13.79
N ARG B 139 -23.25 18.01 -14.44
CA ARG B 139 -22.87 17.60 -15.78
C ARG B 139 -21.45 18.05 -16.01
N VAL B 140 -20.57 17.11 -16.35
CA VAL B 140 -19.17 17.40 -16.61
C VAL B 140 -19.05 18.44 -17.74
N LEU B 141 -17.83 18.87 -18.02
CA LEU B 141 -17.55 19.81 -19.09
C LEU B 141 -16.56 19.08 -19.98
N LEU B 142 -16.92 18.90 -21.24
CA LEU B 142 -16.02 18.21 -22.18
C LEU B 142 -15.10 19.24 -22.81
N PRO B 143 -14.01 18.78 -23.44
CA PRO B 143 -13.03 19.66 -24.09
C PRO B 143 -13.63 20.53 -25.20
N ASP B 144 -14.95 20.48 -25.34
CA ASP B 144 -15.62 21.29 -26.35
C ASP B 144 -16.82 22.07 -25.79
N GLY B 145 -16.52 23.02 -24.90
CA GLY B 145 -17.52 23.87 -24.28
C GLY B 145 -18.76 23.18 -23.76
N SER B 146 -19.26 22.25 -24.56
CA SER B 146 -20.43 21.45 -24.26
C SER B 146 -20.22 20.65 -22.97
N HIS B 147 -21.29 20.51 -22.18
CA HIS B 147 -21.24 19.71 -20.96
C HIS B 147 -22.15 18.56 -21.29
N VAL B 148 -22.15 17.57 -20.40
CA VAL B 148 -22.95 16.35 -20.50
C VAL B 148 -23.03 15.76 -19.08
N LYS B 149 -24.11 15.03 -18.79
CA LYS B 149 -24.27 14.45 -17.48
C LYS B 149 -23.20 13.38 -17.22
N TYR B 150 -22.77 13.26 -15.97
CA TYR B 150 -21.74 12.28 -15.61
C TYR B 150 -22.13 10.83 -15.88
N PRO B 151 -21.13 9.97 -16.14
CA PRO B 151 -21.46 8.57 -16.41
C PRO B 151 -21.40 7.73 -15.16
N LYS B 152 -21.83 6.48 -15.29
CA LYS B 152 -21.78 5.55 -14.19
C LYS B 152 -20.29 5.23 -13.97
N PRO B 153 -19.80 5.45 -12.74
CA PRO B 153 -18.39 5.15 -12.50
C PRO B 153 -18.24 3.67 -12.19
N ARG B 154 -17.00 3.22 -12.05
CA ARG B 154 -16.74 1.84 -11.69
C ARG B 154 -16.14 1.91 -10.31
N ALA B 155 -16.73 1.20 -9.35
CA ALA B 155 -16.18 1.21 -8.00
C ALA B 155 -14.86 0.46 -8.00
N LEU B 156 -13.90 1.00 -7.27
CA LEU B 156 -12.60 0.40 -7.16
C LEU B 156 -12.69 -0.81 -6.25
N GLU B 157 -12.11 -1.92 -6.69
CA GLU B 157 -12.07 -3.11 -5.83
C GLU B 157 -11.06 -2.66 -4.78
N ALA B 158 -11.30 -3.02 -3.52
CA ALA B 158 -10.39 -2.61 -2.43
C ALA B 158 -8.92 -2.77 -2.82
N SER B 159 -8.61 -3.83 -3.54
CA SER B 159 -7.24 -4.10 -3.95
C SER B 159 -6.66 -3.00 -4.83
N GLU B 160 -7.52 -2.28 -5.55
CA GLU B 160 -7.08 -1.20 -6.43
C GLU B 160 -6.79 0.08 -5.64
N ILE B 161 -7.33 0.17 -4.44
CA ILE B 161 -7.14 1.35 -3.63
C ILE B 161 -5.67 1.73 -3.52
N PRO B 162 -4.81 0.82 -3.01
CA PRO B 162 -3.37 1.15 -2.90
C PRO B 162 -2.81 1.60 -4.22
N ARG B 163 -3.40 1.14 -5.32
CA ARG B 163 -2.92 1.56 -6.62
C ARG B 163 -3.05 3.08 -6.73
N VAL B 164 -4.19 3.61 -6.34
CA VAL B 164 -4.40 5.04 -6.42
C VAL B 164 -3.63 5.73 -5.32
N VAL B 165 -3.35 5.03 -4.24
CA VAL B 165 -2.59 5.66 -3.16
C VAL B 165 -1.17 5.90 -3.64
N GLU B 166 -0.63 4.95 -4.39
CA GLU B 166 0.72 5.07 -4.90
C GLU B 166 0.77 6.21 -5.88
N ASP B 167 -0.34 6.41 -6.61
CA ASP B 167 -0.43 7.49 -7.58
C ASP B 167 -0.22 8.84 -6.91
N TYR B 168 -0.85 9.04 -5.76
CA TYR B 168 -0.66 10.31 -5.03
C TYR B 168 0.81 10.41 -4.58
N CYS B 169 1.35 9.32 -4.04
CA CYS B 169 2.74 9.31 -3.57
C CYS B 169 3.61 9.75 -4.73
N LEU B 170 3.36 9.14 -5.88
CA LEU B 170 4.08 9.46 -7.10
C LEU B 170 3.89 10.95 -7.36
N SER B 171 2.67 11.42 -7.23
CA SER B 171 2.42 12.83 -7.48
C SER B 171 3.18 13.70 -6.50
N ALA B 172 3.09 13.35 -5.23
CA ALA B 172 3.74 14.11 -4.16
C ALA B 172 5.24 14.17 -4.39
N LEU B 173 5.81 13.07 -4.88
CA LEU B 173 7.24 13.06 -5.15
C LEU B 173 7.53 13.97 -6.33
N ASN B 174 6.76 13.83 -7.40
CA ASN B 174 6.95 14.68 -8.58
C ASN B 174 6.76 16.14 -8.20
N ALA B 175 5.78 16.39 -7.34
CA ALA B 175 5.57 17.76 -6.92
C ALA B 175 6.92 18.27 -6.41
N ILE B 176 7.52 17.51 -5.50
CA ILE B 176 8.80 17.92 -4.95
C ILE B 176 9.89 17.96 -6.02
N ARG B 177 9.80 17.06 -7.01
CA ARG B 177 10.78 17.07 -8.08
C ARG B 177 10.78 18.47 -8.66
N ALA B 178 9.64 18.86 -9.23
CA ALA B 178 9.50 20.16 -9.83
C ALA B 178 9.81 21.27 -8.82
N GLY B 179 10.16 20.88 -7.58
CA GLY B 179 10.48 21.86 -6.57
C GLY B 179 9.43 22.05 -5.50
N PHE B 180 8.23 22.47 -5.94
CA PHE B 180 7.07 22.74 -5.07
C PHE B 180 7.34 22.64 -3.59
N ASP B 181 6.89 23.66 -2.88
CA ASP B 181 7.06 23.75 -1.44
C ASP B 181 6.43 22.57 -0.69
N GLY B 182 5.51 21.88 -1.36
CA GLY B 182 4.84 20.74 -0.75
C GLY B 182 3.73 20.28 -1.66
N ILE B 183 2.61 19.89 -1.05
CA ILE B 183 1.45 19.45 -1.81
C ILE B 183 0.19 19.59 -0.98
N GLU B 184 -0.89 20.00 -1.63
CA GLU B 184 -2.19 20.09 -0.96
C GLU B 184 -2.96 18.91 -1.54
N ILE B 185 -3.51 18.08 -0.66
CA ILE B 185 -4.29 16.94 -1.11
C ILE B 185 -5.74 17.34 -1.27
N HIS B 186 -6.26 17.19 -2.48
CA HIS B 186 -7.62 17.53 -2.74
C HIS B 186 -8.50 16.40 -2.23
N GLY B 187 -9.29 16.66 -1.20
CA GLY B 187 -10.17 15.62 -0.67
C GLY B 187 -11.56 16.17 -0.47
N ALA B 188 -11.86 17.23 -1.22
CA ALA B 188 -13.13 17.90 -1.08
C ALA B 188 -13.99 17.85 -2.33
N HIS B 189 -15.04 18.68 -2.31
CA HIS B 189 -15.93 18.87 -3.45
C HIS B 189 -16.51 17.65 -4.17
N GLY B 190 -16.68 16.56 -3.44
CA GLY B 190 -17.25 15.38 -4.04
C GLY B 190 -16.30 14.72 -5.01
N TYR B 191 -15.01 14.84 -4.76
CA TYR B 191 -14.06 14.19 -5.64
C TYR B 191 -13.59 12.85 -5.09
N LEU B 192 -12.48 12.31 -5.59
CA LEU B 192 -12.04 10.99 -5.15
C LEU B 192 -12.13 10.72 -3.65
N ILE B 193 -11.53 11.56 -2.84
CA ILE B 193 -11.59 11.34 -1.41
C ILE B 193 -13.01 11.46 -0.90
N ASP B 194 -13.67 12.57 -1.20
CA ASP B 194 -15.04 12.76 -0.73
C ASP B 194 -15.94 11.63 -1.20
N GLN B 195 -15.57 10.97 -2.30
CA GLN B 195 -16.32 9.85 -2.83
C GLN B 195 -16.22 8.68 -1.85
N PHE B 196 -15.17 8.66 -1.03
CA PHE B 196 -15.03 7.60 -0.01
C PHE B 196 -15.48 8.13 1.34
N LEU B 197 -15.23 9.41 1.55
CA LEU B 197 -15.56 10.08 2.81
C LEU B 197 -17.04 10.29 3.12
N LYS B 198 -17.82 10.62 2.11
CA LYS B 198 -19.25 10.90 2.31
C LYS B 198 -20.16 9.66 2.41
N ASP B 199 -21.17 9.72 3.26
CA ASP B 199 -22.07 8.58 3.37
C ASP B 199 -23.22 8.75 2.40
N GLY B 200 -23.19 9.84 1.66
CA GLY B 200 -24.20 10.09 0.65
C GLY B 200 -23.71 9.41 -0.64
N ILE B 201 -22.45 9.00 -0.64
CA ILE B 201 -21.86 8.35 -1.80
C ILE B 201 -21.37 6.96 -1.48
N ASN B 202 -20.44 6.87 -0.53
CA ASN B 202 -19.83 5.61 -0.13
C ASN B 202 -20.82 4.56 0.37
N ASP B 203 -21.39 3.81 -0.57
CA ASP B 203 -22.32 2.76 -0.22
C ASP B 203 -21.50 1.46 -0.12
N ARG B 204 -20.17 1.58 -0.18
CA ARG B 204 -19.29 0.42 -0.10
C ARG B 204 -19.59 -0.36 1.15
N THR B 205 -19.42 -1.66 1.06
CA THR B 205 -19.69 -2.57 2.17
C THR B 205 -18.42 -3.15 2.78
N ASP B 206 -17.27 -2.89 2.18
CA ASP B 206 -16.03 -3.40 2.76
C ASP B 206 -15.49 -2.40 3.79
N GLN B 207 -14.19 -2.46 4.06
CA GLN B 207 -13.56 -1.58 5.04
C GLN B 207 -13.37 -0.14 4.54
N TYR B 208 -13.63 0.11 3.26
CA TYR B 208 -13.51 1.46 2.73
C TYR B 208 -14.85 2.13 2.69
N GLY B 209 -15.74 1.70 3.59
CA GLY B 209 -17.07 2.29 3.62
C GLY B 209 -17.84 1.90 4.86
N GLY B 210 -18.97 2.55 5.07
CA GLY B 210 -19.79 2.28 6.25
C GLY B 210 -19.54 3.34 7.32
N SER B 211 -18.97 2.90 8.44
CA SER B 211 -18.68 3.79 9.55
C SER B 211 -17.90 5.03 9.09
N ILE B 212 -18.06 6.14 9.81
CA ILE B 212 -17.38 7.37 9.43
C ILE B 212 -15.89 7.12 9.48
N ALA B 213 -15.46 6.34 10.46
CA ALA B 213 -14.06 5.99 10.59
C ALA B 213 -13.67 5.40 9.24
N ASN B 214 -14.44 4.39 8.82
CA ASN B 214 -14.23 3.71 7.54
C ASN B 214 -14.23 4.70 6.36
N ARG B 215 -15.18 5.64 6.38
CA ARG B 215 -15.31 6.65 5.33
C ARG B 215 -13.99 7.39 5.20
N CYS B 216 -13.25 7.45 6.29
CA CYS B 216 -11.98 8.15 6.31
C CYS B 216 -10.80 7.24 5.99
N ARG B 217 -11.03 5.93 5.89
CA ARG B 217 -9.94 5.00 5.62
C ARG B 217 -9.16 5.32 4.36
N PHE B 218 -9.85 5.72 3.29
CA PHE B 218 -9.11 6.01 2.07
C PHE B 218 -8.31 7.29 2.16
N LEU B 219 -8.94 8.34 2.68
CA LEU B 219 -8.25 9.61 2.85
C LEU B 219 -7.00 9.40 3.71
N LYS B 220 -7.18 8.79 4.87
CA LYS B 220 -6.07 8.55 5.77
C LYS B 220 -4.92 7.84 5.07
N GLN B 221 -5.29 6.90 4.20
CA GLN B 221 -4.31 6.12 3.46
C GLN B 221 -3.58 6.94 2.41
N VAL B 222 -4.22 7.98 1.90
CA VAL B 222 -3.55 8.84 0.94
C VAL B 222 -2.63 9.80 1.71
N VAL B 223 -3.09 10.30 2.85
CA VAL B 223 -2.24 11.22 3.61
C VAL B 223 -0.96 10.51 4.02
N GLU B 224 -1.10 9.26 4.43
CA GLU B 224 0.08 8.49 4.84
C GLU B 224 1.11 8.39 3.71
N GLY B 225 0.65 8.03 2.52
CA GLY B 225 1.60 7.90 1.42
C GLY B 225 2.26 9.22 1.12
N VAL B 226 1.45 10.25 0.97
CA VAL B 226 1.95 11.58 0.69
C VAL B 226 2.95 12.05 1.76
N VAL B 227 2.60 11.81 3.02
CA VAL B 227 3.46 12.20 4.13
C VAL B 227 4.76 11.40 4.14
N SER B 228 4.65 10.07 4.11
CA SER B 228 5.82 9.21 4.12
C SER B 228 6.69 9.52 2.91
N ALA B 229 6.04 9.96 1.85
CA ALA B 229 6.73 10.27 0.63
C ALA B 229 7.53 11.55 0.74
N ILE B 230 6.85 12.66 0.99
CA ILE B 230 7.54 13.95 1.05
C ILE B 230 7.61 14.65 2.39
N GLY B 231 7.12 13.99 3.44
CA GLY B 231 7.13 14.62 4.75
C GLY B 231 5.86 15.43 4.93
N ALA B 232 5.37 15.50 6.17
CA ALA B 232 4.15 16.22 6.50
C ALA B 232 4.21 17.74 6.33
N SER B 233 5.31 18.34 6.76
CA SER B 233 5.45 19.78 6.70
C SER B 233 5.21 20.32 5.29
N LYS B 234 5.17 19.44 4.30
CA LYS B 234 4.92 19.86 2.93
C LYS B 234 3.55 19.37 2.48
N VAL B 235 2.68 19.06 3.44
CA VAL B 235 1.39 18.53 3.08
C VAL B 235 0.16 19.22 3.65
N GLY B 236 -0.66 19.72 2.74
CA GLY B 236 -1.92 20.32 3.11
C GLY B 236 -2.95 19.25 2.76
N VAL B 237 -4.07 19.24 3.45
CA VAL B 237 -5.12 18.24 3.21
C VAL B 237 -6.47 18.94 3.18
N ARG B 238 -7.02 19.11 1.98
CA ARG B 238 -8.32 19.77 1.84
C ARG B 238 -9.50 18.80 1.88
N VAL B 239 -10.55 19.17 2.60
CA VAL B 239 -11.78 18.39 2.69
C VAL B 239 -12.93 19.41 2.75
N SER B 240 -14.17 18.93 2.68
CA SER B 240 -15.35 19.79 2.71
C SER B 240 -16.55 18.97 3.18
N PRO B 241 -16.59 18.65 4.48
CA PRO B 241 -17.65 17.84 5.10
C PRO B 241 -19.06 18.32 4.81
N ALA B 242 -19.26 19.63 4.71
CA ALA B 242 -20.57 20.20 4.49
C ALA B 242 -20.79 20.81 3.14
N ILE B 243 -19.93 20.48 2.19
CA ILE B 243 -20.11 20.96 0.84
C ILE B 243 -20.69 19.72 0.17
N ASP B 244 -21.85 19.83 -0.46
CA ASP B 244 -22.48 18.69 -1.09
C ASP B 244 -22.36 18.73 -2.63
N HIS B 245 -21.39 19.50 -3.09
CA HIS B 245 -21.04 19.63 -4.49
C HIS B 245 -21.04 18.21 -5.08
N LEU B 246 -21.55 18.08 -6.30
CA LEU B 246 -21.58 16.78 -6.98
C LEU B 246 -22.19 15.66 -6.13
N ASP B 247 -23.33 15.96 -5.49
CA ASP B 247 -24.03 15.00 -4.64
C ASP B 247 -23.10 14.19 -3.77
N ALA B 248 -22.32 14.90 -2.97
CA ALA B 248 -21.37 14.26 -2.07
C ALA B 248 -21.62 14.79 -0.68
N THR B 249 -22.79 14.51 -0.13
CA THR B 249 -23.11 14.97 1.20
C THR B 249 -23.07 13.84 2.20
N ASP B 250 -22.82 14.18 3.47
CA ASP B 250 -22.79 13.19 4.53
C ASP B 250 -23.90 13.56 5.50
N SER B 251 -24.71 12.59 5.92
CA SER B 251 -25.79 12.90 6.86
C SER B 251 -25.30 13.40 8.22
N ASP B 252 -23.98 13.44 8.40
CA ASP B 252 -23.41 13.92 9.66
C ASP B 252 -22.09 14.63 9.38
N PRO B 253 -22.14 15.81 8.74
CA PRO B 253 -20.94 16.55 8.41
C PRO B 253 -19.96 16.83 9.56
N LEU B 254 -20.48 17.32 10.68
CA LEU B 254 -19.60 17.59 11.82
C LEU B 254 -18.83 16.34 12.19
N SER B 255 -19.55 15.24 12.36
CA SER B 255 -18.91 14.00 12.75
C SER B 255 -17.88 13.58 11.71
N LEU B 256 -18.21 13.72 10.43
CA LEU B 256 -17.25 13.38 9.40
C LEU B 256 -16.12 14.40 9.48
N GLY B 257 -16.48 15.68 9.55
CA GLY B 257 -15.48 16.73 9.64
C GLY B 257 -14.55 16.46 10.80
N LEU B 258 -15.12 16.19 11.97
CA LEU B 258 -14.31 15.93 13.14
C LEU B 258 -13.64 14.59 12.95
N ALA B 259 -14.26 13.76 12.12
CA ALA B 259 -13.74 12.43 11.80
C ALA B 259 -12.40 12.63 11.14
N VAL B 260 -12.36 13.50 10.14
CA VAL B 260 -11.11 13.78 9.46
C VAL B 260 -10.15 14.46 10.40
N VAL B 261 -10.59 15.50 11.08
CA VAL B 261 -9.69 16.19 11.99
C VAL B 261 -9.02 15.19 12.92
N GLY B 262 -9.83 14.27 13.46
CA GLY B 262 -9.31 13.29 14.39
C GLY B 262 -8.20 12.48 13.78
N MET B 263 -8.47 11.91 12.60
CA MET B 263 -7.49 11.09 11.91
C MET B 263 -6.21 11.87 11.64
N LEU B 264 -6.34 13.17 11.36
CA LEU B 264 -5.14 13.97 11.09
C LEU B 264 -4.43 14.34 12.40
N ASN B 265 -5.19 14.54 13.46
CA ASN B 265 -4.53 14.85 14.72
C ASN B 265 -3.71 13.61 15.09
N LYS B 266 -4.37 12.45 15.02
CA LYS B 266 -3.76 11.16 15.36
C LYS B 266 -2.60 10.80 14.46
N LEU B 267 -2.69 11.19 13.20
CA LEU B 267 -1.62 10.88 12.25
C LEU B 267 -0.37 11.69 12.59
N GLN B 268 -0.55 13.00 12.73
CA GLN B 268 0.57 13.87 13.04
C GLN B 268 1.33 13.32 14.25
N GLY B 269 0.62 12.66 15.16
CA GLY B 269 1.27 12.07 16.32
C GLY B 269 2.20 10.92 15.92
N VAL B 270 1.61 9.87 15.36
CA VAL B 270 2.32 8.68 14.90
C VAL B 270 3.45 9.04 13.93
N ASN B 271 3.30 10.16 13.22
CA ASN B 271 4.34 10.58 12.30
C ASN B 271 5.28 11.57 12.99
N GLY B 272 4.80 12.14 14.09
CA GLY B 272 5.57 13.10 14.87
C GLY B 272 5.99 14.34 14.11
N SER B 273 5.05 14.94 13.36
CA SER B 273 5.33 16.15 12.60
C SER B 273 4.02 16.76 12.07
N LYS B 274 3.93 18.08 12.14
CA LYS B 274 2.74 18.79 11.68
C LYS B 274 2.58 18.90 10.17
N LEU B 275 1.34 18.68 9.74
CA LEU B 275 1.01 18.81 8.35
C LEU B 275 1.17 20.30 8.08
N ALA B 276 1.34 20.66 6.81
CA ALA B 276 1.48 22.06 6.45
C ALA B 276 0.19 22.76 6.86
N TYR B 277 -0.93 22.09 6.59
CA TYR B 277 -2.22 22.66 6.95
C TYR B 277 -3.32 21.72 6.51
N LEU B 278 -4.51 22.00 7.05
CA LEU B 278 -5.76 21.30 6.74
C LEU B 278 -6.57 22.42 6.08
N HIS B 279 -7.13 22.09 4.92
CA HIS B 279 -7.89 23.05 4.14
C HIS B 279 -9.35 22.58 4.12
N VAL B 280 -10.26 23.47 4.53
CA VAL B 280 -11.68 23.14 4.60
C VAL B 280 -12.50 24.18 3.88
N THR B 281 -13.34 23.72 2.97
CA THR B 281 -14.22 24.60 2.22
C THR B 281 -15.50 24.61 3.00
N GLN B 282 -16.05 25.78 3.24
CA GLN B 282 -17.28 25.84 3.95
C GLN B 282 -18.34 26.26 2.96
N PRO B 283 -19.57 25.77 3.17
CA PRO B 283 -20.65 26.15 2.27
C PRO B 283 -21.16 27.51 2.78
N ARG B 284 -21.86 28.23 1.93
CA ARG B 284 -22.46 29.52 2.28
C ARG B 284 -23.93 29.29 1.96
N TYR B 285 -24.81 29.71 2.86
CA TYR B 285 -26.23 29.48 2.62
C TYR B 285 -26.81 30.55 1.73
N HIS B 286 -27.99 30.25 1.18
CA HIS B 286 -28.71 31.16 0.30
C HIS B 286 -29.64 31.99 1.16
N ALA B 287 -29.39 33.30 1.20
CA ALA B 287 -30.21 34.21 1.98
C ALA B 287 -31.27 34.88 1.11
N TYR B 288 -32.30 35.42 1.75
CA TYR B 288 -33.36 36.11 1.03
C TYR B 288 -33.29 37.59 1.39
N ASP B 299 -23.62 31.67 8.14
CA ASP B 299 -24.34 31.91 9.38
C ASP B 299 -23.57 31.42 10.62
N GLU B 300 -24.31 31.20 11.70
CA GLU B 300 -23.73 30.73 12.95
C GLU B 300 -23.51 29.22 12.88
N GLU B 301 -24.42 28.51 12.22
CA GLU B 301 -24.34 27.06 12.08
C GLU B 301 -23.16 26.62 11.19
N GLU B 302 -22.83 27.46 10.21
CA GLU B 302 -21.71 27.18 9.31
C GLU B 302 -20.41 27.47 10.03
N ALA B 303 -20.42 28.53 10.83
CA ALA B 303 -19.25 28.94 11.56
C ALA B 303 -18.92 27.98 12.67
N LYS B 304 -19.96 27.48 13.34
CA LYS B 304 -19.78 26.55 14.45
C LYS B 304 -19.18 25.24 13.94
N LEU B 305 -19.60 24.82 12.75
CA LEU B 305 -19.04 23.60 12.19
C LEU B 305 -17.56 23.87 11.91
N MET B 306 -17.28 25.01 11.27
CA MET B 306 -15.92 25.37 10.94
C MET B 306 -15.07 25.51 12.17
N LYS B 307 -15.65 26.09 13.22
CA LYS B 307 -14.91 26.30 14.45
C LYS B 307 -14.63 24.94 15.10
N SER B 308 -15.64 24.08 15.11
CA SER B 308 -15.47 22.75 15.68
C SER B 308 -14.24 22.11 15.05
N LEU B 309 -14.16 22.20 13.72
CA LEU B 309 -13.04 21.60 13.01
C LEU B 309 -11.75 22.32 13.36
N ARG B 310 -11.77 23.64 13.21
CA ARG B 310 -10.59 24.43 13.50
C ARG B 310 -10.19 24.28 14.95
N MET B 311 -11.18 24.26 15.85
CA MET B 311 -10.89 24.14 17.26
C MET B 311 -10.21 22.84 17.67
N ALA B 312 -10.57 21.73 17.02
CA ALA B 312 -9.96 20.43 17.37
C ALA B 312 -8.69 20.12 16.61
N TYR B 313 -8.66 20.51 15.33
CA TYR B 313 -7.49 20.23 14.53
C TYR B 313 -6.22 20.85 15.08
N ASN B 314 -5.26 20.00 15.44
CA ASN B 314 -3.99 20.48 15.98
C ASN B 314 -3.08 20.90 14.83
N GLY B 315 -3.22 22.14 14.39
CA GLY B 315 -2.39 22.60 13.30
C GLY B 315 -2.91 23.85 12.65
N THR B 316 -2.42 24.13 11.46
CA THR B 316 -2.81 25.32 10.74
C THR B 316 -4.14 25.08 10.07
N PHE B 317 -5.04 26.03 10.20
CA PHE B 317 -6.34 25.86 9.62
C PHE B 317 -6.61 26.96 8.63
N MET B 318 -6.93 26.57 7.40
CA MET B 318 -7.25 27.57 6.41
C MET B 318 -8.71 27.48 6.05
N SER B 319 -9.39 28.62 6.12
CA SER B 319 -10.79 28.70 5.79
C SER B 319 -10.91 29.01 4.32
N SER B 320 -11.96 28.48 3.70
CA SER B 320 -12.20 28.73 2.29
C SER B 320 -13.69 28.67 1.99
N GLY B 321 -14.13 29.43 1.00
CA GLY B 321 -15.52 29.35 0.62
C GLY B 321 -16.33 30.59 0.95
N GLY B 322 -16.61 31.37 -0.09
CA GLY B 322 -17.40 32.58 0.07
C GLY B 322 -16.80 33.73 0.84
N PHE B 323 -15.49 33.71 1.08
CA PHE B 323 -14.90 34.81 1.82
C PHE B 323 -14.62 36.04 0.99
N ASN B 324 -14.67 37.19 1.65
CA ASN B 324 -14.32 38.45 1.02
C ASN B 324 -13.34 39.02 2.02
N LYS B 325 -12.78 40.19 1.76
CA LYS B 325 -11.83 40.73 2.72
C LYS B 325 -12.36 40.78 4.16
N GLU B 326 -13.58 41.29 4.35
CA GLU B 326 -14.16 41.42 5.68
C GLU B 326 -14.33 40.09 6.43
N LEU B 327 -14.88 39.09 5.76
CA LEU B 327 -15.09 37.80 6.38
C LEU B 327 -13.73 37.20 6.71
N GLY B 328 -12.75 37.44 5.83
CA GLY B 328 -11.43 36.92 6.05
C GLY B 328 -10.79 37.56 7.26
N MET B 329 -10.91 38.88 7.34
CA MET B 329 -10.37 39.66 8.45
C MET B 329 -11.10 39.20 9.71
N GLN B 330 -12.40 39.02 9.60
CA GLN B 330 -13.20 38.56 10.74
C GLN B 330 -12.71 37.19 11.19
N ALA B 331 -12.60 36.25 10.23
CA ALA B 331 -12.13 34.91 10.52
C ALA B 331 -10.79 34.93 11.25
N VAL B 332 -9.82 35.67 10.73
CA VAL B 332 -8.52 35.70 11.40
C VAL B 332 -8.60 36.41 12.76
N GLN B 333 -9.16 37.61 12.79
CA GLN B 333 -9.29 38.36 14.03
C GLN B 333 -10.07 37.60 15.10
N GLN B 334 -10.87 36.60 14.71
CA GLN B 334 -11.66 35.84 15.68
C GLN B 334 -11.08 34.46 16.00
N GLY B 335 -9.84 34.20 15.58
CA GLY B 335 -9.22 32.91 15.84
C GLY B 335 -9.92 31.80 15.09
N ASP B 336 -10.59 32.14 14.00
CA ASP B 336 -11.30 31.14 13.21
C ASP B 336 -10.44 30.41 12.17
N ALA B 337 -9.19 30.79 12.03
CA ALA B 337 -8.33 30.13 11.03
C ALA B 337 -6.96 30.81 11.07
N ASP B 338 -5.99 30.27 10.34
CA ASP B 338 -4.70 30.94 10.31
C ASP B 338 -4.62 31.61 8.95
N LEU B 339 -5.20 30.94 7.97
CA LEU B 339 -5.21 31.39 6.60
C LEU B 339 -6.63 31.32 6.08
N VAL B 340 -6.87 32.04 5.00
CA VAL B 340 -8.17 32.08 4.36
C VAL B 340 -7.90 32.14 2.86
N SER B 341 -8.33 31.12 2.13
CA SER B 341 -8.10 31.09 0.69
C SER B 341 -9.26 31.74 -0.03
N TYR B 342 -8.94 32.36 -1.15
CA TYR B 342 -9.92 33.06 -1.98
C TYR B 342 -9.76 32.58 -3.40
N GLY B 343 -10.88 32.38 -4.08
CA GLY B 343 -10.83 31.93 -5.45
C GLY B 343 -11.07 33.00 -6.50
N ARG B 344 -12.33 33.34 -6.73
CA ARG B 344 -12.74 34.34 -7.73
C ARG B 344 -12.11 35.71 -7.58
N LEU B 345 -12.32 36.34 -6.43
CA LEU B 345 -11.77 37.67 -6.16
C LEU B 345 -10.31 37.68 -6.52
N PHE B 346 -9.76 36.48 -6.68
CA PHE B 346 -8.36 36.32 -7.04
C PHE B 346 -8.31 36.12 -8.54
N ILE B 347 -9.14 35.21 -9.05
CA ILE B 347 -9.15 35.00 -10.50
C ILE B 347 -9.24 36.39 -11.14
N ALA B 348 -10.13 37.19 -10.57
CA ALA B 348 -10.44 38.53 -11.05
C ALA B 348 -9.46 39.62 -10.64
N ASN B 349 -8.71 39.37 -9.58
CA ASN B 349 -7.77 40.37 -9.06
C ASN B 349 -6.46 39.72 -8.69
N PRO B 350 -5.54 39.68 -9.66
CA PRO B 350 -4.24 39.05 -9.40
C PRO B 350 -3.59 39.64 -8.17
N ASP B 351 -3.90 40.90 -7.91
CA ASP B 351 -3.33 41.63 -6.78
C ASP B 351 -4.38 41.77 -5.69
N LEU B 352 -5.01 40.65 -5.35
CA LEU B 352 -6.06 40.68 -4.33
C LEU B 352 -5.52 41.24 -3.03
N VAL B 353 -4.33 40.83 -2.65
CA VAL B 353 -3.76 41.29 -1.39
C VAL B 353 -3.68 42.80 -1.30
N SER B 354 -3.18 43.43 -2.34
CA SER B 354 -3.07 44.89 -2.34
C SER B 354 -4.47 45.53 -2.30
N ARG B 355 -5.40 44.97 -3.07
CA ARG B 355 -6.75 45.53 -3.07
C ARG B 355 -7.37 45.38 -1.69
N PHE B 356 -6.93 44.35 -0.97
CA PHE B 356 -7.42 44.14 0.39
C PHE B 356 -6.75 45.14 1.34
N LYS B 357 -5.45 45.33 1.17
CA LYS B 357 -4.74 46.28 2.02
C LYS B 357 -5.32 47.70 1.96
N ILE B 358 -5.53 48.21 0.75
CA ILE B 358 -6.04 49.57 0.58
C ILE B 358 -7.54 49.61 0.34
N ASP B 359 -8.24 48.51 0.67
CA ASP B 359 -9.67 48.43 0.45
C ASP B 359 -9.98 49.03 -0.92
N GLY B 360 -9.13 48.68 -1.88
CA GLY B 360 -9.31 49.19 -3.21
C GLY B 360 -10.47 48.47 -3.86
N GLU B 361 -10.83 48.95 -5.04
CA GLU B 361 -11.90 48.36 -5.80
C GLU B 361 -11.48 46.94 -6.17
N LEU B 362 -12.46 46.07 -6.41
CA LEU B 362 -12.18 44.69 -6.77
C LEU B 362 -12.75 44.39 -8.14
N ASN B 363 -11.91 43.90 -9.05
CA ASN B 363 -12.38 43.53 -10.37
C ASN B 363 -13.50 42.48 -10.21
N LYS B 364 -14.49 42.53 -11.10
CA LYS B 364 -15.56 41.55 -11.02
C LYS B 364 -15.15 40.39 -11.92
N TYR B 365 -15.38 39.16 -11.46
CA TYR B 365 -15.03 38.00 -12.26
C TYR B 365 -16.16 37.64 -13.24
N ASN B 366 -15.77 36.96 -14.32
CA ASN B 366 -16.70 36.53 -15.34
C ASN B 366 -16.60 35.00 -15.41
N ARG B 367 -17.64 34.32 -14.96
CA ARG B 367 -17.67 32.86 -14.95
C ARG B 367 -17.47 32.25 -16.34
N LYS B 368 -18.02 32.92 -17.35
CA LYS B 368 -17.93 32.41 -18.72
C LYS B 368 -16.50 32.24 -19.19
N THR B 369 -15.54 32.61 -18.36
CA THR B 369 -14.15 32.43 -18.74
C THR B 369 -13.33 31.75 -17.65
N PHE B 370 -14.00 31.06 -16.74
CA PHE B 370 -13.27 30.35 -15.70
C PHE B 370 -12.58 29.14 -16.29
N TYR B 371 -13.28 28.47 -17.20
CA TYR B 371 -12.79 27.24 -17.80
C TYR B 371 -12.45 27.31 -19.28
N THR B 372 -12.72 28.45 -19.90
CA THR B 372 -12.40 28.62 -21.30
C THR B 372 -10.90 28.40 -21.45
N GLN B 373 -10.45 28.27 -22.69
CA GLN B 373 -9.05 27.99 -22.95
C GLN B 373 -8.07 29.15 -23.20
N ASP B 374 -8.58 30.33 -23.51
CA ASP B 374 -7.67 31.42 -23.82
C ASP B 374 -6.61 31.66 -22.73
N PRO B 375 -5.33 31.65 -23.11
CA PRO B 375 -4.21 31.86 -22.18
C PRO B 375 -4.11 33.28 -21.60
N VAL B 376 -4.85 34.20 -22.19
CA VAL B 376 -4.83 35.60 -21.74
C VAL B 376 -6.21 36.07 -21.25
N VAL B 377 -7.18 35.97 -22.16
CA VAL B 377 -8.54 36.40 -21.94
C VAL B 377 -9.23 35.73 -20.76
N GLY B 378 -9.71 36.55 -19.84
CA GLY B 378 -10.37 36.03 -18.66
C GLY B 378 -9.42 35.25 -17.77
N TYR B 379 -8.14 35.26 -18.10
CA TYR B 379 -7.15 34.53 -17.33
C TYR B 379 -6.06 35.42 -16.76
N THR B 380 -5.33 36.09 -17.64
CA THR B 380 -4.27 36.97 -17.20
C THR B 380 -4.60 38.42 -17.52
N ASP B 381 -5.75 38.66 -18.15
CA ASP B 381 -6.10 40.04 -18.49
C ASP B 381 -6.96 40.79 -17.48
N TYR B 382 -7.06 40.26 -16.27
CA TYR B 382 -7.77 40.98 -15.21
C TYR B 382 -6.67 41.97 -14.74
N PRO B 383 -6.96 43.27 -14.83
CA PRO B 383 -5.99 44.31 -14.43
C PRO B 383 -5.66 44.44 -12.97
N PHE B 384 -4.42 44.87 -12.71
CA PHE B 384 -3.95 45.10 -11.37
C PHE B 384 -4.68 46.35 -10.86
N LEU B 385 -4.34 46.80 -9.64
CA LEU B 385 -4.97 47.96 -9.04
C LEU B 385 -4.67 49.27 -9.78
N SER A 8 10.10 -14.87 -25.56
CA SER A 8 11.52 -14.60 -25.24
C SER A 8 11.72 -13.16 -24.80
N ASN A 9 10.97 -12.74 -23.79
CA ASN A 9 11.09 -11.38 -23.27
C ASN A 9 10.18 -11.06 -22.07
N GLU A 10 10.73 -11.26 -20.87
CA GLU A 10 10.01 -10.99 -19.62
C GLU A 10 11.04 -10.66 -18.54
N THR A 11 10.59 -10.08 -17.44
CA THR A 11 11.51 -9.75 -16.36
C THR A 11 10.85 -9.85 -15.00
N LEU A 12 11.62 -9.52 -13.97
CA LEU A 12 11.14 -9.52 -12.59
C LEU A 12 9.99 -8.55 -12.54
N PHE A 13 10.08 -7.52 -13.37
CA PHE A 13 9.05 -6.51 -13.36
C PHE A 13 7.95 -6.62 -14.39
N SER A 14 7.57 -7.86 -14.68
CA SER A 14 6.48 -8.12 -15.61
C SER A 14 5.37 -8.75 -14.79
N SER A 15 4.13 -8.44 -15.15
CA SER A 15 2.98 -9.00 -14.45
C SER A 15 2.96 -10.52 -14.60
N TYR A 16 2.08 -11.17 -13.87
CA TYR A 16 1.97 -12.60 -13.93
C TYR A 16 0.61 -13.07 -13.45
N LYS A 17 0.27 -14.31 -13.81
CA LYS A 17 -1.00 -14.90 -13.42
C LYS A 17 -0.81 -16.15 -12.59
N MET A 18 -1.14 -16.02 -11.31
CA MET A 18 -1.05 -17.12 -10.36
C MET A 18 -2.50 -17.40 -9.99
N GLY A 19 -3.20 -18.10 -10.88
CA GLY A 19 -4.59 -18.39 -10.66
C GLY A 19 -5.31 -17.04 -10.65
N ARG A 20 -6.13 -16.82 -9.63
CA ARG A 20 -6.90 -15.58 -9.49
C ARG A 20 -6.02 -14.38 -9.09
N PHE A 21 -4.79 -14.65 -8.68
CA PHE A 21 -3.89 -13.59 -8.24
C PHE A 21 -3.09 -12.95 -9.36
N ASP A 22 -3.46 -11.71 -9.69
CA ASP A 22 -2.76 -10.98 -10.73
C ASP A 22 -1.57 -10.29 -10.09
N LEU A 23 -0.51 -11.04 -9.88
CA LEU A 23 0.68 -10.45 -9.27
C LEU A 23 1.01 -9.27 -10.15
N SER A 24 1.35 -8.15 -9.53
CA SER A 24 1.70 -6.99 -10.32
C SER A 24 3.03 -7.34 -10.93
N HIS A 25 3.82 -8.07 -10.16
CA HIS A 25 5.13 -8.48 -10.62
C HIS A 25 5.54 -9.81 -10.05
N ARG A 26 6.81 -10.16 -10.27
CA ARG A 26 7.31 -11.46 -9.89
C ARG A 26 8.12 -11.50 -8.62
N VAL A 27 8.41 -10.33 -8.05
CA VAL A 27 9.21 -10.25 -6.83
C VAL A 27 8.39 -10.62 -5.61
N VAL A 28 8.75 -11.78 -5.05
CA VAL A 28 8.05 -12.34 -3.91
C VAL A 28 8.85 -12.24 -2.63
N LEU A 29 8.19 -11.83 -1.56
CA LEU A 29 8.86 -11.77 -0.29
C LEU A 29 9.05 -13.23 0.08
N ALA A 30 10.27 -13.62 0.43
CA ALA A 30 10.55 -15.00 0.81
C ALA A 30 10.11 -15.18 2.25
N PRO A 31 9.64 -16.38 2.58
CA PRO A 31 9.18 -16.70 3.94
C PRO A 31 10.39 -16.89 4.85
N MET A 32 10.50 -16.09 5.90
CA MET A 32 11.63 -16.22 6.80
C MET A 32 11.15 -16.05 8.25
N THR A 33 11.71 -16.85 9.14
CA THR A 33 11.42 -16.84 10.56
C THR A 33 12.11 -15.59 11.08
N ARG A 34 11.41 -14.84 11.94
CA ARG A 34 11.97 -13.59 12.49
C ARG A 34 11.68 -13.53 13.99
N CYS A 35 10.72 -14.31 14.42
CA CYS A 35 10.40 -14.42 15.85
C CYS A 35 10.02 -13.12 16.55
N ARG A 36 9.10 -12.36 15.96
CA ARG A 36 8.63 -11.13 16.58
C ARG A 36 7.19 -11.34 17.01
N ALA A 37 6.68 -12.55 16.76
CA ALA A 37 5.30 -12.87 17.09
C ALA A 37 5.27 -13.59 18.44
N LEU A 38 5.40 -12.81 19.50
CA LEU A 38 5.44 -13.36 20.83
C LEU A 38 4.41 -14.45 21.04
N ASN A 39 4.75 -15.41 21.90
CA ASN A 39 3.87 -16.50 22.25
C ASN A 39 3.09 -17.17 21.11
N GLY A 40 3.49 -16.89 19.88
CA GLY A 40 2.83 -17.51 18.75
C GLY A 40 1.78 -16.70 18.01
N VAL A 41 1.20 -15.71 18.68
CA VAL A 41 0.18 -14.89 18.05
C VAL A 41 0.83 -13.68 17.38
N PRO A 42 0.42 -13.38 16.14
CA PRO A 42 0.90 -12.25 15.34
C PRO A 42 0.66 -10.93 16.08
N ASN A 43 1.19 -9.83 15.55
CA ASN A 43 1.00 -8.56 16.24
C ASN A 43 1.30 -7.37 15.32
N ALA A 44 1.15 -6.17 15.85
CA ALA A 44 1.37 -4.95 15.09
C ALA A 44 2.82 -4.78 14.70
N ALA A 45 3.65 -5.73 15.12
CA ALA A 45 5.06 -5.68 14.77
C ALA A 45 5.18 -6.39 13.42
N LEU A 46 4.41 -7.47 13.26
CA LEU A 46 4.37 -8.24 12.01
C LEU A 46 3.55 -7.47 10.96
N ALA A 47 2.52 -6.76 11.41
CA ALA A 47 1.69 -6.00 10.48
C ALA A 47 2.55 -4.92 9.82
N GLU A 48 3.22 -4.12 10.64
CA GLU A 48 4.08 -3.06 10.13
C GLU A 48 5.08 -3.69 9.16
N TYR A 49 5.77 -4.71 9.67
CA TYR A 49 6.79 -5.42 8.92
C TYR A 49 6.32 -5.88 7.55
N TYR A 50 5.21 -6.59 7.51
CA TYR A 50 4.72 -7.08 6.24
C TYR A 50 4.19 -5.94 5.39
N ALA A 51 3.55 -4.95 6.02
CA ALA A 51 3.06 -3.80 5.28
C ALA A 51 4.26 -3.17 4.57
N GLN A 52 5.34 -2.91 5.31
CA GLN A 52 6.53 -2.29 4.72
C GLN A 52 7.04 -3.05 3.50
N ARG A 53 6.68 -4.32 3.43
CA ARG A 53 7.17 -5.10 2.31
C ARG A 53 6.19 -5.36 1.19
N THR A 54 4.95 -4.91 1.35
CA THR A 54 3.98 -5.16 0.28
C THR A 54 3.89 -4.01 -0.69
N THR A 55 3.78 -4.39 -1.96
CA THR A 55 3.64 -3.48 -3.08
C THR A 55 2.29 -3.83 -3.69
N PRO A 56 1.71 -2.92 -4.47
CA PRO A 56 0.43 -3.33 -5.03
C PRO A 56 0.73 -4.53 -5.93
N GLY A 57 -0.18 -5.51 -5.96
CA GLY A 57 0.05 -6.67 -6.77
C GLY A 57 1.27 -7.50 -6.39
N GLY A 58 1.94 -7.16 -5.28
CA GLY A 58 3.11 -7.91 -4.84
C GLY A 58 2.75 -9.15 -4.02
N PHE A 59 3.47 -10.24 -4.24
CA PHE A 59 3.20 -11.49 -3.52
C PHE A 59 4.19 -11.71 -2.39
N LEU A 60 3.69 -11.89 -1.18
CA LEU A 60 4.57 -12.10 -0.06
C LEU A 60 4.28 -13.44 0.58
N ILE A 61 5.29 -14.01 1.19
CA ILE A 61 5.11 -15.25 1.89
C ILE A 61 5.61 -14.98 3.31
N SER A 62 4.76 -15.28 4.29
CA SER A 62 5.10 -15.04 5.68
C SER A 62 5.94 -16.13 6.27
N GLU A 63 6.48 -15.85 7.45
CA GLU A 63 7.25 -16.84 8.19
C GLU A 63 6.29 -18.01 8.40
N GLY A 64 6.84 -19.18 8.67
CA GLY A 64 6.04 -20.36 8.92
C GLY A 64 5.05 -20.09 10.03
N THR A 65 4.06 -20.95 10.15
CA THR A 65 3.08 -20.76 11.19
C THR A 65 2.72 -22.09 11.81
N MET A 66 3.00 -22.23 13.10
CA MET A 66 2.70 -23.48 13.78
C MET A 66 1.37 -24.04 13.30
N VAL A 67 1.43 -25.13 12.56
CA VAL A 67 0.22 -25.80 12.08
C VAL A 67 -0.27 -26.75 13.18
N SER A 68 0.15 -26.49 14.43
CA SER A 68 -0.25 -27.34 15.55
C SER A 68 0.62 -27.06 16.78
N PRO A 69 0.15 -27.50 17.96
CA PRO A 69 1.01 -27.22 19.10
C PRO A 69 2.24 -28.15 18.98
N GLY A 70 3.40 -27.64 19.39
CA GLY A 70 4.58 -28.46 19.28
C GLY A 70 5.05 -28.59 17.85
N SER A 71 4.49 -27.79 16.95
CA SER A 71 4.90 -27.84 15.56
C SER A 71 6.06 -26.89 15.23
N ALA A 72 6.50 -26.13 16.23
CA ALA A 72 7.60 -25.17 16.03
C ALA A 72 8.92 -25.54 16.71
N GLY A 73 9.98 -24.89 16.27
CA GLY A 73 11.30 -25.12 16.84
C GLY A 73 12.11 -23.84 16.84
N PHE A 74 11.41 -22.74 17.08
CA PHE A 74 12.00 -21.40 17.13
C PHE A 74 11.23 -20.59 18.13
N PRO A 75 11.87 -19.55 18.67
CA PRO A 75 11.17 -18.71 19.66
C PRO A 75 10.15 -17.82 18.98
N HIS A 76 9.12 -17.48 19.73
CA HIS A 76 8.09 -16.57 19.27
C HIS A 76 7.77 -16.57 17.78
N VAL A 77 7.40 -17.74 17.25
CA VAL A 77 7.02 -17.80 15.87
C VAL A 77 5.51 -17.84 15.90
N PRO A 78 4.86 -17.29 14.86
CA PRO A 78 3.41 -17.34 14.90
C PRO A 78 2.78 -18.70 14.65
N GLY A 79 1.57 -18.85 15.18
CA GLY A 79 0.80 -20.06 14.98
C GLY A 79 -0.50 -19.61 14.35
N ILE A 80 -1.20 -20.53 13.70
CA ILE A 80 -2.49 -20.21 13.12
C ILE A 80 -3.42 -21.32 13.57
N TYR A 81 -3.04 -21.98 14.66
CA TYR A 81 -3.83 -23.08 15.22
C TYR A 81 -4.87 -22.59 16.25
N SER A 82 -4.66 -21.44 16.86
CA SER A 82 -5.62 -20.98 17.84
C SER A 82 -6.43 -19.80 17.37
N ASP A 83 -7.65 -19.70 17.88
CA ASP A 83 -8.53 -18.59 17.54
C ASP A 83 -7.83 -17.28 17.87
N GLU A 84 -7.11 -17.30 19.00
CA GLU A 84 -6.37 -16.12 19.42
C GLU A 84 -5.43 -15.71 18.26
N GLN A 85 -4.91 -16.70 17.54
CA GLN A 85 -3.99 -16.43 16.42
C GLN A 85 -4.74 -15.97 15.19
N VAL A 86 -5.73 -16.74 14.77
CA VAL A 86 -6.49 -16.36 13.60
C VAL A 86 -6.86 -14.88 13.63
N GLU A 87 -7.40 -14.43 14.76
CA GLU A 87 -7.78 -13.02 14.87
C GLU A 87 -6.54 -12.16 15.05
N ALA A 88 -5.53 -12.70 15.71
CA ALA A 88 -4.31 -11.95 15.92
C ALA A 88 -3.64 -11.58 14.59
N TRP A 89 -3.79 -12.46 13.60
CA TRP A 89 -3.21 -12.27 12.26
C TRP A 89 -3.83 -11.11 11.49
N LYS A 90 -5.07 -10.77 11.84
CA LYS A 90 -5.80 -9.71 11.16
C LYS A 90 -4.98 -8.45 10.92
N GLN A 91 -4.65 -7.72 11.99
CA GLN A 91 -3.91 -6.49 11.81
C GLN A 91 -2.82 -6.67 10.73
N VAL A 92 -2.37 -7.91 10.54
CA VAL A 92 -1.35 -8.20 9.54
C VAL A 92 -1.99 -8.58 8.21
N VAL A 93 -3.10 -9.29 8.27
CA VAL A 93 -3.81 -9.73 7.07
C VAL A 93 -4.43 -8.55 6.32
N GLU A 94 -4.95 -7.60 7.07
CA GLU A 94 -5.57 -6.41 6.45
C GLU A 94 -4.51 -5.46 5.91
N ALA A 95 -3.40 -5.35 6.63
CA ALA A 95 -2.34 -4.46 6.22
C ALA A 95 -1.94 -4.74 4.78
N VAL A 96 -1.45 -5.95 4.55
CA VAL A 96 -1.03 -6.33 3.23
C VAL A 96 -2.18 -6.04 2.28
N HIS A 97 -3.40 -6.23 2.76
CA HIS A 97 -4.57 -5.98 1.93
C HIS A 97 -4.99 -4.53 1.86
N ALA A 98 -4.11 -3.65 2.32
CA ALA A 98 -4.32 -2.22 2.28
C ALA A 98 -3.16 -1.66 1.49
N LYS A 99 -2.48 -2.52 0.73
CA LYS A 99 -1.34 -2.06 -0.05
C LYS A 99 -1.16 -2.81 -1.37
N GLY A 100 -2.06 -3.77 -1.64
CA GLY A 100 -2.00 -4.52 -2.90
C GLY A 100 -1.36 -5.88 -2.85
N GLY A 101 -1.10 -6.40 -1.67
CA GLY A 101 -0.49 -7.71 -1.60
C GLY A 101 -1.42 -8.89 -1.38
N PHE A 102 -1.01 -10.03 -1.90
CA PHE A 102 -1.75 -11.27 -1.70
C PHE A 102 -0.79 -12.06 -0.85
N ILE A 103 -0.56 -11.58 0.36
CA ILE A 103 0.34 -12.27 1.25
C ILE A 103 -0.23 -13.65 1.51
N PHE A 104 0.64 -14.65 1.42
CA PHE A 104 0.23 -16.02 1.65
C PHE A 104 0.57 -16.33 3.10
N CYS A 105 0.20 -17.52 3.56
CA CYS A 105 0.52 -17.88 4.93
C CYS A 105 1.39 -19.13 4.94
N GLN A 106 2.54 -19.03 5.58
CA GLN A 106 3.42 -20.19 5.65
C GLN A 106 2.90 -21.11 6.74
N LEU A 107 2.76 -22.39 6.40
CA LEU A 107 2.30 -23.43 7.30
C LEU A 107 3.59 -24.18 7.61
N TRP A 108 3.90 -24.32 8.90
CA TRP A 108 5.16 -24.89 9.24
C TRP A 108 5.19 -25.87 10.39
N HIS A 109 5.75 -27.03 10.11
CA HIS A 109 5.94 -28.03 11.15
C HIS A 109 7.38 -28.46 11.02
N VAL A 110 8.16 -28.08 12.02
CA VAL A 110 9.59 -28.38 12.05
C VAL A 110 9.94 -29.84 12.25
N GLY A 111 9.37 -30.43 13.29
CA GLY A 111 9.63 -31.82 13.59
C GLY A 111 10.78 -31.97 14.56
N ARG A 112 11.66 -32.92 14.27
CA ARG A 112 12.81 -33.23 15.12
C ARG A 112 13.78 -32.08 15.41
N ALA A 113 13.69 -31.00 14.63
CA ALA A 113 14.58 -29.88 14.80
C ALA A 113 14.07 -28.97 15.91
N SER A 114 13.13 -29.50 16.70
CA SER A 114 12.52 -28.76 17.79
C SER A 114 13.24 -29.10 19.08
N HIS A 115 12.62 -28.72 20.20
CA HIS A 115 13.18 -28.97 21.51
C HIS A 115 12.04 -29.28 22.48
N ALA A 116 12.40 -29.78 23.65
CA ALA A 116 11.41 -30.11 24.68
C ALA A 116 10.47 -28.91 24.95
N VAL A 117 11.08 -27.75 25.18
CA VAL A 117 10.32 -26.54 25.47
C VAL A 117 9.30 -26.25 24.34
N TYR A 118 9.66 -26.60 23.13
CA TYR A 118 8.77 -26.36 21.99
C TYR A 118 7.80 -27.53 21.82
N GLN A 119 7.48 -28.19 22.93
CA GLN A 119 6.55 -29.29 22.87
C GLN A 119 5.62 -29.27 24.07
N PRO A 120 4.35 -29.62 23.84
CA PRO A 120 3.47 -29.64 25.01
C PRO A 120 4.03 -30.69 25.98
N ASN A 121 3.93 -30.40 27.28
CA ASN A 121 4.42 -31.30 28.32
C ASN A 121 5.95 -31.39 28.31
N GLY A 122 6.56 -30.43 27.62
CA GLY A 122 8.02 -30.37 27.54
C GLY A 122 8.59 -31.69 27.13
N GLY A 123 8.00 -32.28 26.09
CA GLY A 123 8.45 -33.56 25.59
C GLY A 123 9.37 -33.45 24.39
N SER A 124 9.67 -34.59 23.78
CA SER A 124 10.54 -34.66 22.64
C SER A 124 9.91 -34.17 21.34
N PRO A 125 10.74 -33.87 20.34
CA PRO A 125 10.12 -33.42 19.09
C PRO A 125 9.66 -34.69 18.42
N ILE A 126 8.66 -34.56 17.57
CA ILE A 126 8.14 -35.69 16.83
C ILE A 126 8.75 -35.64 15.44
N SER A 127 8.76 -36.77 14.76
CA SER A 127 9.33 -36.82 13.43
C SER A 127 8.92 -38.06 12.65
N SER A 128 9.40 -38.14 11.42
CA SER A 128 9.11 -39.29 10.58
C SER A 128 9.91 -40.44 11.18
N THR A 129 10.93 -40.07 11.94
CA THR A 129 11.86 -41.00 12.54
C THR A 129 12.32 -40.59 13.95
N ASN A 130 13.17 -41.42 14.55
CA ASN A 130 13.70 -41.14 15.88
C ASN A 130 15.14 -40.67 15.74
N LYS A 131 15.60 -40.58 14.50
CA LYS A 131 16.95 -40.12 14.20
C LYS A 131 17.06 -38.65 14.61
N PRO A 132 17.82 -38.35 15.66
CA PRO A 132 17.94 -36.96 16.09
C PRO A 132 18.91 -36.20 15.20
N ILE A 133 18.59 -34.95 14.92
CA ILE A 133 19.47 -34.12 14.12
C ILE A 133 20.84 -34.20 14.81
N SER A 134 21.92 -34.12 14.03
CA SER A 134 23.28 -34.21 14.59
C SER A 134 23.72 -32.97 15.39
N GLU A 135 24.62 -33.20 16.34
CA GLU A 135 25.07 -32.11 17.21
C GLU A 135 26.15 -31.15 16.69
N ASN A 136 26.73 -31.43 15.54
CA ASN A 136 27.80 -30.56 15.05
C ASN A 136 27.47 -29.15 14.63
N ARG A 137 27.03 -28.98 13.39
CA ARG A 137 26.71 -27.65 12.88
C ARG A 137 25.27 -27.23 13.21
N TRP A 138 24.46 -28.20 13.64
CA TRP A 138 23.06 -27.97 13.94
C TRP A 138 22.73 -27.61 15.39
N ARG A 139 21.99 -26.51 15.55
CA ARG A 139 21.60 -26.06 16.87
C ARG A 139 20.18 -25.48 16.88
N VAL A 140 19.42 -25.76 17.91
CA VAL A 140 18.09 -25.21 18.01
C VAL A 140 18.22 -23.98 18.88
N LEU A 141 17.41 -22.97 18.58
CA LEU A 141 17.41 -21.72 19.33
C LEU A 141 16.18 -21.76 20.25
N LEU A 142 16.38 -21.55 21.55
CA LEU A 142 15.31 -21.58 22.54
C LEU A 142 14.85 -20.16 22.95
N PRO A 143 14.05 -20.06 24.02
CA PRO A 143 13.62 -18.70 24.39
C PRO A 143 14.59 -17.84 25.20
N ASP A 144 15.80 -18.32 25.45
CA ASP A 144 16.77 -17.49 26.17
C ASP A 144 17.99 -17.27 25.28
N GLY A 145 17.74 -17.01 24.01
CA GLY A 145 18.83 -16.77 23.07
C GLY A 145 19.86 -17.87 23.03
N SER A 146 19.72 -18.86 23.91
CA SER A 146 20.67 -19.96 23.91
C SER A 146 20.48 -20.71 22.62
N HIS A 147 21.50 -21.46 22.25
CA HIS A 147 21.52 -22.24 21.03
C HIS A 147 22.21 -23.54 21.37
N VAL A 148 21.43 -24.61 21.61
CA VAL A 148 21.97 -25.93 21.94
C VAL A 148 21.63 -26.93 20.84
N LYS A 149 22.04 -28.18 21.06
CA LYS A 149 21.76 -29.26 20.10
C LYS A 149 20.31 -29.72 20.18
N TYR A 150 19.76 -30.17 19.06
CA TYR A 150 18.38 -30.66 19.02
C TYR A 150 18.34 -32.01 19.74
N PRO A 151 17.20 -32.35 20.34
CA PRO A 151 17.13 -33.64 21.05
C PRO A 151 16.77 -34.78 20.11
N LYS A 152 16.79 -35.99 20.65
CA LYS A 152 16.40 -37.18 19.90
C LYS A 152 14.89 -37.09 19.84
N PRO A 153 14.30 -37.25 18.64
CA PRO A 153 12.85 -37.18 18.48
C PRO A 153 12.17 -38.55 18.57
N ARG A 154 10.84 -38.52 18.71
CA ARG A 154 10.02 -39.71 18.74
C ARG A 154 9.42 -39.81 17.35
N ALA A 155 9.59 -40.96 16.71
CA ALA A 155 9.06 -41.14 15.37
C ALA A 155 7.55 -41.27 15.50
N LEU A 156 6.83 -40.74 14.50
CA LEU A 156 5.38 -40.83 14.48
C LEU A 156 4.99 -42.21 13.97
N GLU A 157 3.98 -42.82 14.60
CA GLU A 157 3.51 -44.10 14.13
C GLU A 157 2.57 -43.71 13.01
N ALA A 158 2.38 -44.59 12.04
CA ALA A 158 1.51 -44.30 10.91
C ALA A 158 0.15 -43.76 11.36
N SER A 159 -0.33 -44.20 12.53
CA SER A 159 -1.61 -43.75 13.03
C SER A 159 -1.68 -42.26 13.42
N GLU A 160 -0.59 -41.71 13.95
CA GLU A 160 -0.58 -40.31 14.36
C GLU A 160 -0.44 -39.34 13.20
N ILE A 161 -0.35 -39.85 11.98
CA ILE A 161 -0.19 -38.99 10.83
C ILE A 161 -1.45 -38.27 10.32
N PRO A 162 -2.54 -39.01 10.07
CA PRO A 162 -3.75 -38.35 9.57
C PRO A 162 -4.09 -37.18 10.47
N ARG A 163 -3.64 -37.29 11.72
CA ARG A 163 -3.87 -36.25 12.73
C ARG A 163 -2.97 -35.05 12.43
N VAL A 164 -1.74 -35.31 12.02
CA VAL A 164 -0.84 -34.23 11.71
C VAL A 164 -1.32 -33.62 10.38
N VAL A 165 -1.77 -34.46 9.45
CA VAL A 165 -2.27 -33.95 8.18
C VAL A 165 -3.46 -33.03 8.49
N GLU A 166 -4.35 -33.51 9.35
CA GLU A 166 -5.51 -32.74 9.74
C GLU A 166 -5.08 -31.39 10.35
N ASP A 167 -4.01 -31.39 11.13
CA ASP A 167 -3.51 -30.16 11.72
C ASP A 167 -3.21 -29.14 10.63
N TYR A 168 -2.60 -29.57 9.54
CA TYR A 168 -2.34 -28.62 8.47
C TYR A 168 -3.66 -28.05 7.95
N CYS A 169 -4.60 -28.91 7.57
CA CYS A 169 -5.88 -28.44 7.02
C CYS A 169 -6.62 -27.43 7.90
N LEU A 170 -6.65 -27.67 9.20
CA LEU A 170 -7.30 -26.77 10.15
C LEU A 170 -6.58 -25.43 10.07
N SER A 171 -5.27 -25.49 10.22
CA SER A 171 -4.44 -24.30 10.16
C SER A 171 -4.64 -23.67 8.80
N ALA A 172 -4.81 -24.50 7.77
CA ALA A 172 -5.02 -23.97 6.44
C ALA A 172 -6.39 -23.28 6.40
N LEU A 173 -7.41 -23.93 6.94
CA LEU A 173 -8.74 -23.32 6.97
C LEU A 173 -8.66 -22.05 7.79
N ASN A 174 -7.95 -22.07 8.91
CA ASN A 174 -7.83 -20.86 9.72
C ASN A 174 -7.17 -19.75 8.89
N ALA A 175 -6.08 -20.10 8.22
CA ALA A 175 -5.36 -19.12 7.42
C ALA A 175 -6.37 -18.36 6.57
N ILE A 176 -7.22 -19.11 5.88
CA ILE A 176 -8.26 -18.52 5.03
C ILE A 176 -9.16 -17.63 5.88
N ARG A 177 -9.43 -18.06 7.11
CA ARG A 177 -10.28 -17.30 8.01
C ARG A 177 -9.72 -15.94 8.37
N ALA A 178 -8.41 -15.86 8.54
CA ALA A 178 -7.76 -14.62 8.87
C ALA A 178 -7.71 -13.71 7.64
N GLY A 179 -8.01 -14.27 6.47
CA GLY A 179 -8.01 -13.49 5.24
C GLY A 179 -6.82 -13.82 4.35
N PHE A 180 -6.09 -14.87 4.70
CA PHE A 180 -4.94 -15.25 3.91
C PHE A 180 -5.35 -15.69 2.53
N ASP A 181 -4.68 -15.16 1.52
CA ASP A 181 -4.97 -15.53 0.16
C ASP A 181 -4.69 -17.00 -0.11
N GLY A 182 -4.04 -17.65 0.84
CA GLY A 182 -3.74 -19.06 0.69
C GLY A 182 -2.58 -19.51 1.57
N ILE A 183 -2.68 -20.72 2.09
CA ILE A 183 -1.62 -21.20 2.92
C ILE A 183 -0.50 -21.42 1.97
N GLU A 184 0.68 -21.69 2.54
CA GLU A 184 1.88 -21.98 1.77
C GLU A 184 2.65 -23.06 2.55
N ILE A 185 2.28 -24.32 2.31
CA ILE A 185 2.90 -25.47 2.94
C ILE A 185 4.42 -25.47 2.83
N HIS A 186 5.07 -25.36 3.99
CA HIS A 186 6.52 -25.36 4.09
C HIS A 186 7.01 -26.81 4.04
N GLY A 187 7.81 -27.14 3.02
CA GLY A 187 8.34 -28.48 2.87
C GLY A 187 9.82 -28.43 2.52
N ALA A 188 10.63 -27.96 3.46
CA ALA A 188 12.05 -27.83 3.19
C ALA A 188 12.81 -27.58 4.47
N HIS A 189 14.13 -27.58 4.34
CA HIS A 189 14.99 -27.26 5.47
C HIS A 189 14.93 -28.19 6.68
N GLY A 190 15.05 -29.49 6.41
CA GLY A 190 15.04 -30.50 7.46
C GLY A 190 13.82 -30.51 8.35
N TYR A 191 12.78 -29.80 7.94
CA TYR A 191 11.57 -29.75 8.75
C TYR A 191 10.67 -30.98 8.50
N LEU A 192 9.56 -31.09 9.24
CA LEU A 192 8.72 -32.29 9.15
C LEU A 192 8.31 -32.80 7.77
N ILE A 193 8.46 -31.97 6.75
CA ILE A 193 8.09 -32.35 5.40
C ILE A 193 9.34 -32.76 4.61
N ASP A 194 10.49 -32.65 5.25
CA ASP A 194 11.75 -33.06 4.63
C ASP A 194 12.23 -34.31 5.39
N GLN A 195 11.81 -34.42 6.65
CA GLN A 195 12.17 -35.58 7.47
C GLN A 195 11.48 -36.83 6.92
N PHE A 196 10.31 -36.66 6.30
CA PHE A 196 9.65 -37.81 5.69
C PHE A 196 10.22 -37.96 4.28
N LEU A 197 10.21 -36.86 3.52
CA LEU A 197 10.71 -36.85 2.15
C LEU A 197 12.15 -37.31 1.91
N LYS A 198 13.08 -36.80 2.72
CA LYS A 198 14.51 -37.08 2.57
C LYS A 198 15.00 -38.46 3.00
N ASP A 199 15.67 -39.16 2.08
CA ASP A 199 16.19 -40.47 2.40
C ASP A 199 17.24 -40.33 3.49
N GLY A 200 17.86 -39.16 3.56
CA GLY A 200 18.88 -38.93 4.56
C GLY A 200 18.29 -38.95 5.96
N ILE A 201 16.95 -38.89 6.04
CA ILE A 201 16.27 -38.86 7.34
C ILE A 201 15.26 -39.97 7.53
N ASN A 202 14.41 -40.14 6.52
CA ASN A 202 13.34 -41.11 6.59
C ASN A 202 13.80 -42.55 6.51
N ASP A 203 13.67 -43.28 7.62
CA ASP A 203 14.04 -44.68 7.66
C ASP A 203 12.84 -45.53 8.06
N ARG A 204 11.66 -44.94 8.02
CA ARG A 204 10.46 -45.68 8.38
C ARG A 204 10.47 -46.99 7.61
N THR A 205 9.71 -47.96 8.11
CA THR A 205 9.60 -49.24 7.45
C THR A 205 8.12 -49.58 7.20
N ASP A 206 7.28 -48.54 7.22
CA ASP A 206 5.86 -48.70 6.94
C ASP A 206 5.54 -48.05 5.58
N GLN A 207 4.33 -47.55 5.39
CA GLN A 207 4.01 -46.95 4.09
C GLN A 207 4.55 -45.53 3.89
N TYR A 208 5.23 -44.98 4.90
CA TYR A 208 5.75 -43.63 4.77
C TYR A 208 7.26 -43.55 4.62
N GLY A 209 7.89 -44.70 4.43
CA GLY A 209 9.33 -44.73 4.28
C GLY A 209 9.69 -45.80 3.28
N GLY A 210 10.93 -45.81 2.81
CA GLY A 210 11.34 -46.79 1.83
C GLY A 210 11.41 -46.14 0.46
N SER A 211 10.45 -46.44 -0.39
CA SER A 211 10.43 -45.87 -1.73
C SER A 211 10.18 -44.36 -1.71
N ILE A 212 10.71 -43.68 -2.72
CA ILE A 212 10.53 -42.24 -2.85
C ILE A 212 9.04 -41.94 -2.72
N ALA A 213 8.21 -42.80 -3.30
CA ALA A 213 6.76 -42.63 -3.26
C ALA A 213 6.24 -42.63 -1.82
N ASN A 214 6.69 -43.60 -1.04
CA ASN A 214 6.26 -43.67 0.35
C ASN A 214 6.73 -42.44 1.10
N ARG A 215 7.97 -42.05 0.87
CA ARG A 215 8.54 -40.89 1.54
C ARG A 215 7.74 -39.65 1.15
N CYS A 216 7.27 -39.62 -0.09
CA CYS A 216 6.48 -38.49 -0.57
C CYS A 216 5.07 -38.55 -0.06
N ARG A 217 4.67 -39.73 0.42
CA ARG A 217 3.32 -39.93 0.90
C ARG A 217 2.86 -38.82 1.85
N PHE A 218 3.75 -38.36 2.73
CA PHE A 218 3.36 -37.30 3.66
C PHE A 218 3.17 -35.98 2.91
N LEU A 219 4.17 -35.56 2.14
CA LEU A 219 4.00 -34.32 1.39
C LEU A 219 2.78 -34.44 0.49
N LYS A 220 2.81 -35.40 -0.44
CA LYS A 220 1.70 -35.62 -1.36
C LYS A 220 0.39 -35.52 -0.60
N GLN A 221 0.28 -36.26 0.48
CA GLN A 221 -0.92 -36.26 1.29
C GLN A 221 -1.15 -34.87 1.85
N VAL A 222 -0.21 -34.38 2.64
CA VAL A 222 -0.33 -33.03 3.17
C VAL A 222 -0.96 -32.11 2.11
N VAL A 223 -0.45 -32.16 0.90
CA VAL A 223 -1.00 -31.31 -0.15
C VAL A 223 -2.44 -31.70 -0.45
N GLU A 224 -2.74 -32.99 -0.37
CA GLU A 224 -4.10 -33.47 -0.62
C GLU A 224 -5.11 -32.85 0.33
N GLY A 225 -4.83 -32.98 1.62
CA GLY A 225 -5.73 -32.44 2.62
C GLY A 225 -5.91 -30.95 2.43
N VAL A 226 -4.80 -30.24 2.52
CA VAL A 226 -4.83 -28.79 2.38
C VAL A 226 -5.61 -28.38 1.15
N VAL A 227 -5.27 -28.99 0.00
CA VAL A 227 -5.94 -28.67 -1.24
C VAL A 227 -7.42 -29.03 -1.13
N SER A 228 -7.72 -30.09 -0.39
CA SER A 228 -9.10 -30.49 -0.21
C SER A 228 -9.83 -29.38 0.52
N ALA A 229 -9.25 -28.90 1.62
CA ALA A 229 -9.89 -27.87 2.41
C ALA A 229 -10.05 -26.54 1.69
N ILE A 230 -8.99 -26.04 1.06
CA ILE A 230 -9.10 -24.75 0.42
C ILE A 230 -8.76 -24.67 -1.06
N GLY A 231 -9.09 -25.72 -1.81
CA GLY A 231 -8.81 -25.71 -3.23
C GLY A 231 -7.30 -25.66 -3.36
N ALA A 232 -6.80 -25.97 -4.55
CA ALA A 232 -5.36 -25.95 -4.82
C ALA A 232 -4.97 -24.52 -5.13
N SER A 233 -5.96 -23.64 -5.13
CA SER A 233 -5.75 -22.22 -5.46
C SER A 233 -5.23 -21.36 -4.30
N LYS A 234 -5.58 -21.74 -3.09
CA LYS A 234 -5.12 -21.02 -1.91
C LYS A 234 -4.08 -21.89 -1.20
N VAL A 235 -3.29 -22.62 -2.00
CA VAL A 235 -2.25 -23.49 -1.45
C VAL A 235 -0.95 -23.43 -2.23
N GLY A 236 0.10 -23.00 -1.55
CA GLY A 236 1.41 -22.98 -2.19
C GLY A 236 2.15 -24.11 -1.51
N VAL A 237 3.12 -24.72 -2.19
CA VAL A 237 3.89 -25.79 -1.57
C VAL A 237 5.36 -25.58 -1.80
N ARG A 238 6.14 -25.58 -0.71
CA ARG A 238 7.56 -25.35 -0.83
C ARG A 238 8.40 -26.59 -0.54
N VAL A 239 9.41 -26.82 -1.37
CA VAL A 239 10.31 -27.94 -1.15
C VAL A 239 11.72 -27.51 -1.45
N SER A 240 12.69 -28.29 -0.97
CA SER A 240 14.11 -27.99 -1.20
C SER A 240 14.76 -29.37 -1.28
N PRO A 241 14.49 -30.09 -2.37
CA PRO A 241 15.08 -31.42 -2.52
C PRO A 241 16.59 -31.45 -2.41
N ALA A 242 17.23 -30.31 -2.67
CA ALA A 242 18.69 -30.25 -2.60
C ALA A 242 19.25 -29.65 -1.31
N ILE A 243 18.47 -28.82 -0.63
CA ILE A 243 18.98 -28.23 0.61
C ILE A 243 19.19 -29.32 1.63
N ASP A 244 20.46 -29.55 1.99
CA ASP A 244 20.82 -30.57 2.97
C ASP A 244 20.93 -30.05 4.41
N HIS A 245 20.24 -28.94 4.67
CA HIS A 245 20.21 -28.31 5.98
C HIS A 245 19.55 -29.20 7.02
N LEU A 246 20.15 -29.26 8.20
CA LEU A 246 19.64 -30.10 9.29
C LEU A 246 19.63 -31.57 8.93
N ASP A 247 20.66 -32.01 8.20
CA ASP A 247 20.82 -33.39 7.76
C ASP A 247 19.80 -33.82 6.71
N ALA A 248 18.98 -32.87 6.26
CA ALA A 248 17.94 -33.15 5.27
C ALA A 248 18.54 -33.46 3.90
N THR A 249 19.59 -34.29 3.90
CA THR A 249 20.24 -34.66 2.63
C THR A 249 19.45 -35.75 1.92
N ASP A 250 19.77 -35.92 0.65
CA ASP A 250 19.15 -36.98 -0.13
C ASP A 250 20.15 -37.46 -1.19
N SER A 251 20.30 -38.77 -1.29
CA SER A 251 21.23 -39.39 -2.22
C SER A 251 20.99 -38.96 -3.65
N ASP A 252 19.76 -38.57 -3.95
CA ASP A 252 19.45 -38.14 -5.32
C ASP A 252 18.38 -37.05 -5.35
N PRO A 253 18.79 -35.81 -5.03
CA PRO A 253 17.91 -34.63 -5.01
C PRO A 253 17.07 -34.46 -6.27
N LEU A 254 17.70 -34.66 -7.43
CA LEU A 254 17.00 -34.51 -8.68
C LEU A 254 15.85 -35.46 -8.81
N SER A 255 16.10 -36.72 -8.49
CA SER A 255 15.05 -37.73 -8.59
C SER A 255 13.99 -37.52 -7.52
N LEU A 256 14.41 -37.06 -6.34
CA LEU A 256 13.46 -36.81 -5.26
C LEU A 256 12.59 -35.64 -5.66
N GLY A 257 13.24 -34.60 -6.20
CA GLY A 257 12.50 -33.43 -6.63
C GLY A 257 11.53 -33.75 -7.76
N LEU A 258 11.97 -34.55 -8.71
CA LEU A 258 11.08 -34.88 -9.83
C LEU A 258 9.93 -35.71 -9.33
N ALA A 259 10.14 -36.42 -8.24
CA ALA A 259 9.10 -37.24 -7.66
C ALA A 259 8.08 -36.30 -7.06
N VAL A 260 8.55 -35.31 -6.30
CA VAL A 260 7.65 -34.33 -5.69
C VAL A 260 6.89 -33.61 -6.79
N VAL A 261 7.65 -33.08 -7.76
CA VAL A 261 7.08 -32.36 -8.90
C VAL A 261 6.11 -33.27 -9.63
N GLY A 262 6.57 -34.49 -9.83
CA GLY A 262 5.76 -35.49 -10.52
C GLY A 262 4.46 -35.66 -9.79
N MET A 263 4.55 -35.77 -8.48
CA MET A 263 3.39 -35.97 -7.63
C MET A 263 2.45 -34.77 -7.60
N LEU A 264 3.01 -33.56 -7.69
CA LEU A 264 2.16 -32.39 -7.68
C LEU A 264 1.38 -32.28 -8.98
N ASN A 265 1.99 -32.66 -10.09
CA ASN A 265 1.29 -32.60 -11.35
C ASN A 265 0.11 -33.55 -11.24
N LYS A 266 0.37 -34.73 -10.71
CA LYS A 266 -0.64 -35.76 -10.55
C LYS A 266 -1.85 -35.19 -9.82
N LEU A 267 -1.63 -34.77 -8.58
CA LEU A 267 -2.69 -34.22 -7.75
C LEU A 267 -3.48 -33.11 -8.44
N GLN A 268 -2.81 -32.17 -9.09
CA GLN A 268 -3.52 -31.08 -9.77
C GLN A 268 -4.62 -31.67 -10.64
N GLY A 269 -4.25 -32.64 -11.47
CA GLY A 269 -5.24 -33.30 -12.31
C GLY A 269 -6.33 -33.90 -11.42
N VAL A 270 -5.92 -34.74 -10.48
CA VAL A 270 -6.83 -35.40 -9.54
C VAL A 270 -7.75 -34.38 -8.89
N ASN A 271 -7.33 -33.13 -8.91
CA ASN A 271 -8.09 -32.03 -8.32
C ASN A 271 -8.79 -31.16 -9.38
N GLY A 272 -8.23 -31.12 -10.58
CA GLY A 272 -8.80 -30.33 -11.67
C GLY A 272 -8.42 -28.84 -11.62
N SER A 273 -7.31 -28.53 -10.96
CA SER A 273 -6.85 -27.15 -10.86
C SER A 273 -5.36 -27.05 -10.52
N LYS A 274 -4.79 -25.88 -10.80
CA LYS A 274 -3.39 -25.67 -10.50
C LYS A 274 -3.13 -25.18 -9.08
N LEU A 275 -2.03 -25.69 -8.52
CA LEU A 275 -1.60 -25.29 -7.20
C LEU A 275 -1.18 -23.82 -7.35
N ALA A 276 -0.95 -23.16 -6.22
CA ALA A 276 -0.50 -21.79 -6.25
C ALA A 276 0.82 -21.79 -7.04
N TYR A 277 1.74 -22.66 -6.64
CA TYR A 277 3.04 -22.79 -7.30
C TYR A 277 3.91 -23.77 -6.54
N LEU A 278 5.02 -24.17 -7.15
CA LEU A 278 5.98 -25.03 -6.49
C LEU A 278 7.07 -24.04 -6.12
N HIS A 279 7.64 -24.20 -4.92
CA HIS A 279 8.68 -23.28 -4.43
C HIS A 279 9.95 -24.11 -4.19
N VAL A 280 11.03 -23.79 -4.88
CA VAL A 280 12.23 -24.58 -4.69
C VAL A 280 13.39 -23.70 -4.32
N THR A 281 13.52 -23.47 -3.02
CA THR A 281 14.59 -22.66 -2.51
C THR A 281 15.82 -23.52 -2.60
N GLN A 282 16.63 -23.26 -3.64
CA GLN A 282 17.86 -23.96 -3.95
C GLN A 282 19.03 -23.66 -3.03
N PRO A 283 20.02 -24.58 -2.99
CA PRO A 283 21.19 -24.37 -2.14
C PRO A 283 21.98 -23.28 -2.84
N ARG A 284 22.45 -22.31 -2.07
CA ARG A 284 23.20 -21.22 -2.64
C ARG A 284 24.29 -20.80 -1.67
N GLU A 300 26.14 -25.08 -14.70
CA GLU A 300 24.70 -25.14 -14.87
C GLU A 300 24.04 -25.99 -13.79
N GLU A 301 24.82 -26.86 -13.15
CA GLU A 301 24.30 -27.71 -12.11
C GLU A 301 23.64 -26.83 -11.05
N GLU A 302 23.95 -25.54 -11.10
CA GLU A 302 23.41 -24.58 -10.16
C GLU A 302 22.01 -24.13 -10.60
N ALA A 303 21.56 -24.68 -11.72
CA ALA A 303 20.24 -24.38 -12.28
C ALA A 303 19.68 -25.61 -12.99
N LYS A 304 20.53 -26.61 -13.23
CA LYS A 304 20.08 -27.83 -13.89
C LYS A 304 18.97 -28.48 -13.08
N LEU A 305 19.25 -28.73 -11.81
CA LEU A 305 18.25 -29.35 -10.94
C LEU A 305 16.97 -28.50 -10.96
N MET A 306 17.13 -27.19 -10.84
CA MET A 306 16.01 -26.26 -10.82
C MET A 306 15.18 -26.24 -12.11
N LYS A 307 15.82 -26.09 -13.26
CA LYS A 307 15.12 -26.06 -14.53
C LYS A 307 14.35 -27.37 -14.73
N SER A 308 15.04 -28.48 -14.46
CA SER A 308 14.44 -29.79 -14.62
C SER A 308 13.17 -29.91 -13.80
N LEU A 309 13.18 -29.39 -12.58
CA LEU A 309 12.00 -29.47 -11.72
C LEU A 309 10.88 -28.64 -12.30
N ARG A 310 11.20 -27.43 -12.71
CA ARG A 310 10.18 -26.57 -13.27
C ARG A 310 9.65 -27.17 -14.56
N MET A 311 10.55 -27.53 -15.48
CA MET A 311 10.15 -28.10 -16.76
C MET A 311 9.14 -29.23 -16.53
N ALA A 312 9.42 -30.07 -15.55
CA ALA A 312 8.53 -31.18 -15.23
C ALA A 312 7.26 -30.72 -14.56
N TYR A 313 7.28 -29.51 -14.02
CA TYR A 313 6.11 -29.03 -13.30
C TYR A 313 5.10 -28.20 -14.09
N ASN A 314 3.85 -28.67 -14.07
CA ASN A 314 2.77 -27.95 -14.76
C ASN A 314 2.02 -27.12 -13.73
N GLY A 315 2.56 -25.94 -13.45
CA GLY A 315 1.95 -25.07 -12.47
C GLY A 315 2.82 -23.84 -12.43
N THR A 316 2.64 -22.99 -11.44
CA THR A 316 3.46 -21.80 -11.33
C THR A 316 4.74 -22.16 -10.58
N PHE A 317 5.86 -21.65 -11.06
CA PHE A 317 7.14 -21.94 -10.42
C PHE A 317 7.74 -20.72 -9.77
N MET A 318 8.04 -20.89 -8.49
CA MET A 318 8.64 -19.84 -7.69
C MET A 318 9.98 -20.39 -7.25
N SER A 319 11.05 -19.85 -7.81
CA SER A 319 12.39 -20.30 -7.46
C SER A 319 12.96 -19.38 -6.42
N SER A 320 13.78 -19.96 -5.54
CA SER A 320 14.39 -19.24 -4.43
C SER A 320 15.80 -19.76 -4.15
N GLY A 321 16.64 -18.95 -3.54
CA GLY A 321 17.99 -19.39 -3.22
C GLY A 321 19.07 -18.41 -3.65
N GLY A 322 19.54 -17.58 -2.72
CA GLY A 322 20.58 -16.60 -2.99
C GLY A 322 20.43 -15.66 -4.16
N PHE A 323 19.18 -15.39 -4.58
CA PHE A 323 18.96 -14.50 -5.70
C PHE A 323 19.15 -13.04 -5.35
N ASN A 324 19.54 -12.28 -6.36
CA ASN A 324 19.71 -10.84 -6.24
C ASN A 324 18.94 -10.35 -7.46
N LYS A 325 18.97 -9.06 -7.75
CA LYS A 325 18.21 -8.59 -8.90
C LYS A 325 18.63 -9.26 -10.20
N GLU A 326 19.89 -9.09 -10.58
CA GLU A 326 20.36 -9.68 -11.82
C GLU A 326 19.93 -11.13 -11.98
N LEU A 327 20.25 -11.96 -10.98
CA LEU A 327 19.89 -13.37 -11.07
C LEU A 327 18.39 -13.59 -11.18
N GLY A 328 17.60 -12.75 -10.52
CA GLY A 328 16.16 -12.88 -10.58
C GLY A 328 15.66 -12.61 -11.99
N MET A 329 16.11 -11.50 -12.55
CA MET A 329 15.73 -11.11 -13.90
C MET A 329 16.10 -12.21 -14.90
N GLN A 330 17.27 -12.82 -14.72
CA GLN A 330 17.65 -13.88 -15.64
C GLN A 330 16.78 -15.11 -15.46
N ALA A 331 16.47 -15.47 -14.21
CA ALA A 331 15.63 -16.63 -13.97
C ALA A 331 14.32 -16.44 -14.71
N VAL A 332 13.71 -15.27 -14.57
CA VAL A 332 12.47 -15.01 -15.27
C VAL A 332 12.76 -14.91 -16.78
N GLN A 333 13.70 -14.05 -17.16
CA GLN A 333 14.07 -13.86 -18.55
C GLN A 333 14.21 -15.21 -19.27
N GLN A 334 15.09 -16.07 -18.76
CA GLN A 334 15.33 -17.38 -19.35
C GLN A 334 14.15 -18.32 -19.16
N GLY A 335 13.17 -17.90 -18.37
CA GLY A 335 12.00 -18.75 -18.14
C GLY A 335 12.24 -20.02 -17.35
N ASP A 336 13.13 -19.95 -16.36
CA ASP A 336 13.46 -21.09 -15.51
C ASP A 336 12.35 -21.20 -14.47
N ALA A 337 12.06 -20.07 -13.84
CA ALA A 337 11.05 -19.98 -12.81
C ALA A 337 10.13 -18.84 -13.19
N ASP A 338 8.98 -18.78 -12.56
CA ASP A 338 8.06 -17.68 -12.82
C ASP A 338 8.26 -16.61 -11.78
N LEU A 339 8.21 -17.04 -10.53
CA LEU A 339 8.35 -16.16 -9.37
C LEU A 339 9.70 -16.38 -8.75
N VAL A 340 10.21 -15.34 -8.10
CA VAL A 340 11.50 -15.39 -7.44
C VAL A 340 11.34 -14.81 -6.04
N SER A 341 11.46 -15.67 -5.04
CA SER A 341 11.33 -15.18 -3.67
C SER A 341 12.67 -14.59 -3.29
N TYR A 342 12.64 -13.58 -2.44
CA TYR A 342 13.83 -12.93 -1.97
C TYR A 342 13.88 -12.97 -0.45
N GLY A 343 14.83 -13.75 0.04
CA GLY A 343 15.00 -13.88 1.46
C GLY A 343 15.74 -12.70 2.04
N ARG A 344 16.97 -12.95 2.46
CA ARG A 344 17.78 -11.93 3.12
C ARG A 344 17.71 -10.52 2.58
N LEU A 345 17.53 -10.35 1.27
CA LEU A 345 17.44 -8.98 0.77
C LEU A 345 16.17 -8.28 1.23
N PHE A 346 15.06 -9.00 1.20
CA PHE A 346 13.80 -8.38 1.60
C PHE A 346 13.80 -8.08 3.09
N ILE A 347 14.68 -8.76 3.81
CA ILE A 347 14.79 -8.53 5.23
C ILE A 347 15.26 -7.11 5.49
N ALA A 348 16.32 -6.71 4.78
CA ALA A 348 16.91 -5.39 4.95
C ALA A 348 16.38 -4.32 4.01
N ASN A 349 15.48 -4.70 3.09
CA ASN A 349 14.96 -3.73 2.13
C ASN A 349 13.45 -3.75 1.97
N PRO A 350 12.75 -2.98 2.79
CA PRO A 350 11.30 -2.94 2.70
C PRO A 350 10.90 -2.63 1.26
N ASP A 351 11.49 -1.58 0.69
CA ASP A 351 11.20 -1.20 -0.69
C ASP A 351 12.07 -2.00 -1.65
N LEU A 352 12.28 -3.27 -1.34
CA LEU A 352 13.10 -4.10 -2.20
C LEU A 352 12.62 -4.06 -3.65
N VAL A 353 11.31 -4.05 -3.84
CA VAL A 353 10.78 -4.04 -5.21
C VAL A 353 11.22 -2.81 -5.97
N SER A 354 11.01 -1.63 -5.40
CA SER A 354 11.42 -0.40 -6.08
C SER A 354 12.94 -0.38 -6.22
N ARG A 355 13.64 -0.62 -5.12
CA ARG A 355 15.09 -0.61 -5.13
C ARG A 355 15.61 -1.49 -6.26
N PHE A 356 14.87 -2.53 -6.59
CA PHE A 356 15.29 -3.38 -7.69
C PHE A 356 14.94 -2.71 -9.02
N LYS A 357 13.76 -2.09 -9.05
CA LYS A 357 13.28 -1.42 -10.25
C LYS A 357 14.18 -0.29 -10.73
N ILE A 358 14.63 0.55 -9.82
CA ILE A 358 15.48 1.67 -10.21
C ILE A 358 16.95 1.42 -9.89
N ASP A 359 17.30 0.15 -9.64
CA ASP A 359 18.67 -0.20 -9.33
C ASP A 359 19.19 0.75 -8.25
N GLY A 360 18.41 0.95 -7.20
CA GLY A 360 18.84 1.85 -6.16
C GLY A 360 19.69 1.19 -5.09
N GLU A 361 19.96 1.93 -4.02
CA GLU A 361 20.74 1.43 -2.90
C GLU A 361 20.00 0.26 -2.26
N LEU A 362 20.77 -0.65 -1.65
CA LEU A 362 20.23 -1.82 -0.96
C LEU A 362 20.85 -1.92 0.42
N ASN A 363 20.03 -1.75 1.46
CA ASN A 363 20.52 -1.83 2.82
C ASN A 363 21.02 -3.24 2.99
N LYS A 364 22.12 -3.42 3.69
CA LYS A 364 22.61 -4.77 3.90
C LYS A 364 21.84 -5.31 5.09
N TYR A 365 21.69 -6.62 5.17
CA TYR A 365 20.96 -7.19 6.28
C TYR A 365 21.82 -7.27 7.54
N ASN A 366 21.20 -6.99 8.68
CA ASN A 366 21.85 -7.05 9.98
C ASN A 366 21.45 -8.39 10.57
N ARG A 367 22.27 -9.40 10.28
CA ARG A 367 22.03 -10.76 10.73
C ARG A 367 21.83 -10.87 12.26
N LYS A 368 22.31 -9.89 13.00
CA LYS A 368 22.15 -9.93 14.46
C LYS A 368 20.69 -9.96 14.94
N THR A 369 19.79 -9.26 14.27
CA THR A 369 18.40 -9.24 14.73
C THR A 369 17.41 -9.98 13.86
N PHE A 370 17.84 -11.14 13.34
CA PHE A 370 16.97 -11.97 12.53
C PHE A 370 15.87 -12.57 13.38
N TYR A 371 16.28 -13.03 14.56
CA TYR A 371 15.43 -13.74 15.51
C TYR A 371 15.07 -13.05 16.81
N THR A 372 15.58 -11.84 17.03
CA THR A 372 15.28 -11.13 18.26
C THR A 372 13.78 -10.82 18.29
N GLN A 373 13.30 -10.36 19.44
CA GLN A 373 11.87 -10.09 19.58
C GLN A 373 11.40 -8.66 19.42
N ASP A 374 12.32 -7.73 19.17
CA ASP A 374 11.90 -6.36 19.05
C ASP A 374 11.02 -6.10 17.84
N PRO A 375 9.86 -5.48 18.08
CA PRO A 375 8.87 -5.15 17.05
C PRO A 375 9.38 -4.05 16.13
N VAL A 376 10.61 -3.65 16.36
CA VAL A 376 11.20 -2.59 15.56
C VAL A 376 12.65 -2.84 15.22
N VAL A 377 13.47 -3.14 16.22
CA VAL A 377 14.90 -3.34 16.00
C VAL A 377 15.30 -4.44 15.03
N GLY A 378 15.82 -4.04 13.87
CA GLY A 378 16.25 -4.98 12.85
C GLY A 378 15.03 -5.64 12.23
N TYR A 379 13.87 -5.08 12.50
CA TYR A 379 12.62 -5.63 11.99
C TYR A 379 11.87 -4.65 11.07
N THR A 380 11.29 -3.61 11.65
CA THR A 380 10.56 -2.63 10.86
C THR A 380 11.35 -1.32 10.76
N ASP A 381 12.61 -1.34 11.16
CA ASP A 381 13.39 -0.11 11.12
C ASP A 381 14.47 -0.03 10.05
N TYR A 382 14.49 -0.96 9.10
CA TYR A 382 15.45 -0.86 8.01
C TYR A 382 14.83 0.25 7.16
N PRO A 383 15.66 1.19 6.67
CA PRO A 383 15.18 2.32 5.87
C PRO A 383 14.62 2.08 4.48
N PHE A 384 13.64 2.90 4.14
CA PHE A 384 13.03 2.88 2.82
C PHE A 384 13.98 3.79 2.05
N LEU A 385 14.04 3.64 0.74
CA LEU A 385 14.92 4.46 -0.08
C LEU A 385 14.58 5.93 0.16
N ALA A 386 15.58 6.79 0.14
CA ALA A 386 15.33 8.21 0.30
C ALA A 386 14.51 8.55 -0.95
N PRO A 387 13.48 9.41 -0.82
CA PRO A 387 12.67 9.75 -1.99
C PRO A 387 13.51 10.33 -3.12
N ASN B 9 -6.83 41.47 17.71
CA ASN B 9 -5.70 40.54 18.02
C ASN B 9 -4.73 40.43 16.83
N GLU B 10 -5.20 39.87 15.72
CA GLU B 10 -4.40 39.70 14.50
C GLU B 10 -5.13 40.20 13.27
N THR B 11 -4.61 39.86 12.11
CA THR B 11 -5.23 40.29 10.87
C THR B 11 -4.95 39.35 9.72
N LEU B 12 -5.67 39.56 8.62
CA LEU B 12 -5.49 38.79 7.41
C LEU B 12 -4.09 39.11 6.89
N PHE B 13 -3.62 40.32 7.20
CA PHE B 13 -2.33 40.77 6.73
C PHE B 13 -1.17 40.52 7.68
N SER B 14 -1.36 39.61 8.63
CA SER B 14 -0.28 39.30 9.56
C SER B 14 0.59 38.16 9.02
N SER B 15 1.86 38.22 9.33
CA SER B 15 2.80 37.21 8.92
C SER B 15 2.31 35.91 9.53
N TYR B 16 2.76 34.79 8.99
CA TYR B 16 2.34 33.51 9.53
C TYR B 16 3.43 32.45 9.45
N LYS B 17 3.42 31.56 10.43
CA LYS B 17 4.38 30.48 10.47
C LYS B 17 3.67 29.21 9.98
N MET B 18 3.66 29.00 8.67
CA MET B 18 3.03 27.79 8.11
C MET B 18 4.12 26.70 8.09
N GLY B 19 4.39 26.14 9.27
CA GLY B 19 5.41 25.12 9.38
C GLY B 19 6.75 25.70 8.92
N ARG B 20 7.24 25.20 7.81
CA ARG B 20 8.51 25.66 7.26
C ARG B 20 8.37 26.85 6.33
N PHE B 21 7.19 27.46 6.26
CA PHE B 21 7.05 28.58 5.36
C PHE B 21 6.66 29.84 6.11
N ASP B 22 7.51 30.86 6.02
CA ASP B 22 7.26 32.13 6.66
C ASP B 22 6.24 32.87 5.81
N LEU B 23 4.99 32.83 6.24
CA LEU B 23 3.95 33.51 5.50
C LEU B 23 3.99 34.97 5.88
N SER B 24 3.79 35.83 4.90
CA SER B 24 3.78 37.28 5.14
C SER B 24 2.35 37.70 5.44
N HIS B 25 1.39 36.91 4.99
CA HIS B 25 0.00 37.24 5.23
C HIS B 25 -0.89 36.00 5.15
N ARG B 26 -2.17 36.18 5.41
CA ARG B 26 -3.11 35.07 5.47
C ARG B 26 -3.97 34.88 4.24
N VAL B 27 -3.74 35.69 3.21
CA VAL B 27 -4.54 35.60 2.01
C VAL B 27 -3.95 34.55 1.07
N VAL B 28 -4.66 33.45 0.93
CA VAL B 28 -4.19 32.33 0.12
C VAL B 28 -4.90 32.22 -1.22
N LEU B 29 -4.12 32.17 -2.29
CA LEU B 29 -4.71 31.98 -3.60
C LEU B 29 -5.20 30.54 -3.53
N ALA B 30 -6.51 30.37 -3.67
CA ALA B 30 -7.12 29.06 -3.64
C ALA B 30 -6.60 28.30 -4.83
N PRO B 31 -6.46 26.98 -4.69
CA PRO B 31 -5.96 26.13 -5.75
C PRO B 31 -7.18 25.88 -6.64
N MET B 32 -7.24 26.57 -7.78
CA MET B 32 -8.39 26.41 -8.66
C MET B 32 -8.11 26.05 -10.10
N THR B 33 -8.93 25.12 -10.59
CA THR B 33 -8.90 24.65 -11.97
C THR B 33 -9.21 25.79 -12.93
N ARG B 34 -8.40 25.95 -13.97
CA ARG B 34 -8.67 27.04 -14.91
C ARG B 34 -8.66 26.59 -16.36
N CYS B 35 -8.20 25.37 -16.62
CA CYS B 35 -8.21 24.81 -17.97
C CYS B 35 -7.36 25.48 -19.05
N ARG B 36 -6.21 26.03 -18.69
CA ARG B 36 -5.32 26.64 -19.68
C ARG B 36 -4.08 25.78 -19.91
N ALA B 37 -3.91 24.77 -19.08
CA ALA B 37 -2.78 23.84 -19.15
C ALA B 37 -3.01 22.88 -20.30
N LEU B 38 -3.21 23.44 -21.49
CA LEU B 38 -3.48 22.66 -22.69
C LEU B 38 -2.79 21.30 -22.74
N ASN B 39 -3.60 20.26 -22.93
CA ASN B 39 -3.05 18.93 -23.04
C ASN B 39 -2.33 18.45 -21.80
N GLY B 40 -2.74 18.98 -20.65
CA GLY B 40 -2.19 18.57 -19.38
C GLY B 40 -0.84 19.17 -19.06
N VAL B 41 -0.32 19.95 -19.99
CA VAL B 41 1.00 20.53 -19.81
C VAL B 41 0.88 21.98 -19.33
N PRO B 42 1.47 22.30 -18.15
CA PRO B 42 1.40 23.67 -17.64
C PRO B 42 2.15 24.50 -18.68
N ASN B 43 1.67 25.70 -18.98
CA ASN B 43 2.32 26.53 -19.99
C ASN B 43 2.63 27.96 -19.55
N ALA B 44 2.75 28.86 -20.52
CA ALA B 44 3.09 30.23 -20.19
C ALA B 44 1.97 31.06 -19.59
N ALA B 45 0.75 30.93 -20.11
CA ALA B 45 -0.35 31.71 -19.57
C ALA B 45 -0.57 31.31 -18.11
N LEU B 46 -0.12 30.11 -17.77
CA LEU B 46 -0.26 29.61 -16.42
C LEU B 46 0.82 30.26 -15.58
N ALA B 47 2.06 30.02 -15.96
CA ALA B 47 3.19 30.57 -15.23
C ALA B 47 3.00 32.05 -14.97
N GLU B 48 2.42 32.77 -15.93
CA GLU B 48 2.21 34.19 -15.73
C GLU B 48 1.02 34.44 -14.78
N TYR B 49 0.01 33.58 -14.87
CA TYR B 49 -1.16 33.70 -14.03
C TYR B 49 -0.78 33.47 -12.56
N TYR B 50 0.28 32.70 -12.33
CA TYR B 50 0.68 32.42 -10.96
C TYR B 50 1.71 33.38 -10.41
N ALA B 51 2.76 33.63 -11.19
CA ALA B 51 3.79 34.55 -10.75
C ALA B 51 3.03 35.79 -10.37
N GLN B 52 1.99 36.05 -11.14
CA GLN B 52 1.10 37.19 -10.98
C GLN B 52 0.47 37.32 -9.62
N ARG B 53 -0.04 36.22 -9.09
CA ARG B 53 -0.71 36.24 -7.81
C ARG B 53 0.22 36.00 -6.63
N THR B 54 1.52 36.03 -6.86
CA THR B 54 2.41 35.81 -5.73
C THR B 54 3.01 37.05 -5.10
N THR B 55 3.38 36.88 -3.84
CA THR B 55 3.96 37.91 -3.00
C THR B 55 4.87 37.19 -2.03
N PRO B 56 5.87 37.90 -1.51
CA PRO B 56 6.81 37.32 -0.56
C PRO B 56 6.05 36.81 0.65
N GLY B 57 6.10 35.52 0.93
CA GLY B 57 5.40 35.00 2.08
C GLY B 57 3.91 34.70 1.89
N GLY B 58 3.33 35.13 0.79
CA GLY B 58 1.92 34.85 0.56
C GLY B 58 1.74 33.46 -0.02
N PHE B 59 0.83 32.68 0.55
CA PHE B 59 0.62 31.31 0.08
C PHE B 59 -0.43 31.19 -1.02
N LEU B 60 -0.03 30.56 -2.12
CA LEU B 60 -0.89 30.35 -3.25
C LEU B 60 -0.69 28.92 -3.71
N ILE B 61 -1.64 28.07 -3.32
CA ILE B 61 -1.66 26.68 -3.69
C ILE B 61 -1.98 26.73 -5.16
N SER B 62 -1.78 25.63 -5.85
CA SER B 62 -2.05 25.63 -7.27
C SER B 62 -3.33 24.94 -7.66
N GLU B 63 -3.77 25.26 -8.88
CA GLU B 63 -4.95 24.65 -9.48
C GLU B 63 -4.77 23.13 -9.37
N GLY B 64 -5.88 22.39 -9.42
CA GLY B 64 -5.83 20.95 -9.34
C GLY B 64 -5.11 20.36 -10.53
N THR B 65 -4.14 19.50 -10.22
CA THR B 65 -3.28 18.85 -11.19
C THR B 65 -3.51 17.35 -11.15
N MET B 66 -3.43 16.68 -12.28
CA MET B 66 -3.64 15.23 -12.32
C MET B 66 -2.55 14.41 -11.64
N VAL B 67 -2.97 13.44 -10.83
CA VAL B 67 -2.06 12.57 -10.11
C VAL B 67 -1.77 11.28 -10.87
N SER B 68 -2.42 11.10 -12.01
CA SER B 68 -2.22 9.90 -12.81
C SER B 68 -3.27 9.86 -13.91
N PRO B 69 -3.18 8.87 -14.80
CA PRO B 69 -4.19 8.83 -15.85
C PRO B 69 -5.58 8.51 -15.27
N GLY B 70 -6.61 9.05 -15.90
CA GLY B 70 -7.94 8.79 -15.44
C GLY B 70 -8.34 9.73 -14.30
N SER B 71 -7.41 10.53 -13.80
CA SER B 71 -7.71 11.45 -12.70
C SER B 71 -8.44 12.75 -13.08
N ALA B 72 -8.48 13.08 -14.38
CA ALA B 72 -9.12 14.33 -14.77
C ALA B 72 -10.62 14.22 -14.98
N GLY B 73 -11.30 15.35 -14.79
CA GLY B 73 -12.73 15.40 -14.97
C GLY B 73 -13.05 16.76 -15.55
N PHE B 74 -12.02 17.44 -16.04
CA PHE B 74 -12.12 18.78 -16.62
C PHE B 74 -11.21 18.88 -17.84
N PRO B 75 -11.53 19.81 -18.75
CA PRO B 75 -10.70 19.95 -19.94
C PRO B 75 -9.41 20.71 -19.65
N HIS B 76 -8.35 20.27 -20.31
CA HIS B 76 -7.06 20.92 -20.18
C HIS B 76 -6.61 21.40 -18.82
N VAL B 77 -6.55 20.46 -17.89
CA VAL B 77 -6.07 20.79 -16.58
C VAL B 77 -4.71 20.16 -16.62
N PRO B 78 -3.79 20.64 -15.78
CA PRO B 78 -2.45 20.07 -15.78
C PRO B 78 -2.36 18.74 -15.08
N GLY B 79 -1.24 18.06 -15.32
CA GLY B 79 -0.99 16.79 -14.67
C GLY B 79 0.35 16.91 -13.99
N ILE B 80 0.68 15.96 -13.14
CA ILE B 80 1.97 15.98 -12.48
C ILE B 80 2.39 14.52 -12.33
N TYR B 81 1.90 13.69 -13.25
CA TYR B 81 2.23 12.27 -13.19
C TYR B 81 3.35 11.82 -14.12
N SER B 82 3.83 12.74 -14.96
CA SER B 82 4.91 12.44 -15.92
C SER B 82 6.18 13.22 -15.57
N ASP B 83 7.35 12.66 -15.88
CA ASP B 83 8.59 13.38 -15.58
C ASP B 83 8.66 14.67 -16.37
N GLU B 84 7.84 14.72 -17.43
CA GLU B 84 7.76 15.88 -18.31
C GLU B 84 7.00 16.98 -17.59
N GLN B 85 5.78 16.66 -17.16
CA GLN B 85 4.97 17.64 -16.46
C GLN B 85 5.76 18.10 -15.25
N VAL B 86 6.69 17.28 -14.79
CA VAL B 86 7.53 17.67 -13.66
C VAL B 86 8.49 18.74 -14.15
N GLU B 87 8.80 18.68 -15.45
CA GLU B 87 9.67 19.66 -16.08
C GLU B 87 8.87 20.92 -16.45
N ALA B 88 7.75 20.71 -17.13
CA ALA B 88 6.91 21.84 -17.58
C ALA B 88 6.26 22.64 -16.44
N TRP B 89 6.33 22.14 -15.22
CA TRP B 89 5.76 22.86 -14.07
C TRP B 89 6.71 23.91 -13.52
N LYS B 90 7.98 23.77 -13.87
CA LYS B 90 8.98 24.69 -13.35
C LYS B 90 8.85 26.13 -13.88
N GLN B 91 8.20 26.30 -15.04
CA GLN B 91 8.08 27.64 -15.57
C GLN B 91 7.04 28.38 -14.77
N VAL B 92 6.30 27.63 -13.96
CA VAL B 92 5.28 28.25 -13.14
C VAL B 92 5.78 28.45 -11.72
N VAL B 93 6.44 27.42 -11.19
CA VAL B 93 6.95 27.47 -9.83
C VAL B 93 8.08 28.48 -9.73
N GLU B 94 9.13 28.30 -10.53
CA GLU B 94 10.25 29.25 -10.49
C GLU B 94 9.74 30.68 -10.59
N ALA B 95 8.59 30.83 -11.22
CA ALA B 95 7.95 32.13 -11.40
C ALA B 95 7.28 32.61 -10.11
N VAL B 96 7.01 31.69 -9.19
CA VAL B 96 6.38 32.05 -7.93
C VAL B 96 7.41 32.48 -6.91
N HIS B 97 8.43 31.64 -6.73
CA HIS B 97 9.48 31.95 -5.77
C HIS B 97 10.29 33.16 -6.18
N ALA B 98 10.44 33.39 -7.48
CA ALA B 98 11.20 34.54 -7.94
C ALA B 98 10.54 35.80 -7.40
N LYS B 99 9.31 35.66 -6.92
CA LYS B 99 8.56 36.79 -6.37
C LYS B 99 8.20 36.58 -4.90
N GLY B 100 8.94 35.73 -4.22
CA GLY B 100 8.72 35.51 -2.81
C GLY B 100 7.51 34.68 -2.43
N GLY B 101 6.89 34.06 -3.42
CA GLY B 101 5.72 33.27 -3.14
C GLY B 101 6.01 31.85 -2.70
N PHE B 102 4.97 31.21 -2.16
CA PHE B 102 4.99 29.81 -1.73
C PHE B 102 3.88 29.15 -2.54
N ILE B 103 4.19 28.03 -3.17
CA ILE B 103 3.18 27.37 -3.96
C ILE B 103 3.15 25.88 -3.73
N PHE B 104 1.95 25.38 -3.48
CA PHE B 104 1.73 23.97 -3.28
C PHE B 104 1.04 23.49 -4.54
N CYS B 105 1.38 22.30 -5.00
CA CYS B 105 0.73 21.78 -6.19
C CYS B 105 -0.56 21.13 -5.73
N GLN B 106 -1.64 21.33 -6.46
CA GLN B 106 -2.86 20.66 -6.04
C GLN B 106 -3.03 19.35 -6.82
N LEU B 107 -2.80 18.24 -6.12
CA LEU B 107 -2.86 16.90 -6.66
C LEU B 107 -4.32 16.55 -6.82
N TRP B 108 -4.73 16.31 -8.06
CA TRP B 108 -6.13 16.11 -8.30
C TRP B 108 -6.66 14.93 -9.11
N HIS B 109 -7.25 13.98 -8.41
CA HIS B 109 -7.88 12.89 -9.11
C HIS B 109 -9.32 13.29 -8.92
N VAL B 110 -10.15 13.05 -9.91
CA VAL B 110 -11.56 13.41 -9.77
C VAL B 110 -12.44 12.24 -9.37
N GLY B 111 -12.26 11.10 -10.02
CA GLY B 111 -13.06 9.95 -9.67
C GLY B 111 -14.28 9.80 -10.57
N ARG B 112 -15.45 9.73 -9.95
CA ARG B 112 -16.68 9.56 -10.70
C ARG B 112 -17.09 10.88 -11.33
N ALA B 113 -16.37 11.95 -10.99
CA ALA B 113 -16.69 13.26 -11.56
C ALA B 113 -15.85 13.43 -12.80
N SER B 114 -15.98 12.48 -13.71
CA SER B 114 -15.21 12.53 -14.93
C SER B 114 -16.12 12.05 -16.05
N HIS B 115 -15.52 11.58 -17.13
CA HIS B 115 -16.31 11.12 -18.25
C HIS B 115 -15.37 10.42 -19.21
N ALA B 116 -15.93 9.51 -20.01
CA ALA B 116 -15.17 8.76 -21.01
C ALA B 116 -14.17 9.67 -21.71
N VAL B 117 -14.62 10.85 -22.09
CA VAL B 117 -13.75 11.78 -22.79
C VAL B 117 -12.36 11.84 -22.15
N TYR B 118 -12.29 12.25 -20.89
CA TYR B 118 -11.04 12.38 -20.17
C TYR B 118 -10.40 11.06 -19.88
N GLN B 119 -11.17 10.00 -20.03
CA GLN B 119 -10.68 8.67 -19.74
C GLN B 119 -9.94 8.02 -20.87
N PRO B 120 -8.69 7.57 -20.59
CA PRO B 120 -7.79 6.88 -21.51
C PRO B 120 -8.33 5.47 -21.55
N ASN B 121 -8.14 4.79 -22.67
CA ASN B 121 -8.65 3.43 -22.80
C ASN B 121 -10.17 3.58 -22.73
N GLY B 122 -10.62 4.82 -22.53
CA GLY B 122 -12.04 5.12 -22.43
C GLY B 122 -12.73 4.36 -21.32
N GLY B 123 -11.92 3.76 -20.45
CA GLY B 123 -12.52 2.99 -19.38
C GLY B 123 -13.30 3.93 -18.49
N SER B 124 -14.59 3.66 -18.34
CA SER B 124 -15.46 4.45 -17.50
C SER B 124 -14.68 4.87 -16.27
N PRO B 125 -14.85 6.13 -15.82
CA PRO B 125 -14.15 6.66 -14.64
C PRO B 125 -14.49 5.83 -13.40
N ILE B 126 -13.58 5.86 -12.44
CA ILE B 126 -13.73 5.11 -11.21
C ILE B 126 -14.04 6.02 -10.00
N SER B 127 -14.62 5.47 -8.95
CA SER B 127 -14.95 6.25 -7.77
C SER B 127 -14.86 5.35 -6.56
N SER B 128 -15.81 5.48 -5.65
CA SER B 128 -15.79 4.59 -4.48
C SER B 128 -16.77 3.44 -4.76
N THR B 129 -17.84 3.76 -5.48
CA THR B 129 -18.90 2.80 -5.78
C THR B 129 -19.31 3.01 -7.24
N ASN B 130 -20.46 2.50 -7.64
CA ASN B 130 -20.92 2.71 -9.01
C ASN B 130 -22.07 3.73 -9.10
N LYS B 131 -22.37 4.43 -8.02
CA LYS B 131 -23.43 5.43 -8.12
C LYS B 131 -22.93 6.60 -8.95
N PRO B 132 -23.70 7.02 -9.95
CA PRO B 132 -23.29 8.14 -10.79
C PRO B 132 -23.64 9.44 -10.11
N ILE B 133 -22.86 10.47 -10.40
CA ILE B 133 -23.12 11.79 -9.86
C ILE B 133 -24.52 12.15 -10.34
N SER B 134 -25.45 12.32 -9.40
CA SER B 134 -26.82 12.64 -9.74
C SER B 134 -27.00 13.38 -11.06
N GLU B 135 -27.75 12.73 -11.95
CA GLU B 135 -28.06 13.27 -13.26
C GLU B 135 -29.06 14.41 -13.15
N ASN B 136 -29.45 14.71 -11.92
CA ASN B 136 -30.41 15.78 -11.66
C ASN B 136 -29.96 17.16 -12.06
N ARG B 137 -28.67 17.42 -12.02
CA ARG B 137 -28.22 18.76 -12.38
C ARG B 137 -26.75 18.95 -12.75
N TRP B 138 -25.89 18.17 -12.11
CA TRP B 138 -24.46 18.27 -12.34
C TRP B 138 -24.16 17.93 -13.79
N ARG B 139 -23.22 18.64 -14.39
CA ARG B 139 -22.86 18.41 -15.77
C ARG B 139 -21.36 18.45 -15.92
N VAL B 140 -20.80 17.38 -16.45
CA VAL B 140 -19.37 17.30 -16.66
C VAL B 140 -19.06 18.08 -17.95
N LEU B 141 -18.15 19.05 -17.86
CA LEU B 141 -17.75 19.88 -19.00
C LEU B 141 -16.79 19.07 -19.85
N LEU B 142 -17.12 18.90 -21.13
CA LEU B 142 -16.24 18.16 -22.03
C LEU B 142 -15.46 19.17 -22.87
N PRO B 143 -14.37 18.72 -23.51
CA PRO B 143 -13.55 19.61 -24.34
C PRO B 143 -14.32 20.28 -25.48
N ASP B 144 -15.06 19.49 -26.27
CA ASP B 144 -15.81 20.04 -27.40
C ASP B 144 -16.69 21.21 -26.99
N GLY B 145 -17.02 21.30 -25.70
CA GLY B 145 -17.84 22.43 -25.26
C GLY B 145 -19.14 22.09 -24.57
N SER B 146 -19.66 20.89 -24.81
CA SER B 146 -20.90 20.47 -24.16
C SER B 146 -20.69 20.22 -22.67
N HIS B 147 -21.78 20.05 -21.93
CA HIS B 147 -21.73 19.83 -20.49
C HIS B 147 -22.46 18.57 -20.07
N VAL B 148 -22.34 17.52 -20.87
CA VAL B 148 -23.01 16.25 -20.59
C VAL B 148 -23.00 15.78 -19.12
N LYS B 149 -23.99 14.95 -18.79
CA LYS B 149 -24.14 14.41 -17.47
C LYS B 149 -22.93 13.50 -17.17
N TYR B 150 -22.76 13.17 -15.89
CA TYR B 150 -21.67 12.29 -15.47
C TYR B 150 -22.06 10.84 -15.74
N PRO B 151 -21.08 9.96 -15.97
CA PRO B 151 -21.48 8.58 -16.24
C PRO B 151 -21.39 7.65 -15.05
N LYS B 152 -21.93 6.46 -15.23
CA LYS B 152 -21.87 5.44 -14.21
C LYS B 152 -20.39 5.13 -13.98
N PRO B 153 -19.87 5.48 -12.79
CA PRO B 153 -18.46 5.19 -12.54
C PRO B 153 -18.29 3.70 -12.26
N ARG B 154 -17.05 3.26 -12.16
CA ARG B 154 -16.78 1.86 -11.83
C ARG B 154 -16.17 1.89 -10.46
N ALA B 155 -16.79 1.22 -9.50
CA ALA B 155 -16.23 1.20 -8.16
C ALA B 155 -14.86 0.53 -8.28
N LEU B 156 -14.00 0.83 -7.32
CA LEU B 156 -12.67 0.29 -7.27
C LEU B 156 -12.69 -0.92 -6.35
N GLU B 157 -12.11 -2.03 -6.81
CA GLU B 157 -12.02 -3.19 -5.95
C GLU B 157 -10.97 -2.76 -4.93
N ALA B 158 -11.05 -3.26 -3.71
CA ALA B 158 -10.10 -2.89 -2.67
C ALA B 158 -8.65 -2.88 -3.17
N SER B 159 -8.28 -3.94 -3.89
CA SER B 159 -6.91 -4.08 -4.41
C SER B 159 -6.41 -2.89 -5.23
N GLU B 160 -7.30 -2.26 -5.99
CA GLU B 160 -6.93 -1.13 -6.82
C GLU B 160 -6.59 0.13 -5.99
N ILE B 161 -7.17 0.23 -4.81
CA ILE B 161 -6.95 1.38 -3.96
C ILE B 161 -5.48 1.78 -3.81
N PRO B 162 -4.62 0.84 -3.37
CA PRO B 162 -3.20 1.22 -3.22
C PRO B 162 -2.61 1.71 -4.53
N ARG B 163 -3.12 1.22 -5.66
CA ARG B 163 -2.61 1.70 -6.93
C ARG B 163 -2.82 3.21 -6.96
N VAL B 164 -3.98 3.66 -6.49
CA VAL B 164 -4.27 5.08 -6.48
C VAL B 164 -3.56 5.77 -5.33
N VAL B 165 -3.38 5.06 -4.22
CA VAL B 165 -2.68 5.69 -3.12
C VAL B 165 -1.25 5.95 -3.56
N GLU B 166 -0.68 5.00 -4.30
CA GLU B 166 0.67 5.14 -4.79
C GLU B 166 0.76 6.27 -5.80
N ASP B 167 -0.34 6.47 -6.55
CA ASP B 167 -0.39 7.54 -7.53
C ASP B 167 -0.21 8.89 -6.87
N TYR B 168 -0.83 9.07 -5.71
CA TYR B 168 -0.68 10.33 -4.98
C TYR B 168 0.76 10.51 -4.50
N CYS B 169 1.29 9.52 -3.78
CA CYS B 169 2.66 9.59 -3.28
C CYS B 169 3.62 9.90 -4.42
N LEU B 170 3.43 9.18 -5.51
CA LEU B 170 4.23 9.35 -6.69
C LEU B 170 4.06 10.78 -7.16
N SER B 171 2.82 11.25 -7.16
CA SER B 171 2.59 12.60 -7.62
C SER B 171 3.16 13.63 -6.68
N ALA B 172 3.18 13.33 -5.39
CA ALA B 172 3.71 14.26 -4.40
C ALA B 172 5.17 14.51 -4.72
N LEU B 173 5.84 13.44 -5.15
CA LEU B 173 7.26 13.51 -5.49
C LEU B 173 7.48 14.30 -6.75
N ASN B 174 6.61 14.07 -7.73
CA ASN B 174 6.67 14.77 -9.01
C ASN B 174 6.47 16.26 -8.80
N ALA B 175 5.91 16.58 -7.66
CA ALA B 175 5.65 17.97 -7.30
C ALA B 175 6.92 18.56 -6.66
N ILE B 176 7.52 17.81 -5.76
CA ILE B 176 8.73 18.27 -5.09
C ILE B 176 9.88 18.20 -6.09
N ARG B 177 9.54 17.89 -7.34
CA ARG B 177 10.53 17.77 -8.39
C ARG B 177 10.42 18.94 -9.35
N ALA B 178 9.24 19.54 -9.45
CA ALA B 178 9.08 20.68 -10.34
C ALA B 178 9.25 21.99 -9.56
N GLY B 179 9.67 21.87 -8.30
CA GLY B 179 9.89 23.04 -7.47
C GLY B 179 8.76 23.47 -6.54
N PHE B 180 7.59 22.85 -6.66
CA PHE B 180 6.48 23.21 -5.78
C PHE B 180 6.94 23.14 -4.32
N ASP B 181 6.57 24.12 -3.52
CA ASP B 181 7.00 24.13 -2.13
C ASP B 181 6.17 23.21 -1.26
N GLY B 182 5.49 22.25 -1.90
CA GLY B 182 4.65 21.32 -1.18
C GLY B 182 3.44 21.00 -2.03
N ILE B 183 2.49 20.26 -1.44
CA ILE B 183 1.29 19.91 -2.15
C ILE B 183 0.10 19.84 -1.21
N GLU B 184 -1.09 20.00 -1.77
CA GLU B 184 -2.28 19.89 -0.98
C GLU B 184 -2.98 18.67 -1.53
N ILE B 185 -3.67 17.94 -0.67
CA ILE B 185 -4.40 16.77 -1.14
C ILE B 185 -5.84 17.20 -1.26
N HIS B 186 -6.39 17.14 -2.47
CA HIS B 186 -7.75 17.52 -2.64
C HIS B 186 -8.58 16.39 -2.07
N GLY B 187 -9.19 16.62 -0.90
CA GLY B 187 -9.99 15.57 -0.29
C GLY B 187 -11.41 15.99 0.06
N ALA B 188 -12.16 16.50 -0.91
CA ALA B 188 -13.55 16.94 -0.67
C ALA B 188 -14.27 17.26 -1.96
N HIS B 189 -15.43 17.91 -1.84
CA HIS B 189 -16.21 18.34 -3.00
C HIS B 189 -16.71 17.29 -4.00
N GLY B 190 -17.02 16.09 -3.52
CA GLY B 190 -17.54 15.07 -4.40
C GLY B 190 -16.54 14.36 -5.29
N TYR B 191 -15.28 14.76 -5.22
CA TYR B 191 -14.26 14.10 -6.01
C TYR B 191 -13.81 12.79 -5.37
N LEU B 192 -12.96 12.03 -6.06
CA LEU B 192 -12.55 10.71 -5.58
C LEU B 192 -12.49 10.51 -4.07
N ILE B 193 -11.41 10.97 -3.46
CA ILE B 193 -11.25 10.83 -2.02
C ILE B 193 -12.57 11.06 -1.30
N ASP B 194 -13.19 12.20 -1.57
CA ASP B 194 -14.45 12.54 -0.97
C ASP B 194 -15.51 11.47 -1.24
N GLN B 195 -15.47 10.89 -2.44
CA GLN B 195 -16.42 9.84 -2.78
C GLN B 195 -16.25 8.66 -1.83
N PHE B 196 -15.17 8.64 -1.05
CA PHE B 196 -15.00 7.57 -0.05
C PHE B 196 -15.40 8.13 1.30
N LEU B 197 -15.07 9.39 1.51
CA LEU B 197 -15.36 10.08 2.76
C LEU B 197 -16.84 10.16 3.10
N LYS B 198 -17.66 10.55 2.12
CA LYS B 198 -19.10 10.73 2.33
C LYS B 198 -19.93 9.45 2.57
N ASP B 199 -20.70 9.46 3.65
CA ASP B 199 -21.51 8.32 4.01
C ASP B 199 -22.73 8.25 3.11
N GLY B 200 -22.74 9.07 2.07
CA GLY B 200 -23.84 9.08 1.13
C GLY B 200 -23.40 8.59 -0.24
N ILE B 201 -22.13 8.26 -0.36
CA ILE B 201 -21.56 7.78 -1.60
C ILE B 201 -20.81 6.50 -1.33
N ASN B 202 -20.22 6.40 -0.13
CA ASN B 202 -19.43 5.22 0.25
C ASN B 202 -20.20 4.30 1.21
N ASP B 203 -20.90 3.33 0.63
CA ASP B 203 -21.65 2.35 1.40
C ASP B 203 -21.02 1.00 1.17
N ARG B 204 -19.70 1.01 1.04
CA ARG B 204 -18.92 -0.20 0.81
C ARG B 204 -18.98 -1.11 2.02
N THR B 205 -18.58 -2.37 1.83
CA THR B 205 -18.56 -3.34 2.93
C THR B 205 -17.15 -3.84 3.17
N ASP B 206 -16.25 -3.53 2.22
CA ASP B 206 -14.87 -3.94 2.35
C ASP B 206 -14.17 -2.95 3.30
N GLN B 207 -12.84 -2.99 3.37
CA GLN B 207 -12.14 -2.09 4.28
C GLN B 207 -12.37 -0.60 4.04
N TYR B 208 -12.76 -0.23 2.83
CA TYR B 208 -12.96 1.20 2.56
C TYR B 208 -14.39 1.66 2.64
N GLY B 209 -15.17 1.08 3.54
CA GLY B 209 -16.55 1.50 3.68
C GLY B 209 -17.19 0.98 4.94
N GLY B 210 -18.42 1.42 5.21
CA GLY B 210 -19.13 0.98 6.39
C GLY B 210 -19.13 2.02 7.48
N SER B 211 -18.07 2.02 8.29
CA SER B 211 -17.92 2.96 9.40
C SER B 211 -17.25 4.27 8.96
N ILE B 212 -17.29 5.28 9.82
CA ILE B 212 -16.68 6.55 9.51
C ILE B 212 -15.19 6.34 9.32
N ALA B 213 -14.59 5.58 10.23
CA ALA B 213 -13.18 5.28 10.13
C ALA B 213 -12.95 4.61 8.78
N ASN B 214 -13.92 3.78 8.36
CA ASN B 214 -13.82 3.07 7.08
C ASN B 214 -14.12 3.96 5.89
N ARG B 215 -15.19 4.74 5.97
CA ARG B 215 -15.54 5.62 4.87
C ARG B 215 -14.35 6.54 4.73
N CYS B 216 -14.09 7.30 5.79
CA CYS B 216 -12.97 8.22 5.86
C CYS B 216 -11.63 7.50 5.82
N ARG B 217 -11.66 6.17 5.72
CA ARG B 217 -10.42 5.38 5.66
C ARG B 217 -9.52 5.68 4.48
N PHE B 218 -10.08 5.97 3.32
CA PHE B 218 -9.23 6.22 2.16
C PHE B 218 -8.34 7.45 2.24
N LEU B 219 -8.86 8.55 2.75
CA LEU B 219 -8.03 9.75 2.89
C LEU B 219 -6.81 9.44 3.77
N LYS B 220 -7.06 8.77 4.88
CA LYS B 220 -5.97 8.44 5.81
C LYS B 220 -4.86 7.70 5.11
N GLN B 221 -5.23 6.81 4.20
CA GLN B 221 -4.28 6.02 3.46
C GLN B 221 -3.49 6.81 2.42
N VAL B 222 -4.09 7.86 1.88
CA VAL B 222 -3.36 8.68 0.93
C VAL B 222 -2.37 9.54 1.73
N VAL B 223 -2.89 10.54 2.43
CA VAL B 223 -2.06 11.43 3.23
C VAL B 223 -0.94 10.63 3.92
N GLU B 224 -1.27 9.47 4.45
CA GLU B 224 -0.24 8.65 5.10
C GLU B 224 0.95 8.53 4.16
N GLY B 225 0.68 8.12 2.93
CA GLY B 225 1.76 7.95 1.97
C GLY B 225 2.26 9.30 1.50
N VAL B 226 1.39 10.30 1.52
CA VAL B 226 1.81 11.61 1.08
C VAL B 226 2.80 12.16 2.11
N VAL B 227 2.50 11.98 3.39
CA VAL B 227 3.37 12.45 4.44
C VAL B 227 4.69 11.67 4.41
N SER B 228 4.60 10.39 4.06
CA SER B 228 5.77 9.54 3.98
C SER B 228 6.70 10.03 2.89
N ALA B 229 6.13 10.19 1.71
CA ALA B 229 6.88 10.60 0.54
C ALA B 229 7.62 11.91 0.67
N ILE B 230 6.99 12.92 1.29
CA ILE B 230 7.63 14.23 1.36
C ILE B 230 7.57 14.97 2.69
N GLY B 231 7.11 14.31 3.74
CA GLY B 231 7.03 14.97 5.02
C GLY B 231 5.77 15.83 5.13
N ALA B 232 5.19 15.86 6.33
CA ALA B 232 3.97 16.63 6.56
C ALA B 232 4.08 18.09 6.11
N SER B 233 5.17 18.75 6.47
CA SER B 233 5.40 20.14 6.13
C SER B 233 5.07 20.52 4.70
N LYS B 234 5.19 19.57 3.77
CA LYS B 234 4.89 19.86 2.37
C LYS B 234 3.56 19.22 2.01
N VAL B 235 2.68 19.12 2.99
CA VAL B 235 1.39 18.50 2.79
C VAL B 235 0.26 19.28 3.42
N GLY B 236 -0.61 19.80 2.58
CA GLY B 236 -1.77 20.51 3.07
C GLY B 236 -2.93 19.56 2.79
N VAL B 237 -3.91 19.53 3.65
CA VAL B 237 -5.06 18.66 3.46
C VAL B 237 -6.33 19.50 3.29
N ARG B 238 -7.18 19.06 2.39
CA ARG B 238 -8.44 19.75 2.15
C ARG B 238 -9.63 18.80 2.13
N VAL B 239 -10.62 19.07 2.99
CA VAL B 239 -11.84 18.27 3.02
C VAL B 239 -13.02 19.23 3.24
N SER B 240 -14.22 18.85 2.77
CA SER B 240 -15.42 19.68 2.93
C SER B 240 -16.54 18.78 3.45
N PRO B 241 -16.71 18.74 4.78
CA PRO B 241 -17.74 17.91 5.41
C PRO B 241 -19.15 18.20 4.92
N ALA B 242 -19.50 19.49 4.89
CA ALA B 242 -20.83 19.91 4.52
C ALA B 242 -21.06 20.19 3.05
N ILE B 243 -20.08 20.76 2.36
CA ILE B 243 -20.26 21.02 0.95
C ILE B 243 -20.75 19.70 0.35
N ASP B 244 -21.83 19.74 -0.42
CA ASP B 244 -22.37 18.52 -1.01
C ASP B 244 -22.28 18.52 -2.53
N HIS B 245 -21.48 19.45 -3.05
CA HIS B 245 -21.20 19.58 -4.47
C HIS B 245 -21.08 18.18 -5.06
N LEU B 246 -21.45 18.05 -6.33
CA LEU B 246 -21.37 16.76 -7.03
C LEU B 246 -22.05 15.63 -6.25
N ASP B 247 -23.17 15.95 -5.63
CA ASP B 247 -23.95 14.99 -4.87
C ASP B 247 -23.10 14.26 -3.84
N ALA B 248 -22.39 15.04 -3.03
CA ALA B 248 -21.55 14.47 -1.99
C ALA B 248 -22.15 14.83 -0.64
N THR B 249 -23.17 14.11 -0.23
CA THR B 249 -23.78 14.43 1.05
C THR B 249 -23.38 13.44 2.12
N ASP B 250 -23.25 13.97 3.33
CA ASP B 250 -22.93 13.14 4.47
C ASP B 250 -23.94 13.47 5.55
N SER B 251 -24.72 12.48 5.94
CA SER B 251 -25.74 12.68 6.96
C SER B 251 -25.16 13.30 8.23
N ASP B 252 -23.87 13.09 8.48
CA ASP B 252 -23.25 13.65 9.68
C ASP B 252 -21.94 14.36 9.37
N PRO B 253 -22.02 15.56 8.78
CA PRO B 253 -20.83 16.33 8.42
C PRO B 253 -19.82 16.56 9.54
N LEU B 254 -20.28 17.12 10.66
CA LEU B 254 -19.39 17.37 11.79
C LEU B 254 -18.61 16.14 12.18
N SER B 255 -19.33 15.03 12.36
CA SER B 255 -18.66 13.80 12.76
C SER B 255 -17.64 13.36 11.72
N LEU B 256 -17.99 13.49 10.45
CA LEU B 256 -17.06 13.12 9.40
C LEU B 256 -15.89 14.09 9.46
N GLY B 257 -16.19 15.37 9.66
CA GLY B 257 -15.17 16.38 9.74
C GLY B 257 -14.24 16.12 10.91
N LEU B 258 -14.82 15.78 12.05
CA LEU B 258 -14.03 15.52 13.25
C LEU B 258 -13.25 14.24 13.10
N ALA B 259 -13.84 13.29 12.38
CA ALA B 259 -13.19 12.01 12.14
C ALA B 259 -11.96 12.36 11.32
N VAL B 260 -12.15 13.19 10.31
CA VAL B 260 -11.01 13.60 9.50
C VAL B 260 -9.99 14.30 10.37
N VAL B 261 -10.45 15.16 11.26
CA VAL B 261 -9.50 15.84 12.12
C VAL B 261 -8.63 14.78 12.82
N GLY B 262 -9.26 13.90 13.57
CA GLY B 262 -8.54 12.87 14.30
C GLY B 262 -7.63 12.07 13.37
N MET B 263 -7.72 12.36 12.09
CA MET B 263 -6.89 11.69 11.12
C MET B 263 -5.52 12.31 11.27
N LEU B 264 -5.43 13.51 10.73
CA LEU B 264 -4.23 14.30 10.76
C LEU B 264 -3.89 14.56 12.24
N ASN B 265 -4.89 14.60 13.11
CA ASN B 265 -4.59 14.82 14.51
C ASN B 265 -3.74 13.63 14.97
N LYS B 266 -4.28 12.42 14.81
CA LYS B 266 -3.59 11.20 15.21
C LYS B 266 -2.39 10.90 14.34
N LEU B 267 -2.47 11.26 13.06
CA LEU B 267 -1.37 11.02 12.14
C LEU B 267 -0.18 11.88 12.56
N GLN B 268 -0.46 13.15 12.85
CA GLN B 268 0.56 14.07 13.27
C GLN B 268 1.17 13.66 14.59
N GLY B 269 0.33 13.37 15.58
CA GLY B 269 0.82 12.97 16.89
C GLY B 269 1.97 11.97 16.87
N VAL B 270 1.89 11.01 15.95
CA VAL B 270 2.90 9.98 15.78
C VAL B 270 3.67 10.28 14.49
N ASN B 271 4.18 11.51 14.37
CA ASN B 271 4.89 11.89 13.17
C ASN B 271 6.02 12.89 13.40
N GLY B 272 6.00 13.56 14.55
CA GLY B 272 7.03 14.52 14.86
C GLY B 272 6.96 15.75 13.98
N SER B 273 5.88 15.86 13.20
CA SER B 273 5.67 16.98 12.31
C SER B 273 4.20 17.12 11.93
N LYS B 274 3.69 18.35 11.97
CA LYS B 274 2.31 18.61 11.62
C LYS B 274 2.25 18.86 10.13
N LEU B 275 1.04 18.69 9.59
CA LEU B 275 0.81 18.96 8.20
C LEU B 275 1.01 20.47 8.08
N ALA B 276 1.06 20.97 6.86
CA ALA B 276 1.21 22.39 6.64
C ALA B 276 -0.09 23.04 7.07
N TYR B 277 -1.19 22.31 6.91
CA TYR B 277 -2.49 22.85 7.33
C TYR B 277 -3.68 21.95 7.05
N LEU B 278 -4.79 22.33 7.68
CA LEU B 278 -6.07 21.68 7.46
C LEU B 278 -6.81 22.81 6.72
N HIS B 279 -7.30 22.48 5.54
CA HIS B 279 -8.00 23.43 4.67
C HIS B 279 -9.39 22.83 4.44
N VAL B 280 -10.42 23.59 4.79
CA VAL B 280 -11.77 23.10 4.66
C VAL B 280 -12.64 24.10 3.94
N THR B 281 -13.61 23.55 3.20
CA THR B 281 -14.54 24.36 2.44
C THR B 281 -15.76 24.52 3.31
N GLN B 282 -16.61 25.46 2.95
CA GLN B 282 -17.80 25.63 3.72
C GLN B 282 -18.86 26.26 2.85
N PRO B 283 -20.11 25.97 3.16
CA PRO B 283 -21.23 26.52 2.41
C PRO B 283 -21.46 27.94 2.94
N ARG B 284 -22.32 28.68 2.26
CA ARG B 284 -22.69 30.05 2.65
C ARG B 284 -23.97 30.33 1.92
N TYR B 285 -24.97 30.88 2.62
CA TYR B 285 -26.20 31.19 1.93
C TYR B 285 -26.10 32.59 1.33
N HIS B 286 -27.06 32.93 0.47
CA HIS B 286 -27.10 34.23 -0.16
C HIS B 286 -27.42 35.29 0.87
N ALA B 287 -27.03 36.52 0.59
CA ALA B 287 -27.26 37.66 1.48
C ALA B 287 -28.49 38.48 1.11
N TYR B 288 -29.65 37.82 1.07
CA TYR B 288 -30.93 38.46 0.74
C TYR B 288 -31.12 39.76 1.51
N ASP B 299 -23.74 31.87 8.43
CA ASP B 299 -24.60 31.87 9.62
C ASP B 299 -23.87 31.31 10.84
N GLU B 300 -24.65 30.90 11.83
CA GLU B 300 -24.11 30.34 13.07
C GLU B 300 -23.83 28.84 12.85
N GLU B 301 -24.66 28.19 12.04
CA GLU B 301 -24.52 26.76 11.74
C GLU B 301 -23.23 26.43 10.98
N GLU B 302 -22.91 27.25 9.98
CA GLU B 302 -21.70 27.05 9.19
C GLU B 302 -20.51 27.44 10.04
N ALA B 303 -20.73 28.44 10.87
CA ALA B 303 -19.69 28.94 11.75
C ALA B 303 -19.27 27.87 12.74
N LYS B 304 -20.24 27.27 13.41
CA LYS B 304 -19.96 26.24 14.41
C LYS B 304 -19.22 25.05 13.83
N LEU B 305 -19.65 24.59 12.66
CA LEU B 305 -18.99 23.46 12.04
C LEU B 305 -17.53 23.85 11.79
N MET B 306 -17.32 24.96 11.11
CA MET B 306 -15.98 25.43 10.81
C MET B 306 -15.22 25.67 12.09
N LYS B 307 -15.90 26.29 13.06
CA LYS B 307 -15.26 26.62 14.33
C LYS B 307 -14.86 25.35 15.05
N SER B 308 -15.78 24.38 15.04
CA SER B 308 -15.52 23.12 15.68
C SER B 308 -14.36 22.46 14.96
N LEU B 309 -14.33 22.59 13.64
CA LEU B 309 -13.27 21.95 12.88
C LEU B 309 -11.91 22.49 13.26
N ARG B 310 -11.77 23.81 13.30
CA ARG B 310 -10.45 24.34 13.63
C ARG B 310 -10.11 24.07 15.08
N MET B 311 -11.11 24.03 15.95
CA MET B 311 -10.84 23.76 17.36
C MET B 311 -10.11 22.44 17.58
N ALA B 312 -10.67 21.36 17.03
CA ALA B 312 -10.08 20.03 17.20
C ALA B 312 -8.72 19.93 16.56
N TYR B 313 -8.63 20.36 15.31
CA TYR B 313 -7.37 20.28 14.59
C TYR B 313 -6.24 21.03 15.26
N ASN B 314 -5.22 20.28 15.64
CA ASN B 314 -4.02 20.84 16.29
C ASN B 314 -3.06 21.14 15.14
N GLY B 315 -3.29 22.25 14.46
CA GLY B 315 -2.43 22.59 13.35
C GLY B 315 -2.92 23.85 12.68
N THR B 316 -2.33 24.16 11.54
CA THR B 316 -2.68 25.38 10.84
C THR B 316 -3.98 25.13 10.12
N PHE B 317 -4.93 26.04 10.31
CA PHE B 317 -6.20 25.85 9.68
C PHE B 317 -6.43 26.94 8.67
N MET B 318 -6.62 26.54 7.42
CA MET B 318 -6.85 27.49 6.35
C MET B 318 -8.30 27.38 5.91
N SER B 319 -9.07 28.45 6.11
CA SER B 319 -10.47 28.42 5.71
C SER B 319 -10.63 29.04 4.34
N SER B 320 -11.47 28.39 3.52
CA SER B 320 -11.76 28.86 2.18
C SER B 320 -13.27 28.68 1.94
N GLY B 321 -13.86 29.49 1.08
CA GLY B 321 -15.28 29.32 0.81
C GLY B 321 -16.08 30.59 0.83
N GLY B 322 -16.04 31.33 -0.27
CA GLY B 322 -16.77 32.58 -0.36
C GLY B 322 -16.35 33.63 0.64
N PHE B 323 -15.04 33.80 0.84
CA PHE B 323 -14.57 34.80 1.80
C PHE B 323 -14.41 36.18 1.23
N ASN B 324 -15.18 37.11 1.78
CA ASN B 324 -15.10 38.51 1.38
C ASN B 324 -13.85 39.03 2.05
N LYS B 325 -13.70 40.34 2.11
CA LYS B 325 -12.52 40.88 2.77
C LYS B 325 -12.70 40.87 4.28
N GLU B 326 -13.90 41.23 4.75
CA GLU B 326 -14.18 41.29 6.19
C GLU B 326 -14.25 39.96 6.96
N LEU B 327 -14.76 38.90 6.31
CA LEU B 327 -14.86 37.60 6.98
C LEU B 327 -13.47 37.03 7.21
N GLY B 328 -12.58 37.25 6.24
CA GLY B 328 -11.23 36.74 6.36
C GLY B 328 -10.56 37.36 7.56
N MET B 329 -10.73 38.68 7.68
CA MET B 329 -10.18 39.46 8.78
C MET B 329 -10.77 38.94 10.09
N GLN B 330 -12.08 38.72 10.07
CA GLN B 330 -12.77 38.20 11.24
C GLN B 330 -12.31 36.77 11.59
N ALA B 331 -12.13 35.92 10.57
CA ALA B 331 -11.67 34.54 10.81
C ALA B 331 -10.31 34.54 11.51
N VAL B 332 -9.33 35.25 10.95
CA VAL B 332 -8.03 35.27 11.59
C VAL B 332 -8.06 36.09 12.89
N GLN B 333 -8.71 37.25 12.87
CA GLN B 333 -8.79 38.11 14.05
C GLN B 333 -9.49 37.38 15.21
N GLN B 334 -10.58 36.68 14.91
CA GLN B 334 -11.37 35.95 15.91
C GLN B 334 -10.80 34.57 16.29
N GLY B 335 -9.62 34.25 15.78
CA GLY B 335 -8.99 32.97 16.10
C GLY B 335 -9.53 31.78 15.32
N ASP B 336 -10.57 32.01 14.50
CA ASP B 336 -11.20 30.96 13.71
C ASP B 336 -10.24 30.25 12.74
N ALA B 337 -9.79 30.99 11.73
CA ALA B 337 -8.90 30.44 10.73
C ALA B 337 -7.54 31.11 10.86
N ASP B 338 -6.49 30.39 10.52
CA ASP B 338 -5.15 30.98 10.55
C ASP B 338 -4.90 31.62 9.21
N LEU B 339 -5.44 30.97 8.18
CA LEU B 339 -5.28 31.41 6.81
C LEU B 339 -6.63 31.39 6.15
N VAL B 340 -6.88 32.41 5.34
CA VAL B 340 -8.13 32.51 4.63
C VAL B 340 -7.78 32.38 3.15
N SER B 341 -8.25 31.31 2.53
CA SER B 341 -7.98 31.12 1.12
C SER B 341 -9.07 31.87 0.41
N TYR B 342 -8.78 32.30 -0.81
CA TYR B 342 -9.71 33.04 -1.64
C TYR B 342 -9.65 32.36 -2.98
N GLY B 343 -10.75 32.40 -3.72
CA GLY B 343 -10.80 31.76 -5.01
C GLY B 343 -11.33 32.68 -6.09
N ARG B 344 -12.66 32.76 -6.23
CA ARG B 344 -13.22 33.62 -7.28
C ARG B 344 -12.65 35.03 -7.32
N LEU B 345 -12.28 35.58 -6.17
CA LEU B 345 -11.73 36.93 -6.14
C LEU B 345 -10.32 36.97 -6.66
N PHE B 346 -9.55 35.89 -6.44
CA PHE B 346 -8.18 35.90 -6.90
C PHE B 346 -8.12 35.78 -8.41
N ILE B 347 -9.10 35.11 -9.01
CA ILE B 347 -9.09 35.00 -10.46
C ILE B 347 -9.26 36.41 -11.04
N ALA B 348 -10.21 37.12 -10.45
CA ALA B 348 -10.59 38.46 -10.89
C ALA B 348 -9.60 39.58 -10.56
N ASN B 349 -8.81 39.38 -9.52
CA ASN B 349 -7.87 40.40 -9.08
C ASN B 349 -6.54 39.79 -8.73
N PRO B 350 -5.61 39.80 -9.68
CA PRO B 350 -4.30 39.20 -9.44
C PRO B 350 -3.65 39.75 -8.18
N ASP B 351 -3.75 41.06 -8.01
CA ASP B 351 -3.18 41.74 -6.84
C ASP B 351 -4.27 41.75 -5.78
N LEU B 352 -4.90 40.59 -5.60
CA LEU B 352 -5.98 40.49 -4.64
C LEU B 352 -5.58 40.94 -3.25
N VAL B 353 -4.34 40.67 -2.85
CA VAL B 353 -3.90 41.05 -1.53
C VAL B 353 -3.63 42.52 -1.41
N SER B 354 -2.92 43.08 -2.37
CA SER B 354 -2.62 44.50 -2.33
C SER B 354 -3.90 45.30 -2.49
N ARG B 355 -4.96 44.69 -3.01
CA ARG B 355 -6.21 45.43 -3.13
C ARG B 355 -6.87 45.48 -1.78
N PHE B 356 -6.93 44.33 -1.09
CA PHE B 356 -7.53 44.28 0.24
C PHE B 356 -6.85 45.31 1.16
N LYS B 357 -5.52 45.33 1.15
CA LYS B 357 -4.81 46.27 1.99
C LYS B 357 -5.37 47.70 1.95
N ILE B 358 -5.60 48.22 0.74
CA ILE B 358 -6.11 49.57 0.61
C ILE B 358 -7.60 49.62 0.30
N ASP B 359 -8.34 48.60 0.73
CA ASP B 359 -9.77 48.52 0.46
C ASP B 359 -10.02 49.06 -0.95
N GLY B 360 -9.13 48.65 -1.85
CA GLY B 360 -9.23 49.09 -3.21
C GLY B 360 -10.40 48.39 -3.84
N GLU B 361 -10.84 48.92 -4.98
CA GLU B 361 -11.92 48.32 -5.71
C GLU B 361 -11.51 46.90 -6.12
N LEU B 362 -12.51 46.04 -6.32
CA LEU B 362 -12.27 44.66 -6.71
C LEU B 362 -12.93 44.40 -8.05
N ASN B 363 -12.15 43.99 -9.04
CA ASN B 363 -12.71 43.69 -10.35
C ASN B 363 -13.74 42.57 -10.22
N LYS B 364 -14.68 42.51 -11.15
CA LYS B 364 -15.68 41.46 -11.12
C LYS B 364 -15.06 40.31 -11.91
N TYR B 365 -15.10 39.10 -11.35
CA TYR B 365 -14.54 37.96 -12.05
C TYR B 365 -15.39 37.64 -13.28
N ASN B 366 -14.73 37.26 -14.37
CA ASN B 366 -15.46 36.91 -15.58
C ASN B 366 -15.59 35.41 -15.62
N ARG B 367 -16.67 34.91 -15.04
CA ARG B 367 -16.96 33.50 -14.95
C ARG B 367 -17.03 32.77 -16.28
N LYS B 368 -17.43 33.49 -17.33
CA LYS B 368 -17.57 32.86 -18.64
C LYS B 368 -16.25 32.37 -19.22
N THR B 369 -15.13 32.73 -18.61
CA THR B 369 -13.86 32.25 -19.13
C THR B 369 -13.05 31.50 -18.08
N PHE B 370 -13.70 31.16 -16.97
CA PHE B 370 -13.03 30.41 -15.92
C PHE B 370 -12.51 29.07 -16.43
N TYR B 371 -13.22 28.48 -17.39
CA TYR B 371 -12.88 27.17 -17.90
C TYR B 371 -12.58 27.08 -19.39
N THR B 372 -12.48 28.24 -20.02
CA THR B 372 -12.17 28.32 -21.43
C THR B 372 -10.65 28.28 -21.49
N GLN B 373 -10.08 28.10 -22.68
CA GLN B 373 -8.63 28.00 -22.79
C GLN B 373 -7.87 29.23 -23.24
N ASP B 374 -8.54 30.36 -23.39
CA ASP B 374 -7.80 31.53 -23.86
C ASP B 374 -6.67 31.95 -22.92
N PRO B 375 -5.42 31.85 -23.37
CA PRO B 375 -4.28 32.22 -22.54
C PRO B 375 -4.28 33.67 -22.06
N VAL B 376 -5.41 34.36 -22.18
CA VAL B 376 -5.50 35.75 -21.74
C VAL B 376 -6.89 36.14 -21.22
N VAL B 377 -7.85 36.20 -22.13
CA VAL B 377 -9.22 36.58 -21.80
C VAL B 377 -9.76 35.80 -20.60
N GLY B 378 -9.78 36.46 -19.45
CA GLY B 378 -10.26 35.82 -18.24
C GLY B 378 -9.16 35.02 -17.53
N TYR B 379 -7.91 35.39 -17.74
CA TYR B 379 -6.84 34.65 -17.10
C TYR B 379 -5.74 35.57 -16.61
N THR B 380 -5.08 36.23 -17.57
CA THR B 380 -4.00 37.14 -17.23
C THR B 380 -4.39 38.58 -17.56
N ASP B 381 -5.56 38.76 -18.15
CA ASP B 381 -5.98 40.12 -18.51
C ASP B 381 -6.89 40.82 -17.51
N TYR B 382 -6.93 40.31 -16.28
CA TYR B 382 -7.68 40.99 -15.23
C TYR B 382 -6.65 42.03 -14.76
N PRO B 383 -7.01 43.31 -14.83
CA PRO B 383 -6.10 44.39 -14.43
C PRO B 383 -5.74 44.49 -12.96
N PHE B 384 -4.50 44.91 -12.73
CA PHE B 384 -4.00 45.13 -11.38
C PHE B 384 -4.69 46.41 -10.91
N LEU B 385 -4.40 46.83 -9.68
CA LEU B 385 -4.99 48.04 -9.12
C LEU B 385 -4.36 49.28 -9.73
N SER A 8 13.45 -14.23 -22.99
CA SER A 8 12.14 -13.65 -23.41
C SER A 8 12.15 -12.14 -23.23
N ASN A 9 10.97 -11.53 -23.32
CA ASN A 9 10.85 -10.09 -23.13
C ASN A 9 10.15 -9.88 -21.77
N GLU A 10 10.44 -10.79 -20.84
CA GLU A 10 9.87 -10.73 -19.50
C GLU A 10 10.96 -10.57 -18.46
N THR A 11 10.62 -9.90 -17.36
CA THR A 11 11.57 -9.69 -16.29
C THR A 11 10.86 -9.77 -14.94
N LEU A 12 11.60 -9.41 -13.89
CA LEU A 12 11.06 -9.40 -12.55
C LEU A 12 9.92 -8.42 -12.46
N PHE A 13 9.86 -7.51 -13.42
CA PHE A 13 8.80 -6.52 -13.38
C PHE A 13 7.65 -6.76 -14.33
N SER A 14 7.63 -7.96 -14.90
CA SER A 14 6.55 -8.34 -15.79
C SER A 14 5.44 -8.85 -14.88
N SER A 15 4.22 -8.39 -15.12
CA SER A 15 3.08 -8.81 -14.34
C SER A 15 2.96 -10.31 -14.51
N TYR A 16 2.23 -10.95 -13.63
CA TYR A 16 2.06 -12.38 -13.72
C TYR A 16 0.72 -12.77 -13.13
N LYS A 17 0.11 -13.80 -13.72
CA LYS A 17 -1.15 -14.31 -13.26
C LYS A 17 -0.85 -15.64 -12.57
N MET A 18 -1.09 -15.66 -11.26
CA MET A 18 -0.86 -16.86 -10.46
C MET A 18 -2.24 -17.34 -10.08
N GLY A 19 -2.88 -18.02 -11.03
CA GLY A 19 -4.22 -18.51 -10.80
C GLY A 19 -5.11 -17.31 -10.55
N ARG A 20 -5.73 -17.29 -9.38
CA ARG A 20 -6.64 -16.21 -8.98
C ARG A 20 -5.95 -14.85 -8.87
N PHE A 21 -4.68 -14.87 -8.46
CA PHE A 21 -3.93 -13.64 -8.22
C PHE A 21 -3.12 -13.08 -9.38
N ASP A 22 -3.34 -11.79 -9.63
CA ASP A 22 -2.62 -11.06 -10.66
C ASP A 22 -1.50 -10.33 -9.95
N LEU A 23 -0.27 -10.76 -10.17
CA LEU A 23 0.87 -10.09 -9.54
C LEU A 23 1.35 -9.05 -10.52
N SER A 24 2.00 -8.00 -10.02
CA SER A 24 2.50 -6.93 -10.88
C SER A 24 3.97 -7.13 -11.16
N HIS A 25 4.57 -8.05 -10.43
CA HIS A 25 5.98 -8.32 -10.60
C HIS A 25 6.29 -9.68 -10.01
N ARG A 26 7.47 -10.20 -10.32
CA ARG A 26 7.87 -11.54 -9.92
C ARG A 26 8.72 -11.65 -8.67
N VAL A 27 8.90 -10.54 -7.96
CA VAL A 27 9.72 -10.54 -6.76
C VAL A 27 8.86 -10.94 -5.59
N VAL A 28 9.32 -11.97 -4.89
CA VAL A 28 8.56 -12.50 -3.78
C VAL A 28 9.28 -12.40 -2.45
N LEU A 29 8.53 -12.10 -1.40
CA LEU A 29 9.10 -12.06 -0.08
C LEU A 29 9.22 -13.53 0.30
N ALA A 30 10.44 -14.03 0.46
CA ALA A 30 10.63 -15.42 0.84
C ALA A 30 10.12 -15.59 2.26
N PRO A 31 9.46 -16.72 2.55
CA PRO A 31 8.98 -16.90 3.92
C PRO A 31 10.18 -16.91 4.85
N MET A 32 10.17 -16.04 5.87
CA MET A 32 11.28 -15.98 6.80
C MET A 32 10.82 -15.75 8.21
N THR A 33 11.16 -16.68 9.09
CA THR A 33 10.83 -16.59 10.51
C THR A 33 11.65 -15.42 11.03
N ARG A 34 11.07 -14.64 11.94
CA ARG A 34 11.78 -13.47 12.49
C ARG A 34 11.57 -13.41 14.00
N CYS A 35 10.74 -14.31 14.50
CA CYS A 35 10.50 -14.44 15.93
C CYS A 35 10.03 -13.17 16.62
N ARG A 36 9.24 -12.35 15.93
CA ARG A 36 8.72 -11.15 16.56
C ARG A 36 7.31 -11.40 17.02
N ALA A 37 6.81 -12.62 16.77
CA ALA A 37 5.46 -12.98 17.16
C ALA A 37 5.55 -13.53 18.57
N LEU A 38 5.80 -12.60 19.49
CA LEU A 38 5.97 -12.89 20.91
C LEU A 38 4.92 -13.82 21.43
N ASN A 39 5.35 -14.99 21.93
CA ASN A 39 4.44 -15.96 22.51
C ASN A 39 3.47 -16.52 21.48
N GLY A 40 3.96 -16.63 20.25
CA GLY A 40 3.16 -17.19 19.18
C GLY A 40 2.02 -16.33 18.69
N VAL A 41 2.03 -15.06 19.04
CA VAL A 41 0.94 -14.20 18.59
C VAL A 41 1.36 -13.13 17.58
N PRO A 42 0.71 -13.11 16.42
CA PRO A 42 0.99 -12.13 15.35
C PRO A 42 0.65 -10.76 15.95
N ASN A 43 1.57 -9.83 15.88
CA ASN A 43 1.30 -8.52 16.46
C ASN A 43 1.42 -7.42 15.40
N ALA A 44 1.09 -6.20 15.82
CA ALA A 44 1.14 -5.08 14.91
C ALA A 44 2.52 -4.94 14.29
N ALA A 45 3.55 -5.35 15.02
CA ALA A 45 4.91 -5.26 14.50
C ALA A 45 4.99 -6.08 13.21
N LEU A 46 4.36 -7.26 13.21
CA LEU A 46 4.35 -8.11 12.02
C LEU A 46 3.54 -7.37 10.93
N ALA A 47 2.58 -6.56 11.36
CA ALA A 47 1.75 -5.81 10.41
C ALA A 47 2.63 -4.76 9.71
N GLU A 48 3.32 -3.95 10.50
CA GLU A 48 4.18 -2.92 9.94
C GLU A 48 5.15 -3.59 8.96
N TYR A 49 5.86 -4.57 9.50
CA TYR A 49 6.86 -5.35 8.77
C TYR A 49 6.34 -5.85 7.44
N TYR A 50 5.24 -6.58 7.46
CA TYR A 50 4.70 -7.12 6.23
C TYR A 50 4.16 -6.03 5.33
N ALA A 51 3.39 -5.11 5.89
CA ALA A 51 2.86 -4.00 5.11
C ALA A 51 4.04 -3.29 4.45
N GLN A 52 5.08 -2.99 5.23
CA GLN A 52 6.26 -2.28 4.68
C GLN A 52 6.80 -2.97 3.45
N ARG A 53 6.63 -4.29 3.41
CA ARG A 53 7.17 -5.02 2.29
C ARG A 53 6.20 -5.31 1.16
N THR A 54 4.96 -4.83 1.26
CA THR A 54 4.03 -5.14 0.19
C THR A 54 3.95 -4.07 -0.88
N THR A 55 3.78 -4.54 -2.12
CA THR A 55 3.64 -3.69 -3.29
C THR A 55 2.33 -4.10 -3.94
N PRO A 56 1.68 -3.16 -4.65
CA PRO A 56 0.41 -3.53 -5.28
C PRO A 56 0.69 -4.71 -6.23
N GLY A 57 -0.15 -5.73 -6.17
CA GLY A 57 0.07 -6.88 -7.01
C GLY A 57 1.33 -7.66 -6.62
N GLY A 58 1.88 -7.37 -5.44
CA GLY A 58 3.07 -8.07 -4.96
C GLY A 58 2.71 -9.25 -4.05
N PHE A 59 3.42 -10.37 -4.20
CA PHE A 59 3.14 -11.56 -3.41
C PHE A 59 3.96 -11.65 -2.11
N LEU A 60 3.31 -12.11 -1.06
CA LEU A 60 3.99 -12.25 0.21
C LEU A 60 3.75 -13.63 0.79
N ILE A 61 4.82 -14.22 1.29
CA ILE A 61 4.73 -15.50 1.95
C ILE A 61 5.17 -15.20 3.38
N SER A 62 4.35 -15.62 4.33
CA SER A 62 4.65 -15.34 5.72
C SER A 62 5.78 -16.17 6.22
N GLU A 63 6.28 -15.77 7.37
CA GLU A 63 7.31 -16.50 8.08
C GLU A 63 6.60 -17.81 8.38
N GLY A 64 7.36 -18.88 8.58
CA GLY A 64 6.74 -20.14 8.90
C GLY A 64 5.80 -19.96 10.08
N THR A 65 4.65 -20.62 10.02
CA THR A 65 3.65 -20.49 11.07
C THR A 65 3.29 -21.85 11.66
N MET A 66 3.28 -21.93 12.99
CA MET A 66 2.96 -23.19 13.64
C MET A 66 1.57 -23.71 13.29
N VAL A 67 1.50 -24.96 12.82
CA VAL A 67 0.22 -25.58 12.50
C VAL A 67 -0.29 -26.34 13.73
N SER A 68 0.43 -26.21 14.85
CA SER A 68 0.03 -26.92 16.06
C SER A 68 1.04 -26.67 17.17
N PRO A 69 0.61 -26.87 18.42
CA PRO A 69 1.62 -26.65 19.46
C PRO A 69 2.61 -27.81 19.26
N GLY A 70 3.88 -27.57 19.53
CA GLY A 70 4.86 -28.65 19.36
C GLY A 70 5.47 -28.73 17.97
N SER A 71 4.77 -28.21 16.97
CA SER A 71 5.27 -28.23 15.60
C SER A 71 6.33 -27.15 15.32
N ALA A 72 6.76 -26.44 16.37
CA ALA A 72 7.75 -25.38 16.20
C ALA A 72 9.10 -25.69 16.84
N GLY A 73 10.14 -25.00 16.35
CA GLY A 73 11.48 -25.18 16.87
C GLY A 73 12.22 -23.87 16.84
N PHE A 74 11.50 -22.79 17.12
CA PHE A 74 12.05 -21.45 17.16
C PHE A 74 11.21 -20.64 18.12
N PRO A 75 11.80 -19.59 18.71
CA PRO A 75 11.04 -18.77 19.66
C PRO A 75 10.12 -17.80 18.95
N HIS A 76 9.08 -17.39 19.65
CA HIS A 76 8.14 -16.40 19.16
C HIS A 76 7.78 -16.50 17.68
N VAL A 77 7.47 -17.71 17.23
CA VAL A 77 7.03 -17.87 15.86
C VAL A 77 5.53 -17.89 16.00
N PRO A 78 4.82 -17.34 15.01
CA PRO A 78 3.37 -17.34 15.12
C PRO A 78 2.75 -18.69 14.81
N GLY A 79 1.53 -18.86 15.27
CA GLY A 79 0.78 -20.06 14.98
C GLY A 79 -0.47 -19.61 14.25
N ILE A 80 -1.10 -20.52 13.52
CA ILE A 80 -2.33 -20.19 12.83
C ILE A 80 -3.31 -21.31 13.21
N TYR A 81 -3.15 -21.83 14.42
CA TYR A 81 -4.03 -22.89 14.90
C TYR A 81 -4.97 -22.44 16.03
N SER A 82 -4.64 -21.33 16.68
CA SER A 82 -5.51 -20.89 17.76
C SER A 82 -6.42 -19.79 17.28
N ASP A 83 -7.70 -19.91 17.62
CA ASP A 83 -8.68 -18.90 17.24
C ASP A 83 -8.10 -17.54 17.59
N GLU A 84 -7.34 -17.50 18.67
CA GLU A 84 -6.72 -16.25 19.07
C GLU A 84 -5.70 -15.86 17.98
N GLN A 85 -4.99 -16.84 17.43
CA GLN A 85 -3.99 -16.55 16.40
C GLN A 85 -4.67 -16.01 15.15
N VAL A 86 -5.75 -16.66 14.76
CA VAL A 86 -6.49 -16.19 13.59
C VAL A 86 -6.82 -14.72 13.73
N GLU A 87 -7.36 -14.35 14.90
CA GLU A 87 -7.74 -12.98 15.15
C GLU A 87 -6.58 -12.02 15.01
N ALA A 88 -5.48 -12.28 15.71
CA ALA A 88 -4.33 -11.39 15.66
C ALA A 88 -3.64 -11.35 14.29
N TRP A 89 -3.88 -12.35 13.45
CA TRP A 89 -3.26 -12.40 12.11
C TRP A 89 -3.97 -11.45 11.15
N LYS A 90 -5.27 -11.28 11.37
CA LYS A 90 -6.09 -10.43 10.52
C LYS A 90 -5.54 -9.04 10.29
N GLN A 91 -4.97 -8.47 11.33
CA GLN A 91 -4.44 -7.12 11.25
C GLN A 91 -3.27 -7.15 10.28
N VAL A 92 -2.46 -8.21 10.33
CA VAL A 92 -1.30 -8.31 9.45
C VAL A 92 -1.77 -8.32 8.00
N VAL A 93 -2.56 -9.33 7.68
CA VAL A 93 -3.10 -9.51 6.35
C VAL A 93 -3.81 -8.25 5.84
N GLU A 94 -4.69 -7.69 6.67
CA GLU A 94 -5.40 -6.46 6.27
C GLU A 94 -4.41 -5.36 5.92
N ALA A 95 -3.31 -5.30 6.67
CA ALA A 95 -2.31 -4.29 6.44
C ALA A 95 -1.62 -4.53 5.11
N VAL A 96 -1.64 -5.80 4.69
CA VAL A 96 -1.03 -6.18 3.44
C VAL A 96 -2.02 -5.94 2.32
N HIS A 97 -3.27 -6.34 2.54
CA HIS A 97 -4.25 -6.14 1.50
C HIS A 97 -4.51 -4.66 1.26
N ALA A 98 -4.57 -3.87 2.32
CA ALA A 98 -4.81 -2.43 2.16
C ALA A 98 -3.69 -1.85 1.32
N LYS A 99 -2.58 -2.58 1.20
CA LYS A 99 -1.48 -2.08 0.42
C LYS A 99 -1.37 -2.74 -0.95
N GLY A 100 -2.34 -3.61 -1.27
CA GLY A 100 -2.36 -4.25 -2.56
C GLY A 100 -1.63 -5.58 -2.71
N GLY A 101 -0.90 -6.00 -1.68
CA GLY A 101 -0.20 -7.26 -1.79
C GLY A 101 -1.11 -8.46 -1.57
N PHE A 102 -0.52 -9.64 -1.68
CA PHE A 102 -1.21 -10.89 -1.43
C PHE A 102 -0.34 -11.60 -0.45
N ILE A 103 -0.90 -12.51 0.32
CA ILE A 103 -0.09 -13.20 1.28
C ILE A 103 -0.55 -14.59 1.66
N PHE A 104 0.41 -15.49 1.73
CA PHE A 104 0.17 -16.85 2.15
C PHE A 104 0.98 -17.00 3.43
N CYS A 105 0.48 -17.84 4.33
CA CYS A 105 1.18 -18.11 5.58
C CYS A 105 1.81 -19.44 5.26
N GLN A 106 2.93 -19.74 5.88
CA GLN A 106 3.55 -21.01 5.62
C GLN A 106 3.29 -21.93 6.80
N LEU A 107 2.41 -22.92 6.59
CA LEU A 107 2.05 -23.90 7.60
C LEU A 107 3.32 -24.73 7.80
N TRP A 108 4.04 -24.35 8.84
CA TRP A 108 5.32 -24.92 9.17
C TRP A 108 5.35 -25.91 10.31
N HIS A 109 5.79 -27.12 10.01
CA HIS A 109 5.97 -28.12 11.04
C HIS A 109 7.46 -28.42 11.02
N VAL A 110 8.08 -28.32 12.18
CA VAL A 110 9.51 -28.54 12.28
C VAL A 110 9.99 -29.95 12.46
N GLY A 111 9.05 -30.89 12.47
CA GLY A 111 9.41 -32.29 12.63
C GLY A 111 10.38 -32.37 13.79
N ARG A 112 11.57 -32.91 13.55
CA ARG A 112 12.54 -33.02 14.63
C ARG A 112 13.31 -31.76 14.94
N ALA A 113 13.42 -30.84 13.98
CA ALA A 113 14.15 -29.61 14.24
C ALA A 113 13.32 -28.93 15.32
N SER A 114 13.55 -29.33 16.56
CA SER A 114 12.78 -28.82 17.68
C SER A 114 13.46 -29.11 19.01
N HIS A 115 12.77 -28.77 20.10
CA HIS A 115 13.29 -28.98 21.45
C HIS A 115 12.14 -29.19 22.43
N ALA A 116 12.45 -29.85 23.55
CA ALA A 116 11.45 -30.11 24.58
C ALA A 116 10.74 -28.80 24.96
N VAL A 117 11.51 -27.71 24.96
CA VAL A 117 10.96 -26.40 25.30
C VAL A 117 9.73 -26.03 24.46
N TYR A 118 9.81 -26.24 23.16
CA TYR A 118 8.71 -25.90 22.26
C TYR A 118 7.70 -27.03 22.23
N GLN A 119 7.79 -27.93 23.20
CA GLN A 119 6.88 -29.05 23.22
C GLN A 119 5.84 -29.03 24.32
N PRO A 120 4.58 -29.27 23.96
CA PRO A 120 3.59 -29.28 25.03
C PRO A 120 3.95 -30.44 25.98
N ASN A 121 3.95 -30.15 27.28
CA ASN A 121 4.28 -31.13 28.31
C ASN A 121 5.74 -31.61 28.19
N GLY A 122 6.55 -30.84 27.48
CA GLY A 122 7.96 -31.20 27.32
C GLY A 122 8.13 -32.51 26.56
N GLY A 123 7.09 -32.91 25.83
CA GLY A 123 7.17 -34.13 25.07
C GLY A 123 8.30 -34.06 24.07
N SER A 124 8.59 -35.19 23.44
CA SER A 124 9.66 -35.24 22.47
C SER A 124 9.16 -34.84 21.09
N PRO A 125 9.97 -34.07 20.36
CA PRO A 125 9.56 -33.65 19.01
C PRO A 125 9.23 -34.93 18.22
N ILE A 126 8.35 -34.81 17.23
CA ILE A 126 8.02 -35.98 16.44
C ILE A 126 8.57 -35.82 15.04
N SER A 127 8.51 -36.90 14.27
CA SER A 127 9.00 -36.87 12.91
C SER A 127 8.83 -38.19 12.15
N SER A 128 9.55 -38.29 11.05
CA SER A 128 9.53 -39.49 10.24
C SER A 128 10.37 -40.52 11.00
N THR A 129 11.52 -40.04 11.46
CA THR A 129 12.51 -40.83 12.18
C THR A 129 12.44 -40.68 13.68
N ASN A 130 13.23 -41.50 14.37
CA ASN A 130 13.31 -41.48 15.81
C ASN A 130 14.75 -41.09 16.10
N LYS A 131 15.49 -40.73 15.05
CA LYS A 131 16.88 -40.31 15.15
C LYS A 131 16.93 -38.79 15.17
N PRO A 132 17.87 -38.21 15.94
CA PRO A 132 18.00 -36.76 16.03
C PRO A 132 18.92 -36.17 14.95
N ILE A 133 18.79 -34.86 14.73
CA ILE A 133 19.67 -34.17 13.80
C ILE A 133 21.03 -34.35 14.49
N SER A 134 22.13 -34.46 13.73
CA SER A 134 23.44 -34.64 14.37
C SER A 134 23.80 -33.43 15.24
N GLU A 135 24.70 -33.61 16.19
CA GLU A 135 25.03 -32.52 17.11
C GLU A 135 26.16 -31.54 16.80
N ASN A 136 26.76 -31.63 15.62
CA ASN A 136 27.88 -30.75 15.31
C ASN A 136 27.66 -29.37 14.72
N ARG A 137 26.91 -29.29 13.63
CA ARG A 137 26.67 -28.02 12.97
C ARG A 137 25.35 -27.36 13.36
N TRP A 138 24.37 -28.18 13.72
CA TRP A 138 23.05 -27.65 14.06
C TRP A 138 22.59 -27.78 15.50
N ARG A 139 21.85 -26.78 15.94
CA ARG A 139 21.28 -26.77 17.29
C ARG A 139 20.01 -25.94 17.22
N VAL A 140 19.03 -26.25 18.04
CA VAL A 140 17.84 -25.44 18.02
C VAL A 140 18.23 -24.20 18.78
N LEU A 141 17.58 -23.10 18.49
CA LEU A 141 17.82 -21.83 19.15
C LEU A 141 16.67 -21.60 20.12
N LEU A 142 16.98 -21.64 21.41
CA LEU A 142 15.97 -21.42 22.45
C LEU A 142 15.65 -19.94 22.66
N PRO A 143 14.42 -19.65 23.10
CA PRO A 143 13.92 -18.29 23.35
C PRO A 143 14.81 -17.44 24.23
N ASP A 144 15.62 -18.09 25.08
CA ASP A 144 16.51 -17.34 25.96
C ASP A 144 17.75 -16.96 25.18
N GLY A 145 17.75 -17.22 23.88
CA GLY A 145 18.88 -16.86 23.05
C GLY A 145 19.98 -17.89 22.93
N SER A 146 20.04 -18.84 23.86
CA SER A 146 21.06 -19.86 23.77
C SER A 146 20.72 -20.79 22.62
N HIS A 147 21.72 -21.56 22.22
CA HIS A 147 21.62 -22.56 21.16
C HIS A 147 22.02 -23.87 21.83
N VAL A 148 21.23 -24.93 21.61
CA VAL A 148 21.50 -26.23 22.20
C VAL A 148 21.18 -27.34 21.21
N LYS A 149 21.59 -28.56 21.55
CA LYS A 149 21.36 -29.74 20.71
C LYS A 149 19.92 -30.17 20.57
N TYR A 150 19.58 -30.59 19.36
CA TYR A 150 18.26 -31.09 19.05
C TYR A 150 18.12 -32.40 19.79
N PRO A 151 16.92 -32.71 20.28
CA PRO A 151 16.80 -33.98 21.01
C PRO A 151 16.44 -35.12 20.07
N LYS A 152 16.46 -36.32 20.62
CA LYS A 152 16.08 -37.50 19.88
C LYS A 152 14.58 -37.38 19.75
N PRO A 153 14.07 -37.41 18.52
CA PRO A 153 12.64 -37.31 18.27
C PRO A 153 11.96 -38.68 18.27
N ARG A 154 10.65 -38.66 18.48
CA ARG A 154 9.83 -39.87 18.47
C ARG A 154 9.17 -39.89 17.10
N ALA A 155 9.45 -40.91 16.30
CA ALA A 155 8.82 -40.99 14.99
C ALA A 155 7.33 -41.18 15.20
N LEU A 156 6.55 -40.73 14.23
CA LEU A 156 5.09 -40.86 14.27
C LEU A 156 4.67 -42.25 13.83
N GLU A 157 3.74 -42.87 14.55
CA GLU A 157 3.27 -44.16 14.11
C GLU A 157 2.37 -43.76 12.94
N ALA A 158 2.26 -44.62 11.93
CA ALA A 158 1.43 -44.31 10.77
C ALA A 158 0.05 -43.82 11.20
N SER A 159 -0.42 -44.33 12.35
CA SER A 159 -1.73 -43.97 12.88
C SER A 159 -1.86 -42.51 13.30
N GLU A 160 -0.74 -41.86 13.64
CA GLU A 160 -0.80 -40.48 14.08
C GLU A 160 -0.65 -39.48 12.95
N ILE A 161 -0.18 -39.94 11.80
CA ILE A 161 -0.01 -39.06 10.68
C ILE A 161 -1.31 -38.38 10.21
N PRO A 162 -2.45 -39.06 10.38
CA PRO A 162 -3.70 -38.43 9.94
C PRO A 162 -3.99 -37.18 10.75
N ARG A 163 -3.59 -37.19 12.02
CA ARG A 163 -3.81 -36.05 12.90
C ARG A 163 -2.89 -34.90 12.48
N VAL A 164 -1.67 -35.21 12.09
CA VAL A 164 -0.76 -34.17 11.65
C VAL A 164 -1.44 -33.48 10.46
N VAL A 165 -2.06 -34.26 9.58
CA VAL A 165 -2.77 -33.69 8.44
C VAL A 165 -3.87 -32.75 8.99
N GLU A 166 -4.64 -33.23 9.95
CA GLU A 166 -5.70 -32.41 10.55
C GLU A 166 -5.15 -31.06 11.03
N ASP A 167 -3.97 -31.06 11.63
CA ASP A 167 -3.39 -29.80 12.08
C ASP A 167 -3.12 -28.87 10.90
N TYR A 168 -2.61 -29.39 9.78
CA TYR A 168 -2.40 -28.50 8.66
C TYR A 168 -3.79 -27.96 8.26
N CYS A 169 -4.77 -28.85 8.19
CA CYS A 169 -6.13 -28.46 7.83
C CYS A 169 -6.77 -27.46 8.80
N LEU A 170 -6.55 -27.62 10.09
CA LEU A 170 -7.11 -26.66 11.02
C LEU A 170 -6.44 -25.32 10.75
N SER A 171 -5.18 -25.39 10.34
CA SER A 171 -4.40 -24.19 10.06
C SER A 171 -4.79 -23.53 8.75
N ALA A 172 -4.80 -24.31 7.66
CA ALA A 172 -5.17 -23.72 6.37
C ALA A 172 -6.51 -22.96 6.50
N LEU A 173 -7.53 -23.63 7.03
CA LEU A 173 -8.82 -22.97 7.22
C LEU A 173 -8.68 -21.83 8.20
N ASN A 174 -7.78 -21.99 9.17
CA ASN A 174 -7.53 -20.95 10.17
C ASN A 174 -6.80 -19.80 9.48
N ALA A 175 -6.23 -20.10 8.31
CA ALA A 175 -5.49 -19.11 7.53
C ALA A 175 -6.42 -18.46 6.53
N ILE A 176 -7.17 -19.31 5.82
CA ILE A 176 -8.13 -18.85 4.82
C ILE A 176 -9.19 -18.06 5.55
N ARG A 177 -9.27 -18.28 6.86
CA ARG A 177 -10.23 -17.61 7.72
C ARG A 177 -9.58 -16.39 8.35
N ALA A 178 -8.26 -16.44 8.44
CA ALA A 178 -7.47 -15.37 9.01
C ALA A 178 -7.46 -14.18 8.06
N GLY A 179 -7.76 -14.45 6.79
CA GLY A 179 -7.79 -13.39 5.80
C GLY A 179 -6.69 -13.38 4.74
N PHE A 180 -5.69 -14.26 4.86
CA PHE A 180 -4.61 -14.30 3.86
C PHE A 180 -5.22 -14.70 2.55
N ASP A 181 -4.39 -14.84 1.51
CA ASP A 181 -4.88 -15.24 0.21
C ASP A 181 -4.72 -16.74 0.02
N GLY A 182 -4.01 -17.36 0.94
CA GLY A 182 -3.80 -18.78 0.86
C GLY A 182 -2.72 -19.22 1.81
N ILE A 183 -2.24 -20.44 1.62
CA ILE A 183 -1.20 -20.94 2.46
C ILE A 183 -0.16 -21.57 1.59
N GLU A 184 1.00 -21.80 2.19
CA GLU A 184 2.12 -22.45 1.55
C GLU A 184 2.52 -23.60 2.46
N ILE A 185 2.77 -24.77 1.87
CA ILE A 185 3.19 -25.93 2.64
C ILE A 185 4.70 -25.87 2.70
N HIS A 186 5.24 -25.82 3.92
CA HIS A 186 6.68 -25.78 4.10
C HIS A 186 7.16 -27.23 4.15
N GLY A 187 7.53 -27.77 2.99
CA GLY A 187 8.03 -29.13 2.93
C GLY A 187 9.51 -29.05 2.66
N ALA A 188 10.13 -27.96 3.13
CA ALA A 188 11.54 -27.70 2.91
C ALA A 188 12.41 -27.68 4.14
N HIS A 189 13.71 -27.61 3.87
CA HIS A 189 14.75 -27.44 4.88
C HIS A 189 14.87 -28.35 6.09
N GLY A 190 14.62 -29.64 5.92
CA GLY A 190 14.76 -30.55 7.04
C GLY A 190 13.69 -30.51 8.10
N TYR A 191 12.58 -29.85 7.81
CA TYR A 191 11.49 -29.81 8.77
C TYR A 191 10.63 -31.05 8.62
N LEU A 192 9.51 -31.14 9.35
CA LEU A 192 8.72 -32.35 9.31
C LEU A 192 8.63 -33.08 7.97
N ILE A 193 8.16 -32.38 6.96
CA ILE A 193 8.00 -32.94 5.62
C ILE A 193 9.33 -33.35 4.98
N ASP A 194 10.34 -32.49 5.06
CA ASP A 194 11.62 -32.84 4.47
C ASP A 194 12.18 -34.09 5.16
N GLN A 195 11.76 -34.36 6.40
CA GLN A 195 12.24 -35.57 7.09
C GLN A 195 11.66 -36.78 6.35
N PHE A 196 10.35 -36.78 6.11
CA PHE A 196 9.73 -37.90 5.40
C PHE A 196 10.23 -37.95 3.95
N LEU A 197 10.54 -36.79 3.39
CA LEU A 197 11.01 -36.69 2.02
C LEU A 197 12.40 -37.26 1.77
N LYS A 198 13.39 -36.78 2.53
CA LYS A 198 14.80 -37.16 2.37
C LYS A 198 15.20 -38.54 2.91
N ASP A 199 15.85 -39.35 2.09
CA ASP A 199 16.26 -40.66 2.56
C ASP A 199 17.45 -40.51 3.53
N GLY A 200 17.77 -39.28 3.88
CA GLY A 200 18.86 -39.05 4.81
C GLY A 200 18.30 -39.01 6.21
N ILE A 201 16.97 -38.92 6.29
CA ILE A 201 16.27 -38.85 7.57
C ILE A 201 15.25 -39.95 7.72
N ASN A 202 14.50 -40.16 6.64
CA ASN A 202 13.44 -41.14 6.64
C ASN A 202 13.94 -42.57 6.64
N ASP A 203 14.05 -43.17 7.83
CA ASP A 203 14.49 -44.55 7.95
C ASP A 203 13.27 -45.44 8.17
N ARG A 204 12.14 -45.00 7.63
CA ARG A 204 10.91 -45.76 7.77
C ARG A 204 10.86 -46.97 6.86
N THR A 205 10.14 -47.97 7.33
CA THR A 205 9.95 -49.22 6.61
C THR A 205 8.46 -49.41 6.30
N ASP A 206 7.61 -48.53 6.83
CA ASP A 206 6.18 -48.63 6.57
C ASP A 206 5.83 -47.92 5.25
N GLN A 207 4.56 -47.59 5.03
CA GLN A 207 4.20 -46.94 3.78
C GLN A 207 4.75 -45.51 3.64
N TYR A 208 5.34 -44.97 4.70
CA TYR A 208 5.86 -43.61 4.63
C TYR A 208 7.36 -43.52 4.48
N GLY A 209 7.97 -44.60 4.01
CA GLY A 209 9.41 -44.61 3.83
C GLY A 209 9.82 -45.61 2.78
N GLY A 210 11.13 -45.73 2.56
CA GLY A 210 11.61 -46.65 1.56
C GLY A 210 11.69 -46.01 0.18
N SER A 211 10.69 -46.27 -0.65
CA SER A 211 10.67 -45.72 -2.00
C SER A 211 10.51 -44.20 -2.00
N ILE A 212 10.98 -43.57 -3.07
CA ILE A 212 10.89 -42.13 -3.20
C ILE A 212 9.41 -41.80 -3.15
N ALA A 213 8.61 -42.66 -3.77
CA ALA A 213 7.16 -42.47 -3.78
C ALA A 213 6.68 -42.41 -2.34
N ASN A 214 7.03 -43.41 -1.54
CA ASN A 214 6.64 -43.43 -0.14
C ASN A 214 7.23 -42.27 0.64
N ARG A 215 8.39 -41.79 0.20
CA ARG A 215 9.03 -40.67 0.88
C ARG A 215 8.15 -39.44 0.69
N CYS A 216 7.32 -39.46 -0.36
CA CYS A 216 6.42 -38.36 -0.68
C CYS A 216 5.04 -38.47 -0.08
N ARG A 217 4.71 -39.67 0.39
CA ARG A 217 3.38 -39.92 0.95
C ARG A 217 2.87 -38.87 1.93
N PHE A 218 3.69 -38.50 2.91
CA PHE A 218 3.24 -37.52 3.89
C PHE A 218 2.96 -36.17 3.24
N LEU A 219 3.85 -35.73 2.37
CA LEU A 219 3.64 -34.45 1.68
C LEU A 219 2.36 -34.53 0.85
N LYS A 220 2.22 -35.60 0.09
CA LYS A 220 1.02 -35.79 -0.73
C LYS A 220 -0.25 -35.71 0.10
N GLN A 221 -0.21 -36.26 1.32
CA GLN A 221 -1.37 -36.26 2.19
C GLN A 221 -1.69 -34.89 2.77
N VAL A 222 -0.66 -34.23 3.28
CA VAL A 222 -0.83 -32.88 3.83
C VAL A 222 -1.50 -31.94 2.81
N VAL A 223 -0.98 -31.97 1.60
CA VAL A 223 -1.50 -31.12 0.53
C VAL A 223 -2.94 -31.52 0.24
N GLU A 224 -3.14 -32.74 -0.23
CA GLU A 224 -4.48 -33.24 -0.52
C GLU A 224 -5.44 -32.71 0.54
N GLY A 225 -5.03 -32.83 1.80
CA GLY A 225 -5.86 -32.37 2.89
C GLY A 225 -6.09 -30.88 2.85
N VAL A 226 -5.00 -30.12 2.80
CA VAL A 226 -5.12 -28.67 2.76
C VAL A 226 -5.91 -28.25 1.54
N VAL A 227 -5.57 -28.81 0.39
CA VAL A 227 -6.27 -28.49 -0.84
C VAL A 227 -7.78 -28.67 -0.58
N SER A 228 -8.16 -29.85 -0.08
CA SER A 228 -9.56 -30.10 0.24
C SER A 228 -10.09 -29.05 1.22
N ALA A 229 -9.32 -28.78 2.26
CA ALA A 229 -9.75 -27.85 3.29
C ALA A 229 -9.89 -26.41 2.85
N ILE A 230 -9.20 -26.01 1.77
CA ILE A 230 -9.29 -24.63 1.34
C ILE A 230 -9.33 -24.36 -0.15
N GLY A 231 -8.99 -25.38 -0.95
CA GLY A 231 -8.99 -25.21 -2.39
C GLY A 231 -7.56 -25.34 -2.85
N ALA A 232 -7.38 -25.82 -4.08
CA ALA A 232 -6.05 -25.98 -4.65
C ALA A 232 -5.40 -24.62 -4.86
N SER A 233 -6.07 -23.76 -5.61
CA SER A 233 -5.61 -22.41 -5.95
C SER A 233 -4.99 -21.60 -4.81
N LYS A 234 -5.42 -21.89 -3.58
CA LYS A 234 -4.89 -21.18 -2.43
C LYS A 234 -3.78 -21.99 -1.77
N VAL A 235 -3.06 -22.77 -2.57
CA VAL A 235 -2.00 -23.58 -2.00
C VAL A 235 -0.69 -23.56 -2.73
N GLY A 236 0.36 -23.25 -1.97
CA GLY A 236 1.70 -23.25 -2.50
C GLY A 236 2.37 -24.34 -1.68
N VAL A 237 3.44 -24.92 -2.22
CA VAL A 237 4.17 -25.97 -1.50
C VAL A 237 5.64 -25.79 -1.74
N ARG A 238 6.38 -25.51 -0.67
CA ARG A 238 7.82 -25.31 -0.81
C ARG A 238 8.60 -26.56 -0.51
N VAL A 239 9.60 -26.84 -1.34
CA VAL A 239 10.46 -27.98 -1.11
C VAL A 239 11.88 -27.56 -1.41
N SER A 240 12.84 -28.34 -0.91
CA SER A 240 14.26 -28.05 -1.12
C SER A 240 14.89 -29.44 -1.23
N PRO A 241 14.66 -30.12 -2.35
CA PRO A 241 15.22 -31.45 -2.52
C PRO A 241 16.74 -31.47 -2.44
N ALA A 242 17.37 -30.34 -2.71
CA ALA A 242 18.84 -30.28 -2.67
C ALA A 242 19.43 -29.53 -1.48
N ILE A 243 18.60 -29.09 -0.56
CA ILE A 243 19.13 -28.37 0.60
C ILE A 243 19.35 -29.36 1.72
N ASP A 244 20.59 -29.45 2.19
CA ASP A 244 20.95 -30.38 3.26
C ASP A 244 20.82 -29.78 4.66
N HIS A 245 20.00 -28.75 4.81
CA HIS A 245 19.79 -28.10 6.10
C HIS A 245 19.29 -29.09 7.13
N LEU A 246 19.77 -28.94 8.36
CA LEU A 246 19.37 -29.83 9.46
C LEU A 246 19.53 -31.30 9.09
N ASP A 247 20.60 -31.61 8.37
CA ASP A 247 20.90 -32.98 7.97
C ASP A 247 19.75 -33.60 7.18
N ALA A 248 19.23 -32.84 6.22
CA ALA A 248 18.11 -33.31 5.40
C ALA A 248 18.57 -33.61 3.98
N THR A 249 19.61 -34.44 3.88
CA THR A 249 20.15 -34.81 2.57
C THR A 249 19.36 -35.92 1.90
N ASP A 250 19.63 -36.08 0.61
CA ASP A 250 19.00 -37.16 -0.14
C ASP A 250 20.00 -37.60 -1.22
N SER A 251 20.18 -38.91 -1.36
CA SER A 251 21.11 -39.48 -2.31
C SER A 251 20.92 -38.96 -3.73
N ASP A 252 19.69 -38.57 -4.06
CA ASP A 252 19.43 -38.08 -5.40
C ASP A 252 18.37 -36.98 -5.41
N PRO A 253 18.78 -35.74 -5.07
CA PRO A 253 17.92 -34.55 -5.02
C PRO A 253 17.05 -34.34 -6.27
N LEU A 254 17.68 -34.33 -7.43
CA LEU A 254 16.94 -34.13 -8.67
C LEU A 254 15.87 -35.18 -8.89
N SER A 255 16.16 -36.42 -8.56
CA SER A 255 15.14 -37.44 -8.75
C SER A 255 14.14 -37.46 -7.62
N LEU A 256 14.49 -36.86 -6.48
CA LEU A 256 13.55 -36.78 -5.35
C LEU A 256 12.53 -35.70 -5.69
N GLY A 257 13.02 -34.58 -6.22
CA GLY A 257 12.13 -33.50 -6.57
C GLY A 257 11.17 -33.87 -7.69
N LEU A 258 11.61 -34.71 -8.62
CA LEU A 258 10.72 -35.08 -9.72
C LEU A 258 9.57 -35.89 -9.17
N ALA A 259 9.80 -36.59 -8.07
CA ALA A 259 8.74 -37.38 -7.46
C ALA A 259 7.76 -36.40 -6.83
N VAL A 260 8.30 -35.36 -6.18
CA VAL A 260 7.45 -34.34 -5.57
C VAL A 260 6.67 -33.66 -6.69
N VAL A 261 7.39 -33.18 -7.70
CA VAL A 261 6.80 -32.52 -8.85
C VAL A 261 5.79 -33.45 -9.51
N GLY A 262 6.22 -34.68 -9.72
CA GLY A 262 5.38 -35.69 -10.34
C GLY A 262 4.08 -35.75 -9.59
N MET A 263 4.19 -35.92 -8.27
CA MET A 263 3.03 -36.03 -7.42
C MET A 263 2.15 -34.78 -7.49
N LEU A 264 2.76 -33.62 -7.69
CA LEU A 264 1.98 -32.39 -7.78
C LEU A 264 1.32 -32.27 -9.16
N ASN A 265 1.84 -32.98 -10.14
CA ASN A 265 1.24 -32.93 -11.47
C ASN A 265 0.08 -33.90 -11.56
N LYS A 266 -0.23 -34.55 -10.43
CA LYS A 266 -1.32 -35.51 -10.40
C LYS A 266 -2.36 -35.20 -9.32
N LEU A 267 -1.89 -34.83 -8.13
CA LEU A 267 -2.77 -34.50 -7.02
C LEU A 267 -3.85 -33.53 -7.50
N GLN A 268 -3.45 -32.63 -8.39
CA GLN A 268 -4.36 -31.63 -8.93
C GLN A 268 -5.52 -32.31 -9.64
N GLY A 269 -5.57 -33.64 -9.49
CA GLY A 269 -6.63 -34.43 -10.08
C GLY A 269 -7.39 -35.21 -9.03
N VAL A 270 -7.86 -34.51 -8.00
CA VAL A 270 -8.60 -35.13 -6.91
C VAL A 270 -9.69 -34.20 -6.38
N ASN A 271 -9.42 -32.90 -6.40
CA ASN A 271 -10.36 -31.91 -5.89
C ASN A 271 -11.11 -31.17 -7.00
N GLY A 272 -10.42 -30.29 -7.72
CA GLY A 272 -11.05 -29.56 -8.80
C GLY A 272 -10.57 -28.15 -9.12
N SER A 273 -9.26 -27.98 -9.30
CA SER A 273 -8.69 -26.67 -9.62
C SER A 273 -7.22 -26.82 -10.02
N LYS A 274 -6.34 -26.04 -9.39
CA LYS A 274 -4.89 -26.06 -9.66
C LYS A 274 -4.11 -25.37 -8.53
N LEU A 275 -2.95 -25.92 -8.20
CA LEU A 275 -2.12 -25.36 -7.15
C LEU A 275 -1.71 -23.91 -7.47
N ALA A 276 -1.56 -23.10 -6.43
CA ALA A 276 -1.14 -21.74 -6.64
C ALA A 276 0.28 -21.78 -7.19
N TYR A 277 1.13 -22.63 -6.62
CA TYR A 277 2.51 -22.71 -7.07
C TYR A 277 3.34 -23.76 -6.35
N LEU A 278 4.51 -24.04 -6.92
CA LEU A 278 5.50 -24.93 -6.34
C LEU A 278 6.67 -23.99 -6.05
N HIS A 279 7.17 -24.05 -4.83
CA HIS A 279 8.27 -23.19 -4.38
C HIS A 279 9.47 -24.08 -3.99
N VAL A 280 10.56 -23.96 -4.74
CA VAL A 280 11.73 -24.79 -4.49
C VAL A 280 12.91 -23.97 -4.03
N THR A 281 13.51 -24.40 -2.91
CA THR A 281 14.67 -23.74 -2.35
C THR A 281 15.86 -24.19 -3.17
N GLN A 282 16.65 -23.22 -3.61
CA GLN A 282 17.82 -23.52 -4.44
C GLN A 282 19.10 -23.52 -3.63
N PRO A 283 19.88 -24.61 -3.72
CA PRO A 283 21.11 -24.59 -2.96
C PRO A 283 21.96 -23.53 -3.67
N ARG A 284 22.55 -22.65 -2.88
CA ARG A 284 23.36 -21.57 -3.42
C ARG A 284 24.75 -21.52 -2.80
N GLU A 300 25.90 -25.75 -13.85
CA GLU A 300 25.85 -26.17 -12.45
C GLU A 300 24.74 -27.18 -12.21
N GLU A 301 25.09 -28.29 -11.57
CA GLU A 301 24.13 -29.34 -11.26
C GLU A 301 22.96 -28.75 -10.48
N GLU A 302 23.23 -27.69 -9.73
CA GLU A 302 22.22 -27.02 -8.93
C GLU A 302 21.16 -26.40 -9.83
N ALA A 303 21.61 -25.54 -10.74
CA ALA A 303 20.72 -24.87 -11.69
C ALA A 303 20.11 -25.93 -12.63
N LYS A 304 20.86 -27.00 -12.87
CA LYS A 304 20.39 -28.09 -13.71
C LYS A 304 19.19 -28.74 -13.02
N LEU A 305 19.33 -29.05 -11.74
CA LEU A 305 18.22 -29.67 -11.01
C LEU A 305 17.02 -28.72 -11.00
N MET A 306 17.29 -27.45 -10.72
CA MET A 306 16.24 -26.45 -10.67
C MET A 306 15.68 -26.28 -12.07
N LYS A 307 16.45 -26.69 -13.07
CA LYS A 307 15.98 -26.57 -14.43
C LYS A 307 14.97 -27.68 -14.65
N SER A 308 15.34 -28.89 -14.23
CA SER A 308 14.46 -30.04 -14.38
C SER A 308 13.09 -29.87 -13.76
N LEU A 309 13.04 -29.61 -12.45
CA LEU A 309 11.73 -29.46 -11.77
C LEU A 309 10.91 -28.38 -12.44
N ARG A 310 11.56 -27.30 -12.82
CA ARG A 310 10.82 -26.23 -13.46
C ARG A 310 10.11 -26.79 -14.69
N MET A 311 10.86 -27.48 -15.56
CA MET A 311 10.24 -28.04 -16.76
C MET A 311 9.29 -29.15 -16.37
N ALA A 312 9.62 -29.83 -15.28
CA ALA A 312 8.80 -30.94 -14.78
C ALA A 312 7.43 -30.52 -14.31
N TYR A 313 7.40 -29.59 -13.36
CA TYR A 313 6.13 -29.15 -12.83
C TYR A 313 5.24 -28.47 -13.84
N ASN A 314 3.94 -28.70 -13.73
CA ASN A 314 3.00 -28.04 -14.63
C ASN A 314 2.28 -26.98 -13.83
N GLY A 315 2.95 -25.85 -13.61
CA GLY A 315 2.33 -24.80 -12.84
C GLY A 315 3.26 -23.63 -12.64
N THR A 316 2.92 -22.78 -11.69
CA THR A 316 3.72 -21.61 -11.40
C THR A 316 4.95 -22.07 -10.63
N PHE A 317 6.12 -21.62 -11.07
CA PHE A 317 7.37 -21.99 -10.43
C PHE A 317 7.97 -20.80 -9.71
N MET A 318 8.35 -21.04 -8.47
CA MET A 318 8.94 -20.03 -7.61
C MET A 318 10.24 -20.57 -7.02
N SER A 319 11.36 -20.05 -7.51
CA SER A 319 12.66 -20.47 -7.03
C SER A 319 13.17 -19.47 -6.00
N SER A 320 13.95 -19.96 -5.03
CA SER A 320 14.47 -19.11 -3.97
C SER A 320 15.88 -19.52 -3.53
N GLY A 321 16.54 -18.65 -2.78
CA GLY A 321 17.88 -18.95 -2.31
C GLY A 321 18.99 -18.23 -3.05
N GLY A 322 19.58 -17.23 -2.40
CA GLY A 322 20.68 -16.47 -2.99
C GLY A 322 20.44 -15.63 -4.22
N PHE A 323 19.20 -15.43 -4.60
CA PHE A 323 18.91 -14.62 -5.79
C PHE A 323 19.03 -13.15 -5.48
N ASN A 324 19.63 -12.40 -6.41
CA ASN A 324 19.74 -10.97 -6.27
C ASN A 324 18.95 -10.49 -7.49
N LYS A 325 18.98 -9.19 -7.79
CA LYS A 325 18.22 -8.74 -8.95
C LYS A 325 18.70 -9.40 -10.23
N GLU A 326 19.97 -9.18 -10.58
CA GLU A 326 20.50 -9.75 -11.80
C GLU A 326 20.08 -11.21 -11.96
N LEU A 327 20.35 -12.04 -10.96
CA LEU A 327 20.00 -13.45 -11.06
C LEU A 327 18.49 -13.68 -11.19
N GLY A 328 17.70 -12.82 -10.54
CA GLY A 328 16.26 -12.94 -10.62
C GLY A 328 15.75 -12.60 -12.00
N MET A 329 16.24 -11.50 -12.54
CA MET A 329 15.87 -11.05 -13.87
C MET A 329 16.19 -12.14 -14.88
N GLN A 330 17.40 -12.69 -14.80
CA GLN A 330 17.75 -13.73 -15.76
C GLN A 330 16.99 -15.01 -15.48
N ALA A 331 16.55 -15.21 -14.24
CA ALA A 331 15.79 -16.41 -13.91
C ALA A 331 14.49 -16.35 -14.69
N VAL A 332 13.78 -15.24 -14.56
CA VAL A 332 12.53 -15.06 -15.28
C VAL A 332 12.76 -14.98 -16.81
N GLN A 333 13.65 -14.10 -17.24
CA GLN A 333 13.92 -13.94 -18.67
C GLN A 333 14.12 -15.30 -19.36
N GLN A 334 15.01 -16.12 -18.80
CA GLN A 334 15.32 -17.43 -19.34
C GLN A 334 14.30 -18.51 -19.02
N GLY A 335 13.16 -18.12 -18.46
CA GLY A 335 12.14 -19.11 -18.15
C GLY A 335 12.49 -20.12 -17.07
N ASP A 336 13.47 -19.78 -16.24
CA ASP A 336 13.90 -20.67 -15.16
C ASP A 336 12.91 -20.59 -14.00
N ALA A 337 12.13 -19.52 -13.99
CA ALA A 337 11.14 -19.36 -12.93
C ALA A 337 10.12 -18.33 -13.32
N ASP A 338 8.95 -18.41 -12.71
CA ASP A 338 7.90 -17.44 -12.97
C ASP A 338 8.05 -16.36 -11.91
N LEU A 339 8.55 -16.78 -10.75
CA LEU A 339 8.71 -15.89 -9.59
C LEU A 339 9.97 -16.29 -8.86
N VAL A 340 10.56 -15.31 -8.21
CA VAL A 340 11.80 -15.50 -7.46
C VAL A 340 11.62 -14.92 -6.06
N SER A 341 11.42 -15.78 -5.08
CA SER A 341 11.27 -15.24 -3.73
C SER A 341 12.66 -14.84 -3.26
N TYR A 342 12.74 -13.75 -2.51
CA TYR A 342 13.98 -13.25 -1.97
C TYR A 342 13.84 -13.22 -0.45
N GLY A 343 14.89 -13.65 0.24
CA GLY A 343 14.87 -13.66 1.68
C GLY A 343 15.64 -12.48 2.26
N ARG A 344 16.85 -12.73 2.74
CA ARG A 344 17.68 -11.72 3.39
C ARG A 344 17.61 -10.34 2.78
N LEU A 345 17.54 -10.24 1.46
CA LEU A 345 17.45 -8.91 0.86
C LEU A 345 16.15 -8.23 1.28
N PHE A 346 15.05 -8.97 1.25
CA PHE A 346 13.78 -8.35 1.62
C PHE A 346 13.78 -8.04 3.10
N ILE A 347 14.65 -8.73 3.83
CA ILE A 347 14.77 -8.49 5.25
C ILE A 347 15.28 -7.06 5.46
N ALA A 348 16.32 -6.72 4.70
CA ALA A 348 16.96 -5.40 4.82
C ALA A 348 16.37 -4.32 3.91
N ASN A 349 15.49 -4.71 2.99
CA ASN A 349 14.91 -3.72 2.07
C ASN A 349 13.41 -3.81 1.94
N PRO A 350 12.70 -3.13 2.83
CA PRO A 350 11.25 -3.14 2.80
C PRO A 350 10.76 -2.84 1.37
N ASP A 351 11.41 -1.87 0.73
CA ASP A 351 11.07 -1.51 -0.63
C ASP A 351 11.99 -2.22 -1.63
N LEU A 352 12.20 -3.50 -1.40
CA LEU A 352 13.08 -4.27 -2.28
C LEU A 352 12.63 -4.22 -3.74
N VAL A 353 11.34 -4.42 -3.98
CA VAL A 353 10.83 -4.40 -5.35
C VAL A 353 11.19 -3.12 -6.07
N SER A 354 10.96 -1.97 -5.43
CA SER A 354 11.31 -0.73 -6.08
C SER A 354 12.81 -0.70 -6.29
N ARG A 355 13.55 -0.68 -5.18
CA ARG A 355 15.01 -0.64 -5.22
C ARG A 355 15.54 -1.52 -6.33
N PHE A 356 14.83 -2.60 -6.64
CA PHE A 356 15.26 -3.46 -7.73
C PHE A 356 14.94 -2.79 -9.06
N LYS A 357 13.72 -2.30 -9.20
CA LYS A 357 13.27 -1.67 -10.43
C LYS A 357 14.08 -0.45 -10.83
N ILE A 358 14.56 0.32 -9.87
CA ILE A 358 15.34 1.49 -10.20
C ILE A 358 16.83 1.26 -10.00
N ASP A 359 17.21 0.00 -9.76
CA ASP A 359 18.60 -0.35 -9.52
C ASP A 359 19.18 0.59 -8.47
N GLY A 360 18.41 0.88 -7.44
CA GLY A 360 18.88 1.77 -6.41
C GLY A 360 19.68 1.08 -5.33
N GLU A 361 20.09 1.83 -4.31
CA GLU A 361 20.84 1.30 -3.19
C GLU A 361 20.05 0.21 -2.46
N LEU A 362 20.79 -0.72 -1.87
CA LEU A 362 20.20 -1.83 -1.11
C LEU A 362 20.80 -1.86 0.30
N ASN A 363 19.93 -1.71 1.30
CA ASN A 363 20.39 -1.75 2.68
C ASN A 363 21.00 -3.12 2.88
N LYS A 364 22.00 -3.20 3.73
CA LYS A 364 22.60 -4.48 4.01
C LYS A 364 21.81 -5.06 5.16
N TYR A 365 21.75 -6.38 5.22
CA TYR A 365 21.03 -7.02 6.30
C TYR A 365 22.00 -7.40 7.42
N ASN A 366 21.49 -7.48 8.64
CA ASN A 366 22.32 -7.86 9.76
C ASN A 366 21.73 -9.13 10.38
N ARG A 367 22.37 -10.25 10.08
CA ARG A 367 21.94 -11.54 10.57
C ARG A 367 21.75 -11.53 12.10
N LYS A 368 22.60 -10.79 12.80
CA LYS A 368 22.49 -10.75 14.25
C LYS A 368 21.10 -10.43 14.73
N THR A 369 20.30 -9.78 13.88
CA THR A 369 18.95 -9.45 14.26
C THR A 369 17.87 -10.12 13.43
N PHE A 370 18.18 -11.26 12.85
CA PHE A 370 17.17 -11.98 12.06
C PHE A 370 16.12 -12.58 12.98
N TYR A 371 16.61 -13.19 14.05
CA TYR A 371 15.80 -13.90 15.04
C TYR A 371 15.55 -13.19 16.35
N THR A 372 16.14 -12.01 16.49
CA THR A 372 15.97 -11.22 17.69
C THR A 372 14.50 -10.90 17.92
N GLN A 373 14.17 -10.33 19.08
CA GLN A 373 12.79 -10.07 19.43
C GLN A 373 12.28 -8.64 19.37
N ASP A 374 13.11 -7.70 18.99
CA ASP A 374 12.59 -6.35 18.99
C ASP A 374 11.55 -6.20 17.91
N PRO A 375 10.43 -5.53 18.24
CA PRO A 375 9.37 -5.34 17.26
C PRO A 375 9.82 -4.33 16.23
N VAL A 376 10.81 -3.53 16.61
CA VAL A 376 11.30 -2.50 15.72
C VAL A 376 12.68 -2.81 15.19
N VAL A 377 13.67 -2.80 16.09
CA VAL A 377 15.07 -3.01 15.73
C VAL A 377 15.41 -4.29 14.97
N GLY A 378 15.94 -4.11 13.77
CA GLY A 378 16.32 -5.23 12.91
C GLY A 378 15.08 -5.83 12.28
N TYR A 379 13.91 -5.31 12.65
CA TYR A 379 12.67 -5.84 12.12
C TYR A 379 11.92 -4.86 11.23
N THR A 380 11.96 -3.58 11.59
CA THR A 380 11.27 -2.58 10.81
C THR A 380 12.15 -1.40 10.43
N ASP A 381 13.23 -1.17 11.19
CA ASP A 381 14.07 -0.02 10.92
C ASP A 381 14.96 -0.01 9.68
N TYR A 382 14.91 -1.05 8.87
CA TYR A 382 15.69 -0.98 7.65
C TYR A 382 14.88 0.06 6.88
N PRO A 383 15.52 1.18 6.50
CA PRO A 383 14.90 2.29 5.79
C PRO A 383 14.58 2.13 4.32
N PHE A 384 13.52 2.83 3.91
CA PHE A 384 13.12 2.84 2.52
C PHE A 384 14.11 3.80 1.88
N LEU A 385 14.27 3.73 0.56
CA LEU A 385 15.18 4.63 -0.13
C LEU A 385 14.74 6.05 0.13
N ALA A 386 15.68 6.99 0.05
CA ALA A 386 15.33 8.38 0.19
C ALA A 386 14.30 8.53 -0.93
N PRO A 387 13.20 9.27 -0.69
CA PRO A 387 12.12 9.46 -1.66
C PRO A 387 12.53 9.50 -3.14
N ASN B 9 -3.47 43.60 16.74
CA ASN B 9 -4.07 42.24 16.70
C ASN B 9 -3.72 41.54 15.37
N GLU B 10 -4.31 40.36 15.14
CA GLU B 10 -4.03 39.60 13.92
C GLU B 10 -5.11 39.80 12.89
N THR B 11 -4.72 40.12 11.66
CA THR B 11 -5.70 40.34 10.59
C THR B 11 -5.25 39.51 9.39
N LEU B 12 -5.88 39.75 8.25
CA LEU B 12 -5.49 39.04 7.04
C LEU B 12 -4.04 39.44 6.80
N PHE B 13 -3.86 40.71 6.49
CA PHE B 13 -2.57 41.29 6.18
C PHE B 13 -1.48 40.98 7.17
N SER B 14 -1.83 40.20 8.19
CA SER B 14 -0.83 39.80 9.16
C SER B 14 -0.03 38.62 8.65
N SER B 15 1.18 38.50 9.22
CA SER B 15 2.12 37.47 8.91
C SER B 15 1.80 36.22 9.71
N TYR B 16 2.21 35.07 9.19
CA TYR B 16 1.92 33.82 9.87
C TYR B 16 2.80 32.67 9.43
N LYS B 17 3.51 32.10 10.40
CA LYS B 17 4.39 30.99 10.14
C LYS B 17 3.56 29.71 10.05
N MET B 18 3.68 29.03 8.93
CA MET B 18 2.97 27.77 8.69
C MET B 18 4.05 26.69 8.56
N GLY B 19 4.37 26.04 9.67
CA GLY B 19 5.40 25.03 9.64
C GLY B 19 6.66 25.68 9.06
N ARG B 20 7.24 25.03 8.05
CA ARG B 20 8.46 25.53 7.41
C ARG B 20 8.25 26.76 6.55
N PHE B 21 7.03 27.27 6.43
CA PHE B 21 6.85 28.44 5.59
C PHE B 21 6.44 29.67 6.38
N ASP B 22 7.22 30.74 6.24
CA ASP B 22 6.94 32.00 6.92
C ASP B 22 6.08 32.80 5.96
N LEU B 23 4.77 32.81 6.20
CA LEU B 23 3.89 33.55 5.31
C LEU B 23 3.87 35.02 5.67
N SER B 24 3.68 35.86 4.66
CA SER B 24 3.61 37.31 4.82
C SER B 24 2.23 37.68 5.32
N HIS B 25 1.21 37.05 4.73
CA HIS B 25 -0.16 37.35 5.10
C HIS B 25 -1.01 36.10 5.11
N ARG B 26 -2.30 36.27 5.36
CA ARG B 26 -3.20 35.14 5.48
C ARG B 26 -4.06 34.89 4.25
N VAL B 27 -3.84 35.69 3.21
CA VAL B 27 -4.61 35.55 2.01
C VAL B 27 -3.99 34.48 1.12
N VAL B 28 -4.73 33.41 0.90
CA VAL B 28 -4.23 32.29 0.12
C VAL B 28 -4.94 32.18 -1.21
N LEU B 29 -4.15 31.99 -2.26
CA LEU B 29 -4.74 31.80 -3.57
C LEU B 29 -5.29 30.38 -3.49
N ALA B 30 -6.61 30.25 -3.56
CA ALA B 30 -7.27 28.96 -3.52
C ALA B 30 -6.84 28.20 -4.75
N PRO B 31 -6.67 26.88 -4.63
CA PRO B 31 -6.26 26.04 -5.76
C PRO B 31 -7.46 26.00 -6.70
N MET B 32 -7.40 26.72 -7.82
CA MET B 32 -8.56 26.77 -8.74
C MET B 32 -8.36 26.21 -10.13
N THR B 33 -9.31 25.41 -10.59
CA THR B 33 -9.30 24.87 -11.95
C THR B 33 -9.62 25.99 -12.94
N ARG B 34 -8.83 26.07 -13.99
CA ARG B 34 -9.04 27.10 -15.01
C ARG B 34 -8.94 26.52 -16.40
N CYS B 35 -8.38 25.31 -16.49
CA CYS B 35 -8.24 24.63 -17.77
C CYS B 35 -7.42 25.40 -18.80
N ARG B 36 -6.43 26.17 -18.34
CA ARG B 36 -5.56 26.89 -19.25
C ARG B 36 -4.37 26.03 -19.64
N ALA B 37 -4.20 24.91 -18.94
CA ALA B 37 -3.11 23.98 -19.19
C ALA B 37 -3.51 23.10 -20.36
N LEU B 38 -3.50 23.67 -21.56
CA LEU B 38 -3.89 22.97 -22.76
C LEU B 38 -3.37 21.56 -22.87
N ASN B 39 -4.32 20.63 -23.06
CA ASN B 39 -4.02 19.24 -23.23
C ASN B 39 -3.13 18.70 -22.11
N GLY B 40 -3.47 19.16 -20.91
CA GLY B 40 -2.80 18.72 -19.70
C GLY B 40 -1.31 18.87 -19.60
N VAL B 41 -0.78 20.04 -19.96
CA VAL B 41 0.67 20.28 -19.87
C VAL B 41 0.91 21.63 -19.20
N PRO B 42 1.63 21.66 -18.05
CA PRO B 42 1.89 22.95 -17.39
C PRO B 42 2.79 23.72 -18.35
N ASN B 43 2.31 24.87 -18.81
CA ASN B 43 3.08 25.66 -19.77
C ASN B 43 3.59 26.93 -19.11
N ALA B 44 3.90 27.92 -19.96
CA ALA B 44 4.43 29.22 -19.53
C ALA B 44 3.35 30.16 -19.06
N ALA B 45 2.14 30.04 -19.62
CA ALA B 45 1.03 30.92 -19.23
C ALA B 45 0.70 30.75 -17.74
N LEU B 46 0.48 29.52 -17.31
CA LEU B 46 0.20 29.27 -15.90
C LEU B 46 1.26 29.95 -15.05
N ALA B 47 2.46 30.09 -15.61
CA ALA B 47 3.54 30.73 -14.87
C ALA B 47 3.18 32.19 -14.69
N GLU B 48 2.66 32.82 -15.74
CA GLU B 48 2.28 34.22 -15.67
C GLU B 48 1.14 34.39 -14.66
N TYR B 49 0.03 33.70 -14.92
CA TYR B 49 -1.14 33.76 -14.06
C TYR B 49 -0.79 33.62 -12.57
N TYR B 50 0.04 32.64 -12.23
CA TYR B 50 0.40 32.46 -10.83
C TYR B 50 1.36 33.52 -10.40
N ALA B 51 2.34 33.81 -11.26
CA ALA B 51 3.33 34.83 -10.97
C ALA B 51 2.55 36.05 -10.55
N GLN B 52 1.62 36.47 -11.40
CA GLN B 52 0.79 37.63 -11.14
C GLN B 52 0.14 37.62 -9.78
N ARG B 53 -0.22 36.43 -9.32
CA ARG B 53 -0.91 36.33 -8.04
C ARG B 53 -0.01 36.10 -6.85
N THR B 54 1.28 36.00 -7.09
CA THR B 54 2.15 35.78 -5.96
C THR B 54 2.71 37.08 -5.39
N THR B 55 2.58 37.19 -4.08
CA THR B 55 3.07 38.32 -3.33
C THR B 55 4.21 37.77 -2.50
N PRO B 56 5.20 38.62 -2.19
CA PRO B 56 6.30 38.12 -1.39
C PRO B 56 5.71 37.54 -0.14
N GLY B 57 6.06 36.29 0.17
CA GLY B 57 5.53 35.65 1.37
C GLY B 57 4.07 35.23 1.28
N GLY B 58 3.49 35.30 0.09
CA GLY B 58 2.10 34.89 -0.07
C GLY B 58 2.02 33.41 -0.37
N PHE B 59 0.94 32.76 0.10
CA PHE B 59 0.77 31.32 -0.13
C PHE B 59 -0.32 31.06 -1.18
N LEU B 60 0.06 30.43 -2.28
CA LEU B 60 -0.86 30.12 -3.36
C LEU B 60 -1.05 28.62 -3.47
N ILE B 61 -2.29 28.19 -3.69
CA ILE B 61 -2.52 26.79 -3.86
C ILE B 61 -2.84 26.67 -5.32
N SER B 62 -2.08 25.81 -5.99
CA SER B 62 -2.25 25.61 -7.40
C SER B 62 -3.51 24.84 -7.74
N GLU B 63 -3.99 25.10 -8.95
CA GLU B 63 -5.14 24.45 -9.53
C GLU B 63 -5.01 22.93 -9.30
N GLY B 64 -6.13 22.23 -9.18
CA GLY B 64 -6.07 20.80 -8.99
C GLY B 64 -5.24 20.19 -10.11
N THR B 65 -4.39 19.23 -9.77
CA THR B 65 -3.50 18.63 -10.74
C THR B 65 -3.58 17.10 -10.76
N MET B 66 -3.54 16.53 -11.96
CA MET B 66 -3.64 15.08 -12.10
C MET B 66 -2.56 14.30 -11.36
N VAL B 67 -2.98 13.24 -10.67
CA VAL B 67 -2.06 12.40 -9.94
C VAL B 67 -1.80 11.11 -10.74
N SER B 68 -2.41 11.02 -11.91
CA SER B 68 -2.25 9.83 -12.75
C SER B 68 -3.20 9.92 -13.93
N PRO B 69 -3.08 8.99 -14.90
CA PRO B 69 -3.99 9.06 -16.03
C PRO B 69 -5.39 8.69 -15.50
N GLY B 70 -6.40 9.35 -16.02
CA GLY B 70 -7.74 9.02 -15.57
C GLY B 70 -8.05 9.64 -14.22
N SER B 71 -7.39 10.75 -13.86
CA SER B 71 -7.69 11.40 -12.59
C SER B 71 -8.33 12.78 -12.82
N ALA B 72 -8.38 13.23 -14.08
CA ALA B 72 -8.93 14.53 -14.38
C ALA B 72 -10.39 14.44 -14.85
N GLY B 73 -11.15 15.48 -14.55
CA GLY B 73 -12.55 15.52 -14.94
C GLY B 73 -12.80 16.83 -15.62
N PHE B 74 -11.72 17.44 -16.12
CA PHE B 74 -11.75 18.73 -16.81
C PHE B 74 -10.68 18.67 -17.88
N PRO B 75 -10.83 19.46 -18.94
CA PRO B 75 -9.82 19.45 -20.00
C PRO B 75 -8.70 20.42 -19.68
N HIS B 76 -7.55 20.18 -20.27
CA HIS B 76 -6.43 21.10 -20.12
C HIS B 76 -6.08 21.43 -18.67
N VAL B 77 -6.16 20.41 -17.84
CA VAL B 77 -5.84 20.52 -16.46
C VAL B 77 -4.54 19.79 -16.38
N PRO B 78 -3.54 20.42 -15.81
CA PRO B 78 -2.21 19.84 -15.67
C PRO B 78 -2.15 18.63 -14.76
N GLY B 79 -1.27 17.71 -15.11
CA GLY B 79 -1.10 16.55 -14.28
C GLY B 79 0.26 16.75 -13.67
N ILE B 80 0.54 16.04 -12.60
CA ILE B 80 1.85 16.15 -12.01
C ILE B 80 2.41 14.72 -12.05
N TYR B 81 1.94 13.93 -13.00
CA TYR B 81 2.41 12.56 -13.08
C TYR B 81 3.42 12.27 -14.18
N SER B 82 3.45 13.10 -15.23
CA SER B 82 4.41 12.85 -16.32
C SER B 82 5.68 13.65 -16.15
N ASP B 83 6.82 12.97 -16.30
CA ASP B 83 8.11 13.62 -16.16
C ASP B 83 8.09 14.90 -16.98
N GLU B 84 7.36 14.88 -18.09
CA GLU B 84 7.25 16.06 -18.92
C GLU B 84 6.58 17.14 -18.08
N GLN B 85 5.54 16.76 -17.34
CA GLN B 85 4.82 17.70 -16.50
C GLN B 85 5.67 18.13 -15.33
N VAL B 86 6.56 17.27 -14.86
CA VAL B 86 7.41 17.63 -13.74
C VAL B 86 8.40 18.69 -14.18
N GLU B 87 8.81 18.61 -15.45
CA GLU B 87 9.71 19.60 -16.01
C GLU B 87 8.91 20.81 -16.43
N ALA B 88 7.74 20.55 -17.03
CA ALA B 88 6.87 21.61 -17.50
C ALA B 88 6.20 22.44 -16.39
N TRP B 89 6.48 22.12 -15.13
CA TRP B 89 5.88 22.85 -14.01
C TRP B 89 6.86 23.86 -13.41
N LYS B 90 8.13 23.51 -13.45
CA LYS B 90 9.18 24.33 -12.87
C LYS B 90 9.07 25.80 -13.22
N GLN B 91 8.76 26.10 -14.48
CA GLN B 91 8.65 27.47 -14.94
C GLN B 91 7.60 28.17 -14.11
N VAL B 92 6.51 27.47 -13.85
CA VAL B 92 5.46 28.09 -13.06
C VAL B 92 5.97 28.33 -11.65
N VAL B 93 6.46 27.28 -11.02
CA VAL B 93 6.97 27.38 -9.67
C VAL B 93 8.06 28.42 -9.60
N GLU B 94 8.95 28.43 -10.59
CA GLU B 94 10.02 29.43 -10.58
C GLU B 94 9.39 30.83 -10.55
N ALA B 95 8.47 31.07 -11.48
CA ALA B 95 7.79 32.36 -11.57
C ALA B 95 7.23 32.80 -10.21
N VAL B 96 6.58 31.89 -9.50
CA VAL B 96 6.03 32.18 -8.18
C VAL B 96 7.18 32.40 -7.23
N HIS B 97 8.16 31.50 -7.29
CA HIS B 97 9.28 31.61 -6.40
C HIS B 97 10.11 32.87 -6.60
N ALA B 98 10.33 33.27 -7.85
CA ALA B 98 11.13 34.46 -8.11
C ALA B 98 10.51 35.67 -7.41
N LYS B 99 9.23 35.57 -7.06
CA LYS B 99 8.55 36.67 -6.39
C LYS B 99 8.24 36.40 -4.93
N GLY B 100 9.09 35.60 -4.29
CA GLY B 100 8.92 35.32 -2.88
C GLY B 100 7.67 34.57 -2.47
N GLY B 101 6.97 34.03 -3.46
CA GLY B 101 5.75 33.30 -3.15
C GLY B 101 6.03 31.87 -2.74
N PHE B 102 4.98 31.24 -2.20
CA PHE B 102 5.00 29.84 -1.80
C PHE B 102 3.85 29.20 -2.59
N ILE B 103 4.15 28.20 -3.39
CA ILE B 103 3.12 27.57 -4.19
C ILE B 103 3.06 26.08 -3.89
N PHE B 104 1.84 25.62 -3.65
CA PHE B 104 1.57 24.23 -3.36
C PHE B 104 0.86 23.62 -4.56
N CYS B 105 1.26 22.41 -4.91
CA CYS B 105 0.63 21.74 -6.02
C CYS B 105 -0.48 20.89 -5.44
N GLN B 106 -1.72 21.16 -5.84
CA GLN B 106 -2.78 20.32 -5.34
C GLN B 106 -2.78 19.00 -6.11
N LEU B 107 -3.07 17.91 -5.43
CA LEU B 107 -3.11 16.59 -6.04
C LEU B 107 -4.57 16.26 -6.13
N TRP B 108 -5.02 16.14 -7.38
CA TRP B 108 -6.43 15.97 -7.66
C TRP B 108 -6.95 14.77 -8.45
N HIS B 109 -7.70 13.92 -7.78
CA HIS B 109 -8.30 12.84 -8.52
C HIS B 109 -9.79 13.10 -8.41
N VAL B 110 -10.46 13.20 -9.55
CA VAL B 110 -11.89 13.49 -9.58
C VAL B 110 -12.81 12.28 -9.34
N GLY B 111 -12.24 11.10 -9.37
CA GLY B 111 -13.06 9.92 -9.14
C GLY B 111 -14.20 9.85 -10.15
N ARG B 112 -15.37 9.50 -9.65
CA ARG B 112 -16.54 9.33 -10.51
C ARG B 112 -17.00 10.62 -11.17
N ALA B 113 -16.25 11.70 -10.98
CA ALA B 113 -16.62 12.97 -11.59
C ALA B 113 -15.85 13.08 -12.87
N SER B 114 -15.99 12.06 -13.71
CA SER B 114 -15.26 12.07 -14.94
C SER B 114 -16.05 11.46 -16.10
N HIS B 115 -15.52 11.65 -17.30
CA HIS B 115 -16.14 11.16 -18.50
C HIS B 115 -15.13 10.25 -19.15
N ALA B 116 -15.61 9.38 -20.04
CA ALA B 116 -14.73 8.45 -20.75
C ALA B 116 -13.58 9.12 -21.49
N VAL B 117 -13.78 10.35 -21.96
CA VAL B 117 -12.73 11.05 -22.68
C VAL B 117 -11.52 11.33 -21.78
N TYR B 118 -11.77 11.49 -20.48
CA TYR B 118 -10.70 11.76 -19.52
C TYR B 118 -10.16 10.47 -18.95
N GLN B 119 -10.55 9.36 -19.56
CA GLN B 119 -10.13 8.06 -19.08
C GLN B 119 -9.26 7.30 -20.06
N PRO B 120 -8.21 6.63 -19.56
CA PRO B 120 -7.37 5.87 -20.48
C PRO B 120 -8.32 4.86 -21.11
N ASN B 121 -8.20 4.65 -22.42
CA ASN B 121 -9.05 3.69 -23.12
C ASN B 121 -10.50 4.10 -23.23
N GLY B 122 -10.83 5.28 -22.71
CA GLY B 122 -12.21 5.75 -22.75
C GLY B 122 -13.08 4.91 -21.84
N GLY B 123 -12.49 4.37 -20.78
CA GLY B 123 -13.26 3.56 -19.86
C GLY B 123 -14.00 4.43 -18.87
N SER B 124 -14.53 3.80 -17.83
CA SER B 124 -15.26 4.52 -16.82
C SER B 124 -14.38 5.14 -15.75
N PRO B 125 -14.86 6.24 -15.16
CA PRO B 125 -14.12 6.91 -14.10
C PRO B 125 -14.13 5.96 -12.90
N ILE B 126 -13.10 6.04 -12.06
CA ILE B 126 -13.05 5.16 -10.91
C ILE B 126 -13.71 5.86 -9.72
N SER B 127 -14.18 5.08 -8.75
CA SER B 127 -14.82 5.65 -7.60
C SER B 127 -14.95 4.62 -6.50
N SER B 128 -15.45 5.06 -5.36
CA SER B 128 -15.65 4.15 -4.25
C SER B 128 -16.90 3.38 -4.59
N THR B 129 -17.75 4.01 -5.41
CA THR B 129 -19.05 3.46 -5.79
C THR B 129 -19.25 3.24 -7.28
N ASN B 130 -20.33 2.52 -7.62
CA ASN B 130 -20.70 2.26 -8.99
C ASN B 130 -21.88 3.19 -9.30
N LYS B 131 -22.27 3.98 -8.31
CA LYS B 131 -23.37 4.92 -8.48
C LYS B 131 -22.86 6.21 -9.12
N PRO B 132 -23.52 6.64 -10.21
CA PRO B 132 -23.15 7.87 -10.93
C PRO B 132 -23.55 9.09 -10.15
N ILE B 133 -22.87 10.18 -10.46
CA ILE B 133 -23.17 11.47 -9.88
C ILE B 133 -24.57 11.76 -10.39
N SER B 134 -25.44 12.27 -9.53
CA SER B 134 -26.80 12.56 -9.93
C SER B 134 -26.88 13.30 -11.26
N GLU B 135 -27.57 12.68 -12.21
CA GLU B 135 -27.77 13.24 -13.53
C GLU B 135 -28.83 14.30 -13.38
N ASN B 136 -29.50 14.28 -12.24
CA ASN B 136 -30.56 15.23 -11.97
C ASN B 136 -30.03 16.57 -11.55
N ARG B 137 -28.71 16.74 -11.45
CA ARG B 137 -28.22 18.05 -11.03
C ARG B 137 -26.78 18.38 -11.27
N TRP B 138 -26.11 17.63 -12.12
CA TRP B 138 -24.71 17.90 -12.37
C TRP B 138 -24.34 17.60 -13.82
N ARG B 139 -23.30 18.25 -14.30
CA ARG B 139 -22.85 18.05 -15.68
C ARG B 139 -21.35 18.16 -15.76
N VAL B 140 -20.75 17.28 -16.54
CA VAL B 140 -19.31 17.28 -16.72
C VAL B 140 -18.98 18.13 -17.97
N LEU B 141 -17.97 18.97 -17.87
CA LEU B 141 -17.54 19.82 -18.97
C LEU B 141 -16.58 19.03 -19.86
N LEU B 142 -16.95 18.89 -21.13
CA LEU B 142 -16.10 18.14 -22.06
C LEU B 142 -15.28 19.11 -22.89
N PRO B 143 -14.17 18.63 -23.49
CA PRO B 143 -13.26 19.42 -24.30
C PRO B 143 -13.93 20.32 -25.36
N ASP B 144 -14.79 19.77 -26.20
CA ASP B 144 -15.45 20.60 -27.20
C ASP B 144 -16.32 21.66 -26.56
N GLY B 145 -16.17 21.80 -25.24
CA GLY B 145 -16.92 22.80 -24.53
C GLY B 145 -18.35 22.41 -24.21
N SER B 146 -18.72 21.16 -24.46
CA SER B 146 -20.09 20.73 -24.16
C SER B 146 -20.18 20.23 -22.71
N HIS B 147 -21.40 20.13 -22.19
CA HIS B 147 -21.65 19.64 -20.84
C HIS B 147 -22.59 18.46 -20.98
N VAL B 148 -22.23 17.32 -20.41
CA VAL B 148 -23.07 16.13 -20.48
C VAL B 148 -23.21 15.47 -19.09
N LYS B 149 -24.17 14.55 -18.98
CA LYS B 149 -24.39 13.84 -17.74
C LYS B 149 -23.12 13.11 -17.33
N TYR B 150 -22.96 12.90 -16.04
CA TYR B 150 -21.81 12.14 -15.53
C TYR B 150 -22.13 10.67 -15.75
N PRO B 151 -21.14 9.88 -16.18
CA PRO B 151 -21.45 8.47 -16.40
C PRO B 151 -21.31 7.66 -15.13
N LYS B 152 -21.69 6.40 -15.23
CA LYS B 152 -21.56 5.48 -14.13
C LYS B 152 -20.07 5.20 -13.93
N PRO B 153 -19.57 5.42 -12.71
CA PRO B 153 -18.15 5.15 -12.49
C PRO B 153 -18.04 3.67 -12.19
N ARG B 154 -16.85 3.24 -11.82
CA ARG B 154 -16.64 1.85 -11.44
C ARG B 154 -16.02 1.96 -10.06
N ALA B 155 -16.60 1.25 -9.08
CA ALA B 155 -16.03 1.28 -7.73
C ALA B 155 -14.82 0.35 -7.75
N LEU B 156 -13.62 0.93 -7.66
CA LEU B 156 -12.45 0.08 -7.66
C LEU B 156 -12.62 -0.91 -6.50
N GLU B 157 -12.03 -2.09 -6.62
CA GLU B 157 -12.10 -3.04 -5.52
C GLU B 157 -11.12 -2.54 -4.48
N ALA B 158 -11.37 -2.86 -3.22
CA ALA B 158 -10.50 -2.43 -2.12
C ALA B 158 -9.04 -2.60 -2.51
N SER B 159 -8.74 -3.75 -3.10
CA SER B 159 -7.38 -4.08 -3.52
C SER B 159 -6.82 -3.07 -4.51
N GLU B 160 -7.68 -2.24 -5.07
CA GLU B 160 -7.25 -1.24 -6.05
C GLU B 160 -6.86 0.10 -5.43
N ILE B 161 -7.47 0.45 -4.31
CA ILE B 161 -7.15 1.71 -3.68
C ILE B 161 -5.64 1.94 -3.52
N PRO B 162 -4.91 0.94 -2.99
CA PRO B 162 -3.46 1.15 -2.84
C PRO B 162 -2.83 1.54 -4.16
N ARG B 163 -3.45 1.14 -5.26
CA ARG B 163 -2.91 1.52 -6.55
C ARG B 163 -3.02 3.05 -6.69
N VAL B 164 -4.16 3.59 -6.31
CA VAL B 164 -4.36 5.03 -6.40
C VAL B 164 -3.63 5.72 -5.25
N VAL B 165 -3.42 5.01 -4.16
CA VAL B 165 -2.72 5.64 -3.06
C VAL B 165 -1.29 5.90 -3.50
N GLU B 166 -0.73 4.96 -4.26
CA GLU B 166 0.63 5.11 -4.76
C GLU B 166 0.71 6.22 -5.77
N ASP B 167 -0.39 6.44 -6.49
CA ASP B 167 -0.45 7.49 -7.50
C ASP B 167 -0.23 8.85 -6.86
N TYR B 168 -0.83 9.05 -5.69
CA TYR B 168 -0.64 10.33 -4.98
C TYR B 168 0.80 10.46 -4.50
N CYS B 169 1.32 9.43 -3.83
CA CYS B 169 2.70 9.43 -3.32
C CYS B 169 3.63 9.83 -4.45
N LEU B 170 3.45 9.13 -5.56
CA LEU B 170 4.23 9.35 -6.77
C LEU B 170 4.06 10.79 -7.20
N SER B 171 2.82 11.25 -7.22
CA SER B 171 2.59 12.62 -7.67
C SER B 171 3.15 13.64 -6.71
N ALA B 172 3.16 13.31 -5.42
CA ALA B 172 3.67 14.24 -4.41
C ALA B 172 5.14 14.48 -4.73
N LEU B 173 5.84 13.38 -5.03
CA LEU B 173 7.26 13.44 -5.35
C LEU B 173 7.49 14.26 -6.59
N ASN B 174 6.65 14.06 -7.59
CA ASN B 174 6.72 14.80 -8.84
C ASN B 174 6.54 16.29 -8.56
N ALA B 175 5.78 16.59 -7.52
CA ALA B 175 5.55 17.96 -7.15
C ALA B 175 6.85 18.51 -6.56
N ILE B 176 7.39 17.81 -5.58
CA ILE B 176 8.62 18.26 -4.95
C ILE B 176 9.77 18.26 -5.95
N ARG B 177 9.77 17.26 -6.82
CA ARG B 177 10.80 17.18 -7.83
C ARG B 177 10.75 18.48 -8.62
N ALA B 178 9.56 18.86 -9.05
CA ALA B 178 9.36 20.07 -9.82
C ALA B 178 9.65 21.37 -9.06
N GLY B 179 9.92 21.28 -7.76
CA GLY B 179 10.20 22.46 -6.98
C GLY B 179 9.06 23.00 -6.13
N PHE B 180 7.82 22.57 -6.39
CA PHE B 180 6.70 23.05 -5.57
C PHE B 180 7.08 22.99 -4.09
N ASP B 181 6.57 23.93 -3.31
CA ASP B 181 6.88 23.95 -1.90
C ASP B 181 6.17 22.84 -1.12
N GLY B 182 5.08 22.35 -1.68
CA GLY B 182 4.33 21.29 -1.04
C GLY B 182 3.18 20.87 -1.94
N ILE B 183 2.37 19.94 -1.43
CA ILE B 183 1.23 19.48 -2.19
C ILE B 183 0.01 19.60 -1.31
N GLU B 184 -1.16 19.67 -1.93
CA GLU B 184 -2.36 19.69 -1.13
C GLU B 184 -3.08 18.43 -1.57
N ILE B 185 -3.60 17.69 -0.62
CA ILE B 185 -4.35 16.50 -0.96
C ILE B 185 -5.76 17.00 -1.10
N HIS B 186 -6.24 17.01 -2.33
CA HIS B 186 -7.58 17.47 -2.59
C HIS B 186 -8.54 16.36 -2.19
N GLY B 187 -9.18 16.50 -1.02
CA GLY B 187 -10.13 15.47 -0.58
C GLY B 187 -11.50 16.12 -0.42
N ALA B 188 -11.71 17.18 -1.19
CA ALA B 188 -12.94 17.95 -1.09
C ALA B 188 -13.89 17.84 -2.28
N HIS B 189 -14.97 18.60 -2.17
CA HIS B 189 -15.95 18.79 -3.23
C HIS B 189 -16.52 17.60 -4.02
N GLY B 190 -16.72 16.47 -3.36
CA GLY B 190 -17.30 15.33 -4.04
C GLY B 190 -16.38 14.63 -5.01
N TYR B 191 -15.07 14.87 -4.90
CA TYR B 191 -14.15 14.18 -5.79
C TYR B 191 -13.72 12.82 -5.24
N LEU B 192 -12.80 12.14 -5.90
CA LEU B 192 -12.44 10.78 -5.48
C LEU B 192 -12.33 10.55 -3.98
N ILE B 193 -11.36 11.17 -3.33
CA ILE B 193 -11.20 10.99 -1.91
C ILE B 193 -12.55 11.19 -1.21
N ASP B 194 -13.21 12.28 -1.54
CA ASP B 194 -14.51 12.58 -0.94
C ASP B 194 -15.52 11.48 -1.27
N GLN B 195 -15.36 10.84 -2.42
CA GLN B 195 -16.25 9.77 -2.82
C GLN B 195 -16.11 8.60 -1.86
N PHE B 196 -15.13 8.65 -0.97
CA PHE B 196 -15.00 7.59 0.04
C PHE B 196 -15.47 8.14 1.38
N LEU B 197 -15.18 9.42 1.59
CA LEU B 197 -15.54 10.11 2.83
C LEU B 197 -17.03 10.29 3.08
N LYS B 198 -17.74 10.80 2.08
CA LYS B 198 -19.18 11.05 2.20
C LYS B 198 -19.99 9.77 2.11
N ASP B 199 -20.38 9.20 3.25
CA ASP B 199 -21.13 7.96 3.24
C ASP B 199 -22.38 8.03 2.38
N GLY B 200 -22.78 9.25 2.00
CA GLY B 200 -23.94 9.40 1.15
C GLY B 200 -23.60 8.86 -0.23
N ILE B 201 -22.32 8.93 -0.56
CA ILE B 201 -21.81 8.47 -1.84
C ILE B 201 -21.22 7.10 -1.68
N ASN B 202 -20.61 6.88 -0.52
CA ASN B 202 -19.94 5.62 -0.23
C ASN B 202 -20.89 4.53 0.23
N ASP B 203 -21.40 3.76 -0.72
CA ASP B 203 -22.30 2.66 -0.40
C ASP B 203 -21.49 1.37 -0.37
N ARG B 204 -20.22 1.46 0.00
CA ARG B 204 -19.36 0.29 0.06
C ARG B 204 -19.49 -0.43 1.38
N THR B 205 -19.20 -1.73 1.35
CA THR B 205 -19.28 -2.58 2.52
C THR B 205 -17.99 -3.37 2.75
N ASP B 206 -16.91 -2.92 2.16
CA ASP B 206 -15.63 -3.62 2.35
C ASP B 206 -14.75 -2.78 3.31
N GLN B 207 -13.44 -2.90 3.19
CA GLN B 207 -12.56 -2.17 4.10
C GLN B 207 -12.57 -0.65 3.95
N TYR B 208 -13.06 -0.16 2.81
CA TYR B 208 -13.10 1.28 2.61
C TYR B 208 -14.50 1.84 2.76
N GLY B 209 -15.37 1.09 3.43
CA GLY B 209 -16.72 1.57 3.61
C GLY B 209 -17.32 1.20 4.95
N GLY B 210 -18.58 1.60 5.14
CA GLY B 210 -19.27 1.31 6.39
C GLY B 210 -19.14 2.43 7.41
N SER B 211 -18.31 2.18 8.41
CA SER B 211 -18.07 3.15 9.48
C SER B 211 -17.35 4.41 8.96
N ILE B 212 -17.44 5.51 9.71
CA ILE B 212 -16.79 6.74 9.29
C ILE B 212 -15.30 6.50 9.22
N ALA B 213 -14.77 5.82 10.24
CA ALA B 213 -13.36 5.51 10.26
C ALA B 213 -13.00 4.88 8.92
N ASN B 214 -13.76 3.86 8.52
CA ASN B 214 -13.50 3.16 7.26
C ASN B 214 -13.64 4.05 6.05
N ARG B 215 -14.52 5.03 6.12
CA ARG B 215 -14.70 5.92 4.99
C ARG B 215 -13.53 6.90 4.93
N CYS B 216 -12.70 6.90 5.98
CA CYS B 216 -11.56 7.80 6.01
C CYS B 216 -10.27 7.07 5.63
N ARG B 217 -10.34 5.74 5.58
CA ARG B 217 -9.17 4.96 5.27
C ARG B 217 -8.43 5.44 4.02
N PHE B 218 -9.18 5.75 2.97
CA PHE B 218 -8.54 6.18 1.75
C PHE B 218 -7.68 7.43 1.92
N LEU B 219 -8.28 8.50 2.44
CA LEU B 219 -7.52 9.74 2.68
C LEU B 219 -6.30 9.45 3.55
N LYS B 220 -6.46 8.54 4.50
CA LYS B 220 -5.39 8.15 5.40
C LYS B 220 -4.17 7.76 4.59
N GLN B 221 -4.31 6.72 3.77
CA GLN B 221 -3.20 6.24 2.92
C GLN B 221 -2.69 7.36 2.02
N VAL B 222 -3.61 7.99 1.30
CA VAL B 222 -3.22 9.08 0.41
C VAL B 222 -2.31 10.08 1.13
N VAL B 223 -2.71 10.48 2.34
CA VAL B 223 -1.94 11.44 3.12
C VAL B 223 -0.73 10.78 3.81
N GLU B 224 -0.94 9.65 4.49
CA GLU B 224 0.20 9.00 5.12
C GLU B 224 1.25 8.72 4.07
N GLY B 225 0.79 8.24 2.91
CA GLY B 225 1.73 7.92 1.85
C GLY B 225 2.44 9.17 1.37
N VAL B 226 1.70 10.26 1.22
CA VAL B 226 2.29 11.50 0.77
C VAL B 226 3.10 12.12 1.92
N VAL B 227 2.60 11.99 3.13
CA VAL B 227 3.28 12.52 4.31
C VAL B 227 4.61 11.80 4.49
N SER B 228 4.63 10.50 4.20
CA SER B 228 5.87 9.74 4.31
C SER B 228 6.74 10.16 3.14
N ALA B 229 6.14 10.14 1.96
CA ALA B 229 6.84 10.46 0.74
C ALA B 229 7.60 11.78 0.78
N ILE B 230 6.97 12.84 1.28
CA ILE B 230 7.65 14.14 1.28
C ILE B 230 7.64 14.95 2.55
N GLY B 231 7.12 14.39 3.64
CA GLY B 231 7.09 15.13 4.89
C GLY B 231 5.84 15.98 5.04
N ALA B 232 5.23 15.95 6.22
CA ALA B 232 4.02 16.71 6.48
C ALA B 232 4.13 18.16 6.00
N SER B 233 5.28 18.78 6.24
CA SER B 233 5.52 20.16 5.87
C SER B 233 5.33 20.47 4.39
N LYS B 234 5.14 19.43 3.57
CA LYS B 234 4.93 19.64 2.15
C LYS B 234 3.65 18.95 1.70
N VAL B 235 2.67 19.00 2.58
CA VAL B 235 1.37 18.39 2.35
C VAL B 235 0.31 19.19 3.07
N GLY B 236 -0.71 19.58 2.34
CA GLY B 236 -1.82 20.29 2.93
C GLY B 236 -2.99 19.35 2.69
N VAL B 237 -4.02 19.41 3.51
CA VAL B 237 -5.17 18.55 3.34
C VAL B 237 -6.44 19.40 3.21
N ARG B 238 -7.16 19.19 2.11
CA ARG B 238 -8.39 19.92 1.87
C ARG B 238 -9.59 18.96 1.89
N VAL B 239 -10.57 19.26 2.73
CA VAL B 239 -11.79 18.47 2.78
C VAL B 239 -12.95 19.48 2.80
N SER B 240 -14.18 19.01 2.75
CA SER B 240 -15.38 19.85 2.76
C SER B 240 -16.58 19.01 3.18
N PRO B 241 -16.64 18.65 4.47
CA PRO B 241 -17.70 17.83 5.05
C PRO B 241 -19.11 18.33 4.77
N ALA B 242 -19.28 19.65 4.70
CA ALA B 242 -20.59 20.25 4.50
C ALA B 242 -20.81 20.83 3.12
N ILE B 243 -19.96 20.46 2.18
CA ILE B 243 -20.16 20.92 0.82
C ILE B 243 -20.69 19.63 0.17
N ASP B 244 -21.85 19.70 -0.46
CA ASP B 244 -22.45 18.52 -1.07
C ASP B 244 -22.33 18.49 -2.59
N HIS B 245 -21.50 19.41 -3.10
CA HIS B 245 -21.18 19.52 -4.51
C HIS B 245 -21.09 18.09 -5.08
N LEU B 246 -21.66 17.88 -6.26
CA LEU B 246 -21.62 16.57 -6.91
C LEU B 246 -22.14 15.42 -6.06
N ASP B 247 -23.24 15.65 -5.33
CA ASP B 247 -23.86 14.66 -4.46
C ASP B 247 -23.06 14.30 -3.22
N ALA B 248 -21.96 15.01 -3.00
CA ALA B 248 -21.13 14.74 -1.83
C ALA B 248 -21.90 15.05 -0.56
N THR B 249 -23.07 14.46 -0.41
CA THR B 249 -23.86 14.71 0.79
C THR B 249 -23.53 13.64 1.81
N ASP B 250 -23.01 14.07 2.95
CA ASP B 250 -22.71 13.12 3.99
C ASP B 250 -23.72 13.24 5.11
N SER B 251 -24.08 12.11 5.70
CA SER B 251 -25.02 12.13 6.80
C SER B 251 -24.47 13.08 7.87
N ASP B 252 -23.54 12.58 8.68
CA ASP B 252 -22.99 13.39 9.76
C ASP B 252 -21.69 14.08 9.40
N PRO B 253 -21.77 15.30 8.88
CA PRO B 253 -20.60 16.10 8.47
C PRO B 253 -19.56 16.26 9.58
N LEU B 254 -19.98 16.92 10.66
CA LEU B 254 -19.12 17.16 11.81
C LEU B 254 -18.33 15.93 12.19
N SER B 255 -19.05 14.83 12.39
CA SER B 255 -18.39 13.60 12.79
C SER B 255 -17.37 13.17 11.74
N LEU B 256 -17.76 13.26 10.47
CA LEU B 256 -16.85 12.91 9.38
C LEU B 256 -15.67 13.87 9.42
N GLY B 257 -15.95 15.14 9.70
CA GLY B 257 -14.90 16.14 9.76
C GLY B 257 -13.99 15.92 10.95
N LEU B 258 -14.57 15.50 12.07
CA LEU B 258 -13.79 15.27 13.28
C LEU B 258 -12.99 14.00 13.15
N ALA B 259 -13.59 13.00 12.49
CA ALA B 259 -12.92 11.73 12.25
C ALA B 259 -11.76 12.08 11.34
N VAL B 260 -11.98 13.02 10.45
CA VAL B 260 -10.90 13.44 9.55
C VAL B 260 -9.83 14.15 10.33
N VAL B 261 -10.24 15.15 11.09
CA VAL B 261 -9.28 15.90 11.89
C VAL B 261 -8.57 14.93 12.82
N GLY B 262 -9.35 14.08 13.47
CA GLY B 262 -8.78 13.12 14.41
C GLY B 262 -7.76 12.24 13.73
N MET B 263 -8.11 11.78 12.54
CA MET B 263 -7.21 10.91 11.79
C MET B 263 -5.93 11.70 11.50
N LEU B 264 -6.07 12.95 11.06
CA LEU B 264 -4.90 13.76 10.76
C LEU B 264 -4.07 14.04 12.02
N ASN B 265 -4.75 14.28 13.15
CA ASN B 265 -4.01 14.54 14.38
C ASN B 265 -3.18 13.31 14.73
N LYS B 266 -3.78 12.12 14.61
CA LYS B 266 -3.07 10.90 14.91
C LYS B 266 -1.83 10.82 14.03
N LEU B 267 -2.04 10.98 12.72
CA LEU B 267 -0.97 10.93 11.74
C LEU B 267 0.19 11.83 12.13
N GLN B 268 -0.13 13.07 12.47
CA GLN B 268 0.88 14.02 12.87
C GLN B 268 1.59 13.45 14.08
N GLY B 269 0.84 12.73 14.91
CA GLY B 269 1.44 12.10 16.08
C GLY B 269 2.21 10.85 15.72
N VAL B 270 2.63 10.76 14.47
CA VAL B 270 3.38 9.60 13.98
C VAL B 270 4.64 10.02 13.22
N ASN B 271 4.57 11.19 12.56
CA ASN B 271 5.69 11.71 11.76
C ASN B 271 6.56 12.77 12.45
N GLY B 272 6.21 13.14 13.69
CA GLY B 272 6.99 14.13 14.40
C GLY B 272 6.82 15.55 13.87
N SER B 273 5.68 15.80 13.22
CA SER B 273 5.38 17.11 12.66
C SER B 273 3.92 17.23 12.24
N LYS B 274 3.48 18.47 12.06
CA LYS B 274 2.12 18.71 11.65
C LYS B 274 2.10 18.88 10.14
N LEU B 275 0.95 18.64 9.55
CA LEU B 275 0.78 18.85 8.15
C LEU B 275 0.98 20.35 8.01
N ALA B 276 1.07 20.84 6.77
CA ALA B 276 1.22 22.26 6.54
C ALA B 276 -0.06 22.93 7.00
N TYR B 277 -1.18 22.26 6.77
CA TYR B 277 -2.46 22.83 7.20
C TYR B 277 -3.66 21.94 6.92
N LEU B 278 -4.78 22.38 7.47
CA LEU B 278 -6.09 21.78 7.24
C LEU B 278 -6.78 22.95 6.55
N HIS B 279 -7.33 22.67 5.38
CA HIS B 279 -7.98 23.68 4.54
C HIS B 279 -9.46 23.28 4.43
N VAL B 280 -10.34 24.12 4.96
CA VAL B 280 -11.75 23.77 4.93
C VAL B 280 -12.67 24.80 4.35
N THR B 281 -13.41 24.34 3.33
CA THR B 281 -14.36 25.16 2.66
C THR B 281 -15.74 24.76 3.09
N GLN B 282 -16.40 25.64 3.82
CA GLN B 282 -17.73 25.36 4.26
C GLN B 282 -18.67 25.96 3.23
N PRO B 283 -19.95 25.64 3.34
CA PRO B 283 -20.91 26.20 2.39
C PRO B 283 -21.21 27.64 2.83
N ARG B 284 -21.93 28.38 1.97
CA ARG B 284 -22.34 29.75 2.24
C ARG B 284 -23.78 29.78 1.77
N TYR B 285 -24.71 29.58 2.68
CA TYR B 285 -26.11 29.54 2.27
C TYR B 285 -26.55 30.85 1.65
N HIS B 286 -27.69 30.80 0.97
CA HIS B 286 -28.27 31.97 0.33
C HIS B 286 -29.34 32.52 1.26
N ALA B 287 -29.12 33.75 1.72
CA ALA B 287 -30.08 34.38 2.62
C ALA B 287 -30.99 35.31 1.83
N TYR B 288 -32.28 34.98 1.81
CA TYR B 288 -33.26 35.81 1.11
C TYR B 288 -33.11 37.25 1.57
N ASP B 299 -24.10 32.09 8.94
CA ASP B 299 -25.06 31.88 10.02
C ASP B 299 -24.37 31.47 11.33
N GLU B 300 -24.83 30.38 11.92
CA GLU B 300 -24.25 29.90 13.15
C GLU B 300 -23.74 28.47 12.98
N GLU B 301 -24.59 27.59 12.44
CA GLU B 301 -24.22 26.20 12.22
C GLU B 301 -23.08 26.03 11.21
N GLU B 302 -22.90 27.04 10.36
CA GLU B 302 -21.83 27.03 9.37
C GLU B 302 -20.52 27.33 10.07
N ALA B 303 -20.51 28.45 10.79
CA ALA B 303 -19.34 28.86 11.52
C ALA B 303 -19.03 27.85 12.60
N LYS B 304 -20.06 27.19 13.10
CA LYS B 304 -19.91 26.20 14.16
C LYS B 304 -19.11 24.96 13.74
N LEU B 305 -19.46 24.38 12.61
CA LEU B 305 -18.72 23.20 12.17
C LEU B 305 -17.25 23.60 12.01
N MET B 306 -17.03 24.73 11.34
CA MET B 306 -15.68 25.22 11.11
C MET B 306 -14.86 25.34 12.36
N LYS B 307 -15.40 26.02 13.36
CA LYS B 307 -14.68 26.21 14.61
C LYS B 307 -14.40 24.86 15.27
N SER B 308 -15.36 23.94 15.19
CA SER B 308 -15.19 22.62 15.76
C SER B 308 -13.96 21.99 15.14
N LEU B 309 -13.96 21.87 13.81
CA LEU B 309 -12.85 21.27 13.09
C LEU B 309 -11.57 22.00 13.46
N ARG B 310 -11.62 23.33 13.37
CA ARG B 310 -10.46 24.16 13.66
C ARG B 310 -9.93 23.95 15.07
N MET B 311 -10.81 23.98 16.07
CA MET B 311 -10.37 23.77 17.45
C MET B 311 -9.87 22.35 17.64
N ALA B 312 -10.57 21.39 17.03
CA ALA B 312 -10.18 19.98 17.15
C ALA B 312 -8.92 19.66 16.40
N TYR B 313 -8.66 20.43 15.35
CA TYR B 313 -7.48 20.19 14.53
C TYR B 313 -6.19 20.68 15.14
N ASN B 314 -5.21 19.79 15.23
CA ASN B 314 -3.92 20.17 15.78
C ASN B 314 -3.03 20.77 14.70
N GLY B 315 -3.26 22.05 14.39
CA GLY B 315 -2.45 22.67 13.38
C GLY B 315 -3.05 23.91 12.76
N THR B 316 -2.48 24.29 11.64
CA THR B 316 -2.87 25.49 10.92
C THR B 316 -4.18 25.28 10.18
N PHE B 317 -5.08 26.25 10.31
CA PHE B 317 -6.36 26.12 9.67
C PHE B 317 -6.51 27.15 8.58
N MET B 318 -6.83 26.69 7.38
CA MET B 318 -7.03 27.60 6.27
C MET B 318 -8.48 27.49 5.84
N SER B 319 -9.18 28.62 5.89
CA SER B 319 -10.57 28.63 5.50
C SER B 319 -10.75 29.25 4.12
N SER B 320 -11.66 28.65 3.34
CA SER B 320 -12.00 29.14 2.01
C SER B 320 -13.51 28.99 1.87
N GLY B 321 -14.07 29.46 0.77
CA GLY B 321 -15.49 29.28 0.55
C GLY B 321 -16.33 30.48 0.93
N GLY B 322 -16.57 31.34 -0.06
CA GLY B 322 -17.39 32.52 0.15
C GLY B 322 -16.76 33.69 0.86
N PHE B 323 -15.48 33.61 1.22
CA PHE B 323 -14.87 34.73 1.91
C PHE B 323 -14.63 35.95 1.06
N ASN B 324 -14.66 37.10 1.72
CA ASN B 324 -14.34 38.35 1.05
C ASN B 324 -13.39 39.01 2.02
N LYS B 325 -13.01 40.25 1.78
CA LYS B 325 -12.09 40.92 2.68
C LYS B 325 -12.58 40.90 4.13
N GLU B 326 -13.80 41.37 4.36
CA GLU B 326 -14.36 41.43 5.72
C GLU B 326 -14.47 40.08 6.45
N LEU B 327 -15.01 39.08 5.76
CA LEU B 327 -15.15 37.77 6.37
C LEU B 327 -13.77 37.21 6.70
N GLY B 328 -12.81 37.47 5.81
CA GLY B 328 -11.47 36.98 6.04
C GLY B 328 -10.84 37.60 7.26
N MET B 329 -10.97 38.92 7.36
CA MET B 329 -10.43 39.67 8.49
C MET B 329 -11.13 39.18 9.75
N GLN B 330 -12.44 38.96 9.66
CA GLN B 330 -13.19 38.47 10.80
C GLN B 330 -12.68 37.10 11.25
N ALA B 331 -12.57 36.16 10.29
CA ALA B 331 -12.07 34.82 10.58
C ALA B 331 -10.70 34.89 11.25
N VAL B 332 -9.81 35.74 10.73
CA VAL B 332 -8.48 35.84 11.32
C VAL B 332 -8.53 36.46 12.73
N GLN B 333 -9.02 37.69 12.82
CA GLN B 333 -9.12 38.39 14.11
C GLN B 333 -9.72 37.49 15.19
N GLN B 334 -10.81 36.79 14.85
CA GLN B 334 -11.50 35.91 15.79
C GLN B 334 -10.76 34.62 16.15
N GLY B 335 -9.77 34.23 15.35
CA GLY B 335 -9.04 33.01 15.64
C GLY B 335 -9.71 31.80 15.03
N ASP B 336 -10.59 32.02 14.07
CA ASP B 336 -11.31 30.93 13.40
C ASP B 336 -10.46 30.25 12.31
N ALA B 337 -9.31 30.81 11.99
CA ALA B 337 -8.47 30.23 10.94
C ALA B 337 -7.11 30.90 11.01
N ASP B 338 -6.12 30.34 10.35
CA ASP B 338 -4.81 30.98 10.36
C ASP B 338 -4.63 31.61 8.99
N LEU B 339 -5.29 31.00 8.01
CA LEU B 339 -5.23 31.43 6.64
C LEU B 339 -6.62 31.35 6.08
N VAL B 340 -6.85 32.16 5.05
CA VAL B 340 -8.13 32.19 4.38
C VAL B 340 -7.82 32.27 2.89
N SER B 341 -8.03 31.15 2.19
CA SER B 341 -7.77 31.14 0.76
C SER B 341 -8.97 31.82 0.13
N TYR B 342 -8.77 32.33 -1.07
CA TYR B 342 -9.80 33.05 -1.82
C TYR B 342 -9.84 32.50 -3.22
N GLY B 343 -11.03 32.14 -3.67
CA GLY B 343 -11.18 31.59 -4.99
C GLY B 343 -11.80 32.57 -5.96
N ARG B 344 -13.12 32.64 -6.00
CA ARG B 344 -13.74 33.56 -6.96
C ARG B 344 -13.05 34.91 -7.10
N LEU B 345 -12.63 35.52 -5.98
CA LEU B 345 -11.99 36.82 -6.02
C LEU B 345 -10.57 36.86 -6.60
N PHE B 346 -9.75 35.87 -6.27
CA PHE B 346 -8.39 35.89 -6.79
C PHE B 346 -8.42 35.79 -8.30
N ILE B 347 -9.46 35.14 -8.83
CA ILE B 347 -9.57 35.04 -10.28
C ILE B 347 -9.60 36.47 -10.80
N ALA B 348 -10.44 37.27 -10.16
CA ALA B 348 -10.65 38.63 -10.57
C ALA B 348 -9.75 39.67 -9.91
N ASN B 349 -8.57 39.28 -9.46
CA ASN B 349 -7.66 40.22 -8.79
C ASN B 349 -6.30 39.61 -8.56
N PRO B 350 -5.43 39.69 -9.58
CA PRO B 350 -4.11 39.08 -9.40
C PRO B 350 -3.42 39.69 -8.20
N ASP B 351 -3.81 40.92 -7.87
CA ASP B 351 -3.24 41.64 -6.75
C ASP B 351 -4.31 41.78 -5.67
N LEU B 352 -5.03 40.70 -5.43
CA LEU B 352 -6.09 40.72 -4.44
C LEU B 352 -5.59 41.25 -3.12
N VAL B 353 -4.47 40.71 -2.65
CA VAL B 353 -3.93 41.14 -1.37
C VAL B 353 -3.52 42.59 -1.38
N SER B 354 -2.81 42.99 -2.42
CA SER B 354 -2.38 44.36 -2.52
C SER B 354 -3.60 45.23 -2.81
N ARG B 355 -4.76 44.61 -2.92
CA ARG B 355 -5.99 45.37 -3.15
C ARG B 355 -6.74 45.51 -1.83
N PHE B 356 -7.03 44.38 -1.20
CA PHE B 356 -7.73 44.37 0.09
C PHE B 356 -7.12 45.38 1.07
N LYS B 357 -5.81 45.31 1.23
CA LYS B 357 -5.11 46.21 2.14
C LYS B 357 -5.71 47.62 2.19
N ILE B 358 -6.20 48.11 1.05
CA ILE B 358 -6.74 49.46 1.00
C ILE B 358 -8.21 49.57 0.59
N ASP B 359 -8.85 48.43 0.34
CA ASP B 359 -10.24 48.38 -0.10
C ASP B 359 -10.36 49.12 -1.43
N GLY B 360 -9.65 48.59 -2.42
CA GLY B 360 -9.69 49.17 -3.74
C GLY B 360 -10.91 48.76 -4.56
N GLU B 361 -10.80 48.94 -5.87
CA GLU B 361 -11.86 48.63 -6.81
C GLU B 361 -11.84 47.14 -7.23
N LEU B 362 -12.15 46.27 -6.26
CA LEU B 362 -12.19 44.83 -6.52
C LEU B 362 -12.87 44.50 -7.84
N ASN B 363 -12.06 44.20 -8.85
CA ASN B 363 -12.59 43.84 -10.16
C ASN B 363 -13.43 42.57 -10.01
N LYS B 364 -14.60 42.56 -10.65
CA LYS B 364 -15.49 41.42 -10.58
C LYS B 364 -15.05 40.35 -11.58
N TYR B 365 -15.22 39.09 -11.19
CA TYR B 365 -14.83 37.98 -12.06
C TYR B 365 -15.88 37.71 -13.15
N ASN B 366 -15.42 37.08 -14.22
CA ASN B 366 -16.29 36.74 -15.34
C ASN B 366 -16.32 35.21 -15.49
N ARG B 367 -17.45 34.63 -15.06
CA ARG B 367 -17.68 33.19 -15.10
C ARG B 367 -17.37 32.48 -16.42
N LYS B 368 -17.93 32.98 -17.51
CA LYS B 368 -17.75 32.37 -18.82
C LYS B 368 -16.30 32.07 -19.15
N THR B 369 -15.38 32.75 -18.49
CA THR B 369 -13.98 32.50 -18.77
C THR B 369 -13.29 31.76 -17.63
N PHE B 370 -14.06 31.02 -16.84
CA PHE B 370 -13.47 30.26 -15.76
C PHE B 370 -12.63 29.10 -16.27
N TYR B 371 -13.22 28.33 -17.17
CA TYR B 371 -12.59 27.12 -17.71
C TYR B 371 -12.28 27.20 -19.19
N THR B 372 -11.81 28.35 -19.64
CA THR B 372 -11.48 28.55 -21.03
C THR B 372 -10.00 28.27 -21.29
N GLN B 373 -9.66 28.13 -22.57
CA GLN B 373 -8.29 27.81 -23.00
C GLN B 373 -7.29 28.97 -23.12
N ASP B 374 -7.77 30.09 -23.61
CA ASP B 374 -6.90 31.25 -23.83
C ASP B 374 -5.91 31.46 -22.69
N PRO B 375 -4.61 31.46 -23.00
CA PRO B 375 -3.60 31.64 -21.96
C PRO B 375 -3.53 33.08 -21.43
N VAL B 376 -4.21 34.00 -22.10
CA VAL B 376 -4.20 35.39 -21.67
C VAL B 376 -5.59 35.87 -21.25
N VAL B 377 -6.53 35.78 -22.18
CA VAL B 377 -7.92 36.21 -22.02
C VAL B 377 -8.65 35.61 -20.84
N GLY B 378 -9.24 36.48 -20.04
CA GLY B 378 -9.97 36.04 -18.87
C GLY B 378 -9.07 35.22 -17.95
N TYR B 379 -7.77 35.23 -18.22
CA TYR B 379 -6.85 34.46 -17.40
C TYR B 379 -5.83 35.35 -16.71
N THR B 380 -5.04 36.07 -17.49
CA THR B 380 -4.04 36.95 -16.91
C THR B 380 -4.31 38.40 -17.33
N ASP B 381 -5.51 38.66 -17.83
CA ASP B 381 -5.86 40.00 -18.26
C ASP B 381 -6.91 40.70 -17.39
N TYR B 382 -7.08 40.22 -16.17
CA TYR B 382 -7.97 40.89 -15.22
C TYR B 382 -7.10 42.04 -14.70
N PRO B 383 -7.61 43.27 -14.78
CA PRO B 383 -6.84 44.44 -14.34
C PRO B 383 -6.35 44.45 -12.90
N PHE B 384 -5.13 44.95 -12.74
CA PHE B 384 -4.52 45.11 -11.42
C PHE B 384 -5.23 46.34 -10.85
N LEU B 385 -4.80 46.80 -9.67
CA LEU B 385 -5.42 47.97 -9.05
C LEU B 385 -4.92 49.27 -9.68
N SER A 8 11.43 -14.26 -24.93
CA SER A 8 12.31 -14.02 -23.75
C SER A 8 12.25 -12.55 -23.35
N ASN A 9 11.05 -12.01 -23.20
CA ASN A 9 10.90 -10.61 -22.82
C ASN A 9 10.39 -10.43 -21.40
N GLU A 10 10.19 -11.53 -20.69
CA GLU A 10 9.70 -11.44 -19.32
C GLU A 10 10.82 -11.02 -18.38
N THR A 11 10.48 -10.28 -17.34
CA THR A 11 11.47 -9.87 -16.36
C THR A 11 10.83 -9.87 -14.97
N LEU A 12 11.62 -9.50 -13.97
CA LEU A 12 11.15 -9.43 -12.60
C LEU A 12 9.99 -8.47 -12.54
N PHE A 13 9.94 -7.54 -13.48
CA PHE A 13 8.87 -6.57 -13.46
C PHE A 13 7.73 -6.79 -14.42
N SER A 14 7.49 -8.04 -14.75
CA SER A 14 6.39 -8.38 -15.63
C SER A 14 5.25 -8.85 -14.74
N SER A 15 4.03 -8.58 -15.17
CA SER A 15 2.86 -8.99 -14.43
C SER A 15 2.77 -10.50 -14.52
N TYR A 16 1.89 -11.07 -13.72
CA TYR A 16 1.73 -12.51 -13.71
C TYR A 16 0.53 -12.85 -12.84
N LYS A 17 -0.42 -13.62 -13.38
CA LYS A 17 -1.59 -14.02 -12.62
C LYS A 17 -1.33 -15.36 -11.94
N MET A 18 -0.80 -15.30 -10.72
CA MET A 18 -0.50 -16.52 -9.98
C MET A 18 -1.83 -17.24 -9.79
N GLY A 19 -2.26 -17.92 -10.86
CA GLY A 19 -3.51 -18.65 -10.81
C GLY A 19 -4.64 -17.66 -10.57
N ARG A 20 -5.04 -17.55 -9.30
CA ARG A 20 -6.11 -16.65 -8.96
C ARG A 20 -5.57 -15.36 -8.35
N PHE A 21 -4.34 -15.00 -8.71
CA PHE A 21 -3.74 -13.79 -8.17
C PHE A 21 -3.02 -12.94 -9.19
N ASP A 22 -3.62 -11.78 -9.43
CA ASP A 22 -3.10 -10.80 -10.36
C ASP A 22 -1.86 -10.15 -9.77
N LEU A 23 -0.69 -10.71 -10.04
CA LEU A 23 0.56 -10.16 -9.53
C LEU A 23 1.04 -9.09 -10.49
N SER A 24 1.54 -7.99 -9.94
CA SER A 24 2.02 -6.90 -10.78
C SER A 24 3.47 -7.13 -11.14
N HIS A 25 4.13 -7.95 -10.34
CA HIS A 25 5.53 -8.24 -10.59
C HIS A 25 5.85 -9.59 -10.02
N ARG A 26 7.06 -10.07 -10.30
CA ARG A 26 7.45 -11.41 -9.90
C ARG A 26 8.29 -11.52 -8.64
N VAL A 27 8.56 -10.38 -8.01
CA VAL A 27 9.39 -10.37 -6.81
C VAL A 27 8.55 -10.74 -5.60
N VAL A 28 8.94 -11.85 -4.98
CA VAL A 28 8.23 -12.39 -3.85
C VAL A 28 8.94 -12.26 -2.52
N LEU A 29 8.19 -11.89 -1.49
CA LEU A 29 8.79 -11.82 -0.17
C LEU A 29 8.87 -13.28 0.25
N ALA A 30 10.09 -13.79 0.40
CA ALA A 30 10.29 -15.16 0.83
C ALA A 30 9.82 -15.31 2.27
N PRO A 31 9.46 -16.53 2.67
CA PRO A 31 8.99 -16.81 4.03
C PRO A 31 10.17 -16.74 4.99
N MET A 32 10.06 -15.93 6.04
CA MET A 32 11.19 -15.85 6.95
C MET A 32 10.87 -15.83 8.42
N THR A 33 11.45 -16.77 9.13
CA THR A 33 11.31 -16.88 10.58
C THR A 33 12.03 -15.64 11.08
N ARG A 34 11.35 -14.85 11.92
CA ARG A 34 11.94 -13.62 12.46
C ARG A 34 11.65 -13.56 13.95
N CYS A 35 10.83 -14.49 14.41
CA CYS A 35 10.52 -14.62 15.82
C CYS A 35 10.01 -13.35 16.50
N ARG A 36 8.97 -12.74 15.96
CA ARG A 36 8.41 -11.55 16.59
C ARG A 36 7.04 -11.85 17.14
N ALA A 37 6.39 -12.88 16.61
CA ALA A 37 5.05 -13.23 17.06
C ALA A 37 5.22 -13.69 18.49
N LEU A 38 5.49 -12.71 19.36
CA LEU A 38 5.74 -12.95 20.77
C LEU A 38 4.71 -13.88 21.35
N ASN A 39 5.17 -15.02 21.88
CA ASN A 39 4.28 -16.00 22.48
C ASN A 39 3.35 -16.65 21.46
N GLY A 40 3.84 -16.73 20.23
CA GLY A 40 3.08 -17.37 19.18
C GLY A 40 1.95 -16.58 18.55
N VAL A 41 1.76 -15.35 19.00
CA VAL A 41 0.67 -14.57 18.44
C VAL A 41 1.18 -13.41 17.57
N PRO A 42 0.61 -13.28 16.36
CA PRO A 42 0.95 -12.23 15.38
C PRO A 42 0.70 -10.88 16.07
N ASN A 43 1.27 -9.80 15.55
CA ASN A 43 1.04 -8.54 16.22
C ASN A 43 1.40 -7.31 15.37
N ALA A 44 1.34 -6.15 16.00
CA ALA A 44 1.63 -4.89 15.35
C ALA A 44 3.07 -4.85 14.87
N ALA A 45 3.86 -5.80 15.31
CA ALA A 45 5.25 -5.86 14.90
C ALA A 45 5.27 -6.53 13.52
N LEU A 46 4.53 -7.63 13.38
CA LEU A 46 4.43 -8.34 12.10
C LEU A 46 3.60 -7.47 11.15
N ALA A 47 2.41 -7.07 11.58
CA ALA A 47 1.58 -6.22 10.73
C ALA A 47 2.50 -5.10 10.27
N GLU A 48 3.24 -4.54 11.22
CA GLU A 48 4.18 -3.49 10.90
C GLU A 48 5.07 -4.01 9.78
N TYR A 49 5.75 -5.12 10.05
CA TYR A 49 6.68 -5.70 9.08
C TYR A 49 6.09 -6.00 7.71
N TYR A 50 5.05 -6.82 7.70
CA TYR A 50 4.43 -7.22 6.45
C TYR A 50 3.92 -6.04 5.63
N ALA A 51 3.07 -5.20 6.22
CA ALA A 51 2.56 -4.05 5.50
C ALA A 51 3.74 -3.29 4.92
N GLN A 52 4.78 -3.10 5.72
CA GLN A 52 5.95 -2.37 5.24
C GLN A 52 6.41 -2.84 3.87
N ARG A 53 6.71 -4.12 3.76
CA ARG A 53 7.21 -4.67 2.52
C ARG A 53 6.16 -4.94 1.45
N THR A 54 4.96 -4.39 1.62
CA THR A 54 3.93 -4.66 0.64
C THR A 54 3.96 -3.74 -0.56
N THR A 55 3.37 -4.24 -1.65
CA THR A 55 3.27 -3.52 -2.91
C THR A 55 2.04 -4.00 -3.67
N PRO A 56 1.51 -3.16 -4.56
CA PRO A 56 0.32 -3.57 -5.32
C PRO A 56 0.68 -4.79 -6.19
N GLY A 57 0.03 -5.92 -5.93
CA GLY A 57 0.31 -7.13 -6.66
C GLY A 57 1.38 -8.00 -6.01
N GLY A 58 2.50 -7.39 -5.65
CA GLY A 58 3.59 -8.14 -5.02
C GLY A 58 3.18 -9.33 -4.17
N PHE A 59 3.79 -10.49 -4.40
CA PHE A 59 3.45 -11.66 -3.61
C PHE A 59 4.34 -11.77 -2.37
N LEU A 60 3.70 -11.89 -1.22
CA LEU A 60 4.45 -12.06 0.01
C LEU A 60 3.89 -13.31 0.62
N ILE A 61 4.78 -14.07 1.24
CA ILE A 61 4.41 -15.29 1.91
C ILE A 61 4.83 -15.04 3.36
N SER A 62 4.09 -15.62 4.31
CA SER A 62 4.42 -15.39 5.70
C SER A 62 5.68 -16.07 6.12
N GLU A 63 6.08 -15.74 7.34
CA GLU A 63 7.21 -16.34 8.01
C GLU A 63 6.60 -17.68 8.37
N GLY A 64 7.43 -18.70 8.59
CA GLY A 64 6.88 -19.99 8.97
C GLY A 64 5.96 -19.80 10.17
N THR A 65 4.83 -20.50 10.14
CA THR A 65 3.83 -20.40 11.20
C THR A 65 3.50 -21.78 11.73
N MET A 66 3.28 -21.89 13.04
CA MET A 66 2.97 -23.20 13.62
C MET A 66 1.60 -23.72 13.22
N VAL A 67 1.54 -24.98 12.78
CA VAL A 67 0.26 -25.60 12.42
C VAL A 67 -0.29 -26.41 13.60
N SER A 68 0.37 -26.34 14.75
CA SER A 68 -0.07 -27.10 15.92
C SER A 68 0.84 -26.84 17.10
N PRO A 69 0.39 -27.20 18.30
CA PRO A 69 1.33 -26.96 19.40
C PRO A 69 2.44 -28.00 19.18
N GLY A 70 3.67 -27.64 19.49
CA GLY A 70 4.76 -28.59 19.29
C GLY A 70 5.35 -28.59 17.90
N SER A 71 4.72 -27.84 16.98
CA SER A 71 5.22 -27.77 15.61
C SER A 71 6.33 -26.72 15.40
N ALA A 72 6.71 -26.02 16.48
CA ALA A 72 7.75 -24.99 16.39
C ALA A 72 9.12 -25.44 16.87
N GLY A 73 10.15 -24.79 16.34
CA GLY A 73 11.52 -25.11 16.72
C GLY A 73 12.33 -23.82 16.74
N PHE A 74 11.62 -22.73 17.03
CA PHE A 74 12.18 -21.39 17.11
C PHE A 74 11.34 -20.60 18.09
N PRO A 75 11.92 -19.55 18.67
CA PRO A 75 11.19 -18.73 19.63
C PRO A 75 10.17 -17.85 18.96
N HIS A 76 9.17 -17.46 19.73
CA HIS A 76 8.13 -16.57 19.29
C HIS A 76 7.77 -16.58 17.80
N VAL A 77 7.47 -17.76 17.29
CA VAL A 77 7.03 -17.83 15.91
C VAL A 77 5.54 -17.84 16.09
N PRO A 78 4.80 -17.46 15.05
CA PRO A 78 3.35 -17.43 15.16
C PRO A 78 2.72 -18.77 14.84
N GLY A 79 1.48 -18.91 15.25
CA GLY A 79 0.73 -20.11 14.94
C GLY A 79 -0.52 -19.65 14.22
N ILE A 80 -1.17 -20.58 13.52
CA ILE A 80 -2.40 -20.24 12.83
C ILE A 80 -3.37 -21.37 13.21
N TYR A 81 -3.19 -21.92 14.40
CA TYR A 81 -4.06 -23.00 14.87
C TYR A 81 -5.00 -22.56 16.00
N SER A 82 -4.72 -21.42 16.62
CA SER A 82 -5.60 -20.97 17.68
C SER A 82 -6.48 -19.82 17.23
N ASP A 83 -7.75 -19.90 17.61
CA ASP A 83 -8.70 -18.84 17.27
C ASP A 83 -8.08 -17.50 17.63
N GLU A 84 -7.31 -17.49 18.71
CA GLU A 84 -6.65 -16.27 19.12
C GLU A 84 -5.65 -15.87 18.03
N GLN A 85 -4.93 -16.84 17.47
CA GLN A 85 -3.95 -16.56 16.43
C GLN A 85 -4.62 -16.01 15.20
N VAL A 86 -5.71 -16.66 14.78
CA VAL A 86 -6.44 -16.20 13.61
C VAL A 86 -6.79 -14.73 13.77
N GLU A 87 -7.35 -14.36 14.92
CA GLU A 87 -7.73 -12.99 15.17
C GLU A 87 -6.58 -12.01 15.00
N ALA A 88 -5.47 -12.25 15.69
CA ALA A 88 -4.33 -11.34 15.60
C ALA A 88 -3.63 -11.33 14.24
N TRP A 89 -3.88 -12.35 13.42
CA TRP A 89 -3.27 -12.42 12.08
C TRP A 89 -3.98 -11.46 11.13
N LYS A 90 -5.27 -11.27 11.36
CA LYS A 90 -6.11 -10.41 10.52
C LYS A 90 -5.54 -9.03 10.28
N GLN A 91 -4.96 -8.45 11.33
CA GLN A 91 -4.41 -7.11 11.24
C GLN A 91 -3.25 -7.14 10.28
N VAL A 92 -2.48 -8.23 10.31
CA VAL A 92 -1.32 -8.35 9.42
C VAL A 92 -1.78 -8.37 7.97
N VAL A 93 -2.60 -9.37 7.68
CA VAL A 93 -3.16 -9.58 6.36
C VAL A 93 -3.88 -8.32 5.84
N GLU A 94 -4.68 -7.70 6.71
CA GLU A 94 -5.40 -6.49 6.32
C GLU A 94 -4.40 -5.39 5.95
N ALA A 95 -3.31 -5.31 6.70
CA ALA A 95 -2.31 -4.30 6.47
C ALA A 95 -1.63 -4.54 5.13
N VAL A 96 -1.64 -5.81 4.70
CA VAL A 96 -1.04 -6.19 3.44
C VAL A 96 -2.06 -5.94 2.35
N HIS A 97 -3.30 -6.34 2.59
CA HIS A 97 -4.31 -6.15 1.58
C HIS A 97 -4.59 -4.68 1.33
N ALA A 98 -4.61 -3.88 2.40
CA ALA A 98 -4.87 -2.45 2.22
C ALA A 98 -3.86 -1.94 1.22
N LYS A 99 -2.61 -2.29 1.40
CA LYS A 99 -1.56 -1.84 0.50
C LYS A 99 -1.50 -2.63 -0.81
N GLY A 100 -2.50 -3.50 -1.01
CA GLY A 100 -2.59 -4.25 -2.24
C GLY A 100 -1.75 -5.49 -2.49
N GLY A 101 -0.92 -5.90 -1.54
CA GLY A 101 -0.14 -7.08 -1.76
C GLY A 101 -0.97 -8.35 -1.63
N PHE A 102 -0.32 -9.50 -1.75
CA PHE A 102 -0.96 -10.79 -1.57
C PHE A 102 -0.13 -11.54 -0.57
N ILE A 103 -0.77 -12.27 0.32
CA ILE A 103 -0.03 -13.00 1.31
C ILE A 103 -0.57 -14.38 1.62
N PHE A 104 0.31 -15.35 1.60
CA PHE A 104 -0.05 -16.70 1.94
C PHE A 104 0.41 -16.90 3.38
N CYS A 105 0.23 -18.12 3.85
CA CYS A 105 0.63 -18.51 5.17
C CYS A 105 1.79 -19.48 4.99
N GLN A 106 2.65 -19.56 5.98
CA GLN A 106 3.75 -20.49 5.91
C GLN A 106 3.53 -21.55 6.99
N LEU A 107 2.50 -22.37 6.77
CA LEU A 107 2.14 -23.46 7.66
C LEU A 107 3.47 -24.19 7.85
N TRP A 108 3.85 -24.39 9.09
CA TRP A 108 5.13 -24.98 9.32
C TRP A 108 5.22 -25.90 10.52
N HIS A 109 5.74 -27.08 10.26
CA HIS A 109 5.96 -28.03 11.33
C HIS A 109 7.41 -28.41 11.21
N VAL A 110 8.17 -28.16 12.27
CA VAL A 110 9.60 -28.42 12.29
C VAL A 110 9.99 -29.87 12.47
N GLY A 111 9.02 -30.70 12.83
CA GLY A 111 9.33 -32.11 13.01
C GLY A 111 10.38 -32.21 14.08
N ARG A 112 11.42 -33.00 13.85
CA ARG A 112 12.46 -33.19 14.85
C ARG A 112 13.29 -31.93 15.13
N ALA A 113 13.20 -30.94 14.25
CA ALA A 113 13.97 -29.73 14.44
C ALA A 113 13.30 -28.86 15.51
N SER A 114 13.20 -29.42 16.71
CA SER A 114 12.57 -28.71 17.81
C SER A 114 13.28 -29.07 19.10
N HIS A 115 12.60 -28.85 20.21
CA HIS A 115 13.16 -29.11 21.52
C HIS A 115 12.03 -29.29 22.52
N ALA A 116 12.35 -29.86 23.67
CA ALA A 116 11.36 -30.05 24.72
C ALA A 116 10.74 -28.69 25.07
N VAL A 117 11.54 -27.63 25.01
CA VAL A 117 11.05 -26.30 25.31
C VAL A 117 9.89 -25.89 24.42
N TYR A 118 9.81 -26.47 23.23
CA TYR A 118 8.76 -26.13 22.28
C TYR A 118 7.70 -27.20 22.18
N GLN A 119 7.73 -28.16 23.10
CA GLN A 119 6.73 -29.21 23.05
C GLN A 119 5.76 -29.17 24.21
N PRO A 120 4.47 -29.41 23.92
CA PRO A 120 3.55 -29.40 25.05
C PRO A 120 4.00 -30.51 26.02
N ASN A 121 4.03 -30.19 27.31
CA ASN A 121 4.42 -31.13 28.35
C ASN A 121 5.90 -31.57 28.25
N GLY A 122 6.69 -30.76 27.56
CA GLY A 122 8.11 -31.07 27.41
C GLY A 122 8.29 -32.40 26.69
N GLY A 123 7.29 -32.78 25.91
CA GLY A 123 7.35 -34.02 25.18
C GLY A 123 8.44 -33.98 24.13
N SER A 124 8.67 -35.12 23.50
CA SER A 124 9.69 -35.21 22.48
C SER A 124 9.16 -34.75 21.15
N PRO A 125 9.95 -33.94 20.42
CA PRO A 125 9.49 -33.47 19.11
C PRO A 125 9.10 -34.72 18.31
N ILE A 126 8.15 -34.56 17.40
CA ILE A 126 7.75 -35.69 16.60
C ILE A 126 8.49 -35.64 15.28
N SER A 127 8.62 -36.79 14.64
CA SER A 127 9.30 -36.86 13.37
C SER A 127 8.94 -38.11 12.58
N SER A 128 9.63 -38.27 11.48
CA SER A 128 9.42 -39.45 10.64
C SER A 128 10.23 -40.56 11.28
N THR A 129 11.30 -40.16 11.95
CA THR A 129 12.25 -41.05 12.57
C THR A 129 12.53 -40.71 14.05
N ASN A 130 13.35 -41.52 14.70
CA ASN A 130 13.73 -41.30 16.09
C ASN A 130 15.17 -40.80 16.10
N LYS A 131 15.75 -40.68 14.90
CA LYS A 131 17.12 -40.20 14.76
C LYS A 131 17.13 -38.70 14.97
N PRO A 132 17.99 -38.20 15.87
CA PRO A 132 18.05 -36.76 16.12
C PRO A 132 18.96 -36.09 15.09
N ILE A 133 18.70 -34.82 14.84
CA ILE A 133 19.56 -34.07 13.94
C ILE A 133 20.93 -34.14 14.62
N SER A 134 21.99 -34.43 13.86
CA SER A 134 23.33 -34.54 14.45
C SER A 134 23.73 -33.27 15.24
N GLU A 135 24.69 -33.39 16.15
CA GLU A 135 25.06 -32.25 16.99
C GLU A 135 26.20 -31.31 16.60
N ASN A 136 26.73 -31.42 15.40
CA ASN A 136 27.85 -30.55 15.05
C ASN A 136 27.60 -29.16 14.51
N ARG A 137 26.88 -29.07 13.40
CA ARG A 137 26.60 -27.77 12.80
C ARG A 137 25.19 -27.32 13.12
N TRP A 138 24.39 -28.21 13.70
CA TRP A 138 23.00 -27.91 14.01
C TRP A 138 22.66 -27.66 15.46
N ARG A 139 21.92 -26.58 15.68
CA ARG A 139 21.49 -26.21 17.03
C ARG A 139 20.07 -25.66 16.94
N VAL A 140 19.26 -25.93 17.94
CA VAL A 140 17.93 -25.39 17.95
C VAL A 140 18.09 -24.11 18.74
N LEU A 141 17.36 -23.07 18.36
CA LEU A 141 17.41 -21.79 19.05
C LEU A 141 16.26 -21.75 20.06
N LEU A 142 16.61 -21.62 21.34
CA LEU A 142 15.61 -21.56 22.41
C LEU A 142 15.26 -20.10 22.76
N PRO A 143 14.30 -19.90 23.67
CA PRO A 143 13.89 -18.55 24.07
C PRO A 143 14.98 -17.64 24.62
N ASP A 144 15.82 -18.13 25.54
CA ASP A 144 16.86 -17.25 26.07
C ASP A 144 17.85 -16.94 24.96
N GLY A 145 17.66 -17.56 23.81
CA GLY A 145 18.55 -17.31 22.68
C GLY A 145 19.77 -18.19 22.70
N SER A 146 19.68 -19.31 23.40
CA SER A 146 20.81 -20.22 23.46
C SER A 146 20.65 -21.25 22.35
N HIS A 147 21.75 -21.93 22.05
CA HIS A 147 21.79 -22.97 21.05
C HIS A 147 22.16 -24.28 21.73
N VAL A 148 21.24 -25.23 21.74
CA VAL A 148 21.47 -26.51 22.36
C VAL A 148 21.23 -27.60 21.33
N LYS A 149 21.55 -28.83 21.72
CA LYS A 149 21.38 -29.98 20.85
C LYS A 149 19.93 -30.35 20.60
N TYR A 150 19.67 -30.77 19.36
CA TYR A 150 18.36 -31.22 18.97
C TYR A 150 18.19 -32.55 19.70
N PRO A 151 17.02 -32.79 20.28
CA PRO A 151 16.82 -34.05 20.99
C PRO A 151 16.39 -35.17 20.06
N LYS A 152 16.39 -36.37 20.61
CA LYS A 152 15.96 -37.54 19.86
C LYS A 152 14.47 -37.37 19.75
N PRO A 153 13.95 -37.38 18.52
CA PRO A 153 12.51 -37.22 18.28
C PRO A 153 11.80 -38.57 18.38
N ARG A 154 10.50 -38.53 18.60
CA ARG A 154 9.67 -39.71 18.65
C ARG A 154 9.11 -39.86 17.26
N ALA A 155 9.45 -40.93 16.58
CA ALA A 155 8.94 -41.15 15.24
C ALA A 155 7.43 -41.30 15.36
N LEU A 156 6.70 -40.72 14.40
CA LEU A 156 5.25 -40.81 14.40
C LEU A 156 4.86 -42.22 13.98
N GLU A 157 3.75 -42.72 14.53
CA GLU A 157 3.29 -44.02 14.14
C GLU A 157 2.33 -43.68 13.00
N ALA A 158 2.25 -44.54 12.00
CA ALA A 158 1.37 -44.29 10.86
C ALA A 158 -0.01 -43.82 11.30
N SER A 159 -0.48 -44.33 12.44
CA SER A 159 -1.79 -43.97 12.96
C SER A 159 -1.91 -42.50 13.37
N GLU A 160 -0.80 -41.85 13.66
CA GLU A 160 -0.86 -40.45 14.08
C GLU A 160 -0.70 -39.46 12.94
N ILE A 161 -0.19 -39.93 11.82
CA ILE A 161 0.00 -39.06 10.69
C ILE A 161 -1.29 -38.38 10.20
N PRO A 162 -2.45 -39.04 10.34
CA PRO A 162 -3.68 -38.39 9.88
C PRO A 162 -4.01 -37.18 10.74
N ARG A 163 -3.64 -37.26 12.01
CA ARG A 163 -3.90 -36.16 12.94
C ARG A 163 -3.00 -34.97 12.58
N VAL A 164 -1.77 -35.24 12.19
CA VAL A 164 -0.87 -34.16 11.80
C VAL A 164 -1.53 -33.46 10.63
N VAL A 165 -2.06 -34.24 9.67
CA VAL A 165 -2.74 -33.66 8.52
C VAL A 165 -3.86 -32.73 9.03
N GLU A 166 -4.64 -33.22 10.00
CA GLU A 166 -5.71 -32.40 10.57
C GLU A 166 -5.17 -31.05 11.06
N ASP A 167 -3.97 -31.06 11.64
CA ASP A 167 -3.38 -29.80 12.09
C ASP A 167 -3.12 -28.87 10.91
N TYR A 168 -2.63 -29.38 9.79
CA TYR A 168 -2.43 -28.49 8.67
C TYR A 168 -3.80 -27.96 8.27
N CYS A 169 -4.79 -28.84 8.27
CA CYS A 169 -6.16 -28.46 7.92
C CYS A 169 -6.80 -27.49 8.90
N LEU A 170 -6.52 -27.62 10.19
CA LEU A 170 -7.09 -26.67 11.12
C LEU A 170 -6.42 -25.33 10.83
N SER A 171 -5.18 -25.40 10.38
CA SER A 171 -4.40 -24.19 10.09
C SER A 171 -4.78 -23.56 8.75
N ALA A 172 -4.79 -24.35 7.68
CA ALA A 172 -5.15 -23.78 6.39
C ALA A 172 -6.50 -23.06 6.48
N LEU A 173 -7.53 -23.75 6.96
CA LEU A 173 -8.84 -23.11 7.10
C LEU A 173 -8.73 -21.93 8.04
N ASN A 174 -7.81 -22.01 9.00
CA ASN A 174 -7.61 -20.90 9.92
C ASN A 174 -6.96 -19.74 9.16
N ALA A 175 -6.05 -20.09 8.25
CA ALA A 175 -5.35 -19.08 7.46
C ALA A 175 -6.33 -18.31 6.61
N ILE A 176 -7.14 -19.04 5.84
CA ILE A 176 -8.15 -18.42 4.99
C ILE A 176 -9.10 -17.60 5.85
N ARG A 177 -9.38 -18.10 7.05
CA ARG A 177 -10.28 -17.42 7.97
C ARG A 177 -9.66 -16.17 8.56
N ALA A 178 -8.37 -16.25 8.87
CA ALA A 178 -7.64 -15.14 9.44
C ALA A 178 -7.47 -14.07 8.37
N GLY A 179 -7.85 -14.41 7.15
CA GLY A 179 -7.77 -13.47 6.05
C GLY A 179 -6.67 -13.68 5.01
N PHE A 180 -5.68 -14.51 5.32
CA PHE A 180 -4.60 -14.73 4.36
C PHE A 180 -5.15 -15.04 2.98
N ASP A 181 -4.34 -14.77 1.96
CA ASP A 181 -4.74 -15.03 0.58
C ASP A 181 -4.68 -16.51 0.29
N GLY A 182 -3.47 -17.06 0.23
CA GLY A 182 -3.35 -18.48 -0.03
C GLY A 182 -2.53 -19.12 1.08
N ILE A 183 -2.11 -20.36 0.87
CA ILE A 183 -1.30 -21.01 1.87
C ILE A 183 -0.23 -21.88 1.25
N GLU A 184 0.96 -21.74 1.82
CA GLU A 184 2.13 -22.47 1.42
C GLU A 184 2.43 -23.58 2.42
N ILE A 185 2.79 -24.74 1.91
CA ILE A 185 3.15 -25.87 2.73
C ILE A 185 4.66 -25.86 2.77
N HIS A 186 5.22 -25.79 3.98
CA HIS A 186 6.66 -25.79 4.15
C HIS A 186 7.12 -27.24 4.18
N GLY A 187 7.56 -27.75 3.03
CA GLY A 187 8.02 -29.11 2.96
C GLY A 187 9.51 -29.08 2.68
N ALA A 188 10.16 -28.01 3.15
CA ALA A 188 11.58 -27.80 2.92
C ALA A 188 12.46 -27.84 4.15
N HIS A 189 13.74 -27.61 3.89
CA HIS A 189 14.78 -27.46 4.89
C HIS A 189 14.89 -28.36 6.12
N GLY A 190 14.66 -29.66 5.93
CA GLY A 190 14.79 -30.58 7.04
C GLY A 190 13.72 -30.53 8.10
N TYR A 191 12.62 -29.84 7.84
CA TYR A 191 11.55 -29.79 8.80
C TYR A 191 10.64 -31.02 8.67
N LEU A 192 9.56 -31.10 9.45
CA LEU A 192 8.75 -32.32 9.44
C LEU A 192 8.55 -33.03 8.11
N ILE A 193 8.01 -32.32 7.13
CA ILE A 193 7.77 -32.91 5.81
C ILE A 193 9.05 -33.44 5.18
N ASP A 194 10.13 -32.66 5.24
CA ASP A 194 11.40 -33.10 4.67
C ASP A 194 11.90 -34.33 5.44
N GLN A 195 11.62 -34.39 6.74
CA GLN A 195 12.01 -35.56 7.54
C GLN A 195 11.25 -36.79 7.04
N PHE A 196 10.09 -36.57 6.41
CA PHE A 196 9.33 -37.68 5.85
C PHE A 196 9.67 -37.84 4.36
N LEU A 197 10.29 -36.82 3.76
CA LEU A 197 10.67 -36.86 2.35
C LEU A 197 12.10 -37.29 2.02
N LYS A 198 13.06 -36.76 2.79
CA LYS A 198 14.50 -36.99 2.59
C LYS A 198 15.10 -38.33 2.99
N ASP A 199 15.82 -38.98 2.06
CA ASP A 199 16.45 -40.25 2.36
C ASP A 199 17.69 -39.99 3.24
N GLY A 200 18.22 -38.78 3.17
CA GLY A 200 19.38 -38.44 3.99
C GLY A 200 18.89 -38.13 5.40
N ILE A 201 17.66 -38.59 5.69
CA ILE A 201 17.01 -38.38 7.01
C ILE A 201 15.96 -39.42 7.32
N ASN A 202 15.17 -39.76 6.31
CA ASN A 202 14.09 -40.71 6.48
C ASN A 202 14.53 -42.16 6.49
N ASP A 203 14.55 -42.76 7.67
CA ASP A 203 14.95 -44.17 7.82
C ASP A 203 13.77 -45.08 8.12
N ARG A 204 12.60 -44.74 7.61
CA ARG A 204 11.40 -45.55 7.81
C ARG A 204 11.39 -46.79 6.93
N THR A 205 10.47 -47.70 7.22
CA THR A 205 10.29 -48.94 6.48
C THR A 205 8.81 -49.22 6.18
N ASP A 206 7.92 -48.37 6.68
CA ASP A 206 6.48 -48.55 6.45
C ASP A 206 6.05 -47.86 5.15
N GLN A 207 4.75 -47.58 5.01
CA GLN A 207 4.29 -46.95 3.78
C GLN A 207 4.77 -45.50 3.64
N TYR A 208 5.47 -44.99 4.65
CA TYR A 208 5.94 -43.61 4.58
C TYR A 208 7.44 -43.48 4.37
N GLY A 209 8.09 -44.59 4.03
CA GLY A 209 9.51 -44.56 3.82
C GLY A 209 9.95 -45.56 2.79
N GLY A 210 11.27 -45.67 2.58
CA GLY A 210 11.77 -46.60 1.59
C GLY A 210 11.77 -45.99 0.20
N SER A 211 10.72 -46.25 -0.56
CA SER A 211 10.62 -45.73 -1.91
C SER A 211 10.41 -44.22 -1.90
N ILE A 212 10.92 -43.56 -2.95
CA ILE A 212 10.79 -42.12 -3.06
C ILE A 212 9.30 -41.81 -2.99
N ALA A 213 8.50 -42.67 -3.61
CA ALA A 213 7.04 -42.50 -3.60
C ALA A 213 6.52 -42.47 -2.18
N ASN A 214 6.86 -43.49 -1.40
CA ASN A 214 6.41 -43.54 -0.01
C ASN A 214 6.90 -42.35 0.78
N ARG A 215 8.11 -41.90 0.48
CA ARG A 215 8.67 -40.75 1.18
C ARG A 215 7.81 -39.52 0.93
N CYS A 216 7.12 -39.49 -0.22
CA CYS A 216 6.24 -38.38 -0.59
C CYS A 216 4.86 -38.49 0.00
N ARG A 217 4.52 -39.68 0.47
CA ARG A 217 3.20 -39.93 1.02
C ARG A 217 2.73 -38.89 2.03
N PHE A 218 3.59 -38.49 2.95
CA PHE A 218 3.17 -37.51 3.95
C PHE A 218 2.88 -36.16 3.30
N LEU A 219 3.78 -35.72 2.41
CA LEU A 219 3.59 -34.46 1.72
C LEU A 219 2.33 -34.54 0.88
N LYS A 220 2.13 -35.66 0.20
CA LYS A 220 0.95 -35.84 -0.63
C LYS A 220 -0.33 -35.74 0.21
N GLN A 221 -0.31 -36.29 1.42
CA GLN A 221 -1.49 -36.25 2.28
C GLN A 221 -1.77 -34.88 2.85
N VAL A 222 -0.73 -34.21 3.32
CA VAL A 222 -0.86 -32.86 3.86
C VAL A 222 -1.51 -31.94 2.81
N VAL A 223 -0.99 -31.99 1.59
CA VAL A 223 -1.48 -31.16 0.51
C VAL A 223 -2.93 -31.53 0.23
N GLU A 224 -3.14 -32.77 -0.24
CA GLU A 224 -4.49 -33.24 -0.53
C GLU A 224 -5.44 -32.72 0.53
N GLY A 225 -5.03 -32.83 1.79
CA GLY A 225 -5.85 -32.38 2.89
C GLY A 225 -6.10 -30.89 2.84
N VAL A 226 -5.03 -30.11 2.76
CA VAL A 226 -5.17 -28.67 2.72
C VAL A 226 -5.90 -28.27 1.44
N VAL A 227 -5.50 -28.87 0.32
CA VAL A 227 -6.14 -28.57 -0.95
C VAL A 227 -7.65 -28.74 -0.78
N SER A 228 -8.07 -29.91 -0.31
CA SER A 228 -9.50 -30.13 -0.08
C SER A 228 -10.03 -28.99 0.79
N ALA A 229 -9.38 -28.80 1.94
CA ALA A 229 -9.84 -27.79 2.87
C ALA A 229 -9.98 -26.40 2.29
N ILE A 230 -9.09 -26.00 1.38
CA ILE A 230 -9.19 -24.65 0.87
C ILE A 230 -9.08 -24.42 -0.63
N GLY A 231 -8.82 -25.47 -1.41
CA GLY A 231 -8.71 -25.28 -2.85
C GLY A 231 -7.28 -25.15 -3.28
N ALA A 232 -6.88 -25.94 -4.27
CA ALA A 232 -5.52 -25.93 -4.77
C ALA A 232 -4.99 -24.52 -5.00
N SER A 233 -5.76 -23.71 -5.72
CA SER A 233 -5.37 -22.32 -6.05
C SER A 233 -4.88 -21.50 -4.88
N LYS A 234 -5.28 -21.88 -3.68
CA LYS A 234 -4.85 -21.17 -2.48
C LYS A 234 -3.74 -21.98 -1.82
N VAL A 235 -3.02 -22.76 -2.62
CA VAL A 235 -1.96 -23.57 -2.06
C VAL A 235 -0.66 -23.57 -2.83
N GLY A 236 0.39 -23.25 -2.10
CA GLY A 236 1.73 -23.27 -2.68
C GLY A 236 2.45 -24.39 -1.98
N VAL A 237 3.37 -25.05 -2.68
CA VAL A 237 4.13 -26.12 -2.05
C VAL A 237 5.58 -25.69 -2.12
N ARG A 238 6.32 -25.87 -1.04
CA ARG A 238 7.71 -25.49 -1.07
C ARG A 238 8.66 -26.61 -0.72
N VAL A 239 9.63 -26.85 -1.60
CA VAL A 239 10.62 -27.88 -1.28
C VAL A 239 12.02 -27.36 -1.56
N SER A 240 13.00 -28.11 -1.08
CA SER A 240 14.40 -27.77 -1.26
C SER A 240 15.07 -29.15 -1.29
N PRO A 241 14.72 -29.96 -2.30
CA PRO A 241 15.28 -31.30 -2.43
C PRO A 241 16.80 -31.34 -2.38
N ALA A 242 17.44 -30.23 -2.71
CA ALA A 242 18.90 -30.19 -2.71
C ALA A 242 19.51 -29.45 -1.52
N ILE A 243 18.69 -29.12 -0.53
CA ILE A 243 19.22 -28.43 0.63
C ILE A 243 19.49 -29.44 1.73
N ASP A 244 20.71 -29.42 2.25
CA ASP A 244 21.14 -30.35 3.30
C ASP A 244 20.93 -29.83 4.72
N HIS A 245 20.20 -28.73 4.85
CA HIS A 245 19.92 -28.11 6.16
C HIS A 245 19.39 -29.14 7.14
N LEU A 246 19.98 -29.15 8.33
CA LEU A 246 19.59 -30.09 9.38
C LEU A 246 19.67 -31.55 8.92
N ASP A 247 20.71 -31.87 8.17
CA ASP A 247 20.92 -33.23 7.66
C ASP A 247 19.91 -33.62 6.59
N ALA A 248 19.10 -32.66 6.17
CA ALA A 248 18.06 -32.89 5.16
C ALA A 248 18.64 -33.26 3.79
N THR A 249 19.76 -33.96 3.81
CA THR A 249 20.42 -34.37 2.57
C THR A 249 19.61 -35.46 1.89
N ASP A 250 19.96 -35.71 0.63
CA ASP A 250 19.31 -36.79 -0.10
C ASP A 250 20.32 -37.29 -1.15
N SER A 251 20.39 -38.61 -1.29
CA SER A 251 21.31 -39.24 -2.22
C SER A 251 20.86 -39.03 -3.65
N ASP A 252 19.56 -38.95 -3.86
CA ASP A 252 19.03 -38.75 -5.20
C ASP A 252 18.07 -37.54 -5.25
N PRO A 253 18.59 -36.33 -4.98
CA PRO A 253 17.78 -35.11 -4.97
C PRO A 253 16.93 -34.91 -6.23
N LEU A 254 17.53 -35.06 -7.40
CA LEU A 254 16.81 -34.88 -8.65
C LEU A 254 15.57 -35.72 -8.69
N SER A 255 15.73 -37.00 -8.45
CA SER A 255 14.63 -37.94 -8.48
C SER A 255 13.65 -37.71 -7.35
N LEU A 256 14.11 -37.08 -6.27
CA LEU A 256 13.22 -36.77 -5.15
C LEU A 256 12.32 -35.63 -5.59
N GLY A 257 12.92 -34.59 -6.14
CA GLY A 257 12.15 -33.45 -6.59
C GLY A 257 11.19 -33.81 -7.71
N LEU A 258 11.63 -34.66 -8.64
CA LEU A 258 10.75 -35.03 -9.74
C LEU A 258 9.59 -35.84 -9.22
N ALA A 259 9.82 -36.56 -8.13
CA ALA A 259 8.76 -37.35 -7.53
C ALA A 259 7.77 -36.38 -6.89
N VAL A 260 8.32 -35.35 -6.24
CA VAL A 260 7.47 -34.33 -5.61
C VAL A 260 6.67 -33.64 -6.72
N VAL A 261 7.39 -33.15 -7.73
CA VAL A 261 6.78 -32.48 -8.87
C VAL A 261 5.77 -33.41 -9.53
N GLY A 262 6.22 -34.65 -9.73
CA GLY A 262 5.37 -35.65 -10.35
C GLY A 262 4.10 -35.75 -9.58
N MET A 263 4.22 -35.93 -8.27
CA MET A 263 3.08 -36.06 -7.40
C MET A 263 2.20 -34.80 -7.44
N LEU A 264 2.83 -33.65 -7.56
CA LEU A 264 2.07 -32.40 -7.62
C LEU A 264 1.35 -32.27 -8.95
N ASN A 265 2.06 -32.53 -10.04
CA ASN A 265 1.40 -32.43 -11.33
C ASN A 265 0.18 -33.31 -11.27
N LYS A 266 0.41 -34.57 -10.89
CA LYS A 266 -0.66 -35.55 -10.81
C LYS A 266 -1.81 -35.09 -9.95
N LEU A 267 -1.52 -34.71 -8.71
CA LEU A 267 -2.54 -34.27 -7.79
C LEU A 267 -3.42 -33.19 -8.40
N GLN A 268 -2.83 -32.20 -9.08
CA GLN A 268 -3.62 -31.14 -9.69
C GLN A 268 -4.68 -31.78 -10.57
N GLY A 269 -4.32 -32.92 -11.15
CA GLY A 269 -5.25 -33.65 -11.99
C GLY A 269 -6.15 -34.57 -11.16
N VAL A 270 -5.55 -35.42 -10.33
CA VAL A 270 -6.31 -36.35 -9.50
C VAL A 270 -7.30 -35.62 -8.60
N ASN A 271 -6.80 -34.59 -7.92
CA ASN A 271 -7.62 -33.79 -7.04
C ASN A 271 -8.75 -33.10 -7.80
N GLY A 272 -8.41 -32.02 -8.49
CA GLY A 272 -9.38 -31.27 -9.26
C GLY A 272 -9.13 -29.78 -9.19
N SER A 273 -7.88 -29.38 -9.41
CA SER A 273 -7.46 -27.98 -9.37
C SER A 273 -5.94 -27.92 -9.31
N LYS A 274 -5.41 -26.78 -9.73
CA LYS A 274 -3.98 -26.50 -9.76
C LYS A 274 -3.55 -25.64 -8.56
N LEU A 275 -2.36 -25.94 -8.05
CA LEU A 275 -1.80 -25.19 -6.93
C LEU A 275 -1.47 -23.75 -7.37
N ALA A 276 -1.27 -22.87 -6.40
CA ALA A 276 -0.91 -21.51 -6.74
C ALA A 276 0.51 -21.56 -7.30
N TYR A 277 1.32 -22.48 -6.78
CA TYR A 277 2.70 -22.60 -7.22
C TYR A 277 3.48 -23.68 -6.49
N LEU A 278 4.67 -23.96 -7.04
CA LEU A 278 5.62 -24.88 -6.45
C LEU A 278 6.77 -23.92 -6.15
N HIS A 279 7.21 -23.90 -4.91
CA HIS A 279 8.28 -23.03 -4.44
C HIS A 279 9.50 -23.91 -4.15
N VAL A 280 10.59 -23.69 -4.87
CA VAL A 280 11.77 -24.50 -4.67
C VAL A 280 12.98 -23.64 -4.38
N THR A 281 13.68 -23.98 -3.31
CA THR A 281 14.90 -23.28 -2.92
C THR A 281 16.09 -24.04 -3.48
N GLN A 282 17.07 -23.30 -3.97
CA GLN A 282 18.27 -23.86 -4.56
C GLN A 282 19.18 -24.40 -3.47
N PRO A 283 19.98 -25.43 -3.79
CA PRO A 283 20.91 -26.00 -2.80
C PRO A 283 21.88 -24.93 -2.35
N ARG A 284 21.86 -23.83 -3.10
CA ARG A 284 22.69 -22.64 -2.87
C ARG A 284 22.38 -21.97 -1.52
N GLU A 300 25.96 -23.54 -8.92
CA GLU A 300 26.13 -23.46 -10.36
C GLU A 300 25.38 -24.59 -11.04
N GLU A 301 25.60 -25.82 -10.58
CA GLU A 301 24.92 -26.99 -11.14
C GLU A 301 23.48 -27.11 -10.63
N GLU A 302 23.15 -26.30 -9.64
CA GLU A 302 21.81 -26.33 -9.05
C GLU A 302 20.74 -25.92 -10.06
N ALA A 303 21.08 -24.98 -10.92
CA ALA A 303 20.17 -24.50 -11.96
C ALA A 303 19.76 -25.72 -12.79
N LYS A 304 20.69 -26.66 -12.91
CA LYS A 304 20.44 -27.90 -13.63
C LYS A 304 19.23 -28.58 -12.98
N LEU A 305 19.33 -28.83 -11.68
CA LEU A 305 18.24 -29.47 -10.95
C LEU A 305 16.99 -28.57 -10.96
N MET A 306 17.21 -27.27 -10.80
CA MET A 306 16.13 -26.28 -10.77
C MET A 306 15.37 -26.21 -12.10
N LYS A 307 16.09 -26.12 -13.20
CA LYS A 307 15.47 -26.03 -14.51
C LYS A 307 14.65 -27.30 -14.72
N SER A 308 15.23 -28.43 -14.34
CA SER A 308 14.56 -29.71 -14.50
C SER A 308 13.22 -29.77 -13.80
N LEU A 309 13.16 -29.38 -12.52
CA LEU A 309 11.89 -29.43 -11.80
C LEU A 309 10.93 -28.44 -12.40
N ARG A 310 11.45 -27.28 -12.78
CA ARG A 310 10.59 -26.28 -13.38
C ARG A 310 10.08 -26.81 -14.71
N MET A 311 10.92 -27.55 -15.44
CA MET A 311 10.49 -28.06 -16.73
C MET A 311 9.39 -29.11 -16.53
N ALA A 312 9.61 -30.01 -15.58
CA ALA A 312 8.64 -31.08 -15.32
C ALA A 312 7.39 -30.62 -14.59
N TYR A 313 7.38 -29.40 -14.08
CA TYR A 313 6.22 -28.95 -13.35
C TYR A 313 5.17 -28.12 -14.09
N ASN A 314 3.95 -28.63 -14.15
CA ASN A 314 2.87 -27.92 -14.81
C ASN A 314 2.13 -27.10 -13.75
N GLY A 315 2.60 -25.90 -13.53
CA GLY A 315 2.00 -25.03 -12.53
C GLY A 315 2.88 -23.81 -12.46
N THR A 316 2.69 -23.00 -11.42
CA THR A 316 3.49 -21.80 -11.27
C THR A 316 4.77 -22.16 -10.52
N PHE A 317 5.90 -21.68 -11.04
CA PHE A 317 7.20 -21.97 -10.42
C PHE A 317 7.82 -20.74 -9.80
N MET A 318 8.20 -20.89 -8.55
CA MET A 318 8.81 -19.85 -7.76
C MET A 318 10.15 -20.36 -7.28
N SER A 319 11.24 -19.79 -7.79
CA SER A 319 12.56 -20.21 -7.38
C SER A 319 13.02 -19.37 -6.21
N SER A 320 13.92 -19.93 -5.41
CA SER A 320 14.40 -19.24 -4.23
C SER A 320 15.78 -19.70 -3.77
N GLY A 321 16.53 -18.80 -3.14
CA GLY A 321 17.85 -19.15 -2.64
C GLY A 321 19.01 -18.35 -3.23
N GLY A 322 19.49 -17.37 -2.49
CA GLY A 322 20.63 -16.57 -2.91
C GLY A 322 20.49 -15.54 -4.02
N PHE A 323 19.28 -15.32 -4.52
CA PHE A 323 19.06 -14.35 -5.59
C PHE A 323 19.37 -12.91 -5.24
N ASN A 324 19.47 -12.11 -6.30
CA ASN A 324 19.69 -10.68 -6.23
C ASN A 324 18.95 -10.22 -7.48
N LYS A 325 18.91 -8.93 -7.76
CA LYS A 325 18.18 -8.48 -8.95
C LYS A 325 18.67 -9.21 -10.19
N GLU A 326 19.93 -8.99 -10.54
CA GLU A 326 20.49 -9.62 -11.74
C GLU A 326 20.03 -11.08 -11.89
N LEU A 327 20.33 -11.92 -10.90
CA LEU A 327 19.97 -13.33 -11.00
C LEU A 327 18.46 -13.56 -11.13
N GLY A 328 17.66 -12.76 -10.45
CA GLY A 328 16.22 -12.91 -10.53
C GLY A 328 15.77 -12.64 -11.95
N MET A 329 16.38 -11.63 -12.55
CA MET A 329 16.11 -11.24 -13.92
C MET A 329 16.43 -12.38 -14.89
N GLN A 330 17.64 -12.92 -14.79
CA GLN A 330 17.98 -14.01 -15.71
C GLN A 330 17.09 -15.23 -15.49
N ALA A 331 16.73 -15.51 -14.24
CA ALA A 331 15.87 -16.66 -13.96
C ALA A 331 14.60 -16.53 -14.79
N VAL A 332 13.82 -15.49 -14.51
CA VAL A 332 12.58 -15.25 -15.24
C VAL A 332 12.86 -15.11 -16.75
N GLN A 333 13.79 -14.24 -17.10
CA GLN A 333 14.15 -14.03 -18.49
C GLN A 333 14.36 -15.38 -19.20
N GLN A 334 15.23 -16.22 -18.63
CA GLN A 334 15.52 -17.53 -19.20
C GLN A 334 14.42 -18.55 -18.98
N GLY A 335 13.30 -18.14 -18.39
CA GLY A 335 12.21 -19.07 -18.15
C GLY A 335 12.47 -20.15 -17.11
N ASP A 336 13.32 -19.84 -16.15
CA ASP A 336 13.65 -20.79 -15.08
C ASP A 336 12.64 -20.73 -13.95
N ALA A 337 11.77 -19.73 -13.99
CA ALA A 337 10.77 -19.58 -12.95
C ALA A 337 9.80 -18.49 -13.32
N ASP A 338 8.61 -18.54 -12.73
CA ASP A 338 7.62 -17.49 -12.98
C ASP A 338 7.88 -16.40 -11.96
N LEU A 339 8.39 -16.82 -10.80
CA LEU A 339 8.64 -15.92 -9.68
C LEU A 339 9.93 -16.28 -8.99
N VAL A 340 10.42 -15.34 -8.20
CA VAL A 340 11.65 -15.48 -7.45
C VAL A 340 11.41 -14.88 -6.06
N SER A 341 11.48 -15.71 -5.03
CA SER A 341 11.28 -15.20 -3.68
C SER A 341 12.57 -14.53 -3.26
N TYR A 342 12.48 -13.57 -2.35
CA TYR A 342 13.64 -12.88 -1.86
C TYR A 342 13.63 -12.89 -0.33
N GLY A 343 14.65 -13.53 0.23
CA GLY A 343 14.78 -13.62 1.66
C GLY A 343 15.62 -12.48 2.21
N ARG A 344 16.89 -12.76 2.48
CA ARG A 344 17.76 -11.76 3.06
C ARG A 344 17.76 -10.43 2.37
N LEU A 345 17.78 -10.42 1.04
CA LEU A 345 17.76 -9.14 0.36
C LEU A 345 16.51 -8.44 0.81
N PHE A 346 15.40 -9.15 0.81
CA PHE A 346 14.15 -8.54 1.23
C PHE A 346 14.27 -8.12 2.69
N ILE A 347 15.17 -8.76 3.43
CA ILE A 347 15.36 -8.39 4.82
C ILE A 347 15.97 -6.99 4.95
N ALA A 348 16.63 -6.50 3.90
CA ALA A 348 17.25 -5.18 3.96
C ALA A 348 16.42 -4.07 3.30
N ASN A 349 16.10 -4.23 2.01
CA ASN A 349 15.29 -3.21 1.33
C ASN A 349 13.85 -3.62 1.40
N PRO A 350 13.15 -3.22 2.47
CA PRO A 350 11.74 -3.51 2.72
C PRO A 350 10.89 -3.17 1.52
N ASP A 351 11.37 -2.19 0.75
CA ASP A 351 10.70 -1.78 -0.46
C ASP A 351 11.65 -2.22 -1.55
N LEU A 352 12.09 -3.48 -1.44
CA LEU A 352 13.02 -4.10 -2.38
C LEU A 352 12.61 -3.95 -3.84
N VAL A 353 11.34 -4.23 -4.12
CA VAL A 353 10.86 -4.14 -5.48
C VAL A 353 11.12 -2.76 -6.07
N SER A 354 10.80 -1.72 -5.34
CA SER A 354 11.04 -0.36 -5.83
C SER A 354 12.52 -0.13 -6.08
N ARG A 355 13.35 -0.63 -5.18
CA ARG A 355 14.78 -0.46 -5.31
C ARG A 355 15.27 -1.26 -6.51
N PHE A 356 14.89 -2.53 -6.57
CA PHE A 356 15.30 -3.37 -7.69
C PHE A 356 14.93 -2.71 -9.00
N LYS A 357 13.71 -2.18 -9.05
CA LYS A 357 13.18 -1.55 -10.24
C LYS A 357 14.05 -0.42 -10.78
N ILE A 358 14.49 0.47 -9.90
CA ILE A 358 15.31 1.57 -10.35
C ILE A 358 16.78 1.29 -10.12
N ASP A 359 17.12 0.01 -9.93
CA ASP A 359 18.50 -0.39 -9.65
C ASP A 359 19.04 0.49 -8.54
N GLY A 360 18.18 0.80 -7.57
CA GLY A 360 18.61 1.62 -6.46
C GLY A 360 19.55 0.81 -5.59
N GLU A 361 20.23 1.45 -4.63
CA GLU A 361 21.14 0.73 -3.76
C GLU A 361 20.39 -0.28 -2.90
N LEU A 362 21.09 -1.33 -2.50
CA LEU A 362 20.53 -2.37 -1.65
C LEU A 362 21.14 -2.31 -0.27
N ASN A 363 20.36 -1.85 0.71
CA ASN A 363 20.86 -1.75 2.08
C ASN A 363 21.28 -3.13 2.50
N LYS A 364 22.13 -3.21 3.52
CA LYS A 364 22.58 -4.49 4.00
C LYS A 364 21.72 -4.88 5.19
N TYR A 365 21.60 -6.18 5.42
CA TYR A 365 20.82 -6.67 6.54
C TYR A 365 21.73 -6.95 7.74
N ASN A 366 21.19 -6.78 8.93
CA ASN A 366 21.92 -7.04 10.15
C ASN A 366 21.49 -8.46 10.53
N ARG A 367 22.28 -9.42 10.10
CA ARG A 367 22.01 -10.83 10.36
C ARG A 367 21.90 -11.07 11.85
N LYS A 368 22.50 -10.18 12.64
CA LYS A 368 22.46 -10.34 14.07
C LYS A 368 21.07 -10.29 14.66
N THR A 369 20.18 -9.50 14.04
CA THR A 369 18.82 -9.38 14.56
C THR A 369 17.79 -10.11 13.72
N PHE A 370 18.20 -11.19 13.08
CA PHE A 370 17.28 -11.98 12.28
C PHE A 370 16.20 -12.57 13.16
N TYR A 371 16.66 -13.20 14.25
CA TYR A 371 15.82 -13.91 15.20
C TYR A 371 15.53 -13.26 16.54
N THR A 372 15.98 -12.02 16.71
CA THR A 372 15.74 -11.29 17.95
C THR A 372 14.23 -10.98 18.01
N GLN A 373 13.76 -10.43 19.13
CA GLN A 373 12.32 -10.21 19.27
C GLN A 373 11.77 -8.79 19.33
N ASP A 374 12.54 -7.79 18.96
CA ASP A 374 11.98 -6.45 19.05
C ASP A 374 11.02 -6.15 17.92
N PRO A 375 9.87 -5.55 18.25
CA PRO A 375 8.85 -5.20 17.26
C PRO A 375 9.33 -4.15 16.30
N VAL A 376 10.48 -3.56 16.61
CA VAL A 376 11.03 -2.54 15.75
C VAL A 376 12.47 -2.86 15.42
N VAL A 377 13.33 -2.90 16.43
CA VAL A 377 14.75 -3.15 16.23
C VAL A 377 15.06 -4.37 15.38
N GLY A 378 15.97 -4.19 14.42
CA GLY A 378 16.35 -5.27 13.53
C GLY A 378 15.09 -5.96 13.04
N TYR A 379 14.25 -5.21 12.32
CA TYR A 379 13.01 -5.76 11.81
C TYR A 379 12.29 -4.77 10.89
N THR A 380 11.75 -3.70 11.48
CA THR A 380 11.05 -2.69 10.72
C THR A 380 11.91 -1.44 10.46
N ASP A 381 13.11 -1.39 10.99
CA ASP A 381 13.92 -0.18 10.80
C ASP A 381 14.89 -0.15 9.64
N TYR A 382 14.78 -1.09 8.71
CA TYR A 382 15.64 -1.01 7.55
C TYR A 382 14.95 0.10 6.77
N PRO A 383 15.70 1.09 6.29
CA PRO A 383 15.21 2.24 5.55
C PRO A 383 14.80 2.09 4.10
N PHE A 384 13.70 2.74 3.76
CA PHE A 384 13.22 2.76 2.39
C PHE A 384 14.21 3.65 1.65
N LEU A 385 14.08 3.79 0.34
CA LEU A 385 14.99 4.64 -0.40
C LEU A 385 14.76 6.12 -0.12
N ALA A 386 15.77 6.92 -0.42
CA ALA A 386 15.71 8.37 -0.29
C ALA A 386 15.57 8.84 -1.75
N PRO A 387 14.53 9.64 -2.05
CA PRO A 387 14.28 10.15 -3.41
C PRO A 387 15.50 10.77 -4.13
N ASN B 9 -5.35 40.89 17.66
CA ASN B 9 -4.24 41.64 17.00
C ASN B 9 -3.86 41.03 15.65
N GLU B 10 -4.20 39.76 15.46
CA GLU B 10 -3.89 39.07 14.20
C GLU B 10 -4.77 39.63 13.11
N THR B 11 -4.28 39.61 11.89
CA THR B 11 -5.06 40.12 10.77
C THR B 11 -4.81 39.27 9.53
N LEU B 12 -5.57 39.53 8.48
CA LEU B 12 -5.40 38.81 7.21
C LEU B 12 -4.02 39.16 6.68
N PHE B 13 -3.49 40.30 7.11
CA PHE B 13 -2.20 40.77 6.65
C PHE B 13 -1.03 40.44 7.54
N SER B 14 -1.28 39.73 8.64
CA SER B 14 -0.19 39.36 9.54
C SER B 14 0.63 38.20 8.97
N SER B 15 1.93 38.24 9.24
CA SER B 15 2.82 37.19 8.78
C SER B 15 2.32 35.93 9.46
N TYR B 16 2.76 34.78 8.95
CA TYR B 16 2.33 33.53 9.55
C TYR B 16 3.40 32.46 9.54
N LYS B 17 3.42 31.66 10.60
CA LYS B 17 4.36 30.57 10.68
C LYS B 17 3.61 29.30 10.32
N MET B 18 3.66 28.91 9.05
CA MET B 18 2.99 27.68 8.62
C MET B 18 4.09 26.64 8.46
N GLY B 19 4.46 25.99 9.56
CA GLY B 19 5.51 25.00 9.51
C GLY B 19 6.77 25.67 8.98
N ARG B 20 7.28 25.17 7.86
CA ARG B 20 8.49 25.71 7.26
C ARG B 20 8.20 26.89 6.33
N PHE B 21 6.95 27.32 6.25
CA PHE B 21 6.66 28.42 5.37
C PHE B 21 6.24 29.65 6.16
N ASP B 22 7.08 30.67 6.14
CA ASP B 22 6.82 31.91 6.84
C ASP B 22 6.01 32.83 5.94
N LEU B 23 4.69 32.77 6.05
CA LEU B 23 3.87 33.62 5.22
C LEU B 23 3.95 35.03 5.78
N SER B 24 3.70 36.00 4.92
CA SER B 24 3.71 37.42 5.30
C SER B 24 2.28 37.90 5.43
N HIS B 25 1.33 37.03 5.13
CA HIS B 25 -0.08 37.39 5.23
C HIS B 25 -0.93 36.14 5.08
N ARG B 26 -2.18 36.23 5.52
CA ARG B 26 -3.09 35.09 5.54
C ARG B 26 -3.95 34.91 4.30
N VAL B 27 -3.70 35.70 3.27
CA VAL B 27 -4.51 35.60 2.07
C VAL B 27 -3.91 34.54 1.16
N VAL B 28 -4.69 33.51 0.89
CA VAL B 28 -4.23 32.40 0.08
C VAL B 28 -4.98 32.31 -1.23
N LEU B 29 -4.24 32.05 -2.30
CA LEU B 29 -4.87 31.87 -3.59
C LEU B 29 -5.39 30.43 -3.48
N ALA B 30 -6.70 30.30 -3.61
CA ALA B 30 -7.35 29.00 -3.53
C ALA B 30 -7.04 28.21 -4.79
N PRO B 31 -7.00 26.88 -4.68
CA PRO B 31 -6.72 26.04 -5.84
C PRO B 31 -7.85 26.21 -6.85
N MET B 32 -7.53 26.70 -8.05
CA MET B 32 -8.58 26.88 -9.05
C MET B 32 -8.34 26.30 -10.41
N THR B 33 -9.04 25.22 -10.70
CA THR B 33 -9.00 24.58 -12.01
C THR B 33 -9.37 25.65 -13.03
N ARG B 34 -8.49 25.93 -13.99
CA ARG B 34 -8.81 26.96 -14.97
C ARG B 34 -8.75 26.43 -16.40
N CYS B 35 -8.15 25.27 -16.58
CA CYS B 35 -8.07 24.64 -17.89
C CYS B 35 -7.25 25.36 -18.96
N ARG B 36 -6.18 26.04 -18.56
CA ARG B 36 -5.32 26.70 -19.53
C ARG B 36 -4.10 25.85 -19.86
N ALA B 37 -3.91 24.79 -19.06
CA ALA B 37 -2.79 23.86 -19.24
C ALA B 37 -3.14 22.96 -20.41
N LEU B 38 -3.30 23.56 -21.57
CA LEU B 38 -3.65 22.85 -22.79
C LEU B 38 -3.15 21.43 -22.90
N ASN B 39 -4.07 20.51 -23.13
CA ASN B 39 -3.73 19.12 -23.30
C ASN B 39 -2.99 18.55 -22.10
N GLY B 40 -3.37 19.06 -20.94
CA GLY B 40 -2.83 18.56 -19.69
C GLY B 40 -1.37 18.74 -19.35
N VAL B 41 -0.78 19.89 -19.66
CA VAL B 41 0.62 20.13 -19.31
C VAL B 41 0.83 21.58 -18.88
N PRO B 42 1.66 21.80 -17.85
CA PRO B 42 1.97 23.16 -17.32
C PRO B 42 2.75 23.90 -18.39
N ASN B 43 2.49 25.19 -18.54
CA ASN B 43 3.18 25.97 -19.56
C ASN B 43 3.54 27.36 -19.08
N ALA B 44 4.12 28.17 -19.98
CA ALA B 44 4.53 29.53 -19.64
C ALA B 44 3.35 30.32 -19.06
N ALA B 45 2.16 30.11 -19.60
CA ALA B 45 0.96 30.82 -19.15
C ALA B 45 0.49 30.46 -17.72
N LEU B 46 0.83 29.29 -17.24
CA LEU B 46 0.43 28.96 -15.88
C LEU B 46 1.46 29.62 -14.96
N ALA B 47 2.61 29.92 -15.55
CA ALA B 47 3.69 30.56 -14.80
C ALA B 47 3.36 32.03 -14.65
N GLU B 48 2.83 32.63 -15.72
CA GLU B 48 2.47 34.04 -15.67
C GLU B 48 1.33 34.22 -14.66
N TYR B 49 0.22 33.53 -14.91
CA TYR B 49 -0.95 33.60 -14.06
C TYR B 49 -0.63 33.50 -12.56
N TYR B 50 0.15 32.50 -12.16
CA TYR B 50 0.45 32.36 -10.74
C TYR B 50 1.39 33.46 -10.28
N ALA B 51 2.30 33.85 -11.17
CA ALA B 51 3.24 34.92 -10.87
C ALA B 51 2.40 36.15 -10.57
N GLN B 52 1.57 36.52 -11.53
CA GLN B 52 0.71 37.69 -11.39
C GLN B 52 0.06 37.76 -10.04
N ARG B 53 -0.35 36.61 -9.53
CA ARG B 53 -1.08 36.57 -8.27
C ARG B 53 -0.21 36.35 -7.04
N THR B 54 1.10 36.33 -7.23
CA THR B 54 1.98 36.12 -6.09
C THR B 54 2.29 37.44 -5.39
N THR B 55 2.62 37.30 -4.11
CA THR B 55 2.98 38.40 -3.23
C THR B 55 4.14 37.90 -2.39
N PRO B 56 4.87 38.82 -1.73
CA PRO B 56 6.00 38.37 -0.91
C PRO B 56 5.47 37.47 0.20
N GLY B 57 6.05 36.28 0.32
CA GLY B 57 5.61 35.37 1.37
C GLY B 57 4.13 35.04 1.28
N GLY B 58 3.54 35.19 0.10
CA GLY B 58 2.14 34.84 -0.07
C GLY B 58 2.04 33.36 -0.37
N PHE B 59 0.95 32.72 0.07
CA PHE B 59 0.77 31.29 -0.17
C PHE B 59 -0.32 31.03 -1.22
N LEU B 60 0.06 30.33 -2.29
CA LEU B 60 -0.85 30.02 -3.37
C LEU B 60 -1.02 28.51 -3.49
N ILE B 61 -2.21 28.10 -3.90
CA ILE B 61 -2.44 26.69 -4.11
C ILE B 61 -2.82 26.56 -5.57
N SER B 62 -2.10 25.70 -6.28
CA SER B 62 -2.34 25.51 -7.68
C SER B 62 -3.70 24.93 -7.91
N GLU B 63 -4.10 25.02 -9.17
CA GLU B 63 -5.33 24.46 -9.66
C GLU B 63 -5.17 22.94 -9.47
N GLY B 64 -6.27 22.22 -9.38
CA GLY B 64 -6.18 20.78 -9.22
C GLY B 64 -5.30 20.21 -10.32
N THR B 65 -4.37 19.34 -9.93
CA THR B 65 -3.42 18.75 -10.86
C THR B 65 -3.57 17.24 -10.92
N MET B 66 -3.62 16.70 -12.14
CA MET B 66 -3.79 15.26 -12.31
C MET B 66 -2.71 14.40 -11.67
N VAL B 67 -3.15 13.39 -10.92
CA VAL B 67 -2.22 12.46 -10.30
C VAL B 67 -2.10 11.27 -11.24
N SER B 68 -3.02 11.16 -12.19
CA SER B 68 -3.02 10.07 -13.16
C SER B 68 -3.93 10.35 -14.33
N PRO B 69 -3.75 9.60 -15.43
CA PRO B 69 -4.62 9.83 -16.58
C PRO B 69 -5.99 9.48 -16.06
N GLY B 70 -7.02 10.21 -16.45
CA GLY B 70 -8.32 9.87 -15.93
C GLY B 70 -8.61 10.52 -14.59
N SER B 71 -7.59 11.05 -13.93
CA SER B 71 -7.84 11.70 -12.65
C SER B 71 -8.46 13.08 -12.91
N ALA B 72 -8.72 13.38 -14.18
CA ALA B 72 -9.28 14.67 -14.53
C ALA B 72 -10.77 14.58 -14.85
N GLY B 73 -11.45 15.70 -14.65
CA GLY B 73 -12.88 15.75 -14.91
C GLY B 73 -13.11 17.02 -15.70
N PHE B 74 -12.00 17.63 -16.11
CA PHE B 74 -11.97 18.88 -16.88
C PHE B 74 -10.86 18.75 -17.91
N PRO B 75 -10.93 19.53 -18.98
CA PRO B 75 -9.91 19.48 -20.02
C PRO B 75 -8.72 20.35 -19.68
N HIS B 76 -7.59 20.00 -20.26
CA HIS B 76 -6.39 20.79 -20.10
C HIS B 76 -5.98 21.05 -18.65
N VAL B 77 -6.45 20.22 -17.75
CA VAL B 77 -6.07 20.38 -16.37
C VAL B 77 -4.70 19.77 -16.35
N PRO B 78 -3.75 20.46 -15.74
CA PRO B 78 -2.39 19.95 -15.67
C PRO B 78 -2.18 18.74 -14.78
N GLY B 79 -1.45 17.76 -15.28
CA GLY B 79 -1.17 16.61 -14.46
C GLY B 79 0.22 16.95 -13.96
N ILE B 80 0.73 16.20 -13.00
CA ILE B 80 2.07 16.45 -12.53
C ILE B 80 2.74 15.08 -12.38
N TYR B 81 2.09 14.07 -12.95
CA TYR B 81 2.64 12.72 -12.88
C TYR B 81 3.62 12.41 -13.99
N SER B 82 3.73 13.27 -15.00
CA SER B 82 4.66 12.99 -16.10
C SER B 82 5.84 13.96 -16.19
N ASP B 83 6.95 13.45 -16.74
CA ASP B 83 8.15 14.25 -16.87
C ASP B 83 7.87 15.50 -17.68
N GLU B 84 7.10 15.36 -18.75
CA GLU B 84 6.76 16.53 -19.55
C GLU B 84 6.06 17.57 -18.67
N GLN B 85 5.27 17.09 -17.71
CA GLN B 85 4.54 17.97 -16.81
C GLN B 85 5.44 18.56 -15.75
N VAL B 86 6.17 17.69 -15.06
CA VAL B 86 7.08 18.12 -14.03
C VAL B 86 8.01 19.19 -14.58
N GLU B 87 8.71 18.88 -15.66
CA GLU B 87 9.61 19.85 -16.26
C GLU B 87 8.82 21.10 -16.63
N ALA B 88 7.64 20.90 -17.21
CA ALA B 88 6.82 22.03 -17.61
C ALA B 88 6.22 22.81 -16.43
N TRP B 89 6.40 22.29 -15.21
CA TRP B 89 5.87 22.97 -14.01
C TRP B 89 6.85 23.96 -13.42
N LYS B 90 8.11 23.56 -13.38
CA LYS B 90 9.18 24.36 -12.81
C LYS B 90 9.10 25.83 -13.16
N GLN B 91 8.77 26.10 -14.42
CA GLN B 91 8.67 27.48 -14.89
C GLN B 91 7.62 28.19 -14.10
N VAL B 92 6.52 27.50 -13.83
CA VAL B 92 5.45 28.12 -13.07
C VAL B 92 5.94 28.38 -11.65
N VAL B 93 6.56 27.36 -11.08
CA VAL B 93 7.06 27.44 -9.71
C VAL B 93 8.16 28.47 -9.60
N GLU B 94 9.25 28.31 -10.36
CA GLU B 94 10.33 29.28 -10.29
C GLU B 94 9.78 30.69 -10.44
N ALA B 95 8.65 30.80 -11.16
CA ALA B 95 8.00 32.08 -11.39
C ALA B 95 7.32 32.58 -10.11
N VAL B 96 7.02 31.66 -9.19
CA VAL B 96 6.39 32.02 -7.93
C VAL B 96 7.47 32.49 -6.98
N HIS B 97 8.57 31.74 -6.94
CA HIS B 97 9.65 32.08 -6.04
C HIS B 97 10.44 33.29 -6.54
N ALA B 98 10.27 33.65 -7.81
CA ALA B 98 11.00 34.82 -8.31
C ALA B 98 10.36 36.06 -7.67
N LYS B 99 9.09 35.93 -7.28
CA LYS B 99 8.39 37.04 -6.67
C LYS B 99 8.12 36.85 -5.17
N GLY B 100 8.82 35.88 -4.56
CA GLY B 100 8.69 35.67 -3.13
C GLY B 100 7.53 34.84 -2.62
N GLY B 101 6.89 34.12 -3.54
CA GLY B 101 5.75 33.30 -3.13
C GLY B 101 6.08 31.89 -2.72
N PHE B 102 5.06 31.21 -2.22
CA PHE B 102 5.11 29.81 -1.80
C PHE B 102 3.93 29.15 -2.53
N ILE B 103 4.21 28.09 -3.27
CA ILE B 103 3.14 27.43 -4.00
C ILE B 103 3.13 25.94 -3.74
N PHE B 104 1.91 25.44 -3.52
CA PHE B 104 1.67 24.04 -3.27
C PHE B 104 0.97 23.45 -4.49
N CYS B 105 1.19 22.15 -4.73
CA CYS B 105 0.53 21.53 -5.85
C CYS B 105 -0.79 20.96 -5.35
N GLN B 106 -1.86 21.23 -6.09
CA GLN B 106 -3.17 20.69 -5.75
C GLN B 106 -3.24 19.35 -6.49
N LEU B 107 -3.00 18.25 -5.76
CA LEU B 107 -3.00 16.90 -6.31
C LEU B 107 -4.44 16.52 -6.51
N TRP B 108 -4.79 16.25 -7.76
CA TRP B 108 -6.19 16.04 -8.06
C TRP B 108 -6.75 14.84 -8.82
N HIS B 109 -7.45 13.98 -8.10
CA HIS B 109 -8.09 12.88 -8.77
C HIS B 109 -9.57 13.16 -8.58
N VAL B 110 -10.33 13.16 -9.67
CA VAL B 110 -11.76 13.45 -9.61
C VAL B 110 -12.69 12.26 -9.34
N GLY B 111 -12.16 11.05 -9.41
CA GLY B 111 -13.01 9.91 -9.17
C GLY B 111 -14.16 9.84 -10.17
N ARG B 112 -15.33 9.47 -9.69
CA ARG B 112 -16.50 9.31 -10.54
C ARG B 112 -16.93 10.59 -11.23
N ALA B 113 -16.24 11.70 -10.95
CA ALA B 113 -16.62 12.97 -11.58
C ALA B 113 -15.85 13.04 -12.87
N SER B 114 -16.00 12.02 -13.69
CA SER B 114 -15.28 12.00 -14.93
C SER B 114 -16.06 11.35 -16.07
N HIS B 115 -15.60 11.63 -17.27
CA HIS B 115 -16.24 11.12 -18.48
C HIS B 115 -15.19 10.22 -19.11
N ALA B 116 -15.64 9.25 -19.90
CA ALA B 116 -14.71 8.33 -20.58
C ALA B 116 -13.70 9.06 -21.46
N VAL B 117 -14.01 10.30 -21.84
CA VAL B 117 -13.09 11.06 -22.67
C VAL B 117 -11.83 11.41 -21.88
N TYR B 118 -11.97 11.53 -20.56
CA TYR B 118 -10.83 11.87 -19.70
C TYR B 118 -10.19 10.63 -19.15
N GLN B 119 -10.77 9.47 -19.47
CA GLN B 119 -10.27 8.23 -18.94
C GLN B 119 -9.32 7.51 -19.89
N PRO B 120 -8.38 6.73 -19.34
CA PRO B 120 -7.46 6.01 -20.22
C PRO B 120 -8.34 5.00 -20.94
N ASN B 121 -8.24 4.95 -22.28
CA ASN B 121 -9.01 3.98 -23.04
C ASN B 121 -10.52 4.11 -23.00
N GLY B 122 -11.00 5.33 -22.75
CA GLY B 122 -12.43 5.57 -22.68
C GLY B 122 -13.08 4.74 -21.59
N GLY B 123 -12.31 4.38 -20.58
CA GLY B 123 -12.87 3.57 -19.52
C GLY B 123 -13.84 4.32 -18.64
N SER B 124 -14.61 3.56 -17.88
CA SER B 124 -15.58 4.12 -16.96
C SER B 124 -14.77 4.67 -15.81
N PRO B 125 -14.87 5.99 -15.57
CA PRO B 125 -14.14 6.64 -14.47
C PRO B 125 -14.37 5.78 -13.24
N ILE B 126 -13.42 5.79 -12.33
CA ILE B 126 -13.54 4.97 -11.14
C ILE B 126 -13.96 5.76 -9.90
N SER B 127 -14.40 5.03 -8.88
CA SER B 127 -14.84 5.65 -7.65
C SER B 127 -14.92 4.64 -6.53
N SER B 128 -15.43 5.09 -5.39
CA SER B 128 -15.57 4.22 -4.25
C SER B 128 -16.73 3.26 -4.53
N THR B 129 -17.69 3.74 -5.32
CA THR B 129 -18.91 2.99 -5.59
C THR B 129 -19.26 3.03 -7.09
N ASN B 130 -20.28 2.26 -7.48
CA ASN B 130 -20.73 2.23 -8.86
C ASN B 130 -21.84 3.28 -9.03
N LYS B 131 -22.03 4.12 -8.03
CA LYS B 131 -23.08 5.12 -8.14
C LYS B 131 -22.70 6.34 -8.96
N PRO B 132 -23.41 6.60 -10.05
CA PRO B 132 -23.12 7.75 -10.90
C PRO B 132 -23.55 9.02 -10.22
N ILE B 133 -22.86 10.10 -10.56
CA ILE B 133 -23.20 11.42 -10.04
C ILE B 133 -24.59 11.69 -10.63
N SER B 134 -25.49 12.21 -9.80
CA SER B 134 -26.85 12.48 -10.24
C SER B 134 -26.99 13.35 -11.49
N GLU B 135 -27.89 12.92 -12.38
CA GLU B 135 -28.18 13.62 -13.62
C GLU B 135 -29.24 14.71 -13.36
N ASN B 136 -29.79 14.69 -12.15
CA ASN B 136 -30.81 15.66 -11.76
C ASN B 136 -30.45 17.10 -12.09
N ARG B 137 -29.16 17.41 -12.18
CA ARG B 137 -28.79 18.80 -12.50
C ARG B 137 -27.41 19.11 -13.08
N TRP B 138 -26.38 18.67 -12.37
CA TRP B 138 -25.01 18.91 -12.77
C TRP B 138 -24.55 18.06 -13.94
N ARG B 139 -23.74 18.68 -14.78
CA ARG B 139 -23.20 18.05 -15.97
C ARG B 139 -21.69 18.03 -15.84
N VAL B 140 -21.04 17.41 -16.81
CA VAL B 140 -19.60 17.33 -16.81
C VAL B 140 -19.14 18.08 -18.08
N LEU B 141 -18.19 19.00 -17.89
CA LEU B 141 -17.64 19.81 -18.98
C LEU B 141 -16.70 18.99 -19.85
N LEU B 142 -17.00 18.92 -21.14
CA LEU B 142 -16.16 18.16 -22.05
C LEU B 142 -15.32 19.11 -22.90
N PRO B 143 -14.23 18.61 -23.49
CA PRO B 143 -13.32 19.37 -24.34
C PRO B 143 -13.98 20.29 -25.37
N ASP B 144 -14.84 19.74 -26.23
CA ASP B 144 -15.49 20.58 -27.23
C ASP B 144 -16.36 21.63 -26.56
N GLY B 145 -16.22 21.75 -25.25
CA GLY B 145 -16.97 22.75 -24.52
C GLY B 145 -18.40 22.36 -24.21
N SER B 146 -18.75 21.09 -24.41
CA SER B 146 -20.12 20.67 -24.10
C SER B 146 -20.21 20.19 -22.65
N HIS B 147 -21.45 20.07 -22.15
CA HIS B 147 -21.70 19.61 -20.78
C HIS B 147 -22.64 18.42 -20.87
N VAL B 148 -22.19 17.24 -20.47
CA VAL B 148 -23.05 16.06 -20.50
C VAL B 148 -23.23 15.42 -19.12
N LYS B 149 -24.16 14.49 -19.03
CA LYS B 149 -24.43 13.79 -17.79
C LYS B 149 -23.21 12.97 -17.37
N TYR B 150 -22.90 12.99 -16.08
CA TYR B 150 -21.79 12.18 -15.57
C TYR B 150 -22.14 10.71 -15.78
N PRO B 151 -21.15 9.90 -16.17
CA PRO B 151 -21.48 8.48 -16.38
C PRO B 151 -21.34 7.71 -15.10
N LYS B 152 -21.72 6.43 -15.15
CA LYS B 152 -21.57 5.58 -14.00
C LYS B 152 -20.08 5.32 -13.83
N PRO B 153 -19.58 5.41 -12.60
CA PRO B 153 -18.16 5.15 -12.40
C PRO B 153 -18.03 3.65 -12.18
N ARG B 154 -16.80 3.18 -12.10
CA ARG B 154 -16.57 1.77 -11.82
C ARG B 154 -16.00 1.81 -10.43
N ALA B 155 -16.63 1.12 -9.50
CA ALA B 155 -16.14 1.10 -8.12
C ALA B 155 -14.81 0.36 -8.09
N LEU B 156 -13.81 0.98 -7.48
CA LEU B 156 -12.50 0.40 -7.35
C LEU B 156 -12.59 -0.86 -6.49
N GLU B 157 -11.80 -1.88 -6.85
CA GLU B 157 -11.74 -3.09 -6.06
C GLU B 157 -10.85 -2.65 -4.91
N ALA B 158 -10.96 -3.30 -3.77
CA ALA B 158 -10.12 -2.93 -2.62
C ALA B 158 -8.64 -2.95 -3.03
N SER B 159 -8.28 -3.85 -3.93
CA SER B 159 -6.88 -3.98 -4.36
C SER B 159 -6.39 -2.80 -5.19
N GLU B 160 -7.29 -2.16 -5.93
CA GLU B 160 -6.92 -1.02 -6.75
C GLU B 160 -6.66 0.23 -5.91
N ILE B 161 -7.38 0.37 -4.80
CA ILE B 161 -7.22 1.55 -3.97
C ILE B 161 -5.74 1.85 -3.70
N PRO B 162 -4.98 0.86 -3.18
CA PRO B 162 -3.56 1.16 -2.92
C PRO B 162 -2.83 1.51 -4.20
N ARG B 163 -3.37 1.11 -5.34
CA ARG B 163 -2.71 1.45 -6.58
C ARG B 163 -2.84 2.96 -6.80
N VAL B 164 -3.99 3.51 -6.41
CA VAL B 164 -4.22 4.94 -6.57
C VAL B 164 -3.46 5.71 -5.50
N VAL B 165 -3.28 5.10 -4.34
CA VAL B 165 -2.54 5.78 -3.29
C VAL B 165 -1.14 6.07 -3.80
N GLU B 166 -0.57 5.11 -4.51
CA GLU B 166 0.77 5.27 -5.06
C GLU B 166 0.80 6.39 -6.08
N ASP B 167 -0.32 6.59 -6.78
CA ASP B 167 -0.40 7.66 -7.78
C ASP B 167 -0.18 9.02 -7.15
N TYR B 168 -0.81 9.25 -6.00
CA TYR B 168 -0.63 10.53 -5.30
C TYR B 168 0.82 10.63 -4.87
N CYS B 169 1.41 9.49 -4.53
CA CYS B 169 2.80 9.48 -4.08
C CYS B 169 3.77 9.86 -5.17
N LEU B 170 3.66 9.22 -6.32
CA LEU B 170 4.54 9.51 -7.43
C LEU B 170 4.36 10.98 -7.83
N SER B 171 3.11 11.42 -7.80
CA SER B 171 2.80 12.77 -8.19
C SER B 171 3.27 13.76 -7.14
N ALA B 172 3.22 13.35 -5.88
CA ALA B 172 3.65 14.21 -4.78
C ALA B 172 5.14 14.41 -4.94
N LEU B 173 5.83 13.29 -5.10
CA LEU B 173 7.28 13.32 -5.27
C LEU B 173 7.62 14.20 -6.46
N ASN B 174 6.86 14.08 -7.55
CA ASN B 174 7.12 14.90 -8.72
C ASN B 174 6.80 16.36 -8.42
N ALA B 175 5.88 16.57 -7.50
CA ALA B 175 5.55 17.93 -7.15
C ALA B 175 6.83 18.54 -6.55
N ILE B 176 7.39 17.86 -5.56
CA ILE B 176 8.61 18.33 -4.94
C ILE B 176 9.75 18.33 -5.96
N ARG B 177 9.79 17.29 -6.77
CA ARG B 177 10.82 17.19 -7.78
C ARG B 177 10.78 18.49 -8.59
N ALA B 178 9.58 18.87 -9.01
CA ALA B 178 9.41 20.07 -9.81
C ALA B 178 9.66 21.39 -9.06
N GLY B 179 9.94 21.31 -7.75
CA GLY B 179 10.19 22.52 -6.99
C GLY B 179 9.05 23.04 -6.11
N PHE B 180 7.81 22.59 -6.35
CA PHE B 180 6.69 23.05 -5.51
C PHE B 180 7.11 22.95 -4.03
N ASP B 181 6.60 23.86 -3.22
CA ASP B 181 6.93 23.86 -1.80
C ASP B 181 6.23 22.70 -1.10
N GLY B 182 5.08 22.28 -1.64
CA GLY B 182 4.35 21.18 -1.04
C GLY B 182 3.18 20.81 -1.94
N ILE B 183 2.33 19.92 -1.44
CA ILE B 183 1.18 19.52 -2.19
C ILE B 183 -0.03 19.60 -1.28
N GLU B 184 -1.21 19.64 -1.88
CA GLU B 184 -2.40 19.63 -1.07
C GLU B 184 -3.08 18.36 -1.51
N ILE B 185 -3.48 17.53 -0.55
CA ILE B 185 -4.18 16.31 -0.89
C ILE B 185 -5.62 16.79 -1.00
N HIS B 186 -6.14 16.77 -2.22
CA HIS B 186 -7.50 17.22 -2.44
C HIS B 186 -8.49 16.10 -2.08
N GLY B 187 -9.28 16.33 -1.03
CA GLY B 187 -10.28 15.33 -0.62
C GLY B 187 -11.62 16.04 -0.44
N ALA B 188 -11.81 17.10 -1.22
CA ALA B 188 -13.01 17.91 -1.11
C ALA B 188 -14.07 17.76 -2.21
N HIS B 189 -15.09 18.61 -2.09
CA HIS B 189 -16.17 18.75 -3.06
C HIS B 189 -16.63 17.57 -3.95
N GLY B 190 -16.86 16.41 -3.35
CA GLY B 190 -17.33 15.28 -4.12
C GLY B 190 -16.34 14.64 -5.07
N TYR B 191 -15.08 15.02 -4.98
CA TYR B 191 -14.08 14.39 -5.84
C TYR B 191 -13.73 13.00 -5.31
N LEU B 192 -12.78 12.30 -5.93
CA LEU B 192 -12.49 10.92 -5.53
C LEU B 192 -12.40 10.62 -4.04
N ILE B 193 -11.52 11.31 -3.33
CA ILE B 193 -11.39 11.06 -1.91
C ILE B 193 -12.71 11.28 -1.18
N ASP B 194 -13.38 12.39 -1.46
CA ASP B 194 -14.66 12.67 -0.82
C ASP B 194 -15.68 11.58 -1.15
N GLN B 195 -15.51 10.94 -2.30
CA GLN B 195 -16.42 9.87 -2.70
C GLN B 195 -16.26 8.68 -1.77
N PHE B 196 -15.21 8.68 -0.95
CA PHE B 196 -15.05 7.60 0.03
C PHE B 196 -15.51 8.13 1.38
N LEU B 197 -15.23 9.41 1.59
CA LEU B 197 -15.57 10.09 2.84
C LEU B 197 -17.07 10.29 3.11
N LYS B 198 -17.82 10.68 2.08
CA LYS B 198 -19.25 10.94 2.24
C LYS B 198 -20.08 9.66 2.26
N ASP B 199 -20.88 9.45 3.30
CA ASP B 199 -21.69 8.25 3.32
C ASP B 199 -22.85 8.35 2.35
N GLY B 200 -23.04 9.53 1.78
CA GLY B 200 -24.09 9.71 0.80
C GLY B 200 -23.60 9.16 -0.54
N ILE B 201 -22.33 8.77 -0.59
CA ILE B 201 -21.74 8.24 -1.80
C ILE B 201 -21.09 6.90 -1.57
N ASN B 202 -20.50 6.72 -0.39
CA ASN B 202 -19.81 5.47 -0.07
C ASN B 202 -20.73 4.40 0.50
N ASP B 203 -21.02 3.41 -0.33
CA ASP B 203 -21.87 2.29 0.06
C ASP B 203 -21.05 1.02 -0.15
N ARG B 204 -19.80 1.04 0.32
CA ARG B 204 -18.93 -0.11 0.19
C ARG B 204 -19.20 -1.07 1.34
N THR B 205 -18.83 -2.33 1.17
CA THR B 205 -19.04 -3.31 2.22
C THR B 205 -17.72 -3.67 2.85
N ASP B 206 -16.63 -3.35 2.17
CA ASP B 206 -15.33 -3.64 2.75
C ASP B 206 -15.08 -2.56 3.80
N GLN B 207 -13.86 -2.55 4.34
CA GLN B 207 -13.45 -1.61 5.37
C GLN B 207 -13.22 -0.18 4.91
N TYR B 208 -13.70 0.17 3.71
CA TYR B 208 -13.56 1.53 3.24
C TYR B 208 -14.89 2.23 3.44
N GLY B 209 -15.96 1.44 3.37
CA GLY B 209 -17.29 1.99 3.52
C GLY B 209 -17.89 1.71 4.88
N GLY B 210 -19.09 2.25 5.11
CA GLY B 210 -19.76 2.04 6.39
C GLY B 210 -19.39 3.07 7.44
N SER B 211 -18.72 2.59 8.50
CA SER B 211 -18.29 3.44 9.60
C SER B 211 -17.54 4.67 9.08
N ILE B 212 -17.56 5.74 9.87
CA ILE B 212 -16.88 6.95 9.45
C ILE B 212 -15.40 6.69 9.35
N ALA B 213 -14.85 6.04 10.38
CA ALA B 213 -13.44 5.70 10.36
C ALA B 213 -13.17 5.06 9.01
N ASN B 214 -14.02 4.09 8.64
CA ASN B 214 -13.88 3.38 7.38
C ASN B 214 -13.85 4.33 6.18
N ARG B 215 -14.78 5.27 6.14
CA ARG B 215 -14.83 6.19 5.02
C ARG B 215 -13.55 7.00 4.97
N CYS B 216 -12.90 7.18 6.12
CA CYS B 216 -11.68 7.96 6.18
C CYS B 216 -10.45 7.14 5.77
N ARG B 217 -10.61 5.82 5.72
CA ARG B 217 -9.48 4.96 5.39
C ARG B 217 -8.76 5.40 4.13
N PHE B 218 -9.50 5.62 3.05
CA PHE B 218 -8.83 6.02 1.82
C PHE B 218 -8.03 7.30 1.98
N LEU B 219 -8.67 8.33 2.53
CA LEU B 219 -8.00 9.60 2.77
C LEU B 219 -6.80 9.38 3.71
N LYS B 220 -7.07 8.68 4.80
CA LYS B 220 -6.02 8.40 5.78
C LYS B 220 -4.85 7.71 5.12
N GLN B 221 -5.16 6.87 4.13
CA GLN B 221 -4.15 6.13 3.40
C GLN B 221 -3.43 7.00 2.36
N VAL B 222 -4.12 7.99 1.82
CA VAL B 222 -3.47 8.87 0.88
C VAL B 222 -2.59 9.87 1.63
N VAL B 223 -3.10 10.44 2.71
CA VAL B 223 -2.31 11.41 3.44
C VAL B 223 -1.02 10.77 3.96
N GLU B 224 -1.13 9.57 4.52
CA GLU B 224 0.07 8.91 5.00
C GLU B 224 0.97 8.59 3.81
N GLY B 225 0.38 8.33 2.65
CA GLY B 225 1.17 8.01 1.48
C GLY B 225 2.15 9.11 1.11
N VAL B 226 1.62 10.24 0.66
CA VAL B 226 2.46 11.37 0.27
C VAL B 226 3.33 11.88 1.42
N VAL B 227 2.84 11.73 2.64
CA VAL B 227 3.57 12.16 3.82
C VAL B 227 4.92 11.43 3.90
N SER B 228 4.88 10.09 3.83
CA SER B 228 6.10 9.30 3.88
C SER B 228 6.97 9.73 2.71
N ALA B 229 6.30 10.09 1.62
CA ALA B 229 6.96 10.49 0.40
C ALA B 229 7.69 11.81 0.52
N ILE B 230 7.00 12.84 1.02
CA ILE B 230 7.63 14.16 1.09
C ILE B 230 7.63 14.80 2.46
N GLY B 231 7.12 14.10 3.46
CA GLY B 231 7.07 14.67 4.79
C GLY B 231 5.81 15.51 4.98
N ALA B 232 5.11 15.29 6.07
CA ALA B 232 3.88 16.02 6.38
C ALA B 232 4.08 17.54 6.36
N SER B 233 5.32 17.98 6.43
CA SER B 233 5.63 19.40 6.44
C SER B 233 5.22 20.10 5.18
N LYS B 234 5.28 19.38 4.06
CA LYS B 234 4.91 19.97 2.76
C LYS B 234 3.52 19.48 2.36
N VAL B 235 2.79 18.92 3.32
CA VAL B 235 1.48 18.40 3.03
C VAL B 235 0.30 19.14 3.62
N GLY B 236 -0.48 19.75 2.74
CA GLY B 236 -1.68 20.42 3.15
C GLY B 236 -2.80 19.48 2.77
N VAL B 237 -3.85 19.43 3.57
CA VAL B 237 -4.98 18.57 3.31
C VAL B 237 -6.24 19.42 3.12
N ARG B 238 -7.08 19.01 2.19
CA ARG B 238 -8.33 19.72 1.96
C ARG B 238 -9.55 18.80 1.95
N VAL B 239 -10.41 18.93 2.95
CA VAL B 239 -11.63 18.15 2.98
C VAL B 239 -12.81 19.13 2.94
N SER B 240 -14.04 18.60 3.00
CA SER B 240 -15.23 19.44 2.91
C SER B 240 -16.37 18.69 3.59
N PRO B 241 -16.47 18.81 4.92
CA PRO B 241 -17.50 18.15 5.74
C PRO B 241 -18.91 18.31 5.20
N ALA B 242 -19.38 19.56 5.18
CA ALA B 242 -20.73 19.88 4.76
C ALA B 242 -20.95 20.09 3.29
N ILE B 243 -20.01 20.70 2.58
CA ILE B 243 -20.21 20.90 1.14
C ILE B 243 -20.64 19.54 0.60
N ASP B 244 -21.76 19.50 -0.11
CA ASP B 244 -22.26 18.24 -0.65
C ASP B 244 -22.53 18.29 -2.14
N HIS B 245 -21.82 19.22 -2.75
CA HIS B 245 -21.84 19.42 -4.19
C HIS B 245 -21.49 18.07 -4.82
N LEU B 246 -21.97 17.84 -6.04
CA LEU B 246 -21.72 16.59 -6.76
C LEU B 246 -22.20 15.36 -5.99
N ASP B 247 -23.30 15.51 -5.23
CA ASP B 247 -23.91 14.43 -4.44
C ASP B 247 -23.14 14.05 -3.17
N ALA B 248 -21.98 14.68 -2.97
CA ALA B 248 -21.15 14.41 -1.81
C ALA B 248 -21.90 14.74 -0.53
N THR B 249 -22.93 13.97 -0.22
CA THR B 249 -23.66 14.25 1.00
C THR B 249 -23.24 13.34 2.12
N ASP B 250 -23.35 13.86 3.34
CA ASP B 250 -23.04 13.06 4.49
C ASP B 250 -24.18 13.23 5.47
N SER B 251 -24.56 12.14 6.12
CA SER B 251 -25.64 12.20 7.09
C SER B 251 -25.20 12.83 8.40
N ASP B 252 -24.03 13.45 8.42
CA ASP B 252 -23.53 14.09 9.64
C ASP B 252 -22.18 14.74 9.36
N PRO B 253 -22.18 15.90 8.71
CA PRO B 253 -20.93 16.59 8.39
C PRO B 253 -19.99 16.94 9.55
N LEU B 254 -20.53 17.57 10.59
CA LEU B 254 -19.67 17.95 11.72
C LEU B 254 -18.84 16.78 12.23
N SER B 255 -19.45 15.61 12.32
CA SER B 255 -18.73 14.44 12.81
C SER B 255 -17.82 13.90 11.74
N LEU B 256 -18.24 14.03 10.48
CA LEU B 256 -17.38 13.58 9.42
C LEU B 256 -16.14 14.46 9.49
N GLY B 257 -16.39 15.77 9.55
CA GLY B 257 -15.31 16.72 9.63
C GLY B 257 -14.42 16.40 10.83
N LEU B 258 -15.03 16.21 11.98
CA LEU B 258 -14.28 15.91 13.19
C LEU B 258 -13.61 14.58 13.01
N ALA B 259 -14.22 13.74 12.19
CA ALA B 259 -13.71 12.40 11.90
C ALA B 259 -12.38 12.59 11.22
N VAL B 260 -12.37 13.43 10.18
CA VAL B 260 -11.14 13.70 9.46
C VAL B 260 -10.15 14.39 10.37
N VAL B 261 -10.58 15.44 11.06
CA VAL B 261 -9.66 16.12 11.94
C VAL B 261 -9.00 15.12 12.87
N GLY B 262 -9.82 14.28 13.48
CA GLY B 262 -9.31 13.29 14.41
C GLY B 262 -8.21 12.48 13.79
N MET B 263 -8.48 11.93 12.61
CA MET B 263 -7.51 11.10 11.91
C MET B 263 -6.23 11.89 11.63
N LEU B 264 -6.34 13.18 11.39
CA LEU B 264 -5.15 13.98 11.11
C LEU B 264 -4.45 14.36 12.43
N ASN B 265 -5.21 14.55 13.50
CA ASN B 265 -4.55 14.87 14.76
C ASN B 265 -3.75 13.63 15.13
N LYS B 266 -4.41 12.47 15.08
CA LYS B 266 -3.81 11.18 15.42
C LYS B 266 -2.70 10.77 14.47
N LEU B 267 -2.88 11.10 13.19
CA LEU B 267 -1.87 10.76 12.20
C LEU B 267 -0.55 11.43 12.52
N GLN B 268 -0.60 12.75 12.62
CA GLN B 268 0.61 13.50 12.91
C GLN B 268 1.27 12.95 14.18
N GLY B 269 0.51 12.13 14.93
CA GLY B 269 1.04 11.53 16.14
C GLY B 269 1.69 10.17 15.91
N VAL B 270 1.46 9.59 14.72
CA VAL B 270 2.02 8.29 14.37
C VAL B 270 3.15 8.42 13.35
N ASN B 271 3.07 9.39 12.44
CA ASN B 271 4.13 9.56 11.45
C ASN B 271 5.24 10.44 11.99
N GLY B 272 4.86 11.38 12.85
CA GLY B 272 5.82 12.30 13.45
C GLY B 272 6.09 13.57 12.66
N SER B 273 5.11 14.46 12.62
CA SER B 273 5.23 15.75 11.93
C SER B 273 3.88 16.39 11.69
N LYS B 274 3.81 17.71 11.82
CA LYS B 274 2.57 18.44 11.60
C LYS B 274 2.39 18.77 10.12
N LEU B 275 1.17 18.59 9.66
CA LEU B 275 0.82 18.91 8.30
C LEU B 275 1.03 20.42 8.17
N ALA B 276 1.14 20.90 6.94
CA ALA B 276 1.30 22.32 6.71
C ALA B 276 0.00 22.98 7.08
N TYR B 277 -1.11 22.28 6.82
CA TYR B 277 -2.40 22.84 7.16
C TYR B 277 -3.58 21.93 6.85
N LEU B 278 -4.69 22.24 7.50
CA LEU B 278 -5.96 21.57 7.26
C LEU B 278 -6.70 22.71 6.56
N HIS B 279 -7.19 22.44 5.37
CA HIS B 279 -7.88 23.40 4.54
C HIS B 279 -9.27 22.84 4.27
N VAL B 280 -10.29 23.59 4.69
CA VAL B 280 -11.66 23.17 4.55
C VAL B 280 -12.49 24.22 3.86
N THR B 281 -13.38 23.76 2.98
CA THR B 281 -14.27 24.64 2.25
C THR B 281 -15.55 24.63 3.03
N GLN B 282 -16.12 25.80 3.27
CA GLN B 282 -17.35 25.84 3.97
C GLN B 282 -18.43 26.23 2.99
N PRO B 283 -19.64 25.73 3.22
CA PRO B 283 -20.74 26.07 2.33
C PRO B 283 -21.21 27.46 2.77
N ARG B 284 -21.96 28.13 1.92
CA ARG B 284 -22.52 29.44 2.21
C ARG B 284 -23.98 29.28 1.82
N TYR B 285 -24.89 29.91 2.54
CA TYR B 285 -26.29 29.76 2.20
C TYR B 285 -26.83 31.01 1.53
N HIS B 286 -28.07 30.91 1.04
CA HIS B 286 -28.78 32.01 0.37
C HIS B 286 -29.49 32.84 1.43
N ALA B 287 -29.04 34.07 1.61
CA ALA B 287 -29.65 34.95 2.59
C ALA B 287 -30.77 35.76 1.93
N TYR B 288 -32.00 35.30 2.07
CA TYR B 288 -33.13 36.03 1.48
C TYR B 288 -33.11 37.48 1.94
N ASP B 299 -23.89 31.84 8.24
CA ASP B 299 -24.48 32.07 9.56
C ASP B 299 -23.64 31.49 10.69
N GLU B 300 -24.29 31.26 11.83
CA GLU B 300 -23.62 30.69 12.99
C GLU B 300 -23.44 29.18 12.82
N GLU B 301 -24.41 28.54 12.18
CA GLU B 301 -24.38 27.10 11.94
C GLU B 301 -23.18 26.67 11.09
N GLU B 302 -22.89 27.45 10.05
CA GLU B 302 -21.75 27.16 9.18
C GLU B 302 -20.48 27.49 9.94
N ALA B 303 -20.56 28.55 10.73
CA ALA B 303 -19.44 29.01 11.52
C ALA B 303 -19.12 28.01 12.60
N LYS B 304 -20.15 27.50 13.26
CA LYS B 304 -19.98 26.54 14.35
C LYS B 304 -19.29 25.28 13.84
N LEU B 305 -19.69 24.79 12.67
CA LEU B 305 -19.07 23.61 12.11
C LEU B 305 -17.58 23.89 11.85
N MET B 306 -17.33 24.97 11.13
CA MET B 306 -15.97 25.37 10.79
C MET B 306 -15.18 25.68 12.04
N LYS B 307 -15.82 26.39 12.96
CA LYS B 307 -15.18 26.81 14.20
C LYS B 307 -14.82 25.59 15.00
N SER B 308 -15.74 24.62 14.98
CA SER B 308 -15.53 23.37 15.68
C SER B 308 -14.39 22.64 14.99
N LEU B 309 -14.32 22.75 13.67
CA LEU B 309 -13.27 22.07 12.95
C LEU B 309 -11.94 22.72 13.28
N ARG B 310 -11.93 24.04 13.31
CA ARG B 310 -10.68 24.72 13.59
C ARG B 310 -10.21 24.47 15.03
N MET B 311 -11.16 24.21 15.93
CA MET B 311 -10.79 23.96 17.32
C MET B 311 -10.17 22.58 17.54
N ALA B 312 -10.73 21.54 16.93
CA ALA B 312 -10.22 20.19 17.11
C ALA B 312 -8.87 19.99 16.43
N TYR B 313 -8.79 20.42 15.18
CA TYR B 313 -7.55 20.25 14.46
C TYR B 313 -6.36 20.92 15.11
N ASN B 314 -5.35 20.11 15.44
CA ASN B 314 -4.13 20.62 16.05
C ASN B 314 -3.19 21.00 14.91
N GLY B 315 -3.31 22.23 14.43
CA GLY B 315 -2.46 22.66 13.35
C GLY B 315 -2.97 23.91 12.69
N THR B 316 -2.48 24.16 11.49
CA THR B 316 -2.84 25.36 10.76
C THR B 316 -4.11 25.16 9.97
N PHE B 317 -5.16 25.87 10.38
CA PHE B 317 -6.41 25.74 9.69
C PHE B 317 -6.31 26.71 8.56
N MET B 318 -6.92 26.37 7.42
CA MET B 318 -6.90 27.25 6.25
C MET B 318 -8.32 27.28 5.75
N SER B 319 -8.95 28.45 5.79
CA SER B 319 -10.32 28.57 5.35
C SER B 319 -10.54 29.39 4.09
N SER B 320 -11.26 28.77 3.14
CA SER B 320 -11.65 29.41 1.88
C SER B 320 -13.16 29.16 1.86
N GLY B 321 -13.86 29.61 0.82
CA GLY B 321 -15.27 29.34 0.73
C GLY B 321 -16.17 30.55 0.84
N GLY B 322 -16.24 31.33 -0.23
CA GLY B 322 -17.08 32.52 -0.23
C GLY B 322 -16.60 33.65 0.65
N PHE B 323 -15.32 33.68 0.99
CA PHE B 323 -14.83 34.76 1.84
C PHE B 323 -14.53 36.02 1.07
N ASN B 324 -14.88 37.16 1.65
CA ASN B 324 -14.53 38.42 1.01
C ASN B 324 -13.49 39.00 1.96
N LYS B 325 -12.95 40.17 1.65
CA LYS B 325 -11.94 40.73 2.52
C LYS B 325 -12.41 40.84 3.98
N GLU B 326 -13.65 41.27 4.21
CA GLU B 326 -14.16 41.43 5.57
C GLU B 326 -14.31 40.11 6.34
N LEU B 327 -14.92 39.12 5.70
CA LEU B 327 -15.10 37.82 6.35
C LEU B 327 -13.75 37.23 6.68
N GLY B 328 -12.78 37.44 5.78
CA GLY B 328 -11.46 36.90 6.00
C GLY B 328 -10.80 37.59 7.17
N MET B 329 -10.86 38.92 7.16
CA MET B 329 -10.28 39.72 8.23
C MET B 329 -10.99 39.32 9.51
N GLN B 330 -12.31 39.18 9.44
CA GLN B 330 -13.06 38.80 10.62
C GLN B 330 -12.63 37.42 11.11
N ALA B 331 -12.58 36.46 10.17
CA ALA B 331 -12.17 35.10 10.48
C ALA B 331 -10.86 35.06 11.25
N VAL B 332 -9.82 35.68 10.69
CA VAL B 332 -8.52 35.65 11.39
C VAL B 332 -8.61 36.40 12.73
N GLN B 333 -9.19 37.59 12.71
CA GLN B 333 -9.32 38.39 13.92
C GLN B 333 -10.13 37.65 15.00
N GLN B 334 -10.88 36.62 14.61
CA GLN B 334 -11.66 35.87 15.59
C GLN B 334 -11.17 34.44 15.82
N GLY B 335 -9.89 34.20 15.53
CA GLY B 335 -9.34 32.86 15.71
C GLY B 335 -10.14 31.84 14.92
N ASP B 336 -10.78 32.27 13.85
CA ASP B 336 -11.56 31.36 13.04
C ASP B 336 -10.68 30.54 12.09
N ALA B 337 -9.45 30.99 11.86
CA ALA B 337 -8.56 30.29 10.94
C ALA B 337 -7.21 30.96 10.99
N ASP B 338 -6.19 30.32 10.42
CA ASP B 338 -4.88 30.97 10.39
C ASP B 338 -4.73 31.63 9.04
N LEU B 339 -5.35 31.01 8.04
CA LEU B 339 -5.28 31.47 6.68
C LEU B 339 -6.64 31.41 6.04
N VAL B 340 -6.94 32.43 5.25
CA VAL B 340 -8.18 32.51 4.55
C VAL B 340 -7.81 32.42 3.07
N SER B 341 -8.44 31.50 2.36
CA SER B 341 -8.15 31.33 0.95
C SER B 341 -9.31 31.83 0.11
N TYR B 342 -8.96 32.49 -0.99
CA TYR B 342 -9.93 33.07 -1.90
C TYR B 342 -9.68 32.46 -3.25
N GLY B 343 -10.73 32.44 -4.07
CA GLY B 343 -10.62 31.89 -5.41
C GLY B 343 -11.03 32.91 -6.45
N ARG B 344 -12.33 33.15 -6.56
CA ARG B 344 -12.88 34.09 -7.53
C ARG B 344 -12.39 35.52 -7.34
N LEU B 345 -12.45 36.02 -6.11
CA LEU B 345 -11.99 37.38 -5.83
C LEU B 345 -10.48 37.41 -5.96
N PHE B 346 -9.96 36.49 -6.76
CA PHE B 346 -8.54 36.38 -7.03
C PHE B 346 -8.38 36.18 -8.52
N ILE B 347 -9.14 35.23 -9.08
CA ILE B 347 -9.03 35.01 -10.52
C ILE B 347 -9.12 36.40 -11.17
N ALA B 348 -9.98 37.22 -10.57
CA ALA B 348 -10.28 38.57 -11.06
C ALA B 348 -9.34 39.67 -10.61
N ASN B 349 -8.56 39.39 -9.58
CA ASN B 349 -7.66 40.40 -9.03
C ASN B 349 -6.32 39.77 -8.67
N PRO B 350 -5.41 39.75 -9.64
CA PRO B 350 -4.09 39.16 -9.41
C PRO B 350 -3.43 39.74 -8.17
N ASP B 351 -3.66 41.04 -7.95
CA ASP B 351 -3.09 41.74 -6.80
C ASP B 351 -4.16 41.78 -5.72
N LEU B 352 -4.80 40.64 -5.48
CA LEU B 352 -5.87 40.60 -4.50
C LEU B 352 -5.42 41.11 -3.15
N VAL B 353 -4.19 40.80 -2.77
CA VAL B 353 -3.71 41.22 -1.46
C VAL B 353 -3.59 42.71 -1.29
N SER B 354 -3.02 43.41 -2.26
CA SER B 354 -2.90 44.86 -2.14
C SER B 354 -4.29 45.50 -2.19
N ARG B 355 -5.16 45.01 -3.06
CA ARG B 355 -6.50 45.60 -3.14
C ARG B 355 -7.11 45.52 -1.75
N PHE B 356 -6.92 44.38 -1.09
CA PHE B 356 -7.42 44.19 0.27
C PHE B 356 -6.76 45.17 1.24
N LYS B 357 -5.46 45.34 1.12
CA LYS B 357 -4.76 46.27 2.00
C LYS B 357 -5.32 47.70 1.95
N ILE B 358 -5.57 48.20 0.74
CA ILE B 358 -6.08 49.56 0.58
C ILE B 358 -7.57 49.62 0.30
N ASP B 359 -8.30 48.59 0.72
CA ASP B 359 -9.74 48.52 0.46
C ASP B 359 -10.00 49.08 -0.93
N GLY B 360 -9.11 48.72 -1.84
CA GLY B 360 -9.24 49.19 -3.20
C GLY B 360 -10.39 48.47 -3.83
N GLU B 361 -10.83 48.98 -4.98
CA GLU B 361 -11.90 48.36 -5.70
C GLU B 361 -11.47 46.95 -6.08
N LEU B 362 -12.45 46.10 -6.39
CA LEU B 362 -12.16 44.72 -6.76
C LEU B 362 -12.78 44.37 -8.10
N ASN B 363 -11.96 43.93 -9.04
CA ASN B 363 -12.50 43.53 -10.34
C ASN B 363 -13.47 42.38 -10.07
N LYS B 364 -14.63 42.39 -10.70
CA LYS B 364 -15.57 41.31 -10.49
C LYS B 364 -15.12 40.17 -11.40
N TYR B 365 -15.11 38.95 -10.88
CA TYR B 365 -14.69 37.80 -11.67
C TYR B 365 -15.63 37.57 -12.84
N ASN B 366 -15.12 36.88 -13.86
CA ASN B 366 -15.93 36.59 -15.04
C ASN B 366 -16.09 35.09 -15.24
N ARG B 367 -17.19 34.53 -14.72
CA ARG B 367 -17.46 33.11 -14.81
C ARG B 367 -17.32 32.57 -16.23
N LYS B 368 -17.27 33.49 -17.18
CA LYS B 368 -17.17 33.13 -18.58
C LYS B 368 -15.86 32.49 -19.00
N THR B 369 -14.74 33.14 -18.72
CA THR B 369 -13.47 32.56 -19.13
C THR B 369 -12.88 31.72 -18.00
N PHE B 370 -13.73 31.26 -17.08
CA PHE B 370 -13.27 30.42 -15.98
C PHE B 370 -12.48 29.21 -16.44
N TYR B 371 -13.02 28.51 -17.44
CA TYR B 371 -12.43 27.28 -17.92
C TYR B 371 -11.93 27.26 -19.36
N THR B 372 -12.17 28.35 -20.08
CA THR B 372 -11.71 28.45 -21.45
C THR B 372 -10.19 28.22 -21.49
N GLN B 373 -9.65 28.03 -22.69
CA GLN B 373 -8.23 27.76 -22.85
C GLN B 373 -7.29 28.96 -23.05
N ASP B 374 -7.82 30.06 -23.56
CA ASP B 374 -6.99 31.23 -23.83
C ASP B 374 -6.02 31.50 -22.69
N PRO B 375 -4.71 31.48 -22.99
CA PRO B 375 -3.71 31.71 -21.95
C PRO B 375 -3.65 33.14 -21.44
N VAL B 376 -4.34 34.05 -22.11
CA VAL B 376 -4.37 35.46 -21.72
C VAL B 376 -5.76 35.94 -21.29
N VAL B 377 -6.71 35.81 -22.21
CA VAL B 377 -8.08 36.25 -22.04
C VAL B 377 -8.82 35.71 -20.83
N GLY B 378 -9.38 36.64 -20.07
CA GLY B 378 -10.10 36.28 -18.86
C GLY B 378 -9.27 35.41 -17.92
N TYR B 379 -7.97 35.32 -18.19
CA TYR B 379 -7.09 34.52 -17.38
C TYR B 379 -6.02 35.36 -16.72
N THR B 380 -5.27 36.10 -17.54
CA THR B 380 -4.23 36.97 -17.01
C THR B 380 -4.50 38.42 -17.40
N ASP B 381 -5.66 38.67 -17.99
CA ASP B 381 -5.99 40.04 -18.40
C ASP B 381 -6.94 40.77 -17.47
N TYR B 382 -7.06 40.29 -16.23
CA TYR B 382 -7.86 40.97 -15.22
C TYR B 382 -6.89 42.07 -14.73
N PRO B 383 -7.33 43.33 -14.79
CA PRO B 383 -6.50 44.46 -14.35
C PRO B 383 -6.07 44.51 -12.90
N PHE B 384 -4.87 45.03 -12.70
CA PHE B 384 -4.31 45.20 -11.38
C PHE B 384 -5.02 46.42 -10.76
N LEU B 385 -4.48 46.96 -9.67
CA LEU B 385 -5.09 48.10 -9.00
C LEU B 385 -4.93 49.42 -9.77
#